data_7VMQ
#
_entry.id   7VMQ
#
_cell.length_a   1.00
_cell.length_b   1.00
_cell.length_c   1.00
_cell.angle_alpha   90.00
_cell.angle_beta   90.00
_cell.angle_gamma   90.00
#
_symmetry.space_group_name_H-M   'P 1'
#
loop_
_entity.id
_entity.type
_entity.pdbx_description
1 polymer 'Ryanodine receptor 2'
2 polymer 'Peptidyl-prolyl cis-trans isomerase FKBP1B'
3 non-polymer 'ZINC ION'
4 non-polymer 'CALCIUM ION'
#
loop_
_entity_poly.entity_id
_entity_poly.type
_entity_poly.pdbx_seq_one_letter_code
_entity_poly.pdbx_strand_id
1 'polypeptide(L)'
;MADAGEGEDEIQFLRTDDEVVLQCTATIHKEQQKLCLAAEGFGNRLCFLESTSNSKNVPPDLSICTFVLEQSLSVRALQE
MLANTVEKSEGQVDVEKWKFMMKTAQGGGHRTLLYGHAILLRHSYSGMYLCCLSTSRSSTDKLAFDVGLQEDTTGEACWW
TIHPASKQRSEGEKVRVGDDLILVSVSSERYLHLSYGNSSWHVDAAFQQTLWSVAPISSGSEAAQGYLIGGDVLRLLHGH
MDECLTVPSGEHGEEQRRTVHYEGGAVSVHARSLWRLETLRVAWSGSHIRWGQPFRLRHVTTGKYLSLMEDKNLLLMDKE
KADVKSTAFAFRSSKEKLDVGVRKEVDGMGTSEIKYGDSICYIQHVDTGLWLTYQAVDVKSARMGSIQRKAIMHHEGHMD
DGLNLSRSQHEESRTARVIRSTVFLFNRFIRGLDALSKKVKLPTIDLPIESVSLSLQDLIGYFHPPDEHLEHEDKQNRLR
ALKNRQNLFQEEGMINLVLECIDRLHVYSSAAHFADVAGREAGESWKSILNSLYELLAALIRGNRKNCAQFSGSLDWLIS
RLERLEASSGILEVLHCVLVESPEALNIIKEGHIKSIISLLDKHGRNHKVLDVLCSLCVCHGVAVRSNQHLICDNLLPGR
DLLLQTRLVNHVSSMRPNIFLGVSEGSAQYKKWYYELMVDHTEPFVTAEATHLRVGWASTEGYSPYPGGGEEWGGNGVGD
DLFSYGFDGLHLWSGCIARTVSSPNQHLLRTDDVISCCLDLSAPSISFRINGQPVQGMFENFNIDGLFFPVVSFSAGIKV
RFLLGGRHGEFKFLPPPGYAACYEAVLPKEKLKVEHSREYKQERTYTRDLLGPTVSLTQAAFTPVPVDTSQIVLPPHLER
IRERLAENIHELWVMNKIELGWQYGPVRDDNKRQHPCLVEFCKLPEQERNYNLQMSLETLKTLLALGCHVGIADEHAEEK
VKKMKLPKNYQLTSGYKPAPMDLSFIKLTPSQEAMVDKLAENAHNVWARDRIRQGWTYGIQQDVKNRRNPRLVPYTLLDD
RTKKSNKDSLREAVRTLLGYGYHLEAPDQDHASRAEVCSGTGERFRIFRAEKTYAVKAGRWYFEFEAVTAGDMRVGWSRP
GCQPDLELGSDDRAFAFDGFKAQRWHQGNEHYGRSWQAGDVVGCMVDMNEHTMMFTLNGEILLDDSGSELAFKDFDVGDG
FIPVCSLGVAQVGRMNFGKDVSTLKYFTICGLQEGYEPFAVNTNRDITMWLSKRLPQFLQVPSNHEHIEVTRIDGTIDSS
PCLKVTQKSFGSQNNNTDIMFYRLSMPIECA(UNK)(UNK)(UNK)(UNK)(UNK)(UNK)(UNK)(UNK)(UNK)
(UNK)(UNK)(UNK)(UNK)(UNK)(UNK)(UNK)(UNK)(UNK)(UNK)(UNK)(UNK)(UNK)(UNK)(UNK)(UNK)
(UNK)(UNK)(UNK)DSDFEVLMKTAHGHLVPDRIDKDKETPKPEFNNHKDYAQEKPSRLKQ(UNK)(UNK)(UNK)
(UNK)(UNK)(UNK)(UNK)(UNK)(UNK)(UNK)(UNK)(UNK)(UNK)(UNK)(UNK)(UNK)(UNK)(UNK)(UNK)
(UNK)(UNK)(UNK)(UNK)(UNK)(UNK)(UNK)(UNK)(UNK)(UNK)(UNK)(UNK)(UNK)(UNK)(UNK)(UNK)
(UNK)(UNK)(UNK)(UNK)(UNK)(UNK)(UNK)(UNK)(UNK)(UNK)(UNK)(UNK)(UNK)(UNK)(UNK)(UNK)
(UNK)(UNK)(UNK)(UNK)(UNK)(UNK)(UNK)(UNK)(UNK)(UNK)(UNK)(UNK)(UNK)(UNK)(UNK)(UNK)
(UNK)(UNK)(UNK)(UNK)(UNK)(UNK)(UNK)(UNK)(UNK)(UNK)(UNK)(UNK)(UNK)(UNK)(UNK)(UNK)
(UNK)(UNK)(UNK)(UNK)(UNK)(UNK)(UNK)(UNK)(UNK)(UNK)(UNK)(UNK)(UNK)(UNK)(UNK)(UNK)
(UNK)(UNK)(UNK)(UNK)(UNK)(UNK)(UNK)(UNK)(UNK)(UNK)(UNK)(UNK)(UNK)(UNK)(UNK)(UNK)
(UNK)(UNK)(UNK)(UNK)(UNK)(UNK)(UNK)(UNK)(UNK)(UNK)(UNK)(UNK)(UNK)(UNK)(UNK)(UNK)
(UNK)(UNK)(UNK)(UNK)(UNK)(UNK)(UNK)(UNK)(UNK)(UNK)(UNK)(UNK)(UNK)(UNK)(UNK)(UNK)
(UNK)(UNK)(UNK)(UNK)(UNK)(UNK)(UNK)(UNK)(UNK)(UNK)(UNK)(UNK)(UNK)(UNK)(UNK)(UNK)
(UNK)(UNK)(UNK)(UNK)(UNK)(UNK)(UNK)(UNK)(UNK)(UNK)(UNK)(UNK)(UNK)(UNK)(UNK)(UNK)
PLSAGLFKSEHKNPVPQCPPRLHVQFLSHVLWSRMPNQFLKVDVSRISERQGWLVQCLDPLQFMSLHIPEENRSVDILEL
TEQEELLQFHYHTLRLYSAVCALGNHRVAHALCSHVDEPQLLYAIENKYMPGLLRAGYYDLLIDIHLSSYATARLMMNNE
FIVPMTEETKSITLFPDENKKHGLPGIGLSTSLRPRMRFSSPSFVSISNDCYQYSPEFPLDILKAKTIQMLTEAVKEGSL
HARDPVGGTTEFLFVPLIKLFYTLLIMGIFHNEDLKHILQLIEPSVFKEAAVPEEEGGTPEKEISIEDAKLEGEEEAKGG
KRPKEGLLQMKLPEPVKLQMCLLLQYLCDCQVRHRIEAIVAFSDDFVAKLQDNQRFRYNEVMQALNMSAALTARKTREFR
SPPQEQINMLLNFKDDKSECPCPEEIRDQLLDFHEDLMTHCGIELDEDGSLDGSNDLTIRGRLLSLVEKVTYLKKKQAEK
PVASDSRKCSSLQQLISETMVRWAQESVIEDPELVRAMFVLLHRQYDGIGGLVRALPKTYTINGVSVEDTINLLASLGQI
RSLLSVRMGKEEEKLMIRGLGDIMNNKVFYQHPNLMRALGMHETVMEVMVNVLGGGESKEITFPKMVANCCRFLCYFCRI
SRQNQKAMFDHLSYLLENSSVGLASPAMRGSTPLDVAAASVMDNNELALALREPDLEKVVRYLAGCGLQSCQMLVSKGYP
DIGWNPVEGERYLDFLRFAVFCNGESVEENANVVVRLLIRRPECFGPALRGEGGNGLLAAMEEAIKIAEDPSRDGPSPTS
GSSKTLDIEEEEDDTIHMGNAIMTFYAALIDLLGRCAPEMHLIHAGKGEAIRIRSILRSLIPLGDLVGVISIAFQMPTIA
KDGKVVEPDMSAGFCPDHKAAMVLFLDRVYGIEVQDFLLHLLEVGFLPDLRAAASLDTAALS(UNK)(UNK)(UNK)
(UNK)(UNK)(UNK)(UNK)(UNK)(UNK)(UNK)(UNK)(UNK)(UNK)(UNK)(UNK)(UNK)(UNK)(UNK)(UNK)
(UNK)(UNK)(UNK)(UNK)(UNK)(UNK)(UNK)(UNK)(UNK)(UNK)(UNK)(UNK)(UNK)(UNK)(UNK)(UNK)
(UNK)(UNK)(UNK)(UNK)(UNK)(UNK)(UNK)(UNK)(UNK)(UNK)(UNK)(UNK)(UNK)(UNK)(UNK)(UNK)
(UNK)(UNK)(UNK)(UNK)(UNK)(UNK)(UNK)(UNK)(UNK)(UNK)(UNK)(UNK)(UNK)(UNK)(UNK)(UNK)
(UNK)(UNK)(UNK)(UNK)(UNK)(UNK)(UNK)(UNK)(UNK)(UNK)(UNK)(UNK)(UNK)(UNK)(UNK)(UNK)
(UNK)(UNK)(UNK)(UNK)(UNK)(UNK)(UNK)(UNK)(UNK)(UNK)(UNK)(UNK)(UNK)(UNK)(UNK)(UNK)
(UNK)(UNK)(UNK)(UNK)(UNK)(UNK)(UNK)(UNK)(UNK)(UNK)(UNK)(UNK)(UNK)(UNK)(UNK)(UNK)
(UNK)(UNK)(UNK)(UNK)(UNK)(UNK)(UNK)(UNK)(UNK)(UNK)(UNK)(UNK)(UNK)(UNK)(UNK)(UNK)
(UNK)(UNK)(UNK)(UNK)(UNK)(UNK)(UNK)(UNK)(UNK)(UNK)(UNK)(UNK)(UNK)(UNK)(UNK)(UNK)
(UNK)(UNK)(UNK)(UNK)(UNK)(UNK)(UNK)(UNK)(UNK)(UNK)(UNK)(UNK)(UNK)(UNK)(UNK)(UNK)
(UNK)(UNK)(UNK)(UNK)(UNK)(UNK)(UNK)(UNK)(UNK)(UNK)(UNK)(UNK)(UNK)(UNK)(UNK)(UNK)
(UNK)(UNK)(UNK)(UNK)(UNK)(UNK)(UNK)(UNK)(UNK)(UNK)(UNK)(UNK)(UNK)(UNK)(UNK)(UNK)
(UNK)(UNK)(UNK)(UNK)(UNK)(UNK)(UNK)(UNK)(UNK)IPEKLEYFINKYAEHSHDKWSMDKLANGWIYGEIY
SDSSKIQPLMKPYKLLSEKEKEIYRWPIKESLKTMLAWGWRIERTREGDSMALYNRTRRISQTSQVSIDAAHGYSPRAID
MSNVTLSRDLHAMAEMMAENYHNIWAKKKKLELESKGGGNHPLLVPYDTLTAKEKAKDREKAQDIFKFLQISGYVVSRGF
KDLDLDTPS(UNK)(UNK)(UNK)(UNK)(UNK)(UNK)(UNK)(UNK)(UNK)(UNK)(UNK)(UNK)(UNK)(UNK)
(UNK)(UNK)(UNK)(UNK)(UNK)(UNK)(UNK)(UNK)(UNK)(UNK)(UNK)(UNK)(UNK)(UNK)(UNK)(UNK)
(UNK)(UNK)(UNK)(UNK)(UNK)(UNK)(UNK)(UNK)(UNK)(UNK)(UNK)(UNK)(UNK)(UNK)(UNK)(UNK)
(UNK)(UNK)(UNK)(UNK)(UNK)(UNK)(UNK)(UNK)(UNK)(UNK)(UNK)(UNK)(UNK)(UNK)(UNK)(UNK)
(UNK)(UNK)(UNK)(UNK)(UNK)(UNK)(UNK)(UNK)(UNK)(UNK)(UNK)(UNK)(UNK)(UNK)(UNK)(UNK)
(UNK)(UNK)(UNK)(UNK)(UNK)(UNK)(UNK)(UNK)(UNK)(UNK)(UNK)(UNK)(UNK)(UNK)(UNK)(UNK)
(UNK)(UNK)(UNK)(UNK)(UNK)(UNK)(UNK)(UNK)(UNK)(UNK)(UNK)(UNK)(UNK)(UNK)(UNK)(UNK)
(UNK)(UNK)(UNK)(UNK)(UNK)(UNK)(UNK)(UNK)(UNK)(UNK)(UNK)(UNK)(UNK)(UNK)(UNK)(UNK)
(UNK)(UNK)(UNK)(UNK)(UNK)(UNK)(UNK)(UNK)(UNK)(UNK)(UNK)(UNK)(UNK)(UNK)(UNK)(UNK)
(UNK)(UNK)(UNK)(UNK)(UNK)(UNK)(UNK)(UNK)(UNK)(UNK)(UNK)(UNK)(UNK)(UNK)(UNK)(UNK)
(UNK)(UNK)(UNK)(UNK)(UNK)(UNK)(UNK)(UNK)(UNK)(UNK)(UNK)(UNK)(UNK)(UNK)(UNK)(UNK)
(UNK)(UNK)(UNK)(UNK)(UNK)(UNK)(UNK)(UNK)(UNK)(UNK)(UNK)(UNK)(UNK)(UNK)(UNK)(UNK)
(UNK)(UNK)(UNK)(UNK)(UNK)(UNK)(UNK)(UNK)(UNK)(UNK)(UNK)(UNK)(UNK)(UNK)(UNK)(UNK)
(UNK)(UNK)(UNK)(UNK)(UNK)(UNK)(UNK)(UNK)(UNK)(UNK)(UNK)(UNK)(UNK)(UNK)(UNK)(UNK)
(UNK)(UNK)(UNK)(UNK)(UNK)(UNK)(UNK)(UNK)(UNK)(UNK)(UNK)(UNK)(UNK)(UNK)(UNK)(UNK)
(UNK)(UNK)(UNK)(UNK)(UNK)(UNK)(UNK)(UNK)(UNK)(UNK)(UNK)(UNK)(UNK)(UNK)(UNK)(UNK)
(UNK)(UNK)(UNK)(UNK)(UNK)(UNK)(UNK)(UNK)(UNK)(UNK)(UNK)(UNK)(UNK)(UNK)(UNK)(UNK)
(UNK)(UNK)(UNK)(UNK)(UNK)(UNK)(UNK)(UNK)(UNK)(UNK)(UNK)(UNK)(UNK)(UNK)(UNK)(UNK)
(UNK)(UNK)(UNK)(UNK)(UNK)(UNK)(UNK)(UNK)(UNK)(UNK)(UNK)(UNK)(UNK)(UNK)(UNK)(UNK)
(UNK)(UNK)(UNK)(UNK)(UNK)(UNK)(UNK)(UNK)(UNK)(UNK)(UNK)(UNK)(UNK)(UNK)(UNK)(UNK)
(UNK)(UNK)(UNK)(UNK)(UNK)(UNK)(UNK)(UNK)(UNK)(UNK)(UNK)(UNK)(UNK)(UNK)(UNK)(UNK)
(UNK)(UNK)(UNK)(UNK)(UNK)(UNK)(UNK)(UNK)(UNK)(UNK)(UNK)(UNK)(UNK)(UNK)(UNK)(UNK)
(UNK)(UNK)(UNK)(UNK)(UNK)(UNK)(UNK)(UNK)(UNK)(UNK)(UNK)(UNK)(UNK)(UNK)(UNK)(UNK)
(UNK)(UNK)(UNK)(UNK)(UNK)(UNK)(UNK)(UNK)(UNK)(UNK)(UNK)(UNK)(UNK)(UNK)(UNK)(UNK)
(UNK)(UNK)(UNK)(UNK)(UNK)(UNK)(UNK)(UNK)(UNK)(UNK)(UNK)(UNK)(UNK)(UNK)(UNK)(UNK)
(UNK)(UNK)(UNK)(UNK)(UNK)(UNK)(UNK)(UNK)(UNK)(UNK)(UNK)(UNK)(UNK)(UNK)(UNK)(UNK)
(UNK)(UNK)(UNK)(UNK)(UNK)(UNK)(UNK)(UNK)(UNK)(UNK)(UNK)(UNK)(UNK)(UNK)(UNK)(UNK)
(UNK)(UNK)(UNK)(UNK)(UNK)(UNK)(UNK)(UNK)(UNK)(UNK)(UNK)(UNK)(UNK)(UNK)(UNK)(UNK)
(UNK)(UNK)(UNK)(UNK)(UNK)(UNK)(UNK)(UNK)(UNK)(UNK)(UNK)(UNK)(UNK)(UNK)(UNK)(UNK)
(UNK)(UNK)(UNK)(UNK)(UNK)(UNK)(UNK)(UNK)(UNK)(UNK)(UNK)(UNK)(UNK)(UNK)(UNK)(UNK)
(UNK)(UNK)(UNK)(UNK)(UNK)(UNK)(UNK)(UNK)(UNK)(UNK)(UNK)(UNK)(UNK)(UNK)(UNK)(UNK)
(UNK)(UNK)(UNK)(UNK)(UNK)(UNK)(UNK)(UNK)(UNK)(UNK)(UNK)(UNK)(UNK)(UNK)(UNK)(UNK)
(UNK)(UNK)(UNK)(UNK)(UNK)(UNK)(UNK)(UNK)(UNK)(UNK)(UNK)(UNK)(UNK)(UNK)(UNK)(UNK)
(UNK)(UNK)(UNK)(UNK)(UNK)(UNK)(UNK)(UNK)(UNK)(UNK)(UNK)(UNK)(UNK)(UNK)(UNK)(UNK)
(UNK)(UNK)(UNK)(UNK)(UNK)(UNK)(UNK)(UNK)(UNK)(UNK)(UNK)(UNK)(UNK)(UNK)(UNK)(UNK)
(UNK)(UNK)(UNK)(UNK)(UNK)(UNK)(UNK)(UNK)(UNK)(UNK)(UNK)(UNK)(UNK)(UNK)(UNK)(UNK)
(UNK)(UNK)(UNK)(UNK)(UNK)(UNK)(UNK)(UNK)(UNK)(UNK)(UNK)(UNK)(UNK)(UNK)(UNK)(UNK)
(UNK)(UNK)(UNK)(UNK)(UNK)(UNK)(UNK)(UNK)(UNK)(UNK)(UNK)(UNK)(UNK)(UNK)(UNK)(UNK)
(UNK)(UNK)(UNK)(UNK)(UNK)(UNK)(UNK)(UNK)(UNK)(UNK)(UNK)(UNK)(UNK)(UNK)(UNK)(UNK)
(UNK)(UNK)(UNK)(UNK)(UNK)(UNK)(UNK)(UNK)(UNK)(UNK)(UNK)(UNK)(UNK)(UNK)(UNK)(UNK)
(UNK)(UNK)(UNK)(UNK)(UNK)(UNK)(UNK)(UNK)(UNK)(UNK)(UNK)(UNK)(UNK)(UNK)(UNK)(UNK)
(UNK)(UNK)(UNK)(UNK)(UNK)(UNK)(UNK)(UNK)(UNK)(UNK)(UNK)(UNK)(UNK)(UNK)(UNK)(UNK)
(UNK)(UNK)(UNK)(UNK)(UNK)(UNK)(UNK)(UNK)(UNK)(UNK)(UNK)(UNK)(UNK)(UNK)(UNK)(UNK)
(UNK)(UNK)(UNK)(UNK)(UNK)(UNK)(UNK)(UNK)(UNK)PRHRAVNLFLQGYEKSWIETEEHYFEDKLIEDLAK
PGAELPEEDEAMKRVDPLHQLILLFSRTALTEKCKLEEDFLYMAYADIMAKSCHDEEDDDGEEEVKSFEEKEMEKQKLLY
QQARLHDRGAAEMVLQTISASKGETGPMVAATLKLGIAILNGGNSTVQQKMLDYLKEKKDVGFFQSLAGLMQSCSVLDLN
AFERQNKAEGLGMVTEEGSGEKVLQDDEFTCDLFRFLQLLCEGHNSDFQNYLRTQTGNNTTVNIIISTVDYLLRVQESIS
DFYWYYSGKDIIDEQGQRNFSKAIQVAKQVFNTLTEYIQGPCTGNQQSLAHSRLWDAVVGFLHVFAHMQMKLSQDSSQIE
LLKELMDLQKDMVVMLLSMLEGNVVNGTIGKQMVDMLVESSNNVEMILKFFDMFLKLKDLTSSDTFKEYDPDGKGVISKR
DFHKAMESHKHYTQSETEFLLSCAETDENETLDYEEFVKRFHEPAKDIGFNVAVLLTNLSEHMPNDTRLQTFLELAESVL
NYFQPFLGRIEIMGSAKRIERVYFEISESSRTQWEKPQVKESKRQFIFDVVNEGGEKEKMELFVNFCEDTIFEMQLAAQI
SESDLNERLANKEESEKERPEEQAPRMGFFSLLTIQSALFALRYNVLTLVRMLSLKSLKKQMKRMKKMTVKDMVLAFFSS
YWSVFVTLLHFVASVCRGFFRIVSSLLLGGSLVEGAKKIKVAELLANMPDPTQDEVRGDEEEGERKPLESALPSEDLTDL
KELTEESDLLSDIFGLDLKREGGQYKLIPHNPNAGLSDLMTNPVPVPEVQEKFQEQKAKEEKEEKEETKSEPEKAEGEDG
EKEEKAKDEKSKQKLRQLHTHRYGEPEVPESAFWKKIIAYQQKLLNYFARNFYNMRMLALFVAFAINFILLFYKVSTSSV
VEGKELPTRTSSDTAKVTNSLDSSPHRIIAVHYVLEESSGYMEPTLRILAILHTIISFFCIIGYYCLKVPLVIFKREKEV
ARKLEFDGLYITEQPSEDDIKGQWDRLVINTQSFPNNYWDKFVKRKVMDKYGEFYGRDRISELLGMDKAALDFSDAREKK
KPKKDSSLSAVLNSIDVKYQMWKLGVVFTDNSFLYLAWYMTMSVLGHYNNFFFAAHLLDIAMGFKTLRTILSSVTHNGKQ
LVLTVGLLAVVVYLYTVVAFNFFRKFYNKSEDGDTPDMKCDDMLTCYMFHMYVGVRAGGGIGDEIEDPAGDEYEIYRIIF
DITFFFFVIVILLAIIQGLIIDAFGELRDQQEQVKEDMETKCFICGIGNDYFDTVPHGFETHTLQEHNLANYLFFLMYLI
NKDETEHTGQESYVWKMYQERCWEFFPAGDCFRKQYEDQLN
;
A,B,C,D
2 'polypeptide(L)'
;MGSSHHHHHHSSGLVPRGSHMASMDEKTTGWRGGHVVEGLAGELEQLRARLEHHPQGQREPGSGGSGGTGVEIETISPGD
GRTFPKKGQTCVVHYTGMLQNGKKFDSSRDRNKPFKFRIGKQEVIKGFEEGAAQMSLGQRAKLTCTPDVAYGATGHPGVI
PPNATLIFDVELLNLE
;
G,H,I,J
#
loop_
_chem_comp.id
_chem_comp.type
_chem_comp.name
_chem_comp.formula
CA non-polymer 'CALCIUM ION' 'Ca 2'
ZN non-polymer 'ZINC ION' 'Zn 2'
#
# COMPACT_ATOMS: atom_id res chain seq x y z
N ILE A 11 27.64 1.70 22.76
CA ILE A 11 27.62 2.98 22.04
C ILE A 11 27.02 4.10 22.90
N GLN A 12 26.19 3.76 23.88
CA GLN A 12 25.66 4.79 24.76
C GLN A 12 26.75 5.28 25.71
N PHE A 13 27.04 6.58 25.63
CA PHE A 13 28.14 7.18 26.39
C PHE A 13 27.64 7.54 27.78
N LEU A 14 28.44 7.21 28.79
CA LEU A 14 28.06 7.49 30.17
C LEU A 14 28.05 9.00 30.40
N ARG A 15 26.87 9.52 30.73
CA ARG A 15 26.71 10.94 31.03
C ARG A 15 26.86 11.16 32.54
N THR A 16 26.49 12.35 32.99
CA THR A 16 26.51 12.71 34.40
C THR A 16 25.11 12.57 34.98
N ASP A 17 25.04 12.24 36.28
CA ASP A 17 23.77 12.08 37.00
C ASP A 17 23.01 10.84 36.50
N ASP A 18 23.70 9.70 36.51
CA ASP A 18 23.12 8.43 36.09
C ASP A 18 23.55 7.34 37.05
N GLU A 19 22.61 6.49 37.46
CA GLU A 19 22.96 5.31 38.25
C GLU A 19 23.70 4.30 37.39
N VAL A 20 24.86 3.86 37.89
CA VAL A 20 25.64 2.79 37.29
C VAL A 20 25.93 1.75 38.36
N VAL A 21 26.60 0.67 37.96
CA VAL A 21 26.96 -0.42 38.86
C VAL A 21 28.40 -0.82 38.58
N LEU A 22 29.22 -0.87 39.62
CA LEU A 22 30.63 -1.21 39.49
C LEU A 22 30.78 -2.72 39.65
N GLN A 23 30.77 -3.44 38.53
CA GLN A 23 30.87 -4.88 38.52
C GLN A 23 32.29 -5.32 38.17
N CYS A 24 32.60 -6.55 38.53
CA CYS A 24 33.91 -7.14 38.25
C CYS A 24 33.78 -8.66 38.30
N THR A 25 34.78 -9.33 37.76
CA THR A 25 34.80 -10.79 37.69
C THR A 25 35.72 -11.35 38.76
N ALA A 26 35.38 -12.54 39.26
CA ALA A 26 36.23 -13.20 40.25
C ALA A 26 36.18 -14.71 40.03
N THR A 27 37.35 -15.32 39.89
CA THR A 27 37.47 -16.77 39.72
C THR A 27 38.08 -17.35 40.99
N ILE A 28 37.24 -18.00 41.80
CA ILE A 28 37.66 -18.71 42.99
C ILE A 28 37.16 -20.14 42.87
N HIS A 29 37.99 -21.11 43.30
CA HIS A 29 37.66 -22.54 43.14
C HIS A 29 37.57 -22.95 41.67
N LYS A 30 38.41 -22.34 40.82
CA LYS A 30 38.25 -22.45 39.36
C LYS A 30 36.84 -22.06 38.95
N GLU A 31 36.27 -21.08 39.63
CA GLU A 31 34.82 -20.95 39.68
C GLU A 31 34.48 -19.47 39.51
N GLN A 32 33.78 -19.13 38.44
CA GLN A 32 33.67 -17.74 38.02
C GLN A 32 32.37 -17.10 38.47
N GLN A 33 32.46 -15.87 38.96
CA GLN A 33 31.34 -15.18 39.56
C GLN A 33 31.41 -13.68 39.29
N LYS A 34 30.24 -13.06 39.19
CA LYS A 34 30.10 -11.63 38.91
C LYS A 34 29.80 -10.93 40.24
N LEU A 35 30.68 -10.01 40.64
CA LEU A 35 30.55 -9.32 41.93
C LEU A 35 30.51 -7.82 41.72
N CYS A 36 29.51 -7.16 42.30
CA CYS A 36 29.40 -5.71 42.22
C CYS A 36 29.79 -5.10 43.56
N LEU A 37 30.21 -3.84 43.52
CA LEU A 37 30.69 -3.14 44.70
C LEU A 37 29.51 -2.48 45.39
N ALA A 38 29.21 -2.92 46.60
CA ALA A 38 28.09 -2.43 47.38
C ALA A 38 28.58 -1.90 48.73
N ALA A 39 27.69 -1.21 49.44
CA ALA A 39 28.02 -0.64 50.73
C ALA A 39 26.73 -0.35 51.48
N GLU A 40 26.71 -0.69 52.77
CA GLU A 40 25.51 -0.45 53.57
C GLU A 40 25.35 1.03 53.90
N GLY A 41 26.45 1.69 54.28
CA GLY A 41 26.41 3.11 54.55
C GLY A 41 25.98 3.45 55.95
N PHE A 42 24.71 3.22 56.28
CA PHE A 42 24.18 3.54 57.59
C PHE A 42 24.54 2.42 58.56
N GLY A 43 25.51 2.68 59.44
CA GLY A 43 25.98 1.72 60.40
C GLY A 43 27.33 1.10 60.06
N ASN A 44 27.63 0.96 58.77
CA ASN A 44 28.91 0.42 58.33
C ASN A 44 29.43 1.30 57.20
N ARG A 45 30.61 1.88 57.40
CA ARG A 45 31.19 2.76 56.39
C ARG A 45 31.91 1.98 55.30
N LEU A 46 32.59 0.90 55.66
CA LEU A 46 33.35 0.13 54.70
C LEU A 46 32.44 -0.53 53.67
N CYS A 47 33.00 -0.78 52.49
CA CYS A 47 32.27 -1.41 51.39
C CYS A 47 32.53 -2.91 51.38
N PHE A 48 31.66 -3.62 50.66
CA PHE A 48 31.73 -5.08 50.53
C PHE A 48 31.24 -5.45 49.13
N LEU A 49 31.04 -6.74 48.87
CA LEU A 49 30.67 -7.23 47.55
C LEU A 49 29.25 -7.78 47.55
N GLU A 50 28.69 -7.90 46.35
CA GLU A 50 27.36 -8.49 46.17
C GLU A 50 27.41 -9.44 44.99
N SER A 51 27.04 -10.69 45.23
CA SER A 51 27.09 -11.71 44.20
C SER A 51 26.05 -11.36 43.14
N THR A 52 26.51 -10.69 42.08
CA THR A 52 25.59 -10.10 41.13
C THR A 52 24.98 -11.15 40.22
N SER A 53 25.78 -12.14 39.81
CA SER A 53 25.27 -13.32 39.14
C SER A 53 24.64 -14.26 40.16
N ASN A 54 24.15 -15.40 39.67
CA ASN A 54 23.47 -16.39 40.49
C ASN A 54 22.28 -15.75 41.22
N SER A 55 21.39 -15.18 40.41
CA SER A 55 20.22 -14.48 40.93
C SER A 55 18.94 -15.30 40.85
N LYS A 56 18.97 -16.47 40.20
CA LYS A 56 17.79 -17.30 40.13
C LYS A 56 17.43 -17.87 41.49
N ASN A 57 18.39 -17.97 42.41
CA ASN A 57 18.14 -18.44 43.76
C ASN A 57 18.27 -17.37 44.83
N VAL A 58 19.22 -16.45 44.68
CA VAL A 58 19.43 -15.39 45.67
C VAL A 58 19.61 -14.07 44.92
N PRO A 59 18.71 -13.11 45.10
CA PRO A 59 18.84 -11.83 44.39
C PRO A 59 19.81 -10.91 45.10
N PRO A 60 20.53 -10.08 44.36
CA PRO A 60 21.43 -9.10 44.99
C PRO A 60 20.68 -7.84 45.39
N ASP A 61 21.41 -6.98 46.10
CA ASP A 61 20.87 -5.78 46.73
C ASP A 61 21.23 -4.56 45.88
N LEU A 62 20.43 -4.32 44.84
CA LEU A 62 20.75 -3.23 43.91
C LEU A 62 20.76 -1.89 44.63
N SER A 63 19.83 -1.69 45.58
CA SER A 63 19.67 -0.39 46.22
C SER A 63 20.94 0.06 46.92
N ILE A 64 21.78 -0.88 47.37
CA ILE A 64 23.07 -0.53 47.95
C ILE A 64 24.24 -0.87 47.04
N CYS A 65 24.00 -1.57 45.93
CA CYS A 65 25.08 -1.88 44.99
C CYS A 65 25.31 -0.76 43.98
N THR A 66 24.26 -0.02 43.60
CA THR A 66 24.38 0.99 42.57
C THR A 66 25.05 2.26 43.11
N PHE A 67 25.59 3.06 42.19
CA PHE A 67 26.18 4.35 42.50
C PHE A 67 25.82 5.33 41.39
N VAL A 68 25.71 6.61 41.75
CA VAL A 68 25.44 7.69 40.80
C VAL A 68 26.73 8.50 40.62
N LEU A 69 26.90 9.05 39.43
CA LEU A 69 28.02 9.95 39.17
C LEU A 69 27.56 11.37 39.52
N GLU A 70 28.18 11.97 40.52
CA GLU A 70 27.79 13.32 40.90
C GLU A 70 28.22 14.32 39.83
N GLN A 71 29.51 14.38 39.52
CA GLN A 71 30.04 15.18 38.42
C GLN A 71 31.23 14.45 37.78
N SER A 72 31.74 15.02 36.69
CA SER A 72 32.93 14.47 36.01
C SER A 72 33.82 15.62 35.60
N LEU A 73 34.87 15.86 36.38
CA LEU A 73 35.81 16.94 36.12
C LEU A 73 37.21 16.36 35.92
N SER A 74 38.03 17.09 35.18
CA SER A 74 39.41 16.68 34.99
C SER A 74 40.22 16.89 36.26
N VAL A 75 41.39 16.25 36.32
CA VAL A 75 42.23 16.35 37.51
C VAL A 75 42.69 17.79 37.72
N ARG A 76 42.94 18.53 36.64
CA ARG A 76 43.42 19.89 36.78
C ARG A 76 42.31 20.83 37.25
N ALA A 77 41.12 20.70 36.69
CA ALA A 77 39.99 21.48 37.18
C ALA A 77 39.69 21.13 38.64
N LEU A 78 39.88 19.87 39.02
CA LEU A 78 39.69 19.49 40.42
C LEU A 78 40.73 20.15 41.33
N GLN A 79 41.99 20.18 40.89
CA GLN A 79 43.02 20.85 41.68
C GLN A 79 42.72 22.34 41.81
N GLU A 80 42.22 22.95 40.74
CA GLU A 80 41.79 24.34 40.81
C GLU A 80 40.60 24.50 41.76
N MET A 81 39.78 23.47 41.90
CA MET A 81 38.71 23.52 42.90
C MET A 81 39.26 23.40 44.31
N LEU A 82 40.29 22.57 44.50
CA LEU A 82 40.88 22.41 45.83
C LEU A 82 41.55 23.70 46.29
N ALA A 83 42.35 24.32 45.43
CA ALA A 83 42.92 25.62 45.77
C ALA A 83 41.83 26.67 45.86
N ASN A 84 40.88 26.64 44.93
CA ASN A 84 39.61 27.31 45.06
C ASN A 84 38.89 26.71 46.26
N GLY A 109 24.41 21.02 33.46
CA GLY A 109 23.68 20.04 32.66
C GLY A 109 24.12 18.61 32.92
N HIS A 110 24.39 17.88 31.85
CA HIS A 110 24.83 16.48 31.91
C HIS A 110 26.09 16.36 31.07
N ARG A 111 27.24 16.58 31.70
CA ARG A 111 28.51 16.46 31.00
C ARG A 111 28.79 15.00 30.68
N THR A 112 29.65 14.80 29.67
CA THR A 112 30.02 13.47 29.24
C THR A 112 31.17 12.94 30.08
N LEU A 113 31.47 11.66 29.90
CA LEU A 113 32.54 10.98 30.65
C LEU A 113 33.65 10.62 29.68
N LEU A 114 34.86 11.07 30.00
CA LEU A 114 36.04 10.84 29.18
C LEU A 114 37.10 10.17 30.03
N TYR A 115 37.93 9.34 29.39
CA TYR A 115 39.01 8.70 30.12
C TYR A 115 39.99 9.74 30.65
N GLY A 116 40.47 9.52 31.88
CA GLY A 116 41.37 10.44 32.52
C GLY A 116 40.72 11.48 33.39
N HIS A 117 39.39 11.58 33.36
CA HIS A 117 38.69 12.51 34.24
C HIS A 117 38.78 12.03 35.68
N ALA A 118 38.40 12.93 36.60
CA ALA A 118 38.34 12.64 38.02
C ALA A 118 36.86 12.57 38.40
N ILE A 119 36.30 11.37 38.37
CA ILE A 119 34.86 11.21 38.60
C ILE A 119 34.58 11.29 40.09
N LEU A 120 33.31 11.45 40.44
CA LEU A 120 32.85 11.44 41.82
C LEU A 120 31.66 10.51 41.91
N LEU A 121 31.75 9.52 42.79
CA LEU A 121 30.70 8.51 42.95
C LEU A 121 29.97 8.74 44.26
N ARG A 122 28.65 8.88 44.17
CA ARG A 122 27.79 9.06 45.33
C ARG A 122 26.88 7.85 45.47
N HIS A 123 26.73 7.38 46.71
CA HIS A 123 25.85 6.25 46.97
C HIS A 123 24.40 6.65 46.69
N SER A 124 23.67 5.73 46.04
CA SER A 124 22.30 6.03 45.65
C SER A 124 21.39 6.09 46.87
N TYR A 125 21.41 5.06 47.72
CA TYR A 125 20.55 5.06 48.89
C TYR A 125 21.11 5.92 50.02
N SER A 126 22.29 5.54 50.55
CA SER A 126 22.82 6.16 51.75
C SER A 126 23.10 7.64 51.58
N GLY A 127 23.24 8.12 50.34
CA GLY A 127 23.48 9.52 50.08
C GLY A 127 24.91 9.97 50.29
N MET A 128 25.75 9.17 50.94
CA MET A 128 27.15 9.53 51.13
C MET A 128 27.92 9.32 49.83
N TYR A 129 29.21 9.60 49.88
CA TYR A 129 30.08 9.57 48.71
C TYR A 129 31.17 8.52 48.89
N LEU A 130 31.39 7.73 47.85
CA LEU A 130 32.45 6.71 47.89
C LEU A 130 33.81 7.38 47.97
N CYS A 131 34.64 6.89 48.90
CA CYS A 131 35.96 7.47 49.11
C CYS A 131 36.92 6.38 49.53
N CYS A 132 38.18 6.77 49.73
CA CYS A 132 39.25 5.87 50.15
C CYS A 132 39.65 6.25 51.57
N LEU A 133 39.25 5.42 52.54
CA LEU A 133 39.56 5.70 53.93
C LEU A 133 41.05 5.55 54.19
N SER A 134 41.55 6.32 55.15
CA SER A 134 42.96 6.29 55.53
C SER A 134 43.27 5.20 56.56
N THR A 135 42.35 4.28 56.78
CA THR A 135 42.55 3.19 57.73
C THR A 135 42.83 1.89 56.99
N SER A 136 43.57 1.00 57.65
CA SER A 136 43.94 -0.30 57.09
C SER A 136 43.36 -1.38 58.00
N ARG A 137 42.35 -2.10 57.49
CA ARG A 137 41.74 -3.17 58.25
C ARG A 137 42.43 -4.51 58.01
N SER A 138 42.70 -4.84 56.75
CA SER A 138 43.38 -6.09 56.42
C SER A 138 44.88 -5.92 56.60
N SER A 139 45.43 -6.62 57.59
CA SER A 139 46.86 -6.53 57.87
C SER A 139 47.71 -7.25 56.83
N THR A 140 47.11 -8.05 55.95
CA THR A 140 47.87 -8.74 54.92
C THR A 140 48.46 -7.74 53.91
N ASP A 141 47.60 -6.96 53.27
CA ASP A 141 48.06 -5.94 52.32
C ASP A 141 48.49 -4.71 53.12
N LYS A 142 49.75 -4.75 53.58
CA LYS A 142 50.29 -3.71 54.44
C LYS A 142 50.54 -2.40 53.71
N LEU A 143 50.31 -2.35 52.40
CA LEU A 143 50.48 -1.12 51.63
C LEU A 143 49.15 -0.49 51.24
N ALA A 144 48.05 -1.23 51.29
CA ALA A 144 46.77 -0.78 50.77
C ALA A 144 45.95 -0.09 51.84
N PHE A 145 44.88 0.58 51.40
CA PHE A 145 43.93 1.27 52.27
C PHE A 145 42.57 0.62 52.14
N ASP A 146 41.62 1.11 52.95
CA ASP A 146 40.24 0.64 52.91
C ASP A 146 39.38 1.68 52.21
N VAL A 147 38.38 1.20 51.48
CA VAL A 147 37.44 2.08 50.80
C VAL A 147 36.16 2.12 51.60
N GLY A 148 35.43 3.23 51.49
CA GLY A 148 34.20 3.38 52.24
C GLY A 148 33.41 4.57 51.76
N LEU A 149 32.46 4.98 52.59
CA LEU A 149 31.59 6.11 52.30
C LEU A 149 31.82 7.22 53.31
N GLN A 150 31.76 8.46 52.84
CA GLN A 150 31.94 9.61 53.71
C GLN A 150 30.90 10.66 53.35
N GLU A 151 30.58 11.50 54.34
CA GLU A 151 29.53 12.49 54.17
C GLU A 151 30.01 13.68 53.34
N ASP A 152 31.07 14.33 53.79
CA ASP A 152 31.60 15.48 53.06
C ASP A 152 32.34 15.01 51.81
N THR A 153 32.27 15.83 50.77
CA THR A 153 33.00 15.59 49.53
C THR A 153 34.29 16.40 49.43
N THR A 154 34.57 17.26 50.41
CA THR A 154 35.74 18.11 50.30
C THR A 154 37.02 17.27 50.35
N GLY A 155 38.11 17.87 49.91
CA GLY A 155 39.38 17.18 49.83
C GLY A 155 39.44 16.21 48.67
N GLU A 156 40.67 15.88 48.29
CA GLU A 156 40.94 14.99 47.17
C GLU A 156 40.93 13.52 47.56
N ALA A 157 40.39 13.19 48.73
CA ALA A 157 40.34 11.82 49.21
C ALA A 157 39.01 11.15 48.93
N CYS A 158 38.24 11.69 47.98
CA CYS A 158 36.91 11.15 47.69
C CYS A 158 36.73 10.89 46.20
N TRP A 159 37.48 11.62 45.38
CA TRP A 159 37.31 11.52 43.93
C TRP A 159 38.11 10.34 43.38
N TRP A 160 37.70 9.87 42.20
CA TRP A 160 38.33 8.76 41.53
C TRP A 160 38.54 9.09 40.06
N THR A 161 39.62 8.57 39.50
CA THR A 161 39.96 8.78 38.10
C THR A 161 39.82 7.46 37.34
N ILE A 162 39.30 7.56 36.12
CA ILE A 162 39.07 6.40 35.26
C ILE A 162 40.21 6.29 34.27
N HIS A 163 40.76 5.09 34.14
CA HIS A 163 41.85 4.81 33.22
C HIS A 163 41.49 3.62 32.35
N PRO A 164 41.99 3.58 31.11
CA PRO A 164 41.69 2.43 30.25
C PRO A 164 42.36 1.16 30.78
N ALA A 165 41.65 0.04 30.61
CA ALA A 165 42.14 -1.25 31.08
C ALA A 165 42.53 -2.19 29.94
N SER A 166 42.17 -1.86 28.70
CA SER A 166 42.40 -2.74 27.56
C SER A 166 43.33 -2.08 26.56
N LYS A 167 43.91 -2.91 25.69
CA LYS A 167 44.96 -2.42 24.80
C LYS A 167 44.36 -1.56 23.68
N GLN A 168 43.15 -1.91 23.25
CA GLN A 168 42.50 -1.29 22.11
C GLN A 168 42.12 0.16 22.37
N ARG A 169 42.01 0.56 23.63
CA ARG A 169 41.59 1.91 23.99
C ARG A 169 42.73 2.62 24.70
N SER A 170 42.74 3.95 24.57
CA SER A 170 43.80 4.77 25.14
C SER A 170 43.16 5.93 25.90
N GLU A 171 43.99 6.86 26.35
CA GLU A 171 43.46 8.02 27.05
C GLU A 171 42.80 8.96 26.06
N GLY A 172 41.66 9.52 26.48
CA GLY A 172 40.99 10.56 25.74
C GLY A 172 39.82 10.13 24.88
N GLU A 173 39.46 8.85 24.87
CA GLU A 173 38.27 8.43 24.15
C GLU A 173 37.06 8.39 25.07
N LYS A 174 35.88 8.48 24.47
CA LYS A 174 34.64 8.39 25.24
C LYS A 174 34.39 6.95 25.65
N VAL A 175 33.94 6.76 26.88
CA VAL A 175 33.57 5.44 27.38
C VAL A 175 32.12 5.15 27.00
N ARG A 176 31.82 3.87 26.78
CA ARG A 176 30.49 3.42 26.42
C ARG A 176 30.05 2.37 27.44
N VAL A 177 28.88 1.77 27.20
CA VAL A 177 28.39 0.73 28.07
C VAL A 177 29.26 -0.53 27.93
N GLY A 178 29.57 -1.14 29.06
CA GLY A 178 30.24 -2.42 29.08
C GLY A 178 31.75 -2.38 29.02
N ASP A 179 32.35 -1.21 28.90
CA ASP A 179 33.80 -1.10 28.84
C ASP A 179 34.41 -1.34 30.22
N ASP A 180 35.52 -2.07 30.25
CA ASP A 180 36.25 -2.34 31.48
C ASP A 180 37.26 -1.21 31.72
N LEU A 181 37.19 -0.60 32.89
CA LEU A 181 38.07 0.51 33.25
C LEU A 181 38.79 0.20 34.55
N ILE A 182 39.68 1.11 34.94
CA ILE A 182 40.45 1.00 36.17
C ILE A 182 40.23 2.27 36.98
N LEU A 183 39.85 2.13 38.24
CA LEU A 183 39.62 3.26 39.12
C LEU A 183 40.86 3.51 39.97
N VAL A 184 41.31 4.76 40.00
CA VAL A 184 42.47 5.16 40.80
C VAL A 184 42.06 6.32 41.68
N SER A 185 42.35 6.21 42.98
CA SER A 185 42.06 7.32 43.87
C SER A 185 43.00 8.49 43.59
N VAL A 186 42.56 9.68 43.95
CA VAL A 186 43.36 10.88 43.73
C VAL A 186 44.41 11.04 44.82
N SER A 187 44.00 11.01 46.09
CA SER A 187 44.96 11.21 47.18
C SER A 187 45.86 10.00 47.38
N SER A 188 45.27 8.81 47.53
CA SER A 188 46.06 7.62 47.83
C SER A 188 46.75 7.06 46.59
N GLU A 189 46.26 7.40 45.40
CA GLU A 189 46.87 6.96 44.14
C GLU A 189 46.98 5.44 44.09
N ARG A 190 45.90 4.77 44.49
CA ARG A 190 45.85 3.32 44.58
C ARG A 190 44.64 2.82 43.80
N TYR A 191 44.81 1.69 43.12
CA TYR A 191 43.73 1.13 42.32
C TYR A 191 42.65 0.53 43.22
N LEU A 192 41.41 0.51 42.70
CA LEU A 192 40.31 -0.16 43.38
C LEU A 192 40.49 -1.66 43.19
N HIS A 193 41.36 -2.22 44.02
CA HIS A 193 41.76 -3.61 43.88
C HIS A 193 40.77 -4.54 44.55
N LEU A 194 40.53 -5.69 43.92
CA LEU A 194 39.71 -6.75 44.49
C LEU A 194 40.63 -7.69 45.25
N SER A 195 41.01 -7.27 46.46
CA SER A 195 41.94 -8.05 47.26
C SER A 195 41.31 -9.38 47.65
N TYR A 196 41.91 -10.46 47.18
CA TYR A 196 41.39 -11.80 47.46
C TYR A 196 41.87 -12.28 48.82
N GLY A 197 40.96 -12.92 49.56
CA GLY A 197 41.28 -13.46 50.86
C GLY A 197 40.64 -14.81 51.06
N ASN A 198 41.04 -15.48 52.14
CA ASN A 198 40.48 -16.79 52.46
C ASN A 198 38.99 -16.70 52.71
N SER A 199 38.57 -15.78 53.57
CA SER A 199 37.15 -15.56 53.84
C SER A 199 36.75 -14.10 53.79
N SER A 200 37.69 -13.19 53.53
CA SER A 200 37.43 -11.76 53.50
C SER A 200 37.50 -11.29 52.04
N TRP A 201 36.39 -11.40 51.33
CA TRP A 201 36.28 -10.89 49.96
C TRP A 201 35.99 -9.38 50.03
N HIS A 202 37.03 -8.65 50.39
CA HIS A 202 36.94 -7.22 50.65
C HIS A 202 37.74 -6.44 49.62
N VAL A 203 37.19 -5.32 49.17
CA VAL A 203 37.84 -4.46 48.19
C VAL A 203 38.72 -3.46 48.91
N ASP A 204 39.96 -3.32 48.44
CA ASP A 204 40.92 -2.38 49.01
C ASP A 204 41.36 -1.38 47.96
N ALA A 205 42.08 -0.36 48.41
CA ALA A 205 42.79 0.56 47.53
C ALA A 205 44.24 0.11 47.50
N ALA A 206 44.52 -0.86 46.64
CA ALA A 206 45.85 -1.43 46.50
C ALA A 206 46.47 -1.02 45.17
N PHE A 207 47.66 -1.54 44.91
CA PHE A 207 48.42 -1.21 43.72
C PHE A 207 48.32 -2.27 42.63
N GLN A 208 47.28 -3.10 42.68
CA GLN A 208 47.01 -4.11 41.67
C GLN A 208 45.75 -3.72 40.92
N GLN A 209 45.88 -3.50 39.62
CA GLN A 209 44.74 -3.07 38.82
C GLN A 209 43.66 -4.16 38.81
N THR A 210 42.40 -3.72 38.83
CA THR A 210 41.26 -4.61 38.71
C THR A 210 40.25 -3.95 37.78
N LEU A 211 39.98 -4.59 36.66
CA LEU A 211 39.07 -4.06 35.65
C LEU A 211 37.63 -4.12 36.16
N TRP A 212 37.05 -2.95 36.41
CA TRP A 212 35.72 -2.81 37.01
C TRP A 212 34.73 -2.44 35.92
N SER A 213 33.91 -3.41 35.50
CA SER A 213 32.91 -3.15 34.48
C SER A 213 31.79 -2.29 35.05
N VAL A 214 31.26 -1.40 34.21
CA VAL A 214 30.22 -0.45 34.60
C VAL A 214 28.94 -0.80 33.86
N ALA A 215 27.87 -1.04 34.62
CA ALA A 215 26.57 -1.37 34.06
C ALA A 215 25.58 -0.28 34.42
N PRO A 216 24.93 0.36 33.44
CA PRO A 216 23.99 1.43 33.75
C PRO A 216 22.74 0.92 34.41
N ILE A 217 22.06 1.82 35.12
CA ILE A 217 20.81 1.48 35.80
C ILE A 217 19.72 2.44 35.34
N SER A 218 19.98 3.73 35.49
CA SER A 218 19.04 4.78 35.07
C SER A 218 19.86 5.91 34.48
N SER A 219 19.72 6.14 33.18
CA SER A 219 20.49 7.17 32.49
C SER A 219 19.96 8.58 32.73
N GLY A 220 18.88 8.72 33.48
CA GLY A 220 18.35 10.05 33.78
C GLY A 220 17.72 10.74 32.59
N SER A 221 17.02 10.00 31.75
CA SER A 221 16.34 10.54 30.57
C SER A 221 15.03 11.18 30.99
N GLU A 222 14.15 11.41 30.02
CA GLU A 222 12.88 12.08 30.29
C GLU A 222 11.92 11.15 31.02
N ALA A 223 12.25 10.79 32.26
CA ALA A 223 11.32 10.08 33.14
C ALA A 223 10.29 11.06 33.66
N ALA A 224 9.09 11.05 33.07
CA ALA A 224 8.06 11.99 33.47
C ALA A 224 7.60 11.72 34.90
N GLN A 225 7.35 12.80 35.63
CA GLN A 225 6.91 12.68 37.01
C GLN A 225 5.55 12.01 37.09
N GLY A 226 5.52 10.79 37.61
CA GLY A 226 4.30 10.00 37.70
C GLY A 226 4.35 8.66 37.00
N TYR A 227 5.35 8.39 36.16
CA TYR A 227 5.46 7.11 35.49
C TYR A 227 6.22 6.10 36.34
N LEU A 228 5.90 4.82 36.14
CA LEU A 228 6.50 3.75 36.93
C LEU A 228 7.94 3.51 36.47
N ILE A 229 8.88 3.58 37.41
CA ILE A 229 10.29 3.38 37.11
C ILE A 229 10.76 2.10 37.79
N GLY A 230 11.61 1.36 37.09
CA GLY A 230 12.08 0.10 37.63
C GLY A 230 12.98 0.29 38.83
N GLY A 231 13.07 -0.77 39.63
CA GLY A 231 13.89 -0.74 40.82
C GLY A 231 13.39 0.19 41.90
N ASP A 232 12.10 0.52 41.90
CA ASP A 232 11.53 1.45 42.85
C ASP A 232 10.61 0.73 43.84
N VAL A 233 10.38 1.38 44.97
CA VAL A 233 9.46 0.90 45.99
C VAL A 233 8.19 1.75 45.92
N LEU A 234 7.04 1.11 46.15
CA LEU A 234 5.76 1.79 46.02
C LEU A 234 4.75 1.15 46.96
N ARG A 235 3.51 1.64 46.89
CA ARG A 235 2.39 1.08 47.62
C ARG A 235 1.22 0.89 46.67
N LEU A 236 0.39 -0.10 46.97
CA LEU A 236 -0.74 -0.49 46.12
C LEU A 236 -2.04 -0.28 46.89
N LEU A 237 -2.89 0.60 46.38
CA LEU A 237 -4.19 0.89 46.95
C LEU A 237 -5.29 0.43 46.00
N HIS A 238 -6.53 0.51 46.48
CA HIS A 238 -7.68 0.20 45.66
C HIS A 238 -8.37 1.49 45.22
N GLY A 239 -9.00 1.45 44.04
CA GLY A 239 -9.65 2.63 43.51
C GLY A 239 -10.93 3.00 44.21
N HIS A 240 -11.64 2.01 44.77
CA HIS A 240 -12.91 2.25 45.43
C HIS A 240 -12.94 1.70 46.85
N MET A 241 -11.85 1.09 47.33
CA MET A 241 -11.77 0.59 48.69
C MET A 241 -10.51 1.05 49.43
N ASP A 242 -9.49 1.50 48.71
CA ASP A 242 -8.23 1.95 49.28
C ASP A 242 -7.64 0.90 50.23
N GLU A 243 -7.68 -0.35 49.78
CA GLU A 243 -7.18 -1.48 50.54
C GLU A 243 -5.72 -1.72 50.17
N CYS A 244 -4.82 -1.52 51.14
CA CYS A 244 -3.39 -1.64 50.91
C CYS A 244 -2.90 -3.03 51.27
N LEU A 245 -2.04 -3.57 50.43
CA LEU A 245 -1.46 -4.90 50.62
C LEU A 245 -0.39 -4.83 51.70
N THR A 246 -0.71 -5.34 52.90
CA THR A 246 0.19 -5.20 54.05
C THR A 246 0.42 -6.55 54.71
N VAL A 247 1.21 -6.51 55.78
CA VAL A 247 1.49 -7.65 56.64
C VAL A 247 1.25 -7.22 58.08
N PRO A 248 1.06 -8.17 59.00
CA PRO A 248 0.86 -7.80 60.40
C PRO A 248 2.05 -7.03 60.96
N SER A 249 1.76 -6.11 61.87
CA SER A 249 2.76 -5.21 62.43
C SER A 249 3.62 -5.96 63.44
N GLY A 250 4.49 -5.22 64.13
CA GLY A 250 5.40 -5.80 65.10
C GLY A 250 4.75 -6.21 66.40
N GLU A 251 3.41 -6.23 66.44
CA GLU A 251 2.71 -6.68 67.65
C GLU A 251 2.95 -8.16 67.93
N HIS A 252 3.26 -8.94 66.89
CA HIS A 252 3.58 -10.35 67.07
C HIS A 252 4.91 -10.68 66.43
N GLY A 253 5.27 -11.96 66.39
CA GLY A 253 6.56 -12.37 65.88
C GLY A 253 6.62 -12.42 64.37
N GLU A 254 7.80 -12.80 63.88
CA GLU A 254 8.00 -12.93 62.44
C GLU A 254 7.06 -13.95 61.83
N GLU A 255 6.65 -14.96 62.61
CA GLU A 255 5.73 -15.97 62.09
C GLU A 255 4.38 -15.37 61.73
N GLN A 256 3.92 -14.38 62.51
CA GLN A 256 2.71 -13.66 62.14
C GLN A 256 3.00 -12.62 61.07
N ARG A 257 4.15 -11.94 61.16
CA ARG A 257 4.48 -10.89 60.19
C ARG A 257 4.67 -11.43 58.78
N ARG A 258 4.94 -12.73 58.63
CA ARG A 258 5.07 -13.32 57.31
C ARG A 258 3.73 -13.40 56.58
N THR A 259 2.62 -13.23 57.29
CA THR A 259 1.31 -13.29 56.67
C THR A 259 1.10 -12.07 55.76
N VAL A 260 0.35 -12.28 54.68
CA VAL A 260 0.02 -11.25 53.73
C VAL A 260 -1.49 -11.07 53.76
N HIS A 261 -1.95 -9.83 53.79
CA HIS A 261 -3.39 -9.55 53.72
C HIS A 261 -3.59 -8.13 53.24
N TYR A 262 -4.83 -7.64 53.34
CA TYR A 262 -5.15 -6.26 53.04
C TYR A 262 -5.54 -5.54 54.32
N GLU A 263 -5.25 -4.24 54.36
CA GLU A 263 -5.61 -3.40 55.49
C GLU A 263 -6.03 -2.03 54.95
N GLY A 264 -6.41 -1.15 55.87
CA GLY A 264 -6.83 0.19 55.50
C GLY A 264 -6.69 1.13 56.67
N GLY A 265 -6.98 2.39 56.40
CA GLY A 265 -6.91 3.42 57.43
C GLY A 265 -5.56 4.10 57.43
N ALA A 266 -4.96 4.23 58.61
CA ALA A 266 -3.67 4.89 58.74
C ALA A 266 -2.50 4.02 58.28
N VAL A 267 -2.75 2.76 57.92
CA VAL A 267 -1.68 1.89 57.47
C VAL A 267 -1.13 2.32 56.12
N SER A 268 -1.87 3.13 55.37
CA SER A 268 -1.39 3.60 54.07
C SER A 268 -0.14 4.46 54.21
N VAL A 269 0.03 5.13 55.34
CA VAL A 269 1.19 5.98 55.57
C VAL A 269 2.23 5.30 56.46
N HIS A 270 1.99 4.05 56.86
CA HIS A 270 2.94 3.32 57.68
C HIS A 270 4.13 2.85 56.84
N ALA A 271 5.10 2.25 57.51
CA ALA A 271 6.31 1.75 56.84
C ALA A 271 6.22 0.27 56.50
N ARG A 272 5.24 -0.45 57.04
CA ARG A 272 5.07 -1.87 56.79
C ARG A 272 4.19 -2.17 55.58
N SER A 273 4.03 -1.19 54.67
CA SER A 273 3.19 -1.37 53.50
C SER A 273 3.90 -0.93 52.23
N LEU A 274 5.23 -1.07 52.20
CA LEU A 274 6.04 -0.66 51.06
C LEU A 274 6.61 -1.90 50.38
N TRP A 275 6.43 -1.97 49.06
CA TRP A 275 6.89 -3.11 48.27
C TRP A 275 7.81 -2.60 47.16
N ARG A 276 9.01 -3.17 47.09
CA ARG A 276 10.02 -2.77 46.11
C ARG A 276 10.04 -3.79 44.97
N LEU A 277 10.05 -3.28 43.73
CA LEU A 277 10.04 -4.11 42.53
C LEU A 277 11.46 -4.22 42.00
N GLU A 278 12.05 -5.41 42.17
CA GLU A 278 13.42 -5.68 41.73
C GLU A 278 13.37 -6.43 40.41
N THR A 279 13.86 -5.81 39.35
CA THR A 279 13.86 -6.47 38.05
C THR A 279 14.97 -7.51 37.98
N LEU A 280 14.74 -8.54 37.14
CA LEU A 280 15.69 -9.64 37.06
C LEU A 280 17.01 -9.19 36.42
N ARG A 281 16.93 -8.53 35.27
CA ARG A 281 18.14 -8.13 34.57
C ARG A 281 18.91 -7.10 35.37
N VAL A 282 20.25 -7.21 35.32
CA VAL A 282 21.11 -6.40 36.18
C VAL A 282 21.59 -5.10 35.54
N ALA A 283 21.54 -4.99 34.23
CA ALA A 283 21.83 -3.74 33.55
C ALA A 283 20.50 -3.06 33.22
N TRP A 284 20.45 -1.74 33.41
CA TRP A 284 19.23 -0.96 33.20
C TRP A 284 18.12 -1.41 34.15
N SER A 285 18.48 -1.56 35.43
CA SER A 285 17.53 -2.01 36.44
C SER A 285 16.48 -0.93 36.76
N GLY A 286 16.82 0.34 36.58
CA GLY A 286 15.88 1.42 36.79
C GLY A 286 15.23 1.90 35.51
N SER A 287 14.88 0.95 34.65
CA SER A 287 14.22 1.25 33.39
C SER A 287 12.72 1.35 33.63
N HIS A 288 12.00 1.73 32.58
CA HIS A 288 10.54 1.82 32.68
C HIS A 288 9.94 0.42 32.69
N ILE A 289 9.11 0.15 33.70
CA ILE A 289 8.50 -1.17 33.83
C ILE A 289 7.48 -1.37 32.74
N ARG A 290 7.70 -2.37 31.89
CA ARG A 290 6.76 -2.74 30.84
C ARG A 290 5.86 -3.87 31.31
N TRP A 291 4.75 -4.06 30.60
CA TRP A 291 3.78 -5.08 30.98
C TRP A 291 4.32 -6.48 30.69
N GLY A 292 4.07 -7.39 31.61
CA GLY A 292 4.42 -8.79 31.41
C GLY A 292 5.86 -9.16 31.68
N GLN A 293 6.65 -8.26 32.28
CA GLN A 293 7.99 -8.74 32.53
C GLN A 293 8.15 -9.18 33.99
N PRO A 294 8.99 -10.17 34.26
CA PRO A 294 9.11 -10.68 35.63
C PRO A 294 9.90 -9.75 36.53
N PHE A 295 9.50 -9.74 37.80
CA PHE A 295 10.19 -8.95 38.81
C PHE A 295 9.83 -9.50 40.19
N ARG A 296 10.74 -9.28 41.14
CA ARG A 296 10.58 -9.73 42.50
C ARG A 296 9.96 -8.63 43.36
N LEU A 297 9.12 -9.04 44.30
CA LEU A 297 8.51 -8.12 45.27
C LEU A 297 9.22 -8.30 46.61
N ARG A 298 9.85 -7.23 47.09
CA ARG A 298 10.56 -7.26 48.36
C ARG A 298 9.86 -6.35 49.37
N HIS A 299 9.82 -6.79 50.62
CA HIS A 299 9.26 -5.99 51.72
C HIS A 299 10.42 -5.30 52.42
N VAL A 300 10.60 -4.01 52.14
CA VAL A 300 11.71 -3.26 52.70
C VAL A 300 11.62 -3.07 54.20
N THR A 301 10.46 -3.36 54.81
CA THR A 301 10.34 -3.23 56.25
C THR A 301 11.00 -4.39 56.98
N THR A 302 10.86 -5.62 56.46
CA THR A 302 11.46 -6.79 57.07
C THR A 302 12.60 -7.39 56.26
N GLY A 303 12.66 -7.14 54.95
CA GLY A 303 13.72 -7.65 54.12
C GLY A 303 13.45 -8.98 53.47
N LYS A 304 12.20 -9.44 53.47
CA LYS A 304 11.85 -10.71 52.87
C LYS A 304 11.16 -10.50 51.53
N TYR A 305 11.24 -11.52 50.67
CA TYR A 305 10.66 -11.48 49.34
C TYR A 305 9.34 -12.25 49.32
N LEU A 306 8.38 -11.71 48.59
CA LEU A 306 7.05 -12.30 48.48
C LEU A 306 7.10 -13.49 47.55
N SER A 307 7.11 -14.69 48.12
CA SER A 307 7.14 -15.93 47.36
C SER A 307 5.77 -16.61 47.42
N LEU A 308 5.57 -17.57 46.52
CA LEU A 308 4.30 -18.28 46.39
C LEU A 308 4.56 -19.78 46.38
N MET A 309 4.07 -20.48 47.40
CA MET A 309 4.09 -21.93 47.44
C MET A 309 2.65 -22.41 47.24
N GLU A 310 2.44 -23.20 46.18
CA GLU A 310 1.09 -23.60 45.81
C GLU A 310 0.39 -24.40 46.90
N ASP A 311 1.14 -24.96 47.85
CA ASP A 311 0.53 -25.67 48.97
C ASP A 311 -0.29 -24.72 49.86
N LYS A 312 -0.05 -23.43 49.76
CA LYS A 312 -0.74 -22.43 50.60
C LYS A 312 -0.87 -21.15 49.79
N ASN A 313 -1.13 -20.04 50.48
CA ASN A 313 -1.14 -18.73 49.83
C ASN A 313 0.29 -18.20 49.76
N LEU A 314 0.44 -16.93 49.41
CA LEU A 314 1.76 -16.33 49.32
C LEU A 314 2.30 -16.04 50.71
N LEU A 315 3.62 -16.12 50.85
CA LEU A 315 4.29 -15.85 52.12
C LEU A 315 5.54 -15.04 51.84
N LEU A 316 6.31 -14.77 52.89
CA LEU A 316 7.54 -14.01 52.80
C LEU A 316 8.72 -14.91 53.14
N MET A 317 9.60 -15.13 52.18
CA MET A 317 10.79 -15.93 52.36
C MET A 317 12.02 -15.08 52.08
N ASP A 318 13.07 -15.29 52.87
CA ASP A 318 14.27 -14.46 52.77
C ASP A 318 14.98 -14.72 51.44
N LYS A 319 16.07 -13.97 51.23
CA LYS A 319 16.79 -14.03 49.97
C LYS A 319 17.48 -15.36 49.72
N GLU A 320 17.74 -16.14 50.78
CA GLU A 320 18.50 -17.37 50.63
C GLU A 320 17.70 -18.49 49.96
N LYS A 321 16.38 -18.43 50.01
CA LYS A 321 15.53 -19.43 49.37
C LYS A 321 14.51 -18.79 48.44
N ALA A 322 14.79 -17.58 47.96
CA ALA A 322 13.87 -16.83 47.11
C ALA A 322 14.21 -17.12 45.64
N ASP A 323 13.68 -18.25 45.17
CA ASP A 323 13.90 -18.66 43.79
C ASP A 323 13.04 -17.85 42.82
N VAL A 324 13.57 -17.67 41.61
CA VAL A 324 12.90 -16.80 40.63
C VAL A 324 11.56 -17.38 40.22
N LYS A 325 11.44 -18.71 40.15
CA LYS A 325 10.22 -19.34 39.65
C LYS A 325 9.03 -19.18 40.60
N SER A 326 9.26 -18.87 41.87
CA SER A 326 8.16 -18.61 42.80
C SER A 326 8.12 -17.18 43.31
N THR A 327 9.17 -16.38 43.09
CA THR A 327 9.12 -14.98 43.51
C THR A 327 8.85 -14.01 42.37
N ALA A 328 9.20 -14.36 41.14
CA ALA A 328 9.04 -13.45 40.02
C ALA A 328 7.56 -13.34 39.63
N PHE A 329 7.04 -12.12 39.66
CA PHE A 329 5.67 -11.82 39.26
C PHE A 329 5.71 -10.81 38.11
N ALA A 330 4.53 -10.54 37.55
CA ALA A 330 4.44 -9.62 36.42
C ALA A 330 3.13 -8.86 36.50
N PHE A 331 3.07 -7.74 35.77
CA PHE A 331 1.90 -6.88 35.72
C PHE A 331 1.27 -6.97 34.34
N ARG A 332 -0.04 -7.19 34.30
CA ARG A 332 -0.80 -7.22 33.06
C ARG A 332 -1.87 -6.14 33.08
N SER A 333 -2.37 -5.81 31.89
CA SER A 333 -3.46 -4.86 31.77
C SER A 333 -4.82 -5.53 31.77
N SER A 334 -4.89 -6.83 31.45
CA SER A 334 -6.14 -7.58 31.46
C SER A 334 -5.94 -8.90 32.17
N LYS A 335 -6.96 -9.75 32.11
CA LYS A 335 -7.00 -11.00 32.86
C LYS A 335 -6.57 -12.21 32.04
N GLU A 336 -6.50 -12.09 30.72
CA GLU A 336 -6.14 -13.21 29.86
C GLU A 336 -4.63 -13.48 29.91
N LYS A 337 -4.23 -14.56 29.23
CA LYS A 337 -2.85 -15.02 29.20
C LYS A 337 -2.25 -14.91 27.79
N LEU A 338 -2.53 -13.80 27.10
CA LEU A 338 -2.18 -13.72 25.68
C LEU A 338 -0.67 -13.75 25.47
N ASP A 339 0.10 -13.17 26.39
CA ASP A 339 1.54 -13.06 26.28
C ASP A 339 2.21 -13.68 27.49
N VAL A 340 3.01 -14.72 27.27
CA VAL A 340 3.85 -15.29 28.33
C VAL A 340 5.30 -15.23 27.89
N GLY A 341 5.63 -15.96 26.82
CA GLY A 341 6.98 -15.96 26.28
C GLY A 341 7.16 -15.01 25.10
N VAL A 342 7.04 -13.71 25.34
CA VAL A 342 7.11 -12.71 24.28
C VAL A 342 8.44 -11.96 24.31
N ARG A 343 8.75 -11.30 25.42
CA ARG A 343 9.94 -10.46 25.50
C ARG A 343 10.91 -11.01 26.53
N LYS A 344 12.21 -10.88 26.22
CA LYS A 344 13.27 -11.38 27.10
C LYS A 344 14.14 -10.27 27.67
N GLU A 345 14.57 -9.32 26.84
CA GLU A 345 15.46 -8.24 27.24
C GLU A 345 15.32 -7.09 26.25
N VAL A 346 15.30 -5.86 26.77
CA VAL A 346 15.25 -4.67 25.95
C VAL A 346 16.35 -3.75 26.45
N ASP A 347 17.46 -3.69 25.70
CA ASP A 347 18.62 -2.92 26.14
C ASP A 347 18.30 -1.44 25.96
N GLY A 348 17.88 -0.79 27.03
CA GLY A 348 17.58 0.63 26.95
C GLY A 348 16.83 1.11 28.16
N MET A 349 16.56 2.43 28.16
CA MET A 349 15.79 3.03 29.25
C MET A 349 14.33 2.58 29.22
N GLY A 350 13.79 2.33 28.03
CA GLY A 350 12.41 1.89 27.92
C GLY A 350 11.47 3.04 27.59
N THR A 351 10.19 2.68 27.52
CA THR A 351 9.13 3.61 27.19
C THR A 351 8.20 3.82 28.37
N SER A 352 7.80 5.08 28.57
CA SER A 352 6.88 5.42 29.65
C SER A 352 5.52 4.78 29.36
N GLU A 353 5.20 3.71 30.10
CA GLU A 353 3.95 2.99 29.92
C GLU A 353 3.03 3.12 31.12
N ILE A 354 3.49 2.74 32.31
CA ILE A 354 2.66 2.67 33.50
C ILE A 354 2.81 3.96 34.28
N LYS A 355 1.69 4.56 34.65
CA LYS A 355 1.67 5.77 35.46
C LYS A 355 1.32 5.44 36.90
N TYR A 356 1.73 6.34 37.80
CA TYR A 356 1.37 6.17 39.20
C TYR A 356 -0.03 6.70 39.49
N GLY A 357 -0.49 7.69 38.71
CA GLY A 357 -1.80 8.26 38.91
C GLY A 357 -2.96 7.35 38.58
N ASP A 358 -3.14 7.06 37.29
CA ASP A 358 -4.25 6.24 36.82
C ASP A 358 -3.68 5.06 36.03
N SER A 359 -3.71 3.90 36.67
CA SER A 359 -3.25 2.66 36.05
C SER A 359 -3.85 1.52 36.87
N ILE A 360 -4.53 0.62 36.17
CA ILE A 360 -5.14 -0.54 36.78
C ILE A 360 -4.32 -1.74 36.32
N CYS A 361 -3.44 -2.22 37.17
CA CYS A 361 -2.61 -3.38 36.85
C CYS A 361 -3.15 -4.62 37.54
N TYR A 362 -2.77 -5.78 37.00
CA TYR A 362 -3.15 -7.07 37.55
C TYR A 362 -1.91 -7.92 37.75
N ILE A 363 -1.72 -8.44 38.97
CA ILE A 363 -0.55 -9.27 39.26
C ILE A 363 -0.76 -10.65 38.66
N GLN A 364 0.33 -11.26 38.20
CA GLN A 364 0.26 -12.60 37.64
C GLN A 364 1.58 -13.31 37.88
N HIS A 365 1.49 -14.57 38.29
CA HIS A 365 2.68 -15.35 38.57
C HIS A 365 3.20 -16.00 37.29
N VAL A 366 4.50 -16.25 37.25
CA VAL A 366 5.10 -16.81 36.04
C VAL A 366 4.82 -18.30 35.92
N ASP A 367 4.58 -18.99 37.04
CA ASP A 367 4.39 -20.44 37.02
C ASP A 367 2.91 -20.82 36.98
N THR A 368 2.15 -20.41 38.00
CA THR A 368 0.74 -20.77 38.07
C THR A 368 -0.16 -19.77 37.35
N GLY A 369 0.26 -18.50 37.26
CA GLY A 369 -0.54 -17.51 36.57
C GLY A 369 -1.78 -17.08 37.30
N LEU A 370 -1.81 -17.23 38.62
CA LEU A 370 -2.97 -16.83 39.40
C LEU A 370 -3.14 -15.31 39.39
N TRP A 371 -4.26 -14.86 39.96
CA TRP A 371 -4.61 -13.45 39.98
C TRP A 371 -5.16 -13.09 41.36
N LEU A 372 -4.95 -11.84 41.76
CA LEU A 372 -5.37 -11.40 43.08
C LEU A 372 -6.89 -11.40 43.21
N THR A 373 -7.36 -11.67 44.43
CA THR A 373 -8.77 -11.60 44.76
C THR A 373 -8.89 -11.31 46.25
N TYR A 374 -9.74 -10.35 46.60
CA TYR A 374 -10.02 -10.07 48.00
C TYR A 374 -11.14 -10.96 48.50
N GLN A 375 -11.01 -11.44 49.72
CA GLN A 375 -11.90 -12.46 50.29
C GLN A 375 -12.66 -11.90 51.48
N ALA A 376 -13.40 -12.78 52.15
CA ALA A 376 -14.11 -12.49 53.38
C ALA A 376 -13.79 -13.55 54.42
N VAL A 377 -12.52 -13.92 54.51
CA VAL A 377 -12.09 -14.96 55.43
C VAL A 377 -12.26 -14.56 56.89
N ASP A 378 -12.43 -13.27 57.16
CA ASP A 378 -12.52 -12.79 58.54
C ASP A 378 -13.92 -13.08 59.10
N VAL A 379 -13.97 -13.80 60.23
CA VAL A 379 -15.26 -14.15 60.83
C VAL A 379 -15.94 -12.92 61.42
N LYS A 380 -17.26 -13.00 61.58
CA LYS A 380 -18.01 -11.90 62.16
C LYS A 380 -17.83 -11.75 63.66
N SER A 381 -16.88 -12.46 64.28
CA SER A 381 -16.71 -12.31 65.72
C SER A 381 -16.26 -10.89 66.06
N ALA A 382 -15.23 -10.39 65.38
CA ALA A 382 -14.76 -9.02 65.52
C ALA A 382 -14.38 -8.45 64.16
N ARG A 383 -15.28 -8.56 63.18
CA ARG A 383 -14.93 -8.10 61.84
C ARG A 383 -14.86 -6.58 61.76
N MET A 384 -15.87 -5.89 62.30
CA MET A 384 -15.95 -4.43 62.11
C MET A 384 -14.76 -3.70 62.72
N GLY A 385 -14.16 -4.25 63.77
CA GLY A 385 -13.00 -3.63 64.37
C GLY A 385 -11.67 -4.13 63.82
N SER A 386 -11.67 -5.31 63.22
CA SER A 386 -10.45 -5.95 62.73
C SER A 386 -10.65 -6.52 61.34
N ILE A 387 -11.24 -5.74 60.44
CA ILE A 387 -11.43 -6.13 59.05
C ILE A 387 -10.08 -6.44 58.41
N GLN A 388 -9.88 -7.69 57.98
CA GLN A 388 -8.65 -8.14 57.34
C GLN A 388 -9.05 -9.03 56.17
N ARG A 389 -9.16 -8.43 54.97
CA ARG A 389 -9.56 -9.17 53.78
C ARG A 389 -8.29 -9.79 53.18
N LYS A 390 -8.01 -11.03 53.58
CA LYS A 390 -6.80 -11.72 53.16
C LYS A 390 -6.83 -11.94 51.64
N ALA A 391 -5.81 -11.44 50.96
CA ALA A 391 -5.71 -11.60 49.52
C ALA A 391 -5.29 -13.03 49.19
N ILE A 392 -5.98 -13.64 48.22
CA ILE A 392 -5.70 -14.99 47.77
C ILE A 392 -5.53 -14.95 46.26
N MET A 393 -4.44 -15.53 45.78
CA MET A 393 -4.21 -15.64 44.34
C MET A 393 -5.01 -16.82 43.81
N HIS A 394 -6.07 -16.53 43.06
CA HIS A 394 -6.95 -17.55 42.51
C HIS A 394 -6.86 -17.54 40.98
N HIS A 395 -7.52 -18.53 40.38
CA HIS A 395 -7.37 -18.74 38.94
C HIS A 395 -8.24 -17.78 38.11
N GLU A 396 -9.46 -17.49 38.56
CA GLU A 396 -10.34 -16.74 37.66
C GLU A 396 -9.95 -15.27 37.68
N GLY A 397 -9.96 -14.67 38.87
CA GLY A 397 -9.86 -13.24 39.01
C GLY A 397 -11.19 -12.55 38.79
N HIS A 398 -11.34 -11.40 39.43
CA HIS A 398 -12.53 -10.58 39.29
C HIS A 398 -12.14 -9.20 38.76
N MET A 399 -13.12 -8.52 38.16
CA MET A 399 -12.90 -7.19 37.59
C MET A 399 -13.18 -6.09 38.62
N ASP A 400 -12.56 -6.19 39.79
CA ASP A 400 -12.74 -5.19 40.84
C ASP A 400 -11.48 -4.91 41.63
N ASP A 401 -10.32 -5.43 41.21
CA ASP A 401 -9.08 -5.23 41.95
C ASP A 401 -8.71 -3.74 41.99
N GLY A 402 -8.41 -3.18 40.82
CA GLY A 402 -8.03 -1.77 40.72
C GLY A 402 -6.83 -1.39 41.55
N LEU A 403 -5.67 -1.94 41.22
CA LEU A 403 -4.44 -1.64 41.97
C LEU A 403 -3.87 -0.31 41.49
N ASN A 404 -4.18 0.74 42.23
CA ASN A 404 -3.60 2.05 42.01
C ASN A 404 -2.26 2.14 42.73
N LEU A 405 -1.34 2.93 42.16
CA LEU A 405 0.03 2.99 42.66
C LEU A 405 0.30 4.30 43.37
N SER A 406 1.18 4.25 44.36
CA SER A 406 1.66 5.44 45.05
C SER A 406 3.18 5.30 45.20
N ARG A 407 3.90 6.36 44.83
CA ARG A 407 5.33 6.25 44.59
C ARG A 407 6.17 6.04 45.85
N SER A 408 5.61 6.19 47.05
CA SER A 408 6.33 5.90 48.29
C SER A 408 7.61 6.76 48.38
N GLN A 409 7.38 8.06 48.57
CA GLN A 409 8.41 9.09 48.50
C GLN A 409 9.75 8.65 49.08
N HIS A 410 10.82 9.05 48.39
CA HIS A 410 12.18 8.63 48.72
C HIS A 410 12.51 8.85 50.20
N GLU A 411 12.01 9.93 50.79
CA GLU A 411 12.22 10.15 52.22
C GLU A 411 11.67 8.97 53.03
N GLU A 412 10.41 8.62 52.78
CA GLU A 412 9.81 7.51 53.49
C GLU A 412 10.51 6.19 53.19
N SER A 413 10.95 6.00 51.94
CA SER A 413 11.64 4.76 51.59
C SER A 413 12.96 4.64 52.35
N ARG A 414 13.75 5.71 52.37
CA ARG A 414 15.01 5.69 53.11
C ARG A 414 14.77 5.46 54.59
N THR A 415 13.75 6.11 55.16
CA THR A 415 13.43 5.92 56.56
C THR A 415 13.09 4.46 56.86
N ALA A 416 12.30 3.83 55.99
CA ALA A 416 11.89 2.45 56.23
C ALA A 416 13.06 1.47 56.08
N ARG A 417 13.91 1.66 55.07
CA ARG A 417 15.08 0.80 54.94
C ARG A 417 16.02 0.97 56.13
N VAL A 418 16.13 2.19 56.66
CA VAL A 418 16.90 2.40 57.88
C VAL A 418 16.26 1.67 59.04
N ILE A 419 14.93 1.75 59.17
CA ILE A 419 14.24 1.00 60.22
C ILE A 419 14.60 -0.47 60.14
N ARG A 420 14.58 -1.03 58.93
CA ARG A 420 14.91 -2.44 58.76
C ARG A 420 16.34 -2.73 59.21
N SER A 421 17.29 -1.88 58.79
CA SER A 421 18.69 -2.12 59.14
C SER A 421 18.91 -2.08 60.65
N THR A 422 18.37 -1.06 61.32
CA THR A 422 18.58 -0.98 62.77
C THR A 422 17.82 -2.08 63.50
N VAL A 423 16.63 -2.47 63.04
CA VAL A 423 15.94 -3.53 63.77
C VAL A 423 16.68 -4.85 63.60
N PHE A 424 17.29 -5.08 62.43
CA PHE A 424 18.10 -6.28 62.24
C PHE A 424 19.32 -6.26 63.16
N LEU A 425 20.05 -5.14 63.18
CA LEU A 425 21.25 -5.06 64.01
C LEU A 425 20.89 -5.18 65.49
N PHE A 426 19.77 -4.58 65.90
CA PHE A 426 19.38 -4.63 67.30
C PHE A 426 18.90 -6.02 67.69
N ASN A 427 18.27 -6.75 66.77
CA ASN A 427 17.91 -8.13 67.05
C ASN A 427 19.15 -9.00 67.18
N ARG A 428 20.15 -8.77 66.33
CA ARG A 428 21.41 -9.50 66.46
C ARG A 428 22.04 -9.22 67.82
N PHE A 429 22.09 -7.94 68.21
CA PHE A 429 22.68 -7.58 69.50
C PHE A 429 21.89 -8.15 70.66
N ILE A 430 20.55 -8.16 70.56
CA ILE A 430 19.73 -8.64 71.66
C ILE A 430 19.89 -10.15 71.81
N ARG A 431 19.97 -10.88 70.68
CA ARG A 431 20.24 -12.31 70.76
C ARG A 431 21.61 -12.59 71.37
N GLY A 432 22.63 -11.83 70.96
CA GLY A 432 23.96 -12.04 71.51
C GLY A 432 24.01 -11.77 73.01
N LEU A 433 23.44 -10.65 73.44
CA LEU A 433 23.46 -10.30 74.85
C LEU A 433 22.62 -11.28 75.68
N ASP A 434 21.52 -11.77 75.11
CA ASP A 434 20.70 -12.76 75.81
C ASP A 434 21.45 -14.07 75.98
N ALA A 435 22.12 -14.53 74.92
CA ALA A 435 22.92 -15.74 75.00
C ALA A 435 24.08 -15.59 75.98
N LEU A 436 24.64 -14.38 76.09
CA LEU A 436 25.71 -14.16 77.06
C LEU A 436 25.18 -14.11 78.48
N SER A 437 23.98 -13.58 78.68
CA SER A 437 23.51 -13.31 80.04
C SER A 437 22.81 -14.51 80.68
N LYS A 438 22.04 -15.28 79.90
CA LYS A 438 21.31 -16.40 80.51
C LYS A 438 22.25 -17.41 81.16
N LYS A 439 23.41 -17.64 80.55
CA LYS A 439 24.42 -18.54 81.09
C LYS A 439 25.70 -18.30 80.31
N VAL A 440 26.79 -18.90 80.79
CA VAL A 440 28.05 -18.82 80.07
C VAL A 440 27.94 -19.60 78.77
N LYS A 441 28.48 -19.04 77.69
CA LYS A 441 28.37 -19.64 76.36
C LYS A 441 29.69 -19.44 75.61
N LEU A 442 29.73 -19.97 74.40
CA LEU A 442 30.92 -19.85 73.58
C LEU A 442 31.04 -18.43 73.02
N PRO A 443 32.25 -17.86 73.02
CA PRO A 443 32.39 -16.45 72.60
C PRO A 443 32.33 -16.26 71.10
N THR A 444 32.06 -17.32 70.35
CA THR A 444 31.95 -17.23 68.89
C THR A 444 30.54 -16.83 68.48
N ILE A 445 30.11 -15.69 69.02
CA ILE A 445 28.78 -15.15 68.77
C ILE A 445 28.93 -13.75 68.17
N ASP A 446 27.83 -13.28 67.58
CA ASP A 446 27.80 -11.97 66.94
C ASP A 446 27.47 -10.92 67.99
N LEU A 447 28.50 -10.24 68.49
CA LEU A 447 28.35 -9.14 69.45
C LEU A 447 29.04 -7.92 68.87
N PRO A 448 28.41 -7.25 67.89
CA PRO A 448 29.04 -6.08 67.25
C PRO A 448 28.91 -4.82 68.10
N ILE A 449 29.81 -4.71 69.09
CA ILE A 449 29.82 -3.54 69.96
C ILE A 449 30.12 -2.28 69.16
N GLU A 450 31.19 -2.31 68.37
CA GLU A 450 31.58 -1.15 67.58
C GLU A 450 30.54 -0.83 66.51
N SER A 451 29.92 -1.85 65.91
CA SER A 451 28.91 -1.60 64.88
C SER A 451 27.66 -0.96 65.49
N VAL A 452 27.21 -1.45 66.64
CA VAL A 452 26.02 -0.85 67.24
C VAL A 452 26.33 0.54 67.76
N SER A 453 27.58 0.78 68.20
CA SER A 453 27.96 2.12 68.62
C SER A 453 27.90 3.09 67.44
N LEU A 454 28.46 2.68 66.29
CA LEU A 454 28.40 3.53 65.11
C LEU A 454 26.97 3.72 64.63
N SER A 455 26.14 2.67 64.72
CA SER A 455 24.75 2.79 64.30
C SER A 455 23.99 3.76 65.18
N LEU A 456 24.24 3.73 66.49
CA LEU A 456 23.59 4.66 67.39
C LEU A 456 24.07 6.09 67.15
N GLN A 457 25.37 6.26 66.90
CA GLN A 457 25.89 7.59 66.58
C GLN A 457 25.30 8.14 65.30
N ASP A 458 25.04 7.26 64.32
CA ASP A 458 24.41 7.72 63.08
C ASP A 458 22.93 8.01 63.28
N LEU A 459 22.25 7.20 64.09
CA LEU A 459 20.81 7.37 64.24
C LEU A 459 20.47 8.58 65.10
N ILE A 460 21.33 8.91 66.08
CA ILE A 460 21.13 10.14 66.84
C ILE A 460 21.20 11.35 65.92
N GLY A 461 22.20 11.38 65.02
CA GLY A 461 22.26 12.44 64.03
C GLY A 461 21.12 12.40 63.04
N TYR A 462 20.58 11.21 62.78
CA TYR A 462 19.41 11.09 61.93
C TYR A 462 18.20 11.77 62.57
N PHE A 463 18.01 11.58 63.86
CA PHE A 463 16.93 12.22 64.60
C PHE A 463 17.33 13.56 65.22
N HIS A 464 18.47 14.10 64.82
CA HIS A 464 18.90 15.38 65.36
C HIS A 464 17.92 16.48 64.96
N PRO A 465 17.51 17.34 65.90
CA PRO A 465 16.58 18.42 65.56
C PRO A 465 17.23 19.43 64.65
N PRO A 466 16.44 20.19 63.88
CA PRO A 466 17.02 21.16 62.97
C PRO A 466 17.57 22.37 63.71
N ASP A 467 18.41 23.13 63.01
CA ASP A 467 19.01 24.33 63.58
C ASP A 467 17.97 25.44 63.72
N GLU A 468 18.01 26.13 64.86
CA GLU A 468 17.11 27.25 65.05
C GLU A 468 17.52 28.46 64.22
N HIS A 469 18.81 28.62 63.93
CA HIS A 469 19.30 29.73 63.12
C HIS A 469 19.35 29.33 61.66
N LEU A 470 18.16 29.08 61.09
CA LEU A 470 18.03 28.60 59.74
C LEU A 470 16.81 29.26 59.10
N GLU A 471 16.66 29.07 57.78
CA GLU A 471 15.49 29.59 57.10
C GLU A 471 14.23 28.97 57.69
N HIS A 472 13.16 29.75 57.74
CA HIS A 472 11.93 29.30 58.40
C HIS A 472 11.30 28.15 57.66
N GLU A 473 11.15 28.27 56.33
CA GLU A 473 10.49 27.22 55.56
C GLU A 473 11.31 25.93 55.58
N ASP A 474 12.64 26.04 55.49
CA ASP A 474 13.48 24.85 55.55
C ASP A 474 13.43 24.22 56.93
N LYS A 475 13.38 25.03 57.99
CA LYS A 475 13.26 24.49 59.34
C LYS A 475 11.93 23.77 59.52
N GLN A 476 10.85 24.31 58.95
CA GLN A 476 9.56 23.64 59.02
C GLN A 476 9.56 22.34 58.23
N ASN A 477 10.22 22.33 57.08
CA ASN A 477 10.34 21.10 56.30
C ASN A 477 11.12 20.04 57.07
N ARG A 478 12.22 20.45 57.72
CA ARG A 478 13.01 19.49 58.50
C ARG A 478 12.22 19.00 59.71
N LEU A 479 11.41 19.87 60.33
CA LEU A 479 10.57 19.44 61.43
C LEU A 479 9.53 18.42 60.97
N ARG A 480 8.92 18.66 59.82
CA ARG A 480 7.96 17.69 59.29
C ARG A 480 8.64 16.37 58.97
N ALA A 481 9.85 16.41 58.41
CA ALA A 481 10.57 15.19 58.11
C ALA A 481 10.91 14.43 59.39
N LEU A 482 11.33 15.15 60.43
CA LEU A 482 11.65 14.51 61.70
C LEU A 482 10.41 13.89 62.33
N LYS A 483 9.27 14.58 62.26
CA LYS A 483 8.02 14.03 62.76
C LYS A 483 7.64 12.76 62.00
N ASN A 484 7.82 12.77 60.68
CA ASN A 484 7.52 11.58 59.89
C ASN A 484 8.43 10.43 60.27
N ARG A 485 9.73 10.70 60.46
CA ARG A 485 10.66 9.65 60.86
C ARG A 485 10.29 9.08 62.23
N GLN A 486 9.91 9.95 63.17
CA GLN A 486 9.53 9.48 64.50
C GLN A 486 8.27 8.64 64.45
N ASN A 487 7.28 9.06 63.65
CA ASN A 487 6.06 8.27 63.52
C ASN A 487 6.35 6.92 62.89
N LEU A 488 7.21 6.89 61.87
CA LEU A 488 7.55 5.62 61.23
C LEU A 488 8.30 4.69 62.18
N PHE A 489 9.19 5.24 63.01
CA PHE A 489 9.92 4.42 63.97
C PHE A 489 9.00 3.91 65.07
N GLN A 490 8.02 4.72 65.46
CA GLN A 490 7.09 4.29 66.51
C GLN A 490 6.15 3.22 66.00
N GLU A 491 5.61 3.39 64.80
CA GLU A 491 4.63 2.43 64.27
C GLU A 491 5.26 1.14 63.80
N GLU A 492 6.56 0.90 64.00
CA GLU A 492 7.18 -0.37 63.65
C GLU A 492 7.76 -1.08 64.87
N GLY A 493 7.45 -0.62 66.07
CA GLY A 493 7.91 -1.28 67.28
C GLY A 493 9.39 -1.11 67.54
N MET A 494 9.88 0.13 67.50
CA MET A 494 11.27 0.42 67.78
C MET A 494 11.53 0.87 69.21
N ILE A 495 10.58 1.58 69.82
CA ILE A 495 10.77 2.05 71.18
C ILE A 495 10.88 0.86 72.15
N ASN A 496 10.02 -0.15 71.97
CA ASN A 496 10.09 -1.33 72.82
C ASN A 496 11.39 -2.10 72.59
N LEU A 497 11.89 -2.11 71.36
CA LEU A 497 13.18 -2.74 71.09
C LEU A 497 14.31 -2.02 71.81
N VAL A 498 14.29 -0.68 71.78
CA VAL A 498 15.29 0.09 72.51
C VAL A 498 15.17 -0.18 74.00
N LEU A 499 13.95 -0.32 74.51
CA LEU A 499 13.76 -0.62 75.92
C LEU A 499 14.32 -2.00 76.27
N GLU A 500 14.13 -2.98 75.39
CA GLU A 500 14.68 -4.31 75.65
C GLU A 500 16.19 -4.29 75.66
N CYS A 501 16.80 -3.57 74.72
CA CYS A 501 18.26 -3.43 74.73
C CYS A 501 18.74 -2.72 76.00
N ILE A 502 18.00 -1.69 76.44
CA ILE A 502 18.35 -0.99 77.67
C ILE A 502 18.28 -1.92 78.86
N ASP A 503 17.26 -2.78 78.90
CA ASP A 503 17.11 -3.72 80.02
C ASP A 503 18.27 -4.72 80.03
N ARG A 504 18.57 -5.31 78.87
CA ARG A 504 19.64 -6.30 78.81
C ARG A 504 21.01 -5.68 79.01
N LEU A 505 21.14 -4.37 78.85
CA LEU A 505 22.39 -3.70 79.19
C LEU A 505 22.46 -3.29 80.66
N HIS A 506 21.31 -3.04 81.30
CA HIS A 506 21.30 -2.72 82.72
C HIS A 506 21.29 -3.95 83.63
N VAL A 507 21.04 -5.15 83.09
CA VAL A 507 21.14 -6.34 83.93
C VAL A 507 22.52 -6.47 84.55
N TYR A 508 23.53 -5.84 83.99
CA TYR A 508 24.86 -5.78 84.58
C TYR A 508 24.97 -4.55 85.48
N SER A 509 25.87 -4.63 86.45
CA SER A 509 25.98 -3.59 87.47
C SER A 509 26.92 -2.46 87.07
N SER A 510 28.14 -2.79 86.62
CA SER A 510 29.13 -1.77 86.33
C SER A 510 29.96 -2.19 85.12
N ALA A 511 30.85 -1.29 84.70
CA ALA A 511 31.71 -1.58 83.55
C ALA A 511 32.67 -2.72 83.87
N ALA A 512 33.21 -2.76 85.08
CA ALA A 512 34.07 -3.86 85.48
C ALA A 512 33.29 -5.17 85.57
N HIS A 513 32.03 -5.11 85.97
CA HIS A 513 31.20 -6.31 86.04
C HIS A 513 30.82 -6.80 84.65
N PHE A 514 30.73 -5.90 83.67
CA PHE A 514 30.40 -6.30 82.31
C PHE A 514 31.63 -6.75 81.53
N ALA A 515 32.81 -6.25 81.89
CA ALA A 515 34.02 -6.58 81.14
C ALA A 515 34.37 -8.06 81.28
N ASP A 516 34.41 -8.58 82.51
CA ASP A 516 34.79 -9.98 82.71
C ASP A 516 33.76 -10.96 82.16
N VAL A 517 32.59 -10.47 81.72
CA VAL A 517 31.59 -11.33 81.10
C VAL A 517 31.62 -11.21 79.58
N ALA A 518 31.86 -10.02 79.06
CA ALA A 518 31.82 -9.79 77.61
C ALA A 518 33.17 -9.51 76.99
N GLY A 519 34.13 -8.98 77.74
CA GLY A 519 35.44 -8.68 77.22
C GLY A 519 35.84 -7.24 77.49
N ARG A 520 37.10 -6.94 77.14
CA ARG A 520 37.64 -5.62 77.39
C ARG A 520 36.91 -4.54 76.61
N GLU A 521 36.81 -4.72 75.29
CA GLU A 521 36.19 -3.69 74.45
C GLU A 521 34.72 -3.48 74.80
N ALA A 522 33.99 -4.57 75.02
CA ALA A 522 32.59 -4.44 75.40
C ALA A 522 32.44 -3.77 76.77
N GLY A 523 33.31 -4.15 77.72
CA GLY A 523 33.23 -3.53 79.04
C GLY A 523 33.56 -2.06 79.04
N GLU A 524 34.45 -1.63 78.14
CA GLU A 524 34.79 -0.20 78.10
C GLU A 524 33.76 0.59 77.30
N SER A 525 33.14 -0.01 76.29
CA SER A 525 32.16 0.70 75.47
C SER A 525 30.72 0.54 75.96
N TRP A 526 30.51 -0.24 77.04
CA TRP A 526 29.15 -0.42 77.58
C TRP A 526 28.55 0.91 78.03
N LYS A 527 29.35 1.75 78.70
CA LYS A 527 28.86 3.05 79.16
C LYS A 527 28.45 3.93 77.98
N SER A 528 29.30 4.00 76.96
CA SER A 528 28.99 4.82 75.79
C SER A 528 27.75 4.29 75.08
N ILE A 529 27.58 2.97 75.04
CA ILE A 529 26.42 2.40 74.38
C ILE A 529 25.15 2.75 75.14
N LEU A 530 25.19 2.67 76.47
CA LEU A 530 24.02 3.09 77.26
C LEU A 530 23.70 4.56 77.05
N ASN A 531 24.74 5.41 77.08
CA ASN A 531 24.50 6.84 76.90
C ASN A 531 23.88 7.12 75.53
N SER A 532 24.42 6.51 74.47
CA SER A 532 23.88 6.73 73.14
C SER A 532 22.47 6.17 73.01
N LEU A 533 22.20 5.03 73.65
CA LEU A 533 20.85 4.45 73.57
C LEU A 533 19.84 5.34 74.28
N TYR A 534 20.20 5.89 75.43
CA TYR A 534 19.27 6.78 76.12
C TYR A 534 19.08 8.07 75.35
N GLU A 535 20.15 8.60 74.75
CA GLU A 535 20.03 9.78 73.90
C GLU A 535 19.11 9.51 72.72
N LEU A 536 19.20 8.31 72.14
CA LEU A 536 18.32 7.94 71.04
C LEU A 536 16.87 7.83 71.50
N LEU A 537 16.65 7.23 72.67
CA LEU A 537 15.29 7.12 73.19
C LEU A 537 14.69 8.49 73.44
N ALA A 538 15.50 9.44 73.91
CA ALA A 538 15.00 10.80 74.12
C ALA A 538 14.77 11.51 72.79
N ALA A 539 15.66 11.32 71.82
CA ALA A 539 15.53 12.02 70.55
C ALA A 539 14.35 11.50 69.74
N LEU A 540 13.99 10.23 69.93
CA LEU A 540 12.81 9.68 69.26
C LEU A 540 11.53 10.35 69.71
N ILE A 541 11.53 11.00 70.88
CA ILE A 541 10.30 11.42 71.53
C ILE A 541 10.38 12.90 71.88
N ARG A 542 11.46 13.55 71.46
CA ARG A 542 11.69 14.94 71.82
C ARG A 542 10.54 15.84 71.34
N GLY A 543 10.20 15.75 70.06
CA GLY A 543 9.21 16.65 69.48
C GLY A 543 7.83 16.05 69.36
N ASN A 544 7.74 14.75 69.10
CA ASN A 544 6.47 14.10 68.87
C ASN A 544 5.66 14.02 70.16
N ARG A 545 4.34 13.91 69.99
CA ARG A 545 3.38 13.83 71.10
C ARG A 545 2.66 12.50 71.14
N LYS A 546 2.28 11.96 69.97
CA LYS A 546 1.64 10.65 69.92
C LYS A 546 2.55 9.56 70.47
N ASN A 547 3.86 9.69 70.22
CA ASN A 547 4.82 8.74 70.77
C ASN A 547 4.73 8.70 72.30
N CYS A 548 4.78 9.88 72.93
CA CYS A 548 4.76 9.92 74.39
C CYS A 548 3.42 9.44 74.93
N ALA A 549 2.32 9.88 74.32
CA ALA A 549 1.01 9.40 74.74
C ALA A 549 0.88 7.89 74.56
N GLN A 550 1.67 7.30 73.68
CA GLN A 550 1.61 5.85 73.48
C GLN A 550 2.46 5.08 74.49
N PHE A 551 3.73 5.41 74.62
CA PHE A 551 4.60 4.62 75.49
C PHE A 551 4.62 5.12 76.94
N SER A 552 3.77 6.10 77.29
CA SER A 552 3.76 6.62 78.65
C SER A 552 3.61 5.52 79.71
N GLY A 553 3.16 4.32 79.32
CA GLY A 553 3.01 3.23 80.27
C GLY A 553 4.32 2.70 80.83
N SER A 554 5.44 3.01 80.21
CA SER A 554 6.75 2.57 80.67
C SER A 554 7.36 3.53 81.68
N LEU A 555 6.58 4.49 82.17
CA LEU A 555 7.12 5.50 83.08
C LEU A 555 7.57 4.91 84.40
N ASP A 556 6.86 3.90 84.90
CA ASP A 556 7.23 3.29 86.17
C ASP A 556 8.59 2.62 86.03
N TRP A 557 8.79 1.90 84.92
CA TRP A 557 10.10 1.30 84.67
C TRP A 557 11.18 2.36 84.52
N LEU A 558 10.86 3.46 83.84
CA LEU A 558 11.81 4.55 83.71
C LEU A 558 12.26 5.07 85.08
N ILE A 559 11.29 5.38 85.94
CA ILE A 559 11.61 5.95 87.25
C ILE A 559 12.24 4.92 88.18
N SER A 560 11.99 3.63 87.94
CA SER A 560 12.67 2.61 88.74
C SER A 560 14.13 2.47 88.32
N ARG A 561 14.41 2.52 87.02
CA ARG A 561 15.78 2.49 86.55
C ARG A 561 16.51 3.81 86.76
N LEU A 562 15.77 4.88 87.06
CA LEU A 562 16.38 6.18 87.34
C LEU A 562 17.48 6.10 88.39
N GLU A 563 17.41 5.13 89.30
CA GLU A 563 18.33 5.01 90.41
C GLU A 563 19.51 4.09 90.11
N ARG A 564 19.92 4.03 88.84
CA ARG A 564 21.00 3.12 88.46
C ARG A 564 22.39 3.71 88.65
N LEU A 565 22.49 5.02 88.93
CA LEU A 565 23.75 5.70 89.23
C LEU A 565 24.67 5.82 88.00
N GLU A 566 24.20 5.37 86.84
CA GLU A 566 25.01 5.45 85.62
C GLU A 566 24.39 6.40 84.60
N ALA A 567 23.15 6.13 84.16
CA ALA A 567 22.47 6.95 83.17
C ALA A 567 21.44 7.89 83.79
N SER A 568 21.71 8.43 84.98
CA SER A 568 20.75 9.33 85.61
C SER A 568 20.41 10.51 84.70
N SER A 569 21.43 11.07 84.03
CA SER A 569 21.19 12.15 83.10
C SER A 569 20.26 11.72 81.96
N GLY A 570 20.52 10.54 81.39
CA GLY A 570 19.71 10.08 80.27
C GLY A 570 18.28 9.81 80.66
N ILE A 571 18.07 9.11 81.78
CA ILE A 571 16.72 8.82 82.26
C ILE A 571 16.01 10.12 82.62
N LEU A 572 16.73 11.08 83.20
CA LEU A 572 16.11 12.35 83.55
C LEU A 572 15.70 13.13 82.32
N GLU A 573 16.53 13.12 81.28
CA GLU A 573 16.17 13.82 80.05
C GLU A 573 14.98 13.14 79.37
N VAL A 574 14.93 11.81 79.41
CA VAL A 574 13.78 11.10 78.85
C VAL A 574 12.51 11.45 79.63
N LEU A 575 12.59 11.47 80.96
CA LEU A 575 11.44 11.80 81.78
C LEU A 575 10.98 13.24 81.53
N HIS A 576 11.92 14.17 81.42
CA HIS A 576 11.57 15.57 81.19
C HIS A 576 10.91 15.74 79.82
N CYS A 577 11.47 15.11 78.79
CA CYS A 577 10.90 15.27 77.46
C CYS A 577 9.61 14.49 77.27
N VAL A 578 9.32 13.49 78.12
CA VAL A 578 8.03 12.83 78.06
C VAL A 578 6.99 13.54 78.92
N LEU A 579 7.40 14.30 79.94
CA LEU A 579 6.47 15.06 80.76
C LEU A 579 6.16 16.43 80.21
N VAL A 580 7.07 17.02 79.42
CA VAL A 580 6.84 18.36 78.91
C VAL A 580 5.81 18.40 77.78
N GLU A 581 5.59 17.28 77.08
CA GLU A 581 4.71 17.26 75.92
C GLU A 581 3.40 16.56 76.17
N SER A 582 3.42 15.32 76.66
CA SER A 582 2.20 14.54 76.82
C SER A 582 1.56 14.83 78.17
N PRO A 583 0.34 15.37 78.21
CA PRO A 583 -0.34 15.55 79.50
C PRO A 583 -0.87 14.25 80.07
N GLU A 584 -0.96 13.18 79.27
CA GLU A 584 -1.43 11.90 79.79
C GLU A 584 -0.42 11.28 80.76
N ALA A 585 0.86 11.62 80.60
CA ALA A 585 1.88 11.04 81.49
C ALA A 585 1.75 11.56 82.91
N LEU A 586 1.27 12.79 83.08
CA LEU A 586 1.11 13.35 84.42
C LEU A 586 -0.01 12.68 85.20
N ASN A 587 -0.94 12.01 84.51
CA ASN A 587 -2.04 11.35 85.18
C ASN A 587 -1.63 10.03 85.81
N ILE A 588 -0.50 9.46 85.41
CA ILE A 588 -0.03 8.19 85.93
C ILE A 588 1.18 8.35 86.83
N ILE A 589 1.57 9.58 87.13
CA ILE A 589 2.66 9.84 88.07
C ILE A 589 2.06 9.91 89.46
N LYS A 590 2.32 8.89 90.27
CA LYS A 590 1.76 8.80 91.61
C LYS A 590 2.74 9.42 92.61
N GLU A 591 2.39 9.35 93.90
CA GLU A 591 3.24 9.94 94.93
C GLU A 591 4.56 9.19 95.08
N GLY A 592 4.56 7.88 94.81
CA GLY A 592 5.81 7.13 94.89
C GLY A 592 6.84 7.61 93.89
N HIS A 593 6.40 7.96 92.68
CA HIS A 593 7.33 8.46 91.66
C HIS A 593 7.92 9.80 92.07
N ILE A 594 7.09 10.70 92.62
CA ILE A 594 7.59 12.00 93.06
C ILE A 594 8.56 11.83 94.22
N LYS A 595 8.25 10.91 95.14
CA LYS A 595 9.16 10.65 96.24
C LYS A 595 10.48 10.06 95.74
N SER A 596 10.43 9.23 94.72
CA SER A 596 11.66 8.68 94.15
C SER A 596 12.48 9.76 93.47
N ILE A 597 11.82 10.69 92.79
CA ILE A 597 12.54 11.79 92.15
C ILE A 597 13.19 12.69 93.20
N ILE A 598 12.47 12.96 94.29
CA ILE A 598 13.06 13.78 95.35
C ILE A 598 14.20 13.04 96.03
N SER A 599 14.12 11.70 96.15
CA SER A 599 15.23 10.94 96.68
C SER A 599 16.44 10.99 95.75
N LEU A 600 16.19 10.97 94.44
CA LEU A 600 17.28 11.17 93.49
C LEU A 600 17.94 12.53 93.68
N LEU A 601 17.12 13.57 93.88
CA LEU A 601 17.67 14.89 94.14
C LEU A 601 18.48 14.92 95.43
N ASP A 602 18.04 14.17 96.44
CA ASP A 602 18.75 14.13 97.72
C ASP A 602 20.04 13.31 97.64
N LYS A 603 20.11 12.36 96.72
CA LYS A 603 21.27 11.47 96.63
C LYS A 603 22.33 12.00 95.66
N HIS A 604 21.94 12.30 94.42
CA HIS A 604 22.91 12.70 93.41
C HIS A 604 23.37 14.14 93.55
N GLY A 605 22.74 14.94 94.39
CA GLY A 605 23.16 16.30 94.63
C GLY A 605 22.24 17.32 94.00
N ARG A 606 22.79 18.53 93.83
CA ARG A 606 22.03 19.67 93.33
C ARG A 606 22.12 19.69 91.81
N ASN A 607 21.04 19.28 91.16
CA ASN A 607 20.95 19.27 89.71
C ASN A 607 19.67 19.99 89.28
N HIS A 608 19.81 20.95 88.37
CA HIS A 608 18.64 21.73 87.94
C HIS A 608 17.72 20.93 87.03
N LYS A 609 18.17 19.81 86.48
CA LYS A 609 17.29 18.99 85.65
C LYS A 609 16.17 18.38 86.49
N VAL A 610 16.46 17.98 87.72
CA VAL A 610 15.41 17.47 88.61
C VAL A 610 14.37 18.54 88.86
N LEU A 611 14.81 19.78 89.06
CA LEU A 611 13.89 20.87 89.33
C LEU A 611 13.06 21.20 88.10
N ASP A 612 13.67 21.13 86.90
CA ASP A 612 12.90 21.30 85.68
C ASP A 612 11.87 20.20 85.52
N VAL A 613 12.21 18.97 85.91
CA VAL A 613 11.24 17.88 85.86
C VAL A 613 10.10 18.15 86.83
N LEU A 614 10.41 18.68 88.01
CA LEU A 614 9.36 19.04 88.96
C LEU A 614 8.49 20.17 88.43
N CYS A 615 9.09 21.12 87.72
CA CYS A 615 8.32 22.19 87.13
C CYS A 615 7.35 21.63 86.10
N SER A 616 7.82 20.67 85.30
CA SER A 616 6.95 20.00 84.33
C SER A 616 5.85 19.21 85.03
N LEU A 617 6.17 18.58 86.16
CA LEU A 617 5.16 17.81 86.90
C LEU A 617 4.10 18.71 87.51
N CYS A 618 4.50 19.88 88.01
CA CYS A 618 3.54 20.80 88.60
C CYS A 618 2.65 21.42 87.53
N VAL A 619 3.23 21.86 86.41
CA VAL A 619 2.46 22.47 85.35
C VAL A 619 2.92 21.89 84.02
N CYS A 620 2.00 21.26 83.27
CA CYS A 620 2.33 20.64 82.00
C CYS A 620 2.09 21.58 80.82
N HIS A 621 0.83 21.99 80.61
CA HIS A 621 0.49 22.89 79.51
C HIS A 621 -0.55 23.89 80.02
N GLY A 622 -0.08 25.01 80.57
CA GLY A 622 -0.95 26.08 81.02
C GLY A 622 -1.98 25.69 82.05
N VAL A 623 -1.90 24.46 82.57
CA VAL A 623 -2.82 23.96 83.57
C VAL A 623 -2.02 23.40 84.73
N ALA A 624 -2.58 23.51 85.92
CA ALA A 624 -1.90 23.07 87.14
C ALA A 624 -2.50 21.76 87.63
N VAL A 625 -1.66 20.98 88.31
CA VAL A 625 -2.06 19.72 88.93
C VAL A 625 -1.95 19.93 90.43
N ARG A 626 -3.09 20.12 91.10
CA ARG A 626 -3.07 20.43 92.52
C ARG A 626 -2.48 19.30 93.34
N SER A 627 -2.78 18.05 92.96
CA SER A 627 -2.24 16.92 93.69
C SER A 627 -0.72 16.88 93.61
N ASN A 628 -0.17 17.04 92.41
CA ASN A 628 1.28 17.03 92.24
C ASN A 628 1.93 18.22 92.93
N GLN A 629 1.30 19.39 92.86
CA GLN A 629 1.85 20.56 93.55
C GLN A 629 1.88 20.36 95.05
N HIS A 630 0.80 19.81 95.62
CA HIS A 630 0.78 19.53 97.04
C HIS A 630 1.82 18.48 97.43
N LEU A 631 1.98 17.45 96.59
CA LEU A 631 2.99 16.43 96.88
C LEU A 631 4.40 17.03 96.86
N ILE A 632 4.68 17.90 95.88
CA ILE A 632 5.98 18.53 95.79
C ILE A 632 6.22 19.40 97.02
N CYS A 633 5.25 20.24 97.36
CA CYS A 633 5.40 21.12 98.52
C CYS A 633 5.51 20.33 99.81
N ASP A 634 4.93 19.13 99.86
CA ASP A 634 4.93 18.35 101.09
C ASP A 634 6.21 17.54 101.25
N ASN A 635 6.76 17.02 100.16
CA ASN A 635 7.89 16.10 100.23
C ASN A 635 9.22 16.72 99.83
N LEU A 636 9.21 17.95 99.33
CA LEU A 636 10.45 18.59 98.87
C LEU A 636 11.05 19.53 99.89
N LEU A 637 10.23 20.28 100.61
CA LEU A 637 10.71 21.27 101.57
C LEU A 637 10.04 21.16 102.95
N PRO A 638 9.96 19.94 103.52
CA PRO A 638 9.42 19.84 104.89
C PRO A 638 10.47 20.14 105.96
N GLY A 639 11.72 19.75 105.70
CA GLY A 639 12.79 19.88 106.67
C GLY A 639 13.87 20.85 106.26
N ARG A 640 13.75 21.40 105.05
CA ARG A 640 14.62 22.46 104.54
C ARG A 640 16.07 22.02 104.37
N ASP A 641 16.32 20.72 104.20
CA ASP A 641 17.66 20.21 103.94
C ASP A 641 17.87 19.77 102.50
N LEU A 642 16.80 19.67 101.71
CA LEU A 642 16.93 19.22 100.33
C LEU A 642 17.60 20.27 99.44
N LEU A 643 17.36 21.55 99.72
CA LEU A 643 17.76 22.65 98.85
C LEU A 643 18.33 23.77 99.71
N LEU A 644 18.78 24.84 99.05
CA LEU A 644 19.36 25.99 99.74
C LEU A 644 18.29 26.80 100.45
N GLN A 645 18.67 27.42 101.57
CA GLN A 645 17.77 28.31 102.28
C GLN A 645 18.23 29.74 102.09
N THR A 646 17.34 30.68 102.43
CA THR A 646 17.68 32.09 102.42
C THR A 646 17.19 32.73 103.71
N ARG A 647 17.88 33.79 104.12
CA ARG A 647 17.45 34.57 105.28
C ARG A 647 17.87 36.02 105.05
N LEU A 648 17.31 36.92 105.84
CA LEU A 648 17.65 38.34 105.81
C LEU A 648 18.25 38.70 107.16
N VAL A 649 19.57 38.79 107.23
CA VAL A 649 20.27 39.01 108.49
C VAL A 649 20.77 40.46 108.53
N ASN A 650 21.27 40.86 109.70
CA ASN A 650 21.77 42.21 109.91
C ASN A 650 23.28 42.25 109.77
N HIS A 651 23.80 43.45 109.52
CA HIS A 651 25.24 43.65 109.45
C HIS A 651 25.77 44.02 110.82
N VAL A 652 26.77 43.29 111.30
CA VAL A 652 27.35 43.55 112.60
C VAL A 652 28.79 43.98 112.42
N SER A 653 29.26 44.84 113.32
CA SER A 653 30.61 45.34 113.30
C SER A 653 31.28 45.04 114.64
N SER A 654 32.59 44.82 114.59
CA SER A 654 33.39 44.49 115.76
C SER A 654 34.39 45.61 116.01
N MET A 655 34.25 46.29 117.14
CA MET A 655 35.15 47.36 117.53
C MET A 655 36.00 46.92 118.72
N ARG A 656 37.16 47.56 118.86
CA ARG A 656 38.08 47.25 119.96
C ARG A 656 39.03 48.43 120.14
N PRO A 657 39.59 48.60 121.34
CA PRO A 657 40.70 49.54 121.51
C PRO A 657 42.02 48.90 121.10
N ASN A 658 43.03 49.75 120.95
CA ASN A 658 44.37 49.30 120.57
C ASN A 658 45.06 48.67 121.79
N ILE A 659 44.58 47.49 122.15
CA ILE A 659 45.06 46.75 123.32
C ILE A 659 45.29 45.31 122.91
N PHE A 660 46.44 44.75 123.32
CA PHE A 660 46.78 43.36 123.05
C PHE A 660 47.29 42.73 124.33
N LEU A 661 46.83 41.51 124.61
CA LEU A 661 47.15 40.80 125.85
C LEU A 661 47.73 39.43 125.50
N GLY A 662 49.03 39.27 125.70
CA GLY A 662 49.68 38.02 125.41
C GLY A 662 50.50 37.53 126.60
N VAL A 663 50.60 36.21 126.72
CA VAL A 663 51.30 35.59 127.83
C VAL A 663 52.39 34.68 127.28
N SER A 664 53.49 34.60 128.02
CA SER A 664 54.61 33.73 127.68
C SER A 664 55.47 33.55 128.92
N GLU A 665 56.47 32.68 128.81
CA GLU A 665 57.41 32.51 129.90
C GLU A 665 58.39 33.68 129.94
N GLY A 666 58.66 34.18 131.14
CA GLY A 666 59.54 35.32 131.30
C GLY A 666 58.79 36.63 131.42
N SER A 667 58.81 37.42 130.35
CA SER A 667 58.14 38.72 130.36
C SER A 667 56.64 38.52 130.16
N ALA A 668 55.85 38.92 131.16
CA ALA A 668 54.40 38.79 131.12
C ALA A 668 53.78 40.16 131.40
N GLN A 669 52.45 40.19 131.40
CA GLN A 669 51.70 41.42 131.65
C GLN A 669 50.74 41.25 132.83
N TYR A 670 51.16 40.48 133.83
CA TYR A 670 50.44 40.28 135.08
C TYR A 670 49.18 39.44 134.88
N LYS A 671 48.85 39.14 133.63
CA LYS A 671 47.80 38.18 133.27
C LYS A 671 46.45 38.50 133.90
N LYS A 672 46.19 39.77 134.24
CA LYS A 672 44.94 40.16 134.87
C LYS A 672 44.51 41.52 134.35
N TRP A 673 43.30 41.59 133.80
CA TRP A 673 42.76 42.83 133.24
C TRP A 673 41.27 42.92 133.53
N TYR A 674 40.71 44.11 133.32
CA TYR A 674 39.32 44.39 133.66
C TYR A 674 38.92 45.72 133.06
N TYR A 675 37.62 45.87 132.77
CA TYR A 675 37.06 47.15 132.36
C TYR A 675 35.56 47.11 132.58
N GLU A 676 34.92 48.26 132.38
CA GLU A 676 33.48 48.38 132.59
C GLU A 676 32.79 48.77 131.29
N LEU A 677 31.46 48.79 131.33
CA LEU A 677 30.68 48.99 130.12
C LEU A 677 29.29 49.50 130.49
N MET A 678 28.84 50.54 129.80
CA MET A 678 27.49 51.07 129.97
C MET A 678 26.85 51.27 128.59
N VAL A 679 25.54 51.52 128.61
CA VAL A 679 24.77 51.72 127.38
C VAL A 679 23.88 52.94 127.54
N ASP A 680 23.78 53.73 126.48
CA ASP A 680 22.98 54.96 126.47
C ASP A 680 21.57 54.69 125.94
N HIS A 681 21.47 54.16 124.73
CA HIS A 681 20.18 53.84 124.12
C HIS A 681 20.32 52.58 123.29
N THR A 682 19.35 51.68 123.39
CA THR A 682 19.40 50.41 122.67
C THR A 682 17.97 49.96 122.40
N GLU A 683 17.60 49.92 121.11
CA GLU A 683 16.27 49.43 120.75
C GLU A 683 16.28 47.91 120.68
N PRO A 684 15.20 47.25 121.14
CA PRO A 684 15.18 45.79 121.09
C PRO A 684 15.11 45.23 119.69
N PHE A 685 14.34 45.87 118.81
CA PHE A 685 14.21 45.43 117.41
C PHE A 685 14.25 46.68 116.54
N VAL A 686 15.35 46.89 115.82
CA VAL A 686 15.53 48.12 115.06
C VAL A 686 14.59 48.13 113.85
N THR A 687 14.75 47.16 112.95
CA THR A 687 13.85 47.05 111.81
C THR A 687 13.04 45.77 111.81
N ALA A 688 13.69 44.59 111.79
CA ALA A 688 12.95 43.35 111.65
C ALA A 688 13.40 42.22 112.57
N GLU A 689 14.62 42.24 113.08
CA GLU A 689 15.15 41.11 113.84
C GLU A 689 15.71 41.62 115.17
N ALA A 690 16.19 40.67 115.98
CA ALA A 690 16.75 41.01 117.29
C ALA A 690 18.04 41.79 117.12
N THR A 691 18.20 42.82 117.93
CA THR A 691 19.40 43.65 117.90
C THR A 691 20.59 42.84 118.42
N HIS A 692 21.53 42.52 117.53
CA HIS A 692 22.73 41.81 117.94
C HIS A 692 23.62 42.74 118.75
N LEU A 693 23.91 42.34 120.00
CA LEU A 693 24.75 43.13 120.88
C LEU A 693 25.45 42.20 121.84
N ARG A 694 26.75 41.97 121.62
CA ARG A 694 27.55 41.11 122.48
C ARG A 694 28.86 41.81 122.82
N VAL A 695 29.46 41.41 123.93
CA VAL A 695 30.73 41.96 124.37
C VAL A 695 31.58 40.82 124.94
N GLY A 696 32.89 40.89 124.72
CA GLY A 696 33.75 39.85 125.22
C GLY A 696 35.21 39.98 124.83
N TRP A 697 35.88 38.85 124.67
CA TRP A 697 37.31 38.80 124.38
C TRP A 697 37.55 37.87 123.20
N ALA A 698 38.31 38.36 122.22
CA ALA A 698 38.62 37.59 121.03
C ALA A 698 40.12 37.33 120.94
N SER A 699 40.48 36.12 120.55
CA SER A 699 41.89 35.74 120.38
C SER A 699 42.35 36.09 118.97
N THR A 700 43.62 35.79 118.68
CA THR A 700 44.18 36.01 117.35
C THR A 700 44.91 34.78 116.84
N GLU A 701 45.60 34.92 115.71
CA GLU A 701 46.41 33.85 115.15
C GLU A 701 47.84 33.97 115.67
N GLY A 702 48.03 33.48 116.89
CA GLY A 702 49.31 33.59 117.56
C GLY A 702 49.62 35.01 117.99
N TYR A 703 50.55 35.66 117.30
CA TYR A 703 50.90 37.04 117.62
C TYR A 703 50.71 37.95 116.43
N SER A 704 49.58 37.81 115.73
CA SER A 704 49.33 38.55 114.51
C SER A 704 47.95 39.19 114.53
N PRO A 705 47.74 40.24 113.74
CA PRO A 705 46.40 40.86 113.64
C PRO A 705 45.42 39.99 112.86
N TYR A 706 44.25 40.55 112.54
CA TYR A 706 43.15 39.83 111.89
C TYR A 706 42.65 38.70 112.79
N PRO A 707 41.93 39.01 113.86
CA PRO A 707 41.44 37.96 114.76
C PRO A 707 40.38 37.07 114.13
N GLY A 708 39.80 36.17 114.93
CA GLY A 708 38.84 35.20 114.43
C GLY A 708 37.63 35.84 113.77
N GLY A 709 36.86 35.00 113.10
CA GLY A 709 35.74 35.41 112.30
C GLY A 709 35.72 34.58 111.02
N GLY A 710 34.58 34.55 110.36
CA GLY A 710 34.50 33.71 109.18
C GLY A 710 35.38 34.27 108.08
N GLU A 711 34.94 35.30 107.38
CA GLU A 711 35.89 36.21 106.72
C GLU A 711 35.59 37.66 107.08
N GLU A 712 34.36 38.11 106.86
CA GLU A 712 33.85 39.44 107.20
C GLU A 712 32.40 39.63 106.79
N TRP A 713 31.77 40.62 107.43
CA TRP A 713 30.49 41.26 107.11
C TRP A 713 29.30 40.34 107.35
N GLY A 714 29.51 39.11 107.77
CA GLY A 714 28.41 38.22 108.08
C GLY A 714 27.89 38.45 109.49
N GLY A 715 27.02 37.54 109.91
CA GLY A 715 26.48 37.55 111.25
C GLY A 715 27.42 37.10 112.34
N ASN A 716 28.71 36.97 112.04
CA ASN A 716 29.69 36.50 113.03
C ASN A 716 30.20 37.70 113.81
N GLY A 717 29.67 37.88 115.02
CA GLY A 717 30.16 38.91 115.91
C GLY A 717 31.28 38.38 116.79
N VAL A 718 31.09 38.43 118.10
CA VAL A 718 32.01 37.80 119.04
C VAL A 718 31.34 36.55 119.60
N GLY A 719 32.16 35.57 119.95
CA GLY A 719 31.64 34.29 120.42
C GLY A 719 31.08 33.39 119.35
N ASP A 720 30.99 33.86 118.11
CA ASP A 720 30.46 33.07 117.01
C ASP A 720 31.49 32.11 116.42
N ASP A 721 32.67 32.00 117.03
CA ASP A 721 33.69 31.07 116.58
C ASP A 721 34.53 30.67 117.79
N LEU A 722 35.51 29.80 117.55
CA LEU A 722 36.35 29.31 118.64
C LEU A 722 37.42 30.31 119.04
N PHE A 723 37.68 31.32 118.21
CA PHE A 723 38.67 32.35 118.51
C PHE A 723 38.07 33.55 119.23
N SER A 724 36.87 33.41 119.78
CA SER A 724 36.22 34.53 120.45
C SER A 724 35.27 33.97 121.52
N TYR A 725 35.06 34.76 122.56
CA TYR A 725 34.17 34.40 123.66
C TYR A 725 33.39 35.64 124.06
N GLY A 726 32.07 35.58 123.92
CA GLY A 726 31.23 36.75 124.12
C GLY A 726 30.09 36.47 125.08
N PHE A 727 29.38 37.55 125.42
CA PHE A 727 28.27 37.54 126.35
C PHE A 727 27.28 38.59 125.90
N ASP A 728 25.99 38.25 125.93
CA ASP A 728 24.93 39.11 125.40
C ASP A 728 23.87 39.47 126.43
N GLY A 729 24.04 39.08 127.68
CA GLY A 729 23.07 39.41 128.71
C GLY A 729 22.36 38.20 129.28
N LEU A 730 22.00 37.25 128.43
CA LEU A 730 21.27 36.06 128.86
C LEU A 730 22.02 34.76 128.57
N HIS A 731 22.90 34.73 127.58
CA HIS A 731 23.60 33.52 127.21
C HIS A 731 25.10 33.80 127.11
N LEU A 732 25.87 32.73 126.93
CA LEU A 732 27.30 32.80 126.67
C LEU A 732 27.56 32.23 125.30
N TRP A 733 28.30 32.97 124.48
CA TRP A 733 28.58 32.60 123.09
C TRP A 733 30.03 32.16 122.98
N SER A 734 30.25 30.94 122.51
CA SER A 734 31.60 30.42 122.30
C SER A 734 31.50 29.37 121.20
N GLY A 735 31.85 29.76 119.98
CA GLY A 735 31.74 28.86 118.84
C GLY A 735 30.38 28.84 118.18
N CYS A 736 29.69 29.98 118.13
CA CYS A 736 28.36 30.09 117.54
C CYS A 736 27.36 29.14 118.19
N ILE A 737 27.55 28.84 119.47
CA ILE A 737 26.67 27.98 120.24
C ILE A 737 26.37 28.69 121.55
N ALA A 738 25.15 29.21 121.69
CA ALA A 738 24.78 29.94 122.89
C ALA A 738 24.39 28.97 124.00
N ARG A 739 24.96 29.18 125.19
CA ARG A 739 24.64 28.38 126.36
C ARG A 739 23.97 29.28 127.40
N THR A 740 22.79 28.86 127.87
CA THR A 740 22.08 29.68 128.83
C THR A 740 22.75 29.63 130.20
N VAL A 741 22.52 30.68 130.97
CA VAL A 741 23.10 30.83 132.30
C VAL A 741 22.02 31.33 133.25
N SER A 742 22.28 31.18 134.54
CA SER A 742 21.38 31.66 135.58
C SER A 742 22.00 32.88 136.26
N SER A 743 21.15 33.86 136.57
CA SER A 743 21.56 35.10 137.21
C SER A 743 20.33 35.76 137.79
N PRO A 744 20.45 36.47 138.92
CA PRO A 744 19.31 37.24 139.44
C PRO A 744 18.90 38.33 138.45
N ASN A 745 17.61 38.33 138.12
CA ASN A 745 17.03 39.29 137.17
C ASN A 745 17.74 39.18 135.82
N GLN A 746 17.68 37.98 135.24
CA GLN A 746 18.37 37.72 133.99
C GLN A 746 17.64 38.38 132.82
N HIS A 747 18.39 39.08 131.98
CA HIS A 747 17.83 39.80 130.84
C HIS A 747 18.96 40.20 129.93
N LEU A 748 18.60 40.61 128.71
CA LEU A 748 19.57 41.06 127.73
C LEU A 748 20.14 42.41 128.14
N LEU A 749 21.12 42.88 127.35
CA LEU A 749 21.80 44.14 127.62
C LEU A 749 20.86 45.29 127.23
N ARG A 750 19.85 45.50 128.07
CA ARG A 750 18.93 46.60 127.89
C ARG A 750 19.60 47.92 128.23
N THR A 751 18.83 49.01 128.17
CA THR A 751 19.35 50.32 128.51
C THR A 751 19.68 50.41 129.99
N ASP A 752 20.66 51.25 130.32
CA ASP A 752 21.08 51.50 131.70
C ASP A 752 21.53 50.21 132.39
N ASP A 753 22.27 49.39 131.66
CA ASP A 753 22.80 48.13 132.18
C ASP A 753 24.31 48.28 132.34
N VAL A 754 24.80 48.00 133.54
CA VAL A 754 26.21 48.15 133.87
C VAL A 754 26.87 46.78 133.82
N ILE A 755 27.76 46.59 132.86
CA ILE A 755 28.48 45.34 132.69
C ILE A 755 29.94 45.56 133.11
N SER A 756 30.55 44.52 133.66
CA SER A 756 31.95 44.59 134.07
C SER A 756 32.65 43.32 133.60
N CYS A 757 33.71 43.50 132.84
CA CYS A 757 34.42 42.41 132.18
C CYS A 757 35.77 42.22 132.89
N CYS A 758 35.99 41.02 133.43
CA CYS A 758 37.26 40.70 134.05
C CYS A 758 37.90 39.54 133.31
N LEU A 759 39.24 39.45 133.39
CA LEU A 759 39.97 38.41 132.68
C LEU A 759 41.26 38.09 133.43
N ASP A 760 41.35 36.87 133.95
CA ASP A 760 42.62 36.31 134.41
C ASP A 760 43.04 35.25 133.40
N LEU A 761 44.33 35.22 133.07
CA LEU A 761 44.79 34.52 131.89
C LEU A 761 45.34 33.13 132.15
N SER A 762 46.06 32.91 133.25
CA SER A 762 46.82 31.66 133.38
C SER A 762 45.93 30.50 133.84
N ALA A 763 45.45 30.54 135.08
CA ALA A 763 44.58 29.47 135.55
C ALA A 763 43.13 29.67 135.13
N PRO A 764 42.48 30.82 135.45
CA PRO A 764 41.07 30.99 135.11
C PRO A 764 40.86 31.57 133.73
N SER A 765 39.62 31.88 133.39
CA SER A 765 39.30 32.53 132.12
C SER A 765 38.49 33.79 132.33
N ILE A 766 37.95 34.35 131.24
CA ILE A 766 37.20 35.59 131.33
C ILE A 766 35.94 35.39 132.18
N SER A 767 35.38 36.51 132.64
CA SER A 767 34.16 36.48 133.44
C SER A 767 33.45 37.82 133.32
N PHE A 768 32.13 37.77 133.55
CA PHE A 768 31.24 38.92 133.39
C PHE A 768 30.46 39.12 134.67
N ARG A 769 30.20 40.37 135.02
CA ARG A 769 29.32 40.72 136.13
C ARG A 769 28.35 41.80 135.67
N ILE A 770 27.06 41.51 135.77
CA ILE A 770 26.02 42.46 135.38
C ILE A 770 25.55 43.22 136.62
N ASN A 771 25.68 44.54 136.57
CA ASN A 771 25.24 45.42 137.67
C ASN A 771 25.89 45.01 138.99
N GLY A 772 27.15 44.65 138.94
CA GLY A 772 27.89 44.23 140.14
C GLY A 772 27.89 42.75 140.43
N GLN A 773 26.71 42.13 140.45
CA GLN A 773 26.64 40.71 140.72
C GLN A 773 27.20 39.91 139.55
N PRO A 774 27.99 38.87 139.80
CA PRO A 774 28.61 38.12 138.70
C PRO A 774 27.66 37.11 138.09
N VAL A 775 28.13 36.49 137.01
CA VAL A 775 27.40 35.44 136.33
C VAL A 775 27.95 34.09 136.76
N GLN A 776 27.22 33.03 136.45
CA GLN A 776 27.59 31.67 136.83
C GLN A 776 28.24 30.91 135.68
N GLY A 777 29.02 31.58 134.84
CA GLY A 777 29.63 30.92 133.71
C GLY A 777 31.00 31.44 133.32
N MET A 778 31.95 30.52 133.09
CA MET A 778 33.28 30.85 132.62
C MET A 778 33.70 29.83 131.58
N PHE A 779 34.58 30.27 130.67
CA PHE A 779 35.06 29.42 129.57
C PHE A 779 36.45 28.89 129.93
N GLU A 780 36.48 27.89 130.81
CA GLU A 780 37.75 27.31 131.21
C GLU A 780 38.34 26.49 130.07
N ASN A 781 39.58 26.04 130.27
CA ASN A 781 40.26 25.14 129.34
C ASN A 781 40.22 25.66 127.91
N PHE A 782 40.55 26.93 127.75
CA PHE A 782 40.60 27.56 126.44
C PHE A 782 42.04 27.84 126.05
N ASN A 783 42.23 28.18 124.77
CA ASN A 783 43.57 28.37 124.22
C ASN A 783 44.22 29.58 124.88
N ILE A 784 45.23 29.33 125.71
CA ILE A 784 45.94 30.43 126.36
C ILE A 784 46.81 31.17 125.34
N ASP A 785 47.23 30.49 124.28
CA ASP A 785 47.99 31.12 123.22
C ASP A 785 47.13 32.10 122.43
N GLY A 786 47.73 33.20 122.00
CA GLY A 786 47.03 34.22 121.24
C GLY A 786 46.93 35.54 121.97
N LEU A 787 46.69 36.62 121.23
CA LEU A 787 46.59 37.96 121.80
C LEU A 787 45.11 38.30 121.98
N PHE A 788 44.65 38.21 123.22
CA PHE A 788 43.26 38.53 123.53
C PHE A 788 43.09 40.03 123.71
N PHE A 789 41.85 40.49 123.62
CA PHE A 789 41.54 41.91 123.71
C PHE A 789 40.04 42.12 123.90
N PRO A 790 39.63 43.21 124.55
CA PRO A 790 38.20 43.51 124.65
C PRO A 790 37.64 43.85 123.27
N VAL A 791 36.41 43.39 123.03
CA VAL A 791 35.79 43.56 121.71
C VAL A 791 34.28 43.53 121.87
N VAL A 792 33.61 44.47 121.20
CA VAL A 792 32.16 44.57 121.19
C VAL A 792 31.67 44.33 119.77
N SER A 793 30.50 43.70 119.65
CA SER A 793 29.86 43.45 118.36
C SER A 793 28.42 43.93 118.44
N PHE A 794 28.08 44.90 117.59
CA PHE A 794 26.75 45.49 117.57
C PHE A 794 26.23 45.52 116.13
N SER A 795 24.91 45.38 116.00
CA SER A 795 24.28 45.32 114.69
C SER A 795 23.82 46.70 114.21
N ALA A 796 22.92 47.33 114.96
CA ALA A 796 22.36 48.62 114.59
C ALA A 796 21.54 49.13 115.76
N GLY A 797 21.30 50.44 115.76
CA GLY A 797 20.55 51.07 116.84
C GLY A 797 21.18 50.82 118.19
N ILE A 798 22.43 51.25 118.34
CA ILE A 798 23.26 50.91 119.49
C ILE A 798 24.01 52.16 119.95
N LYS A 799 24.15 52.30 121.27
CA LYS A 799 24.93 53.36 121.89
C LYS A 799 25.67 52.73 123.07
N VAL A 800 26.92 52.33 122.83
CA VAL A 800 27.72 51.61 123.81
C VAL A 800 28.83 52.53 124.29
N ARG A 801 29.25 52.35 125.55
CA ARG A 801 30.34 53.14 126.12
C ARG A 801 31.20 52.24 126.97
N PHE A 802 32.41 51.95 126.48
CA PHE A 802 33.41 51.28 127.30
C PHE A 802 33.92 52.22 128.38
N LEU A 803 34.37 51.65 129.49
CA LEU A 803 34.83 52.42 130.63
C LEU A 803 36.18 51.88 131.08
N LEU A 804 37.22 52.67 130.87
CA LEU A 804 38.56 52.45 131.40
C LEU A 804 38.81 53.48 132.50
N GLY A 805 40.03 53.49 133.02
CA GLY A 805 40.43 54.44 134.04
C GLY A 805 41.23 55.61 133.48
N GLY A 806 41.47 56.58 134.36
CA GLY A 806 42.26 57.73 133.98
C GLY A 806 41.49 58.66 133.07
N ARG A 807 42.21 59.25 132.12
CA ARG A 807 41.63 60.15 131.15
C ARG A 807 40.85 59.43 130.06
N HIS A 808 41.02 58.12 129.92
CA HIS A 808 40.32 57.37 128.88
C HIS A 808 38.83 57.28 129.20
N GLY A 809 38.49 56.79 130.39
CA GLY A 809 37.10 56.61 130.77
C GLY A 809 36.81 56.97 132.22
N GLU A 810 35.76 56.38 132.78
CA GLU A 810 35.38 56.61 134.17
C GLU A 810 34.84 55.33 134.75
N PHE A 811 35.52 54.79 135.76
CA PHE A 811 35.03 53.60 136.45
C PHE A 811 33.80 53.94 137.30
N LYS A 812 32.79 53.08 137.22
CA LYS A 812 31.60 53.20 138.04
C LYS A 812 31.57 52.19 139.17
N PHE A 813 32.22 51.04 139.01
CA PHE A 813 32.40 50.04 140.05
C PHE A 813 33.90 49.90 140.33
N LEU A 814 34.24 48.90 141.16
CA LEU A 814 35.65 48.60 141.41
C LEU A 814 36.05 47.27 140.77
N PRO A 815 37.27 47.17 140.26
CA PRO A 815 37.74 45.91 139.69
C PRO A 815 37.86 44.84 140.77
N PRO A 816 37.92 43.58 140.38
CA PRO A 816 38.18 42.51 141.36
C PRO A 816 39.54 42.70 142.02
N PRO A 817 39.77 42.08 143.18
CA PRO A 817 41.04 42.26 143.87
C PRO A 817 42.26 41.90 143.03
N GLY A 818 43.10 42.89 142.75
CA GLY A 818 44.34 42.70 142.03
C GLY A 818 44.23 42.94 140.53
N TYR A 819 43.03 42.74 139.95
CA TYR A 819 42.88 42.85 138.51
C TYR A 819 43.16 44.26 138.04
N ALA A 820 44.04 44.39 137.05
CA ALA A 820 44.39 45.67 136.46
C ALA A 820 43.36 46.01 135.36
N ALA A 821 43.61 47.08 134.60
CA ALA A 821 42.66 47.49 133.57
C ALA A 821 43.39 47.85 132.28
N CYS A 822 42.60 48.14 131.25
CA CYS A 822 43.15 48.38 129.93
C CYS A 822 43.91 49.70 129.85
N TYR A 823 43.50 50.71 130.62
CA TYR A 823 44.23 51.98 130.60
C TYR A 823 45.65 51.83 131.12
N GLU A 824 45.89 50.81 131.93
CA GLU A 824 47.25 50.45 132.32
C GLU A 824 47.87 49.43 131.37
N ALA A 825 47.03 48.60 130.75
CA ALA A 825 47.51 47.66 129.74
C ALA A 825 48.05 48.36 128.51
N VAL A 826 47.64 49.61 128.26
CA VAL A 826 48.13 50.33 127.09
C VAL A 826 49.63 50.53 127.23
N LEU A 827 50.32 50.57 126.09
CA LEU A 827 51.76 50.67 126.10
C LEU A 827 52.19 52.06 126.59
N PRO A 828 53.30 52.14 127.31
CA PRO A 828 53.76 53.45 127.78
C PRO A 828 54.12 54.37 126.62
N LYS A 829 53.74 55.63 126.74
CA LYS A 829 53.98 56.66 125.72
C LYS A 829 53.36 56.26 124.39
N GLU A 830 52.06 55.96 124.43
CA GLU A 830 51.30 55.63 123.22
C GLU A 830 49.84 56.00 123.43
N LYS A 831 49.25 56.67 122.45
CA LYS A 831 47.86 57.09 122.52
C LYS A 831 46.94 55.91 122.25
N LEU A 832 45.92 55.74 123.08
CA LEU A 832 44.97 54.65 122.95
C LEU A 832 43.76 55.12 122.14
N LYS A 833 43.49 54.44 121.03
CA LYS A 833 42.34 54.73 120.20
C LYS A 833 41.56 53.44 119.94
N VAL A 834 40.29 53.59 119.61
CA VAL A 834 39.44 52.46 119.25
C VAL A 834 39.37 52.35 117.74
N GLU A 835 39.31 51.11 117.26
CA GLU A 835 39.30 50.83 115.82
C GLU A 835 38.57 49.53 115.61
N HIS A 836 38.13 49.32 114.37
CA HIS A 836 37.47 48.08 114.00
C HIS A 836 38.47 46.94 114.10
N SER A 837 38.19 45.97 114.98
CA SER A 837 39.09 44.84 115.18
C SER A 837 39.28 44.04 113.91
N ARG A 838 38.27 44.02 113.06
CA ARG A 838 38.25 43.12 111.92
C ARG A 838 39.09 43.66 110.76
N GLU A 839 38.71 44.81 110.22
CA GLU A 839 39.37 45.37 109.04
C GLU A 839 38.97 46.84 108.93
N TYR A 840 39.32 47.47 107.81
CA TYR A 840 39.03 48.88 107.60
C TYR A 840 37.55 49.11 107.32
N LYS A 841 36.70 48.84 108.32
CA LYS A 841 35.25 48.94 108.13
C LYS A 841 34.80 50.40 108.17
N GLN A 842 35.25 51.14 107.15
CA GLN A 842 34.88 52.54 106.99
C GLN A 842 34.01 52.68 105.75
N GLU A 843 32.76 53.09 105.94
CA GLU A 843 31.84 53.34 104.83
C GLU A 843 32.22 54.68 104.22
N ARG A 844 33.23 54.65 103.37
CA ARG A 844 33.79 55.85 102.75
C ARG A 844 33.70 55.73 101.23
N THR A 845 34.30 56.69 100.54
CA THR A 845 34.31 56.71 99.08
C THR A 845 35.38 55.72 98.59
N TYR A 846 35.72 55.79 97.30
CA TYR A 846 36.73 54.91 96.74
C TYR A 846 38.10 55.12 97.36
N THR A 847 38.31 56.24 98.06
CA THR A 847 39.59 56.53 98.70
C THR A 847 39.72 55.75 100.02
N ARG A 848 39.69 54.43 99.89
CA ARG A 848 39.86 53.53 101.02
C ARG A 848 41.24 52.88 100.95
N ASP A 849 41.98 52.95 102.06
CA ASP A 849 43.35 52.45 102.09
C ASP A 849 43.31 50.92 102.17
N LEU A 850 43.27 50.30 100.99
CA LEU A 850 43.29 48.85 100.91
C LEU A 850 44.66 48.33 101.33
N LEU A 851 44.67 47.42 102.30
CA LEU A 851 45.91 46.89 102.86
C LEU A 851 45.89 45.38 102.86
N GLY A 852 47.04 44.78 102.61
CA GLY A 852 47.17 43.34 102.58
C GLY A 852 47.50 42.74 103.94
N PRO A 853 48.39 41.76 103.94
CA PRO A 853 48.79 41.12 105.21
C PRO A 853 49.59 42.09 106.08
N THR A 854 49.77 41.67 107.34
CA THR A 854 50.45 42.50 108.34
C THR A 854 51.47 41.66 109.09
N VAL A 855 52.54 42.32 109.51
CA VAL A 855 53.63 41.69 110.28
C VAL A 855 53.20 41.63 111.74
N SER A 856 53.85 40.79 112.54
CA SER A 856 53.43 40.56 113.91
C SER A 856 53.52 41.82 114.79
N LEU A 857 54.28 42.83 114.37
CA LEU A 857 54.48 44.09 115.09
C LEU A 857 55.14 43.90 116.45
N THR A 858 55.60 42.69 116.77
CA THR A 858 56.20 42.37 118.06
C THR A 858 55.29 42.81 119.20
N GLN A 859 54.06 42.29 119.16
CA GLN A 859 53.06 42.62 120.16
C GLN A 859 53.19 41.78 121.42
N ALA A 860 53.96 40.69 121.38
CA ALA A 860 54.15 39.84 122.55
C ALA A 860 55.06 40.52 123.56
N VAL A 865 64.61 38.16 126.22
CA VAL A 865 65.53 37.32 126.97
C VAL A 865 66.97 37.81 126.80
N PRO A 866 67.77 37.72 127.86
CA PRO A 866 69.18 38.11 127.75
C PRO A 866 69.97 37.14 126.89
N VAL A 867 71.10 37.64 126.34
CA VAL A 867 71.97 36.79 125.55
C VAL A 867 72.92 36.04 126.47
N ASP A 868 73.41 34.91 125.98
CA ASP A 868 74.23 34.01 126.78
C ASP A 868 75.61 34.60 127.03
N THR A 869 76.02 34.64 128.30
CA THR A 869 77.29 35.26 128.69
C THR A 869 78.28 34.26 129.26
N SER A 870 77.87 33.47 130.26
CA SER A 870 78.68 32.49 131.03
C SER A 870 79.02 31.24 130.24
N GLN A 871 78.75 31.13 128.94
CA GLN A 871 79.04 29.89 128.23
C GLN A 871 80.47 29.80 127.70
N ILE A 872 81.34 30.77 128.03
CA ILE A 872 82.73 30.73 127.60
C ILE A 872 83.63 30.83 128.84
N VAL A 873 84.73 30.08 128.80
CA VAL A 873 85.63 29.98 129.95
C VAL A 873 86.38 31.29 130.11
N LEU A 874 86.82 31.59 131.34
CA LEU A 874 87.54 32.82 131.62
C LEU A 874 89.03 32.58 131.48
N PRO A 875 89.69 33.14 130.47
CA PRO A 875 91.13 32.92 130.31
C PRO A 875 91.90 33.67 131.40
N PRO A 876 93.06 33.15 131.81
CA PRO A 876 93.81 33.79 132.90
C PRO A 876 94.73 34.92 132.46
N HIS A 877 95.03 35.06 131.17
CA HIS A 877 95.98 36.09 130.74
C HIS A 877 95.42 37.50 130.83
N LEU A 878 94.11 37.63 131.08
CA LEU A 878 93.47 38.94 131.21
C LEU A 878 92.76 39.09 132.55
N GLU A 879 93.11 38.26 133.54
CA GLU A 879 92.47 38.36 134.84
C GLU A 879 92.88 39.64 135.57
N ARG A 880 94.13 40.08 135.40
CA ARG A 880 94.54 41.37 135.96
C ARG A 880 93.84 42.51 135.23
N ILE A 881 93.64 42.36 133.92
CA ILE A 881 92.82 43.33 133.18
C ILE A 881 91.41 43.37 133.76
N ARG A 882 90.87 42.22 134.16
CA ARG A 882 89.53 42.20 134.76
C ARG A 882 89.54 42.84 136.14
N GLU A 883 90.62 42.62 136.89
CA GLU A 883 90.81 43.35 138.14
C GLU A 883 90.73 44.85 137.92
N ARG A 884 91.51 45.37 136.96
CA ARG A 884 91.57 46.82 136.77
C ARG A 884 90.27 47.36 136.18
N LEU A 885 89.53 46.54 135.41
CA LEU A 885 88.24 47.04 134.92
C LEU A 885 87.18 47.06 136.00
N ALA A 886 87.18 46.07 136.90
CA ALA A 886 86.27 46.10 138.04
C ALA A 886 86.60 47.24 138.98
N GLU A 887 87.89 47.47 139.23
CA GLU A 887 88.35 48.67 139.91
C GLU A 887 87.87 49.93 139.22
N ASN A 888 87.86 49.94 137.89
CA ASN A 888 87.44 51.13 137.15
C ASN A 888 85.96 51.38 137.35
N ILE A 889 85.15 50.33 137.25
CA ILE A 889 83.71 50.46 137.48
C ILE A 889 83.44 50.89 138.92
N HIS A 890 84.26 50.42 139.86
CA HIS A 890 84.09 50.81 141.26
C HIS A 890 84.36 52.31 141.45
N GLU A 891 85.49 52.78 140.93
CA GLU A 891 85.78 54.20 141.05
C GLU A 891 84.77 55.04 140.27
N LEU A 892 84.16 54.48 139.22
CA LEU A 892 83.07 55.16 138.55
C LEU A 892 81.85 55.29 139.46
N TRP A 893 81.48 54.20 140.15
CA TRP A 893 80.40 54.28 141.11
C TRP A 893 80.65 55.33 142.18
N VAL A 894 81.88 55.43 142.68
CA VAL A 894 82.13 56.34 143.80
C VAL A 894 82.32 57.78 143.32
N MET A 895 82.80 58.01 142.09
CA MET A 895 82.78 59.38 141.59
C MET A 895 81.35 59.81 141.27
N ASN A 896 80.50 58.87 140.85
CA ASN A 896 79.06 59.14 140.77
C ASN A 896 78.53 59.63 142.10
N LYS A 897 79.04 59.12 143.21
CA LYS A 897 78.55 59.54 144.51
C LYS A 897 79.15 60.87 144.93
N ILE A 898 80.45 61.09 144.69
CA ILE A 898 81.05 62.34 145.14
C ILE A 898 80.67 63.52 144.26
N GLU A 899 80.08 63.28 143.07
CA GLU A 899 79.48 64.40 142.35
C GLU A 899 78.45 65.10 143.23
N LEU A 900 77.64 64.33 143.96
CA LEU A 900 76.72 64.89 144.93
C LEU A 900 77.39 65.17 146.28
N GLY A 901 78.59 64.66 146.49
CA GLY A 901 79.31 64.93 147.73
C GLY A 901 78.90 64.08 148.90
N TRP A 902 79.03 62.76 148.76
CA TRP A 902 78.69 61.86 149.85
C TRP A 902 79.85 61.79 150.85
N GLN A 903 79.55 61.26 152.03
CA GLN A 903 80.53 61.16 153.10
C GLN A 903 80.80 59.69 153.46
N TYR A 904 81.96 59.45 154.05
CA TYR A 904 82.33 58.11 154.49
C TYR A 904 81.76 57.86 155.88
N GLY A 905 81.05 56.73 156.02
CA GLY A 905 80.42 56.38 157.26
C GLY A 905 80.14 54.90 157.38
N PRO A 906 79.88 54.42 158.60
CA PRO A 906 79.68 52.98 158.81
C PRO A 906 78.25 52.49 158.57
N VAL A 907 77.32 53.39 158.28
CA VAL A 907 75.91 53.04 158.10
C VAL A 907 75.57 53.17 156.62
N ARG A 908 74.66 52.30 156.15
CA ARG A 908 74.28 52.28 154.74
C ARG A 908 72.94 52.99 154.58
N ASP A 909 72.95 54.07 153.81
CA ASP A 909 71.71 54.70 153.39
C ASP A 909 72.04 55.67 152.26
N ASP A 910 71.02 56.01 151.48
CA ASP A 910 71.18 56.91 150.34
C ASP A 910 70.67 58.31 150.61
N ASN A 911 69.53 58.44 151.31
CA ASN A 911 69.03 59.76 151.68
C ASN A 911 69.98 60.52 152.60
N LYS A 912 70.84 59.81 153.33
CA LYS A 912 71.80 60.48 154.21
C LYS A 912 73.07 60.93 153.48
N ARG A 913 73.22 60.59 152.20
CA ARG A 913 74.33 61.03 151.36
C ARG A 913 75.67 60.50 151.92
N GLN A 914 75.72 59.19 152.13
CA GLN A 914 76.93 58.56 152.64
C GLN A 914 77.10 57.18 152.01
N HIS A 915 78.36 56.77 151.87
CA HIS A 915 78.67 55.51 151.23
C HIS A 915 79.89 54.84 151.86
N PRO A 916 79.74 53.61 152.37
CA PRO A 916 80.89 52.92 152.99
C PRO A 916 81.88 52.32 152.01
N CYS A 917 81.68 52.51 150.70
CA CYS A 917 82.58 51.95 149.69
C CYS A 917 83.60 52.97 149.18
N LEU A 918 83.96 53.95 150.01
CA LEU A 918 84.98 54.93 149.65
C LEU A 918 86.39 54.48 150.02
N VAL A 919 86.55 53.26 150.55
CA VAL A 919 87.85 52.69 150.87
C VAL A 919 88.35 51.91 149.67
N GLU A 920 89.66 51.93 149.44
CA GLU A 920 90.24 51.25 148.29
C GLU A 920 90.37 49.75 148.57
N PHE A 921 90.98 49.03 147.63
CA PHE A 921 90.78 47.58 147.57
C PHE A 921 91.48 46.83 148.71
N CYS A 922 92.37 47.47 149.46
CA CYS A 922 93.19 46.71 150.40
C CYS A 922 92.43 46.32 151.65
N LYS A 923 91.36 47.04 152.00
CA LYS A 923 90.62 46.82 153.23
C LYS A 923 89.17 46.41 153.03
N LEU A 924 88.59 46.73 151.88
CA LEU A 924 87.21 46.29 151.61
C LEU A 924 87.18 44.76 151.51
N PRO A 925 86.19 44.11 152.11
CA PRO A 925 86.20 42.63 152.16
C PRO A 925 86.05 42.02 150.78
N GLU A 926 86.13 40.68 150.77
CA GLU A 926 86.05 39.92 149.53
C GLU A 926 84.62 39.65 149.08
N GLN A 927 83.63 39.76 149.97
CA GLN A 927 82.25 39.48 149.56
C GLN A 927 81.66 40.66 148.79
N GLU A 928 81.79 41.87 149.33
CA GLU A 928 81.37 43.05 148.59
C GLU A 928 82.22 43.25 147.34
N ARG A 929 83.48 42.85 147.38
CA ARG A 929 84.31 42.84 146.18
C ARG A 929 83.70 41.93 145.12
N ASN A 930 83.20 40.76 145.54
CA ASN A 930 82.54 39.85 144.61
C ASN A 930 81.26 40.46 144.05
N TYR A 931 80.48 41.13 144.91
CA TYR A 931 79.24 41.75 144.43
C TYR A 931 79.55 42.85 143.41
N ASN A 932 80.56 43.68 143.68
CA ASN A 932 80.90 44.76 142.75
C ASN A 932 81.53 44.22 141.48
N LEU A 933 82.28 43.12 141.57
CA LEU A 933 82.87 42.48 140.41
C LEU A 933 81.86 41.67 139.61
N GLN A 934 80.68 41.39 140.18
CA GLN A 934 79.66 40.67 139.42
C GLN A 934 79.21 41.45 138.19
N MET A 935 78.88 42.73 138.36
CA MET A 935 78.45 43.55 137.23
C MET A 935 79.59 43.72 136.23
N SER A 936 80.82 43.91 136.72
CA SER A 936 81.95 44.07 135.83
C SER A 936 82.20 42.81 135.02
N LEU A 937 82.10 41.63 135.66
CA LEU A 937 82.32 40.38 134.95
C LEU A 937 81.21 40.12 133.95
N GLU A 938 79.96 40.46 134.29
CA GLU A 938 78.88 40.32 133.31
C GLU A 938 79.12 41.24 132.12
N THR A 939 79.54 42.48 132.39
CA THR A 939 79.76 43.43 131.30
C THR A 939 80.95 43.01 130.43
N LEU A 940 82.01 42.49 131.05
CA LEU A 940 83.14 42.01 130.25
C LEU A 940 82.78 40.77 129.45
N LYS A 941 81.99 39.86 130.02
CA LYS A 941 81.55 38.68 129.28
C LYS A 941 80.71 39.07 128.08
N THR A 942 79.81 40.04 128.27
CA THR A 942 79.02 40.52 127.16
C THR A 942 79.90 41.19 126.11
N LEU A 943 80.87 41.99 126.54
CA LEU A 943 81.77 42.65 125.60
C LEU A 943 82.58 41.66 124.78
N LEU A 944 83.07 40.58 125.42
CA LEU A 944 83.87 39.59 124.71
C LEU A 944 83.00 38.69 123.84
N ALA A 945 81.73 38.50 124.20
CA ALA A 945 80.85 37.63 123.44
C ALA A 945 80.13 38.36 122.30
N LEU A 946 80.36 39.65 122.12
CA LEU A 946 79.67 40.42 121.09
C LEU A 946 80.17 40.12 119.67
N GLY A 947 81.12 39.20 119.51
CA GLY A 947 81.65 38.85 118.20
C GLY A 947 83.11 39.20 117.99
N CYS A 948 83.74 39.89 118.94
CA CYS A 948 85.10 40.40 118.80
C CYS A 948 85.91 40.08 120.05
N HIS A 949 87.10 39.51 119.86
CA HIS A 949 88.06 39.42 120.96
C HIS A 949 88.53 40.80 121.40
N VAL A 950 88.73 40.96 122.70
CA VAL A 950 89.44 42.09 123.27
C VAL A 950 90.64 41.52 124.01
N GLY A 951 91.82 41.68 123.44
CA GLY A 951 93.04 41.23 124.08
C GLY A 951 93.96 42.39 124.37
N ILE A 952 95.27 42.15 124.32
CA ILE A 952 96.25 43.21 124.51
C ILE A 952 96.71 43.70 123.15
N ALA A 953 97.03 44.99 123.07
CA ALA A 953 97.48 45.60 121.83
C ALA A 953 98.45 46.75 122.10
N TYR A 970 92.44 69.87 141.12
CA TYR A 970 92.14 68.61 141.79
C TYR A 970 90.71 68.61 142.32
N GLN A 971 90.44 67.79 143.33
CA GLN A 971 89.11 67.73 143.91
C GLN A 971 89.20 67.61 145.42
N LEU A 972 88.24 68.24 146.11
CA LEU A 972 88.15 68.23 147.56
C LEU A 972 87.50 66.91 148.00
N THR A 973 88.30 66.01 148.57
CA THR A 973 87.79 64.76 149.11
C THR A 973 88.39 64.50 150.48
N SER A 974 88.13 63.31 151.03
CA SER A 974 88.66 62.96 152.35
C SER A 974 89.95 62.15 152.26
N GLY A 975 90.53 62.00 151.08
CA GLY A 975 91.81 61.31 150.97
C GLY A 975 91.88 60.38 149.78
N TYR A 976 90.79 60.33 149.02
CA TYR A 976 90.65 59.43 147.89
C TYR A 976 90.65 60.23 146.59
N LYS A 977 91.49 59.82 145.63
CA LYS A 977 91.63 60.50 144.35
C LYS A 977 91.13 59.62 143.22
N PRO A 978 89.87 59.76 142.78
CA PRO A 978 89.44 59.03 141.58
C PRO A 978 89.94 59.69 140.31
N ALA A 979 90.96 59.12 139.69
CA ALA A 979 91.54 59.69 138.48
C ALA A 979 92.42 58.66 137.78
N PRO A 980 91.84 57.67 137.09
CA PRO A 980 92.67 56.71 136.37
C PRO A 980 93.42 57.36 135.21
N MET A 981 92.72 58.13 134.39
CA MET A 981 93.31 58.80 133.23
C MET A 981 92.33 59.87 132.75
N ASP A 982 92.54 60.35 131.54
CA ASP A 982 91.62 61.26 130.90
C ASP A 982 90.51 60.48 130.18
N LEU A 983 89.32 61.04 130.16
CA LEU A 983 88.18 60.45 129.47
C LEU A 983 87.64 61.31 128.34
N SER A 984 87.63 62.64 128.50
CA SER A 984 87.04 63.50 127.47
C SER A 984 87.95 63.68 126.26
N PHE A 985 89.20 63.25 126.34
CA PHE A 985 90.10 63.29 125.18
C PHE A 985 89.64 62.30 124.11
N ILE A 986 89.67 61.01 124.46
CA ILE A 986 89.57 59.95 123.46
C ILE A 986 88.17 59.90 122.87
N LYS A 987 88.05 59.33 121.67
CA LYS A 987 86.79 59.12 120.99
C LYS A 987 86.56 57.64 120.78
N LEU A 988 85.32 57.21 120.94
CA LEU A 988 84.98 55.80 120.87
C LEU A 988 84.54 55.45 119.44
N THR A 989 85.08 54.38 118.90
CA THR A 989 84.72 53.92 117.58
C THR A 989 83.24 53.51 117.55
N PRO A 990 82.54 53.78 116.45
CA PRO A 990 81.12 53.36 116.38
C PRO A 990 80.92 51.86 116.52
N SER A 991 81.90 51.05 116.14
CA SER A 991 81.80 49.62 116.37
C SER A 991 81.64 49.32 117.86
N GLN A 992 82.54 49.87 118.68
CA GLN A 992 82.43 49.67 120.12
C GLN A 992 81.22 50.40 120.70
N GLU A 993 80.77 51.48 120.05
CA GLU A 993 79.53 52.13 120.46
C GLU A 993 78.36 51.16 120.36
N ALA A 994 78.19 50.54 119.20
CA ALA A 994 77.12 49.55 119.03
C ALA A 994 77.33 48.33 119.92
N MET A 995 78.59 47.96 120.16
CA MET A 995 78.88 46.85 121.07
C MET A 995 78.37 47.16 122.48
N VAL A 996 78.76 48.31 123.02
CA VAL A 996 78.28 48.71 124.35
C VAL A 996 76.77 48.92 124.34
N ASP A 997 76.19 49.28 123.18
CA ASP A 997 74.75 49.42 123.10
C ASP A 997 74.04 48.08 123.31
N LYS A 998 74.47 47.05 122.56
CA LYS A 998 73.92 45.72 122.79
C LYS A 998 74.27 45.21 124.19
N LEU A 999 75.41 45.64 124.72
CA LEU A 999 75.79 45.30 126.09
C LEU A 999 74.78 45.82 127.10
N ALA A 1000 74.42 47.09 126.98
CA ALA A 1000 73.41 47.68 127.86
C ALA A 1000 72.03 47.07 127.61
N GLU A 1001 71.74 46.71 126.35
CA GLU A 1001 70.55 45.91 126.06
C GLU A 1001 70.51 44.67 126.94
N ASN A 1002 71.57 43.87 126.90
CA ASN A 1002 71.61 42.62 127.67
C ASN A 1002 71.53 42.90 129.17
N ALA A 1003 72.22 43.95 129.64
CA ALA A 1003 72.18 44.29 131.05
C ALA A 1003 70.76 44.60 131.51
N HIS A 1004 70.06 45.45 130.77
CA HIS A 1004 68.69 45.78 131.16
C HIS A 1004 67.75 44.60 130.95
N ASN A 1005 68.04 43.71 130.00
CA ASN A 1005 67.22 42.51 129.82
C ASN A 1005 67.29 41.61 131.06
N VAL A 1006 68.52 41.33 131.51
CA VAL A 1006 68.64 40.48 132.70
C VAL A 1006 68.13 41.23 133.94
N TRP A 1007 68.29 42.55 133.99
CA TRP A 1007 67.74 43.31 135.10
C TRP A 1007 66.21 43.21 135.15
N ALA A 1008 65.56 43.26 133.98
CA ALA A 1008 64.11 43.12 133.93
C ALA A 1008 63.68 41.71 134.27
N ARG A 1009 64.43 40.69 133.81
CA ARG A 1009 64.09 39.33 134.16
C ARG A 1009 64.26 39.07 135.65
N ASP A 1010 65.13 39.84 136.31
CA ASP A 1010 65.22 39.75 137.77
C ASP A 1010 64.16 40.58 138.47
N ARG A 1011 63.72 41.68 137.84
CA ARG A 1011 62.78 42.59 138.47
C ARG A 1011 61.32 42.15 138.33
N ILE A 1012 60.99 41.33 137.33
CA ILE A 1012 59.62 40.86 137.17
C ILE A 1012 59.14 40.09 138.40
N ARG A 1013 60.07 39.56 139.20
CA ARG A 1013 59.69 38.91 140.45
C ARG A 1013 59.42 39.92 141.56
N GLN A 1014 60.02 41.11 141.47
CA GLN A 1014 59.81 42.15 142.47
C GLN A 1014 58.72 43.12 142.04
N ARG A 1027 55.15 46.08 140.19
CA ARG A 1027 54.23 45.47 139.24
C ARG A 1027 53.87 46.43 138.12
N ARG A 1028 54.01 45.98 136.88
CA ARG A 1028 53.72 46.78 135.70
C ARG A 1028 54.50 48.09 135.71
N ASN A 1029 55.82 47.96 135.62
CA ASN A 1029 56.67 49.14 135.75
C ASN A 1029 57.28 49.54 134.41
N PRO A 1030 57.38 50.85 134.16
CA PRO A 1030 58.13 51.31 132.98
C PRO A 1030 59.57 50.85 132.98
N ARG A 1031 60.17 50.60 134.14
CA ARG A 1031 61.46 49.95 134.15
C ARG A 1031 61.33 48.44 133.94
N LEU A 1032 60.20 47.85 134.34
CA LEU A 1032 60.00 46.42 134.12
C LEU A 1032 59.88 46.10 132.64
N VAL A 1033 59.37 47.04 131.84
CA VAL A 1033 59.26 46.84 130.40
C VAL A 1033 60.69 46.69 129.85
N PRO A 1034 60.92 45.92 128.78
CA PRO A 1034 62.30 45.70 128.32
C PRO A 1034 62.97 46.99 127.84
N TYR A 1035 64.29 46.89 127.68
CA TYR A 1035 65.10 48.05 127.32
C TYR A 1035 64.75 48.58 125.94
N THR A 1036 64.42 47.70 124.99
CA THR A 1036 64.04 48.13 123.66
C THR A 1036 62.75 48.94 123.66
N LEU A 1037 61.96 48.85 124.72
CA LEU A 1037 60.72 49.58 124.86
C LEU A 1037 60.84 50.73 125.86
N LEU A 1038 62.04 50.97 126.40
CA LEU A 1038 62.23 51.92 127.48
C LEU A 1038 62.23 53.36 126.95
N ASP A 1039 62.15 54.31 127.88
CA ASP A 1039 62.21 55.72 127.54
C ASP A 1039 63.61 56.09 127.04
N ASP A 1040 63.64 57.00 126.07
CA ASP A 1040 64.90 57.34 125.41
C ASP A 1040 65.87 58.03 126.36
N ARG A 1041 65.36 58.77 127.35
CA ARG A 1041 66.23 59.47 128.29
C ARG A 1041 66.99 58.48 129.17
N THR A 1042 66.25 57.57 129.82
CA THR A 1042 66.91 56.54 130.62
C THR A 1042 67.77 55.62 129.77
N LYS A 1043 67.34 55.37 128.52
CA LYS A 1043 68.17 54.59 127.61
C LYS A 1043 69.51 55.27 127.38
N LYS A 1044 69.50 56.57 127.08
CA LYS A 1044 70.74 57.31 126.89
C LYS A 1044 71.60 57.31 128.15
N SER A 1045 70.96 57.48 129.31
CA SER A 1045 71.71 57.53 130.57
C SER A 1045 72.44 56.22 130.82
N ASN A 1046 71.70 55.10 130.79
CA ASN A 1046 72.30 53.80 130.98
C ASN A 1046 73.34 53.51 129.90
N LYS A 1047 73.07 53.94 128.66
CA LYS A 1047 74.01 53.74 127.57
C LYS A 1047 75.33 54.43 127.86
N ASP A 1048 75.28 55.69 128.30
CA ASP A 1048 76.51 56.43 128.54
C ASP A 1048 77.27 55.89 129.75
N SER A 1049 76.53 55.55 130.82
CA SER A 1049 77.18 55.02 132.01
C SER A 1049 77.86 53.68 131.73
N LEU A 1050 77.26 52.85 130.89
CA LEU A 1050 77.85 51.57 130.54
C LEU A 1050 78.84 51.67 129.39
N ARG A 1051 78.84 52.78 128.66
CA ARG A 1051 79.84 53.03 127.63
C ARG A 1051 81.11 53.64 128.19
N GLU A 1052 81.04 54.22 129.39
CA GLU A 1052 82.27 54.70 130.02
C GLU A 1052 83.29 53.59 130.19
N ALA A 1053 82.82 52.36 130.44
CA ALA A 1053 83.73 51.23 130.61
C ALA A 1053 84.47 50.91 129.32
N VAL A 1054 83.75 50.92 128.20
CA VAL A 1054 84.38 50.67 126.91
C VAL A 1054 85.34 51.81 126.57
N ARG A 1055 84.98 53.05 126.94
CA ARG A 1055 85.88 54.18 126.74
C ARG A 1055 87.18 53.98 127.51
N THR A 1056 87.08 53.56 128.78
CA THR A 1056 88.28 53.28 129.56
C THR A 1056 89.08 52.15 128.95
N LEU A 1057 88.41 51.11 128.45
CA LEU A 1057 89.10 49.98 127.86
C LEU A 1057 89.93 50.40 126.65
N LEU A 1058 89.33 51.20 125.76
CA LEU A 1058 90.08 51.73 124.63
C LEU A 1058 91.00 52.89 125.00
N GLY A 1059 90.92 53.40 126.23
CA GLY A 1059 91.82 54.46 126.63
C GLY A 1059 93.26 54.00 126.78
N TYR A 1060 93.49 53.01 127.65
CA TYR A 1060 94.84 52.50 127.87
C TYR A 1060 95.36 51.74 126.65
N GLY A 1061 94.49 51.08 125.91
CA GLY A 1061 94.90 50.43 124.69
C GLY A 1061 94.79 48.91 124.70
N TYR A 1062 94.01 48.38 125.64
CA TYR A 1062 93.78 46.93 125.69
C TYR A 1062 92.57 46.55 124.84
N ARG A 1084 52.17 35.93 101.74
CA ARG A 1084 50.87 36.16 102.38
C ARG A 1084 50.12 37.28 101.68
N PHE A 1085 50.62 37.68 100.51
CA PHE A 1085 50.05 38.81 99.78
C PHE A 1085 48.56 38.60 99.50
N ARG A 1086 47.84 39.71 99.42
CA ARG A 1086 46.41 39.71 99.11
C ARG A 1086 46.17 40.35 97.75
N ILE A 1087 45.30 39.73 96.97
CA ILE A 1087 45.01 40.15 95.60
C ILE A 1087 43.60 40.73 95.57
N PHE A 1088 43.48 41.98 95.14
CA PHE A 1088 42.20 42.63 94.93
C PHE A 1088 41.96 42.80 93.44
N ARG A 1089 40.69 42.86 93.03
CA ARG A 1089 40.37 43.01 91.63
C ARG A 1089 38.93 43.47 91.50
N ALA A 1090 38.55 43.86 90.29
CA ALA A 1090 37.16 44.18 90.01
C ALA A 1090 36.36 42.89 89.79
N GLU A 1091 35.05 43.04 89.68
CA GLU A 1091 34.18 41.89 89.45
C GLU A 1091 34.39 41.35 88.04
N LYS A 1092 34.38 40.02 87.92
CA LYS A 1092 34.70 39.38 86.64
C LYS A 1092 33.65 39.67 85.58
N THR A 1093 32.43 40.04 85.97
CA THR A 1093 31.40 40.38 85.00
C THR A 1093 31.64 41.72 84.32
N TYR A 1094 32.56 42.53 84.85
CA TYR A 1094 32.97 43.77 84.22
C TYR A 1094 34.09 43.59 83.23
N ALA A 1095 34.29 42.36 82.74
CA ALA A 1095 35.34 42.10 81.77
C ALA A 1095 35.11 42.90 80.49
N VAL A 1096 36.20 43.41 79.93
CA VAL A 1096 36.15 44.23 78.72
C VAL A 1096 36.83 43.49 77.58
N LYS A 1097 36.33 43.70 76.37
CA LYS A 1097 36.89 43.06 75.18
C LYS A 1097 37.10 44.03 74.03
N ALA A 1098 36.81 45.32 74.22
CA ALA A 1098 36.99 46.30 73.16
C ALA A 1098 37.07 47.69 73.78
N GLY A 1099 37.83 48.57 73.15
CA GLY A 1099 37.94 49.95 73.58
C GLY A 1099 39.25 50.22 74.31
N ARG A 1100 39.35 51.48 74.75
CA ARG A 1100 40.52 51.98 75.48
C ARG A 1100 40.10 52.20 76.93
N TRP A 1101 40.65 51.40 77.84
CA TRP A 1101 40.31 51.48 79.24
C TRP A 1101 41.52 51.92 80.05
N TYR A 1102 41.26 52.69 81.10
CA TYR A 1102 42.31 53.30 81.92
C TYR A 1102 41.88 53.30 83.37
N PHE A 1103 42.80 52.97 84.26
CA PHE A 1103 42.49 53.02 85.69
C PHE A 1103 43.74 53.35 86.49
N GLU A 1104 43.54 54.06 87.60
CA GLU A 1104 44.64 54.54 88.42
C GLU A 1104 44.81 53.67 89.67
N PHE A 1105 46.05 53.63 90.15
CA PHE A 1105 46.39 52.93 91.38
C PHE A 1105 47.38 53.78 92.15
N GLU A 1106 47.00 54.22 93.34
CA GLU A 1106 47.85 55.00 94.22
C GLU A 1106 48.47 54.05 95.24
N ALA A 1107 49.77 54.19 95.47
CA ALA A 1107 50.50 53.38 96.43
C ALA A 1107 51.12 54.31 97.46
N VAL A 1108 50.67 54.19 98.72
CA VAL A 1108 51.20 55.03 99.77
C VAL A 1108 52.60 54.59 100.16
N THR A 1109 52.83 53.28 100.20
CA THR A 1109 54.13 52.71 100.53
C THR A 1109 54.92 52.46 99.24
N ALA A 1110 56.06 51.78 99.39
CA ALA A 1110 56.90 51.44 98.25
C ALA A 1110 57.40 50.01 98.34
N GLY A 1111 56.63 49.12 98.96
CA GLY A 1111 57.03 47.74 99.13
C GLY A 1111 56.65 46.85 97.97
N ASP A 1112 56.13 45.67 98.28
CA ASP A 1112 55.76 44.70 97.26
C ASP A 1112 54.34 45.00 96.78
N MET A 1113 54.23 45.53 95.56
CA MET A 1113 52.93 45.85 94.98
C MET A 1113 52.98 45.62 93.49
N ARG A 1114 51.97 44.93 92.96
CA ARG A 1114 51.84 44.70 91.53
C ARG A 1114 50.47 45.17 91.07
N VAL A 1115 50.39 45.61 89.82
CA VAL A 1115 49.14 46.14 89.27
C VAL A 1115 49.04 45.74 87.80
N GLY A 1116 47.81 45.56 87.34
CA GLY A 1116 47.63 45.23 85.93
C GLY A 1116 46.22 44.74 85.64
N TRP A 1117 46.13 43.89 84.63
CA TRP A 1117 44.85 43.38 84.12
C TRP A 1117 44.96 41.86 84.02
N SER A 1118 44.05 41.16 84.69
CA SER A 1118 44.05 39.70 84.71
C SER A 1118 42.79 39.15 84.07
N ARG A 1119 42.94 37.99 83.43
CA ARG A 1119 41.83 37.29 82.83
C ARG A 1119 40.91 36.74 83.92
N PRO A 1120 39.63 36.42 83.58
CA PRO A 1120 38.66 35.94 84.57
C PRO A 1120 38.89 34.49 85.01
N GLY A 1121 40.14 34.15 85.25
CA GLY A 1121 40.48 32.82 85.73
C GLY A 1121 41.69 32.81 86.65
N CYS A 1122 42.15 33.99 87.02
CA CYS A 1122 43.40 34.10 87.78
C CYS A 1122 43.25 33.48 89.16
N GLN A 1123 44.37 33.02 89.70
CA GLN A 1123 44.41 32.37 91.01
C GLN A 1123 44.68 33.41 92.09
N PRO A 1124 43.87 33.44 93.16
CA PRO A 1124 44.11 34.42 94.23
C PRO A 1124 45.24 34.07 95.16
N ASP A 1125 45.82 32.87 95.05
CA ASP A 1125 46.91 32.47 95.93
C ASP A 1125 48.29 32.59 95.28
N LEU A 1126 48.36 32.55 93.95
CA LEU A 1126 49.63 32.66 93.24
C LEU A 1126 50.01 34.13 93.07
N GLU A 1127 51.30 34.35 92.83
CA GLU A 1127 51.78 35.71 92.60
C GLU A 1127 51.16 36.28 91.33
N LEU A 1128 50.71 37.53 91.41
CA LEU A 1128 50.05 38.17 90.28
C LEU A 1128 51.00 38.28 89.11
N GLY A 1129 50.61 37.73 87.98
CA GLY A 1129 51.44 37.72 86.79
C GLY A 1129 52.34 36.52 86.62
N SER A 1130 52.10 35.43 87.36
CA SER A 1130 52.90 34.23 87.19
C SER A 1130 52.53 33.50 85.91
N ASP A 1131 51.25 33.14 85.76
CA ASP A 1131 50.77 32.47 84.57
C ASP A 1131 50.31 33.48 83.52
N ASP A 1132 49.83 32.94 82.39
CA ASP A 1132 49.24 33.75 81.34
C ASP A 1132 47.88 34.32 81.72
N ARG A 1133 47.33 33.92 82.87
CA ARG A 1133 46.04 34.42 83.34
C ARG A 1133 46.14 35.80 83.97
N ALA A 1134 47.27 36.49 83.85
CA ALA A 1134 47.44 37.80 84.45
C ALA A 1134 48.55 38.54 83.72
N PHE A 1135 48.29 39.80 83.41
CA PHE A 1135 49.27 40.72 82.83
C PHE A 1135 49.53 41.79 83.87
N ALA A 1136 50.64 41.69 84.59
CA ALA A 1136 50.92 42.54 85.73
C ALA A 1136 52.25 43.27 85.55
N PHE A 1137 52.48 44.22 86.44
CA PHE A 1137 53.72 44.98 86.49
C PHE A 1137 54.03 45.30 87.95
N ASP A 1138 55.30 45.22 88.30
CA ASP A 1138 55.77 45.40 89.67
C ASP A 1138 56.74 46.57 89.73
N GLY A 1139 56.70 47.29 90.86
CA GLY A 1139 57.63 48.38 91.09
C GLY A 1139 58.76 47.98 92.00
N PHE A 1140 58.57 46.89 92.75
CA PHE A 1140 59.62 46.41 93.63
C PHE A 1140 60.84 45.93 92.84
N LYS A 1141 60.63 45.49 91.60
CA LYS A 1141 61.71 45.06 90.73
C LYS A 1141 61.74 45.81 89.41
N ALA A 1142 60.75 46.66 89.15
CA ALA A 1142 60.67 47.45 87.92
C ALA A 1142 60.72 46.54 86.68
N GLN A 1143 59.73 45.64 86.61
CA GLN A 1143 59.66 44.70 85.51
C GLN A 1143 58.22 44.23 85.34
N ARG A 1144 57.87 43.85 84.12
CA ARG A 1144 56.53 43.35 83.84
C ARG A 1144 56.44 41.87 84.19
N TRP A 1145 55.25 41.45 84.61
CA TRP A 1145 55.03 40.11 85.12
C TRP A 1145 54.13 39.33 84.17
N HIS A 1146 54.67 38.26 83.61
CA HIS A 1146 53.94 37.34 82.75
C HIS A 1146 54.59 35.96 82.92
N GLN A 1147 54.39 35.07 81.96
CA GLN A 1147 55.13 33.81 81.98
C GLN A 1147 56.58 34.13 81.70
N GLY A 1148 57.36 34.33 82.77
CA GLY A 1148 58.69 34.89 82.66
C GLY A 1148 58.72 36.35 83.07
N ASN A 1149 59.93 36.89 83.16
CA ASN A 1149 60.13 38.27 83.58
C ASN A 1149 61.09 38.96 82.63
N GLU A 1150 60.88 40.28 82.46
CA GLU A 1150 61.74 41.08 81.61
C GLU A 1150 61.60 42.54 82.01
N HIS A 1151 62.73 43.23 82.14
CA HIS A 1151 62.76 44.55 82.75
C HIS A 1151 61.87 45.54 81.99
N TYR A 1152 61.13 46.35 82.74
CA TYR A 1152 60.19 47.30 82.16
C TYR A 1152 59.97 48.44 83.14
N GLY A 1153 60.17 49.67 82.67
CA GLY A 1153 59.90 50.86 83.47
C GLY A 1153 60.83 51.03 84.66
N ARG A 1154 60.46 51.99 85.50
CA ARG A 1154 61.22 52.34 86.69
C ARG A 1154 60.35 52.13 87.94
N SER A 1155 61.01 52.14 89.09
CA SER A 1155 60.31 51.96 90.36
C SER A 1155 59.66 53.27 90.81
N TRP A 1156 58.78 53.15 91.80
CA TRP A 1156 58.04 54.29 92.32
C TRP A 1156 58.63 54.73 93.66
N GLN A 1157 57.97 55.69 94.30
CA GLN A 1157 58.39 56.13 95.63
C GLN A 1157 57.23 56.00 96.61
N ALA A 1158 57.41 56.51 97.82
CA ALA A 1158 56.36 56.46 98.84
C ALA A 1158 55.34 57.56 98.56
N GLY A 1159 54.13 57.18 98.21
CA GLY A 1159 53.09 58.15 97.90
C GLY A 1159 53.02 58.47 96.42
N ASP A 1160 52.90 57.43 95.58
CA ASP A 1160 52.92 57.59 94.14
C ASP A 1160 51.61 57.15 93.53
N VAL A 1161 51.48 57.40 92.23
CA VAL A 1161 50.31 57.03 91.44
C VAL A 1161 50.78 56.45 90.12
N VAL A 1162 50.07 55.43 89.63
CA VAL A 1162 50.39 54.81 88.34
C VAL A 1162 49.08 54.51 87.61
N GLY A 1163 49.00 54.90 86.35
CA GLY A 1163 47.84 54.67 85.53
C GLY A 1163 48.10 53.58 84.51
N CYS A 1164 47.20 52.59 84.50
CA CYS A 1164 47.30 51.47 83.57
C CYS A 1164 46.29 51.69 82.44
N MET A 1165 46.77 51.52 81.20
CA MET A 1165 45.95 51.67 80.00
C MET A 1165 45.99 50.38 79.21
N VAL A 1166 44.83 49.99 78.68
CA VAL A 1166 44.70 48.81 77.83
C VAL A 1166 43.81 49.18 76.65
N ASP A 1167 44.36 49.10 75.45
CA ASP A 1167 43.59 49.26 74.22
C ASP A 1167 43.37 47.88 73.63
N MET A 1168 42.11 47.41 73.66
CA MET A 1168 41.80 46.06 73.20
C MET A 1168 41.69 45.98 71.68
N ASN A 1169 41.26 47.07 71.04
CA ASN A 1169 41.15 47.06 69.58
C ASN A 1169 42.52 46.93 68.91
N GLU A 1170 43.55 47.49 69.53
CA GLU A 1170 44.92 47.36 69.04
C GLU A 1170 45.76 46.38 69.87
N HIS A 1171 45.23 45.87 70.98
CA HIS A 1171 45.93 44.91 71.84
C HIS A 1171 47.26 45.47 72.32
N THR A 1172 47.18 46.56 73.07
CA THR A 1172 48.34 47.21 73.64
C THR A 1172 48.10 47.53 75.11
N MET A 1173 49.14 47.32 75.93
CA MET A 1173 49.10 47.62 77.35
C MET A 1173 50.20 48.61 77.69
N MET A 1174 49.84 49.68 78.38
CA MET A 1174 50.78 50.74 78.72
C MET A 1174 50.64 51.10 80.19
N PHE A 1175 51.72 51.62 80.76
CA PHE A 1175 51.73 52.05 82.15
C PHE A 1175 52.40 53.42 82.24
N THR A 1176 51.77 54.35 82.96
CA THR A 1176 52.27 55.70 83.13
C THR A 1176 52.49 55.97 84.62
N LEU A 1177 53.73 56.25 84.99
CA LEU A 1177 54.08 56.55 86.38
C LEU A 1177 54.09 58.07 86.55
N ASN A 1178 53.02 58.60 87.15
CA ASN A 1178 52.88 60.03 87.40
C ASN A 1178 53.01 60.84 86.11
N GLY A 1179 52.27 60.42 85.08
CA GLY A 1179 52.28 61.08 83.80
C GLY A 1179 53.34 60.59 82.83
N GLU A 1180 54.48 60.15 83.34
CA GLU A 1180 55.56 59.65 82.48
C GLU A 1180 55.24 58.23 82.01
N ILE A 1181 55.04 58.08 80.71
CA ILE A 1181 54.75 56.75 80.15
C ILE A 1181 56.01 55.89 80.23
N LEU A 1182 55.85 54.67 80.72
CA LEU A 1182 56.97 53.78 80.94
C LEU A 1182 57.62 53.36 79.62
N LEU A 1183 58.88 52.95 79.70
CA LEU A 1183 59.65 52.49 78.55
C LEU A 1183 60.47 51.28 78.95
N ASP A 1184 60.50 50.29 78.06
CA ASP A 1184 61.34 49.12 78.24
C ASP A 1184 62.71 49.39 77.63
N ASP A 1185 63.52 48.34 77.48
CA ASP A 1185 64.85 48.49 76.93
C ASP A 1185 64.86 48.55 75.40
N SER A 1186 63.79 48.09 74.76
CA SER A 1186 63.70 48.05 73.30
C SER A 1186 63.16 49.34 72.71
N GLY A 1187 62.68 50.27 73.52
CA GLY A 1187 62.12 51.51 73.02
C GLY A 1187 60.66 51.48 72.67
N SER A 1188 59.90 50.51 73.21
CA SER A 1188 58.47 50.39 72.94
C SER A 1188 57.70 50.97 74.11
N GLU A 1189 56.82 51.94 73.82
CA GLU A 1189 56.05 52.59 74.87
C GLU A 1189 55.08 51.62 75.52
N LEU A 1190 54.49 50.72 74.74
CA LEU A 1190 53.55 49.74 75.27
C LEU A 1190 54.27 48.55 75.90
N ALA A 1191 53.64 47.98 76.92
CA ALA A 1191 54.24 46.86 77.64
C ALA A 1191 53.97 45.53 76.93
N PHE A 1192 52.70 45.15 76.83
CA PHE A 1192 52.31 43.87 76.26
C PHE A 1192 51.59 44.06 74.92
N LYS A 1193 51.76 43.09 74.04
CA LYS A 1193 51.46 43.24 72.63
C LYS A 1193 51.25 41.89 71.96
N ASP A 1194 50.22 41.83 71.12
CA ASP A 1194 49.70 40.58 70.54
C ASP A 1194 49.28 39.59 71.63
N PHE A 1195 48.26 39.98 72.38
CA PHE A 1195 47.60 39.11 73.36
C PHE A 1195 46.12 38.98 72.98
N ASP A 1196 45.60 37.76 73.11
CA ASP A 1196 44.21 37.53 72.73
C ASP A 1196 43.26 38.21 73.71
N VAL A 1197 42.05 38.51 73.23
CA VAL A 1197 41.02 39.08 74.09
C VAL A 1197 40.52 38.03 75.08
N GLY A 1198 40.58 36.75 74.72
CA GLY A 1198 40.15 35.67 75.58
C GLY A 1198 38.75 35.84 76.14
N ASP A 1199 38.65 35.93 77.46
CA ASP A 1199 37.39 36.17 78.15
C ASP A 1199 37.28 37.59 78.70
N GLY A 1200 38.28 38.43 78.47
CA GLY A 1200 38.28 39.79 78.96
C GLY A 1200 39.48 40.05 79.87
N PHE A 1201 39.49 41.27 80.41
CA PHE A 1201 40.55 41.68 81.33
C PHE A 1201 39.94 42.51 82.45
N ILE A 1202 40.30 42.17 83.68
CA ILE A 1202 39.76 42.80 84.88
C ILE A 1202 40.88 43.57 85.55
N PRO A 1203 40.67 44.81 86.00
CA PRO A 1203 41.69 45.50 86.79
C PRO A 1203 41.98 44.73 88.07
N VAL A 1204 43.27 44.60 88.38
CA VAL A 1204 43.72 43.75 89.48
C VAL A 1204 44.99 44.35 90.06
N CYS A 1205 45.12 44.21 91.38
CA CYS A 1205 46.33 44.58 92.10
C CYS A 1205 46.64 43.49 93.12
N SER A 1206 47.91 43.43 93.51
CA SER A 1206 48.35 42.48 94.53
C SER A 1206 49.28 43.21 95.47
N LEU A 1207 48.94 43.20 96.76
CA LEU A 1207 49.70 43.90 97.79
C LEU A 1207 50.30 42.88 98.73
N GLY A 1208 51.62 42.94 98.92
CA GLY A 1208 52.33 42.04 99.81
C GLY A 1208 52.21 42.47 101.25
N VAL A 1209 53.21 42.08 102.05
CA VAL A 1209 53.16 42.33 103.48
C VAL A 1209 53.32 43.81 103.75
N ALA A 1210 52.38 44.38 104.52
CA ALA A 1210 52.41 45.77 104.97
C ALA A 1210 52.47 46.74 103.79
N GLN A 1211 51.39 46.74 103.01
CA GLN A 1211 51.25 47.63 101.87
C GLN A 1211 49.93 48.38 101.97
N VAL A 1212 49.89 49.56 101.36
CA VAL A 1212 48.70 50.42 101.38
C VAL A 1212 48.49 50.98 99.99
N GLY A 1213 47.32 50.68 99.39
CA GLY A 1213 47.00 51.14 98.05
C GLY A 1213 45.59 51.68 97.97
N ARG A 1214 45.27 52.20 96.79
CA ARG A 1214 43.96 52.78 96.52
C ARG A 1214 43.69 52.66 95.03
N MET A 1215 42.62 51.98 94.67
CA MET A 1215 42.26 51.82 93.26
C MET A 1215 41.29 52.91 92.83
N ASN A 1216 41.29 53.17 91.51
CA ASN A 1216 40.38 54.16 90.94
C ASN A 1216 40.03 53.68 89.53
N PHE A 1217 38.83 53.11 89.39
CA PHE A 1217 38.34 52.64 88.10
C PHE A 1217 37.61 53.72 87.31
N GLY A 1218 37.87 54.99 87.63
CA GLY A 1218 37.17 56.09 87.00
C GLY A 1218 36.02 56.60 87.85
N LYS A 1219 34.99 57.12 87.18
CA LYS A 1219 33.75 57.58 87.82
C LYS A 1219 33.98 58.87 88.60
N ASP A 1220 35.24 59.30 88.72
CA ASP A 1220 35.58 60.56 89.38
C ASP A 1220 36.73 61.20 88.62
N VAL A 1221 36.40 61.99 87.59
CA VAL A 1221 37.45 62.62 86.80
C VAL A 1221 38.02 63.83 87.52
N SER A 1222 37.25 64.42 88.43
CA SER A 1222 37.76 65.50 89.27
C SER A 1222 38.90 65.02 90.16
N THR A 1223 38.98 63.72 90.43
CA THR A 1223 40.09 63.14 91.15
C THR A 1223 41.01 62.30 90.27
N LEU A 1224 40.62 62.04 89.02
CA LEU A 1224 41.54 61.41 88.07
C LEU A 1224 42.60 62.41 87.65
N LYS A 1225 43.67 62.52 88.44
CA LYS A 1225 44.66 63.57 88.24
C LYS A 1225 45.38 63.40 86.90
N TYR A 1226 46.11 62.30 86.74
CA TYR A 1226 46.95 62.09 85.57
C TYR A 1226 46.18 61.47 84.39
N PHE A 1227 44.85 61.59 84.38
CA PHE A 1227 44.07 61.12 83.24
C PHE A 1227 43.91 62.20 82.19
N THR A 1228 43.70 63.45 82.60
CA THR A 1228 43.62 64.55 81.64
C THR A 1228 44.98 64.86 81.02
N ILE A 1229 46.08 64.46 81.67
CA ILE A 1229 47.40 64.69 81.12
C ILE A 1229 47.70 63.69 80.02
N CYS A 1230 47.38 62.41 80.24
CA CYS A 1230 47.63 61.38 79.23
C CYS A 1230 46.45 60.41 79.20
N GLY A 1231 46.01 60.06 78.00
CA GLY A 1231 44.89 59.16 77.83
C GLY A 1231 43.66 59.85 77.27
N LEU A 1232 43.36 61.05 77.79
CA LEU A 1232 42.15 61.76 77.37
C LEU A 1232 42.24 62.20 75.91
N GLN A 1233 43.36 62.81 75.52
CA GLN A 1233 43.52 63.27 74.14
C GLN A 1233 43.79 62.11 73.19
N GLU A 1234 44.37 61.03 73.69
CA GLU A 1234 44.60 59.85 72.87
C GLU A 1234 43.30 59.11 72.59
N GLY A 1235 42.36 59.13 73.53
CA GLY A 1235 41.09 58.47 73.34
C GLY A 1235 40.88 57.33 74.30
N TYR A 1236 41.55 57.37 75.44
CA TYR A 1236 41.45 56.33 76.46
C TYR A 1236 40.38 56.71 77.47
N GLU A 1237 39.56 55.74 77.85
CA GLU A 1237 38.51 56.16 78.74
C GLU A 1237 38.55 55.37 80.05
N PRO A 1238 38.06 55.94 81.14
CA PRO A 1238 38.12 55.24 82.43
C PRO A 1238 37.32 53.95 82.41
N PHE A 1239 37.55 53.12 83.42
CA PHE A 1239 36.92 51.80 83.47
C PHE A 1239 35.44 51.91 83.83
N ALA A 1240 35.09 52.81 84.74
CA ALA A 1240 33.72 52.95 85.21
C ALA A 1240 33.23 54.38 85.05
N VAL A 1241 33.50 54.98 83.88
CA VAL A 1241 33.04 56.36 83.65
C VAL A 1241 31.55 56.40 83.41
N ASN A 1242 31.01 55.43 82.67
CA ASN A 1242 29.56 55.32 82.44
C ASN A 1242 28.96 54.28 83.38
N THR A 1243 29.05 54.57 84.68
CA THR A 1243 28.65 53.61 85.70
C THR A 1243 27.95 54.35 86.83
N ASN A 1244 26.83 53.79 87.29
CA ASN A 1244 26.02 54.42 88.33
C ASN A 1244 26.33 53.92 89.73
N ARG A 1245 26.67 52.65 89.90
CA ARG A 1245 26.95 52.07 91.19
C ARG A 1245 28.39 51.55 91.23
N ASP A 1246 29.06 51.75 92.36
CA ASP A 1246 30.47 51.44 92.49
C ASP A 1246 30.72 49.95 92.32
N ILE A 1247 31.98 49.61 92.06
CA ILE A 1247 32.37 48.23 91.80
C ILE A 1247 32.39 47.45 93.11
N THR A 1248 32.21 46.12 93.01
CA THR A 1248 32.15 45.27 94.18
C THR A 1248 33.52 45.06 94.83
N MET A 1249 34.61 45.17 94.07
CA MET A 1249 35.97 45.07 94.60
C MET A 1249 36.20 43.71 95.27
N TRP A 1250 36.20 42.68 94.44
CA TRP A 1250 36.40 41.32 94.92
C TRP A 1250 37.83 41.14 95.40
N LEU A 1251 38.00 40.68 96.63
CA LEU A 1251 39.30 40.47 97.24
C LEU A 1251 39.60 38.98 97.38
N SER A 1252 40.84 38.67 97.74
CA SER A 1252 41.25 37.31 98.06
C SER A 1252 41.03 37.07 99.55
N LYS A 1253 40.16 36.11 99.88
CA LYS A 1253 39.82 35.84 101.26
C LYS A 1253 40.95 35.07 101.94
N ARG A 1254 40.95 35.15 103.28
CA ARG A 1254 41.99 34.52 104.09
C ARG A 1254 41.56 33.19 104.69
N LEU A 1255 40.27 32.99 104.90
CA LEU A 1255 39.80 31.74 105.51
C LEU A 1255 39.89 30.62 104.49
N PRO A 1256 40.67 29.57 104.75
CA PRO A 1256 40.82 28.50 103.77
C PRO A 1256 39.68 27.49 103.80
N GLN A 1257 38.61 27.78 103.06
CA GLN A 1257 37.45 26.91 103.06
C GLN A 1257 37.77 25.57 102.41
N PHE A 1258 36.86 24.61 102.62
CA PHE A 1258 36.99 23.28 102.03
C PHE A 1258 36.36 23.29 100.64
N LEU A 1259 37.15 22.87 99.64
CA LEU A 1259 36.67 22.81 98.27
C LEU A 1259 36.84 21.40 97.74
N GLN A 1260 35.92 21.00 96.85
CA GLN A 1260 36.00 19.69 96.25
C GLN A 1260 37.26 19.57 95.39
N VAL A 1261 37.83 18.37 95.37
CA VAL A 1261 39.04 18.10 94.61
C VAL A 1261 38.75 18.24 93.12
N PRO A 1262 39.44 19.13 92.42
CA PRO A 1262 39.20 19.28 90.98
C PRO A 1262 39.94 18.22 90.18
N SER A 1263 39.44 18.01 88.96
CA SER A 1263 40.04 17.01 88.09
C SER A 1263 41.37 17.50 87.52
N ASN A 1264 41.46 18.77 87.16
CA ASN A 1264 42.66 19.35 86.58
C ASN A 1264 43.62 19.86 87.65
N HIS A 1265 43.92 19.01 88.64
CA HIS A 1265 44.79 19.36 89.73
C HIS A 1265 45.93 18.35 89.83
N GLU A 1266 47.07 18.82 90.31
CA GLU A 1266 48.26 17.99 90.47
C GLU A 1266 48.42 17.56 91.92
N HIS A 1267 49.05 16.40 92.11
CA HIS A 1267 49.43 15.86 93.41
C HIS A 1267 48.24 15.58 94.32
N ILE A 1268 47.02 15.79 93.82
CA ILE A 1268 45.81 15.40 94.53
C ILE A 1268 44.86 14.72 93.55
N GLU A 1269 44.85 13.39 93.55
CA GLU A 1269 43.98 12.61 92.67
C GLU A 1269 43.21 11.61 93.51
N VAL A 1270 41.89 11.64 93.38
CA VAL A 1270 41.00 10.77 94.14
C VAL A 1270 40.13 10.00 93.16
N THR A 1271 40.04 8.69 93.35
CA THR A 1271 39.23 7.82 92.52
C THR A 1271 37.99 7.36 93.30
N ARG A 1272 37.19 6.50 92.68
CA ARG A 1272 35.97 6.00 93.30
C ARG A 1272 35.69 4.61 92.76
N ILE A 1273 35.79 3.60 93.62
CA ILE A 1273 35.60 2.21 93.23
C ILE A 1273 34.35 1.67 93.90
N ASP A 1274 33.76 0.64 93.27
CA ASP A 1274 32.53 0.01 93.75
C ASP A 1274 31.40 1.01 93.89
N LYS A 1284 32.08 -7.44 99.95
CA LYS A 1284 32.31 -6.26 99.12
C LYS A 1284 31.99 -4.99 99.90
N VAL A 1285 32.74 -3.92 99.63
CA VAL A 1285 32.53 -2.65 100.30
C VAL A 1285 33.02 -1.54 99.36
N THR A 1286 32.50 -0.33 99.58
CA THR A 1286 32.78 0.81 98.72
C THR A 1286 33.92 1.64 99.31
N GLN A 1287 34.86 2.04 98.45
CA GLN A 1287 36.03 2.81 98.85
C GLN A 1287 36.21 3.99 97.91
N LYS A 1288 36.96 4.98 98.39
CA LYS A 1288 37.35 6.15 97.60
C LYS A 1288 38.86 6.33 97.75
N SER A 1289 39.63 5.58 96.96
CA SER A 1289 41.08 5.60 97.11
C SER A 1289 41.66 6.92 96.62
N PHE A 1290 42.92 7.16 97.00
CA PHE A 1290 43.63 8.38 96.67
C PHE A 1290 44.72 8.10 95.64
N GLY A 1291 45.51 9.13 95.35
CA GLY A 1291 46.59 9.05 94.38
C GLY A 1291 47.29 10.37 94.22
N SER A 1292 48.61 10.37 94.08
CA SER A 1292 49.36 11.61 93.99
C SER A 1292 50.68 11.39 93.27
N GLN A 1293 51.24 12.48 92.77
CA GLN A 1293 52.60 12.49 92.25
C GLN A 1293 53.07 13.94 92.31
N ASN A 1294 54.26 14.16 92.84
CA ASN A 1294 54.85 15.49 92.99
C ASN A 1294 56.28 15.31 93.50
N ASN A 1295 56.93 16.42 93.84
CA ASN A 1295 58.23 16.40 94.47
C ASN A 1295 58.28 17.11 95.81
N ASN A 1296 57.25 17.89 96.16
CA ASN A 1296 57.19 18.60 97.42
C ASN A 1296 56.09 18.00 98.29
N THR A 1297 56.42 17.73 99.55
CA THR A 1297 55.52 17.07 100.49
C THR A 1297 54.91 18.08 101.45
N ASP A 1298 53.67 17.81 101.86
CA ASP A 1298 52.96 18.69 102.79
C ASP A 1298 51.79 17.93 103.38
N ILE A 1299 51.01 18.63 104.20
CA ILE A 1299 49.88 18.05 104.93
C ILE A 1299 48.58 18.58 104.32
N MET A 1300 47.64 17.68 104.07
CA MET A 1300 46.31 18.01 103.57
C MET A 1300 45.26 17.68 104.61
N PHE A 1301 44.08 18.28 104.44
CA PHE A 1301 43.03 18.31 105.46
C PHE A 1301 41.73 17.77 104.89
N TYR A 1302 41.76 16.56 104.34
CA TYR A 1302 40.60 16.04 103.62
C TYR A 1302 39.41 15.89 104.56
N ARG A 1303 38.21 16.10 104.02
CA ARG A 1303 36.99 16.06 104.80
C ARG A 1303 35.86 15.54 103.92
N LEU A 1304 34.90 14.88 104.55
CA LEU A 1304 33.73 14.41 103.82
C LEU A 1304 32.78 15.59 103.55
N SER A 1305 31.79 15.33 102.69
CA SER A 1305 30.89 16.39 102.27
C SER A 1305 29.77 16.60 103.29
N MET A 1306 29.05 15.54 103.63
CA MET A 1306 27.89 15.68 104.51
C MET A 1306 28.24 15.28 105.93
N PRO A 1307 27.93 16.12 106.91
CA PRO A 1307 28.23 15.78 108.30
C PRO A 1307 27.06 15.06 108.96
N ILE A 1308 27.30 14.62 110.19
CA ILE A 1308 26.31 13.91 110.99
C ILE A 1308 25.95 14.79 112.18
N GLU A 1309 24.65 14.94 112.43
CA GLU A 1309 24.15 15.77 113.51
C GLU A 1309 23.39 14.92 114.51
N CYS A 1310 23.31 15.41 115.74
CA CYS A 1310 22.63 14.71 116.83
C CYS A 1310 21.99 15.75 117.74
N ALA A 1311 20.65 15.79 117.75
CA ALA A 1311 19.94 16.74 118.58
C ALA A 1311 18.52 16.26 118.85
N UNK A 1312 18.19 16.09 120.13
CA UNK A 1312 19.12 16.33 121.22
C UNK A 1312 19.23 15.08 122.11
N UNK A 1313 20.02 14.11 121.66
CA UNK A 1313 20.20 12.86 122.39
C UNK A 1313 21.64 12.67 122.85
N UNK A 1314 22.04 11.42 123.03
CA UNK A 1314 23.38 11.09 123.48
C UNK A 1314 24.39 11.19 122.34
N UNK A 1315 25.48 11.92 122.58
CA UNK A 1315 26.51 12.10 121.56
C UNK A 1315 27.88 11.71 122.10
N UNK A 1316 28.48 10.67 121.51
CA UNK A 1316 29.79 10.21 121.93
C UNK A 1316 30.60 9.75 120.72
N UNK A 1317 31.78 10.31 120.54
CA UNK A 1317 32.67 9.93 119.45
C UNK A 1317 33.79 9.05 119.96
N UNK A 1318 33.78 7.78 119.55
CA UNK A 1318 34.79 6.82 120.00
C UNK A 1318 35.68 6.38 118.85
N UNK A 1319 36.99 6.52 119.04
CA UNK A 1319 37.96 6.07 118.06
C UNK A 1319 38.50 4.70 118.44
N UNK A 1320 38.19 3.69 117.63
CA UNK A 1320 38.60 2.32 117.93
C UNK A 1320 39.54 1.78 116.87
N UNK A 1321 40.70 1.30 117.30
CA UNK A 1321 41.68 0.71 116.39
C UNK A 1321 41.23 -0.70 116.01
N UNK A 1322 41.96 -1.32 115.10
CA UNK A 1322 41.64 -2.67 114.66
C UNK A 1322 41.85 -3.67 115.78
N UNK A 1323 42.86 -3.42 116.61
CA UNK A 1323 43.18 -4.29 117.73
C UNK A 1323 42.17 -4.10 118.87
N UNK A 1324 42.03 -2.85 119.32
CA UNK A 1324 41.13 -2.54 120.42
C UNK A 1324 40.66 -1.09 120.35
N UNK A 1325 39.90 -0.67 121.37
CA UNK A 1325 39.39 0.69 121.42
C UNK A 1325 40.18 1.53 122.42
N UNK A 1326 41.49 1.29 122.47
CA UNK A 1326 42.35 2.01 123.39
C UNK A 1326 42.89 3.30 122.77
N UNK A 1327 42.01 4.28 122.61
CA UNK A 1327 42.39 5.56 122.04
C UNK A 1327 41.61 6.71 122.70
N UNK A 1328 41.89 7.93 122.28
CA UNK A 1328 41.22 9.10 122.82
C UNK A 1328 39.75 9.12 122.40
N UNK A 1329 38.86 9.24 123.37
CA UNK A 1329 37.43 9.26 123.10
C UNK A 1329 36.79 10.56 123.60
N UNK A 1330 36.24 11.32 122.66
CA UNK A 1330 35.57 12.58 123.01
C UNK A 1330 34.06 12.40 122.96
N UNK A 1331 33.37 12.87 123.99
CA UNK A 1331 31.92 12.75 124.07
C UNK A 1331 31.29 14.02 124.64
N UNK A 1332 31.19 15.05 123.80
CA UNK A 1332 30.60 16.31 124.21
C UNK A 1332 30.06 17.07 123.02
N UNK A 1333 28.76 16.92 122.76
CA UNK A 1333 28.11 17.61 121.65
C UNK A 1333 26.60 17.66 121.85
N UNK A 1334 26.08 18.86 122.05
CA UNK A 1334 24.64 19.04 122.27
C UNK A 1334 23.89 18.92 120.95
N UNK A 1335 24.32 19.68 119.95
CA UNK A 1335 23.68 19.68 118.65
C UNK A 1335 24.66 20.12 117.57
N UNK A 1336 25.81 19.46 117.52
CA UNK A 1336 26.86 19.83 116.57
C UNK A 1336 26.84 18.98 115.31
N UNK A 1337 27.47 19.49 114.26
CA UNK A 1337 27.52 18.79 112.97
C UNK A 1337 28.93 18.23 112.73
N UNK A 1338 29.26 17.15 113.42
CA UNK A 1338 30.59 16.54 113.29
C UNK A 1338 30.80 15.96 111.90
N UNK A 1339 31.66 16.60 111.12
CA UNK A 1339 31.97 16.12 109.78
C UNK A 1339 33.22 15.24 109.80
N ASP A 1340 33.12 14.08 109.16
CA ASP A 1340 34.23 13.13 109.08
C ASP A 1340 35.42 13.77 108.36
N SER A 1341 36.63 13.52 108.82
CA SER A 1341 37.79 14.18 108.22
C SER A 1341 39.06 13.42 108.60
N ASP A 1342 40.12 13.71 107.86
CA ASP A 1342 41.42 13.09 108.03
C ASP A 1342 42.49 14.05 107.51
N PHE A 1343 43.44 14.36 108.39
CA PHE A 1343 44.58 15.22 108.08
C PHE A 1343 45.77 14.31 107.77
N GLU A 1344 46.18 14.27 106.52
CA GLU A 1344 47.18 13.30 106.08
C GLU A 1344 48.45 14.01 105.61
N VAL A 1345 49.56 13.30 105.71
CA VAL A 1345 50.83 13.76 105.17
C VAL A 1345 51.02 13.10 103.81
N LEU A 1346 51.61 13.84 102.88
CA LEU A 1346 51.71 13.38 101.49
C LEU A 1346 53.06 12.71 101.28
N MET A 1347 53.05 11.41 101.01
CA MET A 1347 54.24 10.70 100.61
C MET A 1347 54.34 10.69 99.08
N LYS A 1348 55.29 9.92 98.55
CA LYS A 1348 55.36 9.74 97.10
C LYS A 1348 54.22 8.86 96.61
N THR A 1349 53.80 7.89 97.42
CA THR A 1349 52.67 7.03 97.09
C THR A 1349 51.78 6.95 98.33
N ALA A 1350 50.64 7.66 98.28
CA ALA A 1350 49.70 7.73 99.41
C ALA A 1350 48.37 7.17 98.96
N HIS A 1351 48.03 5.96 99.43
CA HIS A 1351 46.78 5.31 99.07
C HIS A 1351 45.76 5.33 100.21
N GLY A 1352 46.02 6.10 101.26
CA GLY A 1352 45.12 6.11 102.41
C GLY A 1352 43.76 6.67 102.04
N HIS A 1353 42.71 6.00 102.49
CA HIS A 1353 41.36 6.40 102.07
C HIS A 1353 40.36 6.10 103.19
N LEU A 1354 39.11 6.47 102.95
CA LEU A 1354 38.02 6.26 103.89
C LEU A 1354 37.04 5.23 103.32
N VAL A 1355 36.57 4.33 104.18
CA VAL A 1355 35.67 3.25 103.78
C VAL A 1355 34.47 3.24 104.73
N PRO A 1356 33.25 3.40 104.24
CA PRO A 1356 32.07 3.25 105.11
C PRO A 1356 31.75 1.78 105.35
N ASP A 1357 32.03 1.30 106.55
CA ASP A 1357 31.84 -0.10 106.91
C ASP A 1357 30.75 -0.21 107.98
N ARG A 1358 30.45 -1.45 108.36
CA ARG A 1358 29.40 -1.69 109.35
C ARG A 1358 29.80 -2.86 110.25
N ILE A 1359 29.71 -2.64 111.56
CA ILE A 1359 29.87 -3.71 112.53
C ILE A 1359 28.62 -3.77 113.41
N ASP A 1360 28.30 -2.66 114.09
CA ASP A 1360 27.06 -2.54 114.83
C ASP A 1360 26.38 -1.18 114.66
N LYS A 1361 27.11 -0.14 114.27
CA LYS A 1361 26.55 1.19 114.09
C LYS A 1361 27.34 1.89 112.99
N ASP A 1362 27.22 3.22 112.91
CA ASP A 1362 27.94 3.99 111.93
C ASP A 1362 29.45 3.82 112.11
N LYS A 1363 30.13 3.39 111.06
CA LYS A 1363 31.57 3.11 111.13
C LYS A 1363 32.24 3.62 109.88
N GLU A 1364 33.20 4.52 110.06
CA GLU A 1364 34.08 4.98 108.98
C GLU A 1364 35.49 4.49 109.28
N THR A 1365 36.09 3.76 108.35
CA THR A 1365 37.43 3.24 108.55
C THR A 1365 38.40 3.99 107.66
N PRO A 1366 39.26 4.84 108.20
CA PRO A 1366 40.31 5.49 107.40
C PRO A 1366 41.53 4.57 107.25
N LYS A 1367 41.46 3.70 106.26
CA LYS A 1367 42.51 2.70 106.05
C LYS A 1367 43.77 3.41 105.57
N PRO A 1368 44.86 3.39 106.36
CA PRO A 1368 46.14 3.94 105.91
C PRO A 1368 47.02 2.88 105.25
N GLU A 1369 48.24 3.27 104.89
CA GLU A 1369 49.26 2.34 104.43
C GLU A 1369 50.59 2.66 105.10
N PHE A 1370 51.68 2.17 104.51
CA PHE A 1370 53.01 2.39 105.06
C PHE A 1370 53.27 3.86 105.38
N ASN A 1371 54.14 4.09 106.36
CA ASN A 1371 54.43 5.42 106.89
C ASN A 1371 53.16 6.10 107.41
N ASN A 1372 52.59 5.52 108.46
CA ASN A 1372 51.41 6.08 109.13
C ASN A 1372 51.79 6.42 110.57
N HIS A 1373 52.39 7.60 110.75
CA HIS A 1373 52.80 8.04 112.08
C HIS A 1373 52.40 9.48 112.41
N LYS A 1374 52.00 10.29 111.44
CA LYS A 1374 51.59 11.67 111.71
C LYS A 1374 50.25 12.02 111.09
N ASP A 1375 49.55 11.05 110.50
CA ASP A 1375 48.24 11.29 109.93
C ASP A 1375 47.17 11.10 111.00
N TYR A 1376 46.19 12.00 111.03
CA TYR A 1376 45.13 11.97 112.00
C TYR A 1376 43.80 11.74 111.28
N ALA A 1377 42.85 11.14 112.01
CA ALA A 1377 41.54 10.85 111.44
C ALA A 1377 40.50 10.98 112.55
N GLN A 1378 39.51 11.84 112.34
CA GLN A 1378 38.54 12.13 113.38
C GLN A 1378 37.28 12.71 112.74
N GLU A 1379 36.43 13.32 113.56
CA GLU A 1379 35.25 14.03 113.11
C GLU A 1379 35.31 15.45 113.65
N LYS A 1380 35.10 16.44 112.78
CA LYS A 1380 35.29 17.83 113.17
C LYS A 1380 34.11 18.68 112.76
N PRO A 1381 33.72 19.64 113.60
CA PRO A 1381 32.80 20.70 113.16
C PRO A 1381 33.52 21.72 112.30
N SER A 1382 32.86 22.83 111.98
CA SER A 1382 33.48 23.88 111.16
C SER A 1382 34.77 24.38 111.79
N ARG A 1383 35.89 24.07 111.16
CA ARG A 1383 37.21 24.52 111.62
C ARG A 1383 38.08 24.74 110.41
N LEU A 1384 38.51 25.99 110.21
CA LEU A 1384 39.18 26.40 108.97
C LEU A 1384 40.46 27.14 109.33
N LYS A 1385 41.52 26.39 109.61
CA LYS A 1385 42.82 26.95 109.95
C LYS A 1385 43.90 26.15 109.25
N GLN A 1386 44.73 26.84 108.46
CA GLN A 1386 45.81 26.20 107.74
C GLN A 1386 47.14 26.38 108.47
N UNK A 1387 47.70 25.27 108.95
CA UNK A 1387 48.97 25.29 109.67
C UNK A 1387 49.63 23.92 109.65
N UNK A 1388 50.25 23.55 110.76
CA UNK A 1388 50.90 22.24 110.87
C UNK A 1388 51.14 21.89 112.34
N UNK A 1389 50.08 21.45 113.01
CA UNK A 1389 50.17 21.08 114.43
C UNK A 1389 49.06 20.12 114.82
N UNK A 1390 49.23 19.47 115.96
CA UNK A 1390 48.24 18.52 116.46
C UNK A 1390 47.71 18.95 117.82
N UNK A 1391 48.45 19.82 118.49
CA UNK A 1391 48.05 20.35 119.78
C UNK A 1391 47.54 21.78 119.63
N UNK A 1392 46.88 22.29 120.66
CA UNK A 1392 46.31 23.63 120.66
C UNK A 1392 45.39 23.84 119.45
N UNK A 1393 44.28 23.12 119.44
CA UNK A 1393 43.33 23.20 118.34
C UNK A 1393 42.13 24.07 118.70
N UNK A 1394 42.38 25.09 119.52
CA UNK A 1394 41.35 26.03 119.94
C UNK A 1394 40.17 25.34 120.60
N UNK A 1395 40.28 25.09 121.90
CA UNK A 1395 39.22 24.43 122.65
C UNK A 1395 38.62 25.38 123.68
N UNK A 1396 37.59 24.91 124.38
CA UNK A 1396 36.93 25.68 125.44
C UNK A 1396 35.93 24.80 126.17
N UNK A 1397 35.61 25.17 127.40
CA UNK A 1397 34.62 24.44 128.19
C UNK A 1397 33.84 25.43 129.05
N UNK A 1398 32.56 25.59 128.74
CA UNK A 1398 31.71 26.51 129.48
C UNK A 1398 31.28 25.89 130.79
N UNK A 1399 31.09 26.75 131.79
CA UNK A 1399 30.61 26.29 133.09
C UNK A 1399 29.25 26.88 133.40
N UNK A 1400 28.49 26.19 134.25
CA UNK A 1400 27.21 26.68 134.72
C UNK A 1400 27.10 26.37 136.20
N UNK A 1401 27.28 27.39 137.03
CA UNK A 1401 27.29 27.21 138.48
C UNK A 1401 25.95 27.61 139.09
N UNK A 1402 25.84 27.42 140.40
CA UNK A 1402 24.63 27.79 141.12
C UNK A 1402 24.99 28.15 142.56
N UNK A 1403 23.99 28.12 143.45
CA UNK A 1403 24.22 28.38 144.85
C UNK A 1403 25.06 27.26 145.46
N UNK A 1404 24.83 26.04 145.00
CA UNK A 1404 25.59 24.88 145.45
C UNK A 1404 26.82 24.68 144.57
N UNK A 1405 27.94 24.39 145.21
CA UNK A 1405 29.20 24.19 144.49
C UNK A 1405 29.23 22.83 143.78
N UNK A 1406 28.37 21.92 144.23
CA UNK A 1406 28.30 20.59 143.64
C UNK A 1406 27.36 20.56 142.43
N UNK A 1407 26.62 21.64 142.24
CA UNK A 1407 25.68 21.73 141.13
C UNK A 1407 26.33 22.36 139.90
N UNK A 1408 27.64 22.61 139.99
CA UNK A 1408 28.37 23.21 138.88
C UNK A 1408 28.54 22.21 137.74
N UNK A 1409 27.85 22.47 136.63
CA UNK A 1409 27.93 21.60 135.47
C UNK A 1409 28.81 22.20 134.39
N UNK A 1410 29.82 21.45 133.95
CA UNK A 1410 30.74 21.93 132.93
C UNK A 1410 30.59 21.15 131.64
N UNK A 1411 30.50 21.86 130.52
CA UNK A 1411 30.37 21.24 129.21
C UNK A 1411 31.37 21.82 128.22
N UNK A 1412 32.18 20.96 127.61
CA UNK A 1412 33.15 21.41 126.62
C UNK A 1412 32.45 21.73 125.31
N UNK A 1413 33.04 22.61 124.52
CA UNK A 1413 32.47 23.00 123.23
C UNK A 1413 33.03 22.12 122.12
N UNK A 1414 33.62 20.99 122.52
CA UNK A 1414 34.23 20.04 121.59
C UNK A 1414 35.27 20.69 120.70
N UNK A 1415 35.87 21.77 121.21
CA UNK A 1415 36.87 22.55 120.47
C UNK A 1415 36.34 22.94 119.09
N UNK A 1416 37.23 22.89 118.10
CA UNK A 1416 36.84 23.13 116.73
C UNK A 1416 36.99 21.85 115.93
N UNK A 1417 37.65 20.87 116.54
CA UNK A 1417 37.89 19.58 115.90
C UNK A 1417 38.18 18.51 116.95
N UNK A 1418 37.29 17.54 117.08
CA UNK A 1418 37.47 16.46 118.03
C UNK A 1418 38.56 15.51 117.54
N UNK A 1419 39.81 15.96 117.63
CA UNK A 1419 40.93 15.20 117.10
C UNK A 1419 41.09 13.84 117.79
N UNK A 1420 41.77 12.94 117.09
CA UNK A 1420 42.02 11.59 117.59
C UNK A 1420 43.36 11.11 117.03
N UNK A 1421 44.25 10.71 117.94
CA UNK A 1421 45.61 10.31 117.54
C UNK A 1421 45.62 8.95 116.82
N UNK A 1422 46.53 8.81 115.87
CA UNK A 1422 46.76 7.53 115.21
C UNK A 1422 48.11 6.97 115.64
N UNK A 1423 48.11 6.23 116.74
CA UNK A 1423 49.35 5.69 117.31
C UNK A 1423 49.20 4.23 117.68
N UNK A 1424 49.83 3.35 116.91
CA UNK A 1424 49.81 1.92 117.18
C UNK A 1424 51.03 1.51 117.99
N UNK A 1425 50.79 1.10 119.24
CA UNK A 1425 51.89 0.69 120.12
C UNK A 1425 52.19 -0.80 119.96
N UNK A 1426 52.31 -1.24 118.72
CA UNK A 1426 52.64 -2.63 118.42
C UNK A 1426 53.92 -2.70 117.60
N UNK A 1427 54.12 -1.70 116.75
CA UNK A 1427 55.29 -1.66 115.88
C UNK A 1427 55.51 -0.24 115.36
N UNK A 1428 56.49 0.45 115.93
CA UNK A 1428 56.76 1.85 115.61
C UNK A 1428 57.33 2.00 114.19
N UNK A 1429 58.65 1.83 114.05
CA UNK A 1429 59.29 1.88 112.74
C UNK A 1429 58.78 0.72 111.90
N UNK A 1430 57.56 0.86 111.37
CA UNK A 1430 56.90 -0.27 110.72
C UNK A 1430 55.77 0.14 109.78
N UNK A 1431 55.22 -0.87 109.12
CA UNK A 1431 54.09 -0.68 108.21
C UNK A 1431 53.05 -1.77 108.43
N UNK A 1432 51.80 -1.36 108.63
CA UNK A 1432 50.72 -2.31 108.85
C UNK A 1432 49.38 -1.72 108.39
N UNK A 1433 48.52 -2.57 107.85
CA UNK A 1433 47.21 -2.14 107.38
C UNK A 1433 46.26 -1.94 108.56
N UNK A 1434 46.38 -0.78 109.23
CA UNK A 1434 45.55 -0.48 110.39
C UNK A 1434 44.13 -0.15 109.98
N UNK A 1435 43.29 0.13 110.97
CA UNK A 1435 41.89 0.47 110.74
C UNK A 1435 41.32 1.27 111.89
N UNK A 1436 41.98 2.38 112.22
CA UNK A 1436 41.53 3.23 113.31
C UNK A 1436 40.20 3.90 112.98
N UNK A 1437 39.12 3.14 113.12
CA UNK A 1437 37.80 3.63 112.73
C UNK A 1437 37.23 4.56 113.80
N UNK A 1438 36.19 5.30 113.43
CA UNK A 1438 35.51 6.19 114.36
C UNK A 1438 34.02 5.89 114.36
N UNK A 1439 33.40 6.02 115.53
CA UNK A 1439 31.98 5.73 115.67
C UNK A 1439 31.27 6.80 116.50
N UNK A 1440 30.12 7.25 116.01
CA UNK A 1440 29.32 8.24 116.72
C UNK A 1440 28.08 7.58 117.30
N UNK A 1441 27.82 7.83 118.59
CA UNK A 1441 26.69 7.24 119.27
C UNK A 1441 25.36 7.77 118.72
N UNK A 1442 24.64 6.92 118.01
CA UNK A 1442 23.35 7.30 117.44
C UNK A 1442 22.35 6.16 117.59
N UNK A 1443 21.37 6.11 116.70
CA UNK A 1443 20.34 5.08 116.74
C UNK A 1443 20.91 3.72 116.34
N UNK A 1444 20.11 2.67 116.54
CA UNK A 1444 20.54 1.32 116.21
C UNK A 1444 19.34 0.46 115.84
N UNK A 1445 19.54 -0.48 114.91
CA UNK A 1445 18.48 -1.37 114.47
C UNK A 1445 19.03 -2.78 114.21
N UNK A 1446 18.15 -3.77 114.25
CA UNK A 1446 18.55 -5.15 114.04
C UNK A 1446 17.95 -5.70 112.74
N PRO A 1566 23.12 2.65 111.75
CA PRO A 1566 23.91 1.43 111.54
C PRO A 1566 25.07 1.65 110.56
N LEU A 1567 25.09 2.81 109.92
CA LEU A 1567 26.08 3.11 108.90
C LEU A 1567 26.35 4.61 108.89
N SER A 1568 27.49 4.98 108.30
CA SER A 1568 27.79 6.39 108.10
C SER A 1568 26.80 7.02 107.13
N ALA A 1569 26.73 6.48 105.91
CA ALA A 1569 25.80 7.00 104.92
C ALA A 1569 24.35 6.79 105.31
N GLY A 1570 24.07 5.88 106.24
CA GLY A 1570 22.71 5.62 106.67
C GLY A 1570 22.27 6.48 107.83
N LEU A 1571 22.95 7.60 108.06
CA LEU A 1571 22.63 8.47 109.18
C LEU A 1571 22.49 9.94 108.82
N PHE A 1572 23.03 10.40 107.68
CA PHE A 1572 22.87 11.78 107.26
C PHE A 1572 22.10 11.91 105.95
N LYS A 1573 21.33 10.89 105.59
CA LYS A 1573 20.53 10.91 104.37
C LYS A 1573 19.05 10.81 104.74
N SER A 1574 18.21 10.67 103.71
CA SER A 1574 16.78 10.58 103.94
C SER A 1574 16.41 9.26 104.62
N GLU A 1575 16.84 8.14 104.05
CA GLU A 1575 16.54 6.83 104.59
C GLU A 1575 17.59 6.43 105.62
N HIS A 1576 17.18 5.59 106.56
CA HIS A 1576 18.08 5.08 107.60
C HIS A 1576 18.00 3.57 107.81
N LYS A 1577 16.96 2.90 107.30
CA LYS A 1577 16.78 1.48 107.52
C LYS A 1577 17.52 0.63 106.51
N ASN A 1578 18.55 1.18 105.85
CA ASN A 1578 19.29 0.46 104.82
C ASN A 1578 20.63 0.03 105.39
N PRO A 1579 20.80 -1.25 105.76
CA PRO A 1579 22.09 -1.72 106.28
C PRO A 1579 23.14 -2.01 105.22
N VAL A 1580 22.92 -1.61 103.98
CA VAL A 1580 23.90 -1.84 102.91
C VAL A 1580 24.83 -0.63 102.85
N PRO A 1581 26.14 -0.83 102.83
CA PRO A 1581 27.09 0.31 102.75
C PRO A 1581 27.34 0.81 101.33
N GLN A 1582 26.46 1.69 100.85
CA GLN A 1582 26.65 2.33 99.56
C GLN A 1582 27.17 3.76 99.75
N CYS A 1583 27.70 4.31 98.67
CA CYS A 1583 28.25 5.67 98.69
C CYS A 1583 27.52 6.52 97.65
N PRO A 1584 26.65 7.43 98.08
CA PRO A 1584 25.96 8.31 97.13
C PRO A 1584 26.94 9.26 96.46
N PRO A 1585 26.59 9.82 95.30
CA PRO A 1585 27.52 10.72 94.61
C PRO A 1585 27.81 12.00 95.38
N ARG A 1586 26.99 12.36 96.37
CA ARG A 1586 27.25 13.57 97.14
C ARG A 1586 28.47 13.39 98.04
N LEU A 1587 28.75 12.18 98.49
CA LEU A 1587 29.91 11.92 99.33
C LEU A 1587 31.18 11.98 98.51
N HIS A 1588 31.81 13.15 98.46
CA HIS A 1588 33.08 13.33 97.77
C HIS A 1588 34.03 14.07 98.69
N VAL A 1589 35.31 13.71 98.63
CA VAL A 1589 36.30 14.32 99.50
C VAL A 1589 36.50 15.78 99.12
N GLN A 1590 36.76 16.62 100.13
CA GLN A 1590 36.99 18.04 99.94
C GLN A 1590 38.25 18.40 100.73
N PHE A 1591 39.18 19.06 100.07
CA PHE A 1591 40.42 19.47 100.71
C PHE A 1591 40.38 20.94 101.09
N LEU A 1592 41.06 21.27 102.18
CA LEU A 1592 41.13 22.64 102.68
C LEU A 1592 41.96 23.46 101.70
N SER A 1593 41.28 24.21 100.83
CA SER A 1593 41.93 24.91 99.74
C SER A 1593 42.14 26.37 100.07
N HIS A 1594 42.81 27.08 99.16
CA HIS A 1594 43.05 28.50 99.30
C HIS A 1594 42.60 29.32 98.09
N VAL A 1595 42.23 28.68 96.98
CA VAL A 1595 41.78 29.39 95.79
C VAL A 1595 40.32 29.80 95.95
N LEU A 1596 40.10 31.02 96.43
CA LEU A 1596 38.76 31.52 96.70
C LEU A 1596 38.78 33.03 96.67
N TRP A 1597 37.59 33.61 96.47
CA TRP A 1597 37.43 35.05 96.43
C TRP A 1597 36.28 35.45 97.35
N SER A 1598 36.46 36.58 98.03
CA SER A 1598 35.41 37.19 98.84
C SER A 1598 34.96 38.49 98.18
N ARG A 1599 33.73 38.89 98.50
CA ARG A 1599 33.11 40.07 97.91
C ARG A 1599 33.04 41.19 98.95
N MET A 1600 33.51 42.37 98.56
CA MET A 1600 33.45 43.52 99.46
C MET A 1600 32.10 44.21 99.32
N PRO A 1601 31.36 44.40 100.41
CA PRO A 1601 30.07 45.09 100.31
C PRO A 1601 30.25 46.54 99.90
N ASN A 1602 29.31 47.02 99.10
CA ASN A 1602 29.36 48.38 98.59
C ASN A 1602 28.83 49.41 99.58
N GLN A 1603 28.45 49.00 100.79
CA GLN A 1603 27.93 49.94 101.77
C GLN A 1603 28.06 49.29 103.15
N PHE A 1604 28.89 49.88 104.01
CA PHE A 1604 29.18 49.32 105.31
C PHE A 1604 28.23 49.89 106.36
N LEU A 1605 28.52 49.66 107.65
CA LEU A 1605 27.64 50.10 108.71
C LEU A 1605 27.74 51.59 109.00
N LYS A 1606 28.86 52.23 108.66
CA LYS A 1606 29.05 53.67 108.82
C LYS A 1606 28.86 54.09 110.28
N VAL A 1607 29.79 53.61 111.11
CA VAL A 1607 29.75 53.85 112.55
C VAL A 1607 30.83 54.85 112.93
N ASP A 1608 30.43 55.89 113.67
CA ASP A 1608 31.35 56.81 114.30
C ASP A 1608 31.38 56.53 115.80
N VAL A 1609 32.56 56.66 116.42
CA VAL A 1609 32.67 56.20 117.79
C VAL A 1609 32.36 57.32 118.78
N SER A 1610 33.18 58.36 118.83
CA SER A 1610 32.86 59.46 119.74
C SER A 1610 32.97 60.83 119.09
N ARG A 1611 34.02 61.06 118.30
CA ARG A 1611 34.35 62.35 117.68
C ARG A 1611 34.56 63.45 118.71
N ILE A 1612 34.46 63.14 120.00
CA ILE A 1612 34.75 64.10 121.05
C ILE A 1612 35.79 63.52 122.00
N SER A 1613 35.85 62.19 122.06
CA SER A 1613 36.76 61.46 122.94
C SER A 1613 36.66 61.99 124.37
N GLU A 1614 35.46 61.91 124.93
CA GLU A 1614 35.20 62.47 126.24
C GLU A 1614 35.92 61.68 127.32
N ARG A 1615 36.09 62.32 128.48
CA ARG A 1615 36.76 61.71 129.61
C ARG A 1615 35.85 60.80 130.42
N GLN A 1616 34.56 60.74 130.08
CA GLN A 1616 33.60 59.91 130.80
C GLN A 1616 33.43 58.53 130.16
N GLY A 1617 34.33 58.13 129.27
CA GLY A 1617 34.23 56.83 128.64
C GLY A 1617 34.54 56.85 127.16
N TRP A 1618 34.75 55.68 126.57
CA TRP A 1618 34.98 55.53 125.14
C TRP A 1618 33.65 55.17 124.48
N LEU A 1619 33.09 56.10 123.73
CA LEU A 1619 31.76 55.94 123.17
C LEU A 1619 31.82 55.32 121.78
N VAL A 1620 30.77 54.60 121.43
CA VAL A 1620 30.52 54.10 120.08
C VAL A 1620 29.01 54.20 119.85
N GLN A 1621 28.61 54.61 118.65
CA GLN A 1621 27.19 54.84 118.37
C GLN A 1621 26.90 54.54 116.91
N CYS A 1622 25.82 53.82 116.67
CA CYS A 1622 25.37 53.54 115.30
C CYS A 1622 23.88 53.23 115.34
N LEU A 1623 23.05 54.13 114.81
CA LEU A 1623 21.62 53.91 114.74
C LEU A 1623 21.12 53.59 113.33
N ASP A 1624 21.85 53.96 112.30
CA ASP A 1624 21.45 53.63 110.94
C ASP A 1624 21.53 52.11 110.74
N PRO A 1625 20.46 51.46 110.31
CA PRO A 1625 20.48 50.01 110.17
C PRO A 1625 21.02 49.58 108.82
N LEU A 1626 21.35 48.28 108.74
CA LEU A 1626 21.86 47.69 107.51
C LEU A 1626 21.62 46.18 107.56
N GLN A 1627 20.93 45.66 106.54
CA GLN A 1627 20.66 44.23 106.44
C GLN A 1627 21.11 43.72 105.09
N PHE A 1628 21.30 42.41 105.00
CA PHE A 1628 21.65 41.77 103.75
C PHE A 1628 21.08 40.36 103.72
N MET A 1629 20.87 39.86 102.50
CA MET A 1629 20.31 38.54 102.28
C MET A 1629 21.43 37.51 102.24
N SER A 1630 21.32 36.49 103.08
CA SER A 1630 22.33 35.44 103.22
C SER A 1630 21.72 34.12 102.77
N LEU A 1631 22.34 33.50 101.76
CA LEU A 1631 22.02 32.14 101.38
C LEU A 1631 22.69 31.17 102.35
N HIS A 1632 22.02 30.04 102.59
CA HIS A 1632 22.50 29.04 103.54
C HIS A 1632 22.53 27.69 102.85
N ILE A 1633 23.72 27.12 102.73
CA ILE A 1633 23.89 25.74 102.28
C ILE A 1633 23.82 24.85 103.52
N PRO A 1634 22.80 24.01 103.67
CA PRO A 1634 22.65 23.23 104.89
C PRO A 1634 23.56 22.01 104.92
N GLU A 1635 23.78 21.39 103.76
CA GLU A 1635 24.64 20.22 103.69
C GLU A 1635 26.07 20.57 104.13
N GLU A 1636 26.53 21.78 103.80
CA GLU A 1636 27.82 22.26 104.28
C GLU A 1636 27.71 23.10 105.54
N ASN A 1637 26.48 23.45 105.95
CA ASN A 1637 26.25 24.27 107.14
C ASN A 1637 27.02 25.58 107.05
N ARG A 1638 26.83 26.30 105.95
CA ARG A 1638 27.58 27.52 105.72
C ARG A 1638 26.69 28.62 105.14
N SER A 1639 26.96 29.86 105.54
CA SER A 1639 26.23 31.02 105.05
C SER A 1639 27.11 31.83 104.12
N VAL A 1640 26.52 32.35 103.06
CA VAL A 1640 27.24 33.13 102.05
C VAL A 1640 26.34 34.25 101.56
N ASP A 1641 26.94 35.42 101.31
CA ASP A 1641 26.17 36.54 100.78
C ASP A 1641 25.53 36.16 99.45
N ILE A 1642 24.23 36.45 99.32
CA ILE A 1642 23.50 36.07 98.10
C ILE A 1642 24.04 36.79 96.88
N LEU A 1643 24.68 37.95 97.07
CA LEU A 1643 25.25 38.67 95.94
C LEU A 1643 26.54 38.04 95.43
N GLU A 1644 27.15 37.15 96.22
CA GLU A 1644 28.36 36.46 95.79
C GLU A 1644 28.07 35.39 94.75
N LEU A 1645 26.80 35.04 94.51
CA LEU A 1645 26.47 34.05 93.49
C LEU A 1645 26.66 34.58 92.08
N THR A 1646 27.07 35.84 91.91
CA THR A 1646 27.33 36.37 90.58
C THR A 1646 28.48 35.64 89.91
N GLU A 1647 29.46 35.17 90.70
CA GLU A 1647 30.61 34.48 90.16
C GLU A 1647 30.41 32.96 90.13
N GLN A 1648 29.81 32.39 91.16
CA GLN A 1648 29.56 30.95 91.22
C GLN A 1648 28.43 30.60 90.26
N GLU A 1649 28.77 29.86 89.20
CA GLU A 1649 27.79 29.54 88.17
C GLU A 1649 26.84 28.43 88.60
N GLU A 1650 27.27 27.55 89.49
CA GLU A 1650 26.43 26.44 89.92
C GLU A 1650 25.29 26.95 90.79
N LEU A 1651 25.63 27.59 91.91
CA LEU A 1651 24.61 28.03 92.86
C LEU A 1651 23.70 29.08 92.24
N LEU A 1652 24.23 29.92 91.36
CA LEU A 1652 23.39 30.89 90.65
C LEU A 1652 22.29 30.17 89.88
N GLN A 1653 22.66 29.20 89.05
CA GLN A 1653 21.69 28.48 88.23
C GLN A 1653 20.74 27.66 89.10
N PHE A 1654 21.26 27.01 90.14
CA PHE A 1654 20.43 26.19 91.01
C PHE A 1654 19.40 27.03 91.75
N HIS A 1655 19.79 28.22 92.21
CA HIS A 1655 18.84 29.08 92.91
C HIS A 1655 17.85 29.70 91.94
N TYR A 1656 18.28 30.02 90.71
CA TYR A 1656 17.31 30.46 89.71
C TYR A 1656 16.27 29.37 89.44
N HIS A 1657 16.71 28.12 89.34
CA HIS A 1657 15.78 27.03 89.07
C HIS A 1657 14.89 26.74 90.27
N THR A 1658 15.41 26.89 91.49
CA THR A 1658 14.54 26.68 92.65
C THR A 1658 13.54 27.81 92.82
N LEU A 1659 13.89 29.03 92.39
CA LEU A 1659 12.91 30.09 92.35
C LEU A 1659 11.84 29.82 91.30
N ARG A 1660 12.25 29.29 90.15
CA ARG A 1660 11.27 28.88 89.14
C ARG A 1660 10.37 27.78 89.68
N LEU A 1661 10.92 26.85 90.48
CA LEU A 1661 10.10 25.80 91.06
C LEU A 1661 9.12 26.38 92.09
N TYR A 1662 9.59 27.29 92.94
CA TYR A 1662 8.70 27.96 93.88
C TYR A 1662 7.56 28.66 93.14
N SER A 1663 7.87 29.27 92.00
CA SER A 1663 6.83 29.93 91.23
C SER A 1663 5.86 28.92 90.63
N ALA A 1664 6.38 27.83 90.07
CA ALA A 1664 5.53 26.89 89.34
C ALA A 1664 4.69 26.02 90.27
N VAL A 1665 5.14 25.78 91.50
CA VAL A 1665 4.37 24.92 92.40
C VAL A 1665 3.11 25.61 92.91
N CYS A 1666 3.01 26.92 92.77
CA CYS A 1666 1.81 27.66 93.16
C CYS A 1666 1.43 28.71 92.12
N ALA A 1667 1.81 28.49 90.86
CA ALA A 1667 1.55 29.46 89.81
C ALA A 1667 0.05 29.78 89.69
N LEU A 1668 -0.77 28.75 89.51
CA LEU A 1668 -2.20 28.95 89.33
C LEU A 1668 -2.86 29.20 90.69
N GLY A 1669 -4.18 29.15 90.74
CA GLY A 1669 -4.91 29.47 91.95
C GLY A 1669 -4.79 28.44 93.04
N ASN A 1670 -3.56 28.11 93.42
CA ASN A 1670 -3.27 27.19 94.51
C ASN A 1670 -2.69 28.01 95.66
N HIS A 1671 -3.49 28.26 96.68
CA HIS A 1671 -3.07 29.12 97.79
C HIS A 1671 -2.54 28.36 98.99
N ARG A 1672 -2.89 27.09 99.14
CA ARG A 1672 -2.40 26.32 100.28
C ARG A 1672 -0.88 26.19 100.25
N VAL A 1673 -0.29 26.17 99.05
CA VAL A 1673 1.16 26.13 98.94
C VAL A 1673 1.79 27.52 99.05
N ALA A 1674 1.09 28.56 98.58
CA ALA A 1674 1.62 29.91 98.69
C ALA A 1674 1.68 30.37 100.14
N HIS A 1675 0.70 29.98 100.95
CA HIS A 1675 0.73 30.33 102.36
C HIS A 1675 1.94 29.74 103.08
N ALA A 1676 2.52 28.67 102.53
CA ALA A 1676 3.75 28.13 103.08
C ALA A 1676 4.98 28.76 102.44
N LEU A 1677 4.94 28.98 101.12
CA LEU A 1677 6.09 29.54 100.43
C LEU A 1677 6.41 30.95 100.89
N CYS A 1678 5.40 31.72 101.29
CA CYS A 1678 5.65 33.08 101.77
C CYS A 1678 6.66 33.07 102.92
N SER A 1679 6.40 32.27 103.94
CA SER A 1679 7.35 32.15 105.04
C SER A 1679 8.58 31.32 104.66
N HIS A 1680 8.45 30.41 103.70
CA HIS A 1680 9.61 29.63 103.30
C HIS A 1680 10.68 30.50 102.67
N VAL A 1681 10.30 31.60 102.03
CA VAL A 1681 11.33 32.52 101.57
C VAL A 1681 11.49 33.64 102.60
N ASP A 1682 10.50 34.54 102.71
CA ASP A 1682 10.34 35.51 103.78
C ASP A 1682 9.16 36.42 103.44
N GLU A 1683 8.79 37.29 104.36
CA GLU A 1683 7.95 38.43 104.01
C GLU A 1683 8.77 39.57 103.41
N PRO A 1684 9.82 40.08 104.09
CA PRO A 1684 10.53 41.25 103.57
C PRO A 1684 11.73 40.94 102.68
N GLN A 1685 12.15 39.68 102.59
CA GLN A 1685 13.24 39.34 101.70
C GLN A 1685 12.87 39.58 100.24
N LEU A 1686 11.59 39.40 99.89
CA LEU A 1686 11.15 39.72 98.54
C LEU A 1686 11.37 41.19 98.24
N LEU A 1687 10.99 42.06 99.18
CA LEU A 1687 11.22 43.50 99.00
C LEU A 1687 12.71 43.80 98.90
N TYR A 1688 13.52 43.19 99.76
CA TYR A 1688 14.96 43.45 99.71
C TYR A 1688 15.56 43.01 98.39
N ALA A 1689 15.10 41.87 97.86
CA ALA A 1689 15.65 41.34 96.61
C ALA A 1689 15.21 42.16 95.42
N ILE A 1690 13.96 42.65 95.43
CA ILE A 1690 13.52 43.48 94.33
C ILE A 1690 14.07 44.90 94.42
N GLU A 1691 14.53 45.34 95.59
CA GLU A 1691 15.11 46.67 95.73
C GLU A 1691 16.62 46.70 95.53
N ASN A 1692 17.32 45.62 95.86
CA ASN A 1692 18.78 45.62 95.79
C ASN A 1692 19.27 45.90 94.39
N LYS A 1693 20.14 46.90 94.26
CA LYS A 1693 20.70 47.26 92.95
C LYS A 1693 21.73 46.23 92.48
N TYR A 1694 22.43 45.60 93.42
CA TYR A 1694 23.42 44.58 93.08
C TYR A 1694 22.75 43.23 93.15
N MET A 1695 22.41 42.66 91.99
CA MET A 1695 21.81 41.35 91.90
C MET A 1695 22.31 40.65 90.64
N PRO A 1696 22.42 39.33 90.67
CA PRO A 1696 22.89 38.62 89.47
C PRO A 1696 21.97 38.80 88.27
N GLY A 1697 20.68 39.04 88.51
CA GLY A 1697 19.72 39.25 87.45
C GLY A 1697 18.81 38.07 87.29
N LEU A 1698 19.38 36.86 87.30
CA LEU A 1698 18.55 35.66 87.29
C LEU A 1698 17.78 35.55 88.59
N LEU A 1699 18.46 35.75 89.73
CA LEU A 1699 17.75 35.78 91.01
C LEU A 1699 16.79 36.94 91.10
N ARG A 1700 17.11 38.07 90.48
CA ARG A 1700 16.18 39.20 90.50
C ARG A 1700 14.89 38.85 89.77
N ALA A 1701 14.99 38.32 88.55
CA ALA A 1701 13.81 37.90 87.82
C ALA A 1701 13.06 36.81 88.57
N GLY A 1702 13.79 35.87 89.18
CA GLY A 1702 13.13 34.80 89.92
C GLY A 1702 12.35 35.32 91.11
N TYR A 1703 12.94 36.24 91.87
CA TYR A 1703 12.26 36.79 93.04
C TYR A 1703 11.08 37.65 92.63
N TYR A 1704 11.21 38.41 91.54
CA TYR A 1704 10.08 39.18 91.03
C TYR A 1704 8.92 38.26 90.66
N ASP A 1705 9.21 37.22 89.88
CA ASP A 1705 8.16 36.28 89.47
C ASP A 1705 7.57 35.58 90.68
N LEU A 1706 8.39 35.26 91.68
CA LEU A 1706 7.90 34.59 92.87
C LEU A 1706 6.94 35.50 93.65
N LEU A 1707 7.31 36.76 93.83
CA LEU A 1707 6.41 37.72 94.47
C LEU A 1707 5.09 37.81 93.70
N ILE A 1708 5.19 37.96 92.38
CA ILE A 1708 3.97 38.08 91.56
C ILE A 1708 3.09 36.85 91.73
N ASP A 1709 3.70 35.66 91.75
CA ASP A 1709 2.90 34.43 91.78
C ASP A 1709 2.29 34.19 93.15
N ILE A 1710 3.02 34.49 94.24
CA ILE A 1710 2.54 34.14 95.56
C ILE A 1710 1.78 35.27 96.24
N HIS A 1711 1.72 36.46 95.64
CA HIS A 1711 1.02 37.54 96.33
C HIS A 1711 0.01 38.26 95.43
N LEU A 1712 0.22 38.23 94.12
CA LEU A 1712 -0.55 39.08 93.21
C LEU A 1712 -1.20 38.32 92.06
N SER A 1713 -0.70 37.16 91.68
CA SER A 1713 -1.17 36.50 90.46
C SER A 1713 -2.62 36.06 90.56
N SER A 1714 -3.08 35.65 91.75
CA SER A 1714 -4.44 35.16 91.88
C SER A 1714 -5.44 36.24 91.49
N TYR A 1715 -5.39 37.39 92.16
CA TYR A 1715 -6.31 38.47 91.85
C TYR A 1715 -6.03 39.08 90.47
N ALA A 1716 -4.76 39.05 90.02
CA ALA A 1716 -4.46 39.54 88.69
C ALA A 1716 -5.19 38.73 87.62
N THR A 1717 -5.11 37.41 87.68
CA THR A 1717 -5.82 36.58 86.71
C THR A 1717 -7.33 36.67 86.91
N ALA A 1718 -7.79 36.84 88.15
CA ALA A 1718 -9.22 37.03 88.37
C ALA A 1718 -9.72 38.26 87.62
N ARG A 1719 -8.97 39.36 87.67
CA ARG A 1719 -9.37 40.57 86.95
C ARG A 1719 -9.22 40.40 85.45
N LEU A 1720 -8.17 39.71 84.99
CA LEU A 1720 -8.04 39.46 83.56
C LEU A 1720 -9.19 38.62 83.04
N MET A 1721 -9.70 37.70 83.86
CA MET A 1721 -10.87 36.91 83.47
C MET A 1721 -12.11 37.79 83.42
N MET A 1722 -12.44 38.43 84.54
CA MET A 1722 -13.62 39.31 84.58
C MET A 1722 -13.25 40.76 84.25
N ASN A 1723 -12.53 40.94 83.15
CA ASN A 1723 -12.19 42.27 82.65
C ASN A 1723 -12.98 42.68 81.41
N ASN A 1724 -13.43 41.72 80.59
CA ASN A 1724 -14.21 42.03 79.40
C ASN A 1724 -15.71 42.06 79.65
N GLU A 1725 -16.14 41.89 80.90
CA GLU A 1725 -17.55 41.93 81.27
C GLU A 1725 -17.83 43.28 81.93
N PHE A 1726 -18.58 44.13 81.24
CA PHE A 1726 -18.87 45.48 81.71
C PHE A 1726 -20.24 45.48 82.40
N ILE A 1727 -20.25 45.00 83.63
CA ILE A 1727 -21.47 44.98 84.43
C ILE A 1727 -21.53 46.27 85.23
N VAL A 1728 -22.62 47.02 85.07
CA VAL A 1728 -22.77 48.35 85.64
C VAL A 1728 -23.97 48.39 86.57
N PRO A 1729 -23.89 49.07 87.72
CA PRO A 1729 -25.09 49.28 88.54
C PRO A 1729 -25.87 50.50 88.07
N MET A 1730 -26.92 50.88 88.79
CA MET A 1730 -27.73 52.05 88.44
C MET A 1730 -27.76 53.05 89.58
N THR A 1731 -26.68 53.09 90.36
CA THR A 1731 -26.55 54.03 91.46
C THR A 1731 -26.34 55.44 90.92
N GLU A 1732 -26.46 56.42 91.82
CA GLU A 1732 -26.26 57.81 91.42
C GLU A 1732 -24.81 58.11 91.05
N GLU A 1733 -23.86 57.29 91.49
CA GLU A 1733 -22.47 57.50 91.11
C GLU A 1733 -22.24 57.23 89.63
N THR A 1734 -23.05 56.34 89.03
CA THR A 1734 -22.93 56.08 87.61
C THR A 1734 -23.34 57.29 86.79
N LYS A 1735 -24.36 58.02 87.24
CA LYS A 1735 -24.84 59.21 86.55
C LYS A 1735 -23.99 60.44 86.83
N SER A 1736 -22.82 60.28 87.45
CA SER A 1736 -21.93 61.41 87.68
C SER A 1736 -20.90 61.55 86.55
N ILE A 1737 -20.72 60.53 85.74
CA ILE A 1737 -19.73 60.56 84.67
C ILE A 1737 -20.40 60.76 83.30
N THR A 1738 -21.61 61.29 83.27
CA THR A 1738 -22.29 61.58 82.01
C THR A 1738 -21.58 62.65 81.20
N LEU A 1739 -20.57 63.32 81.77
CA LEU A 1739 -19.82 64.34 81.05
C LEU A 1739 -18.67 63.75 80.24
N PHE A 1740 -17.98 62.73 80.80
CA PHE A 1740 -16.83 62.02 80.23
C PHE A 1740 -15.97 62.98 79.44
N PRO A 1741 -15.18 63.83 80.13
CA PRO A 1741 -14.61 65.03 79.51
C PRO A 1741 -13.92 64.81 78.17
N ASP A 1742 -14.49 65.42 77.13
CA ASP A 1742 -13.91 65.42 75.79
C ASP A 1742 -13.95 66.80 75.14
N GLU A 1743 -14.89 67.65 75.51
CA GLU A 1743 -15.01 68.99 74.94
C GLU A 1743 -14.13 69.99 75.68
N ASN A 1744 -14.33 71.27 75.37
CA ASN A 1744 -13.60 72.42 75.92
C ASN A 1744 -12.09 72.18 76.00
N LYS A 1745 -11.54 71.55 74.96
CA LYS A 1745 -10.09 71.39 74.80
C LYS A 1745 -9.49 70.54 75.92
N LYS A 1746 -9.96 69.30 76.02
CA LYS A 1746 -9.39 68.32 76.93
C LYS A 1746 -9.89 66.94 76.55
N HIS A 1747 -9.09 65.91 76.87
CA HIS A 1747 -9.45 64.54 76.55
C HIS A 1747 -9.37 63.66 77.79
N GLY A 1748 -8.53 64.04 78.75
CA GLY A 1748 -8.36 63.27 79.97
C GLY A 1748 -7.28 62.22 79.86
N LEU A 1749 -6.94 61.64 81.00
CA LEU A 1749 -5.92 60.59 81.03
C LEU A 1749 -6.57 59.23 81.23
N PRO A 1750 -6.03 58.19 80.60
CA PRO A 1750 -6.61 56.85 80.74
C PRO A 1750 -6.43 56.32 82.16
N GLY A 1751 -7.53 55.87 82.75
CA GLY A 1751 -7.53 55.35 84.10
C GLY A 1751 -7.86 56.36 85.18
N ILE A 1752 -8.04 57.62 84.82
CA ILE A 1752 -8.38 58.68 85.77
C ILE A 1752 -9.88 58.92 85.71
N GLY A 1753 -10.50 59.03 86.89
CA GLY A 1753 -11.92 59.24 86.97
C GLY A 1753 -12.62 58.33 87.95
N LEU A 1754 -13.81 57.87 87.60
CA LEU A 1754 -14.62 57.03 88.47
C LEU A 1754 -14.99 55.75 87.72
N SER A 1755 -14.94 54.62 88.43
CA SER A 1755 -15.20 53.33 87.81
C SER A 1755 -16.67 52.97 87.83
N THR A 1756 -17.25 52.86 89.02
CA THR A 1756 -18.65 52.46 89.21
C THR A 1756 -19.02 51.27 88.31
N SER A 1757 -18.17 50.25 88.34
CA SER A 1757 -18.39 49.02 87.60
C SER A 1757 -18.16 47.84 88.53
N LEU A 1758 -18.87 46.75 88.26
CA LEU A 1758 -18.81 45.59 89.14
C LEU A 1758 -17.51 44.83 88.92
N ARG A 1759 -16.67 44.79 89.95
CA ARG A 1759 -15.36 44.16 89.90
C ARG A 1759 -15.23 43.18 91.05
N PRO A 1760 -14.42 42.13 90.87
CA PRO A 1760 -14.27 41.14 91.95
C PRO A 1760 -13.61 41.75 93.17
N ARG A 1761 -14.20 41.50 94.34
CA ARG A 1761 -13.66 42.02 95.59
C ARG A 1761 -12.32 41.35 95.89
N MET A 1762 -11.32 42.17 96.21
CA MET A 1762 -10.00 41.65 96.56
C MET A 1762 -9.87 41.55 98.07
N ARG A 1763 -9.21 40.48 98.51
CA ARG A 1763 -8.92 40.27 99.92
C ARG A 1763 -7.78 39.27 100.04
N PHE A 1764 -6.92 39.47 101.03
CA PHE A 1764 -5.77 38.61 101.25
C PHE A 1764 -5.72 38.23 102.72
N SER A 1765 -5.77 36.92 102.99
CA SER A 1765 -5.71 36.46 104.36
C SER A 1765 -4.32 36.66 104.94
N SER A 1766 -4.26 36.85 106.26
CA SER A 1766 -2.99 37.10 106.93
C SER A 1766 -2.26 35.79 107.16
N PRO A 1767 -1.03 35.63 106.66
CA PRO A 1767 -0.30 34.38 106.88
C PRO A 1767 0.13 34.19 108.33
N SER A 1768 -0.50 33.24 109.02
CA SER A 1768 -0.13 32.93 110.39
C SER A 1768 -0.20 31.41 110.58
N PHE A 1769 0.87 30.83 111.10
CA PHE A 1769 0.96 29.39 111.27
C PHE A 1769 0.71 28.93 112.69
N VAL A 1770 0.85 29.82 113.68
CA VAL A 1770 0.50 29.45 115.05
C VAL A 1770 -1.01 29.29 115.20
N SER A 1771 -1.79 29.87 114.29
CA SER A 1771 -3.25 29.76 114.33
C SER A 1771 -3.64 28.40 113.77
N ILE A 1772 -4.05 27.50 114.66
CA ILE A 1772 -4.49 26.18 114.23
C ILE A 1772 -5.86 26.29 113.58
N SER A 1773 -6.09 25.44 112.56
CA SER A 1773 -7.37 25.34 111.88
C SER A 1773 -7.81 26.70 111.32
N ASN A 1774 -7.01 27.22 110.40
CA ASN A 1774 -7.35 28.48 109.75
C ASN A 1774 -8.67 28.35 109.01
N ASP A 1775 -9.34 29.48 108.83
CA ASP A 1775 -10.70 29.48 108.28
C ASP A 1775 -10.79 28.85 106.90
N CYS A 1776 -10.15 29.44 105.90
CA CYS A 1776 -10.10 28.85 104.56
C CYS A 1776 -8.73 28.88 103.90
N TYR A 1777 -7.86 29.84 104.24
CA TYR A 1777 -6.61 30.11 103.53
C TYR A 1777 -6.79 29.96 102.03
N GLN A 1778 -7.86 30.57 101.51
CA GLN A 1778 -8.24 30.41 100.12
C GLN A 1778 -8.02 31.65 99.27
N TYR A 1779 -7.94 32.84 99.86
CA TYR A 1779 -7.89 34.05 99.04
C TYR A 1779 -6.46 34.32 98.53
N SER A 1780 -5.54 34.65 99.44
CA SER A 1780 -4.14 34.90 99.13
C SER A 1780 -3.36 35.25 100.40
N PRO A 1781 -2.04 35.18 100.36
CA PRO A 1781 -1.25 35.77 101.46
C PRO A 1781 -1.28 37.28 101.42
N GLU A 1782 -1.18 37.89 102.59
CA GLU A 1782 -1.25 39.35 102.70
C GLU A 1782 0.12 39.97 102.40
N PHE A 1783 0.10 41.13 101.74
CA PHE A 1783 1.30 41.85 101.37
C PHE A 1783 1.06 43.34 101.51
N PRO A 1784 2.09 44.11 101.89
CA PRO A 1784 1.93 45.56 102.01
C PRO A 1784 1.84 46.25 100.66
N LEU A 1785 0.62 46.30 100.11
CA LEU A 1785 0.44 46.82 98.76
C LEU A 1785 0.89 48.26 98.64
N ASP A 1786 0.67 49.08 99.68
CA ASP A 1786 1.05 50.49 99.60
C ASP A 1786 2.57 50.64 99.59
N ILE A 1787 3.27 49.88 100.43
CA ILE A 1787 4.73 49.95 100.46
C ILE A 1787 5.29 49.45 99.13
N LEU A 1788 4.74 48.36 98.60
CA LEU A 1788 5.18 47.86 97.30
C LEU A 1788 4.90 48.89 96.20
N LYS A 1789 3.79 49.62 96.33
CA LYS A 1789 3.44 50.66 95.36
C LYS A 1789 4.49 51.76 95.35
N ALA A 1790 4.80 52.32 96.52
CA ALA A 1790 5.80 53.37 96.61
C ALA A 1790 7.16 52.87 96.14
N LYS A 1791 7.51 51.64 96.53
CA LYS A 1791 8.81 51.10 96.16
C LYS A 1791 8.95 50.92 94.65
N THR A 1792 7.92 50.35 94.01
CA THR A 1792 7.99 50.15 92.57
C THR A 1792 7.92 51.47 91.82
N ILE A 1793 7.23 52.47 92.36
CA ILE A 1793 7.19 53.77 91.70
C ILE A 1793 8.56 54.42 91.72
N GLN A 1794 9.18 54.48 92.90
CA GLN A 1794 10.51 55.09 92.99
C GLN A 1794 11.55 54.29 92.22
N MET A 1795 11.41 52.96 92.19
CA MET A 1795 12.36 52.15 91.44
C MET A 1795 12.18 52.31 89.93
N LEU A 1796 10.94 52.48 89.46
CA LEU A 1796 10.74 52.75 88.04
C LEU A 1796 11.31 54.10 87.66
N THR A 1797 11.15 55.10 88.52
CA THR A 1797 11.77 56.40 88.25
C THR A 1797 13.29 56.27 88.17
N GLU A 1798 13.89 55.59 89.16
CA GLU A 1798 15.34 55.40 89.14
C GLU A 1798 15.79 54.62 87.92
N ALA A 1799 14.99 53.63 87.50
CA ALA A 1799 15.38 52.78 86.38
C ALA A 1799 15.31 53.54 85.06
N VAL A 1800 14.27 54.35 84.86
CA VAL A 1800 14.22 55.14 83.64
C VAL A 1800 15.30 56.21 83.64
N LYS A 1801 15.63 56.77 84.82
CA LYS A 1801 16.71 57.74 84.89
C LYS A 1801 18.04 57.10 84.55
N GLU A 1802 18.27 55.86 85.01
CA GLU A 1802 19.50 55.16 84.70
C GLU A 1802 19.57 54.78 83.23
N GLY A 1803 18.43 54.37 82.65
CA GLY A 1803 18.39 53.98 81.25
C GLY A 1803 18.51 55.15 80.29
N SER A 1804 18.17 56.36 80.74
CA SER A 1804 18.30 57.53 79.88
C SER A 1804 19.74 57.83 79.53
N LEU A 1805 20.68 57.53 80.43
CA LEU A 1805 22.09 57.83 80.20
C LEU A 1805 22.86 56.66 79.59
N HIS A 1806 22.23 55.50 79.45
CA HIS A 1806 22.82 54.33 78.80
C HIS A 1806 24.12 53.91 79.51
N ALA A 1807 23.97 53.48 80.77
CA ALA A 1807 25.11 53.02 81.53
C ALA A 1807 25.65 51.72 80.96
N ARG A 1808 26.79 51.29 81.50
CA ARG A 1808 27.44 50.06 81.06
C ARG A 1808 27.18 48.89 82.01
N ASP A 1809 26.41 49.10 83.07
CA ASP A 1809 26.04 48.02 83.99
C ASP A 1809 24.67 48.31 84.59
N PRO A 1810 23.60 48.08 83.84
CA PRO A 1810 22.25 48.21 84.40
C PRO A 1810 22.02 47.22 85.53
N VAL A 1811 20.95 47.47 86.28
CA VAL A 1811 20.64 46.62 87.44
C VAL A 1811 20.39 45.19 86.98
N GLY A 1812 21.04 44.25 87.65
CA GLY A 1812 20.91 42.85 87.31
C GLY A 1812 21.64 42.41 86.07
N GLY A 1813 22.29 43.32 85.35
CA GLY A 1813 23.00 42.96 84.14
C GLY A 1813 22.48 43.67 82.92
N THR A 1814 21.88 42.92 82.00
CA THR A 1814 21.37 43.49 80.77
C THR A 1814 20.14 44.36 81.06
N THR A 1815 19.87 45.30 80.16
CA THR A 1815 18.67 46.13 80.28
C THR A 1815 17.41 45.29 80.33
N GLU A 1816 17.45 44.07 79.76
CA GLU A 1816 16.34 43.14 79.91
C GLU A 1816 16.09 42.81 81.38
N PHE A 1817 17.12 42.34 82.07
CA PHE A 1817 16.99 42.04 83.49
C PHE A 1817 16.69 43.31 84.29
N LEU A 1818 17.09 44.48 83.78
CA LEU A 1818 16.80 45.72 84.48
C LEU A 1818 15.32 46.07 84.42
N PHE A 1819 14.71 45.97 83.23
CA PHE A 1819 13.37 46.47 83.00
C PHE A 1819 12.28 45.41 83.13
N VAL A 1820 12.45 44.26 82.44
CA VAL A 1820 11.34 43.31 82.31
C VAL A 1820 10.68 42.96 83.64
N PRO A 1821 11.39 42.53 84.68
CA PRO A 1821 10.68 42.19 85.93
C PRO A 1821 10.04 43.40 86.59
N LEU A 1822 10.70 44.56 86.55
CA LEU A 1822 10.14 45.75 87.18
C LEU A 1822 8.87 46.20 86.48
N ILE A 1823 8.90 46.28 85.15
CA ILE A 1823 7.71 46.71 84.43
C ILE A 1823 6.63 45.65 84.49
N LYS A 1824 7.00 44.37 84.64
CA LYS A 1824 5.99 43.33 84.83
C LYS A 1824 5.29 43.49 86.17
N LEU A 1825 6.06 43.75 87.23
CA LEU A 1825 5.46 44.02 88.53
C LEU A 1825 4.56 45.25 88.47
N PHE A 1826 5.02 46.31 87.80
CA PHE A 1826 4.20 47.51 87.67
C PHE A 1826 2.92 47.23 86.88
N TYR A 1827 3.02 46.40 85.85
CA TYR A 1827 1.85 46.07 85.03
C TYR A 1827 0.82 45.31 85.84
N THR A 1828 1.26 44.27 86.56
CA THR A 1828 0.30 43.51 87.38
C THR A 1828 -0.25 44.35 88.53
N LEU A 1829 0.54 45.31 89.04
CA LEU A 1829 0.03 46.19 90.07
C LEU A 1829 -1.07 47.10 89.52
N LEU A 1830 -0.80 47.76 88.38
CA LEU A 1830 -1.83 48.56 87.73
C LEU A 1830 -3.06 47.73 87.41
N ILE A 1831 -2.87 46.44 87.12
CA ILE A 1831 -4.01 45.57 86.83
C ILE A 1831 -4.84 45.32 88.07
N MET A 1832 -4.18 45.01 89.19
CA MET A 1832 -4.89 44.51 90.37
C MET A 1832 -5.69 45.57 91.12
N GLY A 1833 -5.92 46.74 90.52
CA GLY A 1833 -6.81 47.71 91.11
C GLY A 1833 -6.16 48.65 92.12
N ILE A 1834 -4.91 49.02 91.86
CA ILE A 1834 -4.20 50.00 92.66
C ILE A 1834 -3.68 51.05 91.69
N PHE A 1835 -2.82 51.96 92.18
CA PHE A 1835 -2.39 53.14 91.42
C PHE A 1835 -3.58 54.04 91.13
N HIS A 1836 -4.15 54.57 92.22
CA HIS A 1836 -5.24 55.53 92.11
C HIS A 1836 -4.75 56.80 91.41
N ASN A 1837 -5.66 57.73 91.13
CA ASN A 1837 -5.38 58.85 90.22
C ASN A 1837 -4.08 59.56 90.57
N GLU A 1838 -3.83 59.81 91.86
CA GLU A 1838 -2.66 60.57 92.27
C GLU A 1838 -1.38 59.88 91.84
N ASP A 1839 -1.29 58.56 92.06
CA ASP A 1839 -0.09 57.84 91.68
C ASP A 1839 -0.05 57.54 90.19
N LEU A 1840 -1.21 57.37 89.57
CA LEU A 1840 -1.25 57.11 88.13
C LEU A 1840 -0.76 58.32 87.35
N LYS A 1841 -0.98 59.53 87.84
CA LYS A 1841 -0.41 60.70 87.18
C LYS A 1841 1.12 60.65 87.20
N HIS A 1842 1.71 60.34 88.37
CA HIS A 1842 3.16 60.23 88.45
C HIS A 1842 3.68 59.10 87.58
N ILE A 1843 2.92 58.01 87.47
CA ILE A 1843 3.31 56.92 86.57
C ILE A 1843 3.34 57.40 85.13
N LEU A 1844 2.27 58.09 84.70
CA LEU A 1844 2.23 58.61 83.35
C LEU A 1844 3.29 59.67 83.10
N GLN A 1845 3.78 60.31 84.16
CA GLN A 1845 4.81 61.34 83.99
C GLN A 1845 6.17 60.76 83.59
N LEU A 1846 6.32 59.47 83.30
CA LEU A 1846 7.56 58.92 82.81
C LEU A 1846 7.41 58.17 81.49
N ILE A 1847 6.19 58.04 80.97
CA ILE A 1847 5.94 57.37 79.70
C ILE A 1847 5.27 58.33 78.73
N GLU A 1848 4.47 59.25 79.26
CA GLU A 1848 3.68 60.20 78.49
C GLU A 1848 4.45 61.44 78.02
N PRO A 1849 5.25 62.13 78.90
CA PRO A 1849 5.78 63.46 78.55
C PRO A 1849 6.32 63.60 77.14
N SER A 1850 5.73 64.53 76.39
CA SER A 1850 6.12 64.78 75.00
C SER A 1850 6.28 66.27 74.75
N GLY A 1891 11.16 60.08 78.24
CA GLY A 1891 10.13 59.08 78.44
C GLY A 1891 10.65 57.66 78.34
N LEU A 1892 9.73 56.70 78.38
CA LEU A 1892 10.10 55.29 78.30
C LEU A 1892 9.89 54.69 76.91
N LEU A 1893 8.95 55.21 76.13
CA LEU A 1893 8.68 54.70 74.79
C LEU A 1893 9.64 55.25 73.74
N GLN A 1894 10.51 56.18 74.11
CA GLN A 1894 11.47 56.75 73.18
C GLN A 1894 12.84 56.09 73.25
N MET A 1895 13.11 55.30 74.28
CA MET A 1895 14.39 54.65 74.43
C MET A 1895 14.52 53.49 73.44
N LYS A 1896 15.75 53.01 73.27
CA LYS A 1896 16.03 51.86 72.41
C LYS A 1896 15.98 50.60 73.26
N LEU A 1897 14.75 50.13 73.51
CA LEU A 1897 14.49 48.99 74.37
C LEU A 1897 14.50 47.70 73.56
N PRO A 1898 14.90 46.58 74.18
CA PRO A 1898 14.89 45.29 73.46
C PRO A 1898 13.48 44.75 73.29
N GLU A 1899 13.37 43.53 72.75
CA GLU A 1899 12.04 42.98 72.45
C GLU A 1899 11.25 42.63 73.70
N PRO A 1900 11.77 41.90 74.69
CA PRO A 1900 10.94 41.56 75.85
C PRO A 1900 10.49 42.76 76.67
N VAL A 1901 11.13 43.92 76.52
CA VAL A 1901 10.68 45.11 77.23
C VAL A 1901 9.52 45.76 76.51
N LYS A 1902 9.65 45.97 75.20
CA LYS A 1902 8.56 46.57 74.42
C LYS A 1902 7.35 45.66 74.37
N LEU A 1903 7.50 44.36 74.61
CA LEU A 1903 6.33 43.49 74.70
C LEU A 1903 5.48 43.83 75.92
N GLN A 1904 6.12 43.95 77.08
CA GLN A 1904 5.40 44.40 78.27
C GLN A 1904 4.88 45.81 78.10
N MET A 1905 5.61 46.66 77.35
CA MET A 1905 5.11 48.00 77.07
C MET A 1905 3.81 47.93 76.26
N CYS A 1906 3.77 47.05 75.25
CA CYS A 1906 2.56 46.89 74.46
C CYS A 1906 1.42 46.36 75.31
N LEU A 1907 1.71 45.44 76.23
CA LEU A 1907 0.66 44.95 77.12
C LEU A 1907 0.14 46.08 78.01
N LEU A 1908 1.04 46.91 78.53
CA LEU A 1908 0.63 48.04 79.36
C LEU A 1908 -0.25 49.00 78.58
N LEU A 1909 0.13 49.33 77.35
CA LEU A 1909 -0.69 50.22 76.54
C LEU A 1909 -2.02 49.58 76.17
N GLN A 1910 -2.05 48.27 75.96
CA GLN A 1910 -3.31 47.58 75.70
C GLN A 1910 -4.24 47.67 76.89
N TYR A 1911 -3.70 47.56 78.11
CA TYR A 1911 -4.55 47.75 79.27
C TYR A 1911 -4.99 49.19 79.42
N LEU A 1912 -4.11 50.14 79.10
CA LEU A 1912 -4.46 51.55 79.17
C LEU A 1912 -5.58 51.89 78.19
N CYS A 1913 -5.66 51.15 77.08
CA CYS A 1913 -6.75 51.35 76.13
C CYS A 1913 -8.00 50.57 76.51
N ASP A 1914 -7.84 49.41 77.15
CA ASP A 1914 -9.00 48.67 77.65
C ASP A 1914 -9.74 49.48 78.71
N CYS A 1915 -8.99 50.14 79.60
CA CYS A 1915 -9.64 50.98 80.60
C CYS A 1915 -10.32 52.18 79.96
N GLN A 1916 -9.77 52.69 78.86
CA GLN A 1916 -10.41 53.78 78.14
C GLN A 1916 -11.73 53.33 77.50
N VAL A 1917 -11.72 52.14 76.89
CA VAL A 1917 -12.95 51.59 76.33
C VAL A 1917 -13.98 51.36 77.43
N ARG A 1918 -13.52 50.90 78.60
CA ARG A 1918 -14.43 50.73 79.72
C ARG A 1918 -15.04 52.05 80.15
N HIS A 1919 -14.23 53.11 80.19
CA HIS A 1919 -14.76 54.43 80.53
C HIS A 1919 -15.78 54.89 79.49
N ARG A 1920 -15.51 54.62 78.21
CA ARG A 1920 -16.47 54.96 77.16
C ARG A 1920 -17.79 54.26 77.38
N ILE A 1921 -17.75 52.96 77.69
CA ILE A 1921 -18.98 52.20 77.91
C ILE A 1921 -19.71 52.69 79.15
N GLU A 1922 -18.96 53.04 80.21
CA GLU A 1922 -19.58 53.59 81.41
C GLU A 1922 -20.31 54.89 81.10
N ALA A 1923 -19.68 55.76 80.30
CA ALA A 1923 -20.34 57.00 79.91
C ALA A 1923 -21.56 56.72 79.04
N ILE A 1924 -21.47 55.71 78.17
CA ILE A 1924 -22.62 55.34 77.35
C ILE A 1924 -23.79 54.94 78.23
N VAL A 1925 -23.54 54.14 79.26
CA VAL A 1925 -24.61 53.72 80.15
C VAL A 1925 -25.14 54.91 80.94
N ALA A 1926 -24.24 55.80 81.37
CA ALA A 1926 -24.65 56.99 82.12
C ALA A 1926 -25.60 57.86 81.32
N PHE A 1927 -25.30 58.05 80.03
CA PHE A 1927 -26.21 58.85 79.20
C PHE A 1927 -27.47 58.07 78.84
N SER A 1928 -27.33 56.76 78.59
CA SER A 1928 -28.44 55.96 78.13
C SER A 1928 -29.53 55.82 79.19
N ASP A 1929 -29.13 55.70 80.46
CA ASP A 1929 -30.10 55.67 81.54
C ASP A 1929 -31.03 56.88 81.47
N ASP A 1930 -30.44 58.07 81.42
CA ASP A 1930 -31.22 59.30 81.44
C ASP A 1930 -32.04 59.45 80.16
N PHE A 1931 -31.46 59.08 79.02
CA PHE A 1931 -32.15 59.15 77.74
C PHE A 1931 -33.38 58.26 77.73
N VAL A 1932 -33.24 57.01 78.20
CA VAL A 1932 -34.37 56.09 78.22
C VAL A 1932 -35.39 56.51 79.27
N ALA A 1933 -34.93 57.10 80.38
CA ALA A 1933 -35.87 57.65 81.36
C ALA A 1933 -36.74 58.71 80.74
N LYS A 1934 -36.18 59.56 79.88
CA LYS A 1934 -37.00 60.54 79.17
C LYS A 1934 -37.89 59.88 78.12
N LEU A 1935 -37.34 58.95 77.35
CA LEU A 1935 -38.07 58.39 76.21
C LEU A 1935 -39.25 57.54 76.67
N GLN A 1936 -39.13 56.84 77.80
CA GLN A 1936 -40.23 56.02 78.28
C GLN A 1936 -41.43 56.88 78.66
N ASP A 1937 -41.19 57.96 79.40
CA ASP A 1937 -42.30 58.85 79.74
C ASP A 1937 -42.84 59.55 78.49
N ASN A 1938 -41.99 59.85 77.52
CA ASN A 1938 -42.47 60.46 76.28
C ASN A 1938 -43.43 59.53 75.54
N GLN A 1939 -43.04 58.27 75.38
CA GLN A 1939 -43.91 57.33 74.67
C GLN A 1939 -45.17 57.02 75.47
N ARG A 1940 -45.08 56.98 76.81
CA ARG A 1940 -46.28 56.79 77.61
C ARG A 1940 -47.22 57.98 77.48
N PHE A 1941 -46.67 59.20 77.42
CA PHE A 1941 -47.51 60.37 77.22
C PHE A 1941 -48.17 60.36 75.86
N ARG A 1942 -47.45 59.94 74.82
CA ARG A 1942 -48.07 59.87 73.50
C ARG A 1942 -49.14 58.78 73.44
N TYR A 1943 -48.93 57.68 74.15
CA TYR A 1943 -49.96 56.64 74.21
C TYR A 1943 -51.20 57.14 74.95
N ASN A 1944 -51.01 57.84 76.05
CA ASN A 1944 -52.15 58.41 76.78
C ASN A 1944 -52.87 59.46 75.93
N GLU A 1945 -52.12 60.25 75.16
CA GLU A 1945 -52.75 61.22 74.28
C GLU A 1945 -53.57 60.55 73.20
N VAL A 1946 -53.07 59.44 72.65
CA VAL A 1946 -53.85 58.69 71.67
C VAL A 1946 -55.12 58.13 72.32
N MET A 1947 -54.99 57.62 73.55
CA MET A 1947 -56.15 57.07 74.24
C MET A 1947 -57.20 58.14 74.51
N GLN A 1948 -56.77 59.36 74.83
CA GLN A 1948 -57.71 60.45 75.04
C GLN A 1948 -58.35 60.89 73.73
N ALA A 1949 -57.54 61.31 72.76
CA ALA A 1949 -58.04 61.68 71.43
C ALA A 1949 -58.01 60.49 70.48
N LEU A 1950 -58.68 59.41 70.87
CA LEU A 1950 -58.76 58.21 70.04
C LEU A 1950 -59.22 58.54 68.62
N ASN A 1951 -60.41 59.12 68.48
CA ASN A 1951 -61.04 59.36 67.19
C ASN A 1951 -61.08 58.07 66.35
N MET A 1952 -61.89 57.14 66.87
CA MET A 1952 -62.01 55.78 66.36
C MET A 1952 -62.10 55.74 64.84
N SER A 1953 -61.20 54.98 64.23
CA SER A 1953 -61.18 54.77 62.79
C SER A 1953 -60.60 53.39 62.52
N ALA A 1954 -60.18 53.16 61.27
CA ALA A 1954 -59.64 51.86 60.91
C ALA A 1954 -58.18 51.71 61.32
N ALA A 1955 -57.42 52.80 61.31
CA ALA A 1955 -56.00 52.74 61.66
C ALA A 1955 -55.73 52.77 63.16
N LEU A 1956 -56.73 53.13 63.97
CA LEU A 1956 -56.50 53.19 65.41
C LEU A 1956 -56.28 51.80 66.00
N THR A 1957 -57.06 50.81 65.55
CA THR A 1957 -56.84 49.45 66.02
C THR A 1957 -55.51 48.90 65.50
N ALA A 1958 -55.05 49.34 64.34
CA ALA A 1958 -53.72 48.95 63.88
C ALA A 1958 -52.64 49.54 64.76
N ARG A 1959 -52.81 50.80 65.18
CA ARG A 1959 -51.84 51.41 66.10
C ARG A 1959 -51.84 50.70 67.45
N LYS A 1960 -53.02 50.30 67.95
CA LYS A 1960 -53.05 49.50 69.18
C LYS A 1960 -52.40 48.14 68.99
N THR A 1961 -52.58 47.50 67.83
CA THR A 1961 -51.88 46.22 67.63
C THR A 1961 -50.38 46.44 67.59
N ARG A 1962 -49.93 47.54 66.99
CA ARG A 1962 -48.49 47.85 66.98
C ARG A 1962 -47.97 48.14 68.39
N GLU A 1963 -48.77 48.81 69.22
CA GLU A 1963 -48.32 49.13 70.57
C GLU A 1963 -48.34 47.91 71.48
N PHE A 1964 -49.39 47.09 71.41
CA PHE A 1964 -49.47 45.89 72.23
C PHE A 1964 -48.41 44.87 71.80
N ARG A 1965 -48.39 44.52 70.51
CA ARG A 1965 -47.38 43.62 69.97
C ARG A 1965 -46.10 44.41 69.72
N SER A 1966 -45.17 43.87 68.93
CA SER A 1966 -43.87 44.46 68.71
C SER A 1966 -43.15 44.61 70.06
N PRO A 1967 -42.64 43.51 70.62
CA PRO A 1967 -41.99 43.54 71.94
C PRO A 1967 -40.93 44.62 72.03
N PRO A 1968 -40.45 44.94 73.25
CA PRO A 1968 -39.60 46.11 73.42
C PRO A 1968 -38.38 46.18 72.52
N GLN A 1969 -37.79 45.05 72.12
CA GLN A 1969 -36.64 45.11 71.23
C GLN A 1969 -37.03 45.63 69.85
N GLU A 1970 -38.10 45.09 69.27
CA GLU A 1970 -38.59 45.60 67.99
C GLU A 1970 -39.08 47.04 68.13
N GLN A 1971 -39.67 47.38 69.28
CA GLN A 1971 -40.10 48.75 69.51
C GLN A 1971 -38.91 49.70 69.50
N ILE A 1972 -37.81 49.32 70.16
CA ILE A 1972 -36.61 50.13 70.17
C ILE A 1972 -36.03 50.25 68.76
N ASN A 1973 -36.06 49.15 68.01
CA ASN A 1973 -35.58 49.20 66.63
C ASN A 1973 -36.39 50.18 65.79
N MET A 1974 -37.71 50.21 66.00
CA MET A 1974 -38.54 51.12 65.23
C MET A 1974 -38.34 52.56 65.67
N LEU A 1975 -38.15 52.80 66.97
CA LEU A 1975 -38.02 54.17 67.45
C LEU A 1975 -36.59 54.71 67.36
N LEU A 1976 -35.60 53.88 67.04
CA LEU A 1976 -34.23 54.33 66.85
C LEU A 1976 -33.80 54.04 65.42
N ASN A 1977 -34.19 54.91 64.48
CA ASN A 1977 -33.62 54.89 63.14
C ASN A 1977 -33.86 56.26 62.50
N PHE A 1978 -32.85 57.13 62.55
CA PHE A 1978 -32.92 58.41 61.85
C PHE A 1978 -31.50 58.88 61.56
N LYS A 1979 -31.02 58.55 60.37
CA LYS A 1979 -29.71 59.03 59.91
C LYS A 1979 -29.87 59.61 58.52
N ASP A 1980 -30.91 59.17 57.82
CA ASP A 1980 -31.20 59.62 56.48
C ASP A 1980 -32.17 60.81 56.52
N ASP A 1981 -32.79 61.10 55.37
CA ASP A 1981 -33.68 62.25 55.27
C ASP A 1981 -34.94 62.04 56.11
N LYS A 1982 -35.71 61.01 55.80
CA LYS A 1982 -36.88 60.64 56.58
C LYS A 1982 -37.08 59.13 56.58
N SER A 1983 -37.45 58.59 57.73
CA SER A 1983 -37.78 57.19 57.87
C SER A 1983 -38.84 57.07 58.95
N GLU A 1984 -38.99 55.87 59.53
CA GLU A 1984 -39.97 55.66 60.58
C GLU A 1984 -39.49 56.34 61.86
N CYS A 1985 -39.97 57.55 62.11
CA CYS A 1985 -39.53 58.34 63.25
C CYS A 1985 -40.75 58.75 64.07
N PRO A 1986 -40.72 58.59 65.39
CA PRO A 1986 -41.85 59.00 66.23
C PRO A 1986 -41.86 60.51 66.44
N CYS A 1987 -42.81 60.96 67.25
CA CYS A 1987 -43.01 62.38 67.49
C CYS A 1987 -41.91 63.07 68.30
N PRO A 1988 -41.23 62.41 69.28
CA PRO A 1988 -40.26 63.16 70.08
C PRO A 1988 -38.99 63.52 69.31
N GLU A 1989 -39.06 64.59 68.52
CA GLU A 1989 -37.89 65.08 67.82
C GLU A 1989 -36.92 65.83 68.73
N GLU A 1990 -37.38 66.26 69.90
CA GLU A 1990 -36.53 67.05 70.79
C GLU A 1990 -35.39 66.22 71.37
N ILE A 1991 -35.65 64.95 71.68
CA ILE A 1991 -34.59 64.07 72.18
C ILE A 1991 -33.66 63.61 71.07
N ARG A 1992 -34.08 63.77 69.81
CA ARG A 1992 -33.21 63.39 68.70
C ARG A 1992 -31.97 64.27 68.64
N ASP A 1993 -32.11 65.55 68.98
CA ASP A 1993 -30.96 66.44 69.00
C ASP A 1993 -29.98 66.05 70.10
N GLN A 1994 -30.50 65.69 71.28
CA GLN A 1994 -29.62 65.22 72.34
C GLN A 1994 -28.92 63.93 71.95
N LEU A 1995 -29.63 63.04 71.26
CA LEU A 1995 -29.00 61.80 70.83
C LEU A 1995 -27.91 62.05 69.81
N LEU A 1996 -28.15 62.97 68.86
CA LEU A 1996 -27.12 63.33 67.89
C LEU A 1996 -25.92 63.99 68.57
N ASP A 1997 -26.15 64.84 69.57
CA ASP A 1997 -25.02 65.45 70.27
C ASP A 1997 -24.20 64.39 70.99
N PHE A 1998 -24.87 63.47 71.70
CA PHE A 1998 -24.13 62.44 72.42
C PHE A 1998 -23.37 61.52 71.46
N HIS A 1999 -23.99 61.17 70.33
CA HIS A 1999 -23.30 60.32 69.36
C HIS A 1999 -22.11 61.02 68.74
N GLU A 2000 -22.25 62.31 68.42
CA GLU A 2000 -21.12 63.07 67.91
C GLU A 2000 -20.01 63.17 68.93
N ASP A 2001 -20.39 63.38 70.21
CA ASP A 2001 -19.40 63.45 71.27
C ASP A 2001 -18.65 62.12 71.39
N LEU A 2002 -19.37 61.02 71.28
CA LEU A 2002 -18.75 59.70 71.27
C LEU A 2002 -17.81 59.53 70.09
N MET A 2003 -18.21 59.99 68.91
CA MET A 2003 -17.39 59.78 67.72
C MET A 2003 -16.12 60.61 67.76
N THR A 2004 -16.18 61.83 68.31
CA THR A 2004 -14.95 62.60 68.44
C THR A 2004 -14.11 62.12 69.61
N HIS A 2005 -14.71 61.42 70.59
CA HIS A 2005 -13.90 60.80 71.63
C HIS A 2005 -13.20 59.54 71.14
N CYS A 2006 -13.82 58.81 70.21
CA CYS A 2006 -13.19 57.65 69.62
C CYS A 2006 -12.10 58.07 68.63
N GLY A 2007 -11.57 57.08 67.91
CA GLY A 2007 -10.43 57.33 67.04
C GLY A 2007 -10.74 58.07 65.76
N ILE A 2008 -12.02 58.21 65.41
CA ILE A 2008 -12.37 58.85 64.15
C ILE A 2008 -12.43 60.36 64.34
N GLU A 2009 -12.40 61.08 63.22
CA GLU A 2009 -12.47 62.53 63.24
C GLU A 2009 -13.81 63.03 62.72
N SER A 2056 -5.04 62.06 72.45
CA SER A 2056 -3.65 62.05 71.97
C SER A 2056 -2.98 60.73 72.31
N LEU A 2057 -3.60 59.97 73.23
CA LEU A 2057 -3.03 58.68 73.62
C LEU A 2057 -2.97 57.71 72.44
N GLN A 2058 -4.06 57.63 71.67
CA GLN A 2058 -4.09 56.74 70.51
C GLN A 2058 -3.06 57.17 69.47
N GLN A 2059 -2.90 58.48 69.26
CA GLN A 2059 -1.90 58.97 68.31
C GLN A 2059 -0.50 58.61 68.77
N LEU A 2060 -0.22 58.79 70.06
CA LEU A 2060 1.09 58.45 70.60
C LEU A 2060 1.36 56.95 70.45
N ILE A 2061 0.36 56.12 70.74
CA ILE A 2061 0.55 54.68 70.63
C ILE A 2061 0.79 54.28 69.18
N SER A 2062 0.04 54.87 68.25
CA SER A 2062 0.27 54.59 66.83
C SER A 2062 1.67 54.99 66.42
N GLU A 2063 2.12 56.17 66.85
CA GLU A 2063 3.45 56.63 66.46
C GLU A 2063 4.53 55.71 67.00
N THR A 2064 4.40 55.31 68.27
CA THR A 2064 5.39 54.40 68.84
C THR A 2064 5.38 53.04 68.12
N MET A 2065 4.19 52.54 67.76
CA MET A 2065 4.12 51.24 67.10
C MET A 2065 4.77 51.31 65.72
N VAL A 2066 4.42 52.31 64.92
CA VAL A 2066 5.01 52.42 63.59
C VAL A 2066 6.50 52.70 63.68
N ARG A 2067 6.95 53.45 64.70
CA ARG A 2067 8.37 53.71 64.85
C ARG A 2067 9.13 52.45 65.21
N TRP A 2068 8.57 51.63 66.12
CA TRP A 2068 9.21 50.37 66.46
C TRP A 2068 9.26 49.44 65.27
N ALA A 2069 8.21 49.46 64.43
CA ALA A 2069 8.21 48.60 63.27
C ALA A 2069 9.18 49.08 62.20
N GLN A 2070 9.41 50.39 62.11
CA GLN A 2070 10.30 50.93 61.10
C GLN A 2070 11.77 50.94 61.54
N GLU A 2071 12.04 50.86 62.84
CA GLU A 2071 13.41 50.93 63.33
C GLU A 2071 14.25 49.77 62.77
N SER A 2072 13.75 48.55 62.91
CA SER A 2072 14.49 47.37 62.45
C SER A 2072 13.52 46.21 62.33
N VAL A 2073 13.98 45.16 61.65
CA VAL A 2073 13.19 43.94 61.56
C VAL A 2073 13.04 43.34 62.95
N ILE A 2074 11.82 42.94 63.29
CA ILE A 2074 11.47 42.53 64.64
C ILE A 2074 11.27 41.03 64.68
N GLU A 2075 11.99 40.36 65.59
CA GLU A 2075 11.74 38.96 65.90
C GLU A 2075 10.59 38.86 66.89
N ASP A 2076 10.42 37.70 67.52
CA ASP A 2076 9.36 37.48 68.50
C ASP A 2076 8.00 37.72 67.85
N PRO A 2077 7.54 36.79 67.01
CA PRO A 2077 6.22 36.96 66.38
C PRO A 2077 5.11 37.25 67.36
N GLU A 2078 5.23 36.80 68.62
CA GLU A 2078 4.26 37.20 69.63
C GLU A 2078 4.28 38.70 69.85
N LEU A 2079 5.48 39.27 69.97
CA LEU A 2079 5.60 40.73 70.12
C LEU A 2079 5.08 41.44 68.89
N VAL A 2080 5.38 40.91 67.70
CA VAL A 2080 4.89 41.52 66.47
C VAL A 2080 3.36 41.53 66.46
N ARG A 2081 2.75 40.41 66.85
CA ARG A 2081 1.30 40.30 66.87
C ARG A 2081 0.69 41.27 67.88
N ALA A 2082 1.29 41.37 69.07
CA ALA A 2082 0.78 42.29 70.08
C ALA A 2082 0.85 43.74 69.59
N MET A 2083 2.02 44.13 69.06
CA MET A 2083 2.18 45.48 68.53
C MET A 2083 1.14 45.77 67.45
N PHE A 2084 0.93 44.82 66.55
CA PHE A 2084 0.02 45.08 65.44
C PHE A 2084 -1.43 45.13 65.89
N VAL A 2085 -1.84 44.26 66.82
CA VAL A 2085 -3.22 44.33 67.26
C VAL A 2085 -3.46 45.62 68.04
N LEU A 2086 -2.46 46.10 68.78
CA LEU A 2086 -2.59 47.38 69.42
C LEU A 2086 -2.76 48.50 68.40
N LEU A 2087 -1.94 48.48 67.35
CA LEU A 2087 -2.04 49.51 66.31
C LEU A 2087 -3.41 49.47 65.63
N HIS A 2088 -3.90 48.27 65.33
CA HIS A 2088 -5.19 48.15 64.65
C HIS A 2088 -6.32 48.65 65.54
N ARG A 2089 -6.32 48.27 66.82
CA ARG A 2089 -7.40 48.72 67.69
C ARG A 2089 -7.32 50.22 67.92
N GLN A 2090 -6.11 50.80 67.91
CA GLN A 2090 -5.99 52.26 68.03
C GLN A 2090 -6.57 52.95 66.80
N TYR A 2091 -6.28 52.43 65.60
CA TYR A 2091 -6.82 53.03 64.40
C TYR A 2091 -8.32 52.78 64.23
N ASP A 2092 -8.84 51.69 64.79
CA ASP A 2092 -10.26 51.39 64.62
C ASP A 2092 -11.11 52.13 65.63
N GLY A 2093 -10.87 51.88 66.92
CA GLY A 2093 -11.66 52.55 67.95
C GLY A 2093 -13.07 52.05 68.14
N ILE A 2094 -13.87 52.01 67.07
CA ILE A 2094 -15.25 51.56 67.17
C ILE A 2094 -15.35 50.04 67.23
N GLY A 2095 -14.31 49.32 66.83
CA GLY A 2095 -14.34 47.87 66.94
C GLY A 2095 -14.48 47.39 68.37
N GLY A 2096 -13.73 48.02 69.28
CA GLY A 2096 -13.87 47.67 70.69
C GLY A 2096 -15.29 47.88 71.19
N LEU A 2097 -15.93 48.98 70.77
CA LEU A 2097 -17.29 49.24 71.20
C LEU A 2097 -18.27 48.22 70.63
N VAL A 2098 -18.16 47.93 69.33
CA VAL A 2098 -19.11 47.00 68.72
C VAL A 2098 -18.87 45.58 69.20
N ARG A 2099 -17.69 45.27 69.73
CA ARG A 2099 -17.44 43.95 70.31
C ARG A 2099 -17.77 43.87 71.79
N ALA A 2100 -17.73 44.98 72.52
CA ALA A 2100 -17.93 44.95 73.95
C ALA A 2100 -19.33 45.32 74.40
N LEU A 2101 -20.07 46.10 73.61
CA LEU A 2101 -21.45 46.45 73.96
C LEU A 2101 -22.36 45.22 74.00
N PRO A 2102 -22.18 44.21 73.15
CA PRO A 2102 -22.94 42.97 73.34
C PRO A 2102 -22.67 42.29 74.67
N LYS A 2103 -21.56 42.61 75.33
CA LYS A 2103 -21.23 42.00 76.61
C LYS A 2103 -21.53 42.88 77.81
N THR A 2104 -21.75 44.18 77.61
CA THR A 2104 -22.07 45.05 78.72
C THR A 2104 -23.52 44.84 79.15
N TYR A 2105 -23.79 45.19 80.42
CA TYR A 2105 -25.10 44.95 81.01
C TYR A 2105 -25.21 45.76 82.29
N THR A 2106 -26.31 46.51 82.43
CA THR A 2106 -26.59 47.25 83.64
C THR A 2106 -27.73 46.58 84.40
N ILE A 2107 -27.65 46.58 85.72
CA ILE A 2107 -28.57 45.74 86.48
C ILE A 2107 -29.47 46.54 87.43
N ASN A 2108 -28.88 47.12 88.49
CA ASN A 2108 -29.62 47.77 89.57
C ASN A 2108 -28.65 48.39 90.57
N GLY A 2109 -29.19 49.11 91.55
CA GLY A 2109 -28.41 49.54 92.68
C GLY A 2109 -28.83 48.82 93.95
N VAL A 2110 -29.57 47.72 93.80
CA VAL A 2110 -30.10 46.98 94.95
C VAL A 2110 -29.59 45.55 94.94
N SER A 2111 -29.23 45.04 93.77
CA SER A 2111 -28.71 43.69 93.62
C SER A 2111 -27.19 43.68 93.48
N VAL A 2112 -26.51 44.72 93.98
CA VAL A 2112 -25.07 44.85 93.78
C VAL A 2112 -24.32 43.71 94.47
N GLU A 2113 -24.66 43.43 95.72
CA GLU A 2113 -23.96 42.37 96.46
C GLU A 2113 -24.30 41.00 95.88
N ASP A 2114 -25.53 40.81 95.42
CA ASP A 2114 -25.92 39.53 94.82
C ASP A 2114 -25.13 39.28 93.55
N THR A 2115 -25.03 40.28 92.67
CA THR A 2115 -24.26 40.11 91.45
C THR A 2115 -22.77 39.99 91.75
N ILE A 2116 -22.29 40.62 92.83
CA ILE A 2116 -20.89 40.44 93.21
C ILE A 2116 -20.63 38.99 93.61
N ASN A 2117 -21.53 38.40 94.41
CA ASN A 2117 -21.38 37.00 94.77
C ASN A 2117 -21.43 36.11 93.54
N LEU A 2118 -22.33 36.43 92.60
CA LEU A 2118 -22.41 35.66 91.36
C LEU A 2118 -21.11 35.74 90.57
N LEU A 2119 -20.53 36.92 90.47
CA LEU A 2119 -19.28 37.08 89.74
C LEU A 2119 -18.14 36.35 90.42
N ALA A 2120 -18.11 36.36 91.75
CA ALA A 2120 -17.10 35.60 92.48
C ALA A 2120 -17.23 34.11 92.21
N SER A 2121 -18.46 33.61 92.22
CA SER A 2121 -18.67 32.19 91.94
C SER A 2121 -18.27 31.84 90.51
N LEU A 2122 -18.57 32.72 89.55
CA LEU A 2122 -18.18 32.48 88.17
C LEU A 2122 -16.66 32.49 88.02
N GLY A 2123 -15.99 33.39 88.73
CA GLY A 2123 -14.53 33.41 88.70
C GLY A 2123 -13.93 32.15 89.29
N GLN A 2124 -14.52 31.64 90.38
CA GLN A 2124 -14.06 30.38 90.93
C GLN A 2124 -14.26 29.24 89.94
N ILE A 2125 -15.41 29.22 89.25
CA ILE A 2125 -15.66 28.18 88.26
C ILE A 2125 -14.65 28.26 87.13
N ARG A 2126 -14.32 29.48 86.69
CA ARG A 2126 -13.34 29.64 85.61
C ARG A 2126 -11.95 29.22 86.04
N SER A 2127 -11.56 29.56 87.27
CA SER A 2127 -10.26 29.15 87.78
C SER A 2127 -10.18 27.63 87.89
N LEU A 2128 -11.25 26.99 88.35
CA LEU A 2128 -11.25 25.53 88.44
C LEU A 2128 -11.28 24.88 87.07
N LEU A 2129 -11.89 25.54 86.09
CA LEU A 2129 -11.81 25.07 84.71
C LEU A 2129 -10.38 25.14 84.19
N SER A 2130 -9.66 26.21 84.56
CA SER A 2130 -8.26 26.32 84.17
C SER A 2130 -7.41 25.24 84.82
N VAL A 2131 -7.65 24.98 86.11
CA VAL A 2131 -6.90 23.95 86.83
C VAL A 2131 -7.40 22.57 86.39
N ARG A 2132 -6.58 21.54 86.60
CA ARG A 2132 -6.97 20.19 86.21
C ARG A 2132 -8.08 19.67 87.13
N MET A 2133 -8.79 18.65 86.63
CA MET A 2133 -9.95 18.10 87.31
C MET A 2133 -9.55 17.00 88.27
N GLY A 2134 -10.09 17.04 89.48
CA GLY A 2134 -9.88 16.00 90.47
C GLY A 2134 -11.03 15.94 91.46
N LYS A 2135 -10.82 15.30 92.61
CA LYS A 2135 -11.90 15.17 93.59
C LYS A 2135 -12.24 16.52 94.22
N GLU A 2136 -11.25 17.22 94.77
CA GLU A 2136 -11.51 18.52 95.39
C GLU A 2136 -11.97 19.53 94.36
N GLU A 2137 -11.39 19.51 93.17
CA GLU A 2137 -11.81 20.42 92.12
C GLU A 2137 -13.24 20.14 91.68
N GLU A 2138 -13.62 18.86 91.61
CA GLU A 2138 -15.01 18.52 91.29
C GLU A 2138 -15.96 19.00 92.38
N LYS A 2139 -15.58 18.82 93.65
CA LYS A 2139 -16.43 19.29 94.74
C LYS A 2139 -16.61 20.80 94.70
N LEU A 2140 -15.52 21.54 94.46
CA LEU A 2140 -15.63 22.99 94.40
C LEU A 2140 -16.43 23.43 93.18
N MET A 2141 -16.32 22.73 92.06
CA MET A 2141 -17.12 23.07 90.90
C MET A 2141 -18.59 22.82 91.15
N ILE A 2142 -18.92 21.74 91.86
CA ILE A 2142 -20.31 21.47 92.22
C ILE A 2142 -20.83 22.54 93.16
N ARG A 2143 -20.02 22.97 94.12
CA ARG A 2143 -20.44 24.01 95.03
C ARG A 2143 -20.67 25.33 94.29
N GLY A 2144 -19.79 25.66 93.35
CA GLY A 2144 -19.97 26.86 92.56
C GLY A 2144 -21.21 26.80 91.69
N LEU A 2145 -21.50 25.63 91.12
CA LEU A 2145 -22.72 25.47 90.34
C LEU A 2145 -23.95 25.66 91.20
N GLY A 2146 -23.96 25.07 92.39
CA GLY A 2146 -25.06 25.31 93.32
C GLY A 2146 -25.22 26.77 93.66
N ASP A 2147 -24.10 27.47 93.87
CA ASP A 2147 -24.15 28.88 94.21
C ASP A 2147 -24.73 29.71 93.07
N ILE A 2148 -24.27 29.47 91.84
CA ILE A 2148 -24.78 30.26 90.72
C ILE A 2148 -26.21 29.86 90.37
N MET A 2149 -26.66 28.68 90.79
CA MET A 2149 -28.05 28.33 90.60
C MET A 2149 -28.97 28.96 91.64
N ASN A 2150 -28.47 29.11 92.88
CA ASN A 2150 -29.25 29.71 93.95
C ASN A 2150 -28.93 31.18 94.18
N ASN A 2151 -28.22 31.82 93.25
CA ASN A 2151 -27.81 33.21 93.42
C ASN A 2151 -28.96 34.20 93.33
N LYS A 2152 -30.15 33.76 92.89
CA LYS A 2152 -31.37 34.57 92.87
C LYS A 2152 -31.32 35.64 91.78
N VAL A 2153 -30.16 35.81 91.14
CA VAL A 2153 -30.05 36.70 89.99
C VAL A 2153 -30.17 35.93 88.67
N PHE A 2154 -29.90 34.63 88.69
CA PHE A 2154 -30.09 33.81 87.50
C PHE A 2154 -31.55 33.82 87.07
N TYR A 2155 -32.47 33.80 88.03
CA TYR A 2155 -33.90 33.87 87.71
C TYR A 2155 -34.24 35.18 87.02
N GLN A 2156 -33.68 36.28 87.50
CA GLN A 2156 -34.12 37.60 87.08
C GLN A 2156 -33.48 38.02 85.76
N HIS A 2157 -32.17 37.82 85.61
CA HIS A 2157 -31.42 38.31 84.47
C HIS A 2157 -30.77 37.15 83.73
N PRO A 2158 -31.51 36.45 82.87
CA PRO A 2158 -30.87 35.42 82.04
C PRO A 2158 -30.02 36.02 80.92
N ASN A 2159 -30.35 37.23 80.46
CA ASN A 2159 -29.55 37.90 79.45
C ASN A 2159 -28.14 38.15 79.95
N LEU A 2160 -28.01 38.55 81.22
CA LEU A 2160 -26.68 38.74 81.79
C LEU A 2160 -25.90 37.43 81.86
N MET A 2161 -26.58 36.33 82.17
CA MET A 2161 -25.92 35.03 82.19
C MET A 2161 -25.41 34.66 80.80
N ARG A 2162 -26.25 34.84 79.78
CA ARG A 2162 -25.82 34.54 78.42
C ARG A 2162 -24.70 35.45 77.97
N ALA A 2163 -24.68 36.70 78.44
CA ALA A 2163 -23.60 37.61 78.07
C ALA A 2163 -22.29 37.21 78.75
N LEU A 2164 -22.36 36.81 80.02
CA LEU A 2164 -21.16 36.32 80.70
C LEU A 2164 -20.67 35.01 80.12
N GLY A 2165 -21.58 34.23 79.53
CA GLY A 2165 -21.20 32.96 78.95
C GLY A 2165 -21.06 31.83 79.94
N MET A 2166 -21.96 31.76 80.93
CA MET A 2166 -21.88 30.68 81.91
C MET A 2166 -22.10 29.32 81.27
N HIS A 2167 -23.04 29.24 80.32
CA HIS A 2167 -23.29 27.98 79.65
C HIS A 2167 -22.08 27.52 78.86
N GLU A 2168 -21.33 28.47 78.27
CA GLU A 2168 -20.13 28.14 77.51
C GLU A 2168 -19.06 27.51 78.41
N THR A 2169 -18.81 28.12 79.57
CA THR A 2169 -17.80 27.58 80.48
C THR A 2169 -18.25 26.24 81.06
N VAL A 2170 -19.54 26.11 81.37
CA VAL A 2170 -20.04 24.84 81.88
C VAL A 2170 -19.93 23.76 80.83
N MET A 2171 -20.18 24.10 79.56
CA MET A 2171 -20.03 23.12 78.49
C MET A 2171 -18.57 22.74 78.30
N GLU A 2172 -17.66 23.71 78.43
CA GLU A 2172 -16.24 23.37 78.35
C GLU A 2172 -15.85 22.43 79.49
N VAL A 2173 -16.36 22.68 80.70
CA VAL A 2173 -16.08 21.77 81.81
C VAL A 2173 -16.64 20.39 81.55
N MET A 2174 -17.85 20.32 80.97
CA MET A 2174 -18.47 19.04 80.70
C MET A 2174 -17.69 18.24 79.66
N VAL A 2175 -17.30 18.88 78.56
CA VAL A 2175 -16.51 18.17 77.55
C VAL A 2175 -15.12 17.85 78.09
N ASN A 2176 -14.60 18.68 79.01
CA ASN A 2176 -13.27 18.46 79.56
C ASN A 2176 -13.27 17.25 80.48
N VAL A 2177 -14.37 17.03 81.21
CA VAL A 2177 -14.50 15.84 82.04
C VAL A 2177 -14.80 14.62 81.18
N LEU A 2178 -15.65 14.77 80.16
CA LEU A 2178 -16.02 13.63 79.32
C LEU A 2178 -14.86 13.16 78.45
N GLY A 2179 -13.88 14.01 78.19
CA GLY A 2179 -12.73 13.58 77.40
C GLY A 2179 -11.92 12.53 78.13
N GLY A 2180 -11.37 11.58 77.36
CA GLY A 2180 -10.58 10.52 77.92
C GLY A 2180 -11.16 9.13 77.70
N GLY A 2181 -12.49 9.03 77.80
CA GLY A 2181 -13.15 7.76 77.59
C GLY A 2181 -14.51 7.91 76.93
N GLU A 2182 -14.79 7.04 75.94
CA GLU A 2182 -16.06 7.09 75.22
C GLU A 2182 -17.10 6.20 75.88
N SER A 2183 -16.81 4.91 76.03
CA SER A 2183 -17.71 3.97 76.67
C SER A 2183 -17.07 3.09 77.73
N LYS A 2184 -15.75 3.12 77.87
CA LYS A 2184 -15.09 2.30 78.89
C LYS A 2184 -15.38 2.81 80.29
N GLU A 2185 -15.04 4.06 80.56
CA GLU A 2185 -15.25 4.63 81.89
C GLU A 2185 -15.27 6.15 81.77
N ILE A 2186 -16.22 6.77 82.45
CA ILE A 2186 -16.37 8.22 82.48
C ILE A 2186 -15.69 8.71 83.76
N THR A 2187 -14.53 9.34 83.60
CA THR A 2187 -13.77 9.83 84.74
C THR A 2187 -14.49 10.99 85.42
N PHE A 2188 -14.25 11.11 86.73
CA PHE A 2188 -14.89 12.08 87.62
C PHE A 2188 -16.39 12.09 87.43
N PRO A 2189 -17.10 11.07 87.91
CA PRO A 2189 -18.57 11.05 87.78
C PRO A 2189 -19.23 12.13 88.62
N LYS A 2190 -20.49 12.39 88.29
CA LYS A 2190 -21.38 13.35 88.95
C LYS A 2190 -20.99 14.78 88.65
N MET A 2191 -19.80 14.99 88.07
CA MET A 2191 -19.46 16.32 87.60
C MET A 2191 -20.21 16.63 86.31
N VAL A 2192 -20.20 15.68 85.37
CA VAL A 2192 -21.03 15.81 84.18
C VAL A 2192 -22.49 15.93 84.57
N ALA A 2193 -22.89 15.26 85.65
CA ALA A 2193 -24.27 15.34 86.12
C ALA A 2193 -24.62 16.74 86.58
N ASN A 2194 -23.80 17.33 87.44
CA ASN A 2194 -24.08 18.69 87.91
C ASN A 2194 -24.06 19.68 86.75
N CYS A 2195 -23.14 19.51 85.79
CA CYS A 2195 -23.11 20.40 84.64
C CYS A 2195 -24.38 20.25 83.80
N CYS A 2196 -24.83 19.01 83.59
CA CYS A 2196 -26.05 18.79 82.82
C CYS A 2196 -27.27 19.34 83.52
N ARG A 2197 -27.32 19.26 84.86
CA ARG A 2197 -28.43 19.85 85.59
C ARG A 2197 -28.44 21.36 85.47
N PHE A 2198 -27.27 21.99 85.62
CA PHE A 2198 -27.18 23.43 85.45
C PHE A 2198 -27.60 23.85 84.05
N LEU A 2199 -27.16 23.11 83.03
CA LEU A 2199 -27.52 23.45 81.66
C LEU A 2199 -29.02 23.24 81.41
N CYS A 2200 -29.59 22.17 81.99
CA CYS A 2200 -31.02 21.94 81.87
C CYS A 2200 -31.80 23.11 82.44
N TYR A 2201 -31.44 23.55 83.65
CA TYR A 2201 -32.17 24.65 84.28
C TYR A 2201 -31.94 25.96 83.53
N PHE A 2202 -30.73 26.16 83.01
CA PHE A 2202 -30.43 27.35 82.21
C PHE A 2202 -31.29 27.40 80.96
N CYS A 2203 -31.49 26.25 80.31
CA CYS A 2203 -32.37 26.21 79.14
C CYS A 2203 -33.83 26.29 79.54
N ARG A 2204 -34.19 25.82 80.73
CA ARG A 2204 -35.59 25.86 81.14
C ARG A 2204 -36.06 27.28 81.40
N ILE A 2205 -35.37 28.03 82.24
CA ILE A 2205 -35.82 29.40 82.57
C ILE A 2205 -35.20 30.31 81.52
N SER A 2206 -35.85 30.33 80.34
CA SER A 2206 -35.49 31.19 79.22
C SER A 2206 -36.39 30.98 78.02
N ARG A 2207 -36.20 31.78 76.97
CA ARG A 2207 -36.79 31.51 75.66
C ARG A 2207 -35.77 31.58 74.52
N GLN A 2208 -34.68 32.32 74.67
CA GLN A 2208 -33.64 32.40 73.66
C GLN A 2208 -32.35 31.67 74.05
N ASN A 2209 -32.13 31.43 75.33
CA ASN A 2209 -30.98 30.62 75.74
C ASN A 2209 -31.10 29.19 75.22
N GLN A 2210 -32.32 28.70 74.98
CA GLN A 2210 -32.47 27.43 74.29
C GLN A 2210 -31.86 27.48 72.90
N LYS A 2211 -32.09 28.57 72.17
CA LYS A 2211 -31.46 28.73 70.87
C LYS A 2211 -29.94 28.88 71.01
N ALA A 2212 -29.48 29.58 72.06
CA ALA A 2212 -28.05 29.75 72.27
C ALA A 2212 -27.38 28.42 72.58
N MET A 2213 -28.09 27.49 73.22
CA MET A 2213 -27.55 26.18 73.56
C MET A 2213 -27.78 25.15 72.46
N PHE A 2214 -28.70 25.41 71.53
CA PHE A 2214 -28.98 24.46 70.46
C PHE A 2214 -27.76 24.09 69.65
N ASP A 2215 -26.74 24.95 69.61
CA ASP A 2215 -25.55 24.65 68.82
C ASP A 2215 -24.75 23.52 69.47
N HIS A 2216 -24.64 23.51 70.79
CA HIS A 2216 -23.95 22.43 71.49
C HIS A 2216 -24.73 21.13 71.47
N LEU A 2217 -26.01 21.17 71.10
CA LEU A 2217 -26.79 19.95 71.00
C LEU A 2217 -26.20 18.99 69.97
N SER A 2218 -25.73 19.53 68.85
CA SER A 2218 -25.12 18.70 67.83
C SER A 2218 -23.91 17.95 68.36
N TYR A 2219 -23.18 18.54 69.31
CA TYR A 2219 -22.08 17.82 69.94
C TYR A 2219 -22.59 16.82 70.96
N LEU A 2220 -23.42 17.27 71.91
CA LEU A 2220 -23.76 16.43 73.05
C LEU A 2220 -24.65 15.26 72.66
N LEU A 2221 -25.29 15.30 71.48
CA LEU A 2221 -26.00 14.11 71.02
C LEU A 2221 -25.05 12.97 70.68
N GLU A 2222 -23.78 13.27 70.39
CA GLU A 2222 -22.82 12.22 70.08
C GLU A 2222 -22.51 11.39 71.33
N ASN A 2223 -22.29 12.04 72.47
CA ASN A 2223 -22.00 11.35 73.71
C ASN A 2223 -23.21 11.31 74.65
N SER A 2224 -24.41 11.48 74.11
CA SER A 2224 -25.63 11.36 74.93
C SER A 2224 -25.83 9.95 75.47
N SER A 2225 -25.03 8.96 75.04
CA SER A 2225 -25.17 7.61 75.56
C SER A 2225 -24.74 7.49 77.02
N VAL A 2226 -23.88 8.39 77.50
CA VAL A 2226 -23.45 8.33 78.89
C VAL A 2226 -24.58 8.79 79.81
N GLY A 2227 -24.52 8.34 81.06
CA GLY A 2227 -25.51 8.68 82.05
C GLY A 2227 -26.80 7.89 81.96
N LEU A 2228 -27.06 7.22 80.83
CA LEU A 2228 -28.26 6.42 80.68
C LEU A 2228 -28.07 5.09 81.40
N ALA A 2229 -29.07 4.21 81.26
CA ALA A 2229 -29.06 2.88 81.88
C ALA A 2229 -28.90 2.97 83.40
N SER A 2230 -29.40 4.03 84.00
CA SER A 2230 -29.30 4.24 85.44
C SER A 2230 -30.47 5.11 85.87
N PRO A 2231 -31.54 4.52 86.41
CA PRO A 2231 -32.73 5.28 86.81
C PRO A 2231 -32.56 6.03 88.13
N ALA A 2232 -31.42 6.70 88.28
CA ALA A 2232 -31.16 7.54 89.44
C ALA A 2232 -31.08 9.01 89.10
N MET A 2233 -30.88 9.36 87.83
CA MET A 2233 -30.84 10.75 87.36
C MET A 2233 -31.84 10.89 86.23
N ARG A 2234 -33.10 11.15 86.58
CA ARG A 2234 -34.12 11.46 85.58
C ARG A 2234 -33.97 12.87 85.04
N GLY A 2235 -33.10 13.68 85.66
CA GLY A 2235 -32.78 15.01 85.24
C GLY A 2235 -31.46 15.06 84.49
N SER A 2236 -30.39 15.34 85.24
CA SER A 2236 -29.04 15.46 84.69
C SER A 2236 -28.69 14.32 83.75
N THR A 2237 -28.51 14.65 82.47
CA THR A 2237 -28.09 13.75 81.40
C THR A 2237 -27.83 14.60 80.15
N PRO A 2238 -26.84 14.25 79.32
CA PRO A 2238 -26.70 14.98 78.04
C PRO A 2238 -27.92 14.84 77.14
N LEU A 2239 -28.50 13.64 77.04
CA LEU A 2239 -29.71 13.48 76.24
C LEU A 2239 -30.85 14.30 76.83
N ASP A 2240 -30.92 14.38 78.16
CA ASP A 2240 -32.00 15.15 78.79
C ASP A 2240 -31.80 16.64 78.60
N VAL A 2241 -30.56 17.13 78.59
CA VAL A 2241 -30.38 18.55 78.32
C VAL A 2241 -30.65 18.85 76.85
N ALA A 2242 -30.38 17.90 75.97
CA ALA A 2242 -30.81 18.03 74.58
C ALA A 2242 -32.32 18.18 74.49
N ALA A 2243 -33.05 17.27 75.16
CA ALA A 2243 -34.51 17.33 75.12
C ALA A 2243 -35.04 18.62 75.73
N ALA A 2244 -34.39 19.11 76.79
CA ALA A 2244 -34.80 20.36 77.40
C ALA A 2244 -34.55 21.54 76.47
N SER A 2245 -33.51 21.45 75.62
CA SER A 2245 -33.26 22.51 74.66
C SER A 2245 -34.27 22.48 73.52
N VAL A 2246 -34.67 21.30 73.07
CA VAL A 2246 -35.64 21.26 71.96
C VAL A 2246 -37.05 21.55 72.46
N MET A 2247 -37.34 21.25 73.72
CA MET A 2247 -38.70 21.30 74.23
C MET A 2247 -39.23 22.72 74.28
N ASP A 2248 -40.52 22.88 73.93
CA ASP A 2248 -41.24 24.14 74.01
C ASP A 2248 -40.60 25.20 73.13
N ASN A 2249 -40.28 24.82 71.89
CA ASN A 2249 -39.76 25.77 70.92
C ASN A 2249 -40.07 25.23 69.52
N ASN A 2250 -41.13 25.75 68.91
CA ASN A 2250 -41.47 25.32 67.56
C ASN A 2250 -40.38 25.70 66.57
N GLU A 2251 -39.80 26.89 66.73
CA GLU A 2251 -38.74 27.32 65.83
C GLU A 2251 -37.50 26.43 65.94
N LEU A 2252 -37.12 26.06 67.16
CA LEU A 2252 -35.97 25.17 67.33
C LEU A 2252 -36.29 23.76 66.82
N ALA A 2253 -37.49 23.27 67.07
CA ALA A 2253 -37.87 21.96 66.53
C ALA A 2253 -37.87 21.97 65.01
N LEU A 2254 -38.19 23.10 64.40
CA LEU A 2254 -38.16 23.18 62.94
C LEU A 2254 -36.73 23.27 62.42
N ALA A 2255 -35.88 24.05 63.11
CA ALA A 2255 -34.48 24.15 62.72
C ALA A 2255 -33.71 22.87 62.99
N LEU A 2256 -34.26 21.97 63.82
CA LEU A 2256 -33.63 20.69 64.08
C LEU A 2256 -33.76 19.80 62.85
N ARG A 2257 -32.80 19.92 61.93
CA ARG A 2257 -32.83 19.16 60.69
C ARG A 2257 -32.26 17.77 60.90
N GLU A 2258 -31.82 17.09 59.83
CA GLU A 2258 -31.34 15.72 59.96
C GLU A 2258 -29.82 15.50 59.84
N PRO A 2259 -28.98 16.24 60.58
CA PRO A 2259 -27.61 15.76 60.75
C PRO A 2259 -27.44 14.93 62.01
N ASP A 2260 -28.51 14.78 62.80
CA ASP A 2260 -28.45 14.05 64.07
C ASP A 2260 -29.61 13.10 64.31
N LEU A 2261 -30.73 13.22 63.58
CA LEU A 2261 -31.85 12.32 63.83
C LEU A 2261 -31.50 10.89 63.48
N GLU A 2262 -30.78 10.68 62.38
CA GLU A 2262 -30.32 9.33 62.06
C GLU A 2262 -29.31 8.84 63.09
N LYS A 2263 -28.57 9.74 63.73
CA LYS A 2263 -27.69 9.31 64.82
C LYS A 2263 -28.50 8.82 66.02
N VAL A 2264 -29.56 9.54 66.38
CA VAL A 2264 -30.44 9.10 67.47
C VAL A 2264 -31.09 7.77 67.11
N VAL A 2265 -31.48 7.61 65.84
CA VAL A 2265 -32.08 6.36 65.39
C VAL A 2265 -31.07 5.22 65.43
N ARG A 2266 -29.81 5.51 65.09
CA ARG A 2266 -28.77 4.50 65.18
C ARG A 2266 -28.52 4.08 66.63
N TYR A 2267 -28.56 5.04 67.55
CA TYR A 2267 -28.42 4.70 68.96
C TYR A 2267 -29.58 3.84 69.43
N LEU A 2268 -30.80 4.18 69.00
CA LEU A 2268 -31.97 3.36 69.34
C LEU A 2268 -31.84 1.95 68.78
N ALA A 2269 -31.33 1.84 67.55
CA ALA A 2269 -31.12 0.52 66.95
C ALA A 2269 -30.08 -0.28 67.73
N GLY A 2270 -28.98 0.36 68.12
CA GLY A 2270 -27.97 -0.34 68.89
C GLY A 2270 -28.48 -0.81 70.25
N CYS A 2271 -29.27 0.04 70.92
CA CYS A 2271 -29.78 -0.34 72.23
C CYS A 2271 -30.84 -1.43 72.09
N GLY A 2272 -31.62 -1.41 71.01
CA GLY A 2272 -32.57 -2.48 70.76
C GLY A 2272 -31.95 -3.77 70.28
N LEU A 2273 -30.72 -3.73 69.80
CA LEU A 2273 -30.03 -4.95 69.38
C LEU A 2273 -29.21 -5.57 70.51
N GLN A 2274 -28.31 -4.79 71.11
CA GLN A 2274 -27.40 -5.30 72.13
C GLN A 2274 -28.10 -5.35 73.50
N SER A 2275 -27.34 -5.64 74.56
CA SER A 2275 -27.88 -5.72 75.91
C SER A 2275 -27.21 -4.74 76.86
N CYS A 2276 -26.47 -3.77 76.33
CA CYS A 2276 -25.97 -2.55 76.98
C CYS A 2276 -24.81 -2.80 77.95
N GLN A 2277 -24.47 -4.07 78.21
CA GLN A 2277 -23.27 -4.41 78.98
C GLN A 2277 -23.22 -3.72 80.35
N MET A 2278 -24.39 -3.51 80.96
CA MET A 2278 -24.45 -2.89 82.29
C MET A 2278 -25.33 -3.67 83.26
N LEU A 2279 -26.36 -4.34 82.74
CA LEU A 2279 -27.24 -5.13 83.58
C LEU A 2279 -26.73 -6.54 83.81
N VAL A 2280 -25.93 -7.07 82.88
CA VAL A 2280 -25.31 -8.36 83.10
C VAL A 2280 -24.29 -8.27 84.24
N SER A 2281 -23.73 -7.09 84.48
CA SER A 2281 -22.82 -6.91 85.61
C SER A 2281 -23.58 -6.88 86.93
N LYS A 2282 -24.82 -6.39 86.91
CA LYS A 2282 -25.66 -6.33 88.10
C LYS A 2282 -26.27 -7.69 88.42
N GLY A 2283 -26.60 -8.47 87.39
CA GLY A 2283 -27.17 -9.79 87.60
C GLY A 2283 -28.50 -9.96 86.89
N TYR A 2284 -28.83 -9.05 85.97
CA TYR A 2284 -30.09 -9.15 85.26
C TYR A 2284 -30.02 -10.29 84.24
N PRO A 2285 -31.17 -10.83 83.82
CA PRO A 2285 -31.15 -12.08 83.04
C PRO A 2285 -30.67 -11.92 81.61
N ASP A 2286 -30.12 -10.74 81.25
CA ASP A 2286 -29.54 -10.50 79.94
C ASP A 2286 -30.56 -10.74 78.82
N ILE A 2287 -31.58 -9.89 78.83
CA ILE A 2287 -32.54 -9.88 77.74
C ILE A 2287 -31.85 -9.40 76.46
N GLY A 2288 -32.31 -9.90 75.31
CA GLY A 2288 -31.66 -9.62 74.05
C GLY A 2288 -31.85 -8.22 73.52
N TRP A 2289 -32.28 -7.30 74.38
CA TRP A 2289 -32.49 -5.91 73.99
C TRP A 2289 -32.57 -5.05 75.24
N ASN A 2290 -32.20 -3.78 75.08
CA ASN A 2290 -32.11 -2.86 76.21
C ASN A 2290 -33.31 -1.93 76.21
N PRO A 2291 -34.20 -2.02 77.19
CA PRO A 2291 -35.37 -1.13 77.24
C PRO A 2291 -35.20 0.12 78.11
N VAL A 2292 -34.02 0.37 78.67
CA VAL A 2292 -33.83 1.51 79.55
C VAL A 2292 -33.27 2.68 78.77
N GLU A 2293 -32.44 2.40 77.77
CA GLU A 2293 -31.93 3.44 76.88
C GLU A 2293 -32.91 3.74 75.75
N GLY A 2294 -33.63 2.73 75.29
CA GLY A 2294 -34.66 2.97 74.29
C GLY A 2294 -35.73 3.91 74.79
N GLU A 2295 -36.09 3.81 76.07
CA GLU A 2295 -37.08 4.72 76.63
C GLU A 2295 -36.60 6.16 76.55
N ARG A 2296 -35.34 6.42 76.91
CA ARG A 2296 -34.81 7.77 76.87
C ARG A 2296 -34.72 8.28 75.43
N TYR A 2297 -34.29 7.41 74.50
CA TYR A 2297 -34.21 7.83 73.11
C TYR A 2297 -35.58 8.18 72.55
N LEU A 2298 -36.60 7.34 72.86
CA LEU A 2298 -37.95 7.63 72.40
C LEU A 2298 -38.50 8.88 73.07
N ASP A 2299 -38.13 9.14 74.33
CA ASP A 2299 -38.57 10.36 75.00
C ASP A 2299 -37.98 11.59 74.33
N PHE A 2300 -36.70 11.54 73.97
CA PHE A 2300 -36.09 12.66 73.25
C PHE A 2300 -36.75 12.85 71.90
N LEU A 2301 -36.98 11.76 71.17
CA LEU A 2301 -37.64 11.87 69.87
C LEU A 2301 -39.05 12.45 70.01
N ARG A 2302 -39.75 12.07 71.08
CA ARG A 2302 -41.09 12.62 71.32
C ARG A 2302 -41.03 14.12 71.58
N PHE A 2303 -40.09 14.55 72.42
CA PHE A 2303 -39.92 15.97 72.69
C PHE A 2303 -39.53 16.73 71.42
N ALA A 2304 -38.82 16.07 70.50
CA ALA A 2304 -38.42 16.73 69.27
C ALA A 2304 -39.54 16.78 68.24
N VAL A 2305 -40.47 15.82 68.28
CA VAL A 2305 -41.50 15.73 67.26
C VAL A 2305 -42.82 16.39 67.67
N PHE A 2306 -43.12 16.46 68.96
CA PHE A 2306 -44.40 16.98 69.45
C PHE A 2306 -44.13 18.18 70.35
N CYS A 2307 -44.45 19.38 69.85
CA CYS A 2307 -44.19 20.62 70.58
C CYS A 2307 -45.45 21.47 70.62
N ASN A 2308 -45.76 22.00 71.80
CA ASN A 2308 -46.87 22.93 72.02
C ASN A 2308 -48.23 22.32 71.69
N GLY A 2309 -48.30 21.00 71.55
CA GLY A 2309 -49.56 20.33 71.27
C GLY A 2309 -49.82 20.02 69.82
N GLU A 2310 -48.88 20.32 68.92
CA GLU A 2310 -49.03 20.03 67.51
C GLU A 2310 -47.86 19.17 67.04
N SER A 2311 -48.13 18.32 66.05
CA SER A 2311 -47.13 17.43 65.50
C SER A 2311 -46.37 18.15 64.39
N VAL A 2312 -45.05 18.27 64.57
CA VAL A 2312 -44.20 18.86 63.55
C VAL A 2312 -44.20 17.94 62.33
N GLU A 2313 -44.68 18.47 61.19
CA GLU A 2313 -44.98 17.60 60.05
C GLU A 2313 -43.71 16.97 59.48
N GLU A 2314 -42.71 17.78 59.12
CA GLU A 2314 -41.55 17.22 58.45
C GLU A 2314 -40.69 16.40 59.41
N ASN A 2315 -40.61 16.82 60.67
CA ASN A 2315 -39.89 16.02 61.66
C ASN A 2315 -40.57 14.67 61.85
N ALA A 2316 -41.90 14.66 61.94
CA ALA A 2316 -42.61 13.40 62.05
C ALA A 2316 -42.37 12.52 60.83
N ASN A 2317 -42.45 13.12 59.64
CA ASN A 2317 -42.23 12.36 58.40
C ASN A 2317 -40.85 11.72 58.42
N VAL A 2318 -39.82 12.49 58.78
CA VAL A 2318 -38.45 11.99 58.69
C VAL A 2318 -38.17 10.95 59.79
N VAL A 2319 -38.76 11.13 60.98
CA VAL A 2319 -38.58 10.11 62.01
C VAL A 2319 -39.28 8.81 61.61
N VAL A 2320 -40.44 8.92 60.95
CA VAL A 2320 -41.09 7.72 60.40
C VAL A 2320 -40.20 7.07 59.36
N ARG A 2321 -39.62 7.87 58.46
CA ARG A 2321 -38.74 7.32 57.43
C ARG A 2321 -37.60 6.54 58.07
N LEU A 2322 -36.92 7.14 59.05
CA LEU A 2322 -35.79 6.48 59.68
C LEU A 2322 -36.21 5.22 60.43
N LEU A 2323 -37.32 5.30 61.17
CA LEU A 2323 -37.77 4.14 61.96
C LEU A 2323 -38.24 3.00 61.07
N ILE A 2324 -38.78 3.30 59.88
CA ILE A 2324 -39.20 2.20 59.01
C ILE A 2324 -38.03 1.67 58.21
N ARG A 2325 -37.04 2.50 57.89
CA ARG A 2325 -35.87 2.00 57.18
C ARG A 2325 -35.01 1.13 58.08
N ARG A 2326 -34.96 1.45 59.37
CA ARG A 2326 -34.26 0.63 60.36
C ARG A 2326 -35.28 -0.06 61.26
N PRO A 2327 -35.69 -1.29 60.95
CA PRO A 2327 -36.77 -1.92 61.73
C PRO A 2327 -36.35 -2.40 63.11
N GLU A 2328 -35.06 -2.52 63.37
CA GLU A 2328 -34.64 -2.99 64.68
C GLU A 2328 -34.80 -1.96 65.78
N CYS A 2329 -35.31 -0.76 65.47
CA CYS A 2329 -35.56 0.21 66.53
C CYS A 2329 -36.76 -0.19 67.38
N PHE A 2330 -37.73 -0.89 66.80
CA PHE A 2330 -38.87 -1.35 67.56
C PHE A 2330 -38.48 -2.56 68.41
N GLY A 2331 -39.40 -2.96 69.30
CA GLY A 2331 -39.20 -4.10 70.15
C GLY A 2331 -39.17 -5.39 69.36
N PRO A 2332 -38.35 -6.35 69.79
CA PRO A 2332 -38.27 -7.62 69.07
C PRO A 2332 -39.55 -8.45 69.18
N ALA A 2333 -40.30 -8.31 70.26
CA ALA A 2333 -41.55 -9.04 70.44
C ALA A 2333 -42.73 -8.38 69.75
N LEU A 2334 -42.53 -7.21 69.15
CA LEU A 2334 -43.57 -6.51 68.39
C LEU A 2334 -43.29 -6.50 66.89
N ARG A 2335 -42.05 -6.25 66.50
CA ARG A 2335 -41.67 -6.19 65.10
C ARG A 2335 -40.74 -7.36 64.81
N GLY A 2336 -40.92 -7.97 63.65
CA GLY A 2336 -40.01 -8.98 63.17
C GLY A 2336 -40.69 -10.33 62.98
N GLU A 2337 -39.91 -11.29 62.52
CA GLU A 2337 -40.37 -12.66 62.30
C GLU A 2337 -40.43 -13.48 63.59
N GLY A 2338 -40.25 -12.84 64.75
CA GLY A 2338 -40.29 -13.56 66.01
C GLY A 2338 -41.60 -13.38 66.74
N GLY A 2339 -41.61 -12.47 67.73
CA GLY A 2339 -42.79 -12.21 68.52
C GLY A 2339 -44.01 -11.81 67.71
N ASN A 2340 -45.20 -12.16 68.20
CA ASN A 2340 -46.42 -11.88 67.44
C ASN A 2340 -46.66 -10.39 67.34
N GLY A 2341 -46.86 -9.72 68.47
CA GLY A 2341 -47.10 -8.30 68.47
C GLY A 2341 -47.11 -7.73 69.86
N LEU A 2342 -47.68 -6.52 69.97
CA LEU A 2342 -47.66 -5.77 71.22
C LEU A 2342 -48.49 -6.44 72.31
N LEU A 2343 -49.62 -7.06 71.94
CA LEU A 2343 -50.39 -7.84 72.90
C LEU A 2343 -49.48 -8.83 73.63
N ALA A 2344 -48.94 -9.79 72.88
CA ALA A 2344 -48.09 -10.81 73.48
C ALA A 2344 -46.88 -10.22 74.16
N ALA A 2345 -46.32 -9.13 73.61
CA ALA A 2345 -45.16 -8.49 74.21
C ALA A 2345 -45.46 -8.02 75.63
N MET A 2346 -46.59 -7.32 75.81
CA MET A 2346 -46.89 -6.83 77.14
C MET A 2346 -47.41 -7.92 78.06
N GLU A 2347 -48.00 -9.00 77.51
CA GLU A 2347 -48.23 -10.19 78.34
C GLU A 2347 -46.91 -10.72 78.90
N GLU A 2348 -45.90 -10.83 78.03
CA GLU A 2348 -44.58 -11.29 78.44
C GLU A 2348 -43.97 -10.35 79.48
N ALA A 2349 -44.12 -9.04 79.27
CA ALA A 2349 -43.54 -8.07 80.20
C ALA A 2349 -44.21 -8.13 81.57
N ILE A 2350 -45.55 -8.21 81.60
CA ILE A 2350 -46.26 -8.30 82.88
C ILE A 2350 -45.87 -9.56 83.62
N LYS A 2351 -45.76 -10.69 82.91
CA LYS A 2351 -45.40 -11.94 83.58
C LYS A 2351 -43.94 -11.91 84.06
N ILE A 2352 -43.05 -11.27 83.30
CA ILE A 2352 -41.67 -11.12 83.76
C ILE A 2352 -41.62 -10.25 85.01
N ALA A 2353 -42.44 -9.18 85.04
CA ALA A 2353 -42.49 -8.34 86.23
C ALA A 2353 -43.07 -9.09 87.43
N GLU A 2354 -44.01 -10.01 87.18
CA GLU A 2354 -44.59 -10.78 88.28
C GLU A 2354 -43.61 -11.82 88.82
N ASP A 2355 -42.82 -12.42 87.92
CA ASP A 2355 -41.87 -13.46 88.31
C ASP A 2355 -40.52 -12.83 88.62
N PRO A 2356 -40.08 -12.78 89.89
CA PRO A 2356 -38.83 -12.08 90.21
C PRO A 2356 -37.57 -12.82 89.78
N SER A 2357 -37.69 -13.97 89.12
CA SER A 2357 -36.53 -14.72 88.66
C SER A 2357 -35.87 -14.12 87.43
N ARG A 2358 -36.45 -13.05 86.87
CA ARG A 2358 -35.90 -12.43 85.67
C ARG A 2358 -35.55 -10.97 85.93
N ASP A 2359 -34.90 -10.71 87.06
CA ASP A 2359 -34.49 -9.36 87.41
C ASP A 2359 -33.05 -9.36 87.92
N GLY A 2360 -32.61 -8.23 88.48
CA GLY A 2360 -31.27 -8.12 89.00
C GLY A 2360 -31.23 -8.18 90.51
N PRO A 2361 -30.75 -9.30 91.05
CA PRO A 2361 -30.65 -9.50 92.51
C PRO A 2361 -29.54 -8.67 93.13
N ASP A 2379 -35.57 0.73 93.96
CA ASP A 2379 -34.45 1.42 93.36
C ASP A 2379 -33.89 0.62 92.18
N THR A 2380 -34.06 -0.69 92.23
CA THR A 2380 -33.57 -1.55 91.17
C THR A 2380 -34.43 -1.38 89.91
N ILE A 2381 -33.94 -1.94 88.81
CA ILE A 2381 -34.62 -1.85 87.52
C ILE A 2381 -35.53 -3.06 87.37
N HIS A 2382 -36.83 -2.86 87.53
CA HIS A 2382 -37.79 -3.90 87.20
C HIS A 2382 -37.83 -4.08 85.69
N MET A 2383 -37.44 -5.26 85.21
CA MET A 2383 -37.32 -5.47 83.78
C MET A 2383 -38.69 -5.46 83.09
N GLY A 2384 -39.70 -6.02 83.72
CA GLY A 2384 -41.04 -5.97 83.15
C GLY A 2384 -41.56 -4.56 83.05
N ASN A 2385 -41.37 -3.77 84.10
CA ASN A 2385 -41.79 -2.37 84.07
C ASN A 2385 -40.99 -1.59 83.03
N ALA A 2386 -39.71 -1.91 82.87
CA ALA A 2386 -38.90 -1.22 81.88
C ALA A 2386 -39.38 -1.53 80.46
N ILE A 2387 -39.71 -2.80 80.19
CA ILE A 2387 -40.23 -3.17 78.87
C ILE A 2387 -41.58 -2.51 78.63
N MET A 2388 -42.44 -2.49 79.64
CA MET A 2388 -43.75 -1.85 79.49
C MET A 2388 -43.60 -0.36 79.22
N THR A 2389 -42.69 0.32 79.93
CA THR A 2389 -42.49 1.75 79.72
C THR A 2389 -41.86 2.01 78.37
N PHE A 2390 -40.96 1.13 77.91
CA PHE A 2390 -40.38 1.30 76.59
C PHE A 2390 -41.44 1.19 75.51
N TYR A 2391 -42.31 0.19 75.61
CA TYR A 2391 -43.36 0.02 74.61
C TYR A 2391 -44.36 1.16 74.68
N ALA A 2392 -44.68 1.64 75.88
CA ALA A 2392 -45.57 2.78 76.02
C ALA A 2392 -44.97 4.03 75.41
N ALA A 2393 -43.67 4.24 75.61
CA ALA A 2393 -43.00 5.39 75.02
C ALA A 2393 -42.94 5.30 73.51
N LEU A 2394 -42.72 4.11 72.97
CA LEU A 2394 -42.74 3.93 71.52
C LEU A 2394 -44.12 4.22 70.96
N ILE A 2395 -45.16 3.73 71.63
CA ILE A 2395 -46.54 3.97 71.17
C ILE A 2395 -46.87 5.45 71.24
N ASP A 2396 -46.43 6.12 72.32
CA ASP A 2396 -46.67 7.56 72.45
C ASP A 2396 -45.93 8.34 71.36
N LEU A 2397 -44.69 7.95 71.08
CA LEU A 2397 -43.94 8.62 70.01
C LEU A 2397 -44.65 8.46 68.68
N LEU A 2398 -45.13 7.24 68.38
CA LEU A 2398 -45.82 7.02 67.12
C LEU A 2398 -47.13 7.81 67.06
N GLY A 2399 -47.86 7.87 68.18
CA GLY A 2399 -49.11 8.62 68.19
C GLY A 2399 -48.89 10.11 68.01
N ARG A 2400 -47.85 10.66 68.63
CA ARG A 2400 -47.56 12.07 68.48
C ARG A 2400 -46.92 12.38 67.14
N CYS A 2401 -46.26 11.40 66.53
CA CYS A 2401 -45.67 11.51 65.21
C CYS A 2401 -46.66 11.19 64.09
N ALA A 2402 -47.88 10.78 64.45
CA ALA A 2402 -48.97 10.64 63.48
C ALA A 2402 -49.14 11.95 62.72
N PRO A 2403 -49.62 11.91 61.47
CA PRO A 2403 -49.61 13.12 60.64
C PRO A 2403 -50.23 14.35 61.29
N GLU A 2404 -51.51 14.26 61.66
CA GLU A 2404 -52.21 15.39 62.26
C GLU A 2404 -53.52 14.84 62.84
N MET A 2405 -54.42 15.75 63.22
CA MET A 2405 -55.78 15.39 63.62
C MET A 2405 -56.72 15.31 62.42
N HIS A 2406 -56.18 15.00 61.24
CA HIS A 2406 -56.82 14.94 59.93
C HIS A 2406 -57.06 16.31 59.32
N LEU A 2407 -56.63 17.41 59.97
CA LEU A 2407 -56.81 18.73 59.38
C LEU A 2407 -56.12 18.82 58.02
N ILE A 2408 -54.82 18.50 57.98
CA ILE A 2408 -54.12 18.41 56.71
C ILE A 2408 -54.23 17.02 56.07
N HIS A 2409 -54.58 16.00 56.85
CA HIS A 2409 -54.70 14.66 56.30
C HIS A 2409 -55.93 14.51 55.41
N ALA A 2410 -56.96 15.34 55.61
CA ALA A 2410 -58.14 15.29 54.75
C ALA A 2410 -57.86 15.77 53.34
N GLY A 2411 -56.70 16.37 53.08
CA GLY A 2411 -56.37 16.84 51.75
C GLY A 2411 -55.00 16.44 51.25
N LYS A 2412 -54.14 15.91 52.13
CA LYS A 2412 -52.78 15.55 51.77
C LYS A 2412 -52.64 14.03 51.68
N GLY A 2413 -51.89 13.57 50.66
CA GLY A 2413 -51.67 12.16 50.46
C GLY A 2413 -50.51 11.59 51.25
N GLU A 2414 -49.49 12.42 51.51
CA GLU A 2414 -48.38 11.98 52.35
C GLU A 2414 -48.85 11.61 53.75
N ALA A 2415 -49.77 12.41 54.30
CA ALA A 2415 -50.34 12.09 55.60
C ALA A 2415 -51.12 10.77 55.56
N ILE A 2416 -51.82 10.53 54.45
CA ILE A 2416 -52.55 9.26 54.30
C ILE A 2416 -51.56 8.10 54.28
N ARG A 2417 -50.44 8.26 53.58
CA ARG A 2417 -49.44 7.20 53.51
C ARG A 2417 -48.84 6.93 54.88
N ILE A 2418 -48.53 7.99 55.63
CA ILE A 2418 -47.93 7.82 56.95
C ILE A 2418 -48.92 7.15 57.90
N ARG A 2419 -50.19 7.54 57.82
CA ARG A 2419 -51.20 6.90 58.67
C ARG A 2419 -51.36 5.43 58.31
N SER A 2420 -51.31 5.10 57.01
CA SER A 2420 -51.39 3.70 56.60
C SER A 2420 -50.19 2.91 57.10
N ILE A 2421 -49.00 3.52 57.09
CA ILE A 2421 -47.81 2.85 57.60
C ILE A 2421 -47.94 2.59 59.10
N LEU A 2422 -48.43 3.59 59.84
CA LEU A 2422 -48.61 3.40 61.27
C LEU A 2422 -49.66 2.33 61.57
N ARG A 2423 -50.72 2.28 60.76
CA ARG A 2423 -51.75 1.26 60.96
C ARG A 2423 -51.22 -0.14 60.64
N SER A 2424 -50.42 -0.25 59.58
CA SER A 2424 -49.77 -1.52 59.26
C SER A 2424 -48.79 -1.92 60.35
N LEU A 2425 -48.19 -0.95 61.04
CA LEU A 2425 -47.28 -1.28 62.12
C LEU A 2425 -48.03 -1.78 63.34
N ILE A 2426 -49.02 -1.04 63.81
CA ILE A 2426 -49.76 -1.39 65.01
C ILE A 2426 -51.21 -1.69 64.65
N PRO A 2427 -51.70 -2.91 64.86
CA PRO A 2427 -53.11 -3.21 64.58
C PRO A 2427 -54.03 -2.61 65.63
N LEU A 2428 -55.32 -2.64 65.33
CA LEU A 2428 -56.35 -2.09 66.20
C LEU A 2428 -56.73 -3.04 67.32
N GLY A 2429 -57.00 -4.31 66.99
CA GLY A 2429 -57.27 -5.30 68.03
C GLY A 2429 -56.12 -5.42 69.02
N ASP A 2430 -54.89 -5.30 68.52
CA ASP A 2430 -53.73 -5.18 69.39
C ASP A 2430 -53.93 -4.09 70.42
N LEU A 2431 -54.33 -2.90 69.97
CA LEU A 2431 -54.47 -1.75 70.85
C LEU A 2431 -55.58 -1.95 71.87
N VAL A 2432 -56.73 -2.45 71.43
CA VAL A 2432 -57.84 -2.64 72.36
C VAL A 2432 -57.51 -3.73 73.38
N GLY A 2433 -56.81 -4.79 72.96
CA GLY A 2433 -56.42 -5.81 73.92
C GLY A 2433 -55.39 -5.32 74.92
N VAL A 2434 -54.46 -4.48 74.47
CA VAL A 2434 -53.50 -3.92 75.42
C VAL A 2434 -54.20 -2.93 76.37
N ILE A 2435 -55.22 -2.24 75.90
CA ILE A 2435 -55.97 -1.35 76.80
C ILE A 2435 -56.71 -2.15 77.84
N SER A 2436 -57.35 -3.26 77.43
CA SER A 2436 -58.10 -4.10 78.36
C SER A 2436 -57.13 -4.99 79.12
N ILE A 2437 -56.64 -4.48 80.26
CA ILE A 2437 -55.80 -5.26 81.16
C ILE A 2437 -56.43 -5.25 82.54
N ALA A 2438 -57.17 -4.17 82.85
CA ALA A 2438 -57.86 -4.00 84.12
C ALA A 2438 -56.88 -4.11 85.30
N PHE A 2439 -55.97 -3.13 85.35
CA PHE A 2439 -54.94 -3.10 86.37
C PHE A 2439 -55.56 -3.12 87.76
N GLN A 2440 -54.87 -3.78 88.70
CA GLN A 2440 -55.38 -3.89 90.05
C GLN A 2440 -55.25 -2.57 90.79
N MET A 2441 -56.22 -2.29 91.65
CA MET A 2441 -56.19 -1.06 92.46
C MET A 2441 -56.33 -1.43 93.93
N PRO A 2442 -55.24 -1.37 94.70
CA PRO A 2442 -55.28 -1.70 96.13
C PRO A 2442 -56.08 -0.69 96.96
N GLU A 2452 -53.55 -0.27 102.92
CA GLU A 2452 -52.59 -1.18 102.30
C GLU A 2452 -52.18 -0.66 100.93
N PRO A 2453 -51.03 0.00 100.86
CA PRO A 2453 -50.55 0.54 99.60
C PRO A 2453 -49.74 -0.49 98.80
N ASP A 2454 -49.55 -0.17 97.53
CA ASP A 2454 -48.78 -1.02 96.63
C ASP A 2454 -47.67 -0.23 95.95
N MET A 2455 -47.00 -0.85 94.97
CA MET A 2455 -45.86 -0.26 94.30
C MET A 2455 -46.29 0.33 92.96
N SER A 2456 -45.80 1.54 92.67
CA SER A 2456 -46.12 2.24 91.44
C SER A 2456 -45.05 2.06 90.37
N ALA A 2457 -44.16 1.08 90.53
CA ALA A 2457 -43.13 0.78 89.55
C ALA A 2457 -43.46 -0.46 88.74
N GLY A 2458 -44.73 -0.69 88.44
CA GLY A 2458 -45.18 -1.83 87.66
C GLY A 2458 -46.03 -1.36 86.49
N PHE A 2459 -47.13 -2.07 86.27
CA PHE A 2459 -48.07 -1.74 85.21
C PHE A 2459 -48.91 -0.54 85.66
N CYS A 2460 -48.55 0.63 85.16
CA CYS A 2460 -49.28 1.85 85.49
C CYS A 2460 -50.21 2.24 84.34
N PRO A 2461 -51.30 2.96 84.64
CA PRO A 2461 -52.24 3.35 83.57
C PRO A 2461 -51.66 4.31 82.55
N ASP A 2462 -50.42 4.78 82.72
CA ASP A 2462 -49.81 5.63 81.71
C ASP A 2462 -49.63 4.89 80.38
N HIS A 2463 -49.39 3.57 80.45
CA HIS A 2463 -49.27 2.78 79.23
C HIS A 2463 -50.57 2.80 78.44
N LYS A 2464 -51.69 2.50 79.10
CA LYS A 2464 -52.96 2.51 78.39
C LYS A 2464 -53.36 3.92 78.00
N ALA A 2465 -52.89 4.94 78.74
CA ALA A 2465 -53.13 6.31 78.32
C ALA A 2465 -52.42 6.61 77.01
N ALA A 2466 -51.16 6.17 76.87
CA ALA A 2466 -50.47 6.29 75.60
C ALA A 2466 -51.18 5.52 74.51
N MET A 2467 -51.75 4.35 74.85
CA MET A 2467 -52.49 3.57 73.88
C MET A 2467 -53.73 4.32 73.39
N VAL A 2468 -54.46 4.97 74.31
CA VAL A 2468 -55.63 5.75 73.94
C VAL A 2468 -55.21 6.94 73.08
N LEU A 2469 -54.07 7.56 73.40
CA LEU A 2469 -53.58 8.66 72.58
C LEU A 2469 -53.29 8.18 71.15
N PHE A 2470 -52.65 7.01 71.03
CA PHE A 2470 -52.34 6.46 69.71
C PHE A 2470 -53.63 6.16 68.95
N LEU A 2471 -54.62 5.57 69.62
CA LEU A 2471 -55.90 5.30 68.98
C LEU A 2471 -56.58 6.58 68.49
N ASP A 2472 -56.57 7.62 69.32
CA ASP A 2472 -57.25 8.85 68.96
C ASP A 2472 -56.54 9.56 67.82
N ARG A 2473 -55.20 9.52 67.80
CA ARG A 2473 -54.45 10.24 66.78
C ARG A 2473 -54.18 9.45 65.51
N VAL A 2474 -54.41 8.14 65.51
CA VAL A 2474 -54.18 7.30 64.34
C VAL A 2474 -55.48 6.73 63.80
N TYR A 2475 -56.20 5.94 64.59
CA TYR A 2475 -57.44 5.32 64.14
C TYR A 2475 -58.64 6.22 64.41
N GLY A 2476 -58.74 6.77 65.62
CA GLY A 2476 -59.85 7.60 65.99
C GLY A 2476 -61.12 6.80 66.24
N ILE A 2477 -62.13 7.50 66.74
CA ILE A 2477 -63.43 6.91 67.04
C ILE A 2477 -64.49 7.64 66.22
N GLU A 2478 -65.02 6.97 65.21
CA GLU A 2478 -66.04 7.55 64.34
C GLU A 2478 -67.23 6.64 64.08
N VAL A 2479 -67.12 5.34 64.29
CA VAL A 2479 -68.20 4.40 64.02
C VAL A 2479 -68.80 3.91 65.34
N GLN A 2480 -70.12 3.78 65.35
CA GLN A 2480 -70.84 3.43 66.58
C GLN A 2480 -70.40 2.06 67.09
N ASP A 2481 -70.18 1.12 66.16
CA ASP A 2481 -69.80 -0.23 66.52
C ASP A 2481 -68.48 -0.25 67.29
N PHE A 2482 -67.42 0.30 66.71
CA PHE A 2482 -66.12 0.28 67.37
C PHE A 2482 -66.11 1.15 68.62
N LEU A 2483 -66.83 2.28 68.61
CA LEU A 2483 -66.92 3.10 69.82
C LEU A 2483 -67.53 2.30 70.97
N LEU A 2484 -68.71 1.73 70.74
CA LEU A 2484 -69.34 0.90 71.75
C LEU A 2484 -68.47 -0.30 72.12
N HIS A 2485 -67.71 -0.86 71.18
CA HIS A 2485 -66.90 -2.03 71.49
C HIS A 2485 -65.79 -1.67 72.47
N LEU A 2486 -65.07 -0.58 72.19
CA LEU A 2486 -64.07 -0.08 73.12
C LEU A 2486 -64.72 0.27 74.46
N LEU A 2487 -65.93 0.82 74.42
CA LEU A 2487 -66.63 1.15 75.66
C LEU A 2487 -67.01 -0.11 76.44
N GLU A 2488 -67.23 -1.23 75.74
CA GLU A 2488 -67.45 -2.49 76.44
C GLU A 2488 -66.19 -2.94 77.15
N VAL A 2489 -65.09 -3.02 76.39
CA VAL A 2489 -63.96 -3.84 76.81
C VAL A 2489 -62.92 -3.06 77.60
N GLY A 2490 -62.60 -1.84 77.17
CA GLY A 2490 -61.47 -1.14 77.77
C GLY A 2490 -61.81 -0.11 78.81
N PHE A 2491 -62.89 0.64 78.60
CA PHE A 2491 -63.19 1.82 79.41
C PHE A 2491 -64.04 1.52 80.63
N LEU A 2492 -65.07 0.67 80.47
CA LEU A 2492 -65.97 0.38 81.57
C LEU A 2492 -65.26 -0.21 82.78
N PRO A 2493 -64.43 -1.26 82.65
CA PRO A 2493 -63.71 -1.75 83.84
C PRO A 2493 -62.81 -0.71 84.46
N ASP A 2494 -62.17 0.14 83.64
CA ASP A 2494 -61.23 1.11 84.18
C ASP A 2494 -61.93 2.18 84.99
N LEU A 2495 -63.05 2.73 84.51
CA LEU A 2495 -63.75 3.72 85.32
C LEU A 2495 -64.54 3.08 86.46
N ARG A 2496 -64.87 1.78 86.37
CA ARG A 2496 -65.38 1.11 87.57
C ARG A 2496 -64.30 1.01 88.65
N ALA A 2497 -63.09 0.61 88.25
CA ALA A 2497 -61.97 0.52 89.19
C ALA A 2497 -61.60 1.90 89.73
N ALA A 2498 -61.73 2.94 88.92
CA ALA A 2498 -61.42 4.29 89.39
C ALA A 2498 -62.51 4.84 90.29
N ALA A 2499 -63.76 4.41 90.09
CA ALA A 2499 -64.85 4.87 90.94
C ALA A 2499 -64.86 4.17 92.29
N SER A 2500 -64.34 2.94 92.36
CA SER A 2500 -64.32 2.18 93.61
C SER A 2500 -63.31 2.78 94.58
N LEU A 2501 -63.64 3.96 95.10
CA LEU A 2501 -62.75 4.74 95.94
C LEU A 2501 -63.55 5.65 96.85
N ASP A 2502 -63.36 5.54 98.15
CA ASP A 2502 -63.81 6.60 99.04
C ASP A 2502 -62.68 7.26 99.82
N THR A 2503 -61.76 6.49 100.45
CA THR A 2503 -60.70 7.12 101.24
C THR A 2503 -59.29 6.76 100.81
N ALA A 2504 -59.03 5.51 100.46
CA ALA A 2504 -57.66 5.00 100.27
C ALA A 2504 -57.25 5.24 98.83
N ALA A 2505 -56.52 6.33 98.58
CA ALA A 2505 -56.09 6.70 97.24
C ALA A 2505 -54.59 6.93 97.26
N LEU A 2506 -53.85 6.07 96.56
CA LEU A 2506 -52.41 6.21 96.42
C LEU A 2506 -51.96 6.40 94.98
N SER A 2507 -52.79 6.05 93.99
CA SER A 2507 -52.40 6.16 92.60
C SER A 2507 -53.30 7.15 91.86
N UNK A 2508 -52.82 8.38 91.75
CA UNK A 2508 -53.51 9.44 91.02
C UNK A 2508 -53.32 9.27 89.52
N UNK A 2509 -52.45 8.33 89.15
CA UNK A 2509 -52.22 8.00 87.75
C UNK A 2509 -53.52 7.47 87.16
N UNK A 2510 -54.23 6.68 87.94
CA UNK A 2510 -55.52 6.13 87.53
C UNK A 2510 -56.50 7.26 87.23
N UNK A 2511 -56.56 8.23 88.13
CA UNK A 2511 -57.44 9.39 87.96
C UNK A 2511 -57.08 10.20 86.72
N UNK A 2512 -55.79 10.43 86.52
CA UNK A 2512 -55.32 11.16 85.35
C UNK A 2512 -55.67 10.44 84.05
N UNK A 2513 -55.48 9.13 84.02
CA UNK A 2513 -55.79 8.32 82.85
C UNK A 2513 -57.29 8.29 82.60
N UNK A 2514 -58.07 8.28 83.68
CA UNK A 2514 -59.51 8.30 83.57
C UNK A 2514 -59.97 9.63 82.99
N UNK A 2515 -59.30 10.71 83.39
CA UNK A 2515 -59.58 12.03 82.84
C UNK A 2515 -59.26 12.08 81.35
N UNK A 2516 -58.13 11.46 80.97
CA UNK A 2516 -57.74 11.37 79.58
C UNK A 2516 -58.78 10.61 78.76
N UNK A 2517 -59.24 9.49 79.29
CA UNK A 2517 -60.27 8.68 78.64
C UNK A 2517 -61.58 9.45 78.52
N UNK A 2518 -61.93 10.19 79.56
CA UNK A 2518 -63.14 11.01 79.56
C UNK A 2518 -63.07 12.08 78.49
N UNK A 2519 -61.89 12.67 78.34
CA UNK A 2519 -61.66 13.68 77.29
C UNK A 2519 -61.82 13.04 75.91
N UNK A 2520 -61.22 11.87 75.74
CA UNK A 2520 -61.32 11.13 74.48
C UNK A 2520 -62.77 10.80 74.14
N UNK A 2521 -63.55 10.48 75.16
CA UNK A 2521 -64.96 10.15 74.98
C UNK A 2521 -65.78 11.40 74.65
N UNK A 2522 -65.49 12.49 75.34
CA UNK A 2522 -66.19 13.75 75.13
C UNK A 2522 -65.87 14.34 73.77
N UNK A 2523 -64.74 13.91 73.20
CA UNK A 2523 -64.36 14.33 71.86
C UNK A 2523 -65.12 13.55 70.79
N UNK A 2524 -66.32 13.11 71.11
CA UNK A 2524 -67.16 12.35 70.17
C UNK A 2524 -68.63 12.40 70.61
N UNK A 2525 -69.51 12.72 69.68
CA UNK A 2525 -70.94 12.81 69.98
C UNK A 2525 -71.71 11.68 69.32
N UNK A 2526 -71.06 10.54 69.15
CA UNK A 2526 -71.69 9.37 68.54
C UNK A 2526 -72.45 8.57 69.60
N UNK A 2527 -73.78 8.66 69.55
CA UNK A 2527 -74.62 7.93 70.50
C UNK A 2527 -75.93 7.50 69.85
N UNK A 2528 -76.27 6.22 70.01
CA UNK A 2528 -77.49 5.68 69.45
C UNK A 2528 -78.38 5.08 70.54
N UNK A 2529 -79.33 4.26 70.14
CA UNK A 2529 -80.24 3.61 71.08
C UNK A 2529 -79.60 2.37 71.69
N UNK A 2530 -80.43 1.44 72.13
CA UNK A 2530 -79.99 0.21 72.78
C UNK A 2530 -79.07 0.53 73.96
N UNK A 2531 -79.42 1.56 74.71
CA UNK A 2531 -78.63 1.98 75.87
C UNK A 2531 -78.69 0.94 76.98
N UNK A 2532 -78.03 -0.18 76.75
CA UNK A 2532 -77.99 -1.27 77.73
C UNK A 2532 -76.81 -1.12 78.66
N UNK A 2533 -75.88 -0.23 78.29
CA UNK A 2533 -74.68 -0.01 79.08
C UNK A 2533 -74.39 1.48 79.23
N UNK A 2534 -75.09 2.31 78.45
CA UNK A 2534 -74.90 3.76 78.50
C UNK A 2534 -75.30 4.31 79.86
N UNK A 2535 -76.44 3.85 80.38
CA UNK A 2535 -76.92 4.27 81.69
C UNK A 2535 -75.94 3.82 82.77
N UNK A 2536 -75.42 2.61 82.62
CA UNK A 2536 -74.45 2.06 83.56
C UNK A 2536 -73.19 2.91 83.58
N UNK A 2537 -72.71 3.28 82.40
CA UNK A 2537 -71.52 4.11 82.27
C UNK A 2537 -71.74 5.49 82.89
N UNK A 2538 -72.93 6.05 82.65
CA UNK A 2538 -73.27 7.35 83.21
C UNK A 2538 -73.29 7.30 84.73
N UNK A 2539 -73.90 6.25 85.27
CA UNK A 2539 -73.98 6.05 86.71
C UNK A 2539 -72.58 5.88 87.30
N UNK A 2540 -71.72 5.15 86.59
CA UNK A 2540 -70.35 4.92 87.04
C UNK A 2540 -69.58 6.24 87.07
N UNK A 2541 -69.76 7.05 86.04
CA UNK A 2541 -69.10 8.35 85.96
C UNK A 2541 -69.57 9.25 87.10
N UNK A 2542 -70.87 9.24 87.37
CA UNK A 2542 -71.44 10.02 88.45
C UNK A 2542 -70.87 9.58 89.80
N UNK A 2543 -70.80 8.27 89.99
CA UNK A 2543 -70.26 7.71 91.23
C UNK A 2543 -68.81 8.09 91.41
N UNK A 2544 -68.04 8.05 90.32
CA UNK A 2544 -66.64 8.43 90.35
C UNK A 2544 -66.48 9.91 90.72
N UNK A 2545 -67.30 10.75 90.11
CA UNK A 2545 -67.25 12.19 90.37
C UNK A 2545 -67.66 12.52 91.80
N UNK A 2546 -68.56 11.71 92.35
CA UNK A 2546 -69.06 11.93 93.71
C UNK A 2546 -68.09 11.41 94.76
N UNK A 2547 -67.40 10.32 94.44
CA UNK A 2547 -66.52 9.66 95.40
C UNK A 2547 -65.07 10.13 95.28
N UNK A 2548 -64.80 10.94 94.25
CA UNK A 2548 -63.46 11.50 94.07
C UNK A 2548 -63.16 12.52 95.15
N UNK A 2549 -62.18 12.20 96.00
CA UNK A 2549 -61.83 13.07 97.12
C UNK A 2549 -60.32 13.32 97.16
N UNK A 2550 -59.56 12.31 97.56
CA UNK A 2550 -58.11 12.43 97.70
C UNK A 2550 -57.45 12.62 96.34
N UNK A 2551 -57.93 11.89 95.34
CA UNK A 2551 -57.37 11.99 93.99
C UNK A 2551 -58.32 12.75 93.08
N UNK A 2552 -58.58 14.02 93.41
CA UNK A 2552 -59.49 14.84 92.63
C UNK A 2552 -59.02 16.29 92.59
N UNK A 2553 -58.98 16.86 91.40
CA UNK A 2553 -58.60 18.27 91.23
C UNK A 2553 -59.72 19.03 90.53
N UNK A 2554 -59.61 20.35 90.51
CA UNK A 2554 -60.61 21.19 89.87
C UNK A 2554 -60.69 20.89 88.37
N UNK A 2555 -59.53 20.73 87.74
CA UNK A 2555 -59.46 20.43 86.32
C UNK A 2555 -60.11 19.09 86.01
N UNK A 2556 -59.80 18.09 86.83
CA UNK A 2556 -60.37 16.76 86.66
C UNK A 2556 -61.89 16.78 86.84
N UNK A 2557 -62.34 17.54 87.83
CA UNK A 2557 -63.77 17.69 88.10
C UNK A 2557 -64.47 18.33 86.90
N UNK A 2558 -63.86 19.39 86.36
CA UNK A 2558 -64.41 20.09 85.21
C UNK A 2558 -64.47 19.16 84.00
N UNK A 2559 -63.42 18.37 83.80
CA UNK A 2559 -63.38 17.43 82.69
C UNK A 2559 -64.48 16.39 82.81
N UNK A 2560 -64.64 15.83 84.01
CA UNK A 2560 -65.68 14.84 84.27
C UNK A 2560 -67.07 15.43 84.03
N UNK A 2561 -67.27 16.66 84.49
CA UNK A 2561 -68.53 17.35 84.31
C UNK A 2561 -68.84 17.56 82.83
N UNK A 2562 -67.83 17.99 82.08
CA UNK A 2562 -67.98 18.21 80.66
C UNK A 2562 -68.31 16.92 79.94
N UNK A 2563 -67.63 15.83 80.30
CA UNK A 2563 -67.87 14.53 79.71
C UNK A 2563 -69.30 14.07 79.97
N UNK A 2564 -69.75 14.22 81.22
CA UNK A 2564 -71.10 13.83 81.61
C UNK A 2564 -72.14 14.64 80.84
N UNK A 2565 -71.90 15.94 80.73
CA UNK A 2565 -72.81 16.83 80.01
C UNK A 2565 -72.90 16.45 78.54
N UNK A 2566 -71.74 16.16 77.94
CA UNK A 2566 -71.69 15.75 76.53
C UNK A 2566 -72.45 14.45 76.32
N UNK A 2567 -72.25 13.50 77.23
CA UNK A 2567 -72.94 12.21 77.15
C UNK A 2567 -74.45 12.39 77.26
N UNK A 2568 -74.88 13.24 78.20
CA UNK A 2568 -76.29 13.50 78.41
C UNK A 2568 -76.92 14.18 77.19
N UNK A 2569 -76.16 15.08 76.57
CA UNK A 2569 -76.65 15.80 75.40
C UNK A 2569 -76.73 14.86 74.19
N UNK A 2570 -75.79 13.93 74.11
CA UNK A 2570 -75.77 12.97 73.01
C UNK A 2570 -76.90 11.96 73.14
N UNK A 2571 -77.16 11.52 74.36
CA UNK A 2571 -78.24 10.57 74.62
C UNK A 2571 -79.59 11.25 74.49
N UNK A 2572 -80.61 10.47 74.12
CA UNK A 2572 -81.95 11.02 73.95
C UNK A 2572 -83.00 10.08 74.54
N UNK A 2573 -83.33 10.30 75.82
CA UNK A 2573 -84.31 9.48 76.53
C UNK A 2573 -83.96 8.00 76.46
N UNK A 2574 -82.75 7.66 76.88
CA UNK A 2574 -82.28 6.28 76.83
C UNK A 2574 -81.65 5.87 78.17
N UNK A 2575 -81.23 6.86 78.94
CA UNK A 2575 -80.63 6.61 80.25
C UNK A 2575 -81.62 6.89 81.36
N UNK A 2576 -82.72 6.14 81.38
CA UNK A 2576 -83.77 6.33 82.38
C UNK A 2576 -83.28 6.00 83.79
N UNK A 2577 -82.59 4.88 83.93
CA UNK A 2577 -82.06 4.45 85.22
C UNK A 2577 -81.02 5.46 85.73
N UNK A 2578 -80.17 5.92 84.83
CA UNK A 2578 -79.16 6.91 85.17
C UNK A 2578 -79.80 8.22 85.62
N UNK A 2579 -80.84 8.64 84.91
CA UNK A 2579 -81.57 9.85 85.25
C UNK A 2579 -82.22 9.72 86.62
N UNK A 2580 -82.80 8.55 86.88
CA UNK A 2580 -83.45 8.28 88.17
C UNK A 2580 -82.43 8.33 89.31
N UNK A 2581 -81.27 7.71 89.09
CA UNK A 2581 -80.20 7.70 90.08
C UNK A 2581 -79.71 9.12 90.36
N UNK A 2582 -79.55 9.90 89.30
CA UNK A 2582 -79.10 11.29 89.42
C UNK A 2582 -80.13 12.12 90.19
N UNK A 2583 -81.40 11.90 89.90
CA UNK A 2583 -82.47 12.60 90.59
C UNK A 2583 -82.48 12.26 92.07
N UNK A 2584 -82.32 10.97 92.37
CA UNK A 2584 -82.27 10.51 93.75
C UNK A 2584 -81.10 11.14 94.50
N UNK A 2585 -79.94 11.17 93.85
CA UNK A 2585 -78.74 11.77 94.44
C UNK A 2585 -78.93 13.26 94.69
N UNK A 2586 -79.54 13.95 93.74
CA UNK A 2586 -79.77 15.39 93.85
C UNK A 2586 -80.79 15.70 94.94
N UNK A 2587 -81.75 14.81 95.13
CA UNK A 2587 -82.76 14.96 96.17
C UNK A 2587 -82.15 14.70 97.54
N UNK A 2588 -81.22 13.74 97.60
CA UNK A 2588 -80.56 13.39 98.84
C UNK A 2588 -79.58 14.48 99.28
N UNK A 2589 -78.87 15.06 98.32
CA UNK A 2589 -77.88 16.08 98.61
C UNK A 2589 -78.30 17.45 98.07
N UNK A 2590 -78.65 18.36 98.98
CA UNK A 2590 -79.03 19.71 98.59
C UNK A 2590 -77.80 20.49 98.12
N UNK A 2591 -76.68 20.26 98.79
CA UNK A 2591 -75.42 20.90 98.44
C UNK A 2591 -74.33 19.86 98.21
N UNK A 2592 -73.97 19.64 96.96
CA UNK A 2592 -72.98 18.64 96.60
C UNK A 2592 -71.72 19.27 96.02
N UNK A 2593 -70.73 18.43 95.72
CA UNK A 2593 -69.48 18.90 95.15
C UNK A 2593 -69.67 19.28 93.69
N UNK A 2594 -70.40 18.45 92.96
CA UNK A 2594 -70.71 18.71 91.55
C UNK A 2594 -72.16 19.11 91.39
N UNK A 2595 -72.63 19.98 92.29
CA UNK A 2595 -74.02 20.43 92.29
C UNK A 2595 -74.35 21.16 91.00
N UNK A 2596 -73.46 22.04 90.56
CA UNK A 2596 -73.67 22.82 89.35
C UNK A 2596 -73.76 21.90 88.12
N UNK A 2597 -72.87 20.92 88.04
CA UNK A 2597 -72.86 19.98 86.93
C UNK A 2597 -74.12 19.14 86.93
N UNK A 2598 -74.53 18.68 88.11
CA UNK A 2598 -75.75 17.89 88.26
C UNK A 2598 -76.96 18.69 87.80
N UNK A 2599 -77.03 19.95 88.23
CA UNK A 2599 -78.12 20.83 87.86
C UNK A 2599 -78.15 21.07 86.35
N UNK A 2600 -76.98 21.24 85.76
CA UNK A 2600 -76.88 21.46 84.32
C UNK A 2600 -77.37 20.23 83.55
N UNK A 2601 -76.94 19.05 83.99
CA UNK A 2601 -77.37 17.81 83.36
C UNK A 2601 -78.88 17.63 83.47
N UNK A 2602 -79.40 17.93 84.66
CA UNK A 2602 -80.84 17.82 84.90
C UNK A 2602 -81.60 18.78 84.01
N UNK A 2603 -81.10 20.00 83.86
CA UNK A 2603 -81.73 21.01 83.03
C UNK A 2603 -81.74 20.57 81.56
N UNK A 2604 -80.62 20.01 81.11
CA UNK A 2604 -80.52 19.51 79.74
C UNK A 2604 -81.54 18.40 79.49
N UNK A 2605 -81.59 17.44 80.42
CA UNK A 2605 -82.52 16.32 80.31
C UNK A 2605 -83.96 16.80 80.30
N UNK A 2606 -84.26 17.77 81.16
CA UNK A 2606 -85.60 18.32 81.26
C UNK A 2606 -85.99 19.08 80.00
N UNK A 2607 -85.06 19.81 79.42
CA UNK A 2607 -85.30 20.51 78.18
C UNK A 2607 -85.59 19.52 77.06
N UNK A 2608 -84.81 18.44 77.02
CA UNK A 2608 -85.02 17.39 76.04
C UNK A 2608 -86.41 16.77 76.19
N UNK A 2609 -86.80 16.52 77.44
CA UNK A 2609 -88.10 15.93 77.73
C UNK A 2609 -89.25 16.87 77.33
N UNK A 2610 -89.09 18.15 77.62
CA UNK A 2610 -90.10 19.15 77.29
C UNK A 2610 -90.22 19.29 75.77
N UNK A 2611 -89.10 19.12 75.08
CA UNK A 2611 -89.10 19.15 73.62
C UNK A 2611 -89.88 17.94 73.09
N UNK A 2612 -89.47 16.75 73.50
CA UNK A 2612 -90.13 15.52 73.06
C UNK A 2612 -89.79 14.35 73.98
N UNK A 2613 -90.31 13.17 73.63
CA UNK A 2613 -90.07 11.94 74.39
C UNK A 2613 -90.43 12.10 75.86
N UNK A 2614 -91.70 12.42 76.12
CA UNK A 2614 -92.17 12.58 77.49
C UNK A 2614 -93.18 11.48 77.83
N UNK A 2615 -93.16 10.40 77.04
CA UNK A 2615 -94.09 9.30 77.23
C UNK A 2615 -93.60 8.33 78.31
N UNK A 2616 -93.91 8.66 79.56
CA UNK A 2616 -93.50 7.83 80.69
C UNK A 2616 -94.35 8.14 81.93
N UNK A 2617 -94.30 7.23 82.89
CA UNK A 2617 -95.05 7.41 84.14
C UNK A 2617 -94.10 7.49 85.33
N UNK A 2618 -93.23 6.49 85.46
CA UNK A 2618 -92.24 6.47 86.53
C UNK A 2618 -91.28 7.64 86.37
N UNK A 2619 -90.86 7.89 85.14
CA UNK A 2619 -89.97 9.00 84.85
C UNK A 2619 -90.66 10.33 85.13
N UNK A 2620 -91.95 10.41 84.82
CA UNK A 2620 -92.73 11.60 85.09
C UNK A 2620 -92.82 11.88 86.59
N UNK A 2621 -93.04 10.82 87.36
CA UNK A 2621 -93.11 10.92 88.81
C UNK A 2621 -91.76 11.37 89.38
N UNK A 2622 -90.69 10.81 88.83
CA UNK A 2622 -89.34 11.17 89.26
C UNK A 2622 -89.06 12.64 88.95
N UNK A 2623 -89.50 13.09 87.78
CA UNK A 2623 -89.33 14.48 87.38
C UNK A 2623 -90.12 15.41 88.29
N UNK A 2624 -91.32 14.98 88.67
CA UNK A 2624 -92.15 15.75 89.60
C UNK A 2624 -91.46 15.87 90.96
N UNK A 2625 -90.90 14.75 91.43
CA UNK A 2625 -90.18 14.73 92.70
C UNK A 2625 -88.98 15.66 92.66
N UNK A 2626 -88.26 15.62 91.54
CA UNK A 2626 -87.08 16.47 91.35
C UNK A 2626 -87.47 17.95 91.33
N UNK A 2627 -88.59 18.25 90.68
CA UNK A 2627 -89.10 19.62 90.63
C UNK A 2627 -89.49 20.09 92.01
N UNK A 2628 -90.11 19.21 92.80
CA UNK A 2628 -90.49 19.53 94.16
C UNK A 2628 -89.25 19.82 95.00
N UNK A 2629 -88.23 18.99 94.85
CA UNK A 2629 -86.98 19.16 95.57
C UNK A 2629 -86.31 20.48 95.19
N UNK A 2630 -86.34 20.80 93.90
CA UNK A 2630 -85.76 22.05 93.40
C UNK A 2630 -86.50 23.25 93.98
N UNK A 2631 -87.83 23.15 94.04
CA UNK A 2631 -88.65 24.22 94.61
C UNK A 2631 -88.33 24.40 96.09
N UNK A 2632 -88.18 23.29 96.80
CA UNK A 2632 -87.85 23.32 98.22
C UNK A 2632 -86.48 23.97 98.45
N UNK A 2633 -85.54 23.67 97.56
CA UNK A 2633 -84.20 24.22 97.65
C UNK A 2633 -84.19 25.71 97.34
N UNK A 2634 -85.00 26.11 96.37
CA UNK A 2634 -85.10 27.51 95.96
C UNK A 2634 -85.79 28.35 97.04
N UNK A 2635 -86.73 27.74 97.74
CA UNK A 2635 -87.45 28.42 98.82
C UNK A 2635 -86.73 28.20 100.16
N UNK A 2636 -85.42 28.33 100.14
CA UNK A 2636 -84.61 28.13 101.35
C UNK A 2636 -83.66 29.29 101.57
N UNK A 2637 -83.02 29.31 102.72
CA UNK A 2637 -82.08 30.38 103.07
C UNK A 2637 -80.70 30.08 102.51
N UNK A 2638 -80.42 30.58 101.32
CA UNK A 2638 -79.13 30.37 100.67
C UNK A 2638 -78.61 31.66 100.06
N UNK A 2639 -77.28 31.81 100.02
CA UNK A 2639 -76.65 32.99 99.45
C UNK A 2639 -76.77 32.99 97.93
N UNK A 2640 -76.88 34.18 97.35
CA UNK A 2640 -77.04 34.31 95.90
C UNK A 2640 -75.69 34.22 95.19
N UNK A 2641 -75.55 33.24 94.31
CA UNK A 2641 -74.32 33.05 93.54
C UNK A 2641 -74.58 32.19 92.30
N UNK A 2642 -73.58 31.43 91.91
CA UNK A 2642 -73.70 30.52 90.77
C UNK A 2642 -74.72 29.44 91.06
N UNK A 2643 -74.74 28.98 92.31
CA UNK A 2643 -75.72 27.98 92.75
C UNK A 2643 -77.13 28.55 92.63
N UNK A 2644 -77.28 29.80 93.04
CA UNK A 2644 -78.57 30.48 92.95
C UNK A 2644 -79.00 30.64 91.49
N UNK A 2645 -78.05 30.94 90.62
CA UNK A 2645 -78.33 31.08 89.20
C UNK A 2645 -78.80 29.74 88.62
N UNK A 2646 -78.10 28.68 88.98
CA UNK A 2646 -78.44 27.34 88.53
C UNK A 2646 -79.83 26.92 89.03
N UNK A 2647 -80.14 27.32 90.25
CA UNK A 2647 -81.45 27.01 90.85
C UNK A 2647 -82.56 27.77 90.12
N UNK A 2648 -82.28 29.04 89.81
CA UNK A 2648 -83.25 29.87 89.09
C UNK A 2648 -83.50 29.32 87.69
N UNK A 2649 -82.44 28.79 87.08
CA UNK A 2649 -82.55 28.16 85.78
C UNK A 2649 -83.23 26.79 85.90
N UNK A 2650 -84.54 26.81 86.13
CA UNK A 2650 -85.31 25.58 86.27
C UNK A 2650 -86.58 25.66 85.42
N UNK A 2651 -86.60 26.61 84.50
CA UNK A 2651 -87.73 26.79 83.61
C UNK A 2651 -87.93 25.56 82.75
N UNK A 2652 -86.82 24.95 82.34
CA UNK A 2652 -86.86 23.73 81.53
C UNK A 2652 -87.57 22.61 82.29
N UNK A 2653 -87.19 22.42 83.55
CA UNK A 2653 -87.79 21.40 84.39
C UNK A 2653 -89.27 21.69 84.63
N UNK A 2654 -89.59 22.96 84.85
CA UNK A 2654 -90.97 23.37 85.10
C UNK A 2654 -91.84 23.12 83.87
N UNK A 2655 -91.27 23.32 82.68
CA UNK A 2655 -92.00 23.11 81.44
C UNK A 2655 -92.14 21.62 81.14
N UNK A 2656 -91.12 20.85 81.49
CA UNK A 2656 -91.16 19.40 81.28
C UNK A 2656 -92.20 18.75 82.19
N UNK A 2657 -92.28 19.23 83.43
CA UNK A 2657 -93.26 18.71 84.38
C UNK A 2657 -94.60 19.44 84.21
N UNK A 2658 -95.50 18.85 83.44
CA UNK A 2658 -96.81 19.44 83.20
C UNK A 2658 -97.69 19.35 84.44
N ILE A 2712 -97.54 -17.87 107.80
CA ILE A 2712 -98.02 -18.10 106.44
C ILE A 2712 -99.34 -18.85 106.48
N PRO A 2713 -100.31 -18.41 105.68
CA PRO A 2713 -101.62 -19.06 105.68
C PRO A 2713 -101.64 -20.38 104.92
N GLU A 2714 -102.73 -21.11 105.12
CA GLU A 2714 -102.89 -22.44 104.55
C GLU A 2714 -103.12 -22.40 103.04
N LYS A 2715 -103.80 -21.38 102.52
CA LYS A 2715 -103.96 -21.32 101.09
C LYS A 2715 -102.68 -20.89 100.40
N LEU A 2716 -101.77 -20.21 101.12
CA LEU A 2716 -100.43 -20.01 100.59
C LEU A 2716 -99.58 -21.27 100.71
N GLU A 2717 -99.85 -22.11 101.72
CA GLU A 2717 -99.24 -23.45 101.72
C GLU A 2717 -99.65 -24.20 100.46
N TYR A 2718 -100.94 -24.13 100.10
CA TYR A 2718 -101.43 -24.70 98.86
C TYR A 2718 -100.76 -24.05 97.64
N PHE A 2719 -100.59 -22.72 97.69
CA PHE A 2719 -99.88 -21.99 96.64
C PHE A 2719 -98.49 -22.58 96.43
N ILE A 2720 -97.80 -22.90 97.52
CA ILE A 2720 -96.45 -23.44 97.44
C ILE A 2720 -96.46 -24.85 96.86
N ASN A 2721 -97.42 -25.69 97.29
CA ASN A 2721 -97.46 -27.04 96.72
C ASN A 2721 -97.77 -27.00 95.22
N LYS A 2722 -98.73 -26.18 94.81
CA LYS A 2722 -99.06 -26.12 93.39
C LYS A 2722 -97.93 -25.50 92.58
N TYR A 2723 -97.18 -24.58 93.18
CA TYR A 2723 -96.01 -24.05 92.49
C TYR A 2723 -94.97 -25.12 92.28
N ALA A 2724 -94.71 -25.94 93.30
CA ALA A 2724 -93.80 -27.07 93.13
C ALA A 2724 -94.31 -28.01 92.04
N GLU A 2725 -95.63 -28.24 92.01
CA GLU A 2725 -96.21 -29.15 91.01
C GLU A 2725 -96.01 -28.62 89.60
N HIS A 2726 -96.30 -27.33 89.38
CA HIS A 2726 -96.21 -26.78 88.03
C HIS A 2726 -94.76 -26.58 87.61
N SER A 2727 -93.86 -26.30 88.56
CA SER A 2727 -92.45 -26.25 88.23
C SER A 2727 -91.92 -27.63 87.84
N HIS A 2728 -92.38 -28.66 88.56
CA HIS A 2728 -92.10 -30.02 88.13
C HIS A 2728 -92.65 -30.29 86.73
N ASP A 2729 -93.83 -29.75 86.44
CA ASP A 2729 -94.46 -30.00 85.15
C ASP A 2729 -93.68 -29.34 84.01
N LYS A 2730 -93.14 -28.15 84.26
CA LYS A 2730 -92.34 -27.45 83.27
C LYS A 2730 -90.98 -28.12 83.07
N TRP A 2731 -90.36 -28.56 84.17
CA TRP A 2731 -89.17 -29.39 84.04
C TRP A 2731 -89.46 -30.66 83.28
N SER A 2732 -90.65 -31.25 83.48
CA SER A 2732 -91.02 -32.47 82.78
C SER A 2732 -91.20 -32.21 81.29
N MET A 2733 -91.72 -31.05 80.92
CA MET A 2733 -91.76 -30.70 79.50
C MET A 2733 -90.35 -30.56 78.94
N ASP A 2734 -89.44 -29.97 79.71
CA ASP A 2734 -88.04 -29.95 79.28
C ASP A 2734 -87.48 -31.36 79.13
N LYS A 2735 -87.88 -32.27 80.04
CA LYS A 2735 -87.47 -33.68 79.95
C LYS A 2735 -87.93 -34.29 78.63
N LEU A 2736 -89.22 -34.10 78.30
CA LEU A 2736 -89.76 -34.68 77.06
C LEU A 2736 -89.21 -34.01 75.82
N ALA A 2737 -88.86 -32.71 75.90
CA ALA A 2737 -88.33 -32.03 74.73
C ALA A 2737 -86.89 -32.43 74.45
N ASN A 2738 -86.11 -32.68 75.49
CA ASN A 2738 -84.70 -33.02 75.30
C ASN A 2738 -84.45 -34.52 75.33
N GLY A 2739 -85.45 -35.33 75.65
CA GLY A 2739 -85.36 -36.78 75.58
C GLY A 2739 -84.59 -37.47 76.70
N TRP A 2740 -84.74 -37.01 77.94
CA TRP A 2740 -84.04 -37.62 79.06
C TRP A 2740 -84.86 -38.77 79.64
N ILE A 2741 -84.18 -39.82 80.08
CA ILE A 2741 -84.83 -41.00 80.63
C ILE A 2741 -84.25 -41.29 82.01
N TYR A 2742 -85.10 -41.84 82.89
CA TYR A 2742 -84.73 -42.09 84.27
C TYR A 2742 -83.79 -43.30 84.39
N GLY A 2743 -83.12 -43.39 85.53
CA GLY A 2743 -82.22 -44.48 85.81
C GLY A 2743 -81.77 -44.43 87.26
N GLU A 2744 -81.22 -45.55 87.72
CA GLU A 2744 -80.74 -45.65 89.09
C GLU A 2744 -79.37 -45.00 89.26
N ILE A 2745 -78.46 -45.21 88.30
CA ILE A 2745 -77.12 -44.65 88.38
C ILE A 2745 -77.17 -43.17 88.04
N TYR A 2746 -76.32 -42.40 88.71
CA TYR A 2746 -76.24 -40.96 88.49
C TYR A 2746 -75.13 -40.69 87.47
N SER A 2747 -75.46 -39.87 86.47
CA SER A 2747 -74.49 -39.45 85.45
C SER A 2747 -75.14 -38.39 84.58
N ASP A 2748 -74.29 -37.60 83.92
CA ASP A 2748 -74.75 -36.56 83.02
C ASP A 2748 -74.49 -36.85 81.55
N SER A 2749 -73.57 -37.76 81.24
CA SER A 2749 -73.25 -38.06 79.85
C SER A 2749 -74.07 -39.22 79.28
N SER A 2750 -74.42 -40.19 80.12
CA SER A 2750 -75.14 -41.37 79.65
C SER A 2750 -76.65 -41.20 79.63
N LYS A 2751 -77.15 -40.03 80.06
CA LYS A 2751 -78.57 -39.69 80.03
C LYS A 2751 -79.37 -40.66 80.90
N ILE A 2752 -79.01 -40.68 82.19
CA ILE A 2752 -79.72 -41.42 83.22
C ILE A 2752 -79.83 -40.54 84.44
N GLN A 2753 -80.98 -40.60 85.12
CA GLN A 2753 -81.36 -39.65 86.14
C GLN A 2753 -82.24 -40.29 87.21
N PRO A 2754 -81.94 -40.03 88.49
CA PRO A 2754 -82.69 -40.69 89.57
C PRO A 2754 -84.02 -40.05 89.91
N LEU A 2755 -84.39 -38.93 89.27
CA LEU A 2755 -85.62 -38.22 89.57
C LEU A 2755 -86.42 -37.97 88.29
N MET A 2756 -86.73 -39.05 87.58
CA MET A 2756 -87.60 -38.97 86.41
C MET A 2756 -88.37 -40.26 86.20
N LEU A 2761 -80.17 -34.48 85.51
CA LEU A 2761 -79.11 -33.63 86.05
C LEU A 2761 -79.38 -33.25 87.50
N LEU A 2762 -80.59 -32.79 87.77
CA LEU A 2762 -80.95 -32.39 89.13
C LEU A 2762 -81.12 -33.60 90.03
N SER A 2763 -80.58 -33.52 91.24
CA SER A 2763 -80.86 -34.53 92.25
C SER A 2763 -82.11 -34.14 93.04
N GLU A 2764 -82.55 -35.06 93.89
CA GLU A 2764 -83.71 -34.76 94.72
C GLU A 2764 -83.43 -33.59 95.65
N LYS A 2765 -82.21 -33.49 96.22
CA LYS A 2765 -81.90 -32.33 97.05
C LYS A 2765 -81.75 -31.09 96.19
N GLU A 2766 -81.32 -31.25 94.94
CA GLU A 2766 -81.16 -30.10 94.05
C GLU A 2766 -82.50 -29.54 93.59
N LYS A 2767 -83.56 -30.33 93.65
CA LYS A 2767 -84.90 -29.75 93.51
C LYS A 2767 -85.46 -29.28 94.84
N GLU A 2768 -85.12 -29.96 95.94
CA GLU A 2768 -85.57 -29.53 97.26
C GLU A 2768 -85.02 -28.15 97.63
N ILE A 2769 -83.83 -27.81 97.13
CA ILE A 2769 -83.20 -26.55 97.54
C ILE A 2769 -84.01 -25.35 97.08
N TYR A 2770 -84.70 -25.45 95.94
CA TYR A 2770 -85.48 -24.33 95.46
C TYR A 2770 -86.79 -24.13 96.22
N ARG A 2771 -87.01 -24.86 97.32
CA ARG A 2771 -88.24 -24.69 98.08
C ARG A 2771 -88.14 -23.49 99.03
N TRP A 2772 -86.95 -23.23 99.56
CA TRP A 2772 -86.71 -22.22 100.58
C TRP A 2772 -86.64 -20.78 100.04
N PRO A 2773 -85.94 -20.51 98.93
CA PRO A 2773 -85.90 -19.12 98.43
C PRO A 2773 -87.26 -18.57 98.08
N ILE A 2774 -88.18 -19.41 97.60
CA ILE A 2774 -89.53 -18.95 97.31
C ILE A 2774 -90.23 -18.49 98.58
N LYS A 2775 -90.12 -19.29 99.64
CA LYS A 2775 -90.67 -18.91 100.94
C LYS A 2775 -90.04 -17.61 101.44
N GLU A 2776 -88.72 -17.46 101.28
CA GLU A 2776 -88.05 -16.26 101.76
C GLU A 2776 -88.54 -15.03 100.99
N SER A 2777 -88.71 -15.18 99.67
CA SER A 2777 -89.19 -14.06 98.87
C SER A 2777 -90.63 -13.71 99.18
N LEU A 2778 -91.47 -14.70 99.49
CA LEU A 2778 -92.85 -14.38 99.86
C LEU A 2778 -92.93 -13.79 101.26
N LYS A 2779 -92.04 -14.19 102.17
CA LYS A 2779 -91.97 -13.50 103.46
C LYS A 2779 -91.61 -12.04 103.28
N THR A 2780 -90.65 -11.76 102.38
CA THR A 2780 -90.32 -10.38 102.06
C THR A 2780 -91.51 -9.64 101.46
N MET A 2781 -92.24 -10.29 100.55
CA MET A 2781 -93.41 -9.63 99.97
C MET A 2781 -94.50 -9.36 101.01
N LEU A 2782 -94.68 -10.28 101.95
CA LEU A 2782 -95.69 -10.09 102.98
C LEU A 2782 -95.31 -8.98 103.95
N ALA A 2783 -94.03 -8.90 104.31
CA ALA A 2783 -93.59 -7.87 105.27
C ALA A 2783 -93.48 -6.50 104.62
N TRP A 2784 -93.06 -6.43 103.36
CA TRP A 2784 -92.91 -5.16 102.68
C TRP A 2784 -94.24 -4.68 102.12
N ASP A 2835 -94.73 -1.27 88.80
CA ASP A 2835 -95.94 -1.85 89.36
C ASP A 2835 -95.67 -3.33 89.60
N LEU A 2836 -96.39 -4.17 88.86
CA LEU A 2836 -95.98 -5.56 88.69
C LEU A 2836 -94.49 -5.62 88.36
N HIS A 2837 -94.06 -4.84 87.37
CA HIS A 2837 -92.68 -4.88 86.91
C HIS A 2837 -91.73 -4.34 87.96
N ALA A 2838 -92.13 -3.30 88.69
CA ALA A 2838 -91.27 -2.75 89.73
C ALA A 2838 -91.02 -3.76 90.83
N MET A 2839 -92.09 -4.35 91.38
CA MET A 2839 -91.87 -5.35 92.43
C MET A 2839 -91.21 -6.61 91.89
N ALA A 2840 -91.34 -6.88 90.59
CA ALA A 2840 -90.58 -7.97 89.99
C ALA A 2840 -89.09 -7.68 90.06
N GLU A 2841 -88.69 -6.46 89.65
CA GLU A 2841 -87.30 -6.05 89.82
C GLU A 2841 -86.88 -6.10 91.29
N MET A 2842 -87.81 -5.85 92.21
CA MET A 2842 -87.42 -5.82 93.62
C MET A 2842 -87.25 -7.21 94.20
N MET A 2843 -88.06 -8.19 93.76
CA MET A 2843 -87.78 -9.56 94.19
C MET A 2843 -86.53 -10.10 93.52
N ALA A 2844 -86.27 -9.70 92.27
CA ALA A 2844 -84.97 -9.99 91.68
C ALA A 2844 -83.85 -9.40 92.52
N GLU A 2845 -84.10 -8.23 93.10
CA GLU A 2845 -83.13 -7.62 93.99
C GLU A 2845 -82.95 -8.45 95.26
N ASN A 2846 -84.05 -9.00 95.79
CA ASN A 2846 -83.93 -9.93 96.92
C ASN A 2846 -83.03 -11.09 96.57
N TYR A 2847 -83.26 -11.71 95.41
CA TYR A 2847 -82.47 -12.85 94.99
C TYR A 2847 -81.00 -12.48 94.86
N HIS A 2848 -80.70 -11.38 94.16
CA HIS A 2848 -79.32 -10.94 94.02
C HIS A 2848 -78.71 -10.57 95.37
N ASN A 2849 -79.50 -9.99 96.27
CA ASN A 2849 -78.94 -9.53 97.53
C ASN A 2849 -78.56 -10.71 98.42
N ILE A 2850 -79.41 -11.74 98.46
CA ILE A 2850 -79.05 -12.92 99.25
C ILE A 2850 -77.87 -13.66 98.61
N TRP A 2851 -77.82 -13.70 97.28
CA TRP A 2851 -76.68 -14.31 96.60
C TRP A 2851 -75.38 -13.57 96.92
N ALA A 2852 -75.45 -12.23 96.87
CA ALA A 2852 -74.30 -11.41 97.19
C ALA A 2852 -73.87 -11.60 98.64
N LYS A 2853 -74.85 -11.73 99.56
CA LYS A 2853 -74.52 -11.93 100.96
C LYS A 2853 -73.79 -13.25 101.16
N LYS A 2854 -74.33 -14.35 100.60
CA LYS A 2854 -73.71 -15.65 100.80
C LYS A 2854 -72.31 -15.69 100.17
N LYS A 2855 -72.15 -15.12 98.97
CA LYS A 2855 -70.84 -15.14 98.32
C LYS A 2855 -69.84 -14.27 99.08
N LYS A 2856 -70.28 -13.15 99.66
CA LYS A 2856 -69.34 -12.31 100.40
C LYS A 2856 -68.94 -12.98 101.71
N LEU A 2857 -69.88 -13.66 102.38
CA LEU A 2857 -69.52 -14.42 103.57
C LEU A 2857 -68.55 -15.55 103.25
N GLU A 2858 -68.77 -16.29 102.15
CA GLU A 2858 -67.85 -17.39 101.85
C GLU A 2858 -66.50 -16.86 101.40
N LEU A 2859 -66.48 -15.69 100.74
CA LEU A 2859 -65.21 -15.02 100.47
C LEU A 2859 -64.46 -14.70 101.75
N GLU A 2860 -65.13 -13.99 102.68
CA GLU A 2860 -64.48 -13.59 103.91
C GLU A 2860 -64.13 -14.78 104.79
N SER A 2861 -64.77 -15.93 104.56
CA SER A 2861 -64.46 -17.14 105.32
C SER A 2861 -63.24 -17.86 104.74
N LYS A 2862 -63.29 -18.24 103.46
CA LYS A 2862 -62.25 -19.08 102.90
C LYS A 2862 -61.15 -18.28 102.20
N GLY A 2863 -61.12 -16.96 102.37
CA GLY A 2863 -60.10 -16.17 101.70
C GLY A 2863 -60.17 -16.25 100.19
N GLY A 2864 -61.39 -16.28 99.66
CA GLY A 2864 -61.56 -16.40 98.23
C GLY A 2864 -61.13 -15.14 97.49
N GLY A 2865 -60.89 -15.31 96.20
CA GLY A 2865 -60.51 -14.20 95.36
C GLY A 2865 -61.67 -13.26 95.07
N ASN A 2866 -61.32 -12.05 94.65
CA ASN A 2866 -62.30 -11.04 94.29
C ASN A 2866 -62.96 -11.34 92.95
N HIS A 2867 -64.42 -11.23 92.92
CA HIS A 2867 -65.41 -11.42 91.86
C HIS A 2867 -65.77 -10.10 91.18
N PRO A 2868 -66.23 -10.16 89.92
CA PRO A 2868 -66.68 -8.94 89.25
C PRO A 2868 -68.03 -8.42 89.73
N LEU A 2869 -68.77 -9.22 90.52
CA LEU A 2869 -70.05 -8.82 91.05
C LEU A 2869 -69.93 -8.07 92.38
N LEU A 2870 -68.77 -7.50 92.67
CA LEU A 2870 -68.54 -6.74 93.90
C LEU A 2870 -68.98 -5.29 93.73
N VAL A 2871 -70.19 -5.09 93.23
CA VAL A 2871 -70.74 -3.75 92.99
C VAL A 2871 -72.21 -3.74 93.33
N PRO A 2872 -72.78 -2.56 93.57
CA PRO A 2872 -74.23 -2.46 93.77
C PRO A 2872 -75.00 -2.84 92.52
N TYR A 2873 -76.33 -2.87 92.66
CA TYR A 2873 -77.21 -3.34 91.60
C TYR A 2873 -77.38 -2.33 90.48
N ASP A 2874 -77.10 -1.05 90.72
CA ASP A 2874 -77.37 -0.03 89.72
C ASP A 2874 -76.30 -0.01 88.64
N THR A 2875 -75.03 -0.18 89.03
CA THR A 2875 -73.92 -0.06 88.10
C THR A 2875 -73.73 -1.31 87.23
N LEU A 2876 -74.50 -2.37 87.47
CA LEU A 2876 -74.34 -3.62 86.75
C LEU A 2876 -74.81 -3.49 85.30
N THR A 2877 -74.47 -4.51 84.50
CA THR A 2877 -74.79 -4.55 83.08
C THR A 2877 -76.26 -4.90 82.86
N ALA A 2878 -76.62 -5.17 81.61
CA ALA A 2878 -78.03 -5.38 81.26
C ALA A 2878 -78.43 -6.86 81.16
N LYS A 2879 -77.48 -7.79 81.18
CA LYS A 2879 -77.79 -9.20 80.97
C LYS A 2879 -78.26 -9.87 82.26
N GLU A 2880 -77.50 -9.69 83.34
CA GLU A 2880 -77.85 -10.30 84.62
C GLU A 2880 -79.17 -9.78 85.16
N LYS A 2881 -79.55 -8.56 84.74
CA LYS A 2881 -80.90 -8.07 84.95
C LYS A 2881 -81.93 -9.10 84.49
N ALA A 2882 -81.83 -9.51 83.22
CA ALA A 2882 -82.73 -10.54 82.70
C ALA A 2882 -82.50 -11.87 83.41
N LYS A 2883 -81.24 -12.20 83.71
CA LYS A 2883 -80.95 -13.50 84.34
C LYS A 2883 -81.70 -13.65 85.66
N ASP A 2884 -81.76 -12.58 86.45
CA ASP A 2884 -82.44 -12.66 87.74
C ASP A 2884 -83.91 -12.30 87.65
N ARG A 2885 -84.36 -11.67 86.56
CA ARG A 2885 -85.78 -11.39 86.39
C ARG A 2885 -86.55 -12.51 85.71
N GLU A 2886 -85.86 -13.47 85.08
CA GLU A 2886 -86.55 -14.58 84.42
C GLU A 2886 -87.48 -15.30 85.37
N LYS A 2887 -86.93 -15.85 86.45
CA LYS A 2887 -87.75 -16.59 87.40
C LYS A 2887 -88.67 -15.67 88.20
N ALA A 2888 -88.30 -14.40 88.35
CA ALA A 2888 -89.21 -13.46 88.98
C ALA A 2888 -90.49 -13.32 88.17
N GLN A 2889 -90.35 -13.10 86.86
CA GLN A 2889 -91.52 -13.06 85.99
C GLN A 2889 -92.24 -14.38 85.97
N ASP A 2890 -91.50 -15.49 86.06
CA ASP A 2890 -92.15 -16.79 86.18
C ASP A 2890 -93.07 -16.83 87.40
N ILE A 2891 -92.50 -16.59 88.58
CA ILE A 2891 -93.31 -16.68 89.80
C ILE A 2891 -94.42 -15.64 89.81
N PHE A 2892 -94.25 -14.52 89.09
CA PHE A 2892 -95.34 -13.55 89.04
C PHE A 2892 -96.47 -14.06 88.15
N LYS A 2893 -96.12 -14.65 87.00
CA LYS A 2893 -97.07 -15.46 86.26
C LYS A 2893 -97.84 -16.38 87.19
N PHE A 2894 -97.09 -17.15 87.99
CA PHE A 2894 -97.65 -18.18 88.86
C PHE A 2894 -98.52 -17.61 89.97
N LEU A 2895 -98.21 -16.38 90.43
CA LEU A 2895 -99.01 -15.74 91.47
C LEU A 2895 -100.26 -15.12 90.89
N GLN A 2896 -100.15 -14.53 89.70
CA GLN A 2896 -101.25 -13.90 88.99
C GLN A 2896 -102.27 -14.88 88.42
N ILE A 2897 -101.94 -16.15 88.23
CA ILE A 2897 -102.97 -17.03 87.70
C ILE A 2897 -104.11 -17.20 88.70
N SER A 2898 -103.77 -17.36 89.99
CA SER A 2898 -104.76 -17.74 91.00
C SER A 2898 -105.77 -16.62 91.27
N GLY A 2899 -105.27 -15.42 91.56
CA GLY A 2899 -106.15 -14.33 91.94
C GLY A 2899 -105.57 -13.40 92.98
N TYR A 2900 -104.52 -13.84 93.68
CA TYR A 2900 -103.85 -12.97 94.63
C TYR A 2900 -103.18 -11.83 93.88
N VAL A 2901 -103.64 -10.61 94.11
CA VAL A 2901 -102.99 -9.41 93.63
C VAL A 2901 -102.29 -8.74 94.80
N VAL A 2902 -101.06 -8.29 94.57
CA VAL A 2902 -100.22 -7.74 95.62
C VAL A 2902 -99.61 -6.45 95.11
N SER A 2903 -99.31 -5.54 96.04
CA SER A 2903 -98.70 -4.26 95.69
C SER A 2903 -97.53 -4.03 96.64
N ARG A 2904 -96.99 -2.80 96.62
CA ARG A 2904 -95.88 -2.47 97.49
C ARG A 2904 -96.28 -2.52 98.95
N GLY A 2905 -97.24 -1.68 99.33
CA GLY A 2905 -97.69 -1.64 100.71
C GLY A 2905 -96.74 -0.87 101.61
N UNK A 2916 -104.52 18.58 89.31
CA UNK A 2916 -104.26 17.85 90.55
C UNK A 2916 -102.94 18.28 91.17
N UNK A 2917 -101.87 17.60 90.80
CA UNK A 2917 -100.54 17.91 91.32
C UNK A 2917 -100.09 19.29 90.88
N UNK A 2918 -100.35 19.61 89.62
CA UNK A 2918 -100.00 20.92 89.06
C UNK A 2918 -100.78 22.02 89.78
N UNK A 2919 -102.06 21.77 90.03
CA UNK A 2919 -102.91 22.73 90.72
C UNK A 2919 -102.43 22.95 92.16
N UNK A 2920 -102.04 21.87 92.82
CA UNK A 2920 -101.52 21.93 94.17
C UNK A 2920 -100.23 22.73 94.22
N UNK A 2921 -99.36 22.50 93.24
CA UNK A 2921 -98.10 23.22 93.13
C UNK A 2921 -98.35 24.70 92.90
N UNK A 2922 -99.32 25.02 92.05
CA UNK A 2922 -99.69 26.40 91.77
C UNK A 2922 -100.22 27.09 93.03
N UNK A 2923 -101.04 26.37 93.79
CA UNK A 2923 -101.59 26.90 95.03
C UNK A 2923 -100.49 27.16 96.06
N UNK A 2924 -99.54 26.24 96.14
CA UNK A 2924 -98.40 26.38 97.04
C UNK A 2924 -97.56 27.59 96.65
N UNK A 2925 -97.35 27.76 95.34
CA UNK A 2925 -96.60 28.89 94.83
C UNK A 2925 -97.31 30.20 95.15
N UNK A 2926 -98.64 30.19 95.02
CA UNK A 2926 -99.45 31.36 95.34
C UNK A 2926 -99.34 31.72 96.82
N UNK A 2927 -99.37 30.70 97.67
CA UNK A 2927 -99.22 30.90 99.11
C UNK A 2927 -97.85 31.49 99.43
N UNK A 2928 -96.82 30.95 98.78
CA UNK A 2928 -95.46 31.43 98.96
C UNK A 2928 -95.34 32.89 98.52
N UNK A 2929 -95.99 33.21 97.41
CA UNK A 2929 -95.98 34.58 96.89
C UNK A 2929 -96.69 35.53 97.84
N UNK A 2930 -97.78 35.08 98.43
CA UNK A 2930 -98.52 35.87 99.41
C UNK A 2930 -97.65 36.14 100.64
N UNK A 2931 -96.96 35.10 101.10
CA UNK A 2931 -96.06 35.23 102.24
C UNK A 2931 -94.94 36.21 101.94
N UNK A 2932 -94.39 36.11 100.73
CA UNK A 2932 -93.33 37.01 100.29
C UNK A 2932 -93.82 38.45 100.21
N UNK A 2933 -95.05 38.64 99.74
CA UNK A 2933 -95.64 39.97 99.65
C UNK A 2933 -95.85 40.56 101.05
N UNK A 2934 -96.29 39.72 101.98
CA UNK A 2934 -96.46 40.15 103.37
C UNK A 2934 -95.12 40.58 103.96
N UNK A 2935 -94.10 39.78 103.72
CA UNK A 2935 -92.75 40.08 104.20
C UNK A 2935 -92.23 41.38 103.60
N UNK A 2936 -92.50 41.58 102.31
CA UNK A 2936 -92.08 42.79 101.61
C UNK A 2936 -92.78 44.02 102.17
N UNK A 2937 -94.07 43.89 102.47
CA UNK A 2937 -94.84 44.96 103.08
C UNK A 2937 -94.27 45.31 104.45
N UNK A 2938 -93.96 44.28 105.22
CA UNK A 2938 -93.36 44.47 106.54
C UNK A 2938 -92.02 45.19 106.45
N UNK A 2939 -91.22 44.80 105.46
CA UNK A 2939 -89.90 45.40 105.25
C UNK A 2939 -90.02 46.87 104.82
N UNK A 2940 -91.00 47.15 103.97
CA UNK A 2940 -91.26 48.50 103.51
C UNK A 2940 -91.73 49.38 104.67
N UNK A 2941 -92.50 48.78 105.57
CA UNK A 2941 -92.94 49.47 106.77
C UNK A 2941 -91.74 49.76 107.68
N UNK A 2942 -90.82 48.81 107.73
CA UNK A 2942 -89.59 48.97 108.52
C UNK A 2942 -88.66 49.98 107.87
N UNK A 2961 -83.66 39.97 102.65
CA UNK A 2961 -82.76 38.93 103.12
C UNK A 2961 -82.44 37.93 102.02
N UNK A 2962 -81.55 36.99 102.31
CA UNK A 2962 -81.18 35.96 101.35
C UNK A 2962 -82.37 35.08 101.00
N UNK A 2963 -83.15 34.72 102.01
CA UNK A 2963 -84.34 33.90 101.81
C UNK A 2963 -85.36 34.66 100.96
N UNK A 2964 -85.50 35.95 101.21
CA UNK A 2964 -86.42 36.80 100.45
C UNK A 2964 -85.98 36.88 98.98
N UNK A 2965 -84.69 37.04 98.77
CA UNK A 2965 -84.14 37.10 97.42
C UNK A 2965 -84.36 35.77 96.69
N UNK A 2966 -84.18 34.67 97.43
CA UNK A 2966 -84.39 33.34 96.87
C UNK A 2966 -85.85 33.13 96.47
N UNK A 2967 -86.76 33.58 97.33
CA UNK A 2967 -88.18 33.48 97.06
C UNK A 2967 -88.56 34.31 95.83
N UNK A 2968 -87.99 35.50 95.74
CA UNK A 2968 -88.22 36.38 94.59
C UNK A 2968 -87.72 35.72 93.30
N UNK A 2969 -86.55 35.11 93.37
CA UNK A 2969 -85.97 34.42 92.24
C UNK A 2969 -86.85 33.25 91.81
N UNK A 2970 -87.35 32.50 92.79
CA UNK A 2970 -88.24 31.38 92.52
C UNK A 2970 -89.53 31.85 91.85
N UNK A 2971 -90.08 32.95 92.34
CA UNK A 2971 -91.29 33.54 91.77
C UNK A 2971 -91.06 33.97 90.32
N UNK A 2972 -89.92 34.62 90.08
CA UNK A 2972 -89.55 35.07 88.74
C UNK A 2972 -89.40 33.89 87.80
N UNK A 2973 -88.77 32.82 88.29
CA UNK A 2973 -88.58 31.61 87.50
C UNK A 2973 -89.92 30.97 87.15
N UNK A 2974 -90.82 30.92 88.13
CA UNK A 2974 -92.15 30.37 87.92
C UNK A 2974 -92.91 31.18 86.88
N UNK A 2975 -92.81 32.50 86.97
CA UNK A 2975 -93.46 33.39 86.02
C UNK A 2975 -92.91 33.18 84.62
N UNK A 2976 -91.59 33.06 84.51
CA UNK A 2976 -90.94 32.84 83.22
C UNK A 2976 -91.38 31.50 82.62
N UNK A 2977 -91.47 30.47 83.46
CA UNK A 2977 -91.89 29.16 83.02
C UNK A 2977 -93.35 29.17 82.55
N UNK A 2978 -94.17 29.95 83.23
CA UNK A 2978 -95.57 30.09 82.87
C UNK A 2978 -95.70 30.82 81.54
N UNK A 2979 -94.87 31.85 81.35
CA UNK A 2979 -94.87 32.63 80.12
C UNK A 2979 -94.41 31.78 78.94
N UNK A 2980 -93.40 30.95 79.17
CA UNK A 2980 -92.87 30.06 78.14
C UNK A 2980 -93.83 28.91 77.89
N UNK A 2981 -94.48 28.92 76.73
CA UNK A 2981 -95.45 27.89 76.35
C UNK A 2981 -96.56 27.76 77.37
N UNK A 2982 -97.35 28.82 77.54
CA UNK A 2982 -98.46 28.81 78.48
C UNK A 2982 -99.56 27.87 78.01
N UNK A 2983 -99.89 27.95 76.72
CA UNK A 2983 -100.92 27.12 76.10
C UNK A 2983 -102.25 27.24 76.83
N UNK A 2984 -102.64 28.48 77.15
CA UNK A 2984 -103.90 28.73 77.82
C UNK A 2984 -105.08 28.39 76.92
N UNK A 2985 -104.86 28.48 75.61
CA UNK A 2985 -105.88 28.15 74.63
C UNK A 2985 -106.05 26.64 74.54
N UNK A 2986 -104.94 25.92 74.60
CA UNK A 2986 -104.96 24.46 74.57
C UNK A 2986 -105.60 23.93 75.85
N UNK A 2987 -105.24 24.53 76.98
CA UNK A 2987 -105.85 24.17 78.25
C UNK A 2987 -107.07 25.04 78.50
N UNK A 2988 -108.19 24.67 77.88
CA UNK A 2988 -109.44 25.41 78.01
C UNK A 2988 -109.90 25.44 79.47
N UNK A 2989 -109.76 24.31 80.15
CA UNK A 2989 -110.07 24.24 81.57
C UNK A 2989 -109.01 24.97 82.36
N UNK A 2990 -109.41 26.01 83.09
CA UNK A 2990 -108.47 26.83 83.84
C UNK A 2990 -108.61 26.62 85.35
N UNK A 2991 -107.50 26.31 86.00
CA UNK A 2991 -107.47 26.15 87.44
C UNK A 2991 -107.44 27.51 88.12
N UNK A 2992 -107.65 27.53 89.43
CA UNK A 2992 -107.67 28.78 90.19
C UNK A 2992 -106.26 29.39 90.26
N UNK A 2993 -106.12 30.58 89.68
CA UNK A 2993 -104.84 31.28 89.69
C UNK A 2993 -105.06 32.78 89.59
N UNK A 2994 -106.27 33.17 89.20
CA UNK A 2994 -106.63 34.57 89.08
C UNK A 2994 -106.59 35.25 90.45
N UNK A 2995 -106.96 34.50 91.48
CA UNK A 2995 -106.98 35.02 92.85
C UNK A 2995 -105.58 35.34 93.34
N UNK A 2996 -104.57 34.75 92.69
CA UNK A 2996 -103.18 35.01 93.02
C UNK A 2996 -102.63 36.11 92.12
N UNK A 2997 -103.00 36.07 90.85
CA UNK A 2997 -102.55 37.05 89.87
C UNK A 2997 -103.01 38.46 90.26
N UNK A 2998 -104.30 38.59 90.52
CA UNK A 2998 -104.88 39.87 90.90
C UNK A 2998 -104.32 40.33 92.24
N UNK A 2999 -104.03 39.38 93.13
CA UNK A 2999 -103.44 39.70 94.43
C UNK A 2999 -102.04 40.31 94.26
N UNK A 3000 -101.23 39.68 93.41
CA UNK A 3000 -99.89 40.17 93.12
C UNK A 3000 -99.95 41.55 92.46
N UNK A 3001 -100.91 41.71 91.54
CA UNK A 3001 -101.11 42.98 90.86
C UNK A 3001 -101.48 44.09 91.86
N UNK A 3002 -102.37 43.76 92.79
CA UNK A 3002 -102.81 44.69 93.82
C UNK A 3002 -101.66 45.05 94.74
N UNK A 3003 -100.80 44.08 95.04
CA UNK A 3003 -99.62 44.33 95.86
C UNK A 3003 -98.68 45.30 95.15
N UNK A 3004 -98.43 45.05 93.88
CA UNK A 3004 -97.58 45.91 93.07
C UNK A 3004 -98.15 47.32 92.97
N UNK A 3005 -99.48 47.42 92.91
CA UNK A 3005 -100.15 48.71 92.83
C UNK A 3005 -100.07 49.47 94.16
N UNK A 3006 -100.24 48.75 95.26
CA UNK A 3006 -100.13 49.32 96.59
C UNK A 3006 -98.72 49.84 96.80
N UNK A 3007 -97.75 49.12 96.24
CA UNK A 3007 -96.38 49.62 96.18
C UNK A 3007 -96.38 50.89 95.33
N UNK A 3008 -96.28 52.04 96.00
CA UNK A 3008 -96.39 53.34 95.33
C UNK A 3008 -95.38 53.50 94.21
N UNK A 3009 -94.14 53.07 94.45
CA UNK A 3009 -93.10 53.15 93.45
C UNK A 3009 -92.30 51.85 93.39
N UNK A 3010 -92.41 51.15 92.27
CA UNK A 3010 -91.70 49.89 92.08
C UNK A 3010 -90.20 50.14 92.01
N UNK A 3011 -89.82 51.27 91.39
CA UNK A 3011 -88.43 51.67 91.26
C UNK A 3011 -87.58 50.58 90.61
N UNK A 3012 -86.30 50.53 90.99
CA UNK A 3012 -85.39 49.52 90.46
C UNK A 3012 -85.24 48.36 91.44
N UNK A 3013 -86.26 48.19 92.28
CA UNK A 3013 -86.25 47.12 93.28
C UNK A 3013 -87.11 45.95 92.85
N UNK A 3014 -87.96 46.17 91.84
CA UNK A 3014 -88.88 45.14 91.38
C UNK A 3014 -89.27 45.31 89.90
N UNK A 3015 -88.34 45.76 89.08
CA UNK A 3015 -88.57 45.86 87.65
C UNK A 3015 -88.78 44.45 87.07
N UNK A 3016 -87.96 43.53 87.56
CA UNK A 3016 -88.07 42.12 87.18
C UNK A 3016 -89.42 41.56 87.61
N UNK A 3017 -89.88 41.96 88.80
CA UNK A 3017 -91.18 41.52 89.30
C UNK A 3017 -92.31 42.07 88.44
N UNK A 3018 -92.17 43.32 87.99
CA UNK A 3018 -93.15 43.94 87.11
C UNK A 3018 -93.22 43.20 85.78
N UNK A 3019 -92.05 42.87 85.23
CA UNK A 3019 -91.98 42.11 83.98
C UNK A 3019 -92.62 40.73 84.16
N UNK A 3020 -92.37 40.11 85.30
CA UNK A 3020 -92.93 38.81 85.62
C UNK A 3020 -94.44 38.88 85.74
N UNK A 3021 -94.95 39.96 86.32
CA UNK A 3021 -96.38 40.18 86.44
C UNK A 3021 -97.01 40.33 85.06
N UNK A 3022 -96.35 41.09 84.19
CA UNK A 3022 -96.80 41.26 82.82
C UNK A 3022 -96.88 39.91 82.10
N UNK A 3023 -95.83 39.12 82.26
CA UNK A 3023 -95.76 37.79 81.65
C UNK A 3023 -96.88 36.87 82.17
N UNK A 3024 -97.11 36.93 83.48
CA UNK A 3024 -98.14 36.12 84.11
C UNK A 3024 -99.53 36.52 83.61
N UNK A 3025 -99.73 37.82 83.43
CA UNK A 3025 -100.99 38.33 82.89
C UNK A 3025 -101.20 37.83 81.47
N UNK A 3026 -100.14 37.92 80.66
CA UNK A 3026 -100.19 37.46 79.28
C UNK A 3026 -100.47 35.96 79.21
N UNK A 3027 -99.92 35.20 80.15
CA UNK A 3027 -100.12 33.75 80.19
C UNK A 3027 -101.54 33.39 80.61
N UNK A 3028 -102.05 34.09 81.61
CA UNK A 3028 -103.39 33.83 82.12
C UNK A 3028 -104.45 34.27 81.10
N UNK A 3029 -104.09 35.24 80.27
CA UNK A 3029 -105.00 35.73 79.24
C UNK A 3029 -105.19 34.68 78.15
N UNK A 3104 -116.22 39.98 88.38
CA UNK A 3104 -115.50 38.72 88.37
C UNK A 3104 -114.67 38.55 89.65
N UNK A 3105 -113.63 39.36 89.79
CA UNK A 3105 -112.77 39.30 90.96
C UNK A 3105 -112.80 40.62 91.73
N UNK A 3106 -113.04 40.53 93.03
CA UNK A 3106 -113.03 41.69 93.90
C UNK A 3106 -111.65 42.33 93.91
N UNK A 3107 -110.63 41.49 93.90
CA UNK A 3107 -109.25 41.96 93.84
C UNK A 3107 -109.01 42.73 92.55
N UNK A 3108 -109.54 42.22 91.45
CA UNK A 3108 -109.40 42.88 90.14
C UNK A 3108 -110.12 44.23 90.14
N UNK A 3109 -111.30 44.27 90.73
CA UNK A 3109 -112.06 45.52 90.83
C UNK A 3109 -111.30 46.54 91.66
N UNK A 3110 -110.73 46.09 92.77
CA UNK A 3110 -109.93 46.94 93.63
C UNK A 3110 -108.70 47.46 92.89
N UNK A 3111 -108.09 46.60 92.08
CA UNK A 3111 -106.92 46.98 91.29
C UNK A 3111 -107.30 48.04 90.26
N UNK A 3112 -108.46 47.88 89.64
CA UNK A 3112 -108.94 48.86 88.66
C UNK A 3112 -109.19 50.20 89.33
N UNK A 3113 -109.81 50.17 90.50
CA UNK A 3113 -110.06 51.38 91.28
C UNK A 3113 -108.75 52.07 91.65
N UNK A 3114 -107.77 51.26 92.05
CA UNK A 3114 -106.45 51.77 92.43
C UNK A 3114 -105.76 52.38 91.22
N UNK A 3115 -105.95 51.79 90.05
CA UNK A 3115 -105.37 52.31 88.82
C UNK A 3115 -105.99 53.66 88.48
N UNK A 3116 -107.30 53.76 88.65
CA UNK A 3116 -108.00 55.03 88.43
C UNK A 3116 -107.48 56.11 89.38
N UNK A 3117 -107.34 55.73 90.65
CA UNK A 3117 -106.84 56.64 91.67
C UNK A 3117 -105.40 57.08 91.36
N UNK A 3118 -104.61 56.14 90.84
CA UNK A 3118 -103.22 56.43 90.47
C UNK A 3118 -103.17 57.37 89.29
N UNK A 3119 -104.10 57.21 88.36
CA UNK A 3119 -104.20 58.11 87.21
C UNK A 3119 -104.54 59.52 87.69
N UNK A 3120 -105.48 59.60 88.62
CA UNK A 3120 -105.85 60.89 89.21
C UNK A 3120 -104.67 61.54 89.91
N UNK A 3121 -103.94 60.73 90.67
CA UNK A 3121 -102.76 61.21 91.40
C UNK A 3121 -101.67 61.67 90.45
N UNK A 3122 -101.52 60.98 89.33
CA UNK A 3122 -100.54 61.35 88.32
C UNK A 3122 -100.92 62.67 87.69
N UNK A 3123 -102.21 62.86 87.43
CA UNK A 3123 -102.72 64.12 86.92
C UNK A 3123 -102.41 65.26 87.89
N UNK A 3124 -102.67 65.00 89.17
CA UNK A 3124 -102.40 65.98 90.22
C UNK A 3124 -100.92 66.33 90.29
N UNK A 3125 -100.07 65.32 90.20
CA UNK A 3125 -98.62 65.50 90.26
C UNK A 3125 -98.11 66.29 89.04
N UNK A 3126 -98.70 66.02 87.88
CA UNK A 3126 -98.33 66.73 86.67
C UNK A 3126 -98.77 68.18 86.74
N UNK A 3127 -99.90 68.42 87.38
CA UNK A 3127 -100.40 69.78 87.58
C UNK A 3127 -99.52 70.54 88.57
N UNK A 3128 -99.05 69.83 89.60
CA UNK A 3128 -98.20 70.44 90.62
C UNK A 3128 -96.83 70.78 90.07
N UNK A 3129 -96.19 69.81 89.43
CA UNK A 3129 -94.86 70.01 88.86
C UNK A 3129 -94.67 69.16 87.60
N UNK A 3136 -94.06 57.90 91.40
CA UNK A 3136 -95.00 59.01 91.30
C UNK A 3136 -95.78 58.94 89.99
N UNK A 3137 -95.65 59.98 89.18
CA UNK A 3137 -96.32 60.04 87.88
C UNK A 3137 -95.82 58.93 86.97
N UNK A 3138 -94.50 58.72 86.97
CA UNK A 3138 -93.89 57.67 86.17
C UNK A 3138 -94.37 56.29 86.60
N UNK A 3139 -94.46 56.08 87.91
CA UNK A 3139 -94.93 54.81 88.45
C UNK A 3139 -96.38 54.56 88.07
N UNK A 3140 -97.20 55.62 88.15
CA UNK A 3140 -98.61 55.52 87.78
C UNK A 3140 -98.75 55.19 86.30
N UNK A 3141 -97.94 55.84 85.47
CA UNK A 3141 -97.95 55.58 84.04
C UNK A 3141 -97.54 54.15 83.74
N UNK A 3142 -96.53 53.66 84.46
CA UNK A 3142 -96.07 52.28 84.29
C UNK A 3142 -97.15 51.28 84.67
N UNK A 3143 -97.85 51.57 85.77
CA UNK A 3143 -98.94 50.71 86.23
C UNK A 3143 -100.07 50.69 85.21
N UNK A 3144 -100.39 51.86 84.67
CA UNK A 3144 -101.42 51.98 83.65
C UNK A 3144 -101.04 51.20 82.40
N UNK A 3145 -99.76 51.29 82.02
CA UNK A 3145 -99.25 50.57 80.85
C UNK A 3145 -99.33 49.06 81.07
N UNK A 3146 -99.03 48.62 82.29
CA UNK A 3146 -99.10 47.21 82.63
C UNK A 3146 -100.54 46.71 82.55
N UNK A 3147 -101.46 47.49 83.09
CA UNK A 3147 -102.89 47.15 83.05
C UNK A 3147 -103.37 47.08 81.60
N UNK A 3148 -102.93 48.03 80.78
CA UNK A 3148 -103.30 48.08 79.38
C UNK A 3148 -102.75 46.87 78.62
N UNK A 3149 -101.51 46.48 78.94
CA UNK A 3149 -100.90 45.31 78.33
C UNK A 3149 -101.67 44.05 78.70
N UNK A 3150 -102.09 43.97 79.96
CA UNK A 3150 -102.89 42.84 80.43
C UNK A 3150 -104.22 42.78 79.66
N UNK A 3151 -104.85 43.94 79.52
CA UNK A 3151 -106.12 44.05 78.80
C UNK A 3151 -105.97 43.65 77.33
N UNK A 3152 -104.85 44.04 76.73
CA UNK A 3152 -104.57 43.73 75.33
C UNK A 3152 -104.31 42.25 75.15
N UNK A 3153 -103.61 41.64 76.10
CA UNK A 3153 -103.36 40.21 76.09
C UNK A 3153 -104.69 39.46 76.21
N UNK A 3154 -105.57 40.00 77.04
CA UNK A 3154 -106.90 39.45 77.20
C UNK A 3154 -107.85 40.05 76.16
N UNK A 3155 -107.50 39.90 74.89
CA UNK A 3155 -108.28 40.46 73.80
C UNK A 3155 -109.50 39.59 73.48
N UNK A 3156 -109.30 38.28 73.47
CA UNK A 3156 -110.37 37.34 73.18
C UNK A 3156 -111.41 37.36 74.31
N UNK A 3157 -110.93 37.55 75.53
CA UNK A 3157 -111.81 37.61 76.70
C UNK A 3157 -112.55 38.94 76.74
N UNK A 3158 -113.86 38.88 76.91
CA UNK A 3158 -114.68 40.10 76.97
C UNK A 3158 -114.46 40.83 78.29
N UNK A 3159 -114.55 42.16 78.24
CA UNK A 3159 -114.37 42.98 79.43
C UNK A 3159 -115.59 42.88 80.34
N UNK A 3160 -115.36 43.06 81.64
CA UNK A 3160 -116.43 42.98 82.62
C UNK A 3160 -117.27 44.24 82.61
N UNK A 3161 -116.68 45.35 82.15
CA UNK A 3161 -117.34 46.65 82.05
C UNK A 3161 -117.87 47.12 83.39
N UNK A 3162 -117.06 46.95 84.44
CA UNK A 3162 -117.41 47.41 85.77
C UNK A 3162 -116.53 48.59 86.16
N UNK A 3163 -117.13 49.77 86.32
CA UNK A 3163 -116.41 51.01 86.61
C UNK A 3163 -115.39 51.33 85.51
N UNK A 3164 -115.57 50.70 84.35
CA UNK A 3164 -114.68 50.90 83.22
C UNK A 3164 -114.80 52.34 82.72
N UNK A 3165 -116.02 52.87 82.76
CA UNK A 3165 -116.26 54.26 82.38
C UNK A 3165 -115.49 55.20 83.29
N UNK A 3166 -115.52 54.92 84.59
CA UNK A 3166 -114.81 55.73 85.57
C UNK A 3166 -113.30 55.65 85.35
N UNK A 3167 -112.81 54.44 85.07
CA UNK A 3167 -111.39 54.24 84.81
C UNK A 3167 -110.94 55.01 83.57
N UNK A 3168 -111.74 54.94 82.51
CA UNK A 3168 -111.46 55.65 81.28
C UNK A 3168 -111.49 57.17 81.50
N UNK A 3169 -112.43 57.63 82.30
CA UNK A 3169 -112.54 59.04 82.64
C UNK A 3169 -111.29 59.51 83.38
N UNK A 3170 -110.83 58.70 84.33
CA UNK A 3170 -109.63 59.01 85.10
C UNK A 3170 -108.41 59.07 84.18
N UNK A 3171 -108.31 58.10 83.28
CA UNK A 3171 -107.20 58.05 82.33
C UNK A 3171 -107.20 59.28 81.41
N UNK A 3172 -108.38 59.65 80.94
CA UNK A 3172 -108.54 60.81 80.07
C UNK A 3172 -108.17 62.09 80.81
N UNK A 3173 -108.57 62.18 82.08
CA UNK A 3173 -108.24 63.33 82.90
C UNK A 3173 -106.73 63.44 83.10
N UNK A 3174 -106.09 62.30 83.34
CA UNK A 3174 -104.64 62.25 83.49
C UNK A 3174 -103.95 62.72 82.21
N UNK A 3175 -104.44 62.23 81.07
CA UNK A 3175 -103.89 62.61 79.78
C UNK A 3175 -104.05 64.10 79.53
N UNK A 3176 -105.22 64.64 79.85
CA UNK A 3176 -105.51 66.06 79.68
C UNK A 3176 -104.61 66.90 80.56
N UNK A 3177 -104.39 66.45 81.80
CA UNK A 3177 -103.50 67.16 82.72
C UNK A 3177 -102.07 67.16 82.20
N UNK A 3178 -101.64 66.01 81.66
CA UNK A 3178 -100.29 65.89 81.10
C UNK A 3178 -100.12 66.81 79.90
N UNK A 3179 -101.17 66.92 79.09
CA UNK A 3179 -101.14 67.79 77.91
C UNK A 3179 -101.13 69.26 78.31
N UNK A 3180 -101.88 69.59 79.35
CA UNK A 3180 -101.96 70.97 79.82
C UNK A 3180 -100.64 71.42 80.45
N UNK A 3181 -100.04 70.54 81.24
CA UNK A 3181 -98.74 70.84 81.85
C UNK A 3181 -97.65 70.80 80.79
N UNK A 3182 -97.05 71.97 80.53
CA UNK A 3182 -96.05 72.10 79.48
C UNK A 3182 -94.78 71.31 79.81
N UNK A 3183 -94.32 70.53 78.84
CA UNK A 3183 -93.10 69.73 78.95
C UNK A 3183 -93.13 68.80 80.18
N UNK A 3184 -94.30 68.21 80.43
CA UNK A 3184 -94.45 67.28 81.55
C UNK A 3184 -94.78 65.88 81.06
N UNK A 3185 -95.02 65.77 79.75
CA UNK A 3185 -95.32 64.47 79.15
C UNK A 3185 -94.07 63.60 79.14
N UNK A 3186 -92.97 64.15 78.63
CA UNK A 3186 -91.67 63.47 78.58
C UNK A 3186 -91.77 62.12 77.86
N UNK A 3187 -92.51 62.09 76.76
CA UNK A 3187 -92.73 60.87 75.99
C UNK A 3187 -93.29 59.76 76.88
N UNK A 3188 -94.35 60.08 77.62
CA UNK A 3188 -94.95 59.13 78.55
C UNK A 3188 -95.52 57.92 77.84
N UNK A 3189 -95.60 56.79 78.56
CA UNK A 3189 -96.14 55.57 78.02
C UNK A 3189 -97.66 55.55 78.14
N UNK A 3190 -98.22 56.68 78.55
CA UNK A 3190 -99.66 56.83 78.69
C UNK A 3190 -100.34 56.69 77.32
N UNK A 3191 -99.66 57.17 76.28
CA UNK A 3191 -100.17 57.05 74.92
C UNK A 3191 -100.29 55.59 74.52
N UNK A 3192 -99.23 54.81 74.80
CA UNK A 3192 -99.22 53.39 74.50
C UNK A 3192 -100.29 52.66 75.32
N UNK A 3193 -100.46 53.08 76.57
CA UNK A 3193 -101.47 52.51 77.45
C UNK A 3193 -102.86 52.74 76.89
N UNK A 3194 -103.12 53.95 76.42
CA UNK A 3194 -104.40 54.30 75.83
C UNK A 3194 -104.63 53.51 74.54
N UNK A 3195 -103.56 53.35 73.77
CA UNK A 3195 -103.64 52.57 72.52
C UNK A 3195 -104.00 51.12 72.80
N UNK A 3196 -103.42 50.57 73.86
CA UNK A 3196 -103.64 49.17 74.21
C UNK A 3196 -105.00 48.93 74.85
N UNK A 3197 -105.48 49.91 75.62
CA UNK A 3197 -106.74 49.76 76.34
C UNK A 3197 -107.89 50.52 75.66
N UNK A 3198 -107.67 50.93 74.41
CA UNK A 3198 -108.71 51.64 73.67
C UNK A 3198 -109.92 50.74 73.40
N UNK A 3199 -109.66 49.47 73.15
CA UNK A 3199 -110.73 48.51 72.91
C UNK A 3199 -111.48 48.19 74.19
N UNK A 3200 -112.65 48.79 74.36
CA UNK A 3200 -113.47 48.57 75.55
C UNK A 3200 -114.92 48.32 75.16
N UNK A 3201 -115.76 48.07 76.17
CA UNK A 3201 -117.17 47.82 75.93
C UNK A 3201 -117.90 49.10 75.54
N UNK A 3202 -117.39 50.22 76.03
CA UNK A 3202 -118.00 51.52 75.74
C UNK A 3202 -116.92 52.60 75.57
N UNK A 3231 -121.25 51.02 73.39
CA UNK A 3231 -121.89 50.76 72.11
C UNK A 3231 -122.12 52.04 71.34
N UNK A 3232 -123.31 52.62 71.51
CA UNK A 3232 -123.67 53.86 70.82
C UNK A 3232 -122.83 55.03 71.32
N UNK A 3233 -122.62 55.10 72.63
CA UNK A 3233 -121.80 56.14 73.23
C UNK A 3233 -120.35 56.01 72.74
N UNK A 3234 -119.88 54.77 72.67
CA UNK A 3234 -118.54 54.49 72.18
C UNK A 3234 -118.40 54.94 70.73
N UNK A 3235 -119.42 54.65 69.92
CA UNK A 3235 -119.42 55.05 68.52
C UNK A 3235 -119.41 56.56 68.37
N UNK A 3236 -120.18 57.25 69.21
CA UNK A 3236 -120.23 58.71 69.19
C UNK A 3236 -118.87 59.30 69.57
N UNK A 3237 -118.25 58.74 70.59
CA UNK A 3237 -116.93 59.18 71.03
C UNK A 3237 -115.91 58.96 69.93
N UNK A 3238 -116.01 57.82 69.25
CA UNK A 3238 -115.12 57.49 68.15
C UNK A 3238 -115.29 58.48 67.00
N UNK A 3239 -116.54 58.85 66.72
CA UNK A 3239 -116.84 59.81 65.67
C UNK A 3239 -116.25 61.18 66.00
N UNK A 3240 -116.39 61.59 67.26
CA UNK A 3240 -115.83 62.85 67.73
C UNK A 3240 -114.31 62.85 67.59
N UNK A 3241 -113.69 61.74 67.99
CA UNK A 3241 -112.25 61.58 67.90
C UNK A 3241 -111.79 61.62 66.44
N UNK A 3242 -112.58 61.02 65.56
CA UNK A 3242 -112.27 61.01 64.14
C UNK A 3242 -112.36 62.41 63.56
N UNK A 3243 -113.36 63.17 63.99
CA UNK A 3243 -113.50 64.56 63.56
C UNK A 3243 -112.29 65.38 64.01
N UNK A 3244 -111.89 65.19 65.26
CA UNK A 3244 -110.73 65.89 65.81
C UNK A 3244 -109.46 65.52 65.04
N UNK A 3245 -109.32 64.25 64.69
CA UNK A 3245 -108.18 63.76 63.94
C UNK A 3245 -108.16 64.33 62.53
N UNK A 3246 -109.34 64.46 61.93
CA UNK A 3246 -109.46 65.04 60.60
C UNK A 3246 -109.03 66.51 60.64
N UNK A 3247 -109.45 67.20 61.70
CA UNK A 3247 -109.06 68.59 61.90
C UNK A 3247 -107.55 68.71 62.04
N UNK A 3248 -106.96 67.83 62.85
CA UNK A 3248 -105.52 67.82 63.07
C UNK A 3248 -104.75 67.51 61.78
N UNK A 3249 -105.31 66.64 60.96
CA UNK A 3249 -104.69 66.26 59.69
C UNK A 3249 -104.76 67.41 58.69
N UNK A 3250 -105.88 68.14 58.72
CA UNK A 3250 -106.02 69.34 57.90
C UNK A 3250 -105.00 70.36 58.34
N UNK A 3251 -104.77 70.42 59.65
CA UNK A 3251 -103.73 71.26 60.21
C UNK A 3251 -102.35 70.70 59.87
N UNK A 3252 -101.31 71.49 60.08
CA UNK A 3252 -99.95 71.09 59.74
C UNK A 3252 -99.38 70.12 60.77
N UNK A 3253 -99.27 70.59 62.01
CA UNK A 3253 -98.71 69.81 63.11
C UNK A 3253 -97.30 69.32 62.78
N UNK A 3254 -96.39 70.27 62.58
CA UNK A 3254 -95.01 69.94 62.24
C UNK A 3254 -94.13 69.93 63.49
N UNK A 3255 -94.61 70.56 64.56
CA UNK A 3255 -93.87 70.61 65.81
C UNK A 3255 -93.86 69.25 66.49
N UNK A 3256 -92.86 69.02 67.35
CA UNK A 3256 -92.72 67.74 68.05
C UNK A 3256 -93.87 67.50 69.01
N UNK A 3257 -94.25 68.54 69.75
CA UNK A 3257 -95.35 68.45 70.70
C UNK A 3257 -96.67 68.17 69.99
N UNK A 3258 -96.90 68.87 68.88
CA UNK A 3258 -98.10 68.68 68.08
C UNK A 3258 -98.13 67.26 67.50
N UNK A 3259 -96.97 66.78 67.08
CA UNK A 3259 -96.84 65.43 66.54
C UNK A 3259 -97.18 64.40 67.60
N UNK A 3260 -96.68 64.62 68.81
CA UNK A 3260 -96.94 63.72 69.93
C UNK A 3260 -98.43 63.70 70.28
N UNK A 3261 -99.05 64.88 70.27
CA UNK A 3261 -100.47 65.02 70.54
C UNK A 3261 -101.29 64.28 69.49
N UNK A 3262 -100.91 64.44 68.23
CA UNK A 3262 -101.59 63.76 67.12
C UNK A 3262 -101.43 62.25 67.24
N UNK A 3263 -100.24 61.81 67.65
CA UNK A 3263 -99.97 60.40 67.84
C UNK A 3263 -100.85 59.83 68.95
N UNK A 3264 -100.98 60.57 70.04
CA UNK A 3264 -101.83 60.16 71.15
C UNK A 3264 -103.29 60.07 70.70
N UNK A 3265 -103.72 61.05 69.92
CA UNK A 3265 -105.08 61.08 69.39
C UNK A 3265 -105.33 59.87 68.49
N UNK A 3266 -104.36 59.55 67.63
CA UNK A 3266 -104.45 58.41 66.75
C UNK A 3266 -104.52 57.10 67.54
N UNK A 3267 -103.71 57.03 68.60
CA UNK A 3267 -103.68 55.86 69.46
C UNK A 3267 -105.04 55.66 70.15
N UNK A 3268 -105.64 56.77 70.55
CA UNK A 3268 -106.95 56.73 71.19
C UNK A 3268 -108.05 56.35 70.20
N UNK A 3269 -107.92 56.81 68.97
CA UNK A 3269 -108.93 56.56 67.94
C UNK A 3269 -108.78 55.18 67.31
N UNK A 3270 -107.62 54.55 67.51
CA UNK A 3270 -107.36 53.22 66.97
C UNK A 3270 -108.35 52.18 67.49
N UNK A 3271 -108.49 51.10 66.74
CA UNK A 3271 -109.36 49.97 67.09
C UNK A 3271 -110.84 50.36 67.16
N UNK A 3272 -111.18 51.55 66.71
CA UNK A 3272 -112.56 52.02 66.72
C UNK A 3272 -113.40 51.18 65.75
N UNK A 3273 -112.80 50.78 64.64
CA UNK A 3273 -113.48 49.96 63.66
C UNK A 3273 -113.56 48.51 64.12
N UNK A 3274 -112.55 48.08 64.88
CA UNK A 3274 -112.50 46.72 65.40
C UNK A 3274 -113.54 46.53 66.49
N UNK A 3275 -113.76 47.58 67.29
CA UNK A 3275 -114.75 47.54 68.36
C UNK A 3275 -116.13 47.88 67.83
N UNK A 3276 -116.56 47.17 66.79
CA UNK A 3276 -117.86 47.39 66.18
C UNK A 3276 -118.65 46.10 66.09
N UNK A 3277 -119.96 46.21 65.85
CA UNK A 3277 -120.82 45.05 65.76
C UNK A 3277 -121.16 44.72 64.31
N UNK A 3278 -120.67 43.58 63.85
CA UNK A 3278 -120.92 43.09 62.48
C UNK A 3278 -120.48 44.11 61.43
N UNK A 3279 -119.42 44.85 61.73
CA UNK A 3279 -118.87 45.87 60.83
C UNK A 3279 -119.94 46.87 60.40
N UNK A 3280 -120.52 47.58 61.37
CA UNK A 3280 -121.56 48.56 61.09
C UNK A 3280 -121.01 49.75 60.32
N UNK A 3281 -119.81 50.19 60.68
CA UNK A 3281 -119.19 51.34 60.03
C UNK A 3281 -117.88 50.93 59.35
N UNK A 3282 -117.88 50.97 58.02
CA UNK A 3282 -116.69 50.63 57.25
C UNK A 3282 -116.25 51.81 56.40
N UNK A 3283 -117.22 52.56 55.88
CA UNK A 3283 -116.93 53.73 55.05
C UNK A 3283 -116.21 54.80 55.84
N UNK A 3284 -116.64 55.03 57.07
CA UNK A 3284 -116.01 56.02 57.95
C UNK A 3284 -114.57 55.62 58.26
N UNK A 3285 -114.38 54.33 58.52
CA UNK A 3285 -113.04 53.80 58.80
C UNK A 3285 -112.14 53.97 57.59
N UNK A 3286 -112.69 53.70 56.40
CA UNK A 3286 -111.94 53.87 55.16
C UNK A 3286 -111.56 55.32 54.93
N UNK A 3287 -112.48 56.23 55.22
CA UNK A 3287 -112.23 57.66 55.08
C UNK A 3287 -111.12 58.10 56.04
N UNK A 3288 -111.18 57.62 57.27
CA UNK A 3288 -110.17 57.93 58.28
C UNK A 3288 -108.80 57.39 57.83
N UNK A 3289 -108.80 56.19 57.26
CA UNK A 3289 -107.59 55.58 56.76
C UNK A 3289 -106.99 56.38 55.62
N UNK A 3290 -107.85 56.86 54.72
CA UNK A 3290 -107.42 57.69 53.61
C UNK A 3290 -106.81 58.99 54.10
N UNK A 3291 -107.45 59.59 55.10
CA UNK A 3291 -106.95 60.82 55.72
C UNK A 3291 -105.58 60.60 56.34
N UNK A 3292 -105.44 59.49 57.06
CA UNK A 3292 -104.17 59.14 57.69
C UNK A 3292 -103.08 58.91 56.65
N UNK A 3293 -103.45 58.25 55.55
CA UNK A 3293 -102.52 57.98 54.47
C UNK A 3293 -102.06 59.27 53.83
N UNK A 3294 -102.97 60.22 53.65
CA UNK A 3294 -102.63 61.52 53.10
C UNK A 3294 -101.68 62.27 54.04
N UNK A 3295 -101.98 62.21 55.34
CA UNK A 3295 -101.15 62.86 56.34
C UNK A 3295 -99.74 62.27 56.36
N UNK A 3296 -99.65 60.96 56.15
CA UNK A 3296 -98.36 60.27 56.12
C UNK A 3296 -97.59 60.60 54.85
N UNK A 3297 -98.31 60.70 53.74
CA UNK A 3297 -97.70 61.03 52.45
C UNK A 3297 -97.16 62.46 52.49
N UNK A 3298 -97.82 63.31 53.27
CA UNK A 3298 -97.34 64.66 53.50
C UNK A 3298 -95.95 64.60 54.14
N UNK A 3299 -95.07 65.53 53.74
CA UNK A 3299 -93.69 65.54 54.21
C UNK A 3299 -93.60 65.66 55.72
N UNK A 3300 -92.82 64.76 56.33
CA UNK A 3300 -92.64 64.77 57.78
C UNK A 3300 -91.15 64.81 58.14
N UNK A 3301 -90.83 65.54 59.19
CA UNK A 3301 -89.45 65.67 59.65
C UNK A 3301 -89.00 64.40 60.36
N UNK A 3302 -87.71 64.07 60.22
CA UNK A 3302 -87.15 62.88 60.83
C UNK A 3302 -86.59 63.19 62.22
N UNK A 3303 -86.78 64.42 62.68
CA UNK A 3303 -86.28 64.84 63.98
C UNK A 3303 -87.43 65.19 64.92
N UNK A 3304 -88.65 65.02 64.44
CA UNK A 3304 -89.83 65.32 65.24
C UNK A 3304 -90.98 64.37 64.93
N UNK A 3305 -91.12 64.01 63.66
CA UNK A 3305 -92.21 63.15 63.22
C UNK A 3305 -91.72 61.76 62.82
N UNK A 3306 -90.48 61.45 63.18
CA UNK A 3306 -89.90 60.15 62.87
C UNK A 3306 -90.63 59.05 63.66
N UNK A 3307 -90.84 59.29 64.95
CA UNK A 3307 -91.55 58.36 65.80
C UNK A 3307 -92.99 58.22 65.33
N UNK A 3308 -93.58 59.32 64.88
CA UNK A 3308 -94.94 59.32 64.37
C UNK A 3308 -95.04 58.45 63.13
N UNK A 3309 -94.08 58.60 62.22
CA UNK A 3309 -94.04 57.80 61.00
C UNK A 3309 -93.84 56.32 61.32
N UNK A 3310 -92.99 56.04 62.31
CA UNK A 3310 -92.75 54.68 62.75
C UNK A 3310 -94.03 54.05 63.29
N UNK A 3311 -94.76 54.80 64.12
CA UNK A 3311 -96.01 54.34 64.69
C UNK A 3311 -97.06 54.11 63.60
N UNK A 3312 -97.08 55.00 62.61
CA UNK A 3312 -98.01 54.88 61.51
C UNK A 3312 -97.74 53.64 60.67
N UNK A 3313 -96.45 53.36 60.46
CA UNK A 3313 -96.04 52.17 59.71
C UNK A 3313 -96.36 50.90 60.50
N UNK A 3314 -96.22 50.97 61.82
CA UNK A 3314 -96.51 49.84 62.68
C UNK A 3314 -98.00 49.53 62.70
N UNK A 3315 -98.81 50.57 62.80
CA UNK A 3315 -100.26 50.41 62.85
C UNK A 3315 -100.84 50.20 61.46
N UNK A 3316 -101.24 48.97 61.17
CA UNK A 3316 -101.84 48.63 59.88
C UNK A 3316 -103.34 48.39 60.04
N UNK A 3317 -103.89 48.84 61.16
CA UNK A 3317 -105.31 48.68 61.43
C UNK A 3317 -106.16 49.58 60.52
N UNK A 3318 -105.56 50.67 60.07
CA UNK A 3318 -106.25 51.60 59.19
C UNK A 3318 -106.41 51.00 57.79
N UNK A 3319 -105.34 50.38 57.29
CA UNK A 3319 -105.36 49.76 55.97
C UNK A 3319 -106.33 48.58 55.93
N UNK A 3320 -106.54 47.95 57.08
CA UNK A 3320 -107.45 46.82 57.18
C UNK A 3320 -108.90 47.29 57.13
N UNK A 3321 -109.78 46.42 56.64
CA UNK A 3321 -111.21 46.70 56.52
C UNK A 3321 -111.47 47.96 55.70
N UNK A 3322 -110.88 48.02 54.51
CA UNK A 3322 -111.05 49.16 53.63
C UNK A 3322 -111.74 48.74 52.33
N UNK A 3323 -112.61 49.62 51.82
CA UNK A 3323 -113.35 49.35 50.60
C UNK A 3323 -112.45 49.39 49.38
N UNK A 3324 -112.90 48.80 48.28
CA UNK A 3324 -112.11 48.71 47.05
C UNK A 3324 -111.86 50.08 46.42
N UNK A 3325 -112.86 50.96 46.46
CA UNK A 3325 -112.72 52.30 45.91
C UNK A 3325 -111.80 53.14 46.80
N UNK A 3326 -112.00 52.99 48.10
CA UNK A 3326 -111.13 53.62 49.08
C UNK A 3326 -109.72 53.07 48.92
N UNK A 3327 -109.63 51.77 48.62
CA UNK A 3327 -108.34 51.12 48.36
C UNK A 3327 -107.68 51.72 47.13
N UNK A 3328 -108.46 52.03 46.11
CA UNK A 3328 -107.94 52.62 44.88
C UNK A 3328 -107.42 54.03 45.13
N UNK A 3329 -108.19 54.80 45.90
CA UNK A 3329 -107.78 56.15 46.29
C UNK A 3329 -106.46 56.10 47.08
N UNK A 3330 -106.40 55.16 48.03
CA UNK A 3330 -105.22 54.96 48.85
C UNK A 3330 -104.03 54.52 47.97
N UNK A 3331 -104.30 53.74 46.95
CA UNK A 3331 -103.27 53.27 46.03
C UNK A 3331 -102.70 54.43 45.22
N UNK A 3332 -103.58 55.32 44.79
CA UNK A 3332 -103.14 56.52 44.07
C UNK A 3332 -102.27 57.39 44.97
N UNK A 3333 -102.74 57.61 46.20
CA UNK A 3333 -101.99 58.38 47.18
C UNK A 3333 -100.63 57.75 47.46
N UNK A 3334 -100.61 56.42 47.55
CA UNK A 3334 -99.40 55.68 47.83
C UNK A 3334 -98.44 55.75 46.65
N UNK A 3335 -98.99 55.78 45.44
CA UNK A 3335 -98.18 55.93 44.23
C UNK A 3335 -97.49 57.29 44.26
N UNK A 3336 -98.26 58.31 44.61
CA UNK A 3336 -97.70 59.66 44.73
C UNK A 3336 -96.58 59.71 45.77
N UNK A 3337 -96.87 59.14 46.94
CA UNK A 3337 -95.91 59.11 48.04
C UNK A 3337 -94.66 58.32 47.67
N UNK A 3338 -94.82 57.25 46.92
CA UNK A 3338 -93.71 56.40 46.49
C UNK A 3338 -92.87 57.14 45.46
N UNK A 3339 -93.52 57.91 44.60
CA UNK A 3339 -92.80 58.74 43.65
C UNK A 3339 -91.94 59.75 44.39
N UNK A 3340 -92.54 60.36 45.41
CA UNK A 3340 -91.83 61.33 46.26
C UNK A 3340 -90.62 60.69 46.94
N UNK A 3341 -90.84 59.50 47.50
CA UNK A 3341 -89.80 58.76 48.21
C UNK A 3341 -88.67 58.36 47.26
N UNK A 3342 -89.03 57.96 46.05
CA UNK A 3342 -88.05 57.59 45.04
C UNK A 3342 -87.23 58.80 44.63
N UNK A 3343 -87.89 59.96 44.51
CA UNK A 3343 -87.19 61.19 44.20
C UNK A 3343 -86.19 61.53 45.30
N UNK A 3344 -86.63 61.39 46.54
CA UNK A 3344 -85.78 61.64 47.70
C UNK A 3344 -84.56 60.72 47.71
N UNK A 3345 -84.81 59.44 47.45
CA UNK A 3345 -83.75 58.43 47.42
C UNK A 3345 -82.76 58.72 46.28
N UNK A 3346 -83.27 59.14 45.14
CA UNK A 3346 -82.44 59.46 44.00
C UNK A 3346 -81.57 60.68 44.31
N UNK A 3347 -82.16 61.66 44.99
CA UNK A 3347 -81.42 62.85 45.40
C UNK A 3347 -80.29 62.48 46.36
N UNK A 3348 -80.62 61.59 47.31
CA UNK A 3348 -79.63 61.11 48.27
C UNK A 3348 -78.49 60.38 47.58
N UNK A 3349 -78.84 59.52 46.62
CA UNK A 3349 -77.84 58.75 45.86
C UNK A 3349 -76.96 59.68 45.04
N UNK A 3350 -77.56 60.71 44.45
CA UNK A 3350 -76.80 61.68 43.66
C UNK A 3350 -75.84 62.45 44.55
N UNK A 3351 -76.31 62.83 45.74
CA UNK A 3351 -75.48 63.52 46.71
C UNK A 3351 -74.30 62.64 47.13
N UNK A 3352 -74.59 61.36 47.33
CA UNK A 3352 -73.55 60.40 47.70
C UNK A 3352 -72.50 60.25 46.60
N UNK A 3353 -72.96 60.15 45.36
CA UNK A 3353 -72.07 60.01 44.21
C UNK A 3353 -71.23 61.26 44.02
N UNK A 3354 -71.80 62.42 44.33
CA UNK A 3354 -71.07 63.69 44.18
C UNK A 3354 -70.05 63.88 45.30
N UNK A 3355 -70.39 63.39 46.49
CA UNK A 3355 -69.50 63.52 47.65
C UNK A 3355 -68.40 62.46 47.64
N UNK A 3356 -68.63 61.39 46.89
CA UNK A 3356 -67.65 60.30 46.79
C UNK A 3356 -66.38 60.79 46.11
N UNK A 3357 -65.40 61.18 46.91
CA UNK A 3357 -64.12 61.66 46.40
C UNK A 3357 -62.98 61.31 47.35
N UNK A 3358 -61.93 62.12 47.33
CA UNK A 3358 -60.76 61.89 48.19
C UNK A 3358 -61.03 62.35 49.62
N UNK A 3359 -62.01 63.23 49.78
CA UNK A 3359 -62.35 63.76 51.10
C UNK A 3359 -63.06 62.71 51.94
N UNK A 3360 -63.17 62.97 53.25
CA UNK A 3360 -63.79 62.03 54.16
C UNK A 3360 -65.06 62.62 54.79
N UNK A 3361 -65.05 63.93 55.01
CA UNK A 3361 -66.20 64.61 55.61
C UNK A 3361 -67.42 64.53 54.69
N UNK A 3362 -67.19 64.79 53.41
CA UNK A 3362 -68.25 64.71 52.40
C UNK A 3362 -68.79 63.28 52.34
N UNK A 3363 -67.89 62.31 52.41
CA UNK A 3363 -68.26 60.90 52.37
C UNK A 3363 -69.13 60.55 53.58
N UNK A 3364 -68.75 61.03 54.75
CA UNK A 3364 -69.51 60.75 55.97
C UNK A 3364 -70.89 61.40 55.91
N UNK A 3365 -70.96 62.63 55.43
CA UNK A 3365 -72.22 63.33 55.29
C UNK A 3365 -73.13 62.59 54.31
N UNK A 3366 -72.55 62.12 53.21
CA UNK A 3366 -73.27 61.37 52.20
C UNK A 3366 -73.81 60.07 52.78
N UNK A 3367 -72.99 59.39 53.57
CA UNK A 3367 -73.39 58.14 54.21
C UNK A 3367 -74.56 58.37 55.17
N UNK A 3368 -74.48 59.45 55.94
CA UNK A 3368 -75.54 59.79 56.88
C UNK A 3368 -76.85 60.08 56.15
N UNK A 3369 -76.76 60.89 55.10
CA UNK A 3369 -77.92 61.25 54.31
C UNK A 3369 -78.54 60.01 53.66
N UNK A 3370 -77.69 59.13 53.16
CA UNK A 3370 -78.14 57.89 52.52
C UNK A 3370 -78.83 57.00 53.54
N UNK A 3371 -78.29 56.93 54.75
CA UNK A 3371 -78.88 56.13 55.81
C UNK A 3371 -80.27 56.66 56.17
N UNK A 3372 -80.38 57.98 56.32
CA UNK A 3372 -81.66 58.61 56.63
C UNK A 3372 -82.69 58.32 55.53
N UNK A 3373 -82.27 58.54 54.28
CA UNK A 3373 -83.15 58.33 53.13
C UNK A 3373 -83.57 56.88 53.02
N UNK A 3374 -82.66 55.96 53.31
CA UNK A 3374 -82.95 54.54 53.23
C UNK A 3374 -83.94 54.13 54.31
N UNK A 3375 -83.79 54.70 55.52
CA UNK A 3375 -84.73 54.43 56.59
C UNK A 3375 -86.12 54.92 56.21
N UNK A 3376 -86.18 56.14 55.68
CA UNK A 3376 -87.44 56.72 55.23
C UNK A 3376 -88.10 55.86 54.14
N UNK A 3377 -87.29 55.43 53.19
CA UNK A 3377 -87.76 54.62 52.07
C UNK A 3377 -88.25 53.26 52.56
N UNK A 3378 -87.57 52.69 53.54
CA UNK A 3378 -87.96 51.40 54.10
C UNK A 3378 -89.31 51.53 54.80
N UNK A 3379 -89.47 52.60 55.57
CA UNK A 3379 -90.75 52.86 56.24
C UNK A 3379 -91.88 53.01 55.21
N UNK A 3380 -91.61 53.80 54.17
CA UNK A 3380 -92.58 54.05 53.12
C UNK A 3380 -92.95 52.76 52.39
N UNK A 3381 -91.95 51.92 52.13
CA UNK A 3381 -92.16 50.66 51.43
C UNK A 3381 -92.98 49.70 52.29
N UNK A 3382 -92.71 49.68 53.59
CA UNK A 3382 -93.48 48.86 54.52
C UNK A 3382 -94.94 49.29 54.51
N UNK A 3383 -95.16 50.61 54.56
CA UNK A 3383 -96.51 51.16 54.52
C UNK A 3383 -97.22 50.78 53.22
N UNK A 3384 -96.52 50.95 52.11
CA UNK A 3384 -97.07 50.65 50.79
C UNK A 3384 -97.40 49.17 50.65
N UNK A 3385 -96.58 48.33 51.25
CA UNK A 3385 -96.80 46.88 51.22
C UNK A 3385 -98.04 46.52 52.04
N UNK A 3386 -98.15 47.13 53.22
CA UNK A 3386 -99.31 46.92 54.08
C UNK A 3386 -100.59 47.36 53.37
N UNK A 3387 -100.46 48.41 52.56
CA UNK A 3387 -101.60 48.93 51.81
C UNK A 3387 -101.99 48.04 50.64
N UNK A 3388 -101.01 47.64 49.84
CA UNK A 3388 -101.26 46.88 48.63
C UNK A 3388 -101.41 45.38 48.90
N UNK A 3389 -101.27 44.99 50.16
CA UNK A 3389 -101.46 43.59 50.55
C UNK A 3389 -102.92 43.18 50.38
N UNK A 3390 -103.81 44.16 50.47
CA UNK A 3390 -105.24 43.90 50.33
C UNK A 3390 -105.69 44.14 48.89
N UNK A 3391 -105.01 45.05 48.20
CA UNK A 3391 -105.34 45.39 46.83
C UNK A 3391 -105.05 44.22 45.89
N UNK A 3392 -103.91 43.56 46.10
CA UNK A 3392 -103.53 42.42 45.29
C UNK A 3392 -104.34 41.19 45.66
N UNK A 3393 -104.83 41.17 46.89
CA UNK A 3393 -105.62 40.03 47.39
C UNK A 3393 -107.07 40.14 46.93
N UNK A 3394 -107.56 41.37 46.79
CA UNK A 3394 -108.93 41.60 46.36
C UNK A 3394 -109.09 41.33 44.86
N UNK A 3395 -108.14 41.83 44.07
CA UNK A 3395 -108.18 41.64 42.63
C UNK A 3395 -106.84 41.10 42.12
N UNK A 3396 -106.89 39.91 41.53
CA UNK A 3396 -105.68 39.29 40.98
C UNK A 3396 -105.28 39.95 39.67
N UNK A 3397 -106.26 40.55 38.99
CA UNK A 3397 -106.02 41.23 37.72
C UNK A 3397 -107.03 42.33 37.50
N UNK A 3398 -106.54 43.53 37.19
CA UNK A 3398 -107.42 44.68 36.96
C UNK A 3398 -106.72 45.73 36.11
N UNK A 3399 -107.51 46.52 35.38
CA UNK A 3399 -106.96 47.59 34.55
C UNK A 3399 -106.84 48.89 35.34
N UNK A 3400 -106.15 48.82 36.47
CA UNK A 3400 -105.97 49.97 37.33
C UNK A 3400 -104.66 50.69 37.04
N UNK A 3401 -104.75 51.84 36.37
CA UNK A 3401 -103.57 52.64 36.04
C UNK A 3401 -102.88 53.12 37.31
N UNK A 3402 -103.67 53.46 38.32
CA UNK A 3402 -103.14 53.91 39.60
C UNK A 3402 -102.32 52.81 40.26
N UNK A 3403 -102.86 51.59 40.29
CA UNK A 3403 -102.18 50.44 40.87
C UNK A 3403 -100.92 50.11 40.08
N UNK A 3404 -101.00 50.22 38.76
CA UNK A 3404 -99.84 49.97 37.90
C UNK A 3404 -98.72 50.96 38.20
N UNK A 3405 -99.08 52.23 38.31
CA UNK A 3405 -98.12 53.28 38.61
C UNK A 3405 -97.50 53.07 40.00
N UNK A 3406 -98.33 52.66 40.95
CA UNK A 3406 -97.87 52.39 42.30
C UNK A 3406 -96.85 51.25 42.30
N UNK A 3407 -97.16 50.18 41.57
CA UNK A 3407 -96.26 49.05 41.45
C UNK A 3407 -94.94 49.45 40.80
N UNK A 3408 -95.04 50.27 39.75
CA UNK A 3408 -93.85 50.75 39.04
C UNK A 3408 -92.97 51.58 39.97
N UNK A 3409 -93.58 52.46 40.74
CA UNK A 3409 -92.86 53.30 41.69
C UNK A 3409 -92.21 52.45 42.78
N UNK A 3410 -92.94 51.44 43.25
CA UNK A 3410 -92.42 50.52 44.26
C UNK A 3410 -91.19 49.78 43.74
N UNK A 3411 -91.27 49.33 42.49
CA UNK A 3411 -90.15 48.63 41.86
C UNK A 3411 -88.94 49.55 41.71
N UNK A 3412 -89.19 50.78 41.27
CA UNK A 3412 -88.14 51.77 41.08
C UNK A 3412 -87.46 52.10 42.41
N UNK A 3413 -88.24 52.13 43.48
CA UNK A 3413 -87.71 52.43 44.80
C UNK A 3413 -86.93 51.24 45.35
N UNK A 3414 -87.41 50.03 45.08
CA UNK A 3414 -86.76 48.82 45.56
C UNK A 3414 -85.47 48.53 44.80
N UNK A 3415 -85.37 49.08 43.59
CA UNK A 3415 -84.15 48.94 42.79
C UNK A 3415 -82.94 49.49 43.53
N UNK A 3416 -83.11 50.66 44.16
CA UNK A 3416 -82.03 51.29 44.91
C UNK A 3416 -81.63 50.46 46.12
N UNK A 3417 -82.62 49.87 46.79
CA UNK A 3417 -82.38 49.03 47.96
C UNK A 3417 -81.64 47.76 47.54
N UNK A 3418 -81.98 47.24 46.38
CA UNK A 3418 -81.35 46.04 45.85
C UNK A 3418 -79.92 46.36 45.38
N UNK A 3419 -79.70 47.60 44.99
CA UNK A 3419 -78.38 48.04 44.54
C UNK A 3419 -77.36 47.96 45.67
N UNK A 3420 -76.14 47.53 45.32
CA UNK A 3420 -75.07 47.40 46.31
C UNK A 3420 -74.15 48.61 46.27
N UNK A 3421 -73.67 49.06 47.43
CA UNK A 3421 -73.97 48.42 48.70
C UNK A 3421 -74.25 49.46 49.79
N UNK A 3422 -74.28 50.73 49.40
CA UNK A 3422 -74.52 51.82 50.33
C UNK A 3422 -75.91 51.72 50.95
N UNK A 3423 -76.91 51.61 50.09
CA UNK A 3423 -78.29 51.48 50.54
C UNK A 3423 -78.49 50.21 51.36
N UNK A 3424 -77.80 49.14 50.97
CA UNK A 3424 -77.87 47.87 51.69
C UNK A 3424 -77.33 48.03 53.11
N UNK A 3425 -76.16 48.65 53.22
CA UNK A 3425 -75.54 48.89 54.53
C UNK A 3425 -76.43 49.79 55.38
N UNK A 3426 -77.04 50.78 54.74
CA UNK A 3426 -77.94 51.71 55.43
C UNK A 3426 -79.15 50.97 55.99
N UNK A 3427 -79.74 50.11 55.18
CA UNK A 3427 -80.89 49.31 55.60
C UNK A 3427 -80.49 48.37 56.73
N UNK A 3428 -79.29 47.80 56.65
CA UNK A 3428 -78.78 46.92 57.68
C UNK A 3428 -78.64 47.67 59.01
N UNK A 3429 -78.08 48.87 58.93
CA UNK A 3429 -77.91 49.71 60.12
C UNK A 3429 -79.27 50.08 60.72
N UNK A 3430 -80.23 50.39 59.84
CA UNK A 3430 -81.58 50.74 60.28
C UNK A 3430 -82.23 49.57 61.00
N UNK A 3431 -82.06 48.36 60.45
CA UNK A 3431 -82.61 47.15 61.05
C UNK A 3431 -81.95 46.86 62.39
N UNK A 3432 -80.64 47.10 62.48
CA UNK A 3432 -79.91 46.90 63.71
C UNK A 3432 -80.37 47.87 64.79
N UNK A 3433 -80.65 49.10 64.38
CA UNK A 3433 -81.15 50.11 65.30
C UNK A 3433 -82.56 49.76 65.76
N UNK A 3434 -83.36 49.23 64.85
CA UNK A 3434 -84.73 48.84 65.17
C UNK A 3434 -84.76 47.53 65.94
N UNK A 3477 -83.27 38.77 53.62
CA UNK A 3477 -83.99 38.65 54.87
C UNK A 3477 -84.70 39.95 55.22
N UNK A 3478 -84.90 40.80 54.22
CA UNK A 3478 -85.58 42.08 54.41
C UNK A 3478 -87.05 41.97 54.07
N UNK A 3479 -87.91 42.30 55.03
CA UNK A 3479 -89.36 42.21 54.85
C UNK A 3479 -89.83 43.17 53.76
N UNK A 3480 -89.32 44.40 53.80
CA UNK A 3480 -89.67 45.41 52.81
C UNK A 3480 -89.27 44.97 51.40
N UNK A 3481 -88.04 44.45 51.29
CA UNK A 3481 -87.53 43.99 50.01
C UNK A 3481 -88.36 42.82 49.47
N UNK A 3482 -88.70 41.89 50.35
CA UNK A 3482 -89.50 40.73 49.97
C UNK A 3482 -90.88 41.17 49.49
N UNK A 3483 -91.49 42.11 50.21
CA UNK A 3483 -92.80 42.62 49.86
C UNK A 3483 -92.76 43.35 48.52
N UNK A 3484 -91.70 44.12 48.30
CA UNK A 3484 -91.52 44.83 47.04
C UNK A 3484 -91.37 43.85 45.88
N UNK A 3485 -90.61 42.78 46.12
CA UNK A 3485 -90.43 41.74 45.11
C UNK A 3485 -91.75 41.06 44.79
N UNK A 3486 -92.54 40.80 45.82
CA UNK A 3486 -93.85 40.18 45.65
C UNK A 3486 -94.78 41.09 44.85
N UNK A 3487 -94.74 42.38 45.15
CA UNK A 3487 -95.55 43.37 44.43
C UNK A 3487 -95.14 43.44 42.96
N UNK A 3488 -93.84 43.42 42.72
CA UNK A 3488 -93.31 43.44 41.36
C UNK A 3488 -93.74 42.19 40.58
N UNK A 3489 -93.69 41.06 41.26
CA UNK A 3489 -94.12 39.78 40.66
C UNK A 3489 -95.59 39.83 40.31
N UNK A 3490 -96.40 40.38 41.21
CA UNK A 3490 -97.83 40.52 40.98
C UNK A 3490 -98.11 41.45 39.79
N UNK A 3491 -97.37 42.53 39.70
CA UNK A 3491 -97.52 43.49 38.61
C UNK A 3491 -97.13 42.87 37.27
N UNK A 3492 -96.08 42.06 37.29
CA UNK A 3492 -95.62 41.37 36.09
C UNK A 3492 -96.64 40.32 35.66
N UNK A 3493 -97.25 39.67 36.65
CA UNK A 3493 -98.27 38.66 36.40
C UNK A 3493 -99.51 39.28 35.77
N UNK A 3494 -99.94 40.40 36.33
CA UNK A 3494 -101.09 41.13 35.81
C UNK A 3494 -100.85 42.64 35.93
N UNK A 3495 -100.34 43.27 34.87
CA UNK A 3495 -100.14 42.62 33.58
C UNK A 3495 -99.02 43.31 32.80
N UNK A 3496 -97.78 43.18 33.28
CA UNK A 3496 -96.66 43.84 32.64
C UNK A 3496 -96.23 43.13 31.36
N UNK A 3497 -96.21 41.81 31.40
CA UNK A 3497 -95.79 41.01 30.25
C UNK A 3497 -96.98 40.47 29.46
N UNK A 3498 -96.82 40.39 28.15
CA UNK A 3498 -97.88 39.87 27.28
C UNK A 3498 -97.33 38.79 26.36
N UNK A 3499 -97.82 37.57 26.55
CA UNK A 3499 -97.40 36.40 25.76
C UNK A 3499 -95.90 36.15 25.85
N UNK A 3500 -95.30 36.55 26.96
CA UNK A 3500 -93.87 36.37 27.21
C UNK A 3500 -93.00 36.99 26.13
N UNK A 3501 -93.49 38.07 25.52
CA UNK A 3501 -92.75 38.77 24.48
C UNK A 3501 -91.84 39.83 25.10
N UNK A 3502 -90.86 39.37 25.86
CA UNK A 3502 -89.97 40.27 26.58
C UNK A 3502 -88.50 39.98 26.28
N UNK A 3503 -88.26 38.96 25.46
CA UNK A 3503 -86.91 38.52 25.13
C UNK A 3503 -86.11 38.23 26.40
N UNK A 3504 -86.60 37.27 27.18
CA UNK A 3504 -86.02 36.93 28.46
C UNK A 3504 -84.58 36.44 28.32
N UNK A 3505 -84.32 35.63 27.31
CA UNK A 3505 -82.99 35.09 27.06
C UNK A 3505 -81.98 36.21 26.76
N UNK A 3506 -82.35 37.09 25.84
CA UNK A 3506 -81.49 38.21 25.47
C UNK A 3506 -81.27 39.14 26.65
N UNK A 3507 -82.33 39.37 27.44
CA UNK A 3507 -82.24 40.22 28.60
C UNK A 3507 -81.28 39.64 29.64
N UNK A 3508 -81.39 38.34 29.88
CA UNK A 3508 -80.51 37.65 30.82
C UNK A 3508 -79.06 37.69 30.32
N UNK A 3509 -78.88 37.51 29.03
CA UNK A 3509 -77.55 37.58 28.42
C UNK A 3509 -76.93 38.96 28.63
N UNK A 3510 -77.72 40.00 28.38
CA UNK A 3510 -77.26 41.37 28.55
C UNK A 3510 -76.92 41.66 30.01
N UNK A 3511 -77.75 41.16 30.91
CA UNK A 3511 -77.53 41.36 32.34
C UNK A 3511 -76.27 40.65 32.81
N UNK A 3512 -76.02 39.46 32.27
CA UNK A 3512 -74.81 38.70 32.60
C UNK A 3512 -73.58 39.39 32.05
N UNK A 3513 -73.71 39.98 30.86
CA UNK A 3513 -72.61 40.72 30.25
C UNK A 3513 -72.31 41.98 31.06
N UNK A 3514 -73.36 42.57 31.63
CA UNK A 3514 -73.24 43.77 32.46
C UNK A 3514 -72.55 44.90 31.73
N UNK A 3515 -72.84 45.04 30.44
CA UNK A 3515 -72.26 46.10 29.63
C UNK A 3515 -72.88 47.45 29.98
N UNK A 3516 -74.12 47.65 29.54
CA UNK A 3516 -74.84 48.89 29.82
C UNK A 3516 -76.35 48.65 29.75
N UNK A 3517 -77.08 49.28 30.67
CA UNK A 3517 -78.53 49.16 30.70
C UNK A 3517 -79.15 49.77 29.45
N UNK A 3518 -78.59 50.89 29.01
CA UNK A 3518 -79.04 51.55 27.79
C UNK A 3518 -78.80 50.65 26.58
N UNK A 3519 -77.65 50.00 26.54
CA UNK A 3519 -77.31 49.08 25.46
C UNK A 3519 -78.26 47.88 25.45
N UNK A 3520 -78.58 47.38 26.64
CA UNK A 3520 -79.51 46.27 26.78
C UNK A 3520 -80.90 46.65 26.28
N UNK A 3521 -81.35 47.84 26.64
CA UNK A 3521 -82.64 48.35 26.21
C UNK A 3521 -82.67 48.52 24.69
N UNK A 3522 -81.58 49.04 24.14
CA UNK A 3522 -81.45 49.23 22.70
C UNK A 3522 -81.52 47.89 21.98
N UNK A 3523 -80.84 46.88 22.53
CA UNK A 3523 -80.86 45.55 21.95
C UNK A 3523 -82.26 44.95 21.99
N UNK A 3524 -82.93 45.11 23.12
CA UNK A 3524 -84.29 44.61 23.29
C UNK A 3524 -85.26 45.28 22.33
N UNK A 3525 -85.02 46.56 22.05
CA UNK A 3525 -85.86 47.31 21.11
C UNK A 3525 -85.58 46.91 19.67
N UNK A 3526 -84.31 46.66 19.36
CA UNK A 3526 -83.91 46.28 18.01
C UNK A 3526 -84.36 44.86 17.69
N UNK A 3527 -84.50 44.04 18.73
CA UNK A 3527 -85.01 42.68 18.56
C UNK A 3527 -86.42 42.71 17.96
N UNK A 3528 -86.53 42.24 16.73
CA UNK A 3528 -87.81 42.27 16.01
C UNK A 3528 -88.85 41.39 16.71
N UNK A 3529 -88.65 40.08 16.68
CA UNK A 3529 -89.57 39.15 17.32
C UNK A 3529 -89.01 38.67 18.66
N UNK A 3530 -89.59 39.17 19.75
CA UNK A 3530 -89.14 38.80 21.08
C UNK A 3530 -89.55 37.37 21.43
N UNK A 3531 -90.75 36.99 21.02
CA UNK A 3531 -91.27 35.66 21.29
C UNK A 3531 -91.95 35.06 20.06
N UNK A 3532 -91.55 33.85 19.70
CA UNK A 3532 -92.12 33.16 18.55
C UNK A 3532 -91.88 31.65 18.64
N UNK A 3533 -92.79 30.96 19.31
CA UNK A 3533 -92.66 29.52 19.49
C UNK A 3533 -94.01 28.81 19.31
N UNK A 3534 -94.01 27.75 18.50
CA UNK A 3534 -95.22 26.98 18.24
C UNK A 3534 -95.72 26.31 19.52
N UNK A 3535 -94.79 25.88 20.36
CA UNK A 3535 -95.11 25.29 21.65
C UNK A 3535 -95.87 26.29 22.49
N UNK A 3536 -95.30 27.48 22.66
CA UNK A 3536 -95.92 28.55 23.43
C UNK A 3536 -97.25 28.98 22.84
N UNK A 3537 -97.37 28.88 21.51
CA UNK A 3537 -98.59 29.25 20.82
C UNK A 3537 -99.73 28.28 21.14
N UNK A 3538 -99.45 26.99 20.98
CA UNK A 3538 -100.43 25.96 21.31
C UNK A 3538 -100.68 25.94 22.81
N UNK A 3539 -99.75 26.52 23.55
CA UNK A 3539 -99.84 26.60 25.00
C UNK A 3539 -100.52 27.87 25.48
N UNK A 3540 -101.77 28.05 25.08
CA UNK A 3540 -102.57 29.21 25.47
C UNK A 3540 -101.89 30.52 25.11
N UNK A 3541 -101.95 30.87 23.82
CA UNK A 3541 -101.45 32.16 23.36
C UNK A 3541 -102.62 33.13 23.29
N UNK A 3542 -103.75 32.63 22.78
CA UNK A 3542 -104.96 33.42 22.64
C UNK A 3542 -105.52 33.81 24.01
N UNK A 3543 -105.55 32.85 24.93
CA UNK A 3543 -106.05 33.10 26.28
C UNK A 3543 -105.22 34.18 26.97
N UNK A 3544 -103.91 34.06 26.88
CA UNK A 3544 -102.99 35.02 27.47
C UNK A 3544 -103.15 36.40 26.84
N UNK A 3545 -103.28 36.42 25.51
CA UNK A 3545 -103.44 37.67 24.77
C UNK A 3545 -104.74 38.37 25.15
N UNK A 3546 -105.77 37.59 25.42
CA UNK A 3546 -107.07 38.14 25.80
C UNK A 3546 -107.04 38.63 27.26
N UNK A 3547 -106.31 37.91 28.10
CA UNK A 3547 -106.21 38.28 29.51
C UNK A 3547 -105.34 39.52 29.70
N UNK A 3548 -104.37 39.71 28.82
CA UNK A 3548 -103.48 40.87 28.89
C UNK A 3548 -104.26 42.16 28.65
N UNK A 3549 -104.84 42.28 27.46
CA UNK A 3549 -105.63 43.46 27.08
C UNK A 3549 -104.84 44.76 27.24
N UNK A 3550 -103.61 44.74 26.75
CA UNK A 3550 -102.74 45.91 26.83
C UNK A 3550 -102.12 46.22 25.47
N UNK A 3551 -101.92 47.51 25.20
CA UNK A 3551 -101.33 47.95 23.95
C UNK A 3551 -99.86 47.53 23.86
N UNK A 3552 -99.38 47.28 22.65
CA UNK A 3552 -98.02 46.83 22.45
C UNK A 3552 -97.09 47.99 22.07
N UNK A 3553 -96.07 48.23 22.87
CA UNK A 3553 -95.09 49.27 22.60
C UNK A 3553 -93.87 48.66 21.93
N UNK A 3554 -93.37 49.32 20.88
CA UNK A 3554 -92.27 48.79 20.10
C UNK A 3554 -90.92 48.93 20.82
N UNK A 3555 -90.77 50.02 21.58
CA UNK A 3555 -89.51 50.30 22.25
C UNK A 3555 -89.69 50.43 23.76
N UNK A 3556 -90.75 51.11 24.18
CA UNK A 3556 -91.00 51.38 25.59
C UNK A 3556 -91.17 50.10 26.40
N UNK A 3557 -92.09 49.24 25.95
CA UNK A 3557 -92.36 47.97 26.63
C UNK A 3557 -91.12 47.08 26.63
N UNK A 3558 -90.40 47.08 25.53
CA UNK A 3558 -89.18 46.28 25.40
C UNK A 3558 -88.13 46.72 26.43
N UNK A 3559 -87.91 48.03 26.51
CA UNK A 3559 -86.94 48.58 27.45
C UNK A 3559 -87.37 48.31 28.88
N UNK A 3560 -88.67 48.43 29.15
CA UNK A 3560 -89.21 48.17 30.48
C UNK A 3560 -88.97 46.72 30.88
N UNK A 3561 -89.25 45.80 29.97
CA UNK A 3561 -89.06 44.38 30.21
C UNK A 3561 -87.58 44.05 30.44
N UNK A 3562 -86.72 44.64 29.62
CA UNK A 3562 -85.29 44.44 29.76
C UNK A 3562 -84.79 44.92 31.12
N UNK A 3563 -85.24 46.10 31.53
CA UNK A 3563 -84.87 46.68 32.80
C UNK A 3563 -85.36 45.82 33.95
N UNK A 3564 -86.59 45.32 33.85
CA UNK A 3564 -87.18 44.47 34.88
C UNK A 3564 -86.38 43.18 35.02
N UNK A 3565 -86.02 42.58 33.88
CA UNK A 3565 -85.24 41.34 33.89
C UNK A 3565 -83.86 41.56 34.49
N UNK A 3566 -83.23 42.68 34.12
CA UNK A 3566 -81.92 43.02 34.65
C UNK A 3566 -81.99 43.21 36.17
N UNK A 3567 -83.03 43.88 36.63
CA UNK A 3567 -83.24 44.11 38.05
C UNK A 3567 -83.46 42.78 38.79
N UNK A 3568 -84.22 41.88 38.17
CA UNK A 3568 -84.47 40.57 38.75
C UNK A 3568 -83.17 39.78 38.88
N UNK A 3569 -82.35 39.82 37.83
CA UNK A 3569 -81.06 39.14 37.84
C UNK A 3569 -80.15 39.70 38.92
N UNK A 3570 -80.14 41.03 39.02
CA UNK A 3570 -79.32 41.70 40.03
C UNK A 3570 -79.78 41.33 41.44
N UNK A 3571 -81.09 41.26 41.65
CA UNK A 3571 -81.65 40.89 42.93
C UNK A 3571 -81.28 39.44 43.29
N UNK A 3572 -81.35 38.57 42.30
CA UNK A 3572 -80.98 37.17 42.50
C UNK A 3572 -79.51 37.05 42.89
N UNK A 3573 -78.67 37.80 42.19
CA UNK A 3573 -77.23 37.83 42.47
C UNK A 3573 -76.96 38.34 43.88
N UNK A 3574 -77.68 39.40 44.27
CA UNK A 3574 -77.53 39.99 45.60
C UNK A 3574 -77.96 39.00 46.67
N UNK A 3575 -79.05 38.28 46.43
CA UNK A 3575 -79.53 37.28 47.37
C UNK A 3575 -78.51 36.15 47.51
N UNK A 3576 -77.95 35.73 46.40
CA UNK A 3576 -76.94 34.67 46.40
C UNK A 3576 -75.69 35.11 47.16
N UNK A 3577 -75.33 36.38 47.01
CA UNK A 3577 -74.16 36.93 47.69
C UNK A 3577 -74.40 37.07 49.20
N UNK A 3578 -75.63 37.44 49.56
CA UNK A 3578 -76.00 37.60 50.97
C UNK A 3578 -76.12 36.24 51.66
N UNK A 3579 -76.49 35.22 50.88
CA UNK A 3579 -76.63 33.87 51.42
C UNK A 3579 -75.27 33.28 51.77
N PRO A 3611 -39.29 47.16 83.08
CA PRO A 3611 -38.70 48.04 84.09
C PRO A 3611 -37.62 48.96 83.50
N ARG A 3612 -37.10 49.87 84.34
CA ARG A 3612 -36.15 50.86 83.86
C ARG A 3612 -34.87 50.20 83.37
N HIS A 3613 -34.32 49.25 84.14
CA HIS A 3613 -33.06 48.63 83.76
C HIS A 3613 -33.21 47.77 82.51
N ARG A 3614 -34.32 47.06 82.39
CA ARG A 3614 -34.54 46.26 81.18
C ARG A 3614 -34.73 47.16 79.97
N ALA A 3615 -35.45 48.27 80.13
CA ALA A 3615 -35.62 49.20 79.03
C ALA A 3615 -34.29 49.79 78.57
N VAL A 3616 -33.44 50.20 79.52
CA VAL A 3616 -32.16 50.79 79.13
C VAL A 3616 -31.23 49.73 78.56
N ASN A 3617 -31.31 48.49 79.04
CA ASN A 3617 -30.53 47.42 78.45
C ASN A 3617 -30.92 47.17 77.00
N LEU A 3618 -32.23 47.11 76.73
CA LEU A 3618 -32.69 46.87 75.36
C LEU A 3618 -32.36 48.05 74.46
N PHE A 3619 -32.44 49.27 75.00
CA PHE A 3619 -31.99 50.44 74.24
C PHE A 3619 -30.51 50.34 73.90
N LEU A 3620 -29.69 49.92 74.86
CA LEU A 3620 -28.26 49.78 74.60
C LEU A 3620 -27.99 48.71 73.55
N GLN A 3621 -28.76 47.62 73.59
CA GLN A 3621 -28.63 46.59 72.57
C GLN A 3621 -28.98 47.13 71.19
N GLY A 3622 -30.10 47.86 71.08
CA GLY A 3622 -30.45 48.46 69.80
C GLY A 3622 -29.43 49.46 69.31
N TYR A 3623 -28.87 50.25 70.22
CA TYR A 3623 -27.84 51.22 69.87
C TYR A 3623 -26.60 50.52 69.35
N GLU A 3624 -26.22 49.40 69.97
CA GLU A 3624 -25.12 48.60 69.43
C GLU A 3624 -25.47 48.07 68.06
N LYS A 3625 -26.72 47.64 67.86
CA LYS A 3625 -27.08 46.92 66.65
C LYS A 3625 -27.14 47.83 65.43
N SER A 3626 -27.76 49.00 65.55
CA SER A 3626 -28.04 49.79 64.36
C SER A 3626 -27.74 51.27 64.58
N TRP A 3627 -26.62 51.58 65.23
CA TRP A 3627 -26.26 52.99 65.35
C TRP A 3627 -24.78 53.26 65.09
N ILE A 3628 -23.91 52.28 65.33
CA ILE A 3628 -22.48 52.51 65.37
C ILE A 3628 -21.76 51.92 64.16
N GLU A 3629 -22.15 50.72 63.71
CA GLU A 3629 -21.44 50.03 62.66
C GLU A 3629 -21.96 50.37 61.27
N THR A 3630 -22.57 51.53 61.09
CA THR A 3630 -23.09 51.93 59.78
C THR A 3630 -22.10 52.82 59.03
N GLU A 3631 -20.90 52.28 58.79
CA GLU A 3631 -19.88 52.88 57.91
C GLU A 3631 -19.51 54.30 58.36
N GLU A 3632 -18.92 54.36 59.56
CA GLU A 3632 -18.54 55.61 60.20
C GLU A 3632 -17.03 55.80 60.27
N HIS A 3633 -16.27 55.22 59.33
CA HIS A 3633 -14.82 55.42 59.33
C HIS A 3633 -14.25 55.03 57.97
N TYR A 3634 -13.17 55.72 57.61
CA TYR A 3634 -12.44 55.42 56.37
C TYR A 3634 -10.95 55.62 56.68
N PHE A 3635 -10.24 54.52 56.94
CA PHE A 3635 -8.85 54.60 57.36
C PHE A 3635 -7.94 53.58 56.69
N GLU A 3636 -8.48 52.68 55.85
CA GLU A 3636 -7.67 51.61 55.30
C GLU A 3636 -6.56 52.12 54.40
N ASP A 3637 -6.89 53.10 53.55
CA ASP A 3637 -5.89 53.60 52.58
C ASP A 3637 -4.75 54.31 53.29
N LYS A 3638 -5.06 55.24 54.20
CA LYS A 3638 -4.01 55.94 54.93
C LYS A 3638 -3.22 54.97 55.80
N LEU A 3639 -3.88 53.96 56.37
CA LEU A 3639 -3.20 52.96 57.18
C LEU A 3639 -2.17 52.20 56.36
N ILE A 3640 -2.59 51.67 55.21
CA ILE A 3640 -1.68 50.94 54.36
C ILE A 3640 -0.55 51.85 53.88
N GLU A 3641 -0.87 53.13 53.65
CA GLU A 3641 0.15 54.07 53.20
C GLU A 3641 1.24 54.26 54.26
N ASP A 3642 0.85 54.67 55.46
CA ASP A 3642 1.85 54.94 56.49
C ASP A 3642 2.44 53.66 57.09
N LEU A 3643 1.91 52.48 56.75
CA LEU A 3643 2.59 51.24 57.07
C LEU A 3643 3.55 50.78 55.97
N ALA A 3644 3.31 51.19 54.73
CA ALA A 3644 4.25 50.90 53.65
C ALA A 3644 5.36 51.93 53.55
N LYS A 3645 5.19 53.09 54.16
CA LYS A 3645 6.22 54.13 54.14
C LYS A 3645 7.48 53.63 54.83
N PRO A 3646 8.60 53.50 54.13
CA PRO A 3646 9.86 53.05 54.77
C PRO A 3646 10.54 54.18 55.56
N GLY A 3647 10.10 54.35 56.81
CA GLY A 3647 10.65 55.41 57.64
C GLY A 3647 12.12 55.24 57.94
N ALA A 3648 12.58 53.99 58.05
CA ALA A 3648 13.98 53.68 58.34
C ALA A 3648 14.47 54.37 59.60
N ARG A 3659 16.17 47.86 54.95
CA ARG A 3659 15.49 47.06 55.96
C ARG A 3659 14.19 46.48 55.42
N VAL A 3660 13.23 46.26 56.30
CA VAL A 3660 11.94 45.67 55.95
C VAL A 3660 10.83 46.58 56.43
N ASP A 3661 9.88 46.88 55.55
CA ASP A 3661 8.76 47.74 55.89
C ASP A 3661 7.86 47.07 56.93
N PRO A 3662 7.09 47.87 57.68
CA PRO A 3662 6.14 47.27 58.63
C PRO A 3662 5.10 46.39 57.95
N LEU A 3663 4.59 46.82 56.79
CA LEU A 3663 3.62 46.00 56.07
C LEU A 3663 4.25 44.70 55.59
N HIS A 3664 5.51 44.76 55.16
CA HIS A 3664 6.20 43.54 54.76
C HIS A 3664 6.42 42.62 55.95
N GLN A 3665 6.72 43.19 57.12
CA GLN A 3665 6.87 42.38 58.32
C GLN A 3665 5.55 41.69 58.68
N LEU A 3666 4.45 42.42 58.56
CA LEU A 3666 3.14 41.83 58.85
C LEU A 3666 2.80 40.73 57.86
N ILE A 3667 3.10 40.94 56.58
CA ILE A 3667 2.85 39.92 55.56
C ILE A 3667 3.70 38.69 55.84
N LEU A 3668 4.96 38.89 56.24
CA LEU A 3668 5.81 37.75 56.55
C LEU A 3668 5.31 37.01 57.78
N LEU A 3669 4.80 37.73 58.78
CA LEU A 3669 4.23 37.08 59.94
C LEU A 3669 3.03 36.22 59.55
N PHE A 3670 2.14 36.77 58.72
CA PHE A 3670 0.99 35.99 58.27
C PHE A 3670 1.43 34.79 57.44
N SER A 3671 2.47 34.95 56.62
CA SER A 3671 2.95 33.84 55.80
C SER A 3671 3.54 32.73 56.67
N ARG A 3672 4.31 33.10 57.69
CA ARG A 3672 4.86 32.10 58.60
C ARG A 3672 3.75 31.41 59.39
N THR A 3673 2.73 32.16 59.80
CA THR A 3673 1.61 31.56 60.53
C THR A 3673 0.83 30.59 59.64
N ALA A 3674 0.69 30.92 58.36
CA ALA A 3674 0.02 30.01 57.44
C ALA A 3674 0.90 28.81 57.12
N LEU A 3675 2.22 28.97 57.16
CA LEU A 3675 3.12 27.85 56.86
C LEU A 3675 3.37 26.96 58.07
N THR A 3676 3.04 27.40 59.27
CA THR A 3676 3.19 26.54 60.44
C THR A 3676 2.35 25.28 60.28
N GLU A 3677 2.99 24.13 60.47
CA GLU A 3677 2.33 22.85 60.29
C GLU A 3677 1.32 22.62 61.41
N LYS A 3678 0.04 22.65 61.07
CA LYS A 3678 -1.03 22.41 62.03
C LYS A 3678 -2.08 21.51 61.37
N CYS A 3679 -3.08 21.13 62.16
CA CYS A 3679 -4.15 20.26 61.69
C CYS A 3679 -5.43 21.02 61.38
N LYS A 3680 -5.54 22.28 61.81
CA LYS A 3680 -6.73 23.09 61.57
C LYS A 3680 -6.33 24.55 61.60
N LEU A 3681 -6.81 25.31 60.62
CA LEU A 3681 -6.51 26.73 60.54
C LEU A 3681 -7.16 27.46 61.71
N GLU A 3682 -6.35 28.16 62.50
CA GLU A 3682 -6.85 28.84 63.68
C GLU A 3682 -7.72 30.04 63.28
N GLU A 3683 -8.35 30.65 64.29
CA GLU A 3683 -9.21 31.80 64.05
C GLU A 3683 -8.39 33.01 63.60
N ASP A 3684 -7.39 33.39 64.39
CA ASP A 3684 -6.44 34.44 64.04
C ASP A 3684 -7.17 35.75 63.74
N PHE A 3685 -7.81 36.28 64.79
CA PHE A 3685 -8.49 37.57 64.71
C PHE A 3685 -7.58 38.63 64.13
N LEU A 3686 -6.27 38.54 64.38
CA LEU A 3686 -5.31 39.46 63.77
C LEU A 3686 -5.43 39.44 62.26
N TYR A 3687 -5.30 38.24 61.66
CA TYR A 3687 -5.37 38.12 60.21
C TYR A 3687 -6.75 38.49 59.69
N MET A 3688 -7.80 38.10 60.43
CA MET A 3688 -9.16 38.41 59.97
C MET A 3688 -9.43 39.91 60.00
N ALA A 3689 -8.75 40.66 60.86
CA ALA A 3689 -8.93 42.10 60.89
C ALA A 3689 -8.01 42.83 59.92
N TYR A 3690 -6.88 42.24 59.56
CA TYR A 3690 -5.97 42.90 58.64
C TYR A 3690 -6.22 42.56 57.17
N ALA A 3691 -6.76 41.38 56.88
CA ALA A 3691 -7.11 41.08 55.50
C ALA A 3691 -8.24 41.98 55.02
N ASP A 3692 -9.22 42.27 55.87
CA ASP A 3692 -10.28 43.19 55.49
C ASP A 3692 -9.71 44.57 55.18
N ILE A 3693 -8.76 45.04 55.99
CA ILE A 3693 -8.18 46.36 55.77
C ILE A 3693 -7.39 46.40 54.47
N MET A 3694 -6.54 45.40 54.26
CA MET A 3694 -5.75 45.35 53.03
C MET A 3694 -6.61 45.13 51.79
N ALA A 3695 -7.82 44.56 51.96
CA ALA A 3695 -8.70 44.39 50.82
C ALA A 3695 -9.52 45.65 50.55
N LYS A 3696 -9.95 46.35 51.59
CA LYS A 3696 -10.72 47.58 51.43
C LYS A 3696 -9.83 48.78 51.09
N SER A 3697 -8.51 48.66 51.24
CA SER A 3697 -7.64 49.73 50.78
C SER A 3697 -7.72 49.91 49.27
N CYS A 3698 -7.72 48.80 48.53
CA CYS A 3698 -7.83 48.87 47.08
C CYS A 3698 -9.25 49.24 46.67
N HIS A 3699 -9.37 50.22 45.78
CA HIS A 3699 -10.66 50.65 45.24
C HIS A 3699 -11.64 51.05 46.35
N SER A 3712 -14.64 60.47 28.53
CA SER A 3712 -14.37 59.83 29.82
C SER A 3712 -13.33 58.72 29.66
N PHE A 3713 -12.10 59.11 29.34
CA PHE A 3713 -11.00 58.17 29.15
C PHE A 3713 -9.82 58.43 30.07
N GLU A 3714 -9.44 59.69 30.26
CA GLU A 3714 -8.26 59.98 31.07
C GLU A 3714 -8.50 59.65 32.53
N GLU A 3715 -9.69 59.96 33.06
CA GLU A 3715 -9.96 59.63 34.45
C GLU A 3715 -10.07 58.13 34.66
N LYS A 3716 -10.58 57.40 33.67
CA LYS A 3716 -10.62 55.95 33.77
C LYS A 3716 -9.21 55.36 33.77
N GLU A 3717 -8.34 55.87 32.89
CA GLU A 3717 -6.97 55.38 32.88
C GLU A 3717 -6.24 55.74 34.17
N MET A 3718 -6.52 56.91 34.72
CA MET A 3718 -5.86 57.31 35.96
C MET A 3718 -6.34 56.48 37.15
N GLU A 3719 -7.63 56.17 37.21
CA GLU A 3719 -8.10 55.32 38.30
C GLU A 3719 -7.59 53.89 38.13
N LYS A 3720 -7.46 53.41 36.89
CA LYS A 3720 -6.84 52.10 36.68
C LYS A 3720 -5.39 52.10 37.13
N GLN A 3721 -4.64 53.16 36.82
CA GLN A 3721 -3.25 53.24 37.26
C GLN A 3721 -3.16 53.34 38.78
N LYS A 3722 -4.11 54.04 39.42
CA LYS A 3722 -4.11 54.12 40.87
C LYS A 3722 -4.41 52.76 41.50
N LEU A 3723 -5.35 52.02 40.93
CA LEU A 3723 -5.63 50.67 41.40
C LEU A 3723 -4.40 49.78 41.26
N LEU A 3724 -3.72 49.86 40.12
CA LEU A 3724 -2.50 49.07 39.92
C LEU A 3724 -1.43 49.48 40.92
N TYR A 3725 -1.32 50.77 41.24
CA TYR A 3725 -0.32 51.22 42.19
C TYR A 3725 -0.61 50.70 43.58
N GLN A 3726 -1.88 50.73 44.00
CA GLN A 3726 -2.23 50.19 45.31
C GLN A 3726 -1.97 48.68 45.38
N GLN A 3727 -2.35 47.96 44.33
CA GLN A 3727 -2.06 46.53 44.26
C GLN A 3727 -0.56 46.27 44.36
N ALA A 3728 0.23 47.07 43.65
CA ALA A 3728 1.68 46.90 43.70
C ALA A 3728 2.19 47.14 45.12
N ARG A 3729 1.74 48.24 45.75
CA ARG A 3729 2.15 48.57 47.11
C ARG A 3729 1.87 47.42 48.06
N LEU A 3730 0.74 46.73 47.89
CA LEU A 3730 0.41 45.67 48.84
C LEU A 3730 0.62 44.25 48.31
N HIS A 3731 1.30 44.07 47.18
CA HIS A 3731 1.69 42.71 46.77
C HIS A 3731 3.16 42.56 46.38
N ASP A 3732 3.92 43.64 46.23
CA ASP A 3732 5.37 43.49 46.09
C ASP A 3732 6.04 42.99 47.35
N ARG A 3733 5.31 42.89 48.46
CA ARG A 3733 5.84 42.36 49.72
C ARG A 3733 5.47 40.91 49.94
N GLY A 3734 4.91 40.24 48.94
CA GLY A 3734 4.62 38.83 49.05
C GLY A 3734 3.23 38.53 49.59
N ALA A 3735 2.24 39.34 49.20
CA ALA A 3735 0.88 39.07 49.66
C ALA A 3735 0.24 37.94 48.88
N ALA A 3736 0.54 37.81 47.59
CA ALA A 3736 -0.05 36.74 46.79
C ALA A 3736 0.32 35.38 47.35
N GLU A 3737 1.60 35.21 47.73
CA GLU A 3737 2.01 33.99 48.42
C GLU A 3737 1.25 33.81 49.72
N MET A 3738 0.93 34.91 50.40
CA MET A 3738 0.17 34.81 51.64
C MET A 3738 -1.23 34.27 51.39
N VAL A 3739 -1.90 34.76 50.35
CA VAL A 3739 -3.22 34.21 50.00
C VAL A 3739 -3.11 32.74 49.63
N LEU A 3740 -2.11 32.40 48.84
CA LEU A 3740 -1.95 30.99 48.43
C LEU A 3740 -1.74 30.09 49.63
N GLN A 3741 -0.87 30.50 50.56
CA GLN A 3741 -0.60 29.69 51.74
C GLN A 3741 -1.82 29.61 52.65
N THR A 3742 -2.56 30.72 52.80
CA THR A 3742 -3.74 30.70 53.66
C THR A 3742 -4.83 29.81 53.07
N ILE A 3743 -4.97 29.78 51.75
CA ILE A 3743 -5.94 28.90 51.13
C ILE A 3743 -5.50 27.45 51.23
N SER A 3744 -4.20 27.20 51.08
CA SER A 3744 -3.71 25.82 51.14
C SER A 3744 -3.72 25.26 52.55
N ALA A 3745 -3.60 26.12 53.56
CA ALA A 3745 -3.54 25.68 54.95
C ALA A 3745 -4.91 25.60 55.60
N SER A 3746 -5.97 25.43 54.81
CA SER A 3746 -7.31 25.26 55.35
C SER A 3746 -7.86 23.86 55.14
N LYS A 3747 -7.18 23.02 54.38
CA LYS A 3747 -7.59 21.65 54.09
C LYS A 3747 -8.97 21.56 53.44
N GLY A 3748 -9.57 22.69 53.07
CA GLY A 3748 -10.89 22.67 52.46
C GLY A 3748 -12.04 22.87 53.42
N GLU A 3749 -11.87 23.76 54.37
CA GLU A 3749 -12.92 24.19 55.30
C GLU A 3749 -13.49 25.50 54.81
N THR A 3750 -14.81 25.59 54.72
CA THR A 3750 -15.45 26.89 54.64
C THR A 3750 -15.32 27.58 56.00
N GLY A 3751 -14.69 28.75 56.03
CA GLY A 3751 -14.48 29.45 57.27
C GLY A 3751 -14.29 30.94 57.10
N PRO A 3752 -14.26 31.68 58.21
CA PRO A 3752 -14.03 33.12 58.11
C PRO A 3752 -12.63 33.48 57.66
N MET A 3753 -11.62 32.69 58.05
CA MET A 3753 -10.28 32.90 57.54
C MET A 3753 -10.25 32.77 56.02
N VAL A 3754 -10.90 31.73 55.50
CA VAL A 3754 -10.94 31.51 54.06
C VAL A 3754 -11.72 32.63 53.38
N ALA A 3755 -12.80 33.09 54.00
CA ALA A 3755 -13.57 34.19 53.42
C ALA A 3755 -12.74 35.46 53.33
N ALA A 3756 -12.03 35.80 54.42
CA ALA A 3756 -11.19 36.99 54.41
C ALA A 3756 -10.06 36.85 53.41
N THR A 3757 -9.45 35.67 53.30
CA THR A 3757 -8.35 35.52 52.37
C THR A 3757 -8.84 35.54 50.92
N LEU A 3758 -10.06 35.06 50.66
CA LEU A 3758 -10.60 35.16 49.31
C LEU A 3758 -10.94 36.59 48.96
N LYS A 3759 -11.47 37.36 49.92
CA LYS A 3759 -11.70 38.77 49.70
C LYS A 3759 -10.39 39.49 49.39
N LEU A 3760 -9.33 39.14 50.11
CA LEU A 3760 -8.03 39.75 49.84
C LEU A 3760 -7.50 39.36 48.46
N GLY A 3761 -7.69 38.10 48.07
CA GLY A 3761 -7.29 37.69 46.73
C GLY A 3761 -8.04 38.44 45.65
N ILE A 3762 -9.34 38.67 45.87
CA ILE A 3762 -10.12 39.44 44.91
C ILE A 3762 -9.62 40.87 44.83
N ALA A 3763 -9.42 41.50 45.98
CA ALA A 3763 -8.95 42.88 46.00
C ALA A 3763 -7.53 43.02 45.47
N ILE A 3764 -6.74 41.95 45.47
CA ILE A 3764 -5.39 42.01 44.94
C ILE A 3764 -5.34 41.64 43.46
N LEU A 3765 -6.37 40.95 42.95
CA LEU A 3765 -6.43 40.58 41.55
C LEU A 3765 -7.52 41.32 40.77
N ASN A 3766 -8.08 42.39 41.33
CA ASN A 3766 -9.07 43.19 40.61
C ASN A 3766 -8.51 43.63 39.26
N GLY A 3767 -9.31 43.44 38.22
CA GLY A 3767 -8.88 43.78 36.87
C GLY A 3767 -8.03 42.69 36.25
N GLY A 3768 -7.34 43.07 35.18
CA GLY A 3768 -6.47 42.16 34.48
C GLY A 3768 -5.04 42.21 34.96
N ASN A 3769 -4.84 42.26 36.28
CA ASN A 3769 -3.50 42.31 36.86
C ASN A 3769 -2.77 41.01 36.54
N SER A 3770 -1.77 41.09 35.66
CA SER A 3770 -1.02 39.91 35.26
C SER A 3770 0.20 39.66 36.12
N THR A 3771 0.73 40.70 36.79
CA THR A 3771 1.90 40.51 37.64
C THR A 3771 1.58 39.58 38.81
N VAL A 3772 0.45 39.80 39.47
CA VAL A 3772 0.07 38.96 40.61
C VAL A 3772 -0.23 37.55 40.14
N GLN A 3773 -0.86 37.41 38.97
CA GLN A 3773 -1.13 36.07 38.43
C GLN A 3773 0.17 35.33 38.14
N GLN A 3774 1.15 36.01 37.56
CA GLN A 3774 2.43 35.37 37.29
C GLN A 3774 3.16 35.01 38.57
N LYS A 3775 3.07 35.87 39.59
CA LYS A 3775 3.69 35.57 40.88
C LYS A 3775 3.06 34.32 41.49
N MET A 3776 1.73 34.25 41.49
CA MET A 3776 1.05 33.09 42.04
C MET A 3776 1.41 31.82 41.28
N LEU A 3777 1.46 31.91 39.94
CA LEU A 3777 1.78 30.73 39.14
C LEU A 3777 3.21 30.26 39.40
N ASP A 3778 4.16 31.19 39.48
CA ASP A 3778 5.54 30.83 39.74
C ASP A 3778 5.71 30.22 41.12
N TYR A 3779 4.99 30.75 42.11
CA TYR A 3779 5.03 30.17 43.45
C TYR A 3779 4.47 28.75 43.45
N LEU A 3780 3.31 28.55 42.82
CA LEU A 3780 2.72 27.22 42.77
C LEU A 3780 3.55 26.24 41.95
N LYS A 3781 4.38 26.73 41.03
CA LYS A 3781 5.21 25.82 40.24
C LYS A 3781 6.50 25.46 40.97
N GLU A 3782 7.09 26.43 41.68
CA GLU A 3782 8.31 26.19 42.43
C GLU A 3782 8.05 25.40 43.71
N LYS A 3783 6.86 25.54 44.31
CA LYS A 3783 6.43 24.71 45.43
C LYS A 3783 5.34 23.79 44.90
N LYS A 3784 5.73 22.61 44.44
CA LYS A 3784 4.78 21.66 43.88
C LYS A 3784 3.91 21.08 44.99
N ASP A 3785 2.77 21.71 45.24
CA ASP A 3785 1.88 21.29 46.30
C ASP A 3785 0.47 21.09 45.75
N VAL A 3786 -0.15 19.99 46.18
CA VAL A 3786 -1.53 19.68 45.82
C VAL A 3786 -2.50 20.18 46.90
N GLY A 3787 -1.98 20.70 48.01
CA GLY A 3787 -2.85 21.15 49.08
C GLY A 3787 -3.74 22.31 48.68
N PHE A 3788 -3.17 23.29 47.98
CA PHE A 3788 -3.96 24.44 47.53
C PHE A 3788 -5.08 23.99 46.59
N PHE A 3789 -4.76 23.13 45.63
CA PHE A 3789 -5.76 22.69 44.67
C PHE A 3789 -6.83 21.84 45.33
N GLN A 3790 -6.45 20.96 46.25
CA GLN A 3790 -7.45 20.12 46.91
C GLN A 3790 -8.30 20.94 47.88
N SER A 3791 -7.74 21.98 48.48
CA SER A 3791 -8.54 22.86 49.31
C SER A 3791 -9.55 23.63 48.45
N LEU A 3792 -9.13 24.10 47.28
CA LEU A 3792 -10.07 24.73 46.36
C LEU A 3792 -11.17 23.76 45.95
N ALA A 3793 -10.80 22.50 45.67
CA ALA A 3793 -11.80 21.52 45.29
C ALA A 3793 -12.79 21.26 46.41
N GLY A 3794 -12.30 21.12 47.65
CA GLY A 3794 -13.20 20.92 48.77
C GLY A 3794 -14.11 22.11 49.00
N LEU A 3795 -13.57 23.33 48.86
CA LEU A 3795 -14.40 24.52 49.01
C LEU A 3795 -15.49 24.57 47.96
N MET A 3796 -15.15 24.30 46.70
CA MET A 3796 -16.16 24.29 45.65
C MET A 3796 -17.16 23.16 45.84
N GLN A 3797 -16.75 22.06 46.45
CA GLN A 3797 -17.66 20.93 46.65
C GLN A 3797 -18.60 21.14 47.83
N SER A 3798 -18.17 21.89 48.84
CA SER A 3798 -18.98 22.06 50.05
C SER A 3798 -19.10 23.53 50.43
N CYS A 3799 -19.31 24.42 49.44
CA CYS A 3799 -19.52 25.82 49.77
C CYS A 3799 -20.96 26.10 50.19
N SER A 3800 -21.91 25.93 49.26
CA SER A 3800 -23.32 26.18 49.56
C SER A 3800 -24.16 25.77 48.35
N VAL A 3801 -25.36 25.27 48.62
CA VAL A 3801 -26.36 24.92 47.61
C VAL A 3801 -27.74 25.24 48.17
N LEU A 3802 -28.63 25.72 47.31
CA LEU A 3802 -29.98 26.05 47.75
C LEU A 3802 -30.70 24.82 48.30
N ASP A 3803 -31.60 25.05 49.25
CA ASP A 3803 -32.40 23.99 49.85
C ASP A 3803 -33.88 24.23 49.58
N LEU A 3804 -34.66 23.17 49.67
CA LEU A 3804 -36.11 23.33 49.82
C LEU A 3804 -36.60 22.98 51.22
N ASN A 3805 -35.94 22.05 51.92
CA ASN A 3805 -36.29 21.73 53.30
C ASN A 3805 -36.20 22.97 54.18
N ALA A 3806 -35.12 23.74 54.03
CA ALA A 3806 -34.92 24.89 54.89
C ALA A 3806 -35.93 25.98 54.57
N PHE A 3807 -36.24 26.17 53.29
CA PHE A 3807 -37.18 27.21 52.91
C PHE A 3807 -38.60 26.86 53.34
N GLU A 3808 -39.01 25.60 53.15
CA GLU A 3808 -40.32 25.18 53.60
C GLU A 3808 -40.44 25.27 55.12
N ARG A 3809 -39.38 24.88 55.84
CA ARG A 3809 -39.41 24.99 57.30
C ARG A 3809 -39.46 26.44 57.76
N GLN A 3810 -38.73 27.33 57.08
CA GLN A 3810 -38.75 28.75 57.43
C GLN A 3810 -40.13 29.35 57.16
N ASN A 3811 -40.75 28.97 56.04
CA ASN A 3811 -42.10 29.41 55.75
C ASN A 3811 -43.08 28.91 56.80
N LYS A 3812 -42.98 27.64 57.17
CA LYS A 3812 -43.85 27.09 58.22
C LYS A 3812 -43.62 27.80 59.55
N ALA A 3813 -42.38 28.20 59.83
CA ALA A 3813 -42.09 28.90 61.07
C ALA A 3813 -42.70 30.30 61.07
N GLU A 3814 -42.50 31.04 59.98
CA GLU A 3814 -42.99 32.41 59.90
C GLU A 3814 -44.49 32.48 59.69
N GLY A 3815 -45.13 31.37 59.32
CA GLY A 3815 -46.58 31.36 59.23
C GLY A 3815 -47.27 31.69 60.54
N LEU A 3816 -46.73 31.20 61.65
CA LEU A 3816 -47.40 31.39 62.93
C LEU A 3816 -46.55 32.07 63.99
N GLY A 3817 -45.23 31.94 63.92
CA GLY A 3817 -44.33 32.49 64.92
C GLY A 3817 -43.93 33.92 64.64
N MET A 3818 -44.38 34.81 65.51
CA MET A 3818 -44.04 36.23 65.49
C MET A 3818 -43.07 36.60 66.61
N VAL A 3819 -42.43 35.61 67.21
CA VAL A 3819 -41.51 35.88 68.31
C VAL A 3819 -40.22 36.52 67.79
N THR A 3820 -39.86 36.23 66.54
CA THR A 3820 -38.62 36.77 65.96
C THR A 3820 -38.76 37.23 64.51
N GLU A 3821 -39.72 36.69 63.74
CA GLU A 3821 -39.88 36.89 62.30
C GLU A 3821 -38.76 36.29 61.48
N GLU A 3822 -37.73 35.70 62.09
CA GLU A 3822 -36.59 35.13 61.38
C GLU A 3822 -36.01 36.18 60.42
N GLY A 3823 -35.53 37.28 61.01
CA GLY A 3823 -34.89 38.32 60.22
C GLY A 3823 -33.60 37.88 59.58
N SER A 3824 -33.01 36.80 60.07
CA SER A 3824 -31.79 36.22 59.49
C SER A 3824 -32.21 35.18 58.47
N GLY A 3825 -32.34 35.61 57.22
CA GLY A 3825 -32.72 34.72 56.15
C GLY A 3825 -31.58 33.81 55.72
N GLU A 3826 -31.20 32.88 56.58
CA GLU A 3826 -30.07 31.99 56.34
C GLU A 3826 -30.55 30.54 56.29
N LYS A 3827 -29.59 29.62 56.20
CA LYS A 3827 -29.80 28.18 56.19
C LYS A 3827 -30.43 27.69 54.89
N VAL A 3828 -30.86 28.61 54.03
CA VAL A 3828 -31.36 28.26 52.71
C VAL A 3828 -30.29 28.43 51.65
N LEU A 3829 -29.46 29.47 51.78
CA LEU A 3829 -28.23 29.64 51.01
C LEU A 3829 -27.20 30.13 52.01
N GLN A 3830 -26.35 29.23 52.48
CA GLN A 3830 -25.51 29.46 53.64
C GLN A 3830 -24.60 30.68 53.48
N ASP A 3831 -23.66 30.62 52.55
CA ASP A 3831 -22.73 31.73 52.31
C ASP A 3831 -22.67 32.06 50.82
N ASP A 3832 -23.65 32.84 50.36
CA ASP A 3832 -23.67 33.27 48.97
C ASP A 3832 -22.50 34.20 48.69
N GLU A 3833 -22.19 35.10 49.62
CA GLU A 3833 -21.06 36.01 49.43
C GLU A 3833 -19.77 35.23 49.33
N PHE A 3834 -19.60 34.19 50.16
CA PHE A 3834 -18.39 33.38 50.10
C PHE A 3834 -18.30 32.61 48.79
N THR A 3835 -19.42 32.04 48.32
CA THR A 3835 -19.39 31.31 47.05
C THR A 3835 -19.04 32.24 45.90
N CYS A 3836 -19.71 33.39 45.83
CA CYS A 3836 -19.40 34.37 44.80
C CYS A 3836 -17.97 34.87 44.92
N ASP A 3837 -17.45 34.98 46.14
CA ASP A 3837 -16.08 35.45 46.33
C ASP A 3837 -15.08 34.42 45.83
N LEU A 3838 -15.31 33.14 46.13
CA LEU A 3838 -14.44 32.08 45.63
C LEU A 3838 -14.44 32.04 44.11
N PHE A 3839 -15.63 32.11 43.51
CA PHE A 3839 -15.68 32.00 42.05
C PHE A 3839 -15.17 33.26 41.38
N ARG A 3840 -15.31 34.43 42.01
CA ARG A 3840 -14.70 35.63 41.48
C ARG A 3840 -13.18 35.60 41.63
N PHE A 3841 -12.68 34.96 42.68
CA PHE A 3841 -11.24 34.75 42.81
C PHE A 3841 -10.71 33.87 41.69
N LEU A 3842 -11.44 32.80 41.36
CA LEU A 3842 -11.05 31.97 40.23
C LEU A 3842 -11.13 32.74 38.91
N GLN A 3843 -12.19 33.54 38.74
CA GLN A 3843 -12.34 34.35 37.54
C GLN A 3843 -11.19 35.34 37.39
N LEU A 3844 -10.75 35.93 38.50
CA LEU A 3844 -9.62 36.85 38.43
C LEU A 3844 -8.30 36.12 38.23
N LEU A 3845 -8.19 34.89 38.74
CA LEU A 3845 -7.01 34.08 38.43
C LEU A 3845 -6.90 33.81 36.95
N CYS A 3846 -8.04 33.59 36.29
CA CYS A 3846 -8.05 33.39 34.84
C CYS A 3846 -8.59 34.61 34.09
N GLU A 3847 -8.41 35.80 34.64
CA GLU A 3847 -8.97 37.01 34.03
C GLU A 3847 -8.35 37.27 32.66
N GLY A 3848 -7.05 37.54 32.62
CA GLY A 3848 -6.36 37.62 31.36
C GLY A 3848 -6.35 36.27 30.66
N HIS A 3849 -6.14 36.31 29.35
CA HIS A 3849 -6.11 35.07 28.59
C HIS A 3849 -4.79 34.33 28.82
N ASN A 3850 -4.54 33.92 30.07
CA ASN A 3850 -3.35 33.16 30.44
C ASN A 3850 -3.59 31.69 30.14
N SER A 3851 -3.12 31.25 28.97
CA SER A 3851 -3.27 29.85 28.58
C SER A 3851 -2.51 28.94 29.55
N ASP A 3852 -1.36 29.40 30.05
CA ASP A 3852 -0.59 28.63 31.01
C ASP A 3852 -1.39 28.36 32.28
N PHE A 3853 -2.04 29.40 32.82
CA PHE A 3853 -2.81 29.23 34.05
C PHE A 3853 -4.09 28.45 33.78
N GLN A 3854 -4.70 28.65 32.61
CA GLN A 3854 -5.90 27.89 32.28
C GLN A 3854 -5.60 26.41 32.14
N ASN A 3855 -4.39 26.05 31.69
CA ASN A 3855 -4.01 24.65 31.63
C ASN A 3855 -3.52 24.12 32.98
N TYR A 3856 -2.94 24.99 33.80
CA TYR A 3856 -2.51 24.58 35.14
C TYR A 3856 -3.70 24.32 36.04
N LEU A 3857 -4.80 25.04 35.85
CA LEU A 3857 -6.02 24.77 36.60
C LEU A 3857 -6.71 23.50 36.13
N ARG A 3858 -6.33 22.95 34.98
CA ARG A 3858 -6.92 21.71 34.49
C ARG A 3858 -6.06 20.50 34.82
N THR A 3859 -4.81 20.48 34.37
CA THR A 3859 -3.89 19.39 34.63
C THR A 3859 -2.66 19.98 35.32
N GLN A 3860 -2.55 19.77 36.63
CA GLN A 3860 -1.43 20.30 37.40
C GLN A 3860 -0.19 19.49 37.03
N THR A 3861 0.41 19.86 35.90
CA THR A 3861 1.62 19.17 35.46
C THR A 3861 2.76 19.45 36.43
N GLY A 3862 3.45 18.39 36.84
CA GLY A 3862 4.53 18.50 37.80
C GLY A 3862 4.17 18.01 39.19
N ASN A 3863 2.89 17.87 39.50
CA ASN A 3863 2.45 17.34 40.78
C ASN A 3863 2.06 15.86 40.64
N ASN A 3864 2.08 15.15 41.76
CA ASN A 3864 1.77 13.72 41.74
C ASN A 3864 0.31 13.45 41.40
N THR A 3865 -0.60 14.14 42.08
CA THR A 3865 -2.03 14.02 41.82
C THR A 3865 -2.56 15.33 41.29
N THR A 3866 -3.51 15.25 40.35
CA THR A 3866 -4.15 16.41 39.78
C THR A 3866 -5.65 16.36 40.03
N VAL A 3867 -6.23 17.54 40.26
CA VAL A 3867 -7.66 17.70 40.42
C VAL A 3867 -8.13 18.73 39.39
N ASN A 3868 -9.27 18.46 38.78
CA ASN A 3868 -9.78 19.30 37.69
C ASN A 3868 -10.69 20.37 38.28
N ILE A 3869 -10.14 21.58 38.44
CA ILE A 3869 -10.94 22.71 38.91
C ILE A 3869 -12.09 22.98 37.97
N ILE A 3870 -11.90 22.75 36.67
CA ILE A 3870 -12.97 22.96 35.70
C ILE A 3870 -14.10 21.95 35.92
N ILE A 3871 -13.75 20.69 36.16
CA ILE A 3871 -14.77 19.68 36.41
C ILE A 3871 -15.50 19.99 37.71
N SER A 3872 -14.77 20.43 38.73
CA SER A 3872 -15.43 20.83 39.97
C SER A 3872 -16.39 21.99 39.74
N THR A 3873 -15.97 22.96 38.93
CA THR A 3873 -16.82 24.12 38.66
C THR A 3873 -18.07 23.74 37.90
N VAL A 3874 -17.95 22.89 36.89
CA VAL A 3874 -19.13 22.49 36.14
C VAL A 3874 -20.04 21.60 36.98
N ASP A 3875 -19.46 20.83 37.91
CA ASP A 3875 -20.29 20.05 38.82
C ASP A 3875 -21.07 20.95 39.77
N TYR A 3876 -20.42 21.98 40.31
CA TYR A 3876 -21.16 22.93 41.15
C TYR A 3876 -22.21 23.68 40.34
N LEU A 3877 -21.94 23.97 39.07
CA LEU A 3877 -22.94 24.59 38.22
C LEU A 3877 -24.14 23.69 38.04
N LEU A 3878 -23.90 22.39 37.82
CA LEU A 3878 -25.01 21.44 37.73
C LEU A 3878 -25.79 21.38 39.03
N ARG A 3879 -25.09 21.42 40.17
CA ARG A 3879 -25.78 21.37 41.47
C ARG A 3879 -26.67 22.59 41.66
N VAL A 3880 -26.15 23.78 41.36
CA VAL A 3880 -26.96 24.99 41.55
C VAL A 3880 -28.08 25.03 40.52
N GLN A 3881 -27.87 24.44 39.33
CA GLN A 3881 -28.94 24.35 38.36
C GLN A 3881 -30.08 23.49 38.87
N GLU A 3882 -29.74 22.33 39.45
CA GLU A 3882 -30.77 21.48 40.05
C GLU A 3882 -31.48 22.18 41.19
N SER A 3883 -30.73 22.94 42.00
CA SER A 3883 -31.34 23.67 43.10
C SER A 3883 -32.33 24.71 42.60
N ILE A 3884 -31.95 25.47 41.57
CA ILE A 3884 -32.84 26.48 41.02
C ILE A 3884 -34.05 25.84 40.37
N SER A 3885 -33.85 24.70 39.71
CA SER A 3885 -34.97 23.99 39.09
C SER A 3885 -35.96 23.52 40.15
N ASP A 3886 -35.47 22.99 41.27
CA ASP A 3886 -36.36 22.58 42.34
C ASP A 3886 -37.09 23.76 42.95
N PHE A 3887 -36.39 24.89 43.10
CA PHE A 3887 -37.04 26.09 43.65
C PHE A 3887 -38.13 26.58 42.71
N TYR A 3888 -37.90 26.47 41.40
CA TYR A 3888 -38.95 26.83 40.44
C TYR A 3888 -40.13 25.88 40.53
N TRP A 3889 -39.85 24.57 40.64
CA TRP A 3889 -40.94 23.61 40.78
C TRP A 3889 -41.77 23.91 42.02
N TYR A 3890 -41.13 24.37 43.09
CA TYR A 3890 -41.88 24.82 44.26
C TYR A 3890 -42.70 26.07 43.94
N TYR A 3891 -42.06 27.11 43.43
CA TYR A 3891 -42.76 28.32 43.03
C TYR A 3891 -43.29 28.23 41.60
N SER A 3892 -43.96 27.12 41.29
CA SER A 3892 -44.59 26.90 40.01
C SER A 3892 -46.07 26.59 40.24
N GLY A 3893 -46.93 27.60 40.09
CA GLY A 3893 -48.35 27.37 40.23
C GLY A 3893 -49.08 28.45 41.02
N LYS A 3894 -48.40 29.06 41.98
CA LYS A 3894 -49.02 30.10 42.78
C LYS A 3894 -48.95 31.46 42.10
N ASP A 3895 -47.97 31.66 41.22
CA ASP A 3895 -47.80 32.89 40.45
C ASP A 3895 -47.61 34.12 41.33
N ILE A 3896 -47.24 33.91 42.60
CA ILE A 3896 -46.93 35.01 43.52
C ILE A 3896 -45.58 34.70 44.17
N ILE A 3897 -44.70 35.70 44.18
CA ILE A 3897 -43.36 35.57 44.74
C ILE A 3897 -43.25 36.58 45.88
N ASP A 3898 -43.14 36.08 47.10
CA ASP A 3898 -42.99 36.96 48.26
C ASP A 3898 -41.60 37.56 48.30
N GLU A 3899 -41.34 38.38 49.33
CA GLU A 3899 -40.04 39.05 49.43
C GLU A 3899 -38.93 38.05 49.73
N GLN A 3900 -39.17 37.08 50.60
CA GLN A 3900 -38.18 36.06 50.88
C GLN A 3900 -37.88 35.23 49.64
N GLY A 3901 -38.92 34.83 48.91
CA GLY A 3901 -38.70 34.12 47.67
C GLY A 3901 -37.89 34.93 46.69
N GLN A 3902 -38.23 36.22 46.53
CA GLN A 3902 -37.51 37.07 45.59
C GLN A 3902 -36.04 37.21 45.98
N ARG A 3903 -35.77 37.36 47.28
CA ARG A 3903 -34.38 37.48 47.72
C ARG A 3903 -33.61 36.19 47.46
N ASN A 3904 -34.25 35.04 47.72
CA ASN A 3904 -33.59 33.76 47.43
C ASN A 3904 -33.32 33.60 45.94
N PHE A 3905 -34.29 33.99 45.10
CA PHE A 3905 -34.07 33.92 43.66
C PHE A 3905 -32.92 34.84 43.23
N SER A 3906 -32.86 36.05 43.81
CA SER A 3906 -31.80 36.98 43.44
C SER A 3906 -30.44 36.45 43.84
N LYS A 3907 -30.33 35.85 45.04
CA LYS A 3907 -29.08 35.27 45.46
C LYS A 3907 -28.68 34.11 44.56
N ALA A 3908 -29.64 33.26 44.18
CA ALA A 3908 -29.35 32.16 43.26
C ALA A 3908 -28.87 32.68 41.92
N ILE A 3909 -29.52 33.73 41.40
CA ILE A 3909 -29.13 34.29 40.11
C ILE A 3909 -27.73 34.87 40.18
N GLN A 3910 -27.40 35.55 41.28
CA GLN A 3910 -26.06 36.11 41.43
C GLN A 3910 -25.01 35.02 41.48
N VAL A 3911 -25.26 33.95 42.25
CA VAL A 3911 -24.29 32.86 42.33
C VAL A 3911 -24.11 32.20 40.98
N ALA A 3912 -25.23 31.92 40.29
CA ALA A 3912 -25.13 31.30 38.98
C ALA A 3912 -24.40 32.19 37.99
N LYS A 3913 -24.67 33.50 38.02
CA LYS A 3913 -24.01 34.42 37.11
C LYS A 3913 -22.51 34.47 37.38
N GLN A 3914 -22.12 34.43 38.66
CA GLN A 3914 -20.69 34.39 38.97
C GLN A 3914 -20.06 33.10 38.46
N VAL A 3915 -20.77 31.98 38.58
CA VAL A 3915 -20.22 30.71 38.09
C VAL A 3915 -20.09 30.75 36.57
N PHE A 3916 -21.08 31.31 35.88
CA PHE A 3916 -20.99 31.41 34.42
C PHE A 3916 -19.86 32.34 34.00
N ASN A 3917 -19.64 33.44 34.73
CA ASN A 3917 -18.54 34.34 34.39
C ASN A 3917 -17.19 33.66 34.61
N THR A 3918 -17.07 32.89 35.70
CA THR A 3918 -15.86 32.11 35.91
C THR A 3918 -15.65 31.10 34.78
N LEU A 3919 -16.73 30.47 34.34
CA LEU A 3919 -16.61 29.52 33.23
C LEU A 3919 -16.18 30.23 31.95
N THR A 3920 -16.75 31.40 31.68
CA THR A 3920 -16.36 32.15 30.48
C THR A 3920 -14.89 32.52 30.51
N GLU A 3921 -14.41 32.97 31.67
CA GLU A 3921 -12.99 33.29 31.79
C GLU A 3921 -12.14 32.05 31.66
N TYR A 3922 -12.70 30.89 32.00
CA TYR A 3922 -11.99 29.63 31.75
C TYR A 3922 -11.89 29.34 30.25
N ILE A 3923 -12.98 29.56 29.50
CA ILE A 3923 -12.99 29.14 28.10
C ILE A 3923 -12.32 30.14 27.18
N GLN A 3924 -12.28 31.41 27.55
CA GLN A 3924 -12.01 32.47 26.59
C GLN A 3924 -10.60 32.34 26.04
N GLY A 3925 -10.43 32.73 24.79
CA GLY A 3925 -9.25 32.37 24.03
C GLY A 3925 -9.39 30.99 23.46
N PRO A 3926 -8.56 30.65 22.47
CA PRO A 3926 -8.60 29.30 21.89
C PRO A 3926 -7.92 28.23 22.74
N CYS A 3927 -8.37 28.05 23.99
CA CYS A 3927 -7.82 27.03 24.88
C CYS A 3927 -8.58 25.72 24.68
N THR A 3928 -8.09 24.92 23.73
CA THR A 3928 -8.80 23.71 23.34
C THR A 3928 -8.96 22.75 24.50
N GLY A 3929 -7.99 22.74 25.42
CA GLY A 3929 -8.08 21.87 26.58
C GLY A 3929 -9.36 22.11 27.36
N ASN A 3930 -9.56 23.36 27.80
CA ASN A 3930 -10.77 23.66 28.56
C ASN A 3930 -12.02 23.59 27.70
N GLN A 3931 -11.90 23.92 26.40
CA GLN A 3931 -13.07 23.78 25.52
C GLN A 3931 -13.55 22.34 25.48
N GLN A 3932 -12.62 21.39 25.28
CA GLN A 3932 -12.99 19.98 25.27
C GLN A 3932 -13.45 19.52 26.64
N SER A 3933 -12.84 20.04 27.71
CA SER A 3933 -13.24 19.65 29.05
C SER A 3933 -14.69 20.02 29.33
N LEU A 3934 -15.12 21.22 28.90
CA LEU A 3934 -16.52 21.54 29.08
C LEU A 3934 -17.42 20.84 28.07
N ALA A 3935 -16.91 20.53 26.87
CA ALA A 3935 -17.72 19.83 25.89
C ALA A 3935 -17.95 18.37 26.25
N HIS A 3936 -17.09 17.79 27.07
CA HIS A 3936 -17.17 16.38 27.47
C HIS A 3936 -17.58 16.24 28.94
N SER A 3937 -18.53 17.06 29.40
CA SER A 3937 -18.99 17.01 30.78
C SER A 3937 -20.51 17.05 30.79
N ARG A 3938 -21.09 17.18 31.99
CA ARG A 3938 -22.54 17.32 32.11
C ARG A 3938 -23.00 18.76 31.94
N LEU A 3939 -22.15 19.62 31.35
CA LEU A 3939 -22.54 21.00 31.10
C LEU A 3939 -23.77 21.08 30.21
N TRP A 3940 -23.89 20.18 29.23
CA TRP A 3940 -25.02 20.26 28.30
C TRP A 3940 -26.34 20.05 29.02
N ASP A 3941 -26.41 19.05 29.91
CA ASP A 3941 -27.60 18.89 30.74
C ASP A 3941 -27.84 20.11 31.60
N ALA A 3942 -26.75 20.71 32.11
CA ALA A 3942 -26.89 21.89 32.95
C ALA A 3942 -27.58 23.02 32.20
N VAL A 3943 -27.09 23.37 31.02
CA VAL A 3943 -27.75 24.46 30.29
C VAL A 3943 -29.10 24.03 29.72
N VAL A 3944 -29.34 22.73 29.53
CA VAL A 3944 -30.71 22.31 29.21
C VAL A 3944 -31.66 22.72 30.33
N GLY A 3945 -31.31 22.35 31.56
CA GLY A 3945 -32.10 22.80 32.70
C GLY A 3945 -32.17 24.31 32.82
N PHE A 3946 -31.06 24.98 32.48
CA PHE A 3946 -31.03 26.43 32.56
C PHE A 3946 -31.99 27.06 31.57
N LEU A 3947 -32.03 26.55 30.33
CA LEU A 3947 -32.97 27.07 29.34
C LEU A 3947 -34.40 26.79 29.76
N HIS A 3948 -34.66 25.62 30.33
CA HIS A 3948 -35.99 25.32 30.82
C HIS A 3948 -36.45 26.32 31.88
N VAL A 3949 -35.64 26.49 32.93
CA VAL A 3949 -36.02 27.41 33.99
C VAL A 3949 -36.07 28.84 33.48
N PHE A 3950 -35.21 29.19 32.51
CA PHE A 3950 -35.24 30.52 31.93
C PHE A 3950 -36.57 30.81 31.27
N ALA A 3951 -36.97 29.94 30.34
CA ALA A 3951 -38.23 30.15 29.64
C ALA A 3951 -39.39 30.21 30.62
N HIS A 3952 -39.49 29.23 31.52
CA HIS A 3952 -40.67 29.17 32.39
C HIS A 3952 -40.70 30.35 33.36
N MET A 3953 -39.57 30.71 33.95
CA MET A 3953 -39.54 31.81 34.90
C MET A 3953 -39.77 33.15 34.22
N GLN A 3954 -39.23 33.34 33.01
CA GLN A 3954 -39.47 34.59 32.32
C GLN A 3954 -40.94 34.74 31.95
N MET A 3955 -41.59 33.64 31.55
CA MET A 3955 -43.03 33.71 31.27
C MET A 3955 -43.82 34.01 32.54
N LYS A 3956 -43.53 33.30 33.63
CA LYS A 3956 -44.26 33.50 34.87
C LYS A 3956 -44.05 34.90 35.44
N LEU A 3957 -42.87 35.49 35.21
CA LEU A 3957 -42.59 36.81 35.74
C LEU A 3957 -43.13 37.91 34.85
N SER A 3958 -43.25 37.66 33.54
CA SER A 3958 -43.88 38.62 32.66
C SER A 3958 -45.40 38.59 32.79
N GLN A 3959 -45.96 37.49 33.28
CA GLN A 3959 -47.43 37.42 33.31
C GLN A 3959 -48.09 38.42 34.26
N ASP A 3960 -47.37 39.11 35.15
CA ASP A 3960 -47.91 40.24 35.90
C ASP A 3960 -46.74 41.10 36.37
N SER A 3961 -47.09 42.27 36.91
CA SER A 3961 -46.14 43.35 37.15
C SER A 3961 -45.55 43.27 38.55
N SER A 3962 -44.84 44.33 38.93
CA SER A 3962 -44.22 44.52 40.23
C SER A 3962 -43.18 43.45 40.56
N GLN A 3963 -42.84 42.59 39.60
CA GLN A 3963 -41.79 41.59 39.75
C GLN A 3963 -40.80 41.73 38.59
N ILE A 3964 -40.51 42.98 38.27
CA ILE A 3964 -39.60 43.37 37.19
C ILE A 3964 -38.14 43.14 37.53
N GLU A 3965 -37.76 43.23 38.81
CA GLU A 3965 -36.35 43.07 39.18
C GLU A 3965 -35.87 41.65 38.92
N LEU A 3966 -36.65 40.66 39.34
CA LEU A 3966 -36.27 39.26 39.11
C LEU A 3966 -36.25 38.93 37.63
N LEU A 3967 -37.16 39.51 36.85
CA LEU A 3967 -37.13 39.30 35.41
C LEU A 3967 -35.84 39.86 34.82
N LYS A 3968 -35.43 41.06 35.24
CA LYS A 3968 -34.18 41.61 34.74
C LYS A 3968 -32.99 40.74 35.13
N GLU A 3969 -33.00 40.22 36.36
CA GLU A 3969 -31.87 39.39 36.79
C GLU A 3969 -31.83 38.07 36.02
N LEU A 3970 -32.99 37.47 35.75
CA LEU A 3970 -33.01 36.25 34.96
C LEU A 3970 -32.54 36.51 33.54
N MET A 3971 -32.93 37.66 32.96
CA MET A 3971 -32.44 38.02 31.64
C MET A 3971 -30.92 38.20 31.65
N ASP A 3972 -30.39 38.81 32.71
CA ASP A 3972 -28.94 38.95 32.83
C ASP A 3972 -28.26 37.59 32.87
N LEU A 3973 -28.81 36.66 33.65
CA LEU A 3973 -28.22 35.33 33.76
C LEU A 3973 -28.26 34.60 32.42
N GLN A 3974 -29.37 34.75 31.68
CA GLN A 3974 -29.43 34.15 30.35
C GLN A 3974 -28.41 34.77 29.42
N LYS A 3975 -28.18 36.09 29.53
CA LYS A 3975 -27.16 36.73 28.73
C LYS A 3975 -25.78 36.15 29.03
N ASP A 3976 -25.48 35.94 30.30
CA ASP A 3976 -24.19 35.36 30.66
C ASP A 3976 -24.07 33.92 30.15
N MET A 3977 -25.16 33.17 30.18
CA MET A 3977 -25.12 31.80 29.67
C MET A 3977 -24.86 31.77 28.17
N VAL A 3978 -25.53 32.66 27.42
CA VAL A 3978 -25.30 32.70 25.98
C VAL A 3978 -23.90 33.20 25.68
N VAL A 3979 -23.35 34.08 26.54
CA VAL A 3979 -21.96 34.49 26.38
C VAL A 3979 -21.03 33.30 26.58
N MET A 3980 -21.35 32.43 27.54
CA MET A 3980 -20.54 31.23 27.73
C MET A 3980 -20.62 30.31 26.52
N LEU A 3981 -21.82 30.17 25.95
CA LEU A 3981 -21.96 29.36 24.74
C LEU A 3981 -21.15 29.95 23.58
N LEU A 3982 -21.16 31.28 23.45
CA LEU A 3982 -20.38 31.92 22.41
C LEU A 3982 -18.89 31.72 22.62
N SER A 3983 -18.45 31.77 23.88
CA SER A 3983 -17.04 31.51 24.17
C SER A 3983 -16.67 30.07 23.88
N MET A 3984 -17.62 29.15 24.07
CA MET A 3984 -17.38 27.76 23.66
C MET A 3984 -17.26 27.64 22.15
N LEU A 3985 -18.08 28.39 21.40
CA LEU A 3985 -18.12 28.29 19.95
C LEU A 3985 -17.04 29.10 19.25
N GLU A 3986 -16.39 30.04 19.94
CA GLU A 3986 -15.47 30.96 19.29
C GLU A 3986 -14.24 30.30 18.68
N GLY A 3987 -14.07 28.99 18.82
CA GLY A 3987 -12.95 28.31 18.18
C GLY A 3987 -13.41 27.18 17.30
N ASN A 3988 -14.58 27.34 16.69
CA ASN A 3988 -15.23 26.27 15.96
C ASN A 3988 -14.84 26.28 14.48
N VAL A 3989 -15.13 25.16 13.82
CA VAL A 3989 -14.99 25.03 12.37
C VAL A 3989 -16.41 24.84 11.84
N VAL A 3990 -16.57 24.79 10.52
CA VAL A 3990 -17.90 24.65 9.93
C VAL A 3990 -18.56 23.36 10.36
N ASN A 3991 -17.78 22.30 10.56
CA ASN A 3991 -18.27 21.02 11.02
C ASN A 3991 -17.67 20.66 12.37
N GLY A 3992 -17.62 21.65 13.27
CA GLY A 3992 -16.96 21.43 14.54
C GLY A 3992 -17.77 20.55 15.48
N THR A 3993 -17.04 19.74 16.25
CA THR A 3993 -17.67 18.86 17.22
C THR A 3993 -18.41 19.67 18.28
N ILE A 3994 -17.86 20.82 18.68
CA ILE A 3994 -18.53 21.65 19.67
C ILE A 3994 -19.81 22.23 19.10
N GLY A 3995 -19.79 22.61 17.82
CA GLY A 3995 -21.02 23.05 17.18
C GLY A 3995 -22.07 21.96 17.11
N LYS A 3996 -21.63 20.73 16.81
CA LYS A 3996 -22.56 19.61 16.80
C LYS A 3996 -23.15 19.37 18.19
N GLN A 3997 -22.31 19.43 19.22
CA GLN A 3997 -22.80 19.26 20.58
C GLN A 3997 -23.80 20.35 20.95
N MET A 3998 -23.54 21.59 20.54
CA MET A 3998 -24.44 22.68 20.88
C MET A 3998 -25.77 22.56 20.15
N VAL A 3999 -25.74 22.15 18.87
CA VAL A 3999 -27.00 21.99 18.16
C VAL A 3999 -27.78 20.79 18.69
N ASP A 4000 -27.08 19.74 19.16
CA ASP A 4000 -27.76 18.62 19.78
C ASP A 4000 -28.42 19.06 21.08
N MET A 4001 -27.71 19.84 21.89
CA MET A 4001 -28.32 20.41 23.09
C MET A 4001 -29.54 21.25 22.76
N LEU A 4002 -29.47 22.01 21.66
CA LEU A 4002 -30.61 22.85 21.28
C LEU A 4002 -31.82 21.99 20.90
N VAL A 4003 -31.61 20.96 20.10
CA VAL A 4003 -32.74 20.11 19.71
C VAL A 4003 -33.25 19.26 20.88
N GLU A 4004 -32.42 19.08 21.92
CA GLU A 4004 -32.92 18.46 23.15
C GLU A 4004 -33.73 19.47 23.96
N SER A 4005 -33.35 20.74 23.93
CA SER A 4005 -34.10 21.80 24.62
C SER A 4005 -34.93 22.61 23.63
N SER A 4006 -35.52 21.95 22.64
CA SER A 4006 -36.25 22.65 21.59
C SER A 4006 -37.40 23.49 22.17
N ASN A 4007 -38.27 22.88 22.98
CA ASN A 4007 -39.47 23.59 23.44
C ASN A 4007 -39.11 24.85 24.21
N ASN A 4008 -38.07 24.78 25.05
CA ASN A 4008 -37.72 25.91 25.91
C ASN A 4008 -37.18 27.07 25.10
N VAL A 4009 -36.24 26.81 24.19
CA VAL A 4009 -35.73 27.88 23.34
C VAL A 4009 -36.81 28.39 22.41
N GLU A 4010 -37.75 27.52 22.03
CA GLU A 4010 -38.90 27.97 21.25
C GLU A 4010 -39.70 29.00 22.02
N MET A 4011 -39.99 28.72 23.29
CA MET A 4011 -40.74 29.68 24.10
C MET A 4011 -39.96 30.97 24.31
N ILE A 4012 -38.65 30.87 24.49
CA ILE A 4012 -37.82 32.07 24.67
C ILE A 4012 -37.87 32.93 23.41
N LEU A 4013 -37.71 32.30 22.25
CA LEU A 4013 -37.74 33.05 20.99
C LEU A 4013 -39.11 33.65 20.74
N LYS A 4014 -40.17 32.94 21.14
CA LYS A 4014 -41.52 33.49 20.99
C LYS A 4014 -41.72 34.71 21.88
N PHE A 4015 -41.23 34.64 23.12
CA PHE A 4015 -41.29 35.79 24.02
C PHE A 4015 -40.57 36.99 23.42
N PHE A 4016 -39.35 36.77 22.91
CA PHE A 4016 -38.58 37.86 22.34
C PHE A 4016 -39.26 38.43 21.09
N ASP A 4017 -39.84 37.57 20.26
CA ASP A 4017 -40.55 38.04 19.08
C ASP A 4017 -41.76 38.88 19.48
N MET A 4018 -42.52 38.42 20.47
CA MET A 4018 -43.66 39.20 20.94
C MET A 4018 -43.23 40.58 21.38
N PHE A 4019 -42.18 40.67 22.20
CA PHE A 4019 -41.79 41.96 22.75
C PHE A 4019 -41.21 42.87 21.68
N LEU A 4020 -40.39 42.32 20.77
CA LEU A 4020 -39.83 43.14 19.70
C LEU A 4020 -40.92 43.63 18.74
N LYS A 4021 -41.89 42.77 18.43
CA LYS A 4021 -42.99 43.19 17.58
C LYS A 4021 -43.85 44.24 18.27
N LEU A 4022 -44.02 44.16 19.58
CA LEU A 4022 -44.72 45.23 20.29
C LEU A 4022 -43.95 46.54 20.18
N LYS A 4023 -42.63 46.49 20.38
CA LYS A 4023 -41.83 47.71 20.26
C LYS A 4023 -41.93 48.29 18.85
N ASP A 4024 -41.98 47.43 17.83
CA ASP A 4024 -42.08 47.91 16.46
C ASP A 4024 -43.46 48.49 16.16
N LEU A 4025 -44.51 47.85 16.69
CA LEU A 4025 -45.88 48.23 16.36
C LEU A 4025 -46.35 49.45 17.15
N THR A 4026 -45.76 49.71 18.32
CA THR A 4026 -46.23 50.82 19.13
C THR A 4026 -46.00 52.16 18.45
N SER A 4027 -45.10 52.23 17.48
CA SER A 4027 -44.83 53.46 16.75
C SER A 4027 -44.68 53.18 15.26
N SER A 4028 -45.63 52.43 14.69
CA SER A 4028 -45.51 51.97 13.31
C SER A 4028 -46.48 52.68 12.37
N ASP A 4029 -47.79 52.58 12.60
CA ASP A 4029 -48.76 53.19 11.70
C ASP A 4029 -49.59 54.27 12.36
N THR A 4030 -50.31 53.96 13.44
CA THR A 4030 -51.24 54.92 14.03
C THR A 4030 -51.25 54.93 15.54
N PHE A 4031 -50.46 54.08 16.20
CA PHE A 4031 -50.55 53.98 17.66
C PHE A 4031 -49.82 55.13 18.36
N LYS A 4032 -48.82 55.72 17.71
CA LYS A 4032 -48.10 56.84 18.31
C LYS A 4032 -48.88 58.16 18.19
N GLU A 4033 -49.90 58.21 17.34
CA GLU A 4033 -50.72 59.40 17.20
C GLU A 4033 -52.21 59.09 17.38
N TYR A 4034 -52.53 57.95 17.99
CA TYR A 4034 -53.92 57.56 18.16
C TYR A 4034 -54.67 58.57 19.02
N ASP A 4035 -54.15 58.85 20.22
CA ASP A 4035 -54.77 59.80 21.15
C ASP A 4035 -53.70 60.80 21.57
N PRO A 4036 -53.38 61.77 20.71
CA PRO A 4036 -52.32 62.75 21.03
C PRO A 4036 -52.84 63.99 21.74
N ASP A 4037 -53.39 63.80 22.94
CA ASP A 4037 -53.81 64.90 23.80
C ASP A 4037 -52.81 65.13 24.93
N GLY A 4038 -52.39 64.08 25.61
CA GLY A 4038 -51.39 64.18 26.65
C GLY A 4038 -50.35 63.08 26.58
N LYS A 4039 -50.21 62.31 27.66
CA LYS A 4039 -49.36 61.13 27.66
C LYS A 4039 -50.14 59.99 26.99
N GLY A 4040 -49.63 58.77 27.07
CA GLY A 4040 -50.34 57.65 26.48
C GLY A 4040 -51.64 57.33 27.19
N VAL A 4041 -52.77 57.62 26.54
CA VAL A 4041 -54.09 57.32 27.09
C VAL A 4041 -54.73 56.32 26.14
N ILE A 4042 -54.60 55.03 26.45
CA ILE A 4042 -55.15 53.96 25.63
C ILE A 4042 -56.11 53.15 26.49
N SER A 4043 -57.36 53.06 26.07
CA SER A 4043 -58.36 52.25 26.77
C SER A 4043 -58.12 50.75 26.60
N LYS A 4044 -57.07 50.38 25.85
CA LYS A 4044 -56.58 49.02 25.68
C LYS A 4044 -57.50 48.18 24.82
N ARG A 4045 -58.70 48.66 24.52
CA ARG A 4045 -59.56 47.93 23.60
C ARG A 4045 -59.11 48.16 22.16
N ASP A 4046 -58.98 49.42 21.76
CA ASP A 4046 -58.34 49.73 20.49
C ASP A 4046 -56.95 49.13 20.40
N PHE A 4047 -56.22 49.07 21.52
CA PHE A 4047 -54.89 48.48 21.51
C PHE A 4047 -54.93 46.99 21.18
N HIS A 4048 -55.75 46.22 21.91
CA HIS A 4048 -55.89 44.80 21.62
C HIS A 4048 -56.39 44.57 20.20
N LYS A 4049 -57.41 45.30 19.80
CA LYS A 4049 -57.99 45.06 18.49
C LYS A 4049 -57.03 45.47 17.37
N ALA A 4050 -56.26 46.54 17.57
CA ALA A 4050 -55.25 46.94 16.59
C ALA A 4050 -54.10 45.93 16.53
N MET A 4051 -53.63 45.45 17.68
CA MET A 4051 -52.56 44.47 17.66
C MET A 4051 -53.03 43.15 17.08
N GLU A 4052 -54.33 42.86 17.10
CA GLU A 4052 -54.83 41.63 16.47
C GLU A 4052 -55.23 41.83 15.02
N SER A 4053 -55.42 43.07 14.56
CA SER A 4053 -55.78 43.32 13.17
C SER A 4053 -54.59 43.78 12.32
N HIS A 4054 -53.45 44.02 12.95
CA HIS A 4054 -52.26 44.40 12.20
C HIS A 4054 -51.54 43.21 11.57
N LYS A 4055 -52.10 42.00 11.66
CA LYS A 4055 -51.59 40.82 10.96
C LYS A 4055 -50.17 40.44 11.37
N HIS A 4056 -49.73 40.87 12.55
CA HIS A 4056 -48.42 40.49 13.04
C HIS A 4056 -48.50 39.77 14.36
N TYR A 4057 -49.71 39.46 14.84
CA TYR A 4057 -49.91 38.79 16.11
C TYR A 4057 -51.06 37.80 15.98
N THR A 4058 -50.91 36.64 16.60
CA THR A 4058 -52.04 35.75 16.78
C THR A 4058 -52.74 36.01 18.11
N GLN A 4059 -53.91 35.39 18.26
CA GLN A 4059 -54.76 35.66 19.41
C GLN A 4059 -54.07 35.32 20.72
N SER A 4060 -53.31 34.21 20.74
CA SER A 4060 -52.60 33.83 21.95
C SER A 4060 -51.56 34.87 22.32
N GLU A 4061 -50.82 35.37 21.34
CA GLU A 4061 -49.83 36.41 21.63
C GLU A 4061 -50.50 37.71 22.08
N THR A 4062 -51.64 38.05 21.48
CA THR A 4062 -52.35 39.26 21.87
C THR A 4062 -52.82 39.18 23.31
N GLU A 4063 -53.41 38.05 23.71
CA GLU A 4063 -53.86 37.91 25.09
C GLU A 4063 -52.69 37.83 26.06
N PHE A 4064 -51.58 37.20 25.65
CA PHE A 4064 -50.41 37.16 26.52
C PHE A 4064 -49.83 38.55 26.73
N LEU A 4065 -49.86 39.39 25.71
CA LEU A 4065 -49.35 40.75 25.85
C LEU A 4065 -50.32 41.62 26.63
N LEU A 4066 -51.63 41.38 26.50
CA LEU A 4066 -52.60 42.10 27.32
C LEU A 4066 -52.50 41.69 28.78
N SER A 4067 -52.04 40.46 29.05
CA SER A 4067 -51.80 40.06 30.44
C SER A 4067 -50.74 40.91 31.11
N CYS A 4068 -49.88 41.57 30.33
CA CYS A 4068 -48.84 42.45 30.84
C CYS A 4068 -49.33 43.87 31.09
N ALA A 4069 -50.64 44.10 31.05
CA ALA A 4069 -51.18 45.44 31.22
C ALA A 4069 -51.04 45.91 32.66
N GLU A 4070 -51.23 47.21 32.85
CA GLU A 4070 -51.09 47.84 34.17
C GLU A 4070 -52.42 48.13 34.83
N THR A 4071 -53.41 48.61 34.08
CA THR A 4071 -54.74 48.95 34.59
C THR A 4071 -54.65 49.93 35.76
N ASP A 4072 -54.20 51.15 35.44
CA ASP A 4072 -54.00 52.20 36.43
C ASP A 4072 -55.34 52.83 36.85
N GLU A 4073 -56.24 51.97 37.31
CA GLU A 4073 -57.54 52.33 37.87
C GLU A 4073 -58.41 53.14 36.92
N ASN A 4074 -58.03 53.23 35.65
CA ASN A 4074 -58.80 53.97 34.67
C ASN A 4074 -58.79 53.30 33.30
N GLU A 4075 -58.35 52.03 33.22
CA GLU A 4075 -58.21 51.29 31.97
C GLU A 4075 -57.28 52.03 31.01
N THR A 4076 -56.02 52.18 31.42
CA THR A 4076 -55.06 52.94 30.64
C THR A 4076 -53.65 52.53 31.00
N LEU A 4077 -52.84 52.26 29.97
CA LEU A 4077 -51.40 52.08 30.08
C LEU A 4077 -50.71 53.14 29.23
N ASP A 4078 -49.53 53.57 29.67
CA ASP A 4078 -48.71 54.47 28.87
C ASP A 4078 -47.63 53.65 28.18
N TYR A 4079 -47.83 53.40 26.88
CA TYR A 4079 -46.91 52.56 26.11
C TYR A 4079 -45.50 53.12 26.10
N GLU A 4080 -45.33 54.40 26.37
CA GLU A 4080 -44.00 54.96 26.49
C GLU A 4080 -43.23 54.22 27.57
N GLU A 4081 -43.73 54.33 28.81
CA GLU A 4081 -43.33 53.50 29.93
C GLU A 4081 -43.23 52.03 29.56
N PHE A 4082 -44.20 51.49 28.80
CA PHE A 4082 -44.18 50.07 28.50
C PHE A 4082 -42.92 49.67 27.75
N VAL A 4083 -42.60 50.36 26.66
CA VAL A 4083 -41.42 50.02 25.86
C VAL A 4083 -40.15 50.54 26.53
N LYS A 4084 -40.26 51.53 27.41
CA LYS A 4084 -39.15 52.00 28.20
C LYS A 4084 -38.70 50.98 29.23
N ARG A 4085 -39.59 50.11 29.66
CA ARG A 4085 -39.26 49.11 30.67
C ARG A 4085 -39.06 47.71 30.10
N PHE A 4086 -39.86 47.31 29.11
CA PHE A 4086 -39.89 45.91 28.70
C PHE A 4086 -39.15 45.61 27.40
N HIS A 4087 -38.45 46.58 26.82
CA HIS A 4087 -37.82 46.39 25.52
C HIS A 4087 -36.29 46.34 25.56
N GLU A 4088 -35.66 47.13 26.43
CA GLU A 4088 -34.20 47.22 26.38
C GLU A 4088 -33.51 45.92 26.78
N PRO A 4089 -33.79 45.32 27.94
CA PRO A 4089 -33.12 44.04 28.24
C PRO A 4089 -33.54 42.94 27.29
N ALA A 4090 -34.81 42.94 26.88
CA ALA A 4090 -35.24 42.02 25.83
C ALA A 4090 -34.40 42.19 24.58
N LYS A 4091 -34.14 43.44 24.19
CA LYS A 4091 -33.32 43.69 23.01
C LYS A 4091 -31.90 43.17 23.19
N ASP A 4092 -31.31 43.40 24.37
CA ASP A 4092 -29.93 42.98 24.59
C ASP A 4092 -29.80 41.45 24.53
N ILE A 4093 -30.62 40.74 25.29
CA ILE A 4093 -30.52 39.28 25.30
C ILE A 4093 -30.96 38.69 23.97
N GLY A 4094 -31.90 39.34 23.28
CA GLY A 4094 -32.25 38.89 21.93
C GLY A 4094 -31.10 39.05 20.97
N PHE A 4095 -30.33 40.14 21.10
CA PHE A 4095 -29.15 40.31 20.25
C PHE A 4095 -28.11 39.23 20.55
N ASN A 4096 -27.94 38.90 21.83
CA ASN A 4096 -26.98 37.85 22.18
C ASN A 4096 -27.38 36.51 21.58
N VAL A 4097 -28.63 36.09 21.80
CA VAL A 4097 -29.07 34.82 21.23
C VAL A 4097 -29.10 34.88 19.72
N ALA A 4098 -29.26 36.08 19.15
CA ALA A 4098 -29.26 36.23 17.70
C ALA A 4098 -27.88 36.01 17.12
N VAL A 4099 -26.85 36.58 17.73
CA VAL A 4099 -25.50 36.33 17.23
C VAL A 4099 -25.10 34.89 17.48
N LEU A 4100 -25.62 34.27 18.54
CA LEU A 4100 -25.37 32.85 18.75
C LEU A 4100 -25.96 32.01 17.62
N LEU A 4101 -27.23 32.23 17.31
CA LEU A 4101 -27.87 31.49 16.22
C LEU A 4101 -27.22 31.80 14.88
N THR A 4102 -26.76 33.03 14.68
CA THR A 4102 -26.08 33.38 13.44
C THR A 4102 -24.77 32.63 13.30
N ASN A 4103 -23.99 32.56 14.39
CA ASN A 4103 -22.76 31.77 14.39
C ASN A 4103 -23.05 30.31 14.09
N LEU A 4104 -24.06 29.75 14.75
CA LEU A 4104 -24.39 28.34 14.55
C LEU A 4104 -24.81 28.08 13.11
N SER A 4105 -25.63 28.95 12.54
CA SER A 4105 -26.04 28.83 11.14
C SER A 4105 -24.83 28.88 10.22
N GLU A 4106 -24.14 30.00 10.22
CA GLU A 4106 -23.05 30.23 9.28
C GLU A 4106 -21.82 29.38 9.55
N HIS A 4107 -21.82 28.58 10.63
CA HIS A 4107 -20.82 27.52 10.75
C HIS A 4107 -21.36 26.19 10.25
N MET A 4108 -22.44 25.69 10.87
CA MET A 4108 -23.02 24.40 10.51
C MET A 4108 -24.25 24.62 9.64
N PRO A 4109 -24.17 24.39 8.33
CA PRO A 4109 -25.37 24.51 7.49
C PRO A 4109 -26.05 23.18 7.24
N ASN A 4110 -27.27 23.24 6.69
CA ASN A 4110 -27.99 22.08 6.16
C ASN A 4110 -28.25 21.04 7.25
N ASP A 4111 -29.02 21.44 8.25
CA ASP A 4111 -29.53 20.53 9.27
C ASP A 4111 -31.00 20.88 9.52
N THR A 4112 -31.90 19.91 9.28
CA THR A 4112 -33.33 20.21 9.32
C THR A 4112 -33.77 20.70 10.69
N ARG A 4113 -33.25 20.08 11.75
CA ARG A 4113 -33.51 20.58 13.10
C ARG A 4113 -32.94 21.99 13.27
N LEU A 4114 -31.68 22.16 12.87
CA LEU A 4114 -31.13 23.50 12.80
C LEU A 4114 -31.85 24.35 11.76
N GLN A 4115 -32.53 23.75 10.79
CA GLN A 4115 -33.26 24.55 9.81
C GLN A 4115 -34.51 25.20 10.42
N THR A 4116 -35.26 24.45 11.22
CA THR A 4116 -36.40 25.07 11.91
C THR A 4116 -35.90 26.06 12.97
N PHE A 4117 -34.85 25.68 13.72
CA PHE A 4117 -34.22 26.63 14.61
C PHE A 4117 -33.78 27.89 13.88
N LEU A 4118 -33.39 27.75 12.62
CA LEU A 4118 -32.91 28.88 11.83
C LEU A 4118 -34.06 29.73 11.28
N GLU A 4119 -35.19 29.12 10.97
CA GLU A 4119 -36.34 29.92 10.56
C GLU A 4119 -36.81 30.75 11.73
N LEU A 4120 -36.83 30.18 12.94
CA LEU A 4120 -37.10 30.98 14.13
C LEU A 4120 -36.02 32.04 14.33
N ALA A 4121 -34.76 31.66 14.09
CA ALA A 4121 -33.64 32.59 14.22
C ALA A 4121 -33.86 33.81 13.33
N GLU A 4122 -34.19 33.59 12.05
CA GLU A 4122 -34.37 34.71 11.13
C GLU A 4122 -35.64 35.49 11.45
N SER A 4123 -36.68 34.83 11.98
CA SER A 4123 -37.82 35.58 12.48
C SER A 4123 -37.40 36.55 13.58
N VAL A 4124 -36.41 36.17 14.39
CA VAL A 4124 -35.85 37.13 15.34
C VAL A 4124 -34.93 38.13 14.63
N LEU A 4125 -34.17 37.66 13.65
CA LEU A 4125 -33.13 38.48 13.02
C LEU A 4125 -33.69 39.58 12.14
N ASN A 4126 -34.95 39.47 11.71
CA ASN A 4126 -35.55 40.58 10.97
C ASN A 4126 -35.55 41.88 11.74
N TYR A 4127 -35.28 41.83 13.05
CA TYR A 4127 -35.09 43.04 13.85
C TYR A 4127 -33.63 43.37 14.10
N PHE A 4128 -32.76 42.36 14.23
CA PHE A 4128 -31.36 42.57 14.57
C PHE A 4128 -30.44 42.57 13.36
N GLN A 4129 -30.98 42.76 12.15
CA GLN A 4129 -30.12 42.78 10.97
C GLN A 4129 -29.22 44.01 10.92
N PRO A 4130 -29.72 45.24 11.09
CA PRO A 4130 -28.83 46.41 11.09
C PRO A 4130 -28.09 46.62 12.41
N PHE A 4131 -28.09 45.64 13.31
CA PHE A 4131 -27.47 45.79 14.62
C PHE A 4131 -26.26 44.89 14.85
N LEU A 4132 -26.10 43.82 14.09
CA LEU A 4132 -24.97 42.91 14.25
C LEU A 4132 -24.05 43.01 13.05
N GLY A 4133 -22.74 43.08 13.32
CA GLY A 4133 -21.75 43.14 12.28
C GLY A 4133 -20.78 41.98 12.40
N ARG A 4134 -20.25 41.56 11.26
CA ARG A 4134 -19.36 40.40 11.19
C ARG A 4134 -18.06 40.78 10.50
N ILE A 4135 -16.95 40.29 11.05
CA ILE A 4135 -15.61 40.56 10.54
C ILE A 4135 -14.92 39.22 10.32
N GLU A 4136 -14.04 39.18 9.32
CA GLU A 4136 -13.27 37.97 9.01
C GLU A 4136 -11.83 38.21 9.44
N ILE A 4137 -11.50 37.77 10.64
CA ILE A 4137 -10.16 37.90 11.19
C ILE A 4137 -9.33 36.70 10.74
N MET A 4138 -8.02 36.89 10.61
CA MET A 4138 -7.08 35.82 10.29
C MET A 4138 -5.97 35.89 11.31
N GLY A 4139 -6.06 35.10 12.37
CA GLY A 4139 -5.04 35.12 13.39
C GLY A 4139 -5.37 34.19 14.54
N SER A 4140 -4.32 33.80 15.25
CA SER A 4140 -4.39 33.01 16.49
C SER A 4140 -4.82 31.58 16.22
N ALA A 4141 -5.25 31.29 14.99
CA ALA A 4141 -5.56 29.92 14.59
C ALA A 4141 -5.10 29.59 13.18
N LYS A 4142 -4.43 30.50 12.49
CA LYS A 4142 -4.02 30.32 11.09
C LYS A 4142 -5.21 29.99 10.20
N ARG A 4143 -6.41 30.43 10.59
CA ARG A 4143 -7.62 30.18 9.84
C ARG A 4143 -8.54 31.39 9.95
N ILE A 4144 -9.44 31.52 8.97
CA ILE A 4144 -10.37 32.63 8.96
C ILE A 4144 -11.45 32.40 10.00
N GLU A 4145 -11.67 33.40 10.85
CA GLU A 4145 -12.66 33.34 11.92
C GLU A 4145 -13.63 34.50 11.75
N ARG A 4146 -14.93 34.18 11.74
CA ARG A 4146 -15.97 35.19 11.61
C ARG A 4146 -16.39 35.64 13.01
N VAL A 4147 -15.92 36.81 13.41
CA VAL A 4147 -16.28 37.40 14.69
C VAL A 4147 -17.52 38.25 14.51
N TYR A 4148 -18.33 38.34 15.55
CA TYR A 4148 -19.57 39.09 15.53
C TYR A 4148 -19.56 40.13 16.64
N PHE A 4149 -20.22 41.25 16.39
CA PHE A 4149 -20.22 42.34 17.35
C PHE A 4149 -21.46 43.21 17.12
N GLU A 4150 -21.63 44.20 17.99
CA GLU A 4150 -22.78 45.10 17.96
C GLU A 4150 -22.40 46.42 17.32
N ILE A 4151 -23.33 46.97 16.54
CA ILE A 4151 -23.17 48.27 15.89
C ILE A 4151 -24.24 49.21 16.43
N SER A 4152 -23.81 50.36 16.91
CA SER A 4152 -24.72 51.32 17.54
C SER A 4152 -25.46 52.14 16.49
N GLU A 4153 -26.71 52.50 16.82
CA GLU A 4153 -27.48 53.37 15.95
C GLU A 4153 -26.84 54.73 15.81
N SER A 4154 -26.25 55.24 16.89
CA SER A 4154 -25.54 56.51 16.82
C SER A 4154 -24.34 56.40 15.89
N SER A 4155 -23.62 55.29 15.95
CA SER A 4155 -22.50 55.07 15.03
C SER A 4155 -22.98 55.01 13.59
N ARG A 4156 -24.10 54.32 13.35
CA ARG A 4156 -24.65 54.26 12.00
C ARG A 4156 -25.04 55.64 11.49
N THR A 4157 -25.63 56.47 12.36
CA THR A 4157 -26.00 57.83 11.95
C THR A 4157 -24.76 58.65 11.63
N GLN A 4158 -23.74 58.60 12.49
CA GLN A 4158 -22.52 59.36 12.24
C GLN A 4158 -21.80 58.87 10.99
N TRP A 4159 -21.95 57.59 10.65
CA TRP A 4159 -21.40 57.08 9.39
C TRP A 4159 -22.23 57.55 8.21
N GLU A 4160 -23.53 57.76 8.41
CA GLU A 4160 -24.38 58.30 7.37
C GLU A 4160 -24.14 59.78 7.13
N LYS A 4161 -23.58 60.49 8.12
CA LYS A 4161 -23.29 61.91 8.03
C LYS A 4161 -22.46 62.23 6.77
N PRO A 4162 -22.58 63.43 6.22
CA PRO A 4162 -21.90 63.73 4.94
C PRO A 4162 -20.39 63.75 5.03
N GLN A 4163 -19.83 64.52 5.97
CA GLN A 4163 -18.39 64.72 6.01
C GLN A 4163 -17.63 63.41 6.12
N VAL A 4164 -18.19 62.42 6.83
CA VAL A 4164 -17.54 61.12 6.89
C VAL A 4164 -17.59 60.45 5.52
N LYS A 4165 -18.66 60.70 4.75
CA LYS A 4165 -18.72 60.12 3.41
C LYS A 4165 -17.67 60.72 2.49
N GLU A 4166 -17.49 62.04 2.53
CA GLU A 4166 -16.44 62.64 1.73
C GLU A 4166 -15.06 62.19 2.19
N SER A 4167 -14.85 62.06 3.51
CA SER A 4167 -13.59 61.53 4.00
C SER A 4167 -13.35 60.12 3.49
N LYS A 4168 -14.39 59.29 3.45
CA LYS A 4168 -14.25 57.91 3.00
C LYS A 4168 -13.90 57.86 1.51
N ARG A 4169 -14.58 58.67 0.69
CA ARG A 4169 -14.28 58.64 -0.73
C ARG A 4169 -12.87 59.17 -1.00
N GLN A 4170 -12.46 60.19 -0.26
CA GLN A 4170 -11.10 60.70 -0.43
C GLN A 4170 -10.06 59.67 -0.02
N PHE A 4171 -10.31 58.97 1.09
CA PHE A 4171 -9.38 57.92 1.51
C PHE A 4171 -9.30 56.82 0.46
N ILE A 4172 -10.45 56.38 -0.04
CA ILE A 4172 -10.46 55.35 -1.08
C ILE A 4172 -9.64 55.79 -2.29
N PHE A 4173 -9.86 57.03 -2.74
CA PHE A 4173 -9.15 57.53 -3.91
C PHE A 4173 -7.64 57.55 -3.68
N ASP A 4174 -7.20 58.17 -2.59
CA ASP A 4174 -5.76 58.34 -2.39
C ASP A 4174 -5.08 57.10 -1.85
N VAL A 4175 -5.83 56.05 -1.49
CA VAL A 4175 -5.21 54.79 -1.13
C VAL A 4175 -5.19 53.81 -2.30
N VAL A 4176 -6.07 53.97 -3.28
CA VAL A 4176 -5.98 53.14 -4.48
C VAL A 4176 -5.04 53.76 -5.51
N ASN A 4177 -4.90 55.08 -5.54
CA ASN A 4177 -4.02 55.71 -6.51
C ASN A 4177 -2.56 55.63 -6.07
N GLU A 4178 -2.25 56.19 -4.90
CA GLU A 4178 -0.88 56.30 -4.43
C GLU A 4178 -0.45 55.07 -3.61
N GLY A 4179 -1.23 54.70 -2.61
CA GLY A 4179 -0.87 53.58 -1.76
C GLY A 4179 -0.97 52.26 -2.51
N GLY A 4180 -0.01 51.38 -2.24
CA GLY A 4180 0.00 50.06 -2.82
C GLY A 4180 -0.66 49.02 -1.93
N GLU A 4181 0.09 47.99 -1.55
CA GLU A 4181 -0.39 46.94 -0.68
C GLU A 4181 0.45 46.78 0.58
N LYS A 4182 1.65 47.37 0.64
CA LYS A 4182 2.47 47.28 1.84
C LYS A 4182 1.89 48.12 2.97
N GLU A 4183 1.49 49.35 2.68
CA GLU A 4183 0.94 50.25 3.68
C GLU A 4183 -0.56 50.48 3.50
N LYS A 4184 -1.22 49.62 2.73
CA LYS A 4184 -2.67 49.78 2.54
C LYS A 4184 -3.40 49.58 3.85
N MET A 4185 -3.04 48.56 4.62
CA MET A 4185 -3.70 48.33 5.90
C MET A 4185 -3.33 49.40 6.93
N GLU A 4186 -2.09 49.90 6.87
CA GLU A 4186 -1.70 51.06 7.67
C GLU A 4186 -2.61 52.24 7.39
N LEU A 4187 -2.76 52.59 6.12
CA LEU A 4187 -3.59 53.73 5.76
C LEU A 4187 -5.04 53.49 6.11
N PHE A 4188 -5.50 52.24 6.01
CA PHE A 4188 -6.88 51.93 6.34
C PHE A 4188 -7.14 52.08 7.84
N VAL A 4189 -6.21 51.63 8.67
CA VAL A 4189 -6.37 51.78 10.11
C VAL A 4189 -6.28 53.26 10.50
N ASN A 4190 -5.37 54.00 9.88
CA ASN A 4190 -5.30 55.44 10.11
C ASN A 4190 -6.61 56.11 9.72
N PHE A 4191 -7.20 55.69 8.59
CA PHE A 4191 -8.46 56.24 8.15
C PHE A 4191 -9.58 55.90 9.11
N CYS A 4192 -9.58 54.68 9.65
CA CYS A 4192 -10.59 54.30 10.63
C CYS A 4192 -10.48 55.15 11.89
N GLU A 4193 -9.26 55.42 12.34
CA GLU A 4193 -9.09 56.27 13.51
C GLU A 4193 -9.55 57.70 13.24
N ASP A 4194 -9.13 58.26 12.10
CA ASP A 4194 -9.56 59.60 11.74
C ASP A 4194 -11.07 59.68 11.59
N THR A 4195 -11.69 58.61 11.09
CA THR A 4195 -13.13 58.62 10.86
C THR A 4195 -13.92 58.45 12.15
N ILE A 4196 -13.42 57.67 13.10
CA ILE A 4196 -14.11 57.60 14.38
C ILE A 4196 -13.95 58.92 15.12
N PHE A 4197 -12.82 59.61 14.95
CA PHE A 4197 -12.73 60.95 15.51
C PHE A 4197 -13.70 61.91 14.83
N GLU A 4198 -13.84 61.77 13.51
CA GLU A 4198 -14.83 62.56 12.77
C GLU A 4198 -16.24 62.31 13.27
N MET A 4199 -16.57 61.05 13.56
CA MET A 4199 -17.91 60.71 14.02
C MET A 4199 -18.14 61.23 15.43
N GLN A 4200 -17.13 61.14 16.30
CA GLN A 4200 -17.24 61.74 17.62
C GLN A 4200 -17.48 63.25 17.51
N LEU A 4201 -16.74 63.92 16.62
CA LEU A 4201 -16.93 65.36 16.45
C LEU A 4201 -18.32 65.69 15.91
N ALA A 4202 -18.79 64.90 14.93
CA ALA A 4202 -20.10 65.16 14.34
C ALA A 4202 -21.22 64.93 15.35
N ALA A 4203 -21.08 63.92 16.21
CA ALA A 4203 -22.06 63.71 17.27
C ALA A 4203 -21.98 64.82 18.32
N GLN A 4204 -20.78 65.34 18.57
CA GLN A 4204 -20.65 66.49 19.46
C GLN A 4204 -21.36 67.70 18.88
N ILE A 4205 -21.35 67.84 17.55
CA ILE A 4205 -22.02 68.94 16.88
C ILE A 4205 -23.54 68.81 17.05
N PHE A 4478 -22.75 85.04 34.11
CA PHE A 4478 -22.49 85.61 32.79
C PHE A 4478 -21.81 84.60 31.88
N TRP A 4479 -20.95 83.76 32.48
CA TRP A 4479 -20.22 82.77 31.69
C TRP A 4479 -21.13 81.69 31.14
N LYS A 4480 -22.32 81.52 31.70
CA LYS A 4480 -23.29 80.53 31.24
C LYS A 4480 -24.35 81.16 30.33
N LYS A 4481 -24.09 82.35 29.81
CA LYS A 4481 -25.03 83.03 28.93
C LYS A 4481 -24.46 83.33 27.55
N ILE A 4482 -23.15 83.56 27.43
CA ILE A 4482 -22.53 83.85 26.15
C ILE A 4482 -21.84 82.63 25.56
N ILE A 4483 -21.20 81.82 26.40
CA ILE A 4483 -20.50 80.64 25.91
C ILE A 4483 -21.49 79.62 25.37
N ALA A 4484 -22.57 79.37 26.11
CA ALA A 4484 -23.56 78.38 25.70
C ALA A 4484 -24.27 78.77 24.40
N TYR A 4485 -24.30 80.06 24.07
CA TYR A 4485 -24.91 80.50 22.82
C TYR A 4485 -23.91 80.53 21.67
N GLN A 4486 -22.69 81.00 21.92
CA GLN A 4486 -21.71 81.06 20.85
C GLN A 4486 -21.25 79.66 20.45
N GLN A 4487 -21.26 78.72 21.40
CA GLN A 4487 -21.02 77.32 21.07
C GLN A 4487 -22.07 76.79 20.11
N LYS A 4488 -23.34 77.10 20.39
CA LYS A 4488 -24.42 76.69 19.49
C LYS A 4488 -24.27 77.34 18.12
N LEU A 4489 -23.80 78.59 18.08
CA LEU A 4489 -23.58 79.25 16.81
C LEU A 4489 -22.48 78.56 16.00
N LEU A 4490 -21.36 78.23 16.66
CA LEU A 4490 -20.28 77.52 15.98
C LEU A 4490 -20.75 76.14 15.51
N ASN A 4491 -21.57 75.48 16.31
CA ASN A 4491 -22.09 74.17 15.92
C ASN A 4491 -23.00 74.28 14.71
N TYR A 4492 -23.85 75.31 14.69
CA TYR A 4492 -24.71 75.54 13.53
C TYR A 4492 -23.88 75.84 12.28
N PHE A 4493 -22.81 76.63 12.43
CA PHE A 4493 -21.96 76.91 11.29
C PHE A 4493 -21.28 75.65 10.77
N ALA A 4494 -20.74 74.83 11.67
CA ALA A 4494 -20.08 73.60 11.25
C ALA A 4494 -21.07 72.63 10.61
N ARG A 4495 -22.32 72.63 11.06
CA ARG A 4495 -23.33 71.76 10.47
C ARG A 4495 -23.83 72.30 9.15
N ASN A 4496 -23.78 73.62 8.96
CA ASN A 4496 -24.28 74.29 7.77
C ASN A 4496 -23.15 74.84 6.90
N PHE A 4497 -21.96 74.24 6.99
CA PHE A 4497 -20.82 74.71 6.20
C PHE A 4497 -21.06 74.54 4.71
N TYR A 4498 -21.54 73.36 4.30
CA TYR A 4498 -21.64 73.06 2.87
C TYR A 4498 -22.74 73.88 2.20
N ASN A 4499 -23.91 73.98 2.83
CA ASN A 4499 -24.96 74.84 2.27
C ASN A 4499 -24.51 76.30 2.24
N MET A 4500 -23.68 76.70 3.21
CA MET A 4500 -23.09 78.05 3.14
C MET A 4500 -22.22 78.19 1.90
N ARG A 4501 -21.48 77.14 1.54
CA ARG A 4501 -20.66 77.19 0.33
C ARG A 4501 -21.54 77.30 -0.92
N MET A 4502 -22.61 76.52 -0.98
CA MET A 4502 -23.50 76.60 -2.15
C MET A 4502 -24.19 77.95 -2.23
N LEU A 4503 -24.60 78.50 -1.08
CA LEU A 4503 -25.21 79.83 -1.08
C LEU A 4503 -24.20 80.89 -1.50
N ALA A 4504 -22.93 80.70 -1.11
CA ALA A 4504 -21.88 81.60 -1.56
C ALA A 4504 -21.71 81.55 -3.07
N LEU A 4505 -21.72 80.33 -3.64
CA LEU A 4505 -21.59 80.21 -5.09
C LEU A 4505 -22.78 80.83 -5.80
N PHE A 4506 -23.99 80.63 -5.27
CA PHE A 4506 -25.16 81.33 -5.80
C PHE A 4506 -25.01 82.83 -5.76
N VAL A 4507 -24.60 83.39 -4.61
CA VAL A 4507 -24.52 84.83 -4.52
C VAL A 4507 -23.43 85.36 -5.44
N ALA A 4508 -22.34 84.60 -5.61
CA ALA A 4508 -21.29 85.01 -6.53
C ALA A 4508 -21.78 84.99 -7.97
N PHE A 4509 -22.54 83.97 -8.35
CA PHE A 4509 -23.13 83.93 -9.69
C PHE A 4509 -24.06 85.12 -9.91
N ALA A 4510 -24.87 85.46 -8.90
CA ALA A 4510 -25.78 86.59 -9.04
C ALA A 4510 -25.02 87.91 -9.18
N ILE A 4511 -24.00 88.12 -8.34
CA ILE A 4511 -23.22 89.35 -8.42
C ILE A 4511 -22.49 89.44 -9.74
N ASN A 4512 -22.01 88.32 -10.27
CA ASN A 4512 -21.31 88.36 -11.54
C ASN A 4512 -22.27 88.55 -12.72
N PHE A 4513 -23.50 88.07 -12.61
CA PHE A 4513 -24.51 88.38 -13.61
C PHE A 4513 -24.85 89.87 -13.60
N ILE A 4514 -24.96 90.45 -12.41
CA ILE A 4514 -25.21 91.89 -12.32
C ILE A 4514 -24.04 92.69 -12.88
N LEU A 4515 -22.81 92.27 -12.59
CA LEU A 4515 -21.64 92.93 -13.15
C LEU A 4515 -21.56 92.73 -14.66
N LEU A 4516 -22.12 91.62 -15.18
CA LEU A 4516 -22.22 91.47 -16.62
C LEU A 4516 -23.17 92.50 -17.20
N PHE A 4517 -24.30 92.73 -16.55
CA PHE A 4517 -25.20 93.81 -16.95
C PHE A 4517 -24.59 95.14 -16.51
N TYR A 4518 -23.75 95.70 -17.38
CA TYR A 4518 -22.92 96.86 -17.06
C TYR A 4518 -22.61 97.63 -18.33
N LYS A 4519 -21.96 98.79 -18.19
CA LYS A 4519 -21.64 99.67 -19.30
C LYS A 4519 -20.61 100.70 -18.81
N VAL A 4520 -20.19 101.58 -19.71
CA VAL A 4520 -19.22 102.62 -19.39
C VAL A 4520 -19.62 103.91 -20.07
N SER A 4521 -19.28 105.02 -19.44
CA SER A 4521 -19.61 106.36 -19.95
C SER A 4521 -18.74 106.73 -21.15
N VAL A 4556 -13.69 105.77 -17.70
CA VAL A 4556 -13.45 107.06 -17.07
C VAL A 4556 -14.52 107.36 -16.04
N HIS A 4557 -15.71 106.78 -16.24
CA HIS A 4557 -16.81 106.95 -15.31
C HIS A 4557 -17.65 105.69 -15.35
N TYR A 4558 -17.52 104.86 -14.32
CA TYR A 4558 -18.20 103.58 -14.29
C TYR A 4558 -19.65 103.75 -13.85
N VAL A 4559 -20.56 103.10 -14.59
CA VAL A 4559 -22.01 103.19 -14.37
C VAL A 4559 -22.69 101.89 -14.80
N LEU A 4560 -23.66 101.44 -14.00
CA LEU A 4560 -24.48 100.28 -14.36
C LEU A 4560 -25.66 100.79 -15.20
N GLU A 4561 -25.41 100.93 -16.50
CA GLU A 4561 -26.32 101.67 -17.37
C GLU A 4561 -27.41 100.81 -18.01
N GLU A 4562 -27.16 99.52 -18.26
CA GLU A 4562 -28.11 98.72 -19.01
C GLU A 4562 -29.41 98.43 -18.27
N SER A 4563 -29.60 98.98 -17.07
CA SER A 4563 -30.80 98.74 -16.30
C SER A 4563 -31.48 100.06 -15.97
N SER A 4564 -32.71 99.97 -15.48
CA SER A 4564 -33.48 101.13 -15.02
C SER A 4564 -33.85 100.86 -13.56
N GLY A 4565 -32.95 101.21 -12.66
CA GLY A 4565 -33.17 101.01 -11.23
C GLY A 4565 -33.24 99.54 -10.87
N TYR A 4566 -33.44 99.30 -9.58
CA TYR A 4566 -33.62 97.97 -8.99
C TYR A 4566 -32.42 97.05 -9.19
N MET A 4567 -31.29 97.59 -9.66
CA MET A 4567 -30.09 96.79 -9.88
C MET A 4567 -28.82 97.40 -9.30
N GLU A 4568 -28.78 98.69 -9.03
CA GLU A 4568 -27.60 99.32 -8.45
C GLU A 4568 -27.45 98.98 -6.97
N PRO A 4569 -28.47 99.16 -6.13
CA PRO A 4569 -28.27 98.85 -4.71
C PRO A 4569 -28.19 97.37 -4.42
N THR A 4570 -28.87 96.54 -5.23
CA THR A 4570 -28.78 95.09 -5.04
C THR A 4570 -27.36 94.58 -5.23
N LEU A 4571 -26.55 95.28 -6.04
CA LEU A 4571 -25.15 94.89 -6.17
C LEU A 4571 -24.42 95.02 -4.83
N ARG A 4572 -24.61 96.14 -4.15
CA ARG A 4572 -23.96 96.33 -2.84
C ARG A 4572 -24.54 95.38 -1.80
N ILE A 4573 -25.85 95.16 -1.82
CA ILE A 4573 -26.45 94.21 -0.88
C ILE A 4573 -25.87 92.82 -1.08
N LEU A 4574 -25.83 92.36 -2.33
CA LEU A 4574 -25.26 91.05 -2.61
C LEU A 4574 -23.77 91.01 -2.29
N ALA A 4575 -23.06 92.13 -2.42
CA ALA A 4575 -21.65 92.16 -2.06
C ALA A 4575 -21.45 91.96 -0.56
N ILE A 4576 -22.16 92.74 0.25
CA ILE A 4576 -22.00 92.58 1.70
C ILE A 4576 -22.50 91.21 2.14
N LEU A 4577 -23.54 90.69 1.49
CA LEU A 4577 -24.05 89.38 1.86
C LEU A 4577 -23.06 88.27 1.48
N HIS A 4578 -22.43 88.40 0.31
CA HIS A 4578 -21.39 87.47 -0.09
C HIS A 4578 -20.22 87.51 0.89
N THR A 4579 -19.86 88.70 1.37
CA THR A 4579 -18.76 88.81 2.32
C THR A 4579 -19.10 88.14 3.65
N ILE A 4580 -20.29 88.40 4.18
CA ILE A 4580 -20.68 87.76 5.44
C ILE A 4580 -20.79 86.25 5.25
N ILE A 4581 -21.21 85.81 4.07
CA ILE A 4581 -21.28 84.37 3.82
C ILE A 4581 -19.89 83.76 3.74
N SER A 4582 -18.92 84.50 3.18
CA SER A 4582 -17.54 84.03 3.18
C SER A 4582 -17.02 83.90 4.60
N PHE A 4583 -17.30 84.89 5.44
CA PHE A 4583 -16.85 84.84 6.83
C PHE A 4583 -17.50 83.67 7.55
N PHE A 4584 -18.78 83.43 7.30
CA PHE A 4584 -19.45 82.31 7.95
C PHE A 4584 -18.90 80.97 7.46
N CYS A 4585 -18.61 80.87 6.16
CA CYS A 4585 -18.00 79.66 5.62
C CYS A 4585 -16.66 79.38 6.28
N ILE A 4586 -15.81 80.42 6.38
CA ILE A 4586 -14.50 80.26 6.97
C ILE A 4586 -14.60 79.87 8.44
N ILE A 4587 -15.51 80.52 9.17
CA ILE A 4587 -15.63 80.25 10.60
C ILE A 4587 -16.16 78.84 10.84
N GLY A 4588 -17.12 78.41 10.02
CA GLY A 4588 -17.61 77.05 10.14
C GLY A 4588 -16.57 76.01 9.79
N TYR A 4589 -15.75 76.30 8.78
CA TYR A 4589 -14.67 75.38 8.44
C TYR A 4589 -13.68 75.24 9.59
N TYR A 4590 -13.34 76.37 10.24
CA TYR A 4590 -12.36 76.33 11.33
C TYR A 4590 -12.80 75.47 12.50
N CYS A 4591 -14.11 75.22 12.64
CA CYS A 4591 -14.61 74.38 13.72
C CYS A 4591 -15.14 73.05 13.23
N LEU A 4592 -15.21 72.82 11.92
CA LEU A 4592 -15.66 71.56 11.37
C LEU A 4592 -14.53 70.66 10.89
N LYS A 4593 -13.56 71.21 10.16
CA LYS A 4593 -12.52 70.37 9.56
C LYS A 4593 -11.13 70.58 10.13
N VAL A 4594 -10.89 71.70 10.81
CA VAL A 4594 -9.59 71.98 11.43
C VAL A 4594 -9.33 71.01 12.58
N PRO A 4595 -10.32 70.70 13.45
CA PRO A 4595 -10.08 69.66 14.45
C PRO A 4595 -9.57 68.36 13.86
N LEU A 4596 -10.08 67.96 12.70
CA LEU A 4596 -9.66 66.69 12.11
C LEU A 4596 -8.19 66.73 11.70
N VAL A 4597 -7.77 67.79 11.02
CA VAL A 4597 -6.39 67.85 10.52
C VAL A 4597 -5.42 68.02 11.68
N ILE A 4598 -5.79 68.81 12.70
CA ILE A 4598 -4.90 68.94 13.83
C ILE A 4598 -4.83 67.64 14.62
N PHE A 4599 -5.92 66.87 14.66
CA PHE A 4599 -5.85 65.55 15.29
C PHE A 4599 -4.96 64.61 14.50
N LYS A 4600 -5.05 64.64 13.17
CA LYS A 4600 -4.19 63.80 12.35
C LYS A 4600 -2.72 64.14 12.60
N ARG A 4601 -2.39 65.42 12.64
CA ARG A 4601 -0.99 65.80 12.86
C ARG A 4601 -0.53 65.45 14.27
N GLU A 4602 -1.41 65.66 15.27
CA GLU A 4602 -1.06 65.29 16.64
C GLU A 4602 -0.81 63.80 16.75
N LYS A 4603 -1.66 62.99 16.14
CA LYS A 4603 -1.47 61.54 16.16
C LYS A 4603 -0.15 61.16 15.49
N GLU A 4604 0.14 61.75 14.34
CA GLU A 4604 1.38 61.44 13.63
C GLU A 4604 2.59 61.77 14.49
N VAL A 4605 2.63 62.97 15.06
CA VAL A 4605 3.80 63.36 15.82
C VAL A 4605 3.91 62.56 17.11
N ALA A 4606 2.78 62.23 17.75
CA ALA A 4606 2.84 61.44 18.97
C ALA A 4606 3.35 60.04 18.71
N ARG A 4607 2.90 59.43 17.61
CA ARG A 4607 3.39 58.08 17.29
C ARG A 4607 4.84 58.11 16.84
N LYS A 4608 5.27 59.20 16.19
CA LYS A 4608 6.68 59.34 15.85
C LYS A 4608 7.55 59.49 17.10
N LEU A 4609 7.04 60.21 18.10
CA LEU A 4609 7.76 60.32 19.37
C LEU A 4609 7.84 58.98 20.07
N GLU A 4610 6.72 58.27 20.15
CA GLU A 4610 6.67 57.02 20.91
C GLU A 4610 7.50 55.93 20.24
N PHE A 4611 7.18 55.62 18.98
CA PHE A 4611 7.79 54.46 18.32
C PHE A 4611 9.20 54.75 17.82
N ASP A 4612 9.34 55.74 16.95
CA ASP A 4612 10.61 55.96 16.26
C ASP A 4612 11.57 56.85 17.03
N GLY A 4613 11.08 57.69 17.93
CA GLY A 4613 11.94 58.66 18.60
C GLY A 4613 12.47 59.72 17.65
N LEU A 4614 11.55 60.49 17.07
CA LEU A 4614 11.94 61.47 16.05
C LEU A 4614 12.70 62.65 16.65
N TYR A 4615 12.37 63.06 17.88
CA TYR A 4615 13.08 64.14 18.54
C TYR A 4615 13.84 63.64 19.76
N ILE A 4616 14.08 62.33 19.85
CA ILE A 4616 14.83 61.72 20.94
C ILE A 4616 16.14 61.14 20.44
N THR A 4617 16.07 60.30 19.40
CA THR A 4617 17.26 59.67 18.83
C THR A 4617 17.43 59.91 17.34
N GLU A 4618 16.40 60.39 16.64
CA GLU A 4618 16.40 60.46 15.19
C GLU A 4618 15.97 61.85 14.74
N GLN A 4619 16.62 62.88 15.29
CA GLN A 4619 16.33 64.28 15.02
C GLN A 4619 16.10 64.54 13.53
N PRO A 4620 15.02 65.22 13.17
CA PRO A 4620 14.69 65.36 11.74
C PRO A 4620 15.68 66.21 10.98
N SER A 4621 15.43 66.32 9.68
CA SER A 4621 16.35 66.98 8.77
C SER A 4621 16.19 68.49 8.84
N GLU A 4622 16.84 69.19 7.91
CA GLU A 4622 16.79 70.63 7.83
C GLU A 4622 15.64 71.16 6.99
N ASP A 4623 15.19 70.40 5.99
CA ASP A 4623 14.21 70.92 5.06
C ASP A 4623 12.78 70.54 5.43
N ASP A 4624 12.58 69.52 6.27
CA ASP A 4624 11.24 69.17 6.71
C ASP A 4624 10.76 70.22 7.70
N ILE A 4625 10.03 71.22 7.19
CA ILE A 4625 9.47 72.25 8.05
C ILE A 4625 8.41 71.65 8.97
N LYS A 4626 7.80 70.54 8.56
CA LYS A 4626 6.85 69.85 9.43
C LYS A 4626 7.53 69.34 10.70
N GLY A 4627 8.75 68.80 10.55
CA GLY A 4627 9.48 68.33 11.72
C GLY A 4627 9.77 69.45 12.71
N GLN A 4628 10.20 70.61 12.21
CA GLN A 4628 10.47 71.74 13.09
C GLN A 4628 9.20 72.27 13.74
N TRP A 4629 8.11 72.36 12.97
CA TRP A 4629 6.87 72.87 13.53
C TRP A 4629 6.27 71.90 14.55
N ASP A 4630 6.57 70.60 14.43
CA ASP A 4630 6.13 69.66 15.45
C ASP A 4630 7.05 69.70 16.67
N ARG A 4631 8.36 69.88 16.45
CA ARG A 4631 9.28 70.09 17.56
C ARG A 4631 8.92 71.35 18.34
N LEU A 4632 8.25 72.30 17.69
CA LEU A 4632 7.82 73.51 18.37
C LEU A 4632 6.95 73.19 19.58
N VAL A 4633 6.11 72.15 19.49
CA VAL A 4633 5.17 71.87 20.56
C VAL A 4633 5.24 70.41 21.01
N ILE A 4634 6.34 69.72 20.73
CA ILE A 4634 6.57 68.46 21.42
C ILE A 4634 6.68 68.63 22.92
N ASN A 4635 6.78 69.87 23.41
CA ASN A 4635 6.96 70.15 24.82
C ASN A 4635 5.90 71.11 25.37
N THR A 4636 4.77 71.27 24.69
CA THR A 4636 3.73 72.16 25.18
C THR A 4636 2.95 71.47 26.30
N GLN A 4637 2.03 72.22 26.90
CA GLN A 4637 1.26 71.69 28.02
C GLN A 4637 0.22 70.67 27.52
N SER A 4638 -0.71 71.13 26.69
CA SER A 4638 -1.77 70.26 26.16
C SER A 4638 -1.38 69.78 24.76
N PHE A 4639 -0.39 68.87 24.73
CA PHE A 4639 0.09 68.35 23.45
C PHE A 4639 -0.93 67.42 22.80
N PRO A 4640 -1.38 66.34 23.44
CA PRO A 4640 -2.40 65.50 22.77
C PRO A 4640 -3.82 65.97 23.09
N ASN A 4641 -4.19 67.10 22.50
CA ASN A 4641 -5.49 67.70 22.78
C ASN A 4641 -6.63 66.98 22.09
N ASN A 4642 -6.39 66.39 20.91
CA ASN A 4642 -7.42 65.70 20.15
C ASN A 4642 -7.15 64.23 19.90
N TYR A 4643 -5.91 63.77 20.11
CA TYR A 4643 -5.57 62.36 19.96
C TYR A 4643 -6.16 61.50 21.08
N TRP A 4644 -6.90 62.11 22.01
CA TRP A 4644 -7.57 61.45 23.14
C TRP A 4644 -6.64 60.54 23.94
N ASP A 4645 -5.33 60.71 23.76
CA ASP A 4645 -4.33 59.78 24.28
C ASP A 4645 -3.39 60.65 25.10
N LYS A 4646 -3.77 60.95 26.34
CA LYS A 4646 -3.10 61.95 27.16
C LYS A 4646 -1.92 61.38 27.95
N PHE A 4647 -1.42 60.19 27.60
CA PHE A 4647 -0.33 59.56 28.32
C PHE A 4647 0.85 59.22 27.43
N VAL A 4648 0.88 59.76 26.21
CA VAL A 4648 2.03 59.55 25.33
C VAL A 4648 3.28 60.17 25.94
N LYS A 4649 3.13 61.26 26.69
CA LYS A 4649 4.27 61.87 27.36
C LYS A 4649 4.90 60.90 28.35
N ARG A 4650 4.10 60.36 29.26
CA ARG A 4650 4.63 59.39 30.22
C ARG A 4650 5.13 58.14 29.53
N LYS A 4651 4.49 57.73 28.43
CA LYS A 4651 4.92 56.55 27.70
C LYS A 4651 6.33 56.74 27.12
N VAL A 4652 6.55 57.85 26.43
CA VAL A 4652 7.87 58.10 25.85
C VAL A 4652 8.89 58.36 26.94
N MET A 4653 8.46 58.93 28.08
CA MET A 4653 9.37 59.10 29.21
C MET A 4653 9.85 57.74 29.72
N ASP A 4654 8.93 56.82 29.95
CA ASP A 4654 9.31 55.49 30.42
C ASP A 4654 10.10 54.72 29.35
N LYS A 4655 9.89 55.05 28.08
CA LYS A 4655 10.57 54.31 27.02
C LYS A 4655 12.01 54.80 26.82
N TYR A 4656 12.23 56.12 26.86
CA TYR A 4656 13.53 56.69 26.56
C TYR A 4656 14.08 57.51 27.73
N GLY A 4657 13.75 57.13 28.95
CA GLY A 4657 14.24 57.83 30.11
C GLY A 4657 15.50 57.24 30.70
N GLU A 4658 15.60 55.91 30.67
CA GLU A 4658 16.75 55.20 31.23
C GLU A 4658 17.93 55.10 30.27
N PHE A 4659 17.88 55.82 29.14
CA PHE A 4659 19.00 55.79 28.20
C PHE A 4659 19.51 57.17 27.84
N TYR A 4660 18.63 58.18 27.80
CA TYR A 4660 19.02 59.52 27.39
C TYR A 4660 18.80 60.56 28.49
N GLY A 4661 18.56 60.13 29.72
CA GLY A 4661 18.38 61.05 30.82
C GLY A 4661 16.93 61.39 31.08
N ARG A 4662 16.40 60.91 32.20
CA ARG A 4662 15.00 61.19 32.54
C ARG A 4662 14.78 62.69 32.74
N ASP A 4663 15.76 63.37 33.35
CA ASP A 4663 15.63 64.81 33.52
C ASP A 4663 15.63 65.53 32.18
N ARG A 4664 16.50 65.12 31.25
CA ARG A 4664 16.52 65.75 29.93
C ARG A 4664 15.24 65.46 29.17
N ILE A 4665 14.70 64.26 29.31
CA ILE A 4665 13.44 63.92 28.63
C ILE A 4665 12.30 64.75 29.18
N SER A 4666 12.20 64.85 30.51
CA SER A 4666 11.16 65.67 31.12
C SER A 4666 11.34 67.15 30.86
N GLU A 4667 12.56 67.59 30.54
CA GLU A 4667 12.79 68.99 30.19
C GLU A 4667 12.39 69.27 28.74
N LEU A 4668 12.76 68.39 27.82
CA LEU A 4668 12.49 68.63 26.41
C LEU A 4668 11.09 68.21 26.00
N LEU A 4669 10.35 67.50 26.85
CA LEU A 4669 8.99 67.08 26.54
C LEU A 4669 7.94 67.88 27.27
N GLY A 4670 8.32 68.94 27.99
CA GLY A 4670 7.37 69.68 28.79
C GLY A 4670 7.12 69.00 30.13
N MET A 4671 6.26 69.65 30.92
CA MET A 4671 5.92 69.21 32.27
C MET A 4671 7.18 69.08 33.14
N ASP A 4672 7.84 70.21 33.33
CA ASP A 4672 9.13 70.23 34.02
C ASP A 4672 8.96 70.09 35.52
N LYS A 4673 9.94 69.45 36.16
CA LYS A 4673 9.98 69.27 37.61
C LYS A 4673 8.73 68.54 38.10
N ALA A 4674 8.29 67.54 37.33
CA ALA A 4674 7.11 66.77 37.67
C ALA A 4674 7.35 65.28 37.38
N ALA A 4675 8.55 64.80 37.68
CA ALA A 4675 8.85 63.39 37.48
C ALA A 4675 8.17 62.50 38.51
N LEU A 4676 7.67 63.06 39.60
CA LEU A 4676 6.94 62.30 40.62
C LEU A 4676 5.46 62.67 40.65
N ASP A 4677 4.96 63.37 39.63
CA ASP A 4677 3.55 63.71 39.58
C ASP A 4677 2.67 62.48 39.49
N PHE A 4678 3.16 61.43 38.83
CA PHE A 4678 2.40 60.18 38.76
C PHE A 4678 2.22 59.58 40.15
N SER A 4679 3.30 59.54 40.95
CA SER A 4679 3.18 59.03 42.31
C SER A 4679 2.33 59.93 43.18
N ASP A 4680 2.43 61.25 42.98
CA ASP A 4680 1.61 62.18 43.75
C ASP A 4680 0.13 62.02 43.44
N ALA A 4681 -0.22 61.72 42.19
CA ALA A 4681 -1.61 61.48 41.84
C ALA A 4681 -2.07 60.09 42.26
N ARG A 4682 -1.16 59.12 42.31
CA ARG A 4682 -1.53 57.79 42.75
C ARG A 4682 -1.73 57.71 44.26
N GLU A 4683 -1.01 58.52 45.03
CA GLU A 4683 -1.10 58.52 46.48
C GLU A 4683 -1.61 59.88 46.94
N LYS A 4684 -2.86 59.94 47.40
CA LYS A 4684 -3.46 61.13 47.96
C LYS A 4684 -3.45 62.29 46.96
N LYS A 4685 -4.17 62.10 45.87
CA LYS A 4685 -4.28 63.12 44.84
C LYS A 4685 -5.27 64.21 45.27
N LYS A 4686 -5.25 65.32 44.54
CA LYS A 4686 -6.18 66.41 44.80
C LYS A 4686 -7.56 66.06 44.21
N PRO A 4687 -8.64 66.38 44.92
CA PRO A 4687 -9.98 66.05 44.41
C PRO A 4687 -10.35 66.84 43.17
N LYS A 4688 -10.22 68.16 43.24
CA LYS A 4688 -10.57 69.04 42.13
C LYS A 4688 -9.95 70.40 42.39
N LYS A 4689 -10.28 71.38 41.55
CA LYS A 4689 -9.74 72.72 41.68
C LYS A 4689 -10.61 73.69 40.88
N ASP A 4690 -10.93 74.83 41.48
CA ASP A 4690 -11.68 75.86 40.78
C ASP A 4690 -10.80 76.51 39.70
N SER A 4691 -11.46 77.03 38.67
CA SER A 4691 -10.74 77.59 37.53
C SER A 4691 -9.89 78.79 37.93
N SER A 4692 -10.54 79.89 38.30
CA SER A 4692 -9.88 81.12 38.71
C SER A 4692 -10.94 82.14 39.09
N LEU A 4693 -10.47 83.26 39.64
CA LEU A 4693 -11.31 84.43 39.88
C LEU A 4693 -10.73 85.70 39.29
N SER A 4694 -9.40 85.85 39.31
CA SER A 4694 -8.75 87.01 38.72
C SER A 4694 -8.25 86.75 37.31
N ALA A 4695 -8.07 85.50 36.92
CA ALA A 4695 -7.56 85.12 35.60
C ALA A 4695 -8.72 84.53 34.81
N VAL A 4696 -9.47 85.39 34.14
CA VAL A 4696 -10.58 84.92 33.30
C VAL A 4696 -10.10 84.55 31.91
N LEU A 4697 -9.06 85.21 31.41
CA LEU A 4697 -8.48 84.94 30.11
C LEU A 4697 -7.02 84.49 30.28
N ASN A 4698 -6.33 84.35 29.15
CA ASN A 4698 -4.93 83.95 29.08
C ASN A 4698 -4.66 82.59 29.70
N SER A 4699 -5.70 81.81 29.99
CA SER A 4699 -5.49 80.47 30.51
C SER A 4699 -4.95 79.52 29.44
N ILE A 4700 -5.30 79.76 28.17
CA ILE A 4700 -4.83 78.89 27.10
C ILE A 4700 -3.33 79.09 26.88
N ASP A 4701 -2.70 78.09 26.26
CA ASP A 4701 -1.26 78.08 26.03
C ASP A 4701 -0.95 78.71 24.67
N VAL A 4702 -0.19 79.80 24.69
CA VAL A 4702 0.05 80.59 23.49
C VAL A 4702 0.90 79.81 22.49
N LYS A 4703 1.76 78.93 22.98
CA LYS A 4703 2.57 78.11 22.08
C LYS A 4703 1.69 77.16 21.29
N TYR A 4704 0.79 76.45 21.97
CA TYR A 4704 -0.10 75.54 21.26
C TYR A 4704 -1.06 76.29 20.34
N GLN A 4705 -1.47 77.49 20.74
CA GLN A 4705 -2.33 78.29 19.85
C GLN A 4705 -1.58 78.70 18.60
N MET A 4706 -0.33 79.13 18.74
CA MET A 4706 0.47 79.51 17.58
C MET A 4706 0.74 78.30 16.68
N TRP A 4707 0.92 77.13 17.29
CA TRP A 4707 1.11 75.91 16.49
C TRP A 4707 -0.15 75.56 15.72
N LYS A 4708 -1.32 75.66 16.37
CA LYS A 4708 -2.57 75.42 15.66
C LYS A 4708 -2.74 76.39 14.51
N LEU A 4709 -2.37 77.66 14.72
CA LEU A 4709 -2.47 78.65 13.64
C LEU A 4709 -1.53 78.31 12.50
N GLY A 4710 -0.28 77.97 12.81
CA GLY A 4710 0.67 77.64 11.77
C GLY A 4710 0.32 76.37 11.02
N VAL A 4711 -0.41 75.46 11.67
CA VAL A 4711 -0.83 74.23 11.02
C VAL A 4711 -2.09 74.44 10.18
N VAL A 4712 -2.98 75.33 10.60
CA VAL A 4712 -4.18 75.58 9.81
C VAL A 4712 -3.88 76.51 8.63
N PHE A 4713 -2.86 77.36 8.73
CA PHE A 4713 -2.51 78.24 7.63
C PHE A 4713 -1.69 77.54 6.54
N THR A 4714 -1.46 76.23 6.67
CA THR A 4714 -0.80 75.45 5.63
C THR A 4714 -1.65 74.25 5.23
N ASP A 4715 -2.97 74.32 5.45
CA ASP A 4715 -3.87 73.21 5.21
C ASP A 4715 -4.19 73.01 3.73
N ASN A 4716 -3.93 74.02 2.89
CA ASN A 4716 -4.20 74.05 1.46
C ASN A 4716 -5.70 74.14 1.14
N SER A 4717 -6.56 74.11 2.14
CA SER A 4717 -7.98 74.40 1.99
C SER A 4717 -8.42 75.62 2.79
N PHE A 4718 -7.94 75.75 4.03
CA PHE A 4718 -8.10 76.99 4.76
C PHE A 4718 -7.42 78.14 4.02
N LEU A 4719 -6.32 77.86 3.33
CA LEU A 4719 -5.69 78.88 2.50
C LEU A 4719 -6.60 79.30 1.35
N TYR A 4720 -7.27 78.32 0.73
CA TYR A 4720 -8.22 78.64 -0.34
C TYR A 4720 -9.37 79.48 0.20
N LEU A 4721 -9.87 79.15 1.38
CA LEU A 4721 -10.96 79.93 1.97
C LEU A 4721 -10.51 81.32 2.36
N ALA A 4722 -9.26 81.47 2.83
CA ALA A 4722 -8.74 82.79 3.14
C ALA A 4722 -8.56 83.62 1.88
N TRP A 4723 -8.13 82.99 0.78
CA TRP A 4723 -8.08 83.68 -0.50
C TRP A 4723 -9.46 84.12 -0.94
N TYR A 4724 -10.46 83.27 -0.72
CA TYR A 4724 -11.84 83.63 -1.03
C TYR A 4724 -12.27 84.85 -0.21
N MET A 4725 -11.93 84.85 1.08
CA MET A 4725 -12.30 85.97 1.94
C MET A 4725 -11.62 87.26 1.50
N THR A 4726 -10.31 87.21 1.22
CA THR A 4726 -9.61 88.42 0.84
C THR A 4726 -10.06 88.91 -0.54
N MET A 4727 -10.42 87.98 -1.43
CA MET A 4727 -10.98 88.40 -2.71
C MET A 4727 -12.32 89.08 -2.53
N SER A 4728 -13.15 88.61 -1.59
CA SER A 4728 -14.40 89.31 -1.30
C SER A 4728 -14.14 90.70 -0.73
N VAL A 4729 -13.16 90.80 0.18
CA VAL A 4729 -12.82 92.10 0.77
C VAL A 4729 -12.32 93.06 -0.30
N LEU A 4730 -11.49 92.58 -1.23
CA LEU A 4730 -11.00 93.43 -2.31
C LEU A 4730 -12.10 93.77 -3.30
N GLY A 4731 -13.06 92.87 -3.50
CA GLY A 4731 -14.23 93.19 -4.30
C GLY A 4731 -15.08 94.26 -3.66
N HIS A 4732 -15.07 94.34 -2.33
CA HIS A 4732 -15.74 95.44 -1.65
C HIS A 4732 -15.15 96.79 -2.08
N TYR A 4733 -13.85 96.83 -2.37
CA TYR A 4733 -13.23 98.04 -2.88
C TYR A 4733 -13.55 98.22 -4.36
N ASN A 4734 -13.19 97.23 -5.18
CA ASN A 4734 -13.48 97.23 -6.61
C ASN A 4734 -14.37 96.04 -6.92
N ASN A 4735 -15.62 96.32 -7.31
CA ASN A 4735 -16.61 95.26 -7.45
C ASN A 4735 -16.22 94.20 -8.48
N PHE A 4736 -15.29 94.50 -9.38
CA PHE A 4736 -14.91 93.53 -10.40
C PHE A 4736 -14.03 92.41 -9.86
N PHE A 4737 -13.57 92.50 -8.61
CA PHE A 4737 -12.83 91.42 -8.01
C PHE A 4737 -13.72 90.24 -7.62
N PHE A 4738 -15.04 90.41 -7.67
CA PHE A 4738 -15.94 89.29 -7.45
C PHE A 4738 -15.95 88.30 -8.62
N ALA A 4739 -15.23 88.60 -9.70
CA ALA A 4739 -15.12 87.66 -10.80
C ALA A 4739 -14.19 86.49 -10.47
N ALA A 4740 -13.25 86.68 -9.53
CA ALA A 4740 -12.40 85.57 -9.10
C ALA A 4740 -13.18 84.49 -8.37
N HIS A 4741 -14.40 84.80 -7.92
CA HIS A 4741 -15.24 83.81 -7.25
C HIS A 4741 -15.91 82.85 -8.23
N LEU A 4742 -15.86 83.14 -9.53
CA LEU A 4742 -16.40 82.20 -10.50
C LEU A 4742 -15.55 80.94 -10.63
N LEU A 4743 -14.29 80.99 -10.19
CA LEU A 4743 -13.43 79.82 -10.20
C LEU A 4743 -13.76 78.84 -9.08
N ASP A 4744 -14.81 79.10 -8.29
CA ASP A 4744 -15.22 78.16 -7.26
C ASP A 4744 -15.81 76.90 -7.87
N ILE A 4745 -16.43 77.01 -9.06
CA ILE A 4745 -16.95 75.81 -9.71
C ILE A 4745 -15.82 74.88 -10.12
N ALA A 4746 -14.65 75.43 -10.43
CA ALA A 4746 -13.51 74.60 -10.82
C ALA A 4746 -13.06 73.70 -9.69
N MET A 4747 -13.26 74.13 -8.45
CA MET A 4747 -12.96 73.29 -7.29
C MET A 4747 -14.16 72.50 -6.81
N GLY A 4748 -15.38 72.95 -7.11
CA GLY A 4748 -16.57 72.23 -6.68
C GLY A 4748 -16.91 71.03 -7.55
N PHE A 4749 -16.62 71.11 -8.85
CA PHE A 4749 -16.90 70.00 -9.74
C PHE A 4749 -15.71 69.05 -9.81
N LYS A 4750 -15.93 67.89 -10.43
CA LYS A 4750 -14.91 66.84 -10.48
C LYS A 4750 -14.04 66.95 -11.72
N THR A 4751 -14.66 67.16 -12.89
CA THR A 4751 -13.88 67.21 -14.13
C THR A 4751 -13.07 68.51 -14.23
N LEU A 4752 -13.55 69.60 -13.64
CA LEU A 4752 -12.78 70.83 -13.65
C LEU A 4752 -11.59 70.74 -12.69
N ARG A 4753 -11.80 70.14 -11.52
CA ARG A 4753 -10.68 69.79 -10.66
C ARG A 4753 -9.69 68.91 -11.41
N THR A 4754 -10.20 68.01 -12.26
CA THR A 4754 -9.32 67.16 -13.05
C THR A 4754 -8.51 67.98 -14.05
N ILE A 4755 -9.13 68.98 -14.67
CA ILE A 4755 -8.42 69.82 -15.63
C ILE A 4755 -7.34 70.64 -14.92
N LEU A 4756 -7.65 71.18 -13.75
CA LEU A 4756 -6.65 71.94 -13.01
C LEU A 4756 -5.51 71.05 -12.53
N SER A 4757 -5.83 69.87 -11.98
CA SER A 4757 -4.79 68.94 -11.60
C SER A 4757 -3.98 68.49 -12.80
N SER A 4758 -4.58 68.49 -14.00
CA SER A 4758 -3.84 68.14 -15.20
C SER A 4758 -2.87 69.24 -15.60
N VAL A 4759 -3.32 70.49 -15.54
CA VAL A 4759 -2.41 71.59 -15.89
C VAL A 4759 -1.30 71.71 -14.85
N THR A 4760 -1.49 71.18 -13.64
CA THR A 4760 -0.42 71.19 -12.65
C THR A 4760 0.41 69.90 -12.63
N HIS A 4761 -0.10 68.81 -13.22
CA HIS A 4761 0.53 67.50 -13.14
C HIS A 4761 1.93 67.46 -13.72
N ASN A 4762 2.05 67.66 -15.04
CA ASN A 4762 3.34 67.60 -15.71
C ASN A 4762 4.06 68.94 -15.59
N GLY A 4763 4.27 69.36 -14.34
CA GLY A 4763 4.85 70.67 -14.06
C GLY A 4763 6.27 70.84 -14.58
N LYS A 4764 7.17 69.95 -14.15
CA LYS A 4764 8.57 70.06 -14.56
C LYS A 4764 8.71 69.89 -16.06
N GLN A 4765 8.01 68.92 -16.65
CA GLN A 4765 8.10 68.73 -18.09
C GLN A 4765 7.57 69.94 -18.84
N LEU A 4766 6.47 70.53 -18.37
CA LEU A 4766 5.91 71.70 -19.03
C LEU A 4766 6.86 72.87 -18.97
N VAL A 4767 7.44 73.12 -17.79
CA VAL A 4767 8.40 74.22 -17.65
C VAL A 4767 9.60 73.99 -18.56
N LEU A 4768 10.11 72.76 -18.62
CA LEU A 4768 11.29 72.50 -19.43
C LEU A 4768 11.01 72.60 -20.92
N THR A 4769 9.83 72.16 -21.37
CA THR A 4769 9.53 72.27 -22.80
C THR A 4769 9.26 73.71 -23.19
N VAL A 4770 8.65 74.50 -22.30
CA VAL A 4770 8.50 75.93 -22.56
C VAL A 4770 9.87 76.60 -22.62
N GLY A 4771 10.80 76.14 -21.77
CA GLY A 4771 12.16 76.68 -21.84
C GLY A 4771 12.86 76.35 -23.14
N LEU A 4772 12.71 75.11 -23.61
CA LEU A 4772 13.30 74.75 -24.90
C LEU A 4772 12.68 75.56 -26.04
N LEU A 4773 11.37 75.80 -25.95
CA LEU A 4773 10.71 76.67 -26.93
C LEU A 4773 11.32 78.07 -26.90
N ALA A 4774 11.52 78.61 -25.70
CA ALA A 4774 12.13 79.93 -25.59
C ALA A 4774 13.53 79.96 -26.17
N VAL A 4775 14.31 78.89 -25.95
CA VAL A 4775 15.69 78.87 -26.41
C VAL A 4775 15.74 78.77 -27.95
N VAL A 4776 14.88 77.94 -28.53
CA VAL A 4776 14.90 77.84 -29.99
C VAL A 4776 14.35 79.11 -30.63
N VAL A 4777 13.36 79.75 -29.99
CA VAL A 4777 12.89 81.04 -30.48
C VAL A 4777 13.99 82.09 -30.37
N TYR A 4778 14.81 82.02 -29.33
CA TYR A 4778 15.94 82.94 -29.20
C TYR A 4778 16.99 82.68 -30.27
N LEU A 4779 17.20 81.41 -30.63
CA LEU A 4779 18.12 81.09 -31.72
C LEU A 4779 17.63 81.70 -33.03
N TYR A 4780 16.35 81.51 -33.35
CA TYR A 4780 15.79 82.12 -34.55
C TYR A 4780 15.84 83.65 -34.48
N THR A 4781 15.63 84.22 -33.29
CA THR A 4781 15.72 85.66 -33.13
C THR A 4781 17.11 86.17 -33.42
N VAL A 4782 18.13 85.48 -32.91
CA VAL A 4782 19.51 85.92 -33.14
C VAL A 4782 19.89 85.80 -34.60
N VAL A 4783 19.50 84.69 -35.25
CA VAL A 4783 19.89 84.55 -36.66
C VAL A 4783 19.14 85.55 -37.53
N ALA A 4784 17.88 85.88 -37.18
CA ALA A 4784 17.14 86.87 -37.94
C ALA A 4784 17.67 88.27 -37.69
N PHE A 4785 18.07 88.56 -36.45
CA PHE A 4785 18.66 89.86 -36.15
C PHE A 4785 19.99 90.04 -36.87
N ASN A 4786 20.75 88.96 -37.02
CA ASN A 4786 22.03 89.07 -37.72
C ASN A 4786 21.82 89.22 -39.22
N PHE A 4787 21.11 88.28 -39.85
CA PHE A 4787 21.03 88.22 -41.31
C PHE A 4787 19.78 88.91 -41.84
N PHE A 4788 18.61 88.45 -41.44
CA PHE A 4788 17.35 88.86 -42.06
C PHE A 4788 16.67 89.96 -41.26
N ARG A 4789 17.38 91.08 -41.09
CA ARG A 4789 16.86 92.18 -40.30
C ARG A 4789 16.09 93.21 -41.12
N LYS A 4790 16.16 93.14 -42.46
CA LYS A 4790 15.48 94.09 -43.33
C LYS A 4790 14.07 93.66 -43.69
N PHE A 4791 13.65 92.46 -43.31
CA PHE A 4791 12.31 91.97 -43.61
C PHE A 4791 11.30 92.27 -42.51
N TYR A 4792 11.76 92.67 -41.33
CA TYR A 4792 10.88 92.93 -40.18
C TYR A 4792 10.41 94.38 -40.16
N ASN A 4793 9.80 94.81 -41.27
CA ASN A 4793 9.24 96.16 -41.39
C ASN A 4793 7.72 96.04 -41.27
N LYS A 4794 7.22 96.18 -40.06
CA LYS A 4794 5.78 96.05 -39.79
C LYS A 4794 5.07 97.39 -39.98
N SER A 4795 5.06 97.85 -41.23
CA SER A 4795 4.39 99.09 -41.60
C SER A 4795 3.78 98.93 -42.99
N GLU A 4796 2.71 99.68 -43.23
CA GLU A 4796 2.02 99.65 -44.52
C GLU A 4796 2.19 100.94 -45.32
N ASP A 4797 2.17 102.09 -44.66
CA ASP A 4797 2.42 103.36 -45.32
C ASP A 4797 3.60 104.10 -44.73
N GLY A 4798 3.78 104.05 -43.42
CA GLY A 4798 4.88 104.72 -42.77
C GLY A 4798 4.74 106.22 -42.74
N ASP A 4799 5.69 106.94 -43.35
CA ASP A 4799 6.82 106.30 -44.03
C ASP A 4799 7.94 105.94 -43.05
N THR A 4800 7.71 106.24 -41.78
CA THR A 4800 8.64 105.85 -40.73
C THR A 4800 8.63 104.35 -40.55
N PRO A 4801 9.71 103.64 -40.87
CA PRO A 4801 9.69 102.17 -40.77
C PRO A 4801 9.62 101.72 -39.31
N ASP A 4802 8.65 100.86 -39.02
CA ASP A 4802 8.52 100.27 -37.68
C ASP A 4802 9.29 98.96 -37.63
N MET A 4803 10.62 99.10 -37.73
CA MET A 4803 11.51 97.95 -37.74
C MET A 4803 11.47 97.22 -36.40
N LYS A 4804 10.92 96.01 -36.40
CA LYS A 4804 10.84 95.19 -35.20
C LYS A 4804 12.11 94.39 -34.96
N CYS A 4805 13.16 94.62 -35.75
CA CYS A 4805 14.38 93.82 -35.67
C CYS A 4805 15.61 94.68 -35.42
N ASP A 4806 15.45 95.99 -35.24
CA ASP A 4806 16.59 96.86 -34.93
C ASP A 4806 16.96 96.82 -33.46
N ASP A 4807 16.58 95.75 -32.75
CA ASP A 4807 16.84 95.60 -31.32
C ASP A 4807 16.68 94.13 -30.97
N MET A 4808 17.63 93.58 -30.20
CA MET A 4808 17.52 92.17 -29.82
C MET A 4808 16.31 91.91 -28.92
N LEU A 4809 16.12 92.71 -27.87
CA LEU A 4809 15.01 92.42 -26.98
C LEU A 4809 13.67 92.61 -27.68
N THR A 4810 13.57 93.66 -28.52
CA THR A 4810 12.34 93.88 -29.28
C THR A 4810 12.10 92.75 -30.27
N CYS A 4811 13.15 92.29 -30.95
CA CYS A 4811 12.99 91.23 -31.94
C CYS A 4811 12.63 89.90 -31.27
N TYR A 4812 13.23 89.61 -30.12
CA TYR A 4812 12.90 88.39 -29.40
C TYR A 4812 11.46 88.44 -28.88
N MET A 4813 11.04 89.60 -28.36
CA MET A 4813 9.67 89.73 -27.91
C MET A 4813 8.69 89.57 -29.07
N PHE A 4814 8.98 90.23 -30.19
CA PHE A 4814 8.13 90.12 -31.37
C PHE A 4814 8.04 88.68 -31.85
N HIS A 4815 9.18 87.99 -31.90
CA HIS A 4815 9.19 86.59 -32.29
C HIS A 4815 8.31 85.75 -31.37
N MET A 4816 8.66 85.71 -30.08
CA MET A 4816 7.95 84.82 -29.17
C MET A 4816 6.49 85.25 -28.99
N TYR A 4817 6.10 86.43 -29.48
CA TYR A 4817 4.71 86.86 -29.41
C TYR A 4817 3.92 86.60 -30.68
N VAL A 4818 4.54 86.68 -31.86
CA VAL A 4818 3.83 86.60 -33.12
C VAL A 4818 4.09 85.26 -33.82
N GLY A 4819 5.35 84.84 -33.91
CA GLY A 4819 5.65 83.64 -34.66
C GLY A 4819 5.14 82.36 -34.01
N VAL A 4820 4.91 82.38 -32.70
CA VAL A 4820 4.43 81.17 -32.03
C VAL A 4820 2.92 81.04 -32.17
N ARG A 4821 2.19 82.16 -32.21
CA ARG A 4821 0.74 82.14 -32.30
C ARG A 4821 0.22 82.33 -33.72
N ALA A 4822 1.11 82.58 -34.69
CA ALA A 4822 0.64 82.85 -36.05
C ALA A 4822 0.01 81.61 -36.70
N GLY A 4823 0.23 80.43 -36.14
CA GLY A 4823 -0.32 79.21 -36.69
C GLY A 4823 0.28 78.77 -38.02
N GLY A 4824 1.13 79.59 -38.62
CA GLY A 4824 1.74 79.23 -39.89
C GLY A 4824 3.19 79.66 -39.99
N GLY A 4825 3.90 79.62 -38.87
CA GLY A 4825 5.27 80.10 -38.87
C GLY A 4825 5.36 81.58 -38.56
N ILE A 4826 6.39 82.22 -39.12
CA ILE A 4826 6.62 83.63 -38.91
C ILE A 4826 6.59 84.44 -40.20
N GLY A 4827 6.82 83.80 -41.35
CA GLY A 4827 6.88 84.49 -42.63
C GLY A 4827 5.53 84.78 -43.27
N ASP A 4828 4.43 84.34 -42.65
CA ASP A 4828 3.12 84.67 -43.20
C ASP A 4828 2.70 86.05 -42.74
N GLU A 4829 3.49 86.66 -41.84
CA GLU A 4829 3.23 87.97 -41.28
C GLU A 4829 4.31 89.00 -41.57
N ILE A 4830 5.50 88.58 -41.98
CA ILE A 4830 6.54 89.50 -42.43
C ILE A 4830 6.74 89.34 -43.93
N GLU A 4831 7.40 90.33 -44.53
CA GLU A 4831 7.42 90.43 -45.98
C GLU A 4831 8.18 89.29 -46.63
N ASP A 4832 7.69 88.85 -47.79
CA ASP A 4832 8.31 87.76 -48.51
C ASP A 4832 9.60 88.23 -49.17
N PRO A 4833 10.59 87.34 -49.35
CA PRO A 4833 11.86 87.76 -49.94
C PRO A 4833 11.74 88.25 -51.37
N ALA A 4834 11.20 87.39 -52.24
CA ALA A 4834 10.98 87.71 -53.66
C ALA A 4834 12.26 88.23 -54.33
N GLY A 4835 13.42 87.81 -53.83
CA GLY A 4835 14.68 88.26 -54.37
C GLY A 4835 15.80 87.25 -54.21
N ASP A 4836 16.53 86.99 -55.30
CA ASP A 4836 17.59 85.97 -55.29
C ASP A 4836 18.89 86.52 -54.72
N GLU A 4837 18.78 87.00 -53.49
CA GLU A 4837 19.94 87.36 -52.67
C GLU A 4837 19.97 86.61 -51.36
N TYR A 4838 18.80 86.34 -50.78
CA TYR A 4838 18.70 85.52 -49.58
C TYR A 4838 17.43 84.65 -49.57
N GLU A 4839 16.81 84.39 -50.73
CA GLU A 4839 15.49 83.76 -50.69
C GLU A 4839 15.57 82.34 -50.17
N ILE A 4840 16.58 81.58 -50.58
CA ILE A 4840 16.64 80.17 -50.19
C ILE A 4840 16.91 80.05 -48.70
N TYR A 4841 17.81 80.87 -48.16
CA TYR A 4841 18.09 80.84 -46.73
C TYR A 4841 16.88 81.31 -45.94
N ARG A 4842 16.15 82.30 -46.46
CA ARG A 4842 14.94 82.77 -45.80
C ARG A 4842 13.86 81.69 -45.80
N ILE A 4843 13.72 80.99 -46.92
CA ILE A 4843 12.77 79.90 -47.04
C ILE A 4843 13.10 78.80 -46.05
N ILE A 4844 14.38 78.39 -45.99
CA ILE A 4844 14.78 77.37 -45.04
C ILE A 4844 14.53 77.83 -43.61
N PHE A 4845 14.80 79.10 -43.32
CA PHE A 4845 14.52 79.67 -42.01
C PHE A 4845 13.04 79.49 -41.64
N ASP A 4846 12.13 79.80 -42.56
CA ASP A 4846 10.71 79.73 -42.22
C ASP A 4846 10.20 78.29 -42.14
N ILE A 4847 10.65 77.41 -43.02
CA ILE A 4847 10.19 76.02 -42.89
C ILE A 4847 10.73 75.40 -41.61
N THR A 4848 11.98 75.71 -41.25
CA THR A 4848 12.52 75.23 -39.98
C THR A 4848 11.75 75.81 -38.80
N PHE A 4849 11.38 77.09 -38.87
CA PHE A 4849 10.60 77.69 -37.79
C PHE A 4849 9.23 77.02 -37.67
N PHE A 4850 8.50 76.95 -38.79
CA PHE A 4850 7.18 76.35 -38.79
C PHE A 4850 7.22 74.88 -38.41
N PHE A 4851 8.36 74.21 -38.61
CA PHE A 4851 8.57 72.87 -38.08
C PHE A 4851 8.76 72.87 -36.57
N PHE A 4852 9.90 73.38 -36.12
CA PHE A 4852 10.34 73.14 -34.75
C PHE A 4852 9.47 73.89 -33.76
N VAL A 4853 9.07 75.11 -34.09
CA VAL A 4853 8.32 75.93 -33.13
C VAL A 4853 6.82 75.69 -33.20
N ILE A 4854 6.26 75.48 -34.40
CA ILE A 4854 4.81 75.43 -34.54
C ILE A 4854 4.29 74.01 -34.45
N VAL A 4855 4.73 73.14 -35.36
CA VAL A 4855 4.16 71.80 -35.49
C VAL A 4855 4.95 70.78 -34.68
N ILE A 4856 5.86 71.21 -33.81
CA ILE A 4856 6.57 70.27 -32.94
C ILE A 4856 6.41 70.66 -31.48
N LEU A 4857 6.96 71.82 -31.11
CA LEU A 4857 7.08 72.15 -29.69
C LEU A 4857 5.73 72.53 -29.10
N LEU A 4858 4.97 73.38 -29.79
CA LEU A 4858 3.60 73.63 -29.36
C LEU A 4858 2.79 72.33 -29.32
N ALA A 4859 2.98 71.47 -30.33
CA ALA A 4859 2.29 70.19 -30.33
C ALA A 4859 2.70 69.34 -29.15
N ILE A 4860 3.99 69.33 -28.80
CA ILE A 4860 4.45 68.56 -27.65
C ILE A 4860 3.82 69.09 -26.36
N ILE A 4861 3.71 70.41 -26.24
CA ILE A 4861 3.11 71.00 -25.03
C ILE A 4861 1.63 70.65 -24.96
N GLN A 4862 0.93 70.81 -26.08
CA GLN A 4862 -0.48 70.45 -26.15
C GLN A 4862 -0.69 68.98 -25.79
N GLY A 4863 0.19 68.11 -26.29
CA GLY A 4863 0.10 66.70 -25.95
C GLY A 4863 0.39 66.45 -24.48
N LEU A 4864 1.30 67.23 -23.90
CA LEU A 4864 1.59 67.08 -22.49
C LEU A 4864 0.36 67.35 -21.64
N ILE A 4865 -0.32 68.47 -21.90
CA ILE A 4865 -1.54 68.75 -21.13
C ILE A 4865 -2.62 67.69 -21.42
N ILE A 4866 -2.82 67.32 -22.69
CA ILE A 4866 -3.93 66.40 -22.98
C ILE A 4866 -3.64 65.01 -22.41
N ASP A 4867 -2.39 64.56 -22.47
CA ASP A 4867 -2.05 63.26 -21.90
C ASP A 4867 -2.09 63.29 -20.38
N ALA A 4868 -1.75 64.41 -19.76
CA ALA A 4868 -1.94 64.51 -18.31
C ALA A 4868 -3.42 64.40 -17.95
N PHE A 4869 -4.27 65.11 -18.70
CA PHE A 4869 -5.71 65.04 -18.47
C PHE A 4869 -6.23 63.61 -18.65
N GLY A 4870 -5.80 62.95 -19.73
CA GLY A 4870 -6.23 61.59 -19.97
C GLY A 4870 -5.74 60.62 -18.92
N GLU A 4871 -4.51 60.80 -18.44
CA GLU A 4871 -3.98 59.93 -17.40
C GLU A 4871 -4.74 60.13 -16.09
N LEU A 4872 -5.08 61.36 -15.74
CA LEU A 4872 -5.86 61.60 -14.53
C LEU A 4872 -7.23 60.95 -14.63
N ARG A 4873 -7.90 61.12 -15.79
CA ARG A 4873 -9.20 60.50 -15.99
C ARG A 4873 -9.10 58.98 -15.93
N ASP A 4874 -8.05 58.41 -16.52
CA ASP A 4874 -7.90 56.96 -16.53
C ASP A 4874 -7.62 56.45 -15.12
N GLN A 4875 -6.84 57.19 -14.33
CA GLN A 4875 -6.62 56.79 -12.94
C GLN A 4875 -7.92 56.81 -12.15
N GLN A 4876 -8.75 57.83 -12.38
CA GLN A 4876 -10.03 57.90 -11.69
C GLN A 4876 -10.93 56.70 -12.05
N GLU A 4877 -11.06 56.43 -13.35
CA GLU A 4877 -11.91 55.32 -13.76
C GLU A 4877 -11.31 53.97 -13.36
N GLN A 4878 -9.98 53.87 -13.25
CA GLN A 4878 -9.38 52.62 -12.79
C GLN A 4878 -9.64 52.42 -11.31
N VAL A 4879 -9.56 53.48 -10.51
CA VAL A 4879 -9.95 53.38 -9.11
C VAL A 4879 -11.39 52.93 -8.99
N LYS A 4880 -12.28 53.50 -9.82
CA LYS A 4880 -13.68 53.09 -9.78
C LYS A 4880 -13.85 51.62 -10.15
N GLU A 4881 -13.16 51.18 -11.21
CA GLU A 4881 -13.28 49.79 -11.64
C GLU A 4881 -12.71 48.83 -10.60
N ASP A 4882 -11.64 49.22 -9.91
CA ASP A 4882 -11.09 48.36 -8.87
C ASP A 4882 -12.01 48.29 -7.67
N MET A 4883 -12.66 49.40 -7.33
CA MET A 4883 -13.63 49.37 -6.24
C MET A 4883 -14.86 48.56 -6.61
N GLU A 4884 -15.19 48.49 -7.90
CA GLU A 4884 -16.39 47.79 -8.32
C GLU A 4884 -16.16 46.30 -8.57
N THR A 4885 -14.98 45.90 -9.04
CA THR A 4885 -14.72 44.52 -9.42
C THR A 4885 -13.54 43.92 -8.65
N LYS A 4886 -13.35 44.33 -7.40
CA LYS A 4886 -12.29 43.78 -6.58
C LYS A 4886 -12.55 44.15 -5.12
N CYS A 4887 -12.26 43.24 -4.21
CA CYS A 4887 -12.45 43.49 -2.80
C CYS A 4887 -11.31 44.34 -2.26
N PHE A 4888 -11.64 45.19 -1.27
CA PHE A 4888 -10.63 46.08 -0.70
C PHE A 4888 -9.74 45.34 0.29
N ILE A 4889 -10.33 44.58 1.21
CA ILE A 4889 -9.56 43.97 2.28
C ILE A 4889 -8.71 42.83 1.74
N CYS A 4890 -9.36 41.80 1.20
CA CYS A 4890 -8.65 40.62 0.72
C CYS A 4890 -8.16 40.80 -0.71
N GLY A 4891 -9.03 41.28 -1.60
CA GLY A 4891 -8.64 41.43 -3.00
C GLY A 4891 -8.48 40.13 -3.73
N ILE A 4892 -9.31 39.13 -3.39
CA ILE A 4892 -9.24 37.85 -4.09
C ILE A 4892 -9.60 38.02 -5.56
N GLY A 4893 -10.56 38.87 -5.85
CA GLY A 4893 -11.00 39.10 -7.20
C GLY A 4893 -12.50 39.13 -7.27
N ASN A 4894 -13.03 39.16 -8.48
CA ASN A 4894 -14.47 39.14 -8.70
C ASN A 4894 -15.00 37.81 -9.18
N ASP A 4895 -14.30 37.16 -10.11
CA ASP A 4895 -14.81 35.94 -10.72
C ASP A 4895 -14.98 34.81 -9.70
N TYR A 4896 -14.17 34.82 -8.64
CA TYR A 4896 -14.33 33.80 -7.61
C TYR A 4896 -15.68 33.89 -6.94
N PHE A 4897 -16.14 35.11 -6.65
CA PHE A 4897 -17.45 35.31 -6.05
C PHE A 4897 -18.58 35.35 -7.07
N ASP A 4898 -18.26 35.48 -8.38
CA ASP A 4898 -19.30 35.45 -9.41
C ASP A 4898 -19.72 34.01 -9.71
N THR A 4899 -20.10 33.29 -8.66
CA THR A 4899 -20.60 31.92 -8.82
C THR A 4899 -22.04 31.78 -8.39
N VAL A 4900 -22.40 32.26 -7.21
CA VAL A 4900 -23.79 32.30 -6.78
C VAL A 4900 -24.35 33.66 -7.20
N PRO A 4901 -25.67 33.82 -7.31
CA PRO A 4901 -26.22 35.13 -7.67
C PRO A 4901 -25.96 36.16 -6.57
N HIS A 4902 -25.59 37.37 -7.00
CA HIS A 4902 -25.28 38.49 -6.11
C HIS A 4902 -24.13 38.17 -5.17
N GLY A 4903 -23.25 37.26 -5.61
CA GLY A 4903 -22.21 36.74 -4.72
C GLY A 4903 -21.24 37.81 -4.27
N PHE A 4904 -20.62 38.50 -5.23
CA PHE A 4904 -19.63 39.51 -4.89
C PHE A 4904 -20.25 40.67 -4.13
N GLU A 4905 -21.48 41.05 -4.49
CA GLU A 4905 -22.13 42.16 -3.79
C GLU A 4905 -22.41 41.79 -2.33
N THR A 4906 -22.92 40.58 -2.08
CA THR A 4906 -23.13 40.16 -0.70
C THR A 4906 -21.81 39.99 0.04
N HIS A 4907 -20.75 39.55 -0.65
CA HIS A 4907 -19.45 39.40 0.00
C HIS A 4907 -18.89 40.75 0.41
N THR A 4908 -19.10 41.78 -0.40
CA THR A 4908 -18.61 43.12 -0.10
C THR A 4908 -19.52 43.90 0.83
N LEU A 4909 -20.79 43.52 0.96
CA LEU A 4909 -21.70 44.26 1.84
C LEU A 4909 -21.91 43.58 3.19
N GLN A 4910 -21.59 42.30 3.32
CA GLN A 4910 -21.82 41.58 4.57
C GLN A 4910 -20.53 41.06 5.19
N GLU A 4911 -19.67 40.40 4.40
CA GLU A 4911 -18.51 39.73 4.98
C GLU A 4911 -17.33 40.68 5.16
N HIS A 4912 -17.01 41.46 4.13
CA HIS A 4912 -15.81 42.29 4.17
C HIS A 4912 -16.13 43.77 4.04
N ASN A 4913 -17.13 44.23 4.79
CA ASN A 4913 -17.53 45.63 4.73
C ASN A 4913 -16.55 46.51 5.49
N LEU A 4914 -16.06 47.56 4.82
CA LEU A 4914 -15.16 48.50 5.48
C LEU A 4914 -15.86 49.22 6.62
N ALA A 4915 -17.14 49.54 6.44
CA ALA A 4915 -17.91 50.11 7.54
C ALA A 4915 -17.99 49.13 8.71
N ASN A 4916 -18.12 47.83 8.41
CA ASN A 4916 -18.13 46.84 9.47
C ASN A 4916 -16.79 46.79 10.21
N TYR A 4917 -15.69 46.87 9.47
CA TYR A 4917 -14.37 46.87 10.10
C TYR A 4917 -14.20 48.10 10.99
N LEU A 4918 -14.63 49.26 10.51
CA LEU A 4918 -14.53 50.48 11.29
C LEU A 4918 -15.39 50.39 12.56
N PHE A 4919 -16.60 49.86 12.42
CA PHE A 4919 -17.46 49.70 13.59
C PHE A 4919 -16.88 48.69 14.58
N PHE A 4920 -16.19 47.67 14.07
CA PHE A 4920 -15.54 46.72 14.97
C PHE A 4920 -14.39 47.36 15.73
N LEU A 4921 -13.62 48.22 15.06
CA LEU A 4921 -12.56 48.94 15.76
C LEU A 4921 -13.14 49.88 16.81
N MET A 4922 -14.23 50.58 16.48
CA MET A 4922 -14.88 51.44 17.45
C MET A 4922 -15.42 50.63 18.63
N TYR A 4923 -15.95 49.45 18.36
CA TYR A 4923 -16.46 48.58 19.41
C TYR A 4923 -15.34 48.09 20.31
N LEU A 4924 -14.19 47.75 19.74
CA LEU A 4924 -13.05 47.36 20.55
C LEU A 4924 -12.57 48.52 21.41
N ILE A 4925 -12.59 49.74 20.87
CA ILE A 4925 -12.14 50.89 21.64
C ILE A 4925 -13.10 51.18 22.79
N ASN A 4926 -14.41 51.06 22.55
CA ASN A 4926 -15.41 51.32 23.57
C ASN A 4926 -15.93 50.03 24.21
N LYS A 4927 -15.11 48.99 24.24
CA LYS A 4927 -15.52 47.68 24.74
C LYS A 4927 -15.27 47.49 26.24
N ASP A 4928 -14.53 48.38 26.89
CA ASP A 4928 -14.24 48.27 28.32
C ASP A 4928 -13.54 46.96 28.63
N GLU A 4929 -12.29 46.88 28.17
CA GLU A 4929 -11.48 45.67 28.21
C GLU A 4929 -11.43 45.03 29.60
N THR A 4930 -10.98 43.78 29.65
CA THR A 4930 -11.21 42.76 30.68
C THR A 4930 -12.56 42.11 30.46
N GLU A 4931 -13.32 42.56 29.45
CA GLU A 4931 -14.52 41.88 29.00
C GLU A 4931 -14.41 41.42 27.56
N HIS A 4932 -13.26 41.60 26.92
CA HIS A 4932 -13.06 41.13 25.55
C HIS A 4932 -13.12 39.61 25.49
N THR A 4933 -13.61 39.11 24.36
CA THR A 4933 -13.52 37.68 24.09
C THR A 4933 -12.10 37.34 23.64
N GLY A 4934 -11.88 36.08 23.27
CA GLY A 4934 -10.56 35.69 22.82
C GLY A 4934 -10.15 36.40 21.54
N GLN A 4935 -10.99 36.33 20.51
CA GLN A 4935 -10.69 36.97 19.24
C GLN A 4935 -10.61 38.49 19.39
N GLU A 4936 -11.53 39.07 20.17
CA GLU A 4936 -11.51 40.52 20.37
C GLU A 4936 -10.25 40.97 21.07
N SER A 4937 -9.84 40.25 22.12
CA SER A 4937 -8.61 40.60 22.82
C SER A 4937 -7.39 40.40 21.94
N TYR A 4938 -7.40 39.37 21.09
CA TYR A 4938 -6.29 39.15 20.17
C TYR A 4938 -6.17 40.30 19.17
N VAL A 4939 -7.30 40.70 18.59
CA VAL A 4939 -7.28 41.80 17.63
C VAL A 4939 -6.88 43.11 18.31
N TRP A 4940 -7.34 43.31 19.55
CA TRP A 4940 -6.97 44.52 20.28
C TRP A 4940 -5.47 44.53 20.61
N LYS A 4941 -4.91 43.38 20.95
CA LYS A 4941 -3.47 43.31 21.20
C LYS A 4941 -2.69 43.58 19.93
N MET A 4942 -3.15 43.05 18.79
CA MET A 4942 -2.48 43.33 17.53
C MET A 4942 -2.57 44.80 17.18
N TYR A 4943 -3.72 45.43 17.42
CA TYR A 4943 -3.89 46.84 17.11
C TYR A 4943 -3.04 47.71 18.02
N GLN A 4944 -2.88 47.30 19.28
CA GLN A 4944 -2.04 48.06 20.20
C GLN A 4944 -0.57 47.93 19.84
N GLU A 4945 -0.13 46.74 19.46
CA GLU A 4945 1.24 46.55 19.03
C GLU A 4945 1.48 46.96 17.59
N ARG A 4946 0.45 47.41 16.87
CA ARG A 4946 0.57 47.95 15.53
C ARG A 4946 1.20 46.93 14.58
N CYS A 4947 0.45 45.86 14.33
CA CYS A 4947 0.92 44.77 13.50
C CYS A 4947 0.00 44.51 12.29
N TRP A 4948 -1.31 44.41 12.51
CA TRP A 4948 -2.29 44.31 11.44
C TRP A 4948 -2.11 43.04 10.60
N GLU A 4949 -1.72 41.94 11.25
CA GLU A 4949 -1.76 40.65 10.58
C GLU A 4949 -3.11 39.97 10.70
N PHE A 4950 -4.05 40.56 11.42
CA PHE A 4950 -5.39 40.00 11.56
C PHE A 4950 -6.29 40.31 10.38
N PHE A 4951 -5.83 41.10 9.40
CA PHE A 4951 -6.61 41.32 8.20
C PHE A 4951 -6.41 40.16 7.23
N PRO A 4952 -7.48 39.67 6.59
CA PRO A 4952 -7.32 38.57 5.64
C PRO A 4952 -6.60 39.03 4.37
N ALA A 4953 -5.35 38.61 4.21
CA ALA A 4953 -4.54 39.09 3.10
C ALA A 4953 -4.94 38.43 1.78
N GLY A 4954 -4.81 37.11 1.70
CA GLY A 4954 -5.14 36.40 0.49
C GLY A 4954 -6.02 35.19 0.71
N ASP A 4955 -6.94 35.29 1.67
CA ASP A 4955 -7.84 34.19 1.97
C ASP A 4955 -9.11 34.77 2.59
N CYS A 4956 -10.16 33.95 2.60
CA CYS A 4956 -11.42 34.34 3.19
C CYS A 4956 -12.13 33.10 3.69
N PHE A 4957 -13.32 33.30 4.27
CA PHE A 4957 -14.09 32.18 4.81
C PHE A 4957 -14.49 31.20 3.72
N ARG A 4958 -14.88 31.72 2.55
CA ARG A 4958 -15.31 30.85 1.47
C ARG A 4958 -14.14 30.07 0.87
N LYS A 4959 -12.97 30.69 0.79
CA LYS A 4959 -11.78 29.99 0.31
C LYS A 4959 -11.21 29.03 1.35
N GLN A 4960 -11.54 29.23 2.62
CA GLN A 4960 -11.03 28.38 3.69
C GLN A 4960 -11.91 27.16 3.94
N TYR A 4961 -13.21 27.33 3.94
CA TYR A 4961 -14.15 26.26 4.25
C TYR A 4961 -15.09 26.03 3.08
N GLU A 4962 -16.11 25.19 3.29
CA GLU A 4962 -17.10 24.90 2.27
C GLU A 4962 -18.24 25.92 2.33
N GLY B 70 4.74 19.89 128.33
CA GLY B 70 5.78 20.14 127.35
C GLY B 70 6.03 21.62 127.11
N VAL B 71 5.16 22.45 127.68
CA VAL B 71 5.26 23.90 127.53
C VAL B 71 6.10 24.46 128.67
N GLU B 72 7.01 25.38 128.33
CA GLU B 72 7.87 26.03 129.31
C GLU B 72 7.98 27.50 128.94
N ILE B 73 8.89 28.21 129.60
CA ILE B 73 9.08 29.64 129.37
C ILE B 73 10.47 30.01 129.85
N GLU B 74 11.13 30.91 129.11
CA GLU B 74 12.42 31.45 129.52
C GLU B 74 12.36 32.96 129.37
N THR B 75 12.39 33.69 130.49
CA THR B 75 12.23 35.13 130.45
C THR B 75 13.40 35.79 129.72
N ILE B 76 13.09 36.60 128.72
CA ILE B 76 14.09 37.36 127.99
C ILE B 76 14.15 38.79 128.46
N SER B 77 13.00 39.38 128.80
CA SER B 77 12.90 40.72 129.36
C SER B 77 11.64 40.83 130.20
N PRO B 78 11.77 41.15 131.49
CA PRO B 78 10.58 41.19 132.36
C PRO B 78 9.62 42.28 131.92
N GLY B 79 8.33 42.00 132.10
CA GLY B 79 7.28 42.91 131.69
C GLY B 79 6.39 43.38 132.82
N ASP B 80 7.03 43.73 133.95
CA ASP B 80 6.50 44.34 135.17
C ASP B 80 5.68 43.34 135.99
N GLY B 81 5.44 42.16 135.43
CA GLY B 81 4.86 41.02 136.12
C GLY B 81 3.68 41.30 137.02
N ARG B 82 2.79 42.20 136.61
CA ARG B 82 1.63 42.55 137.42
C ARG B 82 0.31 42.24 136.73
N THR B 83 0.18 42.57 135.44
CA THR B 83 -1.02 42.25 134.67
C THR B 83 -0.76 41.02 133.80
N PHE B 84 -1.78 40.17 133.68
CA PHE B 84 -1.66 38.92 132.96
C PHE B 84 -2.90 38.70 132.12
N PRO B 85 -2.76 38.06 130.96
CA PRO B 85 -3.94 37.76 130.14
C PRO B 85 -4.87 36.78 130.83
N LYS B 86 -6.17 36.99 130.62
CA LYS B 86 -7.21 36.16 131.20
C LYS B 86 -8.09 35.61 130.09
N LYS B 87 -8.93 34.64 130.45
CA LYS B 87 -9.79 33.99 129.47
C LYS B 87 -10.85 34.95 128.96
N GLY B 88 -11.00 35.02 127.64
CA GLY B 88 -12.03 35.86 127.04
C GLY B 88 -11.52 37.23 126.63
N GLN B 89 -10.30 37.29 126.10
CA GLN B 89 -9.70 38.55 125.68
C GLN B 89 -9.00 38.36 124.35
N THR B 90 -8.89 39.46 123.59
CA THR B 90 -8.19 39.47 122.31
C THR B 90 -6.82 40.10 122.55
N CYS B 91 -5.85 39.25 122.93
CA CYS B 91 -4.53 39.72 123.31
C CYS B 91 -3.65 39.90 122.08
N VAL B 92 -2.77 40.89 122.13
CA VAL B 92 -1.91 41.27 121.02
C VAL B 92 -0.49 40.84 121.34
N VAL B 93 0.03 39.92 120.55
CA VAL B 93 1.40 39.46 120.70
C VAL B 93 2.21 39.88 119.47
N HIS B 94 3.53 39.75 119.60
CA HIS B 94 4.48 40.00 118.52
C HIS B 94 5.52 38.91 118.65
N TYR B 95 5.40 37.87 117.84
CA TYR B 95 6.24 36.69 118.00
C TYR B 95 7.17 36.51 116.82
N THR B 96 8.22 35.74 117.06
CA THR B 96 9.18 35.36 116.01
C THR B 96 9.52 33.89 116.25
N GLY B 97 8.90 33.01 115.45
CA GLY B 97 9.12 31.60 115.63
C GLY B 97 10.36 31.10 114.91
N MET B 98 10.83 29.94 115.35
CA MET B 98 11.96 29.29 114.70
C MET B 98 11.98 27.82 115.11
N LEU B 99 12.63 27.01 114.28
CA LEU B 99 12.70 25.58 114.51
C LEU B 99 13.72 25.28 115.62
N GLN B 100 14.00 24.00 115.84
CA GLN B 100 14.94 23.63 116.89
C GLN B 100 16.36 24.03 116.54
N ASN B 101 16.76 23.83 115.28
CA ASN B 101 18.12 24.15 114.84
C ASN B 101 18.30 25.62 114.47
N GLY B 102 17.39 26.50 114.90
CA GLY B 102 17.52 27.92 114.66
C GLY B 102 16.97 28.39 113.34
N LYS B 103 16.55 27.48 112.45
CA LYS B 103 15.99 27.89 111.17
C LYS B 103 14.62 28.52 111.37
N LYS B 104 14.50 29.79 111.02
CA LYS B 104 13.25 30.52 111.20
C LYS B 104 12.19 30.03 110.22
N PHE B 105 11.01 29.70 110.74
CA PHE B 105 9.89 29.27 109.92
C PHE B 105 8.70 30.23 109.96
N ASP B 106 8.70 31.20 110.88
CA ASP B 106 7.59 32.13 111.01
C ASP B 106 8.08 33.35 111.79
N SER B 107 7.36 34.46 111.63
CA SER B 107 7.66 35.70 112.33
C SER B 107 6.45 36.61 112.23
N SER B 108 6.47 37.68 113.03
CA SER B 108 5.44 38.71 112.96
C SER B 108 5.99 40.11 112.74
N ARG B 109 7.27 40.35 113.01
CA ARG B 109 7.90 41.62 112.68
C ARG B 109 8.27 41.73 111.21
N ASP B 110 8.11 40.65 110.44
CA ASP B 110 8.39 40.70 109.02
C ASP B 110 7.31 41.48 108.28
N ARG B 111 6.05 41.11 108.46
CA ARG B 111 4.93 41.79 107.82
C ARG B 111 4.54 43.08 108.52
N ASN B 112 5.32 43.52 109.51
CA ASN B 112 5.12 44.77 110.24
C ASN B 112 3.78 44.86 110.95
N LYS B 113 3.06 43.74 111.08
CA LYS B 113 1.77 43.76 111.74
C LYS B 113 1.76 42.79 112.92
N PRO B 114 1.19 43.20 114.06
CA PRO B 114 1.15 42.30 115.23
C PRO B 114 0.20 41.13 115.02
N PHE B 115 0.07 40.26 116.01
CA PHE B 115 -0.80 39.09 115.93
C PHE B 115 -1.83 39.16 117.04
N LYS B 116 -3.09 39.32 116.68
CA LYS B 116 -4.18 39.39 117.64
C LYS B 116 -4.84 38.02 117.75
N PHE B 117 -4.94 37.49 118.97
CA PHE B 117 -5.52 36.17 119.16
C PHE B 117 -6.27 36.13 120.48
N ARG B 118 -7.30 35.30 120.52
CA ARG B 118 -8.10 35.12 121.72
C ARG B 118 -7.60 33.95 122.54
N ILE B 119 -7.69 34.08 123.87
CA ILE B 119 -7.22 33.06 124.79
C ILE B 119 -8.38 32.14 125.13
N GLY B 120 -8.15 30.83 125.03
CA GLY B 120 -9.15 29.85 125.39
C GLY B 120 -10.21 29.59 124.35
N LYS B 121 -10.02 30.06 123.12
CA LYS B 121 -10.98 29.84 122.05
C LYS B 121 -10.52 28.78 121.05
N GLN B 122 -9.38 28.13 121.30
CA GLN B 122 -8.89 27.02 120.50
C GLN B 122 -8.68 27.44 119.05
N GLU B 123 -7.97 28.55 118.86
CA GLU B 123 -7.63 29.04 117.54
C GLU B 123 -6.14 29.01 117.25
N VAL B 124 -5.28 29.10 118.26
CA VAL B 124 -3.84 29.00 118.08
C VAL B 124 -3.35 27.77 118.85
N ILE B 125 -2.10 27.36 118.54
CA ILE B 125 -1.53 26.17 119.13
C ILE B 125 -1.55 26.24 120.66
N LYS B 126 -1.70 25.06 121.28
CA LYS B 126 -1.70 24.97 122.73
C LYS B 126 -0.37 25.43 123.31
N GLY B 127 0.73 25.04 122.69
CA GLY B 127 2.04 25.47 123.16
C GLY B 127 2.25 26.97 123.13
N PHE B 128 1.43 27.68 122.35
CA PHE B 128 1.49 29.14 122.32
C PHE B 128 0.55 29.76 123.34
N GLU B 129 -0.70 29.30 123.41
CA GLU B 129 -1.64 29.92 124.33
C GLU B 129 -1.30 29.59 125.78
N GLU B 130 -0.98 28.34 126.08
CA GLU B 130 -0.60 27.94 127.43
C GLU B 130 0.72 28.54 127.87
N GLY B 131 1.51 29.08 126.94
CA GLY B 131 2.76 29.72 127.28
C GLY B 131 2.59 31.22 127.42
N ALA B 132 1.69 31.80 126.62
CA ALA B 132 1.37 33.22 126.75
C ALA B 132 0.50 33.48 127.97
N ALA B 133 -0.23 32.48 128.46
CA ALA B 133 -1.03 32.64 129.67
C ALA B 133 -0.17 32.81 130.92
N GLN B 134 1.15 32.73 130.82
CA GLN B 134 2.05 32.87 131.96
C GLN B 134 3.00 34.06 131.77
N MET B 135 2.58 35.06 131.01
CA MET B 135 3.40 36.23 130.72
C MET B 135 2.68 37.49 131.17
N SER B 136 3.40 38.62 131.07
CA SER B 136 2.88 39.92 131.47
C SER B 136 3.01 40.90 130.31
N LEU B 137 2.29 42.00 130.41
CA LEU B 137 2.29 43.01 129.35
C LEU B 137 3.67 43.65 129.23
N GLY B 138 4.22 43.65 128.02
CA GLY B 138 5.54 44.19 127.80
C GLY B 138 6.66 43.24 128.14
N GLN B 139 6.37 41.94 128.25
CA GLN B 139 7.37 40.94 128.58
C GLN B 139 7.77 40.18 127.33
N ARG B 140 9.06 39.91 127.21
CA ARG B 140 9.61 39.07 126.15
C ARG B 140 9.98 37.72 126.75
N ALA B 141 9.64 36.64 126.05
CA ALA B 141 9.95 35.30 126.52
C ALA B 141 10.37 34.43 125.34
N LYS B 142 11.04 33.33 125.68
CA LYS B 142 11.41 32.27 124.76
C LYS B 142 10.57 31.07 125.15
N LEU B 143 9.53 30.81 124.36
CA LEU B 143 8.66 29.67 124.58
C LEU B 143 9.17 28.48 123.80
N THR B 144 9.38 27.36 124.49
CA THR B 144 9.81 26.11 123.87
C THR B 144 8.66 25.13 123.87
N CYS B 145 8.40 24.51 122.74
CA CYS B 145 7.29 23.60 122.57
C CYS B 145 7.80 22.18 122.33
N THR B 146 6.88 21.26 122.20
CA THR B 146 7.14 19.87 121.86
C THR B 146 6.19 19.46 120.75
N PRO B 147 6.52 18.41 120.00
CA PRO B 147 5.61 18.00 118.91
C PRO B 147 4.20 17.69 119.38
N ASP B 148 4.05 16.94 120.47
CA ASP B 148 2.73 16.52 120.92
C ASP B 148 1.85 17.68 121.37
N VAL B 149 2.43 18.83 121.69
CA VAL B 149 1.64 19.99 122.06
C VAL B 149 1.52 21.00 120.92
N ALA B 150 2.44 20.97 119.95
CA ALA B 150 2.44 21.94 118.86
C ALA B 150 1.75 21.40 117.61
N TYR B 151 2.26 20.30 117.06
CA TYR B 151 1.68 19.75 115.83
C TYR B 151 1.55 18.25 115.81
N GLY B 152 2.18 17.51 116.72
CA GLY B 152 2.06 16.07 116.74
C GLY B 152 2.98 15.40 115.74
N ALA B 153 2.73 14.09 115.55
CA ALA B 153 3.54 13.31 114.63
C ALA B 153 3.25 13.63 113.18
N THR B 154 2.15 14.33 112.88
CA THR B 154 1.83 14.69 111.51
C THR B 154 2.41 16.03 111.09
N GLY B 155 2.65 16.93 112.05
CA GLY B 155 3.20 18.24 111.74
C GLY B 155 2.28 19.07 110.85
N HIS B 156 2.83 20.20 110.41
CA HIS B 156 2.12 21.07 109.49
C HIS B 156 2.55 20.74 108.07
N PRO B 157 1.62 20.37 107.19
CA PRO B 157 2.03 19.93 105.85
C PRO B 157 2.70 21.02 105.04
N GLY B 158 3.99 20.87 104.78
CA GLY B 158 4.70 21.81 103.93
C GLY B 158 5.76 22.64 104.64
N VAL B 159 5.43 23.12 105.84
CA VAL B 159 6.29 24.06 106.56
C VAL B 159 7.00 23.40 107.74
N ILE B 160 6.29 22.60 108.53
CA ILE B 160 6.82 22.02 109.75
C ILE B 160 7.11 20.54 109.51
N PRO B 161 8.30 20.06 109.79
CA PRO B 161 8.59 18.62 109.65
C PRO B 161 7.94 17.84 110.77
N PRO B 162 7.72 16.54 110.56
CA PRO B 162 7.11 15.73 111.64
C PRO B 162 8.03 15.65 112.85
N ASN B 163 7.43 15.73 114.04
CA ASN B 163 8.15 15.68 115.31
C ASN B 163 9.19 16.80 115.39
N ALA B 164 8.70 18.04 115.35
CA ALA B 164 9.54 19.22 115.39
C ALA B 164 9.22 20.03 116.64
N THR B 165 10.25 20.39 117.40
CA THR B 165 10.10 21.22 118.58
C THR B 165 10.27 22.68 118.17
N LEU B 166 9.28 23.50 118.48
CA LEU B 166 9.25 24.89 118.06
C LEU B 166 9.79 25.80 119.15
N ILE B 167 10.33 26.95 118.74
CA ILE B 167 10.87 27.95 119.64
C ILE B 167 10.36 29.31 119.19
N PHE B 168 9.68 30.02 120.09
CA PHE B 168 9.06 31.29 119.76
C PHE B 168 9.64 32.40 120.65
N ASP B 169 10.04 33.50 120.02
CA ASP B 169 10.36 34.75 120.72
C ASP B 169 9.07 35.54 120.81
N VAL B 170 8.36 35.35 121.92
CA VAL B 170 7.04 35.96 122.11
C VAL B 170 7.21 37.25 122.92
N GLU B 171 6.88 38.39 122.33
CA GLU B 171 6.89 39.67 123.00
C GLU B 171 5.46 40.17 123.11
N LEU B 172 4.99 40.40 124.34
CA LEU B 172 3.60 40.77 124.56
C LEU B 172 3.41 42.26 124.28
N LEU B 173 2.60 42.59 123.28
CA LEU B 173 2.45 43.98 122.88
C LEU B 173 1.34 44.68 123.66
N ASN B 174 0.12 44.13 123.63
CA ASN B 174 -1.02 44.77 124.26
C ASN B 174 -1.98 43.72 124.78
N LEU B 175 -2.81 44.13 125.74
CA LEU B 175 -3.80 43.27 126.37
C LEU B 175 -5.17 43.91 126.21
N GLU B 176 -6.09 43.21 125.54
CA GLU B 176 -7.44 43.72 125.35
C GLU B 176 -8.46 42.77 125.98
N ILE C 11 21.75 -20.15 -20.75
CA ILE C 11 21.61 -18.88 -21.44
C ILE C 11 22.82 -17.97 -21.24
N GLN C 12 23.59 -18.19 -20.16
CA GLN C 12 24.80 -17.40 -19.98
C GLN C 12 25.87 -17.87 -20.96
N PHE C 13 26.33 -16.95 -21.81
CA PHE C 13 27.27 -17.27 -22.87
C PHE C 13 28.69 -17.22 -22.33
N LEU C 14 29.48 -18.24 -22.67
CA LEU C 14 30.86 -18.29 -22.19
C LEU C 14 31.67 -17.15 -22.80
N ARG C 15 32.18 -16.28 -21.94
CA ARG C 15 33.02 -15.17 -22.36
C ARG C 15 34.49 -15.59 -22.28
N THR C 16 35.38 -14.61 -22.40
CA THR C 16 36.82 -14.83 -22.30
C THR C 16 37.28 -14.45 -20.90
N ASP C 17 38.34 -15.13 -20.42
CA ASP C 17 38.93 -14.89 -19.10
C ASP C 17 37.96 -15.33 -17.99
N ASP C 18 37.51 -16.58 -18.08
CA ASP C 18 36.62 -17.18 -17.10
C ASP C 18 37.06 -18.60 -16.79
N GLU C 19 37.08 -18.96 -15.51
CA GLU C 19 37.35 -20.34 -15.13
C GLU C 19 36.17 -21.22 -15.51
N VAL C 20 36.45 -22.31 -16.21
CA VAL C 20 35.48 -23.33 -16.54
C VAL C 20 36.04 -24.69 -16.11
N VAL C 21 35.25 -25.73 -16.30
CA VAL C 21 35.64 -27.09 -15.96
C VAL C 21 35.23 -28.03 -17.09
N LEU C 22 36.18 -28.83 -17.57
CA LEU C 22 35.93 -29.75 -18.67
C LEU C 22 35.47 -31.08 -18.10
N GLN C 23 34.16 -31.26 -18.00
CA GLN C 23 33.56 -32.46 -17.44
C GLN C 23 33.09 -33.39 -18.56
N CYS C 24 32.93 -34.66 -18.21
CA CYS C 24 32.44 -35.67 -19.15
C CYS C 24 31.88 -36.83 -18.35
N THR C 25 31.12 -37.68 -19.04
CA THR C 25 30.47 -38.83 -18.42
C THR C 25 31.24 -40.10 -18.75
N ALA C 26 31.22 -41.06 -17.84
CA ALA C 26 31.86 -42.35 -18.08
C ALA C 26 31.06 -43.45 -17.41
N THR C 27 30.70 -44.47 -18.18
CA THR C 27 29.95 -45.63 -17.68
C THR C 27 30.88 -46.83 -17.69
N ILE C 28 31.37 -47.21 -16.51
CA ILE C 28 32.18 -48.41 -16.34
C ILE C 28 31.49 -49.27 -15.28
N HIS C 29 31.50 -50.59 -15.48
CA HIS C 29 30.78 -51.53 -14.59
C HIS C 29 29.27 -51.31 -14.63
N LYS C 30 28.74 -50.93 -15.80
CA LYS C 30 27.36 -50.44 -15.90
C LYS C 30 27.13 -49.29 -14.93
N GLU C 31 28.14 -48.46 -14.73
CA GLU C 31 28.23 -47.66 -13.52
C GLU C 31 28.67 -46.26 -13.91
N GLN C 32 27.81 -45.27 -13.66
CA GLN C 32 27.99 -43.97 -14.28
C GLN C 32 28.64 -42.97 -13.32
N GLN C 33 29.58 -42.20 -13.87
CA GLN C 33 30.40 -41.30 -13.07
C GLN C 33 30.74 -40.04 -13.86
N LYS C 34 30.90 -38.94 -13.12
CA LYS C 34 31.22 -37.63 -13.69
C LYS C 34 32.71 -37.38 -13.48
N LEU C 35 33.46 -37.21 -14.57
CA LEU C 35 34.91 -37.05 -14.50
C LEU C 35 35.33 -35.76 -15.19
N CYS C 36 36.10 -34.94 -14.49
CA CYS C 36 36.63 -33.70 -15.05
C CYS C 36 38.10 -33.86 -15.39
N LEU C 37 38.56 -33.04 -16.32
CA LEU C 37 39.93 -33.12 -16.83
C LEU C 37 40.81 -32.25 -15.94
N ALA C 38 41.75 -32.88 -15.23
CA ALA C 38 42.65 -32.21 -14.32
C ALA C 38 44.10 -32.49 -14.72
N ALA C 39 45.02 -31.75 -14.10
CA ALA C 39 46.44 -31.90 -14.37
C ALA C 39 47.24 -31.30 -13.23
N GLU C 40 48.27 -32.02 -12.80
CA GLU C 40 49.10 -31.52 -11.70
C GLU C 40 49.98 -30.36 -12.16
N GLY C 41 50.60 -30.50 -13.33
CA GLY C 41 51.43 -29.44 -13.87
C GLY C 41 52.84 -29.44 -13.37
N PHE C 42 53.03 -29.12 -12.09
CA PHE C 42 54.36 -29.06 -11.50
C PHE C 42 54.80 -30.47 -11.12
N GLY C 43 55.72 -31.04 -11.91
CA GLY C 43 56.22 -32.37 -11.69
C GLY C 43 55.68 -33.40 -12.66
N ASN C 44 54.44 -33.22 -13.13
CA ASN C 44 53.83 -34.12 -14.09
C ASN C 44 53.15 -33.28 -15.17
N ARG C 45 53.58 -33.46 -16.41
CA ARG C 45 53.01 -32.69 -17.51
C ARG C 45 51.70 -33.28 -18.00
N LEU C 46 51.61 -34.61 -18.06
CA LEU C 46 50.42 -35.27 -18.57
C LEU C 46 49.21 -34.98 -17.68
N CYS C 47 48.02 -35.06 -18.30
CA CYS C 47 46.76 -34.83 -17.61
C CYS C 47 46.15 -36.16 -17.17
N PHE C 48 45.20 -36.05 -16.24
CA PHE C 48 44.50 -37.20 -15.68
C PHE C 48 43.06 -36.77 -15.38
N LEU C 49 42.31 -37.63 -14.68
CA LEU C 49 40.90 -37.37 -14.40
C LEU C 49 40.66 -37.13 -12.92
N GLU C 50 39.52 -36.52 -12.62
CA GLU C 50 39.11 -36.29 -11.24
C GLU C 50 37.64 -36.67 -11.10
N SER C 51 37.37 -37.57 -10.17
CA SER C 51 36.00 -38.06 -9.96
C SER C 51 35.18 -36.90 -9.43
N THR C 52 34.46 -36.23 -10.34
CA THR C 52 33.82 -34.97 -9.99
C THR C 52 32.56 -35.20 -9.18
N SER C 53 31.80 -36.24 -9.53
CA SER C 53 30.72 -36.70 -8.68
C SER C 53 31.27 -37.51 -7.51
N ASN C 54 30.35 -38.01 -6.68
CA ASN C 54 30.71 -38.76 -5.48
C ASN C 54 31.61 -37.91 -4.58
N SER C 55 31.11 -36.73 -4.22
CA SER C 55 31.85 -35.79 -3.40
C SER C 55 31.43 -35.80 -1.94
N LYS C 56 30.37 -36.52 -1.58
CA LYS C 56 29.97 -36.58 -0.19
C LYS C 56 30.98 -37.34 0.67
N ASN C 57 31.79 -38.19 0.05
CA ASN C 57 32.83 -38.92 0.75
C ASN C 57 34.24 -38.50 0.38
N VAL C 58 34.49 -38.18 -0.89
CA VAL C 58 35.81 -37.78 -1.35
C VAL C 58 35.67 -36.55 -2.24
N PRO C 59 36.21 -35.40 -1.85
CA PRO C 59 36.07 -34.19 -2.67
C PRO C 59 37.09 -34.17 -3.79
N PRO C 60 36.75 -33.60 -4.94
CA PRO C 60 37.72 -33.47 -6.02
C PRO C 60 38.59 -32.24 -5.85
N ASP C 61 39.60 -32.16 -6.73
CA ASP C 61 40.65 -31.15 -6.66
C ASP C 61 40.36 -30.06 -7.69
N LEU C 62 39.51 -29.11 -7.30
CA LEU C 62 39.10 -28.07 -8.26
C LEU C 62 40.28 -27.25 -8.72
N SER C 63 41.22 -26.95 -7.81
CA SER C 63 42.33 -26.07 -8.11
C SER C 63 43.17 -26.57 -9.28
N ILE C 64 43.21 -27.89 -9.51
CA ILE C 64 43.89 -28.44 -10.66
C ILE C 64 42.93 -28.96 -11.73
N CYS C 65 41.64 -29.02 -11.43
CA CYS C 65 40.66 -29.46 -12.42
C CYS C 65 40.18 -28.33 -13.33
N THR C 66 40.12 -27.11 -12.82
CA THR C 66 39.59 -26.00 -13.58
C THR C 66 40.60 -25.49 -14.62
N PHE C 67 40.07 -24.80 -15.63
CA PHE C 67 40.88 -24.15 -16.65
C PHE C 67 40.25 -22.80 -16.99
N VAL C 68 41.10 -21.86 -17.41
CA VAL C 68 40.66 -20.54 -17.84
C VAL C 68 40.82 -20.46 -19.35
N LEU C 69 39.95 -19.69 -20.00
CA LEU C 69 40.09 -19.42 -21.42
C LEU C 69 40.97 -18.18 -21.58
N GLU C 70 42.14 -18.35 -22.19
CA GLU C 70 43.03 -17.20 -22.37
C GLU C 70 42.45 -16.24 -23.41
N GLN C 71 42.20 -16.73 -24.63
CA GLN C 71 41.52 -15.95 -25.66
C GLN C 71 40.65 -16.90 -26.50
N SER C 72 39.88 -16.31 -27.44
CA SER C 72 39.04 -17.09 -28.35
C SER C 72 39.15 -16.47 -29.73
N LEU C 73 39.96 -17.06 -30.59
CA LEU C 73 40.16 -16.57 -31.95
C LEU C 73 39.76 -17.65 -32.95
N SER C 74 39.38 -17.21 -34.14
CA SER C 74 39.05 -18.14 -35.20
C SER C 74 40.31 -18.80 -35.74
N VAL C 75 40.11 -19.91 -36.46
CA VAL C 75 41.24 -20.64 -37.01
C VAL C 75 42.03 -19.80 -38.01
N ARG C 76 41.33 -18.96 -38.77
CA ARG C 76 42.01 -18.14 -39.77
C ARG C 76 42.81 -17.02 -39.13
N ALA C 77 42.22 -16.34 -38.14
CA ALA C 77 42.99 -15.34 -37.38
C ALA C 77 44.18 -15.97 -36.69
N LEU C 78 44.03 -17.21 -36.20
CA LEU C 78 45.16 -17.90 -35.59
C LEU C 78 46.25 -18.20 -36.61
N GLN C 79 45.87 -18.63 -37.81
CA GLN C 79 46.88 -18.88 -38.85
C GLN C 79 47.60 -17.59 -39.22
N GLU C 80 46.85 -16.48 -39.27
CA GLU C 80 47.47 -15.18 -39.50
C GLU C 80 48.39 -14.80 -38.35
N MET C 81 48.10 -15.28 -37.14
CA MET C 81 49.02 -15.06 -36.03
C MET C 81 50.28 -15.92 -36.17
N LEU C 82 50.13 -17.15 -36.67
CA LEU C 82 51.29 -18.02 -36.84
C LEU C 82 52.24 -17.48 -37.91
N ALA C 83 51.70 -17.08 -39.05
CA ALA C 83 52.53 -16.44 -40.06
C ALA C 83 53.04 -15.08 -39.56
N ASN C 84 52.16 -14.33 -38.90
CA ASN C 84 52.54 -13.21 -38.07
C ASN C 84 53.39 -13.76 -36.93
N GLY C 109 39.27 -6.81 -24.34
CA GLY C 109 38.15 -6.96 -23.44
C GLY C 109 37.81 -8.41 -23.14
N HIS C 110 36.53 -8.75 -23.26
CA HIS C 110 36.03 -10.11 -23.01
C HIS C 110 35.23 -10.54 -24.23
N ARG C 111 35.91 -11.14 -25.21
CA ARG C 111 35.22 -11.61 -26.40
C ARG C 111 34.34 -12.81 -26.06
N THR C 112 33.35 -13.03 -26.92
CA THR C 112 32.42 -14.13 -26.74
C THR C 112 32.99 -15.42 -27.34
N LEU C 113 32.31 -16.53 -27.06
CA LEU C 113 32.73 -17.84 -27.54
C LEU C 113 31.72 -18.34 -28.56
N LEU C 114 32.20 -18.68 -29.76
CA LEU C 114 31.36 -19.16 -30.84
C LEU C 114 31.88 -20.51 -31.31
N TYR C 115 30.97 -21.36 -31.77
CA TYR C 115 31.39 -22.66 -32.29
C TYR C 115 32.30 -22.48 -33.49
N GLY C 116 33.33 -23.32 -33.57
CA GLY C 116 34.30 -23.25 -34.64
C GLY C 116 35.51 -22.39 -34.35
N HIS C 117 35.51 -21.65 -33.24
CA HIS C 117 36.68 -20.87 -32.87
C HIS C 117 37.82 -21.79 -32.44
N ALA C 118 39.01 -21.21 -32.33
CA ALA C 118 40.20 -21.91 -31.86
C ALA C 118 40.51 -21.37 -30.47
N ILE C 119 39.98 -22.04 -29.44
CA ILE C 119 40.12 -21.56 -28.07
C ILE C 119 41.52 -21.86 -27.56
N LEU C 120 41.88 -21.23 -26.45
CA LEU C 120 43.15 -21.50 -25.78
C LEU C 120 42.85 -21.69 -24.30
N LEU C 121 43.26 -22.83 -23.76
CA LEU C 121 43.00 -23.19 -22.37
C LEU C 121 44.28 -23.10 -21.56
N ARG C 122 44.25 -22.31 -20.49
CA ARG C 122 45.38 -22.15 -19.59
C ARG C 122 45.02 -22.73 -18.23
N HIS C 123 45.96 -23.46 -17.64
CA HIS C 123 45.74 -24.02 -16.31
C HIS C 123 45.62 -22.91 -15.28
N SER C 124 44.65 -23.04 -14.36
CA SER C 124 44.41 -22.01 -13.38
C SER C 124 45.55 -21.93 -12.37
N TYR C 125 45.91 -23.07 -11.77
CA TYR C 125 46.98 -23.05 -10.77
C TYR C 125 48.36 -23.04 -11.41
N SER C 126 48.70 -24.10 -12.16
CA SER C 126 50.07 -24.28 -12.66
C SER C 126 50.49 -23.16 -13.59
N GLY C 127 49.55 -22.42 -14.17
CA GLY C 127 49.88 -21.33 -15.07
C GLY C 127 50.26 -21.74 -16.47
N MET C 128 50.54 -23.01 -16.71
CA MET C 128 50.87 -23.47 -18.05
C MET C 128 49.61 -23.56 -18.90
N TYR C 129 49.77 -23.99 -20.14
CA TYR C 129 48.69 -24.04 -21.11
C TYR C 129 48.45 -25.46 -21.57
N LEU C 130 47.18 -25.86 -21.63
CA LEU C 130 46.82 -27.19 -22.08
C LEU C 130 47.17 -27.35 -23.55
N CYS C 131 47.83 -28.47 -23.88
CA CYS C 131 48.27 -28.72 -25.24
C CYS C 131 48.23 -30.22 -25.52
N CYS C 132 48.56 -30.58 -26.74
CA CYS C 132 48.60 -31.97 -27.18
C CYS C 132 50.06 -32.35 -27.41
N LEU C 133 50.61 -33.16 -26.51
CA LEU C 133 52.00 -33.57 -26.62
C LEU C 133 52.18 -34.51 -27.81
N SER C 134 53.39 -34.47 -28.39
CA SER C 134 53.73 -35.31 -29.52
C SER C 134 54.23 -36.68 -29.11
N THR C 135 54.07 -37.06 -27.85
CA THR C 135 54.50 -38.35 -27.34
C THR C 135 53.30 -39.27 -27.17
N SER C 136 53.56 -40.58 -27.28
CA SER C 136 52.53 -41.60 -27.14
C SER C 136 52.92 -42.50 -25.97
N ARG C 137 52.16 -42.41 -24.88
CA ARG C 137 52.42 -43.23 -23.70
C ARG C 137 51.66 -44.56 -23.76
N SER C 138 50.39 -44.52 -24.10
CA SER C 138 49.58 -45.74 -24.20
C SER C 138 49.83 -46.40 -25.56
N SER C 139 50.47 -47.57 -25.52
CA SER C 139 50.77 -48.30 -26.76
C SER C 139 49.53 -48.93 -27.39
N THR C 140 48.41 -48.96 -26.68
CA THR C 140 47.19 -49.53 -27.26
C THR C 140 46.68 -48.68 -28.41
N ASP C 141 46.38 -47.40 -28.15
CA ASP C 141 45.93 -46.48 -29.18
C ASP C 141 47.15 -45.99 -29.95
N LYS C 142 47.57 -46.80 -30.93
CA LYS C 142 48.78 -46.53 -31.69
C LYS C 142 48.63 -45.34 -32.64
N LEU C 143 47.45 -44.74 -32.73
CA LEU C 143 47.24 -43.57 -33.57
C LEU C 143 47.14 -42.28 -32.79
N ALA C 144 46.88 -42.35 -31.48
CA ALA C 144 46.56 -41.18 -30.68
C ALA C 144 47.82 -40.60 -30.04
N PHE C 145 47.68 -39.40 -29.50
CA PHE C 145 48.74 -38.67 -28.81
C PHE C 145 48.35 -38.49 -27.35
N ASP C 146 49.28 -37.92 -26.58
CA ASP C 146 49.04 -37.60 -25.17
C ASP C 146 48.82 -36.11 -25.02
N VAL C 147 47.94 -35.75 -24.09
CA VAL C 147 47.67 -34.35 -23.80
C VAL C 147 48.41 -33.96 -22.53
N GLY C 148 48.74 -32.69 -22.41
CA GLY C 148 49.48 -32.22 -21.26
C GLY C 148 49.51 -30.72 -21.20
N LEU C 149 50.43 -30.21 -20.38
CA LEU C 149 50.61 -28.78 -20.17
C LEU C 149 51.98 -28.36 -20.67
N GLN C 150 52.05 -27.17 -21.26
CA GLN C 150 53.31 -26.63 -21.75
C GLN C 150 53.40 -25.16 -21.38
N GLU C 151 54.63 -24.68 -21.29
CA GLU C 151 54.86 -23.31 -20.84
C GLU C 151 54.58 -22.31 -21.95
N ASP C 152 55.26 -22.46 -23.08
CA ASP C 152 55.05 -21.55 -24.19
C ASP C 152 53.73 -21.85 -24.89
N THR C 153 53.10 -20.80 -25.40
CA THR C 153 51.89 -20.92 -26.19
C THR C 153 52.13 -20.86 -27.68
N THR C 154 53.37 -20.66 -28.12
CA THR C 154 53.61 -20.51 -29.54
C THR C 154 53.33 -21.82 -30.27
N GLY C 155 53.18 -21.71 -31.58
CA GLY C 155 52.85 -22.86 -32.40
C GLY C 155 51.39 -23.27 -32.26
N GLU C 156 50.93 -24.01 -33.26
CA GLU C 156 49.54 -24.46 -33.33
C GLU C 156 49.32 -25.77 -32.58
N ALA C 157 50.25 -26.18 -31.73
CA ALA C 157 50.14 -27.42 -30.98
C ALA C 157 49.59 -27.20 -29.58
N CYS C 158 48.95 -26.07 -29.33
CA CYS C 158 48.46 -25.75 -27.99
C CYS C 158 46.98 -25.35 -28.03
N TRP C 159 46.52 -24.85 -29.16
CA TRP C 159 45.16 -24.35 -29.27
C TRP C 159 44.18 -25.49 -29.56
N TRP C 160 42.92 -25.25 -29.22
CA TRP C 160 41.85 -26.23 -29.41
C TRP C 160 40.65 -25.56 -30.05
N THR C 161 39.93 -26.30 -30.87
CA THR C 161 38.74 -25.82 -31.54
C THR C 161 37.51 -26.54 -30.98
N ILE C 162 36.43 -25.79 -30.83
CA ILE C 162 35.17 -26.29 -30.28
C ILE C 162 34.23 -26.61 -31.44
N HIS C 163 33.64 -27.80 -31.40
CA HIS C 163 32.69 -28.23 -32.41
C HIS C 163 31.41 -28.71 -31.74
N PRO C 164 30.27 -28.55 -32.40
CA PRO C 164 29.01 -29.03 -31.81
C PRO C 164 28.99 -30.55 -31.73
N ALA C 165 28.39 -31.04 -30.65
CA ALA C 165 28.30 -32.48 -30.40
C ALA C 165 26.88 -33.03 -30.55
N SER C 166 25.88 -32.17 -30.64
CA SER C 166 24.48 -32.58 -30.67
C SER C 166 23.85 -32.16 -31.99
N LYS C 167 22.72 -32.80 -32.31
CA LYS C 167 22.11 -32.61 -33.61
C LYS C 167 21.42 -31.26 -33.70
N GLN C 168 20.87 -30.80 -32.57
CA GLN C 168 20.07 -29.58 -32.50
C GLN C 168 20.89 -28.33 -32.78
N ARG C 169 22.21 -28.39 -32.60
CA ARG C 169 23.07 -27.24 -32.76
C ARG C 169 24.01 -27.46 -33.93
N SER C 170 24.43 -26.36 -34.56
CA SER C 170 25.28 -26.42 -35.73
C SER C 170 26.43 -25.44 -35.53
N GLU C 171 27.23 -25.26 -36.58
CA GLU C 171 28.33 -24.31 -36.49
C GLU C 171 27.81 -22.88 -36.52
N GLY C 172 28.40 -22.04 -35.70
CA GLY C 172 28.13 -20.61 -35.73
C GLY C 172 27.17 -20.10 -34.69
N GLU C 173 26.64 -20.94 -33.81
CA GLU C 173 25.80 -20.44 -32.73
C GLU C 173 26.62 -20.20 -31.47
N LYS C 174 26.10 -19.34 -30.60
CA LYS C 174 26.75 -19.08 -29.32
C LYS C 174 26.56 -20.25 -28.37
N VAL C 175 27.60 -20.61 -27.66
CA VAL C 175 27.52 -21.65 -26.65
C VAL C 175 27.06 -21.05 -25.33
N ARG C 176 26.33 -21.86 -24.54
CA ARG C 176 25.82 -21.44 -23.25
C ARG C 176 26.32 -22.41 -22.20
N VAL C 177 25.86 -22.24 -20.96
CA VAL C 177 26.24 -23.15 -19.89
C VAL C 177 25.61 -24.52 -20.12
N GLY C 178 26.40 -25.56 -19.88
CA GLY C 178 25.90 -26.92 -19.90
C GLY C 178 25.88 -27.60 -21.25
N ASP C 179 26.25 -26.92 -22.32
CA ASP C 179 26.25 -27.51 -23.64
C ASP C 179 27.42 -28.48 -23.79
N ASP C 180 27.16 -29.62 -24.43
CA ASP C 180 28.19 -30.62 -24.71
C ASP C 180 28.86 -30.30 -26.03
N LEU C 181 30.18 -30.17 -26.01
CA LEU C 181 30.96 -29.83 -27.19
C LEU C 181 32.04 -30.89 -27.43
N ILE C 182 32.77 -30.73 -28.53
CA ILE C 182 33.86 -31.62 -28.90
C ILE C 182 35.11 -30.77 -29.12
N LEU C 183 36.20 -31.14 -28.45
CA LEU C 183 37.46 -30.43 -28.59
C LEU C 183 38.35 -31.13 -29.60
N VAL C 184 38.88 -30.36 -30.54
CA VAL C 184 39.77 -30.87 -31.57
C VAL C 184 41.06 -30.06 -31.56
N SER C 185 42.20 -30.73 -31.50
CA SER C 185 43.45 -30.01 -31.55
C SER C 185 43.67 -29.44 -32.95
N VAL C 186 44.49 -28.40 -33.02
CA VAL C 186 44.76 -27.74 -34.30
C VAL C 186 45.83 -28.51 -35.07
N SER C 187 46.97 -28.78 -34.44
CA SER C 187 48.07 -29.45 -35.14
C SER C 187 47.77 -30.93 -35.36
N SER C 188 47.43 -31.65 -34.28
CA SER C 188 47.23 -33.09 -34.37
C SER C 188 45.88 -33.44 -34.98
N GLU C 189 44.92 -32.52 -34.96
CA GLU C 189 43.59 -32.74 -35.54
C GLU C 189 42.94 -33.99 -34.97
N ARG C 190 43.03 -34.14 -33.65
CA ARG C 190 42.53 -35.30 -32.95
C ARG C 190 41.60 -34.85 -31.82
N TYR C 191 40.52 -35.60 -31.60
CA TYR C 191 39.57 -35.24 -30.57
C TYR C 191 40.14 -35.50 -29.18
N LEU C 192 39.65 -34.74 -28.21
CA LEU C 192 40.00 -34.97 -26.80
C LEU C 192 39.22 -36.21 -26.33
N HIS C 193 39.77 -37.36 -26.68
CA HIS C 193 39.08 -38.63 -26.44
C HIS C 193 39.31 -39.12 -25.02
N LEU C 194 38.27 -39.70 -24.43
CA LEU C 194 38.36 -40.35 -23.12
C LEU C 194 38.69 -41.82 -23.35
N SER C 195 39.97 -42.08 -23.64
CA SER C 195 40.40 -43.43 -23.93
C SER C 195 40.21 -44.32 -22.71
N TYR C 196 39.36 -45.33 -22.85
CA TYR C 196 39.08 -46.23 -21.74
C TYR C 196 40.13 -47.33 -21.68
N GLY C 197 40.55 -47.65 -20.45
CA GLY C 197 41.52 -48.69 -20.23
C GLY C 197 41.15 -49.54 -19.02
N ASN C 198 41.89 -50.64 -18.86
CA ASN C 198 41.65 -51.53 -17.73
C ASN C 198 41.89 -50.81 -16.41
N SER C 199 43.05 -50.16 -16.28
CA SER C 199 43.38 -49.39 -15.09
C SER C 199 43.91 -48.01 -15.40
N SER C 200 44.04 -47.65 -16.67
CA SER C 200 44.58 -46.35 -17.09
C SER C 200 43.44 -45.52 -17.65
N TRP C 201 42.73 -44.81 -16.77
CA TRP C 201 41.69 -43.88 -17.19
C TRP C 201 42.35 -42.56 -17.59
N HIS C 202 42.99 -42.60 -18.75
CA HIS C 202 43.80 -41.50 -19.26
C HIS C 202 43.16 -40.92 -20.50
N VAL C 203 43.21 -39.60 -20.62
CA VAL C 203 42.66 -38.89 -21.76
C VAL C 203 43.73 -38.76 -22.83
N ASP C 204 43.36 -39.09 -24.07
CA ASP C 204 44.26 -39.01 -25.21
C ASP C 204 43.70 -38.06 -26.25
N ALA C 205 44.53 -37.75 -27.24
CA ALA C 205 44.10 -37.05 -28.44
C ALA C 205 43.90 -38.11 -29.52
N ALA C 206 42.73 -38.73 -29.51
CA ALA C 206 42.39 -39.78 -30.44
C ALA C 206 41.34 -39.28 -31.43
N PHE C 207 40.90 -40.20 -32.29
CA PHE C 207 39.95 -39.89 -33.35
C PHE C 207 38.52 -40.32 -33.00
N GLN C 208 38.23 -40.48 -31.71
CA GLN C 208 36.89 -40.82 -31.25
C GLN C 208 36.36 -39.63 -30.46
N GLN C 209 35.25 -39.06 -30.94
CA GLN C 209 34.68 -37.90 -30.28
C GLN C 209 34.22 -38.23 -28.87
N THR C 210 34.42 -37.27 -27.97
CA THR C 210 33.93 -37.38 -26.60
C THR C 210 33.35 -36.04 -26.20
N LEU C 211 32.05 -36.04 -25.91
CA LEU C 211 31.34 -34.81 -25.55
C LEU C 211 31.77 -34.35 -24.17
N TRP C 212 32.45 -33.20 -24.13
CA TRP C 212 33.06 -32.66 -22.91
C TRP C 212 32.19 -31.50 -22.43
N SER C 213 31.43 -31.73 -21.37
CA SER C 213 30.59 -30.68 -20.82
C SER C 213 31.43 -29.63 -20.10
N VAL C 214 31.03 -28.37 -20.22
CA VAL C 214 31.76 -27.24 -19.65
C VAL C 214 30.93 -26.65 -18.52
N ALA C 215 31.51 -26.58 -17.32
CA ALA C 215 30.86 -26.01 -16.16
C ALA C 215 31.61 -24.77 -15.70
N PRO C 216 30.97 -23.61 -15.62
CA PRO C 216 31.68 -22.39 -15.22
C PRO C 216 32.07 -22.43 -13.75
N ILE C 217 33.07 -21.62 -13.42
CA ILE C 217 33.55 -21.52 -12.04
C ILE C 217 33.51 -20.05 -11.62
N SER C 218 34.17 -19.19 -12.39
CA SER C 218 34.19 -17.76 -12.12
C SER C 218 34.12 -17.04 -13.46
N SER C 219 33.01 -16.35 -13.70
CA SER C 219 32.79 -15.66 -14.97
C SER C 219 33.57 -14.35 -15.08
N GLY C 220 34.31 -13.96 -14.05
CA GLY C 220 35.12 -12.75 -14.12
C GLY C 220 34.30 -11.48 -14.12
N SER C 221 33.22 -11.43 -13.34
CA SER C 221 32.35 -10.27 -13.23
C SER C 221 32.98 -9.25 -12.28
N GLU C 222 32.19 -8.30 -11.81
CA GLU C 222 32.70 -7.24 -10.95
C GLU C 222 32.98 -7.77 -9.55
N ALA C 223 33.97 -8.66 -9.43
CA ALA C 223 34.48 -9.08 -8.12
C ALA C 223 35.35 -7.96 -7.56
N ALA C 224 34.79 -7.18 -6.63
CA ALA C 224 35.52 -6.05 -6.06
C ALA C 224 36.72 -6.55 -5.26
N GLN C 225 37.83 -5.82 -5.37
CA GLN C 225 39.05 -6.18 -4.65
C GLN C 225 38.82 -6.08 -3.15
N GLY C 226 38.82 -7.22 -2.48
CA GLY C 226 38.57 -7.29 -1.05
C GLY C 226 37.39 -8.14 -0.63
N TYR C 227 36.53 -8.55 -1.55
CA TYR C 227 35.39 -9.40 -1.21
C TYR C 227 35.78 -10.87 -1.25
N LEU C 228 35.08 -11.68 -0.45
CA LEU C 228 35.37 -13.10 -0.35
C LEU C 228 34.87 -13.84 -1.58
N ILE C 229 35.77 -14.57 -2.24
CA ILE C 229 35.42 -15.30 -3.44
C ILE C 229 35.54 -16.80 -3.15
N GLY C 230 34.61 -17.57 -3.70
CA GLY C 230 34.60 -18.99 -3.45
C GLY C 230 35.79 -19.69 -4.07
N GLY C 231 36.10 -20.86 -3.52
CA GLY C 231 37.20 -21.66 -4.01
C GLY C 231 38.56 -21.05 -3.77
N ASP C 232 38.68 -20.15 -2.79
CA ASP C 232 39.93 -19.45 -2.51
C ASP C 232 40.53 -19.92 -1.19
N VAL C 233 41.83 -19.67 -1.04
CA VAL C 233 42.57 -19.97 0.18
C VAL C 233 42.84 -18.65 0.89
N LEU C 234 42.78 -18.67 2.22
CA LEU C 234 42.93 -17.46 3.01
C LEU C 234 43.51 -17.81 4.37
N ARG C 235 43.64 -16.77 5.21
CA ARG C 235 44.06 -16.93 6.60
C ARG C 235 43.11 -16.18 7.52
N LEU C 236 42.98 -16.68 8.74
CA LEU C 236 42.05 -16.14 9.72
C LEU C 236 42.82 -15.62 10.91
N LEU C 237 42.69 -14.31 11.17
CA LEU C 237 43.33 -13.64 12.28
C LEU C 237 42.27 -13.15 13.26
N HIS C 238 42.72 -12.64 14.40
CA HIS C 238 41.84 -12.04 15.38
C HIS C 238 41.96 -10.52 15.32
N GLY C 239 40.85 -9.84 15.66
CA GLY C 239 40.82 -8.40 15.58
C GLY C 239 41.60 -7.71 16.68
N HIS C 240 41.72 -8.36 17.84
CA HIS C 240 42.41 -7.77 18.98
C HIS C 240 43.50 -8.68 19.54
N MET C 241 43.70 -9.87 18.96
CA MET C 241 44.75 -10.78 19.39
C MET C 241 45.61 -11.28 18.24
N ASP C 242 45.14 -11.17 16.99
CA ASP C 242 45.86 -11.63 15.80
C ASP C 242 46.31 -13.08 15.96
N GLU C 243 45.39 -13.91 16.46
CA GLU C 243 45.64 -15.33 16.67
C GLU C 243 45.22 -16.10 15.42
N CYS C 244 46.19 -16.71 14.75
CA CYS C 244 45.95 -17.42 13.50
C CYS C 244 45.74 -18.91 13.78
N LEU C 245 44.75 -19.48 13.09
CA LEU C 245 44.39 -20.89 13.22
C LEU C 245 45.42 -21.73 12.48
N THR C 246 46.31 -22.39 13.22
CA THR C 246 47.42 -23.11 12.61
C THR C 246 47.49 -24.54 13.14
N VAL C 247 48.49 -25.26 12.64
CA VAL C 247 48.83 -26.61 13.07
C VAL C 247 50.31 -26.65 13.40
N PRO C 248 50.77 -27.63 14.17
CA PRO C 248 52.21 -27.73 14.47
C PRO C 248 53.03 -27.89 13.19
N SER C 249 54.24 -27.32 13.22
CA SER C 249 55.11 -27.28 12.06
C SER C 249 55.75 -28.65 11.84
N GLY C 250 56.69 -28.72 10.90
CA GLY C 250 57.36 -29.97 10.56
C GLY C 250 58.38 -30.43 11.57
N GLU C 251 58.39 -29.81 12.76
CA GLU C 251 59.31 -30.23 13.81
C GLU C 251 58.98 -31.64 14.31
N HIS C 252 57.72 -32.06 14.19
CA HIS C 252 57.32 -33.40 14.57
C HIS C 252 56.61 -34.10 13.43
N GLY C 253 56.06 -35.28 13.67
CA GLY C 253 55.44 -36.07 12.62
C GLY C 253 54.04 -35.61 12.28
N GLU C 254 53.45 -36.33 11.33
CA GLU C 254 52.08 -36.03 10.92
C GLU C 254 51.09 -36.18 12.08
N GLU C 255 51.41 -37.05 13.04
CA GLU C 255 50.52 -37.24 14.18
C GLU C 255 50.43 -35.97 15.02
N GLN C 256 51.53 -35.23 15.14
CA GLN C 256 51.47 -33.93 15.80
C GLN C 256 50.90 -32.86 14.86
N ARG C 257 51.26 -32.91 13.58
CA ARG C 257 50.81 -31.89 12.64
C ARG C 257 49.30 -31.94 12.41
N ARG C 258 48.65 -33.06 12.73
CA ARG C 258 47.19 -33.13 12.62
C ARG C 258 46.48 -32.29 13.68
N THR C 259 47.21 -31.85 14.71
CA THR C 259 46.59 -31.05 15.75
C THR C 259 46.25 -29.67 15.21
N VAL C 260 45.17 -29.10 15.74
CA VAL C 260 44.71 -27.76 15.37
C VAL C 260 44.78 -26.90 16.62
N HIS C 261 45.31 -25.69 16.48
CA HIS C 261 45.35 -24.75 17.60
C HIS C 261 45.47 -23.34 17.04
N TYR C 262 45.76 -22.38 17.92
CA TYR C 262 46.03 -21.01 17.53
C TYR C 262 47.49 -20.69 17.81
N GLU C 263 48.04 -19.80 16.98
CA GLU C 263 49.42 -19.33 17.16
C GLU C 263 49.48 -17.86 16.81
N GLY C 264 50.67 -17.29 16.92
CA GLY C 264 50.86 -15.88 16.63
C GLY C 264 52.31 -15.59 16.32
N GLY C 265 52.57 -14.34 15.96
CA GLY C 265 53.92 -13.92 15.65
C GLY C 265 54.21 -14.03 14.17
N ALA C 266 55.34 -14.62 13.82
CA ALA C 266 55.74 -14.78 12.43
C ALA C 266 54.97 -15.88 11.71
N VAL C 267 54.13 -16.65 12.42
CA VAL C 267 53.39 -17.71 11.78
C VAL C 267 52.32 -17.17 10.83
N SER C 268 51.96 -15.90 10.96
CA SER C 268 50.96 -15.31 10.08
C SER C 268 51.44 -15.29 8.63
N VAL C 269 52.75 -15.21 8.41
CA VAL C 269 53.30 -15.19 7.07
C VAL C 269 53.86 -16.54 6.64
N HIS C 270 53.72 -17.56 7.48
CA HIS C 270 54.19 -18.89 7.16
C HIS C 270 53.24 -19.56 6.15
N ALA C 271 53.61 -20.75 5.70
CA ALA C 271 52.83 -21.50 4.75
C ALA C 271 51.92 -22.53 5.40
N ARG C 272 52.11 -22.81 6.69
CA ARG C 272 51.31 -23.78 7.42
C ARG C 272 50.07 -23.17 8.07
N SER C 273 49.63 -22.00 7.59
CA SER C 273 48.48 -21.32 8.17
C SER C 273 47.50 -20.89 7.09
N LEU C 274 47.43 -21.63 6.00
CA LEU C 274 46.56 -21.31 4.87
C LEU C 274 45.44 -22.33 4.79
N TRP C 275 44.20 -21.86 4.71
CA TRP C 275 43.02 -22.72 4.65
C TRP C 275 42.22 -22.38 3.41
N ARG C 276 41.94 -23.40 2.60
CA ARG C 276 41.21 -23.22 1.35
C ARG C 276 39.76 -23.66 1.55
N LEU C 277 38.83 -22.82 1.06
CA LEU C 277 37.39 -23.06 1.20
C LEU C 277 36.88 -23.68 -0.09
N GLU C 278 36.56 -24.96 -0.05
CA GLU C 278 36.06 -25.69 -1.22
C GLU C 278 34.54 -25.81 -1.11
N THR C 279 33.82 -25.20 -2.03
CA THR C 279 32.37 -25.27 -1.99
C THR C 279 31.90 -26.63 -2.51
N LEU C 280 30.72 -27.04 -2.03
CA LEU C 280 30.20 -28.37 -2.39
C LEU C 280 29.81 -28.43 -3.86
N ARG C 281 29.02 -27.45 -4.32
CA ARG C 281 28.54 -27.48 -5.70
C ARG C 281 29.70 -27.31 -6.66
N VAL C 282 29.62 -28.03 -7.80
CA VAL C 282 30.74 -28.11 -8.73
C VAL C 282 30.68 -27.08 -9.85
N ALA C 283 29.52 -26.51 -10.13
CA ALA C 283 29.41 -25.41 -11.07
C ALA C 283 29.36 -24.11 -10.28
N TRP C 284 30.06 -23.09 -10.79
CA TRP C 284 30.17 -21.80 -10.11
C TRP C 284 30.86 -21.96 -8.75
N SER C 285 31.98 -22.69 -8.74
CA SER C 285 32.71 -22.92 -7.51
C SER C 285 33.43 -21.68 -7.00
N GLY C 286 33.77 -20.75 -7.90
CA GLY C 286 34.40 -19.50 -7.52
C GLY C 286 33.41 -18.35 -7.43
N SER C 287 32.24 -18.65 -6.87
CA SER C 287 31.20 -17.65 -6.68
C SER C 287 31.44 -16.92 -5.37
N HIS C 288 30.63 -15.89 -5.11
CA HIS C 288 30.74 -15.15 -3.87
C HIS C 288 30.19 -15.98 -2.71
N ILE C 289 31.00 -16.14 -1.67
CA ILE C 289 30.59 -16.95 -0.53
C ILE C 289 29.50 -16.23 0.24
N ARG C 290 28.33 -16.85 0.32
CA ARG C 290 27.21 -16.31 1.09
C ARG C 290 27.17 -16.96 2.47
N TRP C 291 26.44 -16.31 3.38
CA TRP C 291 26.37 -16.79 4.75
C TRP C 291 25.55 -18.07 4.84
N GLY C 292 26.02 -19.01 5.66
CA GLY C 292 25.28 -20.22 5.94
C GLY C 292 25.39 -21.31 4.90
N GLN C 293 26.31 -21.18 3.93
CA GLN C 293 26.36 -22.32 3.01
C GLN C 293 27.51 -23.25 3.38
N PRO C 294 27.37 -24.54 3.13
CA PRO C 294 28.42 -25.49 3.53
C PRO C 294 29.63 -25.43 2.61
N PHE C 295 30.80 -25.67 3.21
CA PHE C 295 32.05 -25.72 2.47
C PHE C 295 33.08 -26.47 3.30
N ARG C 296 34.04 -27.07 2.61
CA ARG C 296 35.11 -27.82 3.22
C ARG C 296 36.33 -26.94 3.44
N LEU C 297 37.03 -27.18 4.55
CA LEU C 297 38.27 -26.48 4.87
C LEU C 297 39.43 -27.43 4.60
N ARG C 298 40.31 -27.05 3.67
CA ARG C 298 41.47 -27.86 3.32
C ARG C 298 42.75 -27.14 3.73
N HIS C 299 43.73 -27.91 4.21
CA HIS C 299 45.05 -27.37 4.57
C HIS C 299 45.97 -27.63 3.40
N VAL C 300 46.23 -26.58 2.61
CA VAL C 300 47.06 -26.71 1.41
C VAL C 300 48.51 -27.04 1.71
N THR C 301 48.94 -26.93 2.98
CA THR C 301 50.31 -27.26 3.32
C THR C 301 50.52 -28.77 3.40
N THR C 302 49.56 -29.49 3.97
CA THR C 302 49.64 -30.94 4.09
C THR C 302 48.67 -31.70 3.20
N GLY C 303 47.59 -31.07 2.77
CA GLY C 303 46.62 -31.71 1.90
C GLY C 303 45.48 -32.41 2.60
N LYS C 304 45.29 -32.18 3.89
CA LYS C 304 44.22 -32.82 4.65
C LYS C 304 43.07 -31.84 4.87
N TYR C 305 41.89 -32.41 5.09
CA TYR C 305 40.68 -31.63 5.30
C TYR C 305 40.35 -31.59 6.79
N LEU C 306 39.88 -30.43 7.25
CA LEU C 306 39.54 -30.22 8.65
C LEU C 306 38.20 -30.89 8.95
N SER C 307 38.24 -32.06 9.58
CA SER C 307 37.05 -32.79 9.96
C SER C 307 36.82 -32.69 11.47
N LEU C 308 35.61 -33.05 11.89
CA LEU C 308 35.20 -32.95 13.29
C LEU C 308 34.59 -34.28 13.72
N MET C 309 35.24 -34.95 14.66
CA MET C 309 34.70 -36.13 15.30
C MET C 309 34.31 -35.75 16.72
N GLU C 310 33.02 -35.91 17.05
CA GLU C 310 32.51 -35.44 18.34
C GLU C 310 33.18 -36.12 19.52
N ASP C 311 33.83 -37.27 19.30
CA ASP C 311 34.57 -37.92 20.38
C ASP C 311 35.75 -37.08 20.86
N LYS C 312 36.19 -36.11 20.06
CA LYS C 312 37.34 -35.28 20.38
C LYS C 312 37.12 -33.90 19.76
N ASN C 313 38.19 -33.13 19.63
CA ASN C 313 38.13 -31.85 18.93
C ASN C 313 38.29 -32.10 17.43
N LEU C 314 38.47 -31.02 16.67
CA LEU C 314 38.65 -31.16 15.23
C LEU C 314 40.05 -31.67 14.91
N LEU C 315 40.14 -32.43 13.82
CA LEU C 315 41.42 -32.98 13.38
C LEU C 315 41.49 -32.85 11.87
N LEU C 316 42.57 -33.38 11.29
CA LEU C 316 42.81 -33.33 9.86
C LEU C 316 42.77 -34.74 9.30
N MET C 317 41.81 -35.01 8.42
CA MET C 317 41.66 -36.30 7.78
C MET C 317 41.75 -36.13 6.27
N ASP C 318 42.41 -37.08 5.61
CA ASP C 318 42.65 -36.97 4.18
C ASP C 318 41.34 -37.06 3.40
N LYS C 319 41.46 -36.92 2.08
CA LYS C 319 40.28 -36.88 1.22
C LYS C 319 39.53 -38.20 1.16
N GLU C 320 40.19 -39.32 1.49
CA GLU C 320 39.56 -40.62 1.35
C GLU C 320 38.50 -40.90 2.40
N LYS C 321 38.54 -40.21 3.55
CA LYS C 321 37.54 -40.39 4.59
C LYS C 321 36.96 -39.05 5.02
N ALA C 322 37.01 -38.05 4.13
CA ALA C 322 36.51 -36.71 4.43
C ALA C 322 35.05 -36.60 3.97
N ASP C 323 34.16 -37.09 4.83
CA ASP C 323 32.74 -37.05 4.56
C ASP C 323 32.17 -35.64 4.74
N VAL C 324 31.13 -35.33 3.96
CA VAL C 324 30.58 -33.98 3.95
C VAL C 324 29.96 -33.63 5.30
N LYS C 325 29.37 -34.61 5.98
CA LYS C 325 28.65 -34.35 7.23
C LYS C 325 29.57 -33.97 8.38
N SER C 326 30.87 -34.28 8.30
CA SER C 326 31.80 -33.85 9.32
C SER C 326 32.84 -32.86 8.83
N THR C 327 32.97 -32.66 7.52
CA THR C 327 33.92 -31.67 7.03
C THR C 327 33.26 -30.36 6.60
N ALA C 328 32.00 -30.38 6.21
CA ALA C 328 31.33 -29.19 5.71
C ALA C 328 31.01 -28.24 6.87
N PHE C 329 31.53 -27.03 6.80
CA PHE C 329 31.26 -25.98 7.77
C PHE C 329 30.63 -24.79 7.06
N ALA C 330 30.20 -23.81 7.85
CA ALA C 330 29.54 -22.63 7.29
C ALA C 330 29.91 -21.40 8.12
N PHE C 331 29.69 -20.24 7.53
CA PHE C 331 29.97 -18.96 8.16
C PHE C 331 28.67 -18.23 8.46
N ARG C 332 28.53 -17.76 9.70
CA ARG C 332 27.38 -16.99 10.12
C ARG C 332 27.82 -15.61 10.59
N SER C 333 26.86 -14.68 10.63
CA SER C 333 27.11 -13.34 11.13
C SER C 333 26.84 -13.22 12.62
N SER C 334 26.04 -14.11 13.19
CA SER C 334 25.73 -14.10 14.62
C SER C 334 25.85 -15.52 15.17
N LYS C 335 25.43 -15.68 16.43
CA LYS C 335 25.62 -16.91 17.17
C LYS C 335 24.39 -17.81 17.16
N GLU C 336 23.23 -17.29 16.79
CA GLU C 336 22.00 -18.06 16.80
C GLU C 336 21.95 -19.03 15.62
N LYS C 337 20.91 -19.86 15.60
CA LYS C 337 20.69 -20.90 14.59
C LYS C 337 19.46 -20.61 13.74
N LEU C 338 19.26 -19.34 13.35
CA LEU C 338 18.00 -18.96 12.72
C LEU C 338 17.81 -19.64 11.37
N ASP C 339 18.90 -19.89 10.64
CA ASP C 339 18.84 -20.46 9.30
C ASP C 339 19.72 -21.71 9.25
N VAL C 340 19.10 -22.85 8.96
CA VAL C 340 19.85 -24.07 8.69
C VAL C 340 19.48 -24.59 7.31
N GLY C 341 18.21 -24.96 7.13
CA GLY C 341 17.72 -25.43 5.85
C GLY C 341 17.03 -24.36 5.03
N VAL C 342 17.77 -23.33 4.62
CA VAL C 342 17.19 -22.20 3.88
C VAL C 342 17.54 -22.26 2.39
N ARG C 343 18.82 -22.27 2.05
CA ARG C 343 19.23 -22.21 0.67
C ARG C 343 19.97 -23.48 0.26
N LYS C 344 19.76 -23.90 -0.98
CA LYS C 344 20.36 -25.12 -1.52
C LYS C 344 21.34 -24.86 -2.65
N GLU C 345 20.96 -24.02 -3.62
CA GLU C 345 21.78 -23.73 -4.79
C GLU C 345 21.33 -22.39 -5.37
N VAL C 346 22.28 -21.58 -5.80
CA VAL C 346 22.02 -20.30 -6.45
C VAL C 346 22.85 -20.28 -7.73
N ASP C 347 22.19 -20.52 -8.87
CA ASP C 347 22.92 -20.63 -10.13
C ASP C 347 23.34 -19.22 -10.55
N GLY C 348 24.58 -18.85 -10.25
CA GLY C 348 25.07 -17.56 -10.64
C GLY C 348 26.37 -17.22 -9.95
N MET C 349 26.90 -16.03 -10.31
CA MET C 349 28.12 -15.56 -9.67
C MET C 349 27.91 -15.19 -8.22
N GLY C 350 26.72 -14.72 -7.87
CA GLY C 350 26.42 -14.35 -6.50
C GLY C 350 26.58 -12.87 -6.24
N THR C 351 26.36 -12.50 -5.00
CA THR C 351 26.42 -11.12 -4.54
C THR C 351 27.58 -10.92 -3.59
N SER C 352 28.27 -9.78 -3.75
CA SER C 352 29.38 -9.42 -2.88
C SER C 352 28.86 -9.18 -1.47
N GLU C 353 29.10 -10.13 -0.57
CA GLU C 353 28.63 -10.04 0.80
C GLU C 353 29.79 -9.90 1.79
N ILE C 354 30.71 -10.85 1.80
CA ILE C 354 31.77 -10.91 2.80
C ILE C 354 33.02 -10.21 2.25
N LYS C 355 33.59 -9.31 3.04
CA LYS C 355 34.80 -8.61 2.68
C LYS C 355 36.00 -9.21 3.42
N TYR C 356 37.18 -9.00 2.86
CA TYR C 356 38.40 -9.44 3.52
C TYR C 356 38.85 -8.44 4.56
N GLY C 357 38.54 -7.15 4.36
CA GLY C 357 38.94 -6.12 5.30
C GLY C 357 38.26 -6.17 6.65
N ASP C 358 36.96 -5.86 6.67
CA ASP C 358 36.19 -5.82 7.91
C ASP C 358 35.00 -6.77 7.78
N SER C 359 35.12 -7.90 8.44
CA SER C 359 34.07 -8.91 8.48
C SER C 359 34.34 -9.81 9.67
N ILE C 360 33.35 -9.96 10.52
CA ILE C 360 33.43 -10.81 11.69
C ILE C 360 32.53 -12.00 11.42
N CYS C 361 33.12 -13.11 11.04
CA CYS C 361 32.39 -14.34 10.75
C CYS C 361 32.51 -15.31 11.92
N TYR C 362 31.55 -16.24 12.00
CA TYR C 362 31.54 -17.27 13.02
C TYR C 362 31.38 -18.62 12.35
N ILE C 363 32.29 -19.56 12.66
CA ILE C 363 32.24 -20.89 12.07
C ILE C 363 31.14 -21.69 12.75
N GLN C 364 30.47 -22.55 11.97
CA GLN C 364 29.42 -23.39 12.52
C GLN C 364 29.37 -24.69 11.73
N HIS C 365 29.24 -25.80 12.45
CA HIS C 365 29.19 -27.11 11.82
C HIS C 365 27.76 -27.43 11.39
N VAL C 366 27.65 -28.25 10.36
CA VAL C 366 26.32 -28.59 9.84
C VAL C 366 25.60 -29.60 10.72
N ASP C 367 26.35 -30.42 11.46
CA ASP C 367 25.75 -31.47 12.26
C ASP C 367 25.55 -31.05 13.72
N THR C 368 26.64 -30.70 14.40
CA THR C 368 26.55 -30.32 15.81
C THR C 368 26.29 -28.84 16.01
N GLY C 369 26.71 -28.00 15.07
CA GLY C 369 26.47 -26.58 15.18
C GLY C 369 27.30 -25.87 16.21
N LEU C 370 28.45 -26.43 16.57
CA LEU C 370 29.32 -25.82 17.57
C LEU C 370 29.92 -24.51 17.04
N TRP C 371 30.60 -23.80 17.93
CA TRP C 371 31.20 -22.51 17.61
C TRP C 371 32.59 -22.44 18.21
N LEU C 372 33.47 -21.67 17.56
CA LEU C 372 34.85 -21.58 17.99
C LEU C 372 34.95 -20.87 19.35
N THR C 373 35.95 -21.28 20.12
CA THR C 373 36.28 -20.65 21.39
C THR C 373 37.76 -20.88 21.66
N TYR C 374 38.46 -19.81 22.06
CA TYR C 374 39.85 -19.93 22.45
C TYR C 374 39.94 -20.27 23.93
N GLN C 375 40.88 -21.15 24.28
CA GLN C 375 40.98 -21.73 25.61
C GLN C 375 42.29 -21.32 26.27
N ALA C 376 42.53 -21.90 27.45
CA ALA C 376 43.77 -21.74 28.19
C ALA C 376 44.31 -23.10 28.60
N VAL C 377 44.26 -24.06 27.67
CA VAL C 377 44.68 -25.42 27.94
C VAL C 377 46.17 -25.52 28.21
N ASP C 378 46.94 -24.49 27.83
CA ASP C 378 48.39 -24.55 27.99
C ASP C 378 48.78 -24.29 29.44
N VAL C 379 49.53 -25.23 30.03
CA VAL C 379 49.93 -25.10 31.44
C VAL C 379 50.94 -23.98 31.60
N LYS C 380 51.05 -23.46 32.83
CA LYS C 380 52.03 -22.40 33.10
C LYS C 380 53.46 -22.90 33.19
N SER C 381 53.75 -24.14 32.80
CA SER C 381 55.13 -24.60 32.87
C SER C 381 56.02 -23.79 31.92
N ALA C 382 55.60 -23.67 30.67
CA ALA C 382 56.29 -22.85 29.67
C ALA C 382 55.26 -22.11 28.80
N ARG C 383 54.32 -21.41 29.44
CA ARG C 383 53.27 -20.76 28.66
C ARG C 383 53.83 -19.54 27.90
N MET C 384 54.58 -18.68 28.59
CA MET C 384 54.99 -17.41 27.98
C MET C 384 55.84 -17.63 26.74
N GLY C 385 56.59 -18.72 26.67
CA GLY C 385 57.40 -18.99 25.50
C GLY C 385 56.72 -19.85 24.46
N SER C 386 55.68 -20.59 24.86
CA SER C 386 55.00 -21.53 23.98
C SER C 386 53.48 -21.41 24.13
N ILE C 387 52.98 -20.18 24.10
CA ILE C 387 51.54 -19.92 24.17
C ILE C 387 50.84 -20.60 23.00
N GLN C 388 49.95 -21.55 23.30
CA GLN C 388 49.19 -22.30 22.28
C GLN C 388 47.75 -22.41 22.80
N ARG C 389 46.91 -21.46 22.40
CA ARG C 389 45.51 -21.45 22.83
C ARG C 389 44.72 -22.35 21.88
N LYS C 390 44.60 -23.62 22.26
CA LYS C 390 43.94 -24.62 21.42
C LYS C 390 42.47 -24.26 21.23
N ALA C 391 42.04 -24.11 19.98
CA ALA C 391 40.66 -23.79 19.68
C ALA C 391 39.78 -25.03 19.88
N ILE C 392 38.66 -24.84 20.57
CA ILE C 392 37.70 -25.90 20.83
C ILE C 392 36.33 -25.44 20.36
N MET C 393 35.67 -26.26 19.56
CA MET C 393 34.31 -25.97 19.12
C MET C 393 33.34 -26.34 20.23
N HIS C 394 32.76 -25.34 20.88
CA HIS C 394 31.84 -25.52 21.99
C HIS C 394 30.45 -25.04 21.60
N HIS C 395 29.49 -25.29 22.49
CA HIS C 395 28.10 -25.04 22.17
C HIS C 395 27.72 -23.57 22.33
N GLU C 396 28.23 -22.89 23.35
CA GLU C 396 27.71 -21.55 23.61
C GLU C 396 28.32 -20.56 22.63
N GLY C 397 29.63 -20.50 22.60
CA GLY C 397 30.35 -19.45 21.91
C GLY C 397 30.40 -18.16 22.72
N HIS C 398 31.46 -17.38 22.47
CA HIS C 398 31.64 -16.10 23.11
C HIS C 398 31.72 -15.00 22.05
N MET C 399 31.44 -13.78 22.47
CA MET C 399 31.45 -12.62 21.58
C MET C 399 32.83 -11.96 21.55
N ASP C 400 33.87 -12.76 21.28
CA ASP C 400 35.21 -12.22 21.22
C ASP C 400 36.07 -12.89 20.15
N ASP C 401 35.48 -13.73 19.28
CA ASP C 401 36.26 -14.42 18.26
C ASP C 401 36.89 -13.43 17.28
N GLY C 402 36.05 -12.71 16.53
CA GLY C 402 36.52 -11.75 15.57
C GLY C 402 37.44 -12.31 14.51
N LEU C 403 36.94 -13.21 13.67
CA LEU C 403 37.75 -13.82 12.62
C LEU C 403 37.84 -12.87 11.45
N ASN C 404 38.94 -12.14 11.39
CA ASN C 404 39.27 -11.28 10.25
C ASN C 404 39.97 -12.12 9.19
N LEU C 405 39.79 -11.74 7.93
CA LEU C 405 40.27 -12.54 6.81
C LEU C 405 41.44 -11.86 6.12
N SER C 406 42.35 -12.68 5.59
CA SER C 406 43.46 -12.21 4.77
C SER C 406 43.55 -13.10 3.54
N ARG C 407 43.64 -12.48 2.36
CA ARG C 407 43.39 -13.17 1.11
C ARG C 407 44.46 -14.18 0.73
N SER C 408 45.61 -14.22 1.40
CA SER C 408 46.65 -15.23 1.14
C SER C 408 47.08 -15.20 -0.33
N GLN C 409 47.78 -14.11 -0.67
CA GLN C 409 48.14 -13.75 -2.04
C GLN C 409 48.50 -14.96 -2.90
N HIS C 410 48.04 -14.93 -4.15
CA HIS C 410 48.19 -16.05 -5.07
C HIS C 410 49.63 -16.55 -5.18
N GLU C 411 50.60 -15.64 -5.10
CA GLU C 411 52.00 -16.07 -5.08
C GLU C 411 52.26 -17.01 -3.92
N GLU C 412 51.88 -16.60 -2.71
CA GLU C 412 52.09 -17.44 -1.55
C GLU C 412 51.29 -18.73 -1.64
N SER C 413 50.07 -18.67 -2.19
CA SER C 413 49.25 -19.87 -2.32
C SER C 413 49.91 -20.88 -3.25
N ARG C 414 50.37 -20.41 -4.41
CA ARG C 414 51.04 -21.30 -5.35
C ARG C 414 52.31 -21.88 -4.74
N THR C 415 53.08 -21.05 -4.03
CA THR C 415 54.29 -21.54 -3.39
C THR C 415 53.98 -22.65 -2.38
N ALA C 416 52.92 -22.47 -1.59
CA ALA C 416 52.58 -23.46 -0.56
C ALA C 416 52.06 -24.76 -1.18
N ARG C 417 51.22 -24.67 -2.21
CA ARG C 417 50.77 -25.90 -2.87
C ARG C 417 51.92 -26.63 -3.53
N VAL C 418 52.91 -25.89 -4.06
CA VAL C 418 54.11 -26.51 -4.59
C VAL C 418 54.89 -27.20 -3.46
N ILE C 419 55.02 -26.52 -2.31
CA ILE C 419 55.68 -27.15 -1.17
C ILE C 419 55.02 -28.48 -0.84
N ARG C 420 53.69 -28.49 -0.82
CA ARG C 420 52.97 -29.72 -0.52
C ARG C 420 53.27 -30.81 -1.55
N SER C 421 53.23 -30.45 -2.84
CA SER C 421 53.47 -31.44 -3.87
C SER C 421 54.87 -32.04 -3.77
N THR C 422 55.90 -31.19 -3.63
CA THR C 422 57.25 -31.74 -3.56
C THR C 422 57.48 -32.50 -2.26
N VAL C 423 56.89 -32.07 -1.15
CA VAL C 423 57.12 -32.83 0.08
C VAL C 423 56.45 -34.19 -0.02
N PHE C 424 55.28 -34.27 -0.67
CA PHE C 424 54.64 -35.57 -0.89
C PHE C 424 55.50 -36.46 -1.77
N LEU C 425 55.96 -35.93 -2.91
CA LEU C 425 56.77 -36.73 -3.82
C LEU C 425 58.07 -37.17 -3.16
N PHE C 426 58.68 -36.29 -2.36
CA PHE C 426 59.95 -36.62 -1.72
C PHE C 426 59.75 -37.64 -0.60
N ASN C 427 58.60 -37.59 0.09
CA ASN C 427 58.30 -38.62 1.07
C ASN C 427 58.08 -39.96 0.40
N ARG C 428 57.40 -39.97 -0.75
CA ARG C 428 57.24 -41.21 -1.49
C ARG C 428 58.61 -41.78 -1.90
N PHE C 429 59.48 -40.92 -2.43
CA PHE C 429 60.81 -41.34 -2.84
C PHE C 429 61.63 -41.83 -1.66
N ILE C 430 61.52 -41.15 -0.51
CA ILE C 430 62.34 -41.53 0.64
C ILE C 430 61.87 -42.86 1.21
N ARG C 431 60.54 -43.09 1.23
CA ARG C 431 60.03 -44.39 1.64
C ARG C 431 60.50 -45.48 0.70
N GLY C 432 60.43 -45.23 -0.61
CA GLY C 432 60.87 -46.24 -1.56
C GLY C 432 62.35 -46.57 -1.43
N LEU C 433 63.19 -45.54 -1.34
CA LEU C 433 64.62 -45.77 -1.23
C LEU C 433 64.98 -46.43 0.11
N ASP C 434 64.26 -46.08 1.18
CA ASP C 434 64.49 -46.72 2.47
C ASP C 434 64.13 -48.20 2.42
N ALA C 435 62.98 -48.53 1.83
CA ALA C 435 62.57 -49.92 1.69
C ALA C 435 63.55 -50.69 0.81
N LEU C 436 64.13 -50.04 -0.20
CA LEU C 436 65.11 -50.73 -1.03
C LEU C 436 66.44 -50.92 -0.31
N SER C 437 66.82 -49.97 0.55
CA SER C 437 68.16 -50.00 1.11
C SER C 437 68.26 -50.84 2.38
N LYS C 438 67.24 -50.82 3.24
CA LYS C 438 67.34 -51.56 4.50
C LYS C 438 67.54 -53.05 4.25
N LYS C 439 66.91 -53.60 3.23
CA LYS C 439 67.05 -55.00 2.85
C LYS C 439 66.43 -55.16 1.47
N VAL C 440 66.64 -56.34 0.89
CA VAL C 440 66.03 -56.64 -0.39
C VAL C 440 64.52 -56.76 -0.22
N LYS C 441 63.75 -56.20 -1.16
CA LYS C 441 62.30 -56.17 -1.07
C LYS C 441 61.71 -56.40 -2.45
N LEU C 442 60.38 -56.42 -2.49
CA LEU C 442 59.68 -56.62 -3.75
C LEU C 442 59.75 -55.35 -4.60
N PRO C 443 59.98 -55.47 -5.91
CA PRO C 443 60.16 -54.27 -6.74
C PRO C 443 58.87 -53.57 -7.08
N THR C 444 57.75 -54.03 -6.51
CA THR C 444 56.45 -53.40 -6.76
C THR C 444 56.23 -52.24 -5.79
N ILE C 445 57.18 -51.31 -5.82
CA ILE C 445 57.16 -50.14 -4.95
C ILE C 445 57.17 -48.89 -5.82
N ASP C 446 56.81 -47.77 -5.19
CA ASP C 446 56.74 -46.48 -5.88
C ASP C 446 58.12 -45.84 -5.84
N LEU C 447 58.86 -45.97 -6.94
CA LEU C 447 60.18 -45.36 -7.10
C LEU C 447 60.14 -44.50 -8.36
N PRO C 448 59.51 -43.33 -8.31
CA PRO C 448 59.40 -42.48 -9.51
C PRO C 448 60.68 -41.71 -9.80
N ILE C 449 61.63 -42.39 -10.42
CA ILE C 449 62.91 -41.76 -10.77
C ILE C 449 62.68 -40.62 -11.75
N GLU C 450 61.95 -40.91 -12.84
CA GLU C 450 61.69 -39.89 -13.85
C GLU C 450 60.83 -38.75 -13.31
N SER C 451 59.87 -39.06 -12.43
CA SER C 451 59.02 -38.00 -11.87
C SER C 451 59.82 -37.10 -10.93
N VAL C 452 60.68 -37.67 -10.09
CA VAL C 452 61.46 -36.81 -9.20
C VAL C 452 62.50 -36.04 -10.00
N SER C 453 63.01 -36.60 -11.09
CA SER C 453 63.93 -35.86 -11.94
C SER C 453 63.23 -34.65 -12.56
N LEU C 454 62.03 -34.85 -13.09
CA LEU C 454 61.28 -33.72 -13.66
C LEU C 454 60.91 -32.71 -12.58
N SER C 455 60.57 -33.19 -11.39
CA SER C 455 60.22 -32.27 -10.30
C SER C 455 61.41 -31.42 -9.90
N LEU C 456 62.60 -32.02 -9.84
CA LEU C 456 63.79 -31.26 -9.50
C LEU C 456 64.14 -30.27 -10.61
N GLN C 457 63.99 -30.68 -11.87
CA GLN C 457 64.25 -29.76 -12.97
C GLN C 457 63.27 -28.59 -12.96
N ASP C 458 62.03 -28.82 -12.55
CA ASP C 458 61.07 -27.73 -12.45
C ASP C 458 61.37 -26.83 -11.25
N LEU C 459 61.77 -27.42 -10.13
CA LEU C 459 61.97 -26.65 -8.91
C LEU C 459 63.24 -25.81 -8.98
N ILE C 460 64.27 -26.30 -9.68
CA ILE C 460 65.46 -25.48 -9.91
C ILE C 460 65.09 -24.23 -10.69
N GLY C 461 64.29 -24.39 -11.75
CA GLY C 461 63.82 -23.22 -12.48
C GLY C 461 62.88 -22.35 -11.67
N TYR C 462 62.16 -22.95 -10.72
CA TYR C 462 61.33 -22.18 -9.81
C TYR C 462 62.18 -21.26 -8.94
N PHE C 463 63.28 -21.78 -8.42
CA PHE C 463 64.21 -20.99 -7.61
C PHE C 463 65.31 -20.33 -8.43
N HIS C 464 65.18 -20.32 -9.75
CA HIS C 464 66.19 -19.68 -10.59
C HIS C 464 66.26 -18.19 -10.30
N PRO C 465 67.45 -17.63 -10.13
CA PRO C 465 67.57 -16.19 -9.86
C PRO C 465 67.14 -15.37 -11.07
N PRO C 466 66.74 -14.12 -10.87
CA PRO C 466 66.29 -13.30 -12.00
C PRO C 466 67.48 -12.86 -12.87
N ASP C 467 67.14 -12.42 -14.08
CA ASP C 467 68.14 -11.96 -15.01
C ASP C 467 68.71 -10.61 -14.58
N GLU C 468 70.03 -10.46 -14.69
CA GLU C 468 70.65 -9.19 -14.36
C GLU C 468 70.38 -8.14 -15.43
N HIS C 469 70.19 -8.54 -16.67
CA HIS C 469 69.90 -7.62 -17.77
C HIS C 469 68.38 -7.45 -17.92
N LEU C 470 67.77 -6.88 -16.89
CA LEU C 470 66.32 -6.72 -16.83
C LEU C 470 66.00 -5.38 -16.19
N GLU C 471 64.72 -5.00 -16.25
CA GLU C 471 64.29 -3.77 -15.60
C GLU C 471 64.57 -3.86 -14.10
N HIS C 472 64.92 -2.73 -13.51
CA HIS C 472 65.34 -2.72 -12.10
C HIS C 472 64.19 -3.08 -11.18
N GLU C 473 63.03 -2.45 -11.38
CA GLU C 473 61.89 -2.71 -10.49
C GLU C 473 61.39 -4.14 -10.63
N ASP C 474 61.37 -4.67 -11.86
CA ASP C 474 60.96 -6.06 -12.05
C ASP C 474 61.96 -7.01 -11.44
N LYS C 475 63.26 -6.70 -11.54
CA LYS C 475 64.28 -7.54 -10.93
C LYS C 475 64.14 -7.54 -9.40
N GLN C 476 63.83 -6.37 -8.82
CA GLN C 476 63.62 -6.31 -7.38
C GLN C 476 62.37 -7.09 -6.96
N ASN C 477 61.31 -7.01 -7.78
CA ASN C 477 60.11 -7.79 -7.49
C ASN C 477 60.40 -9.28 -7.55
N ARG C 478 61.17 -9.73 -8.55
CA ARG C 478 61.51 -11.14 -8.66
C ARG C 478 62.41 -11.57 -7.50
N LEU C 479 63.32 -10.69 -7.07
CA LEU C 479 64.16 -11.00 -5.91
C LEU C 479 63.32 -11.16 -4.65
N ARG C 480 62.35 -10.27 -4.45
CA ARG C 480 61.46 -10.38 -3.29
C ARG C 480 60.65 -11.67 -3.36
N ALA C 481 60.16 -12.02 -4.55
CA ALA C 481 59.40 -13.27 -4.70
C ALA C 481 60.26 -14.48 -4.40
N LEU C 482 61.52 -14.46 -4.87
CA LEU C 482 62.42 -15.58 -4.61
C LEU C 482 62.74 -15.68 -3.12
N LYS C 483 62.95 -14.54 -2.45
CA LYS C 483 63.18 -14.56 -1.02
C LYS C 483 61.97 -15.12 -0.27
N ASN C 484 60.77 -14.74 -0.70
CA ASN C 484 59.56 -15.28 -0.08
C ASN C 484 59.46 -16.78 -0.27
N ARG C 485 59.75 -17.25 -1.49
CA ARG C 485 59.70 -18.69 -1.75
C ARG C 485 60.73 -19.44 -0.90
N GLN C 486 61.93 -18.89 -0.77
CA GLN C 486 62.95 -19.54 0.04
C GLN C 486 62.56 -19.58 1.51
N ASN C 487 62.00 -18.48 2.01
CA ASN C 487 61.55 -18.47 3.41
C ASN C 487 60.43 -19.48 3.63
N LEU C 488 59.49 -19.57 2.69
CA LEU C 488 58.41 -20.53 2.82
C LEU C 488 58.91 -21.97 2.77
N PHE C 489 59.89 -22.25 1.91
CA PHE C 489 60.44 -23.60 1.84
C PHE C 489 61.24 -23.94 3.09
N GLN C 490 61.92 -22.95 3.67
CA GLN C 490 62.70 -23.20 4.87
C GLN C 490 61.79 -23.42 6.08
N GLU C 491 60.77 -22.60 6.23
CA GLU C 491 59.89 -22.71 7.40
C GLU C 491 58.94 -23.89 7.33
N GLU C 492 59.05 -24.79 6.35
CA GLU C 492 58.21 -25.99 6.30
C GLU C 492 59.04 -27.26 6.35
N GLY C 493 60.33 -27.16 6.67
CA GLY C 493 61.18 -28.32 6.80
C GLY C 493 61.50 -29.01 5.49
N MET C 494 61.97 -28.23 4.51
CA MET C 494 62.34 -28.78 3.21
C MET C 494 63.83 -29.04 3.08
N ILE C 495 64.67 -28.22 3.71
CA ILE C 495 66.11 -28.42 3.62
C ILE C 495 66.52 -29.74 4.24
N ASN C 496 65.95 -30.08 5.40
CA ASN C 496 66.26 -31.36 6.03
C ASN C 496 65.74 -32.52 5.21
N LEU C 497 64.61 -32.35 4.53
CA LEU C 497 64.12 -33.39 3.62
C LEU C 497 65.08 -33.61 2.46
N VAL C 498 65.59 -32.52 1.88
CA VAL C 498 66.58 -32.64 0.81
C VAL C 498 67.83 -33.33 1.33
N LEU C 499 68.24 -33.02 2.56
CA LEU C 499 69.40 -33.66 3.14
C LEU C 499 69.18 -35.15 3.34
N GLU C 500 67.98 -35.54 3.77
CA GLU C 500 67.68 -36.96 3.94
C GLU C 500 67.72 -37.69 2.60
N CYS C 501 67.15 -37.08 1.56
CA CYS C 501 67.23 -37.69 0.23
C CYS C 501 68.67 -37.79 -0.24
N ILE C 502 69.48 -36.76 0.03
CA ILE C 502 70.90 -36.79 -0.33
C ILE C 502 71.62 -37.92 0.39
N ASP C 503 71.31 -38.12 1.66
CA ASP C 503 71.94 -39.18 2.43
C ASP C 503 71.57 -40.56 1.87
N ARG C 504 70.27 -40.78 1.64
CA ARG C 504 69.82 -42.07 1.13
C ARG C 504 70.26 -42.32 -0.31
N LEU C 505 70.64 -41.27 -1.04
CA LEU C 505 71.23 -41.47 -2.35
C LEU C 505 72.74 -41.68 -2.29
N HIS C 506 73.43 -41.14 -1.28
CA HIS C 506 74.85 -41.38 -1.13
C HIS C 506 75.19 -42.66 -0.38
N VAL C 507 74.22 -43.31 0.26
CA VAL C 507 74.50 -44.61 0.87
C VAL C 507 75.05 -45.61 -0.15
N TYR C 508 74.78 -45.39 -1.43
CA TYR C 508 75.36 -46.20 -2.49
C TYR C 508 76.67 -45.58 -2.95
N SER C 509 77.54 -46.42 -3.52
CA SER C 509 78.89 -45.99 -3.86
C SER C 509 78.98 -45.41 -5.26
N SER C 510 78.46 -46.11 -6.27
CA SER C 510 78.60 -45.69 -7.65
C SER C 510 77.33 -46.01 -8.42
N ALA C 511 77.31 -45.57 -9.69
CA ALA C 511 76.17 -45.82 -10.54
C ALA C 511 76.00 -47.32 -10.81
N ALA C 512 77.10 -48.03 -11.02
CA ALA C 512 77.02 -49.48 -11.20
C ALA C 512 76.57 -50.18 -9.92
N HIS C 513 76.95 -49.64 -8.76
CA HIS C 513 76.53 -50.23 -7.50
C HIS C 513 75.05 -49.96 -7.23
N PHE C 514 74.53 -48.86 -7.75
CA PHE C 514 73.11 -48.54 -7.55
C PHE C 514 72.22 -49.22 -8.58
N ALA C 515 72.77 -49.53 -9.76
CA ALA C 515 71.96 -50.13 -10.82
C ALA C 515 71.49 -51.52 -10.44
N ASP C 516 72.41 -52.39 -10.01
CA ASP C 516 72.05 -53.75 -9.67
C ASP C 516 71.15 -53.86 -8.44
N VAL C 517 70.92 -52.74 -7.73
CA VAL C 517 70.00 -52.72 -6.60
C VAL C 517 68.66 -52.12 -6.99
N ALA C 518 68.66 -51.10 -7.83
CA ALA C 518 67.42 -50.40 -8.19
C ALA C 518 66.97 -50.62 -9.63
N GLY C 519 67.88 -50.93 -10.54
CA GLY C 519 67.55 -51.15 -11.93
C GLY C 519 68.37 -50.28 -12.86
N ARG C 520 68.17 -50.52 -14.16
CA ARG C 520 68.94 -49.82 -15.18
C ARG C 520 68.65 -48.33 -15.17
N GLU C 521 67.36 -47.97 -15.27
CA GLU C 521 67.00 -46.55 -15.36
C GLU C 521 67.41 -45.79 -14.10
N ALA C 522 67.16 -46.38 -12.93
CA ALA C 522 67.55 -45.72 -11.69
C ALA C 522 69.06 -45.59 -11.58
N GLY C 523 69.79 -46.63 -11.98
CA GLY C 523 71.25 -46.57 -11.92
C GLY C 523 71.84 -45.54 -12.86
N GLU C 524 71.20 -45.33 -14.02
CA GLU C 524 71.74 -44.34 -14.95
C GLU C 524 71.32 -42.93 -14.57
N SER C 525 70.15 -42.75 -13.95
CA SER C 525 69.67 -41.42 -13.59
C SER C 525 70.05 -41.03 -12.16
N TRP C 526 70.72 -41.90 -11.41
CA TRP C 526 71.13 -41.58 -10.04
C TRP C 526 72.07 -40.37 -10.02
N LYS C 527 73.03 -40.32 -10.95
CA LYS C 527 73.96 -39.21 -11.00
C LYS C 527 73.24 -37.90 -11.27
N SER C 528 72.34 -37.89 -12.26
CA SER C 528 71.60 -36.68 -12.58
C SER C 528 70.71 -36.26 -11.42
N ILE C 529 70.14 -37.23 -10.69
CA ILE C 529 69.30 -36.88 -9.56
C ILE C 529 70.13 -36.24 -8.44
N LEU C 530 71.32 -36.79 -8.17
CA LEU C 530 72.19 -36.15 -7.18
C LEU C 530 72.60 -34.75 -7.60
N ASN C 531 72.97 -34.57 -8.87
CA ASN C 531 73.37 -33.26 -9.34
C ASN C 531 72.23 -32.26 -9.20
N SER C 532 71.02 -32.65 -9.62
CA SER C 532 69.89 -31.74 -9.51
C SER C 532 69.54 -31.46 -8.05
N LEU C 533 69.66 -32.46 -7.18
CA LEU C 533 69.35 -32.24 -5.77
C LEU C 533 70.33 -31.27 -5.13
N TYR C 534 71.62 -31.40 -5.46
CA TYR C 534 72.60 -30.48 -4.90
C TYR C 534 72.41 -29.08 -5.47
N GLU C 535 72.08 -28.98 -6.76
CA GLU C 535 71.78 -27.68 -7.35
C GLU C 535 70.57 -27.05 -6.67
N LEU C 536 69.56 -27.84 -6.34
CA LEU C 536 68.40 -27.32 -5.63
C LEU C 536 68.77 -26.87 -4.22
N LEU C 537 69.59 -27.65 -3.52
CA LEU C 537 70.02 -27.26 -2.18
C LEU C 537 70.79 -25.94 -2.22
N ALA C 538 71.61 -25.75 -3.24
CA ALA C 538 72.34 -24.48 -3.37
C ALA C 538 71.41 -23.34 -3.75
N ALA C 539 70.46 -23.58 -4.65
CA ALA C 539 69.57 -22.53 -5.10
C ALA C 539 68.61 -22.09 -4.00
N LEU C 540 68.26 -23.00 -3.08
CA LEU C 540 67.42 -22.63 -1.96
C LEU C 540 68.10 -21.62 -1.04
N ILE C 541 69.43 -21.51 -1.10
CA ILE C 541 70.18 -20.80 -0.08
C ILE C 541 71.10 -19.77 -0.72
N ARG C 542 70.98 -19.63 -2.05
CA ARG C 542 71.87 -18.74 -2.79
C ARG C 542 71.78 -17.31 -2.29
N GLY C 543 70.57 -16.77 -2.21
CA GLY C 543 70.39 -15.37 -1.86
C GLY C 543 70.03 -15.13 -0.41
N ASN C 544 69.27 -16.03 0.18
CA ASN C 544 68.78 -15.85 1.55
C ASN C 544 69.93 -15.97 2.55
N ARG C 545 69.72 -15.35 3.70
CA ARG C 545 70.69 -15.35 4.80
C ARG C 545 70.19 -16.07 6.04
N LYS C 546 68.90 -15.91 6.37
CA LYS C 546 68.32 -16.62 7.50
C LYS C 546 68.40 -18.13 7.30
N ASN C 547 68.24 -18.58 6.05
CA ASN C 547 68.37 -20.00 5.76
C ASN C 547 69.75 -20.52 6.15
N CYS C 548 70.79 -19.82 5.71
CA CYS C 548 72.16 -20.28 6.01
C CYS C 548 72.45 -20.20 7.50
N ALA C 549 72.06 -19.09 8.14
CA ALA C 549 72.24 -18.99 9.58
C ALA C 549 71.47 -20.07 10.33
N GLN C 550 70.43 -20.63 9.73
CA GLN C 550 69.67 -21.68 10.38
C GLN C 550 70.29 -23.07 10.19
N PHE C 551 70.55 -23.47 8.95
CA PHE C 551 71.04 -24.83 8.72
C PHE C 551 72.56 -24.94 8.78
N SER C 552 73.27 -23.87 9.16
CA SER C 552 74.72 -23.92 9.21
C SER C 552 75.26 -25.08 10.05
N GLY C 553 74.42 -25.69 10.90
CA GLY C 553 74.86 -26.82 11.70
C GLY C 553 75.16 -28.08 10.91
N SER C 554 74.71 -28.16 9.66
CA SER C 554 74.98 -29.32 8.81
C SER C 554 76.30 -29.20 8.05
N LEU C 555 77.13 -28.21 8.40
CA LEU C 555 78.36 -27.98 7.67
C LEU C 555 79.34 -29.14 7.81
N ASP C 556 79.39 -29.77 8.98
CA ASP C 556 80.31 -30.88 9.17
C ASP C 556 79.93 -32.03 8.26
N TRP C 557 78.62 -32.33 8.18
CA TRP C 557 78.17 -33.36 7.26
C TRP C 557 78.46 -32.98 5.82
N LEU C 558 78.28 -31.71 5.47
CA LEU C 558 78.61 -31.26 4.12
C LEU C 558 80.06 -31.53 3.79
N ILE C 559 80.98 -31.11 4.66
CA ILE C 559 82.40 -31.26 4.39
C ILE C 559 82.84 -32.72 4.49
N SER C 560 82.11 -33.55 5.24
CA SER C 560 82.43 -34.97 5.25
C SER C 560 82.01 -35.65 3.96
N ARG C 561 80.83 -35.29 3.43
CA ARG C 561 80.40 -35.82 2.15
C ARG C 561 81.14 -35.19 0.97
N LEU C 562 81.84 -34.08 1.20
CA LEU C 562 82.62 -33.43 0.16
C LEU C 562 83.55 -34.40 -0.56
N GLU C 563 83.99 -35.46 0.12
CA GLU C 563 84.99 -36.39 -0.41
C GLU C 563 84.33 -37.59 -1.09
N ARG C 564 83.15 -37.42 -1.68
CA ARG C 564 82.45 -38.53 -2.31
C ARG C 564 82.88 -38.80 -3.74
N LEU C 565 83.66 -37.90 -4.35
CA LEU C 565 84.22 -38.07 -5.70
C LEU C 565 83.14 -38.00 -6.78
N GLU C 566 81.89 -37.72 -6.42
CA GLU C 566 80.82 -37.63 -7.40
C GLU C 566 80.26 -36.22 -7.48
N ALA C 567 79.74 -35.68 -6.38
CA ALA C 567 79.15 -34.35 -6.35
C ALA C 567 80.09 -33.30 -5.74
N SER C 568 81.40 -33.42 -5.98
CA SER C 568 82.33 -32.44 -5.41
C SER C 568 81.96 -31.03 -5.83
N SER C 569 81.58 -30.84 -7.09
CA SER C 569 81.16 -29.52 -7.57
C SER C 569 79.95 -29.04 -6.78
N GLY C 570 78.95 -29.91 -6.60
CA GLY C 570 77.73 -29.48 -5.93
C GLY C 570 77.97 -29.13 -4.46
N ILE C 571 78.71 -29.99 -3.75
CA ILE C 571 79.02 -29.72 -2.35
C ILE C 571 79.86 -28.46 -2.23
N LEU C 572 80.78 -28.24 -3.18
CA LEU C 572 81.61 -27.05 -3.12
C LEU C 572 80.80 -25.79 -3.36
N GLU C 573 79.85 -25.85 -4.30
CA GLU C 573 79.00 -24.69 -4.53
C GLU C 573 78.10 -24.42 -3.34
N VAL C 574 77.60 -25.47 -2.69
CA VAL C 574 76.79 -25.28 -1.49
C VAL C 574 77.62 -24.65 -0.38
N LEU C 575 78.86 -25.14 -0.19
CA LEU C 575 79.73 -24.59 0.84
C LEU C 575 80.08 -23.14 0.55
N HIS C 576 80.36 -22.81 -0.71
CA HIS C 576 80.71 -21.44 -1.07
C HIS C 576 79.52 -20.50 -0.85
N CYS C 577 78.32 -20.92 -1.27
CA CYS C 577 77.16 -20.06 -1.11
C CYS C 577 76.67 -19.98 0.34
N VAL C 578 77.05 -20.94 1.19
CA VAL C 578 76.72 -20.82 2.60
C VAL C 578 77.78 -20.04 3.37
N LEU C 579 79.02 -19.99 2.87
CA LEU C 579 80.06 -19.21 3.52
C LEU C 579 80.10 -17.76 3.06
N VAL C 580 79.63 -17.46 1.85
CA VAL C 580 79.70 -16.09 1.36
C VAL C 580 78.66 -15.18 2.01
N GLU C 581 77.59 -15.73 2.56
CA GLU C 581 76.50 -14.91 3.09
C GLU C 581 76.43 -14.92 4.61
N SER C 582 76.40 -16.08 5.23
CA SER C 582 76.21 -16.17 6.68
C SER C 582 77.56 -16.10 7.39
N PRO C 583 77.80 -15.08 8.21
CA PRO C 583 79.05 -15.06 8.99
C PRO C 583 79.06 -16.03 10.15
N GLU C 584 77.89 -16.57 10.53
CA GLU C 584 77.85 -17.54 11.62
C GLU C 584 78.49 -18.86 11.21
N ALA C 585 78.51 -19.17 9.91
CA ALA C 585 79.08 -20.44 9.46
C ALA C 585 80.60 -20.45 9.62
N LEU C 586 81.25 -19.28 9.53
CA LEU C 586 82.69 -19.23 9.69
C LEU C 586 83.13 -19.48 11.13
N ASN C 587 82.22 -19.32 12.10
CA ASN C 587 82.56 -19.55 13.49
C ASN C 587 82.61 -21.03 13.86
N ILE C 588 82.02 -21.89 13.03
CA ILE C 588 81.99 -23.32 13.30
C ILE C 588 82.89 -24.10 12.34
N ILE C 589 83.66 -23.41 11.52
CA ILE C 589 84.64 -24.05 10.64
C ILE C 589 85.93 -24.18 11.41
N LYS C 590 86.27 -25.41 11.81
CA LYS C 590 87.46 -25.67 12.60
C LYS C 590 88.63 -26.00 11.68
N GLU C 591 89.77 -26.33 12.27
CA GLU C 591 90.97 -26.63 11.48
C GLU C 591 90.82 -27.92 10.69
N GLY C 592 90.04 -28.88 11.21
CA GLY C 592 89.82 -30.12 10.47
C GLY C 592 89.12 -29.89 9.15
N HIS C 593 88.14 -28.99 9.15
CA HIS C 593 87.42 -28.69 7.91
C HIS C 593 88.34 -28.04 6.88
N ILE C 594 89.19 -27.11 7.31
CA ILE C 594 90.12 -26.47 6.39
C ILE C 594 91.12 -27.47 5.86
N LYS C 595 91.59 -28.38 6.72
CA LYS C 595 92.51 -29.41 6.26
C LYS C 595 91.82 -30.35 5.27
N SER C 596 90.55 -30.64 5.48
CA SER C 596 89.82 -31.49 4.54
C SER C 596 89.63 -30.79 3.20
N ILE C 597 89.38 -29.47 3.22
CA ILE C 597 89.24 -28.73 1.97
C ILE C 597 90.56 -28.69 1.22
N ILE C 598 91.67 -28.50 1.94
CA ILE C 598 92.98 -28.50 1.30
C ILE C 598 93.31 -29.89 0.77
N SER C 599 92.88 -30.95 1.45
CA SER C 599 93.07 -32.30 0.93
C SER C 599 92.25 -32.52 -0.34
N LEU C 600 91.04 -31.97 -0.38
CA LEU C 600 90.26 -32.01 -1.61
C LEU C 600 90.98 -31.30 -2.75
N LEU C 601 91.57 -30.14 -2.46
CA LEU C 601 92.35 -29.44 -3.48
C LEU C 601 93.54 -30.26 -3.93
N ASP C 602 94.16 -31.00 -3.01
CA ASP C 602 95.32 -31.82 -3.36
C ASP C 602 94.93 -33.07 -4.13
N LYS C 603 93.71 -33.56 -3.95
CA LYS C 603 93.28 -34.80 -4.59
C LYS C 603 92.62 -34.56 -5.95
N HIS C 604 91.60 -33.70 -6.00
CA HIS C 604 90.84 -33.50 -7.22
C HIS C 604 91.54 -32.62 -8.24
N GLY C 605 92.63 -31.96 -7.87
CA GLY C 605 93.40 -31.17 -8.79
C GLY C 605 93.23 -29.68 -8.57
N ARG C 606 93.57 -28.92 -9.62
CA ARG C 606 93.56 -27.46 -9.57
C ARG C 606 92.17 -26.96 -9.96
N ASN C 607 91.40 -26.53 -8.97
CA ASN C 607 90.06 -26.00 -9.17
C ASN C 607 89.97 -24.65 -8.47
N HIS C 608 89.50 -23.63 -9.20
CA HIS C 608 89.42 -22.30 -8.61
C HIS C 608 88.26 -22.16 -7.64
N LYS C 609 87.31 -23.10 -7.64
CA LYS C 609 86.22 -23.03 -6.68
C LYS C 609 86.71 -23.26 -5.26
N VAL C 610 87.69 -24.16 -5.09
CA VAL C 610 88.29 -24.36 -3.77
C VAL C 610 88.94 -23.07 -3.28
N LEU C 611 89.64 -22.38 -4.19
CA LEU C 611 90.31 -21.14 -3.80
C LEU C 611 89.30 -20.05 -3.49
N ASP C 612 88.19 -19.99 -4.22
CA ASP C 612 87.12 -19.05 -3.87
C ASP C 612 86.52 -19.37 -2.52
N VAL C 613 86.39 -20.65 -2.19
CA VAL C 613 85.91 -21.04 -0.87
C VAL C 613 86.90 -20.60 0.21
N LEU C 614 88.20 -20.74 -0.07
CA LEU C 614 89.19 -20.28 0.89
C LEU C 614 89.17 -18.75 1.03
N CYS C 615 88.89 -18.05 -0.06
CA CYS C 615 88.77 -16.60 0.02
C CYS C 615 87.60 -16.22 0.91
N SER C 616 86.48 -16.94 0.76
CA SER C 616 85.32 -16.72 1.62
C SER C 616 85.63 -17.06 3.08
N LEU C 617 86.43 -18.11 3.31
CA LEU C 617 86.78 -18.49 4.68
C LEU C 617 87.70 -17.46 5.32
N CYS C 618 88.63 -16.89 4.56
CA CYS C 618 89.52 -15.88 5.11
C CYS C 618 88.79 -14.59 5.39
N VAL C 619 87.94 -14.14 4.47
CA VAL C 619 87.20 -12.90 4.66
C VAL C 619 85.76 -13.13 4.24
N CYS C 620 84.82 -12.92 5.17
CA CYS C 620 83.41 -13.14 4.90
C CYS C 620 82.70 -11.86 4.45
N HIS C 621 82.67 -10.85 5.33
CA HIS C 621 82.02 -9.57 5.00
C HIS C 621 82.87 -8.44 5.57
N GLY C 622 83.82 -7.97 4.76
CA GLY C 622 84.67 -6.84 5.14
C GLY C 622 85.45 -7.02 6.43
N VAL C 623 85.43 -8.22 7.00
CA VAL C 623 86.14 -8.51 8.24
C VAL C 623 86.98 -9.76 8.02
N ALA C 624 88.11 -9.81 8.70
CA ALA C 624 89.06 -10.91 8.56
C ALA C 624 88.98 -11.85 9.76
N VAL C 625 89.29 -13.12 9.51
CA VAL C 625 89.35 -14.13 10.54
C VAL C 625 90.81 -14.55 10.66
N ARG C 626 91.48 -14.07 11.71
CA ARG C 626 92.92 -14.31 11.83
C ARG C 626 93.22 -15.79 11.99
N SER C 627 92.38 -16.52 12.72
CA SER C 627 92.59 -17.95 12.90
C SER C 627 92.51 -18.69 11.57
N ASN C 628 91.47 -18.41 10.78
CA ASN C 628 91.32 -19.07 9.50
C ASN C 628 92.44 -18.67 8.53
N GLN C 629 92.85 -17.40 8.56
CA GLN C 629 93.95 -16.96 7.69
C GLN C 629 95.24 -17.67 8.06
N HIS C 630 95.53 -17.79 9.36
CA HIS C 630 96.73 -18.48 9.80
C HIS C 630 96.67 -19.96 9.42
N LEU C 631 95.50 -20.58 9.57
CA LEU C 631 95.36 -21.99 9.20
C LEU C 631 95.58 -22.18 7.71
N ILE C 632 95.04 -21.30 6.89
CA ILE C 632 95.23 -21.39 5.44
C ILE C 632 96.70 -21.23 5.09
N CYS C 633 97.34 -20.20 5.63
CA CYS C 633 98.76 -19.98 5.34
C CYS C 633 99.62 -21.11 5.87
N ASP C 634 99.18 -21.81 6.91
CA ASP C 634 100.00 -22.86 7.51
C ASP C 634 99.83 -24.19 6.78
N ASN C 635 98.63 -24.50 6.33
CA ASN C 635 98.34 -25.81 5.76
C ASN C 635 98.22 -25.82 4.24
N LEU C 636 98.26 -24.66 3.59
CA LEU C 636 98.10 -24.59 2.14
C LEU C 636 99.42 -24.48 1.40
N LEU C 637 100.38 -23.72 1.94
CA LEU C 637 101.65 -23.51 1.26
C LEU C 637 102.87 -23.74 2.17
N PRO C 638 102.91 -24.88 2.91
CA PRO C 638 104.11 -25.17 3.70
C PRO C 638 105.22 -25.81 2.86
N GLY C 639 104.83 -26.65 1.90
CA GLY C 639 105.79 -27.40 1.10
C GLY C 639 105.81 -27.00 -0.36
N ARG C 640 104.91 -26.09 -0.74
CA ARG C 640 104.89 -25.49 -2.07
C ARG C 640 104.57 -26.50 -3.18
N ASP C 641 103.89 -27.60 -2.86
CA ASP C 641 103.46 -28.57 -3.86
C ASP C 641 101.96 -28.52 -4.13
N LEU C 642 101.19 -27.80 -3.32
CA LEU C 642 99.74 -27.76 -3.51
C LEU C 642 99.36 -26.93 -4.73
N LEU C 643 100.13 -25.89 -5.03
CA LEU C 643 99.78 -24.90 -6.05
C LEU C 643 101.02 -24.58 -6.87
N LEU C 644 100.84 -23.72 -7.87
CA LEU C 644 101.93 -23.32 -8.75
C LEU C 644 102.91 -22.38 -8.04
N GLN C 645 104.18 -22.47 -8.42
CA GLN C 645 105.19 -21.56 -7.88
C GLN C 645 105.59 -20.57 -8.96
N THR C 646 106.26 -19.51 -8.54
CA THR C 646 106.83 -18.53 -9.45
C THR C 646 108.26 -18.24 -9.05
N ARG C 647 109.07 -17.87 -10.04
CA ARG C 647 110.44 -17.43 -9.78
C ARG C 647 110.81 -16.40 -10.84
N LEU C 648 111.89 -15.67 -10.58
CA LEU C 648 112.44 -14.69 -11.53
C LEU C 648 113.83 -15.16 -11.93
N VAL C 649 113.94 -15.76 -13.11
CA VAL C 649 115.18 -16.35 -13.57
C VAL C 649 115.80 -15.46 -14.63
N ASN C 650 117.03 -15.78 -15.02
CA ASN C 650 117.78 -15.03 -16.00
C ASN C 650 117.67 -15.68 -17.37
N HIS C 651 117.93 -14.89 -18.41
CA HIS C 651 117.96 -15.39 -19.77
C HIS C 651 119.38 -15.83 -20.12
N VAL C 652 119.52 -17.08 -20.57
CA VAL C 652 120.82 -17.60 -20.94
C VAL C 652 120.84 -17.90 -22.42
N SER C 653 122.02 -17.75 -23.02
CA SER C 653 122.21 -18.01 -24.43
C SER C 653 123.32 -19.03 -24.62
N SER C 654 123.20 -19.83 -25.67
CA SER C 654 124.14 -20.89 -25.98
C SER C 654 124.83 -20.57 -27.30
N MET C 655 126.13 -20.36 -27.25
CA MET C 655 126.94 -20.06 -28.43
C MET C 655 127.85 -21.25 -28.74
N ARG C 656 128.25 -21.36 -30.01
CA ARG C 656 129.13 -22.42 -30.45
C ARG C 656 129.78 -22.01 -31.76
N PRO C 657 130.95 -22.56 -32.09
CA PRO C 657 131.49 -22.41 -33.44
C PRO C 657 130.87 -23.43 -34.39
N ASN C 658 131.08 -23.19 -35.68
CA ASN C 658 130.57 -24.07 -36.73
C ASN C 658 131.43 -25.33 -36.81
N ILE C 659 131.29 -26.17 -35.79
CA ILE C 659 132.07 -27.39 -35.64
C ILE C 659 131.12 -28.53 -35.29
N PHE C 660 131.28 -29.67 -35.96
CA PHE C 660 130.48 -30.86 -35.69
C PHE C 660 131.40 -32.07 -35.60
N LEU C 661 131.17 -32.91 -34.59
CA LEU C 661 132.02 -34.06 -34.31
C LEU C 661 131.15 -35.32 -34.27
N GLY C 662 131.28 -36.15 -35.30
CA GLY C 662 130.52 -37.38 -35.37
C GLY C 662 131.42 -38.57 -35.63
N VAL C 663 131.00 -39.72 -35.11
CA VAL C 663 131.78 -40.95 -35.22
C VAL C 663 130.92 -42.02 -35.87
N SER C 664 131.58 -42.87 -36.65
CA SER C 664 130.91 -44.00 -37.31
C SER C 664 131.99 -44.99 -37.72
N GLU C 665 131.55 -46.14 -38.23
CA GLU C 665 132.50 -47.12 -38.76
C GLU C 665 133.00 -46.67 -40.12
N GLY C 666 134.30 -46.81 -40.34
CA GLY C 666 134.91 -46.39 -41.58
C GLY C 666 135.54 -45.02 -41.48
N SER C 667 134.88 -44.02 -42.07
CA SER C 667 135.40 -42.66 -42.06
C SER C 667 135.13 -42.01 -40.70
N ALA C 668 136.20 -41.67 -39.99
CA ALA C 668 136.09 -41.04 -38.68
C ALA C 668 136.89 -39.73 -38.69
N GLN C 669 136.90 -39.06 -37.54
CA GLN C 669 137.61 -37.80 -37.37
C GLN C 669 138.62 -37.87 -36.24
N TYR C 670 139.23 -39.05 -36.05
CA TYR C 670 140.30 -39.29 -35.08
C TYR C 670 139.76 -39.28 -33.65
N LYS C 671 138.49 -38.92 -33.48
CA LYS C 671 137.77 -39.04 -32.21
C LYS C 671 138.47 -38.36 -31.05
N LYS C 672 139.28 -37.33 -31.32
CA LYS C 672 140.01 -36.62 -30.26
C LYS C 672 140.07 -35.14 -30.61
N TRP C 673 139.59 -34.30 -29.70
CA TRP C 673 139.57 -32.85 -29.89
C TRP C 673 139.86 -32.16 -28.57
N TYR C 674 140.13 -30.85 -28.65
CA TYR C 674 140.55 -30.07 -27.50
C TYR C 674 140.53 -28.60 -27.86
N TYR C 675 140.31 -27.75 -26.85
CA TYR C 675 140.44 -26.31 -27.01
C TYR C 675 140.63 -25.68 -25.64
N GLU C 676 140.88 -24.37 -25.62
CA GLU C 676 141.12 -23.65 -24.39
C GLU C 676 140.08 -22.56 -24.21
N LEU C 677 140.12 -21.90 -23.06
CA LEU C 677 139.08 -20.94 -22.71
C LEU C 677 139.61 -19.99 -21.65
N MET C 678 139.39 -18.69 -21.85
CA MET C 678 139.75 -17.66 -20.88
C MET C 678 138.57 -16.72 -20.69
N VAL C 679 138.67 -15.88 -19.67
CA VAL C 679 137.63 -14.92 -19.32
C VAL C 679 138.25 -13.56 -19.05
N ASP C 680 137.59 -12.51 -19.54
CA ASP C 680 138.06 -11.14 -19.38
C ASP C 680 137.47 -10.48 -18.14
N HIS C 681 136.14 -10.43 -18.06
CA HIS C 681 135.45 -9.85 -16.92
C HIS C 681 134.17 -10.64 -16.66
N THR C 682 133.90 -10.93 -15.38
CA THR C 682 132.74 -11.72 -15.00
C THR C 682 132.29 -11.28 -13.62
N GLU C 683 131.10 -10.68 -13.53
CA GLU C 683 130.56 -10.31 -12.23
C GLU C 683 129.89 -11.51 -11.57
N PRO C 684 130.04 -11.66 -10.25
CA PRO C 684 129.41 -12.82 -9.58
C PRO C 684 127.90 -12.74 -9.57
N PHE C 685 127.33 -11.55 -9.35
CA PHE C 685 125.89 -11.35 -9.33
C PHE C 685 125.58 -10.06 -10.08
N VAL C 686 125.03 -10.19 -11.29
CA VAL C 686 124.82 -9.03 -12.14
C VAL C 686 123.70 -8.14 -11.58
N THR C 687 122.49 -8.68 -11.47
CA THR C 687 121.39 -7.93 -10.87
C THR C 687 120.88 -8.56 -9.59
N ALA C 688 120.39 -9.81 -9.63
CA ALA C 688 119.75 -10.41 -8.47
C ALA C 688 120.15 -11.84 -8.18
N GLU C 689 120.64 -12.61 -9.15
CA GLU C 689 120.89 -14.03 -8.95
C GLU C 689 122.31 -14.36 -9.39
N ALA C 690 122.68 -15.63 -9.23
CA ALA C 690 124.00 -16.09 -9.60
C ALA C 690 124.19 -16.04 -11.12
N THR C 691 125.35 -15.57 -11.55
CA THR C 691 125.66 -15.48 -12.98
C THR C 691 125.82 -16.88 -13.54
N HIS C 692 124.89 -17.29 -14.39
CA HIS C 692 124.98 -18.59 -15.05
C HIS C 692 126.10 -18.56 -16.07
N LEU C 693 127.09 -19.45 -15.90
CA LEU C 693 128.23 -19.54 -16.81
C LEU C 693 128.73 -20.97 -16.80
N ARG C 694 128.45 -21.70 -17.88
CA ARG C 694 128.90 -23.08 -18.02
C ARG C 694 129.49 -23.28 -19.41
N VAL C 695 130.37 -24.27 -19.53
CA VAL C 695 131.00 -24.60 -20.79
C VAL C 695 131.08 -26.12 -20.91
N GLY C 696 130.91 -26.63 -22.13
CA GLY C 696 130.96 -28.07 -22.32
C GLY C 696 130.66 -28.53 -23.73
N TRP C 697 130.07 -29.72 -23.84
CA TRP C 697 129.79 -30.35 -25.13
C TRP C 697 128.34 -30.80 -25.17
N ALA C 698 127.64 -30.45 -26.24
CA ALA C 698 126.24 -30.80 -26.41
C ALA C 698 126.07 -31.70 -27.62
N SER C 699 125.23 -32.73 -27.48
CA SER C 699 124.94 -33.64 -28.57
C SER C 699 123.79 -33.11 -29.42
N THR C 700 123.41 -33.87 -30.45
CA THR C 700 122.29 -33.50 -31.30
C THR C 700 121.34 -34.67 -31.50
N GLU C 701 120.35 -34.51 -32.40
CA GLU C 701 119.42 -35.57 -32.73
C GLU C 701 119.97 -36.34 -33.93
N GLY C 702 120.89 -37.26 -33.63
CA GLY C 702 121.54 -38.02 -34.67
C GLY C 702 122.51 -37.18 -35.47
N TYR C 703 122.16 -36.88 -36.71
CA TYR C 703 123.00 -36.06 -37.58
C TYR C 703 122.28 -34.82 -38.05
N SER C 704 121.57 -34.14 -37.15
CA SER C 704 120.74 -33.00 -37.50
C SER C 704 121.01 -31.83 -36.58
N PRO C 705 120.71 -30.60 -37.02
CA PRO C 705 120.85 -29.43 -36.15
C PRO C 705 119.78 -29.37 -35.06
N TYR C 706 119.70 -28.24 -34.36
CA TYR C 706 118.81 -28.05 -33.21
C TYR C 706 119.17 -29.03 -32.08
N PRO C 707 120.28 -28.80 -31.38
CA PRO C 707 120.67 -29.71 -30.30
C PRO C 707 119.73 -29.70 -29.11
N GLY C 708 120.10 -30.40 -28.05
CA GLY C 708 119.25 -30.53 -26.88
C GLY C 708 118.89 -29.20 -26.24
N GLY C 709 117.94 -29.28 -25.33
CA GLY C 709 117.34 -28.11 -24.69
C GLY C 709 115.85 -28.34 -24.57
N GLY C 710 115.22 -27.56 -23.69
CA GLY C 710 113.81 -27.79 -23.48
C GLY C 710 113.02 -27.39 -24.73
N GLU C 711 112.79 -26.11 -24.95
CA GLU C 711 112.56 -25.62 -26.30
C GLU C 711 113.48 -24.44 -26.62
N GLU C 712 113.44 -23.39 -25.79
CA GLU C 712 114.29 -22.21 -25.86
C GLU C 712 113.97 -21.20 -24.77
N TRP C 713 114.95 -20.32 -24.53
CA TRP C 713 114.90 -19.08 -23.77
C TRP C 713 114.74 -19.30 -22.27
N GLY C 714 114.63 -20.54 -21.82
CA GLY C 714 114.56 -20.82 -20.40
C GLY C 714 115.93 -20.88 -19.77
N GLY C 715 115.95 -21.33 -18.52
CA GLY C 715 117.18 -21.51 -17.77
C GLY C 715 118.00 -22.72 -18.18
N ASN C 716 117.70 -23.35 -19.30
CA ASN C 716 118.41 -24.54 -19.75
C ASN C 716 119.62 -24.11 -20.57
N GLY C 717 120.79 -24.11 -19.95
CA GLY C 717 122.03 -23.84 -20.65
C GLY C 717 122.62 -25.11 -21.21
N VAL C 718 123.84 -25.43 -20.80
CA VAL C 718 124.45 -26.72 -21.13
C VAL C 718 124.46 -27.58 -19.89
N GLY C 719 124.39 -28.89 -20.09
CA GLY C 719 124.31 -29.83 -18.98
C GLY C 719 122.96 -29.90 -18.30
N ASP C 720 122.01 -29.05 -18.69
CA ASP C 720 120.69 -29.05 -18.09
C ASP C 720 119.77 -30.11 -18.68
N ASP C 721 120.29 -30.98 -19.54
CA ASP C 721 119.52 -32.07 -20.11
C ASP C 721 120.47 -33.22 -20.42
N LEU C 722 119.91 -34.31 -20.93
CA LEU C 722 120.72 -35.49 -21.23
C LEU C 722 121.50 -35.36 -22.54
N PHE C 723 121.15 -34.39 -23.37
CA PHE C 723 121.84 -34.16 -24.63
C PHE C 723 122.97 -33.14 -24.50
N SER C 724 123.41 -32.86 -23.28
CA SER C 724 124.48 -31.88 -23.07
C SER C 724 125.22 -32.23 -21.78
N TYR C 725 126.49 -31.86 -21.74
CA TYR C 725 127.35 -32.09 -20.58
C TYR C 725 128.21 -30.87 -20.37
N GLY C 726 128.04 -30.21 -19.21
CA GLY C 726 128.68 -28.94 -18.96
C GLY C 726 129.45 -28.93 -17.65
N PHE C 727 130.19 -27.84 -17.45
CA PHE C 727 131.02 -27.64 -16.28
C PHE C 727 131.02 -26.14 -15.97
N ASP C 728 130.91 -25.81 -14.69
CA ASP C 728 130.75 -24.42 -14.26
C ASP C 728 131.82 -23.96 -13.28
N GLY C 729 132.82 -24.80 -13.01
CA GLY C 729 133.88 -24.40 -12.09
C GLY C 729 133.93 -25.23 -10.82
N LEU C 730 132.76 -25.52 -10.26
CA LEU C 730 132.67 -26.27 -9.01
C LEU C 730 131.88 -27.58 -9.14
N HIS C 731 130.97 -27.68 -10.09
CA HIS C 731 130.16 -28.87 -10.25
C HIS C 731 130.19 -29.34 -11.70
N LEU C 732 129.60 -30.51 -11.93
CA LEU C 732 129.41 -31.07 -13.25
C LEU C 732 127.92 -31.18 -13.52
N TRP C 733 127.47 -30.66 -14.65
CA TRP C 733 126.05 -30.61 -15.01
C TRP C 733 125.79 -31.62 -16.11
N SER C 734 124.87 -32.56 -15.84
CA SER C 734 124.48 -33.56 -16.84
C SER C 734 123.04 -33.97 -16.51
N GLY C 735 122.09 -33.40 -17.23
CA GLY C 735 120.69 -33.67 -16.97
C GLY C 735 120.06 -32.80 -15.91
N CYS C 736 120.48 -31.54 -15.82
CA CYS C 736 119.96 -30.59 -14.83
C CYS C 736 120.16 -31.09 -13.41
N ILE C 737 121.22 -31.86 -13.19
CA ILE C 737 121.57 -32.39 -11.87
C ILE C 737 123.06 -32.14 -11.66
N ALA C 738 123.39 -31.17 -10.80
CA ALA C 738 124.77 -30.82 -10.56
C ALA C 738 125.40 -31.79 -9.57
N ARG C 739 126.58 -32.30 -9.91
CA ARG C 739 127.33 -33.19 -9.04
C ARG C 739 128.63 -32.51 -8.64
N THR C 740 128.88 -32.43 -7.34
CA THR C 740 130.08 -31.76 -6.88
C THR C 740 131.32 -32.60 -7.17
N VAL C 741 132.46 -31.92 -7.27
CA VAL C 741 133.74 -32.53 -7.58
C VAL C 741 134.79 -31.95 -6.66
N SER C 742 135.93 -32.63 -6.57
CA SER C 742 137.06 -32.18 -5.79
C SER C 742 138.17 -31.73 -6.73
N SER C 743 138.85 -30.64 -6.36
CA SER C 743 139.94 -30.07 -7.15
C SER C 743 140.73 -29.14 -6.24
N PRO C 744 142.04 -29.03 -6.44
CA PRO C 744 142.81 -28.03 -5.69
C PRO C 744 142.34 -26.62 -6.01
N ASN C 745 142.03 -25.86 -4.95
CA ASN C 745 141.55 -24.49 -5.08
C ASN C 745 140.26 -24.45 -5.91
N GLN C 746 139.26 -25.18 -5.44
CA GLN C 746 138.01 -25.29 -6.18
C GLN C 746 137.21 -24.01 -6.07
N HIS C 747 136.71 -23.52 -7.21
CA HIS C 747 135.96 -22.28 -7.26
C HIS C 747 135.28 -22.19 -8.62
N LEU C 748 134.33 -21.27 -8.72
CA LEU C 748 133.63 -21.05 -9.97
C LEU C 748 134.54 -20.38 -11.00
N LEU C 749 134.02 -20.20 -12.21
CA LEU C 749 134.78 -19.62 -13.31
C LEU C 749 134.87 -18.11 -13.08
N ARG C 750 135.72 -17.74 -12.13
CA ARG C 750 135.98 -16.34 -11.84
C ARG C 750 136.84 -15.73 -12.95
N THR C 751 137.21 -14.47 -12.77
CA THR C 751 138.04 -13.78 -13.75
C THR C 751 139.44 -14.39 -13.78
N ASP C 752 140.09 -14.30 -14.94
CA ASP C 752 141.45 -14.79 -15.13
C ASP C 752 141.57 -16.28 -14.81
N ASP C 753 140.58 -17.05 -15.24
CA ASP C 753 140.56 -18.49 -15.05
C ASP C 753 140.77 -19.18 -16.38
N VAL C 754 141.77 -20.05 -16.45
CA VAL C 754 142.15 -20.73 -17.68
C VAL C 754 141.55 -22.13 -17.65
N ILE C 755 140.60 -22.39 -18.55
CA ILE C 755 139.95 -23.69 -18.66
C ILE C 755 140.45 -24.36 -19.93
N SER C 756 140.54 -25.69 -19.90
CA SER C 756 140.95 -26.45 -21.06
C SER C 756 140.02 -27.65 -21.20
N CYS C 757 139.39 -27.76 -22.37
CA CYS C 757 138.37 -28.75 -22.64
C CYS C 757 138.94 -29.80 -23.59
N CYS C 758 138.97 -31.05 -23.13
CA CYS C 758 139.41 -32.16 -23.97
C CYS C 758 138.27 -33.14 -24.17
N LEU C 759 138.32 -33.88 -25.28
CA LEU C 759 137.26 -34.84 -25.60
C LEU C 759 137.83 -35.98 -26.43
N ASP C 760 137.82 -37.19 -25.86
CA ASP C 760 138.01 -38.41 -26.62
C ASP C 760 136.67 -39.12 -26.72
N LEU C 761 136.38 -39.66 -27.90
CA LEU C 761 135.01 -40.03 -28.24
C LEU C 761 134.70 -41.52 -28.04
N SER C 762 135.62 -42.42 -28.35
CA SER C 762 135.25 -43.82 -28.43
C SER C 762 135.19 -44.49 -27.05
N ALA C 763 136.34 -44.64 -26.40
CA ALA C 763 136.35 -45.24 -25.06
C ALA C 763 136.03 -44.22 -23.97
N PRO C 764 136.78 -43.11 -23.86
CA PRO C 764 136.52 -42.16 -22.77
C PRO C 764 135.49 -41.12 -23.13
N SER C 765 135.29 -40.14 -22.24
CA SER C 765 134.38 -39.03 -22.52
C SER C 765 135.07 -37.69 -22.33
N ILE C 766 134.29 -36.61 -22.32
CA ILE C 766 134.87 -35.27 -22.19
C ILE C 766 135.56 -35.11 -20.85
N SER C 767 136.42 -34.10 -20.76
CA SER C 767 137.14 -33.81 -19.52
C SER C 767 137.56 -32.34 -19.52
N PHE C 768 137.73 -31.82 -18.31
CA PHE C 768 138.04 -30.42 -18.07
C PHE C 768 139.29 -30.32 -17.20
N ARG C 769 140.11 -29.30 -17.47
CA ARG C 769 141.26 -28.99 -16.64
C ARG C 769 141.26 -27.49 -16.36
N ILE C 770 141.23 -27.12 -15.08
CA ILE C 770 141.25 -25.72 -14.68
C ILE C 770 142.68 -25.31 -14.36
N ASN C 771 143.17 -24.29 -15.07
CA ASN C 771 144.52 -23.76 -14.86
C ASN C 771 145.58 -24.86 -14.98
N GLY C 772 145.39 -25.75 -15.92
CA GLY C 772 146.33 -26.85 -16.13
C GLY C 772 146.01 -28.15 -15.42
N GLN C 773 145.76 -28.08 -14.12
CA GLN C 773 145.44 -29.28 -13.36
C GLN C 773 144.04 -29.77 -13.73
N PRO C 774 143.87 -31.08 -13.91
CA PRO C 774 142.58 -31.60 -14.35
C PRO C 774 141.59 -31.73 -13.19
N VAL C 775 140.37 -32.09 -13.54
CA VAL C 775 139.32 -32.34 -12.57
C VAL C 775 139.18 -33.84 -12.37
N GLN C 776 138.45 -34.23 -11.32
CA GLN C 776 138.26 -35.63 -10.96
C GLN C 776 136.90 -36.15 -11.42
N GLY C 777 136.41 -35.71 -12.58
CA GLY C 777 135.11 -36.15 -13.04
C GLY C 777 134.98 -36.27 -14.54
N MET C 778 134.41 -37.38 -15.00
CA MET C 778 134.12 -37.60 -16.41
C MET C 778 132.77 -38.27 -16.54
N PHE C 779 132.11 -38.03 -17.68
CA PHE C 779 130.78 -38.57 -17.95
C PHE C 779 130.90 -39.79 -18.85
N GLU C 780 131.30 -40.92 -18.25
CA GLU C 780 131.45 -42.13 -19.03
C GLU C 780 130.07 -42.69 -19.40
N ASN C 781 130.09 -43.72 -20.25
CA ASN C 781 128.88 -44.46 -20.63
C ASN C 781 127.78 -43.52 -21.12
N PHE C 782 128.15 -42.60 -22.00
CA PHE C 782 127.20 -41.67 -22.58
C PHE C 782 126.96 -42.02 -24.05
N ASN C 783 125.93 -41.40 -24.62
CA ASN C 783 125.51 -41.70 -25.98
C ASN C 783 126.61 -41.29 -26.96
N ILE C 784 127.28 -42.26 -27.57
CA ILE C 784 128.32 -41.95 -28.54
C ILE C 784 127.68 -41.43 -29.83
N ASP C 785 126.44 -41.82 -30.10
CA ASP C 785 125.74 -41.31 -31.28
C ASP C 785 125.40 -39.84 -31.11
N GLY C 786 125.46 -39.11 -32.22
CA GLY C 786 125.16 -37.68 -32.21
C GLY C 786 126.35 -36.83 -32.56
N LEU C 787 126.11 -35.59 -32.98
CA LEU C 787 127.17 -34.66 -33.37
C LEU C 787 127.46 -33.73 -32.20
N PHE C 788 128.55 -34.01 -31.50
CA PHE C 788 128.96 -33.18 -30.38
C PHE C 788 129.72 -31.95 -30.86
N PHE C 789 129.81 -30.96 -29.99
CA PHE C 789 130.46 -29.69 -30.33
C PHE C 789 130.71 -28.86 -29.09
N PRO C 790 131.74 -28.02 -29.08
CA PRO C 790 131.93 -27.10 -27.95
C PRO C 790 130.80 -26.08 -27.88
N VAL C 791 130.38 -25.76 -26.66
CA VAL C 791 129.25 -24.87 -26.46
C VAL C 791 129.36 -24.21 -25.09
N VAL C 792 129.12 -22.90 -25.06
CA VAL C 792 129.14 -22.10 -23.85
C VAL C 792 127.74 -21.57 -23.59
N SER C 793 127.37 -21.47 -22.32
CA SER C 793 126.09 -20.90 -21.91
C SER C 793 126.33 -19.85 -20.86
N PHE C 794 125.95 -18.60 -21.16
CA PHE C 794 126.14 -17.48 -20.26
C PHE C 794 124.85 -16.70 -20.12
N SER C 795 124.66 -16.12 -18.93
CA SER C 795 123.42 -15.41 -18.62
C SER C 795 123.53 -13.92 -18.93
N ALA C 796 124.46 -13.23 -18.27
CA ALA C 796 124.65 -11.79 -18.43
C ALA C 796 125.91 -11.39 -17.69
N GLY C 797 126.44 -10.22 -18.07
CA GLY C 797 127.67 -9.72 -17.48
C GLY C 797 128.81 -10.71 -17.66
N ILE C 798 129.13 -11.02 -18.91
CA ILE C 798 130.05 -12.10 -19.24
C ILE C 798 130.98 -11.63 -20.35
N LYS C 799 132.25 -12.04 -20.27
CA LYS C 799 133.24 -11.79 -21.31
C LYS C 799 134.08 -13.06 -21.43
N VAL C 800 133.71 -13.90 -22.39
CA VAL C 800 134.33 -15.21 -22.57
C VAL C 800 135.15 -15.19 -23.86
N ARG C 801 136.23 -15.97 -23.88
CA ARG C 801 137.08 -16.06 -25.07
C ARG C 801 137.50 -17.50 -25.25
N PHE C 802 136.95 -18.16 -26.27
CA PHE C 802 137.43 -19.46 -26.68
C PHE C 802 138.81 -19.32 -27.33
N LEU C 803 139.60 -20.39 -27.25
CA LEU C 803 140.97 -20.40 -27.75
C LEU C 803 141.17 -21.65 -28.60
N LEU C 804 141.30 -21.44 -29.91
CA LEU C 804 141.71 -22.45 -30.87
C LEU C 804 143.13 -22.14 -31.32
N GLY C 805 143.62 -22.91 -32.29
CA GLY C 805 144.93 -22.69 -32.84
C GLY C 805 144.91 -21.95 -34.18
N GLY C 806 146.10 -21.60 -34.65
CA GLY C 806 146.21 -20.94 -35.93
C GLY C 806 145.76 -19.49 -35.85
N ARG C 807 145.12 -19.05 -36.93
CA ARG C 807 144.59 -17.69 -37.02
C ARG C 807 143.29 -17.52 -36.24
N HIS C 808 142.64 -18.61 -35.84
CA HIS C 808 141.38 -18.50 -35.09
C HIS C 808 141.63 -17.96 -33.69
N GLY C 809 142.53 -18.61 -32.94
CA GLY C 809 142.79 -18.20 -31.58
C GLY C 809 144.25 -18.28 -31.19
N GLU C 810 144.52 -18.42 -29.89
CA GLU C 810 145.89 -18.54 -29.39
C GLU C 810 145.89 -19.50 -28.22
N PHE C 811 146.61 -20.61 -28.37
CA PHE C 811 146.77 -21.56 -27.27
C PHE C 811 147.66 -20.99 -26.19
N LYS C 812 147.24 -21.15 -24.93
CA LYS C 812 148.03 -20.76 -23.79
C LYS C 812 148.66 -21.95 -23.08
N PHE C 813 148.05 -23.13 -23.18
CA PHE C 813 148.60 -24.38 -22.67
C PHE C 813 148.83 -25.32 -23.86
N LEU C 814 149.19 -26.57 -23.56
CA LEU C 814 149.31 -27.59 -24.59
C LEU C 814 148.19 -28.62 -24.48
N PRO C 815 147.70 -29.12 -25.60
CA PRO C 815 146.67 -30.17 -25.57
C PRO C 815 147.23 -31.45 -24.98
N PRO C 816 146.36 -32.37 -24.56
CA PRO C 816 146.84 -33.68 -24.11
C PRO C 816 147.53 -34.42 -25.25
N PRO C 817 148.34 -35.44 -24.93
CA PRO C 817 149.07 -36.15 -26.00
C PRO C 817 148.16 -36.74 -27.05
N GLY C 818 148.31 -36.26 -28.29
CA GLY C 818 147.58 -36.77 -29.42
C GLY C 818 146.30 -36.01 -29.73
N TYR C 819 145.68 -35.39 -28.73
CA TYR C 819 144.40 -34.72 -28.92
C TYR C 819 144.55 -33.56 -29.91
N ALA C 820 143.70 -33.55 -30.93
CA ALA C 820 143.67 -32.48 -31.91
C ALA C 820 142.79 -31.34 -31.40
N ALA C 821 142.52 -30.33 -32.23
CA ALA C 821 141.74 -29.18 -31.81
C ALA C 821 140.71 -28.81 -32.86
N CYS C 822 139.87 -27.84 -32.50
CA CYS C 822 138.76 -27.44 -33.36
C CYS C 822 139.23 -26.74 -34.63
N TYR C 823 140.33 -26.00 -34.56
CA TYR C 823 140.83 -25.32 -35.77
C TYR C 823 141.26 -26.32 -36.83
N GLU C 824 141.59 -27.55 -36.44
CA GLU C 824 141.82 -28.62 -37.38
C GLU C 824 140.55 -29.41 -37.66
N ALA C 825 139.64 -29.45 -36.69
CA ALA C 825 138.34 -30.09 -36.88
C ALA C 825 137.49 -29.37 -37.91
N VAL C 826 137.76 -28.08 -38.16
CA VAL C 826 136.99 -27.34 -39.14
C VAL C 826 137.20 -27.96 -40.52
N LEU C 827 136.18 -27.87 -41.36
CA LEU C 827 136.24 -28.50 -42.67
C LEU C 827 137.24 -27.76 -43.56
N PRO C 828 137.95 -28.48 -44.43
CA PRO C 828 138.91 -27.82 -45.32
C PRO C 828 138.22 -26.87 -46.27
N LYS C 829 138.84 -25.71 -46.48
CA LYS C 829 138.31 -24.65 -47.35
C LYS C 829 136.93 -24.20 -46.89
N GLU C 830 136.84 -23.82 -45.62
CA GLU C 830 135.59 -23.30 -45.06
C GLU C 830 135.92 -22.37 -43.91
N LYS C 831 135.28 -21.20 -43.89
CA LYS C 831 135.51 -20.22 -42.84
C LYS C 831 134.77 -20.62 -41.57
N LEU C 832 135.47 -20.53 -40.43
CA LEU C 832 134.90 -20.89 -39.15
C LEU C 832 134.33 -19.65 -38.46
N LYS C 833 133.04 -19.68 -38.14
CA LYS C 833 132.39 -18.60 -37.44
C LYS C 833 131.63 -19.17 -36.25
N VAL C 834 131.37 -18.30 -35.27
CA VAL C 834 130.59 -18.67 -34.10
C VAL C 834 129.16 -18.20 -34.30
N GLU C 835 128.22 -19.00 -33.79
CA GLU C 835 126.80 -18.73 -33.95
C GLU C 835 126.05 -19.33 -32.77
N HIS C 836 124.84 -18.85 -32.55
CA HIS C 836 124.01 -19.41 -31.50
C HIS C 836 123.65 -20.84 -31.84
N SER C 837 124.06 -21.78 -30.98
CA SER C 837 123.81 -23.19 -31.23
C SER C 837 122.32 -23.49 -31.30
N ARG C 838 121.52 -22.72 -30.57
CA ARG C 838 120.11 -23.03 -30.39
C ARG C 838 119.28 -22.61 -31.59
N GLU C 839 119.24 -21.32 -31.89
CA GLU C 839 118.39 -20.78 -32.95
C GLU C 839 118.88 -19.37 -33.28
N TYR C 840 118.11 -18.65 -34.09
CA TYR C 840 118.48 -17.31 -34.50
C TYR C 840 118.29 -16.31 -33.37
N LYS C 841 119.09 -16.45 -32.31
CA LYS C 841 118.96 -15.60 -31.13
C LYS C 841 119.57 -14.22 -31.38
N GLN C 842 118.94 -13.49 -32.29
CA GLN C 842 119.35 -12.14 -32.64
C GLN C 842 118.26 -11.18 -32.19
N GLU C 843 118.59 -10.29 -31.24
CA GLU C 843 117.66 -9.27 -30.77
C GLU C 843 117.64 -8.16 -31.82
N ARG C 844 116.86 -8.39 -32.87
CA ARG C 844 116.78 -7.48 -34.01
C ARG C 844 115.34 -7.02 -34.18
N THR C 845 115.10 -6.30 -35.27
CA THR C 845 113.77 -5.79 -35.59
C THR C 845 112.94 -6.92 -36.18
N TYR C 846 111.79 -6.59 -36.77
CA TYR C 846 110.92 -7.60 -37.37
C TYR C 846 111.59 -8.31 -38.54
N THR C 847 112.68 -7.76 -39.08
CA THR C 847 113.40 -8.37 -40.19
C THR C 847 114.29 -9.52 -39.70
N ARG C 848 113.64 -10.52 -39.11
CA ARG C 848 114.31 -11.71 -38.62
C ARG C 848 114.00 -12.87 -39.55
N ASP C 849 115.05 -13.57 -40.01
CA ASP C 849 114.90 -14.65 -40.97
C ASP C 849 114.35 -15.88 -40.24
N LEU C 850 113.03 -15.95 -40.17
CA LEU C 850 112.37 -17.10 -39.56
C LEU C 850 112.55 -18.33 -40.44
N LEU C 851 113.07 -19.40 -39.85
CA LEU C 851 113.39 -20.62 -40.58
C LEU C 851 112.78 -21.83 -39.89
N GLY C 852 112.33 -22.78 -40.68
CA GLY C 852 111.71 -23.98 -40.16
C GLY C 852 112.72 -25.09 -39.91
N PRO C 853 112.34 -26.31 -40.25
CA PRO C 853 113.25 -27.46 -40.06
C PRO C 853 114.45 -27.37 -41.00
N THR C 854 115.43 -28.23 -40.73
CA THR C 854 116.68 -28.25 -41.48
C THR C 854 117.05 -29.68 -41.85
N VAL C 855 117.71 -29.83 -43.00
CA VAL C 855 118.15 -31.11 -43.50
C VAL C 855 119.48 -31.46 -42.80
N SER C 856 119.88 -32.74 -42.85
CA SER C 856 121.05 -33.19 -42.09
C SER C 856 122.35 -32.53 -42.55
N LEU C 857 122.37 -31.94 -43.74
CA LEU C 857 123.54 -31.29 -44.33
C LEU C 857 124.71 -32.22 -44.55
N THR C 858 124.52 -33.53 -44.35
CA THR C 858 125.58 -34.53 -44.48
C THR C 858 126.80 -34.12 -43.64
N GLN C 859 126.53 -33.92 -42.35
CA GLN C 859 127.59 -33.52 -41.42
C GLN C 859 128.40 -34.70 -40.92
N ALA C 860 127.93 -35.93 -41.10
CA ALA C 860 128.66 -37.10 -40.65
C ALA C 860 129.87 -37.36 -41.55
N VAL C 865 131.44 -44.83 -48.29
CA VAL C 865 131.79 -46.21 -48.58
C VAL C 865 131.85 -46.46 -50.09
N PRO C 866 132.79 -47.30 -50.53
CA PRO C 866 132.87 -47.63 -51.96
C PRO C 866 131.69 -48.50 -52.38
N VAL C 867 131.40 -48.46 -53.69
CA VAL C 867 130.33 -49.30 -54.24
C VAL C 867 130.89 -50.68 -54.55
N ASP C 868 129.99 -51.66 -54.58
CA ASP C 868 130.37 -53.05 -54.73
C ASP C 868 130.84 -53.33 -56.15
N THR C 869 132.03 -53.95 -56.27
CA THR C 869 132.64 -54.20 -57.57
C THR C 869 132.77 -55.69 -57.87
N SER C 870 133.37 -56.47 -56.97
CA SER C 870 133.68 -57.91 -57.09
C SER C 870 132.46 -58.80 -56.99
N GLN C 871 131.23 -58.31 -56.96
CA GLN C 871 130.07 -59.19 -56.81
C GLN C 871 129.57 -59.79 -58.12
N ILE C 872 130.26 -59.56 -59.24
CA ILE C 872 129.87 -60.11 -60.52
C ILE C 872 131.04 -60.90 -61.10
N VAL C 873 130.72 -62.03 -61.74
CA VAL C 873 131.74 -62.95 -62.24
C VAL C 873 132.43 -62.33 -63.46
N LEU C 874 133.67 -62.72 -63.72
CA LEU C 874 134.43 -62.18 -64.84
C LEU C 874 134.21 -63.05 -66.06
N PRO C 875 133.52 -62.58 -67.09
CA PRO C 875 133.31 -63.40 -68.28
C PRO C 875 134.60 -63.54 -69.07
N PRO C 876 134.78 -64.67 -69.76
CA PRO C 876 136.04 -64.90 -70.48
C PRO C 876 136.10 -64.30 -71.88
N HIS C 877 134.97 -63.88 -72.46
CA HIS C 877 135.00 -63.39 -73.84
C HIS C 877 135.64 -62.01 -73.95
N LEU C 878 135.92 -61.35 -72.83
CA LEU C 878 136.55 -60.03 -72.82
C LEU C 878 137.83 -60.03 -71.98
N GLU C 879 138.41 -61.21 -71.73
CA GLU C 879 139.64 -61.25 -70.95
C GLU C 879 140.82 -60.69 -71.73
N ARG C 880 140.85 -60.88 -73.05
CA ARG C 880 141.88 -60.25 -73.87
C ARG C 880 141.67 -58.74 -73.92
N ILE C 881 140.41 -58.30 -73.94
CA ILE C 881 140.11 -56.88 -73.80
C ILE C 881 140.65 -56.36 -72.47
N ARG C 882 140.55 -57.15 -71.41
CA ARG C 882 141.07 -56.71 -70.12
C ARG C 882 142.60 -56.69 -70.12
N GLU C 883 143.22 -57.65 -70.81
CA GLU C 883 144.65 -57.60 -71.06
C GLU C 883 145.05 -56.28 -71.70
N ARG C 884 144.39 -55.91 -72.80
CA ARG C 884 144.78 -54.71 -73.54
C ARG C 884 144.45 -53.44 -72.76
N LEU C 885 143.42 -53.46 -71.91
CA LEU C 885 143.15 -52.27 -71.12
C LEU C 885 144.15 -52.11 -69.97
N ALA C 886 144.57 -53.22 -69.35
CA ALA C 886 145.61 -53.14 -68.34
C ALA C 886 146.95 -52.71 -68.94
N GLU C 887 147.27 -53.25 -70.12
CA GLU C 887 148.39 -52.74 -70.92
C GLU C 887 148.25 -51.26 -71.20
N ASN C 888 147.03 -50.79 -71.47
CA ASN C 888 146.84 -49.38 -71.78
C ASN C 888 147.10 -48.52 -70.55
N ILE C 889 146.58 -48.93 -69.40
CA ILE C 889 146.84 -48.20 -68.16
C ILE C 889 148.33 -48.22 -67.82
N HIS C 890 149.01 -49.32 -68.14
CA HIS C 890 150.44 -49.41 -67.88
C HIS C 890 151.21 -48.42 -68.73
N GLU C 891 150.95 -48.41 -70.05
CA GLU C 891 151.63 -47.45 -70.91
C GLU C 891 151.25 -46.02 -70.55
N LEU C 892 150.05 -45.82 -69.98
CA LEU C 892 149.70 -44.49 -69.47
C LEU C 892 150.57 -44.11 -68.28
N TRP C 893 150.76 -45.04 -67.33
CA TRP C 893 151.68 -44.78 -66.22
C TRP C 893 153.07 -44.43 -66.70
N VAL C 894 153.57 -45.13 -67.71
CA VAL C 894 154.97 -44.92 -68.11
C VAL C 894 155.11 -43.69 -69.01
N MET C 895 154.09 -43.31 -69.77
CA MET C 895 154.17 -42.03 -70.47
C MET C 895 154.04 -40.88 -69.48
N ASN C 896 153.26 -41.07 -68.41
CA ASN C 896 153.29 -40.12 -67.30
C ASN C 896 154.71 -39.92 -66.78
N LYS C 897 155.52 -40.98 -66.78
CA LYS C 897 156.87 -40.85 -66.27
C LYS C 897 157.80 -40.22 -67.30
N ILE C 898 157.67 -40.60 -68.58
CA ILE C 898 158.59 -40.05 -69.56
C ILE C 898 158.25 -38.61 -69.93
N GLU C 899 157.07 -38.10 -69.56
CA GLU C 899 156.85 -36.66 -69.67
C GLU C 899 157.92 -35.89 -68.91
N LEU C 900 158.28 -36.37 -67.71
CA LEU C 900 159.40 -35.81 -66.96
C LEU C 900 160.74 -36.38 -67.40
N GLY C 901 160.76 -37.46 -68.17
CA GLY C 901 161.99 -38.01 -68.68
C GLY C 901 162.73 -38.90 -67.71
N TRP C 902 162.07 -39.97 -67.26
CA TRP C 902 162.70 -40.91 -66.35
C TRP C 902 163.60 -41.88 -67.11
N GLN C 903 164.47 -42.56 -66.38
CA GLN C 903 165.41 -43.49 -66.97
C GLN C 903 165.15 -44.91 -66.49
N TYR C 904 165.61 -45.88 -67.28
CA TYR C 904 165.48 -47.29 -66.92
C TYR C 904 166.64 -47.70 -66.02
N GLY C 905 166.31 -48.30 -64.87
CA GLY C 905 167.31 -48.71 -63.92
C GLY C 905 166.81 -49.80 -63.00
N PRO C 906 167.74 -50.48 -62.31
CA PRO C 906 167.36 -51.60 -61.44
C PRO C 906 166.93 -51.21 -60.04
N VAL C 907 167.02 -49.93 -59.67
CA VAL C 907 166.69 -49.46 -58.33
C VAL C 907 165.39 -48.68 -58.38
N ARG C 908 164.60 -48.78 -57.31
CA ARG C 908 163.31 -48.12 -57.25
C ARG C 908 163.44 -46.85 -56.43
N ASP C 909 163.17 -45.71 -57.06
CA ASP C 909 163.02 -44.45 -56.35
C ASP C 909 162.37 -43.45 -57.29
N ASP C 910 161.78 -42.41 -56.71
CA ASP C 910 161.11 -41.38 -57.49
C ASP C 910 161.91 -40.09 -57.61
N ASN C 911 162.59 -39.68 -56.53
CA ASN C 911 163.45 -38.50 -56.61
C ASN C 911 164.61 -38.68 -57.58
N LYS C 912 165.00 -39.92 -57.89
CA LYS C 912 166.08 -40.16 -58.84
C LYS C 912 165.61 -40.16 -60.29
N ARG C 913 164.30 -40.06 -60.53
CA ARG C 913 163.72 -39.98 -61.87
C ARG C 913 164.03 -41.23 -62.69
N GLN C 914 163.70 -42.39 -62.10
CA GLN C 914 163.92 -43.65 -62.78
C GLN C 914 162.80 -44.62 -62.44
N HIS C 915 162.50 -45.51 -63.39
CA HIS C 915 161.41 -46.46 -63.22
C HIS C 915 161.74 -47.81 -63.85
N PRO C 916 161.70 -48.90 -63.09
CA PRO C 916 162.01 -50.22 -63.65
C PRO C 916 160.88 -50.84 -64.45
N CYS C 917 159.76 -50.15 -64.63
CA CYS C 917 158.62 -50.69 -65.37
C CYS C 917 158.56 -50.19 -66.81
N LEU C 918 159.72 -49.87 -67.39
CA LEU C 918 159.79 -49.46 -68.79
C LEU C 918 159.95 -50.63 -69.74
N VAL C 919 159.96 -51.87 -69.24
CA VAL C 919 160.03 -53.08 -70.05
C VAL C 919 158.61 -53.53 -70.38
N GLU C 920 158.43 -54.07 -71.58
CA GLU C 920 157.11 -54.50 -72.02
C GLU C 920 156.76 -55.86 -71.40
N PHE C 921 155.61 -56.41 -71.81
CA PHE C 921 154.99 -57.45 -71.01
C PHE C 921 155.73 -58.79 -71.05
N CYS C 922 156.69 -58.97 -71.96
CA CYS C 922 157.25 -60.31 -72.14
C CYS C 922 158.23 -60.69 -71.05
N LYS C 923 158.83 -59.71 -70.38
CA LYS C 923 159.87 -59.96 -69.38
C LYS C 923 159.50 -59.49 -67.99
N LEU C 924 158.57 -58.57 -67.83
CA LEU C 924 158.14 -58.15 -66.51
C LEU C 924 157.44 -59.32 -65.82
N PRO C 925 157.71 -59.57 -64.53
CA PRO C 925 157.17 -60.77 -63.87
C PRO C 925 155.66 -60.72 -63.75
N GLU C 926 155.11 -61.82 -63.23
CA GLU C 926 153.67 -61.97 -63.07
C GLU C 926 153.13 -61.32 -61.79
N GLN C 927 153.98 -61.06 -60.80
CA GLN C 927 153.49 -60.47 -59.55
C GLN C 927 153.25 -58.97 -59.72
N GLU C 928 154.23 -58.25 -60.26
CA GLU C 928 154.03 -56.84 -60.57
C GLU C 928 152.96 -56.66 -61.65
N ARG C 929 152.86 -57.62 -62.58
CA ARG C 929 151.75 -57.62 -63.53
C ARG C 929 150.42 -57.68 -62.81
N ASN C 930 150.33 -58.52 -61.76
CA ASN C 930 149.10 -58.60 -60.98
C ASN C 930 148.83 -57.30 -60.24
N TYR C 931 149.88 -56.67 -59.68
CA TYR C 931 149.68 -55.41 -58.99
C TYR C 931 149.19 -54.32 -59.94
N ASN C 932 149.77 -54.25 -61.14
CA ASN C 932 149.36 -53.23 -62.10
C ASN C 932 147.98 -53.53 -62.68
N LEU C 933 147.64 -54.80 -62.82
CA LEU C 933 146.31 -55.21 -63.28
C LEU C 933 145.25 -55.07 -62.20
N GLN C 934 145.65 -54.92 -60.93
CA GLN C 934 144.66 -54.74 -59.87
C GLN C 934 143.83 -53.47 -60.08
N MET C 935 144.51 -52.34 -60.33
CA MET C 935 143.79 -51.10 -60.54
C MET C 935 142.96 -51.16 -61.81
N SER C 936 143.50 -51.78 -62.87
CA SER C 936 142.75 -51.89 -64.12
C SER C 936 141.50 -52.74 -63.93
N LEU C 937 141.62 -53.86 -63.19
CA LEU C 937 140.47 -54.72 -62.98
C LEU C 937 139.43 -54.04 -62.09
N GLU C 938 139.87 -53.28 -61.09
CA GLU C 938 138.92 -52.52 -60.29
C GLU C 938 138.20 -51.49 -61.14
N THR C 939 138.94 -50.79 -62.00
CA THR C 939 138.33 -49.76 -62.83
C THR C 939 137.38 -50.39 -63.86
N LEU C 940 137.73 -51.54 -64.43
CA LEU C 940 136.82 -52.20 -65.37
C LEU C 940 135.59 -52.74 -64.67
N LYS C 941 135.74 -53.27 -63.45
CA LYS C 941 134.59 -53.75 -62.70
C LYS C 941 133.64 -52.60 -62.38
N THR C 942 134.20 -51.46 -61.98
CA THR C 942 133.36 -50.29 -61.72
C THR C 942 132.67 -49.84 -63.00
N LEU C 943 133.40 -49.82 -64.13
CA LEU C 943 132.80 -49.39 -65.39
C LEU C 943 131.67 -50.31 -65.82
N LEU C 944 131.83 -51.62 -65.64
CA LEU C 944 130.79 -52.56 -66.04
C LEU C 944 129.62 -52.57 -65.06
N ALA C 945 129.87 -52.23 -63.80
CA ALA C 945 128.81 -52.23 -62.80
C ALA C 945 128.05 -50.90 -62.72
N LEU C 946 128.40 -49.91 -63.54
CA LEU C 946 127.76 -48.60 -63.48
C LEU C 946 126.35 -48.59 -64.06
N GLY C 947 125.84 -49.73 -64.53
CA GLY C 947 124.50 -49.82 -65.09
C GLY C 947 124.47 -50.18 -66.56
N CYS C 948 125.62 -50.27 -67.23
CA CYS C 948 125.70 -50.47 -68.67
C CYS C 948 126.72 -51.56 -68.98
N HIS C 949 126.33 -52.53 -69.81
CA HIS C 949 127.31 -53.45 -70.39
C HIS C 949 128.26 -52.73 -71.33
N VAL C 950 129.53 -53.15 -71.30
CA VAL C 950 130.51 -52.78 -72.31
C VAL C 950 130.97 -54.08 -72.95
N GLY C 951 130.52 -54.33 -74.18
CA GLY C 951 130.93 -55.51 -74.91
C GLY C 951 131.68 -55.13 -76.17
N ILE C 952 131.55 -55.95 -77.21
CA ILE C 952 132.15 -55.63 -78.49
C ILE C 952 131.11 -55.00 -79.39
N ALA C 953 131.55 -54.10 -80.26
CA ALA C 953 130.66 -53.40 -81.18
C ALA C 953 131.38 -53.05 -82.47
N TYR C 970 158.03 -38.18 -83.67
CA TYR C 970 158.13 -39.28 -82.71
C TYR C 970 158.61 -38.76 -81.35
N GLN C 971 159.20 -39.64 -80.54
CA GLN C 971 159.70 -39.23 -79.24
C GLN C 971 161.03 -39.90 -78.97
N LEU C 972 161.90 -39.17 -78.27
CA LEU C 972 163.23 -39.64 -77.89
C LEU C 972 163.10 -40.52 -76.66
N THR C 973 163.27 -41.83 -76.84
CA THR C 973 163.25 -42.76 -75.72
C THR C 973 164.41 -43.75 -75.86
N SER C 974 164.45 -44.75 -74.99
CA SER C 974 165.50 -45.75 -75.03
C SER C 974 165.12 -47.01 -75.81
N GLY C 975 163.98 -47.01 -76.49
CA GLY C 975 163.61 -48.14 -77.32
C GLY C 975 162.15 -48.51 -77.20
N TYR C 976 161.42 -47.75 -76.39
CA TYR C 976 160.02 -48.02 -76.09
C TYR C 976 159.16 -46.92 -76.71
N LYS C 977 158.12 -47.33 -77.46
CA LYS C 977 157.22 -46.41 -78.15
C LYS C 977 155.83 -46.49 -77.54
N PRO C 978 155.47 -45.60 -76.60
CA PRO C 978 154.08 -45.56 -76.13
C PRO C 978 153.18 -44.83 -77.13
N ALA C 979 152.39 -45.58 -77.88
CA ALA C 979 151.51 -44.99 -78.88
C ALA C 979 150.46 -46.00 -79.34
N PRO C 980 149.44 -46.27 -78.54
CA PRO C 980 148.39 -47.19 -78.99
C PRO C 980 147.60 -46.63 -80.16
N MET C 981 147.16 -45.39 -80.05
CA MET C 981 146.37 -44.74 -81.10
C MET C 981 146.35 -43.24 -80.81
N ASP C 982 145.43 -42.54 -81.46
CA ASP C 982 145.20 -41.12 -81.18
C ASP C 982 144.22 -40.97 -80.03
N LEU C 983 144.42 -39.93 -79.23
CA LEU C 983 143.54 -39.61 -78.11
C LEU C 983 142.85 -38.27 -78.26
N SER C 984 143.53 -37.25 -78.80
CA SER C 984 142.92 -35.93 -78.88
C SER C 984 141.89 -35.80 -79.99
N PHE C 985 141.80 -36.79 -80.89
CA PHE C 985 140.76 -36.78 -81.92
C PHE C 985 139.39 -36.99 -81.29
N ILE C 986 139.18 -38.15 -80.68
CA ILE C 986 137.85 -38.61 -80.32
C ILE C 986 137.28 -37.76 -79.19
N LYS C 987 135.94 -37.74 -79.08
CA LYS C 987 135.23 -37.05 -78.03
C LYS C 987 134.45 -38.06 -77.21
N LEU C 988 134.41 -37.86 -75.90
CA LEU C 988 133.77 -38.79 -74.99
C LEU C 988 132.32 -38.36 -74.74
N THR C 989 131.40 -39.31 -74.86
CA THR C 989 130.00 -39.04 -74.60
C THR C 989 129.80 -38.64 -73.13
N PRO C 990 128.90 -37.69 -72.86
CA PRO C 990 128.64 -37.31 -71.46
C PRO C 990 128.18 -38.45 -70.58
N SER C 991 127.51 -39.46 -71.15
CA SER C 991 127.15 -40.64 -70.38
C SER C 991 128.40 -41.31 -69.81
N GLN C 992 129.37 -41.59 -70.67
CA GLN C 992 130.61 -42.20 -70.19
C GLN C 992 131.42 -41.22 -69.34
N GLU C 993 131.25 -39.92 -69.57
CA GLU C 993 131.88 -38.94 -68.69
C GLU C 993 131.40 -39.10 -67.26
N ALA C 994 130.08 -39.11 -67.07
CA ALA C 994 129.52 -39.33 -65.73
C ALA C 994 129.85 -40.71 -65.19
N MET C 995 129.94 -41.70 -66.08
CA MET C 995 130.32 -43.05 -65.65
C MET C 995 131.73 -43.04 -65.07
N VAL C 996 132.69 -42.49 -65.80
CA VAL C 996 134.06 -42.41 -65.30
C VAL C 996 134.13 -41.49 -64.07
N ASP C 997 133.21 -40.54 -63.96
CA ASP C 997 133.17 -39.68 -62.78
C ASP C 997 132.83 -40.48 -61.53
N LYS C 998 131.73 -41.25 -61.59
CA LYS C 998 131.40 -42.14 -60.47
C LYS C 998 132.48 -43.20 -60.27
N LEU C 999 133.15 -43.59 -61.35
CA LEU C 999 134.27 -44.53 -61.25
C LEU C 999 135.40 -43.96 -60.39
N ALA C 1000 135.80 -42.72 -60.67
CA ALA C 1000 136.83 -42.07 -59.87
C ALA C 1000 136.34 -41.80 -58.45
N GLU C 1001 135.04 -41.52 -58.30
CA GLU C 1001 134.45 -41.47 -56.96
C GLU C 1001 134.75 -42.74 -56.18
N ASN C 1002 134.40 -43.89 -56.76
CA ASN C 1002 134.61 -45.18 -56.09
C ASN C 1002 136.10 -45.44 -55.85
N ALA C 1003 136.95 -45.09 -56.81
CA ALA C 1003 138.39 -45.29 -56.65
C ALA C 1003 138.92 -44.50 -55.46
N HIS C 1004 138.57 -43.23 -55.37
CA HIS C 1004 139.04 -42.43 -54.25
C HIS C 1004 138.38 -42.85 -52.94
N ASN C 1005 137.15 -43.37 -52.99
CA ASN C 1005 136.51 -43.87 -51.77
C ASN C 1005 137.27 -45.05 -51.20
N VAL C 1006 137.58 -46.03 -52.04
CA VAL C 1006 138.34 -47.18 -51.54
C VAL C 1006 139.77 -46.77 -51.16
N TRP C 1007 140.34 -45.79 -51.88
CA TRP C 1007 141.67 -45.31 -51.51
C TRP C 1007 141.65 -44.66 -50.14
N ALA C 1008 140.60 -43.91 -49.82
CA ALA C 1008 140.49 -43.28 -48.51
C ALA C 1008 140.23 -44.33 -47.44
N ARG C 1009 139.41 -45.34 -47.73
CA ARG C 1009 139.17 -46.40 -46.76
C ARG C 1009 140.44 -47.20 -46.50
N ASP C 1010 141.37 -47.23 -47.45
CA ASP C 1010 142.66 -47.86 -47.21
C ASP C 1010 143.63 -46.91 -46.51
N ARG C 1011 143.48 -45.60 -46.73
CA ARG C 1011 144.42 -44.63 -46.19
C ARG C 1011 144.11 -44.22 -44.75
N ILE C 1012 142.86 -44.37 -44.30
CA ILE C 1012 142.51 -44.03 -42.93
C ILE C 1012 143.33 -44.83 -41.93
N ARG C 1013 143.85 -45.98 -42.33
CA ARG C 1013 144.73 -46.75 -41.46
C ARG C 1013 146.15 -46.20 -41.45
N GLN C 1014 146.55 -45.51 -42.52
CA GLN C 1014 147.88 -44.92 -42.59
C GLN C 1014 147.87 -43.46 -42.17
N ARG C 1027 147.33 -38.71 -40.74
CA ARG C 1027 146.21 -38.43 -39.86
C ARG C 1027 145.58 -37.09 -40.19
N ARG C 1028 144.25 -37.08 -40.37
CA ARG C 1028 143.49 -35.89 -40.71
C ARG C 1028 144.03 -35.22 -41.97
N ASN C 1029 143.90 -35.94 -43.09
CA ASN C 1029 144.51 -35.46 -44.32
C ASN C 1029 143.46 -34.97 -45.30
N PRO C 1030 143.75 -33.89 -46.03
CA PRO C 1030 142.85 -33.48 -47.12
C PRO C 1030 142.67 -34.55 -48.17
N ARG C 1031 143.65 -35.43 -48.34
CA ARG C 1031 143.41 -36.60 -49.18
C ARG C 1031 142.60 -37.66 -48.44
N LEU C 1032 142.73 -37.73 -47.12
CA LEU C 1032 141.95 -38.70 -46.35
C LEU C 1032 140.46 -38.38 -46.40
N VAL C 1033 140.10 -37.10 -46.53
CA VAL C 1033 138.70 -36.71 -46.64
C VAL C 1033 138.15 -37.33 -47.94
N PRO C 1034 136.87 -37.70 -48.01
CA PRO C 1034 136.38 -38.39 -49.21
C PRO C 1034 136.46 -37.52 -50.46
N TYR C 1035 136.28 -38.19 -51.60
CA TYR C 1035 136.41 -37.54 -52.90
C TYR C 1035 135.36 -36.46 -53.11
N THR C 1036 134.13 -36.67 -52.62
CA THR C 1036 133.08 -35.68 -52.75
C THR C 1036 133.39 -34.41 -51.98
N LEU C 1037 134.34 -34.46 -51.03
CA LEU C 1037 134.75 -33.31 -50.25
C LEU C 1037 136.12 -32.79 -50.67
N LEU C 1038 136.71 -33.38 -51.71
CA LEU C 1038 138.09 -33.08 -52.09
C LEU C 1038 138.19 -31.75 -52.83
N ASP C 1039 139.42 -31.27 -52.98
CA ASP C 1039 139.67 -30.06 -53.74
C ASP C 1039 139.37 -30.26 -55.22
N ASP C 1040 138.84 -29.21 -55.86
CA ASP C 1040 138.39 -29.32 -57.24
C ASP C 1040 139.55 -29.58 -58.20
N ARG C 1041 140.74 -29.07 -57.88
CA ARG C 1041 141.88 -29.27 -58.76
C ARG C 1041 142.31 -30.74 -58.80
N THR C 1042 142.53 -31.34 -57.63
CA THR C 1042 142.87 -32.76 -57.59
C THR C 1042 141.71 -33.62 -58.09
N LYS C 1043 140.47 -33.17 -57.87
CA LYS C 1043 139.33 -33.88 -58.42
C LYS C 1043 139.39 -33.93 -59.95
N LYS C 1044 139.65 -32.78 -60.57
CA LYS C 1044 139.77 -32.72 -62.02
C LYS C 1044 140.94 -33.57 -62.51
N SER C 1045 142.07 -33.52 -61.80
CA SER C 1045 143.24 -34.29 -62.22
C SER C 1045 142.95 -35.78 -62.22
N ASN C 1046 142.47 -36.30 -61.08
CA ASN C 1046 142.13 -37.72 -61.00
C ASN C 1046 141.03 -38.08 -62.00
N LYS C 1047 140.07 -37.17 -62.20
CA LYS C 1047 139.00 -37.40 -63.15
C LYS C 1047 139.55 -37.60 -64.56
N ASP C 1048 140.46 -36.73 -64.98
CA ASP C 1048 140.99 -36.80 -66.34
C ASP C 1048 141.88 -38.03 -66.51
N SER C 1049 142.71 -38.31 -65.50
CA SER C 1049 143.61 -39.47 -65.60
C SER C 1049 142.81 -40.78 -65.65
N LEU C 1050 141.71 -40.85 -64.92
CA LEU C 1050 140.87 -42.05 -64.93
C LEU C 1050 139.87 -42.05 -66.08
N ARG C 1051 139.65 -40.91 -66.73
CA ARG C 1051 138.81 -40.85 -67.91
C ARG C 1051 139.58 -41.17 -69.18
N GLU C 1052 140.91 -41.09 -69.14
CA GLU C 1052 141.69 -41.51 -70.30
C GLU C 1052 141.41 -42.97 -70.66
N ALA C 1053 141.14 -43.81 -69.65
CA ALA C 1053 140.86 -45.22 -69.91
C ALA C 1053 139.55 -45.38 -70.66
N VAL C 1054 138.52 -44.64 -70.27
CA VAL C 1054 137.25 -44.70 -70.98
C VAL C 1054 137.40 -44.14 -72.38
N ARG C 1055 138.24 -43.10 -72.54
CA ARG C 1055 138.51 -42.56 -73.87
C ARG C 1055 139.15 -43.63 -74.76
N THR C 1056 140.13 -44.35 -74.23
CA THR C 1056 140.75 -45.44 -75.00
C THR C 1056 139.74 -46.53 -75.32
N LEU C 1057 138.86 -46.84 -74.37
CA LEU C 1057 137.88 -47.90 -74.59
C LEU C 1057 136.95 -47.54 -75.74
N LEU C 1058 136.45 -46.30 -75.76
CA LEU C 1058 135.63 -45.85 -76.88
C LEU C 1058 136.44 -45.50 -78.12
N GLY C 1059 137.76 -45.48 -78.03
CA GLY C 1059 138.57 -45.21 -79.21
C GLY C 1059 138.53 -46.33 -80.22
N TYR C 1060 138.93 -47.53 -79.81
CA TYR C 1060 138.94 -48.67 -80.72
C TYR C 1060 137.53 -49.11 -81.09
N GLY C 1061 136.57 -48.97 -80.17
CA GLY C 1061 135.19 -49.26 -80.49
C GLY C 1061 134.60 -50.42 -79.72
N TYR C 1062 135.23 -50.81 -78.61
CA TYR C 1062 134.69 -51.87 -77.76
C TYR C 1062 133.76 -51.29 -76.71
N ARG C 1084 108.02 -32.06 -41.39
CA ARG C 1084 108.69 -31.48 -40.25
C ARG C 1084 108.49 -29.96 -40.21
N PHE C 1085 107.58 -29.48 -41.07
CA PHE C 1085 107.35 -28.05 -41.22
C PHE C 1085 107.01 -27.39 -39.89
N ARG C 1086 107.36 -26.11 -39.77
CA ARG C 1086 107.07 -25.32 -38.59
C ARG C 1086 106.09 -24.22 -38.93
N ILE C 1087 105.11 -24.01 -38.05
CA ILE C 1087 104.03 -23.06 -38.26
C ILE C 1087 104.22 -21.90 -37.30
N PHE C 1088 104.33 -20.70 -37.84
CA PHE C 1088 104.38 -19.47 -37.05
C PHE C 1088 103.08 -18.70 -37.22
N ARG C 1089 102.73 -17.90 -36.23
CA ARG C 1089 101.50 -17.13 -36.28
C ARG C 1089 101.56 -16.01 -35.26
N ALA C 1090 100.59 -15.10 -35.36
CA ALA C 1090 100.46 -14.08 -34.34
C ALA C 1090 99.73 -14.64 -33.11
N GLU C 1091 99.68 -13.83 -32.05
CA GLU C 1091 99.00 -14.25 -30.84
C GLU C 1091 97.50 -14.30 -31.05
N LYS C 1092 96.86 -15.32 -30.48
CA LYS C 1092 95.44 -15.54 -30.73
C LYS C 1092 94.56 -14.44 -30.16
N THR C 1093 95.05 -13.67 -29.18
CA THR C 1093 94.29 -12.57 -28.64
C THR C 1093 94.22 -11.38 -29.58
N TYR C 1094 95.04 -11.35 -30.63
CA TYR C 1094 94.96 -10.34 -31.67
C TYR C 1094 93.98 -10.70 -32.77
N ALA C 1095 93.04 -11.60 -32.49
CA ALA C 1095 92.06 -11.99 -33.49
C ALA C 1095 91.21 -10.80 -33.91
N VAL C 1096 90.90 -10.72 -35.19
CA VAL C 1096 90.13 -9.63 -35.76
C VAL C 1096 88.80 -10.16 -36.25
N LYS C 1097 87.76 -9.33 -36.15
CA LYS C 1097 86.43 -9.69 -36.60
C LYS C 1097 85.76 -8.62 -37.46
N ALA C 1098 86.44 -7.51 -37.73
CA ALA C 1098 85.88 -6.45 -38.54
C ALA C 1098 87.00 -5.59 -39.09
N GLY C 1099 86.78 -5.05 -40.29
CA GLY C 1099 87.73 -4.14 -40.90
C GLY C 1099 88.52 -4.80 -42.02
N ARG C 1100 89.42 -4.01 -42.59
CA ARG C 1100 90.30 -4.43 -43.67
C ARG C 1100 91.71 -4.55 -43.11
N TRP C 1101 92.22 -5.77 -43.05
CA TRP C 1101 93.55 -6.04 -42.51
C TRP C 1101 94.48 -6.55 -43.60
N TYR C 1102 95.75 -6.17 -43.50
CA TYR C 1102 96.74 -6.47 -44.52
C TYR C 1102 98.07 -6.77 -43.85
N PHE C 1103 98.76 -7.79 -44.33
CA PHE C 1103 100.09 -8.09 -43.79
C PHE C 1103 100.97 -8.72 -44.87
N GLU C 1104 102.26 -8.44 -44.79
CA GLU C 1104 103.22 -8.87 -45.79
C GLU C 1104 104.02 -10.08 -45.31
N PHE C 1105 104.45 -10.89 -46.26
CA PHE C 1105 105.29 -12.04 -46.00
C PHE C 1105 106.35 -12.11 -47.09
N GLU C 1106 107.61 -11.98 -46.71
CA GLU C 1106 108.73 -12.08 -47.62
C GLU C 1106 109.30 -13.49 -47.53
N ALA C 1107 109.57 -14.09 -48.69
CA ALA C 1107 110.14 -15.43 -48.77
C ALA C 1107 111.46 -15.34 -49.51
N VAL C 1108 112.55 -15.66 -48.82
CA VAL C 1108 113.87 -15.61 -49.45
C VAL C 1108 114.05 -16.78 -50.39
N THR C 1109 113.57 -17.95 -50.00
CA THR C 1109 113.65 -19.16 -50.81
C THR C 1109 112.39 -19.31 -51.64
N ALA C 1110 112.25 -20.46 -52.31
CA ALA C 1110 111.08 -20.74 -53.13
C ALA C 1110 110.59 -22.17 -52.91
N GLY C 1111 110.80 -22.71 -51.72
CA GLY C 1111 110.41 -24.07 -51.42
C GLY C 1111 108.99 -24.19 -50.92
N ASP C 1112 108.78 -25.00 -49.88
CA ASP C 1112 107.45 -25.25 -49.33
C ASP C 1112 107.12 -24.14 -48.33
N MET C 1113 106.22 -23.24 -48.71
CA MET C 1113 105.81 -22.15 -47.83
C MET C 1113 104.34 -21.85 -48.08
N ARG C 1114 103.58 -21.72 -47.00
CA ARG C 1114 102.17 -21.35 -47.07
C ARG C 1114 101.93 -20.14 -46.18
N VAL C 1115 100.97 -19.31 -46.56
CA VAL C 1115 100.66 -18.10 -45.82
C VAL C 1115 99.16 -17.85 -45.84
N GLY C 1116 98.65 -17.24 -44.78
CA GLY C 1116 97.23 -16.93 -44.77
C GLY C 1116 96.76 -16.54 -43.37
N TRP C 1117 95.48 -16.81 -43.12
CA TRP C 1117 94.81 -16.44 -41.89
C TRP C 1117 94.10 -17.66 -41.32
N SER C 1118 94.43 -18.01 -40.09
CA SER C 1118 93.87 -19.18 -39.44
C SER C 1118 93.04 -18.79 -38.21
N ARG C 1119 92.00 -19.57 -37.96
CA ARG C 1119 91.16 -19.38 -36.79
C ARG C 1119 91.93 -19.74 -35.53
N PRO C 1120 91.47 -19.27 -34.34
CA PRO C 1120 92.18 -19.52 -33.08
C PRO C 1120 92.01 -20.94 -32.54
N GLY C 1121 92.10 -21.92 -33.44
CA GLY C 1121 92.01 -23.30 -33.05
C GLY C 1121 92.86 -24.22 -33.91
N CYS C 1122 93.68 -23.64 -34.77
CA CYS C 1122 94.43 -24.42 -35.75
C CYS C 1122 95.45 -25.32 -35.06
N GLN C 1123 95.76 -26.42 -35.73
CA GLN C 1123 96.69 -27.41 -35.22
C GLN C 1123 98.11 -27.09 -35.69
N PRO C 1124 99.09 -27.04 -34.78
CA PRO C 1124 100.46 -26.73 -35.21
C PRO C 1124 101.19 -27.90 -35.85
N ASP C 1125 100.62 -29.09 -35.85
CA ASP C 1125 101.27 -30.26 -36.45
C ASP C 1125 100.73 -30.61 -37.84
N LEU C 1126 99.50 -30.22 -38.14
CA LEU C 1126 98.91 -30.50 -39.45
C LEU C 1126 99.34 -29.45 -40.47
N GLU C 1127 99.22 -29.82 -41.75
CA GLU C 1127 99.55 -28.88 -42.81
C GLU C 1127 98.62 -27.69 -42.78
N LEU C 1128 99.19 -26.50 -42.92
CA LEU C 1128 98.41 -25.27 -42.86
C LEU C 1128 97.38 -25.24 -43.98
N GLY C 1129 96.12 -25.10 -43.61
CA GLY C 1129 95.03 -25.10 -44.57
C GLY C 1129 94.40 -26.44 -44.86
N SER C 1130 94.65 -27.45 -44.02
CA SER C 1130 94.01 -28.75 -44.23
C SER C 1130 92.54 -28.72 -43.82
N ASP C 1131 92.26 -28.33 -42.58
CA ASP C 1131 90.89 -28.20 -42.11
C ASP C 1131 90.32 -26.81 -42.38
N ASP C 1132 89.08 -26.61 -41.94
CA ASP C 1132 88.42 -25.31 -42.00
C ASP C 1132 89.01 -24.33 -40.98
N ARG C 1133 89.89 -24.78 -40.10
CA ARG C 1133 90.51 -23.91 -39.10
C ARG C 1133 91.64 -23.07 -39.66
N ALA C 1134 91.81 -23.04 -40.99
CA ALA C 1134 92.89 -22.27 -41.59
C ALA C 1134 92.54 -21.97 -43.04
N PHE C 1135 92.74 -20.71 -43.43
CA PHE C 1135 92.59 -20.27 -44.82
C PHE C 1135 93.99 -19.89 -45.31
N ALA C 1136 94.60 -20.76 -46.09
CA ALA C 1136 95.99 -20.61 -46.48
C ALA C 1136 96.12 -20.62 -48.00
N PHE C 1137 97.34 -20.29 -48.45
CA PHE C 1137 97.69 -20.28 -49.85
C PHE C 1137 99.15 -20.69 -49.97
N ASP C 1138 99.46 -21.51 -50.98
CA ASP C 1138 100.78 -22.05 -51.19
C ASP C 1138 101.32 -21.61 -52.54
N GLY C 1139 102.64 -21.41 -52.60
CA GLY C 1139 103.30 -21.06 -53.84
C GLY C 1139 103.99 -22.25 -54.47
N PHE C 1140 104.24 -23.30 -53.67
CA PHE C 1140 104.85 -24.51 -54.20
C PHE C 1140 103.95 -25.21 -55.20
N LYS C 1141 102.62 -25.04 -55.07
CA LYS C 1141 101.67 -25.60 -56.00
C LYS C 1141 100.76 -24.55 -56.63
N ALA C 1142 100.85 -23.29 -56.20
CA ALA C 1142 100.04 -22.20 -56.72
C ALA C 1142 98.55 -22.51 -56.61
N GLN C 1143 98.11 -22.73 -55.38
CA GLN C 1143 96.72 -23.07 -55.12
C GLN C 1143 96.38 -22.69 -53.68
N ARG C 1144 95.10 -22.40 -53.45
CA ARG C 1144 94.63 -22.06 -52.12
C ARG C 1144 94.36 -23.32 -51.32
N TRP C 1145 94.57 -23.22 -50.01
CA TRP C 1145 94.49 -24.37 -49.11
C TRP C 1145 93.31 -24.22 -48.17
N HIS C 1146 92.36 -25.15 -48.27
CA HIS C 1146 91.20 -25.23 -47.41
C HIS C 1146 90.81 -26.71 -47.33
N GLN C 1147 89.58 -26.99 -46.95
CA GLN C 1147 89.09 -28.36 -47.02
C GLN C 1147 88.97 -28.72 -48.50
N GLY C 1148 90.03 -29.30 -49.05
CA GLY C 1148 90.18 -29.47 -50.48
C GLY C 1148 91.14 -28.45 -51.07
N ASN C 1149 91.45 -28.65 -52.35
CA ASN C 1149 92.39 -27.78 -53.05
C ASN C 1149 91.80 -27.37 -54.39
N GLU C 1150 92.16 -26.16 -54.83
CA GLU C 1150 91.72 -25.64 -56.11
C GLU C 1150 92.67 -24.54 -56.55
N HIS C 1151 93.08 -24.59 -57.82
CA HIS C 1151 94.17 -23.75 -58.31
C HIS C 1151 93.86 -22.27 -58.12
N TYR C 1152 94.86 -21.51 -57.69
CA TYR C 1152 94.70 -20.09 -57.41
C TYR C 1152 96.06 -19.41 -57.53
N GLY C 1153 96.12 -18.36 -58.34
CA GLY C 1153 97.33 -17.56 -58.47
C GLY C 1153 98.49 -18.28 -59.12
N ARG C 1154 99.65 -17.62 -59.05
CA ARG C 1154 100.89 -18.13 -59.62
C ARG C 1154 101.93 -18.30 -58.53
N SER C 1155 103.01 -19.01 -58.88
CA SER C 1155 104.09 -19.26 -57.93
C SER C 1155 105.01 -18.05 -57.85
N TRP C 1156 105.87 -18.05 -56.83
CA TRP C 1156 106.79 -16.97 -56.58
C TRP C 1156 108.20 -17.37 -57.02
N GLN C 1157 109.17 -16.49 -56.75
CA GLN C 1157 110.57 -16.80 -57.04
C GLN C 1157 111.40 -16.69 -55.77
N ALA C 1158 112.73 -16.79 -55.91
CA ALA C 1158 113.62 -16.66 -54.77
C ALA C 1158 113.80 -15.18 -54.43
N GLY C 1159 113.32 -14.78 -53.26
CA GLY C 1159 113.41 -13.39 -52.85
C GLY C 1159 112.19 -12.59 -53.24
N ASP C 1160 111.01 -13.06 -52.84
CA ASP C 1160 109.74 -12.45 -53.22
C ASP C 1160 108.99 -11.94 -52.00
N VAL C 1161 107.90 -11.23 -52.27
CA VAL C 1161 107.02 -10.69 -51.23
C VAL C 1161 105.59 -10.93 -51.66
N VAL C 1162 104.73 -11.23 -50.68
CA VAL C 1162 103.30 -11.44 -50.94
C VAL C 1162 102.51 -10.79 -49.82
N GLY C 1163 101.50 -10.00 -50.19
CA GLY C 1163 100.65 -9.33 -49.22
C GLY C 1163 99.29 -9.98 -49.16
N CYS C 1164 98.86 -10.33 -47.95
CA CYS C 1164 97.57 -10.94 -47.73
C CYS C 1164 96.60 -9.89 -47.17
N MET C 1165 95.41 -9.83 -47.76
CA MET C 1165 94.37 -8.90 -47.37
C MET C 1165 93.12 -9.67 -46.98
N VAL C 1166 92.47 -9.23 -45.91
CA VAL C 1166 91.22 -9.82 -45.45
C VAL C 1166 90.28 -8.69 -45.06
N ASP C 1167 89.15 -8.59 -45.75
CA ASP C 1167 88.08 -7.66 -45.40
C ASP C 1167 86.98 -8.47 -44.71
N MET C 1168 86.82 -8.24 -43.41
CA MET C 1168 85.85 -9.00 -42.62
C MET C 1168 84.43 -8.49 -42.79
N ASN C 1169 84.27 -7.19 -43.04
CA ASN C 1169 82.93 -6.63 -43.23
C ASN C 1169 82.28 -7.18 -44.50
N GLU C 1170 83.07 -7.45 -45.54
CA GLU C 1170 82.59 -8.05 -46.76
C GLU C 1170 82.95 -9.53 -46.90
N HIS C 1171 83.76 -10.06 -45.98
CA HIS C 1171 84.17 -11.47 -45.99
C HIS C 1171 84.85 -11.84 -47.31
N THR C 1172 85.98 -11.19 -47.56
CA THR C 1172 86.77 -11.43 -48.75
C THR C 1172 88.24 -11.57 -48.39
N MET C 1173 88.91 -12.51 -49.03
CA MET C 1173 90.34 -12.76 -48.84
C MET C 1173 91.04 -12.62 -50.17
N MET C 1174 92.11 -11.83 -50.21
CA MET C 1174 92.86 -11.55 -51.42
C MET C 1174 94.35 -11.71 -51.16
N PHE C 1175 95.09 -12.00 -52.22
CA PHE C 1175 96.53 -12.15 -52.14
C PHE C 1175 97.16 -11.42 -53.31
N THR C 1176 98.19 -10.62 -53.02
CA THR C 1176 98.90 -9.84 -54.04
C THR C 1176 100.36 -10.24 -54.04
N LEU C 1177 100.83 -10.75 -55.18
CA LEU C 1177 102.23 -11.17 -55.34
C LEU C 1177 103.00 -10.01 -55.98
N ASN C 1178 103.74 -9.27 -55.16
CA ASN C 1178 104.55 -8.14 -55.62
C ASN C 1178 103.70 -7.10 -56.36
N GLY C 1179 102.58 -6.74 -55.74
CA GLY C 1179 101.67 -5.76 -56.30
C GLY C 1179 100.60 -6.34 -57.20
N GLU C 1180 100.89 -7.43 -57.90
CA GLU C 1180 99.91 -8.05 -58.79
C GLU C 1180 98.92 -8.86 -57.98
N ILE C 1181 97.66 -8.44 -58.00
CA ILE C 1181 96.61 -9.17 -57.28
C ILE C 1181 96.35 -10.50 -57.97
N LEU C 1182 96.30 -11.57 -57.18
CA LEU C 1182 96.16 -12.92 -57.73
C LEU C 1182 94.78 -13.10 -58.37
N LEU C 1183 94.71 -14.08 -59.27
CA LEU C 1183 93.48 -14.42 -59.97
C LEU C 1183 93.36 -15.93 -60.07
N ASP C 1184 92.15 -16.43 -59.84
CA ASP C 1184 91.86 -17.85 -60.01
C ASP C 1184 91.40 -18.09 -61.45
N ASP C 1185 90.85 -19.27 -61.72
CA ASP C 1185 90.42 -19.61 -63.07
C ASP C 1185 89.05 -19.02 -63.41
N SER C 1186 88.26 -18.66 -62.40
CA SER C 1186 86.92 -18.14 -62.60
C SER C 1186 86.88 -16.63 -62.82
N GLY C 1187 88.00 -15.94 -62.65
CA GLY C 1187 88.04 -14.50 -62.82
C GLY C 1187 87.69 -13.70 -61.59
N SER C 1188 87.79 -14.28 -60.40
CA SER C 1188 87.48 -13.59 -59.15
C SER C 1188 88.79 -13.15 -58.49
N GLU C 1189 88.89 -11.84 -58.22
CA GLU C 1189 90.11 -11.30 -57.62
C GLU C 1189 90.32 -11.84 -56.20
N LEU C 1190 89.23 -12.00 -55.45
CA LEU C 1190 89.31 -12.50 -54.10
C LEU C 1190 89.43 -14.03 -54.07
N ALA C 1191 90.12 -14.54 -53.06
CA ALA C 1191 90.34 -15.97 -52.93
C ALA C 1191 89.16 -16.66 -52.25
N PHE C 1192 88.90 -16.32 -50.99
CA PHE C 1192 87.86 -16.96 -50.20
C PHE C 1192 86.71 -15.99 -49.92
N LYS C 1193 85.51 -16.55 -49.82
CA LYS C 1193 84.27 -15.78 -49.91
C LYS C 1193 83.12 -16.53 -49.27
N ASP C 1194 82.32 -15.79 -48.50
CA ASP C 1194 81.28 -16.33 -47.62
C ASP C 1194 81.88 -17.30 -46.58
N PHE C 1195 82.72 -16.74 -45.72
CA PHE C 1195 83.26 -17.46 -44.56
C PHE C 1195 82.85 -16.72 -43.30
N ASP C 1196 82.47 -17.47 -42.27
CA ASP C 1196 82.03 -16.85 -41.03
C ASP C 1196 83.18 -16.17 -40.30
N VAL C 1197 82.85 -15.18 -39.48
CA VAL C 1197 83.86 -14.53 -38.66
C VAL C 1197 84.34 -15.46 -37.56
N GLY C 1198 83.50 -16.39 -37.10
CA GLY C 1198 83.85 -17.35 -36.08
C GLY C 1198 84.42 -16.72 -34.82
N ASP C 1199 85.67 -17.06 -34.51
CA ASP C 1199 86.38 -16.49 -33.38
C ASP C 1199 87.45 -15.49 -33.80
N GLY C 1200 87.60 -15.23 -35.09
CA GLY C 1200 88.59 -14.31 -35.60
C GLY C 1200 89.54 -15.00 -36.57
N PHE C 1201 90.53 -14.22 -37.02
CA PHE C 1201 91.54 -14.71 -37.94
C PHE C 1201 92.89 -14.14 -37.56
N ILE C 1202 93.88 -15.01 -37.47
CA ILE C 1202 95.23 -14.67 -37.03
C ILE C 1202 96.17 -14.83 -38.22
N PRO C 1203 97.07 -13.88 -38.48
CA PRO C 1203 98.08 -14.10 -39.52
C PRO C 1203 98.95 -15.31 -39.18
N VAL C 1204 99.18 -16.15 -40.18
CA VAL C 1204 99.85 -17.43 -39.98
C VAL C 1204 100.64 -17.78 -41.23
N CYS C 1205 101.80 -18.41 -41.02
CA CYS C 1205 102.60 -18.95 -42.11
C CYS C 1205 103.11 -20.32 -41.68
N SER C 1206 103.45 -21.13 -42.67
CA SER C 1206 104.00 -22.46 -42.43
C SER C 1206 105.18 -22.65 -43.38
N LEU C 1207 106.34 -22.94 -42.82
CA LEU C 1207 107.58 -23.10 -43.58
C LEU C 1207 108.04 -24.55 -43.46
N GLY C 1208 108.24 -25.21 -44.60
CA GLY C 1208 108.70 -26.58 -44.63
C GLY C 1208 110.20 -26.68 -44.44
N VAL C 1209 110.78 -27.75 -44.97
CA VAL C 1209 112.19 -28.03 -44.75
C VAL C 1209 113.03 -27.01 -45.49
N ALA C 1210 113.95 -26.37 -44.77
CA ALA C 1210 114.92 -25.43 -45.33
C ALA C 1210 114.23 -24.26 -46.05
N GLN C 1211 113.51 -23.47 -45.26
CA GLN C 1211 112.82 -22.29 -45.77
C GLN C 1211 113.21 -21.08 -44.93
N VAL C 1212 113.13 -19.90 -45.54
CA VAL C 1212 113.47 -18.64 -44.89
C VAL C 1212 112.40 -17.61 -45.23
N GLY C 1213 111.74 -17.06 -44.20
CA GLY C 1213 110.70 -16.09 -44.39
C GLY C 1213 110.83 -14.93 -43.41
N ARG C 1214 109.95 -13.94 -43.61
CA ARG C 1214 109.92 -12.75 -42.78
C ARG C 1214 108.51 -12.19 -42.79
N MET C 1215 107.89 -12.09 -41.62
CA MET C 1215 106.54 -11.57 -41.53
C MET C 1215 106.57 -10.07 -41.26
N ASN C 1216 105.48 -9.40 -41.63
CA ASN C 1216 105.34 -7.97 -41.39
C ASN C 1216 103.85 -7.69 -41.16
N PHE C 1217 103.48 -7.51 -39.90
CA PHE C 1217 102.11 -7.21 -39.52
C PHE C 1217 101.83 -5.71 -39.53
N GLY C 1218 102.62 -4.93 -40.25
CA GLY C 1218 102.48 -3.49 -40.25
C GLY C 1218 103.45 -2.82 -39.30
N LYS C 1219 103.04 -1.66 -38.76
CA LYS C 1219 103.80 -0.91 -37.76
C LYS C 1219 105.03 -0.26 -38.38
N ASP C 1220 105.33 -0.57 -39.64
CA ASP C 1220 106.44 0.04 -40.37
C ASP C 1220 106.00 0.26 -41.81
N VAL C 1221 105.38 1.42 -42.08
CA VAL C 1221 104.91 1.68 -43.43
C VAL C 1221 106.07 2.11 -44.32
N SER C 1222 107.13 2.65 -43.73
CA SER C 1222 108.34 2.96 -44.49
C SER C 1222 108.97 1.73 -45.09
N THR C 1223 108.70 0.56 -44.52
CA THR C 1223 109.13 -0.72 -45.09
C THR C 1223 107.99 -1.52 -45.71
N LEU C 1224 106.74 -1.11 -45.50
CA LEU C 1224 105.63 -1.73 -46.21
C LEU C 1224 105.65 -1.30 -47.67
N LYS C 1225 106.43 -2.01 -48.49
CA LYS C 1225 106.67 -1.58 -49.86
C LYS C 1225 105.39 -1.61 -50.68
N TYR C 1226 104.80 -2.79 -50.86
CA TYR C 1226 103.65 -2.97 -51.74
C TYR C 1226 102.32 -2.67 -51.04
N PHE C 1227 102.34 -1.93 -49.93
CA PHE C 1227 101.11 -1.53 -49.27
C PHE C 1227 100.57 -0.22 -49.83
N THR C 1228 101.45 0.75 -50.11
CA THR C 1228 101.02 1.99 -50.73
C THR C 1228 100.58 1.78 -52.17
N ILE C 1229 101.02 0.71 -52.82
CA ILE C 1229 100.62 0.45 -54.19
C ILE C 1229 99.21 -0.14 -54.23
N CYS C 1230 98.89 -1.08 -53.34
CA CYS C 1230 97.56 -1.67 -53.30
C CYS C 1230 97.14 -1.86 -51.85
N GLY C 1231 95.89 -1.51 -51.55
CA GLY C 1231 95.37 -1.62 -50.20
C GLY C 1231 95.12 -0.27 -49.54
N LEU C 1232 96.08 0.65 -49.71
CA LEU C 1232 95.97 1.96 -49.07
C LEU C 1232 94.81 2.78 -49.63
N GLN C 1233 94.70 2.85 -50.95
CA GLN C 1233 93.63 3.62 -51.57
C GLN C 1233 92.29 2.89 -51.50
N GLU C 1234 92.33 1.55 -51.42
CA GLU C 1234 91.10 0.79 -51.26
C GLU C 1234 90.54 0.92 -49.85
N GLY C 1235 91.41 1.08 -48.85
CA GLY C 1235 90.95 1.24 -47.49
C GLY C 1235 91.36 0.09 -46.60
N TYR C 1236 92.44 -0.59 -46.98
CA TYR C 1236 92.95 -1.73 -46.23
C TYR C 1236 94.03 -1.27 -45.25
N GLU C 1237 93.98 -1.77 -44.03
CA GLU C 1237 94.96 -1.23 -43.12
C GLU C 1237 95.84 -2.33 -42.55
N PRO C 1238 97.07 -2.01 -42.14
CA PRO C 1238 97.96 -3.06 -41.63
C PRO C 1238 97.41 -3.69 -40.36
N PHE C 1239 98.03 -4.81 -39.98
CA PHE C 1239 97.53 -5.58 -38.85
C PHE C 1239 97.88 -4.90 -37.52
N ALA C 1240 99.08 -4.32 -37.44
CA ALA C 1240 99.54 -3.70 -36.21
C ALA C 1240 99.97 -2.25 -36.45
N VAL C 1241 99.15 -1.51 -37.18
CA VAL C 1241 99.49 -0.11 -37.45
C VAL C 1241 99.27 0.75 -36.20
N ASN C 1242 98.20 0.49 -35.46
CA ASN C 1242 97.93 1.19 -34.19
C ASN C 1242 98.37 0.33 -33.01
N THR C 1243 99.67 0.06 -32.95
CA THR C 1243 100.23 -0.86 -31.98
C THR C 1243 101.56 -0.32 -31.47
N ASN C 1244 101.74 -0.38 -30.15
CA ASN C 1244 102.94 0.16 -29.51
C ASN C 1244 104.03 -0.88 -29.27
N ARG C 1245 103.67 -2.12 -28.97
CA ARG C 1245 104.63 -3.17 -28.70
C ARG C 1245 104.47 -4.30 -29.71
N ASP C 1246 105.59 -4.85 -30.16
CA ASP C 1246 105.59 -5.84 -31.22
C ASP C 1246 104.84 -7.10 -30.81
N ILE C 1247 104.47 -7.90 -31.82
CA ILE C 1247 103.69 -9.11 -31.59
C ILE C 1247 104.57 -10.20 -31.00
N THR C 1248 103.95 -11.12 -30.27
CA THR C 1248 104.68 -12.19 -29.61
C THR C 1248 105.21 -13.26 -30.57
N MET C 1249 104.57 -13.43 -31.73
CA MET C 1249 105.02 -14.36 -32.77
C MET C 1249 105.09 -15.79 -32.23
N TRP C 1250 103.91 -16.34 -31.94
CA TRP C 1250 103.81 -17.69 -31.41
C TRP C 1250 104.18 -18.70 -32.49
N LEU C 1251 105.13 -19.57 -32.17
CA LEU C 1251 105.61 -20.59 -33.10
C LEU C 1251 105.14 -21.98 -32.66
N SER C 1252 105.38 -22.95 -33.54
CA SER C 1252 105.13 -24.35 -33.22
C SER C 1252 106.38 -24.96 -32.62
N LYS C 1253 106.28 -25.41 -31.38
CA LYS C 1253 107.44 -25.94 -30.67
C LYS C 1253 107.78 -27.35 -31.18
N ARG C 1254 109.02 -27.75 -30.95
CA ARG C 1254 109.51 -29.04 -31.41
C ARG C 1254 109.54 -30.10 -30.32
N LEU C 1255 109.64 -29.71 -29.06
CA LEU C 1255 109.69 -30.68 -27.98
C LEU C 1255 108.31 -31.28 -27.76
N PRO C 1256 108.14 -32.59 -27.92
CA PRO C 1256 106.81 -33.18 -27.78
C PRO C 1256 106.43 -33.44 -26.33
N GLN C 1257 105.86 -32.43 -25.67
CA GLN C 1257 105.49 -32.55 -24.27
C GLN C 1257 104.37 -33.57 -24.09
N PHE C 1258 104.16 -33.96 -22.84
CA PHE C 1258 103.10 -34.88 -22.47
C PHE C 1258 101.82 -34.09 -22.21
N LEU C 1259 100.75 -34.45 -22.90
CA LEU C 1259 99.46 -33.81 -22.75
C LEU C 1259 98.40 -34.83 -22.37
N GLN C 1260 97.43 -34.40 -21.59
CA GLN C 1260 96.34 -35.27 -21.18
C GLN C 1260 95.53 -35.69 -22.40
N VAL C 1261 95.03 -36.93 -22.37
CA VAL C 1261 94.24 -37.47 -23.46
C VAL C 1261 92.92 -36.70 -23.56
N PRO C 1262 92.65 -36.08 -24.70
CA PRO C 1262 91.38 -35.35 -24.86
C PRO C 1262 90.23 -36.27 -25.19
N SER C 1263 89.02 -35.78 -24.91
CA SER C 1263 87.83 -36.57 -25.16
C SER C 1263 87.52 -36.64 -26.66
N ASN C 1264 87.70 -35.53 -27.37
CA ASN C 1264 87.41 -35.46 -28.80
C ASN C 1264 88.61 -35.89 -29.65
N HIS C 1265 89.17 -37.05 -29.33
CA HIS C 1265 90.32 -37.58 -30.03
C HIS C 1265 90.02 -38.98 -30.55
N GLU C 1266 90.66 -39.33 -31.65
CA GLU C 1266 90.47 -40.63 -32.28
C GLU C 1266 91.63 -41.56 -31.95
N HIS C 1267 91.34 -42.86 -31.94
CA HIS C 1267 92.33 -43.92 -31.77
C HIS C 1267 93.03 -43.88 -30.42
N ILE C 1268 92.64 -42.94 -29.55
CA ILE C 1268 93.13 -42.92 -28.18
C ILE C 1268 91.96 -42.65 -27.24
N GLU C 1269 91.42 -43.71 -26.65
CA GLU C 1269 90.29 -43.60 -25.72
C GLU C 1269 90.66 -44.31 -24.43
N VAL C 1270 90.54 -43.61 -23.31
CA VAL C 1270 90.88 -44.14 -22.00
C VAL C 1270 89.66 -43.99 -21.10
N THR C 1271 89.31 -45.07 -20.40
CA THR C 1271 88.19 -45.07 -19.47
C THR C 1271 88.72 -45.11 -18.04
N ARG C 1272 87.80 -45.19 -17.08
CA ARG C 1272 88.16 -45.21 -15.66
C ARG C 1272 87.10 -46.00 -14.92
N ILE C 1273 87.49 -47.15 -14.37
CA ILE C 1273 86.57 -48.04 -13.67
C ILE C 1273 86.96 -48.10 -12.20
N ASP C 1274 85.97 -48.41 -11.36
CA ASP C 1274 86.14 -48.49 -9.91
C ASP C 1274 86.67 -47.17 -9.34
N LYS C 1284 88.82 -56.38 -4.95
CA LYS C 1284 88.54 -55.26 -5.84
C LYS C 1284 89.76 -54.35 -5.97
N VAL C 1285 89.95 -53.77 -7.15
CA VAL C 1285 91.07 -52.87 -7.41
C VAL C 1285 90.66 -51.90 -8.51
N THR C 1286 91.35 -50.76 -8.55
CA THR C 1286 91.02 -49.69 -9.48
C THR C 1286 91.90 -49.79 -10.72
N GLN C 1287 91.27 -49.63 -11.89
CA GLN C 1287 91.96 -49.72 -13.17
C GLN C 1287 91.58 -48.53 -14.05
N LYS C 1288 92.42 -48.27 -15.04
CA LYS C 1288 92.17 -47.25 -16.07
C LYS C 1288 92.39 -47.90 -17.43
N SER C 1289 91.37 -48.59 -17.93
CA SER C 1289 91.53 -49.35 -19.16
C SER C 1289 91.63 -48.40 -20.36
N PHE C 1290 92.06 -48.96 -21.50
CA PHE C 1290 92.27 -48.21 -22.72
C PHE C 1290 91.21 -48.60 -23.76
N GLY C 1291 91.36 -48.06 -24.96
CA GLY C 1291 90.46 -48.32 -26.06
C GLY C 1291 90.85 -47.54 -27.30
N SER C 1292 90.71 -48.15 -28.48
CA SER C 1292 91.15 -47.49 -29.70
C SER C 1292 90.41 -48.06 -30.90
N GLN C 1293 90.39 -47.28 -31.98
CA GLN C 1293 89.94 -47.76 -33.27
C GLN C 1293 90.57 -46.86 -34.31
N ASN C 1294 91.16 -47.45 -35.35
CA ASN C 1294 91.83 -46.71 -36.42
C ASN C 1294 92.23 -47.74 -37.49
N ASN C 1295 93.00 -47.28 -38.47
CA ASN C 1295 93.58 -48.16 -39.48
C ASN C 1295 95.09 -48.07 -39.56
N ASN C 1296 95.71 -47.06 -38.94
CA ASN C 1296 97.16 -46.90 -38.94
C ASN C 1296 97.70 -47.15 -37.54
N THR C 1297 98.75 -47.96 -37.46
CA THR C 1297 99.33 -48.39 -36.20
C THR C 1297 100.62 -47.60 -35.92
N ASP C 1298 100.87 -47.35 -34.63
CA ASP C 1298 102.07 -46.63 -34.21
C ASP C 1298 102.31 -46.87 -32.73
N ILE C 1299 103.34 -46.21 -32.20
CA ILE C 1299 103.75 -46.37 -30.81
C ILE C 1299 103.40 -45.11 -30.03
N MET C 1300 102.81 -45.28 -28.85
CA MET C 1300 102.45 -44.19 -27.95
C MET C 1300 103.28 -44.31 -26.68
N PHE C 1301 103.35 -43.20 -25.94
CA PHE C 1301 104.28 -43.00 -24.84
C PHE C 1301 103.55 -42.60 -23.58
N TYR C 1302 102.55 -43.40 -23.18
CA TYR C 1302 101.68 -43.00 -22.08
C TYR C 1302 102.47 -42.87 -20.78
N ARG C 1303 102.04 -41.93 -19.94
CA ARG C 1303 102.73 -41.64 -18.70
C ARG C 1303 101.72 -41.20 -17.66
N LEU C 1304 102.01 -41.47 -16.40
CA LEU C 1304 101.15 -41.02 -15.32
C LEU C 1304 101.36 -39.52 -15.07
N SER C 1305 100.47 -38.95 -14.27
CA SER C 1305 100.50 -37.51 -14.03
C SER C 1305 101.51 -37.15 -12.94
N MET C 1306 101.39 -37.76 -11.77
CA MET C 1306 102.24 -37.39 -10.65
C MET C 1306 103.39 -38.37 -10.50
N PRO C 1307 104.62 -37.89 -10.41
CA PRO C 1307 105.77 -38.79 -10.22
C PRO C 1307 106.06 -39.03 -8.74
N ILE C 1308 107.02 -39.92 -8.51
CA ILE C 1308 107.46 -40.28 -7.18
C ILE C 1308 108.90 -39.82 -7.00
N GLU C 1309 109.18 -39.15 -5.90
CA GLU C 1309 110.50 -38.61 -5.61
C GLU C 1309 111.06 -39.27 -4.36
N CYS C 1310 112.39 -39.26 -4.25
CA CYS C 1310 113.09 -39.86 -3.14
C CYS C 1310 114.34 -39.03 -2.85
N ALA C 1311 114.36 -38.36 -1.71
CA ALA C 1311 115.49 -37.52 -1.34
C ALA C 1311 115.55 -37.31 0.17
N UNK C 1312 116.64 -37.74 0.80
CA UNK C 1312 117.74 -38.39 0.09
C UNK C 1312 118.06 -39.74 0.73
N UNK C 1313 117.27 -40.75 0.37
CA UNK C 1313 117.44 -42.08 0.93
C UNK C 1313 117.78 -43.09 -0.15
N UNK C 1314 117.45 -44.36 0.10
CA UNK C 1314 117.75 -45.43 -0.84
C UNK C 1314 116.75 -45.45 -1.99
N UNK C 1315 117.26 -45.49 -3.22
CA UNK C 1315 116.42 -45.50 -4.40
C UNK C 1315 116.77 -46.66 -5.32
N UNK C 1316 115.82 -47.58 -5.49
CA UNK C 1316 116.02 -48.73 -6.35
C UNK C 1316 114.73 -49.07 -7.09
N UNK C 1317 114.81 -49.15 -8.42
CA UNK C 1317 113.67 -49.50 -9.24
C UNK C 1317 113.78 -50.93 -9.72
N UNK C 1318 112.90 -51.80 -9.23
CA UNK C 1318 112.94 -53.21 -9.59
C UNK C 1318 111.71 -53.61 -10.41
N UNK C 1319 111.96 -54.21 -11.57
CA UNK C 1319 110.88 -54.70 -12.43
C UNK C 1319 110.69 -56.19 -12.21
N UNK C 1320 109.55 -56.56 -11.65
CA UNK C 1320 109.27 -57.97 -11.34
C UNK C 1320 108.09 -58.49 -12.14
N UNK C 1321 108.31 -59.60 -12.86
CA UNK C 1321 107.24 -60.23 -13.62
C UNK C 1321 106.32 -61.01 -12.68
N UNK C 1322 105.24 -61.55 -13.23
CA UNK C 1322 104.29 -62.32 -12.44
C UNK C 1322 104.92 -63.61 -11.95
N UNK C 1323 105.80 -64.18 -12.77
CA UNK C 1323 106.47 -65.43 -12.43
C UNK C 1323 107.59 -65.18 -11.42
N UNK C 1324 108.49 -64.27 -11.75
CA UNK C 1324 109.62 -63.95 -10.88
C UNK C 1324 110.14 -62.54 -11.14
N UNK C 1325 111.23 -62.19 -10.46
CA UNK C 1325 111.82 -60.87 -10.61
C UNK C 1325 113.08 -60.93 -11.46
N UNK C 1326 113.04 -61.77 -12.50
CA UNK C 1326 114.19 -61.95 -13.39
C UNK C 1326 114.13 -60.96 -14.53
N UNK C 1327 114.37 -59.68 -14.24
CA UNK C 1327 114.37 -58.65 -15.26
C UNK C 1327 115.42 -57.58 -14.95
N UNK C 1328 115.53 -56.59 -15.84
CA UNK C 1328 116.49 -55.51 -15.66
C UNK C 1328 116.09 -54.64 -14.46
N UNK C 1329 117.03 -54.44 -13.55
CA UNK C 1329 116.78 -53.63 -12.36
C UNK C 1329 117.74 -52.46 -12.28
N UNK C 1330 117.20 -51.25 -12.32
CA UNK C 1330 118.00 -50.04 -12.23
C UNK C 1330 117.88 -49.42 -10.84
N UNK C 1331 119.01 -49.06 -10.24
CA UNK C 1331 119.02 -48.48 -8.91
C UNK C 1331 120.05 -47.35 -8.81
N UNK C 1332 119.69 -46.20 -9.34
CA UNK C 1332 120.57 -45.03 -9.31
C UNK C 1332 119.78 -43.74 -9.42
N UNK C 1333 119.46 -43.14 -8.28
CA UNK C 1333 118.72 -41.89 -8.23
C UNK C 1333 118.91 -41.18 -6.89
N UNK C 1334 119.58 -40.03 -6.94
CA UNK C 1334 119.83 -39.26 -5.72
C UNK C 1334 118.57 -38.54 -5.26
N UNK C 1335 117.96 -37.79 -6.18
CA UNK C 1335 116.76 -37.03 -5.89
C UNK C 1335 115.96 -36.78 -7.16
N UNK C 1336 115.65 -37.85 -7.88
CA UNK C 1336 114.95 -37.74 -9.16
C UNK C 1336 113.45 -37.98 -9.01
N UNK C 1337 112.70 -37.51 -10.00
CA UNK C 1337 111.24 -37.65 -9.99
C UNK C 1337 110.81 -38.70 -11.02
N UNK C 1338 111.00 -39.98 -10.70
CA UNK C 1338 110.66 -41.05 -11.61
C UNK C 1338 109.15 -41.14 -11.81
N UNK C 1339 108.69 -40.79 -13.02
CA UNK C 1339 107.28 -40.86 -13.34
C UNK C 1339 106.95 -42.18 -14.03
N ASP C 1340 105.90 -42.84 -13.56
CA ASP C 1340 105.46 -44.12 -14.13
C ASP C 1340 105.07 -43.93 -15.59
N SER C 1341 105.40 -44.88 -16.45
CA SER C 1341 105.13 -44.72 -17.87
C SER C 1341 105.18 -46.07 -18.56
N ASP C 1342 104.62 -46.09 -19.78
CA ASP C 1342 104.53 -47.29 -20.59
C ASP C 1342 104.46 -46.87 -22.06
N PHE C 1343 105.38 -47.39 -22.85
CA PHE C 1343 105.46 -47.14 -24.29
C PHE C 1343 104.83 -48.35 -24.98
N GLU C 1344 103.66 -48.15 -25.57
CA GLU C 1344 102.88 -49.25 -26.10
C GLU C 1344 102.74 -49.15 -27.62
N VAL C 1345 102.56 -50.30 -28.26
CA VAL C 1345 102.26 -50.36 -29.68
C VAL C 1345 100.76 -50.50 -29.82
N LEU C 1346 100.19 -49.88 -30.85
CA LEU C 1346 98.75 -49.81 -31.02
C LEU C 1346 98.30 -50.94 -31.95
N MET C 1347 97.52 -51.88 -31.41
CA MET C 1347 96.88 -52.90 -32.22
C MET C 1347 95.49 -52.43 -32.60
N LYS C 1348 94.69 -53.33 -33.20
CA LYS C 1348 93.30 -52.99 -33.47
C LYS C 1348 92.48 -52.96 -32.19
N THR C 1349 92.82 -53.83 -31.23
CA THR C 1349 92.18 -53.85 -29.92
C THR C 1349 93.28 -53.90 -28.87
N ALA C 1350 93.50 -52.78 -28.19
CA ALA C 1350 94.55 -52.65 -27.18
C ALA C 1350 93.90 -52.29 -25.86
N HIS C 1351 93.85 -53.25 -24.94
CA HIS C 1351 93.26 -53.04 -23.62
C HIS C 1351 94.30 -52.92 -22.52
N GLY C 1352 95.57 -52.79 -22.87
CA GLY C 1352 96.62 -52.74 -21.85
C GLY C 1352 96.50 -51.49 -20.99
N HIS C 1353 96.63 -51.68 -19.68
CA HIS C 1353 96.41 -50.56 -18.77
C HIS C 1353 97.29 -50.70 -17.53
N LEU C 1354 97.21 -49.71 -16.65
CA LEU C 1354 97.97 -49.66 -15.42
C LEU C 1354 97.03 -49.82 -14.23
N VAL C 1355 97.46 -50.61 -13.24
CA VAL C 1355 96.66 -50.89 -12.06
C VAL C 1355 97.51 -50.65 -10.82
N PRO C 1356 97.12 -49.76 -9.92
CA PRO C 1356 97.85 -49.60 -8.65
C PRO C 1356 97.47 -50.70 -7.67
N ASP C 1357 98.39 -51.63 -7.45
CA ASP C 1357 98.14 -52.79 -6.60
C ASP C 1357 99.07 -52.73 -5.39
N ARG C 1358 98.93 -53.69 -4.48
CA ARG C 1358 99.72 -53.72 -3.27
C ARG C 1358 100.09 -55.16 -2.92
N ILE C 1359 101.38 -55.39 -2.67
CA ILE C 1359 101.84 -56.67 -2.13
C ILE C 1359 102.61 -56.41 -0.84
N ASP C 1360 103.67 -55.61 -0.92
CA ASP C 1360 104.39 -55.14 0.26
C ASP C 1360 104.77 -53.67 0.21
N LYS C 1361 104.84 -53.07 -0.96
CA LYS C 1361 105.20 -51.66 -1.10
C LYS C 1361 104.48 -51.10 -2.33
N ASP C 1362 104.95 -49.96 -2.82
CA ASP C 1362 104.35 -49.35 -4.01
C ASP C 1362 104.47 -50.29 -5.20
N LYS C 1363 103.34 -50.60 -5.82
CA LYS C 1363 103.29 -51.55 -6.92
C LYS C 1363 102.35 -51.04 -8.00
N GLU C 1364 102.89 -50.84 -9.20
CA GLU C 1364 102.09 -50.53 -10.38
C GLU C 1364 102.19 -51.72 -11.34
N THR C 1365 101.06 -52.28 -11.72
CA THR C 1365 101.03 -53.41 -12.63
C THR C 1365 100.52 -52.97 -13.99
N PRO C 1366 101.37 -52.90 -15.01
CA PRO C 1366 100.90 -52.62 -16.38
C PRO C 1366 100.42 -53.89 -17.06
N LYS C 1367 99.15 -54.22 -16.80
CA LYS C 1367 98.57 -55.46 -17.33
C LYS C 1367 98.42 -55.35 -18.84
N PRO C 1368 99.14 -56.16 -19.62
CA PRO C 1368 98.96 -56.19 -21.08
C PRO C 1368 97.95 -57.25 -21.50
N GLU C 1369 97.78 -57.40 -22.82
CA GLU C 1369 96.99 -58.48 -23.38
C GLU C 1369 97.74 -59.11 -24.54
N PHE C 1370 97.02 -59.82 -25.40
CA PHE C 1370 97.62 -60.50 -26.55
C PHE C 1370 98.50 -59.55 -27.37
N ASN C 1371 99.50 -60.14 -28.02
CA ASN C 1371 100.53 -59.40 -28.77
C ASN C 1371 101.25 -58.41 -27.85
N ASN C 1372 101.98 -58.95 -26.89
CA ASN C 1372 102.81 -58.17 -25.98
C ASN C 1372 104.27 -58.58 -26.17
N HIS C 1373 104.91 -57.99 -27.17
CA HIS C 1373 106.32 -58.29 -27.46
C HIS C 1373 107.19 -57.07 -27.69
N LYS C 1374 106.62 -55.88 -27.89
CA LYS C 1374 107.42 -54.67 -28.09
C LYS C 1374 106.98 -53.52 -27.20
N ASP C 1375 106.05 -53.76 -26.28
CA ASP C 1375 105.61 -52.72 -25.36
C ASP C 1375 106.51 -52.72 -24.12
N TYR C 1376 106.88 -51.53 -23.67
CA TYR C 1376 107.76 -51.38 -22.52
C TYR C 1376 107.00 -50.66 -21.41
N ALA C 1377 107.41 -50.93 -20.17
CA ALA C 1377 106.76 -50.32 -19.01
C ALA C 1377 107.82 -50.10 -17.94
N GLN C 1378 107.96 -48.85 -17.50
CA GLN C 1378 109.03 -48.51 -16.57
C GLN C 1378 108.67 -47.20 -15.86
N GLU C 1379 109.66 -46.59 -15.22
CA GLU C 1379 109.52 -45.28 -14.59
C GLU C 1379 110.59 -44.36 -15.17
N LYS C 1380 110.18 -43.17 -15.60
CA LYS C 1380 111.09 -42.29 -16.32
C LYS C 1380 111.06 -40.88 -15.75
N PRO C 1381 112.22 -40.21 -15.66
CA PRO C 1381 112.22 -38.76 -15.42
C PRO C 1381 111.84 -38.00 -16.68
N SER C 1382 112.00 -36.68 -16.66
CA SER C 1382 111.67 -35.86 -17.82
C SER C 1382 112.46 -36.30 -19.05
N ARG C 1383 111.76 -36.88 -20.02
CA ARG C 1383 112.38 -37.33 -21.27
C ARG C 1383 111.36 -37.15 -22.37
N LEU C 1384 111.68 -36.29 -23.35
CA LEU C 1384 110.72 -35.86 -24.37
C LEU C 1384 111.36 -36.01 -25.74
N LYS C 1385 111.31 -37.23 -26.27
CA LYS C 1385 111.86 -37.54 -27.59
C LYS C 1385 110.91 -38.46 -28.32
N GLN C 1386 110.48 -38.04 -29.51
CA GLN C 1386 109.56 -38.83 -30.32
C GLN C 1386 110.31 -39.60 -31.40
N UNK C 1387 110.31 -40.92 -31.30
CA UNK C 1387 110.99 -41.78 -32.28
C UNK C 1387 110.43 -43.19 -32.24
N UNK C 1388 111.30 -44.17 -32.39
CA UNK C 1388 110.89 -45.57 -32.37
C UNK C 1388 112.09 -46.48 -32.11
N UNK C 1389 112.52 -46.55 -30.86
CA UNK C 1389 113.67 -47.37 -30.49
C UNK C 1389 113.63 -47.75 -29.01
N UNK C 1390 114.42 -48.75 -28.64
CA UNK C 1390 114.50 -49.19 -27.25
C UNK C 1390 115.91 -49.05 -26.70
N UNK C 1391 116.87 -48.96 -27.61
CA UNK C 1391 118.26 -48.78 -27.22
C UNK C 1391 118.70 -47.33 -27.45
N UNK C 1392 119.84 -46.96 -26.88
CA UNK C 1392 120.37 -45.61 -26.99
C UNK C 1392 119.34 -44.58 -26.53
N UNK C 1393 119.03 -44.60 -25.24
CA UNK C 1393 118.04 -43.69 -24.67
C UNK C 1393 118.71 -42.54 -23.95
N UNK C 1394 119.88 -42.13 -24.44
CA UNK C 1394 120.64 -41.01 -23.88
C UNK C 1394 120.96 -41.22 -22.40
N UNK C 1395 122.05 -41.94 -22.13
CA UNK C 1395 122.46 -42.20 -20.76
C UNK C 1395 123.78 -41.50 -20.44
N UNK C 1396 124.23 -41.62 -19.20
CA UNK C 1396 125.50 -41.05 -18.75
C UNK C 1396 125.80 -41.52 -17.34
N UNK C 1397 127.08 -41.48 -16.97
CA UNK C 1397 127.50 -41.85 -15.63
C UNK C 1397 128.68 -40.99 -15.21
N UNK C 1398 128.45 -40.13 -14.23
CA UNK C 1398 129.48 -39.22 -13.75
C UNK C 1398 130.45 -39.96 -12.83
N UNK C 1399 131.70 -39.54 -12.85
CA UNK C 1399 132.70 -40.12 -11.96
C UNK C 1399 133.21 -39.08 -10.97
N UNK C 1400 133.70 -39.56 -9.83
CA UNK C 1400 134.32 -38.71 -8.83
C UNK C 1400 135.55 -39.42 -8.30
N UNK C 1401 136.73 -38.97 -8.75
CA UNK C 1401 137.97 -39.63 -8.38
C UNK C 1401 138.69 -38.87 -7.27
N UNK C 1402 139.81 -39.40 -6.82
CA UNK C 1402 140.62 -38.78 -5.79
C UNK C 1402 142.08 -39.16 -5.97
N UNK C 1403 142.87 -39.01 -4.92
CA UNK C 1403 144.26 -39.40 -4.94
C UNK C 1403 144.39 -40.92 -5.05
N UNK C 1404 143.46 -41.61 -4.40
CA UNK C 1404 143.41 -43.07 -4.45
C UNK C 1404 142.55 -43.53 -5.61
N UNK C 1405 143.02 -44.54 -6.34
CA UNK C 1405 142.29 -45.05 -7.49
C UNK C 1405 141.10 -45.91 -7.06
N UNK C 1406 141.14 -46.37 -5.81
CA UNK C 1406 140.06 -47.21 -5.27
C UNK C 1406 138.94 -46.36 -4.69
N UNK C 1407 139.19 -45.06 -4.56
CA UNK C 1407 138.20 -44.15 -4.01
C UNK C 1407 137.33 -43.53 -5.10
N UNK C 1408 137.52 -44.00 -6.33
CA UNK C 1408 136.75 -43.50 -7.46
C UNK C 1408 135.31 -43.98 -7.40
N UNK C 1409 134.39 -43.05 -7.14
CA UNK C 1409 132.98 -43.39 -7.05
C UNK C 1409 132.22 -42.96 -8.31
N UNK C 1410 131.54 -43.91 -8.94
CA UNK C 1410 130.81 -43.61 -10.17
C UNK C 1410 129.31 -43.72 -9.95
N UNK C 1411 128.57 -42.72 -10.42
CA UNK C 1411 127.12 -42.71 -10.29
C UNK C 1411 126.46 -42.38 -11.62
N UNK C 1412 125.56 -43.25 -12.07
CA UNK C 1412 124.83 -43.02 -13.31
C UNK C 1412 123.76 -41.97 -13.10
N UNK C 1413 123.39 -41.28 -14.18
CA UNK C 1413 122.36 -40.25 -14.10
C UNK C 1413 121.00 -40.84 -14.43
N UNK C 1414 120.92 -42.17 -14.38
CA UNK C 1414 119.69 -42.91 -14.66
C UNK C 1414 119.15 -42.59 -16.05
N UNK C 1415 120.04 -42.19 -16.95
CA UNK C 1415 119.69 -41.81 -18.31
C UNK C 1415 118.58 -40.76 -18.31
N UNK C 1416 117.67 -40.88 -19.25
CA UNK C 1416 116.49 -40.02 -19.30
C UNK C 1416 115.26 -40.86 -19.02
N UNK C 1417 115.43 -42.17 -19.05
CA UNK C 1417 114.32 -43.09 -18.80
C UNK C 1417 114.86 -44.46 -18.38
N UNK C 1418 114.58 -44.85 -17.14
CA UNK C 1418 115.02 -46.13 -16.62
C UNK C 1418 114.20 -47.25 -17.25
N UNK C 1419 114.47 -47.54 -18.52
CA UNK C 1419 113.69 -48.51 -19.27
C UNK C 1419 113.77 -49.91 -18.67
N UNK C 1420 112.78 -50.73 -19.00
CA UNK C 1420 112.70 -52.10 -18.52
C UNK C 1420 112.00 -52.94 -19.58
N UNK C 1421 112.68 -54.00 -20.01
CA UNK C 1421 112.16 -54.87 -21.08
C UNK C 1421 110.97 -55.70 -20.64
N UNK C 1422 110.05 -55.93 -21.57
CA UNK C 1422 108.93 -56.84 -21.34
C UNK C 1422 109.11 -58.10 -22.18
N UNK C 1423 109.82 -59.07 -21.63
CA UNK C 1423 110.14 -60.29 -22.35
C UNK C 1423 109.89 -61.53 -21.49
N UNK C 1424 108.84 -62.27 -21.81
CA UNK C 1424 108.50 -63.51 -21.09
C UNK C 1424 109.10 -64.71 -21.81
N UNK C 1425 110.08 -65.35 -21.18
CA UNK C 1425 110.73 -66.52 -21.76
C UNK C 1425 109.99 -67.81 -21.41
N UNK C 1426 108.67 -67.79 -21.56
CA UNK C 1426 107.85 -68.97 -21.29
C UNK C 1426 107.07 -69.37 -22.54
N UNK C 1427 106.69 -68.37 -23.34
CA UNK C 1427 105.93 -68.59 -24.56
C UNK C 1427 106.02 -67.38 -25.49
N UNK C 1428 106.83 -67.52 -26.53
CA UNK C 1428 107.09 -66.41 -27.45
C UNK C 1428 105.86 -66.08 -28.30
N UNK C 1429 105.68 -66.80 -29.40
CA UNK C 1429 104.50 -66.63 -30.24
C UNK C 1429 103.26 -67.01 -29.47
N UNK C 1430 102.82 -66.12 -28.57
CA UNK C 1430 101.77 -66.48 -27.63
C UNK C 1430 101.06 -65.28 -27.00
N UNK C 1431 100.05 -65.58 -26.20
CA UNK C 1431 99.28 -64.57 -25.49
C UNK C 1431 99.04 -65.02 -24.05
N UNK C 1432 99.37 -64.15 -23.11
CA UNK C 1432 99.19 -64.45 -21.69
C UNK C 1432 99.00 -63.17 -20.89
N UNK C 1433 98.15 -63.24 -19.86
CA UNK C 1433 97.89 -62.09 -19.01
C UNK C 1433 99.04 -61.88 -18.03
N UNK C 1434 100.10 -61.25 -18.50
CA UNK C 1434 101.29 -61.00 -17.70
C UNK C 1434 101.04 -59.89 -16.67
N UNK C 1435 102.06 -59.61 -15.86
CA UNK C 1435 101.96 -58.57 -14.85
C UNK C 1435 103.34 -58.04 -14.47
N UNK C 1436 104.10 -57.59 -15.46
CA UNK C 1436 105.43 -57.07 -15.24
C UNK C 1436 105.38 -55.78 -14.44
N UNK C 1437 105.19 -55.90 -13.13
CA UNK C 1437 105.03 -54.74 -12.27
C UNK C 1437 106.37 -54.08 -11.97
N UNK C 1438 106.32 -52.85 -11.48
CA UNK C 1438 107.52 -52.12 -11.09
C UNK C 1438 107.40 -51.64 -9.65
N UNK C 1439 108.52 -51.64 -8.93
CA UNK C 1439 108.52 -51.23 -7.53
C UNK C 1439 109.69 -50.31 -7.22
N UNK C 1440 109.42 -49.21 -6.53
CA UNK C 1440 110.46 -48.28 -6.12
C UNK C 1440 110.71 -48.40 -4.62
N UNK C 1441 111.99 -48.52 -4.26
CA UNK C 1441 112.38 -48.68 -2.86
C UNK C 1441 112.07 -47.42 -2.06
N UNK C 1442 111.07 -47.50 -1.19
CA UNK C 1442 110.69 -46.37 -0.34
C UNK C 1442 110.37 -46.84 1.07
N UNK C 1443 109.52 -46.09 1.76
CA UNK C 1443 109.14 -46.42 3.12
C UNK C 1443 108.23 -47.66 3.15
N UNK C 1444 107.98 -48.18 4.35
CA UNK C 1444 107.14 -49.34 4.52
C UNK C 1444 106.45 -49.34 5.87
N UNK C 1445 105.22 -49.85 5.92
CA UNK C 1445 104.46 -49.91 7.16
C UNK C 1445 103.66 -51.20 7.25
N UNK C 1446 103.30 -51.59 8.47
CA UNK C 1446 102.55 -52.82 8.69
C UNK C 1446 101.14 -52.51 9.19
N PRO C 1566 103.61 -48.01 0.78
CA PRO C 1566 102.93 -49.30 0.58
C PRO C 1566 102.14 -49.34 -0.72
N LEU C 1567 102.01 -48.21 -1.39
CA LEU C 1567 101.21 -48.09 -2.60
C LEU C 1567 101.81 -47.02 -3.50
N SER C 1568 101.43 -47.08 -4.77
CA SER C 1568 101.80 -46.03 -5.71
C SER C 1568 101.16 -44.71 -5.32
N ALA C 1569 99.83 -44.68 -5.26
CA ALA C 1569 99.12 -43.46 -4.88
C ALA C 1569 99.37 -43.07 -3.43
N GLY C 1570 99.87 -43.98 -2.61
CA GLY C 1570 100.14 -43.67 -1.23
C GLY C 1570 101.55 -43.17 -0.98
N LEU C 1571 102.21 -42.68 -2.02
CA LEU C 1571 103.59 -42.21 -1.91
C LEU C 1571 103.85 -40.84 -2.52
N PHE C 1572 102.99 -40.35 -3.41
CA PHE C 1572 103.16 -39.02 -3.98
C PHE C 1572 102.00 -38.09 -3.63
N LYS C 1573 101.26 -38.39 -2.58
CA LYS C 1573 100.15 -37.57 -2.13
C LYS C 1573 100.43 -37.06 -0.72
N SER C 1574 99.43 -36.40 -0.14
CA SER C 1574 99.59 -35.85 1.21
C SER C 1574 99.68 -36.97 2.24
N GLU C 1575 98.71 -37.87 2.25
CA GLU C 1575 98.69 -38.96 3.20
C GLU C 1575 99.47 -40.16 2.67
N HIS C 1576 99.99 -40.96 3.59
CA HIS C 1576 100.75 -42.16 3.25
C HIS C 1576 100.33 -43.40 4.03
N LYS C 1577 99.59 -43.25 5.12
CA LYS C 1577 99.22 -44.38 5.97
C LYS C 1577 97.95 -45.08 5.49
N ASN C 1578 97.59 -44.90 4.22
CA ASN C 1578 96.36 -45.49 3.68
C ASN C 1578 96.72 -46.69 2.82
N PRO C 1579 96.54 -47.92 3.31
CA PRO C 1579 96.84 -49.11 2.51
C PRO C 1579 95.77 -49.48 1.50
N VAL C 1580 94.78 -48.63 1.27
CA VAL C 1580 93.73 -48.92 0.30
C VAL C 1580 94.15 -48.38 -1.07
N PRO C 1581 94.07 -49.18 -2.13
CA PRO C 1581 94.47 -48.70 -3.47
C PRO C 1581 93.36 -47.93 -4.20
N GLN C 1582 93.26 -46.63 -3.91
CA GLN C 1582 92.35 -45.77 -4.63
C GLN C 1582 93.10 -44.95 -5.68
N CYS C 1583 92.34 -44.38 -6.61
CA CYS C 1583 92.89 -43.57 -7.69
C CYS C 1583 92.29 -42.18 -7.65
N PRO C 1584 93.04 -41.17 -7.20
CA PRO C 1584 92.51 -39.80 -7.18
C PRO C 1584 92.29 -39.28 -8.59
N PRO C 1585 91.45 -38.27 -8.77
CA PRO C 1585 91.19 -37.75 -10.13
C PRO C 1585 92.41 -37.14 -10.80
N ARG C 1586 93.45 -36.79 -10.03
CA ARG C 1586 94.64 -36.23 -10.65
C ARG C 1586 95.40 -37.26 -11.45
N LEU C 1587 95.33 -38.54 -11.05
CA LEU C 1587 96.01 -39.59 -11.79
C LEU C 1587 95.29 -39.89 -13.09
N HIS C 1588 95.71 -39.24 -14.17
CA HIS C 1588 95.17 -39.47 -15.50
C HIS C 1588 96.31 -39.67 -16.47
N VAL C 1589 96.12 -40.55 -17.44
CA VAL C 1589 97.18 -40.85 -18.39
C VAL C 1589 97.41 -39.64 -19.29
N GLN C 1590 98.67 -39.45 -19.68
CA GLN C 1590 99.08 -38.37 -20.57
C GLN C 1590 99.95 -38.96 -21.66
N PHE C 1591 99.62 -38.65 -22.91
CA PHE C 1591 100.38 -39.16 -24.04
C PHE C 1591 101.32 -38.09 -24.57
N LEU C 1592 102.45 -38.55 -25.10
CA LEU C 1592 103.46 -37.65 -25.67
C LEU C 1592 102.89 -37.06 -26.95
N SER C 1593 102.40 -35.83 -26.87
CA SER C 1593 101.68 -35.20 -27.96
C SER C 1593 102.59 -34.24 -28.73
N HIS C 1594 102.03 -33.69 -29.81
CA HIS C 1594 102.73 -32.71 -30.63
C HIS C 1594 101.95 -31.43 -30.85
N VAL C 1595 100.68 -31.38 -30.46
CA VAL C 1595 99.86 -30.18 -30.63
C VAL C 1595 100.18 -29.19 -29.51
N LEU C 1596 101.09 -28.27 -29.77
CA LEU C 1596 101.53 -27.31 -28.76
C LEU C 1596 102.10 -26.09 -29.45
N TRP C 1597 102.14 -24.98 -28.71
CA TRP C 1597 102.68 -23.73 -29.21
C TRP C 1597 103.68 -23.17 -28.21
N SER C 1598 104.76 -22.59 -28.72
CA SER C 1598 105.73 -21.87 -27.91
C SER C 1598 105.65 -20.38 -28.23
N ARG C 1599 106.09 -19.56 -27.28
CA ARG C 1599 106.02 -18.12 -27.38
C ARG C 1599 107.41 -17.55 -27.60
N MET C 1600 107.54 -16.69 -28.62
CA MET C 1600 108.83 -16.05 -28.90
C MET C 1600 108.96 -14.79 -28.05
N PRO C 1601 110.03 -14.66 -27.27
CA PRO C 1601 110.20 -13.45 -26.47
C PRO C 1601 110.41 -12.23 -27.35
N ASN C 1602 109.86 -11.10 -26.91
CA ASN C 1602 109.94 -9.86 -27.67
C ASN C 1602 111.25 -9.12 -27.45
N GLN C 1603 112.20 -9.69 -26.70
CA GLN C 1603 113.48 -9.03 -26.46
C GLN C 1603 114.47 -10.08 -26.01
N PHE C 1604 115.50 -10.32 -26.82
CA PHE C 1604 116.48 -11.36 -26.56
C PHE C 1604 117.65 -10.79 -25.78
N LEU C 1605 118.73 -11.56 -25.67
CA LEU C 1605 119.89 -11.15 -24.88
C LEU C 1605 120.75 -10.10 -25.58
N LYS C 1606 120.70 -10.03 -26.91
CA LYS C 1606 121.43 -9.02 -27.68
C LYS C 1606 122.93 -9.10 -27.41
N VAL C 1607 123.51 -10.22 -27.83
CA VAL C 1607 124.92 -10.52 -27.61
C VAL C 1607 125.69 -10.37 -28.92
N ASP C 1608 126.78 -9.60 -28.89
CA ASP C 1608 127.74 -9.52 -29.98
C ASP C 1608 128.99 -10.29 -29.57
N VAL C 1609 129.62 -10.96 -30.53
CA VAL C 1609 130.70 -11.86 -30.15
C VAL C 1609 132.05 -11.16 -30.17
N SER C 1610 132.52 -10.75 -31.35
CA SER C 1610 133.79 -10.02 -31.37
C SER C 1610 133.75 -8.76 -32.21
N ARG C 1611 133.11 -8.81 -33.38
CA ARG C 1611 133.08 -7.72 -34.36
C ARG C 1611 134.46 -7.30 -34.84
N ILE C 1612 135.52 -7.95 -34.35
CA ILE C 1612 136.87 -7.68 -34.81
C ILE C 1612 137.51 -8.99 -35.27
N SER C 1613 137.02 -10.10 -34.73
CA SER C 1613 137.56 -11.43 -35.01
C SER C 1613 139.08 -11.46 -34.87
N GLU C 1614 139.54 -11.12 -33.67
CA GLU C 1614 140.96 -11.00 -33.43
C GLU C 1614 141.65 -12.37 -33.49
N ARG C 1615 142.96 -12.34 -33.70
CA ARG C 1615 143.77 -13.55 -33.78
C ARG C 1615 144.13 -14.11 -32.40
N GLN C 1616 143.79 -13.42 -31.33
CA GLN C 1616 144.10 -13.85 -29.98
C GLN C 1616 142.97 -14.65 -29.34
N GLY C 1617 141.99 -15.10 -30.13
CA GLY C 1617 140.89 -15.88 -29.59
C GLY C 1617 139.55 -15.50 -30.18
N TRP C 1618 138.54 -16.34 -29.95
CA TRP C 1618 137.18 -16.07 -30.38
C TRP C 1618 136.42 -15.49 -29.19
N LEU C 1619 136.10 -14.21 -29.27
CA LEU C 1619 135.51 -13.49 -28.15
C LEU C 1619 133.99 -13.54 -28.21
N VAL C 1620 133.37 -13.49 -27.04
CA VAL C 1620 131.93 -13.28 -26.87
C VAL C 1620 131.75 -12.40 -25.64
N GLN C 1621 130.81 -11.45 -25.72
CA GLN C 1621 130.63 -10.48 -24.64
C GLN C 1621 129.17 -10.07 -24.55
N CYS C 1622 128.65 -10.04 -23.33
CA CYS C 1622 127.29 -9.56 -23.10
C CYS C 1622 127.18 -9.10 -21.65
N LEU C 1623 127.05 -7.80 -21.45
CA LEU C 1623 126.89 -7.24 -20.11
C LEU C 1623 125.47 -6.78 -19.80
N ASP C 1624 124.69 -6.47 -20.82
CA ASP C 1624 123.30 -6.08 -20.59
C ASP C 1624 122.51 -7.26 -20.04
N PRO C 1625 121.85 -7.10 -18.89
CA PRO C 1625 121.13 -8.23 -18.30
C PRO C 1625 119.72 -8.38 -18.85
N LEU C 1626 119.14 -9.55 -18.58
CA LEU C 1626 117.77 -9.84 -19.00
C LEU C 1626 117.21 -10.94 -18.12
N GLN C 1627 116.07 -10.69 -17.49
CA GLN C 1627 115.41 -11.66 -16.65
C GLN C 1627 113.96 -11.82 -17.09
N PHE C 1628 113.35 -12.93 -16.67
CA PHE C 1628 111.96 -13.18 -16.96
C PHE C 1628 111.35 -14.03 -15.84
N MET C 1629 110.05 -13.90 -15.67
CA MET C 1629 109.31 -14.61 -14.64
C MET C 1629 108.86 -15.97 -15.18
N SER C 1630 109.23 -17.03 -14.45
CA SER C 1630 108.93 -18.40 -14.84
C SER C 1630 107.99 -19.00 -13.82
N LEU C 1631 106.83 -19.46 -14.28
CA LEU C 1631 105.94 -20.26 -13.47
C LEU C 1631 106.44 -21.70 -13.42
N HIS C 1632 106.19 -22.36 -12.30
CA HIS C 1632 106.67 -23.72 -12.08
C HIS C 1632 105.49 -24.58 -11.64
N ILE C 1633 105.17 -25.58 -12.46
CA ILE C 1633 104.20 -26.62 -12.09
C ILE C 1633 104.98 -27.72 -11.38
N PRO C 1634 104.77 -27.93 -10.08
CA PRO C 1634 105.58 -28.92 -9.35
C PRO C 1634 105.12 -30.35 -9.59
N GLU C 1635 103.81 -30.54 -9.75
CA GLU C 1635 103.30 -31.89 -10.00
C GLU C 1635 103.84 -32.46 -11.31
N GLU C 1636 104.03 -31.60 -12.31
CA GLU C 1636 104.66 -32.01 -13.56
C GLU C 1636 106.16 -31.72 -13.57
N ASN C 1637 106.66 -30.98 -12.58
CA ASN C 1637 108.08 -30.62 -12.50
C ASN C 1637 108.53 -29.92 -13.78
N ARG C 1638 107.82 -28.87 -14.15
CA ARG C 1638 108.10 -28.17 -15.41
C ARG C 1638 108.00 -26.66 -15.22
N SER C 1639 108.86 -25.94 -15.93
CA SER C 1639 108.88 -24.48 -15.91
C SER C 1639 108.36 -23.94 -17.23
N VAL C 1640 107.59 -22.86 -17.16
CA VAL C 1640 106.98 -22.24 -18.34
C VAL C 1640 106.98 -20.73 -18.16
N ASP C 1641 107.22 -20.00 -19.24
CA ASP C 1641 107.17 -18.54 -19.17
C ASP C 1641 105.81 -18.08 -18.71
N ILE C 1642 105.78 -17.17 -17.74
CA ILE C 1642 104.52 -16.70 -17.17
C ILE C 1642 103.69 -15.96 -18.22
N LEU C 1643 104.32 -15.41 -19.25
CA LEU C 1643 103.59 -14.72 -20.30
C LEU C 1643 102.88 -15.67 -21.23
N GLU C 1644 103.25 -16.96 -21.22
CA GLU C 1644 102.58 -17.95 -22.05
C GLU C 1644 101.20 -18.32 -21.54
N LEU C 1645 100.83 -17.88 -20.33
CA LEU C 1645 99.51 -18.16 -19.81
C LEU C 1645 98.42 -17.34 -20.49
N THR C 1646 98.78 -16.49 -21.45
CA THR C 1646 97.77 -15.72 -22.17
C THR C 1646 96.88 -16.64 -22.99
N GLU C 1647 97.43 -17.75 -23.48
CA GLU C 1647 96.65 -18.69 -24.28
C GLU C 1647 96.02 -19.80 -23.44
N GLN C 1648 96.74 -20.32 -22.45
CA GLN C 1648 96.21 -21.37 -21.59
C GLN C 1648 95.18 -20.78 -20.64
N GLU C 1649 93.91 -21.16 -20.81
CA GLU C 1649 92.83 -20.58 -20.02
C GLU C 1649 92.77 -21.16 -18.61
N GLU C 1650 93.23 -22.39 -18.42
CA GLU C 1650 93.17 -23.00 -17.11
C GLU C 1650 94.17 -22.34 -16.16
N LEU C 1651 95.45 -22.38 -16.52
CA LEU C 1651 96.49 -21.86 -15.63
C LEU C 1651 96.35 -20.36 -15.42
N LEU C 1652 95.89 -19.64 -16.44
CA LEU C 1652 95.60 -18.22 -16.29
C LEU C 1652 94.60 -17.98 -15.16
N GLN C 1653 93.45 -18.66 -15.23
CA GLN C 1653 92.42 -18.48 -14.22
C GLN C 1653 92.87 -18.96 -12.84
N PHE C 1654 93.57 -20.10 -12.80
CA PHE C 1654 94.03 -20.65 -11.54
C PHE C 1654 95.04 -19.73 -10.86
N HIS C 1655 95.94 -19.13 -11.64
CA HIS C 1655 96.91 -18.22 -11.05
C HIS C 1655 96.26 -16.90 -10.66
N TYR C 1656 95.28 -16.44 -11.42
CA TYR C 1656 94.53 -15.26 -10.97
C TYR C 1656 93.84 -15.53 -9.64
N HIS C 1657 93.25 -16.72 -9.49
CA HIS C 1657 92.55 -17.04 -8.25
C HIS C 1657 93.54 -17.26 -7.10
N THR C 1658 94.72 -17.81 -7.36
CA THR C 1658 95.67 -17.96 -6.28
C THR C 1658 96.28 -16.62 -5.88
N LEU C 1659 96.37 -15.67 -6.82
CA LEU C 1659 96.77 -14.32 -6.44
C LEU C 1659 95.69 -13.66 -5.60
N ARG C 1660 94.42 -13.88 -5.95
CA ARG C 1660 93.32 -13.38 -5.12
C ARG C 1660 93.36 -14.01 -3.73
N LEU C 1661 93.73 -15.29 -3.64
CA LEU C 1661 93.84 -15.94 -2.34
C LEU C 1661 95.00 -15.36 -1.54
N TYR C 1662 96.15 -15.15 -2.18
CA TYR C 1662 97.27 -14.51 -1.51
C TYR C 1662 96.87 -13.14 -0.98
N SER C 1663 96.08 -12.39 -1.75
CA SER C 1663 95.63 -11.08 -1.29
C SER C 1663 94.67 -11.22 -0.11
N ALA C 1664 93.72 -12.15 -0.20
CA ALA C 1664 92.67 -12.24 0.81
C ALA C 1664 93.16 -12.85 2.12
N VAL C 1665 94.19 -13.69 2.09
CA VAL C 1665 94.67 -14.31 3.32
C VAL C 1665 95.41 -13.33 4.21
N CYS C 1666 95.79 -12.17 3.69
CA CYS C 1666 96.44 -11.13 4.50
C CYS C 1666 95.91 -9.75 4.15
N ALA C 1667 94.66 -9.66 3.67
CA ALA C 1667 94.09 -8.40 3.24
C ALA C 1667 94.09 -7.37 4.38
N LEU C 1668 93.51 -7.73 5.52
CA LEU C 1668 93.42 -6.81 6.64
C LEU C 1668 94.76 -6.76 7.37
N GLY C 1669 94.77 -6.17 8.57
CA GLY C 1669 96.01 -5.98 9.30
C GLY C 1669 96.59 -7.24 9.88
N ASN C 1670 96.81 -8.24 9.03
CA ASN C 1670 97.45 -9.50 9.41
C ASN C 1670 98.83 -9.52 8.75
N HIS C 1671 99.87 -9.29 9.56
CA HIS C 1671 101.22 -9.18 9.04
C HIS C 1671 102.02 -10.46 9.15
N ARG C 1672 101.66 -11.36 10.05
CA ARG C 1672 102.40 -12.62 10.19
C ARG C 1672 102.32 -13.46 8.92
N VAL C 1673 101.23 -13.33 8.17
CA VAL C 1673 101.11 -14.04 6.90
C VAL C 1673 101.77 -13.27 5.77
N ALA C 1674 101.77 -11.93 5.82
CA ALA C 1674 102.40 -11.15 4.77
C ALA C 1674 103.92 -11.32 4.81
N HIS C 1675 104.50 -11.43 6.00
CA HIS C 1675 105.94 -11.65 6.11
C HIS C 1675 106.36 -12.96 5.46
N ALA C 1676 105.45 -13.92 5.32
CA ALA C 1676 105.74 -15.14 4.58
C ALA C 1676 105.41 -15.01 3.10
N LEU C 1677 104.30 -14.36 2.78
CA LEU C 1677 103.89 -14.23 1.38
C LEU C 1677 104.88 -13.42 0.57
N CYS C 1678 105.54 -12.45 1.19
CA CYS C 1678 106.53 -11.65 0.47
C CYS C 1678 107.59 -12.54 -0.18
N SER C 1679 108.20 -13.42 0.61
CA SER C 1679 109.16 -14.35 0.06
C SER C 1679 108.51 -15.48 -0.71
N HIS C 1680 107.25 -15.82 -0.40
CA HIS C 1680 106.57 -16.88 -1.14
C HIS C 1680 106.36 -16.49 -2.59
N VAL C 1681 106.21 -15.19 -2.87
CA VAL C 1681 106.17 -14.79 -4.27
C VAL C 1681 107.56 -14.33 -4.71
N ASP C 1682 108.01 -13.18 -4.22
CA ASP C 1682 109.39 -12.68 -4.29
C ASP C 1682 109.42 -11.26 -3.75
N GLU C 1683 110.62 -10.70 -3.62
CA GLU C 1683 110.74 -9.26 -3.46
C GLU C 1683 110.66 -8.54 -4.81
N PRO C 1684 111.49 -8.88 -5.81
CA PRO C 1684 111.49 -8.10 -7.06
C PRO C 1684 110.56 -8.63 -8.14
N GLN C 1685 109.98 -9.82 -7.96
CA GLN C 1685 109.03 -10.32 -8.95
C GLN C 1685 107.79 -9.44 -9.03
N LEU C 1686 107.39 -8.83 -7.90
CA LEU C 1686 106.28 -7.90 -7.93
C LEU C 1686 106.60 -6.72 -8.85
N LEU C 1687 107.80 -6.16 -8.71
CA LEU C 1687 108.21 -5.06 -9.58
C LEU C 1687 108.26 -5.50 -11.04
N TYR C 1688 108.81 -6.70 -11.30
CA TYR C 1688 108.88 -7.17 -12.68
C TYR C 1688 107.49 -7.36 -13.27
N ALA C 1689 106.54 -7.87 -12.47
CA ALA C 1689 105.20 -8.13 -12.98
C ALA C 1689 104.43 -6.84 -13.19
N ILE C 1690 104.63 -5.85 -12.33
CA ILE C 1690 103.95 -4.58 -12.52
C ILE C 1690 104.60 -3.74 -13.62
N GLU C 1691 105.85 -4.03 -13.98
CA GLU C 1691 106.53 -3.29 -15.04
C GLU C 1691 106.37 -3.93 -16.41
N ASN C 1692 106.24 -5.25 -16.48
CA ASN C 1692 106.19 -5.94 -17.77
C ASN C 1692 105.01 -5.46 -18.60
N LYS C 1693 105.31 -5.04 -19.84
CA LYS C 1693 104.26 -4.58 -20.74
C LYS C 1693 103.43 -5.75 -21.28
N TYR C 1694 104.03 -6.91 -21.43
CA TYR C 1694 103.32 -8.10 -21.91
C TYR C 1694 102.84 -8.88 -20.70
N MET C 1695 101.55 -8.77 -20.40
CA MET C 1695 100.94 -9.49 -19.30
C MET C 1695 99.52 -9.86 -19.68
N PRO C 1696 99.00 -10.99 -19.19
CA PRO C 1696 97.62 -11.37 -19.52
C PRO C 1696 96.59 -10.35 -19.04
N GLY C 1697 96.89 -9.62 -17.97
CA GLY C 1697 95.99 -8.62 -17.45
C GLY C 1697 95.37 -9.06 -16.16
N LEU C 1698 94.89 -10.31 -16.11
CA LEU C 1698 94.40 -10.87 -14.86
C LEU C 1698 95.56 -11.03 -13.87
N LEU C 1699 96.67 -11.60 -14.33
CA LEU C 1699 97.85 -11.67 -13.46
C LEU C 1699 98.40 -10.29 -13.12
N ARG C 1700 98.27 -9.33 -14.03
CA ARG C 1700 98.75 -7.98 -13.72
C ARG C 1700 97.93 -7.38 -12.58
N ALA C 1701 96.60 -7.44 -12.68
CA ALA C 1701 95.75 -6.94 -11.61
C ALA C 1701 96.00 -7.70 -10.32
N GLY C 1702 96.18 -9.03 -10.41
CA GLY C 1702 96.42 -9.81 -9.22
C GLY C 1702 97.72 -9.43 -8.53
N TYR C 1703 98.79 -9.25 -9.30
CA TYR C 1703 100.07 -8.88 -8.71
C TYR C 1703 100.03 -7.46 -8.14
N TYR C 1704 99.34 -6.55 -8.82
CA TYR C 1704 99.18 -5.21 -8.28
C TYR C 1704 98.46 -5.24 -6.94
N ASP C 1705 97.32 -5.95 -6.88
CA ASP C 1705 96.57 -6.04 -5.63
C ASP C 1705 97.38 -6.74 -4.55
N LEU C 1706 98.18 -7.74 -4.94
CA LEU C 1706 99.01 -8.45 -3.96
C LEU C 1706 100.07 -7.53 -3.38
N LEU C 1707 100.75 -6.76 -4.22
CA LEU C 1707 101.71 -5.78 -3.73
C LEU C 1707 101.04 -4.79 -2.78
N ILE C 1708 99.88 -4.26 -3.20
CA ILE C 1708 99.17 -3.29 -2.36
C ILE C 1708 98.83 -3.90 -1.00
N ASP C 1709 98.37 -5.15 -1.00
CA ASP C 1709 97.90 -5.76 0.24
C ASP C 1709 99.05 -6.13 1.16
N ILE C 1710 100.17 -6.62 0.61
CA ILE C 1710 101.24 -7.12 1.45
C ILE C 1710 102.32 -6.09 1.75
N HIS C 1711 102.24 -4.90 1.16
CA HIS C 1711 103.30 -3.92 1.42
C HIS C 1711 102.76 -2.55 1.81
N LEU C 1712 101.55 -2.22 1.38
CA LEU C 1712 101.04 -0.86 1.48
C LEU C 1712 99.69 -0.73 2.16
N SER C 1713 98.88 -1.79 2.17
CA SER C 1713 97.49 -1.66 2.62
C SER C 1713 97.39 -1.33 4.09
N SER C 1714 98.30 -1.85 4.92
CA SER C 1714 98.23 -1.62 6.35
C SER C 1714 98.29 -0.13 6.67
N TYR C 1715 99.36 0.52 6.24
CA TYR C 1715 99.51 1.95 6.50
C TYR C 1715 98.49 2.77 5.71
N ALA C 1716 98.08 2.28 4.54
CA ALA C 1716 97.06 3.00 3.78
C ALA C 1716 95.75 3.08 4.56
N THR C 1717 95.27 1.95 5.09
CA THR C 1717 94.04 1.97 5.88
C THR C 1717 94.26 2.71 7.20
N ALA C 1718 95.46 2.64 7.77
CA ALA C 1718 95.72 3.42 8.98
C ALA C 1718 95.52 4.91 8.72
N ARG C 1719 96.02 5.41 7.59
CA ARG C 1719 95.84 6.82 7.25
C ARG C 1719 94.39 7.13 6.90
N LEU C 1720 93.72 6.22 6.19
CA LEU C 1720 92.29 6.45 5.90
C LEU C 1720 91.47 6.52 7.18
N MET C 1721 91.85 5.75 8.20
CA MET C 1721 91.18 5.83 9.48
C MET C 1721 91.48 7.16 10.17
N MET C 1722 92.75 7.45 10.39
CA MET C 1722 93.13 8.71 11.04
C MET C 1722 93.41 9.80 10.01
N ASN C 1723 92.47 9.99 9.08
CA ASN C 1723 92.55 11.05 8.09
C ASN C 1723 91.58 12.19 8.35
N ASN C 1724 90.44 11.93 9.00
CA ASN C 1724 89.46 12.97 9.30
C ASN C 1724 89.70 13.64 10.65
N GLU C 1725 90.78 13.28 11.35
CA GLU C 1725 91.11 13.87 12.63
C GLU C 1725 92.25 14.86 12.42
N PHE C 1726 91.96 16.15 12.55
CA PHE C 1726 92.93 17.21 12.30
C PHE C 1726 93.55 17.64 13.63
N ILE C 1727 94.49 16.84 14.11
CA ILE C 1727 95.20 17.14 15.35
C ILE C 1727 96.45 17.92 14.98
N VAL C 1728 96.60 19.11 15.58
CA VAL C 1728 97.65 20.05 15.21
C VAL C 1728 98.50 20.34 16.44
N PRO C 1729 99.83 20.45 16.30
CA PRO C 1729 100.66 20.93 17.41
C PRO C 1729 100.71 22.44 17.46
N MET C 1730 101.52 23.01 18.36
CA MET C 1730 101.66 24.46 18.47
C MET C 1730 103.11 24.89 18.28
N THR C 1731 103.85 24.13 17.48
CA THR C 1731 105.23 24.43 17.16
C THR C 1731 105.30 25.65 16.25
N GLU C 1732 106.52 26.18 16.10
CA GLU C 1732 106.71 27.33 15.23
C GLU C 1732 106.49 26.99 13.76
N GLU C 1733 106.58 25.71 13.38
CA GLU C 1733 106.33 25.34 12.00
C GLU C 1733 104.87 25.52 11.62
N THR C 1734 103.96 25.41 12.60
CA THR C 1734 102.54 25.64 12.32
C THR C 1734 102.28 27.10 11.97
N LYS C 1735 102.97 28.02 12.64
CA LYS C 1735 102.82 29.44 12.39
C LYS C 1735 103.58 29.92 11.15
N SER C 1736 104.10 29.01 10.34
CA SER C 1736 104.75 29.39 9.09
C SER C 1736 103.80 29.40 7.90
N ILE C 1737 102.64 28.77 8.03
CA ILE C 1737 101.68 28.68 6.95
C ILE C 1737 100.50 29.64 7.16
N THR C 1738 100.68 30.67 7.98
CA THR C 1738 99.63 31.67 8.18
C THR C 1738 99.33 32.46 6.93
N LEU C 1739 100.12 32.31 5.87
CA LEU C 1739 99.88 33.01 4.61
C LEU C 1739 98.92 32.25 3.70
N PHE C 1740 99.02 30.90 3.68
CA PHE C 1740 98.23 29.97 2.88
C PHE C 1740 97.89 30.60 1.53
N PRO C 1741 98.87 30.64 0.61
CA PRO C 1741 98.79 31.55 -0.55
C PRO C 1741 97.48 31.51 -1.33
N ASP C 1742 96.76 32.63 -1.30
CA ASP C 1742 95.55 32.81 -2.09
C ASP C 1742 95.50 34.15 -2.80
N GLU C 1743 96.18 35.18 -2.28
CA GLU C 1743 96.18 36.50 -2.89
C GLU C 1743 97.27 36.61 -3.95
N ASN C 1744 97.50 37.85 -4.42
CA ASN C 1744 98.47 38.21 -5.44
C ASN C 1744 98.46 37.25 -6.63
N LYS C 1745 97.26 36.85 -7.06
CA LYS C 1745 97.05 36.06 -8.27
C LYS C 1745 97.75 34.70 -8.19
N LYS C 1746 97.34 33.91 -7.22
CA LYS C 1746 97.79 32.52 -7.09
C LYS C 1746 96.88 31.79 -6.11
N HIS C 1747 96.77 30.48 -6.29
CA HIS C 1747 95.92 29.66 -5.43
C HIS C 1747 96.70 28.48 -4.86
N GLY C 1748 97.74 28.05 -5.56
CA GLY C 1748 98.56 26.93 -5.12
C GLY C 1748 98.04 25.60 -5.64
N LEU C 1749 98.86 24.57 -5.43
CA LEU C 1749 98.47 23.23 -5.85
C LEU C 1749 98.09 22.38 -4.65
N PRO C 1750 97.11 21.49 -4.78
CA PRO C 1750 96.70 20.66 -3.65
C PRO C 1750 97.78 19.66 -3.28
N GLY C 1751 98.14 19.64 -2.00
CA GLY C 1751 99.17 18.75 -1.50
C GLY C 1751 100.56 19.35 -1.44
N ILE C 1752 100.74 20.58 -1.92
CA ILE C 1752 102.03 21.25 -1.90
C ILE C 1752 102.06 22.20 -0.71
N GLY C 1753 103.17 22.17 0.02
CA GLY C 1753 103.32 23.03 1.18
C GLY C 1753 103.86 22.29 2.40
N LEU C 1754 103.33 22.63 3.58
CA LEU C 1754 103.78 22.05 4.82
C LEU C 1754 102.59 21.46 5.56
N SER C 1755 102.78 20.28 6.17
CA SER C 1755 101.70 19.59 6.83
C SER C 1755 101.56 20.01 8.29
N THR C 1756 102.60 19.79 9.09
CA THR C 1756 102.59 20.09 10.53
C THR C 1756 101.30 19.63 11.19
N SER C 1757 100.92 18.39 10.90
CA SER C 1757 99.75 17.77 11.50
C SER C 1757 100.13 16.39 12.01
N LEU C 1758 99.43 15.96 13.06
CA LEU C 1758 99.78 14.70 13.70
C LEU C 1758 99.28 13.52 12.86
N ARG C 1759 100.22 12.73 12.34
CA ARG C 1759 99.93 11.61 11.48
C ARG C 1759 100.59 10.35 12.03
N PRO C 1760 100.02 9.17 11.76
CA PRO C 1760 100.60 7.93 12.29
C PRO C 1760 101.98 7.68 11.69
N ARG C 1761 102.94 7.37 12.55
CA ARG C 1761 104.30 7.08 12.10
C ARG C 1761 104.32 5.79 11.29
N MET C 1762 104.94 5.84 10.11
CA MET C 1762 105.07 4.67 9.26
C MET C 1762 106.41 3.99 9.50
N ARG C 1763 106.40 2.66 9.48
CA ARG C 1763 107.61 1.88 9.61
C ARG C 1763 107.32 0.47 9.09
N PHE C 1764 108.32 -0.13 8.45
CA PHE C 1764 108.18 -1.46 7.87
C PHE C 1764 109.37 -2.30 8.29
N SER C 1765 109.10 -3.41 8.96
CA SER C 1765 110.17 -4.29 9.41
C SER C 1765 110.80 -5.01 8.21
N SER C 1766 112.08 -5.34 8.35
CA SER C 1766 112.80 -5.99 7.27
C SER C 1766 112.49 -7.48 7.26
N PRO C 1767 111.99 -8.04 6.15
CA PRO C 1767 111.68 -9.47 6.12
C PRO C 1767 112.93 -10.33 6.11
N SER C 1768 113.19 -11.03 7.22
CA SER C 1768 114.32 -11.94 7.33
C SER C 1768 113.89 -13.17 8.10
N PHE C 1769 114.15 -14.34 7.53
CA PHE C 1769 113.72 -15.60 8.12
C PHE C 1769 114.84 -16.34 8.84
N VAL C 1770 116.09 -16.03 8.52
CA VAL C 1770 117.20 -16.63 9.26
C VAL C 1770 117.26 -16.08 10.67
N SER C 1771 116.66 -14.92 10.92
CA SER C 1771 116.64 -14.31 12.25
C SER C 1771 115.58 -15.02 13.09
N ILE C 1772 116.03 -15.84 14.03
CA ILE C 1772 115.10 -16.53 14.91
C ILE C 1772 114.53 -15.55 15.93
N SER C 1773 113.26 -15.77 16.29
CA SER C 1773 112.58 -14.98 17.32
C SER C 1773 112.62 -13.49 16.98
N ASN C 1774 111.99 -13.14 15.87
CA ASN C 1774 111.90 -11.75 15.47
C ASN C 1774 111.15 -10.95 16.54
N ASP C 1775 111.44 -9.65 16.59
CA ASP C 1775 110.92 -8.80 17.66
C ASP C 1775 109.40 -8.78 17.74
N CYS C 1776 108.73 -8.27 16.70
CA CYS C 1776 107.27 -8.31 16.67
C CYS C 1776 106.69 -8.72 15.32
N TYR C 1777 107.39 -8.50 14.20
CA TYR C 1777 106.86 -8.65 12.85
C TYR C 1777 105.41 -8.16 12.77
N GLN C 1778 105.19 -6.97 13.32
CA GLN C 1778 103.84 -6.43 13.45
C GLN C 1778 103.55 -5.24 12.53
N TYR C 1779 104.58 -4.54 12.05
CA TYR C 1779 104.31 -3.31 11.29
C TYR C 1779 103.96 -3.62 9.84
N SER C 1780 104.94 -4.12 9.07
CA SER C 1780 104.77 -4.48 7.68
C SER C 1780 106.07 -5.03 7.09
N PRO C 1781 106.03 -5.72 5.97
CA PRO C 1781 107.27 -6.02 5.24
C PRO C 1781 107.84 -4.76 4.58
N GLU C 1782 109.16 -4.74 4.45
CA GLU C 1782 109.84 -3.58 3.89
C GLU C 1782 109.83 -3.65 2.37
N PHE C 1783 109.69 -2.48 1.74
CA PHE C 1783 109.65 -2.36 0.29
C PHE C 1783 110.38 -1.09 -0.14
N PRO C 1784 111.04 -1.12 -1.30
CA PRO C 1784 111.73 0.09 -1.78
C PRO C 1784 110.76 1.15 -2.29
N LEU C 1785 110.27 1.97 -1.36
CA LEU C 1785 109.24 2.95 -1.69
C LEU C 1785 109.72 3.92 -2.76
N ASP C 1786 110.99 4.32 -2.72
CA ASP C 1786 111.49 5.29 -3.69
C ASP C 1786 111.54 4.68 -5.09
N ILE C 1787 112.03 3.44 -5.19
CA ILE C 1787 112.08 2.77 -6.48
C ILE C 1787 110.68 2.56 -7.03
N LEU C 1788 109.75 2.13 -6.16
CA LEU C 1788 108.36 1.98 -6.59
C LEU C 1788 107.77 3.31 -7.03
N LYS C 1789 108.16 4.39 -6.36
CA LYS C 1789 107.70 5.73 -6.72
C LYS C 1789 108.13 6.11 -8.12
N ALA C 1790 109.43 6.00 -8.40
CA ALA C 1790 109.95 6.32 -9.72
C ALA C 1790 109.32 5.42 -10.79
N LYS C 1791 109.18 4.13 -10.47
CA LYS C 1791 108.65 3.18 -11.44
C LYS C 1791 107.20 3.50 -11.77
N THR C 1792 106.36 3.77 -10.75
CA THR C 1792 104.97 4.07 -11.02
C THR C 1792 104.81 5.42 -11.70
N ILE C 1793 105.70 6.37 -11.43
CA ILE C 1793 105.61 7.66 -12.11
C ILE C 1793 105.90 7.50 -13.60
N GLN C 1794 107.03 6.85 -13.93
CA GLN C 1794 107.35 6.66 -15.34
C GLN C 1794 106.33 5.77 -16.03
N MET C 1795 105.76 4.78 -15.33
CA MET C 1795 104.77 3.93 -15.95
C MET C 1795 103.45 4.67 -16.17
N LEU C 1796 103.08 5.58 -15.26
CA LEU C 1796 101.88 6.38 -15.49
C LEU C 1796 102.07 7.32 -16.66
N THR C 1797 103.27 7.90 -16.80
CA THR C 1797 103.55 8.72 -17.96
C THR C 1797 103.44 7.90 -19.26
N GLU C 1798 104.07 6.73 -19.28
CA GLU C 1798 104.00 5.88 -20.47
C GLU C 1798 102.56 5.46 -20.74
N ALA C 1799 101.77 5.19 -19.70
CA ALA C 1799 100.41 4.71 -19.88
C ALA C 1799 99.51 5.80 -20.43
N VAL C 1800 99.64 7.04 -19.92
CA VAL C 1800 98.83 8.12 -20.47
C VAL C 1800 99.27 8.44 -21.90
N LYS C 1801 100.58 8.33 -22.19
CA LYS C 1801 101.04 8.56 -23.55
C LYS C 1801 100.49 7.50 -24.50
N GLU C 1802 100.41 6.25 -24.05
CA GLU C 1802 99.85 5.19 -24.88
C GLU C 1802 98.35 5.36 -25.06
N GLY C 1803 97.65 5.78 -24.01
CA GLY C 1803 96.21 5.99 -24.09
C GLY C 1803 95.80 7.19 -24.90
N SER C 1804 96.70 8.17 -25.06
CA SER C 1804 96.39 9.34 -25.86
C SER C 1804 96.19 9.01 -27.33
N LEU C 1805 96.90 8.00 -27.84
CA LEU C 1805 96.82 7.62 -29.24
C LEU C 1805 95.81 6.52 -29.51
N HIS C 1806 95.20 5.95 -28.48
CA HIS C 1806 94.14 4.94 -28.61
C HIS C 1806 94.63 3.72 -29.40
N ALA C 1807 95.62 3.03 -28.83
CA ALA C 1807 96.15 1.83 -29.47
C ALA C 1807 95.10 0.72 -29.47
N ARG C 1808 95.43 -0.37 -30.17
CA ARG C 1808 94.54 -1.52 -30.27
C ARG C 1808 94.94 -2.65 -29.34
N ASP C 1809 95.99 -2.47 -28.54
CA ASP C 1809 96.40 -3.48 -27.55
C ASP C 1809 97.06 -2.79 -26.38
N PRO C 1810 96.26 -2.19 -25.49
CA PRO C 1810 96.82 -1.62 -24.25
C PRO C 1810 97.46 -2.69 -23.38
N VAL C 1811 98.24 -2.23 -22.41
CA VAL C 1811 98.95 -3.15 -21.53
C VAL C 1811 97.95 -4.01 -20.77
N GLY C 1812 98.19 -5.33 -20.78
CA GLY C 1812 97.32 -6.26 -20.11
C GLY C 1812 96.01 -6.55 -20.81
N GLY C 1813 95.73 -5.88 -21.93
CA GLY C 1813 94.48 -6.10 -22.63
C GLY C 1813 93.65 -4.85 -22.74
N THR C 1814 92.50 -4.84 -22.06
CA THR C 1814 91.60 -3.70 -22.13
C THR C 1814 92.20 -2.51 -21.38
N THR C 1815 91.75 -1.31 -21.74
CA THR C 1815 92.18 -0.11 -21.04
C THR C 1815 91.87 -0.18 -19.55
N GLU C 1816 90.88 -0.98 -19.16
CA GLU C 1816 90.62 -1.23 -17.75
C GLU C 1816 91.83 -1.89 -17.09
N PHE C 1817 92.29 -3.01 -17.65
CA PHE C 1817 93.47 -3.67 -17.11
C PHE C 1817 94.71 -2.79 -17.24
N LEU C 1818 94.71 -1.88 -18.21
CA LEU C 1818 95.86 -0.97 -18.37
C LEU C 1818 95.92 0.04 -17.24
N PHE C 1819 94.79 0.67 -16.92
CA PHE C 1819 94.77 1.81 -16.00
C PHE C 1819 94.45 1.44 -14.57
N VAL C 1820 93.37 0.69 -14.34
CA VAL C 1820 92.85 0.51 -12.98
C VAL C 1820 93.92 0.10 -11.98
N PRO C 1821 94.71 -0.96 -12.20
CA PRO C 1821 95.71 -1.31 -11.17
C PRO C 1821 96.80 -0.27 -11.02
N LEU C 1822 97.24 0.35 -12.12
CA LEU C 1822 98.28 1.36 -12.03
C LEU C 1822 97.81 2.59 -11.26
N ILE C 1823 96.63 3.09 -11.60
CA ILE C 1823 96.12 4.28 -10.89
C ILE C 1823 95.75 3.93 -9.46
N LYS C 1824 95.37 2.67 -9.20
CA LYS C 1824 95.12 2.27 -7.81
C LYS C 1824 96.41 2.28 -6.99
N LEU C 1825 97.50 1.75 -7.57
CA LEU C 1825 98.79 1.81 -6.90
C LEU C 1825 99.21 3.25 -6.67
N PHE C 1826 99.04 4.10 -7.69
CA PHE C 1826 99.39 5.51 -7.53
C PHE C 1826 98.54 6.18 -6.44
N TYR C 1827 97.26 5.82 -6.37
CA TYR C 1827 96.38 6.41 -5.38
C TYR C 1827 96.80 6.02 -3.97
N THR C 1828 97.06 4.73 -3.74
CA THR C 1828 97.48 4.32 -2.41
C THR C 1828 98.87 4.84 -2.07
N LEU C 1829 99.73 5.05 -3.08
CA LEU C 1829 101.03 5.66 -2.82
C LEU C 1829 100.88 7.11 -2.38
N LEU C 1830 100.10 7.89 -3.13
CA LEU C 1830 99.82 9.26 -2.72
C LEU C 1830 99.18 9.31 -1.34
N ILE C 1831 98.40 8.29 -0.99
CA ILE C 1831 97.77 8.25 0.33
C ILE C 1831 98.81 8.02 1.41
N MET C 1832 99.72 7.07 1.21
CA MET C 1832 100.59 6.60 2.28
C MET C 1832 101.69 7.59 2.66
N GLY C 1833 101.61 8.84 2.22
CA GLY C 1833 102.54 9.85 2.69
C GLY C 1833 103.84 9.93 1.91
N ILE C 1834 103.75 9.71 0.60
CA ILE C 1834 104.89 9.88 -0.30
C ILE C 1834 104.43 10.79 -1.42
N PHE C 1835 105.24 10.93 -2.47
CA PHE C 1835 105.03 11.93 -3.52
C PHE C 1835 105.12 13.34 -2.94
N HIS C 1836 106.31 13.67 -2.47
CA HIS C 1836 106.59 15.01 -1.96
C HIS C 1836 106.46 16.01 -3.09
N ASN C 1837 106.58 17.31 -2.77
CA ASN C 1837 106.20 18.37 -3.69
C ASN C 1837 106.81 18.20 -5.08
N GLU C 1838 108.09 17.83 -5.13
CA GLU C 1838 108.79 17.72 -6.42
C GLU C 1838 108.13 16.69 -7.32
N ASP C 1839 107.80 15.52 -6.77
CA ASP C 1839 107.17 14.47 -7.57
C ASP C 1839 105.69 14.74 -7.77
N LEU C 1840 105.03 15.39 -6.81
CA LEU C 1840 103.62 15.70 -6.95
C LEU C 1840 103.38 16.69 -8.07
N LYS C 1841 104.32 17.61 -8.31
CA LYS C 1841 104.18 18.49 -9.47
C LYS C 1841 104.20 17.70 -10.78
N HIS C 1842 105.15 16.76 -10.92
CA HIS C 1842 105.19 15.94 -12.12
C HIS C 1842 103.95 15.07 -12.25
N ILE C 1843 103.40 14.61 -11.11
CA ILE C 1843 102.14 13.86 -11.15
C ILE C 1843 101.02 14.73 -11.68
N LEU C 1844 100.90 15.95 -11.15
CA LEU C 1844 99.86 16.86 -11.61
C LEU C 1844 100.07 17.27 -13.07
N GLN C 1845 101.30 17.18 -13.56
CA GLN C 1845 101.57 17.55 -14.96
C GLN C 1845 100.99 16.57 -15.97
N LEU C 1846 100.20 15.57 -15.57
CA LEU C 1846 99.53 14.68 -16.52
C LEU C 1846 98.02 14.63 -16.32
N ILE C 1847 97.49 15.29 -15.30
CA ILE C 1847 96.06 15.31 -15.05
C ILE C 1847 95.55 16.75 -15.08
N GLU C 1848 96.40 17.70 -14.68
CA GLU C 1848 96.07 19.11 -14.57
C GLU C 1848 96.13 19.89 -15.89
N PRO C 1849 97.23 19.74 -16.72
CA PRO C 1849 97.44 20.67 -17.84
C PRO C 1849 96.20 21.01 -18.65
N SER C 1850 95.89 22.30 -18.72
CA SER C 1850 94.73 22.79 -19.43
C SER C 1850 95.09 23.99 -20.29
N GLY C 1891 95.84 15.44 -21.10
CA GLY C 1891 95.62 15.08 -19.72
C GLY C 1891 94.96 13.72 -19.56
N LEU C 1892 94.60 13.38 -18.33
CA LEU C 1892 93.97 12.10 -18.03
C LEU C 1892 92.46 12.20 -17.86
N LEU C 1893 91.94 13.36 -17.43
CA LEU C 1893 90.51 13.53 -17.23
C LEU C 1893 89.78 13.87 -18.52
N GLN C 1894 90.50 14.07 -19.63
CA GLN C 1894 89.88 14.37 -20.92
C GLN C 1894 89.69 13.15 -21.80
N MET C 1895 90.33 12.03 -21.47
CA MET C 1895 90.20 10.83 -22.28
C MET C 1895 88.83 10.18 -22.07
N LYS C 1896 88.49 9.26 -22.97
CA LYS C 1896 87.25 8.50 -22.87
C LYS C 1896 87.53 7.22 -22.09
N LEU C 1897 87.56 7.36 -20.77
CA LEU C 1897 87.88 6.27 -19.86
C LEU C 1897 86.62 5.51 -19.45
N PRO C 1898 86.74 4.21 -19.18
CA PRO C 1898 85.57 3.44 -18.74
C PRO C 1898 85.19 3.74 -17.31
N GLU C 1899 84.20 3.00 -16.77
CA GLU C 1899 83.70 3.31 -15.44
C GLU C 1899 84.69 2.99 -14.33
N PRO C 1900 85.31 1.81 -14.27
CA PRO C 1900 86.23 1.54 -13.16
C PRO C 1900 87.46 2.43 -13.13
N VAL C 1901 87.79 3.11 -14.23
CA VAL C 1901 88.91 4.03 -14.22
C VAL C 1901 88.50 5.37 -13.64
N LYS C 1902 87.38 5.93 -14.12
CA LYS C 1902 86.91 7.20 -13.60
C LYS C 1902 86.49 7.10 -12.14
N LEU C 1903 86.19 5.90 -11.64
CA LEU C 1903 85.91 5.74 -10.22
C LEU C 1903 87.16 6.00 -9.38
N GLN C 1904 88.28 5.37 -9.76
CA GLN C 1904 89.54 5.68 -9.10
C GLN C 1904 89.94 7.13 -9.31
N MET C 1905 89.61 7.71 -10.46
CA MET C 1905 89.88 9.13 -10.67
C MET C 1905 89.09 9.99 -9.69
N CYS C 1906 87.82 9.65 -9.46
CA CYS C 1906 87.02 10.38 -8.49
C CYS C 1906 87.58 10.22 -7.09
N LEU C 1907 88.05 9.02 -6.75
CA LEU C 1907 88.68 8.84 -5.44
C LEU C 1907 89.94 9.68 -5.30
N LEU C 1908 90.75 9.74 -6.35
CA LEU C 1908 91.96 10.55 -6.33
C LEU C 1908 91.63 12.02 -6.14
N LEU C 1909 90.63 12.52 -6.87
CA LEU C 1909 90.24 13.91 -6.72
C LEU C 1909 89.64 14.19 -5.34
N GLN C 1910 88.91 13.21 -4.79
CA GLN C 1910 88.38 13.38 -3.43
C GLN C 1910 89.51 13.49 -2.42
N TYR C 1911 90.59 12.71 -2.59
CA TYR C 1911 91.73 12.87 -1.70
C TYR C 1911 92.43 14.20 -1.92
N LEU C 1912 92.53 14.63 -3.19
CA LEU C 1912 93.16 15.92 -3.48
C LEU C 1912 92.38 17.08 -2.86
N CYS C 1913 91.07 16.90 -2.68
CA CYS C 1913 90.27 17.92 -2.01
C CYS C 1913 90.28 17.78 -0.49
N ASP C 1914 90.42 16.55 0.01
CA ASP C 1914 90.57 16.36 1.45
C ASP C 1914 91.85 16.99 1.94
N CYS C 1915 92.94 16.85 1.18
CA CYS C 1915 94.20 17.49 1.58
C CYS C 1915 94.08 19.01 1.51
N GLN C 1916 93.28 19.53 0.58
CA GLN C 1916 93.07 20.97 0.51
C GLN C 1916 92.28 21.46 1.72
N VAL C 1917 91.24 20.73 2.12
CA VAL C 1917 90.50 21.08 3.33
C VAL C 1917 91.40 21.01 4.56
N ARG C 1918 92.30 20.02 4.59
CA ARG C 1918 93.25 19.92 5.69
C ARG C 1918 94.17 21.13 5.72
N HIS C 1919 94.64 21.58 4.55
CA HIS C 1919 95.47 22.78 4.50
C HIS C 1919 94.69 24.01 4.97
N ARG C 1920 93.41 24.09 4.60
CA ARG C 1920 92.58 25.20 5.07
C ARG C 1920 92.50 25.21 6.59
N ILE C 1921 92.27 24.04 7.18
CA ILE C 1921 92.14 23.97 8.64
C ILE C 1921 93.48 24.28 9.31
N GLU C 1922 94.58 23.82 8.72
CA GLU C 1922 95.90 24.16 9.26
C GLU C 1922 96.13 25.66 9.25
N ALA C 1923 95.76 26.32 8.15
CA ALA C 1923 95.88 27.78 8.09
C ALA C 1923 94.97 28.46 9.11
N ILE C 1924 93.77 27.90 9.31
CA ILE C 1924 92.86 28.44 10.31
C ILE C 1924 93.50 28.40 11.68
N VAL C 1925 94.12 27.27 12.03
CA VAL C 1925 94.76 27.15 13.34
C VAL C 1925 95.96 28.10 13.42
N ALA C 1926 96.71 28.22 12.32
CA ALA C 1926 97.86 29.10 12.31
C ALA C 1926 97.47 30.54 12.59
N PHE C 1927 96.38 31.01 11.99
CA PHE C 1927 95.93 32.37 12.25
C PHE C 1927 95.28 32.49 13.62
N SER C 1928 94.53 31.45 14.04
CA SER C 1928 93.77 31.51 15.27
C SER C 1928 94.68 31.56 16.49
N ASP C 1929 95.80 30.83 16.46
CA ASP C 1929 96.77 30.91 17.54
C ASP C 1929 97.19 32.35 17.80
N ASP C 1930 97.62 33.05 16.74
CA ASP C 1930 98.12 34.41 16.88
C ASP C 1930 97.00 35.37 17.27
N PHE C 1931 95.81 35.17 16.70
CA PHE C 1931 94.66 36.02 17.01
C PHE C 1931 94.29 35.91 18.49
N VAL C 1932 94.22 34.68 19.00
CA VAL C 1932 93.87 34.49 20.40
C VAL C 1932 94.99 34.96 21.31
N ALA C 1933 96.24 34.82 20.87
CA ALA C 1933 97.35 35.38 21.65
C ALA C 1933 97.19 36.88 21.83
N LYS C 1934 96.75 37.56 20.77
CA LYS C 1934 96.50 39.00 20.90
C LYS C 1934 95.27 39.27 21.77
N LEU C 1935 94.18 38.53 21.55
CA LEU C 1935 92.92 38.82 22.21
C LEU C 1935 92.99 38.56 23.71
N GLN C 1936 93.74 37.56 24.14
CA GLN C 1936 93.84 37.27 25.57
C GLN C 1936 94.53 38.40 26.31
N ASP C 1937 95.64 38.90 25.77
CA ASP C 1937 96.29 40.04 26.40
C ASP C 1937 95.43 41.29 26.32
N ASN C 1938 94.66 41.45 25.24
CA ASN C 1938 93.78 42.61 25.14
C ASN C 1938 92.72 42.59 26.23
N GLN C 1939 92.06 41.44 26.42
CA GLN C 1939 91.03 41.36 27.46
C GLN C 1939 91.64 41.45 28.85
N ARG C 1940 92.84 40.91 29.07
CA ARG C 1940 93.49 41.07 30.36
C ARG C 1940 93.84 42.53 30.63
N PHE C 1941 94.27 43.25 29.60
CA PHE C 1941 94.56 44.68 29.75
C PHE C 1941 93.30 45.46 30.08
N ARG C 1942 92.19 45.13 29.41
CA ARG C 1942 90.94 45.84 29.72
C ARG C 1942 90.45 45.51 31.12
N TYR C 1943 90.66 44.28 31.59
CA TYR C 1943 90.29 43.92 32.96
C TYR C 1943 91.15 44.67 33.96
N ASN C 1944 92.45 44.77 33.71
CA ASN C 1944 93.34 45.53 34.60
C ASN C 1944 92.97 47.00 34.59
N GLU C 1945 92.58 47.54 33.43
CA GLU C 1945 92.17 48.93 33.36
C GLU C 1945 90.89 49.18 34.16
N VAL C 1946 89.95 48.23 34.10
CA VAL C 1946 88.75 48.34 34.93
C VAL C 1946 89.12 48.29 36.40
N MET C 1947 90.03 47.39 36.78
CA MET C 1947 90.44 47.28 38.17
C MET C 1947 91.10 48.56 38.67
N GLN C 1948 91.88 49.21 37.80
CA GLN C 1948 92.52 50.48 38.19
C GLN C 1948 91.48 51.59 38.29
N ALA C 1949 90.76 51.87 37.20
CA ALA C 1949 89.70 52.87 37.21
C ALA C 1949 88.35 52.23 37.52
N LEU C 1950 88.27 51.56 38.66
CA LEU C 1950 87.03 50.92 39.09
C LEU C 1950 85.85 51.89 39.05
N ASN C 1951 85.94 52.99 39.81
CA ASN C 1951 84.85 53.95 39.99
C ASN C 1951 83.57 53.22 40.44
N MET C 1952 83.67 52.70 41.66
CA MET C 1952 82.66 51.85 42.27
C MET C 1952 81.25 52.37 42.05
N SER C 1953 80.39 51.54 41.48
CA SER C 1953 78.98 51.87 41.27
C SER C 1953 78.18 50.56 41.31
N ALA C 1954 76.96 50.61 40.79
CA ALA C 1954 76.10 49.43 40.83
C ALA C 1954 76.44 48.45 39.71
N ALA C 1955 76.87 48.95 38.56
CA ALA C 1955 77.16 48.10 37.42
C ALA C 1955 78.56 47.47 37.48
N LEU C 1956 79.45 47.97 38.35
CA LEU C 1956 80.80 47.41 38.42
C LEU C 1956 80.77 45.98 38.96
N THR C 1957 79.96 45.72 39.99
CA THR C 1957 79.84 44.36 40.49
C THR C 1957 79.17 43.45 39.48
N ALA C 1958 78.28 43.99 38.64
CA ALA C 1958 77.71 43.18 37.57
C ALA C 1958 78.76 42.82 36.54
N ARG C 1959 79.65 43.77 36.21
CA ARG C 1959 80.74 43.46 35.28
C ARG C 1959 81.70 42.43 35.87
N LYS C 1960 81.98 42.52 37.17
CA LYS C 1960 82.79 41.46 37.80
C LYS C 1960 82.07 40.11 37.82
N THR C 1961 80.75 40.09 38.02
CA THR C 1961 80.06 38.81 37.93
C THR C 1961 80.13 38.24 36.51
N ARG C 1962 80.03 39.11 35.51
CA ARG C 1962 80.16 38.67 34.13
C ARG C 1962 81.56 38.16 33.82
N GLU C 1963 82.58 38.79 34.40
CA GLU C 1963 83.96 38.37 34.12
C GLU C 1963 84.30 37.08 34.87
N PHE C 1964 83.89 36.97 36.13
CA PHE C 1964 84.16 35.76 36.90
C PHE C 1964 83.37 34.58 36.35
N ARG C 1965 82.05 34.72 36.23
CA ARG C 1965 81.20 33.71 35.63
C ARG C 1965 81.31 33.79 34.12
N SER C 1966 80.36 33.19 33.38
CA SER C 1966 80.41 33.09 31.93
C SER C 1966 81.71 32.40 31.52
N PRO C 1967 81.79 31.07 31.68
CA PRO C 1967 83.02 30.33 31.37
C PRO C 1967 83.54 30.63 29.98
N PRO C 1968 84.78 30.24 29.67
CA PRO C 1968 85.43 30.71 28.43
C PRO C 1968 84.63 30.47 27.16
N GLN C 1969 83.82 29.42 27.07
CA GLN C 1969 83.04 29.22 25.85
C GLN C 1969 81.98 30.30 25.67
N GLU C 1970 81.23 30.60 26.74
CA GLU C 1970 80.26 31.68 26.67
C GLU C 1970 80.96 33.02 26.49
N GLN C 1971 82.14 33.19 27.10
CA GLN C 1971 82.90 34.42 26.92
C GLN C 1971 83.27 34.60 25.45
N ILE C 1972 83.74 33.54 24.79
CA ILE C 1972 84.08 33.60 23.38
C ILE C 1972 82.85 33.89 22.54
N ASN C 1973 81.71 33.29 22.90
CA ASN C 1973 80.48 33.57 22.18
C ASN C 1973 80.09 35.04 22.29
N MET C 1974 80.27 35.64 23.47
CA MET C 1974 79.93 37.04 23.63
C MET C 1974 80.93 37.94 22.90
N LEU C 1975 82.21 37.59 22.90
CA LEU C 1975 83.20 38.45 22.27
C LEU C 1975 83.35 38.23 20.77
N LEU C 1976 82.73 37.18 20.20
CA LEU C 1976 82.75 36.95 18.76
C LEU C 1976 81.32 36.99 18.23
N ASN C 1977 80.81 38.21 18.00
CA ASN C 1977 79.58 38.38 17.24
C ASN C 1977 79.53 39.81 16.71
N PHE C 1978 79.93 39.99 15.45
CA PHE C 1978 79.81 41.31 14.81
C PHE C 1978 79.75 41.09 13.29
N LYS C 1979 78.53 41.00 12.78
CA LYS C 1979 78.31 40.91 11.34
C LYS C 1979 77.26 41.93 10.93
N ASP C 1980 76.44 42.32 11.90
CA ASP C 1980 75.37 43.30 11.67
C ASP C 1980 75.89 44.70 12.00
N ASP C 1981 74.96 45.64 12.17
CA ASP C 1981 75.30 47.03 12.43
C ASP C 1981 75.99 47.18 13.79
N LYS C 1982 75.29 46.83 14.85
CA LYS C 1982 75.84 46.84 16.20
C LYS C 1982 75.24 45.74 17.04
N SER C 1983 76.07 45.08 17.83
CA SER C 1983 75.63 44.08 18.78
C SER C 1983 76.58 44.12 19.98
N GLU C 1984 76.61 43.04 20.75
CA GLU C 1984 77.49 42.98 21.91
C GLU C 1984 78.93 42.85 21.45
N CYS C 1985 79.64 43.97 21.38
CA CYS C 1985 81.01 43.98 20.89
C CYS C 1985 81.92 44.63 21.93
N PRO C 1986 83.06 44.03 22.23
CA PRO C 1986 83.99 44.61 23.20
C PRO C 1986 84.77 45.76 22.59
N CYS C 1987 85.69 46.31 23.38
CA CYS C 1987 86.49 47.46 22.98
C CYS C 1987 87.51 47.19 21.88
N PRO C 1988 88.15 46.00 21.78
CA PRO C 1988 89.19 45.83 20.75
C PRO C 1988 88.65 45.78 19.34
N GLU C 1989 88.35 46.94 18.76
CA GLU C 1989 87.90 47.00 17.37
C GLU C 1989 89.05 46.83 16.38
N GLU C 1990 90.30 46.98 16.83
CA GLU C 1990 91.44 46.89 15.92
C GLU C 1990 91.64 45.47 15.42
N ILE C 1991 91.41 44.46 16.26
CA ILE C 1991 91.53 43.08 15.83
C ILE C 1991 90.33 42.64 14.99
N ARG C 1992 89.24 43.41 15.04
CA ARG C 1992 88.08 43.06 14.22
C ARG C 1992 88.39 43.17 12.74
N ASP C 1993 89.21 44.16 12.36
CA ASP C 1993 89.60 44.30 10.96
C ASP C 1993 90.45 43.13 10.50
N GLN C 1994 91.38 42.69 11.35
CA GLN C 1994 92.18 41.51 11.01
C GLN C 1994 91.31 40.28 10.89
N LEU C 1995 90.31 40.14 11.78
CA LEU C 1995 89.43 38.99 11.69
C LEU C 1995 88.60 39.02 10.41
N LEU C 1996 88.10 40.20 10.03
CA LEU C 1996 87.36 40.31 8.77
C LEU C 1996 88.26 40.02 7.57
N ASP C 1997 89.51 40.48 7.60
CA ASP C 1997 90.40 40.16 6.48
C ASP C 1997 90.64 38.67 6.38
N PHE C 1998 90.92 38.01 7.51
CA PHE C 1998 91.17 36.58 7.47
C PHE C 1998 89.94 35.81 7.02
N HIS C 1999 88.76 36.22 7.48
CA HIS C 1999 87.53 35.53 7.08
C HIS C 1999 87.25 35.74 5.60
N GLU C 2000 87.48 36.95 5.08
CA GLU C 2000 87.31 37.18 3.65
C GLU C 2000 88.31 36.36 2.85
N ASP C 2001 89.55 36.26 3.34
CA ASP C 2001 90.57 35.48 2.67
C ASP C 2001 90.15 34.01 2.62
N LEU C 2002 89.60 33.51 3.73
CA LEU C 2002 89.07 32.15 3.77
C LEU C 2002 87.92 31.97 2.78
N MET C 2003 87.02 32.95 2.69
CA MET C 2003 85.85 32.78 1.82
C MET C 2003 86.24 32.81 0.35
N THR C 2004 87.24 33.63 -0.02
CA THR C 2004 87.67 33.60 -1.41
C THR C 2004 88.55 32.39 -1.70
N HIS C 2005 89.16 31.80 -0.67
CA HIS C 2005 89.87 30.54 -0.89
C HIS C 2005 88.93 29.36 -1.04
N CYS C 2006 87.78 29.40 -0.37
CA CYS C 2006 86.78 28.36 -0.51
C CYS C 2006 86.05 28.51 -1.84
N GLY C 2007 85.00 27.71 -2.02
CA GLY C 2007 84.31 27.65 -3.29
C GLY C 2007 83.43 28.84 -3.61
N ILE C 2008 83.15 29.71 -2.63
CA ILE C 2008 82.25 30.82 -2.87
C ILE C 2008 83.04 32.00 -3.45
N GLU C 2009 82.29 32.95 -4.01
CA GLU C 2009 82.90 34.14 -4.60
C GLU C 2009 82.61 35.38 -3.76
N SER C 2056 91.20 26.94 -9.02
CA SER C 2056 90.77 26.42 -10.31
C SER C 2056 90.56 24.91 -10.24
N LEU C 2057 91.09 24.29 -9.18
CA LEU C 2057 90.94 22.84 -9.02
C LEU C 2057 89.47 22.46 -8.88
N GLN C 2058 88.72 23.20 -8.06
CA GLN C 2058 87.30 22.89 -7.87
C GLN C 2058 86.53 23.09 -9.17
N GLN C 2059 86.87 24.13 -9.93
CA GLN C 2059 86.21 24.37 -11.21
C GLN C 2059 86.48 23.23 -12.18
N LEU C 2060 87.74 22.80 -12.25
CA LEU C 2060 88.10 21.70 -13.13
C LEU C 2060 87.38 20.41 -12.73
N ILE C 2061 87.31 20.14 -11.43
CA ILE C 2061 86.63 18.93 -10.97
C ILE C 2061 85.14 18.99 -11.30
N SER C 2062 84.51 20.15 -11.10
CA SER C 2062 83.11 20.31 -11.45
C SER C 2062 82.90 20.09 -12.94
N GLU C 2063 83.77 20.67 -13.78
CA GLU C 2063 83.60 20.52 -15.22
C GLU C 2063 83.75 19.07 -15.64
N THR C 2064 84.74 18.37 -15.09
CA THR C 2064 84.91 16.96 -15.43
C THR C 2064 83.72 16.13 -14.97
N MET C 2065 83.17 16.43 -13.78
CA MET C 2065 82.04 15.66 -13.28
C MET C 2065 80.81 15.87 -14.16
N VAL C 2066 80.47 17.12 -14.45
CA VAL C 2066 79.31 17.38 -15.29
C VAL C 2066 79.51 16.84 -16.70
N ARG C 2067 80.75 16.88 -17.21
CA ARG C 2067 81.01 16.34 -18.54
C ARG C 2067 80.83 14.83 -18.56
N TRP C 2068 81.34 14.14 -17.54
CA TRP C 2068 81.15 12.69 -17.47
C TRP C 2068 79.68 12.34 -17.34
N ALA C 2069 78.92 13.15 -16.59
CA ALA C 2069 77.49 12.86 -16.44
C ALA C 2069 76.73 13.15 -17.73
N GLN C 2070 77.17 14.12 -18.52
CA GLN C 2070 76.47 14.47 -19.75
C GLN C 2070 76.88 13.61 -20.93
N GLU C 2071 78.05 12.97 -20.88
CA GLU C 2071 78.52 12.17 -22.01
C GLU C 2071 77.57 11.04 -22.33
N SER C 2072 77.20 10.24 -21.33
CA SER C 2072 76.32 9.11 -21.55
C SER C 2072 75.72 8.68 -20.21
N VAL C 2073 74.68 7.86 -20.28
CA VAL C 2073 74.11 7.29 -19.07
C VAL C 2073 75.15 6.41 -18.39
N ILE C 2074 75.28 6.57 -17.08
CA ILE C 2074 76.36 5.93 -16.32
C ILE C 2074 75.78 4.82 -15.46
N GLU C 2075 76.35 3.62 -15.61
CA GLU C 2075 76.08 2.51 -14.72
C GLU C 2075 76.93 2.64 -13.47
N ASP C 2076 77.04 1.58 -12.67
CA ASP C 2076 77.84 1.59 -11.46
C ASP C 2076 77.34 2.67 -10.50
N PRO C 2077 76.18 2.44 -9.86
CA PRO C 2077 75.67 3.43 -8.91
C PRO C 2077 76.69 3.87 -7.87
N GLU C 2078 77.65 3.03 -7.52
CA GLU C 2078 78.73 3.46 -6.65
C GLU C 2078 79.54 4.58 -7.28
N LEU C 2079 79.88 4.41 -8.56
CA LEU C 2079 80.60 5.47 -9.28
C LEU C 2079 79.76 6.73 -9.39
N VAL C 2080 78.45 6.56 -9.67
CA VAL C 2080 77.57 7.71 -9.75
C VAL C 2080 77.56 8.47 -8.43
N ARG C 2081 77.45 7.74 -7.32
CA ARG C 2081 77.41 8.35 -6.00
C ARG C 2081 78.72 9.07 -5.69
N ALA C 2082 79.86 8.45 -6.01
CA ALA C 2082 81.15 9.09 -5.78
C ALA C 2082 81.29 10.37 -6.59
N MET C 2083 80.96 10.31 -7.88
CA MET C 2083 81.02 11.49 -8.73
C MET C 2083 80.15 12.61 -8.18
N PHE C 2084 78.93 12.26 -7.75
CA PHE C 2084 78.00 13.30 -7.29
C PHE C 2084 78.44 13.90 -5.96
N VAL C 2085 78.93 13.07 -5.03
CA VAL C 2085 79.36 13.65 -3.76
C VAL C 2085 80.58 14.53 -3.97
N LEU C 2086 81.46 14.17 -4.91
CA LEU C 2086 82.57 15.04 -5.24
C LEU C 2086 82.08 16.37 -5.80
N LEU C 2087 81.11 16.31 -6.72
CA LEU C 2087 80.57 17.55 -7.29
C LEU C 2087 79.92 18.42 -6.23
N HIS C 2088 79.16 17.81 -5.31
CA HIS C 2088 78.49 18.57 -4.26
C HIS C 2088 79.49 19.22 -3.32
N ARG C 2089 80.51 18.47 -2.90
CA ARG C 2089 81.48 19.05 -1.99
C ARG C 2089 82.29 20.15 -2.68
N GLN C 2090 82.53 20.01 -3.99
CA GLN C 2090 83.21 21.09 -4.71
C GLN C 2090 82.36 22.35 -4.78
N TYR C 2091 81.06 22.21 -5.03
CA TYR C 2091 80.19 23.37 -5.07
C TYR C 2091 79.93 23.96 -3.69
N ASP C 2092 79.99 23.15 -2.63
CA ASP C 2092 79.70 23.65 -1.30
C ASP C 2092 80.93 24.32 -0.68
N GLY C 2093 82.01 23.56 -0.51
CA GLY C 2093 83.22 24.11 0.08
C GLY C 2093 83.18 24.34 1.58
N ILE C 2094 82.17 25.07 2.07
CA ILE C 2094 82.08 25.34 3.50
C ILE C 2094 81.53 24.15 4.28
N GLY C 2095 80.87 23.20 3.60
CA GLY C 2095 80.39 22.03 4.30
C GLY C 2095 81.50 21.21 4.92
N GLY C 2096 82.61 21.03 4.18
CA GLY C 2096 83.75 20.34 4.73
C GLY C 2096 84.28 21.03 5.98
N LEU C 2097 84.33 22.35 5.97
CA LEU C 2097 84.82 23.09 7.13
C LEU C 2097 83.88 22.94 8.32
N VAL C 2098 82.57 23.11 8.09
CA VAL C 2098 81.64 23.04 9.21
C VAL C 2098 81.51 21.62 9.73
N ARG C 2099 81.88 20.61 8.95
CA ARG C 2099 81.88 19.24 9.43
C ARG C 2099 83.20 18.81 10.06
N ALA C 2100 84.32 19.44 9.68
CA ALA C 2100 85.62 19.00 10.14
C ALA C 2100 86.17 19.84 11.30
N LEU C 2101 85.74 21.10 11.43
CA LEU C 2101 86.19 21.92 12.55
C LEU C 2101 85.74 21.38 13.90
N PRO C 2102 84.54 20.77 14.02
CA PRO C 2102 84.22 20.09 15.28
C PRO C 2102 85.16 18.95 15.61
N LYS C 2103 85.92 18.43 14.63
CA LYS C 2103 86.84 17.34 14.87
C LYS C 2103 88.29 17.77 14.99
N THR C 2104 88.63 18.99 14.57
CA THR C 2104 89.99 19.46 14.68
C THR C 2104 90.30 19.86 16.13
N TYR C 2105 91.58 19.82 16.47
CA TYR C 2105 92.02 20.07 17.83
C TYR C 2105 93.51 20.33 17.83
N THR C 2106 93.93 21.41 18.48
CA THR C 2106 95.35 21.72 18.64
C THR C 2106 95.76 21.48 20.08
N ILE C 2107 96.97 20.98 20.29
CA ILE C 2107 97.33 20.50 21.61
C ILE C 2107 98.51 21.25 22.23
N ASN C 2108 99.71 21.06 21.68
CA ASN C 2108 100.97 21.57 22.24
C ASN C 2108 102.14 21.24 21.33
N GLY C 2109 103.31 21.75 21.68
CA GLY C 2109 104.54 21.32 21.04
C GLY C 2109 105.40 20.51 21.98
N VAL C 2110 104.82 20.04 23.08
CA VAL C 2110 105.57 19.32 24.11
C VAL C 2110 105.00 17.92 24.31
N SER C 2111 103.72 17.74 23.98
CA SER C 2111 103.05 16.45 24.09
C SER C 2111 102.92 15.75 22.74
N VAL C 2112 103.80 16.08 21.79
CA VAL C 2112 103.67 15.54 20.43
C VAL C 2112 103.86 14.04 20.42
N GLU C 2113 104.90 13.54 21.09
CA GLU C 2113 105.15 12.10 21.10
C GLU C 2113 104.07 11.36 21.89
N ASP C 2114 103.57 11.98 22.96
CA ASP C 2114 102.50 11.34 23.74
C ASP C 2114 101.24 11.20 22.92
N THR C 2115 100.85 12.26 22.21
CA THR C 2115 99.66 12.16 21.36
C THR C 2115 99.90 11.24 20.18
N ILE C 2116 101.14 11.13 19.69
CA ILE C 2116 101.43 10.18 18.63
C ILE C 2116 101.22 8.75 19.13
N ASN C 2117 101.71 8.44 20.32
CA ASN C 2117 101.48 7.12 20.90
C ASN C 2117 99.99 6.86 21.10
N LEU C 2118 99.25 7.88 21.54
CA LEU C 2118 97.81 7.73 21.71
C LEU C 2118 97.12 7.43 20.39
N LEU C 2119 97.51 8.14 19.32
CA LEU C 2119 96.91 7.90 18.01
C LEU C 2119 97.26 6.52 17.48
N ALA C 2120 98.48 6.05 17.72
CA ALA C 2120 98.85 4.71 17.32
C ALA C 2120 98.01 3.67 18.04
N SER C 2121 97.79 3.86 19.34
CA SER C 2121 96.97 2.91 20.10
C SER C 2121 95.52 2.95 19.61
N LEU C 2122 95.01 4.13 19.29
CA LEU C 2122 93.64 4.22 18.78
C LEU C 2122 93.52 3.54 17.42
N GLY C 2123 94.55 3.68 16.57
CA GLY C 2123 94.53 3.00 15.30
C GLY C 2123 94.57 1.49 15.45
N GLN C 2124 95.35 1.00 16.41
CA GLN C 2124 95.37 -0.43 16.69
C GLN C 2124 93.99 -0.91 17.17
N ILE C 2125 93.35 -0.13 18.03
CA ILE C 2125 92.03 -0.49 18.51
C ILE C 2125 91.02 -0.52 17.36
N ARG C 2126 91.12 0.45 16.45
CA ARG C 2126 90.20 0.47 15.31
C ARG C 2126 90.44 -0.71 14.37
N SER C 2127 91.70 -1.04 14.12
CA SER C 2127 92.02 -2.18 13.27
C SER C 2127 91.50 -3.48 13.90
N LEU C 2128 91.66 -3.61 15.22
CA LEU C 2128 91.16 -4.82 15.88
C LEU C 2128 89.64 -4.86 15.92
N LEU C 2129 88.99 -3.69 15.96
CA LEU C 2129 87.55 -3.63 15.82
C LEU C 2129 87.12 -4.09 14.43
N SER C 2130 87.89 -3.72 13.41
CA SER C 2130 87.59 -4.17 12.05
C SER C 2130 87.75 -5.68 11.93
N VAL C 2131 88.83 -6.22 12.51
CA VAL C 2131 89.08 -7.65 12.46
C VAL C 2131 88.13 -8.36 13.42
N ARG C 2132 87.90 -9.66 13.21
CA ARG C 2132 87.01 -10.42 14.07
C ARG C 2132 87.62 -10.61 15.46
N MET C 2133 86.76 -10.91 16.42
CA MET C 2133 87.16 -11.01 17.82
C MET C 2133 87.59 -12.43 18.15
N GLY C 2134 88.72 -12.55 18.86
CA GLY C 2134 89.21 -13.82 19.33
C GLY C 2134 90.08 -13.66 20.56
N LYS C 2135 90.88 -14.67 20.90
CA LYS C 2135 91.72 -14.59 22.09
C LYS C 2135 92.83 -13.56 21.92
N GLU C 2136 93.62 -13.68 20.86
CA GLU C 2136 94.71 -12.73 20.62
C GLU C 2136 94.17 -11.33 20.37
N GLU C 2137 93.07 -11.22 19.64
CA GLU C 2137 92.47 -9.92 19.38
C GLU C 2137 91.95 -9.29 20.67
N GLU C 2138 91.37 -10.11 21.56
CA GLU C 2138 90.93 -9.60 22.86
C GLU C 2138 92.11 -9.12 23.69
N LYS C 2139 93.20 -9.89 23.69
CA LYS C 2139 94.38 -9.47 24.46
C LYS C 2139 94.96 -8.17 23.93
N LEU C 2140 95.03 -8.02 22.60
CA LEU C 2140 95.56 -6.78 22.04
C LEU C 2140 94.62 -5.61 22.29
N MET C 2141 93.31 -5.85 22.28
CA MET C 2141 92.38 -4.78 22.59
C MET C 2141 92.51 -4.35 24.05
N ILE C 2142 92.70 -5.30 24.96
CA ILE C 2142 92.92 -4.96 26.36
C ILE C 2142 94.20 -4.17 26.53
N ARG C 2143 95.26 -4.57 25.82
CA ARG C 2143 96.52 -3.83 25.91
C ARG C 2143 96.36 -2.41 25.38
N GLY C 2144 95.64 -2.26 24.26
CA GLY C 2144 95.40 -0.93 23.73
C GLY C 2144 94.56 -0.07 24.66
N LEU C 2145 93.58 -0.67 25.33
CA LEU C 2145 92.78 0.07 26.30
C LEU C 2145 93.63 0.53 27.47
N GLY C 2146 94.50 -0.36 27.97
CA GLY C 2146 95.42 0.05 29.02
C GLY C 2146 96.34 1.19 28.57
N ASP C 2147 96.80 1.12 27.33
CA ASP C 2147 97.69 2.17 26.81
C ASP C 2147 96.97 3.50 26.72
N ILE C 2148 95.75 3.52 26.18
CA ILE C 2148 95.03 4.78 26.04
C ILE C 2148 94.54 5.29 27.40
N MET C 2149 94.45 4.41 28.40
CA MET C 2149 94.12 4.88 29.74
C MET C 2149 95.33 5.46 30.46
N ASN C 2150 96.52 4.92 30.21
CA ASN C 2150 97.74 5.41 30.85
C ASN C 2150 98.54 6.34 29.95
N ASN C 2151 97.94 6.84 28.87
CA ASN C 2151 98.67 7.69 27.92
C ASN C 2151 98.98 9.08 28.47
N LYS C 2152 98.38 9.46 29.61
CA LYS C 2152 98.68 10.71 30.31
C LYS C 2152 98.10 11.92 29.57
N VAL C 2153 97.61 11.72 28.36
CA VAL C 2153 96.90 12.77 27.63
C VAL C 2153 95.39 12.66 27.82
N PHE C 2154 94.88 11.48 28.16
CA PHE C 2154 93.46 11.33 28.45
C PHE C 2154 93.06 12.20 29.63
N TYR C 2155 93.92 12.30 30.65
CA TYR C 2155 93.65 13.16 31.79
C TYR C 2155 93.54 14.61 31.37
N GLN C 2156 94.43 15.06 30.48
CA GLN C 2156 94.57 16.48 30.20
C GLN C 2156 93.53 16.96 29.19
N HIS C 2157 93.33 16.22 28.10
CA HIS C 2157 92.48 16.64 26.99
C HIS C 2157 91.35 15.65 26.79
N PRO C 2158 90.27 15.75 27.57
CA PRO C 2158 89.10 14.90 27.30
C PRO C 2158 88.33 15.35 26.07
N ASN C 2159 88.39 16.64 25.74
CA ASN C 2159 87.73 17.13 24.54
C ASN C 2159 88.30 16.47 23.30
N LEU C 2160 89.63 16.28 23.26
CA LEU C 2160 90.24 15.60 22.13
C LEU C 2160 89.78 14.14 22.05
N MET C 2161 89.62 13.49 23.20
CA MET C 2161 89.12 12.11 23.19
C MET C 2161 87.71 12.04 22.63
N ARG C 2162 86.84 12.96 23.08
CA ARG C 2162 85.48 12.98 22.57
C ARG C 2162 85.43 13.32 21.08
N ALA C 2163 86.36 14.15 20.61
CA ALA C 2163 86.40 14.47 19.19
C ALA C 2163 86.87 13.27 18.36
N LEU C 2164 87.88 12.54 18.85
CA LEU C 2164 88.32 11.34 18.17
C LEU C 2164 87.26 10.25 18.21
N GLY C 2165 86.41 10.27 19.23
CA GLY C 2165 85.36 9.27 19.34
C GLY C 2165 85.82 7.95 19.92
N MET C 2166 86.68 8.00 20.93
CA MET C 2166 87.16 6.76 21.54
C MET C 2166 86.02 6.00 22.21
N HIS C 2167 85.12 6.71 22.87
CA HIS C 2167 84.00 6.06 23.53
C HIS C 2167 83.09 5.37 22.51
N GLU C 2168 82.94 5.97 21.32
CA GLU C 2168 82.11 5.38 20.26
C GLU C 2168 82.70 4.05 19.78
N THR C 2169 84.01 4.02 19.54
CA THR C 2169 84.63 2.77 19.09
C THR C 2169 84.63 1.72 20.18
N VAL C 2170 84.85 2.14 21.42
CA VAL C 2170 84.81 1.18 22.53
C VAL C 2170 83.40 0.63 22.71
N MET C 2171 82.38 1.47 22.51
CA MET C 2171 81.01 0.98 22.60
C MET C 2171 80.69 0.03 21.46
N GLU C 2172 81.20 0.31 20.26
CA GLU C 2172 81.01 -0.63 19.16
C GLU C 2172 81.68 -1.96 19.47
N VAL C 2173 82.88 -1.94 20.05
CA VAL C 2173 83.55 -3.18 20.42
C VAL C 2173 82.73 -3.92 21.48
N MET C 2174 82.17 -3.18 22.43
CA MET C 2174 81.41 -3.82 23.50
C MET C 2174 80.14 -4.49 22.97
N VAL C 2175 79.39 -3.78 22.12
CA VAL C 2175 78.20 -4.38 21.54
C VAL C 2175 78.57 -5.51 20.58
N ASN C 2176 79.74 -5.41 19.95
CA ASN C 2176 80.18 -6.43 19.00
C ASN C 2176 80.53 -7.72 19.71
N VAL C 2177 81.10 -7.61 20.92
CA VAL C 2177 81.37 -8.79 21.73
C VAL C 2177 80.10 -9.32 22.36
N LEU C 2178 79.23 -8.43 22.83
CA LEU C 2178 78.00 -8.88 23.48
C LEU C 2178 77.02 -9.51 22.51
N GLY C 2179 77.12 -9.22 21.22
CA GLY C 2179 76.25 -9.84 20.25
C GLY C 2179 76.50 -11.34 20.15
N GLY C 2180 75.42 -12.10 19.95
CA GLY C 2180 75.51 -13.54 19.83
C GLY C 2180 74.74 -14.28 20.91
N GLY C 2181 74.78 -13.76 22.14
CA GLY C 2181 74.08 -14.37 23.25
C GLY C 2181 73.52 -13.37 24.23
N GLU C 2182 72.27 -13.57 24.65
CA GLU C 2182 71.62 -12.67 25.60
C GLU C 2182 71.86 -13.10 27.04
N SER C 2183 71.48 -14.33 27.38
CA SER C 2183 71.68 -14.86 28.73
C SER C 2183 72.30 -16.24 28.77
N LYS C 2184 72.46 -16.91 27.63
CA LYS C 2184 73.06 -18.25 27.62
C LYS C 2184 74.55 -18.19 27.95
N GLU C 2185 75.31 -17.44 27.14
CA GLU C 2185 76.75 -17.34 27.33
C GLU C 2185 77.24 -16.07 26.66
N ILE C 2186 78.11 -15.35 27.36
CA ILE C 2186 78.72 -14.13 26.84
C ILE C 2186 80.09 -14.50 26.29
N THR C 2187 80.20 -14.52 24.96
CA THR C 2187 81.45 -14.89 24.30
C THR C 2187 82.54 -13.84 24.55
N PHE C 2188 83.78 -14.32 24.56
CA PHE C 2188 84.98 -13.53 24.87
C PHE C 2188 84.80 -12.73 26.14
N PRO C 2189 84.83 -13.36 27.31
CA PRO C 2189 84.69 -12.62 28.57
C PRO C 2189 85.89 -11.72 28.82
N LYS C 2190 85.68 -10.79 29.75
CA LYS C 2190 86.66 -9.82 30.24
C LYS C 2190 86.96 -8.75 29.20
N MET C 2191 86.52 -8.97 27.95
CA MET C 2191 86.63 -7.91 26.97
C MET C 2191 85.57 -6.84 27.22
N VAL C 2192 84.33 -7.29 27.45
CA VAL C 2192 83.28 -6.36 27.87
C VAL C 2192 83.68 -5.68 29.17
N ALA C 2193 84.40 -6.40 30.04
CA ALA C 2193 84.84 -5.83 31.30
C ALA C 2193 85.82 -4.69 31.08
N ASN C 2194 86.86 -4.92 30.27
CA ASN C 2194 87.82 -3.85 30.01
C ASN C 2194 87.16 -2.67 29.32
N CYS C 2195 86.23 -2.92 28.39
CA CYS C 2195 85.52 -1.84 27.74
C CYS C 2195 84.69 -1.04 28.75
N CYS C 2196 84.00 -1.73 29.65
CA CYS C 2196 83.19 -1.05 30.65
C CYS C 2196 84.05 -0.26 31.62
N ARG C 2197 85.24 -0.77 31.96
CA ARG C 2197 86.14 -0.01 32.83
C ARG C 2197 86.63 1.25 32.13
N PHE C 2198 87.02 1.14 30.86
CA PHE C 2198 87.45 2.31 30.11
C PHE C 2198 86.33 3.33 30.00
N LEU C 2199 85.10 2.87 29.74
CA LEU C 2199 83.98 3.80 29.64
C LEU C 2199 83.66 4.45 30.98
N CYS C 2200 83.75 3.67 32.07
CA CYS C 2200 83.54 4.23 33.40
C CYS C 2200 84.53 5.35 33.68
N TYR C 2201 85.81 5.11 33.41
CA TYR C 2201 86.83 6.12 33.68
C TYR C 2201 86.67 7.33 32.75
N PHE C 2202 86.29 7.08 31.50
CA PHE C 2202 86.03 8.15 30.55
C PHE C 2202 84.89 9.05 31.03
N CYS C 2203 83.83 8.45 31.59
CA CYS C 2203 82.74 9.25 32.12
C CYS C 2203 83.12 9.90 33.45
N ARG C 2204 84.03 9.28 34.21
CA ARG C 2204 84.41 9.85 35.50
C ARG C 2204 85.20 11.13 35.33
N ILE C 2205 86.29 11.10 34.56
CA ILE C 2205 87.14 12.30 34.41
C ILE C 2205 86.54 13.10 33.26
N SER C 2206 85.47 13.84 33.57
CA SER C 2206 84.79 14.74 32.64
C SER C 2206 83.59 15.43 33.29
N ARG C 2207 82.96 16.33 32.56
CA ARG C 2207 81.65 16.86 32.92
C ARG C 2207 80.64 16.81 31.78
N GLN C 2208 81.08 16.82 30.52
CA GLN C 2208 80.19 16.73 29.37
C GLN C 2208 80.27 15.39 28.66
N ASN C 2209 81.35 14.63 28.83
CA ASN C 2209 81.41 13.29 28.28
C ASN C 2209 80.35 12.39 28.91
N GLN C 2210 79.93 12.67 30.13
CA GLN C 2210 78.79 11.96 30.70
C GLN C 2210 77.55 12.18 29.85
N LYS C 2211 77.30 13.42 29.43
CA LYS C 2211 76.18 13.69 28.53
C LYS C 2211 76.38 13.02 27.18
N ALA C 2212 77.63 13.00 26.68
CA ALA C 2212 77.90 12.36 25.41
C ALA C 2212 77.65 10.85 25.47
N MET C 2213 77.86 10.24 26.63
CA MET C 2213 77.66 8.82 26.81
C MET C 2213 76.24 8.47 27.24
N PHE C 2214 75.49 9.45 27.73
CA PHE C 2214 74.12 9.21 28.19
C PHE C 2214 73.23 8.59 27.13
N ASP C 2215 73.55 8.81 25.85
CA ASP C 2215 72.72 8.24 24.79
C ASP C 2215 72.86 6.72 24.71
N HIS C 2216 74.08 6.21 24.89
CA HIS C 2216 74.29 4.77 24.91
C HIS C 2216 73.75 4.11 26.16
N LEU C 2217 73.41 4.90 27.20
CA LEU C 2217 72.82 4.33 28.40
C LEU C 2217 71.50 3.64 28.10
N SER C 2218 70.69 4.22 27.22
CA SER C 2218 69.43 3.61 26.85
C SER C 2218 69.63 2.23 26.23
N TYR C 2219 70.74 2.03 25.52
CA TYR C 2219 71.03 0.70 25.02
C TYR C 2219 71.56 -0.21 26.11
N LEU C 2220 72.60 0.22 26.82
CA LEU C 2220 73.31 -0.67 27.73
C LEU C 2220 72.47 -1.04 28.95
N LEU C 2221 71.41 -0.29 29.25
CA LEU C 2221 70.51 -0.75 30.31
C LEU C 2221 69.74 -2.00 29.91
N GLU C 2222 69.61 -2.27 28.61
CA GLU C 2222 68.92 -3.48 28.18
C GLU C 2222 69.72 -4.73 28.53
N ASN C 2223 71.02 -4.70 28.28
CA ASN C 2223 71.89 -5.83 28.58
C ASN C 2223 72.72 -5.60 29.85
N SER C 2224 72.29 -4.69 30.72
CA SER C 2224 72.98 -4.48 32.00
C SER C 2224 72.92 -5.70 32.91
N SER C 2225 72.14 -6.73 32.56
CA SER C 2225 72.06 -7.92 33.39
C SER C 2225 73.35 -8.73 33.36
N VAL C 2226 74.17 -8.59 32.31
CA VAL C 2226 75.41 -9.34 32.25
C VAL C 2226 76.43 -8.74 33.21
N GLY C 2227 77.40 -9.56 33.60
CA GLY C 2227 78.43 -9.14 34.52
C GLY C 2227 78.02 -9.11 35.98
N LEU C 2228 76.73 -9.13 36.28
CA LEU C 2228 76.25 -9.14 37.65
C LEU C 2228 76.38 -10.56 38.23
N ALA C 2229 75.88 -10.73 39.46
CA ALA C 2229 75.92 -12.01 40.16
C ALA C 2229 77.35 -12.54 40.29
N SER C 2230 78.32 -11.64 40.38
CA SER C 2230 79.74 -12.02 40.49
C SER C 2230 80.47 -10.90 41.20
N PRO C 2231 80.71 -11.04 42.52
CA PRO C 2231 81.37 -9.99 43.30
C PRO C 2231 82.88 -9.94 43.08
N ALA C 2232 83.30 -10.01 41.82
CA ALA C 2232 84.70 -9.86 41.45
C ALA C 2232 84.98 -8.60 40.66
N MET C 2233 83.95 -7.98 40.07
CA MET C 2233 84.09 -6.73 39.33
C MET C 2233 83.10 -5.74 39.91
N ARG C 2234 83.52 -5.04 40.97
CA ARG C 2234 82.72 -3.94 41.52
C ARG C 2234 82.80 -2.69 40.64
N GLY C 2235 83.68 -2.70 39.65
CA GLY C 2235 83.83 -1.63 38.69
C GLY C 2235 83.18 -1.98 37.37
N SER C 2236 83.98 -2.54 36.46
CA SER C 2236 83.54 -2.90 35.13
C SER C 2236 82.22 -3.67 35.13
N THR C 2237 81.18 -3.04 34.57
CA THR C 2237 79.85 -3.60 34.38
C THR C 2237 79.05 -2.61 33.53
N PRO C 2238 78.16 -3.08 32.65
CA PRO C 2238 77.28 -2.13 31.96
C PRO C 2238 76.38 -1.34 32.89
N LEU C 2239 75.80 -1.98 33.91
CA LEU C 2239 75.01 -1.24 34.89
C LEU C 2239 75.86 -0.24 35.63
N ASP C 2240 77.11 -0.59 35.92
CA ASP C 2240 77.98 0.32 36.65
C ASP C 2240 78.42 1.50 35.77
N VAL C 2241 78.61 1.29 34.47
CA VAL C 2241 78.95 2.43 33.63
C VAL C 2241 77.72 3.32 33.44
N ALA C 2242 76.52 2.71 33.45
CA ALA C 2242 75.30 3.52 33.48
C ALA C 2242 75.27 4.41 34.72
N ALA C 2243 75.51 3.81 35.89
CA ALA C 2243 75.48 4.57 37.14
C ALA C 2243 76.55 5.65 37.14
N ALA C 2244 77.73 5.36 36.57
CA ALA C 2244 78.79 6.36 36.51
C ALA C 2244 78.40 7.50 35.56
N SER C 2245 77.61 7.21 34.53
CA SER C 2245 77.15 8.27 33.64
C SER C 2245 76.08 9.15 34.30
N VAL C 2246 75.19 8.54 35.08
CA VAL C 2246 74.15 9.36 35.72
C VAL C 2246 74.71 10.12 36.93
N MET C 2247 75.75 9.58 37.58
CA MET C 2247 76.22 10.11 38.85
C MET C 2247 76.84 11.50 38.69
N ASP C 2248 76.57 12.36 39.67
CA ASP C 2248 77.16 13.70 39.75
C ASP C 2248 76.77 14.55 38.54
N ASN C 2249 75.48 14.50 38.19
CA ASN C 2249 74.97 15.36 37.11
C ASN C 2249 73.48 15.55 37.33
N ASN C 2250 73.11 16.70 37.91
CA ASN C 2250 71.71 17.01 38.12
C ASN C 2250 70.96 17.11 36.80
N GLU C 2251 71.60 17.72 35.79
CA GLU C 2251 70.94 17.86 34.50
C GLU C 2251 70.69 16.51 33.83
N LEU C 2252 71.67 15.60 33.93
CA LEU C 2252 71.47 14.27 33.35
C LEU C 2252 70.44 13.47 34.14
N ALA C 2253 70.46 13.58 35.47
CA ALA C 2253 69.44 12.90 36.27
C ALA C 2253 68.06 13.42 35.95
N LEU C 2254 67.94 14.71 35.61
CA LEU C 2254 66.64 15.26 35.25
C LEU C 2254 66.22 14.82 33.86
N ALA C 2255 67.17 14.79 32.91
CA ALA C 2255 66.85 14.32 31.57
C ALA C 2255 66.60 12.81 31.53
N LEU C 2256 66.99 12.09 32.57
CA LEU C 2256 66.72 10.66 32.63
C LEU C 2256 65.24 10.43 32.89
N ARG C 2257 64.45 10.38 31.83
CA ARG C 2257 63.01 10.23 31.93
C ARG C 2257 62.66 8.75 32.08
N GLU C 2258 61.40 8.38 31.79
CA GLU C 2258 60.97 7.00 32.02
C GLU C 2258 60.78 6.12 30.77
N PRO C 2259 61.77 6.04 29.85
CA PRO C 2259 61.74 4.93 28.90
C PRO C 2259 62.56 3.74 29.38
N ASP C 2260 63.23 3.87 30.53
CA ASP C 2260 64.08 2.82 31.06
C ASP C 2260 63.93 2.54 32.55
N LEU C 2261 63.30 3.43 33.33
CA LEU C 2261 63.16 3.17 34.76
C LEU C 2261 62.26 1.98 35.02
N GLU C 2262 61.18 1.84 34.26
CA GLU C 2262 60.35 0.65 34.39
C GLU C 2262 61.10 -0.60 33.94
N LYS C 2263 62.06 -0.46 33.02
CA LYS C 2263 62.89 -1.61 32.67
C LYS C 2263 63.78 -2.02 33.83
N VAL C 2264 64.39 -1.05 34.50
CA VAL C 2264 65.21 -1.36 35.69
C VAL C 2264 64.33 -1.97 36.78
N VAL C 2265 63.10 -1.48 36.93
CA VAL C 2265 62.19 -2.02 37.93
C VAL C 2265 61.78 -3.44 37.56
N ARG C 2266 61.60 -3.72 36.26
CA ARG C 2266 61.28 -5.07 35.82
C ARG C 2266 62.44 -6.02 36.08
N TYR C 2267 63.67 -5.55 35.87
CA TYR C 2267 64.83 -6.38 36.18
C TYR C 2267 64.91 -6.67 37.69
N LEU C 2268 64.64 -5.65 38.50
CA LEU C 2268 64.61 -5.85 39.95
C LEU C 2268 63.53 -6.85 40.35
N ALA C 2269 62.36 -6.77 39.71
CA ALA C 2269 61.29 -7.72 39.99
C ALA C 2269 61.69 -9.14 39.61
N GLY C 2270 62.31 -9.29 38.44
CA GLY C 2270 62.74 -10.62 38.02
C GLY C 2270 63.79 -11.20 38.95
N CYS C 2271 64.75 -10.37 39.39
CA CYS C 2271 65.78 -10.88 40.28
C CYS C 2271 65.21 -11.19 41.66
N GLY C 2272 64.22 -10.42 42.11
CA GLY C 2272 63.56 -10.73 43.37
C GLY C 2272 62.61 -11.90 43.30
N LEU C 2273 62.21 -12.31 42.10
CA LEU C 2273 61.33 -13.47 41.97
C LEU C 2273 62.13 -14.76 41.75
N GLN C 2274 62.99 -14.78 40.75
CA GLN C 2274 63.73 -15.99 40.38
C GLN C 2274 64.95 -16.16 41.28
N SER C 2275 65.82 -17.13 40.96
CA SER C 2275 67.02 -17.41 41.75
C SER C 2275 68.29 -17.28 40.93
N CYS C 2276 68.20 -16.68 39.73
CA CYS C 2276 69.29 -16.17 38.88
C CYS C 2276 70.08 -17.26 38.18
N GLN C 2277 69.82 -18.54 38.50
CA GLN C 2277 70.40 -19.67 37.77
C GLN C 2277 71.92 -19.61 37.69
N MET C 2278 72.56 -19.08 38.74
CA MET C 2278 74.02 -19.02 38.79
C MET C 2278 74.58 -19.54 40.10
N LEU C 2279 73.83 -19.40 41.19
CA LEU C 2279 74.28 -19.89 42.48
C LEU C 2279 73.93 -21.36 42.71
N VAL C 2280 72.87 -21.84 42.05
CA VAL C 2280 72.57 -23.26 42.13
C VAL C 2280 73.66 -24.07 41.44
N SER C 2281 74.35 -23.49 40.46
CA SER C 2281 75.46 -24.19 39.83
C SER C 2281 76.69 -24.24 40.75
N LYS C 2282 76.85 -23.24 41.60
CA LYS C 2282 77.96 -23.19 42.55
C LYS C 2282 77.71 -24.10 43.75
N GLY C 2283 76.45 -24.20 44.18
CA GLY C 2283 76.10 -25.04 45.30
C GLY C 2283 75.37 -24.29 46.40
N TYR C 2284 74.90 -23.09 46.10
CA TYR C 2284 74.19 -22.30 47.09
C TYR C 2284 72.80 -22.91 47.33
N PRO C 2285 72.19 -22.62 48.50
CA PRO C 2285 70.98 -23.36 48.88
C PRO C 2285 69.73 -22.97 48.09
N ASP C 2286 69.88 -22.18 47.02
CA ASP C 2286 68.78 -21.82 46.13
C ASP C 2286 67.65 -21.11 46.91
N ILE C 2287 67.99 -19.93 47.42
CA ILE C 2287 66.98 -19.08 48.03
C ILE C 2287 66.01 -18.60 46.96
N GLY C 2288 64.77 -18.38 47.36
CA GLY C 2288 63.72 -18.04 46.40
C GLY C 2288 63.79 -16.63 45.84
N TRP C 2289 64.95 -15.99 45.98
CA TRP C 2289 65.15 -14.64 45.46
C TRP C 2289 66.63 -14.34 45.40
N ASN C 2290 67.01 -13.45 44.48
CA ASN C 2290 68.41 -13.15 44.23
C ASN C 2290 68.77 -11.82 44.86
N PRO C 2291 69.63 -11.79 45.89
CA PRO C 2291 70.02 -10.52 46.51
C PRO C 2291 71.31 -9.91 45.99
N VAL C 2292 71.94 -10.48 44.96
CA VAL C 2292 73.21 -9.96 44.46
C VAL C 2292 72.97 -9.03 43.29
N GLU C 2293 71.94 -9.32 42.50
CA GLU C 2293 71.55 -8.41 41.41
C GLU C 2293 70.62 -7.31 41.90
N GLY C 2294 69.79 -7.61 42.89
CA GLY C 2294 68.96 -6.57 43.48
C GLY C 2294 69.79 -5.47 44.09
N GLU C 2295 70.92 -5.82 44.70
CA GLU C 2295 71.79 -4.79 45.28
C GLU C 2295 72.31 -3.85 44.21
N ARG C 2296 72.74 -4.38 43.08
CA ARG C 2296 73.25 -3.54 42.00
C ARG C 2296 72.13 -2.68 41.40
N TYR C 2297 70.95 -3.26 41.22
CA TYR C 2297 69.83 -2.49 40.69
C TYR C 2297 69.45 -1.34 41.62
N LEU C 2298 69.39 -1.62 42.92
CA LEU C 2298 69.07 -0.57 43.88
C LEU C 2298 70.18 0.46 43.96
N ASP C 2299 71.44 0.06 43.77
CA ASP C 2299 72.54 1.02 43.75
C ASP C 2299 72.43 1.95 42.55
N PHE C 2300 72.09 1.40 41.38
CA PHE C 2300 71.89 2.25 40.21
C PHE C 2300 70.72 3.20 40.42
N LEU C 2301 69.61 2.69 40.97
CA LEU C 2301 68.46 3.55 41.23
C LEU C 2301 68.81 4.65 42.22
N ARG C 2302 69.63 4.33 43.23
CA ARG C 2302 70.06 5.33 44.20
C ARG C 2302 70.91 6.41 43.53
N PHE C 2303 71.85 6.00 42.68
CA PHE C 2303 72.67 6.98 41.96
C PHE C 2303 71.81 7.82 41.03
N ALA C 2304 70.71 7.27 40.52
CA ALA C 2304 69.85 8.03 39.62
C ALA C 2304 68.92 8.97 40.37
N VAL C 2305 68.56 8.64 41.62
CA VAL C 2305 67.58 9.43 42.35
C VAL C 2305 68.21 10.45 43.29
N PHE C 2306 69.43 10.22 43.78
CA PHE C 2306 70.07 11.09 44.76
C PHE C 2306 71.37 11.61 44.18
N CYS C 2307 71.40 12.89 43.82
CA CYS C 2307 72.56 13.51 43.20
C CYS C 2307 72.93 14.79 43.93
N ASN C 2308 74.22 14.95 44.20
CA ASN C 2308 74.79 16.17 44.80
C ASN C 2308 74.23 16.46 46.19
N GLY C 2309 73.57 15.49 46.81
CA GLY C 2309 73.04 15.67 48.15
C GLY C 2309 71.58 16.04 48.22
N GLU C 2310 70.89 16.13 47.08
CA GLU C 2310 69.47 16.46 47.05
C GLU C 2310 68.71 15.37 46.32
N SER C 2311 67.47 15.16 46.75
CA SER C 2311 66.60 14.15 46.16
C SER C 2311 65.90 14.73 44.94
N VAL C 2312 66.11 14.13 43.77
CA VAL C 2312 65.41 14.55 42.57
C VAL C 2312 63.93 14.24 42.73
N GLU C 2313 63.10 15.27 42.68
CA GLU C 2313 61.70 15.13 43.09
C GLU C 2313 60.93 14.19 42.16
N GLU C 2314 60.95 14.48 40.86
CA GLU C 2314 60.11 13.70 39.94
C GLU C 2314 60.67 12.29 39.77
N ASN C 2315 62.00 12.15 39.75
CA ASN C 2315 62.58 10.81 39.69
C ASN C 2315 62.21 10.00 40.92
N ALA C 2316 62.28 10.61 42.10
CA ALA C 2316 61.87 9.91 43.30
C ALA C 2316 60.40 9.52 43.23
N ASN C 2317 59.55 10.44 42.81
CA ASN C 2317 58.12 10.16 42.69
C ASN C 2317 57.88 8.96 41.77
N VAL C 2318 58.53 8.95 40.62
CA VAL C 2318 58.26 7.90 39.63
C VAL C 2318 58.85 6.56 40.07
N VAL C 2319 60.00 6.57 40.74
CA VAL C 2319 60.55 5.32 41.25
C VAL C 2319 59.65 4.76 42.35
N VAL C 2320 59.08 5.64 43.18
CA VAL C 2320 58.10 5.19 44.17
C VAL C 2320 56.89 4.59 43.47
N ARG C 2321 56.39 5.26 42.43
CA ARG C 2321 55.24 4.74 41.70
C ARG C 2321 55.51 3.35 41.17
N LEU C 2322 56.66 3.16 40.51
CA LEU C 2322 56.99 1.86 39.95
C LEU C 2322 57.16 0.80 41.04
N LEU C 2323 57.86 1.14 42.12
CA LEU C 2323 58.11 0.16 43.18
C LEU C 2323 56.84 -0.21 43.91
N ILE C 2324 55.86 0.70 44.01
CA ILE C 2324 54.63 0.33 44.69
C ILE C 2324 53.68 -0.39 43.74
N ARG C 2325 53.73 -0.09 42.45
CA ARG C 2325 52.88 -0.83 41.50
C ARG C 2325 53.38 -2.26 41.33
N ARG C 2326 54.69 -2.47 41.40
CA ARG C 2326 55.27 -3.82 41.35
C ARG C 2326 55.80 -4.17 42.73
N PRO C 2327 55.03 -4.86 43.57
CA PRO C 2327 55.48 -5.11 44.96
C PRO C 2327 56.56 -6.16 45.07
N GLU C 2328 56.76 -6.98 44.06
CA GLU C 2328 57.77 -8.02 44.17
C GLU C 2328 59.19 -7.50 44.07
N CYS C 2329 59.39 -6.19 43.91
CA CYS C 2329 60.75 -5.65 43.92
C CYS C 2329 61.35 -5.68 45.31
N PHE C 2330 60.52 -5.56 46.36
CA PHE C 2330 61.03 -5.64 47.71
C PHE C 2330 61.33 -7.10 48.08
N GLY C 2331 61.98 -7.27 49.23
CA GLY C 2331 62.30 -8.58 49.74
C GLY C 2331 61.06 -9.36 50.13
N PRO C 2332 61.09 -10.67 49.92
CA PRO C 2332 59.91 -11.49 50.28
C PRO C 2332 59.67 -11.56 51.79
N ALA C 2333 60.71 -11.46 52.60
CA ALA C 2333 60.57 -11.49 54.05
C ALA C 2333 60.19 -10.15 54.65
N LEU C 2334 60.11 -9.09 53.83
CA LEU C 2334 59.68 -7.76 54.28
C LEU C 2334 58.32 -7.37 53.73
N ARG C 2335 58.07 -7.65 52.46
CA ARG C 2335 56.82 -7.30 51.81
C ARG C 2335 56.09 -8.59 51.45
N GLY C 2336 54.78 -8.59 51.65
CA GLY C 2336 53.94 -9.69 51.21
C GLY C 2336 53.23 -10.35 52.37
N GLU C 2337 52.43 -11.35 52.02
CA GLU C 2337 51.67 -12.15 52.98
C GLU C 2337 52.52 -13.21 53.66
N GLY C 2338 53.84 -13.21 53.46
CA GLY C 2338 54.71 -14.19 54.06
C GLY C 2338 55.44 -13.66 55.28
N GLY C 2339 56.70 -13.27 55.07
CA GLY C 2339 57.53 -12.76 56.15
C GLY C 2339 56.94 -11.56 56.88
N ASN C 2340 57.24 -11.42 58.17
CA ASN C 2340 56.64 -10.35 58.95
C ASN C 2340 57.15 -8.99 58.48
N GLY C 2341 58.45 -8.77 58.58
CA GLY C 2341 59.01 -7.50 58.16
C GLY C 2341 60.53 -7.52 58.21
N LEU C 2342 61.09 -6.32 58.19
CA LEU C 2342 62.54 -6.15 58.08
C LEU C 2342 63.26 -6.65 59.33
N LEU C 2343 62.66 -6.48 60.52
CA LEU C 2343 63.23 -7.07 61.73
C LEU C 2343 63.51 -8.55 61.53
N ALA C 2344 62.44 -9.33 61.33
CA ALA C 2344 62.59 -10.77 61.16
C ALA C 2344 63.46 -11.11 59.97
N ALA C 2345 63.39 -10.32 58.89
CA ALA C 2345 64.22 -10.59 57.72
C ALA C 2345 65.69 -10.55 58.05
N MET C 2346 66.13 -9.51 58.77
CA MET C 2346 67.55 -9.43 59.08
C MET C 2346 67.95 -10.38 60.21
N GLU C 2347 67.01 -10.75 61.09
CA GLU C 2347 67.30 -11.88 61.99
C GLU C 2347 67.60 -13.14 61.19
N GLU C 2348 66.77 -13.42 60.18
CA GLU C 2348 66.98 -14.57 59.31
C GLU C 2348 68.30 -14.49 58.57
N ALA C 2349 68.65 -13.30 58.09
CA ALA C 2349 69.88 -13.12 57.33
C ALA C 2349 71.10 -13.30 58.22
N ILE C 2350 71.08 -12.74 59.43
CA ILE C 2350 72.21 -12.90 60.34
C ILE C 2350 72.40 -14.37 60.72
N LYS C 2351 71.29 -15.07 60.98
CA LYS C 2351 71.41 -16.48 61.35
C LYS C 2351 71.87 -17.33 60.17
N ILE C 2352 71.44 -17.00 58.95
CA ILE C 2352 71.93 -17.71 57.78
C ILE C 2352 73.43 -17.46 57.59
N ALA C 2353 73.88 -16.23 57.84
CA ALA C 2353 75.30 -15.93 57.75
C ALA C 2353 76.09 -16.68 58.84
N GLU C 2354 75.50 -16.86 60.01
CA GLU C 2354 76.20 -17.58 61.08
C GLU C 2354 76.26 -19.07 60.80
N ASP C 2355 75.21 -19.64 60.20
CA ASP C 2355 75.16 -21.07 59.91
C ASP C 2355 75.71 -21.32 58.51
N PRO C 2356 76.89 -21.93 58.36
CA PRO C 2356 77.48 -22.10 57.02
C PRO C 2356 76.80 -23.16 56.17
N SER C 2357 75.73 -23.80 56.65
CA SER C 2357 75.02 -24.80 55.87
C SER C 2357 74.14 -24.21 54.79
N ARG C 2358 74.05 -22.88 54.71
CA ARG C 2358 73.20 -22.23 53.71
C ARG C 2358 74.03 -21.33 52.81
N ASP C 2359 75.18 -21.83 52.35
CA ASP C 2359 76.04 -21.07 51.46
C ASP C 2359 76.52 -21.94 50.30
N GLY C 2360 77.49 -21.45 49.54
CA GLY C 2360 78.02 -22.19 48.42
C GLY C 2360 79.38 -22.78 48.72
N PRO C 2361 79.43 -24.12 48.91
CA PRO C 2361 80.68 -24.82 49.20
C PRO C 2361 81.60 -24.91 47.98
N ASP C 2379 86.08 -14.72 49.25
CA ASP C 2379 85.81 -14.51 47.83
C ASP C 2379 84.42 -15.01 47.46
N THR C 2380 83.93 -16.01 48.21
CA THR C 2380 82.62 -16.56 47.94
C THR C 2380 81.54 -15.58 48.36
N ILE C 2381 80.30 -15.88 47.97
CA ILE C 2381 79.16 -15.03 48.25
C ILE C 2381 78.52 -15.50 49.55
N HIS C 2382 78.74 -14.75 50.63
CA HIS C 2382 78.01 -15.02 51.87
C HIS C 2382 76.55 -14.61 51.69
N MET C 2383 75.65 -15.59 51.78
CA MET C 2383 74.24 -15.31 51.47
C MET C 2383 73.61 -14.39 52.51
N GLY C 2384 73.96 -14.58 53.78
CA GLY C 2384 73.45 -13.69 54.81
C GLY C 2384 73.91 -12.25 54.61
N ASN C 2385 75.20 -12.08 54.31
CA ASN C 2385 75.73 -10.75 54.05
C ASN C 2385 75.09 -10.15 52.80
N ALA C 2386 74.83 -10.98 51.79
CA ALA C 2386 74.19 -10.48 50.57
C ALA C 2386 72.78 -10.01 50.85
N ILE C 2387 72.02 -10.76 51.64
CA ILE C 2387 70.66 -10.35 52.00
C ILE C 2387 70.69 -9.08 52.82
N MET C 2388 71.62 -8.99 53.77
CA MET C 2388 71.72 -7.79 54.59
C MET C 2388 72.08 -6.56 53.76
N THR C 2389 73.01 -6.73 52.81
CA THR C 2389 73.39 -5.61 51.95
C THR C 2389 72.25 -5.23 51.01
N PHE C 2390 71.50 -6.22 50.52
CA PHE C 2390 70.36 -5.91 49.67
C PHE C 2390 69.31 -5.10 50.43
N TYR C 2391 69.00 -5.52 51.65
CA TYR C 2391 68.00 -4.79 52.44
C TYR C 2391 68.52 -3.41 52.83
N ALA C 2392 69.81 -3.29 53.13
CA ALA C 2392 70.38 -1.98 53.45
C ALA C 2392 70.34 -1.06 52.22
N ALA C 2393 70.60 -1.61 51.03
CA ALA C 2393 70.54 -0.80 49.83
C ALA C 2393 69.12 -0.38 49.51
N LEU C 2394 68.15 -1.27 49.73
CA LEU C 2394 66.75 -0.89 49.54
C LEU C 2394 66.34 0.21 50.51
N ILE C 2395 66.75 0.10 51.77
CA ILE C 2395 66.41 1.11 52.76
C ILE C 2395 67.08 2.44 52.41
N ASP C 2396 68.33 2.38 51.94
CA ASP C 2396 69.01 3.61 51.55
C ASP C 2396 68.35 4.25 50.34
N LEU C 2397 67.94 3.44 49.36
CA LEU C 2397 67.23 3.97 48.20
C LEU C 2397 65.94 4.65 48.61
N LEU C 2398 65.18 4.02 49.52
CA LEU C 2398 63.93 4.62 49.97
C LEU C 2398 64.18 5.91 50.75
N GLY C 2399 65.22 5.92 51.58
CA GLY C 2399 65.52 7.12 52.34
C GLY C 2399 65.97 8.27 51.46
N ARG C 2400 66.75 7.99 50.42
CA ARG C 2400 67.19 9.04 49.51
C ARG C 2400 66.08 9.43 48.54
N CYS C 2401 65.15 8.54 48.28
CA CYS C 2401 63.98 8.79 47.46
C CYS C 2401 62.82 9.40 48.23
N ALA C 2402 62.97 9.56 49.55
CA ALA C 2402 62.02 10.30 50.37
C ALA C 2402 61.85 11.70 49.78
N PRO C 2403 60.68 12.34 49.97
CA PRO C 2403 60.41 13.59 49.26
C PRO C 2403 61.49 14.66 49.38
N GLU C 2404 61.78 15.08 50.60
CA GLU C 2404 62.78 16.12 50.84
C GLU C 2404 63.08 16.12 52.33
N MET C 2405 63.79 17.15 52.80
CA MET C 2405 64.00 17.39 54.23
C MET C 2405 62.86 18.20 54.84
N HIS C 2406 61.66 18.10 54.27
CA HIS C 2406 60.43 18.81 54.59
C HIS C 2406 60.42 20.25 54.07
N LEU C 2407 61.45 20.69 53.34
CA LEU C 2407 61.45 22.04 52.78
C LEU C 2407 60.25 22.24 51.87
N ILE C 2408 60.08 21.37 50.87
CA ILE C 2408 58.89 21.39 50.04
C ILE C 2408 57.75 20.56 50.62
N HIS C 2409 58.05 19.64 51.55
CA HIS C 2409 57.00 18.82 52.14
C HIS C 2409 56.12 19.60 53.09
N ALA C 2410 56.62 20.69 53.66
CA ALA C 2410 55.82 21.54 54.53
C ALA C 2410 54.71 22.27 53.79
N GLY C 2411 54.73 22.27 52.46
CA GLY C 2411 53.71 22.95 51.70
C GLY C 2411 53.09 22.13 50.57
N LYS C 2412 53.70 20.98 50.25
CA LYS C 2412 53.23 20.15 49.15
C LYS C 2412 52.53 18.91 49.68
N GLY C 2413 51.44 18.52 49.03
CA GLY C 2413 50.67 17.35 49.42
C GLY C 2413 51.19 16.05 48.82
N GLU C 2414 51.77 16.13 47.62
CA GLU C 2414 52.36 14.95 47.01
C GLU C 2414 53.50 14.40 47.87
N ALA C 2415 54.32 15.30 48.42
CA ALA C 2415 55.37 14.88 49.34
C ALA C 2415 54.80 14.21 50.57
N ILE C 2416 53.68 14.73 51.09
CA ILE C 2416 53.03 14.13 52.24
C ILE C 2416 52.56 12.73 51.90
N ARG C 2417 51.98 12.54 50.71
CA ARG C 2417 51.50 11.24 50.29
C ARG C 2417 52.66 10.25 50.17
N ILE C 2418 53.77 10.69 49.57
CA ILE C 2418 54.92 9.81 49.39
C ILE C 2418 55.51 9.42 50.74
N ARG C 2419 55.59 10.38 51.67
CA ARG C 2419 56.09 10.07 53.01
C ARG C 2419 55.17 9.10 53.72
N SER C 2420 53.86 9.25 53.56
CA SER C 2420 52.92 8.32 54.17
C SER C 2420 53.08 6.92 53.58
N ILE C 2421 53.32 6.84 52.27
CA ILE C 2421 53.52 5.54 51.63
C ILE C 2421 54.79 4.88 52.16
N LEU C 2422 55.86 5.66 52.29
CA LEU C 2422 57.11 5.10 52.83
C LEU C 2422 56.93 4.65 54.28
N ARG C 2423 56.16 5.40 55.06
CA ARG C 2423 55.92 5.02 56.46
C ARG C 2423 55.08 3.76 56.54
N SER C 2424 54.06 3.64 55.68
CA SER C 2424 53.27 2.42 55.62
C SER C 2424 54.12 1.24 55.17
N LEU C 2425 55.14 1.49 54.34
CA LEU C 2425 56.01 0.41 53.91
C LEU C 2425 56.92 -0.06 55.05
N ILE C 2426 57.64 0.86 55.68
CA ILE C 2426 58.60 0.53 56.72
C ILE C 2426 58.13 1.12 58.04
N PRO C 2427 57.83 0.31 59.05
CA PRO C 2427 57.44 0.86 60.36
C PRO C 2427 58.65 1.42 61.11
N LEU C 2428 58.33 2.13 62.19
CA LEU C 2428 59.36 2.77 63.02
C LEU C 2428 59.99 1.81 64.01
N GLY C 2429 59.18 1.04 64.73
CA GLY C 2429 59.74 0.02 65.62
C GLY C 2429 60.60 -0.97 64.87
N ASP C 2430 60.19 -1.32 63.64
CA ASP C 2430 61.05 -2.09 62.75
C ASP C 2430 62.44 -1.47 62.65
N LEU C 2431 62.49 -0.17 62.38
CA LEU C 2431 63.76 0.51 62.16
C LEU C 2431 64.61 0.54 63.43
N VAL C 2432 63.99 0.85 64.58
CA VAL C 2432 64.77 0.92 65.80
C VAL C 2432 65.27 -0.46 66.21
N GLY C 2433 64.46 -1.50 65.99
CA GLY C 2433 64.92 -2.84 66.30
C GLY C 2433 66.05 -3.30 65.38
N VAL C 2434 65.99 -2.92 64.11
CA VAL C 2434 67.09 -3.26 63.21
C VAL C 2434 68.35 -2.48 63.57
N ILE C 2435 68.20 -1.25 64.06
CA ILE C 2435 69.36 -0.49 64.49
C ILE C 2435 69.99 -1.13 65.72
N SER C 2436 69.17 -1.56 66.67
CA SER C 2436 69.67 -2.19 67.90
C SER C 2436 70.03 -3.64 67.60
N ILE C 2437 71.27 -3.87 67.18
CA ILE C 2437 71.78 -5.22 66.98
C ILE C 2437 73.06 -5.38 67.79
N ALA C 2438 73.76 -4.26 68.02
CA ALA C 2438 74.99 -4.23 68.81
C ALA C 2438 76.03 -5.20 68.24
N PHE C 2439 76.48 -4.88 67.02
CA PHE C 2439 77.43 -5.71 66.32
C PHE C 2439 78.70 -5.91 67.14
N GLN C 2440 79.30 -7.10 67.02
CA GLN C 2440 80.48 -7.41 67.80
C GLN C 2440 81.69 -6.66 67.24
N MET C 2441 82.59 -6.26 68.14
CA MET C 2441 83.82 -5.57 67.74
C MET C 2441 85.03 -6.30 68.31
N PRO C 2442 85.76 -7.06 67.49
CA PRO C 2442 86.93 -7.80 67.97
C PRO C 2442 88.10 -6.89 68.38
N GLU C 2452 93.74 -9.86 67.18
CA GLU C 2452 92.82 -10.83 66.63
C GLU C 2452 91.77 -10.15 65.77
N PRO C 2453 91.98 -10.15 64.45
CA PRO C 2453 91.04 -9.52 63.54
C PRO C 2453 89.91 -10.46 63.14
N ASP C 2454 88.87 -9.85 62.56
CA ASP C 2454 87.71 -10.60 62.08
C ASP C 2454 87.42 -10.28 60.63
N MET C 2455 86.28 -10.76 60.14
CA MET C 2455 85.91 -10.61 58.74
C MET C 2455 84.92 -9.46 58.57
N SER C 2456 85.14 -8.64 57.56
CA SER C 2456 84.29 -7.49 57.27
C SER C 2456 83.25 -7.78 56.20
N ALA C 2457 83.01 -9.06 55.89
CA ALA C 2457 82.00 -9.47 54.93
C ALA C 2457 80.75 -10.02 55.60
N GLY C 2458 80.38 -9.47 56.76
CA GLY C 2458 79.20 -9.90 57.50
C GLY C 2458 78.31 -8.72 57.79
N PHE C 2459 77.82 -8.67 59.03
CA PHE C 2459 76.97 -7.56 59.48
C PHE C 2459 77.85 -6.36 59.77
N CYS C 2460 77.88 -5.42 58.84
CA CYS C 2460 78.66 -4.20 59.00
C CYS C 2460 77.76 -3.04 59.41
N PRO C 2461 78.31 -2.03 60.09
CA PRO C 2461 77.48 -0.89 60.52
C PRO C 2461 76.93 -0.05 59.38
N ASP C 2462 77.28 -0.34 58.13
CA ASP C 2462 76.70 0.39 57.02
C ASP C 2462 75.20 0.17 56.92
N HIS C 2463 74.73 -1.02 57.31
CA HIS C 2463 73.30 -1.29 57.30
C HIS C 2463 72.57 -0.37 58.27
N LYS C 2464 73.04 -0.29 59.52
CA LYS C 2464 72.39 0.58 60.47
C LYS C 2464 72.60 2.04 60.13
N ALA C 2465 73.69 2.37 59.41
CA ALA C 2465 73.85 3.74 58.92
C ALA C 2465 72.77 4.09 57.90
N ALA C 2466 72.48 3.17 56.98
CA ALA C 2466 71.37 3.37 56.06
C ALA C 2466 70.05 3.47 56.81
N MET C 2467 69.90 2.69 57.88
CA MET C 2467 68.68 2.77 58.69
C MET C 2467 68.53 4.14 59.33
N VAL C 2468 69.63 4.68 59.87
CA VAL C 2468 69.59 6.02 60.47
C VAL C 2468 69.28 7.07 59.40
N LEU C 2469 69.84 6.90 58.20
CA LEU C 2469 69.52 7.83 57.11
C LEU C 2469 68.03 7.79 56.78
N PHE C 2470 67.46 6.58 56.71
CA PHE C 2470 66.03 6.46 56.43
C PHE C 2470 65.20 7.10 57.53
N LEU C 2471 65.58 6.89 58.79
CA LEU C 2471 64.86 7.51 59.90
C LEU C 2471 64.93 9.03 59.83
N ASP C 2472 66.10 9.58 59.52
CA ASP C 2472 66.25 11.02 59.50
C ASP C 2472 65.50 11.64 58.32
N ARG C 2473 65.48 10.96 57.18
CA ARG C 2473 64.85 11.53 55.99
C ARG C 2473 63.37 11.20 55.86
N VAL C 2474 62.84 10.26 56.65
CA VAL C 2474 61.43 9.88 56.58
C VAL C 2474 60.69 10.25 57.86
N TYR C 2475 61.10 9.69 58.99
CA TYR C 2475 60.43 9.96 60.26
C TYR C 2475 61.03 11.17 60.96
N GLY C 2476 62.35 11.24 61.04
CA GLY C 2476 63.01 12.32 61.72
C GLY C 2476 62.92 12.21 63.24
N ILE C 2477 63.64 13.09 63.91
CA ILE C 2477 63.67 13.14 65.37
C ILE C 2477 63.21 14.54 65.80
N GLU C 2478 62.01 14.61 66.36
CA GLU C 2478 61.43 15.87 66.81
C GLU C 2478 60.82 15.81 68.20
N VAL C 2479 60.49 14.64 68.73
CA VAL C 2479 59.86 14.51 70.03
C VAL C 2479 60.87 13.96 71.03
N GLN C 2480 60.82 14.49 72.26
CA GLN C 2480 61.80 14.13 73.28
C GLN C 2480 61.71 12.65 73.61
N ASP C 2481 60.49 12.12 73.64
CA ASP C 2481 60.29 10.71 74.00
C ASP C 2481 61.00 9.78 73.01
N PHE C 2482 60.68 9.91 71.71
CA PHE C 2482 61.30 9.03 70.73
C PHE C 2482 62.80 9.29 70.59
N LEU C 2483 63.22 10.56 70.71
CA LEU C 2483 64.66 10.83 70.67
C LEU C 2483 65.39 10.10 71.79
N LEU C 2484 64.94 10.30 73.03
CA LEU C 2484 65.52 9.59 74.14
C LEU C 2484 65.40 8.08 73.99
N HIS C 2485 64.31 7.59 73.38
CA HIS C 2485 64.14 6.14 73.26
C HIS C 2485 65.20 5.55 72.34
N LEU C 2486 65.37 6.16 71.17
CA LEU C 2486 66.43 5.75 70.26
C LEU C 2486 67.79 5.88 70.94
N LEU C 2487 67.96 6.93 71.76
CA LEU C 2487 69.23 7.11 72.46
C LEU C 2487 69.44 6.02 73.51
N GLU C 2488 68.35 5.47 74.06
CA GLU C 2488 68.48 4.33 74.96
C GLU C 2488 68.96 3.10 74.19
N VAL C 2489 68.25 2.77 73.12
CA VAL C 2489 68.31 1.41 72.59
C VAL C 2489 69.34 1.26 71.48
N GLY C 2490 69.45 2.22 70.58
CA GLY C 2490 70.28 2.02 69.40
C GLY C 2490 71.65 2.66 69.45
N PHE C 2491 71.75 3.86 70.01
CA PHE C 2491 72.96 4.68 69.91
C PHE C 2491 73.95 4.43 71.05
N LEU C 2492 73.45 4.29 72.28
CA LEU C 2492 74.35 4.13 73.43
C LEU C 2492 75.22 2.89 73.31
N PRO C 2493 74.69 1.69 73.02
CA PRO C 2493 75.59 0.54 72.85
C PRO C 2493 76.58 0.71 71.72
N ASP C 2494 76.17 1.37 70.63
CA ASP C 2494 77.06 1.50 69.49
C ASP C 2494 78.24 2.41 69.79
N LEU C 2495 78.00 3.57 70.43
CA LEU C 2495 79.13 4.42 70.77
C LEU C 2495 79.93 3.89 71.97
N ARG C 2496 79.31 3.06 72.81
CA ARG C 2496 80.14 2.35 73.80
C ARG C 2496 81.09 1.37 73.12
N ALA C 2497 80.57 0.59 72.16
CA ALA C 2497 81.42 -0.34 71.42
C ALA C 2497 82.47 0.38 70.60
N ALA C 2498 82.14 1.57 70.07
CA ALA C 2498 83.11 2.33 69.30
C ALA C 2498 84.15 2.99 70.18
N ALA C 2499 83.78 3.33 71.42
CA ALA C 2499 84.73 3.93 72.34
C ALA C 2499 85.69 2.91 72.93
N SER C 2500 85.26 1.65 73.04
CA SER C 2500 86.11 0.59 73.61
C SER C 2500 87.24 0.25 72.66
N LEU C 2501 88.19 1.17 72.54
CA LEU C 2501 89.29 1.06 71.58
C LEU C 2501 90.47 1.88 72.05
N ASP C 2502 91.62 1.24 72.19
CA ASP C 2502 92.86 2.00 72.31
C ASP C 2502 93.85 1.72 71.18
N THR C 2503 94.12 0.43 70.85
CA THR C 2503 95.11 0.14 69.81
C THR C 2503 94.58 -0.68 68.64
N ALA C 2504 93.76 -1.69 68.90
CA ALA C 2504 93.39 -2.70 67.90
C ALA C 2504 92.17 -2.22 67.14
N ALA C 2505 92.39 -1.62 65.98
CA ALA C 2505 91.31 -1.06 65.16
C ALA C 2505 91.44 -1.62 63.75
N LEU C 2506 90.45 -2.42 63.35
CA LEU C 2506 90.39 -2.96 62.00
C LEU C 2506 89.15 -2.54 61.23
N SER C 2507 88.11 -2.08 61.91
CA SER C 2507 86.86 -1.69 61.24
C SER C 2507 86.58 -0.21 61.44
N UNK C 2508 86.98 0.59 60.45
CA UNK C 2508 86.73 2.02 60.44
C UNK C 2508 85.29 2.31 60.04
N UNK C 2509 84.59 1.27 59.62
CA UNK C 2509 83.17 1.38 59.29
C UNK C 2509 82.40 1.79 60.53
N UNK C 2510 82.79 1.23 61.67
CA UNK C 2510 82.19 1.57 62.95
C UNK C 2510 82.36 3.05 63.25
N UNK C 2511 83.58 3.55 63.04
CA UNK C 2511 83.88 4.97 63.27
C UNK C 2511 83.06 5.87 62.34
N UNK C 2512 82.99 5.49 61.07
CA UNK C 2512 82.22 6.26 60.10
C UNK C 2512 80.73 6.30 60.46
N UNK C 2513 80.19 5.16 60.88
CA UNK C 2513 78.78 5.08 61.27
C UNK C 2513 78.53 5.87 62.53
N UNK C 2514 79.50 5.86 63.43
CA UNK C 2514 79.40 6.63 64.67
C UNK C 2514 79.40 8.12 64.36
N UNK C 2515 80.19 8.51 63.37
CA UNK C 2515 80.22 9.90 62.92
C UNK C 2515 78.89 10.29 62.33
N UNK C 2516 78.31 9.38 61.54
CA UNK C 2516 76.99 9.60 60.95
C UNK C 2516 75.93 9.79 62.04
N UNK C 2517 75.97 8.92 63.04
CA UNK C 2517 75.03 9.00 64.17
C UNK C 2517 75.23 10.30 64.95
N UNK C 2518 76.47 10.72 65.13
CA UNK C 2518 76.78 11.95 65.82
C UNK C 2518 76.24 13.15 65.06
N UNK C 2519 76.34 13.10 63.73
CA UNK C 2519 75.79 14.16 62.88
C UNK C 2519 74.27 14.21 63.03
N UNK C 2520 73.65 13.03 63.00
CA UNK C 2520 72.20 12.92 63.15
C UNK C 2520 71.73 13.48 64.49
N UNK C 2521 72.54 13.26 65.52
CA UNK C 2521 72.23 13.74 66.87
C UNK C 2521 72.43 15.26 66.97
N UNK C 2522 73.49 15.75 66.35
CA UNK C 2522 73.81 17.18 66.37
C UNK C 2522 72.79 17.96 65.55
N UNK C 2523 72.12 17.26 64.64
CA UNK C 2523 71.05 17.87 63.86
C UNK C 2523 69.75 18.00 64.64
N UNK C 2524 69.86 18.11 65.96
CA UNK C 2524 68.70 18.26 66.84
C UNK C 2524 69.10 18.84 68.19
N UNK C 2525 68.37 19.87 68.62
CA UNK C 2525 68.67 20.53 69.89
C UNK C 2525 67.60 20.22 70.93
N UNK C 2526 67.00 19.04 70.84
CA UNK C 2526 65.97 18.63 71.78
C UNK C 2526 66.61 17.99 73.02
N UNK C 2527 66.58 18.73 74.13
CA UNK C 2527 67.15 18.24 75.37
C UNK C 2527 66.38 18.75 76.58
N UNK C 2528 66.01 17.84 77.47
CA UNK C 2528 65.27 18.20 78.67
C UNK C 2528 66.03 17.78 79.93
N UNK C 2529 65.32 17.71 81.05
CA UNK C 2529 65.92 17.31 82.31
C UNK C 2529 65.98 15.80 82.43
N UNK C 2530 66.01 15.31 83.67
CA UNK C 2530 66.11 13.88 83.95
C UNK C 2530 67.33 13.27 83.24
N UNK C 2531 68.44 14.01 83.25
CA UNK C 2531 69.66 13.57 82.60
C UNK C 2531 70.27 12.37 83.34
N UNK C 2532 69.61 11.23 83.22
CA UNK C 2532 70.06 10.01 83.88
C UNK C 2532 70.99 9.22 82.95
N UNK C 2533 71.02 9.61 81.68
CA UNK C 2533 71.84 8.93 80.70
C UNK C 2533 72.57 9.94 79.80
N UNK C 2534 72.19 11.20 79.90
CA UNK C 2534 72.82 12.25 79.10
C UNK C 2534 74.29 12.41 79.48
N UNK C 2535 74.56 12.43 80.77
CA UNK C 2535 75.92 12.55 81.27
C UNK C 2535 76.75 11.34 80.84
N UNK C 2536 76.12 10.17 80.89
CA UNK C 2536 76.77 8.93 80.48
C UNK C 2536 77.15 8.98 78.99
N UNK C 2537 76.21 9.46 78.18
CA UNK C 2537 76.44 9.58 76.74
C UNK C 2537 77.55 10.58 76.45
N UNK C 2538 77.55 11.69 77.19
CA UNK C 2538 78.58 12.71 77.03
C UNK C 2538 79.96 12.15 77.37
N UNK C 2539 80.02 11.42 78.48
CA UNK C 2539 81.26 10.80 78.92
C UNK C 2539 81.75 9.78 77.91
N UNK C 2540 80.82 9.02 77.34
CA UNK C 2540 81.15 8.01 76.33
C UNK C 2540 81.71 8.67 75.08
N UNK C 2541 81.08 9.77 74.66
CA UNK C 2541 81.54 10.52 73.50
C UNK C 2541 82.94 11.07 73.73
N UNK C 2542 83.17 11.61 74.93
CA UNK C 2542 84.48 12.14 75.30
C UNK C 2542 85.53 11.04 75.27
N UNK C 2543 85.19 9.88 75.84
CA UNK C 2543 86.10 8.74 75.87
C UNK C 2543 86.42 8.28 74.45
N UNK C 2544 85.43 8.25 73.59
CA UNK C 2544 85.62 7.86 72.20
C UNK C 2544 86.55 8.83 71.49
N UNK C 2545 86.32 10.13 71.69
CA UNK C 2545 87.13 11.16 71.07
C UNK C 2545 88.58 11.13 71.58
N UNK C 2546 88.74 10.74 72.83
CA UNK C 2546 90.07 10.69 73.43
C UNK C 2546 90.84 9.42 73.03
N UNK C 2547 90.11 8.33 72.85
CA UNK C 2547 90.72 7.04 72.57
C UNK C 2547 90.82 6.76 71.07
N UNK C 2548 90.21 7.62 70.27
CA UNK C 2548 90.27 7.49 68.83
C UNK C 2548 91.68 7.78 68.32
N UNK C 2549 92.34 6.75 67.78
CA UNK C 2549 93.71 6.88 67.31
C UNK C 2549 93.87 6.34 65.89
N UNK C 2550 93.83 5.02 65.77
CA UNK C 2550 94.01 4.36 64.47
C UNK C 2550 92.86 4.66 63.52
N UNK C 2551 91.64 4.65 64.06
CA UNK C 2551 90.45 4.93 63.27
C UNK C 2551 89.91 6.32 63.58
N UNK C 2552 90.71 7.34 63.31
CA UNK C 2552 90.32 8.72 63.57
C UNK C 2552 90.88 9.66 62.51
N UNK C 2553 90.02 10.52 61.98
CA UNK C 2553 90.43 11.51 61.00
C UNK C 2553 90.08 12.91 61.49
N UNK C 2554 90.59 13.92 60.80
CA UNK C 2554 90.33 15.31 61.17
C UNK C 2554 88.84 15.62 61.07
N UNK C 2555 88.21 15.15 60.01
CA UNK C 2555 86.79 15.37 59.79
C UNK C 2555 85.96 14.72 60.89
N UNK C 2556 86.31 13.48 61.23
CA UNK C 2556 85.62 12.74 62.28
C UNK C 2556 85.78 13.46 63.63
N UNK C 2557 86.98 13.94 63.89
CA UNK C 2557 87.27 14.65 65.12
C UNK C 2557 86.44 15.92 65.21
N UNK C 2558 86.37 16.67 64.10
CA UNK C 2558 85.59 17.89 64.04
C UNK C 2558 84.11 17.60 64.26
N UNK C 2559 83.62 16.52 63.66
CA UNK C 2559 82.22 16.12 63.80
C UNK C 2559 81.91 15.79 65.25
N UNK C 2560 82.79 15.01 65.88
CA UNK C 2560 82.61 14.63 67.28
C UNK C 2560 82.62 15.87 68.18
N UNK C 2561 83.54 16.79 67.91
CA UNK C 2561 83.65 18.03 68.67
C UNK C 2561 82.37 18.85 68.54
N UNK C 2562 81.86 18.96 67.32
CA UNK C 2562 80.63 19.71 67.06
C UNK C 2562 79.45 19.08 67.79
N UNK C 2563 79.37 17.76 67.75
CA UNK C 2563 78.30 17.04 68.42
C UNK C 2563 78.34 17.27 69.92
N UNK C 2564 79.54 17.18 70.49
CA UNK C 2564 79.73 17.39 71.93
C UNK C 2564 79.35 18.81 72.32
N UNK C 2565 79.75 19.78 71.50
CA UNK C 2565 79.46 21.18 71.76
C UNK C 2565 77.95 21.43 71.71
N UNK C 2566 77.29 20.84 70.71
CA UNK C 2566 75.85 20.98 70.57
C UNK C 2566 75.12 20.38 71.76
N UNK C 2567 75.58 19.21 72.20
CA UNK C 2567 74.98 18.54 73.35
C UNK C 2567 75.15 19.38 74.62
N UNK C 2568 76.33 19.94 74.80
CA UNK C 2568 76.62 20.77 75.96
C UNK C 2568 75.79 22.04 75.95
N UNK C 2569 75.58 22.61 74.77
CA UNK C 2569 74.79 23.82 74.64
C UNK C 2569 73.31 23.54 74.88
N UNK C 2570 72.85 22.36 74.46
CA UNK C 2570 71.47 21.97 74.64
C UNK C 2570 71.17 21.67 76.11
N UNK C 2571 72.11 21.01 76.78
CA UNK C 2571 71.96 20.69 78.19
C UNK C 2571 72.10 21.95 79.04
N UNK C 2572 71.45 21.94 80.21
CA UNK C 2572 71.51 23.10 81.10
C UNK C 2572 71.65 22.64 82.55
N UNK C 2573 72.91 22.54 83.00
CA UNK C 2573 73.23 22.12 84.36
C UNK C 2573 72.57 20.79 84.70
N UNK C 2574 72.84 19.78 83.88
CA UNK C 2574 72.25 18.46 84.07
C UNK C 2574 73.30 17.37 83.98
N UNK C 2575 74.41 17.68 83.32
CA UNK C 2575 75.51 16.73 83.17
C UNK C 2575 76.64 17.05 84.15
N UNK C 2576 76.35 16.98 85.44
CA UNK C 2576 77.33 17.30 86.48
C UNK C 2576 78.48 16.31 86.47
N UNK C 2577 78.17 15.02 86.40
CA UNK C 2577 79.19 13.98 86.39
C UNK C 2577 80.07 14.10 85.14
N UNK C 2578 79.43 14.37 84.01
CA UNK C 2578 80.15 14.54 82.75
C UNK C 2578 81.09 15.75 82.82
N UNK C 2579 80.60 16.84 83.40
CA UNK C 2579 81.38 18.06 83.57
C UNK C 2579 82.59 17.79 84.48
N UNK C 2580 82.36 17.05 85.55
CA UNK C 2580 83.42 16.71 86.49
C UNK C 2580 84.49 15.85 85.82
N UNK C 2581 84.05 14.87 85.04
CA UNK C 2581 84.97 14.00 84.31
C UNK C 2581 85.79 14.80 83.31
N UNK C 2582 85.13 15.71 82.60
CA UNK C 2582 85.80 16.55 81.62
C UNK C 2582 86.83 17.46 82.30
N UNK C 2583 86.47 18.01 83.45
CA UNK C 2583 87.37 18.85 84.21
C UNK C 2583 88.59 18.07 84.68
N UNK C 2584 88.36 16.86 85.17
CA UNK C 2584 89.44 15.98 85.60
C UNK C 2584 90.38 15.66 84.46
N UNK C 2585 89.81 15.35 83.29
CA UNK C 2585 90.59 15.03 82.11
C UNK C 2585 91.43 16.23 81.66
N UNK C 2586 90.82 17.41 81.69
CA UNK C 2586 91.50 18.63 81.28
C UNK C 2586 92.63 18.99 82.24
N UNK C 2587 92.41 18.70 83.53
CA UNK C 2587 93.43 18.95 84.54
C UNK C 2587 94.58 17.96 84.40
N UNK C 2588 94.26 16.74 84.04
CA UNK C 2588 95.27 15.70 83.86
C UNK C 2588 96.11 15.94 82.61
N UNK C 2589 95.47 16.39 81.54
CA UNK C 2589 96.16 16.62 80.27
C UNK C 2589 96.21 18.11 79.93
N UNK C 2590 97.39 18.69 80.01
CA UNK C 2590 97.58 20.10 79.67
C UNK C 2590 97.48 20.28 78.16
N UNK C 2591 98.00 19.31 77.41
CA UNK C 2591 97.95 19.34 75.95
C UNK C 2591 97.33 18.05 75.42
N UNK C 2592 96.09 18.14 74.95
CA UNK C 2592 95.38 16.97 74.45
C UNK C 2592 95.11 17.06 72.96
N UNK C 2593 94.51 16.01 72.41
CA UNK C 2593 94.17 15.97 70.99
C UNK C 2593 92.99 16.87 70.70
N UNK C 2594 91.99 16.82 71.56
CA UNK C 2594 90.80 17.67 71.42
C UNK C 2594 90.81 18.76 72.49
N UNK C 2595 91.97 19.36 72.69
CA UNK C 2595 92.14 20.40 73.70
C UNK C 2595 91.25 21.60 73.41
N UNK C 2596 91.20 22.01 72.15
CA UNK C 2596 90.40 23.16 71.74
C UNK C 2596 88.92 22.90 71.99
N UNK C 2597 88.45 21.71 71.61
CA UNK C 2597 87.06 21.34 71.80
C UNK C 2597 86.70 21.27 73.29
N UNK C 2598 87.60 20.71 74.08
CA UNK C 2598 87.41 20.61 75.52
C UNK C 2598 87.30 22.01 76.13
N UNK C 2599 88.19 22.90 75.71
CA UNK C 2599 88.21 24.26 76.20
C UNK C 2599 86.92 25.00 75.82
N UNK C 2600 86.46 24.77 74.60
CA UNK C 2600 85.22 25.38 74.12
C UNK C 2600 84.02 24.91 74.94
N UNK C 2601 83.96 23.60 75.18
CA UNK C 2601 82.88 23.03 75.98
C UNK C 2601 82.90 23.59 77.41
N UNK C 2602 84.09 23.67 77.98
CA UNK C 2602 84.27 24.20 79.32
C UNK C 2602 83.82 25.66 79.38
N UNK C 2603 84.19 26.43 78.36
CA UNK C 2603 83.82 27.84 78.30
C UNK C 2603 82.31 28.00 78.20
N UNK C 2604 81.67 27.15 77.39
CA UNK C 2604 80.22 27.19 77.24
C UNK C 2604 79.54 26.87 78.58
N UNK C 2605 80.00 25.82 79.23
CA UNK C 2605 79.43 25.41 80.52
C UNK C 2605 79.62 26.51 81.57
N UNK C 2606 80.79 27.13 81.57
CA UNK C 2606 81.10 28.19 82.51
C UNK C 2606 80.24 29.43 82.27
N UNK C 2607 80.01 29.74 81.00
CA UNK C 2607 79.15 30.87 80.65
C UNK C 2607 77.73 30.60 81.12
N UNK C 2608 77.27 29.37 80.91
CA UNK C 2608 75.94 28.96 81.36
C UNK C 2608 75.82 29.10 82.89
N UNK C 2609 76.86 28.66 83.59
CA UNK C 2609 76.88 28.72 85.05
C UNK C 2609 76.88 30.17 85.55
N UNK C 2610 77.67 31.02 84.90
CA UNK C 2610 77.75 32.43 85.26
C UNK C 2610 76.42 33.13 85.00
N UNK C 2611 75.73 32.68 83.96
CA UNK C 2611 74.40 33.20 83.66
C UNK C 2611 73.42 32.80 84.77
N UNK C 2612 73.32 31.50 85.02
CA UNK C 2612 72.43 31.01 86.05
C UNK C 2612 72.80 29.58 86.46
N UNK C 2613 72.01 29.01 87.38
CA UNK C 2613 72.21 27.64 87.86
C UNK C 2613 73.62 27.44 88.41
N UNK C 2614 73.98 28.21 89.41
CA UNK C 2614 75.29 28.10 90.04
C UNK C 2614 75.15 27.60 91.48
N UNK C 2615 73.99 27.00 91.78
CA UNK C 2615 73.71 26.50 93.12
C UNK C 2615 74.33 25.12 93.33
N UNK C 2616 75.60 25.09 93.72
CA UNK C 2616 76.30 23.85 93.96
C UNK C 2616 77.55 24.07 94.81
N UNK C 2617 78.08 23.00 95.37
CA UNK C 2617 79.29 23.06 96.20
C UNK C 2617 80.41 22.25 95.57
N UNK C 2618 80.14 20.99 95.28
CA UNK C 2618 81.12 20.11 94.64
C UNK C 2618 81.45 20.64 93.25
N UNK C 2619 80.42 21.06 92.52
CA UNK C 2619 80.61 21.62 91.19
C UNK C 2619 81.40 22.93 91.26
N UNK C 2620 81.13 23.72 92.30
CA UNK C 2620 81.85 24.97 92.49
C UNK C 2620 83.33 24.71 92.76
N UNK C 2621 83.61 23.71 93.58
CA UNK C 2621 84.98 23.32 93.88
C UNK C 2621 85.69 22.82 92.62
N UNK C 2622 84.98 22.04 91.83
CA UNK C 2622 85.52 21.52 90.57
C UNK C 2622 85.83 22.66 89.61
N UNK C 2623 84.94 23.65 89.56
CA UNK C 2623 85.13 24.81 88.71
C UNK C 2623 86.34 25.62 89.16
N UNK C 2624 86.50 25.74 90.48
CA UNK C 2624 87.65 26.44 91.05
C UNK C 2624 88.95 25.73 90.68
N UNK C 2625 88.93 24.40 90.78
CA UNK C 2625 90.09 23.59 90.42
C UNK C 2625 90.44 23.76 88.94
N UNK C 2626 89.41 23.76 88.11
CA UNK C 2626 89.58 23.94 86.67
C UNK C 2626 90.15 25.31 86.35
N UNK C 2627 89.68 26.33 87.06
CA UNK C 2627 90.17 27.70 86.89
C UNK C 2627 91.64 27.78 87.30
N UNK C 2628 91.98 27.11 88.39
CA UNK C 2628 93.36 27.08 88.86
C UNK C 2628 94.26 26.41 87.82
N UNK C 2629 93.79 25.30 87.26
CA UNK C 2629 94.53 24.58 86.23
C UNK C 2629 94.72 25.44 84.99
N UNK C 2630 93.67 26.16 84.61
CA UNK C 2630 93.72 27.05 83.46
C UNK C 2630 94.71 28.17 83.69
N UNK C 2631 94.72 28.72 84.90
CA UNK C 2631 95.66 29.78 85.26
C UNK C 2631 97.09 29.26 85.19
N UNK C 2632 97.30 28.05 85.70
CA UNK C 2632 98.62 27.43 85.68
C UNK C 2632 99.09 27.19 84.25
N UNK C 2633 98.17 26.80 83.38
CA UNK C 2633 98.48 26.56 81.98
C UNK C 2633 98.80 27.85 81.24
N UNK C 2634 98.06 28.91 81.59
CA UNK C 2634 98.25 30.22 80.96
C UNK C 2634 99.56 30.85 81.41
N UNK C 2635 99.95 30.58 82.65
CA UNK C 2635 101.21 31.10 83.18
C UNK C 2635 102.35 30.12 82.93
N UNK C 2636 102.41 29.57 81.72
CA UNK C 2636 103.44 28.61 81.36
C UNK C 2636 104.12 29.01 80.05
N UNK C 2637 105.19 28.30 79.72
CA UNK C 2637 105.94 28.58 78.50
C UNK C 2637 105.32 27.85 77.30
N UNK C 2638 104.43 28.53 76.60
CA UNK C 2638 103.76 27.96 75.43
C UNK C 2638 103.72 28.95 74.28
N UNK C 2639 103.75 28.43 73.06
CA UNK C 2639 103.72 29.27 71.86
C UNK C 2639 102.31 29.85 71.66
N UNK C 2640 102.26 31.06 71.12
CA UNK C 2640 100.99 31.75 70.89
C UNK C 2640 100.31 31.26 69.62
N UNK C 2641 99.11 30.72 69.75
CA UNK C 2641 98.34 30.23 68.61
C UNK C 2641 96.86 30.10 68.96
N UNK C 2642 96.19 29.13 68.34
CA UNK C 2642 94.79 28.86 68.62
C UNK C 2642 94.62 28.39 70.06
N UNK C 2643 95.58 27.60 70.53
CA UNK C 2643 95.57 27.12 71.91
C UNK C 2643 95.68 28.31 72.87
N UNK C 2644 96.56 29.25 72.54
CA UNK C 2644 96.74 30.45 73.34
C UNK C 2644 95.46 31.29 73.36
N UNK C 2645 94.80 31.38 72.21
CA UNK C 2645 93.54 32.10 72.11
C UNK C 2645 92.47 31.48 72.99
N UNK C 2646 92.38 30.15 72.93
CA UNK C 2646 91.42 29.40 73.73
C UNK C 2646 91.71 29.57 75.23
N UNK C 2647 92.99 29.62 75.57
CA UNK C 2647 93.39 29.81 76.96
C UNK C 2647 93.03 31.21 77.45
N UNK C 2648 93.24 32.20 76.59
CA UNK C 2648 92.92 33.59 76.91
C UNK C 2648 91.41 33.74 77.09
N UNK C 2649 90.65 33.02 76.27
CA UNK C 2649 89.20 33.02 76.39
C UNK C 2649 88.76 32.22 77.62
N UNK C 2650 88.97 32.78 78.80
CA UNK C 2650 88.60 32.13 80.05
C UNK C 2650 87.84 33.11 80.95
N UNK C 2651 87.38 34.20 80.36
CA UNK C 2651 86.62 35.21 81.09
C UNK C 2651 85.33 34.61 81.63
N UNK C 2652 84.73 33.72 80.86
CA UNK C 2652 83.50 33.05 81.27
C UNK C 2652 83.74 32.23 82.53
N UNK C 2653 84.82 31.46 82.54
CA UNK C 2653 85.18 30.64 83.69
C UNK C 2653 85.49 31.52 84.91
N UNK C 2654 86.22 32.60 84.66
CA UNK C 2654 86.60 33.53 85.73
C UNK C 2654 85.36 34.18 86.35
N UNK C 2655 84.36 34.47 85.53
CA UNK C 2655 83.12 35.09 86.01
C UNK C 2655 82.26 34.07 86.73
N UNK C 2656 82.28 32.82 86.26
CA UNK C 2656 81.51 31.76 86.88
C UNK C 2656 82.07 31.44 88.26
N UNK C 2657 83.39 31.43 88.38
CA UNK C 2657 84.05 31.17 89.65
C UNK C 2657 84.18 32.45 90.46
N UNK C 2658 83.23 32.69 91.36
CA UNK C 2658 83.23 33.89 92.19
C UNK C 2658 84.32 33.82 93.25
N ILE C 2712 90.81 -4.15 114.38
CA ILE C 2712 89.46 -3.64 114.63
C ILE C 2712 89.19 -3.62 116.13
N PRO C 2713 88.62 -2.51 116.61
CA PRO C 2713 88.35 -2.39 118.05
C PRO C 2713 87.12 -3.16 118.49
N GLU C 2714 87.01 -3.29 119.82
CA GLU C 2714 85.95 -4.08 120.43
C GLU C 2714 84.58 -3.42 120.30
N LYS C 2715 84.51 -2.09 120.34
CA LYS C 2715 83.21 -1.47 120.17
C LYS C 2715 82.78 -1.51 118.72
N LEU C 2716 83.72 -1.66 117.77
CA LEU C 2716 83.32 -1.96 116.40
C LEU C 2716 82.93 -3.44 116.25
N GLU C 2717 83.52 -4.32 117.05
CA GLU C 2717 82.98 -5.69 117.13
C GLU C 2717 81.52 -5.66 117.56
N TYR C 2718 81.22 -4.85 118.57
CA TYR C 2718 79.84 -4.63 119.01
C TYR C 2718 78.99 -4.02 117.89
N PHE C 2719 79.57 -3.05 117.16
CA PHE C 2719 78.92 -2.45 116.01
C PHE C 2719 78.49 -3.53 115.02
N ILE C 2720 79.37 -4.51 114.78
CA ILE C 2720 79.09 -5.57 113.83
C ILE C 2720 77.99 -6.49 114.34
N ASN C 2721 78.04 -6.84 115.63
CA ASN C 2721 76.98 -7.71 116.15
C ASN C 2721 75.62 -7.01 116.09
N LYS C 2722 75.56 -5.74 116.50
CA LYS C 2722 74.28 -5.04 116.48
C LYS C 2722 73.80 -4.82 115.04
N TYR C 2723 74.73 -4.65 114.10
CA TYR C 2723 74.32 -4.55 112.71
C TYR C 2723 73.70 -5.85 112.23
N ALA C 2724 74.32 -6.99 112.58
CA ALA C 2724 73.71 -8.28 112.26
C ALA C 2724 72.33 -8.40 112.89
N GLU C 2725 72.19 -7.92 114.14
CA GLU C 2725 70.92 -8.04 114.84
C GLU C 2725 69.83 -7.21 114.16
N HIS C 2726 70.14 -5.96 113.79
CA HIS C 2726 69.13 -5.11 113.19
C HIS C 2726 68.83 -5.50 111.76
N SER C 2727 69.83 -6.04 111.04
CA SER C 2727 69.56 -6.58 109.70
C SER C 2727 68.65 -7.80 109.79
N HIS C 2728 68.88 -8.66 110.79
CA HIS C 2728 67.95 -9.74 111.06
C HIS C 2728 66.57 -9.20 111.38
N ASP C 2729 66.50 -8.09 112.11
CA ASP C 2729 65.22 -7.54 112.52
C ASP C 2729 64.45 -7.00 111.32
N LYS C 2730 65.16 -6.38 110.36
CA LYS C 2730 64.53 -5.87 109.14
C LYS C 2730 64.10 -7.00 108.22
N TRP C 2731 64.93 -8.04 108.11
CA TRP C 2731 64.50 -9.24 107.40
C TRP C 2731 63.28 -9.87 108.07
N SER C 2732 63.22 -9.82 109.41
CA SER C 2732 62.08 -10.37 110.13
C SER C 2732 60.81 -9.56 109.88
N MET C 2733 60.94 -8.25 109.74
CA MET C 2733 59.79 -7.46 109.32
C MET C 2733 59.33 -7.84 107.93
N ASP C 2734 60.28 -8.08 107.02
CA ASP C 2734 59.91 -8.60 105.70
C ASP C 2734 59.21 -9.96 105.81
N LYS C 2735 59.68 -10.80 106.74
CA LYS C 2735 59.04 -12.09 107.00
C LYS C 2735 57.58 -11.90 107.41
N LEU C 2736 57.33 -11.02 108.37
CA LEU C 2736 55.98 -10.79 108.86
C LEU C 2736 55.10 -10.08 107.82
N ALA C 2737 55.69 -9.25 106.96
CA ALA C 2737 54.91 -8.54 105.97
C ALA C 2737 54.50 -9.48 104.83
N ASN C 2738 55.36 -10.42 104.45
CA ASN C 2738 55.06 -11.31 103.35
C ASN C 2738 54.50 -12.65 103.80
N GLY C 2739 54.45 -12.91 105.10
CA GLY C 2739 53.81 -14.10 105.65
C GLY C 2739 54.55 -15.41 105.51
N TRP C 2740 55.87 -15.40 105.69
CA TRP C 2740 56.67 -16.62 105.57
C TRP C 2740 56.73 -17.33 106.93
N ILE C 2741 56.73 -18.66 106.88
CA ILE C 2741 56.74 -19.49 108.08
C ILE C 2741 57.90 -20.47 107.99
N TYR C 2742 58.47 -20.81 109.15
CA TYR C 2742 59.65 -21.67 109.22
C TYR C 2742 59.27 -23.13 108.96
N GLY C 2743 60.30 -23.92 108.64
CA GLY C 2743 60.12 -25.35 108.41
C GLY C 2743 61.47 -26.03 108.28
N GLU C 2744 61.43 -27.35 108.39
CA GLU C 2744 62.66 -28.14 108.29
C GLU C 2744 63.10 -28.34 106.84
N ILE C 2745 62.14 -28.62 105.96
CA ILE C 2745 62.44 -28.86 104.55
C ILE C 2745 62.72 -27.53 103.86
N TYR C 2746 63.66 -27.56 102.92
CA TYR C 2746 64.04 -26.37 102.15
C TYR C 2746 63.21 -26.34 100.87
N SER C 2747 62.62 -25.18 100.58
CA SER C 2747 61.86 -24.97 99.36
C SER C 2747 61.48 -23.50 99.27
N ASP C 2748 61.21 -23.04 98.04
CA ASP C 2748 60.79 -21.67 97.80
C ASP C 2748 59.33 -21.53 97.42
N SER C 2749 58.68 -22.60 96.94
CA SER C 2749 57.30 -22.52 96.51
C SER C 2749 56.32 -22.86 97.63
N SER C 2750 56.68 -23.74 98.55
CA SER C 2750 55.77 -24.18 99.60
C SER C 2750 55.82 -23.29 100.84
N LYS C 2751 56.68 -22.27 100.83
CA LYS C 2751 56.77 -21.29 101.92
C LYS C 2751 57.17 -21.97 103.23
N ILE C 2752 58.34 -22.61 103.18
CA ILE C 2752 58.98 -23.21 104.34
C ILE C 2752 60.46 -22.87 104.29
N GLN C 2753 61.05 -22.61 105.45
CA GLN C 2753 62.37 -22.00 105.58
C GLN C 2753 63.08 -22.45 106.83
N PRO C 2754 64.35 -22.85 106.72
CA PRO C 2754 65.07 -23.38 107.89
C PRO C 2754 65.63 -22.33 108.83
N LEU C 2755 65.49 -21.04 108.53
CA LEU C 2755 66.04 -19.96 109.35
C LEU C 2755 64.97 -18.94 109.67
N MET C 2756 63.88 -19.40 110.28
CA MET C 2756 62.83 -18.51 110.75
C MET C 2756 62.11 -19.10 111.97
N LEU C 2761 63.87 -18.23 102.11
CA LEU C 2761 64.70 -18.25 100.92
C LEU C 2761 66.19 -18.32 101.27
N LEU C 2762 66.61 -17.46 102.19
CA LEU C 2762 68.01 -17.42 102.59
C LEU C 2762 68.34 -18.63 103.45
N SER C 2763 69.49 -19.24 103.20
CA SER C 2763 70.01 -20.27 104.09
C SER C 2763 70.87 -19.62 105.17
N GLU C 2764 71.30 -20.43 106.14
CA GLU C 2764 72.16 -19.91 107.19
C GLU C 2764 73.50 -19.43 106.60
N LYS C 2765 74.05 -20.15 105.62
CA LYS C 2765 75.27 -19.66 104.99
C LYS C 2765 74.99 -18.44 104.14
N GLU C 2766 73.79 -18.33 103.58
CA GLU C 2766 73.44 -17.20 102.75
C GLU C 2766 73.23 -15.93 103.57
N LYS C 2767 72.97 -16.07 104.87
CA LYS C 2767 73.05 -14.91 105.74
C LYS C 2767 74.45 -14.71 106.30
N GLU C 2768 75.19 -15.80 106.52
CA GLU C 2768 76.57 -15.70 106.99
C GLU C 2768 77.46 -14.98 105.98
N ILE C 2769 77.16 -15.12 104.69
CA ILE C 2769 78.04 -14.56 103.66
C ILE C 2769 78.08 -13.04 103.73
N TYR C 2770 77.00 -12.40 104.15
CA TYR C 2770 77.00 -10.94 104.24
C TYR C 2770 77.77 -10.42 105.45
N ARG C 2771 78.48 -11.27 106.19
CA ARG C 2771 79.24 -10.80 107.33
C ARG C 2771 80.59 -10.22 106.91
N TRP C 2772 81.19 -10.78 105.86
CA TRP C 2772 82.53 -10.42 105.41
C TRP C 2772 82.61 -9.13 104.60
N PRO C 2773 81.70 -8.87 103.64
CA PRO C 2773 81.82 -7.60 102.88
C PRO C 2773 81.71 -6.37 103.76
N ILE C 2774 80.91 -6.43 104.84
CA ILE C 2774 80.82 -5.30 105.76
C ILE C 2774 82.17 -5.04 106.42
N LYS C 2775 82.83 -6.10 106.88
CA LYS C 2775 84.16 -5.97 107.46
C LYS C 2775 85.15 -5.42 106.45
N GLU C 2776 85.07 -5.88 105.19
CA GLU C 2776 86.00 -5.42 104.17
C GLU C 2776 85.78 -3.93 103.89
N SER C 2777 84.51 -3.50 103.85
CA SER C 2777 84.22 -2.09 103.59
C SER C 2777 84.63 -1.21 104.77
N LEU C 2778 84.52 -1.70 106.00
CA LEU C 2778 84.96 -0.91 107.13
C LEU C 2778 86.49 -0.88 107.23
N LYS C 2779 87.17 -1.94 106.81
CA LYS C 2779 88.63 -1.87 106.71
C LYS C 2779 89.05 -0.81 105.69
N THR C 2780 88.34 -0.75 104.56
CA THR C 2780 88.61 0.31 103.59
C THR C 2780 88.35 1.69 104.18
N MET C 2781 87.25 1.84 104.92
CA MET C 2781 86.97 3.14 105.54
C MET C 2781 88.01 3.53 106.57
N LEU C 2782 88.52 2.55 107.34
CA LEU C 2782 89.52 2.84 108.35
C LEU C 2782 90.86 3.20 107.70
N ALA C 2783 91.24 2.52 106.63
CA ALA C 2783 92.52 2.80 105.99
C ALA C 2783 92.49 4.07 105.15
N TRP C 2784 91.36 4.35 104.50
CA TRP C 2784 91.25 5.54 103.65
C TRP C 2784 90.91 6.77 104.49
N ASP C 2835 80.08 14.35 100.71
CA ASP C 2835 80.35 14.28 102.15
C ASP C 2835 79.98 12.87 102.61
N LEU C 2836 78.95 12.81 103.46
CA LEU C 2836 78.25 11.56 103.69
C LEU C 2836 77.93 10.89 102.35
N HIS C 2837 77.35 11.65 101.43
CA HIS C 2837 76.91 11.10 100.15
C HIS C 2837 78.10 10.71 99.29
N ALA C 2838 79.19 11.48 99.33
CA ALA C 2838 80.37 11.16 98.54
C ALA C 2838 80.97 9.83 99.00
N MET C 2839 81.23 9.69 100.30
CA MET C 2839 81.79 8.43 100.76
C MET C 2839 80.80 7.28 100.64
N ALA C 2840 79.49 7.58 100.62
CA ALA C 2840 78.52 6.54 100.31
C ALA C 2840 78.70 6.02 98.89
N GLU C 2841 78.83 6.94 97.92
CA GLU C 2841 79.15 6.52 96.56
C GLU C 2841 80.47 5.77 96.52
N MET C 2842 81.42 6.12 97.40
CA MET C 2842 82.73 5.47 97.33
C MET C 2842 82.69 4.06 97.92
N MET C 2843 81.90 3.83 98.97
CA MET C 2843 81.75 2.45 99.43
C MET C 2843 80.92 1.63 98.45
N ALA C 2844 79.95 2.27 97.78
CA ALA C 2844 79.30 1.59 96.66
C ALA C 2844 80.32 1.23 95.59
N GLU C 2845 81.31 2.09 95.39
CA GLU C 2845 82.37 1.79 94.46
C GLU C 2845 83.20 0.61 94.93
N ASN C 2846 83.47 0.51 96.24
CA ASN C 2846 84.13 -0.68 96.78
C ASN C 2846 83.36 -1.93 96.44
N TYR C 2847 82.04 -1.90 96.68
CA TYR C 2847 81.20 -3.07 96.41
C TYR C 2847 81.25 -3.44 94.93
N HIS C 2848 81.04 -2.46 94.05
CA HIS C 2848 81.11 -2.74 92.62
C HIS C 2848 82.50 -3.20 92.21
N ASN C 2849 83.56 -2.66 92.81
CA ASN C 2849 84.89 -3.01 92.37
C ASN C 2849 85.23 -4.44 92.75
N ILE C 2850 84.85 -4.87 93.96
CA ILE C 2850 85.10 -6.26 94.33
C ILE C 2850 84.24 -7.21 93.50
N TRP C 2851 82.99 -6.80 93.20
CA TRP C 2851 82.13 -7.62 92.34
C TRP C 2851 82.74 -7.76 90.94
N ALA C 2852 83.22 -6.65 90.39
CA ALA C 2852 83.86 -6.66 89.09
C ALA C 2852 85.12 -7.53 89.09
N LYS C 2853 85.89 -7.46 90.19
CA LYS C 2853 87.11 -8.28 90.27
C LYS C 2853 86.76 -9.77 90.27
N LYS C 2854 85.81 -10.18 91.11
CA LYS C 2854 85.47 -11.60 91.19
C LYS C 2854 84.89 -12.09 89.86
N LYS C 2855 84.01 -11.29 89.22
CA LYS C 2855 83.43 -11.73 87.96
C LYS C 2855 84.48 -11.79 86.85
N LYS C 2856 85.45 -10.87 86.85
CA LYS C 2856 86.48 -10.92 85.81
C LYS C 2856 87.41 -12.10 86.02
N LEU C 2857 87.74 -12.41 87.29
CA LEU C 2857 88.53 -13.61 87.56
C LEU C 2857 87.80 -14.88 87.14
N GLU C 2858 86.50 -14.98 87.44
CA GLU C 2858 85.78 -16.21 87.07
C GLU C 2858 85.59 -16.29 85.56
N LEU C 2859 85.46 -15.15 84.88
CA LEU C 2859 85.48 -15.13 83.43
C LEU C 2859 86.80 -15.68 82.89
N GLU C 2860 87.92 -15.12 83.34
CA GLU C 2860 89.22 -15.53 82.84
C GLU C 2860 89.56 -16.96 83.25
N SER C 2861 88.88 -17.48 84.28
CA SER C 2861 89.09 -18.87 84.69
C SER C 2861 88.28 -19.84 83.83
N LYS C 2862 86.96 -19.68 83.79
CA LYS C 2862 86.11 -20.67 83.13
C LYS C 2862 85.80 -20.32 81.68
N GLY C 2863 86.48 -19.32 81.11
CA GLY C 2863 86.20 -18.97 79.73
C GLY C 2863 84.79 -18.46 79.52
N GLY C 2864 84.27 -17.72 80.49
CA GLY C 2864 82.91 -17.24 80.39
C GLY C 2864 82.74 -16.19 79.32
N GLY C 2865 81.49 -15.98 78.93
CA GLY C 2865 81.18 -14.99 77.93
C GLY C 2865 81.27 -13.57 78.47
N ASN C 2866 81.37 -12.63 77.53
CA ASN C 2866 81.45 -11.21 77.87
C ASN C 2866 80.10 -10.68 78.31
N HIS C 2867 80.10 -9.86 79.53
CA HIS C 2867 79.05 -9.16 80.27
C HIS C 2867 78.95 -7.69 79.86
N PRO C 2868 77.77 -7.09 80.02
CA PRO C 2868 77.63 -5.64 79.74
C PRO C 2868 78.27 -4.75 80.78
N LEU C 2869 78.66 -5.30 81.93
CA LEU C 2869 79.31 -4.53 83.00
C LEU C 2869 80.83 -4.45 82.83
N LEU C 2870 81.33 -4.66 81.61
CA LEU C 2870 82.76 -4.60 81.32
C LEU C 2870 83.18 -3.16 81.02
N VAL C 2871 82.80 -2.23 81.90
CA VAL C 2871 83.11 -0.81 81.72
C VAL C 2871 83.41 -0.19 83.08
N PRO C 2872 84.11 0.95 83.10
CA PRO C 2872 84.32 1.66 84.36
C PRO C 2872 83.01 2.17 84.94
N TYR C 2873 83.12 2.74 86.14
CA TYR C 2873 81.95 3.16 86.90
C TYR C 2873 81.32 4.44 86.39
N ASP C 2874 82.07 5.25 85.62
CA ASP C 2874 81.55 6.55 85.20
C ASP C 2874 80.58 6.41 84.03
N THR C 2875 80.88 5.52 83.09
CA THR C 2875 80.08 5.39 81.87
C THR C 2875 78.79 4.61 82.09
N LEU C 2876 78.58 4.04 83.27
CA LEU C 2876 77.42 3.21 83.55
C LEU C 2876 76.14 4.05 83.61
N THR C 2877 75.01 3.34 83.60
CA THR C 2877 73.69 3.95 83.61
C THR C 2877 73.33 4.47 85.01
N ALA C 2878 72.07 4.88 85.20
CA ALA C 2878 71.65 5.50 86.44
C ALA C 2878 70.98 4.56 87.43
N LYS C 2879 70.62 3.34 87.02
CA LYS C 2879 69.86 2.44 87.88
C LYS C 2879 70.77 1.67 88.85
N GLU C 2880 71.84 1.08 88.32
CA GLU C 2880 72.75 0.32 89.15
C GLU C 2880 73.46 1.19 90.18
N LYS C 2881 73.55 2.50 89.88
CA LYS C 2881 73.94 3.48 90.89
C LYS C 2881 73.09 3.32 92.15
N ALA C 2882 71.77 3.38 91.99
CA ALA C 2882 70.88 3.17 93.12
C ALA C 2882 70.99 1.75 93.67
N LYS C 2883 71.14 0.76 92.78
CA LYS C 2883 71.20 -0.63 93.23
C LYS C 2883 72.34 -0.85 94.20
N ASP C 2884 73.50 -0.24 93.95
CA ASP C 2884 74.64 -0.41 94.83
C ASP C 2884 74.69 0.63 95.94
N ARG C 2885 73.94 1.73 95.84
CA ARG C 2885 73.88 2.71 96.92
C ARG C 2885 72.80 2.42 97.95
N GLU C 2886 71.85 1.52 97.65
CA GLU C 2886 70.79 1.21 98.60
C GLU C 2886 71.36 0.74 99.94
N LYS C 2887 72.13 -0.34 99.92
CA LYS C 2887 72.70 -0.85 101.16
C LYS C 2887 73.80 0.05 101.70
N ALA C 2888 74.44 0.84 100.85
CA ALA C 2888 75.40 1.82 101.35
C ALA C 2888 74.71 2.84 102.24
N GLN C 2889 73.59 3.40 101.77
CA GLN C 2889 72.81 4.31 102.58
C GLN C 2889 72.24 3.60 103.80
N ASP C 2890 71.89 2.33 103.66
CA ASP C 2890 71.47 1.56 104.83
C ASP C 2890 72.57 1.55 105.89
N ILE C 2891 73.75 1.06 105.54
CA ILE C 2891 74.83 0.97 106.53
C ILE C 2891 75.24 2.34 107.03
N PHE C 2892 75.04 3.40 106.24
CA PHE C 2892 75.36 4.73 106.75
C PHE C 2892 74.34 5.18 107.78
N LYS C 2893 73.05 4.92 107.51
CA LYS C 2893 72.04 5.01 108.55
C LYS C 2893 72.52 4.32 109.82
N PHE C 2894 72.94 3.06 109.67
CA PHE C 2894 73.33 2.20 110.79
C PHE C 2894 74.57 2.71 111.51
N LEU C 2895 75.48 3.37 110.80
CA LEU C 2895 76.69 3.91 111.42
C LEU C 2895 76.40 5.23 112.13
N GLN C 2896 75.53 6.06 111.52
CA GLN C 2896 75.14 7.34 112.06
C GLN C 2896 74.21 7.26 113.26
N ILE C 2897 73.53 6.13 113.50
CA ILE C 2897 72.68 6.12 114.70
C ILE C 2897 73.53 6.20 115.96
N SER C 2898 74.64 5.45 116.00
CA SER C 2898 75.40 5.28 117.24
C SER C 2898 76.10 6.58 117.67
N GLY C 2899 76.85 7.20 116.76
CA GLY C 2899 77.63 8.37 117.12
C GLY C 2899 78.96 8.47 116.42
N TYR C 2900 79.43 7.36 115.83
CA TYR C 2900 80.65 7.40 115.05
C TYR C 2900 80.42 8.25 113.81
N VAL C 2901 81.13 9.36 113.72
CA VAL C 2901 81.18 10.20 112.51
C VAL C 2901 82.53 9.98 111.85
N VAL C 2902 82.51 9.82 110.52
CA VAL C 2902 83.69 9.48 109.77
C VAL C 2902 83.74 10.39 108.55
N SER C 2903 84.96 10.66 108.07
CA SER C 2903 85.16 11.50 106.90
C SER C 2903 86.13 10.79 105.97
N ARG C 2904 86.61 11.52 104.96
CA ARG C 2904 87.54 10.93 104.00
C ARG C 2904 88.86 10.58 104.68
N GLY C 2905 89.54 11.58 105.22
CA GLY C 2905 90.82 11.37 105.87
C GLY C 2905 91.95 11.21 104.89
N UNK C 2916 88.43 34.85 100.54
CA UNK C 2916 89.26 33.71 100.89
C UNK C 2916 90.02 33.19 99.68
N UNK C 2917 89.42 32.25 98.96
CA UNK C 2917 90.03 31.67 97.77
C UNK C 2917 90.18 32.71 96.67
N UNK C 2918 89.15 33.53 96.50
CA UNK C 2918 89.17 34.61 95.51
C UNK C 2918 90.27 35.61 95.84
N UNK C 2919 90.38 35.96 97.12
CA UNK C 2919 91.39 36.90 97.58
C UNK C 2919 92.79 36.34 97.34
N UNK C 2920 92.97 35.06 97.62
CA UNK C 2920 94.25 34.39 97.41
C UNK C 2920 94.62 34.38 95.94
N UNK C 2921 93.63 34.11 95.08
CA UNK C 2921 93.83 34.11 93.64
C UNK C 2921 94.22 35.50 93.16
N UNK C 2922 93.56 36.52 93.69
CA UNK C 2922 93.85 37.90 93.34
C UNK C 2922 95.27 38.28 93.75
N UNK C 2923 95.68 37.84 94.94
CA UNK C 2923 97.03 38.10 95.44
C UNK C 2923 98.08 37.42 94.56
N UNK C 2924 97.79 36.17 94.16
CA UNK C 2924 98.68 35.43 93.29
C UNK C 2924 98.82 36.12 91.94
N UNK C 2925 97.69 36.61 91.42
CA UNK C 2925 97.67 37.34 90.15
C UNK C 2925 98.48 38.62 90.26
N UNK C 2926 98.36 39.30 91.40
CA UNK C 2926 99.10 40.52 91.65
C UNK C 2926 100.61 40.25 91.69
N UNK C 2927 100.98 39.15 92.34
CA UNK C 2927 102.38 38.74 92.41
C UNK C 2927 102.93 38.43 91.02
N UNK C 2928 102.12 37.72 90.24
CA UNK C 2928 102.49 37.37 88.87
C UNK C 2928 102.67 38.64 88.02
N UNK C 2929 101.77 39.61 88.22
CA UNK C 2929 101.85 40.88 87.51
C UNK C 2929 103.09 41.65 87.90
N UNK C 2930 103.44 41.61 89.17
CA UNK C 2930 104.66 42.27 89.66
C UNK C 2930 105.90 41.63 89.03
N UNK C 2931 105.91 40.30 88.98
CA UNK C 2931 107.01 39.57 88.37
C UNK C 2931 107.14 39.92 86.89
N UNK C 2932 106.00 39.99 86.21
CA UNK C 2932 105.96 40.34 84.79
C UNK C 2932 106.47 41.76 84.57
N UNK C 2933 106.10 42.68 85.46
CA UNK C 2933 106.55 44.07 85.37
C UNK C 2933 108.05 44.15 85.57
N UNK C 2934 108.57 43.38 86.52
CA UNK C 2934 110.01 43.32 86.76
C UNK C 2934 110.74 42.81 85.52
N UNK C 2935 110.20 41.75 84.93
CA UNK C 2935 110.78 41.17 83.72
C UNK C 2935 110.75 42.17 82.56
N UNK C 2936 109.65 42.90 82.45
CA UNK C 2936 109.49 43.92 81.41
C UNK C 2936 110.49 45.05 81.58
N UNK C 2937 110.70 45.46 82.84
CA UNK C 2937 111.68 46.49 83.14
C UNK C 2937 113.08 46.02 82.77
N UNK C 2938 113.39 44.76 83.11
CA UNK C 2938 114.67 44.18 82.77
C UNK C 2938 114.89 44.13 81.26
N UNK C 2939 113.84 43.76 80.53
CA UNK C 2939 113.90 43.68 79.08
C UNK C 2939 114.09 45.05 78.44
N UNK C 2940 113.42 46.06 79.01
CA UNK C 2940 113.53 47.43 78.54
C UNK C 2940 114.94 47.95 78.79
N UNK C 2941 115.52 47.53 79.91
CA UNK C 2941 116.90 47.89 80.23
C UNK C 2941 117.85 47.23 79.24
N UNK C 2942 117.52 45.98 78.87
CA UNK C 2942 118.32 45.26 77.89
C UNK C 2942 118.14 45.83 76.49
N UNK C 2961 109.38 37.17 75.54
CA UNK C 2961 109.41 35.74 75.29
C UNK C 2961 108.00 35.17 75.23
N UNK C 2962 107.90 33.88 74.94
CA UNK C 2962 106.61 33.20 74.87
C UNK C 2962 105.92 33.20 76.23
N UNK C 2963 106.70 32.94 77.28
CA UNK C 2963 106.19 32.94 78.64
C UNK C 2963 105.69 34.34 79.03
N UNK C 2964 106.44 35.36 78.62
CA UNK C 2964 106.08 36.74 78.89
C UNK C 2964 104.77 37.10 78.19
N UNK C 2965 104.65 36.68 76.93
CA UNK C 2965 103.44 36.93 76.16
C UNK C 2965 102.24 36.21 76.80
N UNK C 2966 102.47 35.00 77.27
CA UNK C 2966 101.43 34.23 77.94
C UNK C 2966 100.97 34.91 79.21
N UNK C 2967 101.92 35.41 79.98
CA UNK C 2967 101.62 36.13 81.23
C UNK C 2967 100.83 37.40 80.94
N UNK C 2968 101.23 38.11 79.89
CA UNK C 2968 100.53 39.32 79.47
C UNK C 2968 99.09 39.00 79.07
N UNK C 2969 98.92 37.91 78.33
CA UNK C 2969 97.61 37.46 77.90
C UNK C 2969 96.73 37.11 79.09
N UNK C 2970 97.33 36.42 80.07
CA UNK C 2970 96.62 36.05 81.29
C UNK C 2970 96.18 37.28 82.06
N UNK C 2971 97.08 38.26 82.15
CA UNK C 2971 96.77 39.52 82.84
C UNK C 2971 95.63 40.26 82.15
N UNK C 2972 95.68 40.30 80.82
CA UNK C 2972 94.64 40.95 80.04
C UNK C 2972 93.30 40.25 80.23
N UNK C 2973 93.32 38.92 80.26
CA UNK C 2973 92.12 38.13 80.46
C UNK C 2973 91.53 38.38 81.85
N UNK C 2974 92.40 38.46 82.86
CA UNK C 2974 91.97 38.73 84.22
C UNK C 2974 91.33 40.11 84.31
N UNK C 2975 91.96 41.09 83.66
CA UNK C 2975 91.44 42.45 83.64
C UNK C 2975 90.07 42.51 82.96
N UNK C 2976 89.93 41.80 81.85
CA UNK C 2976 88.67 41.74 81.12
C UNK C 2976 87.58 41.09 81.97
N UNK C 2977 87.94 40.03 82.68
CA UNK C 2977 87.00 39.33 83.55
C UNK C 2977 86.56 40.22 84.71
N UNK C 2978 87.50 41.01 85.22
CA UNK C 2978 87.20 41.93 86.31
C UNK C 2978 86.27 43.04 85.82
N UNK C 2979 86.53 43.52 84.61
CA UNK C 2979 85.71 44.58 84.01
C UNK C 2979 84.30 44.07 83.75
N UNK C 2980 84.19 42.84 83.28
CA UNK C 2980 82.89 42.23 83.01
C UNK C 2980 82.19 41.85 84.32
N UNK C 2981 81.13 42.59 84.63
CA UNK C 2981 80.35 42.37 85.85
C UNK C 2981 81.23 42.45 87.10
N UNK C 2982 81.80 43.63 87.34
CA UNK C 2982 82.65 43.84 88.51
C UNK C 2982 81.83 43.78 89.79
N UNK C 2983 80.69 44.45 89.78
CA UNK C 2983 79.78 44.50 90.93
C UNK C 2983 80.48 45.00 92.19
N UNK C 2984 81.26 46.07 92.04
CA UNK C 2984 81.97 46.66 93.17
C UNK C 2984 81.00 47.28 94.16
N UNK C 2985 79.84 47.69 93.66
CA UNK C 2985 78.80 48.26 94.51
C UNK C 2985 78.11 47.17 95.31
N UNK C 2986 77.88 46.02 94.67
CA UNK C 2986 77.27 44.88 95.33
C UNK C 2986 78.22 44.32 96.38
N UNK C 2987 79.50 44.24 96.03
CA UNK C 2987 80.53 43.81 96.97
C UNK C 2987 81.09 45.02 97.71
N UNK C 2988 80.36 45.48 98.72
CA UNK C 2988 80.77 46.63 99.51
C UNK C 2988 82.11 46.38 100.18
N UNK C 2989 82.28 45.17 100.71
CA UNK C 2989 83.56 44.78 101.31
C UNK C 2989 84.59 44.57 100.20
N UNK C 2990 85.66 45.33 100.25
CA UNK C 2990 86.69 45.28 99.22
C UNK C 2990 87.98 44.66 99.73
N UNK C 2991 88.46 43.64 99.03
CA UNK C 2991 89.73 42.99 99.37
C UNK C 2991 90.89 43.84 98.87
N UNK C 2992 92.10 43.51 99.32
CA UNK C 2992 93.29 44.25 98.92
C UNK C 2992 93.61 44.02 97.45
N UNK C 2993 93.56 45.11 96.68
CA UNK C 2993 93.86 45.05 95.25
C UNK C 2993 94.36 46.39 94.75
N UNK C 2994 94.16 47.43 95.55
CA UNK C 2994 94.61 48.77 95.22
C UNK C 2994 96.13 48.81 95.16
N UNK C 2995 96.77 48.04 96.04
CA UNK C 2995 98.23 48.00 96.09
C UNK C 2995 98.82 47.40 94.82
N UNK C 2996 98.00 46.66 94.08
CA UNK C 2996 98.42 46.08 92.82
C UNK C 2996 98.04 46.99 91.66
N UNK C 2997 96.85 47.58 91.75
CA UNK C 2997 96.36 48.48 90.72
C UNK C 2997 97.27 49.70 90.57
N UNK C 2998 97.55 50.36 91.70
CA UNK C 2998 98.41 51.53 91.71
C UNK C 2998 99.82 51.16 91.29
N UNK C 2999 100.26 49.95 91.63
CA UNK C 2999 101.58 49.47 91.23
C UNK C 2999 101.68 49.34 89.71
N UNK C 3000 100.66 48.73 89.12
CA UNK C 3000 100.60 48.57 87.67
C UNK C 3000 100.55 49.93 86.98
N UNK C 3001 99.78 50.84 87.56
CA UNK C 3001 99.67 52.20 87.02
C UNK C 3001 101.01 52.91 87.06
N UNK C 3002 101.72 52.76 88.18
CA UNK C 3002 103.03 53.37 88.35
C UNK C 3002 104.04 52.78 87.37
N UNK C 3003 103.93 51.47 87.12
CA UNK C 3003 104.78 50.81 86.14
C UNK C 3003 104.54 51.38 84.74
N UNK C 3004 103.27 51.50 84.38
CA UNK C 3004 102.87 52.05 83.09
C UNK C 3004 103.34 53.50 82.94
N UNK C 3005 103.32 54.23 84.04
CA UNK C 3005 103.77 55.62 84.04
C UNK C 3005 105.28 55.74 83.90
N UNK C 3006 106.00 54.87 84.60
CA UNK C 3006 107.45 54.81 84.51
C UNK C 3006 107.87 54.46 83.09
N UNK C 3007 107.07 53.62 82.45
CA UNK C 3007 107.23 53.36 81.03
C UNK C 3007 106.96 54.66 80.28
N UNK C 3008 108.03 55.32 79.83
CA UNK C 3008 107.94 56.64 79.21
C UNK C 3008 106.98 56.66 78.02
N UNK C 3009 107.05 55.63 77.19
CA UNK C 3009 106.16 55.53 76.03
C UNK C 3009 105.59 54.12 75.92
N UNK C 3010 104.28 54.00 76.10
CA UNK C 3010 103.61 52.72 75.99
C UNK C 3010 103.67 52.21 74.56
N UNK C 3011 103.55 53.13 73.60
CA UNK C 3011 103.61 52.82 72.18
C UNK C 3011 102.58 51.76 71.79
N UNK C 3012 102.91 50.96 70.77
CA UNK C 3012 102.03 49.89 70.32
C UNK C 3012 102.46 48.56 70.90
N UNK C 3013 103.15 48.62 72.04
CA UNK C 3013 103.64 47.41 72.70
C UNK C 3013 102.77 47.05 73.90
N UNK C 3014 101.93 47.99 74.33
CA UNK C 3014 101.09 47.76 75.50
C UNK C 3014 99.81 48.60 75.47
N UNK C 3015 99.25 48.80 74.28
CA UNK C 3015 97.96 49.49 74.16
C UNK C 3015 96.87 48.66 74.84
N UNK C 3016 96.96 47.35 74.65
CA UNK C 3016 96.04 46.42 75.29
C UNK C 3016 96.20 46.48 76.81
N UNK C 3017 97.44 46.61 77.26
CA UNK C 3017 97.72 46.72 78.69
C UNK C 3017 97.14 48.01 79.26
N UNK C 3018 97.23 49.09 78.49
CA UNK C 3018 96.66 50.37 78.89
C UNK C 3018 95.14 50.27 79.02
N UNK C 3019 94.52 49.62 78.04
CA UNK C 3019 93.07 49.41 78.06
C UNK C 3019 92.68 48.57 79.27
N UNK C 3020 93.48 47.54 79.55
CA UNK C 3020 93.25 46.67 80.69
C UNK C 3020 93.36 47.43 82.00
N UNK C 3021 94.32 48.33 82.07
CA UNK C 3021 94.52 49.17 83.25
C UNK C 3021 93.31 50.08 83.45
N UNK C 3022 92.82 50.65 82.37
CA UNK C 3022 91.63 51.50 82.41
C UNK C 3022 90.43 50.71 82.93
N UNK C 3023 90.27 49.49 82.40
CA UNK C 3023 89.18 48.62 82.81
C UNK C 3023 89.28 48.24 84.28
N UNK C 3024 90.50 47.95 84.74
CA UNK C 3024 90.74 47.58 86.12
C UNK C 3024 90.43 48.76 87.05
N UNK C 3025 90.79 49.96 86.62
CA UNK C 3025 90.49 51.16 87.39
C UNK C 3025 88.98 51.36 87.50
N UNK C 3026 88.29 51.19 86.37
CA UNK C 3026 86.84 51.33 86.34
C UNK C 3026 86.16 50.29 87.24
N UNK C 3027 86.73 49.09 87.28
CA UNK C 3027 86.19 48.02 88.10
C UNK C 3027 86.42 48.27 89.59
N UNK C 3028 87.62 48.73 89.94
CA UNK C 3028 87.97 49.01 91.32
C UNK C 3028 87.20 50.22 91.83
N UNK C 3029 86.83 51.12 90.93
CA UNK C 3029 86.07 52.30 91.29
C UNK C 3029 84.64 51.95 91.70
N UNK C 3104 96.06 58.01 101.05
CA UNK C 3104 95.55 56.65 100.97
C UNK C 3104 96.66 55.68 100.59
N UNK C 3105 97.13 55.78 99.35
CA UNK C 3105 98.18 54.90 98.86
C UNK C 3105 99.41 55.71 98.45
N UNK C 3106 100.56 55.29 98.97
CA UNK C 3106 101.83 55.93 98.62
C UNK C 3106 102.10 55.76 97.13
N UNK C 3107 101.76 54.60 96.60
CA UNK C 3107 101.91 54.32 95.19
C UNK C 3107 101.03 55.27 94.37
N UNK C 3108 99.81 55.50 94.84
CA UNK C 3108 98.89 56.41 94.16
C UNK C 3108 99.41 57.84 94.18
N UNK C 3109 99.97 58.24 95.32
CA UNK C 3109 100.55 59.58 95.45
C UNK C 3109 101.72 59.74 94.49
N UNK C 3110 102.57 58.71 94.42
CA UNK C 3110 103.72 58.72 93.52
C UNK C 3110 103.25 58.79 92.06
N UNK C 3111 102.17 58.08 91.75
CA UNK C 3111 101.60 58.08 90.41
C UNK C 3111 101.08 59.47 90.06
N UNK C 3112 100.44 60.13 91.02
CA UNK C 3112 99.94 61.48 90.80
C UNK C 3112 101.09 62.46 90.56
N UNK C 3113 102.14 62.32 91.35
CA UNK C 3113 103.33 63.14 91.19
C UNK C 3113 103.96 62.92 89.82
N UNK C 3114 104.02 61.67 89.40
CA UNK C 3114 104.57 61.30 88.10
C UNK C 3114 103.72 61.88 86.98
N UNK C 3115 102.41 61.89 87.18
CA UNK C 3115 101.48 62.45 86.19
C UNK C 3115 101.71 63.96 86.05
N UNK C 3116 101.91 64.62 87.19
CA UNK C 3116 102.20 66.05 87.19
C UNK C 3116 103.52 66.33 86.45
N UNK C 3117 104.52 65.52 86.75
CA UNK C 3117 105.83 65.65 86.11
C UNK C 3117 105.73 65.41 84.61
N UNK C 3118 104.89 64.45 84.22
CA UNK C 3118 104.68 64.13 82.82
C UNK C 3118 103.97 65.27 82.11
N UNK C 3119 103.04 65.92 82.81
CA UNK C 3119 102.35 67.09 82.26
C UNK C 3119 103.35 68.21 82.02
N UNK C 3120 104.23 68.42 83.00
CA UNK C 3120 105.28 69.43 82.88
C UNK C 3120 106.20 69.13 81.69
N UNK C 3121 106.57 67.86 81.56
CA UNK C 3121 107.45 67.42 80.47
C UNK C 3121 106.77 67.58 79.12
N UNK C 3122 105.46 67.33 79.07
CA UNK C 3122 104.69 67.50 77.85
C UNK C 3122 104.64 68.97 77.47
N UNK C 3123 104.48 69.84 78.46
CA UNK C 3123 104.50 71.28 78.24
C UNK C 3123 105.85 71.70 77.66
N UNK C 3124 106.92 71.18 78.25
CA UNK C 3124 108.27 71.47 77.80
C UNK C 3124 108.49 71.00 76.36
N UNK C 3125 108.00 69.80 76.05
CA UNK C 3125 108.14 69.22 74.72
C UNK C 3125 107.35 70.03 73.69
N UNK C 3126 106.18 70.50 74.08
CA UNK C 3126 105.35 71.31 73.20
C UNK C 3126 106.01 72.67 72.95
N UNK C 3127 106.68 73.19 73.96
CA UNK C 3127 107.40 74.44 73.84
C UNK C 3127 108.62 74.29 72.93
N UNK C 3128 109.27 73.14 73.04
CA UNK C 3128 110.47 72.85 72.24
C UNK C 3128 110.11 72.64 70.77
N UNK C 3129 109.13 71.77 70.52
CA UNK C 3129 108.70 71.48 69.16
C UNK C 3129 107.22 71.14 69.11
N UNK C 3136 106.18 60.52 74.36
CA UNK C 3136 106.53 61.90 74.66
C UNK C 3136 105.29 62.67 75.11
N UNK C 3137 104.97 63.73 74.37
CA UNK C 3137 103.80 64.56 74.66
C UNK C 3137 102.52 63.74 74.53
N UNK C 3138 102.45 62.92 73.48
CA UNK C 3138 101.30 62.07 73.25
C UNK C 3138 101.13 61.04 74.37
N UNK C 3139 102.26 60.46 74.81
CA UNK C 3139 102.24 59.49 75.89
C UNK C 3139 101.78 60.13 77.19
N UNK C 3140 102.27 61.34 77.45
CA UNK C 3140 101.89 62.08 78.64
C UNK C 3140 100.39 62.40 78.62
N UNK C 3141 99.89 62.80 77.45
CA UNK C 3141 98.48 63.11 77.28
C UNK C 3141 97.63 61.86 77.50
N UNK C 3142 98.10 60.73 76.99
CA UNK C 3142 97.40 59.46 77.17
C UNK C 3142 97.34 59.05 78.63
N UNK C 3143 98.46 59.23 79.33
CA UNK C 3143 98.54 58.93 80.76
C UNK C 3143 97.57 59.82 81.55
N UNK C 3144 97.55 61.09 81.21
CA UNK C 3144 96.66 62.06 81.84
C UNK C 3144 95.20 61.67 81.60
N UNK C 3145 94.89 61.26 80.38
CA UNK C 3145 93.55 60.83 80.01
C UNK C 3145 93.14 59.59 80.80
N UNK C 3146 94.08 58.66 80.96
CA UNK C 3146 93.83 57.44 81.74
C UNK C 3146 93.54 57.77 83.20
N UNK C 3147 94.34 58.67 83.76
CA UNK C 3147 94.15 59.11 85.14
C UNK C 3147 92.80 59.79 85.30
N UNK C 3148 92.44 60.61 84.32
CA UNK C 3148 91.16 61.32 84.35
C UNK C 3148 89.99 60.34 84.25
N UNK C 3149 90.14 59.31 83.42
CA UNK C 3149 89.12 58.29 83.27
C UNK C 3149 88.94 57.53 84.58
N UNK C 3150 90.05 57.24 85.24
CA UNK C 3150 90.02 56.57 86.54
C UNK C 3150 89.29 57.43 87.56
N UNK C 3151 89.61 58.72 87.58
CA UNK C 3151 88.99 59.67 88.49
C UNK C 3151 87.48 59.79 88.23
N UNK C 3152 87.10 59.76 86.96
CA UNK C 3152 85.70 59.86 86.57
C UNK C 3152 84.94 58.61 86.98
N UNK C 3153 85.57 57.45 86.82
CA UNK C 3153 84.98 56.18 87.24
C UNK C 3153 84.79 56.19 88.75
N UNK C 3154 85.77 56.76 89.45
CA UNK C 3154 85.67 56.92 90.90
C UNK C 3154 84.96 58.23 91.23
N UNK C 3155 83.74 58.37 90.75
CA UNK C 3155 82.95 59.59 90.96
C UNK C 3155 82.30 59.59 92.34
N UNK C 3156 81.77 58.44 92.75
CA UNK C 3156 81.12 58.31 94.05
C UNK C 3156 82.16 58.44 95.17
N UNK C 3157 83.35 57.95 94.91
CA UNK C 3157 84.44 58.02 95.89
C UNK C 3157 85.01 59.43 95.95
N UNK C 3158 85.13 59.97 97.15
CA UNK C 3158 85.66 61.31 97.34
C UNK C 3158 87.16 61.35 97.10
N UNK C 3159 87.65 62.46 96.57
CA UNK C 3159 89.07 62.63 96.29
C UNK C 3159 89.86 62.82 97.59
N UNK C 3160 91.12 62.41 97.56
CA UNK C 3160 91.98 62.53 98.74
C UNK C 3160 92.48 63.96 98.91
N UNK C 3161 92.49 64.69 97.80
CA UNK C 3161 92.92 66.10 97.78
C UNK C 3161 94.34 66.27 98.31
N UNK C 3162 95.24 65.38 97.89
CA UNK C 3162 96.64 65.46 98.26
C UNK C 3162 97.48 65.84 97.04
N UNK C 3163 98.08 67.02 97.07
CA UNK C 3163 98.84 67.57 95.95
C UNK C 3163 97.99 67.69 94.70
N UNK C 3164 96.67 67.68 94.90
CA UNK C 3164 95.72 67.81 93.80
C UNK C 3164 95.84 69.19 93.17
N UNK C 3165 96.08 70.19 94.01
CA UNK C 3165 96.29 71.57 93.53
C UNK C 3165 97.50 71.62 92.62
N UNK C 3166 98.58 70.97 93.03
CA UNK C 3166 99.81 70.92 92.25
C UNK C 3166 99.58 70.20 90.92
N UNK C 3167 98.85 69.09 90.97
CA UNK C 3167 98.54 68.32 89.77
C UNK C 3167 97.72 69.15 88.78
N UNK C 3168 96.72 69.86 89.31
CA UNK C 3168 95.87 70.71 88.49
C UNK C 3168 96.67 71.86 87.89
N UNK C 3169 97.60 72.41 88.67
CA UNK C 3169 98.46 73.49 88.19
C UNK C 3169 99.34 72.99 87.05
N UNK C 3170 99.90 71.79 87.21
CA UNK C 3170 100.74 71.19 86.17
C UNK C 3170 99.93 70.97 84.90
N UNK C 3171 98.72 70.45 85.05
CA UNK C 3171 97.84 70.19 83.92
C UNK C 3171 97.49 71.50 83.18
N UNK C 3172 97.19 72.53 83.96
CA UNK C 3172 96.86 73.84 83.40
C UNK C 3172 98.06 74.44 82.67
N UNK C 3173 99.25 74.25 83.23
CA UNK C 3173 100.47 74.73 82.60
C UNK C 3173 100.70 74.02 81.27
N UNK C 3174 100.47 72.70 81.26
CA UNK C 3174 100.59 71.91 80.06
C UNK C 3174 99.62 72.39 78.98
N UNK C 3175 98.38 72.63 79.40
CA UNK C 3175 97.35 73.11 78.48
C UNK C 3175 97.71 74.47 77.91
N UNK C 3176 98.22 75.36 78.77
CA UNK C 3176 98.62 76.70 78.35
C UNK C 3176 99.78 76.62 77.36
N UNK C 3177 100.73 75.73 77.62
CA UNK C 3177 101.87 75.55 76.72
C UNK C 3177 101.40 75.03 75.36
N UNK C 3178 100.45 74.09 75.38
CA UNK C 3178 99.91 73.53 74.16
C UNK C 3178 99.17 74.59 73.36
N UNK C 3179 98.46 75.47 74.06
CA UNK C 3179 97.73 76.56 73.42
C UNK C 3179 98.69 77.60 72.82
N UNK C 3180 99.77 77.88 73.54
CA UNK C 3180 100.76 78.85 73.10
C UNK C 3180 101.52 78.35 71.88
N UNK C 3181 101.90 77.08 71.89
CA UNK C 3181 102.58 76.47 70.76
C UNK C 3181 101.60 76.29 69.60
N UNK C 3182 101.84 77.00 68.52
CA UNK C 3182 100.95 76.98 67.36
C UNK C 3182 100.94 75.62 66.67
N UNK C 3183 99.74 75.10 66.43
CA UNK C 3183 99.53 73.84 65.75
C UNK C 3183 100.27 72.69 66.43
N UNK C 3184 100.26 72.69 67.76
CA UNK C 3184 100.92 71.63 68.53
C UNK C 3184 99.90 70.84 69.33
N UNK C 3185 98.66 71.31 69.34
CA UNK C 3185 97.59 70.63 70.05
C UNK C 3185 97.24 69.32 69.35
N UNK C 3186 97.00 69.42 68.04
CA UNK C 3186 96.69 68.26 67.20
C UNK C 3186 95.50 67.46 67.74
N UNK C 3187 94.47 68.19 68.17
CA UNK C 3187 93.27 67.58 68.76
C UNK C 3187 93.63 66.66 69.92
N UNK C 3188 94.42 67.17 70.85
CA UNK C 3188 94.90 66.38 71.98
C UNK C 3188 93.76 65.94 72.88
N UNK C 3189 93.97 64.82 73.58
CA UNK C 3189 92.97 64.29 74.50
C UNK C 3189 93.07 64.98 75.85
N UNK C 3190 93.89 66.02 75.92
CA UNK C 3190 94.06 66.80 77.15
C UNK C 3190 92.76 67.49 77.52
N UNK C 3191 92.00 67.90 76.51
CA UNK C 3191 90.70 68.52 76.73
C UNK C 3191 89.74 67.54 77.40
N UNK C 3192 89.70 66.32 76.89
CA UNK C 3192 88.85 65.27 77.45
C UNK C 3192 89.31 64.93 78.86
N UNK C 3193 90.61 64.92 79.08
CA UNK C 3193 91.18 64.64 80.39
C UNK C 3193 90.75 65.70 81.40
N UNK C 3194 90.81 66.96 80.99
CA UNK C 3194 90.40 68.07 81.83
C UNK C 3194 88.90 68.00 82.11
N UNK C 3195 88.12 67.61 81.11
CA UNK C 3195 86.68 67.46 81.27
C UNK C 3195 86.34 66.38 82.28
N UNK C 3196 87.11 65.28 82.23
CA UNK C 3196 86.86 64.15 83.11
C UNK C 3196 87.35 64.41 84.54
N UNK C 3197 88.43 65.15 84.68
CA UNK C 3197 89.02 65.40 86.00
C UNK C 3197 88.70 66.80 86.52
N UNK C 3198 87.72 67.46 85.91
CA UNK C 3198 87.31 68.79 86.33
C UNK C 3198 86.70 68.76 87.73
N UNK C 3199 85.96 67.70 88.03
CA UNK C 3199 85.34 67.53 89.34
C UNK C 3199 86.39 67.20 90.39
N UNK C 3200 86.77 68.20 91.17
CA UNK C 3200 87.77 68.02 92.23
C UNK C 3200 87.31 68.65 93.53
N UNK C 3201 88.11 68.51 94.58
CA UNK C 3201 87.79 69.08 95.88
C UNK C 3201 87.94 70.60 95.87
N UNK C 3202 88.84 71.09 95.02
CA UNK C 3202 89.09 72.51 94.90
C UNK C 3202 89.37 72.91 93.47
N UNK C 3231 86.71 74.51 97.49
CA UNK C 3231 85.42 75.05 97.91
C UNK C 3231 85.24 76.48 97.39
N UNK C 3232 85.61 77.46 98.20
CA UNK C 3232 85.47 78.86 97.83
C UNK C 3232 86.40 79.22 96.67
N UNK C 3233 87.63 78.72 96.73
CA UNK C 3233 88.61 78.94 95.67
C UNK C 3233 88.13 78.30 94.37
N UNK C 3234 87.57 77.10 94.49
CA UNK C 3234 87.01 76.39 93.34
C UNK C 3234 85.87 77.18 92.73
N UNK C 3235 85.01 77.74 93.58
CA UNK C 3235 83.88 78.54 93.13
C UNK C 3235 84.35 79.80 92.41
N UNK C 3236 85.38 80.43 92.95
CA UNK C 3236 85.96 81.64 92.34
C UNK C 3236 86.55 81.32 90.97
N UNK C 3237 87.27 80.21 90.89
CA UNK C 3237 87.85 79.76 89.63
C UNK C 3237 86.76 79.46 88.60
N UNK C 3238 85.68 78.84 89.07
CA UNK C 3238 84.55 78.52 88.21
C UNK C 3238 83.90 79.80 87.70
N UNK C 3239 83.77 80.80 88.56
CA UNK C 3239 83.20 82.08 88.18
C UNK C 3239 84.06 82.78 87.12
N UNK C 3240 85.38 82.73 87.32
CA UNK C 3240 86.31 83.30 86.37
C UNK C 3240 86.20 82.61 85.01
N UNK C 3241 86.13 81.28 85.05
CA UNK C 3241 85.98 80.48 83.84
C UNK C 3241 84.67 80.80 83.13
N UNK C 3242 83.62 81.00 83.90
CA UNK C 3242 82.31 81.33 83.35
C UNK C 3242 82.34 82.71 82.69
N UNK C 3243 83.04 83.65 83.30
CA UNK C 3243 83.20 84.98 82.73
C UNK C 3243 83.95 84.90 81.40
N UNK C 3244 85.02 84.11 81.39
CA UNK C 3244 85.81 83.90 80.17
C UNK C 3244 84.96 83.27 79.07
N UNK C 3245 84.14 82.30 79.46
CA UNK C 3245 83.27 81.61 78.51
C UNK C 3245 82.21 82.55 77.96
N UNK C 3246 81.69 83.42 78.81
CA UNK C 3246 80.71 84.42 78.38
C UNK C 3246 81.34 85.37 77.37
N UNK C 3247 82.58 85.76 77.65
CA UNK C 3247 83.32 86.62 76.73
C UNK C 3247 83.51 85.92 75.38
N UNK C 3248 83.91 84.65 75.43
CA UNK C 3248 84.11 83.87 74.22
C UNK C 3248 82.82 83.69 73.42
N UNK C 3249 81.71 83.55 74.13
CA UNK C 3249 80.40 83.38 73.51
C UNK C 3249 79.96 84.68 72.85
N UNK C 3250 80.25 85.80 73.51
CA UNK C 3250 79.98 87.12 72.94
C UNK C 3250 80.81 87.29 71.67
N UNK C 3251 82.04 86.77 71.71
CA UNK C 3251 82.90 86.73 70.54
C UNK C 3251 82.36 85.73 69.52
N UNK C 3252 82.89 85.79 68.31
CA UNK C 3252 82.42 84.92 67.23
C UNK C 3252 82.98 83.50 67.37
N UNK C 3253 84.31 83.40 67.32
CA UNK C 3253 85.01 82.11 67.40
C UNK C 3253 84.52 81.16 66.31
N UNK C 3254 84.73 81.54 65.06
CA UNK C 3254 84.30 80.72 63.94
C UNK C 3254 85.44 79.85 63.42
N UNK C 3255 86.67 80.22 63.78
CA UNK C 3255 87.85 79.46 63.36
C UNK C 3255 87.92 78.13 64.10
N UNK C 3256 88.62 77.16 63.50
CA UNK C 3256 88.74 75.84 64.09
C UNK C 3256 89.52 75.87 65.39
N UNK C 3257 90.62 76.64 65.41
CA UNK C 3257 91.44 76.76 66.60
C UNK C 3257 90.66 77.43 67.74
N UNK C 3258 89.94 78.49 67.40
CA UNK C 3258 89.11 79.20 68.37
C UNK C 3258 88.02 78.27 68.91
N UNK C 3259 87.45 77.47 68.02
CA UNK C 3259 86.40 76.52 68.41
C UNK C 3259 86.96 75.48 69.38
N UNK C 3260 88.17 74.99 69.09
CA UNK C 3260 88.82 74.01 69.94
C UNK C 3260 89.13 74.61 71.31
N UNK C 3261 89.59 75.86 71.32
CA UNK C 3261 89.88 76.57 72.57
C UNK C 3261 88.61 76.74 73.40
N UNK C 3262 87.52 77.12 72.74
CA UNK C 3262 86.24 77.30 73.40
C UNK C 3262 85.73 75.97 73.95
N UNK C 3263 85.96 74.89 73.21
CA UNK C 3263 85.55 73.56 73.64
C UNK C 3263 86.33 73.14 74.88
N UNK C 3264 87.63 73.43 74.88
CA UNK C 3264 88.48 73.13 76.04
C UNK C 3264 88.02 73.92 77.26
N UNK C 3265 87.70 75.20 77.04
CA UNK C 3265 87.20 76.06 78.10
C UNK C 3265 85.90 75.53 78.68
N UNK C 3266 85.00 75.09 77.80
CA UNK C 3266 83.71 74.53 78.22
C UNK C 3266 83.92 73.24 79.00
N UNK C 3267 84.87 72.43 78.55
CA UNK C 3267 85.19 71.17 79.23
C UNK C 3267 85.73 71.44 80.62
N UNK C 3268 86.53 72.49 80.75
CA UNK C 3268 87.10 72.87 82.04
C UNK C 3268 86.03 73.44 82.97
N UNK C 3269 85.09 74.18 82.39
CA UNK C 3269 84.04 74.83 83.18
C UNK C 3269 82.91 73.86 83.54
N UNK C 3270 82.85 72.73 82.85
CA UNK C 3270 81.83 71.72 83.11
C UNK C 3270 81.88 71.19 84.53
N UNK C 3271 80.76 70.65 84.98
CA UNK C 3271 80.62 70.05 86.31
C UNK C 3271 80.83 71.05 87.45
N UNK C 3272 80.88 72.34 87.11
CA UNK C 3272 81.06 73.38 88.12
C UNK C 3272 79.84 73.47 89.04
N UNK C 3273 78.67 73.23 88.47
CA UNK C 3273 77.43 73.24 89.23
C UNK C 3273 77.27 71.96 90.03
N UNK C 3274 77.81 70.87 89.49
CA UNK C 3274 77.73 69.56 90.16
C UNK C 3274 78.65 69.55 91.37
N UNK C 3275 79.80 70.21 91.26
CA UNK C 3275 80.76 70.29 92.35
C UNK C 3275 80.39 71.43 93.30
N UNK C 3276 79.15 71.42 93.78
CA UNK C 3276 78.68 72.46 94.69
C UNK C 3276 78.08 71.83 95.95
N UNK C 3277 77.89 72.64 96.98
CA UNK C 3277 77.33 72.16 98.25
C UNK C 3277 75.87 72.57 98.39
N UNK C 3278 74.98 71.57 98.38
CA UNK C 3278 73.54 71.79 98.53
C UNK C 3278 72.99 72.75 97.48
N UNK C 3279 73.57 72.72 96.29
CA UNK C 3279 73.16 73.58 95.18
C UNK C 3279 73.15 75.05 95.58
N UNK C 3280 74.32 75.56 95.95
CA UNK C 3280 74.45 76.96 96.37
C UNK C 3280 74.23 77.92 95.21
N UNK C 3281 74.75 77.56 94.04
CA UNK C 3281 74.61 78.39 92.86
C UNK C 3281 73.84 77.66 91.76
N UNK C 3282 72.64 78.15 91.46
CA UNK C 3282 71.80 77.57 90.43
C UNK C 3282 71.51 78.60 89.35
N UNK C 3283 71.32 79.85 89.76
CA UNK C 3283 71.03 80.93 88.82
C UNK C 3283 72.20 81.16 87.87
N UNK C 3284 73.41 81.12 88.39
CA UNK C 3284 74.60 81.31 87.58
C UNK C 3284 74.75 80.18 86.57
N UNK C 3285 74.47 78.96 87.03
CA UNK C 3285 74.52 77.79 86.15
C UNK C 3285 73.48 77.90 85.04
N UNK C 3286 72.30 78.37 85.40
CA UNK C 3286 71.22 78.56 84.42
C UNK C 3286 71.60 79.62 83.39
N UNK C 3287 72.23 80.70 83.86
CA UNK C 3287 72.67 81.77 82.97
C UNK C 3287 73.73 81.25 82.00
N UNK C 3288 74.67 80.47 82.52
CA UNK C 3288 75.72 79.88 81.70
C UNK C 3288 75.11 78.93 80.66
N UNK C 3289 74.12 78.17 81.08
CA UNK C 3289 73.42 77.25 80.19
C UNK C 3289 72.69 78.01 79.08
N UNK C 3290 72.07 79.12 79.44
CA UNK C 3290 71.37 79.95 78.46
C UNK C 3290 72.35 80.53 77.45
N UNK C 3291 73.50 80.97 77.95
CA UNK C 3291 74.55 81.51 77.09
C UNK C 3291 75.06 80.45 76.11
N UNK C 3292 75.27 79.24 76.63
CA UNK C 3292 75.73 78.12 75.81
C UNK C 3292 74.68 77.76 74.75
N UNK C 3293 73.42 77.79 75.14
CA UNK C 3293 72.32 77.50 74.24
C UNK C 3293 72.26 78.53 73.12
N UNK C 3294 72.46 79.80 73.46
CA UNK C 3294 72.49 80.86 72.48
C UNK C 3294 73.65 80.67 71.51
N UNK C 3295 74.81 80.32 72.05
CA UNK C 3295 76.01 80.08 71.25
C UNK C 3295 75.79 78.93 70.28
N UNK C 3296 75.07 77.90 70.75
CA UNK C 3296 74.78 76.73 69.92
C UNK C 3296 73.76 77.07 68.84
N UNK C 3297 72.76 77.87 69.20
CA UNK C 3297 71.73 78.29 68.26
C UNK C 3297 72.34 79.16 67.17
N UNK C 3298 73.39 79.89 67.53
CA UNK C 3298 74.15 80.65 66.54
C UNK C 3298 74.71 79.70 65.49
N UNK C 3299 74.74 80.16 64.24
CA UNK C 3299 75.18 79.33 63.12
C UNK C 3299 76.61 78.86 63.28
N UNK C 3300 76.82 77.55 63.12
CA UNK C 3300 78.15 76.97 63.26
C UNK C 3300 78.50 76.14 62.02
N UNK C 3301 79.77 76.21 61.63
CA UNK C 3301 80.25 75.48 60.46
C UNK C 3301 80.40 74.00 60.77
N UNK C 3302 80.14 73.16 59.76
CA UNK C 3302 80.23 71.71 59.93
C UNK C 3302 81.63 71.20 59.58
N UNK C 3303 82.54 72.13 59.29
CA UNK C 3303 83.90 71.77 58.93
C UNK C 3303 84.90 72.29 59.96
N UNK C 3304 84.38 72.91 61.02
CA UNK C 3304 85.23 73.46 62.07
C UNK C 3304 84.56 73.37 63.44
N UNK C 3305 83.24 73.59 63.46
CA UNK C 3305 82.49 73.57 64.71
C UNK C 3305 81.58 72.36 64.81
N UNK C 3306 81.78 71.38 63.94
CA UNK C 3306 80.99 70.16 63.96
C UNK C 3306 81.26 69.37 65.23
N UNK C 3307 82.53 69.21 65.57
CA UNK C 3307 82.94 68.53 66.79
C UNK C 3307 82.44 69.28 68.02
N UNK C 3308 82.47 70.60 67.93
CA UNK C 3308 81.98 71.44 69.03
C UNK C 3308 80.49 71.22 69.25
N UNK C 3309 79.73 71.19 68.16
CA UNK C 3309 78.30 70.95 68.24
C UNK C 3309 78.00 69.56 68.79
N UNK C 3310 78.80 68.58 68.36
CA UNK C 3310 78.66 67.22 68.85
C UNK C 3310 78.89 67.15 70.36
N UNK C 3311 79.94 67.82 70.82
CA UNK C 3311 80.27 67.86 72.25
C UNK C 3311 79.18 68.57 73.03
N UNK C 3312 78.63 69.64 72.45
CA UNK C 3312 77.55 70.38 73.09
C UNK C 3312 76.30 69.53 73.24
N UNK C 3313 76.00 68.76 72.21
CA UNK C 3313 74.85 67.86 72.22
C UNK C 3313 75.05 66.73 73.22
N UNK C 3314 76.29 66.26 73.33
CA UNK C 3314 76.62 65.19 74.27
C UNK C 3314 76.52 65.67 75.72
N UNK C 3315 77.01 66.87 75.98
CA UNK C 3315 76.98 67.43 77.32
C UNK C 3315 75.61 68.03 77.64
N UNK C 3316 74.85 67.34 78.48
CA UNK C 3316 73.53 67.81 78.89
C UNK C 3316 73.56 68.29 80.34
N UNK C 3317 74.77 68.53 80.84
CA UNK C 3317 74.94 69.00 82.21
C UNK C 3317 74.46 70.44 82.37
N UNK C 3318 74.50 71.19 81.27
CA UNK C 3318 74.05 72.58 81.27
C UNK C 3318 72.53 72.66 81.40
N UNK C 3319 71.83 71.81 80.66
CA UNK C 3319 70.37 71.78 80.68
C UNK C 3319 69.85 71.31 82.03
N UNK C 3320 70.66 70.52 82.73
CA UNK C 3320 70.29 70.03 84.04
C UNK C 3320 70.42 71.13 85.10
N UNK C 3321 69.62 71.03 86.15
CA UNK C 3321 69.61 72.00 87.24
C UNK C 3321 69.36 73.42 86.75
N UNK C 3322 68.30 73.59 85.96
CA UNK C 3322 67.95 74.90 85.42
C UNK C 3322 66.59 75.34 85.95
N UNK C 3323 66.46 76.64 86.22
CA UNK C 3323 65.22 77.21 86.74
C UNK C 3323 64.13 77.23 85.68
N UNK C 3324 62.88 77.36 86.12
CA UNK C 3324 61.73 77.33 85.22
C UNK C 3324 61.70 78.52 84.27
N UNK C 3325 62.07 79.69 84.76
CA UNK C 3325 62.11 80.89 83.92
C UNK C 3325 63.27 80.80 82.94
N UNK C 3326 64.41 80.33 83.44
CA UNK C 3326 65.57 80.07 82.59
C UNK C 3326 65.21 79.00 81.57
N UNK C 3327 64.41 78.02 82.02
CA UNK C 3327 63.93 76.97 81.12
C UNK C 3327 63.04 77.55 80.03
N UNK C 3328 62.22 78.53 80.37
CA UNK C 3328 61.34 79.18 79.41
C UNK C 3328 62.14 79.96 78.38
N UNK C 3329 63.15 80.68 78.85
CA UNK C 3329 64.05 81.43 77.98
C UNK C 3329 64.76 80.48 77.02
N UNK C 3330 65.25 79.37 77.57
CA UNK C 3330 65.93 78.35 76.79
C UNK C 3330 64.98 77.72 75.78
N UNK C 3331 63.71 77.57 76.16
CA UNK C 3331 62.69 77.01 75.28
C UNK C 3331 62.43 77.94 74.11
N UNK C 3332 62.38 79.24 74.39
CA UNK C 3332 62.20 80.24 73.33
C UNK C 3332 63.38 80.20 72.35
N UNK C 3333 64.58 80.17 72.92
CA UNK C 3333 65.81 80.09 72.12
C UNK C 3333 65.82 78.81 71.27
N UNK C 3334 65.37 77.72 71.87
CA UNK C 3334 65.33 76.43 71.19
C UNK C 3334 64.29 76.44 70.09
N UNK C 3335 63.18 77.14 70.31
CA UNK C 3335 62.16 77.28 69.28
C UNK C 3335 62.72 78.03 68.09
N UNK C 3336 63.45 79.09 68.37
CA UNK C 3336 64.11 79.87 67.31
C UNK C 3336 65.09 79.00 66.53
N UNK C 3337 65.94 78.27 67.27
CA UNK C 3337 66.94 77.39 66.67
C UNK C 3337 66.29 76.29 65.84
N UNK C 3338 65.16 75.76 66.32
CA UNK C 3338 64.46 74.70 65.63
C UNK C 3338 63.81 75.23 64.37
N UNK C 3339 63.32 76.46 64.41
CA UNK C 3339 62.78 77.11 63.23
C UNK C 3339 63.88 77.24 62.18
N UNK C 3340 65.06 77.67 62.63
CA UNK C 3340 66.22 77.80 61.76
C UNK C 3340 66.61 76.46 61.12
N UNK C 3341 66.64 75.42 61.96
CA UNK C 3341 66.99 74.08 61.52
C UNK C 3341 65.97 73.54 60.52
N UNK C 3342 64.70 73.81 60.77
CA UNK C 3342 63.63 73.39 59.88
C UNK C 3342 63.76 74.10 58.54
N UNK C 3343 64.10 75.38 58.58
CA UNK C 3343 64.32 76.15 57.35
C UNK C 3343 65.47 75.55 56.55
N UNK C 3344 66.55 75.21 57.25
CA UNK C 3344 67.72 74.61 56.62
C UNK C 3344 67.37 73.26 55.98
N UNK C 3345 66.61 72.45 56.71
CA UNK C 3345 66.19 71.13 56.23
C UNK C 3345 65.28 71.27 55.01
N UNK C 3346 64.39 72.26 55.04
CA UNK C 3346 63.48 72.52 53.93
C UNK C 3346 64.26 72.95 52.70
N UNK C 3347 65.27 73.79 52.91
CA UNK C 3347 66.13 74.24 51.82
C UNK C 3347 66.87 73.06 51.21
N UNK C 3348 67.37 72.17 52.07
CA UNK C 3348 68.08 70.98 51.61
C UNK C 3348 67.15 70.06 50.80
N UNK C 3349 65.93 69.88 51.29
CA UNK C 3349 64.94 69.05 50.62
C UNK C 3349 64.56 69.64 49.27
N UNK C 3350 64.43 70.96 49.21
CA UNK C 3350 64.11 71.65 47.96
C UNK C 3350 65.25 71.47 46.96
N UNK C 3351 66.48 71.60 47.44
CA UNK C 3351 67.65 71.42 46.60
C UNK C 3351 67.69 70.00 46.05
N UNK C 3352 67.36 69.03 46.91
CA UNK C 3352 67.32 67.63 46.51
C UNK C 3352 66.26 67.39 45.43
N UNK C 3353 65.07 67.96 45.64
CA UNK C 3353 63.97 67.81 44.69
C UNK C 3353 64.30 68.46 43.35
N UNK C 3354 65.04 69.56 43.39
CA UNK C 3354 65.43 70.28 42.18
C UNK C 3354 66.54 69.55 41.43
N UNK C 3355 67.44 68.90 42.18
CA UNK C 3355 68.56 68.18 41.58
C UNK C 3355 68.13 66.80 41.10
N UNK C 3356 67.00 66.30 41.61
CA UNK C 3356 66.49 65.00 41.22
C UNK C 3356 66.07 64.99 39.75
N UNK C 3357 66.98 64.55 38.89
CA UNK C 3357 66.71 64.49 37.45
C UNK C 3357 67.44 63.31 36.81
N UNK C 3358 67.77 63.47 35.53
CA UNK C 3358 68.47 62.41 34.79
C UNK C 3358 69.96 62.42 35.10
N UNK C 3359 70.45 63.54 35.60
CA UNK C 3359 71.86 63.69 35.93
C UNK C 3359 72.22 62.89 37.19
N UNK C 3360 73.51 62.71 37.43
CA UNK C 3360 73.97 61.94 38.58
C UNK C 3360 74.77 62.81 39.54
N UNK C 3361 75.50 63.79 39.01
CA UNK C 3361 76.30 64.68 39.82
C UNK C 3361 75.43 65.54 40.74
N UNK C 3362 74.36 66.07 40.16
CA UNK C 3362 73.40 66.86 40.92
C UNK C 3362 72.77 66.02 42.01
N UNK C 3363 72.45 64.77 41.67
CA UNK C 3363 71.85 63.84 42.62
C UNK C 3363 72.80 63.56 43.79
N UNK C 3364 74.07 63.35 43.47
CA UNK C 3364 75.08 63.08 44.50
C UNK C 3364 75.27 64.29 45.41
N UNK C 3365 75.31 65.48 44.81
CA UNK C 3365 75.45 66.71 45.58
C UNK C 3365 74.25 66.90 46.51
N UNK C 3366 73.07 66.62 45.98
CA UNK C 3366 71.83 66.72 46.75
C UNK C 3366 71.83 65.74 47.92
N UNK C 3367 72.29 64.52 47.66
CA UNK C 3367 72.38 63.49 48.68
C UNK C 3367 73.34 63.92 49.80
N UNK C 3368 74.48 64.47 49.41
CA UNK C 3368 75.47 64.94 50.38
C UNK C 3368 74.91 66.06 51.24
N UNK C 3369 74.27 67.03 50.59
CA UNK C 3369 73.68 68.17 51.28
C UNK C 3369 72.59 67.70 52.24
N UNK C 3370 71.77 66.75 51.80
CA UNK C 3370 70.70 66.20 52.61
C UNK C 3370 71.26 65.47 53.81
N UNK C 3371 72.34 64.73 53.60
CA UNK C 3371 73.00 64.02 54.70
C UNK C 3371 73.51 65.00 55.75
N UNK C 3372 74.19 66.05 55.29
CA UNK C 3372 74.71 67.06 56.19
C UNK C 3372 73.59 67.73 56.98
N UNK C 3373 72.53 68.13 56.28
CA UNK C 3373 71.39 68.79 56.89
C UNK C 3373 70.70 67.87 57.89
N UNK C 3374 70.60 66.58 57.57
CA UNK C 3374 69.95 65.62 58.44
C UNK C 3374 70.78 65.40 59.70
N UNK C 3375 72.10 65.36 59.56
CA UNK C 3375 72.99 65.23 60.71
C UNK C 3375 72.82 66.44 61.64
N UNK C 3376 72.81 67.62 61.04
CA UNK C 3376 72.63 68.86 61.79
C UNK C 3376 71.28 68.86 62.52
N UNK C 3377 70.24 68.47 61.82
CA UNK C 3377 68.89 68.43 62.37
C UNK C 3377 68.79 67.42 63.49
N UNK C 3378 69.47 66.28 63.35
CA UNK C 3378 69.46 65.24 64.38
C UNK C 3378 70.14 65.76 65.64
N UNK C 3379 71.27 66.44 65.47
CA UNK C 3379 71.98 67.03 66.60
C UNK C 3379 71.09 68.06 67.31
N UNK C 3380 70.46 68.93 66.51
CA UNK C 3380 69.58 69.96 67.03
C UNK C 3380 68.40 69.37 67.78
N UNK C 3381 67.83 68.29 67.23
CA UNK C 3381 66.69 67.63 67.84
C UNK C 3381 67.08 66.97 69.14
N UNK C 3382 68.27 66.36 69.18
CA UNK C 3382 68.78 65.76 70.40
C UNK C 3382 68.93 66.82 71.49
N UNK C 3383 69.50 67.96 71.11
CA UNK C 3383 69.67 69.07 72.03
C UNK C 3383 68.33 69.58 72.56
N UNK C 3384 67.37 69.76 71.64
CA UNK C 3384 66.05 70.24 71.99
C UNK C 3384 65.33 69.27 72.91
N UNK C 3385 65.55 67.98 72.69
CA UNK C 3385 64.94 66.94 73.52
C UNK C 3385 65.54 66.97 74.92
N UNK C 3386 66.85 67.10 74.99
CA UNK C 3386 67.55 67.20 76.27
C UNK C 3386 67.06 68.43 77.04
N UNK C 3387 66.75 69.49 76.31
CA UNK C 3387 66.27 70.73 76.92
C UNK C 3387 64.83 70.60 77.43
N UNK C 3388 63.95 70.08 76.57
CA UNK C 3388 62.52 70.02 76.89
C UNK C 3388 62.18 68.80 77.74
N UNK C 3389 63.17 67.97 78.05
CA UNK C 3389 62.96 66.82 78.91
C UNK C 3389 62.64 67.25 80.33
N UNK C 3390 63.11 68.43 80.70
CA UNK C 3390 62.86 68.98 82.03
C UNK C 3390 61.64 69.89 82.02
N UNK C 3391 61.38 70.53 80.88
CA UNK C 3391 60.24 71.43 80.74
C UNK C 3391 58.92 70.69 80.83
N UNK C 3392 58.86 69.53 80.18
CA UNK C 3392 57.66 68.71 80.18
C UNK C 3392 57.50 67.99 81.50
N UNK C 3393 58.62 67.78 82.19
CA UNK C 3393 58.61 67.09 83.49
C UNK C 3393 58.22 68.04 84.61
N UNK C 3394 58.58 69.31 84.46
CA UNK C 3394 58.27 70.32 85.47
C UNK C 3394 56.79 70.69 85.43
N UNK C 3395 56.28 70.90 84.22
CA UNK C 3395 54.87 71.27 84.04
C UNK C 3395 54.20 70.36 83.02
N UNK C 3396 53.18 69.64 83.46
CA UNK C 3396 52.43 68.74 82.58
C UNK C 3396 51.51 69.53 81.67
N UNK C 3397 51.12 70.72 82.11
CA UNK C 3397 50.23 71.59 81.35
C UNK C 3397 50.47 73.05 81.70
N UNK C 3398 50.67 73.87 80.68
CA UNK C 3398 50.90 75.30 80.88
C UNK C 3398 50.54 76.09 79.63
N UNK C 3399 50.20 77.36 79.81
CA UNK C 3399 49.87 78.24 78.71
C UNK C 3399 51.11 78.94 78.19
N UNK C 3400 52.12 78.16 77.83
CA UNK C 3400 53.38 78.71 77.34
C UNK C 3400 53.41 78.73 75.81
N UNK C 3401 53.26 79.93 75.25
CA UNK C 3401 53.28 80.11 73.81
C UNK C 3401 54.64 79.72 73.24
N UNK C 3402 55.70 80.03 73.98
CA UNK C 3402 57.06 79.68 73.57
C UNK C 3402 57.22 78.17 73.48
N UNK C 3403 56.76 77.46 74.51
CA UNK C 3403 56.84 76.00 74.54
C UNK C 3403 56.00 75.40 73.42
N UNK C 3404 54.82 75.98 73.18
CA UNK C 3404 53.94 75.51 72.11
C UNK C 3404 54.62 75.66 70.75
N UNK C 3405 55.24 76.80 70.51
CA UNK C 3405 55.94 77.07 69.27
C UNK C 3405 57.13 76.12 69.11
N UNK C 3406 57.84 75.87 70.21
CA UNK C 3406 58.97 74.96 70.20
C UNK C 3406 58.52 73.55 69.82
N UNK C 3407 57.42 73.11 70.42
CA UNK C 3407 56.85 71.80 70.11
C UNK C 3407 56.43 71.70 68.65
N UNK C 3408 55.80 72.76 68.16
CA UNK C 3408 55.36 72.82 66.76
C UNK C 3408 56.55 72.72 65.81
N UNK C 3409 57.61 73.46 66.12
CA UNK C 3409 58.81 73.46 65.31
C UNK C 3409 59.47 72.08 65.33
N UNK C 3410 59.49 71.46 66.51
CA UNK C 3410 60.06 70.13 66.67
C UNK C 3410 59.29 69.12 65.82
N UNK C 3411 57.97 69.22 65.84
CA UNK C 3411 57.12 68.34 65.05
C UNK C 3411 57.36 68.54 63.55
N UNK C 3412 57.44 69.80 63.14
CA UNK C 3412 57.68 70.13 61.74
C UNK C 3412 59.03 69.61 61.27
N UNK C 3413 60.02 69.65 62.15
CA UNK C 3413 61.36 69.16 61.83
C UNK C 3413 61.39 67.64 61.79
N UNK C 3414 60.65 67.00 62.68
CA UNK C 3414 60.61 65.55 62.75
C UNK C 3414 59.80 64.96 61.60
N UNK C 3415 58.92 65.76 61.02
CA UNK C 3415 58.14 65.33 59.86
C UNK C 3415 59.05 64.93 58.71
N UNK C 3416 60.09 65.72 58.47
CA UNK C 3416 61.04 65.45 57.40
C UNK C 3416 61.83 64.17 57.66
N UNK C 3417 62.19 63.95 58.92
CA UNK C 3417 62.92 62.75 59.31
C UNK C 3417 62.05 61.51 59.16
N UNK C 3418 60.76 61.67 59.45
CA UNK C 3418 59.80 60.58 59.32
C UNK C 3418 59.50 60.30 57.85
N UNK C 3419 59.66 61.33 57.01
CA UNK C 3419 59.42 61.18 55.58
C UNK C 3419 60.43 60.23 54.95
N UNK C 3420 59.96 59.42 54.01
CA UNK C 3420 60.82 58.44 53.34
C UNK C 3420 61.28 58.98 51.98
N UNK C 3421 62.52 58.69 51.60
CA UNK C 3421 63.43 57.90 52.41
C UNK C 3421 64.84 58.49 52.41
N UNK C 3422 64.99 59.66 51.78
CA UNK C 3422 66.29 60.32 51.70
C UNK C 3422 66.80 60.71 53.08
N UNK C 3423 65.95 61.41 53.84
CA UNK C 3423 66.30 61.82 55.20
C UNK C 3423 66.54 60.62 56.09
N UNK C 3424 65.76 59.56 55.88
CA UNK C 3424 65.91 58.33 56.65
C UNK C 3424 67.27 57.70 56.40
N UNK C 3425 67.65 57.58 55.13
CA UNK C 3425 68.94 57.02 54.75
C UNK C 3425 70.08 57.89 55.29
N UNK C 3426 69.89 59.20 55.26
CA UNK C 3426 70.88 60.14 55.76
C UNK C 3426 71.09 59.95 57.26
N UNK C 3427 69.99 59.83 58.00
CA UNK C 3427 70.05 59.60 59.44
C UNK C 3427 70.72 58.26 59.75
N UNK C 3428 70.41 57.25 58.93
CA UNK C 3428 71.02 55.93 59.09
C UNK C 3428 72.53 56.00 58.90
N UNK C 3429 72.96 56.72 57.86
CA UNK C 3429 74.37 56.90 57.58
C UNK C 3429 75.06 57.66 58.72
N UNK C 3430 74.38 58.67 59.25
CA UNK C 3430 74.91 59.46 60.36
C UNK C 3430 75.09 58.59 61.59
N UNK C 3431 74.10 57.74 61.86
CA UNK C 3431 74.17 56.83 63.00
C UNK C 3431 75.28 55.80 62.83
N UNK C 3432 75.46 55.33 61.60
CA UNK C 3432 76.52 54.37 61.29
C UNK C 3432 77.89 55.00 61.48
N UNK C 3433 78.01 56.27 61.10
CA UNK C 3433 79.26 57.01 61.27
C UNK C 3433 79.53 57.26 62.75
N UNK C 3434 78.47 57.54 63.51
CA UNK C 3434 78.59 57.78 64.94
C UNK C 3434 78.78 56.48 65.70
N UNK C 3477 63.98 53.01 65.80
CA UNK C 3477 65.09 52.82 66.74
C UNK C 3477 65.92 54.09 66.85
N UNK C 3478 65.33 55.22 66.44
CA UNK C 3478 66.02 56.50 66.50
C UNK C 3478 65.65 57.26 67.77
N UNK C 3479 66.66 57.61 68.57
CA UNK C 3479 66.45 58.31 69.82
C UNK C 3479 65.83 59.68 69.59
N UNK C 3480 66.36 60.41 68.61
CA UNK C 3480 65.86 61.73 68.28
C UNK C 3480 64.40 61.67 67.82
N UNK C 3481 64.09 60.69 66.98
CA UNK C 3481 62.74 60.52 66.47
C UNK C 3481 61.78 60.17 67.60
N UNK C 3482 62.20 59.28 68.50
CA UNK C 3482 61.38 58.88 69.63
C UNK C 3482 61.11 60.07 70.55
N UNK C 3483 62.15 60.86 70.80
CA UNK C 3483 62.02 62.04 71.65
C UNK C 3483 61.08 63.07 71.02
N UNK C 3484 61.19 63.24 69.71
CA UNK C 3484 60.33 64.17 68.98
C UNK C 3484 58.88 63.71 69.05
N UNK C 3485 58.66 62.41 68.91
CA UNK C 3485 57.33 61.83 69.00
C UNK C 3485 56.75 62.04 70.40
N UNK C 3486 57.59 61.86 71.41
CA UNK C 3486 57.18 62.07 72.80
C UNK C 3486 56.80 63.52 73.05
N UNK C 3487 57.58 64.44 72.50
CA UNK C 3487 57.31 65.87 72.62
C UNK C 3487 56.00 66.23 71.93
N UNK C 3488 55.78 65.66 70.76
CA UNK C 3488 54.55 65.89 70.00
C UNK C 3488 53.34 65.37 70.78
N UNK C 3489 53.49 64.20 71.38
CA UNK C 3489 52.44 63.61 72.20
C UNK C 3489 52.12 64.49 73.40
N UNK C 3490 53.17 65.01 74.03
CA UNK C 3490 53.00 65.90 75.18
C UNK C 3490 52.28 67.19 74.77
N UNK C 3491 52.64 67.72 73.61
CA UNK C 3491 52.02 68.94 73.11
C UNK C 3491 50.55 68.72 72.77
N UNK C 3492 50.24 67.55 72.21
CA UNK C 3492 48.87 67.19 71.88
C UNK C 3492 48.05 66.99 73.15
N UNK C 3493 48.69 66.43 74.18
CA UNK C 3493 48.05 66.20 75.46
C UNK C 3493 47.72 67.53 76.14
N UNK C 3494 48.68 68.44 76.13
CA UNK C 3494 48.48 69.77 76.70
C UNK C 3494 49.20 70.82 75.85
N UNK C 3495 48.48 71.44 74.92
CA UNK C 3495 47.04 71.27 74.76
C UNK C 3495 46.62 71.54 73.31
N UNK C 3496 47.00 70.67 72.40
CA UNK C 3496 46.69 70.87 70.98
C UNK C 3496 45.24 70.54 70.68
N UNK C 3497 44.74 69.45 71.26
CA UNK C 3497 43.38 69.00 71.00
C UNK C 3497 42.43 69.43 72.13
N UNK C 3498 41.20 69.74 71.76
CA UNK C 3498 40.19 70.14 72.73
C UNK C 3498 38.91 69.32 72.56
N UNK C 3499 38.59 68.52 73.56
CA UNK C 3499 37.41 67.66 73.56
C UNK C 3499 37.40 66.69 72.37
N UNK C 3500 38.59 66.33 71.90
CA UNK C 3500 38.76 65.40 70.78
C UNK C 3500 38.01 65.86 69.52
N UNK C 3501 37.89 67.17 69.35
CA UNK C 3501 37.21 67.73 68.18
C UNK C 3501 38.21 67.91 67.04
N UNK C 3502 38.74 66.80 66.55
CA UNK C 3502 39.77 66.84 65.52
C UNK C 3502 39.39 65.99 64.31
N UNK C 3503 38.23 65.34 64.38
CA UNK C 3503 37.76 64.44 63.33
C UNK C 3503 38.82 63.38 63.02
N UNK C 3504 39.14 62.59 64.03
CA UNK C 3504 40.19 61.58 63.93
C UNK C 3504 39.87 60.54 62.86
N UNK C 3505 38.61 60.12 62.80
CA UNK C 3505 38.18 59.11 61.82
C UNK C 3505 38.37 59.62 60.39
N UNK C 3506 37.88 60.83 60.14
CA UNK C 3506 37.99 61.44 58.81
C UNK C 3506 39.46 61.67 58.45
N UNK C 3507 40.25 62.09 59.43
CA UNK C 3507 41.67 62.33 59.21
C UNK C 3507 42.39 61.03 58.83
N UNK C 3508 42.09 59.96 59.55
CA UNK C 3508 42.68 58.65 59.28
C UNK C 3508 42.26 58.16 57.91
N UNK C 3509 40.99 58.38 57.56
CA UNK C 3509 40.48 57.98 56.25
C UNK C 3509 41.23 58.71 55.13
N UNK C 3510 41.40 60.02 55.31
CA UNK C 3510 42.11 60.84 54.34
C UNK C 3510 43.57 60.40 54.21
N UNK C 3511 44.20 60.09 55.34
CA UNK C 3511 45.59 59.64 55.35
C UNK C 3511 45.74 58.30 54.65
N UNK C 3512 44.77 57.42 54.85
CA UNK C 3512 44.78 56.10 54.20
C UNK C 3512 44.56 56.24 52.71
N UNK C 3513 43.71 57.18 52.32
CA UNK C 3513 43.45 57.45 50.92
C UNK C 3513 44.69 58.04 50.25
N UNK C 3514 45.45 58.83 51.02
CA UNK C 3514 46.69 59.44 50.56
C UNK C 3514 46.48 60.27 49.29
N UNK C 3515 45.35 60.97 49.22
CA UNK C 3515 45.04 61.81 48.08
C UNK C 3515 45.90 63.07 48.10
N UNK C 3516 45.57 63.99 49.00
CA UNK C 3516 46.31 65.24 49.15
C UNK C 3516 46.15 65.80 50.55
N UNK C 3517 47.23 66.35 51.09
CA UNK C 3517 47.20 66.95 52.42
C UNK C 3517 46.29 68.17 52.43
N UNK C 3518 46.35 68.95 51.35
CA UNK C 3518 45.49 70.12 51.21
C UNK C 3518 44.02 69.70 51.16
N UNK C 3519 43.74 68.62 50.43
CA UNK C 3519 42.38 68.10 50.33
C UNK C 3519 41.88 67.62 51.68
N UNK C 3520 42.76 66.96 52.42
CA UNK C 3520 42.43 66.46 53.76
C UNK C 3520 42.12 67.63 54.70
N UNK C 3521 42.94 68.67 54.64
CA UNK C 3521 42.73 69.86 55.46
C UNK C 3521 41.40 70.53 55.09
N UNK C 3522 41.12 70.61 53.80
CA UNK C 3522 39.88 71.21 53.32
C UNK C 3522 38.67 70.41 53.82
N UNK C 3523 38.78 69.09 53.80
CA UNK C 3523 37.71 68.23 54.28
C UNK C 3523 37.49 68.42 55.78
N UNK C 3524 38.60 68.49 56.52
CA UNK C 3524 38.54 68.68 57.97
C UNK C 3524 37.92 70.03 58.32
N UNK C 3525 38.18 71.03 57.48
CA UNK C 3525 37.62 72.36 57.69
C UNK C 3525 36.13 72.41 57.34
N UNK C 3526 35.76 71.70 56.27
CA UNK C 3526 34.38 71.66 55.82
C UNK C 3526 33.51 70.85 56.78
N UNK C 3527 34.14 69.91 57.48
CA UNK C 3527 33.43 69.13 58.49
C UNK C 3527 32.88 70.04 59.58
N UNK C 3528 31.57 70.16 59.65
CA UNK C 3528 30.91 71.05 60.61
C UNK C 3528 31.19 70.62 62.05
N UNK C 3529 30.63 69.47 62.44
CA UNK C 3529 30.84 68.96 63.79
C UNK C 3529 31.87 67.84 63.78
N UNK C 3530 33.07 68.14 64.29
CA UNK C 3530 34.15 67.16 64.34
C UNK C 3530 33.89 66.09 65.39
N UNK C 3531 33.35 66.53 66.54
CA UNK C 3531 33.06 65.61 67.63
C UNK C 3531 31.69 65.90 68.24
N UNK C 3532 30.88 64.86 68.36
CA UNK C 3532 29.54 64.98 68.93
C UNK C 3532 29.03 63.62 69.41
N UNK C 3533 29.35 63.27 70.65
CA UNK C 3533 28.94 62.00 71.21
C UNK C 3533 28.48 62.15 72.66
N UNK C 3534 27.32 61.58 72.97
CA UNK C 3534 26.76 61.65 74.32
C UNK C 3534 27.66 60.91 75.32
N UNK C 3535 28.26 59.82 74.85
CA UNK C 3535 29.20 59.06 75.66
C UNK C 3535 30.37 59.95 76.05
N UNK C 3536 31.00 60.56 75.06
CA UNK C 3536 32.14 61.44 75.28
C UNK C 3536 31.76 62.66 76.13
N UNK C 3537 30.51 63.08 76.02
CA UNK C 3537 30.01 64.22 76.77
C UNK C 3537 29.90 63.88 78.26
N UNK C 3538 29.24 62.77 78.56
CA UNK C 3538 29.11 62.30 79.94
C UNK C 3538 30.48 61.91 80.47
N UNK C 3539 31.40 61.65 79.54
CA UNK C 3539 32.75 61.25 79.88
C UNK C 3539 33.70 62.44 80.01
N UNK C 3540 33.40 63.34 80.94
CA UNK C 3540 34.22 64.51 81.21
C UNK C 3540 34.41 65.36 79.95
N UNK C 3541 33.37 66.11 79.59
CA UNK C 3541 33.48 67.07 78.49
C UNK C 3541 33.78 68.43 79.07
N UNK C 3542 33.11 68.76 80.16
CA UNK C 3542 33.30 70.04 80.84
C UNK C 3542 34.70 70.15 81.44
N UNK C 3543 35.17 69.08 82.07
CA UNK C 3543 36.49 69.05 82.67
C UNK C 3543 37.57 69.27 81.62
N UNK C 3544 37.44 68.56 80.50
CA UNK C 3544 38.38 68.68 79.40
C UNK C 3544 38.34 70.09 78.79
N UNK C 3545 37.13 70.62 78.63
CA UNK C 3545 36.97 71.96 78.06
C UNK C 3545 37.58 73.02 78.95
N UNK C 3546 37.50 72.81 80.27
CA UNK C 3546 38.07 73.76 81.22
C UNK C 3546 39.59 73.63 81.28
N UNK C 3547 40.09 72.41 81.13
CA UNK C 3547 41.52 72.16 81.16
C UNK C 3547 42.21 72.67 79.90
N UNK C 3548 41.48 72.64 78.79
CA UNK C 3548 42.01 73.12 77.51
C UNK C 3548 42.31 74.62 77.56
N UNK C 3549 41.27 75.40 77.78
CA UNK C 3549 41.38 76.86 77.87
C UNK C 3549 42.05 77.46 76.64
N UNK C 3550 41.61 77.02 75.46
CA UNK C 3550 42.16 77.51 74.20
C UNK C 3550 41.04 77.93 73.25
N UNK C 3551 41.32 78.96 72.45
CA UNK C 3551 40.34 79.45 71.48
C UNK C 3551 40.12 78.43 70.38
N UNK C 3552 38.91 78.42 69.82
CA UNK C 3552 38.55 77.45 68.78
C UNK C 3552 38.67 78.08 67.39
N UNK C 3553 39.53 77.48 66.56
CA UNK C 3553 39.68 77.93 65.18
C UNK C 3553 38.84 77.07 64.25
N UNK C 3554 38.15 77.72 63.31
CA UNK C 3554 37.22 77.03 62.42
C UNK C 3554 37.96 76.24 61.34
N UNK C 3555 39.09 76.78 60.86
CA UNK C 3555 39.83 76.15 59.78
C UNK C 3555 41.27 75.82 60.18
N UNK C 3556 41.91 76.74 60.89
CA UNK C 3556 43.30 76.59 61.28
C UNK C 3556 43.53 75.36 62.16
N UNK C 3557 42.76 75.28 63.25
CA UNK C 3557 42.88 74.16 64.19
C UNK C 3557 42.54 72.84 63.50
N UNK C 3558 41.53 72.87 62.64
CA UNK C 3558 41.11 71.68 61.91
C UNK C 3558 42.23 71.17 61.01
N UNK C 3559 42.83 72.08 60.25
CA UNK C 3559 43.92 71.73 59.35
C UNK C 3559 45.13 71.22 60.15
N UNK C 3560 45.40 71.86 61.27
CA UNK C 3560 46.51 71.45 62.14
C UNK C 3560 46.31 70.03 62.64
N UNK C 3561 45.10 69.75 63.11
CA UNK C 3561 44.75 68.43 63.63
C UNK C 3561 44.84 67.37 62.54
N UNK C 3562 44.34 67.70 61.35
CA UNK C 3562 44.39 66.78 60.22
C UNK C 3562 45.83 66.46 59.84
N UNK C 3563 46.67 67.50 59.80
CA UNK C 3563 48.08 67.33 59.48
C UNK C 3563 48.79 66.48 60.52
N UNK C 3564 48.49 66.73 61.79
CA UNK C 3564 49.08 65.96 62.89
C UNK C 3564 48.69 64.50 62.80
N UNK C 3565 47.42 64.23 62.52
CA UNK C 3565 46.92 62.87 62.40
C UNK C 3565 47.57 62.15 61.21
N UNK C 3566 47.70 62.87 60.10
CA UNK C 3566 48.34 62.32 58.90
C UNK C 3566 49.79 61.98 59.19
N UNK C 3567 50.48 62.87 59.90
CA UNK C 3567 51.88 62.66 60.26
C UNK C 3567 52.01 61.45 61.18
N UNK C 3568 51.08 61.31 62.12
CA UNK C 3568 51.08 60.18 63.04
C UNK C 3568 50.89 58.87 62.29
N UNK C 3569 49.95 58.87 61.35
CA UNK C 3569 49.69 57.69 60.52
C UNK C 3569 50.91 57.32 59.69
N UNK C 3570 51.55 58.34 59.11
CA UNK C 3570 52.75 58.14 58.31
C UNK C 3570 53.89 57.57 59.16
N UNK C 3571 54.03 58.08 60.37
CA UNK C 3571 55.06 57.61 61.29
C UNK C 3571 54.81 56.16 61.68
N UNK C 3572 53.55 55.82 61.93
CA UNK C 3572 53.17 54.45 62.26
C UNK C 3572 53.50 53.51 61.12
N UNK C 3573 53.17 53.95 59.90
CA UNK C 3573 53.45 53.15 58.70
C UNK C 3573 54.96 52.95 58.53
N UNK C 3574 55.72 54.02 58.75
CA UNK C 3574 57.18 53.96 58.63
C UNK C 3574 57.77 53.00 59.66
N UNK C 3575 57.24 53.05 60.88
CA UNK C 3575 57.69 52.15 61.94
C UNK C 3575 57.39 50.70 61.59
N UNK C 3576 56.19 50.46 61.05
CA UNK C 3576 55.79 49.12 60.64
C UNK C 3576 56.66 48.61 59.51
N UNK C 3577 57.05 49.51 58.60
CA UNK C 3577 57.91 49.14 57.47
C UNK C 3577 59.33 48.84 57.93
N UNK C 3578 59.80 49.62 58.91
CA UNK C 3578 61.15 49.43 59.44
C UNK C 3578 61.23 48.17 60.29
N UNK C 3579 60.11 47.80 60.91
CA UNK C 3579 60.07 46.60 61.74
C UNK C 3579 60.16 45.34 60.89
N PRO C 3611 94.70 28.06 29.65
CA PRO C 3611 95.97 28.12 28.94
C PRO C 3611 95.82 28.53 27.48
N ARG C 3612 96.95 28.72 26.79
CA ARG C 3612 96.93 29.20 25.42
C ARG C 3612 96.21 28.22 24.49
N HIS C 3613 96.55 26.93 24.60
CA HIS C 3613 95.96 25.95 23.70
C HIS C 3613 94.48 25.77 23.96
N ARG C 3614 94.06 25.78 25.22
CA ARG C 3614 92.63 25.67 25.52
C ARG C 3614 91.87 26.90 25.04
N ALA C 3615 92.47 28.08 25.20
CA ALA C 3615 91.84 29.30 24.73
C ALA C 3615 91.67 29.28 23.21
N VAL C 3616 92.71 28.86 22.48
CA VAL C 3616 92.60 28.85 21.02
C VAL C 3616 91.65 27.73 20.55
N ASN C 3617 91.59 26.62 21.28
CA ASN C 3617 90.62 25.57 20.95
C ASN C 3617 89.19 26.08 21.11
N LEU C 3618 88.90 26.75 22.23
CA LEU C 3618 87.56 27.28 22.46
C LEU C 3618 87.21 28.37 21.46
N PHE C 3619 88.19 29.19 21.10
CA PHE C 3619 87.97 30.16 20.04
C PHE C 3619 87.63 29.49 18.72
N LEU C 3620 88.35 28.41 18.38
CA LEU C 3620 88.06 27.70 17.14
C LEU C 3620 86.68 27.08 17.18
N GLN C 3621 86.27 26.56 18.34
CA GLN C 3621 84.92 26.03 18.48
C GLN C 3621 83.86 27.11 18.27
N GLY C 3622 84.05 28.28 18.89
CA GLY C 3622 83.12 29.37 18.68
C GLY C 3622 83.07 29.84 17.24
N TYR C 3623 84.24 29.89 16.60
CA TYR C 3623 84.31 30.28 15.19
C TYR C 3623 83.57 29.29 14.30
N GLU C 3624 83.69 28.00 14.60
CA GLU C 3624 82.89 27.01 13.89
C GLU C 3624 81.41 27.23 14.15
N LYS C 3625 81.04 27.56 15.39
CA LYS C 3625 79.64 27.58 15.78
C LYS C 3625 78.89 28.76 15.18
N SER C 3626 79.46 29.96 15.22
CA SER C 3626 78.69 31.14 14.88
C SER C 3626 79.48 32.11 14.00
N TRP C 3627 80.23 31.58 13.02
CA TRP C 3627 80.90 32.49 12.10
C TRP C 3627 80.77 32.08 10.63
N ILE C 3628 80.61 30.79 10.37
CA ILE C 3628 80.75 30.26 9.02
C ILE C 3628 79.41 29.86 8.41
N GLU C 3629 78.52 29.24 9.19
CA GLU C 3629 77.28 28.70 8.67
C GLU C 3629 76.14 29.71 8.69
N THR C 3630 76.44 31.00 8.67
CA THR C 3630 75.40 32.03 8.68
C THR C 3630 75.06 32.52 7.27
N GLU C 3631 74.64 31.59 6.41
CA GLU C 3631 74.08 31.87 5.09
C GLU C 3631 75.07 32.66 4.21
N GLU C 3632 76.20 32.01 3.92
CA GLU C 3632 77.28 32.61 3.16
C GLU C 3632 77.45 31.99 1.77
N HIS C 3633 76.36 31.49 1.18
CA HIS C 3633 76.45 30.94 -0.17
C HIS C 3633 75.06 30.82 -0.77
N TYR C 3634 75.00 30.97 -2.10
CA TYR C 3634 73.76 30.80 -2.86
C TYR C 3634 74.13 30.13 -4.17
N PHE C 3635 73.94 28.81 -4.25
CA PHE C 3635 74.36 28.05 -5.42
C PHE C 3635 73.33 27.03 -5.90
N GLU C 3636 72.21 26.86 -5.20
CA GLU C 3636 71.28 25.79 -5.53
C GLU C 3636 70.68 25.98 -6.92
N ASP C 3637 70.28 27.22 -7.24
CA ASP C 3637 69.62 27.46 -8.52
C ASP C 3637 70.55 27.22 -9.69
N LYS C 3638 71.74 27.80 -9.65
CA LYS C 3638 72.71 27.60 -10.73
C LYS C 3638 73.12 26.14 -10.82
N LEU C 3639 73.24 25.46 -9.67
CA LEU C 3639 73.59 24.05 -9.66
C LEU C 3639 72.53 23.21 -10.38
N ILE C 3640 71.27 23.39 -10.01
CA ILE C 3640 70.20 22.66 -10.67
C ILE C 3640 70.14 23.01 -12.14
N GLU C 3641 70.44 24.26 -12.48
CA GLU C 3641 70.41 24.67 -13.89
C GLU C 3641 71.46 23.93 -14.70
N ASP C 3642 72.73 24.03 -14.30
CA ASP C 3642 73.78 23.39 -15.08
C ASP C 3642 73.83 21.88 -14.91
N LEU C 3643 73.04 21.31 -13.99
CA LEU C 3643 72.83 19.87 -13.98
C LEU C 3643 71.65 19.42 -14.82
N ALA C 3644 70.67 20.29 -15.04
CA ALA C 3644 69.59 19.97 -15.95
C ALA C 3644 69.90 20.30 -17.40
N LYS C 3645 70.93 21.10 -17.65
CA LYS C 3645 71.34 21.43 -19.01
C LYS C 3645 71.79 20.17 -19.75
N PRO C 3646 71.10 19.76 -20.81
CA PRO C 3646 71.52 18.57 -21.59
C PRO C 3646 72.70 18.87 -22.52
N GLY C 3647 73.90 18.79 -21.96
CA GLY C 3647 75.09 19.08 -22.74
C GLY C 3647 75.32 18.13 -23.88
N ALA C 3648 74.92 16.86 -23.71
CA ALA C 3648 75.07 15.83 -24.73
C ALA C 3648 76.51 15.71 -25.22
N ARG C 3659 69.65 11.28 -24.74
CA ARG C 3659 70.25 10.62 -23.60
C ARG C 3659 69.51 10.97 -22.31
N VAL C 3660 70.23 10.96 -21.19
CA VAL C 3660 69.65 11.23 -19.87
C VAL C 3660 70.46 12.34 -19.22
N ASP C 3661 69.76 13.34 -18.70
CA ASP C 3661 70.41 14.47 -18.04
C ASP C 3661 71.08 14.01 -16.75
N PRO C 3662 72.09 14.76 -16.28
CA PRO C 3662 72.70 14.41 -14.98
C PRO C 3662 71.72 14.46 -13.82
N LEU C 3663 70.83 15.45 -13.80
CA LEU C 3663 69.84 15.52 -12.74
C LEU C 3663 68.88 14.34 -12.81
N HIS C 3664 68.52 13.92 -14.02
CA HIS C 3664 67.67 12.75 -14.17
C HIS C 3664 68.39 11.49 -13.71
N GLN C 3665 69.69 11.39 -13.98
CA GLN C 3665 70.47 10.25 -13.51
C GLN C 3665 70.51 10.23 -11.98
N LEU C 3666 70.69 11.39 -11.36
CA LEU C 3666 70.70 11.45 -9.91
C LEU C 3666 69.34 11.08 -9.32
N ILE C 3667 68.26 11.55 -9.94
CA ILE C 3667 66.92 11.20 -9.45
C ILE C 3667 66.68 9.71 -9.60
N LEU C 3668 67.14 9.11 -10.71
CA LEU C 3668 66.99 7.67 -10.89
C LEU C 3668 67.81 6.90 -9.87
N LEU C 3669 69.01 7.39 -9.54
CA LEU C 3669 69.81 6.74 -8.51
C LEU C 3669 69.10 6.77 -7.17
N PHE C 3670 68.55 7.93 -6.81
CA PHE C 3670 67.80 8.03 -5.55
C PHE C 3670 66.57 7.14 -5.56
N SER C 3671 65.90 7.04 -6.72
CA SER C 3671 64.70 6.19 -6.80
C SER C 3671 65.07 4.72 -6.65
N ARG C 3672 66.15 4.29 -7.29
CA ARG C 3672 66.59 2.90 -7.13
C ARG C 3672 67.02 2.61 -5.70
N THR C 3673 67.70 3.59 -5.06
CA THR C 3673 68.11 3.39 -3.67
C THR C 3673 66.91 3.31 -2.74
N ALA C 3674 65.85 4.08 -3.01
CA ALA C 3674 64.64 4.00 -2.21
C ALA C 3674 63.87 2.71 -2.51
N LEU C 3675 63.99 2.19 -3.73
CA LEU C 3675 63.28 0.95 -4.08
C LEU C 3675 64.02 -0.30 -3.65
N THR C 3676 65.31 -0.21 -3.32
CA THR C 3676 66.04 -1.36 -2.83
C THR C 3676 65.37 -1.91 -1.57
N GLU C 3677 65.09 -3.21 -1.58
CA GLU C 3677 64.41 -3.86 -0.47
C GLU C 3677 65.33 -3.93 0.74
N LYS C 3678 65.01 -3.17 1.77
CA LYS C 3678 65.79 -3.17 3.00
C LYS C 3678 64.83 -3.15 4.18
N CYS C 3679 65.38 -3.23 5.40
CA CYS C 3679 64.60 -3.24 6.62
C CYS C 3679 64.62 -1.90 7.33
N LYS C 3680 65.51 -0.99 6.96
CA LYS C 3680 65.60 0.31 7.59
C LYS C 3680 66.22 1.28 6.60
N LEU C 3681 65.62 2.47 6.48
CA LEU C 3681 66.13 3.49 5.57
C LEU C 3681 67.48 3.98 6.05
N GLU C 3682 68.49 3.88 5.19
CA GLU C 3682 69.85 4.26 5.56
C GLU C 3682 69.95 5.78 5.71
N GLU C 3683 71.11 6.22 6.20
CA GLU C 3683 71.34 7.64 6.38
C GLU C 3683 71.42 8.37 5.04
N ASP C 3684 72.31 7.91 4.16
CA ASP C 3684 72.41 8.41 2.79
C ASP C 3684 72.66 9.93 2.79
N PHE C 3685 73.83 10.29 3.32
CA PHE C 3685 74.26 11.69 3.32
C PHE C 3685 74.17 12.30 1.93
N LEU C 3686 74.38 11.50 0.89
CA LEU C 3686 74.20 11.97 -0.48
C LEU C 3686 72.79 12.53 -0.68
N TYR C 3687 71.77 11.72 -0.38
CA TYR C 3687 70.39 12.16 -0.55
C TYR C 3687 70.05 13.31 0.39
N MET C 3688 70.57 13.26 1.62
CA MET C 3688 70.26 14.33 2.57
C MET C 3688 70.88 15.65 2.15
N ALA C 3689 71.97 15.62 1.39
CA ALA C 3689 72.59 16.85 0.91
C ALA C 3689 71.98 17.34 -0.40
N TYR C 3690 71.43 16.43 -1.20
CA TYR C 3690 70.87 16.83 -2.48
C TYR C 3690 69.39 17.18 -2.40
N ALA C 3691 68.64 16.61 -1.46
CA ALA C 3691 67.25 17.01 -1.30
C ALA C 3691 67.15 18.46 -0.83
N ASP C 3692 68.06 18.87 0.08
CA ASP C 3692 68.06 20.26 0.52
C ASP C 3692 68.34 21.20 -0.65
N ILE C 3693 69.27 20.82 -1.53
CA ILE C 3693 69.61 21.68 -2.66
C ILE C 3693 68.43 21.78 -3.63
N MET C 3694 67.84 20.62 -3.97
CA MET C 3694 66.71 20.62 -4.89
C MET C 3694 65.48 21.30 -4.28
N ALA C 3695 65.39 21.38 -2.96
CA ALA C 3695 64.28 22.07 -2.33
C ALA C 3695 64.52 23.57 -2.24
N LYS C 3696 65.76 23.98 -1.95
CA LYS C 3696 66.10 25.39 -1.87
C LYS C 3696 66.27 26.04 -3.24
N SER C 3697 66.37 25.25 -4.31
CA SER C 3697 66.39 25.83 -5.65
C SER C 3697 65.08 26.54 -5.96
N CYS C 3698 63.95 25.91 -5.62
CA CYS C 3698 62.65 26.53 -5.84
C CYS C 3698 62.41 27.65 -4.85
N HIS C 3699 62.00 28.80 -5.36
CA HIS C 3699 61.66 29.96 -4.53
C HIS C 3699 62.82 30.39 -3.64
N SER C 3712 50.26 45.56 -8.80
CA SER C 3712 51.18 44.47 -8.50
C SER C 3712 50.61 43.13 -8.94
N PHE C 3713 50.47 42.95 -10.25
CA PHE C 3713 49.93 41.73 -10.83
C PHE C 3713 50.89 41.05 -11.79
N GLU C 3714 51.57 41.80 -12.65
CA GLU C 3714 52.43 41.19 -13.64
C GLU C 3714 53.65 40.53 -12.99
N GLU C 3715 54.24 41.17 -11.98
CA GLU C 3715 55.39 40.56 -11.31
C GLU C 3715 54.97 39.33 -10.51
N LYS C 3716 53.77 39.34 -9.94
CA LYS C 3716 53.26 38.16 -9.24
C LYS C 3716 53.05 37.01 -10.20
N GLU C 3717 52.46 37.29 -11.37
CA GLU C 3717 52.26 36.23 -12.36
C GLU C 3717 53.59 35.72 -12.89
N MET C 3718 54.57 36.61 -13.06
CA MET C 3718 55.86 36.18 -13.56
C MET C 3718 56.62 35.33 -12.54
N GLU C 3719 56.54 35.70 -11.26
CA GLU C 3719 57.19 34.86 -10.25
C GLU C 3719 56.47 33.53 -10.08
N LYS C 3720 55.15 33.50 -10.25
CA LYS C 3720 54.43 32.23 -10.24
C LYS C 3720 54.85 31.36 -11.41
N GLN C 3721 55.00 31.95 -12.60
CA GLN C 3721 55.45 31.20 -13.77
C GLN C 3721 56.88 30.69 -13.57
N LYS C 3722 57.73 31.50 -12.94
CA LYS C 3722 59.10 31.07 -12.68
C LYS C 3722 59.13 29.90 -11.69
N LEU C 3723 58.29 29.97 -10.64
CA LEU C 3723 58.19 28.86 -9.71
C LEU C 3723 57.72 27.59 -10.41
N LEU C 3724 56.71 27.72 -11.27
CA LEU C 3724 56.22 26.57 -12.03
C LEU C 3724 57.31 26.01 -12.94
N TYR C 3725 58.11 26.89 -13.55
CA TYR C 3725 59.18 26.44 -14.43
C TYR C 3725 60.25 25.67 -13.66
N GLN C 3726 60.62 26.17 -12.48
CA GLN C 3726 61.60 25.45 -11.68
C GLN C 3726 61.07 24.10 -11.22
N GLN C 3727 59.81 24.07 -10.77
CA GLN C 3727 59.18 22.81 -10.40
C GLN C 3727 59.17 21.84 -11.57
N ALA C 3728 58.85 22.33 -12.78
CA ALA C 3728 58.85 21.48 -13.96
C ALA C 3728 60.25 20.92 -14.22
N ARG C 3729 61.25 21.80 -14.18
CA ARG C 3729 62.64 21.40 -14.41
C ARG C 3729 63.05 20.29 -13.46
N LEU C 3730 62.61 20.34 -12.20
CA LEU C 3730 63.06 19.33 -11.25
C LEU C 3730 62.00 18.27 -10.91
N HIS C 3731 60.88 18.18 -11.66
CA HIS C 3731 59.98 17.06 -11.48
C HIS C 3731 59.57 16.35 -12.77
N ASP C 3732 59.88 16.89 -13.95
CA ASP C 3732 59.69 16.11 -15.17
C ASP C 3732 60.66 14.94 -15.27
N ARG C 3733 61.63 14.83 -14.36
CA ARG C 3733 62.57 13.72 -14.34
C ARG C 3733 62.19 12.66 -13.33
N GLY C 3734 61.00 12.74 -12.74
CA GLY C 3734 60.54 11.72 -11.84
C GLY C 3734 60.89 11.97 -10.39
N ALA C 3735 60.86 13.23 -9.96
CA ALA C 3735 61.16 13.53 -8.57
C ALA C 3735 59.99 13.21 -7.66
N ALA C 3736 58.75 13.40 -8.13
CA ALA C 3736 57.58 13.11 -7.30
C ALA C 3736 57.57 11.63 -6.91
N GLU C 3737 57.85 10.75 -7.86
CA GLU C 3737 57.99 9.34 -7.55
C GLU C 3737 59.11 9.11 -6.54
N MET C 3738 60.17 9.92 -6.61
CA MET C 3738 61.27 9.78 -5.65
C MET C 3738 60.80 10.11 -4.24
N VAL C 3739 60.03 11.19 -4.08
CA VAL C 3739 59.49 11.52 -2.76
C VAL C 3739 58.56 10.42 -2.27
N LEU C 3740 57.70 9.92 -3.16
CA LEU C 3740 56.77 8.87 -2.75
C LEU C 3740 57.51 7.62 -2.29
N GLN C 3741 58.53 7.20 -3.05
CA GLN C 3741 59.29 6.02 -2.68
C GLN C 3741 60.08 6.23 -1.40
N THR C 3742 60.66 7.42 -1.22
CA THR C 3742 61.43 7.68 -0.01
C THR C 3742 60.53 7.71 1.23
N ILE C 3743 59.31 8.22 1.08
CA ILE C 3743 58.38 8.21 2.21
C ILE C 3743 57.89 6.79 2.49
N SER C 3744 57.67 6.01 1.43
CA SER C 3744 57.17 4.64 1.63
C SER C 3744 58.23 3.71 2.17
N ALA C 3745 59.50 3.99 1.88
CA ALA C 3745 60.60 3.12 2.31
C ALA C 3745 61.15 3.51 3.68
N SER C 3746 60.35 4.16 4.52
CA SER C 3746 60.77 4.50 5.87
C SER C 3746 60.02 3.71 6.93
N LYS C 3747 58.98 2.97 6.56
CA LYS C 3747 58.16 2.17 7.47
C LYS C 3747 57.52 3.00 8.58
N GLY C 3748 57.64 4.33 8.53
CA GLY C 3748 57.05 5.16 9.56
C GLY C 3748 58.00 5.55 10.68
N GLU C 3749 59.24 5.85 10.31
CA GLU C 3749 60.25 6.38 11.23
C GLU C 3749 60.32 7.89 11.05
N THR C 3750 60.26 8.64 12.15
CA THR C 3750 60.72 10.02 12.11
C THR C 3750 62.23 10.03 11.96
N GLY C 3751 62.73 10.65 10.90
CA GLY C 3751 64.15 10.69 10.66
C GLY C 3751 64.58 11.85 9.78
N PRO C 3752 65.90 12.04 9.67
CA PRO C 3752 66.40 13.12 8.80
C PRO C 3752 66.15 12.87 7.33
N MET C 3753 66.19 11.62 6.89
CA MET C 3753 65.81 11.31 5.50
C MET C 3753 64.37 11.71 5.24
N VAL C 3754 63.46 11.38 6.16
CA VAL C 3754 62.06 11.73 5.99
C VAL C 3754 61.87 13.23 6.04
N ALA C 3755 62.63 13.92 6.91
CA ALA C 3755 62.53 15.38 6.97
C ALA C 3755 62.97 16.01 5.66
N ALA C 3756 64.10 15.57 5.12
CA ALA C 3756 64.58 16.11 3.85
C ALA C 3756 63.61 15.80 2.72
N THR C 3757 63.06 14.58 2.69
CA THR C 3757 62.14 14.24 1.62
C THR C 3757 60.82 15.01 1.74
N LEU C 3758 60.38 15.31 2.96
CA LEU C 3758 59.18 16.11 3.11
C LEU C 3758 59.43 17.56 2.71
N LYS C 3759 60.61 18.09 3.03
CA LYS C 3759 60.97 19.42 2.55
C LYS C 3759 60.99 19.47 1.03
N LEU C 3760 61.51 18.41 0.40
CA LEU C 3760 61.53 18.35 -1.06
C LEU C 3760 60.11 18.28 -1.61
N GLY C 3761 59.24 17.48 -0.98
CA GLY C 3761 57.85 17.43 -1.42
C GLY C 3761 57.15 18.77 -1.31
N ILE C 3762 57.43 19.51 -0.24
CA ILE C 3762 56.86 20.84 -0.08
C ILE C 3762 57.37 21.77 -1.18
N ALA C 3763 58.69 21.78 -1.41
CA ALA C 3763 59.26 22.65 -2.42
C ALA C 3763 58.83 22.26 -3.83
N ILE C 3764 58.41 21.01 -4.03
CA ILE C 3764 57.96 20.58 -5.35
C ILE C 3764 56.46 20.77 -5.53
N LEU C 3765 55.71 20.90 -4.44
CA LEU C 3765 54.27 21.12 -4.49
C LEU C 3765 53.85 22.51 -4.04
N ASN C 3766 54.79 23.45 -3.89
CA ASN C 3766 54.43 24.82 -3.54
C ASN C 3766 53.38 25.37 -4.50
N GLY C 3767 52.34 25.96 -3.93
CA GLY C 3767 51.26 26.50 -4.72
C GLY C 3767 50.26 25.42 -5.11
N GLY C 3768 49.43 25.76 -6.10
CA GLY C 3768 48.43 24.84 -6.60
C GLY C 3768 48.91 24.02 -7.77
N ASN C 3769 50.14 23.51 -7.70
CA ASN C 3769 50.69 22.69 -8.77
C ASN C 3769 49.89 21.41 -8.90
N SER C 3770 49.12 21.29 -9.97
CA SER C 3770 48.29 20.12 -10.19
C SER C 3770 49.00 19.02 -10.97
N THR C 3771 50.02 19.36 -11.76
CA THR C 3771 50.74 18.35 -12.52
C THR C 3771 51.43 17.35 -11.60
N VAL C 3772 52.12 17.86 -10.57
CA VAL C 3772 52.82 16.97 -9.64
C VAL C 3772 51.82 16.15 -8.84
N GLN C 3773 50.68 16.75 -8.47
CA GLN C 3773 49.65 16.00 -7.75
C GLN C 3773 49.10 14.87 -8.60
N GLN C 3774 48.85 15.13 -9.89
CA GLN C 3774 48.35 14.09 -10.78
C GLN C 3774 49.39 13.00 -10.99
N LYS C 3775 50.67 13.38 -11.10
CA LYS C 3775 51.73 12.39 -11.24
C LYS C 3775 51.79 11.48 -10.00
N MET C 3776 51.75 12.08 -8.81
CA MET C 3776 51.78 11.28 -7.60
C MET C 3776 50.58 10.36 -7.50
N LEU C 3777 49.39 10.88 -7.85
CA LEU C 3777 48.19 10.05 -7.78
C LEU C 3777 48.25 8.88 -8.75
N ASP C 3778 48.71 9.14 -9.99
CA ASP C 3778 48.80 8.09 -10.98
C ASP C 3778 49.83 7.03 -10.56
N TYR C 3779 50.94 7.47 -9.97
CA TYR C 3779 51.93 6.52 -9.48
C TYR C 3779 51.36 5.66 -8.37
N LEU C 3780 50.70 6.28 -7.40
CA LEU C 3780 50.11 5.53 -6.30
C LEU C 3780 48.98 4.62 -6.75
N LYS C 3781 48.33 4.92 -7.88
CA LYS C 3781 47.25 4.06 -8.36
C LYS C 3781 47.79 2.89 -9.17
N GLU C 3782 48.83 3.13 -9.97
CA GLU C 3782 49.43 2.09 -10.79
C GLU C 3782 50.29 1.13 -9.95
N LYS C 3783 50.88 1.62 -8.86
CA LYS C 3783 51.57 0.78 -7.88
C LYS C 3783 50.71 0.77 -6.62
N LYS C 3784 49.81 -0.22 -6.55
CA LYS C 3784 48.91 -0.32 -5.41
C LYS C 3784 49.69 -0.75 -4.16
N ASP C 3785 50.15 0.23 -3.39
CA ASP C 3785 50.96 -0.04 -2.21
C ASP C 3785 50.36 0.67 -1.01
N VAL C 3786 50.31 -0.05 0.12
CA VAL C 3786 49.86 0.51 1.38
C VAL C 3786 51.02 1.01 2.22
N GLY C 3787 52.26 0.78 1.76
CA GLY C 3787 53.41 1.20 2.54
C GLY C 3787 53.51 2.69 2.72
N PHE C 3788 53.26 3.45 1.64
CA PHE C 3788 53.30 4.91 1.73
C PHE C 3788 52.26 5.42 2.72
N PHE C 3789 51.03 4.90 2.63
CA PHE C 3789 49.97 5.38 3.50
C PHE C 3789 50.21 4.99 4.95
N GLN C 3790 50.71 3.78 5.20
CA GLN C 3790 50.98 3.37 6.58
C GLN C 3790 52.18 4.10 7.15
N SER C 3791 53.16 4.45 6.31
CA SER C 3791 54.26 5.27 6.79
C SER C 3791 53.78 6.68 7.16
N LEU C 3792 52.89 7.25 6.34
CA LEU C 3792 52.30 8.53 6.69
C LEU C 3792 51.53 8.43 8.01
N ALA C 3793 50.77 7.34 8.19
CA ALA C 3793 50.02 7.16 9.42
C ALA C 3793 50.93 7.06 10.62
N GLY C 3794 52.01 6.29 10.51
CA GLY C 3794 52.96 6.17 11.61
C GLY C 3794 53.65 7.49 11.92
N LEU C 3795 53.99 8.25 10.88
CA LEU C 3795 54.61 9.56 11.10
C LEU C 3795 53.66 10.49 11.83
N MET C 3796 52.39 10.54 11.39
CA MET C 3796 51.43 11.40 12.06
C MET C 3796 51.13 10.91 13.48
N GLN C 3797 51.26 9.62 13.74
CA GLN C 3797 50.97 9.09 15.07
C GLN C 3797 52.13 9.31 16.03
N SER C 3798 53.37 9.35 15.53
CA SER C 3798 54.53 9.47 16.40
C SER C 3798 55.47 10.57 15.93
N CYS C 3799 54.93 11.72 15.53
CA CYS C 3799 55.78 12.84 15.15
C CYS C 3799 56.26 13.62 16.37
N SER C 3800 55.35 14.27 17.08
CA SER C 3800 55.70 15.06 18.26
C SER C 3800 54.43 15.57 18.93
N VAL C 3801 54.46 15.65 20.26
CA VAL C 3801 53.39 16.20 21.07
C VAL C 3801 54.02 16.94 22.26
N LEU C 3802 53.43 18.06 22.65
CA LEU C 3802 53.94 18.83 23.77
C LEU C 3802 53.94 18.00 25.05
N ASP C 3803 54.90 18.30 25.92
CA ASP C 3803 55.02 17.63 27.22
C ASP C 3803 54.85 18.64 28.35
N LEU C 3804 54.51 18.14 29.53
CA LEU C 3804 54.71 18.92 30.74
C LEU C 3804 55.84 18.40 31.62
N ASN C 3805 56.11 17.09 31.59
CA ASN C 3805 57.24 16.53 32.32
C ASN C 3805 58.54 17.16 31.87
N ALA C 3806 58.72 17.30 30.56
CA ALA C 3806 59.97 17.84 30.03
C ALA C 3806 60.11 19.31 30.37
N PHE C 3807 59.01 20.06 30.31
CA PHE C 3807 59.07 21.48 30.58
C PHE C 3807 59.32 21.75 32.06
N GLU C 3808 58.64 21.01 32.93
CA GLU C 3808 58.87 21.16 34.36
C GLU C 3808 60.29 20.76 34.73
N ARG C 3809 60.81 19.68 34.13
CA ARG C 3809 62.19 19.27 34.40
C ARG C 3809 63.19 20.30 33.89
N GLN C 3810 62.93 20.89 32.72
CA GLN C 3810 63.82 21.92 32.19
C GLN C 3810 63.80 23.17 33.06
N ASN C 3811 62.62 23.55 33.55
CA ASN C 3811 62.52 24.67 34.47
C ASN C 3811 63.28 24.39 35.76
N LYS C 3812 63.11 23.17 36.31
CA LYS C 3812 63.83 22.80 37.53
C LYS C 3812 65.34 22.80 37.29
N ALA C 3813 65.76 22.41 36.08
CA ALA C 3813 67.19 22.41 35.76
C ALA C 3813 67.74 23.82 35.67
N GLU C 3814 67.05 24.70 34.95
CA GLU C 3814 67.51 26.07 34.74
C GLU C 3814 67.34 26.93 35.98
N GLY C 3815 66.56 26.48 36.97
CA GLY C 3815 66.46 27.21 38.21
C GLY C 3815 67.78 27.35 38.94
N LEU C 3816 68.61 26.31 38.91
CA LEU C 3816 69.85 26.36 39.66
C LEU C 3816 71.10 26.12 38.84
N GLY C 3817 70.99 25.39 37.72
CA GLY C 3817 72.13 25.05 36.90
C GLY C 3817 72.45 26.10 35.86
N MET C 3818 73.62 26.72 36.03
CA MET C 3818 74.16 27.70 35.10
C MET C 3818 75.33 27.14 34.31
N VAL C 3819 75.50 25.82 34.31
CA VAL C 3819 76.62 25.21 33.62
C VAL C 3819 76.41 25.27 32.11
N THR C 3820 75.16 25.30 31.66
CA THR C 3820 74.85 25.33 30.23
C THR C 3820 73.70 26.26 29.85
N GLU C 3821 72.78 26.57 30.76
CA GLU C 3821 71.53 27.31 30.52
C GLU C 3821 70.55 26.56 29.64
N GLU C 3822 70.89 25.37 29.14
CA GLU C 3822 70.01 24.61 28.26
C GLU C 3822 69.56 25.49 27.08
N GLY C 3823 70.54 25.94 26.31
CA GLY C 3823 70.24 26.74 25.13
C GLY C 3823 69.48 25.97 24.06
N SER C 3824 69.52 24.64 24.12
CA SER C 3824 68.76 23.79 23.20
C SER C 3824 67.40 23.52 23.82
N GLY C 3825 66.44 24.36 23.49
CA GLY C 3825 65.09 24.19 24.01
C GLY C 3825 64.34 23.06 23.33
N GLU C 3826 64.76 21.84 23.58
CA GLU C 3826 64.19 20.66 22.94
C GLU C 3826 63.56 19.75 24.00
N LYS C 3827 63.11 18.58 23.55
CA LYS C 3827 62.53 17.52 24.37
C LYS C 3827 61.14 17.89 24.88
N VAL C 3828 60.72 19.13 24.66
CA VAL C 3828 59.36 19.56 24.99
C VAL C 3828 58.47 19.55 23.77
N LEU C 3829 59.01 19.92 22.62
CA LEU C 3829 58.38 19.72 21.31
C LEU C 3829 59.50 19.26 20.38
N GLN C 3830 59.57 17.96 20.14
CA GLN C 3830 60.74 17.34 19.54
C GLN C 3830 61.09 17.93 18.18
N ASP C 3831 60.22 17.75 17.19
CA ASP C 3831 60.46 18.26 15.83
C ASP C 3831 59.21 19.00 15.34
N ASP C 3832 59.11 20.27 15.76
CA ASP C 3832 58.01 21.10 15.29
C ASP C 3832 58.13 21.39 13.80
N GLU C 3833 59.35 21.62 13.33
CA GLU C 3833 59.54 21.87 11.90
C GLU C 3833 59.15 20.64 11.09
N PHE C 3834 59.49 19.45 11.58
CA PHE C 3834 59.12 18.23 10.87
C PHE C 3834 57.61 18.01 10.88
N THR C 3835 56.94 18.27 12.00
CA THR C 3835 55.50 18.11 12.05
C THR C 3835 54.82 19.09 11.09
N CYS C 3836 55.21 20.36 11.15
CA CYS C 3836 54.66 21.35 10.24
C CYS C 3836 54.97 21.01 8.79
N ASP C 3837 56.15 20.42 8.54
CA ASP C 3837 56.52 20.05 7.17
C ASP C 3837 55.66 18.92 6.66
N LEU C 3838 55.42 17.91 7.48
CA LEU C 3838 54.55 16.80 7.09
C LEU C 3838 53.14 17.30 6.81
N PHE C 3839 52.60 18.14 7.70
CA PHE C 3839 51.22 18.58 7.50
C PHE C 3839 51.10 19.58 6.35
N ARG C 3840 52.15 20.36 6.09
CA ARG C 3840 52.15 21.21 4.90
C ARG C 3840 52.29 20.39 3.63
N PHE C 3841 53.01 19.27 3.68
CA PHE C 3841 53.05 18.36 2.55
C PHE C 3841 51.68 17.79 2.26
N LEU C 3842 50.95 17.40 3.30
CA LEU C 3842 49.58 16.93 3.09
C LEU C 3842 48.68 18.04 2.56
N GLN C 3843 48.83 19.26 3.10
CA GLN C 3843 48.06 20.40 2.62
C GLN C 3843 48.33 20.68 1.15
N LEU C 3844 49.59 20.55 0.72
CA LEU C 3844 49.90 20.77 -0.69
C LEU C 3844 49.43 19.61 -1.55
N LEU C 3845 49.40 18.40 -1.00
CA LEU C 3845 48.81 17.27 -1.73
C LEU C 3845 47.34 17.52 -2.00
N CYS C 3846 46.63 18.12 -1.05
CA CYS C 3846 45.22 18.47 -1.24
C CYS C 3846 45.02 19.97 -1.47
N GLU C 3847 46.02 20.65 -2.04
CA GLU C 3847 45.94 22.10 -2.22
C GLU C 3847 44.79 22.47 -3.15
N GLY C 3848 44.87 22.08 -4.40
CA GLY C 3848 43.75 22.24 -5.29
C GLY C 3848 42.57 21.38 -4.85
N HIS C 3849 41.39 21.77 -5.31
CA HIS C 3849 40.19 21.03 -4.95
C HIS C 3849 40.12 19.72 -5.72
N ASN C 3850 41.09 18.83 -5.50
CA ASN C 3850 41.15 17.52 -6.14
C ASN C 3850 40.28 16.56 -5.34
N SER C 3851 39.04 16.38 -5.78
CA SER C 3851 38.13 15.46 -5.11
C SER C 3851 38.65 14.03 -5.17
N ASP C 3852 39.30 13.67 -6.28
CA ASP C 3852 39.88 12.34 -6.41
C ASP C 3852 40.93 12.09 -5.34
N PHE C 3853 41.84 13.04 -5.13
CA PHE C 3853 42.88 12.85 -4.12
C PHE C 3853 42.32 12.95 -2.71
N GLN C 3854 41.32 13.81 -2.51
CA GLN C 3854 40.70 13.91 -1.19
C GLN C 3854 39.97 12.62 -0.82
N ASN C 3855 39.44 11.89 -1.81
CA ASN C 3855 38.81 10.61 -1.53
C ASN C 3855 39.84 9.48 -1.45
N TYR C 3856 40.95 9.60 -2.18
CA TYR C 3856 42.01 8.61 -2.09
C TYR C 3856 42.73 8.67 -0.76
N LEU C 3857 42.84 9.85 -0.17
CA LEU C 3857 43.40 9.96 1.17
C LEU C 3857 42.46 9.45 2.25
N ARG C 3858 41.18 9.21 1.93
CA ARG C 3858 40.23 8.69 2.89
C ARG C 3858 40.06 7.18 2.75
N THR C 3859 39.66 6.72 1.57
CA THR C 3859 39.46 5.30 1.30
C THR C 3859 40.33 4.93 0.11
N GLN C 3860 41.46 4.26 0.37
CA GLN C 3860 42.38 3.86 -0.68
C GLN C 3860 41.72 2.74 -1.47
N THR C 3861 40.85 3.12 -2.40
CA THR C 3861 40.18 2.14 -3.22
C THR C 3861 41.19 1.47 -4.16
N GLY C 3862 41.14 0.15 -4.22
CA GLY C 3862 42.07 -0.62 -5.00
C GLY C 3862 43.15 -1.33 -4.19
N ASN C 3863 43.36 -0.92 -2.95
CA ASN C 3863 44.32 -1.58 -2.07
C ASN C 3863 43.59 -2.51 -1.11
N ASN C 3864 44.34 -3.48 -0.57
CA ASN C 3864 43.74 -4.48 0.32
C ASN C 3864 43.32 -3.86 1.65
N THR C 3865 44.21 -3.10 2.28
CA THR C 3865 43.90 -2.41 3.52
C THR C 3865 43.94 -0.91 3.30
N THR C 3866 43.05 -0.19 3.98
CA THR C 3866 42.98 1.26 3.90
C THR C 3866 43.19 1.86 5.28
N VAL C 3867 43.86 3.01 5.31
CA VAL C 3867 44.06 3.79 6.52
C VAL C 3867 43.53 5.19 6.27
N ASN C 3868 42.84 5.75 7.25
CA ASN C 3868 42.18 7.04 7.10
C ASN C 3868 43.14 8.14 7.54
N ILE C 3869 43.78 8.78 6.56
CA ILE C 3869 44.66 9.91 6.86
C ILE C 3869 43.89 11.03 7.55
N ILE C 3870 42.61 11.20 7.21
CA ILE C 3870 41.80 12.23 7.86
C ILE C 3870 41.59 11.89 9.33
N ILE C 3871 41.30 10.62 9.64
CA ILE C 3871 41.12 10.23 11.03
C ILE C 3871 42.43 10.38 11.79
N SER C 3872 43.56 10.02 11.17
CA SER C 3872 44.84 10.23 11.82
C SER C 3872 45.10 11.71 12.09
N THR C 3873 44.73 12.57 11.13
CA THR C 3873 44.94 14.00 11.30
C THR C 3873 44.09 14.57 12.42
N VAL C 3874 42.82 14.18 12.48
CA VAL C 3874 41.97 14.70 13.54
C VAL C 3874 42.37 14.14 14.90
N ASP C 3875 42.92 12.92 14.92
CA ASP C 3875 43.44 12.37 16.17
C ASP C 3875 44.66 13.15 16.65
N TYR C 3876 45.57 13.48 15.73
CA TYR C 3876 46.71 14.31 16.12
C TYR C 3876 46.27 15.70 16.55
N LEU C 3877 45.22 16.23 15.92
CA LEU C 3877 44.69 17.52 16.35
C LEU C 3877 44.15 17.45 17.76
N LEU C 3878 43.43 16.37 18.09
CA LEU C 3878 42.96 16.17 19.45
C LEU C 3878 44.12 16.05 20.43
N ARG C 3879 45.19 15.36 20.03
CA ARG C 3879 46.34 15.20 20.91
C ARG C 3879 47.00 16.55 21.18
N VAL C 3880 47.21 17.35 20.14
CA VAL C 3880 47.86 18.64 20.35
C VAL C 3880 46.93 19.59 21.10
N GLN C 3881 45.61 19.42 20.93
CA GLN C 3881 44.67 20.21 21.71
C GLN C 3881 44.79 19.90 23.20
N GLU C 3882 44.85 18.60 23.53
CA GLU C 3882 45.04 18.21 24.93
C GLU C 3882 46.37 18.73 25.47
N SER C 3883 47.42 18.70 24.64
CA SER C 3883 48.72 19.19 25.07
C SER C 3883 48.67 20.69 25.37
N ILE C 3884 48.03 21.46 24.49
CA ILE C 3884 47.93 22.90 24.70
C ILE C 3884 47.05 23.20 25.91
N SER C 3885 46.00 22.42 26.12
CA SER C 3885 45.15 22.60 27.29
C SER C 3885 45.92 22.35 28.58
N ASP C 3886 46.73 21.30 28.60
CA ASP C 3886 47.54 21.04 29.80
C ASP C 3886 48.57 22.14 30.02
N PHE C 3887 49.17 22.64 28.94
CA PHE C 3887 50.13 23.72 29.08
C PHE C 3887 49.48 24.98 29.62
N TYR C 3888 48.23 25.24 29.21
CA TYR C 3888 47.49 26.37 29.76
C TYR C 3888 47.17 26.14 31.24
N TRP C 3889 46.76 24.92 31.60
CA TRP C 3889 46.49 24.63 33.00
C TRP C 3889 47.73 24.85 33.86
N TYR C 3890 48.91 24.54 33.31
CA TYR C 3890 50.15 24.85 33.99
C TYR C 3890 50.35 26.37 34.09
N TYR C 3891 50.31 27.07 32.96
CA TYR C 3891 50.42 28.53 32.96
C TYR C 3891 49.08 29.20 33.18
N SER C 3892 48.35 28.74 34.19
CA SER C 3892 47.07 29.33 34.58
C SER C 3892 47.15 29.71 36.05
N GLY C 3893 47.41 30.99 36.33
CA GLY C 3893 47.44 31.47 37.70
C GLY C 3893 48.58 32.40 38.01
N LYS C 3894 49.73 32.22 37.33
CA LYS C 3894 50.87 33.09 37.58
C LYS C 3894 50.78 34.39 36.77
N ASP C 3895 50.07 34.37 35.65
CA ASP C 3895 49.85 35.54 34.79
C ASP C 3895 51.16 36.13 34.27
N ILE C 3896 52.24 35.35 34.29
CA ILE C 3896 53.52 35.74 33.72
C ILE C 3896 54.00 34.62 32.81
N ILE C 3897 54.42 34.99 31.61
CA ILE C 3897 54.90 34.03 30.60
C ILE C 3897 56.34 34.40 30.29
N ASP C 3898 57.27 33.52 30.66
CA ASP C 3898 58.68 33.74 30.38
C ASP C 3898 58.97 33.54 28.89
N GLU C 3899 60.23 33.70 28.52
CA GLU C 3899 60.62 33.57 27.11
C GLU C 3899 60.49 32.13 26.63
N GLN C 3900 60.91 31.17 27.47
CA GLN C 3900 60.76 29.76 27.10
C GLN C 3900 59.30 29.38 26.96
N GLY C 3901 58.46 29.83 27.90
CA GLY C 3901 57.04 29.58 27.78
C GLY C 3901 56.47 30.18 26.50
N GLN C 3902 56.84 31.42 26.20
CA GLN C 3902 56.32 32.07 25.00
C GLN C 3902 56.75 31.34 23.75
N ARG C 3903 58.00 30.88 23.69
CA ARG C 3903 58.46 30.15 22.52
C ARG C 3903 57.71 28.82 22.37
N ASN C 3904 57.49 28.12 23.49
CA ASN C 3904 56.72 26.88 23.43
C ASN C 3904 55.29 27.14 22.96
N PHE C 3905 54.66 28.21 23.46
CA PHE C 3905 53.31 28.55 23.01
C PHE C 3905 53.31 28.87 21.52
N SER C 3906 54.31 29.60 21.04
CA SER C 3906 54.36 29.96 19.62
C SER C 3906 54.53 28.72 18.75
N LYS C 3907 55.38 27.80 19.17
CA LYS C 3907 55.55 26.56 18.42
C LYS C 3907 54.26 25.75 18.41
N ALA C 3908 53.56 25.68 19.55
CA ALA C 3908 52.29 24.98 19.60
C ALA C 3908 51.27 25.62 18.67
N ILE C 3909 51.22 26.96 18.67
CA ILE C 3909 50.25 27.66 17.83
C ILE C 3909 50.56 27.41 16.35
N GLN C 3910 51.85 27.42 15.99
CA GLN C 3910 52.21 27.16 14.60
C GLN C 3910 51.84 25.75 14.17
N VAL C 3911 52.11 24.76 15.02
CA VAL C 3911 51.76 23.38 14.68
C VAL C 3911 50.25 23.23 14.55
N ALA C 3912 49.50 23.80 15.50
CA ALA C 3912 48.05 23.70 15.43
C ALA C 3912 47.51 24.41 14.20
N LYS C 3913 48.06 25.57 13.86
CA LYS C 3913 47.59 26.30 12.68
C LYS C 3913 47.87 25.51 11.41
N GLN C 3914 49.04 24.85 11.34
CA GLN C 3914 49.32 24.01 10.19
C GLN C 3914 48.33 22.85 10.10
N VAL C 3915 47.98 22.26 11.24
CA VAL C 3915 47.03 21.15 11.23
C VAL C 3915 45.66 21.63 10.78
N PHE C 3916 45.24 22.81 11.26
CA PHE C 3916 43.95 23.35 10.84
C PHE C 3916 43.95 23.69 9.36
N ASN C 3917 45.06 24.21 8.83
CA ASN C 3917 45.13 24.51 7.41
C ASN C 3917 45.06 23.22 6.57
N THR C 3918 45.75 22.18 7.02
CA THR C 3918 45.63 20.89 6.36
C THR C 3918 44.20 20.38 6.39
N LEU C 3919 43.53 20.54 7.53
CA LEU C 3919 42.13 20.11 7.62
C LEU C 3919 41.25 20.91 6.67
N THR C 3920 41.46 22.22 6.59
CA THR C 3920 40.67 23.04 5.68
C THR C 3920 40.87 22.61 4.25
N GLU C 3921 42.11 22.34 3.85
CA GLU C 3921 42.36 21.87 2.50
C GLU C 3921 41.75 20.48 2.28
N TYR C 3922 41.58 19.71 3.36
CA TYR C 3922 40.86 18.45 3.25
C TYR C 3922 39.37 18.69 2.99
N ILE C 3923 38.77 19.66 3.68
CA ILE C 3923 37.32 19.81 3.59
C ILE C 3923 36.87 20.60 2.38
N GLN C 3924 37.73 21.47 1.86
CA GLN C 3924 37.28 22.52 0.96
C GLN C 3924 36.73 21.91 -0.33
N GLY C 3925 35.73 22.58 -0.90
CA GLY C 3925 34.92 21.98 -1.92
C GLY C 3925 33.84 21.13 -1.30
N PRO C 3926 32.81 20.81 -2.08
CA PRO C 3926 31.73 19.95 -1.55
C PRO C 3926 32.08 18.47 -1.51
N CYS C 3927 33.14 18.10 -0.79
CA CYS C 3927 33.57 16.71 -0.63
C CYS C 3927 32.85 16.10 0.58
N THR C 3928 31.67 15.56 0.32
CA THR C 3928 30.81 15.06 1.39
C THR C 3928 31.49 13.97 2.19
N GLY C 3929 32.33 13.16 1.54
CA GLY C 3929 33.05 12.12 2.23
C GLY C 3929 33.86 12.66 3.39
N ASN C 3930 34.75 13.61 3.11
CA ASN C 3930 35.56 14.18 4.17
C ASN C 3930 34.73 15.03 5.13
N GLN C 3931 33.67 15.68 4.62
CA GLN C 3931 32.81 16.45 5.52
C GLN C 3931 32.18 15.54 6.58
N GLN C 3932 31.63 14.40 6.15
CA GLN C 3932 31.05 13.46 7.10
C GLN C 3932 32.12 12.82 7.98
N SER C 3933 33.30 12.58 7.43
CA SER C 3933 34.38 12.00 8.23
C SER C 3933 34.77 12.91 9.38
N LEU C 3934 34.86 14.22 9.13
CA LEU C 3934 35.14 15.11 10.25
C LEU C 3934 33.91 15.33 11.15
N ALA C 3935 32.70 15.25 10.59
CA ALA C 3935 31.52 15.43 11.42
C ALA C 3935 31.26 14.25 12.34
N HIS C 3936 31.79 13.08 12.01
CA HIS C 3936 31.59 11.86 12.79
C HIS C 3936 32.87 11.43 13.51
N SER C 3937 33.62 12.39 14.06
CA SER C 3937 34.87 12.09 14.76
C SER C 3937 34.88 12.86 16.08
N ARG C 3938 36.02 12.84 16.77
CA ARG C 3938 36.17 13.61 17.99
C ARG C 3938 36.58 15.06 17.71
N LEU C 3939 36.41 15.53 16.47
CA LEU C 3939 36.73 16.91 16.15
C LEU C 3939 35.94 17.89 17.01
N TRP C 3940 34.68 17.57 17.31
CA TRP C 3940 33.85 18.50 18.07
C TRP C 3940 34.41 18.72 19.47
N ASP C 3941 34.82 17.66 20.16
CA ASP C 3941 35.50 17.82 21.43
C ASP C 3941 36.79 18.62 21.27
N ALA C 3942 37.50 18.38 20.16
CA ALA C 3942 38.74 19.11 19.93
C ALA C 3942 38.49 20.61 19.89
N VAL C 3943 37.56 21.08 19.05
CA VAL C 3943 37.33 22.51 19.00
C VAL C 3943 36.62 23.03 20.24
N VAL C 3944 35.93 22.17 21.01
CA VAL C 3944 35.46 22.62 22.31
C VAL C 3944 36.63 23.02 23.19
N GLY C 3945 37.62 22.12 23.30
CA GLY C 3945 38.84 22.47 24.03
C GLY C 3945 39.55 23.67 23.43
N PHE C 3946 39.52 23.78 22.10
CA PHE C 3946 40.17 24.91 21.44
C PHE C 3946 39.50 26.23 21.81
N LEU C 3947 38.17 26.27 21.81
CA LEU C 3947 37.46 27.47 22.19
C LEU C 3947 37.72 27.82 23.65
N HIS C 3948 37.78 26.80 24.52
CA HIS C 3948 38.08 27.04 25.92
C HIS C 3948 39.46 27.69 26.08
N VAL C 3949 40.49 27.07 25.51
CA VAL C 3949 41.83 27.62 25.66
C VAL C 3949 41.93 28.98 24.96
N PHE C 3950 41.20 29.17 23.85
CA PHE C 3950 41.21 30.45 23.17
C PHE C 3950 40.70 31.56 24.06
N ALA C 3951 39.49 31.39 24.62
CA ALA C 3951 38.93 32.41 25.49
C ALA C 3951 39.85 32.70 26.67
N HIS C 3952 40.28 31.64 27.37
CA HIS C 3952 41.04 31.86 28.60
C HIS C 3952 42.40 32.49 28.31
N MET C 3953 43.10 32.01 27.27
CA MET C 3953 44.41 32.55 26.95
C MET C 3953 44.31 33.97 26.42
N GLN C 3954 43.28 34.29 25.62
CA GLN C 3954 43.15 35.65 25.13
C GLN C 3954 42.87 36.61 26.28
N MET C 3955 42.05 36.19 27.25
CA MET C 3955 41.81 37.04 28.41
C MET C 3955 43.09 37.24 29.23
N LYS C 3956 43.80 36.14 29.51
CA LYS C 3956 45.01 36.23 30.32
C LYS C 3956 46.10 37.04 29.62
N LEU C 3957 46.13 37.02 28.29
CA LEU C 3957 47.15 37.76 27.55
C LEU C 3957 46.77 39.21 27.37
N SER C 3958 45.47 39.52 27.31
CA SER C 3958 45.05 40.91 27.25
C SER C 3958 45.15 41.58 28.62
N GLN C 3959 45.15 40.81 29.70
CA GLN C 3959 45.13 41.45 31.02
C GLN C 3959 46.41 42.25 31.36
N ASP C 3960 47.50 42.14 30.59
CA ASP C 3960 48.63 43.06 30.71
C ASP C 3960 49.42 43.01 29.41
N SER C 3961 50.37 43.93 29.29
CA SER C 3961 51.03 44.24 28.03
C SER C 3961 52.29 43.41 27.83
N SER C 3962 53.07 43.78 26.83
CA SER C 3962 54.34 43.17 26.47
C SER C 3962 54.22 41.71 26.10
N GLN C 3963 53.00 41.18 25.99
CA GLN C 3963 52.74 39.81 25.54
C GLN C 3963 51.76 39.84 24.40
N ILE C 3964 51.96 40.83 23.51
CA ILE C 3964 51.13 41.06 22.33
C ILE C 3964 51.37 40.04 21.22
N GLU C 3965 52.57 39.48 21.10
CA GLU C 3965 52.86 38.54 20.03
C GLU C 3965 52.06 37.26 20.19
N LEU C 3966 52.03 36.70 21.40
CA LEU C 3966 51.28 35.48 21.64
C LEU C 3966 49.78 35.71 21.46
N LEU C 3967 49.30 36.89 21.86
CA LEU C 3967 47.89 37.21 21.61
C LEU C 3967 47.59 37.23 20.13
N LYS C 3968 48.45 37.85 19.33
CA LYS C 3968 48.22 37.85 17.88
C LYS C 3968 48.25 36.44 17.31
N GLU C 3969 49.16 35.60 17.80
CA GLU C 3969 49.24 34.23 17.28
C GLU C 3969 48.00 33.42 17.65
N LEU C 3970 47.51 33.59 18.89
CA LEU C 3970 46.29 32.90 19.29
C LEU C 3970 45.09 33.38 18.47
N MET C 3971 45.02 34.68 18.20
CA MET C 3971 43.97 35.20 17.33
C MET C 3971 44.06 34.60 15.94
N ASP C 3972 45.27 34.45 15.41
CA ASP C 3972 45.45 33.82 14.10
C ASP C 3972 44.95 32.38 14.13
N LEU C 3973 45.29 31.64 15.18
CA LEU C 3973 44.85 30.24 15.28
C LEU C 3973 43.34 30.14 15.36
N GLN C 3974 42.71 31.06 16.12
CA GLN C 3974 41.26 31.08 16.18
C GLN C 3974 40.66 31.39 14.82
N LYS C 3975 41.29 32.30 14.06
CA LYS C 3975 40.81 32.59 12.71
C LYS C 3975 40.87 31.36 11.84
N ASP C 3976 41.97 30.60 11.92
CA ASP C 3976 42.07 29.37 11.12
C ASP C 3976 41.02 28.34 11.54
N MET C 3977 40.73 28.26 12.85
CA MET C 3977 39.72 27.32 13.32
C MET C 3977 38.34 27.70 12.80
N VAL C 3978 38.00 28.98 12.84
CA VAL C 3978 36.70 29.41 12.33
C VAL C 3978 36.64 29.24 10.81
N VAL C 3979 37.78 29.37 10.13
CA VAL C 3979 37.81 29.08 8.69
C VAL C 3979 37.52 27.60 8.45
N MET C 3980 38.06 26.72 9.30
CA MET C 3980 37.76 25.30 9.17
C MET C 3980 36.27 25.03 9.41
N LEU C 3981 35.68 25.69 10.41
CA LEU C 3981 34.25 25.53 10.65
C LEU C 3981 33.44 26.01 9.44
N LEU C 3982 33.85 27.12 8.83
CA LEU C 3982 33.15 27.62 7.66
C LEU C 3982 33.29 26.66 6.49
N SER C 3983 34.46 26.04 6.33
CA SER C 3983 34.63 25.05 5.27
C SER C 3983 33.79 23.82 5.53
N MET C 3984 33.58 23.48 6.81
CA MET C 3984 32.66 22.40 7.15
C MET C 3984 31.23 22.76 6.78
N LEU C 3985 30.84 24.02 7.02
CA LEU C 3985 29.46 24.45 6.80
C LEU C 3985 29.16 24.81 5.35
N GLU C 3986 30.17 25.01 4.51
CA GLU C 3986 29.96 25.54 3.16
C GLU C 3986 29.15 24.61 2.26
N GLY C 3987 28.74 23.44 2.73
CA GLY C 3987 27.90 22.56 1.92
C GLY C 3987 26.63 22.18 2.65
N ASN C 3988 26.13 23.09 3.48
CA ASN C 3988 25.02 22.80 4.37
C ASN C 3988 23.68 23.13 3.73
N VAL C 3989 22.62 22.62 4.35
CA VAL C 3989 21.24 22.94 3.98
C VAL C 3989 20.67 23.66 5.21
N VAL C 3990 19.43 24.15 5.10
CA VAL C 3990 18.83 24.91 6.20
C VAL C 3990 18.70 24.04 7.44
N ASN C 3991 18.46 22.75 7.26
CA ASN C 3991 18.37 21.79 8.37
C ASN C 3991 19.48 20.76 8.27
N GLY C 3992 20.69 21.21 7.97
CA GLY C 3992 21.78 20.27 7.75
C GLY C 3992 22.27 19.63 9.03
N THR C 3993 22.65 18.36 8.91
CA THR C 3993 23.19 17.63 10.06
C THR C 3993 24.48 18.27 10.55
N ILE C 3994 25.31 18.78 9.64
CA ILE C 3994 26.55 19.43 10.05
C ILE C 3994 26.24 20.72 10.80
N GLY C 3995 25.22 21.46 10.36
CA GLY C 3995 24.81 22.64 11.10
C GLY C 3995 24.29 22.29 12.49
N LYS C 3996 23.52 21.21 12.60
CA LYS C 3996 23.07 20.76 13.91
C LYS C 3996 24.24 20.38 14.80
N GLN C 3997 25.22 19.66 14.25
CA GLN C 3997 26.39 19.30 15.03
C GLN C 3997 27.16 20.53 15.49
N MET C 3998 27.28 21.54 14.62
CA MET C 3998 28.02 22.74 14.99
C MET C 3998 27.29 23.53 16.07
N VAL C 3999 25.96 23.63 15.97
CA VAL C 3999 25.23 24.37 17.00
C VAL C 3999 25.22 23.59 18.31
N ASP C 4000 25.24 22.26 18.26
CA ASP C 4000 25.36 21.49 19.48
C ASP C 4000 26.72 21.70 20.13
N MET C 4001 27.78 21.71 19.32
CA MET C 4001 29.11 22.03 19.83
C MET C 4001 29.13 23.42 20.46
N LEU C 4002 28.43 24.37 19.84
CA LEU C 4002 28.41 25.73 20.39
C LEU C 4002 27.71 25.77 21.74
N VAL C 4003 26.55 25.12 21.87
CA VAL C 4003 25.85 25.12 23.15
C VAL C 4003 26.58 24.29 24.20
N GLU C 4004 27.46 23.38 23.78
CA GLU C 4004 28.34 22.70 24.73
C GLU C 4004 29.48 23.62 25.16
N SER C 4005 29.97 24.47 24.25
CA SER C 4005 31.01 25.45 24.58
C SER C 4005 30.43 26.84 24.74
N SER C 4006 29.25 26.95 25.35
CA SER C 4006 28.57 28.23 25.47
C SER C 4006 29.42 29.25 26.21
N ASN C 4007 29.91 28.92 27.41
CA ASN C 4007 30.60 29.91 28.22
C ASN C 4007 31.82 30.48 27.51
N ASN C 4008 32.57 29.62 26.80
CA ASN C 4008 33.81 30.05 26.17
C ASN C 4008 33.54 31.01 25.02
N VAL C 4009 32.61 30.65 24.12
CA VAL C 4009 32.27 31.55 23.03
C VAL C 4009 31.61 32.81 23.57
N GLU C 4010 30.91 32.70 24.70
CA GLU C 4010 30.36 33.90 25.34
C GLU C 4010 31.48 34.86 25.74
N MET C 4011 32.53 34.32 26.37
CA MET C 4011 33.65 35.18 26.76
C MET C 4011 34.35 35.76 25.55
N ILE C 4012 34.50 34.97 24.49
CA ILE C 4012 35.14 35.47 23.28
C ILE C 4012 34.34 36.63 22.68
N LEU C 4013 33.02 36.44 22.57
CA LEU C 4013 32.17 37.48 22.02
C LEU C 4013 32.18 38.73 22.90
N LYS C 4014 32.24 38.55 24.22
CA LYS C 4014 32.31 39.69 25.12
C LYS C 4014 33.62 40.46 24.93
N PHE C 4015 34.73 39.74 24.79
CA PHE C 4015 36.01 40.37 24.51
C PHE C 4015 35.96 41.19 23.23
N PHE C 4016 35.41 40.59 22.16
CA PHE C 4016 35.33 41.29 20.88
C PHE C 4016 34.42 42.51 20.98
N ASP C 4017 33.30 42.38 21.69
CA ASP C 4017 32.40 43.52 21.87
C ASP C 4017 33.09 44.65 22.62
N MET C 4018 33.81 44.31 23.70
CA MET C 4018 34.55 45.33 24.45
C MET C 4018 35.51 46.07 23.54
N PHE C 4019 36.30 45.34 22.75
CA PHE C 4019 37.33 46.00 21.95
C PHE C 4019 36.72 46.82 20.81
N LEU C 4020 35.67 46.29 20.17
CA LEU C 4020 35.02 47.04 19.10
C LEU C 4020 34.33 48.29 19.63
N LYS C 4021 33.69 48.19 20.80
CA LYS C 4021 33.07 49.36 21.40
C LYS C 4021 34.11 50.39 21.83
N LEU C 4022 35.29 49.95 22.27
CA LEU C 4022 36.36 50.91 22.55
C LEU C 4022 36.80 51.61 21.28
N LYS C 4023 36.96 50.86 20.19
CA LYS C 4023 37.34 51.48 18.92
C LYS C 4023 36.29 52.49 18.46
N ASP C 4024 35.01 52.17 18.69
CA ASP C 4024 33.94 53.08 18.28
C ASP C 4024 33.89 54.32 19.17
N LEU C 4025 34.12 54.14 20.48
CA LEU C 4025 33.96 55.24 21.43
C LEU C 4025 35.16 56.16 21.47
N THR C 4026 36.34 55.68 21.08
CA THR C 4026 37.53 56.52 21.16
C THR C 4026 37.45 57.71 20.21
N SER C 4027 36.59 57.67 19.21
CA SER C 4027 36.41 58.77 18.26
C SER C 4027 34.93 58.99 17.96
N SER C 4028 34.10 59.05 19.01
CA SER C 4028 32.66 59.10 18.84
C SER C 4028 32.08 60.47 19.17
N ASP C 4029 32.24 60.95 20.41
CA ASP C 4029 31.64 62.22 20.80
C ASP C 4029 32.67 63.27 21.19
N THR C 4030 33.53 62.99 22.17
CA THR C 4030 34.44 64.01 22.67
C THR C 4030 35.85 63.50 22.97
N PHE C 4031 36.12 62.20 22.80
CA PHE C 4031 37.40 61.67 23.21
C PHE C 4031 38.51 61.98 22.22
N LYS C 4032 38.17 62.19 20.95
CA LYS C 4032 39.18 62.54 19.95
C LYS C 4032 39.58 64.00 20.01
N GLU C 4033 38.81 64.85 20.70
CA GLU C 4033 39.15 66.26 20.87
C GLU C 4033 39.19 66.66 22.33
N TYR C 4034 39.28 65.70 23.25
CA TYR C 4034 39.27 66.01 24.67
C TYR C 4034 40.46 66.88 25.05
N ASP C 4035 41.68 66.44 24.72
CA ASP C 4035 42.91 67.18 25.02
C ASP C 4035 43.70 67.32 23.73
N PRO C 4036 43.30 68.23 22.84
CA PRO C 4036 44.00 68.39 21.55
C PRO C 4036 45.15 69.39 21.59
N ASP C 4037 46.16 69.09 22.40
CA ASP C 4037 47.39 69.86 22.44
C ASP C 4037 48.52 69.19 21.70
N GLY C 4038 48.73 67.89 21.94
CA GLY C 4038 49.74 67.12 21.23
C GLY C 4038 49.23 65.76 20.80
N LYS C 4039 49.91 64.71 21.24
CA LYS C 4039 49.45 63.35 21.02
C LYS C 4039 48.37 63.04 22.07
N GLY C 4040 47.96 61.79 22.19
CA GLY C 4040 46.96 61.45 23.18
C GLY C 4040 47.48 61.58 24.60
N VAL C 4041 46.99 62.58 25.34
CA VAL C 4041 47.36 62.80 26.73
C VAL C 4041 46.08 62.64 27.54
N ILE C 4042 45.86 61.44 28.06
CA ILE C 4042 44.67 61.13 28.86
C ILE C 4042 45.13 60.65 30.22
N SER C 4043 44.69 61.34 31.28
CA SER C 4043 44.99 60.94 32.64
C SER C 4043 44.25 59.68 33.06
N LYS C 4044 43.42 59.13 32.16
CA LYS C 4044 42.72 57.85 32.31
C LYS C 4044 41.58 57.93 33.31
N ARG C 4045 41.50 59.01 34.08
CA ARG C 4045 40.35 59.16 34.97
C ARG C 4045 39.13 59.63 34.19
N ASP C 4046 39.27 60.71 33.43
CA ASP C 4046 38.23 61.08 32.48
C ASP C 4046 37.93 59.95 31.52
N PHE C 4047 38.94 59.16 31.13
CA PHE C 4047 38.69 58.04 30.23
C PHE C 4047 37.80 56.99 30.87
N HIS C 4048 38.15 56.52 32.06
CA HIS C 4048 37.32 55.55 32.75
C HIS C 4048 35.92 56.09 33.01
N LYS C 4049 35.83 57.32 33.50
CA LYS C 4049 34.53 57.87 33.84
C LYS C 4049 33.67 58.11 32.60
N ALA C 4050 34.30 58.53 31.50
CA ALA C 4050 33.57 58.69 30.24
C ALA C 4050 33.11 57.35 29.66
N MET C 4051 33.98 56.34 29.70
CA MET C 4051 33.58 55.03 29.20
C MET C 4051 32.51 54.39 30.08
N GLU C 4052 32.41 54.80 31.35
CA GLU C 4052 31.35 54.28 32.20
C GLU C 4052 30.07 55.12 32.17
N SER C 4053 30.16 56.37 31.69
CA SER C 4053 28.98 57.23 31.61
C SER C 4053 28.40 57.31 30.21
N HIS C 4054 29.08 56.73 29.22
CA HIS C 4054 28.55 56.72 27.86
C HIS C 4054 27.51 55.63 27.64
N LYS C 4055 27.11 54.90 28.68
CA LYS C 4055 25.99 53.95 28.62
C LYS C 4055 26.23 52.82 27.62
N HIS C 4056 27.48 52.54 27.30
CA HIS C 4056 27.78 51.42 26.41
C HIS C 4056 28.71 50.42 27.09
N TYR C 4057 29.01 50.60 28.36
CA TYR C 4057 29.91 49.73 29.10
C TYR C 4057 29.38 49.54 30.51
N THR C 4058 29.48 48.31 31.03
CA THR C 4058 29.27 48.09 32.45
C THR C 4058 30.60 48.19 33.21
N GLN C 4059 30.49 48.20 34.53
CA GLN C 4059 31.63 48.44 35.39
C GLN C 4059 32.71 47.37 35.21
N SER C 4060 32.28 46.11 35.05
CA SER C 4060 33.24 45.03 34.83
C SER C 4060 34.01 45.24 33.54
N GLU C 4061 33.32 45.61 32.46
CA GLU C 4061 34.01 45.86 31.20
C GLU C 4061 34.93 47.07 31.30
N THR C 4062 34.51 48.11 32.03
CA THR C 4062 35.34 49.30 32.17
C THR C 4062 36.63 48.96 32.92
N GLU C 4063 36.53 48.20 34.02
CA GLU C 4063 37.74 47.84 34.75
C GLU C 4063 38.60 46.86 33.96
N PHE C 4064 37.99 45.95 33.19
CA PHE C 4064 38.77 45.05 32.36
C PHE C 4064 39.54 45.81 31.29
N LEU C 4065 38.94 46.86 30.73
CA LEU C 4065 39.62 47.64 29.70
C LEU C 4065 40.67 48.55 30.32
N LEU C 4066 40.44 49.03 31.55
CA LEU C 4066 41.47 49.79 32.24
C LEU C 4066 42.65 48.91 32.63
N SER C 4067 42.42 47.62 32.83
CA SER C 4067 43.52 46.69 33.08
C SER C 4067 44.48 46.64 31.91
N CYS C 4068 44.04 47.01 30.71
CA CYS C 4068 44.88 47.03 29.53
C CYS C 4068 45.67 48.32 29.37
N ALA C 4069 45.71 49.15 30.40
CA ALA C 4069 46.39 50.43 30.31
C ALA C 4069 47.91 50.24 30.27
N GLU C 4070 48.61 51.31 29.89
CA GLU C 4070 50.06 51.30 29.76
C GLU C 4070 50.78 51.95 30.92
N THR C 4071 50.27 53.08 31.41
CA THR C 4071 50.87 53.82 32.54
C THR C 4071 52.34 54.15 32.26
N ASP C 4072 52.53 55.02 31.26
CA ASP C 4072 53.86 55.42 30.82
C ASP C 4072 54.49 56.43 31.78
N GLU C 4073 54.56 56.03 33.05
CA GLU C 4073 55.21 56.75 34.14
C GLU C 4073 54.66 58.16 34.34
N ASN C 4074 53.52 58.48 33.71
CA ASN C 4074 52.92 59.79 33.86
C ASN C 4074 51.40 59.72 33.87
N GLU C 4075 50.83 58.52 34.03
CA GLU C 4075 49.38 58.30 33.99
C GLU C 4075 48.80 58.77 32.66
N THR C 4076 49.25 58.13 31.58
CA THR C 4076 48.84 58.54 30.24
C THR C 4076 49.02 57.39 29.26
N LEU C 4077 47.98 57.15 28.47
CA LEU C 4077 48.02 56.25 27.32
C LEU C 4077 47.67 57.05 26.07
N ASP C 4078 48.26 56.67 24.95
CA ASP C 4078 47.89 57.28 23.66
C ASP C 4078 46.93 56.33 22.95
N TYR C 4079 45.64 56.68 22.96
CA TYR C 4079 44.61 55.83 22.39
C TYR C 4079 44.83 55.59 20.91
N GLU C 4080 45.61 56.44 20.24
CA GLU C 4080 45.95 56.20 18.85
C GLU C 4080 46.65 54.86 18.72
N GLU C 4081 47.81 54.76 19.36
CA GLU C 4081 48.51 53.51 19.62
C GLU C 4081 47.58 52.40 20.11
N PHE C 4082 46.68 52.72 21.03
CA PHE C 4082 45.82 51.66 21.59
C PHE C 4082 44.99 50.99 20.51
N VAL C 4083 44.26 51.77 19.71
CA VAL C 4083 43.41 51.19 18.68
C VAL C 4083 44.23 50.76 17.46
N LYS C 4084 45.44 51.30 17.31
CA LYS C 4084 46.35 50.86 16.28
C LYS C 4084 46.91 49.47 16.55
N ARG C 4085 46.94 49.06 17.80
CA ARG C 4085 47.46 47.74 18.16
C ARG C 4085 46.38 46.73 18.49
N PHE C 4086 45.31 47.13 19.17
CA PHE C 4086 44.37 46.17 19.74
C PHE C 4086 43.06 46.03 18.95
N HIS C 4087 42.93 46.67 17.80
CA HIS C 4087 41.66 46.65 17.07
C HIS C 4087 41.70 45.85 15.78
N GLU C 4088 42.81 45.87 15.04
CA GLU C 4088 42.82 45.25 13.71
C GLU C 4088 42.67 43.73 13.78
N PRO C 4089 43.49 42.98 14.51
CA PRO C 4089 43.26 41.53 14.56
C PRO C 4089 41.94 41.18 15.23
N ALA C 4090 41.55 41.95 16.25
CA ALA C 4090 40.22 41.78 16.83
C ALA C 4090 39.15 41.94 15.77
N LYS C 4091 39.30 42.95 14.90
CA LYS C 4091 38.32 43.17 13.83
C LYS C 4091 38.30 41.99 12.86
N ASP C 4092 39.47 41.48 12.49
CA ASP C 4092 39.51 40.38 11.51
C ASP C 4092 38.84 39.12 12.07
N ILE C 4093 39.25 38.68 13.26
CA ILE C 4093 38.68 37.46 13.81
C ILE C 4093 37.21 37.67 14.19
N GLY C 4094 36.83 38.88 14.59
CA GLY C 4094 35.43 39.16 14.81
C GLY C 4094 34.60 39.06 13.55
N PHE C 4095 35.16 39.52 12.42
CA PHE C 4095 34.47 39.37 11.15
C PHE C 4095 34.33 37.90 10.77
N ASN C 4096 35.36 37.10 11.03
CA ASN C 4096 35.27 35.67 10.73
C ASN C 4096 34.18 35.00 11.56
N VAL C 4097 34.21 35.20 12.87
CA VAL C 4097 33.17 34.59 13.71
C VAL C 4097 31.80 35.18 13.39
N ALA C 4098 31.76 36.42 12.89
CA ALA C 4098 30.50 37.04 12.54
C ALA C 4098 29.88 36.38 11.32
N VAL C 4099 30.69 36.14 10.28
CA VAL C 4099 30.14 35.45 9.11
C VAL C 4099 29.79 34.01 9.46
N LEU C 4100 30.52 33.39 10.41
CA LEU C 4100 30.14 32.07 10.86
C LEU C 4100 28.76 32.08 11.51
N LEU C 4101 28.55 32.99 12.46
CA LEU C 4101 27.26 33.08 13.14
C LEU C 4101 26.15 33.47 12.16
N THR C 4102 26.47 34.30 11.16
CA THR C 4102 25.48 34.68 10.17
C THR C 4102 25.07 33.48 9.33
N ASN C 4103 26.04 32.67 8.91
CA ASN C 4103 25.72 31.45 8.17
C ASN C 4103 24.86 30.52 9.02
N LEU C 4104 25.24 30.32 10.28
CA LEU C 4104 24.48 29.43 11.16
C LEU C 4104 23.05 29.92 11.35
N SER C 4105 22.88 31.23 11.57
CA SER C 4105 21.55 31.81 11.70
C SER C 4105 20.74 31.57 10.44
N GLU C 4106 21.19 32.14 9.31
CA GLU C 4106 20.44 32.12 8.08
C GLU C 4106 20.35 30.73 7.44
N HIS C 4107 21.02 29.72 8.01
CA HIS C 4107 20.70 28.34 7.64
C HIS C 4107 19.71 27.72 8.60
N MET C 4108 20.07 27.63 9.89
CA MET C 4108 19.22 27.01 10.90
C MET C 4108 18.50 28.07 11.70
N PRO C 4109 17.21 28.31 11.46
CA PRO C 4109 16.49 29.28 12.28
C PRO C 4109 15.71 28.65 13.42
N ASN C 4110 15.23 29.48 14.35
CA ASN C 4110 14.26 29.08 15.38
C ASN C 4110 14.83 27.99 16.30
N ASP C 4111 15.91 28.34 17.00
CA ASP C 4111 16.48 27.52 18.05
C ASP C 4111 16.84 28.42 19.22
N THR C 4112 16.23 28.17 20.39
CA THR C 4112 16.36 29.10 21.52
C THR C 4112 17.81 29.23 21.96
N ARG C 4113 18.54 28.11 21.99
CA ARG C 4113 19.97 28.17 22.27
C ARG C 4113 20.70 28.96 21.18
N LEU C 4114 20.41 28.63 19.92
CA LEU C 4114 20.89 29.46 18.84
C LEU C 4114 20.28 30.85 18.88
N GLN C 4115 19.14 31.03 19.54
CA GLN C 4115 18.55 32.37 19.63
C GLN C 4115 19.37 33.28 20.55
N THR C 4116 19.80 32.77 21.71
CA THR C 4116 20.67 33.59 22.55
C THR C 4116 22.04 33.77 21.90
N PHE C 4117 22.57 32.69 21.30
CA PHE C 4117 23.79 32.84 20.51
C PHE C 4117 23.62 33.89 19.42
N LEU C 4118 22.41 34.03 18.88
CA LEU C 4118 22.15 34.97 17.81
C LEU C 4118 21.97 36.39 18.31
N GLU C 4119 21.43 36.56 19.52
CA GLU C 4119 21.37 37.91 20.08
C GLU C 4119 22.78 38.40 20.35
N LEU C 4120 23.65 37.53 20.88
CA LEU C 4120 25.06 37.90 20.99
C LEU C 4120 25.68 38.14 19.61
N ALA C 4121 25.32 37.31 18.63
CA ALA C 4121 25.81 37.47 17.29
C ALA C 4121 25.49 38.86 16.75
N GLU C 4122 24.23 39.28 16.87
CA GLU C 4122 23.84 40.59 16.35
C GLU C 4122 24.43 41.73 17.17
N SER C 4123 24.64 41.52 18.47
CA SER C 4123 25.39 42.50 19.25
C SER C 4123 26.79 42.69 18.66
N VAL C 4124 27.39 41.63 18.14
CA VAL C 4124 28.65 41.80 17.40
C VAL C 4124 28.41 42.40 16.02
N LEU C 4125 27.32 41.98 15.36
CA LEU C 4125 27.08 42.35 13.97
C LEU C 4125 26.72 43.81 13.80
N ASN C 4126 26.27 44.49 14.85
CA ASN C 4126 26.02 45.93 14.73
C ASN C 4126 27.27 46.70 14.31
N TYR C 4127 28.44 46.07 14.36
CA TYR C 4127 29.66 46.67 13.83
C TYR C 4127 30.03 46.14 12.45
N PHE C 4128 29.75 44.86 12.16
CA PHE C 4128 30.16 44.22 10.92
C PHE C 4128 29.06 44.20 9.87
N GLN C 4129 28.02 45.03 10.02
CA GLN C 4129 26.95 45.03 9.02
C GLN C 4129 27.41 45.60 7.68
N PRO C 4130 28.04 46.77 7.60
CA PRO C 4130 28.53 47.27 6.30
C PRO C 4130 29.83 46.62 5.83
N PHE C 4131 30.26 45.52 6.45
CA PHE C 4131 31.52 44.88 6.11
C PHE C 4131 31.38 43.50 5.49
N LEU C 4132 30.26 42.83 5.68
CA LEU C 4132 30.06 41.49 5.12
C LEU C 4132 29.00 41.53 4.03
N GLY C 4133 29.29 40.86 2.92
CA GLY C 4133 28.37 40.78 1.81
C GLY C 4133 28.02 39.34 1.51
N ARG C 4134 26.80 39.13 1.01
CA ARG C 4134 26.29 37.79 0.73
C ARG C 4134 25.81 37.71 -0.72
N ILE C 4135 26.13 36.58 -1.36
CA ILE C 4135 25.78 36.32 -2.74
C ILE C 4135 25.06 34.99 -2.80
N GLU C 4136 24.12 34.87 -3.75
CA GLU C 4136 23.36 33.64 -3.94
C GLU C 4136 23.86 32.97 -5.23
N ILE C 4137 24.80 32.04 -5.07
CA ILE C 4137 25.36 31.30 -6.19
C ILE C 4137 24.47 30.09 -6.47
N MET C 4138 24.44 29.66 -7.72
CA MET C 4138 23.73 28.45 -8.13
C MET C 4138 24.71 27.60 -8.93
N GLY C 4139 25.35 26.66 -8.28
CA GLY C 4139 26.31 25.81 -8.98
C GLY C 4139 26.98 24.83 -8.04
N SER C 4140 27.49 23.75 -8.65
CA SER C 4140 28.30 22.74 -7.98
C SER C 4140 27.47 21.89 -7.02
N ALA C 4141 26.23 22.29 -6.77
CA ALA C 4141 25.32 21.49 -5.97
C ALA C 4141 23.89 21.49 -6.50
N LYS C 4142 23.63 22.13 -7.65
CA LYS C 4142 22.28 22.27 -8.20
C LYS C 4142 21.32 22.90 -7.19
N ARG C 4143 21.84 23.70 -6.27
CA ARG C 4143 21.04 24.35 -5.25
C ARG C 4143 21.62 25.73 -4.96
N ILE C 4144 20.78 26.60 -4.43
CA ILE C 4144 21.20 27.96 -4.11
C ILE C 4144 22.06 27.94 -2.86
N GLU C 4145 23.23 28.56 -2.94
CA GLU C 4145 24.18 28.62 -1.84
C GLU C 4145 24.49 30.08 -1.53
N ARG C 4146 24.34 30.46 -0.26
CA ARG C 4146 24.61 31.82 0.18
C ARG C 4146 26.07 31.90 0.61
N VAL C 4147 26.90 32.48 -0.23
CA VAL C 4147 28.31 32.67 0.08
C VAL C 4147 28.48 34.02 0.74
N TYR C 4148 29.47 34.13 1.63
CA TYR C 4148 29.74 35.35 2.38
C TYR C 4148 31.17 35.79 2.13
N PHE C 4149 31.38 37.10 2.16
CA PHE C 4149 32.71 37.64 1.86
C PHE C 4149 32.83 39.02 2.51
N GLU C 4150 34.03 39.60 2.40
CA GLU C 4150 34.35 40.89 3.00
C GLU C 4150 34.29 41.98 1.95
N ILE C 4151 33.79 43.15 2.36
CA ILE C 4151 33.71 44.34 1.51
C ILE C 4151 34.58 45.42 2.13
N SER C 4152 35.49 45.97 1.33
CA SER C 4152 36.43 46.96 1.84
C SER C 4152 35.80 48.35 1.91
N GLU C 4153 36.24 49.12 2.90
CA GLU C 4153 35.78 50.50 3.02
C GLU C 4153 36.21 51.33 1.81
N SER C 4154 37.41 51.08 1.30
CA SER C 4154 37.85 51.77 0.09
C SER C 4154 36.96 51.43 -1.09
N SER C 4155 36.58 50.16 -1.21
CA SER C 4155 35.66 49.76 -2.27
C SER C 4155 34.31 50.44 -2.12
N ARG C 4156 33.80 50.52 -0.89
CA ARG C 4156 32.54 51.20 -0.65
C ARG C 4156 32.63 52.68 -1.03
N THR C 4157 33.75 53.32 -0.71
CA THR C 4157 33.91 54.73 -1.07
C THR C 4157 33.96 54.91 -2.58
N GLN C 4158 34.74 54.06 -3.27
CA GLN C 4158 34.82 54.17 -4.72
C GLN C 4158 33.49 53.86 -5.39
N TRP C 4159 32.66 53.02 -4.77
CA TRP C 4159 31.31 52.78 -5.27
C TRP C 4159 30.41 53.97 -4.99
N GLU C 4160 30.68 54.70 -3.91
CA GLU C 4160 29.92 55.91 -3.62
C GLU C 4160 30.30 57.06 -4.53
N LYS C 4161 31.49 57.01 -5.14
CA LYS C 4161 31.98 58.05 -6.05
C LYS C 4161 30.96 58.32 -7.15
N PRO C 4162 30.94 59.55 -7.70
CA PRO C 4162 29.88 59.88 -8.68
C PRO C 4162 29.99 59.14 -10.01
N GLN C 4163 31.17 59.15 -10.64
CA GLN C 4163 31.30 58.60 -11.98
C GLN C 4163 30.88 57.14 -12.03
N VAL C 4164 31.13 56.38 -10.97
CA VAL C 4164 30.67 55.00 -10.94
C VAL C 4164 29.14 54.96 -10.87
N LYS C 4165 28.53 55.95 -10.21
CA LYS C 4165 27.07 55.97 -10.16
C LYS C 4165 26.48 56.26 -11.54
N GLU C 4166 27.05 57.22 -12.27
CA GLU C 4166 26.55 57.47 -13.62
C GLU C 4166 26.81 56.27 -14.53
N SER C 4167 27.97 55.60 -14.38
CA SER C 4167 28.22 54.39 -15.15
C SER C 4167 27.19 53.32 -14.85
N LYS C 4168 26.82 53.18 -13.56
CA LYS C 4168 25.84 52.17 -13.17
C LYS C 4168 24.47 52.47 -13.75
N ARG C 4169 24.04 53.72 -13.68
CA ARG C 4169 22.72 54.05 -14.22
C ARG C 4169 22.70 53.90 -15.74
N GLN C 4170 23.79 54.25 -16.42
CA GLN C 4170 23.86 54.05 -17.86
C GLN C 4170 23.82 52.57 -18.22
N PHE C 4171 24.55 51.74 -17.47
CA PHE C 4171 24.52 50.31 -17.72
C PHE C 4171 23.13 49.75 -17.51
N ILE C 4172 22.47 50.14 -16.42
CA ILE C 4172 21.10 49.68 -16.16
C ILE C 4172 20.19 50.04 -17.32
N PHE C 4173 20.26 51.31 -17.77
CA PHE C 4173 19.40 51.76 -18.85
C PHE C 4173 19.63 50.97 -20.13
N ASP C 4174 20.89 50.87 -20.56
CA ASP C 4174 21.14 50.24 -21.86
C ASP C 4174 21.15 48.72 -21.79
N VAL C 4175 21.06 48.12 -20.60
CA VAL C 4175 20.88 46.68 -20.50
C VAL C 4175 19.41 46.29 -20.33
N VAL C 4176 18.58 47.19 -19.82
CA VAL C 4176 17.15 46.89 -19.78
C VAL C 4176 16.45 47.29 -21.08
N ASN C 4177 16.97 48.28 -21.79
CA ASN C 4177 16.33 48.70 -23.05
C ASN C 4177 16.73 47.77 -24.20
N GLU C 4178 18.03 47.67 -24.47
CA GLU C 4178 18.50 46.91 -25.62
C GLU C 4178 18.76 45.45 -25.29
N GLY C 4179 19.53 45.19 -24.24
CA GLY C 4179 19.85 43.82 -23.89
C GLY C 4179 18.64 43.07 -23.37
N GLY C 4180 18.54 41.79 -23.75
CA GLY C 4180 17.48 40.94 -23.28
C GLY C 4180 17.88 40.12 -22.07
N GLU C 4181 17.80 38.79 -22.19
CA GLU C 4181 18.20 37.88 -21.12
C GLU C 4181 19.29 36.91 -21.54
N LYS C 4182 19.58 36.77 -22.83
CA LYS C 4182 20.66 35.89 -23.28
C LYS C 4182 22.02 36.45 -22.90
N GLU C 4183 22.25 37.74 -23.16
CA GLU C 4183 23.53 38.38 -22.88
C GLU C 4183 23.44 39.35 -21.72
N LYS C 4184 22.38 39.26 -20.91
CA LYS C 4184 22.26 40.15 -19.76
C LYS C 4184 23.37 39.90 -18.76
N MET C 4185 23.67 38.64 -18.47
CA MET C 4185 24.75 38.33 -17.53
C MET C 4185 26.11 38.65 -18.12
N GLU C 4186 26.28 38.47 -19.44
CA GLU C 4186 27.48 38.93 -20.13
C GLU C 4186 27.69 40.42 -19.91
N LEU C 4187 26.66 41.22 -20.20
CA LEU C 4187 26.77 42.66 -20.06
C LEU C 4187 26.99 43.05 -18.60
N PHE C 4188 26.39 42.31 -17.68
CA PHE C 4188 26.57 42.62 -16.26
C PHE C 4188 27.99 42.35 -15.81
N VAL C 4189 28.59 41.24 -16.25
CA VAL C 4189 29.97 40.95 -15.89
C VAL C 4189 30.92 41.95 -16.53
N ASN C 4190 30.65 42.31 -17.79
CA ASN C 4190 31.44 43.36 -18.44
C ASN C 4190 31.34 44.67 -17.68
N PHE C 4191 30.13 45.00 -17.21
CA PHE C 4191 29.94 46.22 -16.44
C PHE C 4191 30.68 46.16 -15.11
N CYS C 4192 30.68 44.99 -14.46
CA CYS C 4192 31.42 44.85 -13.22
C CYS C 4192 32.91 45.04 -13.44
N GLU C 4193 33.44 44.50 -14.53
CA GLU C 4193 34.87 44.69 -14.82
C GLU C 4193 35.17 46.16 -15.11
N ASP C 4194 34.36 46.80 -15.96
CA ASP C 4194 34.57 48.21 -16.25
C ASP C 4194 34.45 49.06 -14.99
N THR C 4195 33.55 48.68 -14.08
CA THR C 4195 33.33 49.47 -12.88
C THR C 4195 34.45 49.27 -11.85
N ILE C 4196 35.00 48.05 -11.75
CA ILE C 4196 36.14 47.91 -10.85
C ILE C 4196 37.35 48.63 -11.43
N PHE C 4197 37.48 48.69 -12.75
CA PHE C 4197 38.55 49.52 -13.33
C PHE C 4197 38.28 51.00 -13.04
N GLU C 4198 37.02 51.42 -13.11
CA GLU C 4198 36.65 52.78 -12.76
C GLU C 4198 37.01 53.10 -11.31
N MET C 4199 36.76 52.16 -10.41
CA MET C 4199 37.03 52.37 -9.00
C MET C 4199 38.54 52.42 -8.73
N GLN C 4200 39.30 51.55 -9.40
CA GLN C 4200 40.76 51.64 -9.31
C GLN C 4200 41.25 52.99 -9.79
N LEU C 4201 40.72 53.48 -10.91
CA LEU C 4201 41.14 54.79 -11.43
C LEU C 4201 40.76 55.91 -10.46
N ALA C 4202 39.55 55.86 -9.90
CA ALA C 4202 39.09 56.90 -9.00
C ALA C 4202 39.92 56.91 -7.71
N ALA C 4203 40.30 55.74 -7.22
CA ALA C 4203 41.18 55.69 -6.05
C ALA C 4203 42.58 56.16 -6.40
N GLN C 4204 43.03 55.91 -7.63
CA GLN C 4204 44.31 56.46 -8.07
C GLN C 4204 44.26 57.98 -8.11
N ILE C 4205 43.10 58.54 -8.44
CA ILE C 4205 42.92 59.99 -8.48
C ILE C 4205 43.01 60.57 -7.07
N PHE C 4478 65.16 67.27 -11.52
CA PHE C 4478 64.17 68.06 -12.27
C PHE C 4478 62.95 67.23 -12.60
N TRP C 4479 63.16 65.94 -12.86
CA TRP C 4479 62.06 65.05 -13.21
C TRP C 4479 61.10 64.83 -12.05
N LYS C 4480 61.54 65.08 -10.81
CA LYS C 4480 60.71 64.92 -9.63
C LYS C 4480 60.13 66.25 -9.17
N LYS C 4481 60.13 67.27 -10.03
CA LYS C 4481 59.58 68.57 -9.69
C LYS C 4481 58.45 69.02 -10.60
N ILE C 4482 58.44 68.60 -11.87
CA ILE C 4482 57.39 68.97 -12.80
C ILE C 4482 56.36 67.86 -12.97
N ILE C 4483 56.82 66.60 -13.00
CA ILE C 4483 55.90 65.49 -13.19
C ILE C 4483 54.98 65.34 -11.98
N ALA C 4484 55.56 65.41 -10.78
CA ALA C 4484 54.76 65.25 -9.55
C ALA C 4484 53.74 66.35 -9.37
N TYR C 4485 53.94 67.52 -9.98
CA TYR C 4485 52.97 68.60 -9.90
C TYR C 4485 51.94 68.54 -11.02
N GLN C 4486 52.37 68.23 -12.25
CA GLN C 4486 51.42 68.17 -13.35
C GLN C 4486 50.49 66.97 -13.20
N GLN C 4487 50.98 65.88 -12.58
CA GLN C 4487 50.13 64.76 -12.25
C GLN C 4487 49.03 65.18 -11.28
N LYS C 4488 49.39 65.96 -10.25
CA LYS C 4488 48.40 66.46 -9.31
C LYS C 4488 47.41 67.39 -10.00
N LEU C 4489 47.88 68.18 -10.97
CA LEU C 4489 46.97 69.03 -11.72
C LEU C 4489 45.97 68.22 -12.53
N LEU C 4490 46.45 67.19 -13.23
CA LEU C 4490 45.55 66.33 -13.99
C LEU C 4490 44.56 65.61 -13.08
N ASN C 4491 45.03 65.20 -11.90
CA ASN C 4491 44.14 64.54 -10.94
C ASN C 4491 43.07 65.50 -10.45
N TYR C 4492 43.44 66.74 -10.17
CA TYR C 4492 42.47 67.75 -9.75
C TYR C 4492 41.46 68.02 -10.86
N PHE C 4493 41.91 68.07 -12.11
CA PHE C 4493 40.99 68.28 -13.22
C PHE C 4493 40.02 67.12 -13.36
N ALA C 4494 40.53 65.89 -13.28
CA ALA C 4494 39.65 64.72 -13.39
C ALA C 4494 38.66 64.65 -12.22
N ARG C 4495 39.07 65.11 -11.04
CA ARG C 4495 38.18 65.11 -9.90
C ARG C 4495 37.17 66.25 -9.97
N ASN C 4496 37.53 67.35 -10.63
CA ASN C 4496 36.69 68.54 -10.73
C ASN C 4496 36.14 68.72 -12.14
N PHE C 4497 35.99 67.63 -12.89
CA PHE C 4497 35.47 67.72 -14.25
C PHE C 4497 34.02 68.21 -14.27
N TYR C 4498 33.17 67.65 -13.41
CA TYR C 4498 31.74 67.96 -13.47
C TYR C 4498 31.45 69.39 -13.02
N ASN C 4499 32.05 69.83 -11.91
CA ASN C 4499 31.88 71.21 -11.50
C ASN C 4499 32.44 72.17 -12.54
N MET C 4500 33.49 71.76 -13.26
CA MET C 4500 33.98 72.56 -14.37
C MET C 4500 32.91 72.69 -15.46
N ARG C 4501 32.16 71.60 -15.71
CA ARG C 4501 31.08 71.67 -16.68
C ARG C 4501 29.97 72.61 -16.22
N MET C 4502 29.58 72.53 -14.95
CA MET C 4502 28.55 73.42 -14.44
C MET C 4502 29.01 74.89 -14.46
N LEU C 4503 30.28 75.13 -14.12
CA LEU C 4503 30.80 76.48 -14.17
C LEU C 4503 30.86 76.98 -15.61
N ALA C 4504 31.15 76.09 -16.56
CA ALA C 4504 31.12 76.45 -17.97
C ALA C 4504 29.71 76.83 -18.40
N LEU C 4505 28.70 76.08 -17.96
CA LEU C 4505 27.32 76.41 -18.31
C LEU C 4505 26.89 77.74 -17.69
N PHE C 4506 27.30 77.99 -16.44
CA PHE C 4506 27.08 79.29 -15.83
C PHE C 4506 27.73 80.42 -16.63
N VAL C 4507 29.00 80.26 -17.00
CA VAL C 4507 29.67 81.35 -17.70
C VAL C 4507 29.04 81.55 -19.07
N ALA C 4508 28.60 80.48 -19.71
CA ALA C 4508 27.92 80.61 -21.01
C ALA C 4508 26.59 81.34 -20.86
N PHE C 4509 25.83 81.02 -19.81
CA PHE C 4509 24.58 81.74 -19.55
C PHE C 4509 24.85 83.22 -19.32
N ALA C 4510 25.91 83.54 -18.56
CA ALA C 4510 26.23 84.93 -18.29
C ALA C 4510 26.62 85.67 -19.57
N ILE C 4511 27.49 85.05 -20.38
CA ILE C 4511 27.92 85.69 -21.63
C ILE C 4511 26.74 85.86 -22.57
N ASN C 4512 25.81 84.90 -22.59
CA ASN C 4512 24.67 85.04 -23.48
C ASN C 4512 23.67 86.07 -22.98
N PHE C 4513 23.57 86.25 -21.66
CA PHE C 4513 22.77 87.33 -21.11
C PHE C 4513 23.36 88.69 -21.49
N ILE C 4514 24.69 88.80 -21.41
CA ILE C 4514 25.35 90.05 -21.80
C ILE C 4514 25.16 90.30 -23.29
N LEU C 4515 25.28 89.26 -24.12
CA LEU C 4515 25.02 89.42 -25.55
C LEU C 4515 23.56 89.74 -25.83
N LEU C 4516 22.65 89.30 -24.96
CA LEU C 4516 21.26 89.73 -25.09
C LEU C 4516 21.13 91.23 -24.85
N PHE C 4517 21.82 91.74 -23.82
CA PHE C 4517 21.88 93.19 -23.61
C PHE C 4517 22.81 93.80 -24.64
N TYR C 4518 22.25 94.13 -25.80
CA TYR C 4518 23.02 94.54 -26.97
C TYR C 4518 22.16 95.46 -27.85
N LYS C 4519 22.77 96.01 -28.90
CA LYS C 4519 22.10 96.96 -29.79
C LYS C 4519 22.97 97.10 -31.04
N VAL C 4520 22.50 97.91 -31.99
CA VAL C 4520 23.21 98.16 -33.24
C VAL C 4520 23.11 99.63 -33.59
N SER C 4521 24.14 100.13 -34.26
CA SER C 4521 24.20 101.54 -34.67
C SER C 4521 23.25 101.82 -35.83
N VAL C 4556 26.08 97.40 -39.11
CA VAL C 4556 27.17 98.09 -39.78
C VAL C 4556 28.23 98.50 -38.76
N HIS C 4557 27.80 98.69 -37.52
CA HIS C 4557 28.72 99.04 -36.43
C HIS C 4557 28.16 98.45 -35.15
N TYR C 4558 28.77 97.37 -34.69
CA TYR C 4558 28.29 96.66 -33.53
C TYR C 4558 28.74 97.35 -32.24
N VAL C 4559 27.80 97.54 -31.30
CA VAL C 4559 28.02 98.24 -30.04
C VAL C 4559 27.11 97.68 -28.96
N LEU C 4560 27.65 97.51 -27.75
CA LEU C 4560 26.84 97.11 -26.59
C LEU C 4560 26.27 98.39 -25.96
N GLU C 4561 25.13 98.83 -26.49
CA GLU C 4561 24.63 100.16 -26.20
C GLU C 4561 23.69 100.23 -25.00
N GLU C 4562 22.96 99.16 -24.70
CA GLU C 4562 21.93 99.25 -23.67
C GLU C 4562 22.49 99.40 -22.26
N SER C 4563 23.79 99.50 -22.08
CA SER C 4563 24.40 99.63 -20.78
C SER C 4563 25.23 100.92 -20.72
N SER C 4564 25.63 101.27 -19.49
CA SER C 4564 26.50 102.40 -19.25
C SER C 4564 27.74 101.87 -18.50
N GLY C 4565 28.72 101.40 -19.27
CA GLY C 4565 29.93 100.86 -18.70
C GLY C 4565 29.67 99.58 -17.91
N TYR C 4566 30.77 99.04 -17.37
CA TYR C 4566 30.76 97.86 -16.50
C TYR C 4566 30.23 96.61 -17.18
N MET C 4567 30.01 96.66 -18.49
CA MET C 4567 29.51 95.50 -19.23
C MET C 4567 30.29 95.17 -20.49
N GLU C 4568 31.06 96.11 -21.05
CA GLU C 4568 31.85 95.83 -22.24
C GLU C 4568 33.07 94.97 -21.92
N PRO C 4569 33.90 95.32 -20.94
CA PRO C 4569 35.09 94.48 -20.69
C PRO C 4569 34.75 93.15 -20.04
N THR C 4570 33.67 93.09 -19.25
CA THR C 4570 33.28 91.83 -18.65
C THR C 4570 32.90 90.80 -19.70
N LEU C 4571 32.45 91.23 -20.88
CA LEU C 4571 32.19 90.29 -21.95
C LEU C 4571 33.46 89.57 -22.37
N ARG C 4572 34.55 90.32 -22.57
CA ARG C 4572 35.81 89.71 -22.95
C ARG C 4572 36.40 88.87 -21.82
N ILE C 4573 36.27 89.34 -20.57
CA ILE C 4573 36.75 88.54 -19.44
C ILE C 4573 36.01 87.22 -19.37
N LEU C 4574 34.68 87.26 -19.46
CA LEU C 4574 33.91 86.03 -19.42
C LEU C 4574 34.19 85.16 -20.64
N ALA C 4575 34.53 85.76 -21.79
CA ALA C 4575 34.87 84.96 -22.96
C ALA C 4575 36.17 84.18 -22.74
N ILE C 4576 37.23 84.88 -22.30
CA ILE C 4576 38.49 84.17 -22.08
C ILE C 4576 38.34 83.16 -20.95
N LEU C 4577 37.53 83.49 -19.94
CA LEU C 4577 37.34 82.55 -18.83
C LEU C 4577 36.56 81.32 -19.28
N HIS C 4578 35.54 81.51 -20.13
CA HIS C 4578 34.82 80.39 -20.70
C HIS C 4578 35.73 79.52 -21.54
N THR C 4579 36.65 80.14 -22.29
CA THR C 4579 37.57 79.35 -23.11
C THR C 4579 38.52 78.52 -22.24
N ILE C 4580 39.10 79.13 -21.21
CA ILE C 4580 40.00 78.38 -20.33
C ILE C 4580 39.22 77.29 -19.60
N ILE C 4581 37.94 77.54 -19.29
CA ILE C 4581 37.14 76.51 -18.63
C ILE C 4581 36.83 75.37 -19.60
N SER C 4582 36.63 75.68 -20.88
CA SER C 4582 36.45 74.64 -21.88
C SER C 4582 37.71 73.78 -21.98
N PHE C 4583 38.87 74.43 -22.02
CA PHE C 4583 40.12 73.69 -22.10
C PHE C 4583 40.32 72.81 -20.87
N PHE C 4584 39.99 73.33 -19.69
CA PHE C 4584 40.12 72.54 -18.47
C PHE C 4584 39.15 71.37 -18.47
N CYS C 4585 37.91 71.59 -18.94
CA CYS C 4585 36.94 70.51 -19.04
C CYS C 4585 37.44 69.41 -19.96
N ILE C 4586 37.95 69.79 -21.12
CA ILE C 4586 38.44 68.81 -22.09
C ILE C 4586 39.64 68.05 -21.53
N ILE C 4587 40.56 68.75 -20.87
CA ILE C 4587 41.76 68.12 -20.36
C ILE C 4587 41.40 67.16 -19.23
N GLY C 4588 40.48 67.56 -18.36
CA GLY C 4588 40.04 66.67 -17.29
C GLY C 4588 39.30 65.45 -17.82
N TYR C 4589 38.50 65.63 -18.87
CA TYR C 4589 37.83 64.48 -19.48
C TYR C 4589 38.84 63.49 -20.03
N TYR C 4590 39.88 64.00 -20.71
CA TYR C 4590 40.87 63.11 -21.33
C TYR C 4590 41.59 62.24 -20.31
N CYS C 4591 41.61 62.62 -19.04
CA CYS C 4591 42.26 61.82 -18.00
C CYS C 4591 41.28 61.18 -17.05
N LEU C 4592 39.99 61.49 -17.17
CA LEU C 4592 38.97 60.89 -16.31
C LEU C 4592 38.19 59.79 -16.99
N LYS C 4593 37.74 59.99 -18.23
CA LYS C 4593 36.86 59.03 -18.90
C LYS C 4593 37.49 58.32 -20.08
N VAL C 4594 38.56 58.87 -20.66
CA VAL C 4594 39.24 58.24 -21.78
C VAL C 4594 39.92 56.94 -21.35
N PRO C 4595 40.58 56.87 -20.18
CA PRO C 4595 41.08 55.57 -19.71
C PRO C 4595 40.02 54.48 -19.70
N LEU C 4596 38.79 54.82 -19.32
CA LEU C 4596 37.74 53.80 -19.24
C LEU C 4596 37.40 53.26 -20.62
N VAL C 4597 37.21 54.14 -21.60
CA VAL C 4597 36.79 53.68 -22.92
C VAL C 4597 37.92 52.95 -23.62
N ILE C 4598 39.17 53.42 -23.43
CA ILE C 4598 40.27 52.68 -24.04
C ILE C 4598 40.47 51.33 -23.36
N PHE C 4599 40.19 51.23 -22.07
CA PHE C 4599 40.23 49.93 -21.42
C PHE C 4599 39.13 49.01 -21.93
N LYS C 4600 37.93 49.55 -22.13
CA LYS C 4600 36.85 48.73 -22.68
C LYS C 4600 37.23 48.19 -24.06
N ARG C 4601 37.78 49.05 -24.91
CA ARG C 4601 38.15 48.60 -26.26
C ARG C 4601 39.31 47.61 -26.21
N GLU C 4602 40.29 47.85 -25.34
CA GLU C 4602 41.40 46.92 -25.21
C GLU C 4602 40.92 45.55 -24.74
N LYS C 4603 40.02 45.53 -23.74
CA LYS C 4603 39.45 44.28 -23.28
C LYS C 4603 38.71 43.56 -24.39
N GLU C 4604 37.88 44.29 -25.14
CA GLU C 4604 37.12 43.68 -26.22
C GLU C 4604 38.05 43.06 -27.26
N VAL C 4605 39.05 43.80 -27.71
CA VAL C 4605 39.92 43.28 -28.76
C VAL C 4605 40.79 42.13 -28.24
N ALA C 4606 41.22 42.21 -26.97
CA ALA C 4606 42.03 41.12 -26.42
C ALA C 4606 41.23 39.83 -26.30
N ARG C 4607 39.96 39.94 -25.85
CA ARG C 4607 39.15 38.75 -25.75
C ARG C 4607 38.75 38.21 -27.12
N LYS C 4608 38.60 39.10 -28.11
CA LYS C 4608 38.35 38.64 -29.48
C LYS C 4608 39.56 37.90 -30.04
N LEU C 4609 40.77 38.38 -29.72
CA LEU C 4609 41.98 37.69 -30.14
C LEU C 4609 42.09 36.33 -29.47
N GLU C 4610 41.87 36.28 -28.15
CA GLU C 4610 42.06 35.03 -27.42
C GLU C 4610 41.01 33.99 -27.79
N PHE C 4611 39.73 34.33 -27.63
CA PHE C 4611 38.68 33.33 -27.77
C PHE C 4611 38.35 33.05 -29.23
N ASP C 4612 37.95 34.08 -29.98
CA ASP C 4612 37.41 33.87 -31.31
C ASP C 4612 38.48 33.84 -32.40
N GLY C 4613 39.64 34.45 -32.16
CA GLY C 4613 40.65 34.58 -33.20
C GLY C 4613 40.21 35.49 -34.32
N LEU C 4614 39.97 36.76 -33.99
CA LEU C 4614 39.44 37.71 -34.96
C LEU C 4614 40.47 38.08 -36.03
N TYR C 4615 41.75 38.14 -35.67
CA TYR C 4615 42.80 38.43 -36.65
C TYR C 4615 43.73 37.24 -36.85
N ILE C 4616 43.28 36.04 -36.44
CA ILE C 4616 44.04 34.81 -36.60
C ILE C 4616 43.35 33.87 -37.58
N THR C 4617 42.07 33.59 -37.38
CA THR C 4617 41.30 32.70 -38.24
C THR C 4617 40.04 33.34 -38.80
N GLU C 4618 39.59 34.45 -38.27
CA GLU C 4618 38.28 35.02 -38.58
C GLU C 4618 38.42 36.50 -38.91
N GLN C 4619 39.34 36.82 -39.84
CA GLN C 4619 39.66 38.18 -40.26
C GLN C 4619 38.39 39.00 -40.47
N PRO C 4620 38.32 40.21 -39.91
CA PRO C 4620 37.07 40.97 -39.95
C PRO C 4620 36.72 41.44 -41.36
N SER C 4621 35.57 42.09 -41.46
CA SER C 4621 35.01 42.49 -42.74
C SER C 4621 35.68 43.76 -43.25
N GLU C 4622 35.11 44.31 -44.32
CA GLU C 4622 35.62 45.53 -44.93
C GLU C 4622 35.05 46.80 -44.33
N ASP C 4623 33.83 46.75 -43.81
CA ASP C 4623 33.17 47.98 -43.37
C ASP C 4623 33.35 48.25 -41.88
N ASP C 4624 33.72 47.23 -41.09
CA ASP C 4624 33.96 47.45 -39.66
C ASP C 4624 35.29 48.19 -39.52
N ILE C 4625 35.21 49.52 -39.42
CA ILE C 4625 36.42 50.32 -39.22
C ILE C 4625 37.01 50.03 -37.84
N LYS C 4626 36.19 49.58 -36.90
CA LYS C 4626 36.69 49.20 -35.59
C LYS C 4626 37.65 48.02 -35.70
N GLY C 4627 37.32 47.05 -36.55
CA GLY C 4627 38.20 45.91 -36.75
C GLY C 4627 39.56 46.32 -37.30
N GLN C 4628 39.57 47.22 -38.28
CA GLN C 4628 40.83 47.68 -38.85
C GLN C 4628 41.62 48.50 -37.84
N TRP C 4629 40.94 49.37 -37.09
CA TRP C 4629 41.66 50.19 -36.11
C TRP C 4629 42.20 49.36 -34.97
N ASP C 4630 41.57 48.21 -34.67
CA ASP C 4630 42.12 47.31 -33.67
C ASP C 4630 43.26 46.47 -34.23
N ARG C 4631 43.14 46.06 -35.49
CA ARG C 4631 44.26 45.39 -36.17
C ARG C 4631 45.47 46.31 -36.26
N LEU C 4632 45.25 47.62 -36.24
CA LEU C 4632 46.36 48.56 -36.25
C LEU C 4632 47.33 48.32 -35.11
N VAL C 4633 46.81 47.93 -33.94
CA VAL C 4633 47.68 47.78 -32.77
C VAL C 4633 47.51 46.43 -32.09
N ILE C 4634 46.99 45.44 -32.81
CA ILE C 4634 47.10 44.07 -32.30
C ILE C 4634 48.56 43.63 -32.17
N ASN C 4635 49.50 44.42 -32.72
CA ASN C 4635 50.91 44.06 -32.71
C ASN C 4635 51.79 45.15 -32.11
N THR C 4636 51.22 46.07 -31.33
CA THR C 4636 52.02 47.11 -30.72
C THR C 4636 52.77 46.56 -29.50
N GLN C 4637 53.61 47.40 -28.90
CA GLN C 4637 54.41 46.96 -27.77
C GLN C 4637 53.55 46.84 -26.51
N SER C 4638 52.95 47.94 -26.07
CA SER C 4638 52.11 47.95 -24.88
C SER C 4638 50.64 47.85 -25.29
N PHE C 4639 50.26 46.65 -25.74
CA PHE C 4639 48.88 46.45 -26.19
C PHE C 4639 47.90 46.43 -25.01
N PRO C 4640 48.06 45.55 -24.00
CA PRO C 4640 47.09 45.61 -22.89
C PRO C 4640 47.57 46.57 -21.79
N ASN C 4641 47.46 47.86 -22.09
CA ASN C 4641 47.96 48.87 -21.17
C ASN C 4641 47.03 49.11 -19.99
N ASN C 4642 45.72 48.91 -20.18
CA ASN C 4642 44.74 49.14 -19.12
C ASN C 4642 43.92 47.90 -18.76
N TYR C 4643 43.93 46.86 -19.60
CA TYR C 4643 43.24 45.61 -19.29
C TYR C 4643 43.91 44.82 -18.16
N TRP C 4644 45.00 45.36 -17.60
CA TRP C 4644 45.77 44.76 -16.50
C TRP C 4644 46.14 43.31 -16.75
N ASP C 4645 46.05 42.87 -18.00
CA ASP C 4645 46.17 41.45 -18.36
C ASP C 4645 47.28 41.40 -19.40
N LYS C 4646 48.53 41.40 -18.95
CA LYS C 4646 49.69 41.58 -19.82
C LYS C 4646 50.19 40.28 -20.44
N PHE C 4647 49.39 39.21 -20.40
CA PHE C 4647 49.83 37.92 -20.93
C PHE C 4647 48.87 37.38 -21.98
N VAL C 4648 47.96 38.22 -22.50
CA VAL C 4648 47.09 37.80 -23.59
C VAL C 4648 47.90 37.47 -24.83
N LYS C 4649 49.03 38.17 -25.04
CA LYS C 4649 49.89 37.86 -26.17
C LYS C 4649 50.42 36.43 -26.09
N ARG C 4650 51.04 36.07 -24.97
CA ARG C 4650 51.53 34.71 -24.79
C ARG C 4650 50.39 33.70 -24.83
N LYS C 4651 49.22 34.07 -24.31
CA LYS C 4651 48.09 33.15 -24.31
C LYS C 4651 47.64 32.82 -25.73
N VAL C 4652 47.45 33.85 -26.56
CA VAL C 4652 47.03 33.60 -27.94
C VAL C 4652 48.15 32.94 -28.73
N MET C 4653 49.41 33.21 -28.38
CA MET C 4653 50.52 32.51 -29.01
C MET C 4653 50.45 31.01 -28.74
N ASP C 4654 50.28 30.64 -27.46
CA ASP C 4654 50.18 29.23 -27.11
C ASP C 4654 48.91 28.60 -27.67
N LYS C 4655 47.86 29.40 -27.89
CA LYS C 4655 46.61 28.84 -28.37
C LYS C 4655 46.63 28.61 -29.88
N TYR C 4656 47.20 29.54 -30.66
CA TYR C 4656 47.17 29.46 -32.11
C TYR C 4656 48.56 29.45 -32.72
N GLY C 4657 49.53 28.88 -32.01
CA GLY C 4657 50.88 28.80 -32.52
C GLY C 4657 51.19 27.50 -33.23
N GLU C 4658 50.62 26.41 -32.74
CA GLU C 4658 50.87 25.08 -33.31
C GLU C 4658 49.96 24.77 -34.49
N PHE C 4659 49.21 25.74 -35.00
CA PHE C 4659 48.35 25.51 -36.15
C PHE C 4659 48.58 26.49 -37.28
N TYR C 4660 48.93 27.74 -36.97
CA TYR C 4660 49.10 28.76 -37.98
C TYR C 4660 50.53 29.32 -38.03
N GLY C 4661 51.48 28.67 -37.39
CA GLY C 4661 52.85 29.11 -37.42
C GLY C 4661 53.21 30.00 -36.25
N ARG C 4662 54.04 29.49 -35.34
CA ARG C 4662 54.45 30.28 -34.19
C ARG C 4662 55.24 31.51 -34.61
N ASP C 4663 56.07 31.38 -35.65
CA ASP C 4663 56.81 32.53 -36.15
C ASP C 4663 55.87 33.58 -36.73
N ARG C 4664 54.86 33.15 -37.50
CA ARG C 4664 53.90 34.09 -38.06
C ARG C 4664 53.08 34.76 -36.97
N ILE C 4665 52.72 34.01 -35.93
CA ILE C 4665 51.95 34.58 -34.83
C ILE C 4665 52.78 35.62 -34.08
N SER C 4666 54.04 35.28 -33.78
CA SER C 4666 54.92 36.23 -33.10
C SER C 4666 55.27 37.42 -33.97
N GLU C 4667 55.17 37.29 -35.30
CA GLU C 4667 55.41 38.42 -36.18
C GLU C 4667 54.20 39.35 -36.28
N LEU C 4668 53.00 38.78 -36.39
CA LEU C 4668 51.80 39.59 -36.54
C LEU C 4668 51.25 40.08 -35.20
N LEU C 4669 51.74 39.57 -34.08
CA LEU C 4669 51.27 40.01 -32.78
C LEU C 4669 52.26 40.91 -32.06
N GLY C 4670 53.34 41.33 -32.71
CA GLY C 4670 54.37 42.11 -32.05
C GLY C 4670 55.31 41.22 -31.27
N MET C 4671 56.29 41.88 -30.63
CA MET C 4671 57.35 41.23 -29.87
C MET C 4671 58.11 40.22 -30.73
N ASP C 4672 58.74 40.74 -31.78
CA ASP C 4672 59.38 39.87 -32.77
C ASP C 4672 60.71 39.33 -32.26
N LYS C 4673 61.04 38.11 -32.71
CA LYS C 4673 62.29 37.44 -32.37
C LYS C 4673 62.45 37.31 -30.85
N ALA C 4674 61.34 36.98 -30.18
CA ALA C 4674 61.32 36.82 -28.73
C ALA C 4674 60.47 35.62 -28.34
N ALA C 4675 60.56 34.54 -29.11
CA ALA C 4675 59.82 33.33 -28.79
C ALA C 4675 60.39 32.60 -27.59
N LEU C 4676 61.62 32.91 -27.19
CA LEU C 4676 62.24 32.31 -26.01
C LEU C 4676 62.41 33.31 -24.88
N ASP C 4677 61.74 34.47 -24.96
CA ASP C 4677 61.83 35.46 -23.89
C ASP C 4677 61.24 34.92 -22.59
N PHE C 4678 60.22 34.07 -22.68
CA PHE C 4678 59.65 33.46 -21.48
C PHE C 4678 60.69 32.59 -20.77
N SER C 4679 61.40 31.77 -21.53
CA SER C 4679 62.44 30.93 -20.92
C SER C 4679 63.59 31.78 -20.40
N ASP C 4680 63.94 32.85 -21.12
CA ASP C 4680 65.02 33.73 -20.67
C ASP C 4680 64.66 34.43 -19.36
N ALA C 4681 63.39 34.79 -19.18
CA ALA C 4681 62.95 35.40 -17.94
C ALA C 4681 62.78 34.38 -16.83
N ARG C 4682 62.45 33.13 -17.19
CA ARG C 4682 62.31 32.09 -16.18
C ARG C 4682 63.66 31.61 -15.66
N GLU C 4683 64.69 31.63 -16.50
CA GLU C 4683 66.03 31.18 -16.12
C GLU C 4683 66.99 32.36 -16.20
N LYS C 4684 67.42 32.84 -15.03
CA LYS C 4684 68.41 33.91 -14.92
C LYS C 4684 67.96 35.18 -15.66
N LYS C 4685 66.87 35.76 -15.16
CA LYS C 4685 66.34 36.99 -15.73
C LYS C 4685 67.16 38.19 -15.27
N LYS C 4686 66.93 39.32 -15.93
CA LYS C 4686 67.60 40.55 -15.54
C LYS C 4686 66.92 41.16 -14.31
N PRO C 4687 67.69 41.70 -13.36
CA PRO C 4687 67.07 42.26 -12.15
C PRO C 4687 66.25 43.50 -12.43
N LYS C 4688 66.84 44.47 -13.10
CA LYS C 4688 66.18 45.73 -13.42
C LYS C 4688 66.97 46.43 -14.52
N LYS C 4689 66.58 47.67 -14.83
CA LYS C 4689 67.25 48.43 -15.87
C LYS C 4689 66.90 49.91 -15.70
N ASP C 4690 67.90 50.77 -15.81
CA ASP C 4690 67.67 52.21 -15.75
C ASP C 4690 66.95 52.66 -17.02
N SER C 4691 66.21 53.77 -16.89
CA SER C 4691 65.39 54.26 -18.00
C SER C 4691 66.25 54.66 -19.19
N SER C 4692 67.03 55.74 -19.03
CA SER C 4692 67.90 56.26 -20.09
C SER C 4692 68.66 57.46 -19.53
N LEU C 4693 69.60 57.94 -20.32
CA LEU C 4693 70.29 59.20 -20.07
C LEU C 4693 70.26 60.14 -21.26
N SER C 4694 70.35 59.60 -22.48
CA SER C 4694 70.28 60.42 -23.69
C SER C 4694 68.88 60.46 -24.30
N ALA C 4695 68.03 59.49 -23.97
CA ALA C 4695 66.68 59.41 -24.51
C ALA C 4695 65.70 59.77 -23.39
N VAL C 4696 65.42 61.06 -23.26
CA VAL C 4696 64.46 61.52 -22.26
C VAL C 4696 63.03 61.47 -22.79
N LEU C 4697 62.85 61.66 -24.09
CA LEU C 4697 61.56 61.62 -24.75
C LEU C 4697 61.55 60.49 -25.78
N ASN C 4698 60.46 60.42 -26.55
CA ASN C 4698 60.25 59.44 -27.61
C ASN C 4698 60.28 58.01 -27.11
N SER C 4699 60.22 57.79 -25.80
CA SER C 4699 60.16 56.43 -25.28
C SER C 4699 58.80 55.78 -25.55
N ILE C 4700 57.73 56.58 -25.61
CA ILE C 4700 56.41 56.03 -25.85
C ILE C 4700 56.30 55.53 -27.29
N ASP C 4701 55.34 54.64 -27.51
CA ASP C 4701 55.13 54.01 -28.82
C ASP C 4701 54.14 54.82 -29.64
N VAL C 4702 54.62 55.33 -30.78
CA VAL C 4702 53.82 56.25 -31.60
C VAL C 4702 52.60 55.56 -32.17
N LYS C 4703 52.70 54.26 -32.45
CA LYS C 4703 51.56 53.53 -32.97
C LYS C 4703 50.44 53.47 -31.94
N TYR C 4704 50.77 53.10 -30.69
CA TYR C 4704 49.75 53.05 -29.66
C TYR C 4704 49.21 54.44 -29.35
N GLN C 4705 50.05 55.47 -29.43
CA GLN C 4705 49.55 56.83 -29.23
C GLN C 4705 48.56 57.24 -30.32
N MET C 4706 48.88 56.92 -31.58
CA MET C 4706 47.97 57.23 -32.67
C MET C 4706 46.67 56.45 -32.54
N TRP C 4707 46.76 55.20 -32.07
CA TRP C 4707 45.55 54.41 -31.84
C TRP C 4707 44.68 55.02 -30.75
N LYS C 4708 45.31 55.44 -29.64
CA LYS C 4708 44.56 56.10 -28.58
C LYS C 4708 43.89 57.37 -29.11
N LEU C 4709 44.60 58.13 -29.95
CA LEU C 4709 44.00 59.34 -30.52
C LEU C 4709 42.83 59.01 -31.42
N GLY C 4710 42.99 58.01 -32.30
CA GLY C 4710 41.90 57.64 -33.19
C GLY C 4710 40.71 57.06 -32.47
N VAL C 4711 40.94 56.47 -31.30
CA VAL C 4711 39.85 55.91 -30.52
C VAL C 4711 39.15 56.98 -29.68
N VAL C 4712 39.88 57.99 -29.20
CA VAL C 4712 39.25 59.05 -28.44
C VAL C 4712 38.54 60.05 -29.35
N PHE C 4713 38.99 60.19 -30.60
CA PHE C 4713 38.33 61.12 -31.52
C PHE C 4713 37.06 60.53 -32.14
N THR C 4714 36.65 59.33 -31.73
CA THR C 4714 35.40 58.74 -32.17
C THR C 4714 34.54 58.33 -30.97
N ASP C 4715 34.76 58.95 -29.82
CA ASP C 4715 34.08 58.58 -28.58
C ASP C 4715 32.65 59.09 -28.52
N ASN C 4716 32.29 60.06 -29.36
CA ASN C 4716 30.98 60.73 -29.42
C ASN C 4716 30.72 61.63 -28.23
N SER C 4717 31.62 61.68 -27.25
CA SER C 4717 31.58 62.65 -26.18
C SER C 4717 32.80 63.56 -26.18
N PHE C 4718 34.00 63.01 -26.39
CA PHE C 4718 35.16 63.84 -26.66
C PHE C 4718 34.95 64.68 -27.92
N LEU C 4719 34.21 64.16 -28.89
CA LEU C 4719 33.86 64.95 -30.07
C LEU C 4719 32.97 66.13 -29.69
N TYR C 4720 32.00 65.89 -28.80
CA TYR C 4720 31.15 66.99 -28.32
C TYR C 4720 31.97 68.04 -27.59
N LEU C 4721 32.91 67.60 -26.75
CA LEU C 4721 33.75 68.55 -26.03
C LEU C 4721 34.68 69.31 -26.98
N ALA C 4722 35.17 68.66 -28.03
CA ALA C 4722 36.00 69.36 -29.00
C ALA C 4722 35.18 70.38 -29.80
N TRP C 4723 33.92 70.04 -30.10
CA TRP C 4723 33.02 71.00 -30.72
C TRP C 4723 32.78 72.18 -29.80
N TYR C 4724 32.63 71.92 -28.50
CA TYR C 4724 32.49 72.98 -27.51
C TYR C 4724 33.72 73.89 -27.52
N MET C 4725 34.91 73.28 -27.55
CA MET C 4725 36.14 74.05 -27.56
C MET C 4725 36.26 74.91 -28.82
N THR C 4726 35.99 74.32 -29.98
CA THR C 4726 36.14 75.09 -31.22
C THR C 4726 35.07 76.16 -31.32
N MET C 4727 33.88 75.92 -30.78
CA MET C 4727 32.86 76.97 -30.73
C MET C 4727 33.28 78.11 -29.82
N SER C 4728 33.95 77.81 -28.70
CA SER C 4728 34.48 78.88 -27.87
C SER C 4728 35.58 79.66 -28.60
N VAL C 4729 36.45 78.95 -29.32
CA VAL C 4729 37.52 79.62 -30.06
C VAL C 4729 36.93 80.52 -31.14
N LEU C 4730 35.89 80.05 -31.84
CA LEU C 4730 35.25 80.86 -32.87
C LEU C 4730 34.47 82.02 -32.25
N GLY C 4731 33.92 81.83 -31.06
CA GLY C 4731 33.30 82.94 -30.35
C GLY C 4731 34.31 84.00 -29.95
N HIS C 4732 35.56 83.59 -29.72
CA HIS C 4732 36.61 84.57 -29.49
C HIS C 4732 36.77 85.50 -30.69
N TYR C 4733 36.53 85.00 -31.90
CA TYR C 4733 36.56 85.85 -33.09
C TYR C 4733 35.27 86.67 -33.19
N ASN C 4734 34.13 85.98 -33.23
CA ASN C 4734 32.81 86.62 -33.27
C ASN C 4734 32.04 86.20 -32.02
N ASN C 4735 31.79 87.16 -31.14
CA ASN C 4735 31.22 86.86 -29.82
C ASN C 4735 29.87 86.17 -29.90
N PHE C 4736 29.17 86.26 -31.03
CA PHE C 4736 27.84 85.66 -31.13
C PHE C 4736 27.90 84.14 -31.29
N PHE C 4737 29.09 83.56 -31.48
CA PHE C 4737 29.20 82.11 -31.53
C PHE C 4737 29.08 81.48 -30.16
N PHE C 4738 29.09 82.27 -29.09
CA PHE C 4738 28.83 81.75 -27.75
C PHE C 4738 27.37 81.36 -27.54
N ALA C 4739 26.50 81.62 -28.52
CA ALA C 4739 25.12 81.19 -28.43
C ALA C 4739 24.98 79.69 -28.65
N ALA C 4740 25.91 79.06 -29.35
CA ALA C 4740 25.87 77.62 -29.53
C ALA C 4740 26.09 76.88 -28.21
N HIS C 4741 26.63 77.55 -27.20
CA HIS C 4741 26.83 76.95 -25.89
C HIS C 4741 25.55 76.85 -25.07
N LEU C 4742 24.47 77.49 -25.51
CA LEU C 4742 23.19 77.35 -24.82
C LEU C 4742 22.58 75.96 -25.04
N LEU C 4743 23.01 75.24 -26.06
CA LEU C 4743 22.55 73.88 -26.29
C LEU C 4743 23.17 72.87 -25.34
N ASP C 4744 23.99 73.32 -24.39
CA ASP C 4744 24.56 72.41 -23.41
C ASP C 4744 23.49 71.90 -22.45
N ILE C 4745 22.45 72.69 -22.20
CA ILE C 4745 21.35 72.23 -21.34
C ILE C 4745 20.61 71.07 -22.00
N ALA C 4746 20.55 71.05 -23.32
CA ALA C 4746 19.88 69.95 -24.03
C ALA C 4746 20.57 68.63 -23.78
N MET C 4747 21.87 68.63 -23.54
CA MET C 4747 22.59 67.42 -23.21
C MET C 4747 22.71 67.20 -21.71
N GLY C 4748 22.60 68.26 -20.92
CA GLY C 4748 22.69 68.12 -19.47
C GLY C 4748 21.42 67.63 -18.82
N PHE C 4749 20.27 67.99 -19.37
CA PHE C 4749 18.99 67.55 -18.81
C PHE C 4749 18.56 66.23 -19.44
N LYS C 4750 17.53 65.63 -18.85
CA LYS C 4750 17.07 64.31 -19.29
C LYS C 4750 15.98 64.40 -20.35
N THR C 4751 14.99 65.27 -20.13
CA THR C 4751 13.89 65.37 -21.09
C THR C 4751 14.32 66.04 -22.39
N LEU C 4752 15.30 66.95 -22.33
CA LEU C 4752 15.78 67.56 -23.56
C LEU C 4752 16.64 66.58 -24.37
N ARG C 4753 17.47 65.80 -23.68
CA ARG C 4753 18.12 64.67 -24.34
C ARG C 4753 17.10 63.74 -24.95
N THR C 4754 15.95 63.57 -24.28
CA THR C 4754 14.89 62.73 -24.83
C THR C 4754 14.32 63.34 -26.10
N ILE C 4755 14.13 64.66 -26.13
CA ILE C 4755 13.60 65.31 -27.32
C ILE C 4755 14.58 65.20 -28.48
N LEU C 4756 15.87 65.37 -28.22
CA LEU C 4756 16.87 65.23 -29.28
C LEU C 4756 16.95 63.80 -29.78
N SER C 4757 16.99 62.83 -28.86
CA SER C 4757 16.97 61.43 -29.28
C SER C 4757 15.69 61.10 -30.03
N SER C 4758 14.60 61.81 -29.75
CA SER C 4758 13.35 61.58 -30.48
C SER C 4758 13.45 62.12 -31.89
N VAL C 4759 13.99 63.33 -32.05
CA VAL C 4759 14.12 63.88 -33.40
C VAL C 4759 15.12 63.07 -34.22
N THR C 4760 16.02 62.33 -33.57
CA THR C 4760 16.94 61.47 -34.30
C THR C 4760 16.45 60.03 -34.46
N HIS C 4761 15.47 59.61 -33.65
CA HIS C 4761 15.02 58.22 -33.59
C HIS C 4761 14.48 57.70 -34.92
N ASN C 4762 13.36 58.26 -35.38
CA ASN C 4762 12.73 57.82 -36.62
C ASN C 4762 13.39 58.50 -37.81
N GLY C 4763 14.70 58.30 -37.94
CA GLY C 4763 15.48 58.96 -38.97
C GLY C 4763 15.10 58.59 -40.38
N LYS C 4764 15.13 57.29 -40.68
CA LYS C 4764 14.82 56.84 -42.03
C LYS C 4764 13.37 57.15 -42.39
N GLN C 4765 12.44 56.92 -41.46
CA GLN C 4765 11.04 57.22 -41.74
C GLN C 4765 10.83 58.71 -41.98
N LEU C 4766 11.49 59.55 -41.18
CA LEU C 4766 11.35 60.99 -41.34
C LEU C 4766 11.89 61.44 -42.69
N VAL C 4767 13.07 60.95 -43.06
CA VAL C 4767 13.65 61.31 -44.36
C VAL C 4767 12.73 60.87 -45.49
N LEU C 4768 12.19 59.65 -45.40
CA LEU C 4768 11.35 59.15 -46.48
C LEU C 4768 10.02 59.90 -46.57
N THR C 4769 9.42 60.26 -45.44
CA THR C 4769 8.15 60.99 -45.51
C THR C 4769 8.38 62.41 -46.00
N VAL C 4770 9.51 63.03 -45.63
CA VAL C 4770 9.84 64.33 -46.20
C VAL C 4770 10.06 64.22 -47.71
N GLY C 4771 10.67 63.11 -48.14
CA GLY C 4771 10.83 62.90 -49.57
C GLY C 4771 9.52 62.75 -50.31
N LEU C 4772 8.58 61.99 -49.73
CA LEU C 4772 7.26 61.87 -50.34
C LEU C 4772 6.54 63.21 -50.38
N LEU C 4773 6.70 64.02 -49.33
CA LEU C 4773 6.15 65.37 -49.34
C LEU C 4773 6.73 66.17 -50.48
N ALA C 4774 8.06 66.10 -50.68
CA ALA C 4774 8.70 66.83 -51.76
C ALA C 4774 8.19 66.36 -53.11
N VAL C 4775 7.97 65.06 -53.27
CA VAL C 4775 7.53 64.52 -54.56
C VAL C 4775 6.10 64.95 -54.87
N VAL C 4776 5.22 64.91 -53.87
CA VAL C 4776 3.84 65.32 -54.14
C VAL C 4776 3.77 66.84 -54.36
N VAL C 4777 4.61 67.61 -53.65
CA VAL C 4777 4.67 69.04 -53.91
C VAL C 4777 5.19 69.29 -55.31
N TYR C 4778 6.13 68.47 -55.79
CA TYR C 4778 6.62 68.63 -57.15
C TYR C 4778 5.54 68.27 -58.17
N LEU C 4779 4.71 67.27 -57.86
CA LEU C 4779 3.59 66.95 -58.74
C LEU C 4779 2.63 68.13 -58.85
N TYR C 4780 2.26 68.72 -57.71
CA TYR C 4780 1.40 69.90 -57.73
C TYR C 4780 2.07 71.07 -58.45
N THR C 4781 3.38 71.20 -58.28
CA THR C 4781 4.12 72.27 -58.96
C THR C 4781 4.06 72.10 -60.46
N VAL C 4782 4.25 70.87 -60.94
CA VAL C 4782 4.24 70.64 -62.38
C VAL C 4782 2.85 70.86 -62.96
N VAL C 4783 1.80 70.39 -62.26
CA VAL C 4783 0.47 70.57 -62.82
C VAL C 4783 0.07 72.05 -62.79
N ALA C 4784 0.51 72.78 -61.76
CA ALA C 4784 0.20 74.22 -61.71
C ALA C 4784 0.99 74.99 -62.75
N PHE C 4785 2.25 74.61 -62.97
CA PHE C 4785 3.05 75.24 -64.01
C PHE C 4785 2.47 74.99 -65.39
N ASN C 4786 1.92 73.81 -65.61
CA ASN C 4786 1.32 73.51 -66.91
C ASN C 4786 0.00 74.26 -67.10
N PHE C 4787 -0.95 74.06 -66.20
CA PHE C 4787 -2.30 74.56 -66.39
C PHE C 4787 -2.53 75.91 -65.72
N PHE C 4788 -2.36 75.98 -64.41
CA PHE C 4788 -2.77 77.14 -63.61
C PHE C 4788 -1.60 78.07 -63.34
N ARG C 4789 -0.99 78.55 -64.42
CA ARG C 4789 0.17 79.43 -64.30
C ARG C 4789 -0.18 80.91 -64.26
N LYS C 4790 -1.43 81.27 -64.55
CA LYS C 4790 -1.85 82.66 -64.57
C LYS C 4790 -2.37 83.14 -63.21
N PHE C 4791 -2.50 82.25 -62.23
CA PHE C 4791 -2.99 82.62 -60.92
C PHE C 4791 -1.87 82.98 -59.95
N TYR C 4792 -0.63 82.66 -60.28
CA TYR C 4792 0.53 82.90 -59.41
C TYR C 4792 1.12 84.29 -59.62
N ASN C 4793 0.28 85.30 -59.51
CA ASN C 4793 0.70 86.71 -59.64
C ASN C 4793 0.74 87.31 -58.25
N LYS C 4794 1.92 87.25 -57.61
CA LYS C 4794 2.09 87.75 -56.26
C LYS C 4794 2.46 89.24 -56.28
N SER C 4795 1.49 90.04 -56.71
CA SER C 4795 1.65 91.50 -56.75
C SER C 4795 0.31 92.15 -56.44
N GLU C 4796 0.37 93.35 -55.89
CA GLU C 4796 -0.82 94.11 -55.53
C GLU C 4796 -1.04 95.34 -56.41
N ASP C 4797 0.02 96.04 -56.78
CA ASP C 4797 -0.07 97.17 -57.69
C ASP C 4797 0.78 96.98 -58.94
N GLY C 4798 1.97 96.40 -58.80
CA GLY C 4798 2.84 96.17 -59.93
C GLY C 4798 3.46 97.43 -60.47
N ASP C 4799 3.20 97.75 -61.73
CA ASP C 4799 2.34 96.93 -62.58
C ASP C 4799 3.09 95.76 -63.19
N THR C 4800 4.37 95.67 -62.87
CA THR C 4800 5.20 94.54 -63.29
C THR C 4800 4.74 93.27 -62.57
N PRO C 4801 4.18 92.29 -63.27
CA PRO C 4801 3.68 91.08 -62.58
C PRO C 4801 4.84 90.26 -62.04
N ASP C 4802 4.76 89.93 -60.75
CA ASP C 4802 5.74 89.07 -60.10
C ASP C 4802 5.27 87.62 -60.18
N MET C 4803 5.25 87.12 -61.41
CA MET C 4803 4.79 85.77 -61.68
C MET C 4803 5.71 84.73 -61.05
N LYS C 4804 5.23 84.04 -60.04
CA LYS C 4804 6.00 83.01 -59.36
C LYS C 4804 5.91 81.66 -60.06
N CYS C 4805 5.28 81.61 -61.24
CA CYS C 4805 5.05 80.34 -61.93
C CYS C 4805 5.62 80.35 -63.34
N ASP C 4806 6.32 81.40 -63.75
CA ASP C 4806 6.96 81.45 -65.05
C ASP C 4806 8.29 80.71 -65.08
N ASP C 4807 8.52 79.80 -64.12
CA ASP C 4807 9.76 79.06 -64.00
C ASP C 4807 9.50 77.84 -63.14
N MET C 4808 9.99 76.66 -63.56
CA MET C 4808 9.77 75.46 -62.75
C MET C 4808 10.47 75.54 -61.40
N LEU C 4809 11.75 75.90 -61.38
CA LEU C 4809 12.46 75.91 -60.10
C LEU C 4809 11.87 76.96 -59.16
N THR C 4810 11.53 78.13 -59.71
CA THR C 4810 10.91 79.16 -58.89
C THR C 4810 9.55 78.73 -58.38
N CYS C 4811 8.74 78.09 -59.23
CA CYS C 4811 7.41 77.65 -58.81
C CYS C 4811 7.49 76.54 -57.77
N TYR C 4812 8.43 75.61 -57.94
CA TYR C 4812 8.60 74.54 -56.96
C TYR C 4812 9.09 75.10 -55.62
N MET C 4813 10.02 76.05 -55.67
CA MET C 4813 10.48 76.68 -54.43
C MET C 4813 9.35 77.43 -53.75
N PHE C 4814 8.59 78.21 -54.51
CA PHE C 4814 7.45 78.95 -53.96
C PHE C 4814 6.44 78.00 -53.34
N HIS C 4815 6.12 76.91 -54.03
CA HIS C 4815 5.20 75.92 -53.50
C HIS C 4815 5.70 75.35 -52.18
N MET C 4816 6.86 74.70 -52.20
CA MET C 4816 7.35 74.03 -51.00
C MET C 4816 7.67 75.02 -49.88
N TYR C 4817 7.68 76.31 -50.17
CA TYR C 4817 7.91 77.31 -49.14
C TYR C 4817 6.63 77.94 -48.59
N VAL C 4818 5.60 78.10 -49.40
CA VAL C 4818 4.39 78.82 -49.01
C VAL C 4818 3.23 77.87 -48.77
N GLY C 4819 2.98 76.95 -49.70
CA GLY C 4819 1.82 76.09 -49.59
C GLY C 4819 1.90 75.10 -48.44
N VAL C 4820 3.11 74.78 -47.98
CA VAL C 4820 3.23 73.81 -46.89
C VAL C 4820 3.03 74.49 -45.54
N ARG C 4821 3.44 75.75 -45.42
CA ARG C 4821 3.33 76.48 -44.16
C ARG C 4821 2.11 77.38 -44.09
N ALA C 4822 1.33 77.48 -45.15
CA ALA C 4822 0.19 78.40 -45.13
C ALA C 4822 -0.90 77.94 -44.18
N GLY C 4823 -0.86 76.69 -43.73
CA GLY C 4823 -1.86 76.16 -42.83
C GLY C 4823 -3.24 75.98 -43.41
N GLY C 4824 -3.47 76.43 -44.64
CA GLY C 4824 -4.77 76.29 -45.27
C GLY C 4824 -4.68 75.96 -46.75
N GLY C 4825 -3.66 75.19 -47.13
CA GLY C 4825 -3.45 74.89 -48.53
C GLY C 4825 -2.59 75.95 -49.21
N ILE C 4826 -2.82 76.14 -50.51
CA ILE C 4826 -2.06 77.09 -51.30
C ILE C 4826 -2.93 78.20 -51.88
N GLY C 4827 -4.24 77.98 -52.03
CA GLY C 4827 -5.13 78.94 -52.64
C GLY C 4827 -5.61 80.05 -51.72
N ASP C 4828 -5.23 80.03 -50.45
CA ASP C 4828 -5.61 81.12 -49.56
C ASP C 4828 -4.64 82.27 -49.71
N GLU C 4829 -3.57 82.07 -50.49
CA GLU C 4829 -2.54 83.05 -50.73
C GLU C 4829 -2.38 83.44 -52.19
N ILE C 4830 -2.91 82.67 -53.14
CA ILE C 4830 -2.94 83.05 -54.54
C ILE C 4830 -4.38 83.34 -54.95
N GLU C 4831 -4.54 84.02 -56.08
CA GLU C 4831 -5.82 84.60 -56.44
C GLU C 4831 -6.86 83.53 -56.73
N ASP C 4832 -8.09 83.82 -56.33
CA ASP C 4832 -9.19 82.89 -56.55
C ASP C 4832 -9.61 82.88 -58.01
N PRO C 4833 -10.11 81.75 -58.51
CA PRO C 4833 -10.47 81.66 -59.94
C PRO C 4833 -11.59 82.60 -60.33
N ALA C 4834 -12.74 82.48 -59.65
CA ALA C 4834 -13.91 83.34 -59.89
C ALA C 4834 -14.30 83.36 -61.37
N GLY C 4835 -14.02 82.28 -62.10
CA GLY C 4835 -14.30 82.21 -63.52
C GLY C 4835 -14.56 80.81 -64.01
N ASP C 4836 -15.66 80.62 -64.74
CA ASP C 4836 -16.06 79.28 -65.20
C ASP C 4836 -15.29 78.89 -66.47
N GLU C 4837 -13.97 78.90 -66.35
CA GLU C 4837 -13.08 78.35 -67.36
C GLU C 4837 -12.18 77.26 -66.78
N TYR C 4838 -11.76 77.41 -65.52
CA TYR C 4838 -10.99 76.40 -64.82
C TYR C 4838 -11.34 76.31 -63.34
N GLU C 4839 -12.51 76.81 -62.91
CA GLU C 4839 -12.74 76.96 -61.47
C GLU C 4839 -12.83 75.58 -60.80
N ILE C 4840 -13.51 74.63 -61.43
CA ILE C 4840 -13.71 73.33 -60.78
C ILE C 4840 -12.39 72.59 -60.65
N TYR C 4841 -11.56 72.62 -61.71
CA TYR C 4841 -10.26 71.97 -61.64
C TYR C 4841 -9.35 72.66 -60.63
N ARG C 4842 -9.45 73.99 -60.53
CA ARG C 4842 -8.66 74.72 -59.56
C ARG C 4842 -9.09 74.39 -58.14
N ILE C 4843 -10.41 74.28 -57.93
CA ILE C 4843 -10.96 73.92 -56.64
C ILE C 4843 -10.49 72.52 -56.23
N ILE C 4844 -10.60 71.56 -57.15
CA ILE C 4844 -10.13 70.20 -56.87
C ILE C 4844 -8.64 70.21 -56.56
N PHE C 4845 -7.86 71.00 -57.30
CA PHE C 4845 -6.43 71.13 -57.05
C PHE C 4845 -6.18 71.58 -55.60
N ASP C 4846 -6.90 72.60 -55.13
CA ASP C 4846 -6.63 73.12 -53.79
C ASP C 4846 -7.13 72.18 -52.70
N ILE C 4847 -8.30 71.56 -52.86
CA ILE C 4847 -8.75 70.62 -51.83
C ILE C 4847 -7.80 69.42 -51.76
N THR C 4848 -7.35 68.93 -52.91
CA THR C 4848 -6.37 67.85 -52.92
C THR C 4848 -5.06 68.28 -52.27
N PHE C 4849 -4.62 69.51 -52.51
CA PHE C 4849 -3.40 70.00 -51.89
C PHE C 4849 -3.57 70.10 -50.38
N PHE C 4850 -4.62 70.77 -49.93
CA PHE C 4850 -4.88 70.95 -48.52
C PHE C 4850 -5.12 69.62 -47.81
N PHE C 4851 -5.56 68.60 -48.56
CA PHE C 4851 -5.60 67.24 -48.03
C PHE C 4851 -4.22 66.62 -47.90
N PHE C 4852 -3.60 66.31 -49.04
CA PHE C 4852 -2.43 65.43 -49.03
C PHE C 4852 -1.23 66.12 -48.40
N VAL C 4853 -1.05 67.41 -48.66
CA VAL C 4853 0.14 68.09 -48.19
C VAL C 4853 -0.02 68.66 -46.78
N ILE C 4854 -1.20 69.17 -46.44
CA ILE C 4854 -1.37 69.89 -45.18
C ILE C 4854 -1.85 68.98 -44.07
N VAL C 4855 -3.04 68.39 -44.25
CA VAL C 4855 -3.70 67.63 -43.19
C VAL C 4855 -3.37 66.14 -43.26
N ILE C 4856 -2.38 65.75 -44.07
CA ILE C 4856 -1.97 64.35 -44.10
C ILE C 4856 -0.47 64.24 -43.84
N LEU C 4857 0.35 64.76 -44.75
CA LEU C 4857 1.77 64.48 -44.72
C LEU C 4857 2.46 65.24 -43.59
N LEU C 4858 2.16 66.52 -43.44
CA LEU C 4858 2.65 67.24 -42.27
C LEU C 4858 2.15 66.59 -40.99
N ALA C 4859 0.89 66.16 -40.97
CA ALA C 4859 0.37 65.47 -39.80
C ALA C 4859 1.11 64.17 -39.54
N ILE C 4860 1.44 63.42 -40.59
CA ILE C 4860 2.19 62.18 -40.42
C ILE C 4860 3.57 62.47 -39.85
N ILE C 4861 4.22 63.54 -40.31
CA ILE C 4861 5.54 63.88 -39.80
C ILE C 4861 5.47 64.31 -38.34
N GLN C 4862 4.50 65.16 -38.02
CA GLN C 4862 4.27 65.58 -36.64
C GLN C 4862 4.02 64.37 -35.75
N GLY C 4863 3.21 63.43 -36.22
CA GLY C 4863 2.97 62.22 -35.45
C GLY C 4863 4.21 61.38 -35.30
N LEU C 4864 5.06 61.36 -36.33
CA LEU C 4864 6.30 60.59 -36.23
C LEU C 4864 7.18 61.13 -35.10
N ILE C 4865 7.38 62.44 -35.05
CA ILE C 4865 8.18 63.00 -33.95
C ILE C 4865 7.49 62.78 -32.60
N ILE C 4866 6.17 63.02 -32.52
CA ILE C 4866 5.53 62.93 -31.21
C ILE C 4866 5.49 61.48 -30.72
N ASP C 4867 5.27 60.51 -31.62
CA ASP C 4867 5.28 59.12 -31.23
C ASP C 4867 6.68 58.63 -30.90
N ALA C 4868 7.71 59.15 -31.57
CA ALA C 4868 9.06 58.81 -31.15
C ALA C 4868 9.34 59.33 -29.75
N PHE C 4869 8.92 60.57 -29.46
CA PHE C 4869 9.11 61.13 -28.13
C PHE C 4869 8.37 60.31 -27.08
N GLY C 4870 7.11 59.94 -27.39
CA GLY C 4870 6.34 59.15 -26.45
C GLY C 4870 6.93 57.77 -26.23
N GLU C 4871 7.44 57.15 -27.29
CA GLU C 4871 8.06 55.83 -27.15
C GLU C 4871 9.32 55.91 -26.30
N LEU C 4872 10.13 56.95 -26.50
CA LEU C 4872 11.33 57.09 -25.67
C LEU C 4872 10.96 57.28 -24.21
N ARG C 4873 9.97 58.14 -23.94
CA ARG C 4873 9.53 58.35 -22.57
C ARG C 4873 8.98 57.07 -21.96
N ASP C 4874 8.21 56.31 -22.75
CA ASP C 4874 7.64 55.06 -22.24
C ASP C 4874 8.71 54.03 -21.97
N GLN C 4875 9.74 53.97 -22.82
CA GLN C 4875 10.86 53.06 -22.56
C GLN C 4875 11.57 53.45 -21.27
N GLN C 4876 11.77 54.75 -21.04
CA GLN C 4876 12.42 55.18 -19.81
C GLN C 4876 11.60 54.79 -18.58
N GLU C 4877 10.30 55.08 -18.60
CA GLU C 4877 9.48 54.75 -17.45
C GLU C 4877 9.30 53.24 -17.29
N GLN C 4878 9.36 52.47 -18.37
CA GLN C 4878 9.29 51.02 -18.26
C GLN C 4878 10.57 50.46 -17.65
N VAL C 4879 11.73 51.01 -18.02
CA VAL C 4879 12.97 50.63 -17.36
C VAL C 4879 12.89 50.93 -15.87
N LYS C 4880 12.35 52.10 -15.52
CA LYS C 4880 12.22 52.45 -14.11
C LYS C 4880 11.28 51.49 -13.38
N GLU C 4881 10.14 51.16 -13.99
CA GLU C 4881 9.19 50.26 -13.37
C GLU C 4881 9.75 48.85 -13.23
N ASP C 4882 10.55 48.40 -14.19
CA ASP C 4882 11.16 47.08 -14.09
C ASP C 4882 12.24 47.06 -13.00
N MET C 4883 12.99 48.15 -12.86
CA MET C 4883 13.96 48.21 -11.78
C MET C 4883 13.29 48.31 -10.42
N GLU C 4884 12.08 48.86 -10.37
CA GLU C 4884 11.39 49.03 -9.09
C GLU C 4884 10.58 47.81 -8.67
N THR C 4885 10.00 47.06 -9.63
CA THR C 4885 9.10 45.97 -9.31
C THR C 4885 9.56 44.64 -9.92
N LYS C 4886 10.88 44.44 -10.02
CA LYS C 4886 11.42 43.20 -10.53
C LYS C 4886 12.91 43.13 -10.18
N CYS C 4887 13.36 41.93 -9.85
CA CYS C 4887 14.77 41.75 -9.51
C CYS C 4887 15.62 41.68 -10.77
N PHE C 4888 16.85 42.18 -10.66
CA PHE C 4888 17.74 42.20 -11.81
C PHE C 4888 18.37 40.83 -12.07
N ILE C 4889 18.90 40.20 -11.03
CA ILE C 4889 19.64 38.95 -11.21
C ILE C 4889 18.69 37.81 -11.54
N CYS C 4890 17.78 37.50 -10.64
CA CYS C 4890 16.87 36.37 -10.84
C CYS C 4890 15.63 36.77 -11.62
N GLY C 4891 15.00 37.89 -11.27
CA GLY C 4891 13.80 38.31 -11.95
C GLY C 4891 12.60 37.43 -11.66
N ILE C 4892 12.50 36.92 -10.42
CA ILE C 4892 11.35 36.10 -10.06
C ILE C 4892 10.06 36.92 -10.12
N GLY C 4893 10.13 38.17 -9.71
CA GLY C 4893 8.98 39.05 -9.70
C GLY C 4893 8.93 39.83 -8.42
N ASN C 4894 7.81 40.52 -8.21
CA ASN C 4894 7.61 41.30 -7.01
C ASN C 4894 6.63 40.65 -6.04
N ASP C 4895 5.51 40.10 -6.55
CA ASP C 4895 4.46 39.60 -5.68
C ASP C 4895 4.94 38.42 -4.84
N TYR C 4896 5.93 37.66 -5.31
CA TYR C 4896 6.46 36.56 -4.53
C TYR C 4896 7.10 37.07 -3.24
N PHE C 4897 7.85 38.17 -3.34
CA PHE C 4897 8.47 38.76 -2.16
C PHE C 4897 7.54 39.70 -1.41
N ASP C 4898 6.40 40.10 -1.99
CA ASP C 4898 5.44 40.94 -1.29
C ASP C 4898 4.57 40.10 -0.34
N THR C 4899 5.25 39.33 0.53
CA THR C 4899 4.55 38.53 1.53
C THR C 4899 4.87 38.98 2.95
N VAL C 4900 6.14 39.14 3.28
CA VAL C 4900 6.54 39.70 4.56
C VAL C 4900 6.69 41.20 4.37
N PRO C 4901 6.64 42.02 5.43
CA PRO C 4901 6.85 43.46 5.24
C PRO C 4901 8.27 43.77 4.78
N HIS C 4902 8.37 44.72 3.84
CA HIS C 4902 9.63 45.15 3.26
C HIS C 4902 10.36 44.00 2.57
N GLY C 4903 9.61 42.99 2.12
CA GLY C 4903 10.22 41.78 1.63
C GLY C 4903 11.06 41.99 0.39
N PHE C 4904 10.47 42.58 -0.64
CA PHE C 4904 11.20 42.79 -1.90
C PHE C 4904 12.35 43.76 -1.71
N GLU C 4905 12.17 44.79 -0.88
CA GLU C 4905 13.25 45.74 -0.65
C GLU C 4905 14.43 45.08 0.04
N THR C 4906 14.17 44.27 1.07
CA THR C 4906 15.26 43.56 1.72
C THR C 4906 15.90 42.52 0.79
N HIS C 4907 15.09 41.89 -0.06
CA HIS C 4907 15.64 40.92 -1.01
C HIS C 4907 16.56 41.59 -2.02
N THR C 4908 16.22 42.79 -2.45
CA THR C 4908 17.04 43.51 -3.42
C THR C 4908 18.20 44.26 -2.78
N LEU C 4909 18.16 44.54 -1.48
CA LEU C 4909 19.24 45.26 -0.84
C LEU C 4909 20.21 44.36 -0.08
N GLN C 4910 19.82 43.13 0.24
CA GLN C 4910 20.67 42.23 1.01
C GLN C 4910 21.05 40.98 0.24
N GLU C 4911 20.08 40.30 -0.38
CA GLU C 4911 20.34 38.99 -0.97
C GLU C 4911 20.89 39.11 -2.38
N HIS C 4912 20.27 39.95 -3.22
CA HIS C 4912 20.64 40.00 -4.63
C HIS C 4912 21.12 41.40 -5.02
N ASN C 4913 21.98 42.00 -4.21
CA ASN C 4913 22.49 43.33 -4.50
C ASN C 4913 23.53 43.29 -5.59
N LEU C 4914 23.35 44.12 -6.63
CA LEU C 4914 24.33 44.21 -7.70
C LEU C 4914 25.66 44.73 -7.18
N ALA C 4915 25.62 45.68 -6.24
CA ALA C 4915 26.85 46.13 -5.58
C ALA C 4915 27.52 44.98 -4.86
N ASN C 4916 26.73 44.11 -4.23
CA ASN C 4916 27.30 42.95 -3.55
C ASN C 4916 27.96 42.01 -4.55
N TYR C 4917 27.33 41.78 -5.70
CA TYR C 4917 27.93 40.92 -6.72
C TYR C 4917 29.23 41.51 -7.24
N LEU C 4918 29.25 42.82 -7.47
CA LEU C 4918 30.47 43.48 -7.94
C LEU C 4918 31.57 43.39 -6.91
N PHE C 4919 31.23 43.61 -5.63
CA PHE C 4919 32.24 43.49 -4.59
C PHE C 4919 32.74 42.06 -4.44
N PHE C 4920 31.87 41.07 -4.69
CA PHE C 4920 32.30 39.68 -4.65
C PHE C 4920 33.28 39.37 -5.78
N LEU C 4921 33.01 39.92 -6.97
CA LEU C 4921 33.95 39.74 -8.07
C LEU C 4921 35.29 40.41 -7.78
N MET C 4922 35.25 41.61 -7.20
CA MET C 4922 36.49 42.28 -6.82
C MET C 4922 37.24 41.49 -5.75
N TYR C 4923 36.50 40.90 -4.81
CA TYR C 4923 37.12 40.08 -3.77
C TYR C 4923 37.77 38.84 -4.36
N LEU C 4924 37.10 38.20 -5.31
CA LEU C 4924 37.70 37.05 -5.99
C LEU C 4924 38.96 37.44 -6.74
N ILE C 4925 38.95 38.62 -7.37
CA ILE C 4925 40.12 39.06 -8.12
C ILE C 4925 41.29 39.36 -7.18
N ASN C 4926 41.00 39.99 -6.04
CA ASN C 4926 42.04 40.33 -5.07
C ASN C 4926 42.10 39.33 -3.92
N LYS C 4927 41.72 38.08 -4.16
CA LYS C 4927 41.66 37.07 -3.11
C LYS C 4927 42.95 36.27 -2.95
N ASP C 4928 43.90 36.39 -3.87
CA ASP C 4928 45.18 35.68 -3.77
C ASP C 4928 44.94 34.16 -3.74
N GLU C 4929 44.50 33.65 -4.90
CA GLU C 4929 44.06 32.27 -5.05
C GLU C 4929 45.07 31.26 -4.53
N THR C 4930 44.63 30.02 -4.35
CA THR C 4930 45.15 28.95 -3.50
C THR C 4930 44.68 29.18 -2.07
N GLU C 4931 43.93 30.25 -1.81
CA GLU C 4931 43.23 30.45 -0.56
C GLU C 4931 41.73 30.53 -0.73
N HIS C 4932 41.23 30.33 -1.94
CA HIS C 4932 39.79 30.34 -2.19
C HIS C 4932 39.12 29.17 -1.48
N THR C 4933 37.87 29.40 -1.05
CA THR C 4933 37.06 28.30 -0.55
C THR C 4933 36.53 27.49 -1.73
N GLY C 4934 35.68 26.51 -1.44
CA GLY C 4934 35.11 25.70 -2.50
C GLY C 4934 34.24 26.51 -3.44
N GLN C 4935 33.26 27.22 -2.88
CA GLN C 4935 32.36 28.02 -3.69
C GLN C 4935 33.11 29.16 -4.39
N GLU C 4936 34.05 29.79 -3.70
CA GLU C 4936 34.80 30.89 -4.31
C GLU C 4936 35.65 30.37 -5.48
N SER C 4937 36.31 29.24 -5.30
CA SER C 4937 37.11 28.68 -6.39
C SER C 4937 36.23 28.23 -7.55
N TYR C 4938 35.05 27.71 -7.24
CA TYR C 4938 34.12 27.30 -8.30
C TYR C 4938 33.67 28.51 -9.12
N VAL C 4939 33.28 29.59 -8.44
CA VAL C 4939 32.84 30.80 -9.14
C VAL C 4939 33.99 31.41 -9.92
N TRP C 4940 35.21 31.36 -9.37
CA TRP C 4940 36.36 31.90 -10.08
C TRP C 4940 36.68 31.07 -11.32
N LYS C 4941 36.54 29.74 -11.23
CA LYS C 4941 36.75 28.90 -12.41
C LYS C 4941 35.70 29.18 -13.47
N MET C 4942 34.45 29.36 -13.05
CA MET C 4942 33.40 29.71 -14.02
C MET C 4942 33.67 31.05 -14.67
N TYR C 4943 34.13 32.03 -13.89
CA TYR C 4943 34.41 33.36 -14.45
C TYR C 4943 35.60 33.32 -15.38
N GLN C 4944 36.60 32.48 -15.08
CA GLN C 4944 37.75 32.36 -15.96
C GLN C 4944 37.38 31.66 -17.26
N GLU C 4945 36.56 30.62 -17.19
CA GLU C 4945 36.10 29.95 -18.40
C GLU C 4945 34.94 30.66 -19.09
N ARG C 4946 34.46 31.78 -18.52
CA ARG C 4946 33.44 32.61 -19.15
C ARG C 4946 32.17 31.82 -19.43
N CYS C 4947 31.51 31.41 -18.35
CA CYS C 4947 30.31 30.60 -18.44
C CYS C 4947 29.10 31.25 -17.78
N TRP C 4948 29.25 31.73 -16.54
CA TRP C 4948 28.21 32.51 -15.86
C TRP C 4948 26.94 31.70 -15.61
N GLU C 4949 27.10 30.40 -15.33
CA GLU C 4949 25.97 29.62 -14.87
C GLU C 4949 25.79 29.68 -13.36
N PHE C 4950 26.69 30.37 -12.65
CA PHE C 4950 26.58 30.52 -11.21
C PHE C 4950 25.61 31.63 -10.80
N PHE C 4951 25.04 32.37 -11.75
CA PHE C 4951 24.02 33.34 -11.41
C PHE C 4951 22.66 32.65 -11.26
N PRO C 4952 21.88 33.01 -10.24
CA PRO C 4952 20.56 32.38 -10.09
C PRO C 4952 19.60 32.83 -11.17
N ALA C 4953 19.29 31.94 -12.12
CA ALA C 4953 18.47 32.30 -13.26
C ALA C 4953 17.00 32.44 -12.87
N GLY C 4954 16.39 31.35 -12.43
CA GLY C 4954 14.99 31.36 -12.06
C GLY C 4954 14.70 30.74 -10.72
N ASP C 4955 15.62 30.93 -9.76
CA ASP C 4955 15.45 30.39 -8.43
C ASP C 4955 16.23 31.27 -7.45
N CYS C 4956 15.90 31.11 -6.17
CA CYS C 4956 16.60 31.84 -5.12
C CYS C 4956 16.54 31.01 -3.84
N PHE C 4957 17.15 31.55 -2.78
CA PHE C 4957 17.19 30.85 -1.51
C PHE C 4957 15.79 30.64 -0.94
N ARG C 4958 14.92 31.65 -1.07
CA ARG C 4958 13.58 31.54 -0.52
C ARG C 4958 12.74 30.55 -1.32
N LYS C 4959 12.91 30.50 -2.64
CA LYS C 4959 12.21 29.52 -3.45
C LYS C 4959 12.79 28.12 -3.32
N GLN C 4960 14.03 28.00 -2.86
CA GLN C 4960 14.66 26.70 -2.71
C GLN C 4960 14.39 26.06 -1.36
N TYR C 4961 14.45 26.84 -0.29
CA TYR C 4961 14.31 26.33 1.07
C TYR C 4961 13.12 27.02 1.76
N GLU C 4962 12.98 26.76 3.06
CA GLU C 4962 11.93 27.37 3.84
C GLU C 4962 12.37 28.72 4.40
N GLY D 70 125.75 -30.87 12.31
CA GLY D 70 124.95 -30.83 11.09
C GLY D 70 125.31 -29.68 10.18
N VAL D 71 126.16 -28.78 10.66
CA VAL D 71 126.59 -27.63 9.90
C VAL D 71 127.86 -27.98 9.14
N GLU D 72 127.92 -27.58 7.87
CA GLU D 72 129.07 -27.80 7.02
C GLU D 72 129.31 -26.55 6.19
N ILE D 73 130.20 -26.65 5.21
CA ILE D 73 130.55 -25.52 4.35
C ILE D 73 131.14 -26.07 3.05
N GLU D 74 130.81 -25.42 1.95
CA GLU D 74 131.41 -25.76 0.66
C GLU D 74 131.87 -24.46 0.00
N THR D 75 133.18 -24.28 -0.13
CA THR D 75 133.72 -23.03 -0.64
C THR D 75 133.31 -22.83 -2.10
N ILE D 76 132.71 -21.68 -2.39
CA ILE D 76 132.33 -21.30 -3.74
C ILE D 76 133.34 -20.35 -4.35
N SER D 77 133.87 -19.43 -3.53
CA SER D 77 134.92 -18.50 -3.94
C SER D 77 135.74 -18.09 -2.73
N PRO D 78 137.05 -18.35 -2.74
CA PRO D 78 137.87 -18.04 -1.56
C PRO D 78 137.90 -16.54 -1.29
N GLY D 79 137.96 -16.19 0.00
CA GLY D 79 137.94 -14.82 0.43
C GLY D 79 139.18 -14.39 1.20
N ASP D 80 140.34 -14.82 0.72
CA ASP D 80 141.71 -14.50 1.14
C ASP D 80 142.06 -15.18 2.46
N GLY D 81 141.07 -15.82 3.09
CA GLY D 81 141.26 -16.68 4.23
C GLY D 81 142.20 -16.20 5.31
N ARG D 82 142.18 -14.90 5.60
CA ARG D 82 143.07 -14.34 6.62
C ARG D 82 142.31 -13.70 7.78
N THR D 83 141.26 -12.94 7.50
CA THR D 83 140.43 -12.34 8.54
C THR D 83 139.15 -13.14 8.70
N PHE D 84 138.70 -13.29 9.95
CA PHE D 84 137.54 -14.10 10.27
C PHE D 84 136.68 -13.37 11.29
N PRO D 85 135.36 -13.55 11.23
CA PRO D 85 134.49 -12.94 12.24
C PRO D 85 134.74 -13.51 13.62
N LYS D 86 134.64 -12.63 14.61
CA LYS D 86 134.85 -12.99 16.01
C LYS D 86 133.61 -12.62 16.81
N LYS D 87 133.55 -13.12 18.05
CA LYS D 87 132.40 -12.89 18.91
C LYS D 87 132.32 -11.41 19.31
N GLY D 88 131.13 -10.83 19.15
CA GLY D 88 130.91 -9.46 19.55
C GLY D 88 131.08 -8.45 18.42
N GLN D 89 130.61 -8.81 17.23
CA GLN D 89 130.72 -7.95 16.06
C GLN D 89 129.42 -7.98 15.27
N THR D 90 129.16 -6.90 14.54
CA THR D 90 127.99 -6.79 13.68
C THR D 90 128.46 -7.04 12.24
N CYS D 91 128.47 -8.30 11.85
CA CYS D 91 129.00 -8.70 10.56
C CYS D 91 127.94 -8.56 9.48
N VAL D 92 128.38 -8.22 8.28
CA VAL D 92 127.50 -7.95 7.14
C VAL D 92 127.63 -9.10 6.15
N VAL D 93 126.53 -9.83 5.96
CA VAL D 93 126.49 -10.92 4.99
C VAL D 93 125.53 -10.54 3.88
N HIS D 94 125.60 -11.33 2.80
CA HIS D 94 124.70 -11.21 1.66
C HIS D 94 124.38 -12.65 1.26
N TYR D 95 123.23 -13.14 1.67
CA TYR D 95 122.91 -14.55 1.51
C TYR D 95 121.75 -14.73 0.54
N THR D 96 121.66 -15.96 0.01
CA THR D 96 120.55 -16.35 -0.86
C THR D 96 120.18 -17.78 -0.45
N GLY D 97 119.11 -17.91 0.34
CA GLY D 97 118.71 -19.21 0.81
C GLY D 97 117.84 -19.96 -0.18
N MET D 98 117.79 -21.27 0.00
CA MET D 98 116.94 -22.12 -0.81
C MET D 98 116.73 -23.45 -0.10
N LEU D 99 115.65 -24.13 -0.46
CA LEU D 99 115.29 -25.39 0.17
C LEU D 99 116.19 -26.51 -0.38
N GLN D 100 115.89 -27.75 -0.01
CA GLN D 100 116.70 -28.88 -0.45
C GLN D 100 116.53 -29.13 -1.95
N ASN D 101 115.31 -29.04 -2.46
CA ASN D 101 115.02 -29.28 -3.86
C ASN D 101 115.27 -28.08 -4.75
N GLY D 102 116.01 -27.08 -4.27
CA GLY D 102 116.35 -25.92 -5.07
C GLY D 102 115.32 -24.80 -5.05
N LYS D 103 114.15 -25.03 -4.45
CA LYS D 103 113.13 -23.99 -4.38
C LYS D 103 113.57 -22.89 -3.43
N LYS D 104 113.75 -21.68 -3.97
CA LYS D 104 114.21 -20.56 -3.16
C LYS D 104 113.12 -20.10 -2.20
N PHE D 105 113.47 -19.96 -0.92
CA PHE D 105 112.55 -19.47 0.09
C PHE D 105 112.97 -18.13 0.70
N ASP D 106 114.19 -17.68 0.44
CA ASP D 106 114.69 -16.44 1.02
C ASP D 106 115.88 -15.97 0.20
N SER D 107 116.17 -14.67 0.30
CA SER D 107 117.31 -14.07 -0.39
C SER D 107 117.58 -12.72 0.24
N SER D 108 118.73 -12.14 -0.10
CA SER D 108 119.08 -10.79 0.32
C SER D 108 119.43 -9.87 -0.83
N ARG D 109 119.78 -10.39 -2.00
CA ARG D 109 119.98 -9.56 -3.18
C ARG D 109 118.66 -9.15 -3.83
N ASP D 110 117.54 -9.67 -3.36
CA ASP D 110 116.25 -9.26 -3.90
C ASP D 110 115.87 -7.86 -3.46
N ARG D 111 115.90 -7.61 -2.15
CA ARG D 111 115.58 -6.30 -1.60
C ARG D 111 116.73 -5.31 -1.70
N ASN D 112 117.82 -5.69 -2.37
CA ASN D 112 118.98 -4.83 -2.63
C ASN D 112 119.68 -4.36 -1.36
N LYS D 113 119.35 -4.95 -0.21
CA LYS D 113 119.98 -4.53 1.04
C LYS D 113 120.67 -5.71 1.70
N PRO D 114 121.88 -5.51 2.24
CA PRO D 114 122.59 -6.61 2.90
C PRO D 114 121.94 -7.01 4.21
N PHE D 115 122.51 -8.00 4.91
CA PHE D 115 121.97 -8.48 6.18
C PHE D 115 123.02 -8.31 7.25
N LYS D 116 122.76 -7.43 8.21
CA LYS D 116 123.67 -7.18 9.33
C LYS D 116 123.22 -7.99 10.53
N PHE D 117 124.14 -8.79 11.08
CA PHE D 117 123.79 -9.64 12.22
C PHE D 117 124.98 -9.76 13.15
N ARG D 118 124.69 -9.94 14.43
CA ARG D 118 125.73 -10.10 15.43
C ARG D 118 126.02 -11.59 15.68
N ILE D 119 127.29 -11.88 15.95
CA ILE D 119 127.73 -13.25 16.17
C ILE D 119 127.68 -13.55 17.67
N GLY D 120 127.06 -14.67 18.03
CA GLY D 120 127.01 -15.09 19.42
C GLY D 120 125.95 -14.43 20.26
N LYS D 121 125.00 -13.72 19.64
CA LYS D 121 123.93 -13.05 20.38
C LYS D 121 122.61 -13.78 20.26
N GLN D 122 122.59 -14.95 19.61
CA GLN D 122 121.39 -15.80 19.52
C GLN D 122 120.23 -15.06 18.87
N GLU D 123 120.50 -14.44 17.72
CA GLU D 123 119.47 -13.77 16.94
C GLU D 123 119.19 -14.41 15.60
N VAL D 124 120.16 -15.10 15.01
CA VAL D 124 119.96 -15.83 13.76
C VAL D 124 120.16 -17.32 14.03
N ILE D 125 119.72 -18.15 13.06
CA ILE D 125 119.79 -19.59 13.21
C ILE D 125 121.22 -20.05 13.49
N LYS D 126 121.32 -21.14 14.27
CA LYS D 126 122.62 -21.72 14.59
C LYS D 126 123.33 -22.19 13.33
N GLY D 127 122.61 -22.83 12.42
CA GLY D 127 123.22 -23.29 11.18
C GLY D 127 123.77 -22.17 10.33
N PHE D 128 123.35 -20.93 10.56
CA PHE D 128 123.89 -19.79 9.85
C PHE D 128 125.08 -19.18 10.59
N GLU D 129 124.95 -18.97 11.91
CA GLU D 129 126.05 -18.33 12.62
C GLU D 129 127.25 -19.25 12.76
N GLU D 130 127.03 -20.53 13.09
CA GLU D 130 128.11 -21.50 13.20
C GLU D 130 128.75 -21.81 11.86
N GLY D 131 128.11 -21.45 10.75
CA GLY D 131 128.68 -21.65 9.44
C GLY D 131 129.40 -20.41 8.93
N ALA D 132 128.89 -19.23 9.31
CA ALA D 132 129.57 -17.99 8.98
C ALA D 132 130.80 -17.77 9.86
N ALA D 133 130.85 -18.40 11.03
CA ALA D 133 132.04 -18.30 11.88
C ALA D 133 133.25 -19.02 11.31
N GLN D 134 133.11 -19.69 10.17
CA GLN D 134 134.21 -20.40 9.54
C GLN D 134 134.51 -19.86 8.15
N MET D 135 134.22 -18.58 7.92
CA MET D 135 134.41 -17.94 6.62
C MET D 135 135.33 -16.73 6.77
N SER D 136 135.68 -16.15 5.62
CA SER D 136 136.56 -15.00 5.57
C SER D 136 135.89 -13.88 4.79
N LEU D 137 136.42 -12.66 4.95
CA LEU D 137 135.84 -11.50 4.28
C LEU D 137 135.99 -11.61 2.77
N GLY D 138 134.86 -11.46 2.07
CA GLY D 138 134.87 -11.59 0.63
C GLY D 138 134.81 -13.02 0.15
N GLN D 139 134.39 -13.94 1.00
CA GLN D 139 134.31 -15.35 0.64
C GLN D 139 132.85 -15.73 0.39
N ARG D 140 132.63 -16.53 -0.65
CA ARG D 140 131.32 -17.11 -0.95
C ARG D 140 131.35 -18.58 -0.56
N ALA D 141 130.27 -19.03 0.08
CA ALA D 141 130.17 -20.42 0.51
C ALA D 141 128.75 -20.92 0.31
N LYS D 142 128.62 -22.24 0.28
CA LYS D 142 127.35 -22.95 0.25
C LYS D 142 127.25 -23.64 1.61
N LEU D 143 126.42 -23.07 2.48
CA LEU D 143 126.17 -23.63 3.79
C LEU D 143 124.98 -24.57 3.73
N THR D 144 125.17 -25.81 4.18
CA THR D 144 124.10 -26.80 4.23
C THR D 144 123.73 -27.02 5.69
N CYS D 145 122.42 -27.00 5.97
CA CYS D 145 121.92 -27.14 7.33
C CYS D 145 121.13 -28.44 7.45
N THR D 146 120.66 -28.69 8.66
CA THR D 146 119.79 -29.81 8.99
C THR D 146 118.61 -29.28 9.79
N PRO D 147 117.50 -30.03 9.83
CA PRO D 147 116.34 -29.54 10.60
C PRO D 147 116.65 -29.26 12.05
N ASP D 148 117.36 -30.17 12.73
CA ASP D 148 117.61 -30.01 14.16
C ASP D 148 118.48 -28.81 14.49
N VAL D 149 119.22 -28.29 13.53
CA VAL D 149 120.04 -27.09 13.77
C VAL D 149 119.39 -25.84 13.20
N ALA D 150 118.48 -25.97 12.23
CA ALA D 150 117.87 -24.81 11.59
C ALA D 150 116.51 -24.48 12.19
N TYR D 151 115.55 -25.43 12.13
CA TYR D 151 114.22 -25.15 12.65
C TYR D 151 113.59 -26.29 13.43
N GLY D 152 114.14 -27.49 13.40
CA GLY D 152 113.59 -28.60 14.14
C GLY D 152 112.41 -29.23 13.45
N ALA D 153 111.73 -30.10 14.21
CA ALA D 153 110.56 -30.80 13.69
C ALA D 153 109.35 -29.90 13.51
N THR D 154 109.35 -28.70 14.10
CA THR D 154 108.24 -27.78 13.95
C THR D 154 108.40 -26.85 12.76
N GLY D 155 109.62 -26.57 12.34
CA GLY D 155 109.85 -25.70 11.22
C GLY D 155 109.37 -24.27 11.48
N HIS D 156 109.41 -23.48 10.42
CA HIS D 156 108.92 -22.11 10.46
C HIS D 156 107.48 -22.09 9.96
N PRO D 157 106.52 -21.64 10.76
CA PRO D 157 105.11 -21.72 10.35
C PRO D 157 104.80 -20.88 9.13
N GLY D 158 104.50 -21.55 8.01
CA GLY D 158 104.10 -20.85 6.80
C GLY D 158 105.08 -20.95 5.66
N VAL D 159 106.37 -20.82 5.95
CA VAL D 159 107.40 -20.74 4.92
C VAL D 159 108.23 -22.01 4.83
N ILE D 160 108.64 -22.58 5.95
CA ILE D 160 109.53 -23.74 5.97
C ILE D 160 108.71 -24.96 6.35
N PRO D 161 108.78 -26.05 5.58
CA PRO D 161 108.08 -27.27 5.94
C PRO D 161 108.80 -27.99 7.07
N PRO D 162 108.10 -28.84 7.82
CA PRO D 162 108.77 -29.57 8.90
C PRO D 162 109.85 -30.50 8.37
N ASN D 163 110.96 -30.55 9.08
CA ASN D 163 112.12 -31.38 8.73
C ASN D 163 112.63 -31.02 7.33
N ALA D 164 113.09 -29.78 7.20
CA ALA D 164 113.60 -29.25 5.94
C ALA D 164 115.06 -28.88 6.09
N THR D 165 115.90 -29.36 5.18
CA THR D 165 117.31 -29.03 5.16
C THR D 165 117.51 -27.81 4.28
N LEU D 166 118.12 -26.76 4.84
CA LEU D 166 118.28 -25.49 4.16
C LEU D 166 119.65 -25.40 3.50
N ILE D 167 119.72 -24.60 2.43
CA ILE D 167 120.95 -24.38 1.69
C ILE D 167 121.07 -22.89 1.44
N PHE D 168 122.17 -22.29 1.88
CA PHE D 168 122.39 -20.85 1.80
C PHE D 168 123.63 -20.56 0.96
N ASP D 169 123.49 -19.65 0.00
CA ASP D 169 124.63 -19.06 -0.71
C ASP D 169 125.03 -17.82 0.08
N VAL D 170 125.97 -18.01 1.00
CA VAL D 170 126.39 -16.94 1.91
C VAL D 170 127.65 -16.28 1.34
N GLU D 171 127.55 -14.99 1.02
CA GLU D 171 128.69 -14.21 0.55
C GLU D 171 128.99 -13.15 1.60
N LEU D 172 130.20 -13.17 2.14
CA LEU D 172 130.55 -12.26 3.23
C LEU D 172 130.88 -10.89 2.68
N LEU D 173 130.10 -9.87 3.05
CA LEU D 173 130.29 -8.54 2.48
C LEU D 173 131.28 -7.71 3.28
N ASN D 174 131.03 -7.55 4.59
CA ASN D 174 131.87 -6.71 5.42
C ASN D 174 131.93 -7.26 6.83
N LEU D 175 132.97 -6.85 7.55
CA LEU D 175 133.21 -7.28 8.93
C LEU D 175 133.33 -6.05 9.81
N GLU D 176 132.43 -5.92 10.78
CA GLU D 176 132.47 -4.80 11.70
C GLU D 176 132.66 -5.27 13.14
N ILE E 11 -26.68 -19.67 -13.94
CA ILE E 11 -26.81 -18.34 -14.51
C ILE E 11 -26.28 -18.29 -15.95
N GLN E 12 -25.38 -19.20 -16.31
CA GLN E 12 -24.90 -19.24 -17.69
C GLN E 12 -25.98 -19.80 -18.61
N PHE E 13 -26.40 -18.99 -19.58
CA PHE E 13 -27.50 -19.33 -20.46
C PHE E 13 -26.99 -20.18 -21.62
N LEU E 14 -27.69 -21.26 -21.93
CA LEU E 14 -27.27 -22.15 -23.00
C LEU E 14 -27.38 -21.42 -24.34
N ARG E 15 -26.26 -21.26 -25.01
CA ARG E 15 -26.20 -20.65 -26.33
C ARG E 15 -26.30 -21.71 -27.40
N THR E 16 -26.02 -21.33 -28.65
CA THR E 16 -26.01 -22.24 -29.78
C THR E 16 -24.57 -22.65 -30.08
N ASP E 17 -24.41 -23.87 -30.60
CA ASP E 17 -23.10 -24.42 -30.98
C ASP E 17 -22.25 -24.68 -29.72
N ASP E 18 -22.83 -25.43 -28.78
CA ASP E 18 -22.14 -25.82 -27.55
C ASP E 18 -22.43 -27.28 -27.23
N GLU E 19 -21.39 -28.01 -26.85
CA GLU E 19 -21.58 -29.38 -26.38
C GLU E 19 -22.28 -29.38 -25.03
N VAL E 20 -23.36 -30.15 -24.92
CA VAL E 20 -24.06 -30.39 -23.68
C VAL E 20 -24.20 -31.90 -23.47
N VAL E 21 -24.80 -32.28 -22.35
CA VAL E 21 -25.00 -33.69 -22.02
C VAL E 21 -26.41 -33.84 -21.46
N LEU E 22 -27.17 -34.78 -22.01
CA LEU E 22 -28.55 -35.01 -21.60
C LEU E 22 -28.55 -36.06 -20.49
N GLN E 23 -28.51 -35.59 -19.24
CA GLN E 23 -28.48 -36.47 -18.08
C GLN E 23 -29.87 -36.59 -17.46
N CYS E 24 -30.05 -37.65 -16.68
CA CYS E 24 -31.31 -37.89 -15.98
C CYS E 24 -31.04 -38.83 -14.81
N THR E 25 -32.00 -38.90 -13.90
CA THR E 25 -31.89 -39.72 -12.71
C THR E 25 -32.70 -41.00 -12.87
N ALA E 26 -32.23 -42.07 -12.24
CA ALA E 26 -32.96 -43.34 -12.27
C ALA E 26 -32.77 -44.05 -10.94
N THR E 27 -33.89 -44.43 -10.31
CA THR E 27 -33.88 -45.17 -9.06
C THR E 27 -34.36 -46.59 -9.33
N ILE E 28 -33.43 -47.54 -9.34
CA ILE E 28 -33.73 -48.95 -9.48
C ILE E 28 -33.10 -49.67 -8.29
N HIS E 29 -33.80 -50.67 -7.74
CA HIS E 29 -33.36 -51.37 -6.53
C HIS E 29 -33.31 -50.44 -5.32
N LYS E 30 -34.23 -49.47 -5.25
CA LYS E 30 -34.14 -48.37 -4.29
C LYS E 30 -32.79 -47.67 -4.41
N GLU E 31 -32.28 -47.57 -5.63
CA GLU E 31 -30.86 -47.38 -5.83
C GLU E 31 -30.66 -46.34 -6.92
N GLN E 32 -30.05 -45.21 -6.57
CA GLN E 32 -30.10 -44.04 -7.43
C GLN E 32 -28.84 -43.90 -8.27
N GLN E 33 -29.02 -43.54 -9.53
CA GLN E 33 -27.94 -43.50 -10.49
C GLN E 33 -28.16 -42.40 -11.52
N LYS E 34 -27.06 -41.83 -12.01
CA LYS E 34 -27.07 -40.75 -12.98
C LYS E 34 -26.78 -41.35 -14.35
N LEU E 35 -27.71 -41.20 -15.30
CA LEU E 35 -27.58 -41.81 -16.62
C LEU E 35 -27.70 -40.73 -17.70
N CYS E 36 -26.74 -40.70 -18.61
CA CYS E 36 -26.77 -39.77 -19.72
C CYS E 36 -27.14 -40.50 -21.01
N LEU E 37 -27.68 -39.75 -21.96
CA LEU E 37 -28.17 -40.31 -23.21
C LEU E 37 -27.01 -40.35 -24.21
N ALA E 38 -26.61 -41.56 -24.60
CA ALA E 38 -25.51 -41.77 -25.52
C ALA E 38 -25.99 -42.57 -26.73
N ALA E 39 -25.12 -42.64 -27.74
CA ALA E 39 -25.43 -43.36 -28.96
C ALA E 39 -24.14 -43.66 -29.70
N GLU E 40 -24.03 -44.89 -30.21
CA GLU E 40 -22.82 -45.27 -30.95
C GLU E 40 -22.79 -44.62 -32.33
N GLY E 41 -23.92 -44.63 -33.02
CA GLY E 41 -24.01 -43.99 -34.33
C GLY E 41 -23.54 -44.87 -35.47
N PHE E 42 -22.24 -45.15 -35.53
CA PHE E 42 -21.67 -45.94 -36.61
C PHE E 42 -21.87 -47.42 -36.28
N GLY E 43 -22.82 -48.05 -36.98
CA GLY E 43 -23.16 -49.44 -36.77
C GLY E 43 -24.45 -49.67 -36.02
N ASN E 44 -24.80 -48.76 -35.11
CA ASN E 44 -26.05 -48.85 -34.36
C ASN E 44 -26.70 -47.48 -34.35
N ARG E 45 -27.92 -47.41 -34.88
CA ARG E 45 -28.62 -46.13 -34.95
C ARG E 45 -29.32 -45.79 -33.63
N LEU E 46 -29.88 -46.80 -32.96
CA LEU E 46 -30.62 -46.57 -31.74
C LEU E 46 -29.69 -46.06 -30.63
N CYS E 47 -30.28 -45.33 -29.69
CA CYS E 47 -29.57 -44.76 -28.56
C CYS E 47 -29.68 -45.67 -27.35
N PHE E 48 -28.78 -45.44 -26.38
CA PHE E 48 -28.72 -46.22 -25.14
C PHE E 48 -28.28 -45.27 -24.03
N LEU E 49 -27.97 -45.83 -22.86
CA LEU E 49 -27.62 -45.03 -21.69
C LEU E 49 -26.16 -45.23 -21.30
N GLU E 50 -25.64 -44.29 -20.52
CA GLU E 50 -24.29 -44.36 -19.99
C GLU E 50 -24.30 -44.01 -18.52
N SER E 51 -23.80 -44.91 -17.69
CA SER E 51 -23.81 -44.70 -16.24
C SER E 51 -22.86 -43.56 -15.94
N THR E 52 -23.43 -42.36 -15.80
CA THR E 52 -22.62 -41.16 -15.75
C THR E 52 -21.96 -41.01 -14.38
N SER E 53 -22.69 -41.35 -13.31
CA SER E 53 -22.10 -41.47 -12.00
C SER E 53 -21.34 -42.80 -11.89
N ASN E 54 -20.76 -43.02 -10.70
CA ASN E 54 -19.95 -44.21 -10.44
C ASN E 54 -18.80 -44.29 -11.44
N SER E 55 -18.00 -43.22 -11.46
CA SER E 55 -16.88 -43.10 -12.38
C SER E 55 -15.54 -43.40 -11.73
N LYS E 56 -15.50 -43.59 -10.41
CA LYS E 56 -14.23 -43.92 -9.76
C LYS E 56 -13.75 -45.32 -10.14
N ASN E 57 -14.66 -46.18 -10.58
CA ASN E 57 -14.30 -47.52 -11.02
C ASN E 57 -14.47 -47.74 -12.53
N VAL E 58 -15.51 -47.17 -13.12
CA VAL E 58 -15.77 -47.34 -14.56
C VAL E 58 -16.12 -45.97 -15.14
N PRO E 59 -15.31 -45.45 -16.05
CA PRO E 59 -15.58 -44.14 -16.64
C PRO E 59 -16.59 -44.24 -17.76
N PRO E 60 -17.43 -43.22 -17.93
CA PRO E 60 -18.38 -43.22 -19.05
C PRO E 60 -17.74 -42.71 -20.33
N ASP E 61 -18.50 -42.84 -21.42
CA ASP E 61 -18.04 -42.57 -22.78
C ASP E 61 -18.56 -41.19 -23.21
N LEU E 62 -17.84 -40.15 -22.81
CA LEU E 62 -18.30 -38.79 -23.10
C LEU E 62 -18.40 -38.56 -24.61
N SER E 63 -17.45 -39.10 -25.37
CA SER E 63 -17.38 -38.83 -26.81
C SER E 63 -18.66 -39.23 -27.53
N ILE E 64 -19.37 -40.23 -27.02
CA ILE E 64 -20.67 -40.61 -27.59
C ILE E 64 -21.85 -40.20 -26.72
N CYS E 65 -21.60 -39.71 -25.50
CA CYS E 65 -22.68 -39.25 -24.65
C CYS E 65 -23.06 -37.80 -24.91
N THR E 66 -22.12 -36.96 -25.31
CA THR E 66 -22.39 -35.54 -25.49
C THR E 66 -23.14 -35.28 -26.79
N PHE E 67 -23.79 -34.12 -26.85
CA PHE E 67 -24.49 -33.65 -28.04
C PHE E 67 -24.27 -32.14 -28.16
N VAL E 68 -24.28 -31.65 -29.41
CA VAL E 68 -24.16 -30.23 -29.70
C VAL E 68 -25.51 -29.73 -30.18
N LEU E 69 -25.81 -28.46 -29.88
CA LEU E 69 -27.01 -27.82 -30.40
C LEU E 69 -26.67 -27.20 -31.76
N GLU E 70 -27.29 -27.71 -32.82
CA GLU E 70 -27.01 -27.16 -34.14
C GLU E 70 -27.58 -25.75 -34.26
N GLN E 71 -28.90 -25.60 -34.06
CA GLN E 71 -29.54 -24.30 -34.01
C GLN E 71 -30.69 -24.34 -33.00
N SER E 72 -31.32 -23.18 -32.77
CA SER E 72 -32.47 -23.08 -31.86
C SER E 72 -33.48 -22.15 -32.50
N LEU E 73 -34.52 -22.73 -33.11
CA LEU E 73 -35.57 -21.97 -33.76
C LEU E 73 -36.91 -22.30 -33.12
N SER E 74 -37.84 -21.34 -33.22
CA SER E 74 -39.17 -21.57 -32.72
C SER E 74 -39.94 -22.53 -33.63
N VAL E 75 -41.03 -23.08 -33.10
CA VAL E 75 -41.82 -24.04 -33.86
C VAL E 75 -42.40 -23.40 -35.11
N ARG E 76 -42.78 -22.12 -35.03
CA ARG E 76 -43.38 -21.46 -36.18
C ARG E 76 -42.34 -21.17 -37.25
N ALA E 77 -41.16 -20.68 -36.86
CA ALA E 77 -40.08 -20.50 -37.83
C ALA E 77 -39.69 -21.83 -38.46
N LEU E 78 -39.73 -22.91 -37.68
CA LEU E 78 -39.44 -24.23 -38.23
C LEU E 78 -40.50 -24.67 -39.24
N GLN E 79 -41.77 -24.41 -38.95
CA GLN E 79 -42.82 -24.74 -39.91
C GLN E 79 -42.66 -23.92 -41.19
N GLU E 80 -42.26 -22.66 -41.06
CA GLU E 80 -41.96 -21.84 -42.23
C GLU E 80 -40.75 -22.38 -42.97
N MET E 81 -39.84 -23.04 -42.28
CA MET E 81 -38.73 -23.70 -42.96
C MET E 81 -39.19 -24.95 -43.70
N LEU E 82 -40.13 -25.70 -43.11
CA LEU E 82 -40.63 -26.90 -43.77
C LEU E 82 -41.39 -26.56 -45.04
N ALA E 83 -42.30 -25.58 -44.97
CA ALA E 83 -42.97 -25.13 -46.18
C ALA E 83 -41.97 -24.47 -47.13
N ASN E 84 -41.07 -23.65 -46.58
CA ASN E 84 -39.86 -23.23 -47.26
C ASN E 84 -39.03 -24.48 -47.54
N GLY E 109 -24.73 -16.31 -35.92
CA GLY E 109 -23.97 -16.19 -34.69
C GLY E 109 -24.25 -17.30 -33.69
N HIS E 110 -24.51 -16.91 -32.45
CA HIS E 110 -24.81 -17.84 -31.36
C HIS E 110 -26.10 -17.37 -30.69
N ARG E 111 -27.23 -17.84 -31.20
CA ARG E 111 -28.51 -17.48 -30.62
C ARG E 111 -28.68 -18.12 -29.24
N THR E 112 -29.55 -17.53 -28.44
CA THR E 112 -29.83 -18.02 -27.10
C THR E 112 -30.88 -19.11 -27.14
N LEU E 113 -31.06 -19.77 -26.01
CA LEU E 113 -32.01 -20.86 -25.87
C LEU E 113 -33.15 -20.42 -24.96
N LEU E 114 -34.38 -20.52 -25.44
CA LEU E 114 -35.57 -20.12 -24.71
C LEU E 114 -36.53 -21.30 -24.65
N TYR E 115 -37.30 -21.38 -23.57
CA TYR E 115 -38.27 -22.44 -23.45
C TYR E 115 -39.32 -22.34 -24.55
N GLY E 116 -39.71 -23.49 -25.09
CA GLY E 116 -40.67 -23.54 -26.17
C GLY E 116 -40.07 -23.54 -27.55
N HIS E 117 -38.75 -23.32 -27.68
CA HIS E 117 -38.11 -23.40 -28.98
C HIS E 117 -38.08 -24.84 -29.48
N ALA E 118 -37.74 -25.00 -30.75
CA ALA E 118 -37.58 -26.30 -31.38
C ALA E 118 -36.09 -26.50 -31.63
N ILE E 119 -35.41 -27.13 -30.68
CA ILE E 119 -33.97 -27.28 -30.74
C ILE E 119 -33.62 -28.38 -31.73
N LEU E 120 -32.35 -28.45 -32.12
CA LEU E 120 -31.82 -29.50 -32.98
C LEU E 120 -30.55 -30.02 -32.34
N LEU E 121 -30.50 -31.32 -32.09
CA LEU E 121 -29.35 -31.94 -31.42
C LEU E 121 -28.58 -32.78 -32.43
N ARG E 122 -27.29 -32.50 -32.56
CA ARG E 122 -26.39 -33.23 -33.43
C ARG E 122 -25.37 -33.99 -32.58
N HIS E 123 -25.11 -35.24 -32.97
CA HIS E 123 -24.11 -36.04 -32.27
C HIS E 123 -22.72 -35.43 -32.48
N SER E 124 -21.94 -35.39 -31.39
CA SER E 124 -20.62 -34.77 -31.46
C SER E 124 -19.67 -35.62 -32.28
N TYR E 125 -19.56 -36.90 -31.98
CA TYR E 125 -18.64 -37.76 -32.72
C TYR E 125 -19.23 -38.21 -34.06
N SER E 126 -20.33 -38.96 -34.03
CA SER E 126 -20.86 -39.60 -35.22
C SER E 126 -21.28 -38.60 -36.29
N GLY E 127 -21.52 -37.34 -35.91
CA GLY E 127 -21.91 -36.32 -36.85
C GLY E 127 -23.36 -36.36 -37.28
N MET E 128 -24.09 -37.44 -37.00
CA MET E 128 -25.51 -37.51 -37.33
C MET E 128 -26.32 -36.67 -36.35
N TYR E 129 -27.63 -36.67 -36.53
CA TYR E 129 -28.54 -35.84 -35.77
C TYR E 129 -29.51 -36.72 -35.00
N LEU E 130 -29.72 -36.39 -33.72
CA LEU E 130 -30.67 -37.13 -32.90
C LEU E 130 -32.08 -36.93 -33.42
N CYS E 131 -32.82 -38.02 -33.55
CA CYS E 131 -34.18 -37.98 -34.08
C CYS E 131 -35.01 -39.06 -33.43
N CYS E 132 -36.29 -39.10 -33.79
CA CYS E 132 -37.24 -40.08 -33.29
C CYS E 132 -37.60 -41.03 -34.43
N LEU E 133 -37.08 -42.25 -34.38
CA LEU E 133 -37.35 -43.22 -35.43
C LEU E 133 -38.81 -43.66 -35.39
N SER E 134 -39.33 -44.02 -36.57
CA SER E 134 -40.70 -44.47 -36.71
C SER E 134 -40.87 -45.96 -36.46
N THR E 135 -39.85 -46.61 -35.90
CA THR E 135 -39.89 -48.04 -35.60
C THR E 135 -40.09 -48.25 -34.11
N SER E 136 -40.71 -49.38 -33.76
CA SER E 136 -40.98 -49.75 -32.37
C SER E 136 -40.26 -51.06 -32.09
N ARG E 137 -39.23 -51.00 -31.26
CA ARG E 137 -38.46 -52.17 -30.88
C ARG E 137 -39.05 -52.85 -29.64
N SER E 138 -39.34 -52.08 -28.61
CA SER E 138 -39.91 -52.62 -27.38
C SER E 138 -41.42 -52.82 -27.56
N SER E 139 -41.85 -54.07 -27.58
CA SER E 139 -43.26 -54.38 -27.75
C SER E 139 -44.10 -54.06 -26.52
N THR E 140 -43.46 -53.78 -25.38
CA THR E 140 -44.21 -53.45 -24.17
C THR E 140 -44.94 -52.12 -24.34
N ASP E 141 -44.20 -51.04 -24.60
CA ASP E 141 -44.79 -49.73 -24.82
C ASP E 141 -45.30 -49.67 -26.26
N LYS E 142 -46.52 -50.19 -26.45
CA LYS E 142 -47.11 -50.29 -27.77
C LYS E 142 -47.52 -48.95 -28.36
N LEU E 143 -47.36 -47.86 -27.62
CA LEU E 143 -47.68 -46.53 -28.12
C LEU E 143 -46.44 -45.71 -28.46
N ALA E 144 -45.27 -46.09 -27.95
CA ALA E 144 -44.07 -45.28 -28.04
C ALA E 144 -43.25 -45.65 -29.28
N PHE E 145 -42.29 -44.79 -29.59
CA PHE E 145 -41.37 -44.97 -30.70
C PHE E 145 -39.95 -45.14 -30.17
N ASP E 146 -39.03 -45.38 -31.08
CA ASP E 146 -37.61 -45.51 -30.75
C ASP E 146 -36.88 -44.25 -31.20
N VAL E 147 -35.89 -43.85 -30.42
CA VAL E 147 -35.06 -42.70 -30.75
C VAL E 147 -33.74 -43.19 -31.32
N GLY E 148 -33.13 -42.36 -32.16
CA GLY E 148 -31.89 -42.74 -32.80
C GLY E 148 -31.24 -41.58 -33.49
N LEU E 149 -30.29 -41.91 -34.36
CA LEU E 149 -29.53 -40.92 -35.11
C LEU E 149 -29.83 -41.07 -36.60
N GLN E 150 -29.90 -39.95 -37.31
CA GLN E 150 -30.15 -39.96 -38.74
C GLN E 150 -29.23 -38.96 -39.41
N GLU E 151 -28.94 -39.21 -40.69
CA GLU E 151 -27.99 -38.38 -41.42
C GLU E 151 -28.63 -37.06 -41.84
N ASP E 152 -29.73 -37.12 -42.58
CA ASP E 152 -30.39 -35.90 -43.03
C ASP E 152 -31.15 -35.26 -41.87
N THR E 153 -31.20 -33.93 -41.90
CA THR E 153 -31.98 -33.17 -40.92
C THR E 153 -33.33 -32.73 -41.45
N THR E 154 -33.65 -33.02 -42.71
CA THR E 154 -34.90 -32.53 -43.27
C THR E 154 -36.09 -33.20 -42.58
N GLY E 155 -37.25 -32.59 -42.75
CA GLY E 155 -38.45 -33.07 -42.10
C GLY E 155 -38.48 -32.73 -40.61
N GLU E 156 -39.69 -32.74 -40.06
CA GLU E 156 -39.93 -32.41 -38.67
C GLU E 156 -39.77 -33.60 -37.73
N ALA E 157 -39.14 -34.69 -38.20
CA ALA E 157 -38.94 -35.89 -37.40
C ALA E 157 -37.57 -35.92 -36.76
N CYS E 158 -36.89 -34.78 -36.66
CA CYS E 158 -35.54 -34.75 -36.12
C CYS E 158 -35.41 -33.70 -35.01
N TRP E 159 -36.26 -32.67 -35.05
CA TRP E 159 -36.16 -31.57 -34.11
C TRP E 159 -36.87 -31.91 -32.80
N TRP E 160 -36.48 -31.21 -31.74
CA TRP E 160 -37.03 -31.41 -30.41
C TRP E 160 -37.35 -30.07 -29.79
N THR E 161 -38.40 -30.03 -28.98
CA THR E 161 -38.82 -28.83 -28.28
C THR E 161 -38.59 -29.00 -26.79
N ILE E 162 -38.16 -27.92 -26.15
CA ILE E 162 -37.86 -27.90 -24.72
C ILE E 162 -39.04 -27.30 -23.98
N HIS E 163 -39.48 -27.97 -22.93
CA HIS E 163 -40.58 -27.51 -22.10
C HIS E 163 -40.15 -27.49 -20.64
N PRO E 164 -40.70 -26.58 -19.84
CA PRO E 164 -40.35 -26.56 -18.42
C PRO E 164 -40.87 -27.79 -17.70
N ALA E 165 -40.07 -28.27 -16.74
CA ALA E 165 -40.41 -29.46 -15.97
C ALA E 165 -40.76 -29.16 -14.53
N SER E 166 -40.50 -27.94 -14.04
CA SER E 166 -40.70 -27.58 -12.65
C SER E 166 -41.74 -26.48 -12.53
N LYS E 167 -42.28 -26.33 -11.32
CA LYS E 167 -43.42 -25.44 -11.12
C LYS E 167 -42.95 -23.98 -11.16
N GLN E 168 -41.74 -23.73 -10.67
CA GLN E 168 -41.21 -22.39 -10.51
C GLN E 168 -40.95 -21.69 -11.83
N ARG E 169 -40.82 -22.44 -12.92
CA ARG E 169 -40.51 -21.88 -14.22
C ARG E 169 -41.68 -22.13 -15.17
N SER E 170 -41.82 -21.24 -16.14
CA SER E 170 -42.91 -21.29 -17.09
C SER E 170 -42.35 -21.14 -18.50
N GLU E 171 -43.24 -21.03 -19.47
CA GLU E 171 -42.79 -20.84 -20.85
C GLU E 171 -42.26 -19.41 -21.04
N GLY E 172 -41.17 -19.32 -21.78
CA GLY E 172 -40.64 -18.04 -22.19
C GLY E 172 -39.48 -17.50 -21.38
N GLU E 173 -39.00 -18.22 -20.37
CA GLU E 173 -37.81 -17.78 -19.66
C GLU E 173 -36.56 -18.42 -20.23
N LYS E 174 -35.42 -17.78 -20.00
CA LYS E 174 -34.14 -18.32 -20.44
C LYS E 174 -33.74 -19.49 -19.55
N VAL E 175 -33.21 -20.53 -20.17
CA VAL E 175 -32.70 -21.68 -19.44
C VAL E 175 -31.25 -21.42 -19.04
N ARG E 176 -30.85 -21.99 -17.91
CA ARG E 176 -29.49 -21.84 -17.39
C ARG E 176 -28.90 -23.23 -17.19
N VAL E 177 -27.70 -23.29 -16.63
CA VAL E 177 -27.07 -24.57 -16.34
C VAL E 177 -27.82 -25.28 -15.22
N GLY E 178 -28.02 -26.58 -15.40
CA GLY E 178 -28.57 -27.43 -14.36
C GLY E 178 -30.07 -27.50 -14.28
N ASP E 179 -30.79 -26.76 -15.13
CA ASP E 179 -32.24 -26.79 -15.11
C ASP E 179 -32.76 -28.08 -15.73
N ASP E 180 -33.79 -28.65 -15.11
CA ASP E 180 -34.43 -29.86 -15.62
C ASP E 180 -35.52 -29.48 -16.60
N LEU E 181 -35.46 -30.03 -17.81
CA LEU E 181 -36.41 -29.74 -18.87
C LEU E 181 -37.05 -31.04 -19.37
N ILE E 182 -37.99 -30.88 -20.29
CA ILE E 182 -38.68 -32.00 -20.92
C ILE E 182 -38.55 -31.86 -22.43
N LEU E 183 -38.09 -32.92 -23.09
CA LEU E 183 -37.92 -32.92 -24.53
C LEU E 183 -39.13 -33.56 -25.19
N VAL E 184 -39.69 -32.88 -26.19
CA VAL E 184 -40.85 -33.38 -26.92
C VAL E 184 -40.51 -33.36 -28.41
N SER E 185 -40.72 -34.48 -29.09
CA SER E 185 -40.49 -34.50 -30.53
C SER E 185 -41.55 -33.66 -31.24
N VAL E 186 -41.21 -33.19 -32.43
CA VAL E 186 -42.13 -32.38 -33.21
C VAL E 186 -43.14 -33.25 -33.95
N SER E 187 -42.66 -34.24 -34.70
CA SER E 187 -43.56 -35.06 -35.49
C SER E 187 -44.35 -36.04 -34.60
N SER E 188 -43.63 -36.82 -33.78
CA SER E 188 -44.29 -37.85 -32.98
C SER E 188 -45.00 -37.27 -31.76
N GLU E 189 -44.61 -36.06 -31.33
CA GLU E 189 -45.23 -35.38 -30.18
C GLU E 189 -45.20 -36.27 -28.94
N ARG E 190 -44.04 -36.88 -28.70
CA ARG E 190 -43.85 -37.82 -27.60
C ARG E 190 -42.64 -37.38 -26.79
N TYR E 191 -42.73 -37.53 -25.47
CA TYR E 191 -41.64 -37.13 -24.59
C TYR E 191 -40.47 -38.10 -24.71
N LEU E 192 -39.27 -37.58 -24.44
CA LEU E 192 -38.07 -38.41 -24.35
C LEU E 192 -38.12 -39.18 -23.04
N HIS E 193 -38.90 -40.26 -23.05
CA HIS E 193 -39.18 -41.01 -21.84
C HIS E 193 -38.07 -42.02 -21.56
N LEU E 194 -37.75 -42.18 -20.28
CA LEU E 194 -36.80 -43.19 -19.82
C LEU E 194 -37.60 -44.45 -19.48
N SER E 195 -37.96 -45.18 -20.53
CA SER E 195 -38.77 -46.38 -20.36
C SER E 195 -37.99 -47.41 -19.56
N TYR E 196 -38.50 -47.76 -18.39
CA TYR E 196 -37.85 -48.73 -17.52
C TYR E 196 -38.22 -50.14 -17.94
N GLY E 197 -37.21 -51.03 -17.92
CA GLY E 197 -37.42 -52.42 -18.26
C GLY E 197 -36.65 -53.33 -17.32
N ASN E 198 -36.93 -54.62 -17.44
CA ASN E 198 -36.23 -55.61 -16.60
C ASN E 198 -34.74 -55.61 -16.89
N SER E 199 -34.37 -55.70 -18.16
CA SER E 199 -32.97 -55.65 -18.57
C SER E 199 -32.71 -54.69 -19.72
N SER E 200 -33.74 -54.03 -20.23
CA SER E 200 -33.62 -53.11 -21.38
C SER E 200 -33.81 -51.69 -20.86
N TRP E 201 -32.72 -51.09 -20.39
CA TRP E 201 -32.73 -49.67 -19.98
C TRP E 201 -32.58 -48.81 -21.22
N HIS E 202 -33.68 -48.75 -22.00
CA HIS E 202 -33.70 -48.10 -23.30
C HIS E 202 -34.62 -46.88 -23.24
N VAL E 203 -34.20 -45.81 -23.89
CA VAL E 203 -34.98 -44.58 -23.95
C VAL E 203 -35.92 -44.64 -25.14
N ASP E 204 -37.18 -44.30 -24.92
CA ASP E 204 -38.19 -44.28 -25.96
C ASP E 204 -38.77 -42.89 -26.10
N ALA E 205 -39.57 -42.71 -27.15
CA ALA E 205 -40.39 -41.52 -27.32
C ALA E 205 -41.80 -41.91 -26.89
N ALA E 206 -42.03 -41.83 -25.58
CA ALA E 206 -43.31 -42.19 -24.99
C ALA E 206 -44.02 -40.94 -24.49
N PHE E 207 -45.18 -41.16 -23.85
CA PHE E 207 -46.03 -40.09 -23.37
C PHE E 207 -45.87 -39.85 -21.87
N GLN E 208 -44.76 -40.28 -21.28
CA GLN E 208 -44.46 -40.06 -19.88
C GLN E 208 -43.27 -39.11 -19.80
N GLN E 209 -43.49 -37.95 -19.18
CA GLN E 209 -42.43 -36.96 -19.08
C GLN E 209 -41.26 -37.49 -18.26
N THR E 210 -40.05 -37.13 -18.69
CA THR E 210 -38.84 -37.45 -17.94
C THR E 210 -37.94 -36.22 -17.96
N LEU E 211 -37.67 -35.69 -16.78
CA LEU E 211 -36.86 -34.48 -16.63
C LEU E 211 -35.41 -34.79 -16.96
N TRP E 212 -34.93 -34.23 -18.07
CA TRP E 212 -33.59 -34.50 -18.61
C TRP E 212 -32.69 -33.31 -18.28
N SER E 213 -31.81 -33.48 -17.30
CA SER E 213 -30.88 -32.41 -16.93
C SER E 213 -29.81 -32.24 -18.00
N VAL E 214 -29.42 -30.99 -18.23
CA VAL E 214 -28.45 -30.64 -19.27
C VAL E 214 -27.18 -30.13 -18.60
N ALA E 215 -26.06 -30.78 -18.91
CA ALA E 215 -24.76 -30.41 -18.36
C ALA E 215 -23.85 -29.94 -19.50
N PRO E 216 -23.33 -28.72 -19.44
CA PRO E 216 -22.48 -28.23 -20.53
C PRO E 216 -21.15 -28.94 -20.57
N ILE E 217 -20.52 -28.90 -21.75
CA ILE E 217 -19.21 -29.51 -21.94
C ILE E 217 -18.24 -28.48 -22.48
N SER E 218 -18.62 -27.84 -23.58
CA SER E 218 -17.80 -26.80 -24.20
C SER E 218 -18.75 -25.73 -24.72
N SER E 219 -18.70 -24.54 -24.12
CA SER E 219 -19.60 -23.46 -24.49
C SER E 219 -19.19 -22.74 -25.78
N GLY E 220 -18.08 -23.15 -26.39
CA GLY E 220 -17.67 -22.55 -27.65
C GLY E 220 -17.18 -21.12 -27.51
N SER E 221 -16.45 -20.84 -26.44
CA SER E 221 -15.89 -19.52 -26.19
C SER E 221 -14.61 -19.34 -27.01
N GLU E 222 -13.81 -18.34 -26.65
CA GLU E 222 -12.60 -18.03 -27.41
C GLU E 222 -11.52 -19.08 -27.15
N ALA E 223 -11.76 -20.31 -27.59
CA ALA E 223 -10.72 -21.35 -27.59
C ALA E 223 -9.76 -21.07 -28.74
N ALA E 224 -8.60 -20.49 -28.42
CA ALA E 224 -7.64 -20.15 -29.46
C ALA E 224 -7.08 -21.40 -30.14
N GLN E 225 -6.91 -21.32 -31.45
CA GLN E 225 -6.38 -22.44 -32.22
C GLN E 225 -4.96 -22.78 -31.78
N GLY E 226 -4.80 -23.92 -31.12
CA GLY E 226 -3.50 -24.34 -30.61
C GLY E 226 -3.47 -24.60 -29.11
N TYR E 227 -4.47 -24.18 -28.35
CA TYR E 227 -4.50 -24.43 -26.91
C TYR E 227 -5.11 -25.78 -26.60
N LEU E 228 -4.69 -26.36 -25.47
CA LEU E 228 -5.15 -27.68 -25.07
C LEU E 228 -6.57 -27.60 -24.54
N ILE E 229 -7.47 -28.40 -25.12
CA ILE E 229 -8.87 -28.42 -24.72
C ILE E 229 -9.19 -29.77 -24.09
N GLY E 230 -9.99 -29.74 -23.04
CA GLY E 230 -10.32 -30.96 -22.34
C GLY E 230 -11.17 -31.90 -23.18
N GLY E 231 -11.11 -33.17 -22.82
CA GLY E 231 -11.88 -34.18 -23.52
C GLY E 231 -11.41 -34.44 -24.93
N ASP E 232 -10.16 -34.12 -25.26
CA ASP E 232 -9.63 -34.25 -26.61
C ASP E 232 -8.61 -35.39 -26.66
N VAL E 233 -8.38 -35.87 -27.88
CA VAL E 233 -7.37 -36.88 -28.15
C VAL E 233 -6.19 -36.20 -28.83
N LEU E 234 -4.98 -36.65 -28.53
CA LEU E 234 -3.77 -36.02 -29.05
C LEU E 234 -2.66 -37.05 -29.13
N ARG E 235 -1.48 -36.58 -29.55
CA ARG E 235 -0.27 -37.39 -29.59
C ARG E 235 0.87 -36.63 -28.92
N LEU E 236 1.80 -37.38 -28.34
CA LEU E 236 2.91 -36.83 -27.57
C LEU E 236 4.22 -37.19 -28.27
N LEU E 237 4.96 -36.17 -28.68
CA LEU E 237 6.26 -36.34 -29.32
C LEU E 237 7.35 -35.75 -28.44
N HIS E 238 8.59 -35.97 -28.85
CA HIS E 238 9.73 -35.38 -28.15
C HIS E 238 10.27 -34.20 -28.94
N GLY E 239 10.85 -33.23 -28.23
CA GLY E 239 11.35 -32.03 -28.87
C GLY E 239 12.63 -32.25 -29.65
N HIS E 240 13.45 -33.21 -29.23
CA HIS E 240 14.72 -33.47 -29.88
C HIS E 240 14.87 -34.93 -30.31
N MET E 241 13.88 -35.78 -30.06
CA MET E 241 13.91 -37.17 -30.48
C MET E 241 12.65 -37.60 -31.23
N ASP E 242 11.56 -36.85 -31.11
CA ASP E 242 10.29 -37.17 -31.76
C ASP E 242 9.86 -38.60 -31.47
N GLU E 243 9.99 -38.98 -30.21
CA GLU E 243 9.62 -40.32 -29.74
C GLU E 243 8.17 -40.31 -29.27
N CYS E 244 7.32 -41.04 -29.97
CA CYS E 244 5.89 -41.07 -29.68
C CYS E 244 5.56 -42.25 -28.78
N LEU E 245 4.70 -41.98 -27.78
CA LEU E 245 4.27 -42.98 -26.81
C LEU E 245 3.25 -43.91 -27.49
N THR E 246 3.67 -45.13 -27.81
CA THR E 246 2.83 -46.04 -28.58
C THR E 246 2.76 -47.41 -27.90
N VAL E 247 2.02 -48.30 -28.54
CA VAL E 247 1.89 -49.70 -28.13
C VAL E 247 2.17 -50.55 -29.36
N PRO E 248 2.49 -51.84 -29.17
CA PRO E 248 2.72 -52.72 -30.32
C PRO E 248 1.49 -52.81 -31.22
N SER E 249 1.74 -52.96 -32.51
CA SER E 249 0.69 -52.96 -33.52
C SER E 249 -0.06 -54.30 -33.50
N GLY E 250 -0.95 -54.49 -34.47
CA GLY E 250 -1.75 -55.70 -34.55
C GLY E 250 -0.99 -56.91 -35.05
N GLU E 251 0.34 -56.83 -35.10
CA GLU E 251 1.14 -57.98 -35.51
C GLU E 251 1.05 -59.12 -34.50
N HIS E 252 0.76 -58.79 -33.23
CA HIS E 252 0.60 -59.81 -32.21
C HIS E 252 -0.74 -59.63 -31.50
N GLY E 253 -0.97 -60.40 -30.43
CA GLY E 253 -2.24 -60.36 -29.75
C GLY E 253 -2.38 -59.19 -28.79
N GLU E 254 -3.55 -59.15 -28.13
CA GLU E 254 -3.80 -58.10 -27.15
C GLU E 254 -2.80 -58.14 -26.01
N GLU E 255 -2.25 -59.32 -25.70
CA GLU E 255 -1.28 -59.42 -24.62
C GLU E 255 -0.01 -58.64 -24.96
N GLN E 256 0.40 -58.63 -26.22
CA GLN E 256 1.52 -57.79 -26.63
C GLN E 256 1.08 -56.34 -26.79
N ARG E 257 -0.13 -56.12 -27.33
CA ARG E 257 -0.59 -54.76 -27.57
C ARG E 257 -0.81 -53.97 -26.29
N ARG E 258 -0.97 -54.65 -25.15
CA ARG E 258 -1.10 -53.97 -23.87
C ARG E 258 0.20 -53.31 -23.43
N THR E 259 1.32 -53.66 -24.05
CA THR E 259 2.60 -53.08 -23.68
C THR E 259 2.65 -51.61 -24.11
N VAL E 260 3.36 -50.81 -23.32
CA VAL E 260 3.54 -49.39 -23.59
C VAL E 260 5.03 -49.17 -23.80
N HIS E 261 5.38 -48.40 -24.83
CA HIS E 261 6.77 -48.06 -25.08
C HIS E 261 6.82 -46.79 -25.93
N TYR E 262 8.00 -46.46 -26.42
CA TYR E 262 8.18 -45.36 -27.35
C TYR E 262 8.56 -45.91 -28.73
N GLU E 263 8.15 -45.19 -29.77
CA GLU E 263 8.49 -45.55 -31.14
C GLU E 263 8.76 -44.27 -31.93
N GLY E 264 9.09 -44.44 -33.20
CA GLY E 264 9.37 -43.30 -34.05
C GLY E 264 9.20 -43.68 -35.50
N GLY E 265 9.36 -42.68 -36.36
CA GLY E 265 9.24 -42.89 -37.79
C GLY E 265 7.83 -42.61 -38.28
N ALA E 266 7.28 -43.53 -39.07
CA ALA E 266 5.94 -43.37 -39.61
C ALA E 266 4.85 -43.63 -38.59
N VAL E 267 5.20 -44.07 -37.38
CA VAL E 267 4.20 -44.35 -36.37
C VAL E 267 3.54 -43.06 -35.86
N SER E 268 4.16 -41.90 -36.10
CA SER E 268 3.57 -40.65 -35.66
C SER E 268 2.25 -40.36 -36.37
N VAL E 269 2.08 -40.87 -37.59
CA VAL E 269 0.85 -40.66 -38.34
C VAL E 269 -0.07 -41.88 -38.30
N HIS E 270 0.30 -42.92 -37.55
CA HIS E 270 -0.53 -44.10 -37.43
C HIS E 270 -1.71 -43.83 -36.50
N ALA E 271 -2.59 -44.81 -36.38
CA ALA E 271 -3.76 -44.70 -35.53
C ALA E 271 -3.56 -45.30 -34.15
N ARG E 272 -2.49 -46.06 -33.94
CA ARG E 272 -2.20 -46.70 -32.66
C ARG E 272 -1.37 -45.83 -31.74
N SER E 273 -1.34 -44.51 -31.97
CA SER E 273 -0.54 -43.60 -31.16
C SER E 273 -1.37 -42.40 -30.70
N LEU E 274 -2.67 -42.59 -30.52
CA LEU E 274 -3.57 -41.52 -30.12
C LEU E 274 -4.06 -41.77 -28.70
N TRP E 275 -3.93 -40.75 -27.85
CA TRP E 275 -4.32 -40.84 -26.45
C TRP E 275 -5.34 -39.75 -26.15
N ARG E 276 -6.49 -40.15 -25.59
CA ARG E 276 -7.56 -39.23 -25.27
C ARG E 276 -7.56 -38.94 -23.78
N LEU E 277 -7.68 -37.64 -23.44
CA LEU E 277 -7.64 -37.18 -22.05
C LEU E 277 -9.08 -36.98 -21.58
N GLU E 278 -9.54 -37.86 -20.70
CA GLU E 278 -10.89 -37.81 -20.17
C GLU E 278 -10.84 -37.21 -18.76
N THR E 279 -11.45 -36.04 -18.59
CA THR E 279 -11.45 -35.40 -17.29
C THR E 279 -12.45 -36.08 -16.36
N LEU E 280 -12.18 -36.01 -15.06
CA LEU E 280 -13.03 -36.69 -14.09
C LEU E 280 -14.40 -36.05 -14.00
N ARG E 281 -14.44 -34.72 -13.83
CA ARG E 281 -15.72 -34.04 -13.68
C ARG E 281 -16.56 -34.15 -14.95
N VAL E 282 -17.87 -34.28 -14.77
CA VAL E 282 -18.76 -34.58 -15.89
C VAL E 282 -19.39 -33.34 -16.52
N ALA E 283 -19.43 -32.22 -15.81
CA ALA E 283 -19.85 -30.95 -16.39
C ALA E 283 -18.62 -30.16 -16.79
N TRP E 284 -18.68 -29.51 -17.96
CA TRP E 284 -17.55 -28.77 -18.50
C TRP E 284 -16.37 -29.69 -18.77
N SER E 285 -16.64 -30.82 -19.41
CA SER E 285 -15.59 -31.80 -19.71
C SER E 285 -14.65 -31.32 -20.79
N GLY E 286 -15.10 -30.44 -21.69
CA GLY E 286 -14.26 -29.88 -22.72
C GLY E 286 -13.73 -28.51 -22.35
N SER E 287 -13.33 -28.36 -21.09
CA SER E 287 -12.77 -27.12 -20.61
C SER E 287 -11.26 -27.09 -20.89
N HIS E 288 -10.63 -25.97 -20.59
CA HIS E 288 -9.19 -25.85 -20.79
C HIS E 288 -8.46 -26.64 -19.71
N ILE E 289 -7.57 -27.53 -20.14
CA ILE E 289 -6.83 -28.37 -19.20
C ILE E 289 -5.85 -27.51 -18.42
N ARG E 290 -6.01 -27.46 -17.10
CA ARG E 290 -5.09 -26.75 -16.22
C ARG E 290 -4.07 -27.72 -15.64
N TRP E 291 -2.99 -27.17 -15.12
CA TRP E 291 -1.91 -27.98 -14.57
C TRP E 291 -2.34 -28.64 -13.27
N GLY E 292 -1.96 -29.90 -13.10
CA GLY E 292 -2.17 -30.61 -11.86
C GLY E 292 -3.56 -31.18 -11.66
N GLN E 293 -4.40 -31.19 -12.70
CA GLN E 293 -5.68 -31.81 -12.41
C GLN E 293 -5.72 -33.24 -12.94
N PRO E 294 -6.45 -34.13 -12.27
CA PRO E 294 -6.46 -35.54 -12.69
C PRO E 294 -7.28 -35.78 -13.94
N PHE E 295 -6.82 -36.74 -14.73
CA PHE E 295 -7.52 -37.14 -15.95
C PHE E 295 -7.05 -38.53 -16.35
N ARG E 296 -7.93 -39.24 -17.05
CA ARG E 296 -7.65 -40.59 -17.53
C ARG E 296 -7.10 -40.55 -18.95
N LEU E 297 -6.18 -41.46 -19.24
CA LEU E 297 -5.62 -41.61 -20.58
C LEU E 297 -6.23 -42.85 -21.22
N ARG E 298 -6.94 -42.66 -22.33
CA ARG E 298 -7.57 -43.76 -23.05
C ARG E 298 -6.92 -43.95 -24.40
N HIS E 299 -6.78 -45.20 -24.81
CA HIS E 299 -6.24 -45.54 -26.14
C HIS E 299 -7.42 -45.80 -27.05
N VAL E 300 -7.73 -44.82 -27.91
CA VAL E 300 -8.88 -44.92 -28.79
C VAL E 300 -8.73 -45.99 -29.86
N THR E 301 -7.52 -46.54 -30.04
CA THR E 301 -7.34 -47.60 -31.03
C THR E 301 -7.85 -48.94 -30.51
N THR E 302 -7.63 -49.24 -29.23
CA THR E 302 -8.08 -50.49 -28.64
C THR E 302 -9.20 -50.31 -27.62
N GLY E 303 -9.35 -49.13 -27.03
CA GLY E 303 -10.40 -48.88 -26.07
C GLY E 303 -10.03 -49.12 -24.64
N LYS E 304 -8.75 -49.28 -24.32
CA LYS E 304 -8.31 -49.53 -22.96
C LYS E 304 -7.72 -48.27 -22.35
N TYR E 305 -7.74 -48.21 -21.02
CA TYR E 305 -7.23 -47.07 -20.27
C TYR E 305 -5.85 -47.38 -19.71
N LEU E 306 -4.98 -46.39 -19.74
CA LEU E 306 -3.61 -46.53 -19.27
C LEU E 306 -3.60 -46.51 -17.75
N SER E 307 -3.47 -47.69 -17.14
CA SER E 307 -3.40 -47.82 -15.69
C SER E 307 -1.98 -48.14 -15.26
N LEU E 308 -1.74 -47.99 -13.95
CA LEU E 308 -0.42 -48.18 -13.37
C LEU E 308 -0.54 -49.10 -12.15
N MET E 309 0.06 -50.28 -12.24
CA MET E 309 0.19 -51.19 -11.11
C MET E 309 1.65 -51.17 -10.66
N GLU E 310 1.88 -50.79 -9.40
CA GLU E 310 3.25 -50.60 -8.93
C GLU E 310 4.07 -51.88 -8.98
N ASP E 311 3.42 -53.04 -9.07
CA ASP E 311 4.15 -54.30 -9.21
C ASP E 311 4.91 -54.36 -10.53
N LYS E 312 4.56 -53.52 -11.50
CA LYS E 312 5.18 -53.53 -12.82
C LYS E 312 5.15 -52.12 -13.37
N ASN E 313 5.34 -51.97 -14.67
CA ASN E 313 5.20 -50.67 -15.32
C ASN E 313 3.73 -50.44 -15.65
N LEU E 314 3.45 -49.40 -16.43
CA LEU E 314 2.07 -49.11 -16.80
C LEU E 314 1.57 -50.09 -17.85
N LEU E 315 0.28 -50.38 -17.81
CA LEU E 315 -0.35 -51.29 -18.75
C LEU E 315 -1.69 -50.69 -19.17
N LEU E 316 -2.43 -51.45 -19.99
CA LEU E 316 -3.73 -51.04 -20.49
C LEU E 316 -4.79 -51.96 -19.93
N MET E 317 -5.70 -51.40 -19.13
CA MET E 317 -6.81 -52.15 -18.54
C MET E 317 -8.12 -51.53 -19.00
N ASP E 318 -9.10 -52.39 -19.27
CA ASP E 318 -10.37 -51.93 -19.81
C ASP E 318 -11.12 -51.10 -18.78
N LYS E 319 -12.29 -50.59 -19.19
CA LYS E 319 -13.06 -49.68 -18.36
C LYS E 319 -13.64 -50.36 -17.12
N GLU E 320 -13.76 -51.69 -17.12
CA GLU E 320 -14.42 -52.38 -16.02
C GLU E 320 -13.55 -52.44 -14.76
N LYS E 321 -12.24 -52.31 -14.89
CA LYS E 321 -11.33 -52.32 -13.75
C LYS E 321 -10.42 -51.11 -13.75
N ALA E 322 -10.84 -50.03 -14.41
CA ALA E 322 -10.04 -48.81 -14.52
C ALA E 322 -10.41 -47.85 -13.39
N ASP E 323 -9.82 -48.10 -12.23
CA ASP E 323 -10.06 -47.28 -11.06
C ASP E 323 -9.33 -45.93 -11.16
N VAL E 324 -9.93 -44.91 -10.55
CA VAL E 324 -9.40 -43.56 -10.67
C VAL E 324 -8.03 -43.43 -10.02
N LYS E 325 -7.79 -44.16 -8.94
CA LYS E 325 -6.54 -44.02 -8.19
C LYS E 325 -5.34 -44.57 -8.94
N SER E 326 -5.52 -45.43 -9.94
CA SER E 326 -4.41 -45.89 -10.76
C SER E 326 -4.48 -45.44 -12.20
N THR E 327 -5.61 -44.88 -12.65
CA THR E 327 -5.67 -44.38 -14.02
C THR E 327 -5.54 -42.87 -14.13
N ALA E 328 -5.92 -42.13 -13.09
CA ALA E 328 -5.90 -40.68 -13.14
C ALA E 328 -4.47 -40.15 -13.06
N PHE E 329 -4.06 -39.42 -14.08
CA PHE E 329 -2.75 -38.78 -14.13
C PHE E 329 -2.93 -37.26 -14.24
N ALA E 330 -1.83 -36.54 -14.16
CA ALA E 330 -1.87 -35.09 -14.22
C ALA E 330 -0.63 -34.57 -14.94
N PHE E 331 -0.72 -33.32 -15.38
CA PHE E 331 0.37 -32.65 -16.09
C PHE E 331 0.93 -31.53 -15.22
N ARG E 332 2.25 -31.51 -15.07
CA ARG E 332 2.94 -30.47 -14.33
C ARG E 332 3.91 -29.74 -15.25
N SER E 333 4.31 -28.55 -14.82
CA SER E 333 5.31 -27.78 -15.54
C SER E 333 6.73 -28.05 -15.07
N SER E 334 6.90 -28.57 -13.86
CA SER E 334 8.21 -28.90 -13.32
C SER E 334 8.17 -30.28 -12.68
N LYS E 335 9.25 -30.64 -12.01
CA LYS E 335 9.45 -31.98 -11.48
C LYS E 335 9.10 -32.09 -10.00
N GLU E 336 8.95 -30.97 -9.29
CA GLU E 336 8.65 -30.99 -7.87
C GLU E 336 7.19 -31.35 -7.62
N LYS E 337 6.85 -31.49 -6.33
CA LYS E 337 5.52 -31.88 -5.88
C LYS E 337 4.84 -30.76 -5.10
N LEU E 338 4.98 -29.50 -5.56
CA LEU E 338 4.55 -28.36 -4.77
C LEU E 338 3.04 -28.35 -4.56
N ASP E 339 2.28 -28.83 -5.53
CA ASP E 339 0.82 -28.81 -5.48
C ASP E 339 0.28 -30.21 -5.70
N VAL E 340 -0.43 -30.72 -4.69
CA VAL E 340 -1.15 -31.98 -4.85
C VAL E 340 -2.64 -31.74 -4.56
N GLY E 341 -2.94 -31.36 -3.33
CA GLY E 341 -4.31 -31.06 -2.93
C GLY E 341 -4.64 -29.58 -2.97
N VAL E 342 -4.61 -28.97 -4.15
CA VAL E 342 -4.84 -27.54 -4.31
C VAL E 342 -6.24 -27.25 -4.86
N ARG E 343 -6.55 -27.75 -6.04
CA ARG E 343 -7.80 -27.44 -6.70
C ARG E 343 -8.68 -28.68 -6.85
N LYS E 344 -9.99 -28.48 -6.71
CA LYS E 344 -10.95 -29.57 -6.79
C LYS E 344 -11.90 -29.45 -7.98
N GLU E 345 -12.46 -28.26 -8.22
CA GLU E 345 -13.42 -28.02 -9.28
C GLU E 345 -13.43 -26.54 -9.60
N VAL E 346 -13.51 -26.21 -10.89
CA VAL E 346 -13.60 -24.83 -11.35
C VAL E 346 -14.77 -24.78 -12.33
N ASP E 347 -15.90 -24.26 -11.88
CA ASP E 347 -17.11 -24.27 -12.71
C ASP E 347 -16.93 -23.21 -13.79
N GLY E 348 -16.52 -23.62 -14.97
CA GLY E 348 -16.37 -22.68 -16.06
C GLY E 348 -15.60 -23.28 -17.21
N MET E 349 -15.46 -22.47 -18.27
CA MET E 349 -14.70 -22.91 -19.43
C MET E 349 -13.21 -23.01 -19.13
N GLY E 350 -12.70 -22.17 -18.24
CA GLY E 350 -11.30 -22.19 -17.88
C GLY E 350 -10.49 -21.16 -18.64
N THR E 351 -9.19 -21.20 -18.36
CA THR E 351 -8.24 -20.27 -18.95
C THR E 351 -7.27 -21.01 -19.88
N SER E 352 -6.98 -20.38 -21.01
CA SER E 352 -6.03 -20.93 -21.98
C SER E 352 -4.65 -20.96 -21.36
N GLU E 353 -4.20 -22.15 -20.97
CA GLU E 353 -2.89 -22.32 -20.34
C GLU E 353 -1.93 -23.12 -21.21
N ILE E 354 -2.30 -24.33 -21.60
CA ILE E 354 -1.40 -25.23 -22.31
C ILE E 354 -1.63 -25.09 -23.80
N LYS E 355 -0.55 -24.92 -24.56
CA LYS E 355 -0.61 -24.84 -26.01
C LYS E 355 -0.16 -26.15 -26.63
N TYR E 356 -0.60 -26.37 -27.87
CA TYR E 356 -0.15 -27.55 -28.61
C TYR E 356 1.21 -27.32 -29.26
N GLY E 357 1.53 -26.07 -29.59
CA GLY E 357 2.79 -25.76 -30.23
C GLY E 357 4.00 -25.92 -29.35
N ASP E 358 4.15 -25.06 -28.36
CA ASP E 358 5.31 -25.07 -27.47
C ASP E 358 4.81 -25.20 -26.03
N SER E 359 4.97 -26.40 -25.48
CA SER E 359 4.62 -26.70 -24.12
C SER E 359 5.35 -27.96 -23.72
N ILE E 360 6.08 -27.89 -22.62
CA ILE E 360 6.82 -29.01 -22.09
C ILE E 360 6.10 -29.44 -20.81
N CYS E 361 5.30 -30.49 -20.90
CA CYS E 361 4.57 -31.02 -19.76
C CYS E 361 5.26 -32.26 -19.21
N TYR E 362 4.97 -32.55 -17.95
CA TYR E 362 5.50 -33.73 -17.28
C TYR E 362 4.35 -34.52 -16.66
N ILE E 363 4.27 -35.81 -16.97
CA ILE E 363 3.20 -36.64 -16.44
C ILE E 363 3.51 -36.99 -14.99
N GLN E 364 2.46 -37.08 -14.17
CA GLN E 364 2.63 -37.43 -12.77
C GLN E 364 1.39 -38.18 -12.29
N HIS E 365 1.62 -39.25 -11.55
CA HIS E 365 0.53 -40.06 -11.03
C HIS E 365 0.01 -39.47 -9.73
N VAL E 366 -1.27 -39.73 -9.45
CA VAL E 366 -1.88 -39.16 -8.25
C VAL E 366 -1.45 -39.93 -7.00
N ASP E 367 -1.10 -41.21 -7.13
CA ASP E 367 -0.78 -42.03 -5.98
C ASP E 367 0.72 -42.09 -5.72
N THR E 368 1.49 -42.58 -6.69
CA THR E 368 2.93 -42.71 -6.52
C THR E 368 3.69 -41.46 -6.91
N GLY E 369 3.16 -40.67 -7.84
CA GLY E 369 3.83 -39.45 -8.25
C GLY E 369 5.06 -39.65 -9.09
N LEU E 370 5.16 -40.79 -9.78
CA LEU E 370 6.32 -41.06 -10.62
C LEU E 370 6.35 -40.13 -11.82
N TRP E 371 7.44 -40.19 -12.58
CA TRP E 371 7.66 -39.33 -13.73
C TRP E 371 8.24 -40.17 -14.86
N LEU E 372 7.95 -39.76 -16.09
CA LEU E 372 8.39 -40.51 -17.27
C LEU E 372 9.90 -40.46 -17.41
N THR E 373 10.46 -41.53 -17.95
CA THR E 373 11.87 -41.63 -18.27
C THR E 373 12.03 -42.63 -19.41
N TYR E 374 12.81 -42.26 -20.42
CA TYR E 374 13.13 -43.16 -21.51
C TYR E 374 14.36 -43.99 -21.15
N GLN E 375 14.33 -45.27 -21.49
CA GLN E 375 15.32 -46.23 -21.08
C GLN E 375 16.10 -46.78 -22.28
N ALA E 376 16.95 -47.75 -22.00
CA ALA E 376 17.69 -48.49 -23.01
C ALA E 376 17.53 -49.99 -22.79
N VAL E 377 16.30 -50.41 -22.49
CA VAL E 377 16.01 -51.81 -22.20
C VAL E 377 16.22 -52.71 -23.40
N ASP E 378 16.29 -52.14 -24.61
CA ASP E 378 16.41 -52.94 -25.82
C ASP E 378 17.84 -53.42 -25.99
N VAL E 379 18.02 -54.75 -26.10
CA VAL E 379 19.36 -55.32 -26.23
C VAL E 379 19.95 -54.97 -27.60
N LYS E 380 21.29 -55.03 -27.70
CA LYS E 380 21.95 -54.75 -28.97
C LYS E 380 21.84 -55.88 -29.98
N SER E 381 20.99 -56.88 -29.75
CA SER E 381 20.88 -57.95 -30.73
C SER E 381 20.32 -57.41 -32.04
N ALA E 382 19.22 -56.68 -31.98
CA ALA E 382 18.62 -56.02 -33.13
C ALA E 382 18.12 -54.63 -32.75
N ARG E 383 18.97 -53.83 -32.11
CA ARG E 383 18.51 -52.51 -31.65
C ARG E 383 18.30 -51.55 -32.82
N MET E 384 19.27 -51.46 -33.74
CA MET E 384 19.21 -50.44 -34.78
C MET E 384 17.98 -50.61 -35.67
N GLY E 385 17.49 -51.83 -35.85
CA GLY E 385 16.31 -52.04 -36.65
C GLY E 385 15.01 -52.03 -35.87
N SER E 386 15.09 -52.25 -34.56
CA SER E 386 13.91 -52.38 -33.70
C SER E 386 14.10 -51.59 -32.41
N ILE E 387 14.56 -50.34 -32.52
CA ILE E 387 14.71 -49.46 -31.38
C ILE E 387 13.37 -49.26 -30.69
N GLN E 388 13.28 -49.69 -29.42
CA GLN E 388 12.05 -49.57 -28.62
C GLN E 388 12.48 -49.13 -27.22
N ARG E 389 12.48 -47.83 -26.99
CA ARG E 389 12.87 -47.27 -25.69
C ARG E 389 11.65 -47.29 -24.77
N LYS E 390 11.51 -48.38 -24.03
CA LYS E 390 10.34 -48.57 -23.16
C LYS E 390 10.31 -47.49 -22.08
N ALA E 391 9.21 -46.75 -22.02
CA ALA E 391 9.06 -45.71 -21.01
C ALA E 391 8.76 -46.34 -19.66
N ILE E 392 9.46 -45.87 -18.62
CA ILE E 392 9.29 -46.35 -17.26
C ILE E 392 9.04 -45.13 -16.37
N MET E 393 7.98 -45.21 -15.57
CA MET E 393 7.70 -44.15 -14.60
C MET E 393 8.57 -44.36 -13.37
N HIS E 394 9.55 -43.49 -13.20
CA HIS E 394 10.50 -43.57 -12.10
C HIS E 394 10.33 -42.37 -11.17
N HIS E 395 11.05 -42.41 -10.06
CA HIS E 395 10.85 -41.41 -9.01
C HIS E 395 11.58 -40.10 -9.32
N GLU E 396 12.80 -40.16 -9.86
CA GLU E 396 13.56 -38.91 -9.96
C GLU E 396 13.03 -38.08 -11.13
N GLY E 397 13.05 -38.67 -12.32
CA GLY E 397 12.81 -37.94 -13.54
C GLY E 397 14.07 -37.21 -14.02
N HIS E 398 14.14 -37.02 -15.33
CA HIS E 398 15.23 -36.30 -15.95
C HIS E 398 14.70 -35.10 -16.70
N MET E 399 15.56 -34.12 -16.93
CA MET E 399 15.20 -32.89 -17.64
C MET E 399 15.43 -33.02 -19.14
N ASP E 400 14.87 -34.07 -19.74
CA ASP E 400 15.02 -34.29 -21.18
C ASP E 400 13.77 -34.88 -21.82
N ASP E 401 12.65 -34.96 -21.10
CA ASP E 401 11.44 -35.55 -21.66
C ASP E 401 10.94 -34.72 -22.84
N GLY E 402 10.52 -33.49 -22.58
CA GLY E 402 10.02 -32.61 -23.61
C GLY E 402 8.82 -33.15 -24.37
N LEU E 403 7.69 -33.34 -23.68
CA LEU E 403 6.49 -33.87 -24.32
C LEU E 403 5.78 -32.74 -25.06
N ASN E 404 6.02 -32.67 -26.35
CA ASN E 404 5.31 -31.77 -27.24
C ASN E 404 4.00 -32.41 -27.68
N LEU E 405 3.00 -31.59 -27.94
CA LEU E 405 1.66 -32.08 -28.21
C LEU E 405 1.29 -31.87 -29.68
N SER E 406 0.47 -32.79 -30.19
CA SER E 406 -0.09 -32.67 -31.53
C SER E 406 -1.57 -33.01 -31.46
N ARG E 407 -2.41 -32.15 -32.03
CA ARG E 407 -3.84 -32.16 -31.74
C ARG E 407 -4.58 -33.36 -32.30
N SER E 408 -3.98 -34.19 -33.16
CA SER E 408 -4.61 -35.41 -33.66
C SER E 408 -5.95 -35.09 -34.33
N GLN E 409 -5.84 -34.45 -35.49
CA GLN E 409 -6.96 -33.87 -36.23
C GLN E 409 -8.22 -34.73 -36.17
N HIS E 410 -9.36 -34.04 -36.02
CA HIS E 410 -10.65 -34.70 -35.83
C HIS E 410 -10.94 -35.75 -36.88
N GLU E 411 -10.51 -35.54 -38.12
CA GLU E 411 -10.67 -36.56 -39.14
C GLU E 411 -9.97 -37.85 -38.73
N GLU E 412 -8.70 -37.74 -38.35
CA GLU E 412 -7.96 -38.93 -37.92
C GLU E 412 -8.55 -39.54 -36.66
N SER E 413 -9.02 -38.71 -35.73
CA SER E 413 -9.62 -39.22 -34.50
C SER E 413 -10.87 -40.03 -34.80
N ARG E 414 -11.76 -39.49 -35.64
CA ARG E 414 -12.97 -40.20 -36.01
C ARG E 414 -12.64 -41.51 -36.73
N THR E 415 -11.66 -41.45 -37.64
CA THR E 415 -11.26 -42.67 -38.35
C THR E 415 -10.77 -43.74 -37.39
N ALA E 416 -9.97 -43.35 -36.39
CA ALA E 416 -9.42 -44.33 -35.46
C ALA E 416 -10.50 -44.91 -34.53
N ARG E 417 -11.41 -44.07 -34.05
CA ARG E 417 -12.49 -44.59 -33.22
C ARG E 417 -13.39 -45.54 -34.03
N VAL E 418 -13.59 -45.23 -35.32
CA VAL E 418 -14.31 -46.15 -36.19
C VAL E 418 -13.55 -47.46 -36.35
N ILE E 419 -12.23 -47.38 -36.54
CA ILE E 419 -11.42 -48.60 -36.62
C ILE E 419 -11.64 -49.46 -35.39
N ARG E 420 -11.63 -48.82 -34.21
CA ARG E 420 -11.84 -49.56 -32.97
C ARG E 420 -13.22 -50.22 -32.94
N SER E 421 -14.25 -49.47 -33.32
CA SER E 421 -15.60 -50.03 -33.28
C SER E 421 -15.74 -51.24 -34.22
N THR E 422 -15.28 -51.10 -35.46
CA THR E 422 -15.42 -52.22 -36.39
C THR E 422 -14.53 -53.40 -36.00
N VAL E 423 -13.33 -53.14 -35.45
CA VAL E 423 -12.50 -54.29 -35.08
C VAL E 423 -13.13 -55.02 -33.89
N PHE E 424 -13.76 -54.28 -32.98
CA PHE E 424 -14.47 -54.94 -31.87
C PHE E 424 -15.64 -55.77 -32.39
N LEU E 425 -16.47 -55.19 -33.26
CA LEU E 425 -17.63 -55.91 -33.77
C LEU E 425 -17.20 -57.12 -34.59
N PHE E 426 -16.12 -56.98 -35.36
CA PHE E 426 -15.65 -58.10 -36.19
C PHE E 426 -15.03 -59.19 -35.34
N ASN E 427 -14.36 -58.83 -34.23
CA ASN E 427 -13.87 -59.84 -33.32
C ASN E 427 -15.01 -60.59 -32.65
N ARG E 428 -16.08 -59.87 -32.27
CA ARG E 428 -17.25 -60.54 -31.72
C ARG E 428 -17.84 -61.51 -32.73
N PHE E 429 -17.99 -61.06 -33.98
CA PHE E 429 -18.54 -61.91 -35.03
C PHE E 429 -17.64 -63.11 -35.31
N ILE E 430 -16.32 -62.91 -35.29
CA ILE E 430 -15.41 -64.00 -35.61
C ILE E 430 -15.41 -65.03 -34.49
N ARG E 431 -15.48 -64.58 -33.24
CA ARG E 431 -15.61 -65.52 -32.12
C ARG E 431 -16.91 -66.30 -32.22
N GLY E 432 -18.02 -65.63 -32.53
CA GLY E 432 -19.29 -66.31 -32.64
C GLY E 432 -19.29 -67.35 -33.75
N LEU E 433 -18.81 -66.97 -34.93
CA LEU E 433 -18.79 -67.89 -36.06
C LEU E 433 -17.83 -69.04 -35.81
N ASP E 434 -16.71 -68.78 -35.13
CA ASP E 434 -15.77 -69.85 -34.80
C ASP E 434 -16.39 -70.85 -33.84
N ALA E 435 -17.06 -70.34 -32.80
CA ALA E 435 -17.74 -71.21 -31.85
C ALA E 435 -18.86 -72.01 -32.51
N LEU E 436 -19.53 -71.43 -33.51
CA LEU E 436 -20.57 -72.17 -34.21
C LEU E 436 -19.97 -73.22 -35.15
N SER E 437 -18.81 -72.94 -35.74
CA SER E 437 -18.30 -73.81 -36.79
C SER E 437 -17.46 -74.97 -36.27
N LYS E 438 -16.67 -74.75 -35.22
CA LYS E 438 -15.81 -75.82 -34.73
C LYS E 438 -16.61 -77.03 -34.28
N LYS E 439 -17.77 -76.81 -33.67
CA LYS E 439 -18.67 -77.87 -33.23
C LYS E 439 -20.00 -77.23 -32.89
N VAL E 440 -21.00 -78.08 -32.65
CA VAL E 440 -22.30 -77.57 -32.23
C VAL E 440 -22.19 -77.00 -30.83
N LYS E 441 -22.83 -75.86 -30.59
CA LYS E 441 -22.73 -75.15 -29.33
C LYS E 441 -24.10 -74.57 -28.97
N LEU E 442 -24.15 -73.92 -27.81
CA LEU E 442 -25.38 -73.31 -27.36
C LEU E 442 -25.67 -72.03 -28.15
N PRO E 443 -26.91 -71.80 -28.55
CA PRO E 443 -27.21 -70.64 -29.41
C PRO E 443 -27.24 -69.32 -28.66
N THR E 444 -26.91 -69.34 -27.37
CA THR E 444 -26.89 -68.12 -26.56
C THR E 444 -25.54 -67.41 -26.71
N ILE E 445 -25.20 -67.12 -27.96
CA ILE E 445 -23.94 -66.47 -28.30
C ILE E 445 -24.24 -65.17 -29.03
N ASP E 446 -23.23 -64.31 -29.10
CA ASP E 446 -23.36 -63.01 -29.76
C ASP E 446 -23.07 -63.17 -31.25
N LEU E 447 -24.13 -63.27 -32.04
CA LEU E 447 -24.03 -63.37 -33.50
C LEU E 447 -24.86 -62.23 -34.09
N PRO E 448 -24.34 -61.00 -34.06
CA PRO E 448 -25.12 -59.85 -34.58
C PRO E 448 -25.08 -59.76 -36.10
N ILE E 449 -25.92 -60.57 -36.74
CA ILE E 449 -25.99 -60.56 -38.19
C ILE E 449 -26.45 -59.19 -38.70
N GLU E 450 -27.56 -58.69 -38.15
CA GLU E 450 -28.09 -57.41 -38.57
C GLU E 450 -27.14 -56.26 -38.23
N SER E 451 -26.46 -56.33 -37.09
CA SER E 451 -25.54 -55.27 -36.72
C SER E 451 -24.32 -55.25 -37.64
N VAL E 452 -23.76 -56.42 -37.96
CA VAL E 452 -22.60 -56.42 -38.86
C VAL E 452 -23.03 -56.03 -40.27
N SER E 453 -24.26 -56.37 -40.67
CA SER E 453 -24.75 -55.92 -41.98
C SER E 453 -24.84 -54.40 -42.03
N LEU E 454 -25.41 -53.78 -40.99
CA LEU E 454 -25.49 -52.33 -40.95
C LEU E 454 -24.10 -51.70 -40.88
N SER E 455 -23.19 -52.33 -40.13
CA SER E 455 -21.83 -51.79 -40.03
C SER E 455 -21.12 -51.83 -41.38
N LEU E 456 -21.30 -52.92 -42.13
CA LEU E 456 -20.69 -53.01 -43.45
C LEU E 456 -21.32 -52.00 -44.42
N GLN E 457 -22.65 -51.83 -44.34
CA GLN E 457 -23.30 -50.84 -45.19
C GLN E 457 -22.83 -49.42 -44.87
N ASP E 458 -22.54 -49.14 -43.60
CA ASP E 458 -22.02 -47.83 -43.23
C ASP E 458 -20.56 -47.67 -43.66
N LEU E 459 -19.76 -48.73 -43.54
CA LEU E 459 -18.34 -48.62 -43.82
C LEU E 459 -18.07 -48.54 -45.32
N ILE E 460 -18.91 -49.20 -46.13
CA ILE E 460 -18.80 -49.05 -47.58
C ILE E 460 -19.03 -47.59 -47.98
N GLY E 461 -20.06 -46.97 -47.41
CA GLY E 461 -20.28 -45.55 -47.67
C GLY E 461 -19.19 -44.67 -47.08
N TYR E 462 -18.55 -45.13 -46.00
CA TYR E 462 -17.41 -44.41 -45.45
C TYR E 462 -16.25 -44.39 -46.42
N PHE E 463 -15.97 -45.52 -47.06
CA PHE E 463 -14.92 -45.62 -48.06
C PHE E 463 -15.41 -45.35 -49.48
N HIS E 464 -16.62 -44.82 -49.63
CA HIS E 464 -17.14 -44.51 -50.95
C HIS E 464 -16.29 -43.45 -51.64
N PRO E 465 -15.91 -43.65 -52.90
CA PRO E 465 -15.11 -42.64 -53.59
C PRO E 465 -15.89 -41.37 -53.82
N PRO E 466 -15.21 -40.23 -53.99
CA PRO E 466 -15.94 -38.97 -54.19
C PRO E 466 -16.55 -38.90 -55.58
N ASP E 467 -17.49 -37.96 -55.72
CA ASP E 467 -18.17 -37.77 -56.99
C ASP E 467 -17.24 -37.10 -58.00
N GLU E 468 -17.29 -37.60 -59.24
CA GLU E 468 -16.49 -36.99 -60.30
C GLU E 468 -17.05 -35.65 -60.73
N HIS E 469 -18.36 -35.46 -60.63
CA HIS E 469 -18.99 -34.20 -61.00
C HIS E 469 -19.08 -33.26 -59.78
N LEU E 470 -17.91 -32.86 -59.31
CA LEU E 470 -17.78 -32.05 -58.10
C LEU E 470 -16.68 -31.03 -58.30
N GLU E 471 -16.58 -30.09 -57.37
CA GLU E 471 -15.49 -29.12 -57.42
C GLU E 471 -14.15 -29.83 -57.33
N HIS E 472 -13.16 -29.30 -58.03
CA HIS E 472 -11.87 -29.98 -58.14
C HIS E 472 -11.15 -30.02 -56.79
N GLU E 473 -11.09 -28.88 -56.10
CA GLU E 473 -10.38 -28.84 -54.82
C GLU E 473 -11.08 -29.70 -53.76
N ASP E 474 -12.40 -29.69 -53.75
CA ASP E 474 -13.13 -30.53 -52.81
C ASP E 474 -12.96 -32.01 -53.14
N LYS E 475 -12.92 -32.35 -54.42
CA LYS E 475 -12.68 -33.73 -54.81
C LYS E 475 -11.28 -34.18 -54.40
N GLN E 476 -10.29 -33.31 -54.55
CA GLN E 476 -8.94 -33.64 -54.12
C GLN E 476 -8.87 -33.80 -52.60
N ASN E 477 -9.57 -32.94 -51.86
CA ASN E 477 -9.61 -33.08 -50.41
C ASN E 477 -10.26 -34.39 -50.00
N ARG E 478 -11.35 -34.78 -50.66
CA ARG E 478 -12.00 -36.04 -50.34
C ARG E 478 -11.13 -37.22 -50.72
N LEU E 479 -10.37 -37.11 -51.82
CA LEU E 479 -9.44 -38.17 -52.19
C LEU E 479 -8.33 -38.31 -51.14
N ARG E 480 -7.80 -37.19 -50.66
CA ARG E 480 -6.78 -37.25 -49.62
C ARG E 480 -7.35 -37.86 -48.34
N ALA E 481 -8.58 -37.50 -47.98
CA ALA E 481 -9.20 -38.07 -46.78
C ALA E 481 -9.42 -39.57 -46.94
N LEU E 482 -9.84 -40.01 -48.13
CA LEU E 482 -10.03 -41.43 -48.37
C LEU E 482 -8.71 -42.19 -48.31
N LYS E 483 -7.65 -41.60 -48.87
CA LYS E 483 -6.33 -42.23 -48.79
C LYS E 483 -5.86 -42.34 -47.34
N ASN E 484 -6.10 -41.29 -46.54
CA ASN E 484 -5.74 -41.34 -45.13
C ASN E 484 -6.53 -42.44 -44.40
N ARG E 485 -7.82 -42.54 -44.68
CA ARG E 485 -8.63 -43.59 -44.05
C ARG E 485 -8.15 -44.97 -44.43
N GLN E 486 -7.81 -45.16 -45.71
CA GLN E 486 -7.32 -46.47 -46.15
C GLN E 486 -5.99 -46.81 -45.50
N ASN E 487 -5.08 -45.83 -45.41
CA ASN E 487 -3.80 -46.07 -44.75
C ASN E 487 -4.00 -46.41 -43.29
N LEU E 488 -4.90 -45.71 -42.61
CA LEU E 488 -5.15 -46.00 -41.20
C LEU E 488 -5.77 -47.37 -41.01
N PHE E 489 -6.66 -47.79 -41.90
CA PHE E 489 -7.26 -49.11 -41.78
C PHE E 489 -6.24 -50.21 -42.10
N GLN E 490 -5.32 -49.95 -43.02
CA GLN E 490 -4.31 -50.94 -43.35
C GLN E 490 -3.29 -51.09 -42.23
N GLU E 491 -2.83 -49.97 -41.67
CA GLU E 491 -1.80 -50.03 -40.64
C GLU E 491 -2.32 -50.49 -39.28
N GLU E 492 -3.58 -50.92 -39.16
CA GLU E 492 -4.10 -51.46 -37.92
C GLU E 492 -4.54 -52.92 -38.05
N GLY E 493 -4.22 -53.56 -39.16
CA GLY E 493 -4.56 -54.96 -39.35
C GLY E 493 -6.04 -55.22 -39.58
N MET E 494 -6.63 -54.49 -40.52
CA MET E 494 -8.04 -54.67 -40.85
C MET E 494 -8.26 -55.56 -42.06
N ILE E 495 -7.35 -55.53 -43.04
CA ILE E 495 -7.53 -56.36 -44.23
C ILE E 495 -7.47 -57.83 -43.86
N ASN E 496 -6.52 -58.22 -43.00
CA ASN E 496 -6.45 -59.61 -42.56
C ASN E 496 -7.68 -60.02 -41.75
N LEU E 497 -8.23 -59.09 -40.97
CA LEU E 497 -9.47 -59.37 -40.25
C LEU E 497 -10.62 -59.62 -41.22
N VAL E 498 -10.73 -58.79 -42.26
CA VAL E 498 -11.76 -59.01 -43.27
C VAL E 498 -11.55 -60.36 -43.96
N LEU E 499 -10.29 -60.71 -44.21
CA LEU E 499 -10.01 -62.01 -44.83
C LEU E 499 -10.41 -63.16 -43.93
N GLU E 500 -10.18 -63.03 -42.62
CA GLU E 500 -10.58 -64.08 -41.69
C GLU E 500 -12.09 -64.24 -41.65
N CYS E 501 -12.82 -63.11 -41.63
CA CYS E 501 -14.27 -63.18 -41.68
C CYS E 501 -14.75 -63.80 -42.99
N ILE E 502 -14.09 -63.46 -44.11
CA ILE E 502 -14.44 -64.06 -45.40
C ILE E 502 -14.22 -65.57 -45.38
N ASP E 503 -13.12 -66.01 -44.77
CA ASP E 503 -12.84 -67.43 -44.70
C ASP E 503 -13.89 -68.16 -43.86
N ARG E 504 -14.20 -67.62 -42.68
CA ARG E 504 -15.16 -68.27 -41.80
C ARG E 504 -16.59 -68.19 -42.36
N LEU E 505 -16.85 -67.29 -43.30
CA LEU E 505 -18.13 -67.28 -43.97
C LEU E 505 -18.17 -68.21 -45.19
N HIS E 506 -17.02 -68.46 -45.82
CA HIS E 506 -16.97 -69.40 -46.94
C HIS E 506 -16.79 -70.85 -46.51
N VAL E 507 -16.46 -71.12 -45.24
CA VAL E 507 -16.40 -72.50 -44.79
C VAL E 507 -17.73 -73.22 -45.01
N TYR E 508 -18.83 -72.48 -45.13
CA TYR E 508 -20.12 -73.06 -45.47
C TYR E 508 -20.31 -73.03 -46.98
N SER E 509 -21.15 -73.94 -47.48
CA SER E 509 -21.29 -74.14 -48.91
C SER E 509 -22.36 -73.24 -49.52
N SER E 510 -23.56 -73.20 -48.94
CA SER E 510 -24.66 -72.46 -49.52
C SER E 510 -25.50 -71.82 -48.42
N ALA E 511 -26.49 -71.03 -48.85
CA ALA E 511 -27.38 -70.38 -47.89
C ALA E 511 -28.20 -71.41 -47.13
N ALA E 512 -28.68 -72.45 -47.81
CA ALA E 512 -29.42 -73.50 -47.12
C ALA E 512 -28.52 -74.28 -46.18
N HIS E 513 -27.24 -74.45 -46.53
CA HIS E 513 -26.31 -75.14 -45.64
C HIS E 513 -25.96 -74.29 -44.43
N PHE E 514 -26.00 -72.96 -44.56
CA PHE E 514 -25.70 -72.08 -43.44
C PHE E 514 -26.91 -71.86 -42.56
N ALA E 515 -28.12 -71.96 -43.12
CA ALA E 515 -29.33 -71.68 -42.35
C ALA E 515 -29.53 -72.70 -41.24
N ASP E 516 -29.47 -74.00 -41.57
CA ASP E 516 -29.69 -75.03 -40.57
C ASP E 516 -28.60 -75.09 -39.51
N VAL E 517 -27.51 -74.33 -39.66
CA VAL E 517 -26.47 -74.25 -38.66
C VAL E 517 -26.59 -72.98 -37.82
N ALA E 518 -26.97 -71.87 -38.46
CA ALA E 518 -27.02 -70.58 -37.76
C ALA E 518 -28.43 -70.04 -37.55
N GLY E 519 -29.38 -70.42 -38.38
CA GLY E 519 -30.75 -69.96 -38.25
C GLY E 519 -31.27 -69.34 -39.54
N ARG E 520 -32.55 -69.01 -39.51
CA ARG E 520 -33.22 -68.47 -40.70
C ARG E 520 -32.62 -67.12 -41.11
N GLU E 521 -32.56 -66.17 -40.17
CA GLU E 521 -32.10 -64.83 -40.50
C GLU E 521 -30.64 -64.85 -40.95
N ALA E 522 -29.79 -65.61 -40.26
CA ALA E 522 -28.39 -65.69 -40.65
C ALA E 522 -28.24 -66.37 -42.00
N GLY E 523 -29.02 -67.43 -42.25
CA GLY E 523 -28.93 -68.10 -43.53
C GLY E 523 -29.40 -67.25 -44.69
N GLU E 524 -30.37 -66.37 -44.45
CA GLU E 524 -30.85 -65.52 -45.55
C GLU E 524 -29.94 -64.30 -45.75
N SER E 525 -29.30 -63.80 -44.69
CA SER E 525 -28.44 -62.64 -44.80
C SER E 525 -26.97 -62.98 -45.03
N TRP E 526 -26.63 -64.28 -45.07
CA TRP E 526 -25.25 -64.68 -45.32
C TRP E 526 -24.75 -64.18 -46.67
N LYS E 527 -25.59 -64.30 -47.70
CA LYS E 527 -25.20 -63.84 -49.04
C LYS E 527 -24.94 -62.34 -49.06
N SER E 528 -25.83 -61.57 -48.45
CA SER E 528 -25.66 -60.12 -48.41
C SER E 528 -24.42 -59.74 -47.61
N ILE E 529 -24.13 -60.48 -46.54
CA ILE E 529 -22.94 -60.18 -45.74
C ILE E 529 -21.67 -60.46 -46.53
N LEU E 530 -21.64 -61.57 -47.28
CA LEU E 530 -20.49 -61.84 -48.13
C LEU E 530 -20.32 -60.76 -49.20
N ASN E 531 -21.42 -60.37 -49.85
CA ASN E 531 -21.32 -59.35 -50.88
C ASN E 531 -20.81 -58.03 -50.31
N SER E 532 -21.35 -57.61 -49.16
CA SER E 532 -20.90 -56.37 -48.55
C SER E 532 -19.45 -56.47 -48.09
N LEU E 533 -19.03 -57.63 -47.57
CA LEU E 533 -17.65 -57.79 -47.13
C LEU E 533 -16.68 -57.71 -48.32
N TYR E 534 -17.03 -58.34 -49.44
CA TYR E 534 -16.16 -58.27 -50.60
C TYR E 534 -16.13 -56.85 -51.18
N GLU E 535 -17.28 -56.17 -51.18
CA GLU E 535 -17.31 -54.77 -51.61
C GLU E 535 -16.44 -53.91 -50.72
N LEU E 536 -16.44 -54.18 -49.41
CA LEU E 536 -15.58 -53.42 -48.49
C LEU E 536 -14.11 -53.73 -48.75
N LEU E 537 -13.77 -55.00 -48.99
CA LEU E 537 -12.39 -55.35 -49.27
C LEU E 537 -11.91 -54.66 -50.54
N ALA E 538 -12.78 -54.55 -51.55
CA ALA E 538 -12.40 -53.85 -52.78
C ALA E 538 -12.30 -52.35 -52.56
N ALA E 539 -13.22 -51.77 -51.78
CA ALA E 539 -13.22 -50.33 -51.57
C ALA E 539 -12.02 -49.90 -50.72
N LEU E 540 -11.55 -50.76 -49.83
CA LEU E 540 -10.36 -50.45 -49.05
C LEU E 540 -9.12 -50.28 -49.91
N ILE E 541 -9.13 -50.82 -51.13
CA ILE E 541 -7.91 -50.97 -51.92
C ILE E 541 -8.11 -50.37 -53.30
N ARG E 542 -9.27 -49.75 -53.52
CA ARG E 542 -9.60 -49.22 -54.83
C ARG E 542 -8.57 -48.19 -55.30
N GLY E 543 -8.30 -47.20 -54.48
CA GLY E 543 -7.42 -46.11 -54.88
C GLY E 543 -5.98 -46.24 -54.40
N ASN E 544 -5.80 -46.79 -53.20
CA ASN E 544 -4.47 -46.87 -52.61
C ASN E 544 -3.60 -47.88 -53.36
N ARG E 545 -2.30 -47.68 -53.24
CA ARG E 545 -1.28 -48.52 -53.87
C ARG E 545 -0.43 -49.27 -52.86
N LYS E 546 -0.06 -48.63 -51.75
CA LYS E 546 0.69 -49.31 -50.71
C LYS E 546 -0.09 -50.48 -50.14
N ASN E 547 -1.41 -50.34 -50.04
CA ASN E 547 -2.25 -51.45 -49.57
C ASN E 547 -2.08 -52.67 -50.46
N CYS E 548 -2.21 -52.48 -51.77
CA CYS E 548 -2.12 -53.60 -52.69
C CYS E 548 -0.72 -54.20 -52.70
N ALA E 549 0.31 -53.34 -52.73
CA ALA E 549 1.68 -53.84 -52.66
C ALA E 549 1.94 -54.58 -51.36
N GLN E 550 1.16 -54.32 -50.31
CA GLN E 550 1.36 -55.01 -49.05
C GLN E 550 0.64 -56.36 -49.00
N PHE E 551 -0.67 -56.39 -49.29
CA PHE E 551 -1.40 -57.64 -49.15
C PHE E 551 -1.39 -58.49 -50.42
N SER E 552 -0.63 -58.11 -51.44
CA SER E 552 -0.60 -58.88 -52.69
C SER E 552 -0.29 -60.37 -52.47
N GLY E 553 0.25 -60.73 -51.30
CA GLY E 553 0.54 -62.12 -51.01
C GLY E 553 -0.67 -63.01 -50.86
N SER E 554 -1.86 -62.43 -50.68
CA SER E 554 -3.09 -63.20 -50.55
C SER E 554 -3.74 -63.48 -51.90
N LEU E 555 -3.03 -63.22 -53.00
CA LEU E 555 -3.62 -63.38 -54.32
C LEU E 555 -3.94 -64.84 -54.63
N ASP E 556 -3.11 -65.78 -54.16
CA ASP E 556 -3.36 -67.18 -54.43
C ASP E 556 -4.67 -67.60 -53.76
N TRP E 557 -4.85 -67.18 -52.50
CA TRP E 557 -6.11 -67.46 -51.81
C TRP E 557 -7.29 -66.81 -52.51
N LEU E 558 -7.10 -65.58 -53.01
CA LEU E 558 -8.17 -64.91 -53.75
C LEU E 558 -8.58 -65.73 -54.96
N ILE E 559 -7.61 -66.14 -55.78
CA ILE E 559 -7.91 -66.87 -57.01
C ILE E 559 -8.40 -68.28 -56.72
N SER E 560 -8.04 -68.85 -55.57
CA SER E 560 -8.58 -70.16 -55.20
C SER E 560 -10.04 -70.05 -54.78
N ARG E 561 -10.38 -69.01 -54.02
CA ARG E 561 -11.78 -68.78 -53.64
C ARG E 561 -12.60 -68.24 -54.79
N LEU E 562 -11.96 -67.76 -55.86
CA LEU E 562 -12.66 -67.27 -57.04
C LEU E 562 -13.70 -68.26 -57.55
N GLU E 563 -13.50 -69.55 -57.32
CA GLU E 563 -14.35 -70.60 -57.87
C GLU E 563 -15.45 -71.02 -56.90
N ARG E 564 -15.92 -70.09 -56.06
CA ARG E 564 -16.93 -70.43 -55.07
C ARG E 564 -18.36 -70.36 -55.60
N LEU E 565 -18.56 -69.81 -56.80
CA LEU E 565 -19.86 -69.76 -57.47
C LEU E 565 -20.84 -68.81 -56.77
N GLU E 566 -20.40 -68.10 -55.74
CA GLU E 566 -21.26 -67.16 -55.03
C GLU E 566 -20.79 -65.73 -55.19
N ALA E 567 -19.56 -65.42 -54.77
CA ALA E 567 -19.01 -64.07 -54.85
C ALA E 567 -18.03 -63.91 -56.02
N SER E 568 -18.30 -64.55 -57.15
CA SER E 568 -17.40 -64.43 -58.30
C SER E 568 -17.22 -62.96 -58.69
N SER E 569 -18.32 -62.20 -58.69
CA SER E 569 -18.23 -60.77 -59.00
C SER E 569 -17.32 -60.04 -58.01
N GLY E 570 -17.50 -60.33 -56.72
CA GLY E 570 -16.70 -59.63 -55.72
C GLY E 570 -15.23 -59.96 -55.80
N ILE E 571 -14.91 -61.25 -55.93
CA ILE E 571 -13.52 -61.68 -56.05
C ILE E 571 -12.91 -61.12 -57.33
N LEU E 572 -13.69 -61.06 -58.41
CA LEU E 572 -13.17 -60.54 -59.66
C LEU E 572 -12.90 -59.05 -59.55
N GLU E 573 -13.78 -58.31 -58.89
CA GLU E 573 -13.54 -56.88 -58.71
C GLU E 573 -12.34 -56.63 -57.81
N VAL E 574 -12.15 -57.46 -56.78
CA VAL E 574 -10.97 -57.32 -55.94
C VAL E 574 -9.71 -57.60 -56.74
N LEU E 575 -9.73 -58.65 -57.55
CA LEU E 575 -8.57 -59.00 -58.36
C LEU E 575 -8.26 -57.90 -59.38
N HIS E 576 -9.29 -57.34 -60.00
CA HIS E 576 -9.07 -56.29 -60.99
C HIS E 576 -8.50 -55.04 -60.34
N CYS E 577 -9.05 -54.64 -59.19
CA CYS E 577 -8.57 -53.44 -58.53
C CYS E 577 -7.22 -53.63 -57.86
N VAL E 578 -6.81 -54.87 -57.60
CA VAL E 578 -5.46 -55.10 -57.09
C VAL E 578 -4.45 -55.27 -58.22
N LEU E 579 -4.88 -55.65 -59.41
CA LEU E 579 -3.97 -55.77 -60.55
C LEU E 579 -3.82 -54.47 -61.33
N VAL E 580 -4.82 -53.58 -61.27
CA VAL E 580 -4.75 -52.34 -62.05
C VAL E 580 -3.79 -51.32 -61.44
N GLU E 581 -3.50 -51.42 -60.15
CA GLU E 581 -2.69 -50.43 -59.46
C GLU E 581 -1.29 -50.91 -59.11
N SER E 582 -1.17 -52.05 -58.43
CA SER E 582 0.12 -52.52 -57.95
C SER E 582 0.80 -53.37 -59.02
N PRO E 583 1.96 -52.95 -59.53
CA PRO E 583 2.68 -53.81 -60.49
C PRO E 583 3.37 -54.99 -59.82
N GLU E 584 3.51 -54.98 -58.49
CA GLU E 584 4.11 -56.12 -57.81
C GLU E 584 3.22 -57.36 -57.86
N ALA E 585 1.92 -57.16 -57.98
CA ALA E 585 1.00 -58.30 -58.00
C ALA E 585 1.14 -59.11 -59.29
N LEU E 586 1.52 -58.46 -60.40
CA LEU E 586 1.69 -59.18 -61.66
C LEU E 586 2.91 -60.09 -61.64
N ASN E 587 3.86 -59.85 -60.73
CA ASN E 587 5.05 -60.69 -60.66
C ASN E 587 4.81 -62.01 -59.96
N ILE E 588 3.71 -62.14 -59.22
CA ILE E 588 3.39 -63.36 -58.50
C ILE E 588 2.21 -64.10 -59.12
N ILE E 589 1.72 -63.63 -60.27
CA ILE E 589 0.66 -64.32 -60.99
C ILE E 589 1.33 -65.34 -61.92
N LYS E 590 1.20 -66.62 -61.58
CA LYS E 590 1.83 -67.67 -62.35
C LYS E 590 0.86 -68.20 -63.40
N GLU E 591 1.26 -69.23 -64.13
CA GLU E 591 0.42 -69.78 -65.19
C GLU E 591 -0.81 -70.47 -64.63
N GLY E 592 -0.71 -71.04 -63.43
CA GLY E 592 -1.88 -71.67 -62.82
C GLY E 592 -2.99 -70.69 -62.55
N HIS E 593 -2.65 -69.48 -62.12
CA HIS E 593 -3.67 -68.47 -61.86
C HIS E 593 -4.36 -68.04 -63.15
N ILE E 594 -3.59 -67.85 -64.22
CA ILE E 594 -4.18 -67.48 -65.50
C ILE E 594 -5.08 -68.60 -66.02
N LYS E 595 -4.65 -69.85 -65.87
CA LYS E 595 -5.47 -70.98 -66.28
C LYS E 595 -6.75 -71.05 -65.47
N SER E 596 -6.68 -70.74 -64.17
CA SER E 596 -7.87 -70.74 -63.34
C SER E 596 -8.83 -69.62 -63.76
N ILE E 597 -8.29 -68.45 -64.12
CA ILE E 597 -9.14 -67.36 -64.57
C ILE E 597 -9.82 -67.72 -65.89
N ILE E 598 -9.08 -68.35 -66.80
CA ILE E 598 -9.68 -68.77 -68.06
C ILE E 598 -10.72 -69.86 -67.84
N SER E 599 -10.50 -70.73 -66.85
CA SER E 599 -11.51 -71.73 -66.51
C SER E 599 -12.76 -71.08 -65.94
N LEU E 600 -12.58 -70.02 -65.14
CA LEU E 600 -13.73 -69.25 -64.67
C LEU E 600 -14.50 -68.65 -65.85
N LEU E 601 -13.78 -68.12 -66.83
CA LEU E 601 -14.42 -67.58 -68.02
C LEU E 601 -15.18 -68.67 -68.78
N ASP E 602 -14.62 -69.89 -68.81
CA ASP E 602 -15.26 -70.98 -69.52
C ASP E 602 -16.47 -71.53 -68.76
N LYS E 603 -16.49 -71.38 -67.45
CA LYS E 603 -17.57 -71.95 -66.64
C LYS E 603 -18.72 -70.97 -66.42
N HIS E 604 -18.42 -69.77 -65.93
CA HIS E 604 -19.47 -68.82 -65.59
C HIS E 604 -20.06 -68.10 -66.80
N GLY E 605 -19.47 -68.24 -67.97
CA GLY E 605 -20.00 -67.66 -69.18
C GLY E 605 -19.21 -66.46 -69.66
N ARG E 606 -19.88 -65.66 -70.49
CA ARG E 606 -19.26 -64.50 -71.14
C ARG E 606 -19.42 -63.28 -70.23
N ASN E 607 -18.34 -62.90 -69.55
CA ASN E 607 -18.32 -61.74 -68.67
C ASN E 607 -17.15 -60.86 -69.05
N HIS E 608 -17.41 -59.57 -69.25
CA HIS E 608 -16.35 -58.65 -69.66
C HIS E 608 -15.40 -58.32 -68.52
N LYS E 609 -15.78 -58.59 -67.27
CA LYS E 609 -14.86 -58.35 -66.16
C LYS E 609 -13.64 -59.26 -66.22
N VAL E 610 -13.84 -60.51 -66.63
CA VAL E 610 -12.70 -61.42 -66.82
C VAL E 610 -11.75 -60.88 -67.87
N LEU E 611 -12.31 -60.34 -68.96
CA LEU E 611 -11.47 -59.82 -70.03
C LEU E 611 -10.75 -58.55 -69.59
N ASP E 612 -11.40 -57.72 -68.78
CA ASP E 612 -10.72 -56.56 -68.21
C ASP E 612 -9.59 -56.99 -67.28
N VAL E 613 -9.80 -58.06 -66.52
CA VAL E 613 -8.73 -58.59 -65.68
C VAL E 613 -7.57 -59.08 -66.53
N LEU E 614 -7.88 -59.74 -67.65
CA LEU E 614 -6.82 -60.18 -68.55
C LEU E 614 -6.09 -58.99 -69.17
N CYS E 615 -6.81 -57.92 -69.47
CA CYS E 615 -6.16 -56.73 -70.00
C CYS E 615 -5.20 -56.16 -68.97
N SER E 616 -5.62 -56.14 -67.70
CA SER E 616 -4.74 -55.69 -66.62
C SER E 616 -3.55 -56.62 -66.46
N LEU E 617 -3.74 -57.92 -66.64
CA LEU E 617 -2.62 -58.87 -66.51
C LEU E 617 -1.63 -58.71 -67.66
N CYS E 618 -2.11 -58.46 -68.86
CA CYS E 618 -1.21 -58.28 -70.00
C CYS E 618 -0.44 -56.96 -69.88
N VAL E 619 -1.11 -55.88 -69.53
CA VAL E 619 -0.45 -54.58 -69.40
C VAL E 619 -0.93 -53.92 -68.12
N CYS E 620 0.01 -53.61 -67.22
CA CYS E 620 -0.33 -53.00 -65.93
C CYS E 620 -0.23 -51.48 -65.98
N HIS E 621 0.97 -50.94 -66.24
CA HIS E 621 1.18 -49.50 -66.30
C HIS E 621 2.14 -49.20 -67.45
N GLY E 622 1.58 -49.01 -68.65
CA GLY E 622 2.37 -48.65 -69.82
C GLY E 622 3.49 -49.62 -70.17
N VAL E 623 3.55 -50.77 -69.50
CA VAL E 623 4.57 -51.77 -69.75
C VAL E 623 3.88 -53.11 -69.96
N ALA E 624 4.48 -53.94 -70.81
CA ALA E 624 3.92 -55.23 -71.16
C ALA E 624 4.65 -56.35 -70.44
N VAL E 625 3.93 -57.44 -70.19
CA VAL E 625 4.48 -58.64 -69.59
C VAL E 625 4.42 -59.72 -70.65
N ARG E 626 5.57 -60.03 -71.25
CA ARG E 626 5.60 -60.97 -72.37
C ARG E 626 5.16 -62.37 -71.94
N SER E 627 5.54 -62.78 -70.73
CA SER E 627 5.14 -64.10 -70.24
C SER E 627 3.64 -64.20 -70.09
N ASN E 628 3.01 -63.19 -69.47
CA ASN E 628 1.58 -63.21 -69.29
C ASN E 628 0.84 -63.10 -70.63
N GLN E 629 1.36 -62.29 -71.55
CA GLN E 629 0.74 -62.19 -72.87
C GLN E 629 0.81 -63.51 -73.61
N HIS E 630 1.96 -64.19 -73.56
CA HIS E 630 2.08 -65.49 -74.21
C HIS E 630 1.16 -66.52 -73.56
N LEU E 631 1.05 -66.50 -72.23
CA LEU E 631 0.16 -67.42 -71.55
C LEU E 631 -1.29 -67.18 -71.94
N ILE E 632 -1.71 -65.90 -72.03
CA ILE E 632 -3.07 -65.58 -72.43
C ILE E 632 -3.33 -66.07 -73.85
N CYS E 633 -2.42 -65.74 -74.77
CA CYS E 633 -2.60 -66.14 -76.16
C CYS E 633 -2.56 -67.66 -76.31
N ASP E 634 -1.88 -68.36 -75.41
CA ASP E 634 -1.74 -69.81 -75.53
C ASP E 634 -2.94 -70.54 -74.94
N ASN E 635 -3.48 -70.04 -73.82
CA ASN E 635 -4.51 -70.77 -73.09
C ASN E 635 -5.91 -70.19 -73.28
N LEU E 636 -6.05 -69.05 -73.97
CA LEU E 636 -7.36 -68.43 -74.13
C LEU E 636 -8.00 -68.73 -75.47
N LEU E 637 -7.20 -68.78 -76.55
CA LEU E 637 -7.74 -69.00 -77.89
C LEU E 637 -6.99 -70.09 -78.66
N PRO E 638 -6.76 -71.27 -78.04
CA PRO E 638 -6.15 -72.37 -78.81
C PRO E 638 -7.17 -73.14 -79.65
N GLY E 639 -8.39 -73.29 -79.12
CA GLY E 639 -9.41 -74.08 -79.77
C GLY E 639 -10.60 -73.27 -80.25
N ARG E 640 -10.60 -71.98 -79.95
CA ARG E 640 -11.59 -71.02 -80.45
C ARG E 640 -13.00 -71.30 -79.94
N ASP E 641 -13.13 -71.96 -78.79
CA ASP E 641 -14.43 -72.19 -78.17
C ASP E 641 -14.67 -71.32 -76.94
N LEU E 642 -13.63 -70.65 -76.43
CA LEU E 642 -13.79 -69.84 -75.23
C LEU E 642 -14.60 -68.57 -75.50
N LEU E 643 -14.46 -68.00 -76.69
CA LEU E 643 -15.01 -66.70 -77.03
C LEU E 643 -15.64 -66.75 -78.41
N LEU E 644 -16.21 -65.63 -78.84
CA LEU E 644 -16.88 -65.55 -80.14
C LEU E 644 -15.84 -65.52 -81.27
N GLN E 645 -16.23 -66.08 -82.43
CA GLN E 645 -15.37 -66.03 -83.60
C GLN E 645 -15.98 -65.07 -84.61
N THR E 646 -15.17 -64.69 -85.60
CA THR E 646 -15.63 -63.86 -86.69
C THR E 646 -15.15 -64.47 -88.01
N ARG E 647 -15.91 -64.22 -89.07
CA ARG E 647 -15.50 -64.63 -90.41
C ARG E 647 -16.06 -63.62 -91.40
N LEU E 648 -15.55 -63.67 -92.63
CA LEU E 648 -16.02 -62.82 -93.72
C LEU E 648 -16.58 -63.74 -94.81
N VAL E 649 -17.90 -63.87 -94.86
CA VAL E 649 -18.55 -64.80 -95.76
C VAL E 649 -19.19 -64.02 -96.91
N ASN E 650 -19.66 -64.74 -97.91
CA ASN E 650 -20.28 -64.16 -99.09
C ASN E 650 -21.79 -64.16 -98.96
N HIS E 651 -22.44 -63.30 -99.75
CA HIS E 651 -23.89 -63.26 -99.81
C HIS E 651 -24.38 -64.18 -100.91
N VAL E 652 -25.28 -65.09 -100.57
CA VAL E 652 -25.82 -66.03 -101.54
C VAL E 652 -27.31 -65.76 -101.71
N SER E 653 -27.79 -66.02 -102.91
CA SER E 653 -29.20 -65.84 -103.25
C SER E 653 -29.76 -67.14 -103.79
N SER E 654 -31.05 -67.36 -103.52
CA SER E 654 -31.75 -68.57 -103.92
C SER E 654 -32.84 -68.19 -104.92
N MET E 655 -32.71 -68.67 -106.15
CA MET E 655 -33.68 -68.43 -107.20
C MET E 655 -34.43 -69.71 -107.53
N ARG E 656 -35.64 -69.56 -108.08
CA ARG E 656 -36.47 -70.70 -108.45
C ARG E 656 -37.51 -70.23 -109.46
N PRO E 657 -38.02 -71.13 -110.29
CA PRO E 657 -39.21 -70.82 -111.09
C PRO E 657 -40.47 -71.00 -110.28
N ASN E 658 -41.57 -70.47 -110.82
CA ASN E 658 -42.88 -70.57 -110.16
C ASN E 658 -43.45 -71.97 -110.37
N ILE E 659 -42.83 -72.93 -109.67
CA ILE E 659 -43.18 -74.34 -109.77
C ILE E 659 -43.31 -74.91 -108.36
N PHE E 660 -44.37 -75.68 -108.12
CA PHE E 660 -44.58 -76.33 -106.84
C PHE E 660 -44.98 -77.78 -107.08
N LEU E 661 -44.39 -78.69 -106.30
CA LEU E 661 -44.58 -80.11 -106.48
C LEU E 661 -45.05 -80.71 -105.16
N GLY E 662 -46.32 -81.10 -105.08
CA GLY E 662 -46.87 -81.68 -103.88
C GLY E 662 -47.56 -82.99 -104.18
N VAL E 663 -47.54 -83.89 -103.20
CA VAL E 663 -48.12 -85.21 -103.34
C VAL E 663 -49.16 -85.43 -102.24
N SER E 664 -50.21 -86.17 -102.58
CA SER E 664 -51.25 -86.52 -101.62
C SER E 664 -52.02 -87.71 -102.20
N GLU E 665 -52.94 -88.24 -101.39
CA GLU E 665 -53.81 -89.30 -101.87
C GLU E 665 -54.89 -88.72 -102.78
N GLY E 666 -55.14 -89.40 -103.89
CA GLY E 666 -56.12 -88.93 -104.86
C GLY E 666 -55.49 -88.17 -106.01
N SER E 667 -55.63 -86.85 -106.00
CA SER E 667 -55.09 -86.02 -107.06
C SER E 667 -53.59 -85.83 -106.84
N ALA E 668 -52.80 -86.31 -107.80
CA ALA E 668 -51.34 -86.21 -107.75
C ALA E 668 -50.84 -85.55 -109.02
N GLN E 669 -49.52 -85.41 -109.11
CA GLN E 669 -48.87 -84.80 -110.26
C GLN E 669 -47.85 -85.75 -110.90
N TYR E 670 -48.14 -87.05 -110.87
CA TYR E 670 -47.34 -88.10 -111.50
C TYR E 670 -46.03 -88.33 -110.76
N LYS E 671 -45.73 -87.46 -109.78
CA LYS E 671 -44.62 -87.65 -108.85
C LYS E 671 -43.27 -87.83 -109.54
N LYS E 672 -43.12 -87.32 -110.77
CA LYS E 672 -41.88 -87.47 -111.51
C LYS E 672 -41.61 -86.19 -112.30
N TRP E 673 -40.43 -85.60 -112.08
CA TRP E 673 -40.04 -84.35 -112.75
C TRP E 673 -38.55 -84.39 -113.06
N TYR E 674 -38.12 -83.45 -113.90
CA TYR E 674 -36.74 -83.43 -114.40
C TYR E 674 -36.50 -82.11 -115.12
N TYR E 675 -35.24 -81.68 -115.12
CA TYR E 675 -34.82 -80.52 -115.90
C TYR E 675 -33.31 -80.59 -116.09
N GLU E 676 -32.79 -79.67 -116.89
CA GLU E 676 -31.36 -79.62 -117.19
C GLU E 676 -30.78 -78.29 -116.74
N LEU E 677 -29.46 -78.19 -116.84
CA LEU E 677 -28.76 -77.02 -116.31
C LEU E 677 -27.41 -76.88 -116.99
N MET E 678 -27.09 -75.67 -117.42
CA MET E 678 -25.80 -75.35 -118.01
C MET E 678 -25.24 -74.08 -117.37
N VAL E 679 -23.96 -73.81 -117.63
CA VAL E 679 -23.28 -72.65 -117.09
C VAL E 679 -22.49 -71.96 -118.19
N ASP E 680 -22.53 -70.63 -118.18
CA ASP E 680 -21.85 -69.82 -119.19
C ASP E 680 -20.44 -69.42 -118.71
N HIS E 681 -20.35 -68.75 -117.56
CA HIS E 681 -19.07 -68.33 -117.00
C HIS E 681 -19.15 -68.44 -115.49
N THR E 682 -18.09 -68.98 -114.88
CA THR E 682 -18.05 -69.17 -113.43
C THR E 682 -16.61 -69.08 -112.97
N GLU E 683 -16.29 -68.05 -112.18
CA GLU E 683 -14.94 -67.92 -111.63
C GLU E 683 -14.81 -68.79 -110.38
N PRO E 684 -13.66 -69.43 -110.19
CA PRO E 684 -13.50 -70.28 -108.99
C PRO E 684 -13.45 -69.49 -107.70
N PHE E 685 -12.79 -68.32 -107.71
CA PHE E 685 -12.69 -67.47 -106.54
C PHE E 685 -12.88 -66.02 -106.99
N VAL E 686 -14.03 -65.44 -106.68
CA VAL E 686 -14.36 -64.12 -107.19
C VAL E 686 -13.50 -63.06 -106.51
N THR E 687 -13.61 -62.94 -105.18
CA THR E 687 -12.76 -62.01 -104.43
C THR E 687 -11.83 -62.70 -103.46
N ALA E 688 -12.36 -63.44 -102.49
CA ALA E 688 -11.53 -64.01 -101.44
C ALA E 688 -11.83 -65.46 -101.08
N GLU E 689 -13.02 -65.97 -101.35
CA GLU E 689 -13.40 -67.30 -100.89
C GLU E 689 -13.94 -68.12 -102.07
N ALA E 690 -14.27 -69.37 -101.78
CA ALA E 690 -14.80 -70.25 -102.81
C ALA E 690 -16.17 -69.78 -103.28
N THR E 691 -16.39 -69.83 -104.60
CA THR E 691 -17.66 -69.43 -105.17
C THR E 691 -18.74 -70.44 -104.80
N HIS E 692 -19.68 -70.01 -103.96
CA HIS E 692 -20.80 -70.88 -103.58
C HIS E 692 -21.73 -71.05 -104.77
N LEU E 693 -21.91 -72.30 -105.19
CA LEU E 693 -22.78 -72.61 -106.33
C LEU E 693 -23.35 -74.01 -106.13
N ARG E 694 -24.62 -74.09 -105.75
CA ARG E 694 -25.30 -75.37 -105.56
C ARG E 694 -26.65 -75.34 -106.26
N VAL E 695 -27.14 -76.53 -106.59
CA VAL E 695 -28.44 -76.67 -107.24
C VAL E 695 -29.15 -77.89 -106.64
N GLY E 696 -30.47 -77.80 -106.50
CA GLY E 696 -31.21 -78.90 -105.94
C GLY E 696 -32.68 -78.65 -105.74
N TRP E 697 -33.25 -79.27 -104.71
CA TRP E 697 -34.69 -79.19 -104.44
C TRP E 697 -34.91 -78.85 -102.98
N ALA E 698 -35.75 -77.85 -102.72
CA ALA E 698 -36.05 -77.38 -101.38
C ALA E 698 -37.52 -77.62 -101.06
N SER E 699 -37.78 -78.07 -99.85
CA SER E 699 -39.15 -78.29 -99.38
C SER E 699 -39.72 -77.01 -98.78
N THR E 700 -40.96 -77.08 -98.31
CA THR E 700 -41.60 -75.94 -97.66
C THR E 700 -42.24 -76.34 -96.34
N GLU E 701 -43.00 -75.42 -95.74
CA GLU E 701 -43.73 -75.70 -94.50
C GLU E 701 -45.14 -76.18 -94.86
N GLY E 702 -45.22 -77.47 -95.20
CA GLY E 702 -46.48 -78.06 -95.63
C GLY E 702 -46.89 -77.58 -97.00
N TYR E 703 -47.91 -76.73 -97.07
CA TYR E 703 -48.37 -76.19 -98.35
C TYR E 703 -48.33 -74.68 -98.36
N SER E 704 -47.22 -74.10 -97.87
CA SER E 704 -47.11 -72.66 -97.73
C SER E 704 -45.79 -72.17 -98.31
N PRO E 705 -45.73 -70.88 -98.69
CA PRO E 705 -44.46 -70.31 -99.18
C PRO E 705 -43.44 -70.12 -98.05
N TYR E 706 -42.34 -69.41 -98.36
CA TYR E 706 -41.21 -69.22 -97.45
C TYR E 706 -40.57 -70.56 -97.10
N PRO E 707 -39.82 -71.16 -98.03
CA PRO E 707 -39.19 -72.46 -97.76
C PRO E 707 -38.09 -72.39 -96.72
N GLY E 708 -37.39 -73.50 -96.52
CA GLY E 708 -36.36 -73.59 -95.50
C GLY E 708 -35.26 -72.57 -95.66
N GLY E 709 -34.45 -72.48 -94.62
CA GLY E 709 -33.41 -71.48 -94.50
C GLY E 709 -33.38 -70.96 -93.07
N GLY E 710 -32.27 -70.33 -92.71
CA GLY E 710 -32.18 -69.89 -91.33
C GLY E 710 -33.16 -68.77 -91.06
N GLU E 711 -32.85 -67.55 -91.48
CA GLU E 711 -33.92 -66.58 -91.76
C GLU E 711 -33.74 -65.98 -93.15
N GLU E 712 -32.56 -65.40 -93.43
CA GLU E 712 -32.16 -64.83 -94.71
C GLU E 712 -30.76 -64.25 -94.69
N TRP E 713 -30.19 -64.11 -95.89
CA TRP E 713 -29.00 -63.35 -96.25
C TRP E 713 -27.72 -63.95 -95.72
N GLY E 714 -27.78 -65.05 -94.99
CA GLY E 714 -26.60 -65.74 -94.52
C GLY E 714 -26.03 -66.67 -95.58
N GLY E 715 -25.06 -67.46 -95.15
CA GLY E 715 -24.46 -68.47 -95.98
C GLY E 715 -25.29 -69.70 -96.25
N ASN E 716 -26.58 -69.67 -95.90
CA ASN E 716 -27.46 -70.82 -96.08
C ASN E 716 -28.04 -70.78 -97.49
N GLY E 717 -27.47 -71.57 -98.39
CA GLY E 717 -28.01 -71.72 -99.72
C GLY E 717 -29.02 -72.84 -99.78
N VAL E 718 -28.78 -73.83 -100.62
CA VAL E 718 -29.59 -75.05 -100.64
C VAL E 718 -28.78 -76.17 -100.02
N GLY E 719 -29.48 -77.13 -99.41
CA GLY E 719 -28.83 -78.21 -98.71
C GLY E 719 -28.24 -77.84 -97.37
N ASP E 720 -28.25 -76.56 -96.99
CA ASP E 720 -27.70 -76.12 -95.72
C ASP E 720 -28.67 -76.31 -94.56
N ASP E 721 -29.79 -76.97 -94.79
CA ASP E 721 -30.76 -77.28 -93.73
C ASP E 721 -31.49 -78.56 -94.10
N LEU E 722 -32.38 -78.99 -93.23
CA LEU E 722 -33.13 -80.22 -93.46
C LEU E 722 -34.27 -80.05 -94.45
N PHE E 723 -34.67 -78.81 -94.74
CA PHE E 723 -35.73 -78.53 -95.69
C PHE E 723 -35.21 -78.32 -97.11
N SER E 724 -33.97 -78.73 -97.39
CA SER E 724 -33.39 -78.54 -98.72
C SER E 724 -32.35 -79.62 -98.96
N TYR E 725 -32.16 -79.96 -100.23
CA TYR E 725 -31.19 -80.96 -100.65
C TYR E 725 -30.51 -80.47 -101.91
N GLY E 726 -29.20 -80.26 -101.84
CA GLY E 726 -28.46 -79.64 -102.91
C GLY E 726 -27.25 -80.46 -103.33
N PHE E 727 -26.64 -80.02 -104.42
CA PHE E 727 -25.48 -80.66 -105.02
C PHE E 727 -24.62 -79.57 -105.64
N ASP E 728 -23.29 -79.69 -105.44
CA ASP E 728 -22.37 -78.64 -105.85
C ASP E 728 -21.28 -79.13 -106.80
N GLY E 729 -21.35 -80.39 -107.24
CA GLY E 729 -20.36 -80.91 -108.16
C GLY E 729 -19.52 -82.03 -107.59
N LEU E 730 -19.12 -81.88 -106.33
CA LEU E 730 -18.26 -82.86 -105.67
C LEU E 730 -18.89 -83.48 -104.43
N HIS E 731 -19.81 -82.80 -103.77
CA HIS E 731 -20.43 -83.29 -102.55
C HIS E 731 -21.94 -83.19 -102.65
N LEU E 732 -22.61 -83.76 -101.66
CA LEU E 732 -24.05 -83.66 -101.49
C LEU E 732 -24.34 -82.93 -100.19
N TRP E 733 -25.18 -81.90 -100.25
CA TRP E 733 -25.49 -81.06 -99.11
C TRP E 733 -26.90 -81.36 -98.63
N SER E 734 -27.02 -81.75 -97.37
CA SER E 734 -28.33 -82.02 -96.76
C SER E 734 -28.19 -81.75 -95.26
N GLY E 735 -28.63 -80.59 -94.82
CA GLY E 735 -28.50 -80.21 -93.42
C GLY E 735 -27.18 -79.57 -93.07
N CYS E 736 -26.60 -78.79 -93.98
CA CYS E 736 -25.32 -78.12 -93.76
C CYS E 736 -24.20 -79.10 -93.45
N ILE E 737 -24.31 -80.32 -93.98
CA ILE E 737 -23.30 -81.36 -93.80
C ILE E 737 -23.01 -81.96 -95.16
N ALA E 738 -21.84 -81.64 -95.71
CA ALA E 738 -21.47 -82.11 -97.05
C ALA E 738 -20.95 -83.54 -96.96
N ARG E 739 -21.47 -84.41 -97.82
CA ARG E 739 -21.01 -85.79 -97.91
C ARG E 739 -20.38 -86.02 -99.27
N THR E 740 -19.14 -86.53 -99.28
CA THR E 740 -18.46 -86.73 -100.54
C THR E 740 -19.06 -87.91 -101.30
N VAL E 741 -18.88 -87.88 -102.62
CA VAL E 741 -19.41 -88.91 -103.51
C VAL E 741 -18.33 -89.26 -104.53
N SER E 742 -18.52 -90.39 -105.19
CA SER E 742 -17.62 -90.85 -106.23
C SER E 742 -18.31 -90.72 -107.59
N SER E 743 -17.54 -90.30 -108.59
CA SER E 743 -18.03 -90.11 -109.95
C SER E 743 -16.84 -90.06 -110.88
N PRO E 744 -16.97 -90.55 -112.11
CA PRO E 744 -15.90 -90.38 -113.10
C PRO E 744 -15.63 -88.90 -113.37
N ASN E 745 -14.37 -88.51 -113.25
CA ASN E 745 -13.93 -87.12 -113.46
C ASN E 745 -14.68 -86.18 -112.52
N GLN E 746 -14.54 -86.44 -111.22
CA GLN E 746 -15.27 -85.66 -110.23
C GLN E 746 -14.66 -84.28 -110.08
N HIS E 747 -15.52 -83.26 -110.09
CA HIS E 747 -15.08 -81.87 -110.00
C HIS E 747 -16.30 -81.00 -109.71
N LEU E 748 -16.03 -79.76 -109.32
CA LEU E 748 -17.09 -78.81 -109.04
C LEU E 748 -17.77 -78.38 -110.34
N LEU E 749 -18.82 -77.57 -110.19
CA LEU E 749 -19.60 -77.09 -111.34
C LEU E 749 -18.79 -76.01 -112.05
N ARG E 750 -17.77 -76.44 -112.77
CA ARG E 750 -16.96 -75.54 -113.57
C ARG E 750 -17.74 -75.10 -114.81
N THR E 751 -17.07 -74.33 -115.67
CA THR E 751 -17.70 -73.85 -116.89
C THR E 751 -17.96 -75.01 -117.84
N ASP E 752 -19.01 -74.86 -118.67
CA ASP E 752 -19.37 -75.85 -119.68
C ASP E 752 -19.66 -77.22 -119.05
N ASP E 753 -20.36 -77.20 -117.92
CA ASP E 753 -20.75 -78.41 -117.21
C ASP E 753 -22.25 -78.60 -117.35
N VAL E 754 -22.65 -79.78 -117.85
CA VAL E 754 -24.06 -80.08 -118.10
C VAL E 754 -24.58 -80.92 -116.94
N ILE E 755 -25.51 -80.36 -116.17
CA ILE E 755 -26.10 -81.05 -115.04
C ILE E 755 -27.54 -81.39 -115.42
N SER E 756 -28.04 -82.51 -114.90
CA SER E 756 -29.41 -82.93 -115.14
C SER E 756 -30.02 -83.38 -113.82
N CYS E 757 -31.14 -82.77 -113.45
CA CYS E 757 -31.77 -82.97 -112.15
C CYS E 757 -33.05 -83.77 -112.35
N CYS E 758 -33.12 -84.94 -111.73
CA CYS E 758 -34.33 -85.75 -111.79
C CYS E 758 -34.90 -85.91 -110.38
N LEU E 759 -36.21 -86.16 -110.31
CA LEU E 759 -36.88 -86.30 -109.02
C LEU E 759 -38.09 -87.20 -109.16
N ASP E 760 -38.05 -88.36 -108.51
CA ASP E 760 -39.23 -89.18 -108.27
C ASP E 760 -39.60 -89.05 -106.80
N LEU E 761 -40.90 -88.94 -106.53
CA LEU E 761 -41.36 -88.46 -105.23
C LEU E 761 -41.75 -89.55 -104.26
N SER E 762 -42.39 -90.63 -104.72
CA SER E 762 -43.02 -91.55 -103.77
C SER E 762 -42.01 -92.52 -103.16
N ALA E 763 -41.47 -93.44 -103.97
CA ALA E 763 -40.48 -94.38 -103.44
C ALA E 763 -39.08 -93.78 -103.41
N PRO E 764 -38.54 -93.28 -104.55
CA PRO E 764 -37.15 -92.77 -104.54
C PRO E 764 -37.08 -91.30 -104.17
N SER E 765 -35.88 -90.72 -104.28
CA SER E 765 -35.70 -89.30 -104.03
C SER E 765 -34.99 -88.63 -105.20
N ILE E 766 -34.56 -87.39 -105.01
CA ILE E 766 -33.92 -86.64 -106.09
C ILE E 766 -32.61 -87.31 -106.51
N SER E 767 -32.14 -86.95 -107.69
CA SER E 767 -30.89 -87.49 -108.20
C SER E 767 -30.31 -86.53 -109.23
N PHE E 768 -28.99 -86.61 -109.39
CA PHE E 768 -28.22 -85.72 -110.24
C PHE E 768 -27.38 -86.53 -111.21
N ARG E 769 -27.23 -86.03 -112.43
CA ARG E 769 -26.34 -86.62 -113.42
C ARG E 769 -25.49 -85.52 -114.03
N ILE E 770 -24.18 -85.64 -113.93
CA ILE E 770 -23.24 -84.67 -114.49
C ILE E 770 -22.80 -85.15 -115.87
N ASN E 771 -23.04 -84.34 -116.89
CA ASN E 771 -22.64 -84.64 -118.27
C ASN E 771 -23.19 -86.00 -118.72
N GLY E 772 -24.40 -86.31 -118.33
CA GLY E 772 -25.03 -87.56 -118.70
C GLY E 772 -24.89 -88.69 -117.70
N GLN E 773 -23.67 -88.96 -117.26
CA GLN E 773 -23.45 -90.04 -116.30
C GLN E 773 -23.97 -89.62 -114.93
N PRO E 774 -24.65 -90.52 -114.22
CA PRO E 774 -25.26 -90.16 -112.94
C PRO E 774 -24.24 -90.18 -111.80
N VAL E 775 -24.71 -89.75 -110.64
CA VAL E 775 -23.92 -89.77 -109.43
C VAL E 775 -24.32 -90.97 -108.59
N GLN E 776 -23.51 -91.28 -107.59
CA GLN E 776 -23.74 -92.43 -106.72
C GLN E 776 -24.36 -92.04 -105.39
N GLY E 777 -25.25 -91.05 -105.39
CA GLY E 777 -25.85 -90.60 -104.14
C GLY E 777 -27.28 -90.11 -104.26
N MET E 778 -28.14 -90.57 -103.35
CA MET E 778 -29.53 -90.13 -103.27
C MET E 778 -29.90 -89.95 -101.81
N PHE E 779 -30.86 -89.04 -101.57
CA PHE E 779 -31.31 -88.74 -100.22
C PHE E 779 -32.63 -89.47 -99.94
N GLU E 780 -32.51 -90.77 -99.67
CA GLU E 780 -33.71 -91.55 -99.40
C GLU E 780 -34.27 -91.20 -98.03
N ASN E 781 -35.46 -91.74 -97.75
CA ASN E 781 -36.09 -91.62 -96.43
C ASN E 781 -36.17 -90.16 -95.98
N PHE E 782 -36.62 -89.29 -96.89
CA PHE E 782 -36.80 -87.89 -96.59
C PHE E 782 -38.28 -87.55 -96.51
N ASN E 783 -38.57 -86.35 -96.00
CA ASN E 783 -39.94 -85.93 -95.77
C ASN E 783 -40.67 -85.79 -97.09
N ILE E 784 -41.61 -86.70 -97.35
CA ILE E 784 -42.39 -86.61 -98.58
C ILE E 784 -43.37 -85.45 -98.52
N ASP E 785 -43.78 -85.05 -97.31
CA ASP E 785 -44.65 -83.91 -97.15
C ASP E 785 -43.91 -82.61 -97.49
N GLY E 786 -44.66 -81.67 -98.08
CA GLY E 786 -44.08 -80.39 -98.45
C GLY E 786 -44.07 -80.16 -99.95
N LEU E 787 -43.96 -78.91 -100.38
CA LEU E 787 -43.97 -78.54 -101.79
C LEU E 787 -42.52 -78.35 -102.24
N PHE E 788 -41.98 -79.34 -102.94
CA PHE E 788 -40.62 -79.26 -103.44
C PHE E 788 -40.59 -78.49 -104.76
N PHE E 789 -39.39 -78.02 -105.12
CA PHE E 789 -39.21 -77.21 -106.31
C PHE E 789 -37.73 -77.10 -106.67
N PRO E 790 -37.39 -76.93 -107.94
CA PRO E 790 -35.99 -76.67 -108.30
C PRO E 790 -35.54 -75.33 -107.77
N VAL E 791 -34.29 -75.29 -107.31
CA VAL E 791 -33.76 -74.08 -106.68
C VAL E 791 -32.23 -74.08 -106.81
N VAL E 792 -31.69 -72.93 -107.18
CA VAL E 792 -30.26 -72.71 -107.32
C VAL E 792 -29.82 -71.68 -106.30
N SER E 793 -28.61 -71.86 -105.77
CA SER E 793 -28.02 -70.92 -104.83
C SER E 793 -26.63 -70.55 -105.33
N PHE E 794 -26.41 -69.26 -105.60
CA PHE E 794 -25.15 -68.76 -106.11
C PHE E 794 -24.71 -67.56 -105.29
N SER E 795 -23.39 -67.40 -105.15
CA SER E 795 -22.83 -66.33 -104.34
C SER E 795 -22.53 -65.09 -105.17
N ALA E 796 -21.64 -65.22 -106.16
CA ALA E 796 -21.23 -64.09 -107.00
C ALA E 796 -20.39 -64.64 -108.14
N GLY E 797 -20.29 -63.84 -109.21
CA GLY E 797 -19.55 -64.25 -110.38
C GLY E 797 -20.08 -65.53 -110.97
N ILE E 798 -21.36 -65.51 -111.35
CA ILE E 798 -22.10 -66.70 -111.74
C ILE E 798 -22.93 -66.41 -112.98
N LYS E 799 -23.01 -67.38 -113.87
CA LYS E 799 -23.87 -67.32 -115.06
C LYS E 799 -24.49 -68.70 -115.24
N VAL E 800 -25.70 -68.88 -114.72
CA VAL E 800 -26.39 -70.16 -114.71
C VAL E 800 -27.55 -70.10 -115.68
N ARG E 801 -27.88 -71.24 -116.28
CA ARG E 801 -29.01 -71.32 -117.21
C ARG E 801 -29.75 -72.63 -116.97
N PHE E 802 -30.94 -72.53 -116.38
CA PHE E 802 -31.83 -73.68 -116.30
C PHE E 802 -32.36 -74.02 -117.68
N LEU E 803 -32.71 -75.29 -117.87
CA LEU E 803 -33.19 -75.79 -119.15
C LEU E 803 -34.45 -76.60 -118.93
N LEU E 804 -35.57 -76.05 -119.40
CA LEU E 804 -36.85 -76.73 -119.49
C LEU E 804 -37.15 -77.02 -120.95
N GLY E 805 -38.34 -77.54 -121.22
CA GLY E 805 -38.77 -77.82 -122.58
C GLY E 805 -39.70 -76.76 -123.14
N GLY E 806 -39.99 -76.90 -124.43
CA GLY E 806 -40.90 -75.99 -125.07
C GLY E 806 -40.27 -74.62 -125.31
N ARG E 807 -41.09 -73.58 -125.16
CA ARG E 807 -40.64 -72.22 -125.32
C ARG E 807 -39.85 -71.70 -124.12
N HIS E 808 -39.91 -72.39 -122.98
CA HIS E 808 -39.18 -71.96 -121.80
C HIS E 808 -37.68 -72.12 -121.98
N GLY E 809 -37.24 -73.33 -122.32
CA GLY E 809 -35.83 -73.61 -122.47
C GLY E 809 -35.50 -74.51 -123.64
N GLU E 810 -34.37 -75.21 -123.57
CA GLU E 810 -33.95 -76.14 -124.61
C GLU E 810 -33.25 -77.32 -123.95
N PHE E 811 -33.82 -78.51 -124.12
CA PHE E 811 -33.20 -79.72 -123.61
C PHE E 811 -31.97 -80.07 -124.44
N LYS E 812 -30.89 -80.42 -123.74
CA LYS E 812 -29.67 -80.89 -124.40
C LYS E 812 -29.49 -82.40 -124.29
N PHE E 813 -30.04 -83.01 -123.24
CA PHE E 813 -30.07 -84.45 -123.06
C PHE E 813 -31.53 -84.91 -123.05
N LEU E 814 -31.75 -86.21 -122.75
CA LEU E 814 -33.10 -86.72 -122.59
C LEU E 814 -33.40 -87.03 -121.13
N PRO E 815 -34.64 -86.81 -120.69
CA PRO E 815 -35.02 -87.16 -119.32
C PRO E 815 -34.97 -88.67 -119.12
N PRO E 816 -34.95 -89.13 -117.87
CA PRO E 816 -35.05 -90.57 -117.61
C PRO E 816 -36.38 -91.10 -118.10
N PRO E 817 -36.50 -92.42 -118.29
CA PRO E 817 -37.75 -92.99 -118.81
C PRO E 817 -38.96 -92.66 -117.95
N GLY E 818 -39.92 -91.93 -118.53
CA GLY E 818 -41.15 -91.57 -117.89
C GLY E 818 -41.14 -90.23 -117.18
N TYR E 819 -39.97 -89.79 -116.72
CA TYR E 819 -39.89 -88.56 -115.95
C TYR E 819 -40.33 -87.35 -116.78
N ALA E 820 -41.28 -86.58 -116.24
CA ALA E 820 -41.77 -85.37 -116.88
C ALA E 820 -40.84 -84.20 -116.53
N ALA E 821 -41.21 -82.98 -116.91
CA ALA E 821 -40.37 -81.82 -116.67
C ALA E 821 -41.18 -80.65 -116.15
N CYS E 822 -40.47 -79.59 -115.78
CA CYS E 822 -41.11 -78.44 -115.14
C CYS E 822 -42.00 -77.66 -116.11
N TYR E 823 -41.64 -77.63 -117.41
CA TYR E 823 -42.48 -76.93 -118.37
C TYR E 823 -43.86 -77.57 -118.50
N GLU E 824 -43.97 -78.84 -118.17
CA GLU E 824 -45.26 -79.50 -118.06
C GLU E 824 -45.83 -79.41 -116.65
N ALA E 825 -44.95 -79.33 -115.64
CA ALA E 825 -45.38 -79.14 -114.27
C ALA E 825 -46.05 -77.80 -114.06
N VAL E 826 -45.77 -76.82 -114.92
CA VAL E 826 -46.38 -75.51 -114.76
C VAL E 826 -47.90 -75.63 -114.93
N LEU E 827 -48.63 -74.77 -114.25
CA LEU E 827 -50.08 -74.86 -114.27
C LEU E 827 -50.61 -74.45 -115.65
N PRO E 828 -51.69 -75.08 -116.10
CA PRO E 828 -52.25 -74.71 -117.42
C PRO E 828 -52.75 -73.28 -117.42
N LYS E 829 -52.49 -72.58 -118.52
CA LYS E 829 -52.87 -71.19 -118.71
C LYS E 829 -52.28 -70.30 -117.62
N GLU E 830 -50.95 -70.39 -117.46
CA GLU E 830 -50.24 -69.55 -116.51
C GLU E 830 -48.81 -69.36 -116.98
N LYS E 831 -48.34 -68.12 -116.95
CA LYS E 831 -46.98 -67.80 -117.38
C LYS E 831 -45.97 -68.20 -116.32
N LEU E 832 -44.89 -68.85 -116.75
CA LEU E 832 -43.85 -69.31 -115.84
C LEU E 832 -42.74 -68.26 -115.78
N LYS E 833 -42.46 -67.77 -114.58
CA LYS E 833 -41.38 -66.83 -114.35
C LYS E 833 -40.51 -67.31 -113.21
N VAL E 834 -39.27 -66.83 -113.18
CA VAL E 834 -38.33 -67.15 -112.11
C VAL E 834 -38.33 -66.00 -111.11
N GLU E 835 -38.19 -66.36 -109.84
CA GLU E 835 -38.23 -65.39 -108.75
C GLU E 835 -37.38 -65.92 -107.61
N HIS E 836 -36.99 -65.01 -106.72
CA HIS E 836 -36.24 -65.41 -105.54
C HIS E 836 -37.12 -66.27 -104.65
N SER E 837 -36.70 -67.52 -104.42
CA SER E 837 -37.48 -68.45 -103.61
C SER E 837 -37.67 -67.93 -102.19
N ARG E 838 -36.69 -67.17 -101.70
CA ARG E 838 -36.65 -66.79 -100.29
C ARG E 838 -37.59 -65.63 -99.99
N GLU E 839 -37.35 -64.48 -100.59
CA GLU E 839 -38.12 -63.27 -100.30
C GLU E 839 -37.86 -62.27 -101.43
N TYR E 840 -38.32 -61.04 -101.23
CA TYR E 840 -38.18 -60.00 -102.24
C TYR E 840 -36.74 -59.49 -102.31
N LYS E 841 -35.82 -60.35 -102.73
CA LYS E 841 -34.39 -60.01 -102.77
C LYS E 841 -34.09 -59.13 -103.98
N GLN E 842 -34.65 -57.92 -103.94
CA GLN E 842 -34.42 -56.91 -104.96
C GLN E 842 -33.64 -55.76 -104.36
N GLU E 843 -32.42 -55.55 -104.86
CA GLU E 843 -31.60 -54.42 -104.42
C GLU E 843 -32.12 -53.17 -105.10
N ARG E 844 -33.16 -52.61 -104.53
CA ARG E 844 -33.86 -51.45 -105.08
C ARG E 844 -33.83 -50.31 -104.06
N THR E 845 -34.57 -49.25 -104.38
CA THR E 845 -34.64 -48.08 -103.52
C THR E 845 -35.64 -48.37 -102.39
N TYR E 846 -36.05 -47.34 -101.65
CA TYR E 846 -36.99 -47.53 -100.57
C TYR E 846 -38.35 -48.03 -101.05
N THR E 847 -38.63 -47.93 -102.36
CA THR E 847 -39.90 -48.39 -102.92
C THR E 847 -39.90 -49.91 -103.09
N ARG E 848 -39.75 -50.61 -101.96
CA ARG E 848 -39.77 -52.05 -101.92
C ARG E 848 -41.08 -52.52 -101.30
N ASP E 849 -41.77 -53.43 -101.98
CA ASP E 849 -43.09 -53.89 -101.55
C ASP E 849 -42.90 -54.86 -100.39
N LEU E 850 -42.86 -54.29 -99.18
CA LEU E 850 -42.75 -55.10 -97.97
C LEU E 850 -44.03 -55.88 -97.75
N LEU E 851 -43.91 -57.19 -97.61
CA LEU E 851 -45.07 -58.07 -97.49
C LEU E 851 -44.91 -58.98 -96.27
N GLY E 852 -46.01 -59.25 -95.60
CA GLY E 852 -46.00 -60.10 -94.43
C GLY E 852 -46.21 -61.57 -94.76
N PRO E 853 -47.01 -62.25 -93.95
CA PRO E 853 -47.28 -63.67 -94.19
C PRO E 853 -48.11 -63.87 -95.45
N THR E 854 -48.20 -65.13 -95.87
CA THR E 854 -48.89 -65.50 -97.09
C THR E 854 -49.80 -66.70 -96.84
N VAL E 855 -50.91 -66.75 -97.57
CA VAL E 855 -51.88 -67.83 -97.48
C VAL E 855 -51.38 -68.99 -98.35
N SER E 856 -51.92 -70.19 -98.13
CA SER E 856 -51.40 -71.38 -98.80
C SER E 856 -51.56 -71.34 -100.32
N LEU E 857 -52.43 -70.46 -100.84
CA LEU E 857 -52.72 -70.31 -102.26
C LEU E 857 -53.28 -71.57 -102.91
N THR E 858 -53.62 -72.59 -102.11
CA THR E 858 -54.13 -73.86 -102.61
C THR E 858 -53.19 -74.42 -103.69
N GLN E 859 -51.92 -74.57 -103.31
CA GLN E 859 -50.91 -75.08 -104.22
C GLN E 859 -50.91 -76.60 -104.31
N ALA E 860 -51.56 -77.28 -103.38
CA ALA E 860 -51.62 -78.74 -103.41
C ALA E 860 -52.54 -79.24 -104.52
N VAL E 865 -61.67 -83.69 -103.83
CA VAL E 865 -62.49 -84.87 -103.57
C VAL E 865 -63.97 -84.58 -103.79
N PRO E 866 -64.70 -85.55 -104.32
CA PRO E 866 -66.14 -85.36 -104.51
C PRO E 866 -66.88 -85.34 -103.19
N VAL E 867 -68.07 -84.71 -103.19
CA VAL E 867 -68.90 -84.68 -101.99
C VAL E 867 -69.73 -85.95 -101.91
N ASP E 868 -70.14 -86.29 -100.70
CA ASP E 868 -70.83 -87.54 -100.43
C ASP E 868 -72.24 -87.52 -100.99
N THR E 869 -72.60 -88.54 -101.78
CA THR E 869 -73.89 -88.60 -102.45
C THR E 869 -74.76 -89.76 -101.95
N SER E 870 -74.23 -90.99 -101.94
CA SER E 870 -74.90 -92.25 -101.59
C SER E 870 -75.16 -92.41 -100.10
N GLN E 871 -74.95 -91.42 -99.24
CA GLN E 871 -75.16 -91.61 -97.81
C GLN E 871 -76.60 -91.39 -97.36
N ILE E 872 -77.53 -91.16 -98.29
CA ILE E 872 -78.94 -90.98 -97.94
C ILE E 872 -79.77 -91.98 -98.72
N VAL E 873 -80.80 -92.51 -98.06
CA VAL E 873 -81.63 -93.58 -98.63
C VAL E 873 -82.49 -92.99 -99.74
N LEU E 874 -82.89 -93.83 -100.70
CA LEU E 874 -83.71 -93.39 -101.82
C LEU E 874 -85.18 -93.56 -101.47
N PRO E 875 -85.94 -92.48 -101.28
CA PRO E 875 -87.36 -92.63 -100.95
C PRO E 875 -88.14 -93.11 -102.16
N PRO E 876 -89.21 -93.86 -101.95
CA PRO E 876 -89.97 -94.42 -103.08
C PRO E 876 -91.01 -93.49 -103.68
N HIS E 877 -91.39 -92.41 -103.00
CA HIS E 877 -92.46 -91.55 -103.51
C HIS E 877 -92.02 -90.71 -104.71
N LEU E 878 -90.72 -90.70 -105.03
CA LEU E 878 -90.21 -89.96 -106.17
C LEU E 878 -89.44 -90.88 -107.13
N GLU E 879 -89.67 -92.19 -107.06
CA GLU E 879 -88.97 -93.10 -107.96
C GLU E 879 -89.47 -92.96 -109.40
N ARG E 880 -90.75 -92.67 -109.58
CA ARG E 880 -91.25 -92.38 -110.93
C ARG E 880 -90.70 -91.05 -111.43
N ILE E 881 -90.56 -90.08 -110.52
CA ILE E 881 -89.86 -88.84 -110.88
C ILE E 881 -88.44 -89.14 -111.33
N ARG E 882 -87.77 -90.10 -110.68
CA ARG E 882 -86.41 -90.45 -111.09
C ARG E 882 -86.41 -91.17 -112.43
N GLU E 883 -87.43 -92.00 -112.67
CA GLU E 883 -87.63 -92.58 -113.99
C GLU E 883 -87.70 -91.49 -115.06
N ARG E 884 -88.57 -90.50 -114.86
CA ARG E 884 -88.77 -89.48 -115.88
C ARG E 884 -87.55 -88.57 -116.01
N LEU E 885 -86.78 -88.37 -114.94
CA LEU E 885 -85.59 -87.55 -115.09
C LEU E 885 -84.47 -88.31 -115.81
N ALA E 886 -84.33 -89.61 -115.56
CA ALA E 886 -83.36 -90.41 -116.31
C ALA E 886 -83.76 -90.51 -117.78
N GLU E 887 -85.05 -90.69 -118.05
CA GLU E 887 -85.58 -90.56 -119.40
C GLU E 887 -85.27 -89.21 -120.01
N ASN E 888 -85.33 -88.14 -119.21
CA ASN E 888 -85.05 -86.81 -119.73
C ASN E 888 -83.59 -86.67 -120.12
N ILE E 889 -82.69 -87.14 -119.26
CA ILE E 889 -81.26 -87.11 -119.56
C ILE E 889 -80.96 -87.96 -120.79
N HIS E 890 -81.68 -89.08 -120.95
CA HIS E 890 -81.49 -89.94 -122.11
C HIS E 890 -81.88 -89.22 -123.39
N GLU E 891 -83.07 -88.63 -123.42
CA GLU E 891 -83.49 -87.91 -124.62
C GLU E 891 -82.60 -86.69 -124.85
N LEU E 892 -82.00 -86.14 -123.79
CA LEU E 892 -81.01 -85.08 -123.98
C LEU E 892 -79.77 -85.62 -124.68
N TRP E 893 -79.25 -86.77 -124.25
CA TRP E 893 -78.13 -87.39 -124.95
C TRP E 893 -78.44 -87.63 -126.42
N VAL E 894 -79.65 -88.10 -126.73
CA VAL E 894 -79.93 -88.46 -128.12
C VAL E 894 -80.26 -87.25 -128.98
N MET E 895 -80.83 -86.17 -128.39
CA MET E 895 -80.96 -84.95 -129.18
C MET E 895 -79.60 -84.29 -129.39
N ASN E 896 -78.68 -84.44 -128.42
CA ASN E 896 -77.30 -84.08 -128.66
C ASN E 896 -76.73 -84.79 -129.88
N LYS E 897 -77.14 -86.03 -130.12
CA LYS E 897 -76.63 -86.76 -131.26
C LYS E 897 -77.33 -86.36 -132.55
N ILE E 898 -78.65 -86.17 -132.52
CA ILE E 898 -79.35 -85.84 -133.75
C ILE E 898 -79.12 -84.39 -134.17
N GLU E 899 -78.58 -83.53 -133.30
CA GLU E 899 -78.12 -82.23 -133.78
C GLU E 899 -77.11 -82.41 -134.92
N LEU E 900 -76.19 -83.37 -134.78
CA LEU E 900 -75.29 -83.72 -135.86
C LEU E 900 -75.91 -84.68 -136.87
N GLY E 901 -77.04 -85.29 -136.54
CA GLY E 901 -77.73 -86.16 -137.47
C GLY E 901 -77.18 -87.57 -137.51
N TRP E 902 -77.19 -88.27 -136.38
CA TRP E 902 -76.72 -89.64 -136.32
C TRP E 902 -77.81 -90.59 -136.83
N GLN E 903 -77.40 -91.82 -137.13
CA GLN E 903 -78.31 -92.82 -137.66
C GLN E 903 -78.43 -94.00 -136.69
N TYR E 904 -79.54 -94.73 -136.81
CA TYR E 904 -79.75 -95.92 -135.99
C TYR E 904 -79.09 -97.13 -136.64
N GLY E 905 -78.28 -97.84 -135.88
CA GLY E 905 -77.55 -98.98 -136.38
C GLY E 905 -77.14 -99.93 -135.27
N PRO E 906 -76.77 -101.16 -135.64
CA PRO E 906 -76.42 -102.17 -134.63
C PRO E 906 -74.97 -102.12 -134.17
N VAL E 907 -74.14 -101.27 -134.75
CA VAL E 907 -72.72 -101.20 -134.42
C VAL E 907 -72.46 -99.92 -133.64
N ARG E 908 -71.51 -99.97 -132.72
CA ARG E 908 -71.19 -98.84 -131.87
C ARG E 908 -69.94 -98.15 -132.39
N ASP E 909 -70.08 -96.89 -132.79
CA ASP E 909 -68.92 -96.06 -133.09
C ASP E 909 -69.40 -94.62 -133.16
N ASP E 910 -68.45 -93.69 -133.00
CA ASP E 910 -68.76 -92.27 -133.02
C ASP E 910 -68.37 -91.60 -134.33
N ASN E 911 -67.21 -91.96 -134.90
CA ASN E 911 -66.82 -91.42 -136.19
C ASN E 911 -67.79 -91.79 -137.31
N LYS E 912 -68.56 -92.87 -137.15
CA LYS E 912 -69.52 -93.26 -138.16
C LYS E 912 -70.86 -92.54 -138.04
N ARG E 913 -71.04 -91.73 -136.98
CA ARG E 913 -72.24 -90.92 -136.78
C ARG E 913 -73.49 -91.80 -136.63
N GLN E 914 -73.41 -92.76 -135.72
CA GLN E 914 -74.52 -93.66 -135.48
C GLN E 914 -74.59 -94.00 -133.99
N HIS E 915 -75.81 -94.25 -133.51
CA HIS E 915 -76.03 -94.54 -132.11
C HIS E 915 -77.15 -95.55 -131.91
N PRO E 916 -76.87 -96.68 -131.24
CA PRO E 916 -77.91 -97.69 -131.02
C PRO E 916 -78.89 -97.37 -129.91
N CYS E 917 -78.78 -96.20 -129.27
CA CYS E 917 -79.67 -95.82 -128.18
C CYS E 917 -80.80 -94.91 -128.64
N LEU E 918 -81.21 -95.01 -129.90
CA LEU E 918 -82.33 -94.23 -130.41
C LEU E 918 -83.67 -94.94 -130.21
N VAL E 919 -83.69 -96.10 -129.57
CA VAL E 919 -84.91 -96.82 -129.25
C VAL E 919 -85.39 -96.38 -127.87
N GLU E 920 -86.71 -96.32 -127.69
CA GLU E 920 -87.29 -95.86 -126.44
C GLU E 920 -87.25 -96.98 -125.40
N PHE E 921 -87.85 -96.73 -124.23
CA PHE E 921 -87.52 -97.53 -123.06
C PHE E 921 -88.08 -98.95 -123.12
N CYS E 922 -88.99 -99.26 -124.04
CA CYS E 922 -89.69 -100.54 -123.97
C CYS E 922 -88.83 -101.70 -124.44
N LYS E 923 -87.82 -101.44 -125.28
CA LYS E 923 -87.01 -102.49 -125.88
C LYS E 923 -85.53 -102.42 -125.50
N LEU E 924 -85.04 -101.27 -125.08
CA LEU E 924 -83.65 -101.18 -124.63
C LEU E 924 -83.47 -102.01 -123.36
N PRO E 925 -82.40 -102.79 -123.24
CA PRO E 925 -82.26 -103.71 -122.11
C PRO E 925 -82.12 -102.97 -120.78
N GLU E 926 -82.09 -103.75 -119.71
CA GLU E 926 -82.00 -103.23 -118.36
C GLU E 926 -80.57 -102.89 -117.94
N GLN E 927 -79.54 -103.43 -118.59
CA GLN E 927 -78.17 -103.15 -118.19
C GLN E 927 -77.73 -101.78 -118.69
N GLU E 928 -77.96 -101.49 -119.98
CA GLU E 928 -77.68 -100.15 -120.49
C GLU E 928 -78.60 -99.11 -119.85
N ARG E 929 -79.83 -99.52 -119.50
CA ARG E 929 -80.70 -98.64 -118.73
C ARG E 929 -80.07 -98.30 -117.39
N ASN E 930 -79.44 -99.28 -116.74
CA ASN E 930 -78.75 -99.02 -115.48
C ASN E 930 -77.56 -98.09 -115.69
N TYR E 931 -76.80 -98.29 -116.77
CA TYR E 931 -75.66 -97.41 -117.04
C TYR E 931 -76.11 -95.98 -117.28
N ASN E 932 -77.18 -95.79 -118.06
CA ASN E 932 -77.67 -94.45 -118.34
C ASN E 932 -78.32 -93.81 -117.11
N LEU E 933 -78.95 -94.62 -116.26
CA LEU E 933 -79.54 -94.14 -115.02
C LEU E 933 -78.48 -93.89 -113.95
N GLN E 934 -77.26 -94.38 -114.11
CA GLN E 934 -76.21 -94.12 -113.13
C GLN E 934 -75.91 -92.63 -113.02
N MET E 935 -75.68 -91.98 -114.16
CA MET E 935 -75.40 -90.54 -114.14
C MET E 935 -76.60 -89.75 -113.63
N SER E 936 -77.80 -90.15 -114.02
CA SER E 936 -79.00 -89.45 -113.56
C SER E 936 -79.16 -89.59 -112.05
N LEU E 937 -78.93 -90.79 -111.51
CA LEU E 937 -79.06 -91.00 -110.08
C LEU E 937 -77.98 -90.24 -109.31
N GLU E 938 -76.76 -90.19 -109.85
CA GLU E 938 -75.73 -89.40 -109.20
C GLU E 938 -76.11 -87.93 -109.19
N THR E 939 -76.62 -87.44 -110.32
CA THR E 939 -76.98 -86.02 -110.41
C THR E 939 -78.17 -85.70 -109.51
N LEU E 940 -79.15 -86.61 -109.41
CA LEU E 940 -80.27 -86.36 -108.49
C LEU E 940 -79.83 -86.43 -107.04
N LYS E 941 -78.93 -87.36 -106.69
CA LYS E 941 -78.42 -87.43 -105.33
C LYS E 941 -77.68 -86.17 -104.96
N THR E 942 -76.86 -85.66 -105.87
CA THR E 942 -76.18 -84.40 -105.63
C THR E 942 -77.17 -83.25 -105.48
N LEU E 943 -78.20 -83.20 -106.33
CA LEU E 943 -79.19 -82.14 -106.25
C LEU E 943 -79.95 -82.18 -104.93
N LEU E 944 -80.30 -83.37 -104.45
CA LEU E 944 -81.03 -83.48 -103.20
C LEU E 944 -80.14 -83.25 -101.98
N ALA E 945 -78.84 -83.53 -102.11
CA ALA E 945 -77.91 -83.35 -101.00
C ALA E 945 -77.33 -81.94 -100.91
N LEU E 946 -77.69 -81.04 -101.84
CA LEU E 946 -77.13 -79.70 -101.84
C LEU E 946 -77.66 -78.80 -100.73
N GLY E 947 -78.53 -79.31 -99.86
CA GLY E 947 -79.09 -78.53 -98.76
C GLY E 947 -80.58 -78.29 -98.85
N CYS E 948 -81.23 -78.71 -99.94
CA CYS E 948 -82.63 -78.41 -100.20
C CYS E 948 -83.35 -79.67 -100.67
N HIS E 949 -84.49 -79.99 -100.06
CA HIS E 949 -85.38 -81.01 -100.61
C HIS E 949 -85.96 -80.57 -101.95
N VAL E 950 -86.09 -81.53 -102.85
CA VAL E 950 -86.88 -81.37 -104.07
C VAL E 950 -87.99 -82.42 -104.00
N GLY E 951 -89.21 -81.98 -103.74
CA GLY E 951 -90.35 -82.88 -103.71
C GLY E 951 -91.36 -82.50 -104.77
N ILE E 952 -92.63 -82.73 -104.49
CA ILE E 952 -93.70 -82.34 -105.41
C ILE E 952 -94.27 -81.01 -104.94
N ALA E 953 -94.71 -80.21 -105.91
CA ALA E 953 -95.28 -78.90 -105.63
C ALA E 953 -96.33 -78.53 -106.66
N TYR E 970 -91.58 -79.22 -136.81
CA TYR E 970 -91.13 -80.49 -136.23
C TYR E 970 -89.67 -80.77 -136.61
N GLN E 971 -89.27 -82.04 -136.58
CA GLN E 971 -87.92 -82.40 -136.96
C GLN E 971 -87.93 -83.68 -137.76
N LEU E 972 -87.00 -83.76 -138.72
CA LEU E 972 -86.83 -84.91 -139.59
C LEU E 972 -86.05 -85.99 -138.84
N THR E 973 -86.73 -87.06 -138.44
CA THR E 973 -86.07 -88.19 -137.79
C THR E 973 -86.58 -89.49 -138.38
N SER E 974 -86.19 -90.62 -137.78
CA SER E 974 -86.61 -91.93 -138.27
C SER E 974 -87.82 -92.47 -137.53
N GLY E 975 -88.45 -91.67 -136.66
CA GLY E 975 -89.65 -92.12 -135.99
C GLY E 975 -89.69 -91.75 -134.52
N TYR E 976 -88.65 -91.06 -134.07
CA TYR E 976 -88.48 -90.69 -132.68
C TYR E 976 -88.62 -89.17 -132.53
N LYS E 977 -89.47 -88.74 -131.59
CA LYS E 977 -89.73 -87.33 -131.35
C LYS E 977 -89.21 -86.91 -129.98
N PRO E 978 -87.99 -86.35 -129.90
CA PRO E 978 -87.55 -85.80 -128.60
C PRO E 978 -88.18 -84.43 -128.35
N ALA E 979 -89.18 -84.39 -127.46
CA ALA E 979 -89.86 -83.14 -127.15
C ALA E 979 -90.68 -83.28 -125.88
N PRO E 980 -90.04 -83.26 -124.71
CA PRO E 980 -90.81 -83.34 -123.46
C PRO E 980 -91.68 -82.11 -123.25
N MET E 981 -91.09 -80.93 -123.40
CA MET E 981 -91.79 -79.67 -123.20
C MET E 981 -90.94 -78.56 -123.80
N ASP E 982 -91.26 -77.31 -123.44
CA ASP E 982 -90.46 -76.17 -123.82
C ASP E 982 -89.33 -75.96 -122.82
N LEU E 983 -88.19 -75.49 -123.31
CA LEU E 983 -87.05 -75.19 -122.47
C LEU E 983 -86.65 -73.72 -122.50
N SER E 984 -86.74 -73.05 -123.65
CA SER E 984 -86.29 -71.67 -123.74
C SER E 984 -87.27 -70.69 -123.11
N PHE E 985 -88.47 -71.12 -122.75
CA PHE E 985 -89.42 -70.26 -122.05
C PHE E 985 -88.94 -69.97 -120.64
N ILE E 986 -88.83 -71.01 -119.81
CA ILE E 986 -88.68 -70.84 -118.38
C ILE E 986 -87.31 -70.27 -118.04
N LYS E 987 -87.20 -69.65 -116.86
CA LYS E 987 -85.96 -69.10 -116.35
C LYS E 987 -85.60 -69.81 -115.05
N LEU E 988 -84.31 -70.07 -114.87
CA LEU E 988 -83.85 -70.82 -113.70
C LEU E 988 -83.45 -69.85 -112.60
N THR E 989 -83.92 -70.13 -111.39
CA THR E 989 -83.58 -69.31 -110.23
C THR E 989 -82.08 -69.40 -109.96
N PRO E 990 -81.46 -68.29 -109.55
CA PRO E 990 -80.01 -68.34 -109.24
C PRO E 990 -79.66 -69.33 -108.14
N SER E 991 -80.59 -69.61 -107.21
CA SER E 991 -80.34 -70.65 -106.22
C SER E 991 -80.07 -71.99 -106.89
N GLN E 992 -80.99 -72.40 -107.78
CA GLN E 992 -80.78 -73.65 -108.50
C GLN E 992 -79.62 -73.56 -109.48
N GLU E 993 -79.30 -72.35 -109.96
CA GLU E 993 -78.11 -72.17 -110.79
C GLU E 993 -76.86 -72.56 -110.01
N ALA E 994 -76.68 -71.99 -108.82
CA ALA E 994 -75.55 -72.35 -107.98
C ALA E 994 -75.59 -73.80 -107.55
N MET E 995 -76.80 -74.34 -107.34
CA MET E 995 -76.94 -75.75 -106.99
C MET E 995 -76.40 -76.64 -108.10
N VAL E 996 -76.85 -76.42 -109.34
CA VAL E 996 -76.35 -77.19 -110.47
C VAL E 996 -74.87 -76.91 -110.71
N ASP E 997 -74.39 -75.73 -110.31
CA ASP E 997 -72.97 -75.43 -110.45
C ASP E 997 -72.14 -76.33 -109.53
N LYS E 998 -72.50 -76.39 -108.25
CA LYS E 998 -71.81 -77.32 -107.35
C LYS E 998 -72.04 -78.78 -107.77
N LEU E 999 -73.19 -79.05 -108.39
CA LEU E 999 -73.47 -80.38 -108.92
C LEU E 999 -72.47 -80.77 -110.00
N ALA E 1000 -72.23 -79.88 -110.95
CA ALA E 1000 -71.24 -80.14 -112.00
C ALA E 1000 -69.83 -80.17 -111.42
N GLU E 1001 -69.57 -79.37 -110.38
CA GLU E 1001 -68.32 -79.49 -109.63
C GLU E 1001 -68.11 -80.93 -109.17
N ASN E 1002 -69.10 -81.48 -108.46
CA ASN E 1002 -68.99 -82.83 -107.94
C ASN E 1002 -68.86 -83.86 -109.06
N ALA E 1003 -69.61 -83.66 -110.15
CA ALA E 1003 -69.54 -84.58 -111.28
C ALA E 1003 -68.14 -84.62 -111.87
N HIS E 1004 -67.55 -83.45 -112.12
CA HIS E 1004 -66.21 -83.44 -112.68
C HIS E 1004 -65.16 -83.90 -111.66
N ASN E 1005 -65.42 -83.69 -110.37
CA ASN E 1005 -64.49 -84.20 -109.35
C ASN E 1005 -64.43 -85.71 -109.37
N VAL E 1006 -65.59 -86.37 -109.36
CA VAL E 1006 -65.59 -87.83 -109.41
C VAL E 1006 -65.07 -88.32 -110.76
N TRP E 1007 -65.35 -87.58 -111.84
CA TRP E 1007 -64.82 -87.96 -113.14
C TRP E 1007 -63.30 -87.91 -113.16
N ALA E 1008 -62.72 -86.89 -112.52
CA ALA E 1008 -61.26 -86.79 -112.45
C ALA E 1008 -60.69 -87.87 -111.55
N ARG E 1009 -61.36 -88.18 -110.44
CA ARG E 1009 -60.88 -89.25 -109.57
C ARG E 1009 -60.95 -90.60 -110.26
N ASP E 1010 -61.85 -90.76 -111.24
CA ASP E 1010 -61.86 -91.97 -112.04
C ASP E 1010 -60.85 -91.92 -113.18
N ARG E 1011 -60.54 -90.73 -113.68
CA ARG E 1011 -59.66 -90.59 -114.84
C ARG E 1011 -58.17 -90.61 -114.46
N ILE E 1012 -57.83 -90.26 -113.22
CA ILE E 1012 -56.43 -90.29 -112.82
C ILE E 1012 -55.82 -91.68 -112.97
N ARG E 1013 -56.65 -92.72 -112.99
CA ARG E 1013 -56.15 -94.07 -113.24
C ARG E 1013 -55.92 -94.32 -114.72
N GLN E 1014 -56.63 -93.60 -115.58
CA GLN E 1014 -56.47 -93.75 -117.03
C GLN E 1014 -55.50 -92.72 -117.59
N ARG E 1027 -52.32 -89.14 -118.98
CA ARG E 1027 -51.40 -88.66 -117.96
C ARG E 1027 -51.17 -87.15 -118.08
N ARG E 1028 -51.34 -86.46 -116.96
CA ARG E 1028 -51.18 -85.00 -116.90
C ARG E 1028 -52.08 -84.30 -117.91
N ASN E 1029 -53.39 -84.44 -117.69
CA ASN E 1029 -54.33 -83.93 -118.67
C ASN E 1029 -55.04 -82.67 -118.16
N PRO E 1030 -55.28 -81.70 -119.04
CA PRO E 1030 -56.12 -80.55 -118.65
C PRO E 1030 -57.52 -80.97 -118.22
N ARG E 1031 -58.03 -82.10 -118.70
CA ARG E 1031 -59.25 -82.63 -118.13
C ARG E 1031 -58.99 -83.35 -116.81
N LEU E 1032 -57.79 -83.91 -116.64
CA LEU E 1032 -57.47 -84.57 -115.37
C LEU E 1032 -57.39 -83.57 -114.23
N VAL E 1033 -57.01 -82.32 -114.51
CA VAL E 1033 -56.96 -81.28 -113.49
C VAL E 1033 -58.40 -81.07 -112.98
N PRO E 1034 -58.61 -80.72 -111.71
CA PRO E 1034 -59.99 -80.61 -111.20
C PRO E 1034 -60.79 -79.53 -111.91
N TYR E 1035 -62.11 -79.58 -111.66
CA TYR E 1035 -63.04 -78.67 -112.33
C TYR E 1035 -62.81 -77.22 -111.93
N THR E 1036 -62.44 -76.97 -110.67
CA THR E 1036 -62.17 -75.61 -110.23
C THR E 1036 -60.96 -75.00 -110.93
N LEU E 1037 -60.12 -75.84 -111.53
CA LEU E 1037 -58.95 -75.39 -112.26
C LEU E 1037 -59.13 -75.50 -113.77
N LEU E 1038 -60.31 -75.91 -114.23
CA LEU E 1038 -60.54 -76.22 -115.63
C LEU E 1038 -60.69 -74.93 -116.46
N ASP E 1039 -60.66 -75.10 -117.78
CA ASP E 1039 -60.87 -73.99 -118.70
C ASP E 1039 -62.32 -73.50 -118.62
N ASP E 1040 -62.49 -72.19 -118.76
CA ASP E 1040 -63.80 -71.57 -118.58
C ASP E 1040 -64.78 -72.01 -119.66
N ARG E 1041 -64.29 -72.30 -120.87
CA ARG E 1041 -65.18 -72.72 -121.95
C ARG E 1041 -65.80 -74.09 -121.67
N THR E 1042 -64.95 -75.08 -121.36
CA THR E 1042 -65.47 -76.40 -121.01
C THR E 1042 -66.27 -76.35 -119.72
N LYS E 1043 -65.90 -75.47 -118.78
CA LYS E 1043 -66.69 -75.29 -117.58
C LYS E 1043 -68.09 -74.83 -117.91
N LYS E 1044 -68.23 -73.82 -118.76
CA LYS E 1044 -69.54 -73.34 -119.18
C LYS E 1044 -70.32 -74.42 -119.91
N SER E 1045 -69.64 -75.18 -120.78
CA SER E 1045 -70.34 -76.22 -121.54
C SER E 1045 -70.92 -77.28 -120.62
N ASN E 1046 -70.08 -77.85 -119.75
CA ASN E 1046 -70.55 -78.84 -118.79
C ASN E 1046 -71.62 -78.26 -117.87
N LYS E 1047 -71.44 -77.00 -117.48
CA LYS E 1047 -72.41 -76.33 -116.62
C LYS E 1047 -73.78 -76.27 -117.28
N ASP E 1048 -73.83 -75.87 -118.55
CA ASP E 1048 -75.11 -75.73 -119.23
C ASP E 1048 -75.75 -77.09 -119.50
N SER E 1049 -74.94 -78.07 -119.90
CA SER E 1049 -75.47 -79.40 -120.17
C SER E 1049 -76.04 -80.05 -118.91
N LEU E 1050 -75.39 -79.82 -117.77
CA LEU E 1050 -75.88 -80.36 -116.51
C LEU E 1050 -76.93 -79.48 -115.85
N ARG E 1051 -77.08 -78.23 -116.30
CA ARG E 1051 -78.15 -77.36 -115.81
C ARG E 1051 -79.44 -77.57 -116.59
N GLU E 1052 -79.36 -78.17 -117.79
CA GLU E 1052 -80.60 -78.49 -118.49
C GLU E 1052 -81.50 -79.40 -117.66
N ALA E 1053 -80.91 -80.29 -116.86
CA ALA E 1053 -81.70 -81.19 -116.03
C ALA E 1053 -82.46 -80.42 -114.96
N VAL E 1054 -81.80 -79.46 -114.32
CA VAL E 1054 -82.48 -78.63 -113.31
C VAL E 1054 -83.55 -77.78 -113.98
N ARG E 1055 -83.29 -77.31 -115.19
CA ARG E 1055 -84.30 -76.55 -115.93
C ARG E 1055 -85.54 -77.41 -116.19
N THR E 1056 -85.33 -78.67 -116.62
CA THR E 1056 -86.47 -79.57 -116.82
C THR E 1056 -87.19 -79.84 -115.50
N LEU E 1057 -86.44 -79.99 -114.41
CA LEU E 1057 -87.06 -80.28 -113.12
C LEU E 1057 -87.98 -79.13 -112.70
N LEU E 1058 -87.50 -77.89 -112.82
CA LEU E 1058 -88.36 -76.74 -112.53
C LEU E 1058 -89.36 -76.44 -113.63
N GLY E 1059 -89.27 -77.09 -114.78
CA GLY E 1059 -90.25 -76.88 -115.83
C GLY E 1059 -91.62 -77.41 -115.49
N TYR E 1060 -91.71 -78.71 -115.21
CA TYR E 1060 -92.99 -79.31 -114.88
C TYR E 1060 -93.51 -78.86 -113.53
N GLY E 1061 -92.61 -78.58 -112.58
CA GLY E 1061 -93.03 -78.03 -111.30
C GLY E 1061 -92.77 -78.94 -110.12
N TYR E 1062 -91.91 -79.94 -110.29
CA TYR E 1062 -91.54 -80.81 -109.18
C TYR E 1062 -90.34 -80.25 -108.41
N ARG E 1084 -50.32 -64.34 -87.81
CA ARG E 1084 -49.03 -64.60 -88.44
C ARG E 1084 -48.41 -63.30 -88.94
N PHE E 1085 -49.01 -62.18 -88.53
CA PHE E 1085 -48.58 -60.87 -89.00
C PHE E 1085 -47.10 -60.63 -88.74
N ARG E 1086 -46.49 -59.81 -89.59
CA ARG E 1086 -45.09 -59.45 -89.48
C ARG E 1086 -44.97 -57.96 -89.17
N ILE E 1087 -44.08 -57.62 -88.25
CA ILE E 1087 -43.90 -56.25 -87.77
C ILE E 1087 -42.56 -55.75 -88.28
N PHE E 1088 -42.59 -54.65 -89.01
CA PHE E 1088 -41.38 -53.97 -89.47
C PHE E 1088 -41.23 -52.65 -88.71
N ARG E 1089 -40.00 -52.18 -88.58
CA ARG E 1089 -39.76 -50.93 -87.85
C ARG E 1089 -38.37 -50.42 -88.20
N ALA E 1090 -38.11 -49.19 -87.80
CA ALA E 1090 -36.76 -48.64 -87.94
C ALA E 1090 -35.86 -49.16 -86.83
N GLU E 1091 -34.57 -48.85 -86.93
CA GLU E 1091 -33.61 -49.27 -85.93
C GLU E 1091 -33.84 -48.51 -84.63
N LYS E 1092 -33.71 -49.20 -83.50
CA LYS E 1092 -34.03 -48.60 -82.21
C LYS E 1092 -33.07 -47.48 -81.83
N THR E 1093 -31.87 -47.45 -82.42
CA THR E 1093 -30.93 -46.38 -82.14
C THR E 1093 -31.33 -45.06 -82.80
N TYR E 1094 -32.29 -45.08 -83.73
CA TYR E 1094 -32.84 -43.88 -84.32
C TYR E 1094 -34.00 -43.31 -83.51
N ALA E 1095 -34.10 -43.67 -82.23
CA ALA E 1095 -35.17 -43.16 -81.40
C ALA E 1095 -35.08 -41.64 -81.27
N VAL E 1096 -36.24 -40.99 -81.28
CA VAL E 1096 -36.33 -39.54 -81.22
C VAL E 1096 -37.00 -39.14 -79.90
N LYS E 1097 -36.57 -38.00 -79.35
CA LYS E 1097 -37.12 -37.49 -78.11
C LYS E 1097 -37.48 -36.02 -78.17
N ALA E 1098 -37.31 -35.36 -79.33
CA ALA E 1098 -37.63 -33.95 -79.46
C ALA E 1098 -37.81 -33.63 -80.94
N GLY E 1099 -38.69 -32.67 -81.22
CA GLY E 1099 -38.90 -32.20 -82.57
C GLY E 1099 -40.18 -32.73 -83.18
N ARG E 1100 -40.39 -32.34 -84.44
CA ARG E 1100 -41.55 -32.74 -85.22
C ARG E 1100 -41.09 -33.72 -86.29
N TRP E 1101 -41.51 -34.97 -86.17
CA TRP E 1101 -41.11 -36.02 -87.10
C TRP E 1101 -42.32 -36.50 -87.90
N TYR E 1102 -42.08 -36.85 -89.16
CA TYR E 1102 -43.14 -37.23 -90.08
C TYR E 1102 -42.64 -38.35 -90.98
N PHE E 1103 -43.48 -39.35 -91.22
CA PHE E 1103 -43.10 -40.42 -92.13
C PHE E 1103 -44.34 -40.98 -92.82
N GLU E 1104 -44.15 -41.41 -94.07
CA GLU E 1104 -45.24 -41.89 -94.90
C GLU E 1104 -45.28 -43.42 -94.95
N PHE E 1105 -46.48 -43.95 -95.16
CA PHE E 1105 -46.69 -45.38 -95.32
C PHE E 1105 -47.72 -45.57 -96.42
N GLU E 1106 -47.31 -46.23 -97.50
CA GLU E 1106 -48.19 -46.54 -98.62
C GLU E 1106 -48.67 -47.98 -98.45
N ALA E 1107 -49.96 -48.19 -98.65
CA ALA E 1107 -50.56 -49.51 -98.56
C ALA E 1107 -51.21 -49.84 -99.89
N VAL E 1108 -50.69 -50.87 -100.58
CA VAL E 1108 -51.25 -51.25 -101.86
C VAL E 1108 -52.59 -51.96 -101.67
N THR E 1109 -52.69 -52.80 -100.65
CA THR E 1109 -53.90 -53.53 -100.33
C THR E 1109 -54.73 -52.74 -99.32
N ALA E 1110 -55.80 -53.36 -98.82
CA ALA E 1110 -56.66 -52.74 -97.83
C ALA E 1110 -57.01 -53.72 -96.71
N GLY E 1111 -56.13 -54.67 -96.43
CA GLY E 1111 -56.40 -55.67 -95.42
C GLY E 1111 -55.98 -55.25 -94.02
N ASP E 1112 -55.35 -56.15 -93.28
CA ASP E 1112 -54.94 -55.88 -91.91
C ASP E 1112 -53.58 -55.19 -91.93
N MET E 1113 -53.58 -53.89 -91.61
CA MET E 1113 -52.35 -53.12 -91.58
C MET E 1113 -52.46 -52.07 -90.49
N ARG E 1114 -51.41 -51.97 -89.67
CA ARG E 1114 -51.33 -50.95 -88.63
C ARG E 1114 -50.03 -50.17 -88.78
N VAL E 1115 -50.06 -48.90 -88.39
CA VAL E 1115 -48.90 -48.03 -88.53
C VAL E 1115 -48.83 -47.10 -87.33
N GLY E 1116 -47.61 -46.72 -86.96
CA GLY E 1116 -47.48 -45.78 -85.85
C GLY E 1116 -46.05 -45.71 -85.35
N TRP E 1117 -45.92 -45.39 -84.06
CA TRP E 1117 -44.63 -45.19 -83.41
C TRP E 1117 -44.60 -46.01 -82.13
N SER E 1118 -43.60 -46.88 -82.02
CA SER E 1118 -43.45 -47.77 -80.87
C SER E 1118 -42.19 -47.47 -80.10
N ARG E 1119 -42.26 -47.67 -78.79
CA ARG E 1119 -41.11 -47.51 -77.92
C ARG E 1119 -40.09 -48.62 -78.18
N PRO E 1120 -38.81 -48.41 -77.77
CA PRO E 1120 -37.75 -49.39 -78.04
C PRO E 1120 -37.81 -50.62 -77.15
N GLY E 1121 -39.02 -51.16 -76.96
CA GLY E 1121 -39.21 -52.36 -76.17
C GLY E 1121 -40.36 -53.22 -76.67
N CYS E 1122 -40.92 -52.85 -77.81
CA CYS E 1122 -42.12 -53.50 -78.30
C CYS E 1122 -41.85 -54.96 -78.65
N GLN E 1123 -42.89 -55.77 -78.56
CA GLN E 1123 -42.81 -57.20 -78.83
C GLN E 1123 -43.13 -57.46 -80.30
N PRO E 1124 -42.27 -58.22 -81.01
CA PRO E 1124 -42.54 -58.50 -82.42
C PRO E 1124 -43.60 -59.57 -82.66
N ASP E 1125 -44.06 -60.25 -81.61
CA ASP E 1125 -45.07 -61.29 -81.78
C ASP E 1125 -46.48 -60.83 -81.42
N LEU E 1126 -46.61 -59.82 -80.58
CA LEU E 1126 -47.92 -59.31 -80.19
C LEU E 1126 -48.44 -58.33 -81.23
N GLU E 1127 -49.76 -58.12 -81.21
CA GLU E 1127 -50.37 -57.18 -82.13
C GLU E 1127 -49.88 -55.77 -81.84
N LEU E 1128 -49.54 -55.05 -82.90
CA LEU E 1128 -49.00 -53.70 -82.76
C LEU E 1128 -50.02 -52.78 -82.10
N GLY E 1129 -49.63 -52.18 -80.98
CA GLY E 1129 -50.52 -51.32 -80.23
C GLY E 1129 -51.30 -51.99 -79.13
N SER E 1130 -50.93 -53.20 -78.72
CA SER E 1130 -51.62 -53.87 -77.62
C SER E 1130 -51.25 -53.26 -76.28
N ASP E 1131 -49.95 -53.24 -75.97
CA ASP E 1131 -49.47 -52.63 -74.74
C ASP E 1131 -49.16 -51.15 -74.93
N ASP E 1132 -48.69 -50.53 -73.84
CA ASP E 1132 -48.23 -49.15 -73.87
C ASP E 1132 -46.91 -48.98 -74.62
N ARG E 1133 -46.27 -50.08 -75.02
CA ARG E 1133 -45.02 -50.03 -75.76
C ARG E 1133 -45.20 -49.73 -77.24
N ALA E 1134 -46.40 -49.32 -77.65
CA ALA E 1134 -46.66 -49.03 -79.05
C ALA E 1134 -47.87 -48.12 -79.16
N PHE E 1135 -47.75 -47.08 -79.98
CA PHE E 1135 -48.84 -46.17 -80.31
C PHE E 1135 -49.14 -46.38 -81.79
N ALA E 1136 -50.20 -47.12 -82.09
CA ALA E 1136 -50.50 -47.53 -83.44
C ALA E 1136 -51.90 -47.09 -83.85
N PHE E 1137 -52.18 -47.26 -85.14
CA PHE E 1137 -53.47 -46.96 -85.73
C PHE E 1137 -53.73 -47.96 -86.85
N ASP E 1138 -54.98 -48.42 -86.93
CA ASP E 1138 -55.39 -49.43 -87.89
C ASP E 1138 -56.46 -48.88 -88.81
N GLY E 1139 -56.44 -49.33 -90.06
CA GLY E 1139 -57.44 -48.95 -91.03
C GLY E 1139 -58.50 -50.03 -91.22
N PHE E 1140 -58.17 -51.26 -90.82
CA PHE E 1140 -59.12 -52.36 -90.91
C PHE E 1140 -60.32 -52.13 -90.00
N LYS E 1141 -60.13 -51.39 -88.90
CA LYS E 1141 -61.22 -51.06 -87.99
C LYS E 1141 -61.39 -49.56 -87.79
N ALA E 1142 -60.49 -48.73 -88.35
CA ALA E 1142 -60.54 -47.28 -88.23
C ALA E 1142 -60.57 -46.84 -86.77
N GLN E 1143 -59.51 -47.23 -86.05
CA GLN E 1143 -59.41 -46.91 -84.63
C GLN E 1143 -57.94 -46.93 -84.23
N ARG E 1144 -57.62 -46.14 -83.21
CA ARG E 1144 -56.26 -46.09 -82.70
C ARG E 1144 -56.01 -47.25 -81.73
N TRP E 1145 -54.76 -47.73 -81.71
CA TRP E 1145 -54.39 -48.92 -80.96
C TRP E 1145 -53.47 -48.54 -79.80
N HIS E 1146 -53.93 -48.79 -78.59
CA HIS E 1146 -53.17 -48.58 -77.36
C HIS E 1146 -53.67 -49.60 -76.35
N GLN E 1147 -53.44 -49.36 -75.07
CA GLN E 1147 -54.05 -50.19 -74.05
C GLN E 1147 -55.55 -49.92 -74.07
N GLY E 1148 -56.29 -50.71 -74.84
CA GLY E 1148 -57.67 -50.43 -75.16
C GLY E 1148 -57.80 -49.88 -76.57
N ASN E 1149 -59.06 -49.75 -77.00
CA ASN E 1149 -59.36 -49.28 -78.34
C ASN E 1149 -60.43 -48.20 -78.27
N GLU E 1150 -60.37 -47.26 -79.22
CA GLU E 1150 -61.34 -46.18 -79.31
C GLU E 1150 -61.31 -45.62 -80.73
N HIS E 1151 -62.49 -45.42 -81.30
CA HIS E 1151 -62.61 -45.10 -82.72
C HIS E 1151 -61.86 -43.83 -83.08
N TYR E 1152 -61.15 -43.87 -84.21
CA TYR E 1152 -60.35 -42.75 -84.66
C TYR E 1152 -60.18 -42.82 -86.17
N GLY E 1153 -60.52 -41.73 -86.86
CA GLY E 1153 -60.32 -41.64 -88.29
C GLY E 1153 -61.19 -42.56 -89.11
N ARG E 1154 -60.89 -42.62 -90.40
CA ARG E 1154 -61.60 -43.44 -91.36
C ARG E 1154 -60.67 -44.46 -91.99
N SER E 1155 -61.26 -45.44 -92.67
CA SER E 1155 -60.50 -46.49 -93.32
C SER E 1155 -59.94 -46.01 -94.66
N TRP E 1156 -59.01 -46.77 -95.21
CA TRP E 1156 -58.34 -46.44 -96.45
C TRP E 1156 -58.92 -47.29 -97.58
N GLN E 1157 -58.32 -47.16 -98.77
CA GLN E 1157 -58.71 -47.99 -99.91
C GLN E 1157 -57.50 -48.75 -100.44
N ALA E 1158 -57.66 -49.42 -101.58
CA ALA E 1158 -56.56 -50.15 -102.20
C ALA E 1158 -55.67 -49.17 -102.95
N GLY E 1159 -54.43 -49.02 -102.49
CA GLY E 1159 -53.51 -48.09 -103.11
C GLY E 1159 -53.55 -46.71 -102.48
N ASP E 1160 -53.37 -46.65 -101.16
CA ASP E 1160 -53.48 -45.41 -100.41
C ASP E 1160 -52.16 -45.06 -99.75
N VAL E 1161 -52.12 -43.86 -99.16
CA VAL E 1161 -50.96 -43.35 -98.45
C VAL E 1161 -51.45 -42.69 -97.16
N VAL E 1162 -50.67 -42.84 -96.09
CA VAL E 1162 -50.98 -42.23 -94.81
C VAL E 1162 -49.70 -41.71 -94.19
N GLY E 1163 -49.73 -40.45 -93.74
CA GLY E 1163 -48.58 -39.83 -93.12
C GLY E 1163 -48.78 -39.70 -91.61
N CYS E 1164 -47.81 -40.19 -90.86
CA CYS E 1164 -47.84 -40.12 -89.41
C CYS E 1164 -46.92 -39.01 -88.93
N MET E 1165 -47.43 -38.16 -88.04
CA MET E 1165 -46.71 -37.04 -87.47
C MET E 1165 -46.66 -37.19 -85.95
N VAL E 1166 -45.50 -36.89 -85.38
CA VAL E 1166 -45.31 -36.91 -83.94
C VAL E 1166 -44.51 -35.66 -83.55
N ASP E 1167 -45.10 -34.81 -82.73
CA ASP E 1167 -44.41 -33.66 -82.17
C ASP E 1167 -44.10 -34.00 -80.71
N MET E 1168 -42.81 -34.18 -80.41
CA MET E 1168 -42.39 -34.59 -79.07
C MET E 1168 -42.34 -33.43 -78.10
N ASN E 1169 -42.06 -32.21 -78.59
CA ASN E 1169 -42.03 -31.05 -77.71
C ASN E 1169 -43.40 -30.73 -77.15
N GLU E 1170 -44.46 -30.99 -77.92
CA GLU E 1170 -45.83 -30.81 -77.45
C GLU E 1170 -46.53 -32.13 -77.14
N HIS E 1171 -45.90 -33.27 -77.42
CA HIS E 1171 -46.45 -34.59 -77.15
C HIS E 1171 -47.81 -34.77 -77.83
N THR E 1172 -47.79 -34.71 -79.16
CA THR E 1172 -48.98 -34.88 -79.97
C THR E 1172 -48.70 -35.84 -81.12
N MET E 1173 -49.67 -36.71 -81.40
CA MET E 1173 -49.59 -37.67 -82.50
C MET E 1173 -50.76 -37.44 -83.44
N MET E 1174 -50.47 -37.32 -84.73
CA MET E 1174 -51.49 -37.05 -85.74
C MET E 1174 -51.30 -37.98 -86.92
N PHE E 1175 -52.39 -38.23 -87.64
CA PHE E 1175 -52.38 -39.08 -88.82
C PHE E 1175 -53.17 -38.40 -89.92
N THR E 1176 -52.59 -38.36 -91.12
CA THR E 1176 -53.22 -37.73 -92.27
C THR E 1176 -53.37 -38.76 -93.39
N LEU E 1177 -54.63 -39.02 -93.78
CA LEU E 1177 -54.93 -39.97 -94.84
C LEU E 1177 -55.07 -39.21 -96.15
N ASN E 1178 -54.02 -39.26 -96.98
CA ASN E 1178 -54.00 -38.59 -98.28
C ASN E 1178 -54.27 -37.09 -98.14
N GLY E 1179 -53.55 -36.46 -97.21
CA GLY E 1179 -53.68 -35.04 -96.96
C GLY E 1179 -54.74 -34.67 -95.95
N GLU E 1180 -55.81 -35.45 -95.85
CA GLU E 1180 -56.88 -35.16 -94.89
C GLU E 1180 -56.45 -35.61 -93.50
N ILE E 1181 -56.30 -34.65 -92.58
CA ILE E 1181 -55.93 -34.96 -91.21
C ILE E 1181 -57.08 -35.67 -90.51
N LEU E 1182 -56.79 -36.77 -89.85
CA LEU E 1182 -57.82 -37.59 -89.22
C LEU E 1182 -58.48 -36.85 -88.06
N LEU E 1183 -59.70 -37.28 -87.73
CA LEU E 1183 -60.47 -36.72 -86.63
C LEU E 1183 -61.15 -37.84 -85.88
N ASP E 1184 -61.15 -37.73 -84.55
CA ASP E 1184 -61.86 -38.66 -83.69
C ASP E 1184 -63.27 -38.14 -83.47
N ASP E 1185 -63.98 -38.72 -82.51
CA ASP E 1185 -65.36 -38.32 -82.23
C ASP E 1185 -65.44 -37.07 -81.36
N SER E 1186 -64.37 -36.74 -80.64
CA SER E 1186 -64.35 -35.59 -79.75
C SER E 1186 -63.96 -34.29 -80.44
N GLY E 1187 -63.53 -34.34 -81.70
CA GLY E 1187 -63.12 -33.15 -82.41
C GLY E 1187 -61.67 -32.75 -82.22
N SER E 1188 -60.81 -33.68 -81.82
CA SER E 1188 -59.39 -33.41 -81.63
C SER E 1188 -58.61 -33.91 -82.83
N GLU E 1189 -57.85 -33.01 -83.46
CA GLU E 1189 -57.09 -33.38 -84.64
C GLU E 1189 -55.99 -34.39 -84.31
N LEU E 1190 -55.37 -34.25 -83.16
CA LEU E 1190 -54.31 -35.16 -82.74
C LEU E 1190 -54.89 -36.44 -82.15
N ALA E 1191 -54.16 -37.54 -82.33
CA ALA E 1191 -54.61 -38.85 -81.84
C ALA E 1191 -54.25 -39.06 -80.37
N PHE E 1192 -52.96 -39.07 -80.06
CA PHE E 1192 -52.47 -39.36 -78.71
C PHE E 1192 -51.85 -38.11 -78.09
N LYS E 1193 -51.98 -38.00 -76.78
CA LYS E 1193 -51.76 -36.75 -76.06
C LYS E 1193 -51.47 -37.01 -74.59
N ASP E 1194 -50.47 -36.29 -74.08
CA ASP E 1194 -49.87 -36.52 -72.76
C ASP E 1194 -49.30 -37.94 -72.65
N PHE E 1195 -48.28 -38.21 -73.47
CA PHE E 1195 -47.50 -39.44 -73.39
C PHE E 1195 -46.04 -39.08 -73.12
N ASP E 1196 -45.39 -39.85 -72.26
CA ASP E 1196 -44.01 -39.57 -71.91
C ASP E 1196 -43.07 -39.84 -73.08
N VAL E 1197 -41.93 -39.16 -73.08
CA VAL E 1197 -40.92 -39.41 -74.09
C VAL E 1197 -40.27 -40.77 -73.88
N GLY E 1198 -40.23 -41.26 -72.64
CA GLY E 1198 -39.65 -42.55 -72.32
C GLY E 1198 -38.26 -42.76 -72.86
N ASP E 1199 -38.09 -43.74 -73.74
CA ASP E 1199 -36.83 -44.02 -74.40
C ASP E 1199 -36.82 -43.60 -75.86
N GLY E 1200 -37.91 -43.02 -76.35
CA GLY E 1200 -38.03 -42.59 -77.73
C GLY E 1200 -39.19 -43.27 -78.43
N PHE E 1201 -39.29 -42.98 -79.73
CA PHE E 1201 -40.33 -43.55 -80.56
C PHE E 1201 -39.75 -43.90 -81.92
N ILE E 1202 -40.02 -45.10 -82.39
CA ILE E 1202 -39.48 -45.64 -83.63
C ILE E 1202 -40.63 -45.83 -84.60
N PRO E 1203 -40.50 -45.41 -85.86
CA PRO E 1203 -41.54 -45.74 -86.85
C PRO E 1203 -41.70 -47.24 -86.99
N VAL E 1204 -42.95 -47.68 -87.01
CA VAL E 1204 -43.27 -49.10 -86.99
C VAL E 1204 -44.55 -49.34 -87.77
N CYS E 1205 -44.61 -50.48 -88.45
CA CYS E 1205 -45.82 -50.95 -89.11
C CYS E 1205 -45.97 -52.44 -88.86
N SER E 1206 -47.20 -52.92 -88.98
CA SER E 1206 -47.50 -54.33 -88.82
C SER E 1206 -48.44 -54.73 -89.95
N LEU E 1207 -48.04 -55.72 -90.73
CA LEU E 1207 -48.81 -56.20 -91.86
C LEU E 1207 -49.27 -57.62 -91.59
N GLY E 1208 -50.58 -57.86 -91.70
CA GLY E 1208 -51.15 -59.17 -91.50
C GLY E 1208 -51.00 -60.06 -92.71
N VAL E 1209 -51.92 -61.02 -92.84
CA VAL E 1209 -51.83 -62.01 -93.90
C VAL E 1209 -52.10 -61.34 -95.25
N ALA E 1210 -51.18 -61.53 -96.20
CA ALA E 1210 -51.33 -61.06 -97.57
C ALA E 1210 -51.53 -59.54 -97.64
N GLN E 1211 -50.50 -58.81 -97.21
CA GLN E 1211 -50.50 -57.36 -97.23
C GLN E 1211 -49.25 -56.86 -97.95
N VAL E 1212 -49.35 -55.67 -98.53
CA VAL E 1212 -48.25 -55.06 -99.27
C VAL E 1212 -48.15 -53.59 -98.87
N GLY E 1213 -47.00 -53.18 -98.34
CA GLY E 1213 -46.79 -51.82 -97.90
C GLY E 1213 -45.45 -51.29 -98.34
N ARG E 1214 -45.24 -50.00 -98.07
CA ARG E 1214 -44.00 -49.31 -98.42
C ARG E 1214 -43.80 -48.18 -97.44
N MET E 1215 -42.68 -48.20 -96.72
CA MET E 1215 -42.39 -47.15 -95.76
C MET E 1215 -41.55 -46.04 -96.41
N ASN E 1216 -41.63 -44.85 -95.83
CA ASN E 1216 -40.85 -43.71 -96.30
C ASN E 1216 -40.52 -42.85 -95.09
N PHE E 1217 -39.29 -42.96 -94.60
CA PHE E 1217 -38.82 -42.17 -93.47
C PHE E 1217 -38.24 -40.82 -93.89
N GLY E 1218 -38.60 -40.34 -95.08
CA GLY E 1218 -38.04 -39.12 -95.60
C GLY E 1218 -36.91 -39.37 -96.57
N LYS E 1219 -35.95 -38.44 -96.63
CA LYS E 1219 -34.74 -38.56 -97.43
C LYS E 1219 -35.04 -38.42 -98.92
N ASP E 1220 -36.33 -38.38 -99.28
CA ASP E 1220 -36.75 -38.18 -100.67
C ASP E 1220 -38.00 -37.30 -100.66
N VAL E 1221 -37.79 -35.98 -100.69
CA VAL E 1221 -38.94 -35.08 -100.66
C VAL E 1221 -39.58 -34.99 -102.03
N SER E 1222 -38.82 -35.27 -103.10
CA SER E 1222 -39.39 -35.34 -104.43
C SER E 1222 -40.44 -36.45 -104.54
N THR E 1223 -40.37 -37.45 -103.67
CA THR E 1223 -41.39 -38.49 -103.58
C THR E 1223 -42.27 -38.36 -102.35
N LEU E 1224 -41.93 -37.49 -101.40
CA LEU E 1224 -42.82 -37.21 -100.29
C LEU E 1224 -43.99 -36.37 -100.78
N LYS E 1225 -45.02 -37.04 -101.29
CA LYS E 1225 -46.12 -36.34 -101.96
C LYS E 1225 -46.89 -35.45 -100.99
N TYR E 1226 -47.51 -36.05 -99.98
CA TYR E 1226 -48.39 -35.33 -99.08
C TYR E 1226 -47.64 -34.69 -97.91
N PHE E 1227 -46.33 -34.48 -98.05
CA PHE E 1227 -45.55 -33.78 -97.03
C PHE E 1227 -45.55 -32.28 -97.25
N THR E 1228 -45.44 -31.84 -98.51
CA THR E 1228 -45.52 -30.42 -98.81
C THR E 1228 -46.93 -29.87 -98.61
N ILE E 1229 -47.94 -30.72 -98.65
CA ILE E 1229 -49.31 -30.27 -98.44
C ILE E 1229 -49.57 -30.03 -96.95
N CYS E 1230 -49.12 -30.94 -96.09
CA CYS E 1230 -49.31 -30.78 -94.65
C CYS E 1230 -48.06 -31.23 -93.91
N GLY E 1231 -47.64 -30.43 -92.93
CA GLY E 1231 -46.46 -30.73 -92.16
C GLY E 1231 -45.32 -29.76 -92.42
N LEU E 1232 -45.11 -29.42 -93.70
CA LEU E 1232 -44.01 -28.54 -94.07
C LEU E 1232 -44.20 -27.13 -93.54
N GLN E 1233 -45.39 -26.56 -93.74
CA GLN E 1233 -45.65 -25.20 -93.25
C GLN E 1233 -45.87 -25.17 -91.75
N GLU E 1234 -46.33 -26.28 -91.16
CA GLU E 1234 -46.48 -26.34 -89.72
C GLU E 1234 -45.13 -26.44 -89.03
N GLY E 1235 -44.15 -27.09 -89.65
CA GLY E 1235 -42.83 -27.20 -89.07
C GLY E 1235 -42.48 -28.63 -88.74
N TYR E 1236 -43.08 -29.58 -89.44
CA TYR E 1236 -42.84 -31.00 -89.23
C TYR E 1236 -41.76 -31.47 -90.19
N GLU E 1237 -40.84 -32.28 -89.69
CA GLU E 1237 -39.79 -32.63 -90.61
C GLU E 1237 -39.69 -34.15 -90.77
N PRO E 1238 -39.20 -34.63 -91.91
CA PRO E 1238 -39.13 -36.09 -92.12
C PRO E 1238 -38.21 -36.76 -91.11
N PHE E 1239 -38.32 -38.09 -91.07
CA PHE E 1239 -37.56 -38.85 -90.08
C PHE E 1239 -36.09 -38.93 -90.44
N ALA E 1240 -35.78 -39.08 -91.72
CA ALA E 1240 -34.40 -39.24 -92.17
C ALA E 1240 -34.06 -38.21 -93.24
N VAL E 1241 -34.43 -36.95 -93.00
CA VAL E 1241 -34.13 -35.90 -93.98
C VAL E 1241 -32.65 -35.53 -93.93
N ASN E 1242 -32.07 -35.47 -92.74
CA ASN E 1242 -30.63 -35.22 -92.58
C ASN E 1242 -29.88 -36.52 -92.34
N THR E 1243 -29.92 -37.40 -93.35
CA THR E 1243 -29.39 -38.74 -93.23
C THR E 1243 -28.72 -39.13 -94.52
N ASN E 1244 -27.53 -39.73 -94.41
CA ASN E 1244 -26.73 -40.09 -95.58
C ASN E 1244 -26.91 -41.54 -96.01
N ARG E 1245 -27.13 -42.46 -95.08
CA ARG E 1245 -27.29 -43.87 -95.39
C ARG E 1245 -28.66 -44.35 -94.94
N ASP E 1246 -29.29 -45.20 -95.76
CA ASP E 1246 -30.66 -45.62 -95.52
C ASP E 1246 -30.78 -46.40 -94.21
N ILE E 1247 -32.02 -46.51 -93.73
CA ILE E 1247 -32.28 -47.17 -92.47
C ILE E 1247 -32.17 -48.69 -92.63
N THR E 1248 -31.87 -49.38 -91.53
CA THR E 1248 -31.67 -50.83 -91.56
C THR E 1248 -32.97 -51.60 -91.73
N MET E 1249 -34.11 -51.03 -91.31
CA MET E 1249 -35.43 -51.64 -91.48
C MET E 1249 -35.50 -53.01 -90.80
N TRP E 1250 -35.45 -52.97 -89.47
CA TRP E 1250 -35.49 -54.19 -88.68
C TRP E 1250 -36.87 -54.82 -88.75
N LEU E 1251 -36.93 -56.09 -89.13
CA LEU E 1251 -38.18 -56.82 -89.27
C LEU E 1251 -38.33 -57.85 -88.15
N SER E 1252 -39.51 -58.44 -88.08
CA SER E 1252 -39.78 -59.54 -87.17
C SER E 1252 -39.46 -60.86 -87.89
N LYS E 1253 -38.49 -61.60 -87.36
CA LYS E 1253 -38.07 -62.83 -88.00
C LYS E 1253 -39.07 -63.95 -87.75
N ARG E 1254 -39.03 -64.96 -88.61
CA ARG E 1254 -39.95 -66.08 -88.55
C ARG E 1254 -39.37 -67.31 -87.88
N LEU E 1255 -38.06 -67.48 -87.90
CA LEU E 1255 -37.44 -68.66 -87.30
C LEU E 1255 -37.48 -68.53 -85.79
N PRO E 1256 -38.14 -69.44 -85.08
CA PRO E 1256 -38.25 -69.32 -83.62
C PRO E 1256 -37.01 -69.83 -82.90
N GLN E 1257 -36.01 -68.97 -82.73
CA GLN E 1257 -34.77 -69.37 -82.08
C GLN E 1257 -35.00 -69.71 -80.62
N PHE E 1258 -34.00 -70.36 -80.01
CA PHE E 1258 -34.04 -70.69 -78.60
C PHE E 1258 -33.48 -69.52 -77.79
N LEU E 1259 -34.26 -69.05 -76.83
CA LEU E 1259 -33.87 -67.95 -75.96
C LEU E 1259 -33.92 -68.39 -74.51
N GLN E 1260 -33.02 -67.83 -73.71
CA GLN E 1260 -33.00 -68.14 -72.28
C GLN E 1260 -34.29 -67.66 -71.62
N VAL E 1261 -34.74 -68.42 -70.63
CA VAL E 1261 -35.96 -68.10 -69.90
C VAL E 1261 -35.75 -66.80 -69.12
N PRO E 1262 -36.56 -65.77 -69.38
CA PRO E 1262 -36.42 -64.52 -68.64
C PRO E 1262 -37.09 -64.58 -67.27
N SER E 1263 -36.63 -63.69 -66.39
CA SER E 1263 -37.18 -63.65 -65.04
C SER E 1263 -38.58 -63.04 -65.03
N ASN E 1264 -38.80 -62.00 -65.83
CA ASN E 1264 -40.09 -61.32 -65.88
C ASN E 1264 -41.03 -61.95 -66.89
N HIS E 1265 -41.19 -63.27 -66.79
CA HIS E 1265 -42.05 -64.02 -67.70
C HIS E 1265 -43.07 -64.81 -66.91
N GLU E 1266 -44.23 -65.02 -67.52
CA GLU E 1266 -45.32 -65.75 -66.91
C GLU E 1266 -45.37 -67.18 -67.43
N HIS E 1267 -45.88 -68.09 -66.59
CA HIS E 1267 -46.15 -69.48 -66.93
C HIS E 1267 -44.88 -70.26 -67.30
N ILE E 1268 -43.71 -69.62 -67.23
CA ILE E 1268 -42.44 -70.30 -67.40
C ILE E 1268 -41.48 -69.84 -66.31
N GLU E 1269 -41.35 -70.63 -65.25
CA GLU E 1269 -40.46 -70.30 -64.14
C GLU E 1269 -39.56 -71.50 -63.88
N VAL E 1270 -38.24 -71.26 -63.90
CA VAL E 1270 -37.24 -72.30 -63.70
C VAL E 1270 -36.36 -71.90 -62.53
N THR E 1271 -36.14 -72.82 -61.60
CA THR E 1271 -35.28 -72.60 -60.45
C THR E 1271 -33.98 -73.38 -60.61
N ARG E 1272 -33.13 -73.32 -59.59
CA ARG E 1272 -31.84 -74.00 -59.62
C ARG E 1272 -31.47 -74.37 -58.20
N ILE E 1273 -31.41 -75.67 -57.92
CA ILE E 1273 -31.11 -76.17 -56.58
C ILE E 1273 -29.79 -76.91 -56.60
N ASP E 1274 -29.14 -76.97 -55.45
CA ASP E 1274 -27.85 -77.62 -55.27
C ASP E 1274 -26.80 -77.01 -56.22
N LYS E 1284 -26.38 -86.95 -53.12
CA LYS E 1284 -26.76 -85.61 -53.55
C LYS E 1284 -26.52 -85.45 -55.04
N VAL E 1285 -27.38 -84.66 -55.69
CA VAL E 1285 -27.26 -84.40 -57.12
C VAL E 1285 -27.89 -83.05 -57.41
N THR E 1286 -27.48 -82.45 -58.53
CA THR E 1286 -27.91 -81.11 -58.92
C THR E 1286 -29.09 -81.20 -59.87
N GLN E 1287 -30.10 -80.36 -59.62
CA GLN E 1287 -31.32 -80.33 -60.43
C GLN E 1287 -31.66 -78.89 -60.79
N LYS E 1288 -32.48 -78.75 -61.84
CA LYS E 1288 -33.00 -77.45 -62.28
C LYS E 1288 -34.52 -77.62 -62.44
N SER E 1289 -35.26 -77.51 -61.34
CA SER E 1289 -36.68 -77.76 -61.37
C SER E 1289 -37.42 -76.64 -62.12
N PHE E 1290 -38.67 -76.92 -62.46
CA PHE E 1290 -39.51 -75.99 -63.21
C PHE E 1290 -40.62 -75.44 -62.31
N GLY E 1291 -41.52 -74.66 -62.92
CA GLY E 1291 -42.63 -74.06 -62.23
C GLY E 1291 -43.46 -73.20 -63.15
N SER E 1292 -44.78 -73.22 -62.99
CA SER E 1292 -45.64 -72.48 -63.91
C SER E 1292 -46.97 -72.17 -63.23
N GLN E 1293 -47.65 -71.16 -63.77
CA GLN E 1293 -49.04 -70.87 -63.41
C GLN E 1293 -49.63 -70.11 -64.58
N ASN E 1294 -50.81 -70.52 -65.02
CA ASN E 1294 -51.51 -69.89 -66.13
C ASN E 1294 -52.89 -70.53 -66.24
N ASN E 1295 -53.63 -70.21 -67.30
CA ASN E 1295 -54.89 -70.85 -67.60
C ASN E 1295 -54.94 -71.49 -68.99
N ASN E 1296 -53.98 -71.20 -69.86
CA ASN E 1296 -53.90 -71.78 -71.19
C ASN E 1296 -52.71 -72.73 -71.29
N THR E 1297 -52.96 -73.92 -71.81
CA THR E 1297 -51.96 -74.97 -71.90
C THR E 1297 -51.39 -75.06 -73.31
N ASP E 1298 -50.12 -75.44 -73.41
CA ASP E 1298 -49.45 -75.59 -74.70
C ASP E 1298 -48.18 -76.40 -74.50
N ILE E 1299 -47.42 -76.56 -75.59
CA ILE E 1299 -46.21 -77.36 -75.60
C ILE E 1299 -45.01 -76.45 -75.72
N MET E 1300 -43.99 -76.69 -74.90
CA MET E 1300 -42.73 -75.97 -74.92
C MET E 1300 -41.60 -76.89 -75.35
N PHE E 1301 -40.49 -76.29 -75.76
CA PHE E 1301 -39.40 -76.97 -76.45
C PHE E 1301 -38.09 -76.72 -75.74
N TYR E 1302 -38.03 -77.00 -74.43
CA TYR E 1302 -36.87 -76.64 -73.64
C TYR E 1302 -35.62 -77.37 -74.14
N ARG E 1303 -34.49 -76.70 -74.03
CA ARG E 1303 -33.22 -77.22 -74.53
C ARG E 1303 -32.09 -76.72 -73.63
N LEU E 1304 -31.04 -77.53 -73.53
CA LEU E 1304 -29.87 -77.10 -72.77
C LEU E 1304 -29.05 -76.10 -73.58
N SER E 1305 -28.09 -75.48 -72.89
CA SER E 1305 -27.31 -74.43 -73.53
C SER E 1305 -26.17 -75.00 -74.36
N MET E 1306 -25.33 -75.84 -73.76
CA MET E 1306 -24.14 -76.33 -74.45
C MET E 1306 -24.39 -77.74 -74.98
N PRO E 1307 -24.12 -77.99 -76.26
CA PRO E 1307 -24.31 -79.32 -76.81
C PRO E 1307 -23.04 -80.17 -76.68
N ILE E 1308 -23.17 -81.43 -77.07
CA ILE E 1308 -22.09 -82.41 -77.03
C ILE E 1308 -21.75 -82.79 -78.46
N GLU E 1309 -20.47 -82.77 -78.80
CA GLU E 1309 -19.99 -83.08 -80.13
C GLU E 1309 -19.10 -84.32 -80.09
N CYS E 1310 -19.01 -84.99 -81.23
CA CYS E 1310 -18.21 -86.21 -81.36
C CYS E 1310 -17.62 -86.24 -82.76
N ALA E 1311 -16.30 -86.10 -82.86
CA ALA E 1311 -15.64 -86.12 -84.16
C ALA E 1311 -14.16 -86.49 -84.01
N UNK E 1312 -13.76 -87.58 -84.65
CA UNK E 1312 -14.65 -88.40 -85.45
C UNK E 1312 -14.60 -89.86 -85.00
N UNK E 1313 -15.33 -90.16 -83.92
CA UNK E 1313 -15.34 -91.51 -83.37
C UNK E 1313 -16.74 -92.11 -83.42
N UNK E 1314 -17.00 -93.05 -82.52
CA UNK E 1314 -18.29 -93.73 -82.47
C UNK E 1314 -19.35 -92.87 -81.81
N UNK E 1315 -20.49 -92.73 -82.48
CA UNK E 1315 -21.59 -91.92 -81.97
C UNK E 1315 -22.89 -92.71 -81.93
N UNK E 1316 -23.41 -92.92 -80.72
CA UNK E 1316 -24.65 -93.65 -80.54
C UNK E 1316 -25.47 -93.04 -79.41
N UNK E 1317 -26.72 -92.68 -79.71
CA UNK E 1317 -27.60 -92.12 -78.70
C UNK E 1317 -28.62 -93.16 -78.25
N UNK E 1318 -28.51 -93.59 -77.00
CA UNK E 1318 -29.39 -94.61 -76.47
C UNK E 1318 -30.31 -94.06 -75.38
N UNK E 1319 -31.61 -94.26 -75.54
CA UNK E 1319 -32.58 -93.83 -74.56
C UNK E 1319 -32.98 -95.02 -73.67
N UNK E 1320 -32.60 -94.95 -72.40
CA UNK E 1320 -32.87 -96.04 -71.47
C UNK E 1320 -33.82 -95.61 -70.36
N UNK E 1321 -34.90 -96.35 -70.18
CA UNK E 1321 -35.86 -96.08 -69.11
C UNK E 1321 -35.30 -96.58 -67.79
N UNK E 1322 -36.03 -96.29 -66.70
CA UNK E 1322 -35.60 -96.71 -65.37
C UNK E 1322 -35.66 -98.24 -65.25
N UNK E 1323 -36.64 -98.83 -65.91
CA UNK E 1323 -36.81 -100.28 -65.88
C UNK E 1323 -35.79 -100.98 -66.77
N UNK E 1324 -35.73 -100.58 -68.03
CA UNK E 1324 -34.81 -101.17 -68.99
C UNK E 1324 -34.48 -100.20 -70.12
N UNK E 1325 -33.72 -100.68 -71.10
CA UNK E 1325 -33.33 -99.86 -72.25
C UNK E 1325 -34.15 -100.24 -73.48
N UNK E 1326 -35.42 -100.54 -73.26
CA UNK E 1326 -36.31 -100.94 -74.36
C UNK E 1326 -36.99 -99.72 -74.97
N UNK E 1327 -36.21 -98.92 -75.70
CA UNK E 1327 -36.75 -97.74 -76.36
C UNK E 1327 -36.04 -97.50 -77.70
N UNK E 1328 -36.47 -96.46 -78.41
CA UNK E 1328 -35.87 -96.12 -79.69
C UNK E 1328 -34.44 -95.64 -79.52
N UNK E 1329 -33.51 -96.25 -80.24
CA UNK E 1329 -32.11 -95.89 -80.15
C UNK E 1329 -31.57 -95.44 -81.51
N UNK E 1330 -31.13 -94.19 -81.59
CA UNK E 1330 -30.57 -93.65 -82.82
C UNK E 1330 -29.05 -93.57 -82.72
N UNK E 1331 -28.36 -94.03 -83.75
CA UNK E 1331 -26.91 -94.03 -83.76
C UNK E 1331 -26.37 -93.67 -85.14
N UNK E 1332 -26.41 -92.37 -85.45
CA UNK E 1332 -25.92 -91.89 -86.74
C UNK E 1332 -25.51 -90.42 -86.65
N UNK E 1333 -24.22 -90.18 -86.43
CA UNK E 1333 -23.70 -88.83 -86.34
C UNK E 1333 -22.19 -88.82 -86.57
N UNK E 1334 -21.77 -88.21 -87.67
CA UNK E 1334 -20.35 -88.13 -88.01
C UNK E 1334 -19.65 -87.09 -87.14
N UNK E 1335 -20.20 -85.87 -87.13
CA UNK E 1335 -19.63 -84.79 -86.36
C UNK E 1335 -20.70 -83.75 -86.02
N UNK E 1336 -21.79 -84.21 -85.41
CA UNK E 1336 -22.91 -83.35 -85.09
C UNK E 1336 -22.87 -82.85 -83.65
N UNK E 1337 -23.59 -81.77 -83.39
CA UNK E 1337 -23.66 -81.18 -82.06
C UNK E 1337 -25.00 -81.44 -81.41
N UNK E 1338 -25.21 -82.68 -80.95
CA UNK E 1338 -26.47 -83.06 -80.33
C UNK E 1338 -26.70 -82.33 -79.01
N UNK E 1339 -27.66 -81.41 -79.01
CA UNK E 1339 -27.99 -80.66 -77.80
C UNK E 1339 -29.14 -81.33 -77.06
N ASP E 1340 -28.97 -81.49 -75.75
CA ASP E 1340 -29.99 -82.11 -74.90
C ASP E 1340 -31.26 -81.26 -74.93
N SER E 1341 -32.43 -81.91 -74.95
CA SER E 1341 -33.66 -81.15 -75.06
C SER E 1341 -34.84 -82.02 -74.64
N ASP E 1342 -35.96 -81.35 -74.37
CA ASP E 1342 -37.18 -81.99 -73.92
C ASP E 1342 -38.37 -81.11 -74.31
N PHE E 1343 -39.30 -81.71 -75.05
CA PHE E 1343 -40.53 -81.06 -75.50
C PHE E 1343 -41.63 -81.47 -74.55
N GLU E 1344 -42.10 -80.55 -73.73
CA GLU E 1344 -43.03 -80.86 -72.65
C GLU E 1344 -44.38 -80.19 -72.87
N VAL E 1345 -45.42 -80.81 -72.32
CA VAL E 1345 -46.75 -80.22 -72.30
C VAL E 1345 -46.94 -79.56 -70.95
N LEU E 1346 -47.64 -78.42 -70.94
CA LEU E 1346 -47.77 -77.61 -69.74
C LEU E 1346 -49.06 -77.98 -69.02
N MET E 1347 -48.94 -78.53 -67.82
CA MET E 1347 -50.08 -78.76 -66.96
C MET E 1347 -50.25 -77.57 -66.03
N LYS E 1348 -51.16 -77.69 -65.05
CA LYS E 1348 -51.27 -76.65 -64.03
C LYS E 1348 -50.08 -76.67 -63.08
N THR E 1349 -49.54 -77.85 -62.82
CA THR E 1349 -48.35 -78.01 -61.99
C THR E 1349 -47.39 -78.94 -62.72
N ALA E 1350 -46.33 -78.39 -63.29
CA ALA E 1350 -45.36 -79.14 -64.07
C ALA E 1350 -43.99 -78.99 -63.41
N HIS E 1351 -43.52 -80.05 -62.76
CA HIS E 1351 -42.24 -80.04 -62.08
C HIS E 1351 -41.17 -80.83 -62.83
N GLY E 1352 -41.44 -81.24 -64.06
CA GLY E 1352 -40.48 -82.05 -64.80
C GLY E 1352 -39.20 -81.29 -65.09
N HIS E 1353 -38.07 -81.95 -64.87
CA HIS E 1353 -36.79 -81.26 -65.00
C HIS E 1353 -35.72 -82.22 -65.48
N LEU E 1354 -34.52 -81.69 -65.68
CA LEU E 1354 -33.36 -82.46 -66.13
C LEU E 1354 -32.33 -82.53 -65.01
N VAL E 1355 -31.73 -83.71 -64.84
CA VAL E 1355 -30.76 -83.95 -63.78
C VAL E 1355 -29.52 -84.59 -64.40
N PRO E 1356 -28.34 -84.00 -64.28
CA PRO E 1356 -27.12 -84.66 -64.74
C PRO E 1356 -26.65 -85.70 -63.73
N ASP E 1357 -26.82 -86.97 -64.07
CA ASP E 1357 -26.49 -88.08 -63.18
C ASP E 1357 -25.34 -88.88 -63.78
N ARG E 1358 -24.89 -89.90 -63.05
CA ARG E 1358 -23.79 -90.74 -63.49
C ARG E 1358 -24.03 -92.19 -63.09
N ILE E 1359 -23.89 -93.09 -64.06
CA ILE E 1359 -23.90 -94.52 -63.79
C ILE E 1359 -22.61 -95.13 -64.34
N ASP E 1360 -22.37 -94.98 -65.63
CA ASP E 1360 -21.10 -95.37 -66.24
C ASP E 1360 -20.56 -94.36 -67.24
N LYS E 1361 -21.40 -93.50 -67.80
CA LYS E 1361 -20.98 -92.50 -68.78
C LYS E 1361 -21.88 -91.28 -68.64
N ASP E 1362 -21.89 -90.42 -69.64
CA ASP E 1362 -22.74 -89.23 -69.64
C ASP E 1362 -24.21 -89.63 -69.55
N LYS E 1363 -24.91 -89.12 -68.54
CA LYS E 1363 -26.29 -89.49 -68.28
C LYS E 1363 -27.08 -88.25 -67.91
N GLU E 1364 -28.11 -87.94 -68.69
CA GLU E 1364 -29.07 -86.90 -68.36
C GLU E 1364 -30.42 -87.57 -68.11
N THR E 1365 -30.99 -87.32 -66.93
CA THR E 1365 -32.27 -87.92 -66.57
C THR E 1365 -33.35 -86.85 -66.59
N PRO E 1366 -34.25 -86.85 -67.55
CA PRO E 1366 -35.40 -85.93 -67.53
C PRO E 1366 -36.53 -86.48 -66.66
N LYS E 1367 -36.44 -86.21 -65.37
CA LYS E 1367 -37.40 -86.73 -64.41
C LYS E 1367 -38.74 -86.06 -64.62
N PRO E 1368 -39.78 -86.80 -65.03
CA PRO E 1368 -41.12 -86.23 -65.14
C PRO E 1368 -41.94 -86.43 -63.87
N GLU E 1369 -43.21 -86.03 -63.91
CA GLU E 1369 -44.15 -86.32 -62.84
C GLU E 1369 -45.47 -86.79 -63.44
N PHE E 1370 -46.54 -86.71 -62.65
CA PHE E 1370 -47.86 -87.15 -63.09
C PHE E 1370 -48.24 -86.55 -64.44
N ASN E 1371 -49.07 -87.28 -65.18
CA ASN E 1371 -49.46 -86.94 -66.56
C ASN E 1371 -48.24 -86.81 -67.45
N ASN E 1372 -47.56 -87.93 -67.66
CA ASN E 1372 -46.41 -88.03 -68.55
C ASN E 1372 -46.76 -89.01 -69.68
N HIS E 1373 -47.44 -88.51 -70.70
CA HIS E 1373 -47.82 -89.33 -71.84
C HIS E 1373 -47.55 -88.69 -73.20
N LYS E 1374 -47.27 -87.40 -73.28
CA LYS E 1374 -46.98 -86.75 -74.56
C LYS E 1374 -45.70 -85.92 -74.51
N ASP E 1375 -44.95 -85.96 -73.43
CA ASP E 1375 -43.70 -85.24 -73.34
C ASP E 1375 -42.57 -86.10 -73.87
N TYR E 1376 -41.68 -85.49 -74.65
CA TYR E 1376 -40.56 -86.18 -75.26
C TYR E 1376 -39.26 -85.62 -74.71
N ALA E 1377 -38.23 -86.46 -74.71
CA ALA E 1377 -36.91 -86.06 -74.19
C ALA E 1377 -35.85 -86.75 -75.01
N GLN E 1378 -34.96 -85.98 -75.61
CA GLN E 1378 -33.96 -86.55 -76.52
C GLN E 1378 -32.80 -85.56 -76.65
N GLU E 1379 -31.97 -85.77 -77.67
CA GLU E 1379 -30.88 -84.87 -78.01
C GLU E 1379 -31.05 -84.46 -79.47
N LYS E 1380 -30.96 -83.15 -79.74
CA LYS E 1380 -31.28 -82.65 -81.07
C LYS E 1380 -30.20 -81.69 -81.56
N PRO E 1381 -29.86 -81.76 -82.85
CA PRO E 1381 -29.07 -80.68 -83.45
C PRO E 1381 -29.93 -79.45 -83.71
N SER E 1382 -29.39 -78.47 -84.44
CA SER E 1382 -30.13 -77.26 -84.75
C SER E 1382 -31.44 -77.58 -85.47
N ARG E 1383 -32.57 -77.37 -84.79
CA ARG E 1383 -33.89 -77.60 -85.37
C ARG E 1383 -34.83 -76.58 -84.78
N LEU E 1384 -35.39 -75.72 -85.63
CA LEU E 1384 -36.15 -74.56 -85.17
C LEU E 1384 -37.48 -74.52 -85.93
N LYS E 1385 -38.45 -75.30 -85.44
CA LYS E 1385 -39.78 -75.37 -86.04
C LYS E 1385 -40.82 -75.38 -84.93
N GLN E 1386 -41.74 -74.42 -84.97
CA GLN E 1386 -42.80 -74.33 -83.98
C GLN E 1386 -44.10 -74.94 -84.51
N UNK E 1387 -44.52 -76.03 -83.88
CA UNK E 1387 -45.76 -76.71 -84.28
C UNK E 1387 -46.28 -77.59 -83.14
N UNK E 1388 -46.81 -78.75 -83.50
CA UNK E 1388 -47.33 -79.69 -82.50
C UNK E 1388 -47.45 -81.08 -83.09
N UNK E 1389 -46.33 -81.79 -83.19
CA UNK E 1389 -46.32 -83.14 -83.75
C UNK E 1389 -45.10 -83.91 -83.27
N UNK E 1390 -45.15 -85.23 -83.44
CA UNK E 1390 -44.06 -86.10 -83.02
C UNK E 1390 -43.50 -86.87 -84.22
N UNK E 1391 -44.28 -86.96 -85.28
CA UNK E 1391 -43.86 -87.63 -86.50
C UNK E 1391 -43.51 -86.60 -87.57
N UNK E 1392 -42.84 -87.06 -88.63
CA UNK E 1392 -42.40 -86.19 -89.72
C UNK E 1392 -41.57 -85.02 -89.20
N UNK E 1393 -40.39 -85.33 -88.66
CA UNK E 1393 -39.51 -84.31 -88.10
C UNK E 1393 -38.40 -83.96 -89.06
N UNK E 1394 -38.68 -84.03 -90.36
CA UNK E 1394 -37.73 -83.70 -91.42
C UNK E 1394 -36.46 -84.54 -91.31
N UNK E 1395 -36.48 -85.73 -91.89
CA UNK E 1395 -35.33 -86.62 -91.87
C UNK E 1395 -34.77 -86.82 -93.27
N UNK E 1396 -33.66 -87.55 -93.36
CA UNK E 1396 -33.03 -87.87 -94.65
C UNK E 1396 -31.91 -88.88 -94.44
N UNK E 1397 -31.57 -89.61 -95.50
CA UNK E 1397 -30.47 -90.57 -95.44
C UNK E 1397 -29.75 -90.59 -96.78
N UNK E 1398 -28.50 -90.12 -96.77
CA UNK E 1398 -27.72 -90.07 -97.99
C UNK E 1398 -27.16 -91.45 -98.31
N UNK E 1399 -27.00 -91.71 -99.60
CA UNK E 1399 -26.42 -92.97 -100.04
C UNK E 1399 -25.10 -92.73 -100.76
N UNK E 1400 -24.25 -93.75 -100.75
CA UNK E 1400 -22.99 -93.70 -101.49
C UNK E 1400 -22.79 -95.07 -102.15
N UNK E 1401 -23.01 -95.13 -103.46
CA UNK E 1401 -22.94 -96.39 -104.17
C UNK E 1401 -21.61 -96.51 -104.93
N UNK E 1402 -21.41 -97.64 -105.57
CA UNK E 1402 -20.21 -97.88 -106.36
C UNK E 1402 -20.52 -98.85 -107.49
N UNK E 1403 -19.49 -99.47 -108.05
CA UNK E 1403 -19.68 -100.46 -109.10
C UNK E 1403 -20.37 -101.69 -108.54
N UNK E 1404 -20.05 -102.03 -107.30
CA UNK E 1404 -20.67 -103.16 -106.62
C UNK E 1404 -21.91 -102.70 -105.88
N UNK E 1405 -22.98 -103.49 -105.97
CA UNK E 1405 -24.24 -103.16 -105.33
C UNK E 1405 -24.19 -103.41 -103.83
N UNK E 1406 -23.22 -104.22 -103.41
CA UNK E 1406 -23.06 -104.56 -101.99
C UNK E 1406 -22.19 -103.52 -101.28
N UNK E 1407 -21.56 -102.65 -102.06
CA UNK E 1407 -20.68 -101.62 -101.49
C UNK E 1407 -21.45 -100.34 -101.22
N UNK E 1408 -22.77 -100.37 -101.42
CA UNK E 1408 -23.61 -99.20 -101.20
C UNK E 1408 -23.74 -98.91 -99.71
N UNK E 1409 -23.14 -97.81 -99.28
CA UNK E 1409 -23.19 -97.41 -97.86
C UNK E 1409 -24.18 -96.27 -97.65
N UNK E 1410 -25.13 -96.47 -96.75
CA UNK E 1410 -26.15 -95.47 -96.48
C UNK E 1410 -25.98 -94.89 -95.07
N UNK E 1411 -26.03 -93.57 -94.97
CA UNK E 1411 -25.89 -92.89 -93.69
C UNK E 1411 -26.99 -91.85 -93.52
N UNK E 1412 -27.74 -91.95 -92.43
CA UNK E 1412 -28.80 -91.00 -92.14
C UNK E 1412 -28.21 -89.69 -91.63
N UNK E 1413 -28.91 -88.59 -91.83
CA UNK E 1413 -28.45 -87.29 -91.38
C UNK E 1413 -28.98 -86.98 -89.99
N UNK E 1414 -29.45 -88.02 -89.30
CA UNK E 1414 -30.00 -87.92 -87.95
C UNK E 1414 -31.16 -86.93 -87.89
N UNK E 1415 -31.83 -86.74 -89.03
CA UNK E 1415 -32.92 -85.79 -89.15
C UNK E 1415 -32.51 -84.40 -88.67
N UNK E 1416 -33.42 -83.74 -87.99
CA UNK E 1416 -33.13 -82.45 -87.37
C UNK E 1416 -33.21 -82.61 -85.86
N UNK E 1417 -33.75 -83.74 -85.42
CA UNK E 1417 -33.88 -84.03 -84.00
C UNK E 1417 -34.03 -85.53 -83.76
N UNK E 1418 -33.04 -86.12 -83.11
CA UNK E 1418 -33.07 -87.55 -82.81
C UNK E 1418 -34.09 -87.82 -81.72
N UNK E 1419 -35.37 -87.76 -82.07
CA UNK E 1419 -36.44 -87.89 -81.09
C UNK E 1419 -36.44 -89.27 -80.42
N UNK E 1420 -37.07 -89.33 -79.26
CA UNK E 1420 -37.16 -90.54 -78.47
C UNK E 1420 -38.47 -90.52 -77.70
N UNK E 1421 -39.29 -91.56 -77.89
CA UNK E 1421 -40.61 -91.63 -77.26
C UNK E 1421 -40.53 -91.87 -75.76
N UNK E 1422 -41.48 -91.28 -75.03
CA UNK E 1422 -41.62 -91.55 -73.61
C UNK E 1422 -42.89 -92.35 -73.35
N UNK E 1423 -42.76 -93.67 -73.43
CA UNK E 1423 -43.91 -94.56 -73.30
C UNK E 1423 -43.60 -95.73 -72.36
N UNK E 1424 -44.20 -95.69 -71.16
CA UNK E 1424 -44.01 -96.76 -70.19
C UNK E 1424 -45.15 -97.77 -70.30
N UNK E 1425 -44.83 -98.99 -70.73
CA UNK E 1425 -45.82 -100.04 -70.90
C UNK E 1425 -45.99 -100.84 -69.60
N UNK E 1426 -46.13 -100.12 -68.49
CA UNK E 1426 -46.35 -100.76 -67.19
C UNK E 1426 -47.65 -100.27 -66.58
N UNK E 1427 -47.99 -99.00 -66.86
CA UNK E 1427 -49.20 -98.40 -66.31
C UNK E 1427 -49.59 -97.16 -67.12
N UNK E 1428 -50.59 -97.29 -67.97
CA UNK E 1428 -51.01 -96.22 -68.87
C UNK E 1428 -51.66 -95.06 -68.11
N UNK E 1429 -52.96 -95.18 -67.84
CA UNK E 1429 -53.66 -94.17 -67.05
C UNK E 1429 -53.10 -94.15 -65.64
N UNK E 1430 -51.92 -93.53 -65.49
CA UNK E 1430 -51.19 -93.62 -64.23
C UNK E 1430 -50.16 -92.51 -64.03
N UNK E 1431 -49.54 -92.54 -62.86
CA UNK E 1431 -48.48 -91.60 -62.51
C UNK E 1431 -47.34 -92.33 -61.82
N UNK E 1432 -46.12 -92.13 -62.32
CA UNK E 1432 -44.94 -92.76 -61.75
C UNK E 1432 -43.70 -91.91 -62.00
N UNK E 1433 -42.79 -91.90 -61.03
CA UNK E 1433 -41.55 -91.15 -61.16
C UNK E 1433 -40.57 -91.88 -62.07
N UNK E 1434 -40.75 -91.72 -63.38
CA UNK E 1434 -39.91 -92.39 -64.36
C UNK E 1434 -38.53 -91.74 -64.45
N UNK E 1435 -37.69 -92.27 -65.31
CA UNK E 1435 -36.33 -91.74 -65.50
C UNK E 1435 -35.78 -92.13 -66.86
N UNK E 1436 -36.52 -91.79 -67.91
CA UNK E 1436 -36.11 -92.11 -69.27
C UNK E 1436 -34.87 -91.31 -69.66
N UNK E 1437 -33.72 -91.77 -69.18
CA UNK E 1437 -32.46 -91.05 -69.39
C UNK E 1437 -31.93 -91.28 -70.80
N UNK E 1438 -30.99 -90.44 -71.21
CA UNK E 1438 -30.35 -90.58 -72.52
C UNK E 1438 -28.84 -90.63 -72.35
N UNK E 1439 -28.17 -91.42 -73.18
CA UNK E 1439 -26.72 -91.56 -73.10
C UNK E 1439 -26.08 -91.52 -74.48
N UNK E 1440 -25.00 -90.74 -74.60
CA UNK E 1440 -24.26 -90.64 -75.84
C UNK E 1440 -22.93 -91.37 -75.73
N UNK E 1441 -22.65 -92.22 -76.71
CA UNK E 1441 -21.42 -93.02 -76.71
C UNK E 1441 -20.19 -92.13 -76.87
N UNK E 1442 -19.43 -92.00 -75.78
CA UNK E 1442 -18.20 -91.20 -75.80
C UNK E 1442 -17.09 -91.91 -75.04
N UNK E 1443 -16.16 -91.13 -74.49
CA UNK E 1443 -15.04 -91.68 -73.75
C UNK E 1443 -15.49 -92.23 -72.40
N UNK E 1444 -14.60 -92.94 -71.72
CA UNK E 1444 -14.91 -93.53 -70.42
C UNK E 1444 -13.65 -93.63 -69.57
N UNK E 1445 -13.82 -93.47 -68.26
CA UNK E 1445 -12.70 -93.56 -67.33
C UNK E 1445 -13.13 -94.25 -66.03
N UNK E 1446 -12.16 -94.79 -65.31
CA UNK E 1446 -12.43 -95.49 -64.05
C UNK E 1446 -11.85 -94.72 -62.87
N PRO E 1566 -17.83 -89.44 -68.67
CA PRO E 1566 -18.51 -90.07 -67.54
C PRO E 1566 -19.73 -89.28 -67.07
N LEU E 1567 -19.88 -88.07 -67.61
CA LEU E 1567 -20.96 -87.18 -67.20
C LEU E 1567 -21.36 -86.31 -68.37
N SER E 1568 -22.57 -85.73 -68.26
CA SER E 1568 -23.01 -84.74 -69.24
C SER E 1568 -22.13 -83.50 -69.19
N ALA E 1569 -22.06 -82.85 -68.03
CA ALA E 1569 -21.24 -81.65 -67.89
C ALA E 1569 -19.75 -81.95 -68.01
N GLY E 1570 -19.35 -83.22 -67.87
CA GLY E 1570 -17.95 -83.58 -67.98
C GLY E 1570 -17.53 -83.94 -69.39
N LEU E 1571 -18.30 -83.53 -70.39
CA LEU E 1571 -18.01 -83.86 -71.77
C LEU E 1571 -18.03 -82.67 -72.73
N PHE E 1572 -18.67 -81.56 -72.38
CA PHE E 1572 -18.66 -80.38 -73.24
C PHE E 1572 -17.97 -79.18 -72.58
N LYS E 1573 -17.13 -79.43 -71.58
CA LYS E 1573 -16.39 -78.38 -70.90
C LYS E 1573 -14.89 -78.58 -71.11
N SER E 1574 -14.10 -77.76 -70.42
CA SER E 1574 -12.64 -77.87 -70.54
C SER E 1574 -12.13 -79.16 -69.93
N GLU E 1575 -12.48 -79.41 -68.67
CA GLU E 1575 -12.03 -80.61 -67.97
C GLU E 1575 -12.99 -81.77 -68.22
N HIS E 1576 -12.46 -82.99 -68.14
CA HIS E 1576 -13.25 -84.19 -68.32
C HIS E 1576 -13.01 -85.25 -67.26
N LYS E 1577 -11.95 -85.15 -66.46
CA LYS E 1577 -11.62 -86.16 -65.47
C LYS E 1577 -12.34 -85.94 -64.14
N ASN E 1578 -13.44 -85.18 -64.15
CA ASN E 1578 -14.15 -84.87 -62.92
C ASN E 1578 -15.42 -85.71 -62.86
N PRO E 1579 -15.45 -86.78 -62.05
CA PRO E 1579 -16.66 -87.60 -61.95
C PRO E 1579 -17.74 -87.04 -61.02
N VAL E 1580 -17.62 -85.78 -60.60
CA VAL E 1580 -18.62 -85.17 -59.73
C VAL E 1580 -19.67 -84.48 -60.60
N PRO E 1581 -20.95 -84.72 -60.38
CA PRO E 1581 -21.99 -84.06 -61.20
C PRO E 1581 -22.36 -82.66 -60.73
N GLN E 1582 -21.60 -81.67 -61.17
CA GLN E 1582 -21.91 -80.27 -60.90
C GLN E 1582 -22.56 -79.63 -62.13
N CYS E 1583 -23.18 -78.49 -61.89
CA CYS E 1583 -23.86 -77.73 -62.95
C CYS E 1583 -23.27 -76.34 -63.04
N PRO E 1584 -22.46 -76.05 -64.06
CA PRO E 1584 -21.91 -74.69 -64.21
C PRO E 1584 -23.01 -73.70 -64.53
N PRO E 1585 -22.78 -72.40 -64.28
CA PRO E 1585 -23.82 -71.40 -64.55
C PRO E 1585 -24.18 -71.28 -66.02
N ARG E 1586 -23.35 -71.77 -66.93
CA ARG E 1586 -23.69 -71.69 -68.35
C ARG E 1586 -24.83 -72.62 -68.70
N LEU E 1587 -24.98 -73.74 -67.98
CA LEU E 1587 -26.06 -74.67 -68.25
C LEU E 1587 -27.38 -74.10 -67.73
N HIS E 1588 -28.12 -73.41 -68.61
CA HIS E 1588 -29.43 -72.89 -68.28
C HIS E 1588 -30.40 -73.27 -69.38
N VAL E 1589 -31.64 -73.56 -69.01
CA VAL E 1589 -32.63 -73.98 -69.98
C VAL E 1589 -32.99 -72.83 -70.90
N GLN E 1590 -33.27 -73.15 -72.15
CA GLN E 1590 -33.65 -72.17 -73.16
C GLN E 1590 -34.89 -72.70 -73.87
N PHE E 1591 -35.92 -71.86 -73.96
CA PHE E 1591 -37.16 -72.25 -74.60
C PHE E 1591 -37.22 -71.67 -76.02
N LEU E 1592 -37.89 -72.41 -76.90
CA LEU E 1592 -38.06 -71.99 -78.29
C LEU E 1592 -39.01 -70.79 -78.31
N SER E 1593 -38.44 -69.60 -78.42
CA SER E 1593 -39.22 -68.37 -78.28
C SER E 1593 -39.53 -67.78 -79.66
N HIS E 1594 -40.32 -66.70 -79.63
CA HIS E 1594 -40.68 -65.98 -80.83
C HIS E 1594 -40.38 -64.49 -80.76
N VAL E 1595 -40.01 -63.95 -79.60
CA VAL E 1595 -39.68 -62.54 -79.48
C VAL E 1595 -38.26 -62.29 -79.96
N LEU E 1596 -38.14 -61.91 -81.23
CA LEU E 1596 -36.84 -61.69 -81.85
C LEU E 1596 -36.99 -60.76 -83.04
N TRP E 1597 -35.89 -60.15 -83.42
CA TRP E 1597 -35.84 -59.24 -84.56
C TRP E 1597 -34.70 -59.61 -85.49
N SER E 1598 -34.95 -59.50 -86.79
CA SER E 1598 -33.93 -59.68 -87.80
C SER E 1598 -33.63 -58.33 -88.46
N ARG E 1599 -32.43 -58.22 -89.03
CA ARG E 1599 -31.95 -56.99 -89.63
C ARG E 1599 -31.94 -57.14 -91.15
N MET E 1600 -32.54 -56.16 -91.85
CA MET E 1600 -32.54 -56.18 -93.30
C MET E 1600 -31.26 -55.53 -93.83
N PRO E 1601 -30.49 -56.21 -94.67
CA PRO E 1601 -29.27 -55.61 -95.22
C PRO E 1601 -29.61 -54.43 -96.11
N ASN E 1602 -28.76 -53.41 -96.05
CA ASN E 1602 -28.97 -52.20 -96.83
C ASN E 1602 -28.48 -52.32 -98.26
N GLN E 1603 -28.02 -53.48 -98.68
CA GLN E 1603 -27.53 -53.66 -100.06
C GLN E 1603 -27.53 -55.15 -100.36
N PHE E 1604 -28.37 -55.57 -101.31
CA PHE E 1604 -28.54 -56.97 -101.64
C PHE E 1604 -27.59 -57.35 -102.78
N LEU E 1605 -27.80 -58.55 -103.35
CA LEU E 1605 -26.91 -59.05 -104.39
C LEU E 1605 -27.14 -58.39 -105.74
N LYS E 1606 -28.33 -57.84 -105.99
CA LYS E 1606 -28.65 -57.13 -107.22
C LYS E 1606 -28.43 -58.03 -108.44
N VAL E 1607 -29.26 -59.06 -108.53
CA VAL E 1607 -29.17 -60.06 -109.59
C VAL E 1607 -30.32 -59.87 -110.57
N ASP E 1608 -29.98 -59.80 -111.86
CA ASP E 1608 -30.95 -59.84 -112.94
C ASP E 1608 -30.88 -61.19 -113.61
N VAL E 1609 -32.03 -61.72 -114.04
CA VAL E 1609 -32.04 -63.10 -114.50
C VAL E 1609 -31.78 -63.18 -116.00
N SER E 1610 -32.69 -62.69 -116.83
CA SER E 1610 -32.43 -62.71 -118.26
C SER E 1610 -32.70 -61.40 -118.96
N ARG E 1611 -33.80 -60.72 -118.61
CA ARG E 1611 -34.28 -59.50 -119.25
C ARG E 1611 -34.54 -59.67 -120.75
N ILE E 1612 -34.36 -60.88 -121.27
CA ILE E 1612 -34.68 -61.16 -122.67
C ILE E 1612 -35.60 -62.37 -122.72
N SER E 1613 -35.54 -63.22 -121.70
CA SER E 1613 -36.33 -64.44 -121.61
C SER E 1613 -36.22 -65.25 -122.90
N GLU E 1614 -34.98 -65.62 -123.23
CA GLU E 1614 -34.71 -66.30 -124.49
C GLU E 1614 -35.30 -67.72 -124.48
N ARG E 1615 -35.48 -68.26 -125.68
CA ARG E 1615 -36.03 -69.59 -125.85
C ARG E 1615 -34.99 -70.70 -125.65
N GLN E 1616 -33.72 -70.34 -125.45
CA GLN E 1616 -32.65 -71.31 -125.26
C GLN E 1616 -32.38 -71.62 -123.80
N GLY E 1617 -33.28 -71.23 -122.90
CA GLY E 1617 -33.10 -71.50 -121.49
C GLY E 1617 -33.48 -70.34 -120.60
N TRP E 1618 -33.61 -70.60 -119.30
CA TRP E 1618 -33.90 -69.57 -118.31
C TRP E 1618 -32.58 -69.13 -117.68
N LEU E 1619 -32.14 -67.92 -117.99
CA LEU E 1619 -30.83 -67.44 -117.59
C LEU E 1619 -30.90 -66.71 -116.25
N VAL E 1620 -29.80 -66.77 -115.50
CA VAL E 1620 -29.58 -65.96 -114.31
C VAL E 1620 -28.10 -65.59 -114.31
N GLN E 1621 -27.80 -64.34 -113.93
CA GLN E 1621 -26.43 -63.85 -114.01
C GLN E 1621 -26.18 -62.84 -112.90
N CYS E 1622 -25.05 -62.97 -112.22
CA CYS E 1622 -24.64 -62.00 -111.21
C CYS E 1622 -23.14 -62.08 -111.04
N LEU E 1623 -22.42 -61.03 -111.48
CA LEU E 1623 -20.98 -60.97 -111.32
C LEU E 1623 -20.53 -60.02 -110.24
N ASP E 1624 -21.34 -59.03 -109.89
CA ASP E 1624 -20.98 -58.11 -108.81
C ASP E 1624 -20.92 -58.86 -107.49
N PRO E 1625 -19.82 -58.81 -106.75
CA PRO E 1625 -19.71 -59.57 -105.51
C PRO E 1625 -20.28 -58.81 -104.32
N LEU E 1626 -20.49 -59.56 -103.23
CA LEU E 1626 -21.00 -58.98 -101.99
C LEU E 1626 -20.62 -59.89 -100.84
N GLN E 1627 -19.95 -59.33 -99.84
CA GLN E 1627 -19.54 -60.09 -98.66
C GLN E 1627 -20.01 -59.36 -97.41
N PHE E 1628 -20.07 -60.09 -96.30
CA PHE E 1628 -20.43 -59.51 -95.02
C PHE E 1628 -19.73 -60.28 -93.90
N MET E 1629 -19.53 -59.59 -92.79
CA MET E 1629 -18.86 -60.16 -91.62
C MET E 1629 -19.88 -60.84 -90.73
N SER E 1630 -19.64 -62.12 -90.44
CA SER E 1630 -20.53 -62.94 -89.64
C SER E 1630 -19.83 -63.32 -88.34
N LEU E 1631 -20.42 -62.95 -87.21
CA LEU E 1631 -20.00 -63.43 -85.92
C LEU E 1631 -20.53 -64.84 -85.70
N HIS E 1632 -19.76 -65.65 -84.98
CA HIS E 1632 -20.09 -67.05 -84.74
C HIS E 1632 -20.03 -67.31 -83.24
N ILE E 1633 -21.16 -67.67 -82.66
CA ILE E 1633 -21.23 -68.16 -81.29
C ILE E 1633 -21.01 -69.67 -81.33
N PRO E 1634 -19.91 -70.19 -80.80
CA PRO E 1634 -19.63 -71.63 -80.92
C PRO E 1634 -20.41 -72.46 -79.92
N GLU E 1635 -20.63 -71.92 -78.72
CA GLU E 1635 -21.39 -72.66 -77.72
C GLU E 1635 -22.81 -72.94 -78.19
N GLU E 1636 -23.41 -72.00 -78.93
CA GLU E 1636 -24.70 -72.22 -79.54
C GLU E 1636 -24.61 -72.70 -80.99
N ASN E 1637 -23.40 -72.70 -81.56
CA ASN E 1637 -23.19 -73.12 -82.94
C ASN E 1637 -24.09 -72.35 -83.90
N ARG E 1638 -24.01 -71.02 -83.82
CA ARG E 1638 -24.89 -70.18 -84.62
C ARG E 1638 -24.13 -68.98 -85.18
N SER E 1639 -24.50 -68.58 -86.39
CA SER E 1639 -23.91 -67.42 -87.06
C SER E 1639 -24.91 -66.28 -87.10
N VAL E 1640 -24.42 -65.06 -86.90
CA VAL E 1640 -25.26 -63.88 -86.87
C VAL E 1640 -24.49 -62.72 -87.52
N ASP E 1641 -25.20 -61.88 -88.26
CA ASP E 1641 -24.57 -60.72 -88.87
C ASP E 1641 -23.97 -59.82 -87.80
N ILE E 1642 -22.71 -59.42 -88.00
CA ILE E 1642 -22.01 -58.62 -87.00
C ILE E 1642 -22.68 -57.27 -86.80
N LEU E 1643 -23.41 -56.79 -87.81
CA LEU E 1643 -24.11 -55.51 -87.69
C LEU E 1643 -25.34 -55.60 -86.81
N GLU E 1644 -25.83 -56.82 -86.56
CA GLU E 1644 -26.99 -57.01 -85.69
C GLU E 1644 -26.67 -56.80 -84.22
N LEU E 1645 -25.39 -56.69 -83.86
CA LEU E 1645 -25.01 -56.44 -82.47
C LEU E 1645 -25.32 -55.01 -82.03
N THR E 1646 -25.86 -54.18 -82.92
CA THR E 1646 -26.22 -52.82 -82.52
C THR E 1646 -27.34 -52.84 -81.48
N GLU E 1647 -28.23 -53.83 -81.55
CA GLU E 1647 -29.33 -53.93 -80.62
C GLU E 1647 -28.99 -54.79 -79.39
N GLN E 1648 -28.30 -55.91 -79.60
CA GLN E 1648 -27.91 -56.79 -78.50
C GLN E 1648 -26.80 -56.13 -77.68
N GLU E 1649 -27.12 -55.75 -76.44
CA GLU E 1649 -26.16 -55.04 -75.61
C GLU E 1649 -25.08 -55.95 -75.02
N GLU E 1650 -25.40 -57.23 -74.84
CA GLU E 1650 -24.43 -58.15 -74.26
C GLU E 1650 -23.30 -58.43 -75.24
N LEU E 1651 -23.64 -58.96 -76.41
CA LEU E 1651 -22.63 -59.36 -77.38
C LEU E 1651 -21.85 -58.15 -77.88
N LEU E 1652 -22.50 -57.01 -78.00
CA LEU E 1652 -21.79 -55.78 -78.36
C LEU E 1652 -20.67 -55.49 -77.39
N GLN E 1653 -21.00 -55.45 -76.09
CA GLN E 1653 -19.99 -55.13 -75.07
C GLN E 1653 -18.93 -56.22 -74.99
N PHE E 1654 -19.34 -57.48 -75.08
CA PHE E 1654 -18.39 -58.59 -74.98
C PHE E 1654 -17.41 -58.58 -76.15
N HIS E 1655 -17.89 -58.27 -77.35
CA HIS E 1655 -16.99 -58.22 -78.50
C HIS E 1655 -16.10 -56.98 -78.45
N TYR E 1656 -16.62 -55.86 -77.94
CA TYR E 1656 -15.75 -54.70 -77.73
C TYR E 1656 -14.63 -55.04 -76.76
N HIS E 1657 -14.96 -55.75 -75.68
CA HIS E 1657 -13.95 -56.10 -74.69
C HIS E 1657 -12.97 -57.15 -75.22
N THR E 1658 -13.43 -58.07 -76.06
CA THR E 1658 -12.50 -59.03 -76.62
C THR E 1658 -11.60 -58.39 -77.68
N LEU E 1659 -12.09 -57.36 -78.36
CA LEU E 1659 -11.21 -56.60 -79.24
C LEU E 1659 -10.17 -55.82 -78.44
N ARG E 1660 -10.59 -55.26 -77.30
CA ARG E 1660 -9.63 -54.61 -76.40
C ARG E 1660 -8.61 -55.62 -75.89
N LEU E 1661 -9.02 -56.85 -75.62
CA LEU E 1661 -8.08 -57.87 -75.17
C LEU E 1661 -7.11 -58.26 -76.28
N TYR E 1662 -7.63 -58.42 -77.51
CA TYR E 1662 -6.75 -58.68 -78.64
C TYR E 1662 -5.72 -57.58 -78.81
N SER E 1663 -6.14 -56.32 -78.60
CA SER E 1663 -5.20 -55.21 -78.70
C SER E 1663 -4.17 -55.25 -77.58
N ALA E 1664 -4.61 -55.51 -76.35
CA ALA E 1664 -3.73 -55.42 -75.20
C ALA E 1664 -2.76 -56.58 -75.11
N VAL E 1665 -3.12 -57.75 -75.64
CA VAL E 1665 -2.24 -58.91 -75.54
C VAL E 1665 -1.02 -58.79 -76.44
N CYS E 1666 -1.05 -57.87 -77.41
CA CYS E 1666 0.10 -57.63 -78.28
C CYS E 1666 0.32 -56.14 -78.51
N ALA E 1667 -0.09 -55.31 -77.55
CA ALA E 1667 0.02 -53.85 -77.70
C ALA E 1667 1.47 -53.43 -77.94
N LEU E 1668 2.37 -53.82 -77.06
CA LEU E 1668 3.78 -53.42 -77.18
C LEU E 1668 4.46 -54.30 -78.23
N GLY E 1669 5.79 -54.23 -78.27
CA GLY E 1669 6.54 -54.92 -79.29
C GLY E 1669 6.57 -56.43 -79.12
N ASN E 1670 5.40 -57.05 -79.04
CA ASN E 1670 5.26 -58.50 -78.95
C ASN E 1670 4.65 -58.97 -80.27
N HIS E 1671 5.48 -59.56 -81.12
CA HIS E 1671 5.05 -59.96 -82.45
C HIS E 1671 4.63 -61.42 -82.56
N ARG E 1672 5.12 -62.28 -81.65
CA ARG E 1672 4.75 -63.69 -81.71
C ARG E 1672 3.26 -63.89 -81.51
N VAL E 1673 2.61 -63.00 -80.76
CA VAL E 1673 1.17 -63.08 -80.58
C VAL E 1673 0.43 -62.39 -81.73
N ALA E 1674 1.00 -61.34 -82.30
CA ALA E 1674 0.34 -60.65 -83.42
C ALA E 1674 0.32 -61.54 -84.66
N HIS E 1675 1.37 -62.32 -84.88
CA HIS E 1675 1.38 -63.24 -86.02
C HIS E 1675 0.27 -64.28 -85.92
N ALA E 1676 -0.24 -64.55 -84.72
CA ALA E 1676 -1.39 -65.42 -84.57
C ALA E 1676 -2.71 -64.65 -84.63
N LEU E 1677 -2.74 -63.47 -84.01
CA LEU E 1677 -3.97 -62.69 -83.98
C LEU E 1677 -4.41 -62.24 -85.37
N CYS E 1678 -3.45 -62.01 -86.26
CA CYS E 1678 -3.80 -61.60 -87.62
C CYS E 1678 -4.75 -62.61 -88.26
N SER E 1679 -4.37 -63.88 -88.25
CA SER E 1679 -5.25 -64.92 -88.78
C SER E 1679 -6.40 -65.24 -87.85
N HIS E 1680 -6.24 -65.00 -86.54
CA HIS E 1680 -7.34 -65.26 -85.63
C HIS E 1680 -8.52 -64.35 -85.90
N VAL E 1681 -8.27 -63.14 -86.39
CA VAL E 1681 -9.40 -62.32 -86.81
C VAL E 1681 -9.62 -62.48 -88.32
N ASP E 1682 -8.72 -61.94 -89.14
CA ASP E 1682 -8.59 -62.19 -90.58
C ASP E 1682 -7.53 -61.27 -91.13
N GLU E 1683 -7.19 -61.45 -92.41
CA GLU E 1683 -6.47 -60.40 -93.13
C GLU E 1683 -7.43 -59.32 -93.64
N PRO E 1684 -8.48 -59.65 -94.41
CA PRO E 1684 -9.33 -58.60 -94.99
C PRO E 1684 -10.53 -58.20 -94.15
N GLN E 1685 -10.84 -58.94 -93.08
CA GLN E 1685 -11.94 -58.53 -92.22
C GLN E 1685 -11.66 -57.19 -91.55
N LEU E 1686 -10.39 -56.90 -91.25
CA LEU E 1686 -10.06 -55.59 -90.71
C LEU E 1686 -10.43 -54.48 -91.69
N LEU E 1687 -10.09 -54.68 -92.97
CA LEU E 1687 -10.45 -53.70 -93.99
C LEU E 1687 -11.97 -53.57 -94.10
N TYR E 1688 -12.68 -54.71 -94.10
CA TYR E 1688 -14.13 -54.65 -94.22
C TYR E 1688 -14.75 -53.92 -93.03
N ALA E 1689 -14.21 -54.14 -91.83
CA ALA E 1689 -14.78 -53.52 -90.64
C ALA E 1689 -14.48 -52.03 -90.59
N ILE E 1690 -13.29 -51.63 -91.04
CA ILE E 1690 -12.97 -50.21 -91.05
C ILE E 1690 -13.65 -49.49 -92.21
N GLU E 1691 -14.09 -50.21 -93.24
CA GLU E 1691 -14.77 -49.58 -94.36
C GLU E 1691 -16.30 -49.54 -94.20
N ASN E 1692 -16.87 -50.51 -93.51
CA ASN E 1692 -18.33 -50.61 -93.40
C ASN E 1692 -18.91 -49.36 -92.75
N LYS E 1693 -19.88 -48.75 -93.44
CA LYS E 1693 -20.53 -47.55 -92.91
C LYS E 1693 -21.48 -47.89 -91.77
N TYR E 1694 -22.08 -49.07 -91.79
CA TYR E 1694 -22.99 -49.52 -90.73
C TYR E 1694 -22.19 -50.32 -89.73
N MET E 1695 -21.86 -49.71 -88.60
CA MET E 1695 -21.13 -50.36 -87.52
C MET E 1695 -21.63 -49.82 -86.19
N PRO E 1696 -21.62 -50.65 -85.15
CA PRO E 1696 -22.08 -50.16 -83.83
C PRO E 1696 -21.24 -49.01 -83.30
N GLY E 1697 -19.97 -48.94 -83.68
CA GLY E 1697 -19.09 -47.87 -83.25
C GLY E 1697 -18.07 -48.37 -82.25
N LEU E 1698 -18.53 -49.15 -81.27
CA LEU E 1698 -17.59 -49.79 -80.36
C LEU E 1698 -16.75 -50.82 -81.09
N LEU E 1699 -17.38 -51.66 -81.90
CA LEU E 1699 -16.63 -52.60 -82.72
C LEU E 1699 -15.78 -51.88 -83.76
N ARG E 1700 -16.23 -50.73 -84.26
CA ARG E 1700 -15.41 -49.99 -85.22
C ARG E 1700 -14.12 -49.49 -84.56
N ALA E 1701 -14.25 -48.85 -83.39
CA ALA E 1701 -13.06 -48.41 -82.67
C ALA E 1701 -12.18 -49.59 -82.28
N GLY E 1702 -12.79 -50.70 -81.87
CA GLY E 1702 -12.00 -51.86 -81.51
C GLY E 1702 -11.21 -52.43 -82.67
N TYR E 1703 -11.85 -52.53 -83.84
CA TYR E 1703 -11.16 -53.07 -85.00
C TYR E 1703 -10.09 -52.12 -85.50
N TYR E 1704 -10.35 -50.80 -85.43
CA TYR E 1704 -9.32 -49.84 -85.80
C TYR E 1704 -8.10 -49.98 -84.89
N ASP E 1705 -8.32 -50.01 -83.57
CA ASP E 1705 -7.21 -50.14 -82.64
C ASP E 1705 -6.49 -51.47 -82.82
N LEU E 1706 -7.24 -52.54 -83.13
CA LEU E 1706 -6.62 -53.84 -83.36
C LEU E 1706 -5.72 -53.82 -84.59
N LEU E 1707 -6.20 -53.24 -85.68
CA LEU E 1707 -5.36 -53.09 -86.87
C LEU E 1707 -4.10 -52.30 -86.55
N ILE E 1708 -4.26 -51.17 -85.85
CA ILE E 1708 -3.13 -50.33 -85.51
C ILE E 1708 -2.12 -51.12 -84.67
N ASP E 1709 -2.60 -51.89 -83.71
CA ASP E 1709 -1.70 -52.58 -82.78
C ASP E 1709 -0.99 -53.76 -83.45
N ILE E 1710 -1.69 -54.50 -84.31
CA ILE E 1710 -1.12 -55.73 -84.86
C ILE E 1710 -0.44 -55.52 -86.21
N HIS E 1711 -0.52 -54.33 -86.79
CA HIS E 1711 0.11 -54.15 -88.09
C HIS E 1711 1.01 -52.92 -88.17
N LEU E 1712 0.74 -51.91 -87.34
CA LEU E 1712 1.37 -50.60 -87.49
C LEU E 1712 2.04 -50.07 -86.24
N SER E 1713 1.63 -50.53 -85.05
CA SER E 1713 2.09 -49.90 -83.82
C SER E 1713 3.58 -50.09 -83.59
N SER E 1714 4.13 -51.25 -84.00
CA SER E 1714 5.55 -51.52 -83.75
C SER E 1714 6.42 -50.45 -84.41
N TYR E 1715 6.30 -50.31 -85.73
CA TYR E 1715 7.09 -49.33 -86.45
C TYR E 1715 6.68 -47.91 -86.09
N ALA E 1716 5.41 -47.68 -85.74
CA ALA E 1716 5.00 -46.35 -85.31
C ALA E 1716 5.74 -45.91 -84.06
N THR E 1717 5.79 -46.77 -83.03
CA THR E 1717 6.52 -46.42 -81.82
C THR E 1717 8.02 -46.39 -82.07
N ALA E 1718 8.53 -47.23 -82.99
CA ALA E 1718 9.94 -47.14 -83.34
C ALA E 1718 10.28 -45.76 -83.88
N ARG E 1719 9.44 -45.22 -84.76
CA ARG E 1719 9.69 -43.88 -85.29
C ARG E 1719 9.49 -42.81 -84.24
N LEU E 1720 8.48 -42.95 -83.38
CA LEU E 1720 8.30 -41.98 -82.31
C LEU E 1720 9.50 -41.96 -81.37
N MET E 1721 10.14 -43.11 -81.16
CA MET E 1721 11.35 -43.16 -80.36
C MET E 1721 12.50 -42.48 -81.08
N MET E 1722 12.82 -42.95 -82.28
CA MET E 1722 13.91 -42.35 -83.05
C MET E 1722 13.40 -41.25 -83.98
N ASN E 1723 12.61 -40.33 -83.43
CA ASN E 1723 12.13 -39.17 -84.17
C ASN E 1723 12.81 -37.86 -83.78
N ASN E 1724 13.30 -37.75 -82.56
CA ASN E 1724 13.99 -36.54 -82.12
C ASN E 1724 15.49 -36.58 -82.36
N GLU E 1725 15.99 -37.63 -83.00
CA GLU E 1725 17.41 -37.76 -83.31
C GLU E 1725 17.59 -37.45 -84.80
N PHE E 1726 18.24 -36.32 -85.08
CA PHE E 1726 18.42 -35.86 -86.46
C PHE E 1726 19.80 -36.27 -86.94
N ILE E 1727 19.94 -37.54 -87.30
CA ILE E 1727 21.19 -38.07 -87.83
C ILE E 1727 21.17 -37.94 -89.34
N VAL E 1728 22.17 -37.26 -89.88
CA VAL E 1728 22.21 -36.89 -91.29
C VAL E 1728 23.47 -37.49 -91.93
N PRO E 1729 23.37 -38.01 -93.16
CA PRO E 1729 24.58 -38.41 -93.89
C PRO E 1729 25.22 -37.24 -94.61
N MET E 1730 26.27 -37.48 -95.40
CA MET E 1730 26.94 -36.43 -96.14
C MET E 1730 26.94 -36.73 -97.63
N THR E 1731 25.90 -37.43 -98.09
CA THR E 1731 25.73 -37.75 -99.50
C THR E 1731 25.38 -36.50 -100.29
N GLU E 1732 25.44 -36.62 -101.61
CA GLU E 1732 25.10 -35.49 -102.46
C GLU E 1732 23.61 -35.15 -102.40
N GLU E 1733 22.76 -36.08 -101.98
CA GLU E 1733 21.34 -35.78 -101.86
C GLU E 1733 21.06 -34.80 -100.73
N THR E 1734 21.92 -34.78 -99.71
CA THR E 1734 21.75 -33.80 -98.63
C THR E 1734 22.02 -32.39 -99.12
N LYS E 1735 22.98 -32.22 -100.01
CA LYS E 1735 23.31 -30.91 -100.57
C LYS E 1735 22.37 -30.48 -101.69
N SER E 1736 21.25 -31.19 -101.88
CA SER E 1736 20.26 -30.78 -102.87
C SER E 1736 19.18 -29.89 -102.27
N ILE E 1737 19.04 -29.87 -100.94
CA ILE E 1737 18.01 -29.10 -100.28
C ILE E 1737 18.58 -27.83 -99.64
N THR E 1738 19.74 -27.37 -100.11
CA THR E 1738 20.32 -26.13 -99.60
C THR E 1738 19.47 -24.90 -99.93
N LEU E 1739 18.44 -25.06 -100.76
CA LEU E 1739 17.56 -23.95 -101.10
C LEU E 1739 16.43 -23.78 -100.10
N PHE E 1740 15.88 -24.90 -99.59
CA PHE E 1740 14.77 -24.98 -98.63
C PHE E 1740 13.77 -23.85 -98.87
N PRO E 1741 12.95 -23.98 -99.93
CA PRO E 1741 12.24 -22.81 -100.49
C PRO E 1741 11.51 -21.95 -99.48
N ASP E 1742 11.98 -20.70 -99.35
CA ASP E 1742 11.33 -19.70 -98.53
C ASP E 1742 11.20 -18.35 -99.22
N GLU E 1743 12.08 -18.03 -100.18
CA GLU E 1743 12.04 -16.77 -100.90
C GLU E 1743 11.10 -16.85 -102.11
N ASN E 1744 11.16 -15.82 -102.94
CA ASN E 1744 10.36 -15.64 -104.15
C ASN E 1744 8.89 -16.00 -103.94
N LYS E 1745 8.34 -15.58 -102.79
CA LYS E 1745 6.91 -15.70 -102.49
C LYS E 1745 6.45 -17.16 -102.48
N LYS E 1746 7.04 -17.93 -101.57
CA LYS E 1746 6.61 -19.31 -101.32
C LYS E 1746 7.23 -19.78 -100.00
N HIS E 1747 6.54 -20.72 -99.36
CA HIS E 1747 7.01 -21.26 -98.08
C HIS E 1747 7.08 -22.78 -98.13
N GLY E 1748 6.25 -23.40 -98.98
CA GLY E 1748 6.22 -24.84 -99.10
C GLY E 1748 5.23 -25.48 -98.14
N LEU E 1749 5.00 -26.77 -98.35
CA LEU E 1749 4.10 -27.51 -97.50
C LEU E 1749 4.88 -28.43 -96.55
N PRO E 1750 4.40 -28.61 -95.32
CA PRO E 1750 5.11 -29.47 -94.37
C PRO E 1750 5.06 -30.93 -94.80
N GLY E 1751 6.23 -31.56 -94.85
CA GLY E 1751 6.33 -32.95 -95.25
C GLY E 1751 6.63 -33.17 -96.72
N ILE E 1752 6.66 -32.10 -97.51
CA ILE E 1752 6.95 -32.19 -98.95
C ILE E 1752 8.42 -31.87 -99.17
N GLY E 1753 9.08 -32.68 -99.99
CA GLY E 1753 10.48 -32.46 -100.28
C GLY E 1753 11.32 -33.73 -100.18
N LEU E 1754 12.53 -33.61 -99.65
CA LEU E 1754 13.45 -34.72 -99.54
C LEU E 1754 13.90 -34.87 -98.09
N SER E 1755 13.98 -36.11 -97.62
CA SER E 1755 14.33 -36.36 -96.23
C SER E 1755 15.84 -36.46 -96.01
N THR E 1756 16.49 -37.41 -96.67
CA THR E 1756 17.92 -37.67 -96.52
C THR E 1756 18.36 -37.63 -95.06
N SER E 1757 17.59 -38.34 -94.23
CA SER E 1757 17.91 -38.47 -92.82
C SER E 1757 17.84 -39.94 -92.42
N LEU E 1758 18.62 -40.30 -91.42
CA LEU E 1758 18.72 -41.71 -91.03
C LEU E 1758 17.48 -42.11 -90.23
N ARG E 1759 16.70 -43.03 -90.79
CA ARG E 1759 15.46 -43.50 -90.20
C ARG E 1759 15.47 -45.01 -90.11
N PRO E 1760 14.77 -45.58 -89.13
CA PRO E 1760 14.76 -47.04 -88.99
C PRO E 1760 14.11 -47.71 -90.20
N ARG E 1761 14.78 -48.74 -90.72
CA ARG E 1761 14.25 -49.47 -91.86
C ARG E 1761 13.00 -50.24 -91.46
N MET E 1762 11.94 -50.10 -92.25
CA MET E 1762 10.70 -50.82 -91.99
C MET E 1762 10.65 -52.09 -92.82
N ARG E 1763 10.12 -53.15 -92.20
CA ARG E 1763 9.92 -54.42 -92.89
C ARG E 1763 8.90 -55.23 -92.10
N PHE E 1764 8.07 -55.98 -92.82
CA PHE E 1764 7.01 -56.77 -92.22
C PHE E 1764 7.07 -58.17 -92.80
N SER E 1765 7.25 -59.16 -91.93
CA SER E 1765 7.31 -60.55 -92.38
C SER E 1765 5.93 -61.02 -92.84
N SER E 1766 5.93 -61.95 -93.79
CA SER E 1766 4.68 -62.46 -94.33
C SER E 1766 4.09 -63.50 -93.39
N PRO E 1767 2.85 -63.32 -92.92
CA PRO E 1767 2.24 -64.31 -92.02
C PRO E 1767 1.91 -65.61 -92.72
N SER E 1768 2.66 -66.68 -92.41
CA SER E 1768 2.39 -67.99 -92.97
C SER E 1768 2.61 -69.04 -91.89
N PHE E 1769 1.63 -69.90 -91.69
CA PHE E 1769 1.68 -70.91 -90.64
C PHE E 1769 2.05 -72.29 -91.15
N VAL E 1770 1.87 -72.56 -92.45
CA VAL E 1770 2.33 -73.83 -92.99
C VAL E 1770 3.84 -73.90 -93.03
N SER E 1771 4.53 -72.76 -92.98
CA SER E 1771 5.99 -72.71 -92.98
C SER E 1771 6.48 -73.04 -91.57
N ILE E 1772 7.02 -74.25 -91.41
CA ILE E 1772 7.56 -74.66 -90.12
C ILE E 1772 8.87 -73.95 -89.86
N SER E 1773 9.13 -73.62 -88.59
CA SER E 1773 10.38 -73.01 -88.16
C SER E 1773 10.66 -71.72 -88.92
N ASN E 1774 9.76 -70.74 -88.75
CA ASN E 1774 9.95 -69.44 -89.37
C ASN E 1774 11.24 -68.81 -88.88
N ASP E 1775 11.81 -67.92 -89.70
CA ASP E 1775 13.12 -67.35 -89.43
C ASP E 1775 13.20 -66.62 -88.09
N CYS E 1776 12.46 -65.53 -87.94
CA CYS E 1776 12.40 -64.84 -86.65
C CYS E 1776 11.00 -64.42 -86.22
N TYR E 1777 10.06 -64.20 -87.15
CA TYR E 1777 8.76 -63.60 -86.88
C TYR E 1777 8.87 -62.48 -85.85
N GLN E 1778 9.85 -61.59 -86.08
CA GLN E 1778 10.18 -60.55 -85.13
C GLN E 1778 9.80 -59.14 -85.58
N TYR E 1779 9.64 -58.90 -86.88
CA TYR E 1779 9.42 -57.54 -87.35
C TYR E 1779 7.97 -57.12 -87.19
N SER E 1780 7.07 -57.73 -87.96
CA SER E 1780 5.63 -57.46 -87.92
C SER E 1780 4.89 -58.34 -88.92
N PRO E 1781 3.58 -58.48 -88.79
CA PRO E 1781 2.80 -59.08 -89.89
C PRO E 1781 2.68 -58.13 -91.07
N GLU E 1782 2.58 -58.71 -92.26
CA GLU E 1782 2.51 -57.92 -93.48
C GLU E 1782 1.09 -57.45 -93.73
N PHE E 1783 0.97 -56.23 -94.26
CA PHE E 1783 -0.32 -55.61 -94.55
C PHE E 1783 -0.21 -54.81 -95.84
N PRO E 1784 -1.29 -54.75 -96.63
CA PRO E 1784 -1.25 -53.96 -97.87
C PRO E 1784 -1.30 -52.46 -97.60
N LEU E 1785 -0.13 -51.87 -97.36
CA LEU E 1785 -0.06 -50.48 -96.97
C LEU E 1785 -0.65 -49.56 -98.03
N ASP E 1786 -0.45 -49.87 -99.31
CA ASP E 1786 -0.96 -49.01 -100.36
C ASP E 1786 -2.50 -49.05 -100.41
N ILE E 1787 -3.07 -50.24 -100.30
CA ILE E 1787 -4.52 -50.36 -100.29
C ILE E 1787 -5.11 -49.67 -99.07
N LEU E 1788 -4.48 -49.84 -97.90
CA LEU E 1788 -4.94 -49.14 -96.71
C LEU E 1788 -4.82 -47.64 -96.88
N LYS E 1789 -3.78 -47.19 -97.57
CA LYS E 1789 -3.57 -45.77 -97.84
C LYS E 1789 -4.72 -45.20 -98.66
N ALA E 1790 -5.01 -45.83 -99.80
CA ALA E 1790 -6.11 -45.36 -100.64
C ALA E 1790 -7.44 -45.42 -99.90
N LYS E 1791 -7.66 -46.49 -99.14
CA LYS E 1791 -8.91 -46.66 -98.43
C LYS E 1791 -9.10 -45.58 -97.38
N THR E 1792 -8.07 -45.31 -96.58
CA THR E 1792 -8.19 -44.29 -95.54
C THR E 1792 -8.29 -42.90 -96.14
N ILE E 1793 -7.66 -42.66 -97.29
CA ILE E 1793 -7.77 -41.35 -97.93
C ILE E 1793 -9.20 -41.11 -98.40
N GLN E 1794 -9.77 -42.07 -99.14
CA GLN E 1794 -11.14 -41.90 -99.62
C GLN E 1794 -12.13 -41.88 -98.45
N MET E 1795 -11.86 -42.63 -97.39
CA MET E 1795 -12.78 -42.61 -96.26
C MET E 1795 -12.68 -41.30 -95.48
N LEU E 1796 -11.50 -40.70 -95.39
CA LEU E 1796 -11.39 -39.40 -94.74
C LEU E 1796 -12.10 -38.33 -95.56
N THR E 1797 -12.00 -38.41 -96.90
CA THR E 1797 -12.75 -37.48 -97.73
C THR E 1797 -14.25 -37.64 -97.52
N GLU E 1798 -14.74 -38.89 -97.55
CA GLU E 1798 -16.16 -39.13 -97.32
C GLU E 1798 -16.59 -38.66 -95.94
N ALA E 1799 -15.73 -38.85 -94.93
CA ALA E 1799 -16.08 -38.50 -93.56
C ALA E 1799 -16.16 -37.00 -93.37
N VAL E 1800 -15.21 -36.26 -93.94
CA VAL E 1800 -15.29 -34.80 -93.83
C VAL E 1800 -16.47 -34.27 -94.63
N LYS E 1801 -16.78 -34.89 -95.78
CA LYS E 1801 -17.95 -34.48 -96.55
C LYS E 1801 -19.24 -34.73 -95.77
N GLU E 1802 -19.32 -35.85 -95.06
CA GLU E 1802 -20.50 -36.14 -94.26
C GLU E 1802 -20.59 -35.20 -93.06
N GLY E 1803 -19.46 -34.88 -92.43
CA GLY E 1803 -19.46 -34.00 -91.29
C GLY E 1803 -19.73 -32.55 -91.62
N SER E 1804 -19.48 -32.15 -92.88
CA SER E 1804 -19.75 -30.77 -93.29
C SER E 1804 -21.25 -30.45 -93.24
N LEU E 1805 -22.10 -31.43 -93.51
CA LEU E 1805 -23.54 -31.22 -93.55
C LEU E 1805 -24.23 -31.51 -92.22
N HIS E 1806 -23.50 -32.03 -91.23
CA HIS E 1806 -24.02 -32.27 -89.89
C HIS E 1806 -25.23 -33.21 -89.91
N ALA E 1807 -24.98 -34.45 -90.35
CA ALA E 1807 -26.03 -35.45 -90.40
C ALA E 1807 -26.47 -35.83 -88.99
N ARG E 1808 -27.55 -36.61 -88.92
CA ARG E 1808 -28.09 -37.08 -87.65
C ARG E 1808 -27.68 -38.49 -87.31
N ASP E 1809 -26.88 -39.14 -88.14
CA ASP E 1809 -26.37 -40.48 -87.86
C ASP E 1809 -25.00 -40.65 -88.52
N PRO E 1810 -23.95 -40.09 -87.92
CA PRO E 1810 -22.60 -40.33 -88.42
C PRO E 1810 -22.22 -41.80 -88.33
N VAL E 1811 -21.14 -42.15 -89.03
CA VAL E 1811 -20.69 -43.53 -89.07
C VAL E 1811 -20.33 -44.00 -87.67
N GLY E 1812 -20.86 -45.16 -87.29
CA GLY E 1812 -20.61 -45.72 -85.97
C GLY E 1812 -21.37 -45.07 -84.84
N GLY E 1813 -22.13 -44.02 -85.11
CA GLY E 1813 -22.87 -43.34 -84.06
C GLY E 1813 -22.47 -41.89 -83.91
N THR E 1814 -21.85 -41.56 -82.79
CA THR E 1814 -21.46 -40.18 -82.52
C THR E 1814 -20.30 -39.78 -83.45
N THR E 1815 -20.17 -38.47 -83.65
CA THR E 1815 -19.04 -37.96 -84.44
C THR E 1815 -17.71 -38.37 -83.85
N GLU E 1816 -17.67 -38.66 -82.55
CA GLU E 1816 -16.46 -39.21 -81.94
C GLU E 1816 -16.11 -40.57 -82.58
N PHE E 1817 -17.07 -41.50 -82.57
CA PHE E 1817 -16.83 -42.79 -83.21
C PHE E 1817 -16.61 -42.64 -84.71
N LEU E 1818 -17.14 -41.58 -85.31
CA LEU E 1818 -16.94 -41.36 -86.74
C LEU E 1818 -15.49 -40.96 -87.04
N PHE E 1819 -14.94 -40.02 -86.27
CA PHE E 1819 -13.66 -39.40 -86.59
C PHE E 1819 -12.49 -40.03 -85.87
N VAL E 1820 -12.57 -40.20 -84.54
CA VAL E 1820 -11.39 -40.54 -83.75
C VAL E 1820 -10.63 -41.75 -84.30
N PRO E 1821 -11.25 -42.90 -84.55
CA PRO E 1821 -10.45 -44.02 -85.08
C PRO E 1821 -9.89 -43.78 -86.47
N LEU E 1822 -10.66 -43.11 -87.33
CA LEU E 1822 -10.18 -42.85 -88.69
C LEU E 1822 -8.99 -41.90 -88.68
N ILE E 1823 -9.10 -40.80 -87.94
CA ILE E 1823 -8.00 -39.85 -87.90
C ILE E 1823 -6.81 -40.43 -87.14
N LYS E 1824 -7.05 -41.34 -86.19
CA LYS E 1824 -5.95 -42.02 -85.53
C LYS E 1824 -5.19 -42.92 -86.51
N LEU E 1825 -5.93 -43.68 -87.32
CA LEU E 1825 -5.29 -44.50 -88.34
C LEU E 1825 -4.51 -43.63 -89.32
N PHE E 1826 -5.11 -42.50 -89.74
CA PHE E 1826 -4.41 -41.61 -90.66
C PHE E 1826 -3.15 -41.03 -90.01
N TYR E 1827 -3.22 -40.71 -88.71
CA TYR E 1827 -2.08 -40.15 -88.01
C TYR E 1827 -0.93 -41.15 -87.94
N THR E 1828 -1.23 -42.38 -87.54
CA THR E 1828 -0.18 -43.38 -87.46
C THR E 1828 0.35 -43.75 -88.85
N LEU E 1829 -0.50 -43.66 -89.88
CA LEU E 1829 -0.03 -43.90 -91.24
C LEU E 1829 0.95 -42.82 -91.67
N LEU E 1830 0.57 -41.55 -91.49
CA LEU E 1830 1.49 -40.45 -91.79
C LEU E 1830 2.77 -40.57 -90.98
N ILE E 1831 2.69 -41.14 -89.78
CA ILE E 1831 3.88 -41.31 -88.95
C ILE E 1831 4.80 -42.37 -89.55
N MET E 1832 4.23 -43.51 -89.95
CA MET E 1832 5.03 -44.68 -90.30
C MET E 1832 5.77 -44.55 -91.63
N GLY E 1833 5.85 -43.36 -92.21
CA GLY E 1833 6.69 -43.16 -93.38
C GLY E 1833 6.01 -43.46 -94.70
N ILE E 1834 4.72 -43.15 -94.78
CA ILE E 1834 3.95 -43.27 -96.03
C ILE E 1834 3.28 -41.93 -96.25
N PHE E 1835 2.38 -41.85 -97.22
CA PHE E 1835 1.80 -40.59 -97.68
C PHE E 1835 2.89 -39.70 -98.28
N HIS E 1836 3.45 -40.18 -99.39
CA HIS E 1836 4.44 -39.42 -100.13
C HIS E 1836 3.80 -38.16 -100.69
N ASN E 1837 4.61 -37.30 -101.31
CA ASN E 1837 4.18 -35.94 -101.64
C ASN E 1837 2.83 -35.89 -102.36
N GLU E 1838 2.63 -36.80 -103.32
CA GLU E 1838 1.42 -36.79 -104.12
C GLU E 1838 0.18 -36.99 -103.26
N ASP E 1839 0.23 -37.95 -102.35
CA ASP E 1839 -0.92 -38.21 -101.47
C ASP E 1839 -1.00 -37.20 -100.34
N LEU E 1840 0.14 -36.69 -99.88
CA LEU E 1840 0.13 -35.70 -98.81
C LEU E 1840 -0.52 -34.40 -99.27
N LYS E 1841 -0.37 -34.05 -100.55
CA LYS E 1841 -1.09 -32.87 -101.05
C LYS E 1841 -2.61 -33.08 -100.95
N HIS E 1842 -3.10 -34.24 -101.39
CA HIS E 1842 -4.53 -34.50 -101.28
C HIS E 1842 -4.99 -34.55 -99.83
N ILE E 1843 -4.14 -35.04 -98.93
CA ILE E 1843 -4.46 -35.02 -97.51
C ILE E 1843 -4.60 -33.58 -97.02
N LEU E 1844 -3.64 -32.73 -97.36
CA LEU E 1844 -3.71 -31.33 -96.95
C LEU E 1844 -4.88 -30.61 -97.60
N GLN E 1845 -5.37 -31.11 -98.73
CA GLN E 1845 -6.50 -30.47 -99.39
C GLN E 1845 -7.82 -30.62 -98.64
N LEU E 1846 -7.86 -31.18 -97.43
CA LEU E 1846 -9.07 -31.23 -96.64
C LEU E 1846 -8.91 -30.61 -95.25
N ILE E 1847 -7.71 -30.17 -94.89
CA ILE E 1847 -7.47 -29.53 -93.60
C ILE E 1847 -6.93 -28.12 -93.81
N GLU E 1848 -6.20 -27.92 -94.89
CA GLU E 1848 -5.55 -26.66 -95.22
C GLU E 1848 -6.45 -25.62 -95.89
N PRO E 1849 -7.26 -25.98 -96.93
CA PRO E 1849 -7.93 -24.96 -97.76
C PRO E 1849 -8.55 -23.80 -96.99
N SER E 1850 -8.10 -22.59 -97.31
CA SER E 1850 -8.57 -21.39 -96.65
C SER E 1850 -8.89 -20.30 -97.67
N GLY E 1891 -12.99 -27.25 -94.64
CA GLY E 1891 -11.86 -27.91 -94.01
C GLY E 1891 -12.24 -28.73 -92.80
N LEU E 1892 -11.24 -29.25 -92.09
CA LEU E 1892 -11.48 -30.06 -90.91
C LEU E 1892 -11.28 -29.31 -89.61
N LEU E 1893 -10.43 -28.28 -89.60
CA LEU E 1893 -10.19 -27.50 -88.38
C LEU E 1893 -11.24 -26.43 -88.15
N GLN E 1894 -12.18 -26.24 -89.07
CA GLN E 1894 -13.24 -25.26 -88.92
C GLN E 1894 -14.53 -25.84 -88.38
N MET E 1895 -14.67 -27.16 -88.36
CA MET E 1895 -15.88 -27.78 -87.87
C MET E 1895 -15.95 -27.71 -86.35
N LYS E 1896 -17.14 -27.98 -85.81
CA LYS E 1896 -17.35 -28.01 -84.36
C LYS E 1896 -17.14 -29.43 -83.88
N LEU E 1897 -15.86 -29.80 -83.72
CA LEU E 1897 -15.46 -31.14 -83.33
C LEU E 1897 -15.37 -31.27 -81.82
N PRO E 1898 -15.64 -32.46 -81.28
CA PRO E 1898 -15.54 -32.66 -79.83
C PRO E 1898 -14.10 -32.72 -79.35
N GLU E 1899 -13.90 -33.02 -78.06
CA GLU E 1899 -12.56 -32.97 -77.50
C GLU E 1899 -11.65 -34.10 -78.01
N PRO E 1900 -12.07 -35.37 -78.01
CA PRO E 1900 -11.15 -36.42 -78.47
C PRO E 1900 -10.78 -36.32 -79.94
N VAL E 1901 -11.53 -35.56 -80.74
CA VAL E 1901 -11.16 -35.37 -82.13
C VAL E 1901 -10.09 -34.29 -82.27
N LYS E 1902 -10.32 -33.14 -81.64
CA LYS E 1902 -9.33 -32.07 -81.70
C LYS E 1902 -8.03 -32.44 -81.01
N LEU E 1903 -8.05 -33.42 -80.11
CA LEU E 1903 -6.80 -33.91 -79.52
C LEU E 1903 -5.94 -34.59 -80.57
N GLN E 1904 -6.52 -35.51 -81.34
CA GLN E 1904 -5.79 -36.11 -82.44
C GLN E 1904 -5.41 -35.08 -83.49
N MET E 1905 -6.24 -34.05 -83.67
CA MET E 1905 -5.89 -32.98 -84.58
C MET E 1905 -4.64 -32.24 -84.11
N CYS E 1906 -4.56 -31.97 -82.80
CA CYS E 1906 -3.39 -31.32 -82.24
C CYS E 1906 -2.16 -32.20 -82.39
N LEU E 1907 -2.31 -33.51 -82.20
CA LEU E 1907 -1.18 -34.42 -82.40
C LEU E 1907 -0.73 -34.40 -83.85
N LEU E 1908 -1.67 -34.39 -84.79
CA LEU E 1908 -1.34 -34.34 -86.21
C LEU E 1908 -0.58 -33.06 -86.55
N LEU E 1909 -1.06 -31.93 -86.04
CA LEU E 1909 -0.36 -30.66 -86.29
C LEU E 1909 1.01 -30.63 -85.63
N GLN E 1910 1.14 -31.24 -84.45
CA GLN E 1910 2.44 -31.31 -83.80
C GLN E 1910 3.42 -32.12 -84.63
N TYR E 1911 2.95 -33.21 -85.26
CA TYR E 1911 3.84 -33.95 -86.15
C TYR E 1911 4.16 -33.15 -87.41
N LEU E 1912 3.17 -32.41 -87.93
CA LEU E 1912 3.40 -31.59 -89.12
C LEU E 1912 4.42 -30.50 -88.84
N CYS E 1913 4.52 -30.06 -87.59
CA CYS E 1913 5.54 -29.08 -87.22
C CYS E 1913 6.87 -29.73 -86.87
N ASP E 1914 6.85 -30.95 -86.33
CA ASP E 1914 8.09 -31.67 -86.10
C ASP E 1914 8.80 -31.96 -87.42
N CYS E 1915 8.05 -32.35 -88.45
CA CYS E 1915 8.67 -32.58 -89.75
C CYS E 1915 9.21 -31.28 -90.36
N GLN E 1916 8.55 -30.16 -90.07
CA GLN E 1916 9.06 -28.87 -90.54
C GLN E 1916 10.37 -28.50 -89.84
N VAL E 1917 10.44 -28.72 -88.53
CA VAL E 1917 11.70 -28.48 -87.81
C VAL E 1917 12.79 -29.41 -88.33
N ARG E 1918 12.44 -30.66 -88.66
CA ARG E 1918 13.41 -31.57 -89.23
C ARG E 1918 13.92 -31.07 -90.57
N HIS E 1919 13.01 -30.54 -91.40
CA HIS E 1919 13.44 -29.96 -92.68
C HIS E 1919 14.35 -28.76 -92.46
N ARG E 1920 14.05 -27.93 -91.46
CA ARG E 1920 14.91 -26.80 -91.15
C ARG E 1920 16.30 -27.27 -90.77
N ILE E 1921 16.40 -28.30 -89.93
CA ILE E 1921 17.70 -28.80 -89.51
C ILE E 1921 18.44 -29.43 -90.69
N GLU E 1922 17.72 -30.13 -91.56
CA GLU E 1922 18.35 -30.70 -92.75
C GLU E 1922 18.93 -29.60 -93.64
N ALA E 1923 18.19 -28.52 -93.83
CA ALA E 1923 18.71 -27.38 -94.60
C ALA E 1923 19.91 -26.74 -93.90
N ILE E 1924 19.87 -26.67 -92.58
CA ILE E 1924 21.00 -26.13 -91.83
C ILE E 1924 22.26 -26.95 -92.10
N VAL E 1925 22.12 -28.28 -92.07
CA VAL E 1925 23.28 -29.13 -92.33
C VAL E 1925 23.73 -28.99 -93.77
N ALA E 1926 22.78 -28.88 -94.70
CA ALA E 1926 23.11 -28.74 -96.11
C ALA E 1926 23.93 -27.49 -96.36
N PHE E 1927 23.55 -26.37 -95.73
CA PHE E 1927 24.33 -25.15 -95.90
C PHE E 1927 25.64 -25.21 -95.12
N SER E 1928 25.61 -25.81 -93.92
CA SER E 1928 26.78 -25.81 -93.05
C SER E 1928 27.91 -26.64 -93.63
N ASP E 1929 27.59 -27.76 -94.29
CA ASP E 1929 28.63 -28.55 -94.96
C ASP E 1929 29.43 -27.68 -95.92
N ASP E 1930 28.73 -26.97 -96.81
CA ASP E 1930 29.39 -26.18 -97.84
C ASP E 1930 30.13 -24.99 -97.23
N PHE E 1931 29.52 -24.38 -96.21
CA PHE E 1931 30.15 -23.24 -95.53
C PHE E 1931 31.45 -23.65 -94.86
N VAL E 1932 31.45 -24.78 -94.16
CA VAL E 1932 32.66 -25.24 -93.48
C VAL E 1932 33.69 -25.72 -94.50
N ALA E 1933 33.23 -26.29 -95.61
CA ALA E 1933 34.16 -26.66 -96.68
C ALA E 1933 34.91 -25.44 -97.19
N LYS E 1934 34.21 -24.30 -97.31
CA LYS E 1934 34.90 -23.07 -97.71
C LYS E 1934 35.81 -22.55 -96.59
N LEU E 1935 35.30 -22.55 -95.36
CA LEU E 1935 36.03 -21.91 -94.26
C LEU E 1935 37.31 -22.67 -93.92
N GLN E 1936 37.31 -23.99 -94.04
CA GLN E 1936 38.50 -24.76 -93.72
C GLN E 1936 39.63 -24.44 -94.68
N ASP E 1937 39.33 -24.41 -95.98
CA ASP E 1937 40.37 -24.03 -96.94
C ASP E 1937 40.78 -22.57 -96.78
N ASN E 1938 39.84 -21.70 -96.38
CA ASN E 1938 40.21 -20.30 -96.15
C ASN E 1938 41.21 -20.18 -95.01
N GLN E 1939 40.94 -20.85 -93.88
CA GLN E 1939 41.86 -20.76 -92.75
C GLN E 1939 43.18 -21.46 -93.05
N ARG E 1940 43.15 -22.55 -93.81
CA ARG E 1940 44.41 -23.19 -94.20
C ARG E 1940 45.23 -22.28 -95.11
N PHE E 1941 44.56 -21.56 -96.01
CA PHE E 1941 45.26 -20.62 -96.87
C PHE E 1941 45.87 -19.47 -96.06
N ARG E 1942 45.14 -18.97 -95.06
CA ARG E 1942 45.69 -17.90 -94.25
C ARG E 1942 46.86 -18.40 -93.40
N TYR E 1943 46.79 -19.65 -92.93
CA TYR E 1943 47.92 -20.22 -92.18
C TYR E 1943 49.14 -20.38 -93.08
N ASN E 1944 48.94 -20.86 -94.31
CA ASN E 1944 50.05 -20.98 -95.24
C ASN E 1944 50.63 -19.63 -95.60
N GLU E 1945 49.77 -18.61 -95.72
CA GLU E 1945 50.26 -17.26 -96.00
C GLU E 1945 51.08 -16.72 -94.85
N VAL E 1946 50.66 -17.00 -93.61
CA VAL E 1946 51.46 -16.61 -92.45
C VAL E 1946 52.80 -17.33 -92.47
N MET E 1947 52.79 -18.62 -92.79
CA MET E 1947 54.03 -19.39 -92.82
C MET E 1947 54.98 -18.86 -93.88
N GLN E 1948 54.45 -18.42 -95.02
CA GLN E 1948 55.30 -17.85 -96.07
C GLN E 1948 55.83 -16.48 -95.65
N ALA E 1949 54.95 -15.54 -95.36
CA ALA E 1949 55.34 -14.22 -94.88
C ALA E 1949 55.37 -14.17 -93.35
N LEU E 1950 56.16 -15.06 -92.75
CA LEU E 1950 56.31 -15.12 -91.30
C LEU E 1950 56.66 -13.75 -90.73
N ASN E 1951 57.78 -13.18 -91.15
CA ASN E 1951 58.32 -11.93 -90.60
C ASN E 1951 58.44 -12.04 -89.07
N MET E 1952 59.36 -12.93 -88.68
CA MET E 1952 59.58 -13.33 -87.30
C MET E 1952 59.60 -12.14 -86.35
N SER E 1953 58.73 -12.20 -85.33
CA SER E 1953 58.68 -11.17 -84.30
C SER E 1953 58.20 -11.84 -83.01
N ALA E 1954 57.75 -11.03 -82.06
CA ALA E 1954 57.32 -11.56 -80.78
C ALA E 1954 55.90 -12.13 -80.84
N ALA E 1955 55.04 -11.54 -81.67
CA ALA E 1955 53.66 -11.99 -81.76
C ALA E 1955 53.46 -13.19 -82.68
N LEU E 1956 54.45 -13.52 -83.51
CA LEU E 1956 54.30 -14.66 -84.42
C LEU E 1956 54.24 -15.98 -83.65
N THR E 1957 55.09 -16.14 -82.63
CA THR E 1957 55.02 -17.35 -81.82
C THR E 1957 53.72 -17.40 -81.01
N ALA E 1958 53.17 -16.24 -80.64
CA ALA E 1958 51.86 -16.24 -80.00
C ALA E 1958 50.77 -16.70 -80.95
N ARG E 1959 50.84 -16.26 -82.21
CA ARG E 1959 49.86 -16.72 -83.20
C ARG E 1959 50.00 -18.22 -83.46
N LYS E 1960 51.24 -18.73 -83.49
CA LYS E 1960 51.40 -20.19 -83.60
C LYS E 1960 50.87 -20.93 -82.37
N THR E 1961 51.05 -20.38 -81.17
CA THR E 1961 50.47 -21.03 -80.01
C THR E 1961 48.95 -21.03 -80.08
N ARG E 1962 48.36 -19.94 -80.59
CA ARG E 1962 46.91 -19.88 -80.76
C ARG E 1962 46.44 -20.88 -81.81
N GLU E 1963 47.21 -21.06 -82.89
CA GLU E 1963 46.80 -21.98 -83.94
C GLU E 1963 46.98 -23.43 -83.52
N PHE E 1964 48.10 -23.76 -82.87
CA PHE E 1964 48.32 -25.13 -82.41
C PHE E 1964 47.35 -25.51 -81.30
N ARG E 1965 47.30 -24.69 -80.23
CA ARG E 1965 46.35 -24.89 -79.16
C ARG E 1965 44.99 -24.35 -79.58
N SER E 1966 44.09 -24.13 -78.61
CA SER E 1966 42.71 -23.73 -78.91
C SER E 1966 42.06 -24.78 -79.80
N PRO E 1967 41.68 -25.92 -79.24
CA PRO E 1967 41.11 -27.02 -80.04
C PRO E 1967 39.94 -26.56 -80.90
N PRO E 1968 39.51 -27.38 -81.86
CA PRO E 1968 38.55 -26.89 -82.88
C PRO E 1968 37.29 -26.24 -82.32
N GLN E 1969 36.80 -26.66 -81.16
CA GLN E 1969 35.59 -26.03 -80.62
C GLN E 1969 35.85 -24.58 -80.22
N GLU E 1970 36.95 -24.35 -79.49
CA GLU E 1970 37.31 -22.97 -79.15
C GLU E 1970 37.68 -22.18 -80.39
N GLN E 1971 38.31 -22.84 -81.37
CA GLN E 1971 38.62 -22.16 -82.63
C GLN E 1971 37.34 -21.69 -83.33
N ILE E 1972 36.32 -22.55 -83.37
CA ILE E 1972 35.05 -22.19 -83.98
C ILE E 1972 34.38 -21.06 -83.19
N ASN E 1973 34.47 -21.11 -81.87
CA ASN E 1973 33.93 -20.03 -81.05
C ASN E 1973 34.60 -18.70 -81.36
N MET E 1974 35.92 -18.72 -81.56
CA MET E 1974 36.63 -17.48 -81.86
C MET E 1974 36.32 -16.99 -83.26
N LEU E 1975 36.17 -17.91 -84.23
CA LEU E 1975 35.93 -17.47 -85.60
C LEU E 1975 34.46 -17.22 -85.91
N LEU E 1976 33.54 -17.56 -85.02
CA LEU E 1976 32.11 -17.26 -85.21
C LEU E 1976 31.64 -16.34 -84.08
N ASN E 1977 31.91 -15.04 -84.24
CA ASN E 1977 31.28 -14.04 -83.38
C ASN E 1977 31.36 -12.69 -84.09
N PHE E 1978 30.27 -12.30 -84.76
CA PHE E 1978 30.19 -10.97 -85.36
C PHE E 1978 28.71 -10.60 -85.50
N LYS E 1979 28.20 -9.90 -84.50
CA LYS E 1979 26.85 -9.38 -84.54
C LYS E 1979 26.88 -7.90 -84.17
N ASP E 1980 27.91 -7.52 -83.44
CA ASP E 1980 28.10 -6.13 -83.00
C ASP E 1980 28.94 -5.37 -84.02
N ASP E 1981 29.47 -4.22 -83.59
CA ASP E 1981 30.25 -3.37 -84.47
C ASP E 1981 31.56 -4.04 -84.87
N LYS E 1982 32.41 -4.34 -83.90
CA LYS E 1982 33.65 -5.07 -84.14
C LYS E 1982 33.98 -5.94 -82.94
N SER E 1983 34.46 -7.16 -83.22
CA SER E 1983 34.93 -8.07 -82.20
C SER E 1983 36.06 -8.90 -82.82
N GLU E 1984 36.34 -10.06 -82.22
CA GLU E 1984 37.38 -10.94 -82.73
C GLU E 1984 36.91 -11.59 -84.01
N CYS E 1985 37.28 -11.02 -85.15
CA CYS E 1985 36.84 -11.50 -86.45
C CYS E 1985 38.05 -11.78 -87.33
N PRO E 1986 38.10 -12.93 -88.00
CA PRO E 1986 39.22 -13.25 -88.88
C PRO E 1986 39.10 -12.50 -90.20
N CYS E 1987 40.05 -12.78 -91.10
CA CYS E 1987 40.13 -12.11 -92.38
C CYS E 1987 39.00 -12.44 -93.37
N PRO E 1988 38.45 -13.69 -93.41
CA PRO E 1988 37.45 -13.97 -94.44
C PRO E 1988 36.12 -13.26 -94.22
N GLU E 1989 36.04 -11.99 -94.59
CA GLU E 1989 34.79 -11.25 -94.50
C GLU E 1989 33.81 -11.61 -95.60
N GLU E 1990 34.29 -12.25 -96.67
CA GLU E 1990 33.42 -12.56 -97.80
C GLU E 1990 32.39 -13.63 -97.44
N ILE E 1991 32.77 -14.61 -96.63
CA ILE E 1991 31.82 -15.64 -96.20
C ILE E 1991 30.89 -15.11 -95.11
N ARG E 1992 31.24 -13.98 -94.49
CA ARG E 1992 30.35 -13.41 -93.48
C ARG E 1992 29.02 -12.96 -94.09
N ASP E 1993 29.07 -12.44 -95.33
CA ASP E 1993 27.84 -12.04 -95.99
C ASP E 1993 26.95 -13.24 -96.30
N GLN E 1994 27.56 -14.34 -96.75
CA GLN E 1994 26.79 -15.55 -96.98
C GLN E 1994 26.19 -16.09 -95.69
N LEU E 1995 26.95 -16.01 -94.59
CA LEU E 1995 26.42 -16.47 -93.31
C LEU E 1995 25.26 -15.60 -92.85
N LEU E 1996 25.37 -14.28 -93.02
CA LEU E 1996 24.25 -13.40 -92.67
C LEU E 1996 23.03 -13.65 -93.56
N ASP E 1997 23.24 -13.91 -94.84
CA ASP E 1997 22.09 -14.21 -95.69
C ASP E 1997 21.41 -15.50 -95.26
N PHE E 1998 22.19 -16.55 -94.99
CA PHE E 1998 21.59 -17.81 -94.57
C PHE E 1998 20.87 -17.66 -93.23
N HIS E 1999 21.47 -16.91 -92.29
CA HIS E 1999 20.82 -16.73 -91.00
C HIS E 1999 19.54 -15.93 -91.13
N GLU E 2000 19.54 -14.89 -91.97
CA GLU E 2000 18.31 -14.13 -92.21
C GLU E 2000 17.25 -15.01 -92.86
N ASP E 2001 17.67 -15.86 -93.80
CA ASP E 2001 16.74 -16.76 -94.46
C ASP E 2001 16.12 -17.71 -93.46
N LEU E 2002 16.94 -18.22 -92.53
CA LEU E 2002 16.44 -19.06 -91.45
C LEU E 2002 15.46 -18.31 -90.56
N MET E 2003 15.76 -17.05 -90.23
CA MET E 2003 14.91 -16.31 -89.31
C MET E 2003 13.56 -15.98 -89.95
N THR E 2004 13.54 -15.67 -91.25
CA THR E 2004 12.25 -15.44 -91.89
C THR E 2004 11.51 -16.74 -92.16
N HIS E 2005 12.22 -17.87 -92.22
CA HIS E 2005 11.54 -19.15 -92.33
C HIS E 2005 10.92 -19.57 -91.00
N CYS E 2006 11.57 -19.22 -89.89
CA CYS E 2006 11.02 -19.51 -88.58
C CYS E 2006 9.86 -18.59 -88.27
N GLY E 2007 9.38 -18.64 -87.03
CA GLY E 2007 8.18 -17.91 -86.64
C GLY E 2007 8.37 -16.42 -86.47
N ILE E 2008 9.60 -15.94 -86.42
CA ILE E 2008 9.82 -14.52 -86.19
C ILE E 2008 9.75 -13.75 -87.52
N GLU E 2009 9.60 -12.44 -87.41
CA GLU E 2009 9.53 -11.59 -88.58
C GLU E 2009 10.79 -10.74 -88.72
N SER E 2056 2.64 -19.90 -93.43
CA SER E 2056 1.25 -19.67 -93.08
C SER E 2056 0.71 -20.80 -92.20
N LEU E 2057 1.45 -21.91 -92.17
CA LEU E 2057 1.02 -23.05 -91.37
C LEU E 2057 1.00 -22.69 -89.88
N GLN E 2058 2.05 -22.02 -89.40
CA GLN E 2058 2.10 -21.64 -87.99
C GLN E 2058 0.99 -20.65 -87.66
N GLN E 2059 0.70 -19.72 -88.57
CA GLN E 2059 -0.39 -18.77 -88.34
C GLN E 2059 -1.72 -19.48 -88.27
N LEU E 2060 -1.96 -20.42 -89.18
CA LEU E 2060 -3.21 -21.18 -89.17
C LEU E 2060 -3.34 -21.99 -87.89
N ILE E 2061 -2.25 -22.62 -87.44
CA ILE E 2061 -2.31 -23.42 -86.22
C ILE E 2061 -2.59 -22.53 -85.02
N SER E 2062 -1.94 -21.36 -84.95
CA SER E 2062 -2.21 -20.43 -83.86
C SER E 2062 -3.67 -19.99 -83.86
N GLU E 2063 -4.20 -19.66 -85.04
CA GLU E 2063 -5.58 -19.20 -85.12
C GLU E 2063 -6.54 -20.30 -84.67
N THR E 2064 -6.32 -21.53 -85.12
CA THR E 2064 -7.18 -22.63 -84.69
C THR E 2064 -7.08 -22.86 -83.19
N MET E 2065 -5.88 -22.77 -82.62
CA MET E 2065 -5.72 -23.01 -81.19
C MET E 2065 -6.43 -21.94 -80.37
N VAL E 2066 -6.22 -20.66 -80.71
CA VAL E 2066 -6.89 -19.60 -79.97
C VAL E 2066 -8.39 -19.65 -80.18
N ARG E 2067 -8.85 -20.05 -81.37
CA ARG E 2067 -10.28 -20.15 -81.61
C ARG E 2067 -10.90 -21.27 -80.79
N TRP E 2068 -10.23 -22.42 -80.71
CA TRP E 2068 -10.73 -23.52 -79.88
C TRP E 2068 -10.74 -23.13 -78.42
N ALA E 2069 -9.75 -22.36 -77.97
CA ALA E 2069 -9.72 -21.94 -76.58
C ALA E 2069 -10.79 -20.89 -76.28
N GLN E 2070 -11.14 -20.06 -77.26
CA GLN E 2070 -12.13 -19.02 -77.04
C GLN E 2070 -13.57 -19.51 -77.25
N GLU E 2071 -13.76 -20.61 -77.96
CA GLU E 2071 -15.11 -21.09 -78.25
C GLU E 2071 -15.86 -21.43 -76.95
N SER E 2072 -15.25 -22.22 -76.09
CA SER E 2072 -15.89 -22.63 -74.85
C SER E 2072 -14.83 -23.14 -73.89
N VAL E 2073 -15.22 -23.27 -72.62
CA VAL E 2073 -14.33 -23.85 -71.62
C VAL E 2073 -14.06 -25.30 -72.00
N ILE E 2074 -12.79 -25.69 -71.94
CA ILE E 2074 -12.34 -26.98 -72.45
C ILE E 2074 -11.99 -27.89 -71.28
N GLU E 2075 -12.60 -29.08 -71.27
CA GLU E 2075 -12.21 -30.15 -70.35
C GLU E 2075 -11.01 -30.88 -70.92
N ASP E 2076 -10.69 -32.06 -70.38
CA ASP E 2076 -9.57 -32.86 -70.86
C ASP E 2076 -8.27 -32.08 -70.71
N PRO E 2077 -7.77 -31.92 -69.49
CA PRO E 2077 -6.50 -31.19 -69.29
C PRO E 2077 -5.38 -31.69 -70.17
N GLU E 2078 -5.39 -32.96 -70.57
CA GLU E 2078 -4.42 -33.45 -71.54
C GLU E 2078 -4.57 -32.73 -72.87
N LEU E 2079 -5.80 -32.59 -73.35
CA LEU E 2079 -6.05 -31.85 -74.58
C LEU E 2079 -5.66 -30.39 -74.42
N VAL E 2080 -5.97 -29.79 -73.28
CA VAL E 2080 -5.59 -28.40 -73.04
C VAL E 2080 -4.08 -28.24 -73.11
N ARG E 2081 -3.36 -29.16 -72.47
CA ARG E 2081 -1.89 -29.11 -72.47
C ARG E 2081 -1.33 -29.27 -73.87
N ALA E 2082 -1.88 -30.22 -74.65
CA ALA E 2082 -1.41 -30.41 -76.02
C ALA E 2082 -1.64 -29.17 -76.87
N MET E 2083 -2.86 -28.62 -76.81
CA MET E 2083 -3.17 -27.41 -77.55
C MET E 2083 -2.22 -26.27 -77.18
N PHE E 2084 -1.96 -26.11 -75.89
CA PHE E 2084 -1.14 -24.98 -75.46
C PHE E 2084 0.31 -25.17 -75.84
N VAL E 2085 0.85 -26.39 -75.73
CA VAL E 2085 2.25 -26.57 -76.11
C VAL E 2085 2.40 -26.39 -77.62
N LEU E 2086 1.39 -26.79 -78.39
CA LEU E 2086 1.43 -26.52 -79.83
C LEU E 2086 1.45 -25.02 -80.10
N LEU E 2087 0.58 -24.27 -79.41
CA LEU E 2087 0.54 -22.83 -79.61
C LEU E 2087 1.86 -22.18 -79.22
N HIS E 2088 2.45 -22.61 -78.11
CA HIS E 2088 3.71 -22.03 -77.67
C HIS E 2088 4.83 -22.32 -78.65
N ARG E 2089 4.93 -23.56 -79.12
CA ARG E 2089 6.00 -23.88 -80.06
C ARG E 2089 5.80 -23.16 -81.38
N GLN E 2090 4.54 -22.93 -81.78
CA GLN E 2090 4.30 -22.17 -83.00
C GLN E 2090 4.73 -20.71 -82.83
N TYR E 2091 4.43 -20.11 -81.69
CA TYR E 2091 4.87 -18.73 -81.46
C TYR E 2091 6.36 -18.60 -81.23
N ASP E 2092 7.01 -19.66 -80.72
CA ASP E 2092 8.45 -19.56 -80.44
C ASP E 2092 9.27 -19.84 -81.70
N GLY E 2093 9.13 -21.03 -82.25
CA GLY E 2093 9.89 -21.38 -83.45
C GLY E 2093 11.35 -21.70 -83.23
N ILE E 2094 12.09 -20.79 -82.58
CA ILE E 2094 13.52 -21.02 -82.35
C ILE E 2094 13.77 -21.96 -81.18
N GLY E 2095 12.78 -22.18 -80.32
CA GLY E 2095 12.95 -23.12 -79.22
C GLY E 2095 13.20 -24.54 -79.72
N GLY E 2096 12.45 -24.96 -80.74
CA GLY E 2096 12.69 -26.26 -81.32
C GLY E 2096 14.10 -26.40 -81.86
N LEU E 2097 14.61 -25.36 -82.50
CA LEU E 2097 15.97 -25.40 -83.03
C LEU E 2097 17.00 -25.47 -81.91
N VAL E 2098 16.87 -24.61 -80.89
CA VAL E 2098 17.86 -24.59 -79.82
C VAL E 2098 17.79 -25.85 -78.98
N ARG E 2099 16.67 -26.58 -79.00
CA ARG E 2099 16.58 -27.84 -78.29
C ARG E 2099 16.98 -29.04 -79.13
N ALA E 2100 16.87 -28.96 -80.46
CA ALA E 2100 17.14 -30.10 -81.31
C ALA E 2100 18.53 -30.10 -81.93
N LEU E 2101 19.15 -28.93 -82.10
CA LEU E 2101 20.50 -28.87 -82.65
C LEU E 2101 21.53 -29.55 -81.75
N PRO E 2102 21.40 -29.49 -80.42
CA PRO E 2102 22.28 -30.31 -79.58
C PRO E 2102 22.14 -31.80 -79.83
N LYS E 2103 21.04 -32.24 -80.44
CA LYS E 2103 20.83 -33.66 -80.70
C LYS E 2103 21.11 -34.07 -82.15
N THR E 2104 21.20 -33.10 -83.07
CA THR E 2104 21.49 -33.43 -84.45
C THR E 2104 22.98 -33.75 -84.61
N TYR E 2105 23.27 -34.53 -85.66
CA TYR E 2105 24.63 -35.02 -85.88
C TYR E 2105 24.73 -35.53 -87.31
N THR E 2106 25.75 -35.10 -88.04
CA THR E 2106 26.02 -35.59 -89.38
C THR E 2106 27.26 -36.48 -89.35
N ILE E 2107 27.25 -37.55 -90.14
CA ILE E 2107 28.28 -38.57 -89.99
C ILE E 2107 29.14 -38.75 -91.23
N ASN E 2108 28.56 -39.31 -92.30
CA ASN E 2108 29.29 -39.70 -93.51
C ASN E 2108 28.31 -40.22 -94.56
N GLY E 2109 28.83 -40.51 -95.75
CA GLY E 2109 28.07 -41.24 -96.75
C GLY E 2109 28.62 -42.63 -96.96
N VAL E 2110 29.44 -43.10 -96.02
CA VAL E 2110 30.10 -44.40 -96.16
C VAL E 2110 29.74 -45.31 -94.99
N SER E 2111 29.37 -44.71 -93.86
CA SER E 2111 28.96 -45.47 -92.67
C SER E 2111 27.44 -45.49 -92.51
N VAL E 2112 26.70 -45.34 -93.61
CA VAL E 2112 25.25 -45.24 -93.52
C VAL E 2112 24.64 -46.54 -93.00
N GLU E 2113 25.07 -47.67 -93.56
CA GLU E 2113 24.50 -48.95 -93.12
C GLU E 2113 24.94 -49.28 -91.70
N ASP E 2114 26.16 -48.92 -91.32
CA ASP E 2114 26.64 -49.17 -89.97
C ASP E 2114 25.81 -48.38 -88.95
N THR E 2115 25.58 -47.10 -89.23
CA THR E 2115 24.77 -46.30 -88.32
C THR E 2115 23.31 -46.75 -88.34
N ILE E 2116 22.83 -47.28 -89.46
CA ILE E 2116 21.48 -47.83 -89.49
C ILE E 2116 21.37 -49.04 -88.57
N ASN E 2117 22.36 -49.94 -88.63
CA ASN E 2117 22.36 -51.09 -87.72
C ASN E 2117 22.44 -50.63 -86.27
N LEU E 2118 23.25 -49.61 -86.00
CA LEU E 2118 23.34 -49.07 -84.64
C LEU E 2118 22.01 -48.53 -84.16
N LEU E 2119 21.30 -47.79 -85.02
CA LEU E 2119 20.01 -47.23 -84.64
C LEU E 2119 18.98 -48.33 -84.42
N ALA E 2120 19.03 -49.38 -85.24
CA ALA E 2120 18.11 -50.50 -85.03
C ALA E 2120 18.37 -51.17 -83.69
N SER E 2121 19.65 -51.36 -83.34
CA SER E 2121 19.97 -51.97 -82.05
C SER E 2121 19.53 -51.07 -80.90
N LEU E 2122 19.71 -49.76 -81.04
CA LEU E 2122 19.27 -48.85 -79.99
C LEU E 2122 17.75 -48.86 -79.85
N GLY E 2123 17.04 -48.97 -80.96
CA GLY E 2123 15.58 -49.07 -80.88
C GLY E 2123 15.14 -50.35 -80.21
N GLN E 2124 15.82 -51.46 -80.50
CA GLN E 2124 15.51 -52.70 -79.80
C GLN E 2124 15.76 -52.57 -78.31
N ILE E 2125 16.87 -51.93 -77.93
CA ILE E 2125 17.17 -51.73 -76.51
C ILE E 2125 16.10 -50.88 -75.85
N ARG E 2126 15.64 -49.84 -76.54
CA ARG E 2126 14.61 -48.98 -75.97
C ARG E 2126 13.27 -49.72 -75.84
N SER E 2127 12.92 -50.52 -76.84
CA SER E 2127 11.68 -51.29 -76.76
C SER E 2127 11.75 -52.30 -75.61
N LEU E 2128 12.90 -52.94 -75.42
CA LEU E 2128 13.05 -53.89 -74.33
C LEU E 2128 13.07 -53.18 -72.98
N LEU E 2129 13.56 -51.94 -72.93
CA LEU E 2129 13.46 -51.15 -71.72
C LEU E 2129 12.00 -50.83 -71.41
N SER E 2130 11.21 -50.55 -72.44
CA SER E 2130 9.79 -50.30 -72.23
C SER E 2130 9.08 -51.56 -71.72
N VAL E 2131 9.40 -52.71 -72.30
CA VAL E 2131 8.79 -53.98 -71.90
C VAL E 2131 9.39 -54.40 -70.56
N ARG E 2132 8.68 -55.26 -69.83
CA ARG E 2132 9.17 -55.73 -68.53
C ARG E 2132 10.37 -56.66 -68.71
N MET E 2133 11.15 -56.81 -67.64
CA MET E 2133 12.39 -57.56 -67.67
C MET E 2133 12.14 -59.03 -67.36
N GLY E 2134 12.74 -59.91 -68.14
CA GLY E 2134 12.68 -61.34 -67.91
C GLY E 2134 13.87 -62.06 -68.50
N LYS E 2135 13.78 -63.37 -68.68
CA LYS E 2135 14.91 -64.13 -69.22
C LYS E 2135 15.17 -63.78 -70.68
N GLU E 2136 14.14 -63.90 -71.53
CA GLU E 2136 14.30 -63.60 -72.95
C GLU E 2136 14.62 -62.12 -73.16
N GLU E 2137 13.99 -61.24 -72.38
CA GLU E 2137 14.27 -59.82 -72.49
C GLU E 2137 15.69 -59.51 -72.07
N GLU E 2138 16.20 -60.18 -71.03
CA GLU E 2138 17.58 -60.00 -70.63
C GLU E 2138 18.54 -60.48 -71.71
N LYS E 2139 18.24 -61.63 -72.32
CA LYS E 2139 19.10 -62.13 -73.39
C LYS E 2139 19.13 -61.19 -74.57
N LEU E 2140 17.97 -60.66 -74.96
CA LEU E 2140 17.95 -59.73 -76.09
C LEU E 2140 18.63 -58.41 -75.75
N MET E 2141 18.52 -57.96 -74.50
CA MET E 2141 19.23 -56.75 -74.11
C MET E 2141 20.74 -56.96 -74.13
N ILE E 2142 21.20 -58.14 -73.70
CA ILE E 2142 22.62 -58.45 -73.77
C ILE E 2142 23.10 -58.51 -75.22
N ARG E 2143 22.29 -59.10 -76.10
CA ARG E 2143 22.66 -59.16 -77.50
C ARG E 2143 22.72 -57.76 -78.12
N GLY E 2144 21.77 -56.90 -77.77
CA GLY E 2144 21.80 -55.53 -78.25
C GLY E 2144 22.99 -54.75 -77.74
N LEU E 2145 23.36 -54.98 -76.47
CA LEU E 2145 24.54 -54.33 -75.93
C LEU E 2145 25.81 -54.78 -76.65
N GLY E 2146 25.92 -56.08 -76.91
CA GLY E 2146 27.05 -56.57 -77.70
C GLY E 2146 27.08 -55.95 -79.09
N ASP E 2147 25.91 -55.81 -79.71
CA ASP E 2147 25.84 -55.23 -81.05
C ASP E 2147 26.29 -53.77 -81.04
N ILE E 2148 25.79 -52.97 -80.09
CA ILE E 2148 26.17 -51.57 -80.06
C ILE E 2148 27.61 -51.38 -79.60
N MET E 2149 28.19 -52.40 -78.94
CA MET E 2149 29.61 -52.31 -78.59
C MET E 2149 30.49 -52.68 -79.77
N ASN E 2150 30.05 -53.61 -80.62
CA ASN E 2150 30.84 -54.04 -81.77
C ASN E 2150 30.38 -53.37 -83.07
N ASN E 2151 29.57 -52.31 -82.98
CA ASN E 2151 29.04 -51.66 -84.18
C ASN E 2151 30.09 -50.88 -84.96
N LYS E 2152 31.29 -50.68 -84.40
CA LYS E 2152 32.43 -50.05 -85.08
C LYS E 2152 32.22 -48.55 -85.27
N VAL E 2153 31.02 -48.06 -84.97
CA VAL E 2153 30.77 -46.62 -84.97
C VAL E 2153 30.89 -46.03 -83.57
N PHE E 2154 30.75 -46.85 -82.53
CA PHE E 2154 30.96 -46.37 -81.17
C PHE E 2154 32.38 -45.88 -80.98
N TYR E 2155 33.36 -46.58 -81.59
CA TYR E 2155 34.75 -46.13 -81.51
C TYR E 2155 34.93 -44.77 -82.15
N GLN E 2156 34.30 -44.56 -83.30
CA GLN E 2156 34.58 -43.38 -84.12
C GLN E 2156 33.85 -42.14 -83.62
N HIS E 2157 32.56 -42.27 -83.32
CA HIS E 2157 31.70 -41.13 -82.98
C HIS E 2157 31.12 -41.31 -81.58
N PRO E 2158 31.88 -40.97 -80.54
CA PRO E 2158 31.30 -40.98 -79.19
C PRO E 2158 30.35 -39.82 -78.95
N ASN E 2159 30.55 -38.70 -79.65
CA ASN E 2159 29.64 -37.57 -79.53
C ASN E 2159 28.23 -37.95 -79.97
N LEU E 2160 28.13 -38.74 -81.04
CA LEU E 2160 26.82 -39.21 -81.50
C LEU E 2160 26.17 -40.11 -80.46
N MET E 2161 26.96 -40.96 -79.80
CA MET E 2161 26.43 -41.82 -78.75
C MET E 2161 25.89 -40.99 -77.59
N ARG E 2162 26.66 -39.98 -77.16
CA ARG E 2162 26.19 -39.13 -76.08
C ARG E 2162 24.96 -38.32 -76.48
N ALA E 2163 24.85 -37.95 -77.76
CA ALA E 2163 23.67 -37.23 -78.21
C ALA E 2163 22.44 -38.13 -78.24
N LEU E 2164 22.61 -39.37 -78.69
CA LEU E 2164 21.50 -40.32 -78.67
C LEU E 2164 21.11 -40.69 -77.24
N GLY E 2165 22.06 -40.61 -76.31
CA GLY E 2165 21.77 -40.94 -74.93
C GLY E 2165 21.78 -42.42 -74.63
N MET E 2166 22.73 -43.15 -75.20
CA MET E 2166 22.80 -44.59 -74.95
C MET E 2166 23.12 -44.87 -73.49
N HIS E 2167 24.01 -44.08 -72.89
CA HIS E 2167 24.35 -44.27 -71.48
C HIS E 2167 23.13 -44.04 -70.59
N GLU E 2168 22.29 -43.08 -70.95
CA GLU E 2168 21.08 -42.79 -70.17
C GLU E 2168 20.12 -43.97 -70.18
N THR E 2169 19.88 -44.56 -71.36
CA THR E 2169 18.97 -45.71 -71.43
C THR E 2169 19.57 -46.92 -70.73
N VAL E 2170 20.88 -47.12 -70.88
CA VAL E 2170 21.51 -48.25 -70.20
C VAL E 2170 21.46 -48.07 -68.69
N MET E 2171 21.61 -46.83 -68.21
CA MET E 2171 21.50 -46.57 -66.78
C MET E 2171 20.08 -46.79 -66.30
N GLU E 2172 19.09 -46.41 -67.10
CA GLU E 2172 17.72 -46.68 -66.72
C GLU E 2172 17.46 -48.18 -66.65
N VAL E 2173 18.00 -48.95 -67.59
CA VAL E 2173 17.86 -50.40 -67.54
C VAL E 2173 18.54 -50.96 -66.30
N MET E 2174 19.71 -50.43 -65.95
CA MET E 2174 20.44 -50.93 -64.79
C MET E 2174 19.70 -50.67 -63.50
N VAL E 2175 19.19 -49.43 -63.32
CA VAL E 2175 18.42 -49.13 -62.11
C VAL E 2175 17.10 -49.89 -62.12
N ASN E 2176 16.55 -50.17 -63.31
CA ASN E 2176 15.28 -50.87 -63.42
C ASN E 2176 15.42 -52.33 -63.02
N VAL E 2177 16.58 -52.93 -63.33
CA VAL E 2177 16.86 -54.29 -62.88
C VAL E 2177 17.23 -54.31 -61.40
N LEU E 2178 18.01 -53.33 -60.94
CA LEU E 2178 18.44 -53.30 -59.56
C LEU E 2178 17.29 -53.01 -58.60
N GLY E 2179 16.22 -52.38 -59.08
CA GLY E 2179 15.08 -52.12 -58.21
C GLY E 2179 14.40 -53.42 -57.77
N GLY E 2180 13.92 -53.42 -56.53
CA GLY E 2180 13.25 -54.57 -55.98
C GLY E 2180 13.95 -55.17 -54.77
N GLY E 2181 15.28 -55.19 -54.81
CA GLY E 2181 16.05 -55.72 -53.71
C GLY E 2181 17.36 -54.97 -53.48
N GLU E 2182 17.66 -54.68 -52.22
CA GLU E 2182 18.89 -53.96 -51.87
C GLU E 2182 20.05 -54.92 -51.61
N SER E 2183 19.88 -55.83 -50.67
CA SER E 2183 20.91 -56.81 -50.35
C SER E 2183 20.39 -58.25 -50.26
N LYS E 2184 19.08 -58.47 -50.31
CA LYS E 2184 18.56 -59.83 -50.23
C LYS E 2184 18.88 -60.62 -51.50
N GLU E 2185 18.43 -60.12 -52.65
CA GLU E 2185 18.65 -60.81 -53.92
C GLU E 2185 18.52 -59.80 -55.05
N ILE E 2186 19.45 -59.88 -55.99
CA ILE E 2186 19.46 -59.03 -57.18
C ILE E 2186 18.80 -59.81 -58.31
N THR E 2187 17.58 -59.42 -58.65
CA THR E 2187 16.83 -60.10 -59.70
C THR E 2187 17.47 -59.88 -61.07
N PHE E 2188 17.30 -60.88 -61.95
CA PHE E 2188 17.87 -60.93 -63.28
C PHE E 2188 19.37 -60.63 -63.24
N PRO E 2189 20.19 -61.56 -62.75
CA PRO E 2189 21.64 -61.32 -62.72
C PRO E 2189 22.23 -61.28 -64.12
N LYS E 2190 23.45 -60.75 -64.19
CA LYS E 2190 24.28 -60.62 -65.38
C LYS E 2190 23.74 -59.55 -66.32
N MET E 2191 22.51 -59.08 -66.08
CA MET E 2191 22.02 -57.95 -66.84
C MET E 2191 22.68 -56.66 -66.34
N VAL E 2192 22.71 -56.48 -65.02
CA VAL E 2192 23.46 -55.37 -64.45
C VAL E 2192 24.93 -55.48 -64.85
N ALA E 2193 25.44 -56.70 -64.98
CA ALA E 2193 26.83 -56.89 -65.38
C ALA E 2193 27.07 -56.38 -66.79
N ASN E 2194 26.23 -56.79 -67.75
CA ASN E 2194 26.41 -56.32 -69.12
C ASN E 2194 26.25 -54.81 -69.21
N CYS E 2195 25.29 -54.25 -68.46
CA CYS E 2195 25.12 -52.79 -68.47
C CYS E 2195 26.36 -52.09 -67.89
N CYS E 2196 26.91 -52.62 -66.80
CA CYS E 2196 28.11 -52.03 -66.21
C CYS E 2196 29.31 -52.14 -67.14
N ARG E 2197 29.43 -53.25 -67.88
CA ARG E 2197 30.52 -53.37 -68.84
C ARG E 2197 30.37 -52.37 -69.96
N PHE E 2198 29.16 -52.22 -70.50
CA PHE E 2198 28.93 -51.24 -71.55
C PHE E 2198 29.24 -49.83 -71.05
N LEU E 2199 28.82 -49.50 -69.83
CA LEU E 2199 29.08 -48.18 -69.29
C LEU E 2199 30.57 -47.97 -69.04
N CYS E 2200 31.27 -49.00 -68.57
CA CYS E 2200 32.71 -48.91 -68.37
C CYS E 2200 33.41 -48.59 -69.69
N TYR E 2201 33.06 -49.32 -70.74
CA TYR E 2201 33.71 -49.09 -72.04
C TYR E 2201 33.33 -47.74 -72.62
N PHE E 2202 32.08 -47.31 -72.41
CA PHE E 2202 31.63 -46.00 -72.85
C PHE E 2202 32.42 -44.89 -72.17
N CYS E 2203 32.70 -45.05 -70.87
CA CYS E 2203 33.51 -44.06 -70.18
C CYS E 2203 34.99 -44.18 -70.54
N ARG E 2204 35.44 -45.38 -70.91
CA ARG E 2204 36.85 -45.56 -71.25
C ARG E 2204 37.20 -44.85 -72.55
N ILE E 2205 36.48 -45.14 -73.64
CA ILE E 2205 36.81 -44.54 -74.94
C ILE E 2205 36.06 -43.21 -74.99
N SER E 2206 36.64 -42.21 -74.34
CA SER E 2206 36.15 -40.83 -74.33
C SER E 2206 37.02 -39.92 -73.48
N ARG E 2207 36.70 -38.63 -73.47
CA ARG E 2207 37.24 -37.69 -72.49
C ARG E 2207 36.17 -36.84 -71.80
N GLN E 2208 35.01 -36.62 -72.44
CA GLN E 2208 33.92 -35.87 -71.84
C GLN E 2208 32.73 -36.74 -71.44
N ASN E 2209 32.60 -37.93 -72.03
CA ASN E 2209 31.55 -38.84 -71.56
C ASN E 2209 31.78 -39.27 -70.13
N GLN E 2210 33.03 -39.25 -69.65
CA GLN E 2210 33.26 -39.45 -68.22
C GLN E 2210 32.57 -38.38 -67.40
N LYS E 2211 32.67 -37.13 -67.84
CA LYS E 2211 31.95 -36.05 -67.15
C LYS E 2211 30.45 -36.23 -67.28
N ALA E 2212 29.98 -36.68 -68.45
CA ALA E 2212 28.55 -36.89 -68.64
C ALA E 2212 28.02 -37.99 -67.74
N MET E 2213 28.85 -38.99 -67.44
CA MET E 2213 28.45 -40.09 -66.57
C MET E 2213 28.71 -39.82 -65.09
N PHE E 2214 29.55 -38.84 -64.78
CA PHE E 2214 29.89 -38.52 -63.39
C PHE E 2214 28.65 -38.21 -62.55
N ASP E 2215 27.56 -37.77 -63.16
CA ASP E 2215 26.37 -37.44 -62.40
C ASP E 2215 25.70 -38.70 -61.85
N HIS E 2216 25.67 -39.77 -62.64
CA HIS E 2216 25.11 -41.04 -62.18
C HIS E 2216 26.01 -41.74 -61.17
N LEU E 2217 27.26 -41.29 -61.02
CA LEU E 2217 28.15 -41.87 -60.03
C LEU E 2217 27.60 -41.68 -58.62
N SER E 2218 27.02 -40.51 -58.35
CA SER E 2218 26.44 -40.25 -57.04
C SER E 2218 25.33 -41.25 -56.72
N TYR E 2219 24.60 -41.72 -57.73
CA TYR E 2219 23.61 -42.75 -57.49
C TYR E 2219 24.26 -44.12 -57.33
N LEU E 2220 25.09 -44.52 -58.31
CA LEU E 2220 25.56 -45.90 -58.33
C LEU E 2220 26.54 -46.20 -57.21
N LEU E 2221 27.11 -45.18 -56.56
CA LEU E 2221 27.91 -45.46 -55.37
C LEU E 2221 27.05 -45.95 -54.20
N GLU E 2222 25.75 -45.66 -54.22
CA GLU E 2222 24.87 -46.15 -53.16
C GLU E 2222 24.70 -47.66 -53.22
N ASN E 2223 24.49 -48.20 -54.42
CA ASN E 2223 24.33 -49.63 -54.61
C ASN E 2223 25.57 -50.29 -55.20
N SER E 2224 26.73 -49.64 -55.07
CA SER E 2224 27.99 -50.25 -55.51
C SER E 2224 28.35 -51.51 -54.73
N SER E 2225 27.62 -51.83 -53.66
CA SER E 2225 27.92 -53.04 -52.90
C SER E 2225 27.58 -54.31 -53.66
N VAL E 2226 26.65 -54.23 -54.64
CA VAL E 2226 26.31 -55.43 -55.40
C VAL E 2226 27.43 -55.77 -56.37
N GLY E 2227 27.47 -57.04 -56.78
CA GLY E 2227 28.48 -57.52 -57.69
C GLY E 2227 29.84 -57.80 -57.06
N LEU E 2228 30.10 -57.28 -55.87
CA LEU E 2228 31.35 -57.53 -55.17
C LEU E 2228 31.33 -58.92 -54.55
N ALA E 2229 32.40 -59.24 -53.81
CA ALA E 2229 32.55 -60.52 -53.12
C ALA E 2229 32.45 -61.69 -54.10
N SER E 2230 32.88 -61.47 -55.34
CA SER E 2230 32.83 -62.52 -56.37
C SER E 2230 33.93 -62.22 -57.38
N PRO E 2231 35.08 -62.90 -57.28
CA PRO E 2231 36.22 -62.65 -58.18
C PRO E 2231 36.04 -63.27 -59.56
N ALA E 2232 34.86 -63.09 -60.14
CA ALA E 2232 34.56 -63.54 -61.50
C ALA E 2232 34.35 -62.39 -62.47
N MET E 2233 34.04 -61.19 -61.96
CA MET E 2233 33.85 -60.00 -62.77
C MET E 2233 34.78 -58.91 -62.25
N ARG E 2234 36.03 -58.92 -62.73
CA ARG E 2234 36.96 -57.84 -62.42
C ARG E 2234 36.64 -56.57 -63.21
N GLY E 2235 35.73 -56.67 -64.18
CA GLY E 2235 35.27 -55.56 -64.97
C GLY E 2235 33.92 -55.08 -64.49
N SER E 2236 32.87 -55.60 -65.12
CA SER E 2236 31.49 -55.23 -64.83
C SER E 2236 31.20 -55.19 -63.33
N THR E 2237 30.93 -53.99 -62.82
CA THR E 2237 30.54 -53.72 -61.44
C THR E 2237 30.14 -52.25 -61.35
N PRO E 2238 29.15 -51.89 -60.53
CA PRO E 2238 28.88 -50.45 -60.33
C PRO E 2238 30.05 -49.70 -59.72
N LEU E 2239 30.73 -50.29 -58.73
CA LEU E 2239 31.92 -49.63 -58.18
C LEU E 2239 33.01 -49.50 -59.23
N ASP E 2240 33.14 -50.50 -60.11
CA ASP E 2240 34.16 -50.43 -61.15
C ASP E 2240 33.82 -49.40 -62.21
N VAL E 2241 32.54 -49.22 -62.55
CA VAL E 2241 32.21 -48.17 -63.51
C VAL E 2241 32.38 -46.80 -62.87
N ALA E 2242 32.15 -46.70 -61.55
CA ALA E 2242 32.50 -45.48 -60.84
C ALA E 2242 33.98 -45.18 -60.97
N ALA E 2243 34.84 -46.17 -60.69
CA ALA E 2243 36.27 -45.96 -60.77
C ALA E 2243 36.71 -45.63 -62.20
N ALA E 2244 36.07 -46.25 -63.19
CA ALA E 2244 36.40 -45.94 -64.58
C ALA E 2244 35.99 -44.51 -64.94
N SER E 2245 34.92 -44.00 -64.32
CA SER E 2245 34.52 -42.62 -64.57
C SER E 2245 35.48 -41.63 -63.91
N VAL E 2246 35.95 -41.94 -62.70
CA VAL E 2246 36.86 -41.00 -62.05
C VAL E 2246 38.27 -41.08 -62.64
N MET E 2247 38.66 -42.24 -63.18
CA MET E 2247 40.03 -42.48 -63.58
C MET E 2247 40.43 -41.61 -64.77
N ASP E 2248 41.67 -41.12 -64.74
CA ASP E 2248 42.27 -40.36 -65.83
C ASP E 2248 41.49 -39.07 -66.11
N ASN E 2249 41.15 -38.37 -65.04
CA ASN E 2249 40.49 -37.07 -65.18
C ASN E 2249 40.77 -36.26 -63.93
N ASN E 2250 41.76 -35.35 -64.02
CA ASN E 2250 42.07 -34.50 -62.88
C ASN E 2250 40.90 -33.59 -62.54
N GLU E 2251 40.21 -33.07 -63.55
CA GLU E 2251 39.07 -32.18 -63.30
C GLU E 2251 37.94 -32.93 -62.60
N LEU E 2252 37.66 -34.16 -63.02
CA LEU E 2252 36.61 -34.94 -62.36
C LEU E 2252 37.01 -35.34 -60.96
N ALA E 2253 38.28 -35.72 -60.77
CA ALA E 2253 38.75 -36.05 -59.43
C ALA E 2253 38.67 -34.83 -58.51
N LEU E 2254 38.86 -33.63 -59.05
CA LEU E 2254 38.75 -32.43 -58.23
C LEU E 2254 37.29 -32.10 -57.93
N ALA E 2255 36.41 -32.26 -58.93
CA ALA E 2255 34.99 -32.02 -58.71
C ALA E 2255 34.36 -33.09 -57.82
N LEU E 2256 35.04 -34.22 -57.63
CA LEU E 2256 34.53 -35.26 -56.74
C LEU E 2256 34.68 -34.81 -55.29
N ARG E 2257 33.67 -34.10 -54.79
CA ARG E 2257 33.71 -33.55 -53.44
C ARG E 2257 33.27 -34.61 -52.44
N GLU E 2258 32.86 -34.21 -51.23
CA GLU E 2258 32.52 -35.18 -50.19
C GLU E 2258 31.02 -35.36 -49.87
N PRO E 2259 30.16 -35.59 -50.87
CA PRO E 2259 28.84 -36.15 -50.53
C PRO E 2259 28.81 -37.66 -50.63
N ASP E 2260 29.93 -38.27 -51.04
CA ASP E 2260 30.00 -39.72 -51.22
C ASP E 2260 31.26 -40.38 -50.66
N LEU E 2261 32.32 -39.62 -50.37
CA LEU E 2261 33.54 -40.25 -49.86
C LEU E 2261 33.31 -40.86 -48.48
N GLU E 2262 32.54 -40.18 -47.62
CA GLU E 2262 32.19 -40.78 -46.34
C GLU E 2262 31.30 -41.99 -46.52
N LYS E 2263 30.51 -42.04 -47.60
CA LYS E 2263 29.73 -43.24 -47.88
C LYS E 2263 30.64 -44.41 -48.24
N VAL E 2264 31.64 -44.15 -49.08
CA VAL E 2264 32.61 -45.20 -49.42
C VAL E 2264 33.36 -45.65 -48.17
N VAL E 2265 33.71 -44.70 -47.30
CA VAL E 2265 34.41 -45.03 -46.06
C VAL E 2265 33.50 -45.84 -45.14
N ARG E 2266 32.21 -45.52 -45.11
CA ARG E 2266 31.27 -46.30 -44.30
C ARG E 2266 31.14 -47.73 -44.84
N TYR E 2267 31.13 -47.88 -46.16
CA TYR E 2267 31.09 -49.23 -46.74
C TYR E 2267 32.35 -50.00 -46.39
N LEU E 2268 33.51 -49.33 -46.45
CA LEU E 2268 34.76 -49.98 -46.07
C LEU E 2268 34.74 -50.39 -44.60
N ALA E 2269 34.18 -49.54 -43.74
CA ALA E 2269 34.07 -49.86 -42.32
C ALA E 2269 33.16 -51.07 -42.11
N GLY E 2270 32.02 -51.10 -42.80
CA GLY E 2270 31.12 -52.23 -42.67
C GLY E 2270 31.74 -53.53 -43.14
N CYS E 2271 32.47 -53.48 -44.26
CA CYS E 2271 33.09 -54.70 -44.76
C CYS E 2271 34.23 -55.15 -43.86
N GLY E 2272 34.95 -54.20 -43.26
CA GLY E 2272 35.98 -54.55 -42.30
C GLY E 2272 35.46 -55.00 -40.96
N LEU E 2273 34.20 -54.72 -40.65
CA LEU E 2273 33.62 -55.18 -39.39
C LEU E 2273 32.92 -56.52 -39.54
N GLN E 2274 31.98 -56.62 -40.49
CA GLN E 2274 31.18 -57.83 -40.65
C GLN E 2274 31.94 -58.87 -41.48
N SER E 2275 31.26 -59.96 -41.85
CA SER E 2275 31.88 -61.04 -42.63
C SER E 2275 31.16 -61.28 -43.95
N CYS E 2276 30.31 -60.34 -44.37
CA CYS E 2276 29.73 -60.18 -45.70
C CYS E 2276 28.65 -61.21 -46.05
N GLN E 2277 28.44 -62.21 -45.19
CA GLN E 2277 27.33 -63.14 -45.32
C GLN E 2277 27.28 -63.82 -46.69
N MET E 2278 28.45 -64.07 -47.29
CA MET E 2278 28.51 -64.74 -48.57
C MET E 2278 29.52 -65.88 -48.58
N LEU E 2279 30.58 -65.78 -47.78
CA LEU E 2279 31.58 -66.85 -47.70
C LEU E 2279 31.20 -67.92 -46.69
N VAL E 2280 30.42 -67.56 -45.67
CA VAL E 2280 29.93 -68.59 -44.76
C VAL E 2280 28.97 -69.54 -45.47
N SER E 2281 28.30 -69.07 -46.53
CA SER E 2281 27.45 -69.96 -47.31
C SER E 2281 28.27 -70.91 -48.18
N LYS E 2282 29.45 -70.48 -48.61
CA LYS E 2282 30.34 -71.30 -49.41
C LYS E 2282 31.08 -72.32 -48.55
N GLY E 2283 31.44 -71.94 -47.32
CA GLY E 2283 32.14 -72.83 -46.43
C GLY E 2283 33.44 -72.24 -45.92
N TYR E 2284 33.64 -70.94 -46.10
CA TYR E 2284 34.86 -70.30 -45.65
C TYR E 2284 34.84 -70.19 -44.12
N PRO E 2285 36.02 -70.07 -43.49
CA PRO E 2285 36.08 -70.20 -42.03
C PRO E 2285 35.52 -69.00 -41.27
N ASP E 2286 34.85 -68.07 -41.95
CA ASP E 2286 34.17 -66.94 -41.32
C ASP E 2286 35.16 -66.10 -40.51
N ILE E 2287 36.10 -65.49 -41.24
CA ILE E 2287 37.00 -64.53 -40.63
C ILE E 2287 36.20 -63.29 -40.21
N GLY E 2288 36.65 -62.64 -39.14
CA GLY E 2288 35.90 -61.53 -38.57
C GLY E 2288 35.94 -60.25 -39.37
N TRP E 2289 36.33 -60.34 -40.64
CA TRP E 2289 36.38 -59.17 -41.51
C TRP E 2289 36.44 -59.65 -42.96
N ASN E 2290 35.94 -58.80 -43.86
CA ASN E 2290 35.83 -59.16 -45.27
C ASN E 2290 36.94 -58.48 -46.07
N PRO E 2291 37.89 -59.23 -46.62
CA PRO E 2291 38.96 -58.62 -47.42
C PRO E 2291 38.72 -58.58 -48.92
N VAL E 2292 37.55 -58.99 -49.41
CA VAL E 2292 37.30 -59.04 -50.84
C VAL E 2292 36.59 -57.76 -51.28
N GLU E 2293 35.74 -57.21 -50.41
CA GLU E 2293 35.10 -55.93 -50.68
C GLU E 2293 35.98 -54.76 -50.28
N GLY E 2294 36.77 -54.93 -49.23
CA GLY E 2294 37.73 -53.89 -48.86
C GLY E 2294 38.73 -53.62 -49.95
N GLU E 2295 39.15 -54.67 -50.67
CA GLU E 2295 40.08 -54.47 -51.77
C GLU E 2295 39.47 -53.59 -52.85
N ARG E 2296 38.21 -53.85 -53.21
CA ARG E 2296 37.56 -53.05 -54.24
C ARG E 2296 37.34 -51.61 -53.78
N TYR E 2297 36.95 -51.43 -52.51
CA TYR E 2297 36.76 -50.09 -51.99
C TYR E 2297 38.07 -49.30 -51.99
N LEU E 2298 39.17 -49.94 -51.56
CA LEU E 2298 40.46 -49.27 -51.57
C LEU E 2298 40.94 -49.01 -52.99
N ASP E 2299 40.60 -49.90 -53.94
CA ASP E 2299 40.96 -49.65 -55.33
C ASP E 2299 40.22 -48.44 -55.89
N PHE E 2300 38.93 -48.31 -55.57
CA PHE E 2300 38.18 -47.13 -56.01
C PHE E 2300 38.75 -45.87 -55.36
N LEU E 2301 39.06 -45.92 -54.07
CA LEU E 2301 39.64 -44.76 -53.40
C LEU E 2301 40.99 -44.40 -54.01
N ARG E 2302 41.78 -45.39 -54.39
CA ARG E 2302 43.06 -45.13 -55.02
C ARG E 2302 42.88 -44.46 -56.37
N PHE E 2303 41.93 -44.96 -57.18
CA PHE E 2303 41.66 -44.32 -58.47
C PHE E 2303 41.14 -42.90 -58.29
N ALA E 2304 40.44 -42.64 -57.18
CA ALA E 2304 39.92 -41.31 -56.94
C ALA E 2304 40.98 -40.34 -56.41
N VAL E 2305 41.99 -40.86 -55.71
CA VAL E 2305 42.98 -40.00 -55.07
C VAL E 2305 44.25 -39.81 -55.90
N PHE E 2306 44.61 -40.77 -56.75
CA PHE E 2306 45.85 -40.71 -57.51
C PHE E 2306 45.51 -40.73 -59.00
N CYS E 2307 45.70 -39.59 -59.67
CA CYS E 2307 45.36 -39.45 -61.08
C CYS E 2307 46.54 -38.85 -61.83
N ASN E 2308 46.85 -39.45 -62.99
CA ASN E 2308 47.88 -38.96 -63.90
C ASN E 2308 49.28 -38.93 -63.28
N GLY E 2309 49.47 -39.60 -62.16
CA GLY E 2309 50.76 -39.66 -61.51
C GLY E 2309 50.97 -38.67 -60.39
N GLU E 2310 49.96 -37.87 -60.05
CA GLU E 2310 50.07 -36.89 -58.97
C GLU E 2310 48.97 -37.16 -57.96
N SER E 2311 49.28 -36.85 -56.69
CA SER E 2311 48.34 -37.05 -55.60
C SER E 2311 47.45 -35.81 -55.48
N VAL E 2312 46.14 -36.00 -55.62
CA VAL E 2312 45.19 -34.90 -55.43
C VAL E 2312 45.22 -34.49 -53.97
N GLU E 2313 45.59 -33.23 -53.72
CA GLU E 2313 45.90 -32.81 -52.35
C GLU E 2313 44.68 -32.86 -51.45
N GLU E 2314 43.60 -32.19 -51.83
CA GLU E 2314 42.45 -32.10 -50.93
C GLU E 2314 41.73 -33.44 -50.82
N ASN E 2315 41.66 -34.20 -51.91
CA ASN E 2315 41.07 -35.53 -51.84
C ASN E 2315 41.88 -36.43 -50.91
N ALA E 2316 43.21 -36.38 -51.02
CA ALA E 2316 44.05 -37.15 -50.11
C ALA E 2316 43.82 -36.72 -48.67
N ASN E 2317 43.80 -35.41 -48.42
CA ASN E 2317 43.58 -34.91 -47.07
C ASN E 2317 42.26 -35.43 -46.50
N VAL E 2318 41.19 -35.37 -47.29
CA VAL E 2318 39.88 -35.73 -46.78
C VAL E 2318 39.75 -37.24 -46.60
N VAL E 2319 40.38 -38.02 -47.48
CA VAL E 2319 40.34 -39.48 -47.29
C VAL E 2319 41.13 -39.86 -46.04
N VAL E 2320 42.25 -39.16 -45.78
CA VAL E 2320 42.98 -39.38 -44.53
C VAL E 2320 42.10 -39.03 -43.34
N ARG E 2321 41.41 -37.89 -43.41
CA ARG E 2321 40.53 -37.49 -42.31
C ARG E 2321 39.50 -38.57 -42.03
N LEU E 2322 38.82 -39.06 -43.07
CA LEU E 2322 37.78 -40.06 -42.88
C LEU E 2322 38.37 -41.37 -42.34
N LEU E 2323 39.50 -41.81 -42.90
CA LEU E 2323 40.10 -43.08 -42.48
C LEU E 2323 40.62 -43.02 -41.05
N ILE E 2324 41.06 -41.85 -40.59
CA ILE E 2324 41.55 -41.76 -39.22
C ILE E 2324 40.40 -41.56 -38.25
N ARG E 2325 39.31 -40.89 -38.68
CA ARG E 2325 38.16 -40.74 -37.80
C ARG E 2325 37.43 -42.07 -37.62
N ARG E 2326 37.41 -42.91 -38.65
CA ARG E 2326 36.84 -44.25 -38.56
C ARG E 2326 37.98 -45.29 -38.61
N PRO E 2327 38.48 -45.74 -37.46
CA PRO E 2327 39.66 -46.63 -37.47
C PRO E 2327 39.35 -48.05 -37.92
N GLU E 2328 38.09 -48.45 -37.92
CA GLU E 2328 37.78 -49.82 -38.31
C GLU E 2328 37.89 -50.06 -39.81
N CYS E 2329 38.27 -49.05 -40.60
CA CYS E 2329 38.49 -49.28 -42.02
C CYS E 2329 39.76 -50.09 -42.26
N PHE E 2330 40.75 -49.95 -41.40
CA PHE E 2330 41.98 -50.72 -41.54
C PHE E 2330 41.75 -52.16 -41.07
N GLY E 2331 42.74 -53.01 -41.34
CA GLY E 2331 42.69 -54.39 -40.94
C GLY E 2331 42.75 -54.54 -39.43
N PRO E 2332 42.04 -55.53 -38.90
CA PRO E 2332 42.05 -55.74 -37.44
C PRO E 2332 43.39 -56.19 -36.91
N ALA E 2333 44.19 -56.90 -37.71
CA ALA E 2333 45.51 -57.36 -37.28
C ALA E 2333 46.59 -56.30 -37.45
N LEU E 2334 46.26 -55.14 -38.00
CA LEU E 2334 47.18 -54.02 -38.15
C LEU E 2334 46.83 -52.85 -37.24
N ARG E 2335 45.55 -52.50 -37.15
CA ARG E 2335 45.08 -51.40 -36.33
C ARG E 2335 44.26 -51.95 -35.18
N GLY E 2336 44.44 -51.38 -34.00
CA GLY E 2336 43.61 -51.69 -32.87
C GLY E 2336 44.41 -52.28 -31.72
N GLU E 2337 43.69 -52.56 -30.63
CA GLU E 2337 44.26 -53.17 -29.44
C GLU E 2337 44.47 -54.67 -29.57
N GLY E 2338 44.29 -55.24 -30.76
CA GLY E 2338 44.45 -56.66 -30.97
C GLY E 2338 45.78 -57.01 -31.61
N GLY E 2339 45.75 -57.24 -32.92
CA GLY E 2339 46.95 -57.61 -33.66
C GLY E 2339 48.08 -56.61 -33.55
N ASN E 2340 49.32 -57.10 -33.62
CA ASN E 2340 50.47 -56.20 -33.43
C ASN E 2340 50.56 -55.20 -34.58
N GLY E 2341 50.75 -55.69 -35.79
CA GLY E 2341 50.86 -54.81 -36.93
C GLY E 2341 50.89 -55.58 -38.23
N LEU E 2342 51.35 -54.89 -39.27
CA LEU E 2342 51.31 -55.43 -40.63
C LEU E 2342 52.27 -56.61 -40.80
N LEU E 2343 53.42 -56.59 -40.12
CA LEU E 2343 54.31 -57.74 -40.12
C LEU E 2343 53.54 -59.00 -39.73
N ALA E 2344 53.05 -59.04 -38.49
CA ALA E 2344 52.33 -60.20 -38.00
C ALA E 2344 51.10 -60.50 -38.84
N ALA E 2345 50.42 -59.46 -39.34
CA ALA E 2345 49.23 -59.68 -40.17
C ALA E 2345 49.57 -60.49 -41.41
N MET E 2346 50.63 -60.11 -42.12
CA MET E 2346 50.95 -60.85 -43.34
C MET E 2346 51.62 -62.19 -43.05
N GLU E 2347 52.27 -62.33 -41.88
CA GLU E 2347 52.65 -63.68 -41.45
C GLU E 2347 51.42 -64.57 -41.31
N GLU E 2348 50.38 -64.04 -40.66
CA GLU E 2348 49.13 -64.77 -40.47
C GLU E 2348 48.48 -65.09 -41.81
N ALA E 2349 48.51 -64.14 -42.74
CA ALA E 2349 47.89 -64.34 -44.04
C ALA E 2349 48.63 -65.40 -44.86
N ILE E 2350 49.96 -65.35 -44.87
CA ILE E 2350 50.73 -66.34 -45.60
C ILE E 2350 50.51 -67.73 -45.03
N LYS E 2351 50.47 -67.85 -43.70
CA LYS E 2351 50.25 -69.17 -43.09
C LYS E 2351 48.84 -69.67 -43.34
N ILE E 2352 47.85 -68.77 -43.35
CA ILE E 2352 46.49 -69.19 -43.69
C ILE E 2352 46.42 -69.66 -45.14
N ALA E 2353 47.13 -68.96 -46.04
CA ALA E 2353 47.17 -69.40 -47.43
C ALA E 2353 47.87 -70.75 -47.58
N GLU E 2354 48.88 -71.02 -46.74
CA GLU E 2354 49.59 -72.30 -46.83
C GLU E 2354 48.73 -73.43 -46.27
N ASP E 2355 47.96 -73.16 -45.22
CA ASP E 2355 47.13 -74.19 -44.59
C ASP E 2355 45.75 -74.17 -45.21
N PRO E 2356 45.37 -75.19 -46.00
CA PRO E 2356 44.07 -75.16 -46.69
C PRO E 2356 42.88 -75.38 -45.79
N SER E 2357 43.07 -75.53 -44.47
CA SER E 2357 41.95 -75.73 -43.55
C SER E 2357 41.19 -74.45 -43.26
N ARG E 2358 41.63 -73.31 -43.79
CA ARG E 2358 40.97 -72.04 -43.54
C ARG E 2358 40.50 -71.40 -44.84
N ASP E 2359 39.88 -72.22 -45.71
CA ASP E 2359 39.37 -71.73 -46.98
C ASP E 2359 37.96 -72.26 -47.22
N GLY E 2360 37.45 -72.08 -48.44
CA GLY E 2360 36.13 -72.55 -48.78
C GLY E 2360 36.17 -73.79 -49.64
N PRO E 2361 35.82 -74.94 -49.06
CA PRO E 2361 35.82 -76.22 -49.77
C PRO E 2361 34.66 -76.33 -50.77
N ASP E 2379 39.83 -70.78 -59.01
CA ASP E 2379 38.61 -70.00 -59.14
C ASP E 2379 38.07 -69.59 -57.77
N THR E 2380 38.36 -70.40 -56.77
CA THR E 2380 37.91 -70.13 -55.41
C THR E 2380 38.69 -68.93 -54.83
N ILE E 2381 38.20 -68.45 -53.69
CA ILE E 2381 38.80 -67.31 -53.02
C ILE E 2381 39.81 -67.81 -52.00
N HIS E 2382 41.09 -67.69 -52.32
CA HIS E 2382 42.12 -67.98 -51.34
C HIS E 2382 42.11 -66.87 -50.28
N MET E 2383 41.81 -67.24 -49.04
CA MET E 2383 41.63 -66.23 -48.00
C MET E 2383 42.96 -65.54 -47.66
N GLY E 2384 44.05 -66.29 -47.63
CA GLY E 2384 45.35 -65.68 -47.38
C GLY E 2384 45.72 -64.69 -48.47
N ASN E 2385 45.52 -65.08 -49.73
CA ASN E 2385 45.80 -64.17 -50.84
C ASN E 2385 44.89 -62.95 -50.80
N ALA E 2386 43.63 -63.15 -50.40
CA ALA E 2386 42.71 -62.02 -50.29
C ALA E 2386 43.15 -61.05 -49.22
N ILE E 2387 43.59 -61.55 -48.07
CA ILE E 2387 44.07 -60.68 -47.00
C ILE E 2387 45.33 -59.94 -47.44
N MET E 2388 46.25 -60.66 -48.10
CA MET E 2388 47.48 -60.03 -48.58
C MET E 2388 47.17 -58.94 -49.59
N THR E 2389 46.24 -59.20 -50.51
CA THR E 2389 45.90 -58.20 -51.52
C THR E 2389 45.18 -57.01 -50.89
N PHE E 2390 44.34 -57.27 -49.87
CA PHE E 2390 43.68 -56.17 -49.18
C PHE E 2390 44.70 -55.27 -48.48
N TYR E 2391 45.65 -55.87 -47.78
CA TYR E 2391 46.66 -55.07 -47.10
C TYR E 2391 47.56 -54.34 -48.10
N ALA E 2392 47.89 -54.99 -49.21
CA ALA E 2392 48.69 -54.32 -50.24
C ALA E 2392 47.93 -53.15 -50.85
N ALA E 2393 46.63 -53.31 -51.07
CA ALA E 2393 45.83 -52.21 -51.60
C ALA E 2393 45.71 -51.07 -50.62
N LEU E 2394 45.56 -51.39 -49.33
CA LEU E 2394 45.53 -50.33 -48.31
C LEU E 2394 46.85 -49.58 -48.26
N ILE E 2395 47.97 -50.31 -48.33
CA ILE E 2395 49.28 -49.68 -48.30
C ILE E 2395 49.48 -48.82 -49.54
N ASP E 2396 49.03 -49.30 -50.70
CA ASP E 2396 49.15 -48.52 -51.93
C ASP E 2396 48.28 -47.26 -51.87
N LEU E 2397 47.07 -47.39 -51.33
CA LEU E 2397 46.21 -46.22 -51.17
C LEU E 2397 46.86 -45.18 -50.28
N LEU E 2398 47.44 -45.62 -49.16
CA LEU E 2398 48.09 -44.68 -48.24
C LEU E 2398 49.31 -44.05 -48.90
N GLY E 2399 50.09 -44.82 -49.65
CA GLY E 2399 51.25 -44.27 -50.31
C GLY E 2399 50.89 -43.26 -51.38
N ARG E 2400 49.83 -43.52 -52.14
CA ARG E 2400 49.41 -42.58 -53.17
C ARG E 2400 48.68 -41.38 -52.57
N CYS E 2401 48.08 -41.56 -51.40
CA CYS E 2401 47.42 -40.50 -50.65
C CYS E 2401 48.37 -39.70 -49.77
N ALA E 2402 49.65 -40.11 -49.70
CA ALA E 2402 50.70 -39.33 -49.06
C ALA E 2402 50.69 -37.92 -49.66
N PRO E 2403 51.13 -36.90 -48.89
CA PRO E 2403 50.96 -35.52 -49.34
C PRO E 2403 51.49 -35.24 -50.75
N GLU E 2404 52.79 -35.47 -50.96
CA GLU E 2404 53.41 -35.20 -52.24
C GLU E 2404 54.79 -35.86 -52.22
N MET E 2405 55.62 -35.53 -53.22
CA MET E 2405 57.03 -35.93 -53.23
C MET E 2405 57.91 -34.94 -52.48
N HIS E 2406 57.34 -34.24 -51.51
CA HIS E 2406 57.91 -33.17 -50.69
C HIS E 2406 58.00 -31.84 -51.42
N LEU E 2407 57.51 -31.74 -52.67
CA LEU E 2407 57.53 -30.47 -53.37
C LEU E 2407 56.76 -29.39 -52.59
N ILE E 2408 55.51 -29.68 -52.26
CA ILE E 2408 54.75 -28.78 -51.38
C ILE E 2408 54.95 -29.10 -49.90
N HIS E 2409 55.45 -30.29 -49.57
CA HIS E 2409 55.67 -30.66 -48.18
C HIS E 2409 56.86 -29.92 -47.58
N ALA E 2410 57.81 -29.48 -48.40
CA ALA E 2410 58.94 -28.71 -47.90
C ALA E 2410 58.54 -27.33 -47.40
N GLY E 2411 57.32 -26.88 -47.68
CA GLY E 2411 56.88 -25.57 -47.25
C GLY E 2411 55.54 -25.55 -46.55
N LYS E 2412 54.79 -26.65 -46.62
CA LYS E 2412 53.44 -26.71 -46.06
C LYS E 2412 53.44 -27.56 -44.79
N GLY E 2413 52.69 -27.10 -43.79
CA GLY E 2413 52.59 -27.79 -42.52
C GLY E 2413 51.53 -28.89 -42.50
N GLU E 2414 50.46 -28.70 -43.28
CA GLU E 2414 49.42 -29.72 -43.38
C GLU E 2414 50.00 -31.02 -43.96
N ALA E 2415 50.86 -30.89 -44.96
CA ALA E 2415 51.53 -32.05 -45.52
C ALA E 2415 52.42 -32.74 -44.47
N ILE E 2416 53.09 -31.94 -43.65
CA ILE E 2416 53.92 -32.50 -42.58
C ILE E 2416 53.05 -33.28 -41.60
N ARG E 2417 51.89 -32.73 -41.26
CA ARG E 2417 50.99 -33.41 -40.32
C ARG E 2417 50.48 -34.72 -40.91
N ILE E 2418 50.11 -34.71 -42.19
CA ILE E 2418 49.60 -35.92 -42.83
C ILE E 2418 50.69 -36.98 -42.92
N ARG E 2419 51.91 -36.57 -43.24
CA ARG E 2419 53.02 -37.52 -43.28
C ARG E 2419 53.30 -38.10 -41.90
N SER E 2420 53.22 -37.27 -40.86
CA SER E 2420 53.40 -37.77 -39.50
C SER E 2420 52.31 -38.76 -39.12
N ILE E 2421 51.08 -38.49 -39.55
CA ILE E 2421 49.98 -39.42 -39.26
C ILE E 2421 50.21 -40.75 -39.97
N LEU E 2422 50.63 -40.70 -41.24
CA LEU E 2422 50.91 -41.94 -41.96
C LEU E 2422 52.07 -42.71 -41.33
N ARG E 2423 53.09 -42.00 -40.85
CA ARG E 2423 54.21 -42.67 -40.20
C ARG E 2423 53.79 -43.29 -38.87
N SER E 2424 52.96 -42.60 -38.10
CA SER E 2424 52.42 -43.16 -36.88
C SER E 2424 51.53 -44.38 -37.17
N LEU E 2425 50.88 -44.39 -38.32
CA LEU E 2425 50.06 -45.54 -38.69
C LEU E 2425 50.92 -46.74 -39.05
N ILE E 2426 51.86 -46.58 -39.97
CA ILE E 2426 52.68 -47.67 -40.46
C ILE E 2426 54.13 -47.41 -40.07
N PRO E 2427 54.74 -48.27 -39.25
CA PRO E 2427 56.16 -48.08 -38.90
C PRO E 2427 57.07 -48.48 -40.06
N LEU E 2428 58.35 -48.14 -39.90
CA LEU E 2428 59.36 -48.40 -40.91
C LEU E 2428 59.89 -49.83 -40.85
N GLY E 2429 60.25 -50.30 -39.65
CA GLY E 2429 60.67 -51.68 -39.51
C GLY E 2429 59.59 -52.65 -39.96
N ASP E 2430 58.33 -52.30 -39.69
CA ASP E 2430 57.21 -53.04 -40.26
C ASP E 2430 57.36 -53.18 -41.77
N LEU E 2431 57.62 -52.07 -42.45
CA LEU E 2431 57.69 -52.08 -43.91
C LEU E 2431 58.87 -52.90 -44.42
N VAL E 2432 60.04 -52.73 -43.79
CA VAL E 2432 61.19 -53.49 -44.27
C VAL E 2432 61.02 -54.98 -44.00
N GLY E 2433 60.42 -55.34 -42.87
CA GLY E 2433 60.17 -56.75 -42.62
C GLY E 2433 59.16 -57.36 -43.56
N VAL E 2434 58.13 -56.58 -43.93
CA VAL E 2434 57.17 -57.09 -44.91
C VAL E 2434 57.81 -57.20 -46.29
N ILE E 2435 58.75 -56.31 -46.62
CA ILE E 2435 59.44 -56.42 -47.89
C ILE E 2435 60.31 -57.66 -47.92
N SER E 2436 61.03 -57.93 -46.82
CA SER E 2436 61.90 -59.10 -46.75
C SER E 2436 61.05 -60.33 -46.45
N ILE E 2437 60.58 -60.98 -47.51
CA ILE E 2437 59.86 -62.24 -47.40
C ILE E 2437 60.55 -63.27 -48.28
N ALA E 2438 61.20 -62.81 -49.35
CA ALA E 2438 61.93 -63.66 -50.29
C ALA E 2438 61.02 -64.74 -50.87
N PHE E 2439 60.04 -64.27 -51.64
CA PHE E 2439 59.06 -65.18 -52.24
C PHE E 2439 59.75 -66.24 -53.09
N GLN E 2440 59.17 -67.44 -53.10
CA GLN E 2440 59.76 -68.54 -53.85
C GLN E 2440 59.55 -68.34 -55.35
N MET E 2441 60.52 -68.76 -56.13
CA MET E 2441 60.43 -68.68 -57.59
C MET E 2441 60.67 -70.05 -58.20
N PRO E 2442 59.62 -70.74 -58.67
CA PRO E 2442 59.76 -72.06 -59.26
C PRO E 2442 60.50 -72.04 -60.60
N GLU E 2452 58.24 -76.78 -64.42
CA GLU E 2452 57.35 -76.92 -63.28
C GLU E 2452 56.82 -75.56 -62.85
N PRO E 2453 55.61 -75.23 -63.29
CA PRO E 2453 55.01 -73.94 -62.93
C PRO E 2453 54.28 -74.00 -61.60
N ASP E 2454 53.99 -72.81 -61.07
CA ASP E 2454 53.26 -72.68 -59.81
C ASP E 2454 52.04 -71.78 -59.98
N MET E 2455 51.39 -71.44 -58.87
CA MET E 2455 50.17 -70.66 -58.88
C MET E 2455 50.48 -69.19 -58.56
N SER E 2456 49.86 -68.29 -59.33
CA SER E 2456 50.05 -66.86 -59.15
C SER E 2456 48.95 -66.22 -58.32
N ALA E 2457 48.17 -67.01 -57.60
CA ALA E 2457 47.12 -66.52 -56.72
C ALA E 2457 47.52 -66.59 -55.25
N GLY E 2458 48.80 -66.35 -54.95
CA GLY E 2458 49.31 -66.38 -53.59
C GLY E 2458 50.05 -65.09 -53.29
N PHE E 2459 51.20 -65.23 -52.64
CA PHE E 2459 52.05 -64.09 -52.31
C PHE E 2459 52.79 -63.66 -53.57
N CYS E 2460 52.31 -62.60 -54.20
CA CYS E 2460 52.93 -62.06 -55.38
C CYS E 2460 53.76 -60.82 -55.04
N PRO E 2461 54.79 -60.53 -55.85
CA PRO E 2461 55.63 -59.36 -55.55
C PRO E 2461 54.92 -58.02 -55.67
N ASP E 2462 53.65 -58.00 -56.09
CA ASP E 2462 52.90 -56.74 -56.13
C ASP E 2462 52.74 -56.15 -54.74
N HIS E 2463 52.63 -57.01 -53.72
CA HIS E 2463 52.51 -56.52 -52.35
C HIS E 2463 53.77 -55.76 -51.93
N LYS E 2464 54.94 -56.36 -52.15
CA LYS E 2464 56.16 -55.66 -51.79
C LYS E 2464 56.43 -54.47 -52.70
N ALA E 2465 55.90 -54.49 -53.92
CA ALA E 2465 55.98 -53.31 -54.78
C ALA E 2465 55.18 -52.16 -54.19
N ALA E 2466 53.97 -52.44 -53.71
CA ALA E 2466 53.20 -51.42 -53.00
C ALA E 2466 53.93 -50.95 -51.75
N MET E 2467 54.60 -51.87 -51.06
CA MET E 2467 55.38 -51.48 -49.88
C MET E 2467 56.51 -50.53 -50.25
N VAL E 2468 57.22 -50.81 -51.35
CA VAL E 2468 58.29 -49.93 -51.80
C VAL E 2468 57.72 -48.57 -52.20
N LEU E 2469 56.56 -48.57 -52.84
CA LEU E 2469 55.92 -47.30 -53.19
C LEU E 2469 55.60 -46.49 -51.94
N PHE E 2470 55.06 -47.14 -50.91
CA PHE E 2470 54.75 -46.45 -49.66
C PHE E 2470 56.02 -45.91 -49.01
N LEU E 2471 57.09 -46.70 -49.01
CA LEU E 2471 58.36 -46.22 -48.45
C LEU E 2471 58.89 -45.01 -49.20
N ASP E 2472 58.82 -45.05 -50.53
CA ASP E 2472 59.37 -43.95 -51.32
C ASP E 2472 58.54 -42.69 -51.16
N ARG E 2473 57.21 -42.82 -51.06
CA ARG E 2473 56.34 -41.66 -51.00
C ARG E 2473 56.10 -41.16 -49.58
N VAL E 2474 56.44 -41.92 -48.55
CA VAL E 2474 56.23 -41.51 -47.16
C VAL E 2474 57.55 -41.28 -46.43
N TYR E 2475 58.37 -42.33 -46.31
CA TYR E 2475 59.64 -42.22 -45.61
C TYR E 2475 60.78 -41.78 -46.55
N GLY E 2476 60.88 -42.40 -47.71
CA GLY E 2476 61.93 -42.09 -48.64
C GLY E 2476 63.27 -42.65 -48.23
N ILE E 2477 64.24 -42.53 -49.12
CA ILE E 2477 65.60 -43.00 -48.90
C ILE E 2477 66.54 -41.81 -49.04
N GLU E 2478 67.09 -41.35 -47.90
CA GLU E 2478 68.00 -40.21 -47.89
C GLU E 2478 69.26 -40.43 -47.06
N VAL E 2479 69.28 -41.39 -46.14
CA VAL E 2479 70.43 -41.64 -45.28
C VAL E 2479 71.13 -42.91 -45.72
N GLN E 2480 72.47 -42.88 -45.68
CA GLN E 2480 73.26 -44.00 -46.17
C GLN E 2480 72.99 -45.26 -45.37
N ASP E 2481 72.81 -45.11 -44.06
CA ASP E 2481 72.57 -46.25 -43.18
C ASP E 2481 71.31 -47.00 -43.57
N PHE E 2482 70.16 -46.30 -43.61
CA PHE E 2482 68.91 -46.97 -43.94
C PHE E 2482 68.88 -47.45 -45.39
N LEU E 2483 69.49 -46.69 -46.31
CA LEU E 2483 69.56 -47.15 -47.69
C LEU E 2483 70.30 -48.49 -47.79
N LEU E 2484 71.52 -48.52 -47.24
CA LEU E 2484 72.28 -49.77 -47.22
C LEU E 2484 71.54 -50.86 -46.46
N HIS E 2485 70.79 -50.52 -45.41
CA HIS E 2485 70.10 -51.56 -44.63
C HIS E 2485 69.03 -52.23 -45.45
N LEU E 2486 68.19 -51.41 -46.12
CA LEU E 2486 67.20 -51.96 -47.03
C LEU E 2486 67.87 -52.74 -48.15
N LEU E 2487 69.03 -52.27 -48.61
CA LEU E 2487 69.75 -52.99 -49.66
C LEU E 2487 70.29 -54.32 -49.15
N GLU E 2488 70.58 -54.43 -47.85
CA GLU E 2488 70.95 -55.72 -47.27
C GLU E 2488 69.76 -56.67 -47.29
N VAL E 2489 68.65 -56.22 -46.73
CA VAL E 2489 67.63 -57.16 -46.27
C VAL E 2489 66.56 -57.41 -47.32
N GLY E 2490 66.10 -56.37 -48.02
CA GLY E 2490 64.94 -56.53 -48.88
C GLY E 2490 65.23 -56.71 -50.35
N PHE E 2491 66.23 -55.99 -50.87
CA PHE E 2491 66.45 -55.89 -52.31
C PHE E 2491 67.40 -56.96 -52.84
N LEU E 2492 68.48 -57.24 -52.11
CA LEU E 2492 69.47 -58.21 -52.60
C LEU E 2492 68.87 -59.60 -52.82
N PRO E 2493 68.13 -60.20 -51.88
CA PRO E 2493 67.53 -61.51 -52.17
C PRO E 2493 66.57 -61.46 -53.33
N ASP E 2494 65.82 -60.36 -53.49
CA ASP E 2494 64.82 -60.30 -54.54
C ASP E 2494 65.45 -60.24 -55.92
N LEU E 2495 66.49 -59.44 -56.10
CA LEU E 2495 67.14 -59.41 -57.42
C LEU E 2495 68.03 -60.62 -57.64
N ARG E 2496 68.49 -61.30 -56.57
CA ARG E 2496 69.11 -62.61 -56.78
C ARG E 2496 68.10 -63.62 -57.30
N ALA E 2497 66.91 -63.66 -56.69
CA ALA E 2497 65.86 -64.57 -57.14
C ALA E 2497 65.39 -64.21 -58.54
N ALA E 2498 65.38 -62.93 -58.88
CA ALA E 2498 64.97 -62.53 -60.23
C ALA E 2498 66.05 -62.80 -61.26
N ALA E 2499 67.31 -62.78 -60.85
CA ALA E 2499 68.40 -63.08 -61.78
C ALA E 2499 68.54 -64.57 -62.03
N SER E 2500 68.14 -65.41 -61.08
CA SER E 2500 68.25 -66.86 -61.23
C SER E 2500 67.24 -67.37 -62.25
N LEU E 2501 67.50 -67.05 -63.51
CA LEU E 2501 66.57 -67.35 -64.61
C LEU E 2501 67.33 -67.44 -65.91
N ASP E 2502 67.21 -68.56 -66.60
CA ASP E 2502 67.61 -68.59 -68.00
C ASP E 2502 66.47 -68.92 -68.94
N THR E 2503 65.65 -69.97 -68.68
CA THR E 2503 64.58 -70.33 -69.62
C THR E 2503 63.19 -70.33 -69.00
N ALA E 2504 63.02 -70.83 -67.78
CA ALA E 2504 61.71 -71.11 -67.20
C ALA E 2504 61.20 -69.87 -66.49
N ALA E 2505 60.36 -69.10 -67.19
CA ALA E 2505 59.84 -67.83 -66.66
C ALA E 2505 58.33 -67.86 -66.78
N LEU E 2506 57.64 -67.89 -65.63
CA LEU E 2506 56.18 -67.83 -65.60
C LEU E 2506 55.64 -66.62 -64.85
N SER E 2507 56.45 -65.97 -64.03
CA SER E 2507 55.99 -64.82 -63.25
C SER E 2507 56.75 -63.56 -63.63
N UNK E 2508 56.15 -62.79 -64.52
CA UNK E 2508 56.71 -61.51 -64.95
C UNK E 2508 56.45 -60.44 -63.90
N UNK E 2509 55.66 -60.79 -62.90
CA UNK E 2509 55.39 -59.89 -61.79
C UNK E 2509 56.70 -59.61 -61.06
N UNK E 2510 57.52 -60.64 -60.93
CA UNK E 2510 58.83 -60.51 -60.30
C UNK E 2510 59.69 -59.51 -61.07
N UNK E 2511 59.70 -59.63 -62.39
CA UNK E 2511 60.46 -58.72 -63.24
C UNK E 2511 59.96 -57.28 -63.12
N UNK E 2512 58.66 -57.12 -63.12
CA UNK E 2512 58.06 -55.79 -62.99
C UNK E 2512 58.41 -55.16 -61.64
N UNK E 2513 58.34 -55.94 -60.57
CA UNK E 2513 58.67 -55.45 -59.23
C UNK E 2513 60.15 -55.13 -59.13
N UNK E 2514 60.97 -55.92 -59.80
CA UNK E 2514 62.40 -55.68 -59.82
C UNK E 2514 62.70 -54.38 -60.54
N UNK E 2515 61.95 -54.11 -61.61
CA UNK E 2515 62.09 -52.86 -62.34
C UNK E 2515 61.68 -51.68 -61.46
N UNK E 2516 60.61 -51.86 -60.71
CA UNK E 2516 60.15 -50.85 -59.76
C UNK E 2516 61.23 -50.54 -58.71
N UNK E 2517 61.80 -51.60 -58.16
CA UNK E 2517 62.87 -51.46 -57.18
C UNK E 2517 64.11 -50.78 -57.77
N UNK E 2518 64.43 -51.13 -59.00
CA UNK E 2518 65.56 -50.53 -59.71
C UNK E 2518 65.32 -49.04 -59.91
N UNK E 2519 64.08 -48.67 -60.24
CA UNK E 2519 63.72 -47.27 -60.39
C UNK E 2519 63.87 -46.53 -59.07
N UNK E 2520 63.38 -47.16 -58.00
CA UNK E 2520 63.47 -46.59 -56.65
C UNK E 2520 64.93 -46.37 -56.25
N UNK E 2521 65.79 -47.30 -56.65
CA UNK E 2521 67.21 -47.21 -56.33
C UNK E 2521 67.90 -46.13 -57.16
N UNK E 2522 67.54 -46.05 -58.44
CA UNK E 2522 68.12 -45.06 -59.35
C UNK E 2522 67.67 -43.66 -58.97
N UNK E 2523 66.56 -43.58 -58.24
CA UNK E 2523 66.07 -42.30 -57.75
C UNK E 2523 66.85 -41.83 -56.52
N UNK E 2524 68.11 -42.24 -56.41
CA UNK E 2524 68.96 -41.86 -55.28
C UNK E 2524 70.43 -42.05 -55.65
N UNK E 2525 71.24 -41.02 -55.39
CA UNK E 2525 72.67 -41.07 -55.70
C UNK E 2525 73.50 -41.15 -54.44
N UNK E 2526 72.95 -41.77 -53.40
CA UNK E 2526 73.66 -41.92 -52.13
C UNK E 2526 74.54 -43.16 -52.15
N UNK E 2527 75.85 -42.95 -52.25
CA UNK E 2527 76.80 -44.05 -52.30
C UNK E 2527 78.11 -43.67 -51.62
N UNK E 2528 78.58 -44.53 -50.72
CA UNK E 2528 79.83 -44.29 -49.99
C UNK E 2528 80.81 -45.43 -50.23
N UNK E 2529 81.81 -45.51 -49.37
CA UNK E 2529 82.83 -46.57 -49.47
C UNK E 2529 82.33 -47.85 -48.82
N UNK E 2530 83.28 -48.69 -48.38
CA UNK E 2530 82.97 -49.98 -47.77
C UNK E 2530 82.09 -50.81 -48.69
N UNK E 2531 82.38 -50.76 -49.99
CA UNK E 2531 81.62 -51.50 -50.98
C UNK E 2531 81.83 -53.00 -50.84
N UNK E 2532 81.27 -53.56 -49.78
CA UNK E 2532 81.39 -54.98 -49.49
C UNK E 2532 80.24 -55.75 -50.13
N UNK E 2533 79.22 -55.02 -50.56
CA UNK E 2533 78.04 -55.62 -51.18
C UNK E 2533 77.62 -54.87 -52.42
N UNK E 2534 78.20 -53.70 -52.65
CA UNK E 2534 77.87 -52.89 -53.82
C UNK E 2534 78.29 -53.61 -55.10
N UNK E 2535 79.49 -54.17 -55.09
CA UNK E 2535 79.99 -54.92 -56.24
C UNK E 2535 79.12 -56.14 -56.49
N UNK E 2536 78.71 -56.80 -55.42
CA UNK E 2536 77.84 -57.97 -55.51
C UNK E 2536 76.50 -57.61 -56.14
N UNK E 2537 75.94 -56.48 -55.71
CA UNK E 2537 74.67 -56.00 -56.23
C UNK E 2537 74.79 -55.64 -57.71
N UNK E 2538 75.90 -55.01 -58.07
CA UNK E 2538 76.16 -54.63 -59.46
C UNK E 2538 76.26 -55.88 -60.33
N UNK E 2539 76.99 -56.87 -59.85
CA UNK E 2539 77.15 -58.13 -60.57
C UNK E 2539 75.80 -58.84 -60.72
N UNK E 2540 74.99 -58.80 -59.68
CA UNK E 2540 73.68 -59.42 -59.71
C UNK E 2540 72.78 -58.74 -60.73
N UNK E 2541 72.83 -57.41 -60.77
CA UNK E 2541 72.05 -56.64 -61.73
C UNK E 2541 72.49 -56.95 -63.15
N UNK E 2542 73.80 -57.04 -63.35
CA UNK E 2542 74.35 -57.39 -64.67
C UNK E 2542 73.89 -58.77 -65.11
N UNK E 2543 73.95 -59.73 -64.18
CA UNK E 2543 73.53 -61.10 -64.45
C UNK E 2543 72.05 -61.14 -64.80
N UNK E 2544 71.24 -60.38 -64.07
CA UNK E 2544 69.81 -60.31 -64.34
C UNK E 2544 69.54 -59.74 -65.73
N UNK E 2545 70.24 -58.67 -66.07
CA UNK E 2545 70.07 -58.02 -67.37
C UNK E 2545 70.53 -58.92 -68.51
N UNK E 2546 71.52 -59.75 -68.24
CA UNK E 2546 72.06 -60.65 -69.25
C UNK E 2546 71.19 -61.89 -69.44
N UNK E 2547 70.59 -62.35 -68.34
CA UNK E 2547 69.83 -63.60 -68.35
C UNK E 2547 68.35 -63.36 -68.60
N UNK E 2548 67.95 -62.10 -68.60
CA UNK E 2548 66.56 -61.73 -68.88
C UNK E 2548 66.22 -62.02 -70.33
N UNK E 2549 65.32 -62.98 -70.55
CA UNK E 2549 64.93 -63.38 -71.90
C UNK E 2549 63.42 -63.40 -72.07
N UNK E 2550 62.78 -64.40 -71.47
CA UNK E 2550 61.34 -64.57 -71.58
C UNK E 2550 60.59 -63.45 -70.88
N UNK E 2551 61.07 -63.04 -69.71
CA UNK E 2551 60.45 -61.96 -68.96
C UNK E 2551 61.28 -60.70 -69.05
N UNK E 2552 61.43 -60.18 -70.27
CA UNK E 2552 62.21 -58.97 -70.49
C UNK E 2552 61.62 -58.13 -71.61
N UNK E 2553 61.46 -56.83 -71.34
CA UNK E 2553 60.95 -55.90 -72.34
C UNK E 2553 61.95 -54.78 -72.56
N UNK E 2554 61.72 -53.98 -73.59
CA UNK E 2554 62.61 -52.86 -73.92
C UNK E 2554 62.64 -51.84 -72.78
N UNK E 2555 61.47 -51.55 -72.23
CA UNK E 2555 61.36 -50.61 -71.13
C UNK E 2555 62.11 -51.11 -69.90
N UNK E 2556 61.94 -52.38 -69.59
CA UNK E 2556 62.62 -53.00 -68.45
C UNK E 2556 64.13 -52.97 -68.64
N UNK E 2557 64.56 -53.26 -69.87
CA UNK E 2557 65.98 -53.24 -70.20
C UNK E 2557 66.56 -51.85 -70.03
N UNK E 2558 65.83 -50.85 -70.52
CA UNK E 2558 66.25 -49.46 -70.40
C UNK E 2558 66.34 -49.04 -68.93
N UNK E 2559 65.36 -49.46 -68.14
CA UNK E 2559 65.34 -49.15 -66.72
C UNK E 2559 66.54 -49.77 -66.01
N UNK E 2560 66.81 -51.03 -66.31
CA UNK E 2560 67.95 -51.73 -65.71
C UNK E 2560 69.27 -51.05 -66.10
N UNK E 2561 69.38 -50.66 -67.37
CA UNK E 2561 70.56 -49.99 -67.87
C UNK E 2561 70.77 -48.66 -67.15
N UNK E 2562 69.69 -47.90 -66.99
CA UNK E 2562 69.75 -46.61 -66.32
C UNK E 2562 70.16 -46.78 -64.86
N UNK E 2563 69.61 -47.80 -64.20
CA UNK E 2563 69.94 -48.08 -62.81
C UNK E 2563 71.41 -48.43 -62.67
N UNK E 2564 71.90 -49.28 -63.56
CA UNK E 2564 73.31 -49.70 -63.54
C UNK E 2564 74.23 -48.50 -63.77
N UNK E 2565 73.86 -47.65 -64.73
CA UNK E 2565 74.64 -46.46 -65.04
C UNK E 2565 74.69 -45.52 -63.85
N UNK E 2566 73.55 -45.32 -63.20
CA UNK E 2566 73.46 -44.45 -62.03
C UNK E 2566 74.33 -44.99 -60.90
N UNK E 2567 74.27 -46.30 -60.68
CA UNK E 2567 75.06 -46.94 -59.64
C UNK E 2567 76.56 -46.78 -59.93
N UNK E 2568 76.95 -46.97 -61.17
CA UNK E 2568 78.34 -46.85 -61.58
C UNK E 2568 78.84 -45.41 -61.42
N UNK E 2569 77.98 -44.45 -61.72
CA UNK E 2569 78.33 -43.05 -61.60
C UNK E 2569 78.44 -42.64 -60.14
N UNK E 2570 77.58 -43.22 -59.29
CA UNK E 2570 77.60 -42.92 -57.86
C UNK E 2570 78.83 -43.51 -57.20
N UNK E 2571 79.19 -44.74 -57.59
CA UNK E 2571 80.36 -45.40 -57.04
C UNK E 2571 81.64 -44.75 -57.57
N UNK E 2572 82.71 -44.83 -56.78
CA UNK E 2572 83.98 -44.24 -57.17
C UNK E 2572 85.15 -45.17 -56.82
N UNK E 2573 85.51 -46.02 -57.78
CA UNK E 2573 86.60 -46.98 -57.60
C UNK E 2573 86.39 -47.85 -56.36
N UNK E 2574 85.23 -48.51 -56.31
CA UNK E 2574 84.89 -49.34 -55.15
C UNK E 2574 84.38 -50.70 -55.61
N UNK E 2575 83.90 -50.77 -56.84
CA UNK E 2575 83.39 -52.02 -57.40
C UNK E 2575 84.41 -52.64 -58.34
N UNK E 2576 85.57 -53.00 -57.81
CA UNK E 2576 86.65 -53.58 -58.60
C UNK E 2576 86.26 -54.94 -59.17
N UNK E 2577 85.68 -55.80 -58.33
CA UNK E 2577 85.26 -57.13 -58.76
C UNK E 2577 84.17 -57.04 -59.82
N UNK E 2578 83.23 -56.11 -59.60
CA UNK E 2578 82.14 -55.90 -60.55
C UNK E 2578 82.69 -55.42 -61.89
N UNK E 2579 83.64 -54.50 -61.84
CA UNK E 2579 84.28 -53.97 -63.05
C UNK E 2579 85.00 -55.08 -63.79
N UNK E 2580 85.70 -55.92 -63.05
CA UNK E 2580 86.43 -57.05 -63.64
C UNK E 2580 85.48 -58.02 -64.32
N UNK E 2581 84.37 -58.32 -63.65
CA UNK E 2581 83.36 -59.22 -64.20
C UNK E 2581 82.75 -58.64 -65.47
N UNK E 2582 82.46 -57.34 -65.44
CA UNK E 2582 81.90 -56.66 -66.60
C UNK E 2582 82.87 -56.68 -67.77
N UNK E 2583 84.14 -56.45 -67.49
CA UNK E 2583 85.18 -56.47 -68.50
C UNK E 2583 85.30 -57.86 -69.12
N UNK E 2584 85.27 -58.88 -68.28
CA UNK E 2584 85.34 -60.26 -68.74
C UNK E 2584 84.15 -60.59 -69.64
N UNK E 2585 82.96 -60.16 -69.23
CA UNK E 2585 81.75 -60.40 -70.00
C UNK E 2585 81.80 -59.68 -71.34
N UNK E 2586 82.29 -58.45 -71.35
CA UNK E 2586 82.40 -57.66 -72.57
C UNK E 2586 83.43 -58.25 -73.52
N UNK E 2587 84.49 -58.83 -72.95
CA UNK E 2587 85.52 -59.47 -73.77
C UNK E 2587 85.01 -60.77 -74.36
N UNK E 2588 84.19 -61.49 -73.58
CA UNK E 2588 83.62 -62.75 -74.04
C UNK E 2588 82.56 -62.54 -75.12
N UNK E 2589 81.76 -61.50 -74.96
CA UNK E 2589 80.69 -61.22 -75.92
C UNK E 2589 80.95 -59.92 -76.69
N UNK E 2590 81.27 -60.06 -77.98
CA UNK E 2590 81.50 -58.91 -78.84
C UNK E 2590 80.18 -58.19 -79.13
N UNK E 2591 79.11 -58.98 -79.28
CA UNK E 2591 77.79 -58.43 -79.53
C UNK E 2591 76.79 -58.98 -78.52
N UNK E 2592 76.38 -58.14 -77.57
CA UNK E 2592 75.48 -58.56 -76.51
C UNK E 2592 74.13 -57.83 -76.61
N UNK E 2593 73.22 -58.20 -75.72
CA UNK E 2593 71.89 -57.58 -75.68
C UNK E 2593 71.98 -56.17 -75.11
N UNK E 2594 72.75 -56.02 -74.05
CA UNK E 2594 72.95 -54.71 -73.43
C UNK E 2594 74.36 -54.21 -73.71
N UNK E 2595 74.79 -54.36 -74.96
CA UNK E 2595 76.13 -53.96 -75.38
C UNK E 2595 76.34 -52.47 -75.21
N UNK E 2596 75.34 -51.67 -75.59
CA UNK E 2596 75.41 -50.23 -75.48
C UNK E 2596 75.53 -49.79 -74.02
N UNK E 2597 74.72 -50.39 -73.15
CA UNK E 2597 74.75 -50.08 -71.73
C UNK E 2597 76.09 -50.46 -71.10
N UNK E 2598 76.60 -51.63 -71.49
CA UNK E 2598 77.88 -52.10 -71.00
C UNK E 2598 78.99 -51.14 -71.42
N UNK E 2599 78.95 -50.72 -72.68
CA UNK E 2599 79.95 -49.80 -73.21
C UNK E 2599 79.88 -48.46 -72.49
N UNK E 2600 78.66 -47.99 -72.21
CA UNK E 2600 78.48 -46.73 -71.50
C UNK E 2600 79.05 -46.80 -70.09
N UNK E 2601 78.74 -47.89 -69.40
CA UNK E 2601 79.25 -48.11 -68.05
C UNK E 2601 80.78 -48.15 -68.04
N UNK E 2602 81.34 -48.87 -69.01
CA UNK E 2602 82.78 -48.99 -69.14
C UNK E 2602 83.41 -47.63 -69.40
N UNK E 2603 82.78 -46.83 -70.26
CA UNK E 2603 83.27 -45.50 -70.58
C UNK E 2603 83.25 -44.60 -69.35
N UNK E 2604 82.17 -44.69 -68.58
CA UNK E 2604 82.05 -43.91 -67.35
C UNK E 2604 83.16 -44.28 -66.35
N UNK E 2605 83.34 -45.58 -66.16
CA UNK E 2605 84.36 -46.07 -65.24
C UNK E 2605 85.76 -45.63 -65.69
N UNK E 2606 86.00 -45.71 -66.99
CA UNK E 2606 87.29 -45.34 -67.55
C UNK E 2606 87.55 -43.85 -67.41
N UNK E 2607 86.51 -43.03 -67.59
CA UNK E 2607 86.62 -41.60 -67.42
C UNK E 2607 86.95 -41.28 -65.96
N UNK E 2608 86.28 -41.96 -65.06
CA UNK E 2608 86.53 -41.80 -63.62
C UNK E 2608 87.98 -42.15 -63.29
N UNK E 2609 88.46 -43.25 -63.85
CA UNK E 2609 89.83 -43.71 -63.62
C UNK E 2609 90.85 -42.73 -64.17
N UNK E 2610 90.59 -42.21 -65.37
CA UNK E 2610 91.48 -41.24 -66.00
C UNK E 2610 91.52 -39.94 -65.21
N UNK E 2611 90.38 -39.60 -64.61
CA UNK E 2611 90.31 -38.43 -63.75
C UNK E 2611 91.17 -38.64 -62.50
N UNK E 2612 90.90 -39.73 -61.77
CA UNK E 2612 91.65 -40.05 -60.57
C UNK E 2612 91.47 -41.51 -60.18
N UNK E 2613 92.08 -41.90 -59.06
CA UNK E 2613 91.99 -43.25 -58.52
C UNK E 2613 92.41 -44.31 -59.55
N UNK E 2614 93.64 -44.20 -60.03
CA UNK E 2614 94.18 -45.15 -60.99
C UNK E 2614 95.30 -45.97 -60.37
N UNK E 2615 95.34 -45.99 -59.04
CA UNK E 2615 96.37 -46.70 -58.31
C UNK E 2615 96.03 -48.19 -58.18
N UNK E 2616 96.37 -48.97 -59.21
CA UNK E 2616 96.11 -50.40 -59.21
C UNK E 2616 96.97 -51.12 -60.24
N UNK E 2617 97.06 -52.44 -60.11
CA UNK E 2617 97.85 -53.24 -61.03
C UNK E 2617 96.95 -54.24 -61.78
N UNK E 2618 96.20 -55.02 -61.02
CA UNK E 2618 95.26 -55.98 -61.60
C UNK E 2618 94.19 -55.24 -62.40
N UNK E 2619 93.68 -54.15 -61.83
CA UNK E 2619 92.68 -53.33 -62.50
C UNK E 2619 93.26 -52.70 -63.76
N UNK E 2620 94.53 -52.29 -63.69
CA UNK E 2620 95.20 -51.70 -64.84
C UNK E 2620 95.34 -52.72 -65.96
N UNK E 2621 95.70 -53.95 -65.60
CA UNK E 2621 95.82 -55.04 -66.56
C UNK E 2621 94.48 -55.36 -67.20
N UNK E 2622 93.43 -55.36 -66.38
CA UNK E 2622 92.08 -55.61 -66.86
C UNK E 2622 91.65 -54.51 -67.83
N UNK E 2623 91.98 -53.27 -67.51
CA UNK E 2623 91.66 -52.14 -68.36
C UNK E 2623 92.40 -52.24 -69.68
N UNK E 2624 93.65 -52.68 -69.63
CA UNK E 2624 94.46 -52.86 -70.84
C UNK E 2624 93.84 -53.94 -71.72
N UNK E 2625 93.41 -55.03 -71.09
CA UNK E 2625 92.76 -56.13 -71.81
C UNK E 2625 91.46 -55.66 -72.47
N UNK E 2626 90.70 -54.87 -71.73
CA UNK E 2626 89.44 -54.32 -72.24
C UNK E 2626 89.69 -53.38 -73.42
N UNK E 2627 90.74 -52.58 -73.32
CA UNK E 2627 91.12 -51.67 -74.39
C UNK E 2627 91.52 -52.45 -75.64
N UNK E 2628 92.27 -53.53 -75.43
CA UNK E 2628 92.69 -54.40 -76.52
C UNK E 2628 91.47 -55.01 -77.21
N UNK E 2629 90.52 -55.48 -76.41
CA UNK E 2629 89.29 -56.08 -76.93
C UNK E 2629 88.49 -55.05 -77.72
N UNK E 2630 88.42 -53.83 -77.20
CA UNK E 2630 87.71 -52.75 -77.87
C UNK E 2630 88.36 -52.41 -79.19
N UNK E 2631 89.69 -52.39 -79.21
CA UNK E 2631 90.43 -52.12 -80.44
C UNK E 2631 90.18 -53.22 -81.47
N UNK E 2632 90.16 -54.46 -81.01
CA UNK E 2632 89.91 -55.61 -81.88
C UNK E 2632 88.50 -55.54 -82.47
N UNK E 2633 87.55 -55.10 -81.65
CA UNK E 2633 86.16 -54.97 -82.09
C UNK E 2633 86.00 -53.82 -83.08
N UNK E 2634 86.73 -52.74 -82.86
CA UNK E 2634 86.66 -51.58 -83.73
C UNK E 2634 87.33 -51.86 -85.06
N UNK E 2635 88.36 -52.69 -85.05
CA UNK E 2635 89.05 -53.07 -86.28
C UNK E 2635 88.45 -54.33 -86.88
N UNK E 2636 87.11 -54.38 -86.91
CA UNK E 2636 86.40 -55.52 -87.45
C UNK E 2636 85.36 -55.10 -88.47
N UNK E 2637 84.77 -56.07 -89.15
CA UNK E 2637 83.76 -55.80 -90.17
C UNK E 2637 82.37 -55.67 -89.53
N UNK E 2638 81.99 -54.44 -89.19
CA UNK E 2638 80.70 -54.18 -88.58
C UNK E 2638 80.02 -52.96 -89.21
N UNK E 2639 78.70 -52.98 -89.25
CA UNK E 2639 77.93 -51.87 -89.81
C UNK E 2639 77.96 -50.65 -88.90
N UNK E 2640 77.94 -49.48 -89.50
CA UNK E 2640 78.01 -48.23 -88.74
C UNK E 2640 76.64 -47.85 -88.18
N UNK E 2641 76.56 -47.74 -86.85
CA UNK E 2641 75.31 -47.36 -86.19
C UNK E 2641 75.59 -46.87 -84.77
N UNK E 2642 74.63 -47.10 -83.88
CA UNK E 2642 74.79 -46.73 -82.47
C UNK E 2642 75.92 -47.52 -81.83
N UNK E 2643 76.05 -48.78 -82.23
CA UNK E 2643 77.13 -49.63 -81.74
C UNK E 2643 78.48 -49.06 -82.19
N UNK E 2644 78.54 -48.62 -83.43
CA UNK E 2644 79.75 -48.03 -83.98
C UNK E 2644 80.09 -46.73 -83.24
N UNK E 2645 79.07 -45.95 -82.92
CA UNK E 2645 79.26 -44.71 -82.18
C UNK E 2645 79.83 -45.00 -80.78
N UNK E 2646 79.25 -46.00 -80.13
CA UNK E 2646 79.70 -46.41 -78.79
C UNK E 2646 81.14 -46.92 -78.83
N UNK E 2647 81.47 -47.63 -79.90
CA UNK E 2647 82.83 -48.15 -80.07
C UNK E 2647 83.83 -47.01 -80.30
N UNK E 2648 83.42 -46.03 -81.09
CA UNK E 2648 84.26 -44.86 -81.36
C UNK E 2648 84.49 -44.07 -80.09
N UNK E 2649 83.45 -44.00 -79.26
CA UNK E 2649 83.56 -43.32 -77.97
C UNK E 2649 84.37 -44.18 -76.99
N UNK E 2650 85.68 -44.22 -77.20
CA UNK E 2650 86.57 -45.00 -76.35
C UNK E 2650 87.79 -44.16 -75.95
N UNK E 2651 87.67 -42.85 -76.15
CA UNK E 2651 88.74 -41.92 -75.81
C UNK E 2651 89.00 -41.95 -74.31
N UNK E 2652 87.94 -42.10 -73.52
CA UNK E 2652 88.05 -42.19 -72.07
C UNK E 2652 88.90 -43.39 -71.66
N UNK E 2653 88.60 -44.55 -72.26
CA UNK E 2653 89.34 -45.77 -71.98
C UNK E 2653 90.80 -45.64 -72.42
N UNK E 2654 91.00 -45.04 -73.59
CA UNK E 2654 92.34 -44.85 -74.12
C UNK E 2654 93.18 -43.93 -73.22
N UNK E 2655 92.53 -42.93 -72.63
CA UNK E 2655 93.20 -41.99 -71.75
C UNK E 2655 93.48 -42.63 -70.39
N UNK E 2656 92.55 -43.48 -69.94
CA UNK E 2656 92.71 -44.17 -68.68
C UNK E 2656 93.86 -45.18 -68.75
N UNK E 2657 93.95 -45.87 -69.88
CA UNK E 2657 95.02 -46.84 -70.10
C UNK E 2657 96.27 -46.14 -70.62
N UNK E 2658 97.19 -45.80 -69.73
CA UNK E 2658 98.43 -45.13 -70.11
C UNK E 2658 99.37 -46.08 -70.83
N ILE E 2712 103.88 -86.95 -55.34
CA ILE E 2712 104.30 -85.97 -54.35
C ILE E 2712 105.70 -86.32 -53.82
N PRO E 2713 106.58 -85.32 -53.74
CA PRO E 2713 107.94 -85.59 -53.28
C PRO E 2713 108.05 -85.76 -51.78
N GLU E 2714 109.21 -86.26 -51.37
CA GLU E 2714 109.47 -86.59 -49.97
C GLU E 2714 109.61 -85.34 -49.10
N LYS E 2715 110.17 -84.26 -49.64
CA LYS E 2715 110.26 -83.06 -48.82
C LYS E 2715 108.90 -82.39 -48.69
N LEU E 2716 107.97 -82.63 -49.62
CA LEU E 2716 106.59 -82.22 -49.40
C LEU E 2716 105.87 -83.16 -48.43
N GLU E 2717 106.26 -84.43 -48.39
CA GLU E 2717 105.79 -85.30 -47.30
C GLU E 2717 106.20 -84.71 -45.95
N TYR E 2718 107.46 -84.25 -45.85
CA TYR E 2718 107.93 -83.55 -44.66
C TYR E 2718 107.15 -82.26 -44.43
N PHE E 2719 106.87 -81.52 -45.50
CA PHE E 2719 106.04 -80.33 -45.42
C PHE E 2719 104.70 -80.64 -44.75
N ILE E 2720 104.10 -81.77 -45.13
CA ILE E 2720 102.80 -82.16 -44.59
C ILE E 2720 102.92 -82.54 -43.12
N ASN E 2721 103.96 -83.29 -42.75
CA ASN E 2721 104.10 -83.64 -41.34
C ASN E 2721 104.33 -82.39 -40.48
N LYS E 2722 105.19 -81.48 -40.93
CA LYS E 2722 105.45 -80.29 -40.13
C LYS E 2722 104.22 -79.38 -40.08
N TYR E 2723 103.41 -79.38 -41.15
CA TYR E 2723 102.17 -78.62 -41.10
C TYR E 2723 101.23 -79.20 -40.07
N ALA E 2724 101.09 -80.53 -40.03
CA ALA E 2724 100.29 -81.16 -38.98
C ALA E 2724 100.83 -80.80 -37.60
N GLU E 2725 102.16 -80.79 -37.46
CA GLU E 2725 102.77 -80.49 -36.16
C GLU E 2725 102.46 -79.07 -35.72
N HIS E 2726 102.61 -78.09 -36.62
CA HIS E 2726 102.40 -76.70 -36.23
C HIS E 2726 100.92 -76.38 -36.08
N SER E 2727 100.05 -77.05 -36.83
CA SER E 2727 98.61 -76.89 -36.61
C SER E 2727 98.21 -77.47 -35.26
N HIS E 2728 98.80 -78.61 -34.89
CA HIS E 2728 98.62 -79.11 -33.53
C HIS E 2728 99.12 -78.12 -32.51
N ASP E 2729 100.22 -77.44 -32.80
CA ASP E 2729 100.83 -76.50 -31.86
C ASP E 2729 99.93 -75.28 -31.66
N LYS E 2730 99.30 -74.81 -32.74
CA LYS E 2730 98.38 -73.67 -32.66
C LYS E 2730 97.08 -74.05 -31.95
N TRP E 2731 96.56 -75.25 -32.23
CA TRP E 2731 95.45 -75.76 -31.44
C TRP E 2731 95.82 -75.90 -29.98
N SER E 2732 97.06 -76.29 -29.69
CA SER E 2732 97.51 -76.42 -28.31
C SER E 2732 97.60 -75.08 -27.61
N MET E 2733 97.98 -74.03 -28.34
CA MET E 2733 97.91 -72.69 -27.76
C MET E 2733 96.47 -72.30 -27.48
N ASP E 2734 95.55 -72.64 -28.37
CA ASP E 2734 94.14 -72.42 -28.07
C ASP E 2734 93.70 -73.21 -26.83
N LYS E 2735 94.23 -74.43 -26.68
CA LYS E 2735 93.96 -75.24 -25.48
C LYS E 2735 94.40 -74.52 -24.22
N LEU E 2736 95.64 -74.02 -24.21
CA LEU E 2736 96.17 -73.33 -23.04
C LEU E 2736 95.50 -71.98 -22.80
N ALA E 2737 95.04 -71.31 -23.85
CA ALA E 2737 94.40 -70.02 -23.68
C ALA E 2737 92.99 -70.18 -23.12
N ASN E 2738 92.28 -71.23 -23.52
CA ASN E 2738 90.91 -71.42 -23.07
C ASN E 2738 90.79 -72.37 -21.88
N GLY E 2739 91.88 -73.01 -21.48
CA GLY E 2739 91.92 -73.83 -20.28
C GLY E 2739 91.28 -75.20 -20.37
N TRP E 2740 91.44 -75.90 -21.49
CA TRP E 2740 90.87 -77.23 -21.65
C TRP E 2740 91.82 -78.30 -21.13
N ILE E 2741 91.26 -79.35 -20.53
CA ILE E 2741 92.04 -80.42 -19.94
C ILE E 2741 91.57 -81.75 -20.53
N TYR E 2742 92.51 -82.70 -20.66
CA TYR E 2742 92.22 -83.99 -21.28
C TYR E 2742 91.42 -84.89 -20.35
N GLY E 2743 90.81 -85.91 -20.94
CA GLY E 2743 90.04 -86.88 -20.20
C GLY E 2743 89.65 -88.04 -21.09
N GLU E 2744 89.23 -89.14 -20.45
CA GLU E 2744 88.83 -90.33 -21.18
C GLU E 2744 87.42 -90.20 -21.75
N ILE E 2745 86.50 -89.66 -20.96
CA ILE E 2745 85.11 -89.52 -21.37
C ILE E 2745 84.99 -88.35 -22.36
N TYR E 2746 84.12 -88.50 -23.35
CA TYR E 2746 83.89 -87.48 -24.36
C TYR E 2746 82.72 -86.61 -23.90
N SER E 2747 82.91 -85.29 -23.95
CA SER E 2747 81.86 -84.33 -23.63
C SER E 2747 82.37 -82.94 -23.98
N ASP E 2748 81.42 -82.02 -24.18
CA ASP E 2748 81.74 -80.63 -24.48
C ASP E 2748 81.44 -79.67 -23.34
N SER E 2749 80.58 -80.05 -22.39
CA SER E 2749 80.22 -79.16 -21.29
C SER E 2749 81.11 -79.32 -20.07
N SER E 2750 81.61 -80.53 -19.82
CA SER E 2750 82.40 -80.80 -18.62
C SER E 2750 83.88 -80.53 -18.83
N LYS E 2751 84.28 -80.13 -20.04
CA LYS E 2751 85.67 -79.77 -20.34
C LYS E 2751 86.60 -80.96 -20.14
N ILE E 2752 86.31 -82.03 -20.89
CA ILE E 2752 87.14 -83.22 -20.94
C ILE E 2752 87.22 -83.67 -22.40
N GLN E 2753 88.40 -84.14 -22.80
CA GLN E 2753 88.75 -84.33 -24.20
C GLN E 2753 89.74 -85.47 -24.38
N PRO E 2754 89.47 -86.37 -25.33
CA PRO E 2754 90.33 -87.55 -25.50
C PRO E 2754 91.62 -87.31 -26.28
N LEU E 2755 91.84 -86.10 -26.79
CA LEU E 2755 93.02 -85.79 -27.60
C LEU E 2755 93.72 -84.55 -27.06
N MET E 2756 94.10 -84.60 -25.79
CA MET E 2756 94.89 -83.53 -25.18
C MET E 2756 95.77 -84.07 -24.06
N LEU E 2761 87.05 -80.85 -27.88
CA LEU E 2761 85.94 -80.86 -28.84
C LEU E 2761 86.24 -81.78 -30.01
N LEU E 2762 87.43 -81.60 -30.61
CA LEU E 2762 87.81 -82.40 -31.76
C LEU E 2762 88.13 -83.83 -31.34
N SER E 2763 87.66 -84.79 -32.12
CA SER E 2763 88.08 -86.16 -31.94
C SER E 2763 89.31 -86.44 -32.78
N GLU E 2764 89.89 -87.64 -32.59
CA GLU E 2764 91.06 -88.00 -33.38
C GLU E 2764 90.71 -88.07 -34.87
N LYS E 2765 89.52 -88.58 -35.22
CA LYS E 2765 89.15 -88.56 -36.63
C LYS E 2765 88.84 -87.16 -37.10
N GLU E 2766 88.36 -86.30 -36.20
CA GLU E 2766 88.04 -84.93 -36.57
C GLU E 2766 89.29 -84.09 -36.79
N LYS E 2767 90.43 -84.51 -36.25
CA LYS E 2767 91.70 -83.92 -36.68
C LYS E 2767 92.28 -84.65 -37.89
N GLU E 2768 92.07 -85.96 -38.00
CA GLU E 2768 92.53 -86.71 -39.16
C GLU E 2768 91.89 -86.22 -40.44
N ILE E 2769 90.64 -85.73 -40.38
CA ILE E 2769 89.91 -85.37 -41.59
C ILE E 2769 90.58 -84.20 -42.30
N TYR E 2770 91.22 -83.30 -41.55
CA TYR E 2770 91.87 -82.16 -42.20
C TYR E 2770 93.19 -82.54 -42.87
N ARG E 2771 93.54 -83.81 -42.96
CA ARG E 2771 94.77 -84.20 -43.62
C ARG E 2771 94.62 -84.25 -45.13
N TRP E 2772 93.44 -84.64 -45.62
CA TRP E 2772 93.16 -84.85 -47.03
C TRP E 2772 92.92 -83.58 -47.83
N PRO E 2773 92.14 -82.60 -47.35
CA PRO E 2773 91.95 -81.38 -48.16
C PRO E 2773 93.24 -80.63 -48.45
N ILE E 2774 94.20 -80.67 -47.53
CA ILE E 2774 95.50 -80.03 -47.77
C ILE E 2774 96.20 -80.70 -48.95
N LYS E 2775 96.22 -82.04 -48.96
CA LYS E 2775 96.80 -82.79 -50.06
C LYS E 2775 96.08 -82.47 -51.36
N GLU E 2776 94.74 -82.37 -51.33
CA GLU E 2776 93.99 -82.10 -52.54
C GLU E 2776 94.31 -80.71 -53.07
N SER E 2777 94.44 -79.74 -52.18
CA SER E 2777 94.76 -78.37 -52.60
C SER E 2777 96.19 -78.28 -53.13
N LEU E 2778 97.12 -79.04 -52.56
CA LEU E 2778 98.49 -79.00 -53.10
C LEU E 2778 98.58 -79.76 -54.43
N LYS E 2779 97.78 -80.80 -54.62
CA LYS E 2779 97.72 -81.42 -55.94
C LYS E 2779 97.20 -80.43 -56.97
N THR E 2780 96.19 -79.64 -56.61
CA THR E 2780 95.71 -78.60 -57.51
C THR E 2780 96.80 -77.56 -57.79
N MET E 2781 97.54 -77.16 -56.76
CA MET E 2781 98.61 -76.18 -56.97
C MET E 2781 99.71 -76.75 -57.85
N LEU E 2782 100.04 -78.03 -57.71
CA LEU E 2782 101.07 -78.65 -58.53
C LEU E 2782 100.63 -78.78 -59.98
N ALA E 2783 99.37 -79.15 -60.21
CA ALA E 2783 98.89 -79.33 -61.58
C ALA E 2783 98.62 -78.01 -62.28
N TRP E 2784 98.13 -77.01 -61.55
CA TRP E 2784 97.83 -75.72 -62.15
C TRP E 2784 99.08 -74.85 -62.24
N ASP E 2835 98.58 -62.18 -56.93
CA ASP E 2835 99.86 -62.86 -56.87
C ASP E 2835 99.74 -63.96 -55.81
N LEU E 2836 100.50 -63.80 -54.74
CA LEU E 2836 100.21 -64.53 -53.51
C LEU E 2836 98.73 -64.46 -53.19
N HIS E 2837 98.18 -63.25 -53.19
CA HIS E 2837 96.79 -63.03 -52.82
C HIS E 2837 95.84 -63.64 -53.84
N ALA E 2838 96.19 -63.56 -55.14
CA ALA E 2838 95.33 -64.14 -56.17
C ALA E 2838 95.23 -65.64 -56.02
N MET E 2839 96.37 -66.33 -55.91
CA MET E 2839 96.30 -67.78 -55.76
C MET E 2839 95.73 -68.17 -54.39
N ALA E 2840 95.83 -67.28 -53.40
CA ALA E 2840 95.14 -67.54 -52.14
C ALA E 2840 93.63 -67.56 -52.34
N GLU E 2841 93.10 -66.54 -53.05
CA GLU E 2841 91.69 -66.57 -53.42
C GLU E 2841 91.35 -67.81 -54.24
N MET E 2842 92.30 -68.30 -55.04
CA MET E 2842 91.99 -69.44 -55.90
C MET E 2842 91.97 -70.75 -55.12
N MET E 2843 92.85 -70.91 -54.13
CA MET E 2843 92.72 -72.10 -53.29
C MET E 2843 91.49 -72.01 -52.38
N ALA E 2844 91.13 -70.80 -51.95
CA ALA E 2844 89.83 -70.63 -51.30
C ALA E 2844 88.71 -71.05 -52.23
N GLU E 2845 88.87 -70.78 -53.52
CA GLU E 2845 87.89 -71.22 -54.50
C GLU E 2845 87.86 -72.75 -54.59
N ASN E 2846 89.02 -73.40 -54.53
CA ASN E 2846 89.06 -74.86 -54.47
C ASN E 2846 88.25 -75.37 -53.29
N TYR E 2847 88.48 -74.79 -52.12
CA TYR E 2847 87.78 -75.22 -50.92
C TYR E 2847 86.27 -75.04 -51.07
N HIS E 2848 85.85 -73.84 -51.50
CA HIS E 2848 84.41 -73.61 -51.70
C HIS E 2848 83.86 -74.52 -52.79
N ASN E 2849 84.62 -74.80 -53.83
CA ASN E 2849 84.09 -75.59 -54.94
C ASN E 2849 83.87 -77.03 -54.51
N ILE E 2850 84.81 -77.61 -53.75
CA ILE E 2850 84.60 -78.97 -53.28
C ILE E 2850 83.47 -79.02 -52.25
N TRP E 2851 83.36 -77.99 -51.41
CA TRP E 2851 82.24 -77.93 -50.46
C TRP E 2851 80.90 -77.86 -51.19
N ALA E 2852 80.83 -77.02 -52.22
CA ALA E 2852 79.63 -76.89 -53.03
C ALA E 2852 79.31 -78.20 -53.73
N LYS E 2853 80.32 -78.91 -54.23
CA LYS E 2853 80.09 -80.18 -54.90
C LYS E 2853 79.50 -81.20 -53.94
N LYS E 2854 80.10 -81.35 -52.76
CA LYS E 2854 79.62 -82.35 -51.81
C LYS E 2854 78.21 -82.01 -51.33
N LYS E 2855 77.94 -80.73 -51.05
CA LYS E 2855 76.60 -80.36 -50.59
C LYS E 2855 75.55 -80.53 -51.69
N LYS E 2856 75.92 -80.28 -52.95
CA LYS E 2856 74.95 -80.47 -54.02
C LYS E 2856 74.68 -81.94 -54.26
N LEU E 2857 75.71 -82.78 -54.17
CA LEU E 2857 75.49 -84.22 -54.27
C LEU E 2857 74.61 -84.74 -53.14
N GLU E 2858 74.84 -84.29 -51.90
CA GLU E 2858 74.02 -84.79 -50.80
C GLU E 2858 72.59 -84.25 -50.89
N LEU E 2859 72.43 -83.04 -51.41
CA LEU E 2859 71.09 -82.53 -51.72
C LEU E 2859 70.39 -83.43 -52.73
N GLU E 2860 71.03 -83.68 -53.88
CA GLU E 2860 70.40 -84.49 -54.93
C GLU E 2860 70.22 -85.94 -54.49
N SER E 2861 70.95 -86.37 -53.46
CA SER E 2861 70.79 -87.73 -52.94
C SER E 2861 69.62 -87.82 -51.96
N LYS E 2862 69.64 -87.03 -50.90
CA LYS E 2862 68.64 -87.19 -49.83
C LYS E 2862 67.45 -86.25 -50.00
N GLY E 2863 67.32 -85.59 -51.15
CA GLY E 2863 66.18 -84.70 -51.34
C GLY E 2863 66.20 -83.53 -50.37
N GLY E 2864 67.38 -83.01 -50.06
CA GLY E 2864 67.48 -81.93 -49.11
C GLY E 2864 66.90 -80.63 -49.66
N GLY E 2865 66.62 -79.73 -48.73
CA GLY E 2865 66.10 -78.43 -49.09
C GLY E 2865 67.15 -77.52 -49.71
N ASN E 2866 66.66 -76.51 -50.40
CA ASN E 2866 67.52 -75.52 -51.04
C ASN E 2866 68.14 -74.58 -50.02
N HIS E 2867 69.58 -74.33 -50.15
CA HIS E 2867 70.54 -73.52 -49.40
C HIS E 2867 70.74 -72.15 -50.05
N PRO E 2868 71.13 -71.14 -49.27
CA PRO E 2868 71.43 -69.82 -49.86
C PRO E 2868 72.75 -69.78 -50.61
N LEU E 2869 73.59 -70.81 -50.49
CA LEU E 2869 74.86 -70.87 -51.19
C LEU E 2869 74.73 -71.49 -52.58
N LEU E 2870 73.54 -71.48 -53.16
CA LEU E 2870 73.31 -72.03 -54.49
C LEU E 2870 73.59 -70.99 -55.57
N VAL E 2871 74.76 -70.35 -55.48
CA VAL E 2871 75.16 -69.30 -56.42
C VAL E 2871 76.65 -69.43 -56.70
N PRO E 2872 77.11 -68.85 -57.82
CA PRO E 2872 78.56 -68.82 -58.07
C PRO E 2872 79.29 -67.97 -57.05
N TYR E 2873 80.62 -67.98 -57.17
CA TYR E 2873 81.49 -67.33 -56.20
C TYR E 2873 81.52 -65.81 -56.33
N ASP E 2874 81.12 -65.27 -57.47
CA ASP E 2874 81.25 -63.84 -57.70
C ASP E 2874 80.12 -63.07 -57.01
N THR E 2875 78.90 -63.61 -57.06
CA THR E 2875 77.74 -62.90 -56.54
C THR E 2875 77.62 -62.98 -55.02
N LEU E 2876 78.49 -63.73 -54.36
CA LEU E 2876 78.42 -63.92 -52.92
C LEU E 2876 78.80 -62.65 -52.16
N THR E 2877 78.52 -62.65 -50.86
CA THR E 2877 78.76 -61.52 -49.97
C THR E 2877 80.26 -61.41 -49.64
N ALA E 2878 80.59 -60.54 -48.68
CA ALA E 2878 81.98 -60.25 -48.36
C ALA E 2878 82.52 -61.02 -47.16
N LYS E 2879 81.66 -61.68 -46.37
CA LYS E 2879 82.09 -62.33 -45.14
C LYS E 2879 82.68 -63.71 -45.40
N GLU E 2880 81.97 -64.54 -46.17
CA GLU E 2880 82.42 -65.89 -46.46
C GLU E 2880 83.71 -65.87 -47.27
N LYS E 2881 83.96 -64.78 -48.00
CA LYS E 2881 85.27 -64.52 -48.58
C LYS E 2881 86.37 -64.67 -47.53
N ALA E 2882 86.25 -63.92 -46.43
CA ALA E 2882 87.21 -64.04 -45.34
C ALA E 2882 87.15 -65.41 -44.69
N LYS E 2883 85.94 -65.98 -44.55
CA LYS E 2883 85.81 -67.28 -43.89
C LYS E 2883 86.62 -68.35 -44.61
N ASP E 2884 86.62 -68.33 -45.93
CA ASP E 2884 87.37 -69.33 -46.68
C ASP E 2884 88.80 -68.91 -46.98
N ARG E 2885 89.13 -67.62 -46.84
CA ARG E 2885 90.51 -67.18 -47.03
C ARG E 2885 91.34 -67.23 -45.76
N GLU E 2886 90.71 -67.39 -44.58
CA GLU E 2886 91.47 -67.45 -43.33
C GLU E 2886 92.51 -68.56 -43.36
N LYS E 2887 92.07 -69.80 -43.56
CA LYS E 2887 93.01 -70.91 -43.58
C LYS E 2887 93.87 -70.91 -44.83
N ALA E 2888 93.39 -70.29 -45.92
CA ALA E 2888 94.23 -70.15 -47.10
C ALA E 2888 95.46 -69.31 -46.78
N GLN E 2889 95.24 -68.14 -46.15
CA GLN E 2889 96.35 -67.31 -45.72
C GLN E 2889 97.19 -68.02 -44.67
N ASP E 2890 96.56 -68.83 -43.82
CA ASP E 2890 97.33 -69.63 -42.88
C ASP E 2890 98.31 -70.54 -43.63
N ILE E 2891 97.79 -71.39 -44.51
CA ILE E 2891 98.65 -72.34 -45.21
C ILE E 2891 99.67 -71.61 -46.10
N PHE E 2892 99.36 -70.39 -46.55
CA PHE E 2892 100.35 -69.66 -47.33
C PHE E 2892 101.46 -69.14 -46.44
N LYS E 2893 101.12 -68.62 -45.27
CA LYS E 2893 102.11 -68.43 -44.21
C LYS E 2893 103.00 -69.64 -44.08
N PHE E 2894 102.37 -70.81 -43.91
CA PHE E 2894 103.07 -72.06 -43.65
C PHE E 2894 103.93 -72.52 -44.82
N LEU E 2895 103.53 -72.19 -46.04
CA LEU E 2895 104.32 -72.56 -47.22
C LEU E 2895 105.48 -71.60 -47.42
N GLN E 2896 105.25 -70.31 -47.16
CA GLN E 2896 106.25 -69.26 -47.29
C GLN E 2896 107.32 -69.30 -46.22
N ILE E 2897 107.11 -69.94 -45.07
CA ILE E 2897 108.20 -69.95 -44.08
C ILE E 2897 109.39 -70.73 -44.62
N SER E 2898 109.14 -71.89 -45.25
CA SER E 2898 110.21 -72.82 -45.60
C SER E 2898 111.12 -72.27 -46.70
N GLY E 2899 110.53 -71.83 -47.81
CA GLY E 2899 111.31 -71.40 -48.94
C GLY E 2899 110.71 -71.72 -50.29
N TYR E 2900 109.74 -72.64 -50.31
CA TYR E 2900 109.03 -72.94 -51.55
C TYR E 2900 108.22 -71.73 -51.96
N VAL E 2901 108.58 -71.15 -53.11
CA VAL E 2901 107.80 -70.09 -53.75
C VAL E 2901 107.10 -70.70 -54.96
N VAL E 2902 105.82 -70.36 -55.12
CA VAL E 2902 104.98 -70.95 -56.15
C VAL E 2902 104.22 -69.82 -56.84
N SER E 2903 103.90 -70.04 -58.11
CA SER E 2903 103.16 -69.07 -58.89
C SER E 2903 102.02 -69.79 -59.60
N ARG E 2904 101.37 -69.09 -60.54
CA ARG E 2904 100.26 -69.69 -61.27
C ARG E 2904 100.75 -70.84 -62.14
N GLY E 2905 101.64 -70.57 -63.07
CA GLY E 2905 102.16 -71.58 -63.96
C GLY E 2905 101.18 -71.93 -65.08
N UNK E 2916 106.48 -49.76 -73.47
CA UNK E 2916 106.36 -51.20 -73.62
C UNK E 2916 105.03 -51.57 -74.28
N UNK E 2917 104.01 -51.79 -73.46
CA UNK E 2917 102.69 -52.14 -73.98
C UNK E 2917 102.09 -51.00 -74.78
N UNK E 2918 102.25 -49.78 -74.28
CA UNK E 2918 101.76 -48.60 -74.97
C UNK E 2918 102.47 -48.42 -76.32
N UNK E 2919 103.77 -48.64 -76.33
CA UNK E 2919 104.57 -48.55 -77.55
C UNK E 2919 104.13 -49.60 -78.57
N UNK E 2920 103.88 -50.82 -78.08
CA UNK E 2920 103.43 -51.91 -78.93
C UNK E 2920 102.06 -51.59 -79.55
N UNK E 2921 101.18 -51.03 -78.73
CA UNK E 2921 99.85 -50.62 -79.18
C UNK E 2921 99.96 -49.53 -80.23
N UNK E 2922 100.84 -48.58 -80.01
CA UNK E 2922 101.07 -47.49 -80.96
C UNK E 2922 101.60 -48.03 -82.28
N UNK E 2923 102.52 -48.99 -82.21
CA UNK E 2923 103.08 -49.61 -83.41
C UNK E 2923 102.00 -50.37 -84.18
N UNK E 2924 101.15 -51.08 -83.46
CA UNK E 2924 100.05 -51.83 -84.07
C UNK E 2924 99.08 -50.86 -84.75
N UNK E 2925 98.79 -49.75 -84.09
CA UNK E 2925 97.91 -48.73 -84.65
C UNK E 2925 98.52 -48.13 -85.92
N UNK E 2926 99.83 -47.91 -85.89
CA UNK E 2926 100.54 -47.38 -87.05
C UNK E 2926 100.47 -48.36 -88.22
N UNK E 2927 100.64 -49.64 -87.93
CA UNK E 2927 100.55 -50.68 -88.96
C UNK E 2927 99.14 -50.72 -89.55
N UNK E 2928 98.14 -50.61 -88.69
CA UNK E 2928 96.76 -50.61 -89.12
C UNK E 2928 96.47 -49.40 -90.01
N UNK E 2929 97.03 -48.26 -89.62
CA UNK E 2929 96.87 -47.02 -90.38
C UNK E 2929 97.53 -47.14 -91.76
N UNK E 2930 98.69 -47.79 -91.79
CA UNK E 2930 99.40 -48.02 -93.05
C UNK E 2930 98.57 -48.92 -93.98
N UNK E 2931 98.01 -49.98 -93.39
CA UNK E 2931 97.16 -50.89 -94.14
C UNK E 2931 95.94 -50.16 -94.70
N UNK E 2932 95.34 -49.31 -93.86
CA UNK E 2932 94.17 -48.53 -94.26
C UNK E 2932 94.53 -47.56 -95.39
N UNK E 2933 95.71 -46.95 -95.30
CA UNK E 2933 96.17 -46.03 -96.33
C UNK E 2933 96.39 -46.77 -97.65
N UNK E 2934 96.95 -47.97 -97.57
CA UNK E 2934 97.15 -48.79 -98.76
C UNK E 2934 95.81 -49.14 -99.41
N UNK E 2935 94.86 -49.52 -98.57
CA UNK E 2935 93.51 -49.86 -99.05
C UNK E 2935 92.84 -48.65 -99.69
N UNK E 2936 93.03 -47.47 -99.09
CA UNK E 2936 92.46 -46.24 -99.60
C UNK E 2936 93.07 -45.88 -100.95
N UNK E 2937 94.38 -46.07 -101.08
CA UNK E 2937 95.07 -45.83 -102.34
C UNK E 2937 94.54 -46.77 -103.42
N UNK E 2938 94.36 -48.04 -103.05
CA UNK E 2938 93.82 -49.03 -103.98
C UNK E 2938 92.42 -48.65 -104.43
N UNK E 2939 91.60 -48.18 -103.49
CA UNK E 2939 90.23 -47.78 -103.78
C UNK E 2939 90.19 -46.54 -104.69
N UNK E 2940 91.10 -45.61 -104.44
CA UNK E 2940 91.20 -44.41 -105.26
C UNK E 2940 91.64 -44.76 -106.67
N UNK E 2941 92.51 -45.76 -106.77
CA UNK E 2941 92.95 -46.26 -108.08
C UNK E 2941 91.78 -46.92 -108.79
N UNK E 2942 90.95 -47.63 -108.03
CA UNK E 2942 89.76 -48.27 -108.57
C UNK E 2942 88.70 -47.24 -108.95
N UNK E 2961 84.42 -49.57 -97.61
CA UNK E 2961 83.63 -50.66 -97.03
C UNK E 2961 83.35 -50.39 -95.55
N UNK E 2962 82.58 -51.29 -94.94
CA UNK E 2962 82.25 -51.17 -93.53
C UNK E 2962 83.50 -51.30 -92.67
N UNK E 2963 84.36 -52.26 -93.03
CA UNK E 2963 85.61 -52.46 -92.31
C UNK E 2963 86.51 -51.24 -92.44
N UNK E 2964 86.53 -50.64 -93.63
CA UNK E 2964 87.33 -49.45 -93.88
C UNK E 2964 86.82 -48.28 -93.04
N UNK E 2965 85.51 -48.13 -92.98
CA UNK E 2965 84.88 -47.07 -92.18
C UNK E 2965 85.20 -47.28 -90.71
N UNK E 2966 85.16 -48.53 -90.26
CA UNK E 2966 85.46 -48.86 -88.87
C UNK E 2966 86.91 -48.54 -88.54
N UNK E 2967 87.82 -48.87 -89.45
CA UNK E 2967 89.23 -48.57 -89.26
C UNK E 2967 89.46 -47.06 -89.20
N UNK E 2968 88.77 -46.32 -90.07
CA UNK E 2968 88.87 -44.87 -90.09
C UNK E 2968 88.37 -44.28 -88.78
N UNK E 2969 87.27 -44.82 -88.28
CA UNK E 2969 86.70 -44.39 -87.00
C UNK E 2969 87.66 -44.66 -85.86
N UNK E 2970 88.29 -45.83 -85.88
CA UNK E 2970 89.25 -46.21 -84.86
C UNK E 2970 90.46 -45.27 -84.88
N UNK E 2971 90.92 -44.94 -86.08
CA UNK E 2971 92.05 -44.03 -86.25
C UNK E 2971 91.70 -42.64 -85.73
N UNK E 2972 90.50 -42.17 -86.05
CA UNK E 2972 90.03 -40.87 -85.58
C UNK E 2972 89.94 -40.85 -84.06
N UNK E 2973 89.44 -41.94 -83.47
CA UNK E 2973 89.32 -42.05 -82.02
C UNK E 2973 90.70 -42.04 -81.37
N UNK E 2974 91.64 -42.75 -81.96
CA UNK E 2974 93.01 -42.78 -81.45
C UNK E 2974 93.63 -41.40 -81.50
N UNK E 2975 93.42 -40.69 -82.60
CA UNK E 2975 93.93 -39.34 -82.77
C UNK E 2975 93.34 -38.39 -81.73
N UNK E 2976 92.03 -38.52 -81.51
CA UNK E 2976 91.34 -37.68 -80.52
C UNK E 2976 91.87 -37.96 -79.12
N UNK E 2977 92.10 -39.24 -78.81
CA UNK E 2977 92.62 -39.63 -77.51
C UNK E 2977 94.03 -39.12 -77.31
N UNK E 2978 94.82 -39.11 -78.38
CA UNK E 2978 96.19 -38.60 -78.32
C UNK E 2978 96.17 -37.09 -78.10
N UNK E 2979 95.25 -36.42 -78.78
CA UNK E 2979 95.11 -34.96 -78.66
C UNK E 2979 94.67 -34.58 -77.25
N UNK E 2980 93.76 -35.37 -76.68
CA UNK E 2980 93.27 -35.12 -75.33
C UNK E 2980 94.32 -35.52 -74.30
N UNK E 2981 94.90 -34.52 -73.64
CA UNK E 2981 95.94 -34.74 -72.63
C UNK E 2981 97.12 -35.54 -73.19
N UNK E 2982 97.80 -34.96 -74.17
CA UNK E 2982 98.95 -35.59 -74.79
C UNK E 2982 100.11 -35.68 -73.80
N UNK E 2983 100.37 -34.58 -73.10
CA UNK E 2983 101.43 -34.49 -72.12
C UNK E 2983 102.79 -34.86 -72.71
N UNK E 2984 103.08 -34.34 -73.90
CA UNK E 2984 104.34 -34.60 -74.57
C UNK E 2984 105.50 -33.96 -73.80
N UNK E 2985 105.21 -32.90 -73.08
CA UNK E 2985 106.21 -32.22 -72.27
C UNK E 2985 106.51 -33.03 -71.02
N UNK E 2986 105.47 -33.63 -70.43
CA UNK E 2986 105.63 -34.47 -69.25
C UNK E 2986 106.38 -35.75 -69.62
N UNK E 2987 106.03 -36.32 -70.77
CA UNK E 2987 106.72 -37.48 -71.29
C UNK E 2987 107.88 -37.05 -72.18
N UNK E 2988 108.99 -36.66 -71.56
CA UNK E 2988 110.16 -36.21 -72.28
C UNK E 2988 110.69 -37.30 -73.20
N UNK E 2989 110.69 -38.53 -72.72
CA UNK E 2989 111.09 -39.67 -73.53
C UNK E 2989 110.00 -39.97 -74.55
N UNK E 2990 110.34 -39.90 -75.83
CA UNK E 2990 109.36 -40.08 -76.90
C UNK E 2990 109.60 -41.39 -77.64
N UNK E 2991 108.55 -42.21 -77.74
CA UNK E 2991 108.61 -43.46 -78.49
C UNK E 2991 108.48 -43.18 -79.98
N UNK E 2992 108.76 -44.19 -80.79
CA UNK E 2992 108.69 -44.05 -82.25
C UNK E 2992 107.25 -43.87 -82.70
N UNK E 2993 106.97 -42.72 -83.30
CA UNK E 2993 105.63 -42.42 -83.81
C UNK E 2993 105.70 -41.42 -84.95
N UNK E 2994 106.85 -40.77 -85.08
CA UNK E 2994 107.07 -39.79 -86.14
C UNK E 2994 107.03 -40.48 -87.51
N UNK E 2995 107.53 -41.71 -87.55
CA UNK E 2995 107.57 -42.48 -88.79
C UNK E 2995 106.17 -42.82 -89.27
N UNK E 2996 105.19 -42.76 -88.37
CA UNK E 2996 103.80 -43.00 -88.72
C UNK E 2996 103.09 -41.68 -89.02
N UNK E 2997 103.41 -40.66 -88.24
CA UNK E 2997 102.82 -39.33 -88.41
C UNK E 2997 103.17 -38.75 -89.77
N UNK E 2998 104.45 -38.75 -90.10
CA UNK E 2998 104.92 -38.24 -91.37
C UNK E 2998 104.39 -39.08 -92.52
N UNK E 2999 104.23 -40.38 -92.29
CA UNK E 2999 103.69 -41.28 -93.31
C UNK E 2999 102.24 -40.91 -93.62
N UNK E 3000 101.45 -40.69 -92.58
CA UNK E 3000 100.05 -40.30 -92.74
C UNK E 3000 99.95 -38.94 -93.43
N UNK E 3001 100.84 -38.02 -93.05
CA UNK E 3001 100.88 -36.70 -93.66
C UNK E 3001 101.20 -36.80 -95.16
N UNK E 3002 102.17 -37.65 -95.50
CA UNK E 3002 102.56 -37.87 -96.88
C UNK E 3002 101.43 -38.50 -97.68
N UNK E 3003 100.68 -39.41 -97.04
CA UNK E 3003 99.53 -40.02 -97.69
C UNK E 3003 98.46 -38.97 -98.00
N UNK E 3004 98.18 -38.12 -97.00
CA UNK E 3004 97.20 -37.05 -97.17
C UNK E 3004 97.64 -36.06 -98.25
N UNK E 3005 98.94 -35.84 -98.36
CA UNK E 3005 99.48 -34.93 -99.36
C UNK E 3005 99.41 -35.55 -100.76
N UNK E 3006 99.70 -36.83 -100.87
CA UNK E 3006 99.60 -37.56 -102.12
C UNK E 3006 98.16 -37.56 -102.60
N UNK E 3007 97.24 -37.63 -101.65
CA UNK E 3007 95.83 -37.41 -101.94
C UNK E 3007 95.66 -35.98 -102.44
N UNK E 3008 95.50 -35.83 -103.76
CA UNK E 3008 95.45 -34.52 -104.39
C UNK E 3008 94.36 -33.62 -103.80
N UNK E 3009 93.19 -34.19 -103.55
CA UNK E 3009 92.09 -33.45 -102.96
C UNK E 3009 91.42 -34.26 -101.85
N UNK E 3010 91.55 -33.78 -100.62
CA UNK E 3010 90.93 -34.44 -99.47
C UNK E 3010 89.42 -34.38 -99.56
N UNK E 3011 88.91 -33.26 -100.07
CA UNK E 3011 87.47 -33.05 -100.25
C UNK E 3011 86.70 -33.27 -98.95
N UNK E 3012 85.45 -33.72 -99.08
CA UNK E 3012 84.62 -33.98 -97.92
C UNK E 3012 84.63 -35.47 -97.58
N UNK E 3013 85.70 -36.15 -98.00
CA UNK E 3013 85.84 -37.58 -97.75
C UNK E 3013 86.79 -37.85 -96.60
N UNK E 3014 87.56 -36.84 -96.21
CA UNK E 3014 88.54 -37.01 -95.14
C UNK E 3014 88.84 -35.69 -94.41
N UNK E 3015 87.83 -34.86 -94.23
CA UNK E 3015 87.99 -33.64 -93.45
C UNK E 3015 88.29 -34.01 -92.00
N UNK E 3016 87.60 -35.03 -91.51
CA UNK E 3016 87.82 -35.56 -90.17
C UNK E 3016 89.24 -36.10 -90.05
N UNK E 3017 89.71 -36.76 -91.09
CA UNK E 3017 91.06 -37.30 -91.12
C UNK E 3017 92.10 -36.18 -91.08
N UNK E 3018 91.81 -35.09 -91.79
CA UNK E 3018 92.68 -33.92 -91.80
C UNK E 3018 92.76 -33.30 -90.40
N UNK E 3019 91.60 -33.17 -89.77
CA UNK E 3019 91.54 -32.65 -88.40
C UNK E 3019 92.31 -33.54 -87.44
N UNK E 3020 92.18 -34.86 -87.63
CA UNK E 3020 92.88 -35.84 -86.80
C UNK E 3020 94.38 -35.72 -87.00
N UNK E 3021 94.81 -35.50 -88.23
CA UNK E 3021 96.22 -35.33 -88.55
C UNK E 3021 96.77 -34.07 -87.86
N UNK E 3022 95.99 -33.00 -87.91
CA UNK E 3022 96.36 -31.76 -87.23
C UNK E 3022 96.53 -31.99 -85.73
N UNK E 3023 95.56 -32.70 -85.15
CA UNK E 3023 95.60 -33.01 -83.73
C UNK E 3023 96.80 -33.87 -83.37
N UNK E 3024 97.11 -34.85 -84.20
CA UNK E 3024 98.24 -35.73 -83.99
C UNK E 3024 99.55 -34.95 -84.07
N UNK E 3025 99.63 -34.02 -85.01
CA UNK E 3025 100.81 -33.18 -85.13
C UNK E 3025 100.98 -32.31 -83.89
N UNK E 3026 99.89 -31.73 -83.43
CA UNK E 3026 99.91 -30.90 -82.23
C UNK E 3026 100.33 -31.70 -81.00
N UNK E 3027 99.90 -32.97 -80.95
CA UNK E 3027 100.23 -33.84 -79.83
C UNK E 3027 101.70 -34.25 -79.85
N UNK E 3028 102.19 -34.58 -81.04
CA UNK E 3028 103.58 -35.01 -81.20
C UNK E 3028 104.53 -33.84 -80.98
N UNK E 3029 104.05 -32.63 -81.24
CA UNK E 3029 104.85 -31.43 -81.04
C UNK E 3029 105.09 -31.17 -79.56
N UNK E 3104 116.06 -35.08 -90.44
CA UNK E 3104 115.46 -35.90 -89.40
C UNK E 3104 114.73 -37.09 -90.00
N UNK E 3105 113.63 -36.82 -90.69
CA UNK E 3105 112.82 -37.86 -91.31
C UNK E 3105 112.77 -37.68 -92.82
N UNK E 3106 113.08 -38.75 -93.55
CA UNK E 3106 113.01 -38.74 -95.00
C UNK E 3106 111.58 -38.50 -95.46
N UNK E 3107 110.63 -39.09 -94.73
CA UNK E 3107 109.22 -38.90 -95.01
C UNK E 3107 108.83 -37.43 -94.83
N UNK E 3108 109.37 -36.81 -93.78
CA UNK E 3108 109.11 -35.40 -93.51
C UNK E 3108 109.69 -34.51 -94.61
N UNK E 3109 110.89 -34.85 -95.06
CA UNK E 3109 111.53 -34.12 -96.14
C UNK E 3109 110.72 -34.22 -97.43
N UNK E 3110 110.25 -35.43 -97.71
CA UNK E 3110 109.42 -35.68 -98.89
C UNK E 3110 108.11 -34.91 -98.79
N UNK E 3111 107.55 -34.84 -97.59
CA UNK E 3111 106.32 -34.09 -97.36
C UNK E 3111 106.53 -32.61 -97.59
N UNK E 3112 107.67 -32.09 -97.14
CA UNK E 3112 108.01 -30.69 -97.35
C UNK E 3112 108.17 -30.39 -98.84
N UNK E 3113 108.84 -31.28 -99.55
CA UNK E 3113 109.02 -31.15 -100.99
C UNK E 3113 107.67 -31.16 -101.71
N UNK E 3114 106.79 -32.06 -101.26
CA UNK E 3114 105.45 -32.18 -101.83
C UNK E 3114 104.65 -30.91 -101.56
N UNK E 3115 104.83 -30.33 -100.38
CA UNK E 3115 104.15 -29.09 -100.04
C UNK E 3115 104.62 -27.95 -100.93
N UNK E 3116 105.92 -27.90 -101.18
CA UNK E 3116 106.49 -26.89 -102.08
C UNK E 3116 105.92 -27.05 -103.50
N UNK E 3117 105.87 -28.30 -103.95
CA UNK E 3117 105.33 -28.63 -105.27
C UNK E 3117 103.86 -28.25 -105.36
N UNK E 3118 103.13 -28.48 -104.28
CA UNK E 3118 101.71 -28.15 -104.21
C UNK E 3118 101.50 -26.65 -104.25
N UNK E 3119 102.40 -25.91 -103.59
CA UNK E 3119 102.36 -24.45 -103.62
C UNK E 3119 102.58 -23.95 -105.04
N UNK E 3120 103.56 -24.55 -105.72
CA UNK E 3120 103.84 -24.22 -107.12
C UNK E 3120 102.64 -24.50 -108.02
N UNK E 3121 102.02 -25.66 -107.80
CA UNK E 3121 100.85 -26.07 -108.56
C UNK E 3121 99.67 -25.14 -108.31
N UNK E 3122 99.53 -24.68 -107.06
CA UNK E 3122 98.47 -23.75 -106.70
C UNK E 3122 98.69 -22.41 -107.39
N UNK E 3123 99.95 -21.97 -107.44
CA UNK E 3123 100.32 -20.76 -108.16
C UNK E 3123 99.94 -20.89 -109.64
N UNK E 3124 100.29 -22.03 -110.22
CA UNK E 3124 99.98 -22.30 -111.62
C UNK E 3124 98.47 -22.30 -111.88
N UNK E 3125 97.72 -22.91 -110.97
CA UNK E 3125 96.27 -22.98 -111.09
C UNK E 3125 95.63 -21.59 -110.97
N UNK E 3126 96.18 -20.77 -110.08
CA UNK E 3126 95.69 -19.42 -109.89
C UNK E 3126 95.99 -18.57 -111.11
N UNK E 3127 97.13 -18.83 -111.74
CA UNK E 3127 97.50 -18.12 -112.97
C UNK E 3127 96.60 -18.54 -114.12
N UNK E 3128 96.26 -19.82 -114.16
CA UNK E 3128 95.41 -20.36 -115.22
C UNK E 3128 93.98 -19.86 -115.11
N UNK E 3129 93.41 -19.98 -113.92
CA UNK E 3129 92.03 -19.53 -113.67
C UNK E 3129 91.87 -19.07 -112.23
N UNK E 3136 92.51 -28.88 -105.54
CA UNK E 3136 93.33 -28.04 -106.40
C UNK E 3136 94.04 -26.97 -105.58
N UNK E 3137 93.78 -25.71 -105.93
CA UNK E 3137 94.37 -24.58 -105.21
C UNK E 3137 93.93 -24.57 -103.76
N UNK E 3138 92.65 -24.83 -103.54
CA UNK E 3138 92.09 -24.87 -102.18
C UNK E 3138 92.73 -26.00 -101.37
N UNK E 3139 92.89 -27.15 -102.00
CA UNK E 3139 93.51 -28.31 -101.33
C UNK E 3139 94.96 -28.01 -100.97
N UNK E 3140 95.68 -27.36 -101.89
CA UNK E 3140 97.07 -26.99 -101.66
C UNK E 3140 97.16 -26.00 -100.51
N UNK E 3141 96.26 -25.03 -100.49
CA UNK E 3141 96.21 -24.04 -99.42
C UNK E 3141 95.92 -24.70 -98.08
N UNK E 3142 95.01 -25.67 -98.07
CA UNK E 3142 94.67 -26.39 -96.86
C UNK E 3142 95.87 -27.20 -96.35
N UNK E 3143 96.58 -27.84 -97.27
CA UNK E 3143 97.77 -28.61 -96.92
C UNK E 3143 98.85 -27.70 -96.33
N UNK E 3144 99.03 -26.53 -96.95
CA UNK E 3144 100.00 -25.56 -96.47
C UNK E 3144 99.62 -25.06 -95.08
N UNK E 3145 98.33 -24.83 -94.87
CA UNK E 3145 97.83 -24.39 -93.57
C UNK E 3145 98.05 -25.45 -92.51
N UNK E 3146 97.85 -26.71 -92.86
CA UNK E 3146 98.08 -27.82 -91.96
C UNK E 3146 99.55 -27.92 -91.57
N UNK E 3147 100.42 -27.79 -92.57
CA UNK E 3147 101.86 -27.82 -92.34
C UNK E 3147 102.29 -26.67 -91.43
N UNK E 3148 101.71 -25.50 -91.67
CA UNK E 3148 102.00 -24.32 -90.86
C UNK E 3148 101.53 -24.49 -89.43
N UNK E 3149 100.36 -25.10 -89.26
CA UNK E 3149 99.82 -25.38 -87.94
C UNK E 3149 100.73 -26.35 -87.18
N UNK E 3150 101.22 -27.36 -87.90
CA UNK E 3150 102.15 -28.31 -87.32
C UNK E 3150 103.44 -27.62 -86.88
N UNK E 3151 103.95 -26.75 -87.73
CA UNK E 3151 105.17 -26.00 -87.44
C UNK E 3151 104.97 -25.08 -86.23
N UNK E 3152 103.80 -24.47 -86.13
CA UNK E 3152 103.47 -23.57 -85.03
C UNK E 3152 103.36 -24.35 -83.71
N UNK E 3153 102.75 -25.54 -83.79
CA UNK E 3153 102.64 -26.41 -82.62
C UNK E 3153 104.03 -26.83 -82.17
N UNK E 3154 104.90 -27.08 -83.14
CA UNK E 3154 106.30 -27.40 -82.84
C UNK E 3154 107.12 -26.12 -82.74
N UNK E 3155 106.73 -25.24 -81.84
CA UNK E 3155 107.40 -23.95 -81.66
C UNK E 3155 108.67 -24.11 -80.84
N UNK E 3156 108.59 -24.90 -79.77
CA UNK E 3156 109.74 -25.14 -78.90
C UNK E 3156 110.82 -25.93 -79.64
N UNK E 3157 110.39 -26.82 -80.51
CA UNK E 3157 111.32 -27.63 -81.30
C UNK E 3157 111.93 -26.79 -82.42
N UNK E 3158 113.24 -26.84 -82.53
CA UNK E 3158 113.95 -26.08 -83.57
C UNK E 3158 113.74 -26.70 -84.95
N UNK E 3159 113.69 -25.86 -85.97
CA UNK E 3159 113.50 -26.33 -87.34
C UNK E 3159 114.77 -27.01 -87.86
N UNK E 3160 114.59 -27.96 -88.78
CA UNK E 3160 115.71 -28.69 -89.36
C UNK E 3160 116.43 -27.84 -90.41
N UNK E 3161 115.70 -26.87 -90.96
CA UNK E 3161 116.24 -25.95 -91.96
C UNK E 3161 116.79 -26.68 -93.18
N UNK E 3162 116.05 -27.69 -93.65
CA UNK E 3162 116.43 -28.44 -94.84
C UNK E 3162 115.45 -28.14 -95.97
N UNK E 3163 115.96 -27.49 -97.02
CA UNK E 3163 115.14 -27.03 -98.15
C UNK E 3163 114.03 -26.09 -97.69
N UNK E 3164 114.21 -25.52 -96.51
CA UNK E 3164 113.26 -24.58 -95.95
C UNK E 3164 113.22 -23.31 -96.79
N UNK E 3165 114.38 -22.92 -97.30
CA UNK E 3165 114.47 -21.75 -98.18
C UNK E 3165 113.66 -21.99 -99.44
N UNK E 3166 113.78 -23.19 -100.01
CA UNK E 3166 113.05 -23.55 -101.22
C UNK E 3166 111.54 -23.57 -100.95
N UNK E 3167 111.16 -24.11 -99.80
CA UNK E 3167 109.75 -24.17 -99.41
C UNK E 3167 109.18 -22.76 -99.26
N UNK E 3168 109.92 -21.88 -98.61
CA UNK E 3168 109.51 -20.50 -98.40
C UNK E 3168 109.40 -19.77 -99.74
N UNK E 3169 110.34 -20.05 -100.64
CA UNK E 3169 110.33 -19.45 -101.97
C UNK E 3169 109.09 -19.88 -102.74
N UNK E 3170 108.76 -21.16 -102.65
CA UNK E 3170 107.57 -21.70 -103.31
C UNK E 3170 106.31 -21.06 -102.75
N UNK E 3171 106.25 -20.93 -101.42
CA UNK E 3171 105.10 -20.31 -100.76
C UNK E 3171 104.94 -18.85 -101.19
N UNK E 3172 106.06 -18.13 -101.24
CA UNK E 3172 106.06 -16.73 -101.65
C UNK E 3172 105.62 -16.59 -103.10
N UNK E 3173 106.06 -17.52 -103.96
CA UNK E 3173 105.68 -17.51 -105.36
C UNK E 3173 104.18 -17.75 -105.49
N UNK E 3174 103.65 -18.68 -104.70
CA UNK E 3174 102.22 -18.96 -104.69
C UNK E 3174 101.43 -17.74 -104.25
N UNK E 3175 101.90 -17.08 -103.20
CA UNK E 3175 101.25 -15.88 -102.69
C UNK E 3175 101.26 -14.76 -103.74
N UNK E 3176 102.39 -14.60 -104.41
CA UNK E 3176 102.54 -13.58 -105.45
C UNK E 3176 101.60 -13.86 -106.61
N UNK E 3177 101.48 -15.13 -107.00
CA UNK E 3177 100.59 -15.53 -108.07
C UNK E 3177 99.14 -15.24 -107.70
N UNK E 3178 98.79 -15.55 -106.45
CA UNK E 3178 97.44 -15.31 -105.95
C UNK E 3178 97.12 -13.81 -105.94
N UNK E 3179 98.12 -13.01 -105.59
CA UNK E 3179 97.95 -11.56 -105.57
C UNK E 3179 97.81 -10.99 -106.97
N UNK E 3180 98.58 -11.55 -107.91
CA UNK E 3180 98.56 -11.09 -109.29
C UNK E 3180 97.24 -11.45 -109.97
N UNK E 3181 96.76 -12.66 -109.72
CA UNK E 3181 95.47 -13.09 -110.26
C UNK E 3181 94.34 -12.37 -109.55
N UNK E 3182 93.62 -11.53 -110.29
CA UNK E 3182 92.55 -10.71 -109.72
C UNK E 3182 91.38 -11.57 -109.23
N UNK E 3183 90.96 -11.31 -108.00
CA UNK E 3183 89.82 -12.00 -107.39
C UNK E 3183 90.00 -13.52 -107.38
N UNK E 3184 91.22 -13.97 -107.11
CA UNK E 3184 91.51 -15.39 -107.07
C UNK E 3184 91.95 -15.81 -105.67
N UNK E 3185 92.14 -14.82 -104.80
CA UNK E 3185 92.52 -15.08 -103.42
C UNK E 3185 91.36 -15.72 -102.67
N UNK E 3186 90.19 -15.10 -102.75
CA UNK E 3186 88.97 -15.58 -102.12
C UNK E 3186 89.15 -15.82 -100.62
N UNK E 3187 89.84 -14.89 -99.96
CA UNK E 3187 90.14 -14.98 -98.53
C UNK E 3187 90.83 -16.30 -98.21
N UNK E 3188 91.90 -16.59 -98.95
CA UNK E 3188 92.63 -17.84 -98.79
C UNK E 3188 93.28 -17.96 -97.42
N UNK E 3189 93.49 -19.19 -96.97
CA UNK E 3189 94.12 -19.44 -95.68
C UNK E 3189 95.64 -19.40 -95.81
N UNK E 3190 96.11 -19.01 -97.00
CA UNK E 3190 97.53 -18.87 -97.26
C UNK E 3190 98.16 -17.82 -96.35
N UNK E 3191 97.39 -16.76 -96.07
CA UNK E 3191 97.83 -15.71 -95.18
C UNK E 3191 98.07 -16.25 -93.78
N UNK E 3192 97.10 -17.03 -93.28
CA UNK E 3192 97.22 -17.66 -91.97
C UNK E 3192 98.39 -18.63 -91.93
N UNK E 3193 98.57 -19.36 -93.03
CA UNK E 3193 99.67 -20.31 -93.15
C UNK E 3193 101.02 -19.59 -93.05
N UNK E 3194 101.14 -18.46 -93.75
CA UNK E 3194 102.35 -17.67 -93.73
C UNK E 3194 102.58 -17.09 -92.33
N UNK E 3195 101.50 -16.67 -91.67
CA UNK E 3195 101.59 -16.14 -90.33
C UNK E 3195 102.10 -17.19 -89.35
N UNK E 3196 101.62 -18.42 -89.52
CA UNK E 3196 101.97 -19.52 -88.63
C UNK E 3196 103.39 -20.03 -88.89
N UNK E 3197 103.82 -20.02 -90.16
CA UNK E 3197 105.12 -20.56 -90.52
C UNK E 3197 106.16 -19.46 -90.77
N UNK E 3198 105.85 -18.24 -90.34
CA UNK E 3198 106.77 -17.12 -90.49
C UNK E 3198 108.04 -17.33 -89.68
N UNK E 3199 107.89 -17.92 -88.49
CA UNK E 3199 109.04 -18.19 -87.64
C UNK E 3199 109.88 -19.34 -88.20
N UNK E 3200 110.99 -18.99 -88.82
CA UNK E 3200 111.89 -19.99 -89.40
C UNK E 3200 113.33 -19.70 -89.03
N UNK E 3201 114.23 -20.56 -89.47
CA UNK E 3201 115.65 -20.40 -89.20
C UNK E 3201 116.24 -19.25 -90.01
N UNK E 3202 115.66 -19.00 -91.18
CA UNK E 3202 116.11 -17.94 -92.06
C UNK E 3202 114.94 -17.27 -92.76
N UNK E 3231 119.29 -16.07 -90.39
CA UNK E 3231 119.88 -15.14 -89.43
C UNK E 3231 119.95 -13.73 -90.01
N UNK E 3232 121.09 -13.40 -90.62
CA UNK E 3232 121.29 -12.08 -91.20
C UNK E 3232 120.37 -11.86 -92.40
N UNK E 3233 120.23 -12.88 -93.23
CA UNK E 3233 119.34 -12.82 -94.39
C UNK E 3233 117.90 -12.65 -93.93
N UNK E 3234 117.53 -13.38 -92.87
CA UNK E 3234 116.20 -13.28 -92.31
C UNK E 3234 115.94 -11.88 -91.77
N UNK E 3235 116.95 -11.31 -91.11
CA UNK E 3235 116.85 -9.95 -90.57
C UNK E 3235 116.68 -8.93 -91.69
N UNK E 3236 117.43 -9.11 -92.77
CA UNK E 3236 117.34 -8.21 -93.92
C UNK E 3236 115.95 -8.29 -94.56
N UNK E 3237 115.44 -9.51 -94.70
CA UNK E 3237 114.11 -9.72 -95.26
C UNK E 3237 113.05 -9.07 -94.38
N UNK E 3238 113.23 -9.20 -93.07
CA UNK E 3238 112.32 -8.61 -92.09
C UNK E 3238 112.35 -7.08 -92.20
N UNK E 3239 113.53 -6.52 -92.38
CA UNK E 3239 113.69 -5.08 -92.52
C UNK E 3239 112.99 -4.58 -93.79
N UNK E 3240 113.16 -5.34 -94.88
CA UNK E 3240 112.50 -5.00 -96.14
C UNK E 3240 110.98 -5.04 -95.99
N UNK E 3241 110.49 -6.08 -95.32
CA UNK E 3241 109.06 -6.24 -95.07
C UNK E 3241 108.53 -5.10 -94.21
N UNK E 3242 109.33 -4.68 -93.23
CA UNK E 3242 108.96 -3.59 -92.34
C UNK E 3242 108.89 -2.28 -93.11
N UNK E 3243 109.83 -2.08 -94.03
CA UNK E 3243 109.81 -0.89 -94.88
C UNK E 3243 108.56 -0.87 -95.75
N UNK E 3244 108.25 -2.02 -96.33
CA UNK E 3244 107.05 -2.15 -97.16
C UNK E 3244 105.79 -1.88 -96.35
N UNK E 3245 105.75 -2.38 -95.13
CA UNK E 3245 104.62 -2.19 -94.24
C UNK E 3245 104.48 -0.72 -93.84
N UNK E 3246 105.60 -0.05 -93.61
CA UNK E 3246 105.60 1.37 -93.30
C UNK E 3246 105.04 2.16 -94.47
N UNK E 3247 105.45 1.79 -95.67
CA UNK E 3247 104.94 2.42 -96.89
C UNK E 3247 103.43 2.23 -97.00
N UNK E 3248 102.97 1.01 -96.76
CA UNK E 3248 101.55 0.69 -96.82
C UNK E 3248 100.75 1.46 -95.77
N UNK E 3249 101.35 1.64 -94.59
CA UNK E 3249 100.71 2.36 -93.50
C UNK E 3249 100.62 3.85 -93.82
N UNK E 3250 101.67 4.37 -94.45
CA UNK E 3250 101.65 5.76 -94.92
C UNK E 3250 100.55 5.92 -95.96
N UNK E 3251 100.39 4.89 -96.78
CA UNK E 3251 99.30 4.84 -97.76
C UNK E 3251 97.97 4.65 -97.03
N UNK E 3252 96.87 4.86 -97.75
CA UNK E 3252 95.54 4.76 -97.15
C UNK E 3252 95.12 3.30 -96.99
N UNK E 3253 95.04 2.59 -98.10
CA UNK E 3253 94.60 1.19 -98.12
C UNK E 3253 93.22 1.02 -97.47
N UNK E 3254 92.22 1.66 -98.06
CA UNK E 3254 90.86 1.60 -97.54
C UNK E 3254 90.05 0.52 -98.25
N UNK E 3255 90.52 0.09 -99.41
CA UNK E 3255 89.84 -0.95 -100.18
C UNK E 3255 89.99 -2.30 -99.50
N UNK E 3256 89.07 -3.21 -99.79
CA UNK E 3256 89.08 -4.55 -99.19
C UNK E 3256 90.30 -5.35 -99.63
N UNK E 3257 90.61 -5.27 -100.93
CA UNK E 3257 91.76 -5.98 -101.47
C UNK E 3257 93.07 -5.45 -100.88
N UNK E 3258 93.18 -4.14 -100.79
CA UNK E 3258 94.34 -3.50 -100.20
C UNK E 3258 94.48 -3.88 -98.72
N UNK E 3259 93.34 -3.94 -98.03
CA UNK E 3259 93.32 -4.33 -96.63
C UNK E 3259 93.80 -5.77 -96.46
N UNK E 3260 93.35 -6.65 -97.35
CA UNK E 3260 93.76 -8.06 -97.31
C UNK E 3260 95.25 -8.19 -97.58
N UNK E 3261 95.74 -7.42 -98.55
CA UNK E 3261 97.17 -7.42 -98.88
C UNK E 3261 98.00 -6.95 -97.69
N UNK E 3262 97.55 -5.88 -97.05
CA UNK E 3262 98.22 -5.34 -95.87
C UNK E 3262 98.21 -6.34 -94.73
N UNK E 3263 97.10 -7.06 -94.58
CA UNK E 3263 96.97 -8.09 -93.55
C UNK E 3263 97.95 -9.22 -93.80
N UNK E 3264 98.06 -9.64 -95.06
CA UNK E 3264 99.01 -10.68 -95.44
C UNK E 3264 100.44 -10.24 -95.16
N UNK E 3265 100.73 -8.98 -95.49
CA UNK E 3265 102.06 -8.41 -95.26
C UNK E 3265 102.38 -8.39 -93.75
N UNK E 3266 101.40 -8.01 -92.95
CA UNK E 3266 101.55 -7.97 -91.50
C UNK E 3266 101.78 -9.37 -90.95
N UNK E 3267 101.04 -10.34 -91.49
CA UNK E 3267 101.17 -11.73 -91.08
C UNK E 3267 102.56 -12.27 -91.40
N UNK E 3268 103.09 -11.86 -92.55
CA UNK E 3268 104.42 -12.28 -92.97
C UNK E 3268 105.49 -11.62 -92.11
N UNK E 3269 105.26 -10.37 -91.74
CA UNK E 3269 106.24 -9.60 -90.96
C UNK E 3269 106.19 -9.95 -89.48
N UNK E 3270 105.11 -10.58 -89.04
CA UNK E 3270 104.95 -10.98 -87.64
C UNK E 3270 106.05 -11.92 -87.18
N UNK E 3271 106.25 -11.96 -85.86
CA UNK E 3271 107.24 -12.83 -85.22
C UNK E 3271 108.68 -12.52 -85.64
N UNK E 3272 108.88 -11.40 -86.34
CA UNK E 3272 110.22 -11.00 -86.77
C UNK E 3272 111.09 -10.65 -85.56
N UNK E 3273 110.46 -10.08 -84.54
CA UNK E 3273 111.18 -9.71 -83.32
C UNK E 3273 111.40 -10.94 -82.45
N UNK E 3274 110.48 -11.89 -82.52
CA UNK E 3274 110.58 -13.12 -81.75
C UNK E 3274 111.69 -14.01 -82.31
N UNK E 3275 111.85 -14.00 -83.63
CA UNK E 3275 112.89 -14.77 -84.29
C UNK E 3275 114.21 -14.01 -84.31
N UNK E 3276 114.65 -13.57 -83.13
CA UNK E 3276 115.89 -12.82 -82.99
C UNK E 3276 116.80 -13.46 -81.96
N UNK E 3277 118.07 -13.07 -81.95
CA UNK E 3277 119.03 -13.62 -81.01
C UNK E 3277 119.33 -12.62 -79.89
N UNK E 3278 118.93 -12.99 -78.67
CA UNK E 3278 119.16 -12.16 -77.48
C UNK E 3278 118.57 -10.76 -77.63
N UNK E 3279 117.46 -10.66 -78.36
CA UNK E 3279 116.78 -9.38 -78.60
C UNK E 3279 117.73 -8.34 -79.18
N UNK E 3280 118.27 -8.63 -80.36
CA UNK E 3280 119.21 -7.73 -81.01
C UNK E 3280 118.51 -6.45 -81.48
N UNK E 3281 117.30 -6.59 -81.99
CA UNK E 3281 116.53 -5.45 -82.48
C UNK E 3281 115.24 -5.28 -81.68
N UNK E 3282 115.16 -4.20 -80.92
CA UNK E 3282 113.98 -3.91 -80.12
C UNK E 3282 113.38 -2.55 -80.53
N UNK E 3283 114.25 -1.61 -80.86
CA UNK E 3283 113.82 -0.28 -81.27
C UNK E 3283 113.03 -0.33 -82.57
N UNK E 3284 113.51 -1.14 -83.52
CA UNK E 3284 112.83 -1.29 -84.80
C UNK E 3284 111.45 -1.92 -84.61
N UNK E 3285 111.40 -2.92 -83.73
CA UNK E 3285 110.14 -3.59 -83.42
C UNK E 3285 109.15 -2.61 -82.78
N UNK E 3286 109.67 -1.77 -81.88
CA UNK E 3286 108.84 -0.76 -81.22
C UNK E 3286 108.32 0.26 -82.22
N UNK E 3287 109.17 0.66 -83.16
CA UNK E 3287 108.77 1.60 -84.21
C UNK E 3287 107.67 1.00 -85.09
N UNK E 3288 107.85 -0.27 -85.45
CA UNK E 3288 106.86 -0.97 -86.26
C UNK E 3288 105.53 -1.08 -85.51
N UNK E 3289 105.62 -1.34 -84.20
CA UNK E 3289 104.44 -1.43 -83.35
C UNK E 3289 103.71 -0.10 -83.29
N UNK E 3290 104.48 0.98 -83.16
CA UNK E 3290 103.91 2.33 -83.12
C UNK E 3290 103.21 2.66 -84.44
N UNK E 3291 103.84 2.28 -85.55
CA UNK E 3291 103.26 2.49 -86.87
C UNK E 3291 101.94 1.73 -87.01
N UNK E 3292 101.95 0.48 -86.56
CA UNK E 3292 100.75 -0.37 -86.61
C UNK E 3292 99.65 0.22 -85.74
N UNK E 3293 100.02 0.73 -84.57
CA UNK E 3293 99.07 1.34 -83.66
C UNK E 3293 98.44 2.59 -84.28
N UNK E 3294 99.26 3.38 -84.96
CA UNK E 3294 98.76 4.57 -85.66
C UNK E 3294 97.80 4.17 -86.77
N UNK E 3295 98.17 3.13 -87.52
CA UNK E 3295 97.34 2.65 -88.61
C UNK E 3295 95.98 2.15 -88.09
N UNK E 3296 96.01 1.51 -86.92
CA UNK E 3296 94.79 1.00 -86.30
C UNK E 3296 93.93 2.14 -85.76
N UNK E 3297 94.58 3.15 -85.19
CA UNK E 3297 93.88 4.32 -84.66
C UNK E 3297 93.22 5.08 -85.78
N UNK E 3298 93.84 5.03 -86.97
CA UNK E 3298 93.23 5.61 -88.16
C UNK E 3298 91.89 4.94 -88.43
N UNK E 3299 90.92 5.72 -88.89
CA UNK E 3299 89.56 5.23 -89.11
C UNK E 3299 89.53 4.09 -90.12
N UNK E 3300 88.87 2.99 -89.75
CA UNK E 3300 88.76 1.83 -90.61
C UNK E 3300 87.30 1.42 -90.80
N UNK E 3301 86.97 0.99 -92.01
CA UNK E 3301 85.60 0.57 -92.32
C UNK E 3301 85.30 -0.80 -91.73
N UNK E 3302 84.05 -1.00 -91.32
CA UNK E 3302 83.63 -2.26 -90.72
C UNK E 3302 83.11 -3.23 -91.77
N UNK E 3303 83.22 -2.84 -93.04
CA UNK E 3303 82.74 -3.67 -94.14
C UNK E 3303 83.90 -4.10 -95.04
N UNK E 3304 85.11 -3.71 -94.67
CA UNK E 3304 86.30 -4.04 -95.45
C UNK E 3304 87.51 -4.25 -94.56
N UNK E 3305 87.62 -3.44 -93.50
CA UNK E 3305 88.77 -3.51 -92.60
C UNK E 3305 88.38 -4.08 -91.24
N UNK E 3306 87.19 -4.66 -91.15
CA UNK E 3306 86.73 -5.26 -89.90
C UNK E 3306 87.60 -6.46 -89.54
N UNK E 3307 87.84 -7.33 -90.52
CA UNK E 3307 88.69 -8.50 -90.32
C UNK E 3307 90.11 -8.07 -89.99
N UNK E 3308 90.57 -6.99 -90.62
CA UNK E 3308 91.89 -6.45 -90.37
C UNK E 3308 92.02 -5.98 -88.92
N UNK E 3309 91.00 -5.26 -88.46
CA UNK E 3309 90.97 -4.77 -87.08
C UNK E 3309 90.93 -5.93 -86.10
N UNK E 3310 90.17 -6.96 -86.43
CA UNK E 3310 90.07 -8.16 -85.60
C UNK E 3310 91.43 -8.84 -85.49
N UNK E 3311 92.12 -8.97 -86.62
CA UNK E 3311 93.45 -9.59 -86.64
C UNK E 3311 94.45 -8.77 -85.86
N UNK E 3312 94.34 -7.44 -85.97
CA UNK E 3312 95.23 -6.54 -85.24
C UNK E 3312 95.01 -6.65 -83.74
N UNK E 3313 93.76 -6.77 -83.33
CA UNK E 3313 93.42 -6.93 -81.91
C UNK E 3313 93.89 -8.28 -81.40
N UNK E 3314 93.81 -9.30 -82.25
CA UNK E 3314 94.25 -10.64 -81.87
C UNK E 3314 95.77 -10.70 -81.71
N UNK E 3315 96.49 -10.07 -82.64
CA UNK E 3315 97.95 -10.07 -82.60
C UNK E 3315 98.47 -9.03 -81.62
N UNK E 3316 98.97 -9.50 -80.48
CA UNK E 3316 99.53 -8.62 -79.47
C UNK E 3316 101.05 -8.74 -79.43
N UNK E 3317 101.61 -9.31 -80.49
CA UNK E 3317 103.06 -9.48 -80.59
C UNK E 3317 103.76 -8.15 -80.78
N UNK E 3318 103.04 -7.19 -81.37
CA UNK E 3318 103.60 -5.86 -81.60
C UNK E 3318 103.74 -5.10 -80.29
N UNK E 3319 102.72 -5.18 -79.44
CA UNK E 3319 102.73 -4.50 -78.15
C UNK E 3319 103.79 -5.07 -77.23
N UNK E 3320 104.13 -6.35 -77.45
CA UNK E 3320 105.14 -7.02 -76.64
C UNK E 3320 106.54 -6.56 -77.05
N UNK E 3321 107.48 -6.61 -76.10
CA UNK E 3321 108.86 -6.21 -76.31
C UNK E 3321 108.96 -4.77 -76.83
N UNK E 3322 108.31 -3.85 -76.14
CA UNK E 3322 108.32 -2.44 -76.52
C UNK E 3322 108.99 -1.59 -75.44
N UNK E 3323 109.74 -0.58 -75.86
CA UNK E 3323 110.45 0.30 -74.93
C UNK E 3323 109.48 1.21 -74.20
N UNK E 3324 109.93 1.78 -73.08
CA UNK E 3324 109.09 2.62 -72.23
C UNK E 3324 108.69 3.92 -72.93
N UNK E 3325 109.61 4.51 -73.68
CA UNK E 3325 109.30 5.73 -74.42
C UNK E 3325 108.36 5.44 -75.58
N UNK E 3326 108.64 4.33 -76.27
CA UNK E 3326 107.76 3.85 -77.32
C UNK E 3326 106.40 3.51 -76.72
N UNK E 3327 106.42 2.97 -75.51
CA UNK E 3327 105.19 2.66 -74.78
C UNK E 3327 104.41 3.94 -74.48
N UNK E 3328 105.10 5.01 -74.14
CA UNK E 3328 104.47 6.29 -73.84
C UNK E 3328 103.84 6.89 -75.09
N UNK E 3329 104.57 6.80 -76.20
CA UNK E 3329 104.05 7.26 -77.49
C UNK E 3329 102.79 6.47 -77.87
N UNK E 3330 102.86 5.16 -77.69
CA UNK E 3330 101.74 4.27 -77.97
C UNK E 3330 100.57 4.59 -77.06
N UNK E 3331 100.86 4.96 -75.81
CA UNK E 3331 99.82 5.30 -74.85
C UNK E 3331 99.11 6.58 -75.25
N UNK E 3332 99.87 7.55 -75.75
CA UNK E 3332 99.29 8.80 -76.24
C UNK E 3332 98.39 8.53 -77.44
N UNK E 3333 98.90 7.72 -78.36
CA UNK E 3333 98.14 7.34 -79.55
C UNK E 3333 96.85 6.60 -79.16
N UNK E 3334 96.97 5.73 -78.16
CA UNK E 3334 95.84 4.95 -77.68
C UNK E 3334 94.83 5.84 -76.98
N UNK E 3335 95.31 6.87 -76.28
CA UNK E 3335 94.42 7.84 -75.65
C UNK E 3335 93.62 8.57 -76.71
N UNK E 3336 94.29 8.98 -77.78
CA UNK E 3336 93.63 9.63 -78.90
C UNK E 3336 92.56 8.72 -79.52
N UNK E 3337 92.95 7.48 -79.78
CA UNK E 3337 92.07 6.49 -80.37
C UNK E 3337 90.86 6.20 -79.47
N UNK E 3338 91.10 6.17 -78.16
CA UNK E 3338 90.05 5.89 -77.20
C UNK E 3338 89.09 7.07 -77.12
N UNK E 3339 89.62 8.28 -77.23
CA UNK E 3339 88.78 9.47 -77.29
C UNK E 3339 87.88 9.39 -78.51
N UNK E 3340 88.46 9.01 -79.64
CA UNK E 3340 87.71 8.86 -80.88
C UNK E 3340 86.60 7.80 -80.73
N UNK E 3341 86.96 6.67 -80.13
CA UNK E 3341 86.02 5.56 -79.92
C UNK E 3341 84.89 5.96 -78.99
N UNK E 3342 85.23 6.74 -77.95
CA UNK E 3342 84.24 7.22 -77.00
C UNK E 3342 83.30 8.19 -77.68
N UNK E 3343 83.83 9.04 -78.56
CA UNK E 3343 83.01 9.96 -79.33
C UNK E 3343 82.04 9.19 -80.22
N UNK E 3344 82.54 8.16 -80.88
CA UNK E 3344 81.72 7.31 -81.74
C UNK E 3344 80.60 6.63 -80.95
N UNK E 3345 80.97 6.09 -79.78
CA UNK E 3345 80.00 5.42 -78.92
C UNK E 3345 78.94 6.39 -78.42
N UNK E 3346 79.36 7.60 -78.08
CA UNK E 3346 78.43 8.63 -77.62
C UNK E 3346 77.47 9.02 -78.74
N UNK E 3347 78.00 9.13 -79.95
CA UNK E 3347 77.17 9.44 -81.12
C UNK E 3347 76.14 8.34 -81.34
N UNK E 3348 76.58 7.09 -81.22
CA UNK E 3348 75.69 5.94 -81.39
C UNK E 3348 74.60 5.94 -80.33
N UNK E 3349 74.97 6.22 -79.08
CA UNK E 3349 74.03 6.27 -77.98
C UNK E 3349 73.00 7.39 -78.17
N UNK E 3350 73.48 8.54 -78.66
CA UNK E 3350 72.60 9.67 -78.93
C UNK E 3350 71.62 9.33 -80.03
N UNK E 3351 72.11 8.67 -81.07
CA UNK E 3351 71.27 8.22 -82.18
C UNK E 3351 70.20 7.25 -81.67
N UNK E 3352 70.61 6.35 -80.79
CA UNK E 3352 69.69 5.39 -80.20
C UNK E 3352 68.61 6.08 -79.38
N UNK E 3353 69.01 7.05 -78.56
CA UNK E 3353 68.09 7.78 -77.72
C UNK E 3353 67.11 8.61 -78.56
N UNK E 3354 67.59 9.11 -79.69
CA UNK E 3354 66.75 9.91 -80.58
C UNK E 3354 65.77 9.03 -81.36
N UNK E 3355 66.20 7.82 -81.71
CA UNK E 3355 65.37 6.90 -82.47
C UNK E 3355 64.38 6.17 -81.58
N UNK E 3356 64.66 6.14 -80.28
CA UNK E 3356 63.79 5.49 -79.31
C UNK E 3356 62.44 6.19 -79.23
N UNK E 3357 61.47 5.68 -79.98
CA UNK E 3357 60.12 6.27 -80.00
C UNK E 3357 59.08 5.18 -80.24
N UNK E 3358 57.96 5.58 -80.84
CA UNK E 3358 56.86 4.65 -81.11
C UNK E 3358 57.15 3.81 -82.36
N UNK E 3359 58.05 4.31 -83.20
CA UNK E 3359 58.41 3.62 -84.43
C UNK E 3359 59.26 2.38 -84.14
N UNK E 3360 59.40 1.52 -85.13
CA UNK E 3360 60.16 0.28 -84.98
C UNK E 3360 61.39 0.26 -85.88
N UNK E 3361 61.28 0.86 -87.05
CA UNK E 3361 62.39 0.91 -88.01
C UNK E 3361 63.56 1.70 -87.45
N UNK E 3362 63.24 2.86 -86.87
CA UNK E 3362 64.25 3.71 -86.24
C UNK E 3362 64.91 2.96 -85.10
N UNK E 3363 64.11 2.24 -84.32
CA UNK E 3363 64.62 1.45 -83.20
C UNK E 3363 65.59 0.36 -83.68
N UNK E 3364 65.22 -0.32 -84.75
CA UNK E 3364 66.05 -1.37 -85.31
C UNK E 3364 67.37 -0.81 -85.84
N UNK E 3365 67.29 0.32 -86.54
CA UNK E 3365 68.47 0.98 -87.06
C UNK E 3365 69.40 1.40 -85.92
N UNK E 3366 68.81 1.94 -84.86
CA UNK E 3366 69.55 2.36 -83.68
C UNK E 3366 70.24 1.17 -83.02
N UNK E 3367 69.52 0.06 -82.92
CA UNK E 3367 70.07 -1.16 -82.33
C UNK E 3367 71.25 -1.67 -83.15
N UNK E 3368 71.11 -1.66 -84.46
CA UNK E 3368 72.19 -2.10 -85.36
C UNK E 3368 73.42 -1.21 -85.21
N UNK E 3369 73.20 0.10 -85.21
CA UNK E 3369 74.29 1.07 -85.07
C UNK E 3369 74.98 0.89 -83.72
N UNK E 3370 74.20 0.69 -82.67
CA UNK E 3370 74.73 0.49 -81.34
C UNK E 3370 75.55 -0.78 -81.26
N UNK E 3371 75.07 -1.84 -81.92
CA UNK E 3371 75.80 -3.10 -81.95
C UNK E 3371 77.15 -2.94 -82.64
N UNK E 3372 77.14 -2.26 -83.79
CA UNK E 3372 78.37 -2.01 -84.53
C UNK E 3372 79.36 -1.20 -83.69
N UNK E 3373 78.86 -0.13 -83.09
CA UNK E 3373 79.70 0.75 -82.27
C UNK E 3373 80.25 0.01 -81.06
N UNK E 3374 79.44 -0.85 -80.46
CA UNK E 3374 79.86 -1.62 -79.30
C UNK E 3374 80.94 -2.63 -79.68
N UNK E 3375 80.79 -3.26 -80.84
CA UNK E 3375 81.81 -4.18 -81.33
C UNK E 3375 83.13 -3.45 -81.54
N UNK E 3376 83.04 -2.29 -82.20
CA UNK E 3376 84.23 -1.47 -82.45
C UNK E 3376 84.90 -1.06 -81.14
N UNK E 3377 84.09 -0.62 -80.18
CA UNK E 3377 84.59 -0.18 -78.88
C UNK E 3377 85.22 -1.33 -78.11
N UNK E 3378 84.64 -2.53 -78.22
CA UNK E 3378 85.18 -3.70 -77.56
C UNK E 3378 86.54 -4.05 -78.14
N UNK E 3379 86.65 -4.00 -79.46
CA UNK E 3379 87.93 -4.26 -80.12
C UNK E 3379 88.98 -3.25 -79.68
N UNK E 3380 88.58 -1.97 -79.68
CA UNK E 3380 89.47 -0.90 -79.27
C UNK E 3380 89.93 -1.04 -77.82
N UNK E 3381 89.01 -1.44 -76.95
CA UNK E 3381 89.30 -1.62 -75.54
C UNK E 3381 90.24 -2.80 -75.33
N UNK E 3382 90.04 -3.88 -76.09
CA UNK E 3382 90.92 -5.03 -76.03
C UNK E 3382 92.34 -4.62 -76.44
N UNK E 3383 92.43 -3.86 -77.52
CA UNK E 3383 93.73 -3.37 -77.99
C UNK E 3383 94.41 -2.48 -76.94
N UNK E 3384 93.64 -1.56 -76.37
CA UNK E 3384 94.14 -0.64 -75.36
C UNK E 3384 94.61 -1.39 -74.12
N UNK E 3385 93.90 -2.45 -73.76
CA UNK E 3385 94.25 -3.27 -72.61
C UNK E 3385 95.55 -4.01 -72.88
N UNK E 3386 95.67 -4.57 -74.08
CA UNK E 3386 96.89 -5.28 -74.48
C UNK E 3386 98.08 -4.33 -74.46
N UNK E 3387 97.81 -3.07 -74.81
CA UNK E 3387 98.87 -2.04 -74.82
C UNK E 3387 99.28 -1.62 -73.41
N UNK E 3388 98.30 -1.31 -72.57
CA UNK E 3388 98.56 -0.78 -71.24
C UNK E 3388 98.86 -1.88 -70.22
N UNK E 3389 98.82 -3.13 -70.66
CA UNK E 3389 99.16 -4.25 -69.79
C UNK E 3389 100.64 -4.23 -69.44
N UNK E 3390 101.44 -3.63 -70.30
CA UNK E 3390 102.88 -3.53 -70.07
C UNK E 3390 103.23 -2.19 -69.42
N UNK E 3391 102.43 -1.18 -69.70
CA UNK E 3391 102.66 0.16 -69.15
C UNK E 3391 102.43 0.17 -67.64
N UNK E 3392 101.38 -0.49 -67.20
CA UNK E 3392 101.07 -0.57 -65.77
C UNK E 3392 102.00 -1.53 -65.06
N UNK E 3393 102.55 -2.48 -65.80
CA UNK E 3393 103.47 -3.46 -65.24
C UNK E 3393 104.88 -2.90 -65.11
N UNK E 3394 105.24 -2.01 -66.03
CA UNK E 3394 106.56 -1.39 -66.01
C UNK E 3394 106.67 -0.36 -64.90
N UNK E 3395 105.64 0.48 -64.78
CA UNK E 3395 105.62 1.53 -63.75
C UNK E 3395 104.33 1.47 -62.96
N UNK E 3396 104.45 1.24 -61.66
CA UNK E 3396 103.29 1.19 -60.78
C UNK E 3396 102.76 2.59 -60.49
N UNK E 3397 103.64 3.57 -60.61
CA UNK E 3397 103.26 4.97 -60.37
C UNK E 3397 104.16 5.91 -61.15
N UNK E 3398 103.55 6.82 -61.91
CA UNK E 3398 104.30 7.78 -62.71
C UNK E 3398 103.47 9.02 -63.00
N UNK E 3399 104.14 10.14 -63.23
CA UNK E 3399 103.45 11.40 -63.55
C UNK E 3399 103.26 11.53 -65.05
N UNK E 3400 102.62 10.52 -65.65
CA UNK E 3400 102.38 10.51 -67.09
C UNK E 3400 100.99 11.04 -67.42
N UNK E 3401 100.95 12.27 -67.93
CA UNK E 3401 99.69 12.90 -68.32
C UNK E 3401 99.02 12.11 -69.44
N UNK E 3402 99.82 11.59 -70.36
CA UNK E 3402 99.31 10.78 -71.47
C UNK E 3402 98.63 9.53 -70.94
N UNK E 3403 99.30 8.83 -70.02
CA UNK E 3403 98.75 7.61 -69.43
C UNK E 3403 97.48 7.92 -68.63
N UNK E 3404 97.48 9.04 -67.92
CA UNK E 3404 96.33 9.47 -67.15
C UNK E 3404 95.13 9.71 -68.06
N UNK E 3405 95.37 10.42 -69.16
CA UNK E 3405 94.33 10.71 -70.14
C UNK E 3405 93.81 9.43 -70.79
N UNK E 3406 94.72 8.50 -71.07
CA UNK E 3406 94.35 7.22 -71.65
C UNK E 3406 93.45 6.44 -70.70
N UNK E 3407 93.82 6.43 -69.43
CA UNK E 3407 93.03 5.75 -68.41
C UNK E 3407 91.64 6.39 -68.27
N UNK E 3408 91.61 7.71 -68.30
CA UNK E 3408 90.35 8.45 -68.20
C UNK E 3408 89.43 8.11 -69.38
N UNK E 3409 90.01 8.09 -70.57
CA UNK E 3409 89.26 7.77 -71.78
C UNK E 3409 88.74 6.34 -71.74
N UNK E 3410 89.58 5.42 -71.25
CA UNK E 3410 89.20 4.03 -71.11
C UNK E 3410 88.02 3.88 -70.15
N UNK E 3411 88.08 4.61 -69.03
CA UNK E 3411 87.01 4.58 -68.05
C UNK E 3411 85.71 5.14 -68.63
N UNK E 3412 85.83 6.25 -69.36
CA UNK E 3412 84.68 6.88 -69.99
C UNK E 3412 84.03 5.97 -71.02
N UNK E 3413 84.87 5.20 -71.73
CA UNK E 3413 84.38 4.27 -72.74
C UNK E 3413 83.73 3.05 -72.10
N UNK E 3414 84.31 2.60 -70.98
CA UNK E 3414 83.80 1.42 -70.28
C UNK E 3414 82.51 1.74 -69.54
N UNK E 3415 82.30 3.02 -69.25
CA UNK E 3415 81.07 3.45 -68.59
C UNK E 3415 79.84 3.08 -69.43
N UNK E 3416 79.93 3.29 -70.74
CA UNK E 3416 78.84 2.96 -71.65
C UNK E 3416 78.58 1.47 -71.70
N UNK E 3417 79.65 0.68 -71.68
CA UNK E 3417 79.54 -0.77 -71.70
C UNK E 3417 78.91 -1.28 -70.41
N UNK E 3418 79.24 -0.63 -69.31
CA UNK E 3418 78.69 -0.98 -68.01
C UNK E 3418 77.23 -0.57 -67.91
N UNK E 3419 76.87 0.47 -68.66
CA UNK E 3419 75.49 0.96 -68.67
C UNK E 3419 74.54 -0.08 -69.25
N UNK E 3420 73.36 -0.18 -68.65
CA UNK E 3420 72.35 -1.14 -69.09
C UNK E 3420 71.31 -0.48 -69.99
N UNK E 3421 70.85 -1.18 -71.02
CA UNK E 3421 71.28 -2.54 -71.30
C UNK E 3421 71.51 -2.76 -72.79
N UNK E 3422 71.40 -1.69 -73.57
CA UNK E 3422 71.59 -1.76 -75.02
C UNK E 3422 73.01 -2.16 -75.37
N UNK E 3423 73.98 -1.46 -74.80
CA UNK E 3423 75.39 -1.76 -75.03
C UNK E 3423 75.74 -3.15 -74.53
N UNK E 3424 75.13 -3.54 -73.41
CA UNK E 3424 75.36 -4.87 -72.84
C UNK E 3424 74.88 -5.96 -73.79
N UNK E 3425 73.66 -5.79 -74.31
CA UNK E 3425 73.10 -6.75 -75.26
C UNK E 3425 73.92 -6.79 -76.54
N UNK E 3426 74.42 -5.63 -76.97
CA UNK E 3426 75.25 -5.54 -78.15
C UNK E 3426 76.55 -6.31 -77.97
N UNK E 3427 77.18 -6.12 -76.81
CA UNK E 3427 78.42 -6.82 -76.48
C UNK E 3427 78.17 -8.33 -76.40
N UNK E 3428 77.03 -8.71 -75.84
CA UNK E 3428 76.65 -10.12 -75.75
C UNK E 3428 76.50 -10.74 -77.14
N UNK E 3429 75.84 -10.02 -78.03
CA UNK E 3429 75.65 -10.47 -79.41
C UNK E 3429 77.00 -10.59 -80.12
N UNK E 3430 77.88 -9.62 -79.89
CA UNK E 3430 79.20 -9.63 -80.47
C UNK E 3430 80.00 -10.84 -80.01
N UNK E 3431 79.91 -11.14 -78.71
CA UNK E 3431 80.61 -12.28 -78.15
C UNK E 3431 80.04 -13.59 -78.68
N UNK E 3432 78.73 -13.64 -78.87
CA UNK E 3432 78.07 -14.82 -79.42
C UNK E 3432 78.50 -15.05 -80.87
N UNK E 3433 78.64 -13.97 -81.61
CA UNK E 3433 79.09 -14.04 -83.00
C UNK E 3433 80.54 -14.48 -83.06
N UNK E 3434 81.35 -14.00 -82.12
CA UNK E 3434 82.76 -14.35 -82.06
C UNK E 3434 82.95 -15.75 -81.49
N UNK E 3477 81.67 -11.33 -67.01
CA UNK E 3477 82.46 -12.34 -67.71
C UNK E 3477 83.07 -11.76 -68.98
N UNK E 3478 83.14 -10.44 -69.05
CA UNK E 3478 83.69 -9.76 -70.22
C UNK E 3478 85.16 -9.41 -69.98
N UNK E 3479 86.03 -9.90 -70.87
CA UNK E 3479 87.46 -9.67 -70.76
C UNK E 3479 87.79 -8.18 -70.88
N UNK E 3480 87.17 -7.52 -71.86
CA UNK E 3480 87.38 -6.10 -72.08
C UNK E 3480 86.95 -5.28 -70.88
N UNK E 3481 85.78 -5.63 -70.33
CA UNK E 3481 85.25 -4.93 -69.16
C UNK E 3481 86.15 -5.12 -67.95
N UNK E 3482 86.61 -6.35 -67.75
CA UNK E 3482 87.51 -6.66 -66.64
C UNK E 3482 88.81 -5.89 -66.76
N UNK E 3483 89.36 -5.84 -67.97
CA UNK E 3483 90.61 -5.12 -68.22
C UNK E 3483 90.42 -3.62 -67.99
N UNK E 3484 89.29 -3.09 -68.42
CA UNK E 3484 88.99 -1.68 -68.22
C UNK E 3484 88.87 -1.36 -66.74
N UNK E 3485 88.22 -2.26 -65.99
CA UNK E 3485 88.09 -2.10 -64.55
C UNK E 3485 89.45 -2.12 -63.88
N UNK E 3486 90.32 -3.03 -64.32
CA UNK E 3486 91.67 -3.14 -63.79
C UNK E 3486 92.47 -1.86 -64.06
N UNK E 3487 92.33 -1.33 -65.27
CA UNK E 3487 93.00 -0.10 -65.65
C UNK E 3487 92.51 1.08 -64.81
N UNK E 3488 91.20 1.14 -64.58
CA UNK E 3488 90.60 2.18 -63.76
C UNK E 3488 91.11 2.09 -62.32
N UNK E 3489 91.20 0.87 -61.81
CA UNK E 3489 91.72 0.62 -60.47
C UNK E 3489 93.16 1.07 -60.36
N UNK E 3490 93.96 0.77 -61.38
CA UNK E 3490 95.36 1.17 -61.41
C UNK E 3490 95.49 2.69 -61.44
N UNK E 3491 94.64 3.34 -62.22
CA UNK E 3491 94.66 4.80 -62.32
C UNK E 3491 94.26 5.46 -61.00
N UNK E 3492 93.29 4.86 -60.32
CA UNK E 3492 92.84 5.35 -59.03
C UNK E 3492 93.93 5.16 -57.98
N UNK E 3493 94.65 4.05 -58.09
CA UNK E 3493 95.74 3.73 -57.18
C UNK E 3493 96.89 4.73 -57.35
N UNK E 3494 97.24 4.99 -58.60
CA UNK E 3494 98.28 5.96 -58.92
C UNK E 3494 97.92 6.74 -60.18
N UNK E 3495 97.29 7.91 -60.01
CA UNK E 3495 97.08 8.53 -58.71
C UNK E 3495 95.87 9.45 -58.74
N UNK E 3496 94.68 8.87 -58.87
CA UNK E 3496 93.46 9.67 -58.96
C UNK E 3496 93.04 10.22 -57.60
N UNK E 3497 93.15 9.39 -56.56
CA UNK E 3497 92.74 9.80 -55.22
C UNK E 3497 93.94 10.22 -54.38
N UNK E 3498 93.73 11.20 -53.51
CA UNK E 3498 94.77 11.68 -52.61
C UNK E 3498 94.28 11.70 -51.17
N UNK E 3499 94.90 10.86 -50.34
CA UNK E 3499 94.56 10.76 -48.91
C UNK E 3499 93.09 10.40 -48.71
N UNK E 3500 92.51 9.68 -49.67
CA UNK E 3500 91.11 9.25 -49.62
C UNK E 3500 90.14 10.40 -49.41
N UNK E 3501 90.50 11.58 -49.92
CA UNK E 3501 89.64 12.75 -49.81
C UNK E 3501 88.67 12.80 -50.98
N UNK E 3502 87.78 11.82 -51.05
CA UNK E 3502 86.85 11.70 -52.17
C UNK E 3502 85.40 11.63 -51.68
N UNK E 3503 85.22 11.65 -50.36
CA UNK E 3503 83.89 11.52 -49.75
C UNK E 3503 83.19 10.25 -50.25
N UNK E 3504 83.81 9.10 -49.98
CA UNK E 3504 83.32 7.82 -50.46
C UNK E 3504 81.92 7.52 -49.93
N UNK E 3505 81.70 7.81 -48.65
CA UNK E 3505 80.41 7.55 -48.01
C UNK E 3505 79.29 8.35 -48.68
N UNK E 3506 79.53 9.66 -48.84
CA UNK E 3506 78.56 10.55 -49.47
C UNK E 3506 78.31 10.14 -50.92
N UNK E 3507 79.38 9.75 -51.61
CA UNK E 3507 79.27 9.32 -53.00
C UNK E 3507 78.42 8.06 -53.12
N UNK E 3508 78.66 7.10 -52.23
CA UNK E 3508 77.90 5.85 -52.22
C UNK E 3508 76.43 6.13 -51.89
N UNK E 3509 76.19 7.04 -50.95
CA UNK E 3509 74.84 7.43 -50.58
C UNK E 3509 74.10 8.03 -51.78
N UNK E 3510 74.78 8.93 -52.49
CA UNK E 3510 74.20 9.58 -53.66
C UNK E 3510 73.91 8.55 -54.76
N UNK E 3511 74.84 7.61 -54.94
CA UNK E 3511 74.66 6.57 -55.95
C UNK E 3511 73.49 5.66 -55.62
N UNK E 3512 73.33 5.35 -54.33
CA UNK E 3512 72.22 4.52 -53.87
C UNK E 3512 70.90 5.25 -54.03
N UNK E 3513 70.92 6.56 -53.79
CA UNK E 3513 69.73 7.39 -53.96
C UNK E 3513 69.35 7.47 -55.44
N UNK E 3514 70.37 7.47 -56.30
CA UNK E 3514 70.18 7.51 -57.75
C UNK E 3514 69.34 8.71 -58.19
N UNK E 3515 69.55 9.85 -57.52
CA UNK E 3515 68.83 11.07 -57.86
C UNK E 3515 69.35 11.66 -59.16
N UNK E 3516 70.54 12.24 -59.12
CA UNK E 3516 71.16 12.83 -60.29
C UNK E 3516 72.67 12.89 -60.14
N UNK E 3517 73.39 12.61 -61.23
CA UNK E 3517 74.85 12.65 -61.22
C UNK E 3517 75.33 14.07 -60.96
N UNK E 3518 74.65 15.04 -61.57
CA UNK E 3518 74.98 16.45 -61.37
C UNK E 3518 74.77 16.85 -59.92
N UNK E 3519 73.67 16.38 -59.32
CA UNK E 3519 73.37 16.66 -57.92
C UNK E 3519 74.43 16.04 -57.02
N UNK E 3520 74.85 14.82 -57.35
CA UNK E 3520 75.89 14.13 -56.59
C UNK E 3520 77.20 14.90 -56.64
N UNK E 3521 77.57 15.36 -57.84
CA UNK E 3521 78.78 16.14 -58.04
C UNK E 3521 78.71 17.44 -57.25
N UNK E 3522 77.56 18.09 -57.29
CA UNK E 3522 77.35 19.34 -56.56
C UNK E 3522 77.50 19.12 -55.06
N UNK E 3523 76.95 18.02 -54.56
CA UNK E 3523 77.06 17.68 -53.15
C UNK E 3523 78.51 17.42 -52.76
N UNK E 3524 79.22 16.68 -53.61
CA UNK E 3524 80.63 16.38 -53.37
C UNK E 3524 81.48 17.64 -53.36
N UNK E 3525 81.11 18.60 -54.20
CA UNK E 3525 81.82 19.87 -54.27
C UNK E 3525 81.51 20.76 -53.08
N UNK E 3526 80.26 20.73 -52.64
CA UNK E 3526 79.82 21.54 -51.49
C UNK E 3526 80.39 20.98 -50.19
N UNK E 3527 80.66 19.68 -50.17
CA UNK E 3527 81.28 19.05 -49.01
C UNK E 3527 82.64 19.67 -48.74
N UNK E 3528 82.75 20.39 -47.62
CA UNK E 3528 83.98 21.10 -47.26
C UNK E 3528 85.13 20.12 -47.04
N UNK E 3529 85.05 19.34 -45.97
CA UNK E 3529 86.09 18.36 -45.65
C UNK E 3529 85.64 16.96 -46.05
N UNK E 3530 86.22 16.45 -47.13
CA UNK E 3530 85.88 15.12 -47.63
C UNK E 3530 86.44 14.04 -46.72
N UNK E 3531 87.65 14.24 -46.23
CA UNK E 3531 88.31 13.27 -45.35
C UNK E 3531 88.98 13.97 -44.16
N UNK E 3532 88.66 13.48 -42.96
CA UNK E 3532 89.24 14.05 -41.74
C UNK E 3532 89.15 13.04 -40.60
N UNK E 3533 90.16 12.19 -40.48
CA UNK E 3533 90.17 11.16 -39.44
C UNK E 3533 91.57 11.02 -38.83
N UNK E 3534 91.63 11.02 -37.49
CA UNK E 3534 92.90 10.89 -36.78
C UNK E 3534 93.52 9.52 -37.04
N UNK E 3535 92.67 8.51 -37.16
CA UNK E 3535 93.11 7.16 -37.49
C UNK E 3535 93.82 7.17 -38.84
N UNK E 3536 93.15 7.68 -39.85
CA UNK E 3536 93.70 7.76 -41.20
C UNK E 3536 94.95 8.64 -41.25
N UNK E 3537 95.02 9.63 -40.37
CA UNK E 3537 96.16 10.52 -40.29
C UNK E 3537 97.39 9.79 -39.76
N UNK E 3538 97.23 9.12 -38.63
CA UNK E 3538 98.32 8.34 -38.05
C UNK E 3538 98.65 7.17 -38.96
N UNK E 3539 97.70 6.83 -39.82
CA UNK E 3539 97.86 5.73 -40.76
C UNK E 3539 98.44 6.18 -42.09
N UNK E 3540 99.65 6.72 -42.05
CA UNK E 3540 100.36 7.18 -43.25
C UNK E 3540 99.54 8.19 -44.04
N UNK E 3541 99.50 9.43 -43.54
CA UNK E 3541 98.86 10.52 -44.27
C UNK E 3541 99.93 11.27 -45.05
N UNK E 3542 101.07 11.48 -44.39
CA UNK E 3542 102.20 12.18 -45.00
C UNK E 3542 102.78 11.38 -46.16
N UNK E 3543 102.94 10.08 -45.96
CA UNK E 3543 103.49 9.20 -46.99
C UNK E 3543 102.61 9.22 -48.23
N UNK E 3544 101.30 9.10 -48.01
CA UNK E 3544 100.33 9.10 -49.10
C UNK E 3544 100.33 10.46 -49.81
N UNK E 3545 100.39 11.54 -49.03
CA UNK E 3545 100.38 12.89 -49.60
C UNK E 3545 101.64 13.13 -50.44
N UNK E 3546 102.75 12.55 -50.02
CA UNK E 3546 104.00 12.70 -50.76
C UNK E 3546 104.00 11.83 -52.02
N UNK E 3547 103.39 10.66 -51.93
CA UNK E 3547 103.32 9.75 -53.07
C UNK E 3547 102.36 10.26 -54.14
N UNK E 3548 101.33 10.98 -53.70
CA UNK E 3548 100.34 11.53 -54.63
C UNK E 3548 100.98 12.56 -55.55
N UNK E 3549 101.49 13.64 -54.95
CA UNK E 3549 102.14 14.72 -55.69
C UNK E 3549 101.25 15.30 -56.77
N UNK E 3550 99.99 15.56 -56.43
CA UNK E 3550 99.03 16.11 -57.37
C UNK E 3550 98.32 17.32 -56.77
N UNK E 3551 97.99 18.29 -57.62
CA UNK E 3551 97.29 19.49 -57.18
C UNK E 3551 95.87 19.16 -56.74
N UNK E 3552 95.36 19.93 -55.78
CA UNK E 3552 94.02 19.70 -55.25
C UNK E 3552 92.98 20.61 -55.88
N UNK E 3553 91.99 20.01 -56.52
CA UNK E 3553 90.89 20.76 -57.14
C UNK E 3553 89.70 20.80 -56.19
N UNK E 3554 89.10 21.99 -56.06
CA UNK E 3554 88.00 22.18 -55.12
C UNK E 3554 86.69 21.57 -55.62
N UNK E 3555 86.48 21.61 -56.93
CA UNK E 3555 85.23 21.10 -57.50
C UNK E 3555 85.47 20.00 -58.53
N UNK E 3556 86.48 20.18 -59.36
CA UNK E 3556 86.78 19.25 -60.44
C UNK E 3556 87.10 17.85 -59.91
N UNK E 3557 88.08 17.79 -59.00
CA UNK E 3557 88.50 16.51 -58.42
C UNK E 3557 87.36 15.86 -57.66
N UNK E 3558 86.57 16.67 -56.95
CA UNK E 3558 85.43 16.16 -56.19
C UNK E 3558 84.40 15.52 -57.12
N UNK E 3559 84.07 16.21 -58.20
CA UNK E 3559 83.11 15.70 -59.16
C UNK E 3559 83.62 14.44 -59.83
N UNK E 3560 84.92 14.43 -60.15
CA UNK E 3560 85.55 13.27 -60.77
C UNK E 3560 85.46 12.05 -59.85
N UNK E 3561 85.78 12.26 -58.57
CA UNK E 3561 85.74 11.19 -57.58
C UNK E 3561 84.32 10.68 -57.39
N UNK E 3562 83.35 11.59 -57.34
CA UNK E 3562 81.95 11.22 -57.19
C UNK E 3562 81.49 10.38 -58.37
N UNK E 3563 81.85 10.82 -59.57
CA UNK E 3563 81.48 10.10 -60.79
C UNK E 3563 82.11 8.71 -60.82
N UNK E 3564 83.38 8.63 -60.42
CA UNK E 3564 84.09 7.35 -60.38
C UNK E 3564 83.43 6.39 -59.41
N UNK E 3565 83.07 6.90 -58.23
CA UNK E 3565 82.41 6.08 -57.22
C UNK E 3565 81.04 5.61 -57.69
N UNK E 3566 80.30 6.50 -58.33
CA UNK E 3566 78.99 6.16 -58.87
C UNK E 3566 79.11 5.08 -59.94
N UNK E 3567 80.11 5.21 -60.80
CA UNK E 3567 80.36 4.23 -61.84
C UNK E 3567 80.74 2.88 -61.25
N UNK E 3568 81.55 2.91 -60.19
CA UNK E 3568 81.96 1.68 -59.51
C UNK E 3568 80.74 0.98 -58.89
N UNK E 3569 79.88 1.76 -58.26
CA UNK E 3569 78.65 1.23 -57.66
C UNK E 3569 77.75 0.61 -58.72
N UNK E 3570 77.61 1.32 -59.85
CA UNK E 3570 76.79 0.84 -60.96
C UNK E 3570 77.35 -0.45 -61.53
N UNK E 3571 78.67 -0.53 -61.65
CA UNK E 3571 79.33 -1.72 -62.16
C UNK E 3571 79.12 -2.91 -61.21
N UNK E 3572 79.22 -2.64 -59.91
CA UNK E 3572 79.00 -3.67 -58.90
C UNK E 3572 77.56 -4.18 -58.99
N UNK E 3573 76.61 -3.27 -59.13
CA UNK E 3573 75.20 -3.62 -59.25
C UNK E 3573 74.96 -4.46 -60.51
N UNK E 3574 75.58 -4.06 -61.61
CA UNK E 3574 75.45 -4.78 -62.87
C UNK E 3574 76.02 -6.20 -62.76
N UNK E 3575 77.16 -6.32 -62.09
CA UNK E 3575 77.79 -7.62 -61.87
C UNK E 3575 76.89 -8.51 -61.02
N UNK E 3576 76.30 -7.93 -59.98
CA UNK E 3576 75.40 -8.66 -59.10
C UNK E 3576 74.15 -9.13 -59.86
N UNK E 3577 73.67 -8.28 -60.76
CA UNK E 3577 72.49 -8.60 -61.57
C UNK E 3577 72.80 -9.69 -62.59
N UNK E 3578 74.00 -9.64 -63.16
CA UNK E 3578 74.42 -10.62 -64.15
C UNK E 3578 74.71 -11.98 -63.49
N UNK E 3579 75.12 -11.93 -62.23
CA UNK E 3579 75.42 -13.15 -61.48
C UNK E 3579 74.14 -13.92 -61.17
N PRO E 3611 38.64 -33.97 -89.53
CA PRO E 3611 38.01 -34.30 -90.81
C PRO E 3611 36.83 -33.39 -91.14
N ARG E 3612 36.27 -33.56 -92.34
CA ARG E 3612 35.19 -32.69 -92.80
C ARG E 3612 33.96 -32.81 -91.92
N HIS E 3613 33.56 -34.05 -91.61
CA HIS E 3613 32.33 -34.24 -90.84
C HIS E 3613 32.50 -33.75 -89.40
N ARG E 3614 33.67 -33.97 -88.80
CA ARG E 3614 33.90 -33.47 -87.45
C ARG E 3614 33.94 -31.94 -87.44
N ALA E 3615 34.55 -31.34 -88.46
CA ALA E 3615 34.59 -29.88 -88.55
C ALA E 3615 33.19 -29.30 -88.69
N VAL E 3616 32.35 -29.90 -89.54
CA VAL E 3616 31.02 -29.35 -89.72
C VAL E 3616 30.15 -29.61 -88.49
N ASN E 3617 30.37 -30.74 -87.79
CA ASN E 3617 29.66 -30.99 -86.54
C ASN E 3617 30.01 -29.94 -85.49
N LEU E 3618 31.30 -29.64 -85.33
CA LEU E 3618 31.72 -28.64 -84.35
C LEU E 3618 31.23 -27.26 -84.72
N PHE E 3619 31.21 -26.95 -86.02
CA PHE E 3619 30.62 -25.69 -86.47
C PHE E 3619 29.15 -25.62 -86.11
N LEU E 3620 28.41 -26.71 -86.33
CA LEU E 3620 26.99 -26.73 -86.01
C LEU E 3620 26.78 -26.57 -84.50
N GLN E 3621 27.65 -27.16 -83.69
CA GLN E 3621 27.56 -26.99 -82.25
C GLN E 3621 27.79 -25.53 -81.86
N GLY E 3622 28.82 -24.89 -82.43
CA GLY E 3622 29.06 -23.49 -82.14
C GLY E 3622 27.92 -22.60 -82.59
N TYR E 3623 27.34 -22.91 -83.76
CA TYR E 3623 26.21 -22.15 -84.27
C TYR E 3623 25.01 -22.27 -83.34
N GLU E 3624 24.77 -23.47 -82.81
CA GLU E 3624 23.73 -23.63 -81.80
C GLU E 3624 24.06 -22.82 -80.56
N LYS E 3625 25.33 -22.81 -80.15
CA LYS E 3625 25.69 -22.23 -78.86
C LYS E 3625 25.61 -20.71 -78.85
N SER E 3626 26.11 -20.05 -79.89
CA SER E 3626 26.27 -18.60 -79.81
C SER E 3626 25.83 -17.92 -81.10
N TRP E 3627 24.73 -18.36 -81.71
CA TRP E 3627 24.24 -17.65 -82.88
C TRP E 3627 22.73 -17.41 -82.86
N ILE E 3628 21.97 -18.28 -82.20
CA ILE E 3628 20.53 -18.31 -82.34
C ILE E 3628 19.81 -17.77 -81.11
N GLU E 3629 20.29 -18.10 -79.91
CA GLU E 3629 19.59 -17.74 -78.68
C GLU E 3629 20.00 -16.37 -78.12
N THR E 3630 20.49 -15.49 -78.98
CA THR E 3630 20.91 -14.16 -78.54
C THR E 3630 19.80 -13.12 -78.73
N GLU E 3631 18.64 -13.37 -78.10
CA GLU E 3631 17.54 -12.41 -78.01
C GLU E 3631 17.05 -11.96 -79.38
N GLU E 3632 16.52 -12.93 -80.13
CA GLU E 3632 16.06 -12.72 -81.49
C GLU E 3632 14.54 -12.82 -81.63
N HIS E 3633 13.80 -12.48 -80.58
CA HIS E 3633 12.35 -12.51 -80.65
C HIS E 3633 11.74 -11.72 -79.50
N TYR E 3634 10.59 -11.12 -79.78
CA TYR E 3634 9.82 -10.38 -78.76
C TYR E 3634 8.34 -10.65 -79.04
N PHE E 3635 7.75 -11.59 -78.29
CA PHE E 3635 6.38 -12.00 -78.55
C PHE E 3635 5.54 -12.17 -77.29
N GLU E 3636 6.12 -11.99 -76.09
CA GLU E 3636 5.39 -12.28 -74.87
C GLU E 3636 4.19 -11.35 -74.69
N ASP E 3637 4.37 -10.06 -74.97
CA ASP E 3637 3.30 -9.09 -74.74
C ASP E 3637 2.13 -9.34 -75.67
N LYS E 3638 2.40 -9.47 -76.98
CA LYS E 3638 1.32 -9.74 -77.93
C LYS E 3638 0.67 -11.09 -77.66
N LEU E 3639 1.46 -12.08 -77.22
CA LEU E 3639 0.91 -13.39 -76.90
C LEU E 3639 -0.09 -13.29 -75.75
N ILE E 3640 0.33 -12.65 -74.65
CA ILE E 3640 -0.56 -12.49 -73.51
C ILE E 3640 -1.79 -11.68 -73.89
N GLU E 3641 -1.62 -10.71 -74.79
CA GLU E 3641 -2.74 -9.88 -75.21
C GLU E 3641 -3.78 -10.71 -75.96
N ASP E 3642 -3.36 -11.39 -77.03
CA ASP E 3642 -4.34 -12.15 -77.82
C ASP E 3642 -4.76 -13.44 -77.14
N LEU E 3643 -4.15 -13.82 -76.02
CA LEU E 3643 -4.70 -14.89 -75.19
C LEU E 3643 -5.65 -14.38 -74.12
N ALA E 3644 -5.52 -13.13 -73.70
CA ALA E 3644 -6.48 -12.54 -72.78
C ALA E 3644 -7.69 -11.95 -73.49
N LYS E 3645 -7.60 -11.71 -74.79
CA LYS E 3645 -8.72 -11.18 -75.56
C LYS E 3645 -9.89 -12.15 -75.53
N PRO E 3646 -11.03 -11.79 -74.95
CA PRO E 3646 -12.22 -12.68 -74.92
C PRO E 3646 -12.96 -12.69 -76.26
N GLY E 3647 -12.46 -13.53 -77.17
CA GLY E 3647 -13.06 -13.62 -78.49
C GLY E 3647 -14.50 -14.11 -78.48
N ALA E 3648 -14.84 -14.98 -77.53
CA ALA E 3648 -16.18 -15.53 -77.39
C ALA E 3648 -16.68 -16.18 -78.69
N ARG E 3659 -17.99 -16.53 -70.62
CA ARG E 3659 -17.18 -17.75 -70.63
C ARG E 3659 -15.87 -17.54 -69.89
N VAL E 3660 -14.84 -18.28 -70.30
CA VAL E 3660 -13.53 -18.24 -69.67
C VAL E 3660 -12.49 -17.96 -70.74
N ASP E 3661 -11.61 -17.00 -70.48
CA ASP E 3661 -10.57 -16.65 -71.43
C ASP E 3661 -9.56 -17.78 -71.56
N PRO E 3662 -8.83 -17.84 -72.68
CA PRO E 3662 -7.77 -18.85 -72.82
C PRO E 3662 -6.69 -18.74 -71.76
N LEU E 3663 -6.28 -17.51 -71.42
CA LEU E 3663 -5.28 -17.33 -70.38
C LEU E 3663 -5.81 -17.79 -69.03
N HIS E 3664 -7.08 -17.52 -68.76
CA HIS E 3664 -7.68 -18.01 -67.51
C HIS E 3664 -7.76 -19.53 -67.49
N GLN E 3665 -8.05 -20.15 -68.64
CA GLN E 3665 -8.06 -21.60 -68.70
C GLN E 3665 -6.67 -22.17 -68.44
N LEU E 3666 -5.64 -21.53 -69.00
CA LEU E 3666 -4.27 -21.99 -68.76
C LEU E 3666 -3.88 -21.83 -67.30
N ILE E 3667 -4.26 -20.70 -66.68
CA ILE E 3667 -3.96 -20.50 -65.27
C ILE E 3667 -4.68 -21.52 -64.41
N LEU E 3668 -5.93 -21.85 -64.76
CA LEU E 3668 -6.67 -22.86 -64.02
C LEU E 3668 -6.03 -24.24 -64.19
N LEU E 3669 -5.54 -24.55 -65.38
CA LEU E 3669 -4.85 -25.81 -65.59
C LEU E 3669 -3.60 -25.90 -64.72
N PHE E 3670 -2.81 -24.82 -64.70
CA PHE E 3670 -1.62 -24.80 -63.85
C PHE E 3670 -1.98 -24.92 -62.38
N SER E 3671 -3.08 -24.27 -61.97
CA SER E 3671 -3.49 -24.34 -60.57
C SER E 3671 -3.92 -25.75 -60.19
N ARG E 3672 -4.68 -26.42 -61.06
CA ARG E 3672 -5.08 -27.79 -60.79
C ARG E 3672 -3.87 -28.72 -60.77
N THR E 3673 -2.91 -28.49 -61.66
CA THR E 3673 -1.70 -29.32 -61.68
C THR E 3673 -0.89 -29.12 -60.41
N ALA E 3674 -0.84 -27.89 -59.89
CA ALA E 3674 -0.13 -27.65 -58.64
C ALA E 3674 -0.91 -28.19 -57.44
N LEU E 3675 -2.23 -28.26 -57.54
CA LEU E 3675 -3.05 -28.77 -56.45
C LEU E 3675 -3.14 -30.29 -56.44
N THR E 3676 -2.79 -30.96 -57.54
CA THR E 3676 -2.80 -32.42 -57.56
C THR E 3676 -1.86 -32.96 -56.49
N GLU E 3677 -2.39 -33.86 -55.67
CA GLU E 3677 -1.62 -34.43 -54.56
C GLU E 3677 -0.55 -35.35 -55.10
N LYS E 3678 0.72 -34.94 -54.98
CA LYS E 3678 1.86 -35.74 -55.41
C LYS E 3678 2.94 -35.65 -54.36
N CYS E 3679 4.02 -36.42 -54.58
CA CYS E 3679 5.14 -36.45 -53.65
C CYS E 3679 6.32 -35.63 -54.13
N LYS E 3680 6.33 -35.21 -55.39
CA LYS E 3680 7.43 -34.42 -55.93
C LYS E 3680 6.91 -33.60 -57.10
N LEU E 3681 7.27 -32.33 -57.13
CA LEU E 3681 6.83 -31.45 -58.21
C LEU E 3681 7.46 -31.88 -59.52
N GLU E 3682 6.63 -32.16 -60.51
CA GLU E 3682 7.12 -32.64 -61.80
C GLU E 3682 7.85 -31.53 -62.54
N GLU E 3683 8.48 -31.91 -63.67
CA GLU E 3683 9.21 -30.93 -64.47
C GLU E 3683 8.26 -29.93 -65.12
N ASP E 3684 7.27 -30.44 -65.86
CA ASP E 3684 6.20 -29.62 -66.45
C ASP E 3684 6.80 -28.52 -67.34
N PHE E 3685 7.44 -28.99 -68.42
CA PHE E 3685 7.98 -28.08 -69.43
C PHE E 3685 6.94 -27.06 -69.88
N LEU E 3686 5.67 -27.46 -69.91
CA LEU E 3686 4.60 -26.51 -70.22
C LEU E 3686 4.64 -25.31 -69.29
N TYR E 3687 4.60 -25.56 -67.98
CA TYR E 3687 4.60 -24.47 -67.01
C TYR E 3687 5.92 -23.71 -67.05
N MET E 3688 7.04 -24.43 -67.24
CA MET E 3688 8.32 -23.75 -67.27
C MET E 3688 8.47 -22.84 -68.48
N ALA E 3689 7.75 -23.14 -69.57
CA ALA E 3689 7.80 -22.29 -70.76
C ALA E 3689 6.78 -21.16 -70.70
N TYR E 3690 5.69 -21.35 -69.96
CA TYR E 3690 4.68 -20.30 -69.89
C TYR E 3690 4.88 -19.31 -68.74
N ALA E 3691 5.52 -19.74 -67.65
CA ALA E 3691 5.82 -18.79 -66.59
C ALA E 3691 6.83 -17.75 -67.07
N ASP E 3692 7.82 -18.17 -67.86
CA ASP E 3692 8.77 -17.21 -68.41
C ASP E 3692 8.06 -16.19 -69.30
N ILE E 3693 7.11 -16.65 -70.11
CA ILE E 3693 6.41 -15.74 -71.01
C ILE E 3693 5.55 -14.76 -70.22
N MET E 3694 4.79 -15.27 -69.25
CA MET E 3694 3.95 -14.40 -68.44
C MET E 3694 4.76 -13.47 -67.55
N ALA E 3695 6.02 -13.82 -67.25
CA ALA E 3695 6.87 -12.93 -66.47
C ALA E 3695 7.55 -11.88 -67.34
N LYS E 3696 7.97 -12.25 -68.55
CA LYS E 3696 8.60 -11.31 -69.47
C LYS E 3696 7.59 -10.41 -70.17
N SER E 3697 6.30 -10.73 -70.10
CA SER E 3697 5.31 -9.80 -70.65
C SER E 3697 5.29 -8.49 -69.88
N CYS E 3698 5.36 -8.57 -68.55
CA CYS E 3698 5.38 -7.36 -67.73
C CYS E 3698 6.75 -6.68 -67.85
N HIS E 3699 6.73 -5.37 -68.09
CA HIS E 3699 7.94 -4.55 -68.16
C HIS E 3699 8.94 -5.10 -69.20
N SER E 3712 10.14 14.99 -66.06
CA SER E 3712 9.99 13.56 -66.31
C SER E 3712 9.06 12.92 -65.28
N PHE E 3713 7.79 13.29 -65.35
CA PHE E 3713 6.78 12.77 -64.44
C PHE E 3713 5.63 12.08 -65.15
N GLU E 3714 5.13 12.65 -66.25
CA GLU E 3714 3.97 12.07 -66.92
C GLU E 3714 4.32 10.73 -67.55
N GLU E 3715 5.50 10.61 -68.16
CA GLU E 3715 5.87 9.32 -68.76
C GLU E 3715 6.12 8.27 -67.69
N LYS E 3716 6.66 8.68 -66.53
CA LYS E 3716 6.83 7.73 -65.44
C LYS E 3716 5.49 7.25 -64.92
N GLU E 3717 4.54 8.16 -64.74
CA GLU E 3717 3.22 7.75 -64.29
C GLU E 3717 2.52 6.87 -65.32
N MET E 3718 2.72 7.15 -66.60
CA MET E 3718 2.08 6.34 -67.64
C MET E 3718 2.69 4.95 -67.71
N GLU E 3719 4.02 4.84 -67.57
CA GLU E 3719 4.61 3.50 -67.57
C GLU E 3719 4.24 2.73 -66.31
N LYS E 3720 4.08 3.42 -65.17
CA LYS E 3720 3.58 2.75 -63.98
C LYS E 3720 2.16 2.24 -64.18
N GLN E 3721 1.30 3.06 -64.80
CA GLN E 3721 -0.06 2.63 -65.09
C GLN E 3721 -0.09 1.46 -66.07
N LYS E 3722 0.82 1.47 -67.04
CA LYS E 3722 0.89 0.36 -68.00
C LYS E 3722 1.34 -0.93 -67.30
N LEU E 3723 2.32 -0.82 -66.41
CA LEU E 3723 2.74 -1.98 -65.63
C LEU E 3723 1.60 -2.52 -64.79
N LEU E 3724 0.86 -1.63 -64.14
CA LEU E 3724 -0.28 -2.05 -63.34
C LEU E 3724 -1.34 -2.73 -64.21
N TYR E 3725 -1.55 -2.20 -65.42
CA TYR E 3725 -2.54 -2.78 -66.32
C TYR E 3725 -2.14 -4.19 -66.76
N GLN E 3726 -0.86 -4.38 -67.09
CA GLN E 3726 -0.39 -5.71 -67.47
C GLN E 3726 -0.50 -6.68 -66.30
N GLN E 3727 -0.11 -6.24 -65.10
CA GLN E 3727 -0.27 -7.08 -63.91
C GLN E 3727 -1.72 -7.45 -63.70
N ALA E 3728 -2.63 -6.49 -63.87
CA ALA E 3728 -4.05 -6.77 -63.70
C ALA E 3728 -4.52 -7.80 -64.73
N ARG E 3729 -4.13 -7.61 -66.00
CA ARG E 3729 -4.50 -8.53 -67.07
C ARG E 3729 -4.07 -9.94 -66.74
N LEU E 3730 -2.89 -10.11 -66.14
CA LEU E 3730 -2.41 -11.47 -65.89
C LEU E 3730 -2.51 -11.92 -64.43
N HIS E 3731 -3.24 -11.18 -63.56
CA HIS E 3731 -3.52 -11.71 -62.23
C HIS E 3731 -4.98 -11.65 -61.81
N ASP E 3732 -5.85 -10.95 -62.55
CA ASP E 3732 -7.28 -11.06 -62.27
C ASP E 3732 -7.84 -12.43 -62.60
N ARG E 3733 -7.04 -13.32 -63.23
CA ARG E 3733 -7.46 -14.67 -63.54
C ARG E 3733 -6.95 -15.68 -62.54
N GLY E 3734 -6.37 -15.23 -61.42
CA GLY E 3734 -5.94 -16.14 -60.39
C GLY E 3734 -4.51 -16.62 -60.53
N ALA E 3735 -3.63 -15.73 -60.99
CA ALA E 3735 -2.23 -16.11 -61.11
C ALA E 3735 -1.51 -16.11 -59.78
N ALA E 3736 -1.87 -15.19 -58.88
CA ALA E 3736 -1.22 -15.15 -57.56
C ALA E 3736 -1.44 -16.45 -56.81
N GLU E 3737 -2.68 -16.96 -56.84
CA GLU E 3737 -2.94 -18.27 -56.27
C GLU E 3737 -2.10 -19.35 -56.94
N MET E 3738 -1.86 -19.21 -58.25
CA MET E 3738 -1.02 -20.18 -58.95
C MET E 3738 0.41 -20.16 -58.43
N VAL E 3739 0.98 -18.97 -58.22
CA VAL E 3739 2.33 -18.91 -57.63
C VAL E 3739 2.33 -19.50 -56.24
N LEU E 3740 1.33 -19.18 -55.43
CA LEU E 3740 1.29 -19.69 -54.06
C LEU E 3740 1.22 -21.22 -54.06
N GLN E 3741 0.37 -21.79 -54.91
CA GLN E 3741 0.23 -23.24 -54.97
C GLN E 3741 1.49 -23.90 -55.52
N THR E 3742 2.13 -23.28 -56.52
CA THR E 3742 3.35 -23.87 -57.07
C THR E 3742 4.49 -23.83 -56.07
N ILE E 3743 4.56 -22.78 -55.24
CA ILE E 3743 5.59 -22.72 -54.22
C ILE E 3743 5.29 -23.71 -53.11
N SER E 3744 4.01 -23.87 -52.75
CA SER E 3744 3.65 -24.78 -51.67
C SER E 3744 3.79 -26.24 -52.08
N ALA E 3745 3.63 -26.55 -53.36
CA ALA E 3745 3.69 -27.92 -53.86
C ALA E 3745 5.09 -28.35 -54.25
N SER E 3746 6.12 -27.72 -53.67
CA SER E 3746 7.49 -28.12 -53.92
C SER E 3746 8.17 -28.74 -52.72
N LYS E 3747 7.53 -28.70 -51.55
CA LYS E 3747 8.05 -29.25 -50.30
C LYS E 3747 9.40 -28.66 -49.91
N GLY E 3748 9.87 -27.63 -50.61
CA GLY E 3748 11.15 -27.02 -50.28
C GLY E 3748 12.32 -27.57 -51.06
N GLU E 3749 12.12 -27.81 -52.36
CA GLU E 3749 13.17 -28.18 -53.29
C GLU E 3749 13.59 -26.95 -54.07
N THR E 3750 14.90 -26.70 -54.15
CA THR E 3750 15.40 -25.80 -55.16
C THR E 3750 15.27 -26.48 -56.52
N GLY E 3751 14.55 -25.86 -57.44
CA GLY E 3751 14.33 -26.45 -58.75
C GLY E 3751 13.98 -25.43 -59.81
N PRO E 3752 13.95 -25.88 -61.07
CA PRO E 3752 13.59 -24.96 -62.15
C PRO E 3752 12.13 -24.53 -62.10
N MET E 3753 11.22 -25.40 -61.66
CA MET E 3753 9.85 -24.99 -61.46
C MET E 3753 9.75 -23.88 -60.43
N VAL E 3754 10.47 -24.02 -59.32
CA VAL E 3754 10.45 -23.00 -58.29
C VAL E 3754 11.10 -21.71 -58.79
N ALA E 3755 12.16 -21.83 -59.59
CA ALA E 3755 12.79 -20.64 -60.14
C ALA E 3755 11.83 -19.89 -61.06
N ALA E 3756 11.16 -20.61 -61.96
CA ALA E 3756 10.21 -19.98 -62.87
C ALA E 3756 9.04 -19.36 -62.11
N THR E 3757 8.55 -20.06 -61.06
CA THR E 3757 7.42 -19.51 -60.33
C THR E 3757 7.82 -18.30 -59.50
N LEU E 3758 9.07 -18.26 -59.02
CA LEU E 3758 9.53 -17.08 -58.30
C LEU E 3758 9.73 -15.91 -59.24
N LYS E 3759 10.24 -16.16 -60.45
CA LYS E 3759 10.32 -15.11 -61.45
C LYS E 3759 8.93 -14.57 -61.79
N LEU E 3760 7.94 -15.45 -61.89
CA LEU E 3760 6.58 -15.00 -62.16
C LEU E 3760 6.02 -14.18 -60.99
N GLY E 3761 6.30 -14.60 -59.76
CA GLY E 3761 5.87 -13.82 -58.61
C GLY E 3761 6.51 -12.44 -58.58
N ILE E 3762 7.78 -12.35 -58.96
CA ILE E 3762 8.44 -11.06 -59.02
C ILE E 3762 7.80 -10.19 -60.09
N ALA E 3763 7.60 -10.75 -61.28
CA ALA E 3763 7.01 -9.98 -62.37
C ALA E 3763 5.55 -9.60 -62.10
N ILE E 3764 4.88 -10.33 -61.21
CA ILE E 3764 3.50 -10.01 -60.88
C ILE E 3764 3.41 -9.05 -59.68
N LEU E 3765 4.47 -8.95 -58.88
CA LEU E 3765 4.50 -8.06 -57.73
C LEU E 3765 5.47 -6.89 -57.91
N ASN E 3766 5.96 -6.64 -59.12
CA ASN E 3766 6.83 -5.50 -59.35
C ASN E 3766 6.17 -4.21 -58.87
N GLY E 3767 6.92 -3.42 -58.12
CA GLY E 3767 6.40 -2.19 -57.57
C GLY E 3767 5.62 -2.43 -56.28
N GLY E 3768 4.85 -1.42 -55.91
CA GLY E 3768 4.03 -1.49 -54.71
C GLY E 3768 2.62 -1.98 -54.99
N ASN E 3769 2.50 -3.01 -55.82
CA ASN E 3769 1.19 -3.57 -56.15
C ASN E 3769 0.56 -4.17 -54.89
N SER E 3770 -0.47 -3.52 -54.38
CA SER E 3770 -1.13 -3.98 -53.16
C SER E 3770 -2.28 -4.94 -53.44
N THR E 3771 -2.88 -4.90 -54.63
CA THR E 3771 -3.97 -5.81 -54.95
C THR E 3771 -3.52 -7.26 -54.93
N VAL E 3772 -2.37 -7.54 -55.56
CA VAL E 3772 -1.86 -8.91 -55.59
C VAL E 3772 -1.45 -9.35 -54.19
N GLN E 3773 -0.88 -8.45 -53.40
CA GLN E 3773 -0.51 -8.79 -52.03
C GLN E 3773 -1.74 -9.14 -51.21
N GLN E 3774 -2.81 -8.36 -51.36
CA GLN E 3774 -4.04 -8.64 -50.62
C GLN E 3774 -4.66 -9.95 -51.08
N LYS E 3775 -4.62 -10.23 -52.38
CA LYS E 3775 -5.13 -11.50 -52.89
C LYS E 3775 -4.36 -12.67 -52.30
N MET E 3776 -3.03 -12.59 -52.30
CA MET E 3776 -2.22 -13.67 -51.74
C MET E 3776 -2.50 -13.84 -50.25
N LEU E 3777 -2.61 -12.74 -49.51
CA LEU E 3777 -2.87 -12.84 -48.08
C LEU E 3777 -4.23 -13.46 -47.80
N ASP E 3778 -5.26 -13.05 -48.55
CA ASP E 3778 -6.59 -13.61 -48.36
C ASP E 3778 -6.62 -15.09 -48.69
N TYR E 3779 -5.91 -15.50 -49.75
CA TYR E 3779 -5.83 -16.91 -50.10
C TYR E 3779 -5.15 -17.70 -48.99
N LEU E 3780 -4.00 -17.22 -48.50
CA LEU E 3780 -3.29 -17.91 -47.43
C LEU E 3780 -4.06 -17.93 -46.13
N LYS E 3781 -4.98 -16.98 -45.92
CA LYS E 3781 -5.76 -16.99 -44.69
C LYS E 3781 -6.97 -17.90 -44.79
N GLU E 3782 -7.61 -17.94 -45.95
CA GLU E 3782 -8.77 -18.80 -46.16
C GLU E 3782 -8.38 -20.26 -46.32
N LYS E 3783 -7.18 -20.54 -46.85
CA LYS E 3783 -6.62 -21.88 -46.88
C LYS E 3783 -5.47 -21.91 -45.89
N LYS E 3784 -5.78 -22.29 -44.65
CA LYS E 3784 -4.77 -22.31 -43.60
C LYS E 3784 -3.79 -23.46 -43.84
N ASP E 3785 -2.70 -23.18 -44.54
CA ASP E 3785 -1.72 -24.18 -44.90
C ASP E 3785 -0.33 -23.74 -44.46
N VAL E 3786 0.41 -24.68 -43.87
CA VAL E 3786 1.79 -24.44 -43.48
C VAL E 3786 2.77 -24.90 -44.56
N GLY E 3787 2.25 -25.53 -45.63
CA GLY E 3787 3.12 -26.03 -46.67
C GLY E 3787 3.89 -24.92 -47.39
N PHE E 3788 3.19 -23.84 -47.73
CA PHE E 3788 3.86 -22.72 -48.40
C PHE E 3788 4.96 -22.14 -47.53
N PHE E 3789 4.68 -21.92 -46.25
CA PHE E 3789 5.66 -21.32 -45.36
C PHE E 3789 6.84 -22.24 -45.12
N GLN E 3790 6.58 -23.55 -44.96
CA GLN E 3790 7.69 -24.46 -44.75
C GLN E 3790 8.51 -24.68 -46.02
N SER E 3791 7.88 -24.58 -47.19
CA SER E 3791 8.65 -24.63 -48.43
C SER E 3791 9.53 -23.40 -48.56
N LEU E 3792 9.00 -22.22 -48.21
CA LEU E 3792 9.83 -21.02 -48.19
C LEU E 3792 11.00 -21.18 -47.22
N ALA E 3793 10.74 -21.74 -46.05
CA ALA E 3793 11.80 -21.94 -45.06
C ALA E 3793 12.87 -22.88 -45.59
N GLY E 3794 12.46 -24.00 -46.20
CA GLY E 3794 13.43 -24.92 -46.76
C GLY E 3794 14.24 -24.31 -47.89
N LEU E 3795 13.58 -23.51 -48.75
CA LEU E 3795 14.29 -22.84 -49.82
C LEU E 3795 15.33 -21.88 -49.28
N MET E 3796 14.95 -21.06 -48.28
CA MET E 3796 15.90 -20.14 -47.69
C MET E 3796 17.02 -20.86 -46.94
N GLN E 3797 16.73 -22.05 -46.43
CA GLN E 3797 17.75 -22.79 -45.69
C GLN E 3797 18.73 -23.51 -46.60
N SER E 3798 18.29 -23.92 -47.80
CA SER E 3798 19.13 -24.69 -48.70
C SER E 3798 19.13 -24.11 -50.11
N CYS E 3799 19.21 -22.78 -50.22
CA CYS E 3799 19.30 -22.16 -51.55
C CYS E 3799 20.73 -22.19 -52.09
N SER E 3800 21.64 -21.47 -51.44
CA SER E 3800 23.04 -21.42 -51.87
C SER E 3800 23.86 -20.62 -50.86
N VAL E 3801 25.11 -21.03 -50.68
CA VAL E 3801 26.07 -20.33 -49.83
C VAL E 3801 27.45 -20.46 -50.48
N LEU E 3802 28.25 -19.40 -50.39
CA LEU E 3802 29.59 -19.42 -50.97
C LEU E 3802 30.44 -20.53 -50.36
N ASP E 3803 31.36 -21.05 -51.16
CA ASP E 3803 32.29 -22.08 -50.71
C ASP E 3803 33.72 -21.58 -50.81
N LEU E 3804 34.61 -22.22 -50.05
CA LEU E 3804 36.03 -22.11 -50.34
C LEU E 3804 36.64 -23.39 -50.92
N ASN E 3805 36.09 -24.56 -50.57
CA ASN E 3805 36.54 -25.81 -51.17
C ASN E 3805 36.37 -25.78 -52.68
N ALA E 3806 35.22 -25.30 -53.15
CA ALA E 3806 34.96 -25.31 -54.58
C ALA E 3806 35.84 -24.31 -55.31
N PHE E 3807 36.07 -23.15 -54.69
CA PHE E 3807 36.89 -22.13 -55.32
C PHE E 3807 38.35 -22.55 -55.38
N GLU E 3808 38.87 -23.11 -54.28
CA GLU E 3808 40.25 -23.59 -54.28
C GLU E 3808 40.42 -24.73 -55.28
N ARG E 3809 39.45 -25.64 -55.35
CA ARG E 3809 39.54 -26.74 -56.31
C ARG E 3809 39.47 -26.23 -57.75
N GLN E 3810 38.63 -25.23 -58.02
CA GLN E 3810 38.54 -24.66 -59.36
C GLN E 3810 39.84 -23.95 -59.74
N ASN E 3811 40.44 -23.23 -58.78
CA ASN E 3811 41.73 -22.60 -59.02
C ASN E 3811 42.80 -23.64 -59.30
N LYS E 3812 42.83 -24.72 -58.51
CA LYS E 3812 43.80 -25.78 -58.74
C LYS E 3812 43.58 -26.44 -60.10
N ALA E 3813 42.32 -26.55 -60.53
CA ALA E 3813 42.03 -27.14 -61.83
C ALA E 3813 42.49 -26.24 -62.97
N GLU E 3814 42.18 -24.95 -62.89
CA GLU E 3814 42.53 -24.02 -63.95
C GLU E 3814 44.01 -23.67 -63.95
N GLY E 3815 44.73 -23.98 -62.87
CA GLY E 3815 46.17 -23.77 -62.87
C GLY E 3815 46.89 -24.55 -63.96
N LEU E 3816 46.45 -25.77 -64.22
CA LEU E 3816 47.17 -26.61 -65.18
C LEU E 3816 46.31 -27.13 -66.31
N GLY E 3817 45.00 -27.28 -66.11
CA GLY E 3817 44.11 -27.83 -67.10
C GLY E 3817 43.56 -26.79 -68.06
N MET E 3818 43.97 -26.91 -69.32
CA MET E 3818 43.50 -26.08 -70.41
C MET E 3818 42.56 -26.83 -71.34
N VAL E 3819 42.04 -27.97 -70.89
CA VAL E 3819 41.15 -28.77 -71.73
C VAL E 3819 39.80 -28.10 -71.86
N THR E 3820 39.38 -27.31 -70.87
CA THR E 3820 38.09 -26.65 -70.89
C THR E 3820 38.10 -25.21 -70.37
N GLU E 3821 39.07 -24.83 -69.53
CA GLU E 3821 39.14 -23.55 -68.83
C GLU E 3821 38.03 -23.35 -67.80
N GLU E 3822 37.11 -24.30 -67.66
CA GLU E 3822 35.99 -24.18 -66.74
C GLU E 3822 35.26 -22.85 -66.95
N GLY E 3823 34.72 -22.70 -68.17
CA GLY E 3823 33.94 -21.51 -68.49
C GLY E 3823 32.66 -21.39 -67.69
N SER E 3824 32.20 -22.49 -67.11
CA SER E 3824 31.02 -22.49 -66.25
C SER E 3824 31.48 -22.26 -64.81
N GLY E 3825 31.51 -21.00 -64.41
CA GLY E 3825 31.92 -20.65 -63.06
C GLY E 3825 30.85 -20.95 -62.03
N GLU E 3826 30.60 -22.24 -61.80
CA GLU E 3826 29.54 -22.68 -60.89
C GLU E 3826 30.16 -23.47 -59.73
N LYS E 3827 29.29 -24.03 -58.90
CA LYS E 3827 29.63 -24.87 -57.75
C LYS E 3827 30.23 -24.07 -56.62
N VAL E 3828 30.53 -22.79 -56.85
CA VAL E 3828 31.00 -21.91 -55.79
C VAL E 3828 29.86 -21.06 -55.24
N LEU E 3829 28.95 -20.62 -56.10
CA LEU E 3829 27.68 -20.03 -55.71
C LEU E 3829 26.65 -20.63 -56.67
N GLN E 3830 25.90 -21.63 -56.19
CA GLN E 3830 25.11 -22.49 -57.05
C GLN E 3830 24.09 -21.73 -57.88
N ASP E 3831 23.10 -21.10 -57.23
CA ASP E 3831 22.07 -20.35 -57.92
C ASP E 3831 21.91 -18.97 -57.27
N ASP E 3832 22.79 -18.04 -57.67
CA ASP E 3832 22.69 -16.67 -57.18
C ASP E 3832 21.42 -16.01 -57.69
N GLU E 3833 21.08 -16.24 -58.96
CA GLU E 3833 19.87 -15.65 -59.51
C GLU E 3833 18.64 -16.17 -58.77
N PHE E 3834 18.63 -17.46 -58.44
CA PHE E 3834 17.50 -18.02 -57.70
C PHE E 3834 17.41 -17.45 -56.29
N THR E 3835 18.55 -17.30 -55.61
CA THR E 3835 18.53 -16.74 -54.27
C THR E 3835 18.03 -15.29 -54.29
N CYS E 3836 18.59 -14.49 -55.19
CA CYS E 3836 18.14 -13.11 -55.34
C CYS E 3836 16.67 -13.05 -55.74
N ASP E 3837 16.21 -14.00 -56.55
CA ASP E 3837 14.81 -14.00 -56.98
C ASP E 3837 13.89 -14.32 -55.81
N LEU E 3838 14.26 -15.30 -54.98
CA LEU E 3838 13.45 -15.62 -53.80
C LEU E 3838 13.39 -14.44 -52.85
N PHE E 3839 14.53 -13.80 -52.59
CA PHE E 3839 14.53 -12.71 -51.63
C PHE E 3839 13.87 -11.46 -52.19
N ARG E 3840 13.93 -11.26 -53.51
CA ARG E 3840 13.17 -10.17 -54.12
C ARG E 3840 11.68 -10.46 -54.12
N PHE E 3841 11.29 -11.73 -54.23
CA PHE E 3841 9.89 -12.09 -54.08
C PHE E 3841 9.40 -11.78 -52.67
N LEU E 3842 10.20 -12.09 -51.65
CA LEU E 3842 9.82 -11.72 -50.29
C LEU E 3842 9.77 -10.21 -50.12
N GLN E 3843 10.74 -9.49 -50.70
CA GLN E 3843 10.75 -8.04 -50.62
C GLN E 3843 9.51 -7.44 -51.27
N LEU E 3844 9.07 -8.01 -52.38
CA LEU E 3844 7.87 -7.51 -53.04
C LEU E 3844 6.61 -7.91 -52.26
N LEU E 3845 6.64 -9.06 -51.58
CA LEU E 3845 5.53 -9.42 -50.71
C LEU E 3845 5.37 -8.41 -49.59
N CYS E 3846 6.49 -7.90 -49.06
CA CYS E 3846 6.45 -6.88 -48.03
C CYS E 3846 6.82 -5.49 -48.57
N GLU E 3847 6.57 -5.24 -49.85
CA GLU E 3847 6.98 -3.98 -50.47
C GLU E 3847 6.27 -2.80 -49.81
N GLY E 3848 4.95 -2.73 -49.95
CA GLY E 3848 4.20 -1.73 -49.21
C GLY E 3848 4.27 -1.99 -47.72
N HIS E 3849 4.00 -0.95 -46.95
CA HIS E 3849 4.04 -1.09 -45.50
C HIS E 3849 2.81 -1.83 -44.99
N ASN E 3850 2.67 -3.10 -45.41
CA ASN E 3850 1.56 -3.96 -44.99
C ASN E 3850 1.92 -4.58 -43.65
N SER E 3851 1.45 -3.97 -42.56
CA SER E 3851 1.71 -4.48 -41.22
C SER E 3851 1.09 -5.86 -41.05
N ASP E 3852 -0.08 -6.09 -41.67
CA ASP E 3852 -0.71 -7.41 -41.60
C ASP E 3852 0.17 -8.49 -42.19
N PHE E 3853 0.74 -8.24 -43.37
CA PHE E 3853 1.58 -9.24 -44.01
C PHE E 3853 2.92 -9.37 -43.30
N GLN E 3854 3.44 -8.26 -42.76
CA GLN E 3854 4.69 -8.34 -42.02
C GLN E 3854 4.52 -9.14 -40.73
N ASN E 3855 3.34 -9.12 -40.14
CA ASN E 3855 3.09 -9.94 -38.96
C ASN E 3855 2.71 -11.38 -39.33
N TYR E 3856 2.10 -11.57 -40.49
CA TYR E 3856 1.78 -12.91 -40.95
C TYR E 3856 3.03 -13.68 -41.35
N LEU E 3857 4.05 -12.98 -41.86
CA LEU E 3857 5.32 -13.63 -42.15
C LEU E 3857 6.11 -13.95 -40.89
N ARG E 3858 5.72 -13.40 -39.73
CA ARG E 3858 6.40 -13.69 -38.47
C ARG E 3858 5.67 -14.77 -37.68
N THR E 3859 4.41 -14.54 -37.35
CA THR E 3859 3.61 -15.49 -36.59
C THR E 3859 2.37 -15.80 -37.41
N GLN E 3860 2.34 -16.98 -38.04
CA GLN E 3860 1.21 -17.39 -38.87
C GLN E 3860 0.05 -17.70 -37.95
N THR E 3861 -0.65 -16.64 -37.54
CA THR E 3861 -1.80 -16.82 -36.66
C THR E 3861 -2.92 -17.52 -37.42
N GLY E 3862 -3.49 -18.55 -36.80
CA GLY E 3862 -4.52 -19.36 -37.42
C GLY E 3862 -4.05 -20.72 -37.88
N ASN E 3863 -2.76 -20.94 -38.01
CA ASN E 3863 -2.20 -22.22 -38.39
C ASN E 3863 -1.68 -22.95 -37.15
N ASN E 3864 -1.57 -24.27 -37.26
CA ASN E 3864 -1.14 -25.08 -36.12
C ASN E 3864 0.32 -24.83 -35.76
N THR E 3865 1.20 -24.88 -36.77
CA THR E 3865 2.62 -24.61 -36.57
C THR E 3865 2.99 -23.34 -37.32
N THR E 3866 3.90 -22.56 -36.73
CA THR E 3866 4.40 -21.35 -37.34
C THR E 3866 5.91 -21.43 -37.53
N VAL E 3867 6.39 -20.85 -38.62
CA VAL E 3867 7.81 -20.74 -38.91
C VAL E 3867 8.12 -19.27 -39.13
N ASN E 3868 9.25 -18.82 -38.59
CA ASN E 3868 9.62 -17.41 -38.62
C ASN E 3868 10.46 -17.15 -39.87
N ILE E 3869 9.81 -16.60 -40.91
CA ILE E 3869 10.53 -16.23 -42.13
C ILE E 3869 11.61 -15.20 -41.82
N ILE E 3870 11.36 -14.33 -40.85
CA ILE E 3870 12.36 -13.33 -40.46
C ILE E 3870 13.58 -14.00 -39.86
N ILE E 3871 13.36 -14.98 -38.98
CA ILE E 3871 14.49 -15.68 -38.38
C ILE E 3871 15.25 -16.47 -39.44
N SER E 3872 14.54 -17.09 -40.38
CA SER E 3872 15.21 -17.77 -41.47
C SER E 3872 16.05 -16.80 -42.31
N THR E 3873 15.50 -15.60 -42.56
CA THR E 3873 16.21 -14.62 -43.36
C THR E 3873 17.47 -14.12 -42.65
N VAL E 3874 17.37 -13.84 -41.36
CA VAL E 3874 18.55 -13.36 -40.64
C VAL E 3874 19.58 -14.48 -40.49
N ASP E 3875 19.13 -15.74 -40.40
CA ASP E 3875 20.06 -16.86 -40.37
C ASP E 3875 20.81 -16.99 -41.70
N TYR E 3876 20.09 -16.85 -42.82
CA TYR E 3876 20.77 -16.88 -44.10
C TYR E 3876 21.71 -15.70 -44.26
N LEU E 3877 21.34 -14.54 -43.71
CA LEU E 3877 22.24 -13.40 -43.75
C LEU E 3877 23.52 -13.68 -42.96
N LEU E 3878 23.38 -14.31 -41.79
CA LEU E 3878 24.57 -14.70 -41.03
C LEU E 3878 25.42 -15.70 -41.81
N ARG E 3879 24.78 -16.64 -42.48
CA ARG E 3879 25.53 -17.63 -43.26
C ARG E 3879 26.31 -16.97 -44.39
N VAL E 3880 25.66 -16.07 -45.15
CA VAL E 3880 26.36 -15.41 -46.24
C VAL E 3880 27.43 -14.46 -45.71
N GLN E 3881 27.21 -13.90 -44.51
CA GLN E 3881 28.24 -13.07 -43.90
C GLN E 3881 29.48 -13.89 -43.58
N GLU E 3882 29.28 -15.07 -42.99
CA GLU E 3882 30.40 -15.95 -42.72
C GLU E 3882 31.10 -16.38 -44.00
N SER E 3883 30.33 -16.63 -45.06
CA SER E 3883 30.92 -17.02 -46.33
C SER E 3883 31.79 -15.90 -46.90
N ILE E 3884 31.28 -14.67 -46.87
CA ILE E 3884 32.04 -13.54 -47.38
C ILE E 3884 33.28 -13.28 -46.52
N SER E 3885 33.15 -13.47 -45.20
CA SER E 3885 34.30 -13.29 -44.32
C SER E 3885 35.39 -14.31 -44.63
N ASP E 3886 35.00 -15.56 -44.87
CA ASP E 3886 35.99 -16.58 -45.22
C ASP E 3886 36.62 -16.29 -46.57
N PHE E 3887 35.83 -15.80 -47.53
CA PHE E 3887 36.39 -15.46 -48.83
C PHE E 3887 37.38 -14.31 -48.71
N TYR E 3888 37.10 -13.35 -47.83
CA TYR E 3888 38.07 -12.28 -47.58
C TYR E 3888 39.33 -12.81 -46.92
N TRP E 3889 39.18 -13.70 -45.94
CA TRP E 3889 40.36 -14.29 -45.30
C TRP E 3889 41.22 -15.01 -46.32
N TYR E 3890 40.60 -15.65 -47.32
CA TYR E 3890 41.36 -16.24 -48.41
C TYR E 3890 42.04 -15.16 -49.25
N TYR E 3891 41.28 -14.18 -49.74
CA TYR E 3891 41.84 -13.07 -50.50
C TYR E 3891 42.31 -11.94 -49.58
N SER E 3892 43.06 -12.30 -48.55
CA SER E 3892 43.65 -11.34 -47.62
C SER E 3892 45.15 -11.57 -47.57
N GLY E 3893 45.90 -10.78 -48.32
CA GLY E 3893 47.36 -10.88 -48.31
C GLY E 3893 48.01 -10.79 -49.67
N LYS E 3894 47.33 -11.26 -50.70
CA LYS E 3894 47.89 -11.21 -52.04
C LYS E 3894 47.66 -9.85 -52.71
N ASP E 3895 46.62 -9.13 -52.29
CA ASP E 3895 46.29 -7.80 -52.79
C ASP E 3895 46.04 -7.78 -54.30
N ILE E 3896 45.75 -8.94 -54.89
CA ILE E 3896 45.39 -9.06 -56.29
C ILE E 3896 44.11 -9.88 -56.39
N ILE E 3897 43.14 -9.39 -57.14
CA ILE E 3897 41.85 -10.03 -57.33
C ILE E 3897 41.69 -10.35 -58.81
N ASP E 3898 41.70 -11.63 -59.15
CA ASP E 3898 41.53 -12.04 -60.54
C ASP E 3898 40.08 -11.84 -60.98
N GLU E 3899 39.81 -12.20 -62.24
CA GLU E 3899 38.46 -12.00 -62.78
C GLU E 3899 37.46 -12.94 -62.11
N GLN E 3900 37.84 -14.20 -61.88
CA GLN E 3900 36.95 -15.13 -61.20
C GLN E 3900 36.67 -14.67 -59.77
N GLY E 3901 37.71 -14.22 -59.06
CA GLY E 3901 37.50 -13.68 -57.73
C GLY E 3901 36.57 -12.49 -57.75
N GLN E 3902 36.78 -11.56 -58.69
CA GLN E 3902 35.93 -10.39 -58.77
C GLN E 3902 34.47 -10.75 -59.06
N ARG E 3903 34.26 -11.72 -59.95
CA ARG E 3903 32.89 -12.13 -60.24
C ARG E 3903 32.23 -12.78 -59.03
N ASN E 3904 32.98 -13.61 -58.29
CA ASN E 3904 32.43 -14.20 -57.08
C ASN E 3904 32.12 -13.14 -56.04
N PHE E 3905 32.99 -12.14 -55.87
CA PHE E 3905 32.71 -11.06 -54.94
C PHE E 3905 31.46 -10.28 -55.37
N SER E 3906 31.32 -10.03 -56.67
CA SER E 3906 30.16 -9.27 -57.14
C SER E 3906 28.87 -10.04 -56.91
N LYS E 3907 28.89 -11.36 -57.15
CA LYS E 3907 27.71 -12.18 -56.88
C LYS E 3907 27.37 -12.18 -55.39
N ALA E 3908 28.39 -12.30 -54.53
CA ALA E 3908 28.17 -12.25 -53.10
C ALA E 3908 27.56 -10.92 -52.68
N ILE E 3909 28.08 -9.82 -53.22
CA ILE E 3909 27.59 -8.50 -52.87
C ILE E 3909 26.14 -8.34 -53.32
N GLN E 3910 25.81 -8.85 -54.51
CA GLN E 3910 24.43 -8.75 -54.98
C GLN E 3910 23.48 -9.54 -54.09
N VAL E 3911 23.88 -10.77 -53.73
CA VAL E 3911 23.02 -11.59 -52.87
C VAL E 3911 22.84 -10.92 -51.51
N ALA E 3912 23.92 -10.42 -50.93
CA ALA E 3912 23.83 -9.77 -49.62
C ALA E 3912 22.97 -8.52 -49.71
N LYS E 3913 23.12 -7.74 -50.79
CA LYS E 3913 22.33 -6.52 -50.93
C LYS E 3913 20.85 -6.86 -51.07
N GLN E 3914 20.53 -7.92 -51.79
CA GLN E 3914 19.14 -8.34 -51.89
C GLN E 3914 18.59 -8.76 -50.53
N VAL E 3915 19.41 -9.46 -49.73
CA VAL E 3915 18.96 -9.88 -48.41
C VAL E 3915 18.75 -8.67 -47.51
N PHE E 3916 19.65 -7.69 -47.58
CA PHE E 3916 19.47 -6.48 -46.77
C PHE E 3916 18.24 -5.69 -47.21
N ASN E 3917 17.96 -5.64 -48.52
CA ASN E 3917 16.77 -4.94 -48.98
C ASN E 3917 15.50 -5.65 -48.52
N THR E 3918 15.50 -6.99 -48.56
CA THR E 3918 14.38 -7.74 -48.01
C THR E 3918 14.21 -7.46 -46.52
N LEU E 3919 15.32 -7.39 -45.78
CA LEU E 3919 15.24 -7.08 -44.36
C LEU E 3919 14.68 -5.69 -44.13
N THR E 3920 15.12 -4.70 -44.92
CA THR E 3920 14.61 -3.34 -44.77
C THR E 3920 13.12 -3.30 -45.03
N GLU E 3921 12.65 -3.99 -46.07
CA GLU E 3921 11.21 -4.03 -46.34
C GLU E 3921 10.47 -4.77 -45.22
N TYR E 3922 11.16 -5.67 -44.53
CA TYR E 3922 10.56 -6.29 -43.35
C TYR E 3922 10.41 -5.28 -42.21
N ILE E 3923 11.44 -4.45 -41.98
CA ILE E 3923 11.41 -3.58 -40.80
C ILE E 3923 10.61 -2.32 -41.00
N GLN E 3924 10.48 -1.85 -42.24
CA GLN E 3924 10.05 -0.48 -42.49
C GLN E 3924 8.63 -0.27 -41.99
N GLY E 3925 8.38 0.95 -41.53
CA GLY E 3925 7.20 1.22 -40.75
C GLY E 3925 7.43 0.86 -39.30
N PRO E 3926 6.59 1.36 -38.40
CA PRO E 3926 6.74 1.02 -36.97
C PRO E 3926 6.20 -0.35 -36.61
N CYS E 3927 6.72 -1.41 -37.24
CA CYS E 3927 6.31 -2.78 -36.95
C CYS E 3927 7.19 -3.34 -35.83
N THR E 3928 6.72 -3.10 -34.58
CA THR E 3928 7.53 -3.45 -33.42
C THR E 3928 7.83 -4.94 -33.37
N GLY E 3929 6.91 -5.78 -33.86
CA GLY E 3929 7.15 -7.20 -33.88
C GLY E 3929 8.42 -7.56 -34.61
N ASN E 3930 8.53 -7.14 -35.86
CA ASN E 3930 9.74 -7.45 -36.62
C ASN E 3930 10.95 -6.68 -36.10
N GLN E 3931 10.74 -5.47 -35.56
CA GLN E 3931 11.86 -4.74 -34.98
C GLN E 3931 12.48 -5.52 -33.83
N GLN E 3932 11.64 -6.02 -32.92
CA GLN E 3932 12.13 -6.81 -31.80
C GLN E 3932 12.71 -8.15 -32.28
N SER E 3933 12.10 -8.74 -33.31
CA SER E 3933 12.60 -10.01 -33.83
C SER E 3933 14.02 -9.86 -34.36
N LEU E 3934 14.31 -8.77 -35.08
CA LEU E 3934 15.70 -8.58 -35.51
C LEU E 3934 16.59 -8.10 -34.36
N ALA E 3935 16.05 -7.39 -33.38
CA ALA E 3935 16.88 -6.94 -32.27
C ALA E 3935 17.27 -8.09 -31.34
N HIS E 3936 16.50 -9.17 -31.33
CA HIS E 3936 16.74 -10.32 -30.46
C HIS E 3936 17.23 -11.54 -31.25
N SER E 3937 18.12 -11.32 -32.22
CA SER E 3937 18.65 -12.40 -33.05
C SER E 3937 20.16 -12.25 -33.15
N ARG E 3938 20.78 -13.05 -33.99
CA ARG E 3938 22.21 -12.93 -34.24
C ARG E 3938 22.53 -11.88 -35.31
N LEU E 3939 21.57 -10.99 -35.60
CA LEU E 3939 21.82 -9.93 -36.57
C LEU E 3939 22.99 -9.05 -36.15
N TRP E 3940 23.14 -8.79 -34.84
CA TRP E 3940 24.22 -7.90 -34.40
C TRP E 3940 25.59 -8.48 -34.72
N ASP E 3941 25.80 -9.77 -34.46
CA ASP E 3941 27.04 -10.41 -34.88
C ASP E 3941 27.20 -10.34 -36.39
N ALA E 3942 26.10 -10.49 -37.12
CA ALA E 3942 26.16 -10.44 -38.58
C ALA E 3942 26.71 -9.10 -39.05
N VAL E 3943 26.13 -7.99 -38.61
CA VAL E 3943 26.63 -6.70 -39.06
C VAL E 3943 27.99 -6.37 -38.43
N VAL E 3944 28.35 -6.98 -37.29
CA VAL E 3944 29.73 -6.84 -36.83
C VAL E 3944 30.69 -7.40 -37.87
N GLY E 3945 30.44 -8.64 -38.31
CA GLY E 3945 31.25 -9.20 -39.38
C GLY E 3945 31.17 -8.39 -40.66
N PHE E 3946 29.99 -7.81 -40.95
CA PHE E 3946 29.83 -7.01 -42.15
C PHE E 3946 30.69 -5.76 -42.08
N LEU E 3947 30.70 -5.08 -40.94
CA LEU E 3947 31.53 -3.89 -40.79
C LEU E 3947 33.01 -4.24 -40.88
N HIS E 3948 33.39 -5.38 -40.31
CA HIS E 3948 34.79 -5.81 -40.42
C HIS E 3948 35.19 -6.01 -41.88
N VAL E 3949 34.43 -6.83 -42.62
CA VAL E 3949 34.78 -7.09 -44.00
C VAL E 3949 34.66 -5.81 -44.83
N PHE E 3950 33.73 -4.92 -44.49
CA PHE E 3950 33.59 -3.67 -45.21
C PHE E 3950 34.87 -2.83 -45.09
N ALA E 3951 35.30 -2.57 -43.86
CA ALA E 3951 36.50 -1.78 -43.65
C ALA E 3951 37.70 -2.41 -44.36
N HIS E 3952 37.93 -3.69 -44.12
CA HIS E 3952 39.14 -4.31 -44.65
C HIS E 3952 39.13 -4.38 -46.17
N MET E 3953 37.98 -4.74 -46.76
CA MET E 3953 37.91 -4.84 -48.22
C MET E 3953 37.97 -3.47 -48.87
N GLN E 3954 37.36 -2.45 -48.27
CA GLN E 3954 37.44 -1.12 -48.87
C GLN E 3954 38.88 -0.60 -48.83
N MET E 3955 39.61 -0.88 -47.74
CA MET E 3955 41.01 -0.47 -47.68
C MET E 3955 41.84 -1.22 -48.73
N LYS E 3956 41.67 -2.55 -48.81
CA LYS E 3956 42.44 -3.34 -49.75
C LYS E 3956 42.13 -2.98 -51.19
N LEU E 3957 40.89 -2.55 -51.47
CA LEU E 3957 40.51 -2.21 -52.83
C LEU E 3957 40.90 -0.79 -53.19
N SER E 3958 40.97 0.10 -52.21
CA SER E 3958 41.47 1.44 -52.47
C SER E 3958 42.99 1.47 -52.60
N GLN E 3959 43.69 0.48 -52.04
CA GLN E 3959 45.14 0.55 -52.07
C GLN E 3959 45.77 0.46 -53.47
N ASP E 3960 45.03 0.08 -54.51
CA ASP E 3960 45.49 0.23 -55.89
C ASP E 3960 44.27 0.26 -56.82
N SER E 3961 44.53 0.56 -58.09
CA SER E 3961 43.50 0.92 -59.04
C SER E 3961 42.99 -0.29 -59.80
N SER E 3962 42.20 -0.02 -60.84
CA SER E 3962 41.64 -1.02 -61.75
C SER E 3962 40.72 -2.01 -61.05
N GLN E 3963 40.42 -1.80 -59.77
CA GLN E 3963 39.47 -2.62 -59.03
C GLN E 3963 38.43 -1.71 -58.39
N ILE E 3964 38.00 -0.72 -59.18
CA ILE E 3964 37.01 0.28 -58.80
C ILE E 3964 35.58 -0.28 -58.75
N GLU E 3965 35.25 -1.28 -59.58
CA GLU E 3965 33.89 -1.80 -59.62
C GLU E 3965 33.54 -2.49 -58.31
N LEU E 3966 34.43 -3.35 -57.80
CA LEU E 3966 34.17 -4.03 -56.55
C LEU E 3966 34.10 -3.06 -55.37
N LEU E 3967 34.92 -2.01 -55.41
CA LEU E 3967 34.83 -0.99 -54.37
C LEU E 3967 33.47 -0.30 -54.40
N LYS E 3968 32.98 0.04 -55.60
CA LYS E 3968 31.65 0.65 -55.68
C LYS E 3968 30.57 -0.30 -55.17
N GLU E 3969 30.68 -1.60 -55.49
CA GLU E 3969 29.67 -2.54 -55.05
C GLU E 3969 29.71 -2.72 -53.53
N LEU E 3970 30.89 -2.75 -52.94
CA LEU E 3970 30.99 -2.85 -51.49
C LEU E 3970 30.43 -1.61 -50.82
N MET E 3971 30.69 -0.43 -51.40
CA MET E 3971 30.10 0.79 -50.86
C MET E 3971 28.58 0.75 -50.95
N ASP E 3972 28.05 0.22 -52.05
CA ASP E 3972 26.59 0.07 -52.17
C ASP E 3972 26.04 -0.85 -51.08
N LEU E 3973 26.72 -1.98 -50.84
CA LEU E 3973 26.27 -2.91 -49.81
C LEU E 3973 26.30 -2.28 -48.43
N GLN E 3974 27.35 -1.50 -48.15
CA GLN E 3974 27.42 -0.79 -46.88
C GLN E 3974 26.29 0.23 -46.76
N LYS E 3975 25.95 0.90 -47.86
CA LYS E 3975 24.83 1.84 -47.84
C LYS E 3975 23.53 1.11 -47.50
N ASP E 3976 23.31 -0.07 -48.10
CA ASP E 3976 22.10 -0.83 -47.79
C ASP E 3976 22.09 -1.29 -46.34
N MET E 3977 23.24 -1.66 -45.80
CA MET E 3977 23.30 -2.07 -44.40
C MET E 3977 22.99 -0.91 -43.46
N VAL E 3978 23.53 0.27 -43.74
CA VAL E 3978 23.22 1.42 -42.89
C VAL E 3978 21.76 1.82 -43.06
N VAL E 3979 21.18 1.61 -44.24
CA VAL E 3979 19.75 1.86 -44.41
C VAL E 3979 18.95 0.89 -43.55
N MET E 3980 19.38 -0.36 -43.45
CA MET E 3980 18.71 -1.31 -42.58
C MET E 3980 18.82 -0.89 -41.12
N LEU E 3981 19.98 -0.41 -40.71
CA LEU E 3981 20.15 0.08 -39.34
C LEU E 3981 19.23 1.28 -39.08
N LEU E 3982 19.11 2.18 -40.05
CA LEU E 3982 18.22 3.33 -39.90
C LEU E 3982 16.77 2.89 -39.81
N SER E 3983 16.38 1.88 -40.59
CA SER E 3983 15.03 1.35 -40.49
C SER E 3983 14.78 0.69 -39.15
N MET E 3984 15.81 0.08 -38.57
CA MET E 3984 15.70 -0.46 -37.22
C MET E 3984 15.50 0.67 -36.20
N LEU E 3985 16.21 1.78 -36.39
CA LEU E 3985 16.19 2.88 -35.43
C LEU E 3985 15.00 3.82 -35.60
N GLU E 3986 14.30 3.77 -36.73
CA GLU E 3986 13.27 4.75 -37.04
C GLU E 3986 12.08 4.72 -36.09
N GLY E 3987 12.04 3.81 -35.12
CA GLY E 3987 10.96 3.80 -34.15
C GLY E 3987 11.48 3.87 -32.73
N ASN E 3988 12.59 4.56 -32.53
CA ASN E 3988 13.30 4.56 -31.27
C ASN E 3988 12.85 5.71 -30.38
N VAL E 3989 13.21 5.60 -29.09
CA VAL E 3989 13.00 6.65 -28.11
C VAL E 3989 14.40 7.09 -27.70
N VAL E 3990 14.50 8.13 -26.87
CA VAL E 3990 15.81 8.65 -26.47
C VAL E 3990 16.61 7.59 -25.72
N ASN E 3991 15.94 6.73 -24.96
CA ASN E 3991 16.58 5.64 -24.25
C ASN E 3991 16.08 4.30 -24.76
N GLY E 3992 15.98 4.17 -26.08
CA GLY E 3992 15.41 2.96 -26.66
C GLY E 3992 16.34 1.77 -26.55
N THR E 3993 15.72 0.60 -26.33
CA THR E 3993 16.50 -0.63 -26.26
C THR E 3993 17.21 -0.93 -27.56
N ILE E 3994 16.56 -0.61 -28.69
CA ILE E 3994 17.20 -0.83 -29.99
C ILE E 3994 18.40 0.09 -30.16
N GLY E 3995 18.28 1.34 -29.69
CA GLY E 3995 19.43 2.23 -29.71
C GLY E 3995 20.56 1.74 -28.84
N LYS E 3996 20.23 1.20 -27.66
CA LYS E 3996 21.26 0.62 -26.81
C LYS E 3996 21.94 -0.58 -27.48
N GLN E 3997 21.15 -1.44 -28.13
CA GLN E 3997 21.72 -2.57 -28.84
C GLN E 3997 22.63 -2.12 -29.97
N MET E 3998 22.24 -1.07 -30.70
CA MET E 3998 23.04 -0.60 -31.81
C MET E 3998 24.34 0.03 -31.32
N VAL E 3999 24.29 0.80 -30.23
CA VAL E 3999 25.52 1.39 -29.73
C VAL E 3999 26.43 0.32 -29.12
N ASP E 4000 25.86 -0.73 -28.54
CA ASP E 4000 26.68 -1.85 -28.06
C ASP E 4000 27.36 -2.56 -29.22
N MET E 4001 26.61 -2.79 -30.31
CA MET E 4001 27.22 -3.35 -31.51
C MET E 4001 28.34 -2.46 -32.03
N LEU E 4002 28.15 -1.15 -31.97
CA LEU E 4002 29.18 -0.23 -32.45
C LEU E 4002 30.45 -0.33 -31.61
N VAL E 4003 30.30 -0.33 -30.27
CA VAL E 4003 31.49 -0.42 -29.42
C VAL E 4003 32.12 -1.80 -29.48
N GLU E 4004 31.37 -2.83 -29.92
CA GLU E 4004 31.98 -4.12 -30.20
C GLU E 4004 32.74 -4.09 -31.53
N SER E 4005 32.24 -3.33 -32.50
CA SER E 4005 32.92 -3.17 -33.79
C SER E 4005 33.62 -1.83 -33.89
N SER E 4006 34.22 -1.38 -32.78
CA SER E 4006 34.84 -0.05 -32.74
C SER E 4006 35.92 0.11 -33.81
N ASN E 4007 36.89 -0.82 -33.85
CA ASN E 4007 38.03 -0.65 -34.74
C ASN E 4007 37.60 -0.54 -36.20
N ASN E 4008 36.61 -1.36 -36.60
CA ASN E 4008 36.19 -1.40 -38.00
C ASN E 4008 35.52 -0.10 -38.42
N VAL E 4009 34.56 0.37 -37.62
CA VAL E 4009 33.90 1.63 -37.93
C VAL E 4009 34.89 2.78 -37.82
N GLU E 4010 35.89 2.66 -36.94
CA GLU E 4010 36.95 3.66 -36.88
C GLU E 4010 37.69 3.75 -38.21
N MET E 4011 38.06 2.59 -38.77
CA MET E 4011 38.76 2.59 -40.05
C MET E 4011 37.88 3.13 -41.16
N ILE E 4012 36.58 2.80 -41.13
CA ILE E 4012 35.66 3.28 -42.16
C ILE E 4012 35.56 4.81 -42.09
N LEU E 4013 35.41 5.35 -40.88
CA LEU E 4013 35.31 6.79 -40.71
C LEU E 4013 36.61 7.49 -41.11
N LYS E 4014 37.75 6.85 -40.82
CA LYS E 4014 39.02 7.44 -41.23
C LYS E 4014 39.15 7.47 -42.75
N PHE E 4015 38.74 6.39 -43.42
CA PHE E 4015 38.73 6.38 -44.88
C PHE E 4015 37.87 7.50 -45.45
N PHE E 4016 36.66 7.65 -44.90
CA PHE E 4016 35.76 8.69 -45.40
C PHE E 4016 36.32 10.08 -45.12
N ASP E 4017 36.93 10.28 -43.96
CA ASP E 4017 37.54 11.57 -43.66
C ASP E 4017 38.68 11.88 -44.61
N MET E 4018 39.53 10.89 -44.88
CA MET E 4018 40.62 11.09 -45.84
C MET E 4018 40.08 11.52 -47.19
N PHE E 4019 39.07 10.82 -47.70
CA PHE E 4019 38.60 11.13 -49.05
C PHE E 4019 37.87 12.47 -49.11
N LEU E 4020 37.07 12.78 -48.07
CA LEU E 4020 36.38 14.06 -48.05
C LEU E 4020 37.36 15.21 -47.91
N LYS E 4021 38.39 15.05 -47.09
CA LYS E 4021 39.41 16.09 -46.95
C LYS E 4021 40.20 16.26 -48.23
N LEU E 4022 40.44 15.17 -48.99
CA LEU E 4022 41.07 15.32 -50.29
C LEU E 4022 40.17 16.11 -51.24
N LYS E 4023 38.87 15.81 -51.25
CA LYS E 4023 37.96 16.55 -52.11
C LYS E 4023 37.93 18.03 -51.73
N ASP E 4024 38.02 18.32 -50.44
CA ASP E 4024 38.00 19.72 -49.99
C ASP E 4024 39.31 20.42 -50.32
N LEU E 4025 40.44 19.73 -50.19
CA LEU E 4025 41.75 20.36 -50.36
C LEU E 4025 42.14 20.50 -51.82
N THR E 4026 41.60 19.66 -52.71
CA THR E 4026 41.99 19.73 -54.11
C THR E 4026 41.61 21.06 -54.75
N SER E 4027 40.66 21.78 -54.17
CA SER E 4027 40.23 23.07 -54.70
C SER E 4027 40.03 24.07 -53.57
N SER E 4028 41.02 24.17 -52.67
CA SER E 4028 40.88 24.98 -51.46
C SER E 4028 41.73 26.25 -51.51
N ASP E 4029 43.05 26.12 -51.64
CA ASP E 4029 43.91 27.30 -51.60
C ASP E 4029 44.67 27.51 -52.90
N THR E 4030 45.47 26.54 -53.34
CA THR E 4030 46.33 26.73 -54.50
C THR E 4030 46.41 25.53 -55.43
N PHE E 4031 45.74 24.42 -55.11
CA PHE E 4031 45.92 23.21 -55.92
C PHE E 4031 45.12 23.27 -57.22
N LYS E 4032 44.04 24.04 -57.26
CA LYS E 4032 43.25 24.17 -58.48
C LYS E 4032 43.89 25.13 -59.48
N GLU E 4033 44.86 25.93 -59.06
CA GLU E 4033 45.56 26.84 -59.96
C GLU E 4033 47.07 26.66 -59.88
N TYR E 4034 47.53 25.52 -59.36
CA TYR E 4034 48.96 25.28 -59.22
C TYR E 4034 49.65 25.28 -60.58
N ASP E 4035 49.18 24.44 -61.50
CA ASP E 4035 49.74 24.33 -62.84
C ASP E 4035 48.61 24.49 -63.85
N PRO E 4036 48.15 25.72 -64.09
CA PRO E 4036 47.02 25.95 -65.01
C PRO E 4036 47.46 26.18 -66.46
N ASP E 4037 48.09 25.16 -67.04
CA ASP E 4037 48.43 25.17 -68.46
C ASP E 4037 47.48 24.33 -69.28
N GLY E 4038 47.20 23.11 -68.84
CA GLY E 4038 46.24 22.24 -69.51
C GLY E 4038 45.31 21.55 -68.54
N LYS E 4039 45.29 20.21 -68.57
CA LYS E 4039 44.56 19.43 -67.60
C LYS E 4039 45.41 19.35 -66.32
N GLY E 4040 45.03 18.50 -65.37
CA GLY E 4040 45.81 18.37 -64.16
C GLY E 4040 47.16 17.74 -64.39
N VAL E 4041 48.22 18.54 -64.28
CA VAL E 4041 49.60 18.06 -64.43
C VAL E 4041 50.28 18.27 -63.09
N ILE E 4042 50.28 17.24 -62.25
CA ILE E 4042 50.89 17.30 -60.93
C ILE E 4042 51.96 16.22 -60.85
N SER E 4043 53.20 16.63 -60.58
CA SER E 4043 54.30 15.69 -60.39
C SER E 4043 54.19 14.90 -59.09
N LYS E 4044 53.16 15.16 -58.30
CA LYS E 4044 52.77 14.44 -57.09
C LYS E 4044 53.73 14.71 -55.93
N ARG E 4045 54.86 15.36 -56.20
CA ARG E 4045 55.74 15.74 -55.10
C ARG E 4045 55.20 16.96 -54.39
N ASP E 4046 54.93 18.03 -55.15
CA ASP E 4046 54.21 19.17 -54.60
C ASP E 4046 52.87 18.74 -54.00
N PHE E 4047 52.21 17.75 -54.60
CA PHE E 4047 50.94 17.27 -54.06
C PHE E 4047 51.11 16.65 -52.68
N HIS E 4048 52.03 15.69 -52.55
CA HIS E 4048 52.28 15.08 -51.25
C HIS E 4048 52.73 16.12 -50.23
N LYS E 4049 53.66 16.97 -50.61
CA LYS E 4049 54.19 17.93 -49.65
C LYS E 4049 53.14 18.96 -49.26
N ALA E 4050 52.30 19.38 -50.20
CA ALA E 4050 51.20 20.29 -49.88
C ALA E 4050 50.15 19.64 -48.99
N MET E 4051 49.78 18.39 -49.29
CA MET E 4051 48.80 17.71 -48.44
C MET E 4051 49.36 17.43 -47.06
N GLU E 4052 50.70 17.36 -46.91
CA GLU E 4052 51.28 17.17 -45.58
C GLU E 4052 51.57 18.49 -44.86
N SER E 4053 51.62 19.61 -45.58
CA SER E 4053 51.89 20.91 -44.96
C SER E 4053 50.62 21.73 -44.75
N HIS E 4054 49.49 21.27 -45.28
CA HIS E 4054 48.24 21.98 -45.08
C HIS E 4054 47.60 21.69 -43.72
N LYS E 4055 48.27 20.95 -42.83
CA LYS E 4055 47.85 20.76 -41.45
C LYS E 4055 46.49 20.07 -41.34
N HIS E 4056 46.08 19.35 -42.37
CA HIS E 4056 44.82 18.61 -42.30
C HIS E 4056 45.05 17.13 -42.53
N TYR E 4057 46.30 16.68 -42.62
CA TYR E 4057 46.63 15.29 -42.87
C TYR E 4057 47.85 14.91 -42.06
N THR E 4058 47.84 13.70 -41.50
CA THR E 4058 49.06 13.13 -40.95
C THR E 4058 49.79 12.31 -41.99
N GLN E 4059 51.02 11.93 -41.64
CA GLN E 4059 51.91 11.26 -42.59
C GLN E 4059 51.31 9.94 -43.08
N SER E 4060 50.67 9.19 -42.18
CA SER E 4060 50.06 7.93 -42.57
C SER E 4060 48.95 8.15 -43.59
N GLU E 4061 48.11 9.17 -43.36
CA GLU E 4061 47.04 9.46 -44.31
C GLU E 4061 47.61 9.94 -45.64
N THR E 4062 48.68 10.74 -45.60
CA THR E 4062 49.29 11.22 -46.83
C THR E 4062 49.84 10.08 -47.67
N GLU E 4063 50.55 9.14 -47.02
CA GLU E 4063 51.08 8.01 -47.77
C GLU E 4063 49.98 7.07 -48.24
N PHE E 4064 48.91 6.90 -47.44
CA PHE E 4064 47.79 6.08 -47.88
C PHE E 4064 47.10 6.68 -49.10
N LEU E 4065 47.00 8.02 -49.14
CA LEU E 4065 46.37 8.66 -50.30
C LEU E 4065 47.30 8.66 -51.50
N LEU E 4066 48.61 8.73 -51.28
CA LEU E 4066 49.55 8.61 -52.39
C LEU E 4066 49.56 7.20 -52.95
N SER E 4067 49.24 6.21 -52.12
CA SER E 4067 49.10 4.84 -52.62
C SER E 4067 48.00 4.72 -53.66
N CYS E 4068 47.05 5.64 -53.67
CA CYS E 4068 45.96 5.66 -54.64
C CYS E 4068 46.33 6.36 -55.94
N ALA E 4069 47.60 6.66 -56.15
CA ALA E 4069 48.02 7.38 -57.34
C ALA E 4069 47.91 6.50 -58.58
N GLU E 4070 47.98 7.14 -59.75
CA GLU E 4070 47.85 6.46 -61.03
C GLU E 4070 49.19 6.24 -61.73
N THR E 4071 50.08 7.22 -61.70
CA THR E 4071 51.40 7.15 -62.34
C THR E 4071 51.27 6.79 -63.82
N ASP E 4072 50.70 7.73 -64.57
CA ASP E 4072 50.46 7.55 -66.00
C ASP E 4072 51.74 7.72 -66.82
N GLU E 4073 52.75 6.93 -66.45
CA GLU E 4073 54.04 6.82 -67.14
C GLU E 4073 54.77 8.16 -67.24
N ASN E 4074 54.32 9.18 -66.52
CA ASN E 4074 54.98 10.47 -66.56
C ASN E 4074 54.95 11.15 -65.19
N GLU E 4075 54.63 10.42 -64.13
CA GLU E 4075 54.50 10.96 -62.77
C GLU E 4075 53.46 12.08 -62.73
N THR E 4076 52.22 11.72 -63.05
CA THR E 4076 51.15 12.70 -63.14
C THR E 4076 49.79 12.02 -62.96
N LEU E 4077 48.97 12.62 -62.10
CA LEU E 4077 47.56 12.28 -61.94
C LEU E 4077 46.73 13.51 -62.25
N ASP E 4078 45.55 13.31 -62.80
CA ASP E 4078 44.60 14.41 -63.00
C ASP E 4078 43.57 14.36 -61.88
N TYR E 4079 43.73 15.27 -60.90
CA TYR E 4079 42.86 15.29 -59.73
C TYR E 4079 41.40 15.50 -60.10
N GLU E 4080 41.12 16.04 -61.30
CA GLU E 4080 39.75 16.14 -61.75
C GLU E 4080 39.11 14.77 -61.78
N GLU E 4081 39.65 13.90 -62.63
CA GLU E 4081 39.39 12.48 -62.63
C GLU E 4081 39.42 11.88 -61.23
N PHE E 4082 40.39 12.26 -60.40
CA PHE E 4082 40.49 11.64 -59.07
C PHE E 4082 39.23 11.86 -58.24
N VAL E 4083 38.81 13.13 -58.13
CA VAL E 4083 37.62 13.43 -57.32
C VAL E 4083 36.34 13.09 -58.08
N LYS E 4084 36.41 12.99 -59.40
CA LYS E 4084 35.28 12.55 -60.20
C LYS E 4084 34.99 11.07 -60.00
N ARG E 4085 35.99 10.30 -59.61
CA ARG E 4085 35.79 8.87 -59.40
C ARG E 4085 35.70 8.46 -57.94
N PHE E 4086 36.48 9.08 -57.05
CA PHE E 4086 36.63 8.58 -55.70
C PHE E 4086 35.85 9.36 -54.64
N HIS E 4087 35.04 10.34 -55.03
CA HIS E 4087 34.36 11.19 -54.06
C HIS E 4087 32.86 10.97 -53.98
N GLU E 4088 32.19 10.71 -55.11
CA GLU E 4088 30.72 10.66 -55.09
C GLU E 4088 30.19 9.49 -54.26
N PRO E 4089 30.57 8.23 -54.50
CA PRO E 4089 30.04 7.17 -53.63
C PRO E 4089 30.52 7.31 -52.20
N ALA E 4090 31.76 7.75 -52.01
CA ALA E 4090 32.23 8.08 -50.67
C ALA E 4090 31.31 9.09 -50.00
N LYS E 4091 30.91 10.13 -50.75
CA LYS E 4091 30.02 11.14 -50.20
C LYS E 4091 28.67 10.55 -49.84
N ASP E 4092 28.11 9.69 -50.71
CA ASP E 4092 26.79 9.13 -50.43
C ASP E 4092 26.79 8.25 -49.18
N ILE E 4093 27.72 7.30 -49.11
CA ILE E 4093 27.75 6.41 -47.95
C ILE E 4093 28.19 7.15 -46.70
N GLY E 4094 29.02 8.18 -46.84
CA GLY E 4094 29.34 9.01 -45.68
C GLY E 4094 28.13 9.77 -45.18
N PHE E 4095 27.28 10.25 -46.08
CA PHE E 4095 26.05 10.90 -45.66
C PHE E 4095 25.13 9.93 -44.94
N ASN E 4096 25.06 8.70 -45.43
CA ASN E 4096 24.21 7.69 -44.78
C ASN E 4096 24.71 7.40 -43.36
N VAL E 4097 26.00 7.10 -43.23
CA VAL E 4097 26.53 6.82 -41.88
C VAL E 4097 26.47 8.08 -41.02
N ALA E 4098 26.49 9.26 -41.63
CA ALA E 4098 26.41 10.49 -40.88
C ALA E 4098 25.03 10.69 -40.29
N VAL E 4099 23.98 10.46 -41.07
CA VAL E 4099 22.64 10.57 -40.51
C VAL E 4099 22.39 9.47 -39.49
N LEU E 4100 23.02 8.30 -39.67
CA LEU E 4100 22.91 7.27 -38.65
C LEU E 4100 23.51 7.73 -37.32
N LEU E 4101 24.75 8.22 -37.37
CA LEU E 4101 25.40 8.71 -36.15
C LEU E 4101 24.66 9.89 -35.55
N THR E 4102 24.07 10.75 -36.39
CA THR E 4102 23.30 11.88 -35.90
C THR E 4102 22.06 11.41 -35.15
N ASN E 4103 21.34 10.42 -35.72
CA ASN E 4103 20.20 9.85 -35.04
C ASN E 4103 20.61 9.24 -33.71
N LEU E 4104 21.70 8.46 -33.71
CA LEU E 4104 22.15 7.81 -32.47
C LEU E 4104 22.52 8.84 -31.42
N SER E 4105 23.23 9.89 -31.81
CA SER E 4105 23.57 10.97 -30.88
C SER E 4105 22.33 11.61 -30.31
N GLU E 4106 21.52 12.23 -31.18
CA GLU E 4106 20.37 13.00 -30.74
C GLU E 4106 19.24 12.15 -30.17
N HIS E 4107 19.36 10.83 -30.19
CA HIS E 4107 18.48 10.00 -29.37
C HIS E 4107 19.12 9.65 -28.03
N MET E 4108 20.27 8.96 -28.06
CA MET E 4108 20.95 8.53 -26.85
C MET E 4108 22.12 9.47 -26.54
N PRO E 4109 21.98 10.37 -25.57
CA PRO E 4109 23.13 11.22 -25.22
C PRO E 4109 23.92 10.70 -24.03
N ASN E 4110 25.10 11.29 -23.81
CA ASN E 4110 25.89 11.08 -22.59
C ASN E 4110 26.31 9.61 -22.42
N ASP E 4111 27.09 9.13 -23.39
CA ASP E 4111 27.74 7.83 -23.31
C ASP E 4111 29.17 7.98 -23.80
N THR E 4112 30.14 7.68 -22.93
CA THR E 4112 31.54 7.97 -23.25
C THR E 4112 31.99 7.21 -24.49
N ARG E 4113 31.59 5.95 -24.61
CA ARG E 4113 31.87 5.20 -25.83
C ARG E 4113 31.18 5.85 -27.02
N LEU E 4114 29.89 6.15 -26.88
CA LEU E 4114 29.22 6.96 -27.88
C LEU E 4114 29.80 8.36 -27.96
N GLN E 4115 30.49 8.83 -26.92
CA GLN E 4115 31.09 10.17 -26.99
C GLN E 4115 32.29 10.19 -27.93
N THR E 4116 33.16 9.18 -27.86
CA THR E 4116 34.26 9.12 -28.82
C THR E 4116 33.73 8.80 -30.22
N PHE E 4117 32.76 7.88 -30.32
CA PHE E 4117 32.09 7.68 -31.60
C PHE E 4117 31.50 8.98 -32.14
N LEU E 4118 31.06 9.87 -31.24
CA LEU E 4118 30.45 11.12 -31.65
C LEU E 4118 31.46 12.16 -32.04
N GLU E 4119 32.64 12.16 -31.42
CA GLU E 4119 33.68 13.08 -31.85
C GLU E 4119 34.13 12.70 -33.26
N LEU E 4120 34.27 11.39 -33.52
CA LEU E 4120 34.52 10.95 -34.89
C LEU E 4120 33.35 11.32 -35.81
N ALA E 4121 32.12 11.16 -35.30
CA ALA E 4121 30.94 11.51 -36.07
C ALA E 4121 31.00 12.96 -36.51
N GLU E 4122 31.27 13.88 -35.59
CA GLU E 4122 31.31 15.30 -35.92
C GLU E 4122 32.51 15.64 -36.79
N SER E 4123 33.63 14.92 -36.64
CA SER E 4123 34.72 15.08 -37.60
C SER E 4123 34.27 14.75 -39.00
N VAL E 4124 33.35 13.79 -39.15
CA VAL E 4124 32.76 13.56 -40.47
C VAL E 4124 31.72 14.63 -40.79
N LEU E 4125 30.95 15.06 -39.79
CA LEU E 4125 29.81 15.95 -40.00
C LEU E 4125 30.23 17.36 -40.38
N ASN E 4126 31.47 17.75 -40.09
CA ASN E 4126 31.92 19.06 -40.55
C ASN E 4126 31.84 19.23 -42.05
N TYR E 4127 31.64 18.13 -42.79
CA TYR E 4127 31.38 18.19 -44.23
C TYR E 4127 29.91 18.06 -44.58
N PHE E 4128 29.15 17.28 -43.81
CA PHE E 4128 27.75 16.99 -44.12
C PHE E 4128 26.78 17.86 -43.36
N GLN E 4129 27.24 18.98 -42.79
CA GLN E 4129 26.31 19.86 -42.06
C GLN E 4129 25.30 20.54 -42.97
N PRO E 4130 25.70 21.20 -44.07
CA PRO E 4130 24.70 21.80 -44.96
C PRO E 4130 24.02 20.81 -45.89
N PHE E 4131 24.14 19.51 -45.66
CA PHE E 4131 23.58 18.50 -46.54
C PHE E 4131 22.47 17.66 -45.91
N LEU E 4132 22.37 17.61 -44.59
CA LEU E 4132 21.35 16.82 -43.92
C LEU E 4132 20.35 17.76 -43.23
N GLY E 4133 19.07 17.46 -43.39
CA GLY E 4133 18.01 18.22 -42.76
C GLY E 4133 17.18 17.34 -41.87
N ARG E 4134 16.63 17.94 -40.81
CA ARG E 4134 15.85 17.22 -39.82
C ARG E 4134 14.49 17.87 -39.65
N ILE E 4135 13.46 17.04 -39.55
CA ILE E 4135 12.08 17.47 -39.39
C ILE E 4135 11.50 16.79 -38.16
N GLU E 4136 10.58 17.47 -37.48
CA GLU E 4136 9.92 16.92 -36.30
C GLU E 4136 8.47 16.58 -36.68
N ILE E 4137 8.26 15.32 -37.04
CA ILE E 4137 6.93 14.83 -37.42
C ILE E 4137 6.20 14.39 -36.16
N MET E 4138 4.88 14.49 -36.18
CA MET E 4138 4.03 14.02 -35.09
C MET E 4138 2.96 13.13 -35.71
N GLY E 4139 3.18 11.83 -35.73
CA GLY E 4139 2.21 10.93 -36.32
C GLY E 4139 2.69 9.49 -36.28
N SER E 4140 1.72 8.58 -36.35
CA SER E 4140 1.92 7.14 -36.48
C SER E 4140 2.47 6.54 -35.20
N ALA E 4141 2.86 7.38 -34.24
CA ALA E 4141 3.28 6.91 -32.93
C ALA E 4141 2.79 7.78 -31.79
N LYS E 4142 1.99 8.82 -32.06
CA LYS E 4142 1.54 9.78 -31.06
C LYS E 4142 2.71 10.41 -30.31
N ARG E 4143 3.87 10.48 -30.95
CA ARG E 4143 5.06 11.05 -30.35
C ARG E 4143 5.88 11.77 -31.42
N ILE E 4144 6.71 12.71 -30.97
CA ILE E 4144 7.53 13.48 -31.88
C ILE E 4144 8.67 12.61 -32.39
N GLU E 4145 8.84 12.56 -33.70
CA GLU E 4145 9.88 11.77 -34.35
C GLU E 4145 10.73 12.69 -35.21
N ARG E 4146 12.05 12.63 -35.01
CA ARG E 4146 12.99 13.44 -35.78
C ARG E 4146 13.43 12.63 -37.00
N VAL E 4147 12.87 12.98 -38.15
CA VAL E 4147 13.24 12.34 -39.40
C VAL E 4147 14.38 13.12 -40.04
N TYR E 4148 15.24 12.41 -40.77
CA TYR E 4148 16.40 13.00 -41.41
C TYR E 4148 16.36 12.74 -42.90
N PHE E 4149 16.88 13.68 -43.68
CA PHE E 4149 16.83 13.57 -45.13
C PHE E 4149 17.97 14.38 -45.73
N GLU E 4150 18.09 14.30 -47.05
CA GLU E 4150 19.15 14.98 -47.80
C GLU E 4150 18.62 16.24 -48.45
N ILE E 4151 19.45 17.28 -48.45
CA ILE E 4151 19.14 18.56 -49.09
C ILE E 4151 20.14 18.79 -50.21
N SER E 4152 19.62 19.07 -51.40
CA SER E 4152 20.48 19.22 -52.57
C SER E 4152 21.09 20.61 -52.63
N GLU E 4153 22.30 20.69 -53.18
CA GLU E 4153 22.96 21.98 -53.37
C GLU E 4153 22.18 22.85 -54.35
N SER E 4154 21.60 22.23 -55.39
CA SER E 4154 20.76 22.98 -56.31
C SER E 4154 19.54 23.55 -55.60
N SER E 4155 18.92 22.76 -54.72
CA SER E 4155 17.79 23.25 -53.96
C SER E 4155 18.20 24.41 -53.05
N ARG E 4156 19.37 24.29 -52.41
CA ARG E 4156 19.86 25.39 -51.57
C ARG E 4156 20.08 26.65 -52.38
N THR E 4157 20.63 26.52 -53.59
CA THR E 4157 20.86 27.69 -54.43
C THR E 4157 19.54 28.32 -54.84
N GLN E 4158 18.58 27.51 -55.28
CA GLN E 4158 17.28 28.05 -55.68
C GLN E 4158 16.54 28.68 -54.51
N TRP E 4159 16.79 28.20 -53.28
CA TRP E 4159 16.24 28.83 -52.09
C TRP E 4159 16.95 30.14 -51.79
N GLU E 4160 18.24 30.21 -52.14
CA GLU E 4160 18.97 31.46 -51.96
C GLU E 4160 18.59 32.51 -53.00
N LYS E 4161 18.01 32.09 -54.14
CA LYS E 4161 17.58 33.00 -55.19
C LYS E 4161 16.68 34.10 -54.65
N PRO E 4162 16.65 35.28 -55.28
CA PRO E 4162 15.88 36.40 -54.70
C PRO E 4162 14.37 36.20 -54.72
N GLN E 4163 13.80 35.85 -55.87
CA GLN E 4163 12.34 35.81 -55.99
C GLN E 4163 11.72 34.85 -54.98
N VAL E 4164 12.40 33.76 -54.66
CA VAL E 4164 11.88 32.87 -53.62
C VAL E 4164 11.93 33.56 -52.26
N LYS E 4165 12.93 34.42 -52.03
CA LYS E 4165 12.98 35.15 -50.77
C LYS E 4165 11.83 36.14 -50.65
N GLU E 4166 11.54 36.87 -51.72
CA GLU E 4166 10.39 37.78 -51.66
C GLU E 4166 9.08 37.00 -51.52
N SER E 4167 8.96 35.86 -52.20
CA SER E 4167 7.77 35.04 -52.03
C SER E 4167 7.64 34.56 -50.58
N LYS E 4168 8.76 34.19 -49.95
CA LYS E 4168 8.73 33.72 -48.58
C LYS E 4168 8.29 34.83 -47.62
N ARG E 4169 8.86 36.04 -47.79
CA ARG E 4169 8.50 37.13 -46.90
C ARG E 4169 7.04 37.53 -47.09
N GLN E 4170 6.55 37.51 -48.34
CA GLN E 4170 5.15 37.82 -48.58
C GLN E 4170 4.24 36.77 -47.96
N PHE E 4171 4.60 35.49 -48.08
CA PHE E 4171 3.80 34.43 -47.46
C PHE E 4171 3.77 34.60 -45.95
N ILE E 4172 4.93 34.86 -45.34
CA ILE E 4172 4.99 35.07 -43.90
C ILE E 4172 4.07 36.21 -43.49
N PHE E 4173 4.15 37.33 -44.21
CA PHE E 4173 3.34 38.49 -43.86
C PHE E 4173 1.85 38.18 -43.96
N ASP E 4174 1.41 37.64 -45.09
CA ASP E 4174 -0.03 37.45 -45.27
C ASP E 4174 -0.56 36.21 -44.59
N VAL E 4175 0.29 35.37 -44.00
CA VAL E 4175 -0.18 34.26 -43.18
C VAL E 4175 -0.18 34.60 -41.70
N VAL E 4176 0.65 35.57 -41.27
CA VAL E 4176 0.57 36.02 -39.89
C VAL E 4176 -0.47 37.11 -39.71
N ASN E 4177 -0.74 37.91 -40.75
CA ASN E 4177 -1.72 38.98 -40.62
C ASN E 4177 -3.14 38.43 -40.76
N GLU E 4178 -3.44 37.81 -41.90
CA GLU E 4178 -4.80 37.37 -42.21
C GLU E 4178 -5.06 35.95 -41.71
N GLY E 4179 -4.20 35.01 -42.05
CA GLY E 4179 -4.42 33.63 -41.66
C GLY E 4179 -4.24 33.44 -40.16
N GLY E 4180 -5.09 32.60 -39.58
CA GLY E 4180 -5.00 32.27 -38.17
C GLY E 4180 -4.20 31.01 -37.92
N GLU E 4181 -4.83 30.02 -37.28
CA GLU E 4181 -4.21 28.74 -37.01
C GLU E 4181 -4.98 27.56 -37.60
N LYS E 4182 -6.22 27.76 -38.05
CA LYS E 4182 -6.97 26.67 -38.67
C LYS E 4182 -6.41 26.32 -40.04
N GLU E 4183 -6.14 27.33 -40.87
CA GLU E 4183 -5.63 27.13 -42.22
C GLU E 4183 -4.18 27.56 -42.35
N LYS E 4184 -3.47 27.72 -41.23
CA LYS E 4184 -2.06 28.10 -41.31
C LYS E 4184 -1.24 27.02 -41.98
N MET E 4185 -1.47 25.74 -41.61
CA MET E 4185 -0.72 24.65 -42.23
C MET E 4185 -1.14 24.45 -43.68
N GLU E 4186 -2.42 24.67 -44.00
CA GLU E 4186 -2.88 24.69 -45.38
C GLU E 4186 -2.10 25.71 -46.20
N LEU E 4187 -2.05 26.95 -45.71
CA LEU E 4187 -1.35 28.00 -46.44
C LEU E 4187 0.14 27.71 -46.52
N PHE E 4188 0.70 27.10 -45.48
CA PHE E 4188 2.12 26.78 -45.51
C PHE E 4188 2.44 25.71 -46.54
N VAL E 4189 1.59 24.68 -46.64
CA VAL E 4189 1.81 23.64 -47.65
C VAL E 4189 1.60 24.21 -49.05
N ASN E 4190 0.60 25.06 -49.22
CA ASN E 4190 0.41 25.72 -50.50
C ASN E 4190 1.63 26.57 -50.85
N PHE E 4191 2.19 27.27 -49.87
CA PHE E 4191 3.38 28.07 -50.10
C PHE E 4191 4.57 27.21 -50.46
N CYS E 4192 4.71 26.04 -49.81
CA CYS E 4192 5.80 25.15 -50.15
C CYS E 4192 5.68 24.65 -51.58
N GLU E 4193 4.46 24.33 -52.01
CA GLU E 4193 4.27 23.88 -53.39
C GLU E 4193 4.58 25.00 -54.38
N ASP E 4194 4.05 26.20 -54.11
CA ASP E 4194 4.33 27.33 -55.00
C ASP E 4194 5.82 27.65 -55.03
N THR E 4195 6.51 27.47 -53.90
CA THR E 4195 7.93 27.80 -53.83
C THR E 4195 8.79 26.74 -54.52
N ILE E 4196 8.41 25.46 -54.44
CA ILE E 4196 9.18 24.47 -55.19
C ILE E 4196 8.94 24.66 -56.69
N PHE E 4197 7.74 25.10 -57.08
CA PHE E 4197 7.54 25.44 -58.49
C PHE E 4197 8.39 26.65 -58.88
N GLU E 4198 8.49 27.64 -57.98
CA GLU E 4198 9.34 28.79 -58.20
C GLU E 4198 10.80 28.38 -58.36
N MET E 4199 11.26 27.43 -57.55
CA MET E 4199 12.64 26.99 -57.62
C MET E 4199 12.91 26.21 -58.90
N GLN E 4200 11.95 25.37 -59.31
CA GLN E 4200 12.07 24.69 -60.60
C GLN E 4200 12.15 25.69 -61.74
N LEU E 4201 11.32 26.73 -61.70
CA LEU E 4201 11.36 27.75 -62.75
C LEU E 4201 12.68 28.51 -62.74
N ALA E 4202 13.18 28.86 -61.56
CA ALA E 4202 14.42 29.61 -61.45
C ALA E 4202 15.61 28.78 -61.93
N ALA E 4203 15.60 27.48 -61.64
CA ALA E 4203 16.65 26.60 -62.15
C ALA E 4203 16.53 26.42 -63.67
N GLN E 4204 15.30 26.42 -64.18
CA GLN E 4204 15.10 26.38 -65.63
C GLN E 4204 15.66 27.65 -66.27
N ILE E 4205 15.58 28.78 -65.58
CA ILE E 4205 16.12 30.03 -66.09
C ILE E 4205 17.64 29.97 -66.15
N PHE E 4478 16.19 26.05 -89.34
CA PHE E 4478 15.81 27.41 -88.98
C PHE E 4478 15.18 27.46 -87.59
N TRP E 4479 14.44 26.41 -87.24
CA TRP E 4479 13.76 26.36 -85.96
C TRP E 4479 14.74 26.25 -84.79
N LYS E 4480 15.97 25.81 -85.05
CA LYS E 4480 17.00 25.68 -84.03
C LYS E 4480 17.95 26.88 -84.04
N LYS E 4481 17.56 27.98 -84.66
CA LYS E 4481 18.38 29.19 -84.70
C LYS E 4481 17.72 30.41 -84.09
N ILE E 4482 16.39 30.52 -84.14
CA ILE E 4482 15.68 31.65 -83.58
C ILE E 4482 15.08 31.31 -82.21
N ILE E 4483 14.56 30.10 -82.05
CA ILE E 4483 13.96 29.71 -80.77
C ILE E 4483 15.01 29.62 -79.68
N ALA E 4484 16.14 28.99 -79.98
CA ALA E 4484 17.19 28.82 -78.98
C ALA E 4484 17.81 30.16 -78.55
N TYR E 4485 17.70 31.20 -79.37
CA TYR E 4485 18.20 32.51 -78.99
C TYR E 4485 17.14 33.35 -78.28
N GLN E 4486 15.90 33.32 -78.74
CA GLN E 4486 14.86 34.11 -78.10
C GLN E 4486 14.52 33.55 -76.73
N GLN E 4487 14.66 32.22 -76.55
CA GLN E 4487 14.53 31.62 -75.23
C GLN E 4487 15.58 32.17 -74.28
N LYS E 4488 16.84 32.26 -74.75
CA LYS E 4488 17.90 32.83 -73.92
C LYS E 4488 17.62 34.30 -73.61
N LEU E 4489 17.04 35.03 -74.57
CA LEU E 4489 16.69 36.42 -74.31
C LEU E 4489 15.62 36.53 -73.22
N LEU E 4490 14.58 35.71 -73.31
CA LEU E 4490 13.54 35.72 -72.28
C LEU E 4490 14.10 35.32 -70.93
N ASN E 4491 15.02 34.36 -70.92
CA ASN E 4491 15.65 33.93 -69.66
C ASN E 4491 16.47 35.06 -69.06
N TYR E 4492 17.22 35.77 -69.90
CA TYR E 4492 17.99 36.92 -69.42
C TYR E 4492 17.09 38.00 -68.87
N PHE E 4493 15.95 38.25 -69.54
CA PHE E 4493 15.02 39.25 -69.04
C PHE E 4493 14.43 38.85 -67.70
N ALA E 4494 14.02 37.58 -67.56
CA ALA E 4494 13.46 37.11 -66.30
C ALA E 4494 14.50 37.14 -65.18
N ARG E 4495 15.77 36.90 -65.51
CA ARG E 4495 16.82 36.94 -64.51
C ARG E 4495 17.21 38.37 -64.16
N ASN E 4496 17.03 39.31 -65.10
CA ASN E 4496 17.40 40.71 -64.92
C ASN E 4496 16.18 41.62 -64.78
N PHE E 4497 15.06 41.07 -64.31
CA PHE E 4497 13.85 41.86 -64.16
C PHE E 4497 14.02 42.97 -63.13
N TYR E 4498 14.59 42.65 -61.97
CA TYR E 4498 14.66 43.61 -60.87
C TYR E 4498 15.63 44.75 -61.17
N ASN E 4499 16.82 44.42 -61.68
CA ASN E 4499 17.75 45.47 -62.08
C ASN E 4499 17.17 46.32 -63.20
N MET E 4500 16.34 45.72 -64.07
CA MET E 4500 15.64 46.52 -65.07
C MET E 4500 14.70 47.51 -64.40
N ARG E 4501 14.03 47.09 -63.31
CA ARG E 4501 13.16 48.01 -62.58
C ARG E 4501 13.95 49.14 -61.95
N MET E 4502 15.10 48.83 -61.33
CA MET E 4502 15.91 49.89 -60.73
C MET E 4502 16.47 50.83 -61.79
N LEU E 4503 16.89 50.29 -62.94
CA LEU E 4503 17.36 51.14 -64.03
C LEU E 4503 16.23 52.01 -64.57
N ALA E 4504 15.01 51.47 -64.61
CA ALA E 4504 13.87 52.27 -65.01
C ALA E 4504 13.62 53.41 -64.03
N LEU E 4505 13.72 53.15 -62.73
CA LEU E 4505 13.53 54.21 -61.75
C LEU E 4505 14.61 55.27 -61.86
N PHE E 4506 15.86 54.84 -62.08
CA PHE E 4506 16.94 55.79 -62.36
C PHE E 4506 16.65 56.65 -63.59
N VAL E 4507 16.24 56.03 -64.69
CA VAL E 4507 16.03 56.81 -65.90
C VAL E 4507 14.85 57.75 -65.71
N ALA E 4508 13.83 57.33 -64.95
CA ALA E 4508 12.71 58.20 -64.68
C ALA E 4508 13.12 59.38 -63.82
N PHE E 4509 13.96 59.14 -62.80
CA PHE E 4509 14.48 60.25 -61.99
C PHE E 4509 15.28 61.22 -62.85
N ALA E 4510 16.10 60.70 -63.76
CA ALA E 4510 16.90 61.57 -64.63
C ALA E 4510 16.01 62.41 -65.54
N ILE E 4511 15.02 61.76 -66.18
CA ILE E 4511 14.13 62.49 -67.08
C ILE E 4511 13.33 63.53 -66.32
N ASN E 4512 12.93 63.23 -65.08
CA ASN E 4512 12.17 64.20 -64.32
C ASN E 4512 13.04 65.34 -63.80
N PHE E 4513 14.32 65.08 -63.55
CA PHE E 4513 15.24 66.16 -63.23
C PHE E 4513 15.43 67.08 -64.43
N ILE E 4514 15.55 66.50 -65.62
CA ILE E 4514 15.68 67.31 -66.83
C ILE E 4514 14.41 68.12 -67.07
N LEU E 4515 13.24 67.50 -66.87
CA LEU E 4515 11.98 68.24 -66.99
C LEU E 4515 11.85 69.31 -65.91
N LEU E 4516 12.48 69.11 -64.76
CA LEU E 4516 12.52 70.18 -63.75
C LEU E 4516 13.34 71.35 -64.27
N PHE E 4517 14.48 71.08 -64.91
CA PHE E 4517 15.25 72.14 -65.57
C PHE E 4517 14.54 72.53 -66.85
N TYR E 4518 13.60 73.47 -66.74
CA TYR E 4518 12.70 73.82 -67.82
C TYR E 4518 12.25 75.27 -67.65
N LYS E 4519 11.50 75.78 -68.62
CA LYS E 4519 11.04 77.18 -68.64
C LYS E 4519 9.96 77.29 -69.70
N VAL E 4520 9.40 78.50 -69.85
CA VAL E 4520 8.35 78.77 -70.81
C VAL E 4520 8.60 80.13 -71.46
N SER E 4521 8.20 80.26 -72.71
CA SER E 4521 8.37 81.50 -73.48
C SER E 4521 7.41 82.58 -73.00
N VAL E 4556 2.65 78.77 -74.11
CA VAL E 4556 2.31 79.03 -75.50
C VAL E 4556 3.40 78.48 -76.41
N HIS E 4557 4.64 78.43 -75.88
CA HIS E 4557 5.76 77.89 -76.64
C HIS E 4557 6.71 77.25 -75.64
N TYR E 4558 6.71 75.92 -75.59
CA TYR E 4558 7.50 75.19 -74.62
C TYR E 4558 8.96 75.08 -75.08
N VAL E 4559 9.89 75.37 -74.17
CA VAL E 4559 11.32 75.39 -74.43
C VAL E 4559 12.10 75.01 -73.17
N LEU E 4560 13.15 74.21 -73.34
CA LEU E 4560 14.06 73.88 -72.24
C LEU E 4560 15.14 74.97 -72.19
N GLU E 4561 14.82 76.06 -71.50
CA GLU E 4561 15.61 77.28 -71.60
C GLU E 4561 16.74 77.38 -70.58
N GLU E 4562 16.60 76.77 -69.40
CA GLU E 4562 17.59 76.99 -68.35
C GLU E 4562 18.94 76.36 -68.62
N SER E 4563 19.13 75.75 -69.78
CA SER E 4563 20.39 75.11 -70.13
C SER E 4563 20.95 75.71 -71.41
N SER E 4564 22.21 75.38 -71.68
CA SER E 4564 22.90 75.78 -72.91
C SER E 4564 23.36 74.49 -73.59
N GLY E 4565 22.47 73.90 -74.39
CA GLY E 4565 22.79 72.67 -75.09
C GLY E 4565 23.01 71.50 -74.15
N TYR E 4566 23.29 70.34 -74.75
CA TYR E 4566 23.64 69.11 -74.06
C TYR E 4566 22.51 68.61 -73.15
N MET E 4567 21.32 69.19 -73.23
CA MET E 4567 20.19 68.77 -72.41
C MET E 4567 18.91 68.54 -73.20
N GLU E 4568 18.76 69.11 -74.40
CA GLU E 4568 17.55 68.91 -75.19
C GLU E 4568 17.50 67.51 -75.80
N PRO E 4569 18.55 67.05 -76.50
CA PRO E 4569 18.45 65.71 -77.10
C PRO E 4569 18.52 64.59 -76.09
N THR E 4570 19.23 64.80 -74.97
CA THR E 4570 19.29 63.77 -73.93
C THR E 4570 17.91 63.49 -73.35
N LEU E 4571 17.00 64.46 -73.38
CA LEU E 4571 15.63 64.20 -72.94
C LEU E 4571 14.97 63.15 -73.81
N ARG E 4572 15.08 63.29 -75.13
CA ARG E 4572 14.49 62.31 -76.03
C ARG E 4572 15.20 60.96 -75.94
N ILE E 4573 16.53 60.98 -75.79
CA ILE E 4573 17.26 59.71 -75.65
C ILE E 4573 16.81 58.99 -74.39
N LEU E 4574 16.74 59.70 -73.28
CA LEU E 4574 16.29 59.09 -72.03
C LEU E 4574 14.83 58.66 -72.13
N ALA E 4575 14.01 59.37 -72.90
CA ALA E 4575 12.62 58.96 -73.08
C ALA E 4575 12.51 57.63 -73.82
N ILE E 4576 13.19 57.52 -74.97
CA ILE E 4576 13.12 56.26 -75.71
C ILE E 4576 13.76 55.13 -74.90
N LEU E 4577 14.82 55.45 -74.14
CA LEU E 4577 15.46 54.42 -73.35
C LEU E 4577 14.57 53.96 -72.20
N HIS E 4578 13.87 54.90 -71.56
CA HIS E 4578 12.90 54.56 -70.54
C HIS E 4578 11.78 53.70 -71.11
N THR E 4579 11.34 53.99 -72.33
CA THR E 4579 10.28 53.20 -72.94
C THR E 4579 10.75 51.78 -73.23
N ILE E 4580 11.94 51.63 -73.80
CA ILE E 4580 12.44 50.27 -74.08
C ILE E 4580 12.69 49.53 -72.77
N ILE E 4581 13.08 50.25 -71.71
CA ILE E 4581 13.28 49.60 -70.42
C ILE E 4581 11.94 49.16 -69.83
N SER E 4582 10.88 49.95 -70.04
CA SER E 4582 9.55 49.54 -69.60
C SER E 4582 9.13 48.27 -70.33
N PHE E 4583 9.35 48.23 -71.65
CA PHE E 4583 8.98 47.06 -72.42
C PHE E 4583 9.77 45.84 -71.97
N PHE E 4584 11.06 46.01 -71.68
CA PHE E 4584 11.86 44.90 -71.20
C PHE E 4584 11.41 44.43 -69.83
N CYS E 4585 11.06 45.37 -68.94
CA CYS E 4585 10.55 45.02 -67.62
C CYS E 4585 9.27 44.20 -67.74
N ILE E 4586 8.33 44.67 -68.59
CA ILE E 4586 7.07 43.97 -68.76
C ILE E 4586 7.28 42.58 -69.35
N ILE E 4587 8.17 42.47 -70.35
CA ILE E 4587 8.39 41.19 -71.01
C ILE E 4587 9.05 40.21 -70.05
N GLY E 4588 10.01 40.69 -69.26
CA GLY E 4588 10.63 39.82 -68.27
C GLY E 4588 9.67 39.38 -67.18
N TYR E 4589 8.78 40.29 -66.76
CA TYR E 4589 7.77 39.90 -65.78
C TYR E 4589 6.87 38.80 -66.32
N TYR E 4590 6.45 38.92 -67.59
CA TYR E 4590 5.53 37.95 -68.16
C TYR E 4590 6.12 36.54 -68.21
N CYS E 4591 7.44 36.40 -68.17
CA CYS E 4591 8.08 35.09 -68.17
C CYS E 4591 8.71 34.73 -66.83
N LEU E 4592 8.72 35.66 -65.87
CA LEU E 4592 9.27 35.38 -64.54
C LEU E 4592 8.20 35.11 -63.50
N LYS E 4593 7.14 35.92 -63.44
CA LYS E 4593 6.16 35.80 -62.37
C LYS E 4593 4.79 35.34 -62.82
N VAL E 4594 4.48 35.44 -64.11
CA VAL E 4594 3.19 34.99 -64.64
C VAL E 4594 3.08 33.47 -64.57
N PRO E 4595 4.14 32.69 -64.90
CA PRO E 4595 4.04 31.24 -64.66
C PRO E 4595 3.62 30.88 -63.24
N LEU E 4596 4.12 31.62 -62.24
CA LEU E 4596 3.79 31.30 -60.85
C LEU E 4596 2.30 31.50 -60.57
N VAL E 4597 1.75 32.65 -60.99
CA VAL E 4597 0.35 32.93 -60.68
C VAL E 4597 -0.57 32.03 -61.47
N ILE E 4598 -0.22 31.73 -62.72
CA ILE E 4598 -1.07 30.81 -63.48
C ILE E 4598 -0.98 29.40 -62.92
N PHE E 4599 0.18 29.01 -62.37
CA PHE E 4599 0.27 27.72 -61.71
C PHE E 4599 -0.57 27.70 -60.43
N LYS E 4600 -0.54 28.78 -59.66
CA LYS E 4600 -1.37 28.85 -58.46
C LYS E 4600 -2.85 28.70 -58.81
N ARG E 4601 -3.30 29.41 -59.85
CA ARG E 4601 -4.71 29.33 -60.22
C ARG E 4601 -5.05 27.95 -60.78
N GLU E 4602 -4.16 27.37 -61.58
CA GLU E 4602 -4.40 26.02 -62.10
C GLU E 4602 -4.51 25.01 -60.97
N LYS E 4603 -3.61 25.10 -59.99
CA LYS E 4603 -3.67 24.20 -58.84
C LYS E 4603 -4.97 24.38 -58.08
N GLU E 4604 -5.38 25.63 -57.84
CA GLU E 4604 -6.61 25.88 -57.11
C GLU E 4604 -7.80 25.27 -57.83
N VAL E 4605 -7.93 25.54 -59.13
CA VAL E 4605 -9.10 25.06 -59.86
C VAL E 4605 -9.06 23.54 -59.99
N ALA E 4606 -7.88 22.94 -60.16
CA ALA E 4606 -7.81 21.49 -60.28
C ALA E 4606 -8.19 20.81 -58.97
N ARG E 4607 -7.74 21.36 -57.84
CA ARG E 4607 -8.12 20.76 -56.56
C ARG E 4607 -9.59 21.00 -56.24
N LYS E 4608 -10.16 22.12 -56.70
CA LYS E 4608 -11.58 22.34 -56.54
C LYS E 4608 -12.39 21.35 -57.38
N LEU E 4609 -11.91 21.05 -58.58
CA LEU E 4609 -12.57 20.03 -59.41
C LEU E 4609 -12.49 18.66 -58.76
N GLU E 4610 -11.30 18.27 -58.29
CA GLU E 4610 -11.11 16.93 -57.75
C GLU E 4610 -11.86 16.74 -56.45
N PHE E 4611 -11.58 17.58 -55.45
CA PHE E 4611 -12.10 17.35 -54.10
C PHE E 4611 -13.56 17.78 -53.97
N ASP E 4612 -13.84 19.06 -54.23
CA ASP E 4612 -15.15 19.61 -53.93
C ASP E 4612 -16.16 19.44 -55.06
N GLY E 4613 -15.70 19.28 -56.30
CA GLY E 4613 -16.60 19.24 -57.43
C GLY E 4613 -17.28 20.57 -57.68
N LEU E 4614 -16.48 21.60 -57.98
CA LEU E 4614 -17.00 22.95 -58.13
C LEU E 4614 -17.84 23.10 -59.39
N TYR E 4615 -17.49 22.40 -60.47
CA TYR E 4615 -18.27 22.46 -61.70
C TYR E 4615 -18.92 21.12 -62.01
N ILE E 4616 -19.02 20.24 -61.02
CA ILE E 4616 -19.64 18.93 -61.15
C ILE E 4616 -20.92 18.85 -60.32
N THR E 4617 -20.83 19.19 -59.03
CA THR E 4617 -21.98 19.15 -58.13
C THR E 4617 -22.26 20.46 -57.42
N GLU E 4618 -21.31 21.40 -57.42
CA GLU E 4618 -21.37 22.60 -56.60
C GLU E 4618 -21.11 23.83 -57.46
N GLN E 4619 -21.83 23.95 -58.58
CA GLN E 4619 -21.69 25.04 -59.55
C GLN E 4619 -21.56 26.39 -58.86
N PRO E 4620 -20.55 27.20 -59.23
CA PRO E 4620 -20.31 28.44 -58.50
C PRO E 4620 -21.42 29.46 -58.66
N SER E 4621 -21.24 30.58 -57.98
CA SER E 4621 -22.27 31.61 -57.90
C SER E 4621 -22.24 32.48 -59.17
N GLU E 4622 -23.01 33.57 -59.12
CA GLU E 4622 -23.09 34.50 -60.24
C GLU E 4622 -22.04 35.59 -60.20
N ASP E 4623 -21.58 35.98 -59.01
CA ASP E 4623 -20.69 37.12 -58.90
C ASP E 4623 -19.22 36.74 -58.88
N ASP E 4624 -18.88 35.49 -58.60
CA ASP E 4624 -17.49 35.05 -58.63
C ASP E 4624 -17.06 34.94 -60.09
N ILE E 4625 -16.46 36.02 -60.60
CA ILE E 4625 -15.95 36.00 -61.98
C ILE E 4625 -14.81 35.01 -62.10
N LYS E 4626 -14.10 34.73 -61.00
CA LYS E 4626 -13.05 33.72 -61.01
C LYS E 4626 -13.63 32.35 -61.34
N GLY E 4627 -14.78 32.02 -60.77
CA GLY E 4627 -15.41 30.75 -61.07
C GLY E 4627 -15.76 30.60 -62.55
N GLN E 4628 -16.32 31.65 -63.15
CA GLN E 4628 -16.65 31.59 -64.57
C GLN E 4628 -15.40 31.52 -65.44
N TRP E 4629 -14.36 32.29 -65.09
CA TRP E 4629 -13.15 32.27 -65.89
C TRP E 4629 -12.41 30.94 -65.77
N ASP E 4630 -12.60 30.23 -64.65
CA ASP E 4630 -12.03 28.89 -64.54
C ASP E 4630 -12.88 27.86 -65.26
N ARG E 4631 -14.20 28.02 -65.21
CA ARG E 4631 -15.08 27.17 -66.02
C ARG E 4631 -14.80 27.34 -67.50
N LEU E 4632 -14.27 28.49 -67.89
CA LEU E 4632 -13.91 28.71 -69.28
C LEU E 4632 -12.95 27.65 -69.81
N VAL E 4633 -12.03 27.18 -68.96
CA VAL E 4633 -11.02 26.24 -69.42
C VAL E 4633 -10.92 25.01 -68.53
N ILE E 4634 -11.97 24.72 -67.76
CA ILE E 4634 -12.05 23.39 -67.16
C ILE E 4634 -12.10 22.28 -68.21
N ASN E 4635 -12.29 22.63 -69.49
CA ASN E 4635 -12.42 21.65 -70.56
C ASN E 4635 -11.44 21.90 -71.70
N THR E 4636 -10.36 22.64 -71.46
CA THR E 4636 -9.39 22.88 -72.51
C THR E 4636 -8.48 21.66 -72.68
N GLN E 4637 -7.61 21.72 -73.68
CA GLN E 4637 -6.74 20.58 -73.96
C GLN E 4637 -5.64 20.47 -72.90
N SER E 4638 -4.80 21.50 -72.81
CA SER E 4638 -3.69 21.51 -71.84
C SER E 4638 -4.11 22.28 -70.59
N PHE E 4639 -4.99 21.66 -69.80
CA PHE E 4639 -5.49 22.32 -68.60
C PHE E 4639 -4.42 22.39 -67.51
N PRO E 4640 -3.84 21.27 -67.06
CA PRO E 4640 -2.79 21.40 -66.03
C PRO E 4640 -1.41 21.57 -66.66
N ASN E 4641 -1.16 22.76 -67.22
CA ASN E 4641 0.09 23.01 -67.93
C ASN E 4641 1.26 23.24 -66.98
N ASN E 4642 1.00 23.79 -65.79
CA ASN E 4642 2.06 24.09 -64.84
C ASN E 4642 1.91 23.38 -63.50
N TYR E 4643 0.73 22.82 -63.20
CA TYR E 4643 0.52 22.06 -61.98
C TYR E 4643 1.25 20.71 -61.99
N TRP E 4644 1.97 20.41 -63.08
CA TRP E 4644 2.76 19.18 -63.26
C TRP E 4644 1.95 17.92 -62.98
N ASP E 4645 0.62 18.03 -62.93
CA ASP E 4645 -0.25 16.97 -62.48
C ASP E 4645 -1.24 16.74 -63.62
N LYS E 4646 -0.81 15.97 -64.63
CA LYS E 4646 -1.54 15.85 -65.88
C LYS E 4646 -2.62 14.77 -65.86
N PHE E 4647 -3.02 14.29 -64.68
CA PHE E 4647 -4.01 13.23 -64.57
C PHE E 4647 -5.20 13.63 -63.70
N VAL E 4648 -5.33 14.91 -63.39
CA VAL E 4648 -6.50 15.38 -62.66
C VAL E 4648 -7.77 15.15 -63.45
N LYS E 4649 -7.68 15.22 -64.78
CA LYS E 4649 -8.85 14.95 -65.62
C LYS E 4649 -9.34 13.52 -65.42
N ARG E 4650 -8.45 12.54 -65.58
CA ARG E 4650 -8.83 11.15 -65.36
C ARG E 4650 -9.25 10.90 -63.92
N LYS E 4651 -8.63 11.59 -62.96
CA LYS E 4651 -8.99 11.42 -61.57
C LYS E 4651 -10.42 11.86 -61.31
N VAL E 4652 -10.78 13.05 -61.77
CA VAL E 4652 -12.14 13.53 -61.55
C VAL E 4652 -13.14 12.72 -62.37
N MET E 4653 -12.71 12.21 -63.53
CA MET E 4653 -13.57 11.31 -64.30
C MET E 4653 -13.90 10.05 -63.51
N ASP E 4654 -12.87 9.41 -62.96
CA ASP E 4654 -13.11 8.20 -62.16
C ASP E 4654 -13.86 8.51 -60.89
N LYS E 4655 -13.76 9.74 -60.37
CA LYS E 4655 -14.42 10.08 -59.12
C LYS E 4655 -15.90 10.39 -59.32
N TYR E 4656 -16.25 11.13 -60.39
CA TYR E 4656 -17.61 11.58 -60.60
C TYR E 4656 -18.18 11.09 -61.93
N GLY E 4657 -17.75 9.92 -62.38
CA GLY E 4657 -18.25 9.38 -63.63
C GLY E 4657 -19.42 8.43 -63.45
N GLU E 4658 -19.39 7.65 -62.37
CA GLU E 4658 -20.44 6.67 -62.10
C GLU E 4658 -21.65 7.26 -61.39
N PHE E 4659 -21.73 8.58 -61.27
CA PHE E 4659 -22.88 9.21 -60.63
C PHE E 4659 -23.53 10.28 -61.49
N TYR E 4660 -22.76 11.00 -62.31
CA TYR E 4660 -23.29 12.09 -63.12
C TYR E 4660 -23.11 11.86 -64.61
N GLY E 4661 -22.78 10.64 -65.03
CA GLY E 4661 -22.63 10.33 -66.44
C GLY E 4661 -21.20 10.47 -66.91
N ARG E 4662 -20.57 9.34 -67.24
CA ARG E 4662 -19.19 9.38 -67.73
C ARG E 4662 -19.10 10.13 -69.06
N ASP E 4663 -20.11 9.98 -69.92
CA ASP E 4663 -20.12 10.71 -71.18
C ASP E 4663 -20.24 12.20 -70.94
N ARG E 4664 -21.12 12.61 -70.02
CA ARG E 4664 -21.26 14.03 -69.71
C ARG E 4664 -20.00 14.60 -69.09
N ILE E 4665 -19.34 13.81 -68.23
CA ILE E 4665 -18.10 14.28 -67.60
C ILE E 4665 -17.00 14.44 -68.65
N SER E 4666 -16.86 13.45 -69.54
CA SER E 4666 -15.86 13.55 -70.59
C SER E 4666 -16.19 14.63 -71.62
N GLU E 4667 -17.46 15.03 -71.73
CA GLU E 4667 -17.84 16.12 -72.62
C GLU E 4667 -17.55 17.49 -71.99
N LEU E 4668 -17.88 17.65 -70.71
CA LEU E 4668 -17.70 18.95 -70.05
C LEU E 4668 -16.28 19.16 -69.53
N LEU E 4669 -15.45 18.13 -69.52
CA LEU E 4669 -14.07 18.26 -69.06
C LEU E 4669 -13.05 18.26 -70.19
N GLY E 4670 -13.51 18.28 -71.44
CA GLY E 4670 -12.58 18.18 -72.56
C GLY E 4670 -12.21 16.74 -72.84
N MET E 4671 -11.37 16.57 -73.86
CA MET E 4671 -10.93 15.26 -74.36
C MET E 4671 -12.11 14.38 -74.72
N ASP E 4672 -12.88 14.84 -75.71
CA ASP E 4672 -14.12 14.18 -76.07
C ASP E 4672 -13.86 12.92 -76.89
N LYS E 4673 -14.76 11.93 -76.72
CA LYS E 4673 -14.71 10.67 -77.44
C LYS E 4673 -13.37 9.96 -77.22
N ALA E 4674 -12.88 10.02 -75.98
CA ALA E 4674 -11.61 9.39 -75.61
C ALA E 4674 -11.73 8.72 -74.26
N ALA E 4675 -12.86 8.07 -74.00
CA ALA E 4675 -13.04 7.35 -72.74
C ALA E 4675 -12.22 6.07 -72.68
N LEU E 4676 -11.73 5.59 -73.81
CA LEU E 4676 -10.88 4.39 -73.86
C LEU E 4676 -9.44 4.74 -74.23
N ASP E 4677 -9.07 6.02 -74.20
CA ASP E 4677 -7.69 6.39 -74.50
C ASP E 4677 -6.71 5.81 -73.50
N PHE E 4678 -7.13 5.66 -72.24
CA PHE E 4678 -6.27 5.03 -71.25
C PHE E 4678 -5.95 3.60 -71.62
N SER E 4679 -6.97 2.84 -72.02
CA SER E 4679 -6.75 1.46 -72.44
C SER E 4679 -5.93 1.39 -73.72
N ASP E 4680 -6.17 2.33 -74.65
CA ASP E 4680 -5.41 2.35 -75.89
C ASP E 4680 -3.94 2.64 -75.64
N ALA E 4681 -3.63 3.49 -74.65
CA ALA E 4681 -2.24 3.76 -74.32
C ALA E 4681 -1.63 2.64 -73.49
N ARG E 4682 -2.44 1.92 -72.71
CA ARG E 4682 -1.93 0.81 -71.93
C ARG E 4682 -1.65 -0.42 -72.79
N GLU E 4683 -2.41 -0.60 -73.86
CA GLU E 4683 -2.23 -1.75 -74.75
C GLU E 4683 -1.84 -1.26 -76.14
N LYS E 4684 -0.58 -1.47 -76.51
CA LYS E 4684 -0.05 -1.14 -77.83
C LYS E 4684 -0.23 0.35 -78.15
N LYS E 4685 0.45 1.17 -77.36
CA LYS E 4685 0.42 2.62 -77.56
C LYS E 4685 1.31 3.02 -78.72
N LYS E 4686 1.16 4.26 -79.17
CA LYS E 4686 2.00 4.80 -80.23
C LYS E 4686 3.36 5.19 -79.67
N PRO E 4687 4.45 4.92 -80.40
CA PRO E 4687 5.78 5.26 -79.87
C PRO E 4687 6.01 6.76 -79.77
N LYS E 4688 5.77 7.48 -80.86
CA LYS E 4688 5.98 8.92 -80.91
C LYS E 4688 5.24 9.47 -82.12
N LYS E 4689 5.44 10.75 -82.40
CA LYS E 4689 4.79 11.40 -83.54
C LYS E 4689 5.52 12.70 -83.85
N ASP E 4690 5.76 12.93 -85.13
CA ASP E 4690 6.37 14.18 -85.56
C ASP E 4690 5.39 15.34 -85.40
N SER E 4691 5.94 16.54 -85.21
CA SER E 4691 5.11 17.72 -84.93
C SER E 4691 4.18 18.03 -86.10
N SER E 4692 4.75 18.45 -87.23
CA SER E 4692 3.98 18.80 -88.42
C SER E 4692 4.96 19.21 -89.51
N LEU E 4693 4.43 19.41 -90.71
CA LEU E 4693 5.16 19.99 -91.82
C LEU E 4693 4.43 21.17 -92.46
N SER E 4694 3.10 21.11 -92.53
CA SER E 4694 2.32 22.21 -93.06
C SER E 4694 1.77 23.13 -91.98
N ALA E 4695 1.69 22.67 -90.75
CA ALA E 4695 1.16 23.45 -89.63
C ALA E 4695 2.32 23.83 -88.72
N VAL E 4696 2.96 24.96 -89.03
CA VAL E 4696 4.06 25.45 -88.21
C VAL E 4696 3.55 26.29 -87.04
N LEU E 4697 2.42 26.98 -87.22
CA LEU E 4697 1.81 27.80 -86.20
C LEU E 4697 0.41 27.25 -85.89
N ASN E 4698 -0.32 27.99 -85.06
CA ASN E 4698 -1.68 27.69 -84.63
C ASN E 4698 -1.79 26.34 -83.92
N SER E 4699 -0.67 25.75 -83.51
CA SER E 4699 -0.73 24.51 -82.75
C SER E 4699 -1.23 24.74 -81.33
N ILE E 4700 -0.97 25.93 -80.76
CA ILE E 4700 -1.41 26.21 -79.40
C ILE E 4700 -2.92 26.36 -79.36
N ASP E 4701 -3.48 26.20 -78.17
CA ASP E 4701 -4.93 26.24 -77.96
C ASP E 4701 -5.37 27.66 -77.62
N VAL E 4702 -6.22 28.23 -78.47
CA VAL E 4702 -6.60 29.63 -78.37
C VAL E 4702 -7.41 29.87 -77.10
N LYS E 4703 -8.17 28.87 -76.65
CA LYS E 4703 -8.94 29.02 -75.42
C LYS E 4703 -8.01 29.16 -74.22
N TYR E 4704 -7.01 28.29 -74.11
CA TYR E 4704 -6.08 28.39 -72.99
C TYR E 4704 -5.25 29.66 -73.08
N GLN E 4705 -4.92 30.11 -74.30
CA GLN E 4705 -4.20 31.37 -74.44
C GLN E 4705 -5.05 32.55 -73.97
N MET E 4706 -6.32 32.58 -74.35
CA MET E 4706 -7.22 33.64 -73.90
C MET E 4706 -7.40 33.61 -72.40
N TRP E 4707 -7.45 32.41 -71.82
CA TRP E 4707 -7.56 32.29 -70.36
C TRP E 4707 -6.31 32.82 -69.67
N LYS E 4708 -5.13 32.47 -70.19
CA LYS E 4708 -3.89 33.02 -69.63
C LYS E 4708 -3.88 34.53 -69.72
N LEU E 4709 -4.35 35.08 -70.85
CA LEU E 4709 -4.40 36.53 -70.98
C LEU E 4709 -5.37 37.17 -69.98
N GLY E 4710 -6.56 36.59 -69.84
CA GLY E 4710 -7.53 37.12 -68.90
C GLY E 4710 -7.09 36.99 -67.45
N VAL E 4711 -6.25 36.00 -67.16
CA VAL E 4711 -5.76 35.82 -65.81
C VAL E 4711 -4.57 36.74 -65.52
N VAL E 4712 -3.74 37.02 -66.53
CA VAL E 4712 -2.61 37.92 -66.29
C VAL E 4712 -3.05 39.39 -66.31
N PHE E 4713 -4.14 39.71 -67.00
CA PHE E 4713 -4.63 41.08 -67.02
C PHE E 4713 -5.43 41.45 -65.78
N THR E 4714 -5.53 40.54 -64.80
CA THR E 4714 -6.16 40.84 -63.51
C THR E 4714 -5.22 40.51 -62.36
N ASP E 4715 -3.92 40.51 -62.60
CA ASP E 4715 -2.93 40.12 -61.61
C ASP E 4715 -2.67 41.21 -60.57
N ASN E 4716 -3.06 42.46 -60.86
CA ASN E 4716 -2.86 43.64 -60.03
C ASN E 4716 -1.40 44.09 -59.98
N SER E 4717 -0.48 43.36 -60.61
CA SER E 4717 0.89 43.79 -60.80
C SER E 4717 1.25 43.93 -62.27
N PHE E 4718 0.82 42.96 -63.10
CA PHE E 4718 0.91 43.15 -64.55
C PHE E 4718 0.08 44.36 -64.98
N LEU E 4719 -1.01 44.64 -64.29
CA LEU E 4719 -1.78 45.85 -64.57
C LEU E 4719 -0.97 47.10 -64.24
N TYR E 4720 -0.25 47.07 -63.12
CA TYR E 4720 0.62 48.20 -62.77
C TYR E 4720 1.71 48.39 -63.82
N LEU E 4721 2.30 47.30 -64.30
CA LEU E 4721 3.33 47.40 -65.31
C LEU E 4721 2.78 47.89 -66.64
N ALA E 4722 1.55 47.48 -66.98
CA ALA E 4722 0.92 47.98 -68.21
C ALA E 4722 0.60 49.47 -68.10
N TRP E 4723 0.18 49.91 -66.91
CA TRP E 4723 -0.01 51.33 -66.68
C TRP E 4723 1.30 52.09 -66.83
N TYR E 4724 2.39 51.50 -66.32
CA TYR E 4724 3.72 52.09 -66.49
C TYR E 4724 4.08 52.21 -67.97
N MET E 4725 3.80 51.16 -68.73
CA MET E 4725 4.10 51.17 -70.17
C MET E 4725 3.29 52.23 -70.90
N THR E 4726 1.98 52.29 -70.62
CA THR E 4726 1.14 53.26 -71.33
C THR E 4726 1.46 54.68 -70.91
N MET E 4727 1.87 54.89 -69.64
CA MET E 4727 2.33 56.21 -69.23
C MET E 4727 3.62 56.60 -69.93
N SER E 4728 4.53 55.65 -70.16
CA SER E 4728 5.72 55.96 -70.95
C SER E 4728 5.35 56.30 -72.39
N VAL E 4729 4.41 55.55 -72.98
CA VAL E 4729 3.98 55.82 -74.35
C VAL E 4729 3.35 57.21 -74.45
N LEU E 4730 2.52 57.57 -73.47
CA LEU E 4730 1.90 58.90 -73.48
C LEU E 4730 2.92 59.99 -73.19
N GLY E 4731 3.95 59.70 -72.39
CA GLY E 4731 5.02 60.64 -72.22
C GLY E 4731 5.81 60.86 -73.50
N HIS E 4732 5.86 59.84 -74.37
CA HIS E 4732 6.45 60.04 -75.67
C HIS E 4732 5.72 61.12 -76.46
N TYR E 4733 4.41 61.24 -76.27
CA TYR E 4733 3.66 62.33 -76.90
C TYR E 4733 3.88 63.64 -76.16
N ASN E 4734 3.58 63.66 -74.86
CA ASN E 4734 3.78 64.84 -74.01
C ASN E 4734 4.77 64.44 -72.92
N ASN E 4735 5.96 65.04 -72.95
CA ASN E 4735 7.05 64.63 -72.07
C ASN E 4735 6.71 64.76 -70.58
N PHE E 4736 5.71 65.57 -70.24
CA PHE E 4736 5.38 65.76 -68.83
C PHE E 4736 4.64 64.57 -68.23
N PHE E 4737 4.24 63.60 -69.04
CA PHE E 4737 3.61 62.39 -68.50
C PHE E 4737 4.63 61.47 -67.84
N PHE E 4738 5.93 61.73 -68.00
CA PHE E 4738 6.94 60.98 -67.29
C PHE E 4738 6.99 61.32 -65.81
N ALA E 4739 6.19 62.28 -65.35
CA ALA E 4739 6.11 62.58 -63.93
C ALA E 4739 5.32 61.53 -63.16
N ALA E 4740 4.41 60.81 -63.84
CA ALA E 4740 3.68 59.73 -63.19
C ALA E 4740 4.60 58.58 -62.79
N HIS E 4741 5.80 58.51 -63.37
CA HIS E 4741 6.77 57.48 -63.02
C HIS E 4741 7.48 57.74 -61.70
N LEU E 4742 7.34 58.93 -61.14
CA LEU E 4742 7.91 59.21 -59.82
C LEU E 4742 7.17 58.48 -58.71
N LEU E 4743 5.94 58.04 -58.96
CA LEU E 4743 5.19 57.25 -57.99
C LEU E 4743 5.67 55.81 -57.89
N ASP E 4744 6.72 55.44 -58.63
CA ASP E 4744 7.27 54.09 -58.52
C ASP E 4744 7.95 53.89 -57.17
N ILE E 4745 8.49 54.95 -56.56
CA ILE E 4745 9.09 54.81 -55.25
C ILE E 4745 8.04 54.46 -54.21
N ALA E 4746 6.80 54.93 -54.39
CA ALA E 4746 5.73 54.63 -53.46
C ALA E 4746 5.43 53.14 -53.41
N MET E 4747 5.65 52.43 -54.51
CA MET E 4747 5.49 50.99 -54.53
C MET E 4747 6.78 50.24 -54.24
N GLY E 4748 7.93 50.87 -54.48
CA GLY E 4748 9.19 50.22 -54.21
C GLY E 4748 9.60 50.22 -52.75
N PHE E 4749 9.24 51.27 -52.02
CA PHE E 4749 9.58 51.35 -50.60
C PHE E 4749 8.49 50.71 -49.75
N LYS E 4750 8.79 50.54 -48.46
CA LYS E 4750 7.87 49.85 -47.56
C LYS E 4750 6.93 50.82 -46.85
N THR E 4751 7.46 51.93 -46.34
CA THR E 4751 6.62 52.87 -45.61
C THR E 4751 5.69 53.65 -46.53
N LEU E 4752 6.11 53.88 -47.78
CA LEU E 4752 5.22 54.56 -48.72
C LEU E 4752 4.09 53.63 -49.18
N ARG E 4753 4.42 52.36 -49.41
CA ARG E 4753 3.37 51.36 -49.61
C ARG E 4753 2.44 51.32 -48.41
N THR E 4754 2.99 51.51 -47.21
CA THR E 4754 2.15 51.55 -46.01
C THR E 4754 1.22 52.75 -46.03
N ILE E 4755 1.71 53.91 -46.47
CA ILE E 4755 0.88 55.11 -46.53
C ILE E 4755 -0.25 54.93 -47.55
N LEU E 4756 0.08 54.35 -48.71
CA LEU E 4756 -0.96 54.12 -49.72
C LEU E 4756 -1.99 53.09 -49.24
N SER E 4757 -1.52 51.99 -48.66
CA SER E 4757 -2.44 51.02 -48.10
C SER E 4757 -3.27 51.64 -46.99
N SER E 4758 -2.74 52.64 -46.29
CA SER E 4758 -3.49 53.32 -45.25
C SER E 4758 -4.59 54.19 -45.84
N VAL E 4759 -4.26 54.95 -46.89
CA VAL E 4759 -5.27 55.79 -47.51
C VAL E 4759 -6.35 54.94 -48.18
N THR E 4760 -6.03 53.68 -48.50
CA THR E 4760 -7.05 52.78 -49.06
C THR E 4760 -7.75 51.92 -48.01
N HIS E 4761 -7.19 51.79 -46.81
CA HIS E 4761 -7.68 50.87 -45.79
C HIS E 4761 -9.10 51.18 -45.34
N ASN E 4762 -9.30 52.33 -44.70
CA ASN E 4762 -10.62 52.71 -44.19
C ASN E 4762 -11.46 53.35 -45.31
N GLY E 4763 -11.64 52.58 -46.37
CA GLY E 4763 -12.32 53.08 -47.55
C GLY E 4763 -13.78 53.46 -47.32
N LYS E 4764 -14.56 52.50 -46.83
CA LYS E 4764 -15.99 52.76 -46.61
C LYS E 4764 -16.19 53.84 -45.56
N GLN E 4765 -15.42 53.79 -44.47
CA GLN E 4765 -15.57 54.81 -43.44
C GLN E 4765 -15.20 56.19 -43.96
N LEU E 4766 -14.13 56.27 -44.77
CA LEU E 4766 -13.72 57.55 -45.33
C LEU E 4766 -14.77 58.11 -46.26
N VAL E 4767 -15.32 57.27 -47.14
CA VAL E 4767 -16.35 57.71 -48.05
C VAL E 4767 -17.58 58.20 -47.28
N LEU E 4768 -17.98 57.45 -46.24
CA LEU E 4768 -19.17 57.84 -45.48
C LEU E 4768 -18.96 59.11 -44.68
N THR E 4769 -17.78 59.31 -44.10
CA THR E 4769 -17.55 60.54 -43.34
C THR E 4769 -17.44 61.74 -44.27
N VAL E 4770 -16.87 61.56 -45.46
CA VAL E 4770 -16.87 62.63 -46.45
C VAL E 4770 -18.30 62.96 -46.88
N GLY E 4771 -19.14 61.92 -46.99
CA GLY E 4771 -20.53 62.16 -47.32
C GLY E 4771 -21.27 62.93 -46.25
N LEU E 4772 -21.03 62.58 -44.97
CA LEU E 4772 -21.65 63.34 -43.88
C LEU E 4772 -21.16 64.78 -43.87
N LEU E 4773 -19.87 64.99 -44.17
CA LEU E 4773 -19.34 66.34 -44.30
C LEU E 4773 -20.08 67.09 -45.39
N ALA E 4774 -20.28 66.45 -46.55
CA ALA E 4774 -21.00 67.10 -47.64
C ALA E 4774 -22.43 67.43 -47.25
N VAL E 4775 -23.09 66.55 -46.50
CA VAL E 4775 -24.48 66.78 -46.14
C VAL E 4775 -24.60 67.92 -45.14
N VAL E 4776 -23.70 67.98 -44.15
CA VAL E 4776 -23.77 69.09 -43.19
C VAL E 4776 -23.39 70.41 -43.84
N VAL E 4777 -22.43 70.37 -44.78
CA VAL E 4777 -22.11 71.58 -45.54
C VAL E 4777 -23.30 72.01 -46.38
N TYR E 4778 -24.06 71.06 -46.92
CA TYR E 4778 -25.25 71.40 -47.67
C TYR E 4778 -26.33 72.00 -46.77
N LEU E 4779 -26.43 71.50 -45.54
CA LEU E 4779 -27.37 72.09 -44.59
C LEU E 4779 -27.01 73.54 -44.29
N TYR E 4780 -25.73 73.79 -44.02
CA TYR E 4780 -25.29 75.18 -43.81
C TYR E 4780 -25.48 76.02 -45.05
N THR E 4781 -25.27 75.45 -46.23
CA THR E 4781 -25.48 76.17 -47.48
C THR E 4781 -26.93 76.57 -47.65
N VAL E 4782 -27.86 75.66 -47.35
CA VAL E 4782 -29.28 75.98 -47.51
C VAL E 4782 -29.71 77.03 -46.51
N VAL E 4783 -29.26 76.92 -45.25
CA VAL E 4783 -29.71 77.91 -44.28
C VAL E 4783 -29.09 79.28 -44.58
N ALA E 4784 -27.86 79.31 -45.10
CA ALA E 4784 -27.24 80.58 -45.47
C ALA E 4784 -27.90 81.18 -46.71
N PHE E 4785 -28.26 80.33 -47.67
CA PHE E 4785 -28.95 80.81 -48.86
C PHE E 4785 -30.32 81.36 -48.51
N ASN E 4786 -31.00 80.76 -47.53
CA ASN E 4786 -32.30 81.26 -47.13
C ASN E 4786 -32.18 82.57 -46.35
N PHE E 4787 -31.43 82.56 -45.26
CA PHE E 4787 -31.42 83.70 -44.33
C PHE E 4787 -30.27 84.66 -44.61
N PHE E 4788 -29.04 84.18 -44.55
CA PHE E 4788 -27.85 85.03 -44.55
C PHE E 4788 -27.23 85.12 -45.95
N ARG E 4789 -28.04 85.58 -46.90
CA ARG E 4789 -27.58 85.67 -48.28
C ARG E 4789 -26.96 87.02 -48.64
N LYS E 4790 -27.10 88.03 -47.77
CA LYS E 4790 -26.55 89.35 -48.03
C LYS E 4790 -25.12 89.52 -47.53
N PHE E 4791 -24.57 88.54 -46.83
CA PHE E 4791 -23.21 88.61 -46.31
C PHE E 4791 -22.18 88.02 -47.26
N TYR E 4792 -22.62 87.27 -48.27
CA TYR E 4792 -21.72 86.61 -49.21
C TYR E 4792 -21.37 87.50 -50.40
N ASN E 4793 -20.86 88.70 -50.10
CA ASN E 4793 -20.44 89.66 -51.12
C ASN E 4793 -18.92 89.64 -51.17
N LYS E 4794 -18.36 88.79 -52.04
CA LYS E 4794 -16.91 88.65 -52.16
C LYS E 4794 -16.35 89.68 -53.15
N SER E 4795 -16.43 90.94 -52.75
CA SER E 4795 -15.89 92.05 -53.54
C SER E 4795 -15.35 93.11 -52.61
N GLU E 4796 -14.37 93.85 -53.10
CA GLU E 4796 -13.74 94.93 -52.33
C GLU E 4796 -14.07 96.32 -52.86
N ASP E 4797 -14.12 96.49 -54.17
CA ASP E 4797 -14.53 97.76 -54.78
C ASP E 4797 -15.74 97.62 -55.67
N GLY E 4798 -15.85 96.52 -56.42
CA GLY E 4798 -16.97 96.30 -57.30
C GLY E 4798 -16.97 97.19 -58.52
N ASP E 4799 -18.01 98.00 -58.67
CA ASP E 4799 -19.12 98.06 -57.71
C ASP E 4799 -20.14 96.96 -57.97
N THR E 4800 -19.87 96.15 -58.98
CA THR E 4800 -20.71 94.99 -59.27
C THR E 4800 -20.54 93.95 -58.17
N PRO E 4801 -21.58 93.67 -57.37
CA PRO E 4801 -21.41 92.71 -56.26
C PRO E 4801 -21.24 91.30 -56.79
N ASP E 4802 -20.18 90.64 -56.33
CA ASP E 4802 -19.92 89.24 -56.67
C ASP E 4802 -20.57 88.34 -55.62
N MET E 4803 -21.90 88.36 -55.62
CA MET E 4803 -22.68 87.60 -54.65
C MET E 4803 -22.50 86.11 -54.89
N LYS E 4804 -21.84 85.44 -53.95
CA LYS E 4804 -21.63 83.99 -54.02
C LYS E 4804 -22.80 83.20 -53.48
N CYS E 4805 -23.90 83.87 -53.14
CA CYS E 4805 -25.04 83.21 -52.50
C CYS E 4805 -26.34 83.41 -53.27
N ASP E 4806 -26.29 84.06 -54.43
CA ASP E 4806 -27.48 84.23 -55.26
C ASP E 4806 -27.79 82.99 -56.10
N ASP E 4807 -27.27 81.83 -55.69
CA ASP E 4807 -27.45 80.58 -56.43
C ASP E 4807 -27.13 79.43 -55.48
N MET E 4808 -27.98 78.40 -55.47
CA MET E 4808 -27.71 77.27 -54.58
C MET E 4808 -26.45 76.52 -54.96
N LEU E 4809 -26.28 76.18 -56.24
CA LEU E 4809 -25.10 75.40 -56.61
C LEU E 4809 -23.83 76.21 -56.39
N THR E 4810 -23.86 77.50 -56.72
CA THR E 4810 -22.70 78.35 -56.49
C THR E 4810 -22.41 78.51 -55.00
N CYS E 4811 -23.44 78.66 -54.18
CA CYS E 4811 -23.23 78.82 -52.74
C CYS E 4811 -22.71 77.53 -52.11
N TYR E 4812 -23.23 76.39 -52.55
CA TYR E 4812 -22.74 75.12 -52.02
C TYR E 4812 -21.30 74.87 -52.44
N MET E 4813 -20.97 75.19 -53.69
CA MET E 4813 -19.59 75.04 -54.15
C MET E 4813 -18.66 75.96 -53.36
N PHE E 4814 -19.06 77.23 -53.19
CA PHE E 4814 -18.26 78.18 -52.42
C PHE E 4814 -18.06 77.71 -50.99
N HIS E 4815 -19.14 77.22 -50.36
CA HIS E 4815 -19.04 76.69 -49.01
C HIS E 4815 -18.05 75.54 -48.94
N MET E 4816 -18.32 74.46 -49.66
CA MET E 4816 -17.48 73.28 -49.55
C MET E 4816 -16.06 73.52 -50.06
N TYR E 4817 -15.82 74.66 -50.72
CA TYR E 4817 -14.47 75.00 -51.16
C TYR E 4817 -13.72 75.94 -50.22
N VAL E 4818 -14.40 76.84 -49.56
CA VAL E 4818 -13.76 77.88 -48.75
C VAL E 4818 -13.91 77.60 -47.26
N GLY E 4819 -15.13 77.31 -46.81
CA GLY E 4819 -15.36 77.14 -45.39
C GLY E 4819 -14.70 75.92 -44.79
N VAL E 4820 -14.40 74.91 -45.61
CA VAL E 4820 -13.78 73.70 -45.07
C VAL E 4820 -12.27 73.88 -44.95
N ARG E 4821 -11.67 74.65 -45.85
CA ARG E 4821 -10.22 74.85 -45.83
C ARG E 4821 -9.80 76.15 -45.16
N ALA E 4822 -10.74 76.99 -44.73
CA ALA E 4822 -10.37 78.26 -44.15
C ALA E 4822 -9.66 78.10 -42.80
N GLY E 4823 -9.75 76.92 -42.18
CA GLY E 4823 -9.11 76.68 -40.90
C GLY E 4823 -9.73 77.42 -39.73
N GLY E 4824 -10.69 78.31 -39.97
CA GLY E 4824 -11.32 79.05 -38.90
C GLY E 4824 -12.81 79.25 -39.11
N GLY E 4825 -13.46 78.27 -39.73
CA GLY E 4825 -14.87 78.41 -40.05
C GLY E 4825 -15.07 79.06 -41.41
N ILE E 4826 -16.19 79.78 -41.53
CA ILE E 4826 -16.54 80.43 -42.78
C ILE E 4826 -16.65 81.95 -42.64
N GLY E 4827 -16.87 82.46 -41.43
CA GLY E 4827 -17.05 83.88 -41.19
C GLY E 4827 -15.77 84.69 -41.10
N ASP E 4828 -14.62 84.05 -41.17
CA ASP E 4828 -13.37 84.80 -41.16
C ASP E 4828 -13.05 85.31 -42.56
N GLU E 4829 -13.85 84.88 -43.55
CA GLU E 4829 -13.68 85.25 -44.94
C GLU E 4829 -14.88 85.99 -45.54
N ILE E 4830 -16.05 85.95 -44.90
CA ILE E 4830 -17.18 86.76 -45.33
C ILE E 4830 -17.44 87.83 -44.27
N GLU E 4831 -18.22 88.84 -44.66
CA GLU E 4831 -18.32 90.05 -43.87
C GLU E 4831 -19.01 89.81 -42.54
N ASP E 4832 -18.53 90.51 -41.51
CA ASP E 4832 -19.08 90.37 -40.18
C ASP E 4832 -20.45 91.06 -40.10
N PRO E 4833 -21.35 90.58 -39.24
CA PRO E 4833 -22.69 91.17 -39.16
C PRO E 4833 -22.68 92.61 -38.68
N ALA E 4834 -22.11 92.84 -37.50
CA ALA E 4834 -22.00 94.18 -36.92
C ALA E 4834 -23.35 94.90 -36.86
N GLY E 4835 -24.44 94.14 -36.77
CA GLY E 4835 -25.77 94.73 -36.76
C GLY E 4835 -26.77 93.89 -36.00
N ASP E 4836 -27.52 94.52 -35.10
CA ASP E 4836 -28.47 93.80 -34.24
C ASP E 4836 -29.79 93.55 -34.97
N GLU E 4837 -29.68 92.87 -36.10
CA GLU E 4837 -30.82 92.33 -36.83
C GLU E 4837 -30.71 90.83 -37.02
N TYR E 4838 -29.50 90.31 -37.21
CA TYR E 4838 -29.26 88.88 -37.29
C TYR E 4838 -27.92 88.48 -36.66
N GLU E 4839 -27.33 89.30 -35.78
CA GLU E 4839 -25.95 89.03 -35.37
C GLU E 4839 -25.87 87.76 -34.54
N ILE E 4840 -26.84 87.52 -33.64
CA ILE E 4840 -26.74 86.37 -32.76
C ILE E 4840 -26.92 85.08 -33.56
N TYR E 4841 -27.87 85.06 -34.49
CA TYR E 4841 -28.06 83.88 -35.32
C TYR E 4841 -26.86 83.64 -36.23
N ARG E 4842 -26.26 84.72 -36.72
CA ARG E 4842 -25.07 84.59 -37.56
C ARG E 4842 -23.90 84.05 -36.74
N ILE E 4843 -23.75 84.54 -35.52
CA ILE E 4843 -22.71 84.07 -34.62
C ILE E 4843 -22.88 82.59 -34.33
N ILE E 4844 -24.11 82.18 -33.98
CA ILE E 4844 -24.38 80.77 -33.72
C ILE E 4844 -24.09 79.93 -34.97
N PHE E 4845 -24.46 80.44 -36.14
CA PHE E 4845 -24.17 79.77 -37.39
C PHE E 4845 -22.67 79.50 -37.54
N ASP E 4846 -21.84 80.51 -37.28
CA ASP E 4846 -20.40 80.34 -37.49
C ASP E 4846 -19.76 79.45 -36.42
N ILE E 4847 -20.16 79.58 -35.15
CA ILE E 4847 -19.57 78.69 -34.15
C ILE E 4847 -19.99 77.25 -34.41
N THR E 4848 -21.24 77.03 -34.82
CA THR E 4848 -21.67 75.68 -35.18
C THR E 4848 -20.90 75.16 -36.40
N PHE E 4849 -20.65 76.03 -37.38
CA PHE E 4849 -19.88 75.60 -38.55
C PHE E 4849 -18.46 75.24 -38.15
N PHE E 4850 -17.78 76.16 -37.45
CA PHE E 4850 -16.40 75.93 -37.03
C PHE E 4850 -16.29 74.74 -36.09
N PHE E 4851 -17.37 74.39 -35.39
CA PHE E 4851 -17.42 73.14 -34.63
C PHE E 4851 -17.54 71.93 -35.53
N PHE E 4852 -18.71 71.77 -36.16
CA PHE E 4852 -19.04 70.49 -36.78
C PHE E 4852 -18.19 70.23 -38.01
N VAL E 4853 -17.93 71.27 -38.80
CA VAL E 4853 -17.22 71.07 -40.06
C VAL E 4853 -15.70 71.12 -39.90
N ILE E 4854 -15.19 71.99 -39.03
CA ILE E 4854 -13.75 72.23 -38.98
C ILE E 4854 -13.09 71.35 -37.92
N VAL E 4855 -13.49 71.52 -36.66
CA VAL E 4855 -12.82 70.86 -35.54
C VAL E 4855 -13.47 69.53 -35.17
N ILE E 4856 -14.36 69.02 -36.01
CA ILE E 4856 -14.93 67.70 -35.76
C ILE E 4856 -14.74 66.78 -36.95
N LEU E 4857 -15.38 67.12 -38.08
CA LEU E 4857 -15.45 66.18 -39.19
C LEU E 4857 -14.12 66.07 -39.91
N LEU E 4858 -13.48 67.21 -40.20
CA LEU E 4858 -12.12 67.15 -40.72
C LEU E 4858 -11.20 66.42 -39.75
N ALA E 4859 -11.35 66.69 -38.45
CA ALA E 4859 -10.54 65.99 -37.46
C ALA E 4859 -10.81 64.49 -37.47
N ILE E 4860 -12.08 64.09 -37.63
CA ILE E 4860 -12.40 62.67 -37.69
C ILE E 4860 -11.77 62.02 -38.92
N ILE E 4861 -11.77 62.73 -40.05
CA ILE E 4861 -11.17 62.18 -41.26
C ILE E 4861 -9.65 62.05 -41.10
N GLN E 4862 -9.03 63.11 -40.58
CA GLN E 4862 -7.60 63.08 -40.30
C GLN E 4862 -7.24 61.93 -39.38
N GLY E 4863 -8.05 61.73 -38.33
CA GLY E 4863 -7.81 60.62 -37.43
C GLY E 4863 -8.01 59.28 -38.10
N LEU E 4864 -8.96 59.20 -39.03
CA LEU E 4864 -9.18 57.95 -39.76
C LEU E 4864 -7.92 57.56 -40.53
N ILE E 4865 -7.36 58.51 -41.30
CA ILE E 4865 -6.14 58.17 -42.04
C ILE E 4865 -4.98 57.87 -41.07
N ILE E 4866 -4.81 58.68 -40.02
CA ILE E 4866 -3.64 58.48 -39.16
C ILE E 4866 -3.76 57.16 -38.39
N ASP E 4867 -4.96 56.82 -37.94
CA ASP E 4867 -5.16 55.56 -37.23
C ASP E 4867 -5.05 54.36 -38.17
N ALA E 4868 -5.46 54.50 -39.43
CA ALA E 4868 -5.21 53.42 -40.39
C ALA E 4868 -3.71 53.22 -40.59
N PHE E 4869 -2.96 54.32 -40.73
CA PHE E 4869 -1.51 54.23 -40.89
C PHE E 4869 -0.87 53.57 -39.67
N GLY E 4870 -1.30 54.00 -38.47
CA GLY E 4870 -0.75 53.41 -37.26
C GLY E 4870 -1.09 51.95 -37.10
N GLU E 4871 -2.31 51.56 -37.48
CA GLU E 4871 -2.69 50.16 -37.40
C GLU E 4871 -1.89 49.31 -38.37
N LEU E 4872 -1.65 49.81 -39.58
CA LEU E 4872 -0.84 49.06 -40.53
C LEU E 4872 0.58 48.89 -40.02
N ARG E 4873 1.16 49.97 -39.50
CA ARG E 4873 2.50 49.89 -38.93
C ARG E 4873 2.56 48.92 -37.76
N ASP E 4874 1.54 48.95 -36.89
CA ASP E 4874 1.52 48.07 -35.74
C ASP E 4874 1.35 46.61 -36.15
N GLN E 4875 0.56 46.35 -37.19
CA GLN E 4875 0.44 44.99 -37.70
C GLN E 4875 1.77 44.50 -38.26
N GLN E 4876 2.49 45.38 -38.97
CA GLN E 4876 3.80 44.99 -39.50
C GLN E 4876 4.77 44.66 -38.37
N GLU E 4877 4.88 45.54 -37.37
CA GLU E 4877 5.80 45.27 -36.27
C GLU E 4877 5.36 44.09 -35.42
N GLN E 4878 4.05 43.82 -35.34
CA GLN E 4878 3.58 42.64 -34.61
C GLN E 4878 3.94 41.36 -35.34
N VAL E 4879 3.80 41.36 -36.67
CA VAL E 4879 4.25 40.22 -37.46
C VAL E 4879 5.75 39.99 -37.24
N LYS E 4880 6.53 41.08 -37.23
CA LYS E 4880 7.97 40.94 -36.99
C LYS E 4880 8.25 40.38 -35.61
N GLU E 4881 7.56 40.88 -34.59
CA GLU E 4881 7.79 40.41 -33.22
C GLU E 4881 7.36 38.95 -33.05
N ASP E 4882 6.29 38.54 -33.74
CA ASP E 4882 5.87 37.14 -33.66
C ASP E 4882 6.86 36.23 -34.37
N MET E 4883 7.43 36.69 -35.49
CA MET E 4883 8.44 35.88 -36.16
C MET E 4883 9.73 35.82 -35.36
N GLU E 4884 9.99 36.84 -34.54
CA GLU E 4884 11.23 36.88 -33.77
C GLU E 4884 11.13 36.15 -32.43
N THR E 4885 9.97 36.17 -31.78
CA THR E 4885 9.82 35.62 -30.43
C THR E 4885 8.74 34.54 -30.36
N LYS E 4886 8.58 33.77 -31.44
CA LYS E 4886 7.61 32.69 -31.46
C LYS E 4886 7.91 31.78 -32.64
N CYS E 4887 7.75 30.48 -32.45
CA CYS E 4887 7.99 29.52 -33.52
C CYS E 4887 6.80 29.49 -34.48
N PHE E 4888 7.10 29.25 -35.75
CA PHE E 4888 6.05 29.23 -36.76
C PHE E 4888 5.27 27.92 -36.74
N ILE E 4889 5.99 26.79 -36.72
CA ILE E 4889 5.32 25.49 -36.84
C ILE E 4889 4.56 25.15 -35.56
N CYS E 4890 5.28 25.04 -34.45
CA CYS E 4890 4.66 24.64 -33.19
C CYS E 4890 4.09 25.84 -32.44
N GLY E 4891 4.86 26.92 -32.33
CA GLY E 4891 4.39 28.08 -31.60
C GLY E 4891 4.32 27.86 -30.10
N ILE E 4892 5.25 27.08 -29.54
CA ILE E 4892 5.26 26.86 -28.10
C ILE E 4892 5.53 28.17 -27.37
N GLY E 4893 6.40 29.00 -27.92
CA GLY E 4893 6.74 30.27 -27.30
C GLY E 4893 8.23 30.47 -27.36
N ASN E 4894 8.69 31.51 -26.66
CA ASN E 4894 10.11 31.81 -26.59
C ASN E 4894 10.74 31.44 -25.26
N ASP E 4895 10.06 31.73 -24.14
CA ASP E 4895 10.65 31.53 -22.82
C ASP E 4895 10.97 30.07 -22.55
N TYR E 4896 10.23 29.14 -23.16
CA TYR E 4896 10.53 27.72 -22.98
C TYR E 4896 11.90 27.38 -23.53
N PHE E 4897 12.25 27.93 -24.68
CA PHE E 4897 13.56 27.70 -25.27
C PHE E 4897 14.63 28.64 -24.73
N ASP E 4898 14.24 29.72 -24.03
CA ASP E 4898 15.22 30.62 -23.43
C ASP E 4898 15.77 30.05 -22.13
N THR E 4899 16.27 28.81 -22.19
CA THR E 4899 16.88 28.16 -21.03
C THR E 4899 18.35 27.89 -21.24
N VAL E 4900 18.72 27.27 -22.36
CA VAL E 4900 20.12 27.09 -22.71
C VAL E 4900 20.53 28.29 -23.57
N PRO E 4901 21.82 28.61 -23.68
CA PRO E 4901 22.21 29.72 -24.54
C PRO E 4901 21.92 29.43 -26.01
N HIS E 4902 21.43 30.47 -26.70
CA HIS E 4902 21.06 30.39 -28.11
C HIS E 4902 19.98 29.35 -28.36
N GLY E 4903 19.17 29.07 -27.34
CA GLY E 4903 18.24 27.96 -27.42
C GLY E 4903 17.18 28.15 -28.49
N PHE E 4904 16.46 29.26 -28.44
CA PHE E 4904 15.40 29.50 -29.40
C PHE E 4904 15.95 29.65 -30.82
N GLU E 4905 17.11 30.28 -30.96
CA GLU E 4905 17.70 30.45 -32.29
C GLU E 4905 18.08 29.10 -32.89
N THR E 4906 18.71 28.22 -32.10
CA THR E 4906 19.02 26.89 -32.61
C THR E 4906 17.77 26.07 -32.86
N HIS E 4907 16.73 26.25 -32.05
CA HIS E 4907 15.48 25.52 -32.27
C HIS E 4907 14.81 25.95 -33.57
N THR E 4908 14.89 27.23 -33.90
CA THR E 4908 14.29 27.75 -35.13
C THR E 4908 15.16 27.56 -36.35
N LEU E 4909 16.47 27.36 -36.18
CA LEU E 4909 17.35 27.19 -37.34
C LEU E 4909 17.68 25.73 -37.63
N GLN E 4910 17.50 24.83 -36.67
CA GLN E 4910 17.85 23.42 -36.86
C GLN E 4910 16.65 22.50 -36.77
N GLU E 4911 15.81 22.65 -35.74
CA GLU E 4911 14.77 21.67 -35.49
C GLU E 4911 13.51 21.98 -36.31
N HIS E 4912 13.06 23.24 -36.29
CA HIS E 4912 11.79 23.59 -36.91
C HIS E 4912 11.97 24.62 -38.04
N ASN E 4913 12.95 24.39 -38.91
CA ASN E 4913 13.23 25.31 -40.00
C ASN E 4913 12.19 25.14 -41.11
N LEU E 4914 11.58 26.25 -41.51
CA LEU E 4914 10.63 26.21 -42.62
C LEU E 4914 11.31 25.79 -43.91
N ALA E 4915 12.55 26.25 -44.12
CA ALA E 4915 13.32 25.79 -45.27
C ALA E 4915 13.54 24.29 -45.20
N ASN E 4916 13.78 23.77 -44.00
CA ASN E 4916 13.94 22.32 -43.85
C ASN E 4916 12.66 21.58 -44.20
N TYR E 4917 11.51 22.11 -43.76
CA TYR E 4917 10.23 21.47 -44.09
C TYR E 4917 9.99 21.49 -45.59
N LEU E 4918 10.29 22.61 -46.24
CA LEU E 4918 10.12 22.70 -47.68
C LEU E 4918 11.03 21.73 -48.42
N PHE E 4919 12.28 21.63 -47.98
CA PHE E 4919 13.21 20.70 -48.59
C PHE E 4919 12.78 19.26 -48.36
N PHE E 4920 12.16 18.97 -47.20
CA PHE E 4920 11.65 17.63 -46.96
C PHE E 4920 10.49 17.30 -47.87
N LEU E 4921 9.60 18.27 -48.12
CA LEU E 4921 8.52 18.04 -49.07
C LEU E 4921 9.06 17.82 -50.47
N MET E 4922 10.06 18.60 -50.88
CA MET E 4922 10.68 18.41 -52.19
C MET E 4922 11.35 17.05 -52.28
N TYR E 4923 11.98 16.60 -51.20
CA TYR E 4923 12.62 15.30 -51.17
C TYR E 4923 11.59 14.18 -51.27
N LEU E 4924 10.46 14.33 -50.60
CA LEU E 4924 9.39 13.34 -50.73
C LEU E 4924 8.85 13.29 -52.15
N ILE E 4925 8.73 14.46 -52.80
CA ILE E 4925 8.22 14.49 -54.16
C ILE E 4925 9.20 13.84 -55.13
N ASN E 4926 10.50 14.10 -54.94
CA ASN E 4926 11.53 13.53 -55.80
C ASN E 4926 12.19 12.31 -55.19
N LYS E 4927 11.47 11.56 -54.35
CA LYS E 4927 12.03 10.43 -53.64
C LYS E 4927 11.87 9.10 -54.37
N ASP E 4928 11.08 9.05 -55.44
CA ASP E 4928 10.88 7.82 -56.21
C ASP E 4928 10.32 6.71 -55.32
N GLU E 4929 9.06 6.91 -54.92
CA GLU E 4929 8.37 6.07 -53.95
C GLU E 4929 8.45 4.59 -54.29
N THR E 4930 8.13 3.75 -53.30
CA THR E 4930 8.50 2.34 -53.12
C THR E 4930 9.89 2.27 -52.53
N GLU E 4931 10.55 3.40 -52.30
CA GLU E 4931 11.79 3.48 -51.54
C GLU E 4931 11.65 4.33 -50.29
N HIS E 4932 10.46 4.84 -50.00
CA HIS E 4932 10.24 5.63 -48.80
C HIS E 4932 10.44 4.78 -47.56
N THR E 4933 10.92 5.41 -46.49
CA THR E 4933 10.94 4.78 -45.19
C THR E 4933 9.54 4.78 -44.59
N GLY E 4934 9.42 4.31 -43.35
CA GLY E 4934 8.12 4.31 -42.71
C GLY E 4934 7.58 5.70 -42.48
N GLN E 4935 8.38 6.56 -41.85
CA GLN E 4935 7.95 7.93 -41.57
C GLN E 4935 7.74 8.70 -42.87
N GLU E 4936 8.63 8.53 -43.84
CA GLU E 4936 8.50 9.24 -45.11
C GLU E 4936 7.23 8.82 -45.84
N SER E 4937 6.94 7.51 -45.88
CA SER E 4937 5.72 7.05 -46.53
C SER E 4937 4.49 7.52 -45.78
N TYR E 4938 4.56 7.57 -44.45
CA TYR E 4938 3.43 8.07 -43.67
C TYR E 4938 3.14 9.54 -43.98
N VAL E 4939 4.20 10.36 -43.99
CA VAL E 4939 4.03 11.77 -44.29
C VAL E 4939 3.55 11.97 -45.72
N TRP E 4940 4.04 11.15 -46.65
CA TRP E 4940 3.60 11.26 -48.04
C TRP E 4940 2.13 10.87 -48.18
N LYS E 4941 1.69 9.85 -47.44
CA LYS E 4941 0.28 9.47 -47.48
C LYS E 4941 -0.59 10.57 -46.89
N MET E 4942 -0.13 11.19 -45.80
CA MET E 4942 -0.89 12.30 -45.22
C MET E 4942 -0.96 13.48 -46.20
N TYR E 4943 0.15 13.77 -46.88
CA TYR E 4943 0.15 14.88 -47.83
C TYR E 4943 -0.72 14.59 -49.04
N GLN E 4944 -0.77 13.33 -49.47
CA GLN E 4944 -1.63 12.97 -50.60
C GLN E 4944 -3.10 13.04 -50.20
N GLU E 4945 -3.45 12.59 -49.00
CA GLU E 4945 -4.82 12.68 -48.53
C GLU E 4945 -5.17 14.06 -47.97
N ARG E 4946 -4.22 14.98 -47.94
CA ARG E 4946 -4.46 16.37 -47.57
C ARG E 4946 -5.03 16.46 -46.15
N CYS E 4947 -4.19 16.08 -45.18
CA CYS E 4947 -4.60 16.05 -43.78
C CYS E 4947 -3.74 16.93 -42.90
N TRP E 4948 -2.41 16.83 -43.01
CA TRP E 4948 -1.47 17.72 -42.31
C TRP E 4948 -1.57 17.60 -40.79
N GLU E 4949 -1.83 16.40 -40.30
CA GLU E 4949 -1.71 16.16 -38.87
C GLU E 4949 -0.30 15.79 -38.46
N PHE E 4950 0.63 15.66 -39.40
CA PHE E 4950 2.02 15.34 -39.10
C PHE E 4950 2.82 16.55 -38.67
N PHE E 4951 2.24 17.75 -38.69
CA PHE E 4951 2.94 18.92 -38.17
C PHE E 4951 2.80 18.97 -36.66
N PRO E 4952 3.87 19.29 -35.93
CA PRO E 4952 3.77 19.38 -34.47
C PRO E 4952 2.95 20.58 -34.04
N ALA E 4953 1.73 20.34 -33.56
CA ALA E 4953 0.83 21.43 -33.23
C ALA E 4953 1.23 22.12 -31.92
N GLY E 4954 1.22 21.40 -30.82
CA GLY E 4954 1.55 21.97 -29.54
C GLY E 4954 2.55 21.15 -28.75
N ASP E 4955 3.50 20.52 -29.45
CA ASP E 4955 4.52 19.72 -28.80
C ASP E 4955 5.75 19.70 -29.68
N CYS E 4956 6.87 19.30 -29.08
CA CYS E 4956 8.13 19.18 -29.82
C CYS E 4956 8.97 18.11 -29.15
N PHE E 4957 10.16 17.88 -29.72
CA PHE E 4957 11.06 16.86 -29.19
C PHE E 4957 11.49 17.19 -27.77
N ARG E 4958 11.77 18.46 -27.49
CA ARG E 4958 12.23 18.85 -26.16
C ARG E 4958 11.12 18.73 -25.13
N LYS E 4959 9.88 19.06 -25.53
CA LYS E 4959 8.75 18.91 -24.62
C LYS E 4959 8.32 17.45 -24.47
N GLN E 4960 8.69 16.59 -25.41
CA GLN E 4960 8.31 15.18 -25.36
C GLN E 4960 9.31 14.34 -24.57
N TYR E 4961 10.61 14.57 -24.77
CA TYR E 4961 11.65 13.76 -24.15
C TYR E 4961 12.55 14.66 -23.29
N GLU E 4962 13.64 14.07 -22.81
CA GLU E 4962 14.61 14.81 -22.01
C GLU E 4962 15.65 15.49 -22.89
N GLY F 70 -0.83 -90.59 -93.35
CA GLY F 70 -1.92 -89.74 -92.91
C GLY F 70 -2.30 -88.68 -93.93
N VAL F 71 -1.50 -88.55 -94.97
CA VAL F 71 -1.73 -87.57 -96.02
C VAL F 71 -2.57 -88.21 -97.12
N GLU F 72 -3.57 -87.47 -97.60
CA GLU F 72 -4.44 -87.92 -98.68
C GLU F 72 -4.69 -86.74 -99.60
N ILE F 73 -5.63 -86.92 -100.53
CA ILE F 73 -5.96 -85.90 -101.51
C ILE F 73 -7.36 -86.17 -102.03
N GLU F 74 -8.13 -85.10 -102.26
CA GLU F 74 -9.44 -85.22 -102.88
C GLU F 74 -9.52 -84.18 -104.00
N THR F 75 -9.57 -84.63 -105.25
CA THR F 75 -9.54 -83.71 -106.38
C THR F 75 -10.79 -82.84 -106.40
N ILE F 76 -10.58 -81.53 -106.45
CA ILE F 76 -11.67 -80.57 -106.55
C ILE F 76 -11.85 -80.09 -108.00
N SER F 77 -10.74 -79.91 -108.71
CA SER F 77 -10.74 -79.53 -110.12
C SER F 77 -9.47 -80.04 -110.77
N PRO F 78 -9.56 -80.87 -111.81
CA PRO F 78 -8.36 -81.43 -112.42
C PRO F 78 -7.52 -80.35 -113.07
N GLY F 79 -6.20 -80.56 -113.02
CA GLY F 79 -5.25 -79.60 -113.54
C GLY F 79 -4.37 -80.13 -114.64
N ASP F 80 -4.99 -80.88 -115.56
CA ASP F 80 -4.47 -81.44 -116.82
C ASP F 80 -3.53 -82.61 -116.56
N GLY F 81 -3.21 -82.86 -115.29
CA GLY F 81 -2.50 -84.05 -114.84
C GLY F 81 -1.32 -84.50 -115.66
N ARG F 82 -0.54 -83.55 -116.17
CA ARG F 82 0.62 -83.89 -116.98
C ARG F 82 1.94 -83.41 -116.39
N THR F 83 1.99 -82.19 -115.87
CA THR F 83 3.18 -81.67 -115.21
C THR F 83 3.00 -81.73 -113.70
N PHE F 84 4.08 -82.07 -113.00
CA PHE F 84 4.05 -82.26 -111.56
C PHE F 84 5.28 -81.62 -110.93
N PRO F 85 5.15 -81.10 -109.71
CA PRO F 85 6.31 -80.53 -109.03
C PRO F 85 7.36 -81.59 -108.73
N LYS F 86 8.62 -81.19 -108.82
CA LYS F 86 9.75 -82.06 -108.56
C LYS F 86 10.63 -81.44 -107.49
N LYS F 87 11.57 -82.24 -106.99
CA LYS F 87 12.44 -81.79 -105.91
C LYS F 87 13.39 -80.71 -106.42
N GLY F 88 13.49 -79.61 -105.67
CA GLY F 88 14.40 -78.54 -106.02
C GLY F 88 13.77 -77.43 -106.84
N GLN F 89 12.53 -77.07 -106.51
CA GLN F 89 11.81 -76.04 -107.22
C GLN F 89 11.07 -75.15 -106.23
N THR F 90 10.83 -73.90 -106.64
CA THR F 90 10.09 -72.93 -105.84
C THR F 90 8.68 -72.86 -106.42
N CYS F 91 7.82 -73.74 -105.94
CA CYS F 91 6.46 -73.87 -106.47
C CYS F 91 5.53 -72.87 -105.82
N VAL F 92 4.57 -72.39 -106.61
CA VAL F 92 3.64 -71.35 -106.19
C VAL F 92 2.27 -71.98 -105.98
N VAL F 93 1.80 -71.95 -104.74
CA VAL F 93 0.48 -72.46 -104.40
C VAL F 93 -0.40 -71.30 -103.95
N HIS F 94 -1.70 -71.59 -103.87
CA HIS F 94 -2.71 -70.65 -103.37
C HIS F 94 -3.64 -71.51 -102.53
N TYR F 95 -3.47 -71.48 -101.21
CA TYR F 95 -4.19 -72.39 -100.34
C TYR F 95 -5.15 -71.63 -99.43
N THR F 96 -6.11 -72.38 -98.92
CA THR F 96 -7.08 -71.86 -97.95
C THR F 96 -7.27 -72.95 -96.90
N GLY F 97 -6.61 -72.80 -95.75
CA GLY F 97 -6.69 -73.81 -94.72
C GLY F 97 -7.90 -73.64 -93.84
N MET F 98 -8.26 -74.73 -93.15
CA MET F 98 -9.35 -74.70 -92.19
C MET F 98 -9.23 -75.91 -91.28
N LEU F 99 -9.84 -75.80 -90.11
CA LEU F 99 -9.77 -76.85 -89.10
C LEU F 99 -10.72 -77.99 -89.49
N GLN F 100 -10.88 -78.97 -88.60
CA GLN F 100 -11.74 -80.11 -88.88
C GLN F 100 -13.20 -79.71 -88.92
N ASN F 101 -13.63 -78.85 -87.99
CA ASN F 101 -15.02 -78.43 -87.91
C ASN F 101 -15.35 -77.26 -88.84
N GLY F 102 -14.51 -77.00 -89.85
CA GLY F 102 -14.78 -75.96 -90.81
C GLY F 102 -14.32 -74.58 -90.41
N LYS F 103 -13.85 -74.39 -89.18
CA LYS F 103 -13.38 -73.09 -88.74
C LYS F 103 -12.05 -72.75 -89.44
N LYS F 104 -12.07 -71.69 -90.24
CA LYS F 104 -10.88 -71.30 -90.99
C LYS F 104 -9.82 -70.73 -90.05
N PHE F 105 -8.59 -71.23 -90.17
CA PHE F 105 -7.47 -70.75 -89.38
C PHE F 105 -6.38 -70.10 -90.23
N ASP F 106 -6.43 -70.25 -91.55
CA ASP F 106 -5.40 -69.69 -92.42
C ASP F 106 -5.96 -69.62 -93.83
N SER F 107 -5.35 -68.76 -94.65
CA SER F 107 -5.74 -68.60 -96.04
C SER F 107 -4.61 -67.87 -96.76
N SER F 108 -4.70 -67.86 -98.09
CA SER F 108 -3.76 -67.11 -98.92
C SER F 108 -4.45 -66.14 -99.87
N ARG F 109 -5.73 -66.31 -100.16
CA ARG F 109 -6.48 -65.34 -100.95
C ARG F 109 -6.91 -64.13 -100.12
N ASP F 110 -6.68 -64.17 -98.81
CA ASP F 110 -7.03 -63.02 -97.97
C ASP F 110 -6.05 -61.87 -98.19
N ARG F 111 -4.75 -62.14 -98.06
CA ARG F 111 -3.73 -61.13 -98.26
C ARG F 111 -3.42 -60.87 -99.73
N ASN F 112 -4.19 -61.46 -100.65
CA ASN F 112 -4.08 -61.26 -102.09
C ASN F 112 -2.73 -61.66 -102.66
N LYS F 113 -1.91 -62.37 -101.89
CA LYS F 113 -0.60 -62.79 -102.36
C LYS F 113 -0.46 -64.30 -102.32
N PRO F 114 0.11 -64.92 -103.35
CA PRO F 114 0.28 -66.39 -103.34
C PRO F 114 1.32 -66.84 -102.34
N PHE F 115 1.56 -68.15 -102.25
CA PHE F 115 2.53 -68.71 -101.31
C PHE F 115 3.59 -69.47 -102.10
N LYS F 116 4.82 -68.97 -102.07
CA LYS F 116 5.94 -69.61 -102.76
C LYS F 116 6.72 -70.46 -101.77
N PHE F 117 6.90 -71.74 -102.09
CA PHE F 117 7.60 -72.64 -101.18
C PHE F 117 8.41 -73.65 -101.99
N ARG F 118 9.51 -74.10 -101.40
CA ARG F 118 10.36 -75.09 -102.03
C ARG F 118 9.99 -76.49 -101.58
N ILE F 119 10.13 -77.45 -102.48
CA ILE F 119 9.79 -78.83 -102.21
C ILE F 119 11.04 -79.57 -101.75
N GLY F 120 10.91 -80.30 -100.63
CA GLY F 120 12.01 -81.09 -100.12
C GLY F 120 13.05 -80.33 -99.33
N LYS F 121 12.77 -79.08 -98.94
CA LYS F 121 13.71 -78.28 -98.17
C LYS F 121 13.31 -78.17 -96.71
N GLN F 122 12.25 -78.87 -96.30
CA GLN F 122 11.82 -78.93 -94.89
C GLN F 122 11.51 -77.54 -94.33
N GLU F 123 10.71 -76.78 -95.08
CA GLU F 123 10.27 -75.46 -94.64
C GLU F 123 8.78 -75.37 -94.37
N VAL F 124 7.96 -76.20 -95.01
CA VAL F 124 6.53 -76.25 -94.76
C VAL F 124 6.17 -77.63 -94.22
N ILE F 125 4.96 -77.74 -93.65
CA ILE F 125 4.52 -78.98 -93.04
C ILE F 125 4.59 -80.14 -94.02
N LYS F 126 4.86 -81.33 -93.47
CA LYS F 126 4.93 -82.54 -94.28
C LYS F 126 3.59 -82.83 -94.94
N GLY F 127 2.49 -82.67 -94.20
CA GLY F 127 1.18 -82.89 -94.77
C GLY F 127 0.84 -81.98 -95.93
N PHE F 128 1.55 -80.86 -96.06
CA PHE F 128 1.37 -79.96 -97.19
C PHE F 128 2.29 -80.33 -98.35
N GLU F 129 3.58 -80.55 -98.07
CA GLU F 129 4.49 -80.83 -99.18
C GLU F 129 4.25 -82.21 -99.79
N GLU F 130 4.04 -83.23 -98.95
CA GLU F 130 3.75 -84.57 -99.44
C GLU F 130 2.39 -84.67 -100.12
N GLY F 131 1.53 -83.67 -99.95
CA GLY F 131 0.25 -83.66 -100.61
C GLY F 131 0.28 -82.85 -101.89
N ALA F 132 1.10 -81.79 -101.90
CA ALA F 132 1.30 -81.03 -103.12
C ALA F 132 2.19 -81.75 -104.11
N ALA F 133 3.01 -82.69 -103.65
CA ALA F 133 3.84 -83.48 -104.55
C ALA F 133 3.03 -84.45 -105.40
N GLN F 134 1.71 -84.53 -105.22
CA GLN F 134 0.85 -85.42 -105.98
C GLN F 134 -0.21 -84.63 -106.75
N MET F 135 0.10 -83.40 -107.11
CA MET F 135 -0.84 -82.53 -107.83
C MET F 135 -0.21 -82.06 -109.13
N SER F 136 -1.04 -81.38 -109.94
CA SER F 136 -0.62 -80.86 -111.23
C SER F 136 -0.88 -79.36 -111.30
N LEU F 137 -0.26 -78.71 -112.28
CA LEU F 137 -0.39 -77.27 -112.43
C LEU F 137 -1.82 -76.90 -112.80
N GLY F 138 -2.41 -75.98 -112.03
CA GLY F 138 -3.78 -75.59 -112.27
C GLY F 138 -4.80 -76.53 -111.67
N GLN F 139 -4.39 -77.36 -110.71
CA GLN F 139 -5.28 -78.32 -110.07
C GLN F 139 -5.67 -77.82 -108.70
N ARG F 140 -6.93 -77.99 -108.35
CA ARG F 140 -7.44 -77.71 -107.01
C ARG F 140 -7.67 -79.02 -106.29
N ALA F 141 -7.27 -79.09 -105.02
CA ALA F 141 -7.44 -80.29 -104.23
C ALA F 141 -7.82 -79.93 -102.81
N LYS F 142 -8.37 -80.91 -102.11
CA LYS F 142 -8.68 -80.85 -100.69
C LYS F 142 -7.72 -81.81 -100.02
N LEU F 143 -6.70 -81.25 -99.38
CA LEU F 143 -5.72 -82.04 -98.65
C LEU F 143 -6.17 -82.18 -97.19
N THR F 144 -6.24 -83.42 -96.72
CA THR F 144 -6.59 -83.72 -95.35
C THR F 144 -5.35 -84.21 -94.62
N CYS F 145 -5.09 -83.66 -93.44
CA CYS F 145 -3.91 -84.00 -92.67
C CYS F 145 -4.31 -84.69 -91.38
N THR F 146 -3.30 -85.07 -90.61
CA THR F 146 -3.46 -85.66 -89.29
C THR F 146 -2.52 -84.94 -88.34
N PRO F 147 -2.78 -85.01 -87.04
CA PRO F 147 -1.88 -84.31 -86.09
C PRO F 147 -0.43 -84.76 -86.20
N ASP F 148 -0.18 -86.07 -86.28
CA ASP F 148 1.20 -86.56 -86.27
C ASP F 148 1.98 -86.14 -87.50
N VAL F 149 1.31 -85.76 -88.59
CA VAL F 149 2.02 -85.29 -89.78
C VAL F 149 2.00 -83.76 -89.89
N ALA F 150 1.06 -83.08 -89.23
CA ALA F 150 0.93 -81.64 -89.35
C ALA F 150 1.61 -80.91 -88.18
N TYR F 151 1.19 -81.18 -86.95
CA TYR F 151 1.76 -80.48 -85.80
C TYR F 151 2.02 -81.37 -84.59
N GLY F 152 1.51 -82.59 -84.54
CA GLY F 152 1.75 -83.46 -83.42
C GLY F 152 0.86 -83.15 -82.23
N ALA F 153 1.20 -83.76 -81.10
CA ALA F 153 0.44 -83.57 -79.87
C ALA F 153 0.63 -82.19 -79.26
N THR F 154 1.66 -81.45 -79.68
CA THR F 154 1.90 -80.11 -79.15
C THR F 154 1.18 -79.03 -79.94
N GLY F 155 0.89 -79.26 -81.21
CA GLY F 155 0.22 -78.27 -82.04
C GLY F 155 1.04 -77.00 -82.20
N HIS F 156 0.38 -76.01 -82.81
CA HIS F 156 0.96 -74.70 -82.98
C HIS F 156 0.52 -73.81 -81.84
N PRO F 157 1.43 -73.24 -81.04
CA PRO F 157 1.02 -72.48 -79.86
C PRO F 157 0.23 -71.24 -80.21
N GLY F 158 -1.06 -71.23 -79.87
CA GLY F 158 -1.88 -70.05 -80.07
C GLY F 158 -2.97 -70.21 -81.11
N VAL F 159 -2.65 -70.85 -82.23
CA VAL F 159 -3.56 -70.92 -83.37
C VAL F 159 -4.16 -72.31 -83.54
N ILE F 160 -3.36 -73.36 -83.41
CA ILE F 160 -3.79 -74.73 -83.67
C ILE F 160 -3.95 -75.44 -82.34
N PRO F 161 -5.09 -76.06 -82.07
CA PRO F 161 -5.25 -76.83 -80.83
C PRO F 161 -4.49 -78.14 -80.91
N PRO F 162 -4.16 -78.75 -79.77
CA PRO F 162 -3.45 -80.04 -79.81
C PRO F 162 -4.31 -81.13 -80.44
N ASN F 163 -3.68 -81.96 -81.24
CA ASN F 163 -4.34 -83.07 -81.95
C ASN F 163 -5.47 -82.54 -82.83
N ALA F 164 -5.09 -81.72 -83.82
CA ALA F 164 -6.04 -81.11 -84.75
C ALA F 164 -5.73 -81.59 -86.17
N THR F 165 -6.77 -82.06 -86.84
CA THR F 165 -6.65 -82.49 -88.24
C THR F 165 -6.96 -81.30 -89.14
N LEU F 166 -6.03 -80.97 -90.03
CA LEU F 166 -6.15 -79.79 -90.87
C LEU F 166 -6.72 -80.16 -92.24
N ILE F 167 -7.38 -79.18 -92.86
CA ILE F 167 -7.97 -79.34 -94.18
C ILE F 167 -7.59 -78.12 -95.01
N PHE F 168 -6.94 -78.35 -96.15
CA PHE F 168 -6.45 -77.27 -97.00
C PHE F 168 -7.09 -77.36 -98.38
N ASP F 169 -7.61 -76.23 -98.86
CA ASP F 169 -8.02 -76.07 -100.25
C ASP F 169 -6.79 -75.55 -101.01
N VAL F 170 -6.03 -76.48 -101.55
CA VAL F 170 -4.77 -76.16 -102.22
C VAL F 170 -5.01 -76.04 -103.72
N GLU F 171 -4.80 -74.85 -104.28
CA GLU F 171 -4.91 -74.62 -105.71
C GLU F 171 -3.52 -74.28 -106.25
N LEU F 172 -3.03 -75.09 -107.18
CA LEU F 172 -1.67 -74.92 -107.67
C LEU F 172 -1.64 -73.78 -108.70
N LEU F 173 -0.88 -72.73 -108.40
CA LEU F 173 -0.87 -71.55 -109.27
C LEU F 173 0.20 -71.65 -110.34
N ASN F 174 1.46 -71.86 -109.94
CA ASN F 174 2.56 -71.88 -110.90
C ASN F 174 3.63 -72.85 -110.42
N LEU F 175 4.45 -73.29 -111.36
CA LEU F 175 5.54 -74.23 -111.10
C LEU F 175 6.84 -73.61 -111.59
N GLU F 176 7.79 -73.42 -110.66
CA GLU F 176 9.09 -72.85 -111.03
C GLU F 176 10.22 -73.83 -110.69
N ILE G 11 -20.48 2.13 29.18
CA ILE G 11 -20.48 3.46 28.58
C ILE G 11 -21.77 3.74 27.81
N GLN G 12 -22.47 2.69 27.36
CA GLN G 12 -23.75 2.91 26.69
C GLN G 12 -24.80 3.32 27.71
N PHE G 13 -25.38 4.50 27.52
CA PHE G 13 -26.32 5.09 28.46
C PHE G 13 -27.72 4.56 28.18
N LEU G 14 -28.43 4.16 29.22
CA LEU G 14 -29.78 3.62 29.04
C LEU G 14 -30.70 4.72 28.55
N ARG G 15 -31.26 4.52 27.36
CA ARG G 15 -32.22 5.46 26.78
C ARG G 15 -33.64 5.02 27.14
N THR G 16 -34.62 5.62 26.48
CA THR G 16 -36.03 5.29 26.66
C THR G 16 -36.46 4.36 25.54
N ASP G 17 -37.45 3.50 25.85
CA ASP G 17 -38.00 2.54 24.88
C ASP G 17 -36.96 1.47 24.51
N ASP G 18 -36.40 0.82 25.53
CA ASP G 18 -35.43 -0.24 25.37
C ASP G 18 -35.72 -1.38 26.34
N GLU G 19 -35.66 -2.62 25.84
CA GLU G 19 -35.78 -3.77 26.73
C GLU G 19 -34.54 -3.90 27.58
N VAL G 20 -34.75 -4.02 28.89
CA VAL G 20 -33.70 -4.29 29.86
C VAL G 20 -34.12 -5.49 30.70
N VAL G 21 -33.24 -5.90 31.61
CA VAL G 21 -33.49 -7.03 32.49
C VAL G 21 -33.05 -6.65 33.90
N LEU G 22 -33.93 -6.83 34.87
CA LEU G 22 -33.64 -6.49 36.27
C LEU G 22 -33.04 -7.70 36.95
N GLN G 23 -31.72 -7.79 36.96
CA GLN G 23 -30.99 -8.91 37.56
C GLN G 23 -30.48 -8.52 38.94
N CYS G 24 -30.18 -9.56 39.73
CA CYS G 24 -29.64 -9.37 41.07
C CYS G 24 -28.95 -10.66 41.49
N THR G 25 -28.13 -10.56 42.53
CA THR G 25 -27.37 -11.68 43.04
C THR G 25 -28.03 -12.25 44.29
N ALA G 26 -27.88 -13.56 44.49
CA ALA G 26 -28.41 -14.19 45.69
C ALA G 26 -27.48 -15.32 46.12
N THR G 27 -27.06 -15.29 47.38
CA THR G 27 -26.20 -16.32 47.96
C THR G 27 -27.02 -17.11 48.97
N ILE G 28 -27.41 -18.32 48.58
CA ILE G 28 -28.10 -19.25 49.46
C ILE G 28 -27.29 -20.55 49.47
N HIS G 29 -27.19 -21.19 50.64
CA HIS G 29 -26.36 -22.40 50.81
C HIS G 29 -24.88 -22.11 50.58
N LYS G 30 -24.43 -20.90 50.96
CA LYS G 30 -23.10 -20.41 50.57
C LYS G 30 -22.94 -20.48 49.05
N GLU G 31 -24.02 -20.21 48.33
CA GLU G 31 -24.14 -20.71 46.96
C GLU G 31 -24.72 -19.59 46.11
N GLN G 32 -23.94 -19.12 45.13
CA GLN G 32 -24.26 -17.86 44.47
C GLN G 32 -24.97 -18.07 43.14
N GLN G 33 -25.99 -17.26 42.90
CA GLN G 33 -26.86 -17.42 41.75
C GLN G 33 -27.36 -16.08 41.25
N LYS G 34 -27.59 -16.00 39.94
CA LYS G 34 -28.04 -14.79 39.26
C LYS G 34 -29.55 -14.93 39.01
N LEU G 35 -30.34 -14.03 39.57
CA LEU G 35 -31.80 -14.11 39.47
C LEU G 35 -32.36 -12.82 38.88
N CYS G 36 -33.18 -12.95 37.84
CA CYS G 36 -33.83 -11.80 37.23
C CYS G 36 -35.30 -11.76 37.65
N LEU G 37 -35.86 -10.56 37.58
CA LEU G 37 -37.24 -10.32 38.02
C LEU G 37 -38.17 -10.58 36.84
N ALA G 38 -39.02 -11.60 36.96
CA ALA G 38 -39.95 -11.99 35.92
C ALA G 38 -41.37 -11.97 36.46
N ALA G 39 -42.32 -12.10 35.55
CA ALA G 39 -43.73 -12.09 35.91
C ALA G 39 -44.54 -12.71 34.77
N GLU G 40 -45.50 -13.57 35.13
CA GLU G 40 -46.33 -14.21 34.11
C GLU G 40 -47.33 -13.23 33.52
N GLY G 41 -47.98 -12.43 34.37
CA GLY G 41 -48.91 -11.43 33.90
C GLY G 41 -50.31 -11.96 33.68
N PHE G 42 -50.47 -12.79 32.65
CA PHE G 42 -51.78 -13.34 32.30
C PHE G 42 -52.08 -14.52 33.22
N GLY G 43 -52.96 -14.32 34.20
CA GLY G 43 -53.33 -15.33 35.15
C GLY G 43 -52.73 -15.13 36.53
N ASN G 44 -51.53 -14.55 36.60
CA ASN G 44 -50.88 -14.28 37.87
C ASN G 44 -50.32 -12.87 37.83
N ARG G 45 -50.77 -12.01 38.74
CA ARG G 45 -50.32 -10.63 38.77
C ARG G 45 -48.98 -10.48 39.47
N LEU G 46 -48.77 -11.23 40.55
CA LEU G 46 -47.55 -11.11 41.33
C LEU G 46 -46.33 -11.55 40.51
N CYS G 47 -45.18 -11.00 40.87
CA CYS G 47 -43.92 -11.30 40.21
C CYS G 47 -43.16 -12.40 40.95
N PHE G 48 -42.20 -13.00 40.26
CA PHE G 48 -41.37 -14.07 40.80
C PHE G 48 -39.97 -13.94 40.21
N LEU G 49 -39.11 -14.94 40.42
CA LEU G 49 -37.73 -14.89 39.98
C LEU G 49 -37.46 -15.90 38.88
N GLU G 50 -36.36 -15.68 38.15
CA GLU G 50 -35.93 -16.59 37.12
C GLU G 50 -34.43 -16.82 37.25
N SER G 51 -34.03 -18.08 37.39
CA SER G 51 -32.63 -18.42 37.58
C SER G 51 -31.89 -18.08 36.30
N THR G 52 -31.28 -16.89 36.28
CA THR G 52 -30.75 -16.35 35.03
C THR G 52 -29.44 -17.02 34.67
N SER G 53 -28.60 -17.31 35.66
CA SER G 53 -27.45 -18.16 35.46
C SER G 53 -27.88 -19.63 35.41
N ASN G 54 -26.89 -20.51 35.26
CA ASN G 54 -27.13 -21.95 35.14
C ASN G 54 -28.08 -22.24 33.97
N SER G 55 -27.66 -21.77 32.79
CA SER G 55 -28.46 -21.91 31.59
C SER G 55 -28.00 -23.04 30.68
N LYS G 56 -26.86 -23.67 31.00
CA LYS G 56 -26.40 -24.78 30.17
C LYS G 56 -27.31 -26.00 30.31
N ASN G 57 -28.06 -26.08 31.41
CA ASN G 57 -29.00 -27.18 31.61
C ASN G 57 -30.46 -26.75 31.57
N VAL G 58 -30.78 -25.56 32.10
CA VAL G 58 -32.15 -25.07 32.12
C VAL G 58 -32.15 -23.61 31.68
N PRO G 59 -32.78 -23.27 30.57
CA PRO G 59 -32.79 -21.89 30.10
C PRO G 59 -33.85 -21.08 30.81
N PRO G 60 -33.60 -19.79 31.03
CA PRO G 60 -34.63 -18.93 31.64
C PRO G 60 -35.60 -18.39 30.60
N ASP G 61 -36.63 -17.74 31.12
CA ASP G 61 -37.78 -17.28 30.33
C ASP G 61 -37.62 -15.77 30.08
N LEU G 62 -36.84 -15.44 29.05
CA LEU G 62 -36.56 -14.03 28.77
C LEU G 62 -37.84 -13.27 28.47
N SER G 63 -38.76 -13.90 27.73
CA SER G 63 -39.97 -13.20 27.27
C SER G 63 -40.79 -12.65 28.42
N ILE G 64 -40.72 -13.27 29.60
CA ILE G 64 -41.39 -12.74 30.78
C ILE G 64 -40.42 -12.13 31.79
N CYS G 65 -39.12 -12.30 31.59
CA CYS G 65 -38.15 -11.69 32.49
C CYS G 65 -37.81 -10.25 32.11
N THR G 66 -37.84 -9.91 30.82
CA THR G 66 -37.44 -8.58 30.39
C THR G 66 -38.53 -7.55 30.66
N PHE G 67 -38.11 -6.29 30.70
CA PHE G 67 -39.01 -5.15 30.85
C PHE G 67 -38.52 -4.02 29.96
N VAL G 68 -39.46 -3.19 29.50
CA VAL G 68 -39.15 -2.01 28.69
C VAL G 68 -39.39 -0.77 29.55
N LEU G 69 -38.62 0.28 29.29
CA LEU G 69 -38.83 1.56 29.94
C LEU G 69 -39.83 2.35 29.10
N GLU G 70 -40.99 2.63 29.67
CA GLU G 70 -41.99 3.39 28.91
C GLU G 70 -41.54 4.84 28.75
N GLN G 71 -41.29 5.54 29.86
CA GLN G 71 -40.72 6.88 29.84
C GLN G 71 -39.81 7.06 31.05
N SER G 72 -39.12 8.21 31.12
CA SER G 72 -38.25 8.54 32.25
C SER G 72 -38.47 10.01 32.59
N LEU G 73 -39.25 10.27 33.64
CA LEU G 73 -39.53 11.62 34.07
C LEU G 73 -39.08 11.81 35.51
N SER G 74 -38.79 13.05 35.87
CA SER G 74 -38.41 13.36 37.23
C SER G 74 -39.63 13.28 38.15
N VAL G 75 -39.36 13.21 39.46
CA VAL G 75 -40.44 13.10 40.43
C VAL G 75 -41.32 14.34 40.40
N ARG G 76 -40.74 15.51 40.16
CA ARG G 76 -41.53 16.73 40.16
C ARG G 76 -42.40 16.82 38.92
N ALA G 77 -41.84 16.50 37.75
CA ALA G 77 -42.67 16.45 36.53
C ALA G 77 -43.77 15.40 36.67
N LEU G 78 -43.49 14.29 37.35
CA LEU G 78 -44.53 13.30 37.59
C LEU G 78 -45.62 13.82 38.50
N GLN G 79 -45.25 14.55 39.56
CA GLN G 79 -46.27 15.14 40.43
C GLN G 79 -47.11 16.16 39.67
N GLU G 80 -46.48 16.92 38.78
CA GLU G 80 -47.23 17.84 37.92
C GLU G 80 -48.13 17.08 36.97
N MET G 81 -47.76 15.84 36.60
CA MET G 81 -48.66 15.02 35.80
C MET G 81 -49.83 14.51 36.63
N LEU G 82 -49.59 14.18 37.90
CA LEU G 82 -50.67 13.69 38.75
C LEU G 82 -51.70 14.78 39.02
N ALA G 83 -51.23 15.98 39.37
CA ALA G 83 -52.17 17.10 39.51
C ALA G 83 -52.77 17.47 38.17
N ASN G 84 -51.95 17.47 37.12
CA ASN G 84 -52.40 17.46 35.75
C ASN G 84 -53.16 16.15 35.54
N GLY G 109 -39.29 11.53 21.66
CA GLY G 109 -38.11 10.81 21.19
C GLY G 109 -37.64 9.73 22.13
N HIS G 110 -36.33 9.73 22.41
CA HIS G 110 -35.71 8.75 23.31
C HIS G 110 -34.91 9.53 24.36
N ARG G 111 -35.56 9.89 25.45
CA ARG G 111 -34.89 10.62 26.51
C ARG G 111 -33.89 9.71 27.22
N THR G 112 -32.90 10.33 27.87
CA THR G 112 -31.87 9.61 28.58
C THR G 112 -32.35 9.27 30.00
N LEU G 113 -31.57 8.43 30.67
CA LEU G 113 -31.87 7.99 32.03
C LEU G 113 -30.86 8.58 32.99
N LEU G 114 -31.34 9.28 34.01
CA LEU G 114 -30.51 9.94 35.00
C LEU G 114 -30.92 9.44 36.39
N TYR G 115 -29.95 9.38 37.29
CA TYR G 115 -30.27 8.98 38.65
C TYR G 115 -31.24 9.96 39.30
N GLY G 116 -32.18 9.43 40.06
CA GLY G 116 -33.19 10.24 40.70
C GLY G 116 -34.47 10.42 39.91
N HIS G 117 -34.50 9.99 38.66
CA HIS G 117 -35.72 10.07 37.86
C HIS G 117 -36.75 9.08 38.40
N ALA G 118 -37.98 9.23 37.92
CA ALA G 118 -39.09 8.34 38.25
C ALA G 118 -39.40 7.53 37.00
N ILE G 119 -38.77 6.35 36.88
CA ILE G 119 -38.91 5.54 35.68
C ILE G 119 -40.25 4.84 35.68
N LEU G 120 -40.63 4.30 34.52
CA LEU G 120 -41.84 3.50 34.39
C LEU G 120 -41.48 2.23 33.63
N LEU G 121 -41.76 1.08 34.23
CA LEU G 121 -41.41 -0.20 33.66
C LEU G 121 -42.66 -0.90 33.16
N ARG G 122 -42.67 -1.28 31.88
CA ARG G 122 -43.77 -2.00 31.27
C ARG G 122 -43.31 -3.40 30.89
N HIS G 123 -44.16 -4.38 31.15
CA HIS G 123 -43.84 -5.75 30.79
C HIS G 123 -43.79 -5.89 29.27
N SER G 124 -42.78 -6.61 28.78
CA SER G 124 -42.60 -6.76 27.34
C SER G 124 -43.70 -7.61 26.72
N TYR G 125 -43.93 -8.80 27.28
CA TYR G 125 -44.96 -9.68 26.73
C TYR G 125 -46.36 -9.28 27.17
N SER G 126 -46.63 -9.34 28.48
CA SER G 126 -47.98 -9.17 29.00
C SER G 126 -48.56 -7.79 28.70
N GLY G 127 -47.71 -6.81 28.41
CA GLY G 127 -48.16 -5.48 28.11
C GLY G 127 -48.56 -4.63 29.30
N MET G 128 -48.73 -5.24 30.48
CA MET G 128 -49.06 -4.47 31.67
C MET G 128 -47.82 -3.75 32.20
N TYR G 129 -47.99 -3.03 33.29
CA TYR G 129 -46.95 -2.20 33.87
C TYR G 129 -46.60 -2.68 35.26
N LEU G 130 -45.30 -2.75 35.54
CA LEU G 130 -44.84 -3.17 36.86
C LEU G 130 -45.23 -2.13 37.89
N CYS G 131 -45.78 -2.60 39.01
CA CYS G 131 -46.26 -1.70 40.06
C CYS G 131 -46.08 -2.38 41.41
N CYS G 132 -46.43 -1.65 42.47
CA CYS G 132 -46.36 -2.14 43.84
C CYS G 132 -47.78 -2.31 44.35
N LEU G 133 -48.22 -3.56 44.47
CA LEU G 133 -49.57 -3.83 44.94
C LEU G 133 -49.71 -3.47 46.41
N SER G 134 -50.93 -3.10 46.80
CA SER G 134 -51.24 -2.73 48.17
C SER G 134 -51.60 -3.92 49.04
N THR G 135 -51.35 -5.14 48.56
CA THR G 135 -51.65 -6.36 49.29
C THR G 135 -50.36 -6.95 49.86
N SER G 136 -50.50 -7.66 50.97
CA SER G 136 -49.38 -8.30 51.65
C SER G 136 -49.63 -9.80 51.67
N ARG G 137 -48.85 -10.55 50.91
CA ARG G 137 -48.98 -12.01 50.85
C ARG G 137 -48.12 -12.70 51.91
N SER G 138 -46.85 -12.29 52.02
CA SER G 138 -45.94 -12.86 53.01
C SER G 138 -46.19 -12.22 54.36
N SER G 139 -46.71 -12.99 55.31
CA SER G 139 -46.99 -12.48 56.64
C SER G 139 -45.73 -12.26 57.46
N THR G 140 -44.57 -12.74 57.01
CA THR G 140 -43.33 -12.52 57.75
C THR G 140 -42.95 -11.05 57.74
N ASP G 141 -42.76 -10.47 56.55
CA ASP G 141 -42.43 -9.05 56.43
C ASP G 141 -43.72 -8.26 56.57
N LYS G 142 -44.10 -7.99 57.82
CA LYS G 142 -45.35 -7.33 58.13
C LYS G 142 -45.36 -5.85 57.75
N LEU G 143 -44.23 -5.31 57.26
CA LEU G 143 -44.16 -3.92 56.85
C LEU G 143 -44.15 -3.76 55.34
N ALA G 144 -43.83 -4.82 54.59
CA ALA G 144 -43.61 -4.73 53.16
C ALA G 144 -44.89 -5.00 52.38
N PHE G 145 -44.84 -4.69 51.08
CA PHE G 145 -45.93 -4.89 50.15
C PHE G 145 -45.51 -5.91 49.09
N ASP G 146 -46.45 -6.26 48.23
CA ASP G 146 -46.20 -7.15 47.11
C ASP G 146 -46.11 -6.36 45.82
N VAL G 147 -45.23 -6.81 44.93
CA VAL G 147 -45.08 -6.18 43.62
C VAL G 147 -45.81 -7.03 42.59
N GLY G 148 -46.25 -6.38 41.52
CA GLY G 148 -46.99 -7.07 40.50
C GLY G 148 -47.16 -6.22 39.26
N LEU G 149 -48.09 -6.64 38.41
CA LEU G 149 -48.38 -5.96 37.16
C LEU G 149 -49.81 -5.43 37.20
N GLN G 150 -50.01 -4.25 36.61
CA GLN G 150 -51.32 -3.64 36.55
C GLN G 150 -51.54 -3.06 35.16
N GLU G 151 -52.81 -2.95 34.78
CA GLU G 151 -53.14 -2.50 33.43
C GLU G 151 -53.00 -0.99 33.30
N ASP G 152 -53.71 -0.24 34.14
CA ASP G 152 -53.62 1.21 34.08
C ASP G 152 -52.31 1.69 34.68
N THR G 153 -51.80 2.79 34.12
CA THR G 153 -50.60 3.44 34.63
C THR G 153 -50.90 4.65 35.50
N THR G 154 -52.17 5.00 35.67
CA THR G 154 -52.48 6.20 36.43
C THR G 154 -52.11 6.02 37.90
N GLY G 155 -52.02 7.13 38.60
CA GLY G 155 -51.61 7.12 39.99
C GLY G 155 -50.12 6.89 40.14
N GLU G 156 -49.62 7.28 41.32
CA GLU G 156 -48.21 7.18 41.65
C GLU G 156 -47.83 5.82 42.23
N ALA G 157 -48.69 4.82 42.08
CA ALA G 157 -48.44 3.48 42.61
C ALA G 157 -47.87 2.54 41.55
N CYS G 158 -47.32 3.08 40.46
CA CYS G 158 -46.80 2.26 39.38
C CYS G 158 -45.38 2.65 39.01
N TRP G 159 -45.01 3.90 39.27
CA TRP G 159 -43.71 4.39 38.88
C TRP G 159 -42.64 4.01 39.91
N TRP G 160 -41.39 4.00 39.45
CA TRP G 160 -40.25 3.66 40.28
C TRP G 160 -39.14 4.66 40.07
N THR G 161 -38.38 4.93 41.13
CA THR G 161 -37.26 5.85 41.09
C THR G 161 -35.96 5.08 41.26
N ILE G 162 -34.94 5.50 40.51
CA ILE G 162 -33.62 4.87 40.53
C ILE G 162 -32.70 5.68 41.42
N HIS G 163 -32.00 4.99 42.31
CA HIS G 163 -31.06 5.61 43.22
C HIS G 163 -29.71 4.90 43.13
N PRO G 164 -28.61 5.61 43.35
CA PRO G 164 -27.30 4.97 43.32
C PRO G 164 -27.13 3.98 44.46
N ALA G 165 -26.46 2.88 44.17
CA ALA G 165 -26.22 1.83 45.16
C ALA G 165 -24.77 1.75 45.61
N SER G 166 -23.84 2.41 44.93
CA SER G 166 -22.43 2.30 45.20
C SER G 166 -21.88 3.66 45.64
N LYS G 167 -20.71 3.62 46.27
CA LYS G 167 -20.16 4.83 46.89
C LYS G 167 -19.61 5.76 45.83
N GLN G 168 -19.06 5.19 44.75
CA GLN G 168 -18.38 5.94 43.71
C GLN G 168 -19.32 6.84 42.91
N ARG G 169 -20.62 6.55 42.92
CA ARG G 169 -21.59 7.31 42.15
C ARG G 169 -22.54 8.01 43.09
N SER G 170 -23.09 9.13 42.61
CA SER G 170 -23.97 9.96 43.42
C SER G 170 -25.20 10.29 42.58
N GLU G 171 -26.05 11.17 43.11
CA GLU G 171 -27.22 11.58 42.36
C GLU G 171 -26.84 12.51 41.23
N GLY G 172 -27.48 12.31 40.07
CA GLY G 172 -27.34 13.22 38.95
C GLY G 172 -26.39 12.79 37.86
N GLU G 173 -25.76 11.62 37.97
CA GLU G 173 -24.92 11.14 36.87
C GLU G 173 -25.72 10.21 35.97
N LYS G 174 -25.25 10.07 34.73
CA LYS G 174 -25.87 9.16 33.79
C LYS G 174 -25.53 7.72 34.13
N VAL G 175 -26.52 6.85 34.02
CA VAL G 175 -26.30 5.43 34.25
C VAL G 175 -25.85 4.77 32.94
N ARG G 176 -25.03 3.73 33.07
CA ARG G 176 -24.51 3.00 31.93
C ARG G 176 -24.88 1.54 32.08
N VAL G 177 -24.39 0.70 31.18
CA VAL G 177 -24.64 -0.74 31.26
C VAL G 177 -23.90 -1.32 32.46
N GLY G 178 -24.58 -2.20 33.19
CA GLY G 178 -23.97 -2.97 34.25
C GLY G 178 -23.92 -2.30 35.61
N ASP G 179 -24.40 -1.07 35.73
CA ASP G 179 -24.39 -0.38 37.01
C ASP G 179 -25.47 -0.93 37.92
N ASP G 180 -25.14 -1.10 39.20
CA ASP G 180 -26.07 -1.56 40.21
C ASP G 180 -26.82 -0.38 40.79
N LEU G 181 -28.15 -0.43 40.75
CA LEU G 181 -29.00 0.65 41.24
C LEU G 181 -29.98 0.10 42.28
N ILE G 182 -30.76 1.02 42.86
CA ILE G 182 -31.78 0.68 43.84
C ILE G 182 -33.11 1.26 43.36
N LEU G 183 -34.13 0.42 43.31
CA LEU G 183 -35.46 0.84 42.89
C LEU G 183 -36.31 1.16 44.11
N VAL G 184 -36.95 2.33 44.09
CA VAL G 184 -37.83 2.75 45.18
C VAL G 184 -39.18 3.13 44.58
N SER G 185 -40.26 2.57 45.13
CA SER G 185 -41.57 2.95 44.66
C SER G 185 -41.89 4.38 45.07
N VAL G 186 -42.80 5.01 44.33
CA VAL G 186 -43.18 6.38 44.60
C VAL G 186 -44.21 6.44 45.73
N SER G 187 -45.30 5.68 45.61
CA SER G 187 -46.34 5.75 46.63
C SER G 187 -45.92 5.05 47.92
N SER G 188 -45.49 3.79 47.82
CA SER G 188 -45.15 3.01 49.01
C SER G 188 -43.80 3.40 49.59
N GLU G 189 -42.93 4.01 48.79
CA GLU G 189 -41.60 4.46 49.26
C GLU G 189 -40.81 3.31 49.87
N ARG G 190 -40.84 2.16 49.20
CA ARG G 190 -40.21 0.94 49.66
C ARG G 190 -39.30 0.40 48.58
N TYR G 191 -38.15 -0.13 48.99
CA TYR G 191 -37.18 -0.66 48.03
C TYR G 191 -37.68 -1.96 47.42
N LEU G 192 -37.23 -2.24 46.20
CA LEU G 192 -37.49 -3.52 45.55
C LEU G 192 -36.60 -4.57 46.20
N HIS G 193 -37.05 -5.04 47.36
CA HIS G 193 -36.24 -5.93 48.18
C HIS G 193 -36.37 -7.37 47.72
N LEU G 194 -35.26 -8.10 47.77
CA LEU G 194 -35.25 -9.54 47.49
C LEU G 194 -35.45 -10.26 48.82
N SER G 195 -36.70 -10.30 49.27
CA SER G 195 -37.02 -10.91 50.55
C SER G 195 -36.71 -12.41 50.50
N TYR G 196 -35.76 -12.84 51.33
CA TYR G 196 -35.36 -14.23 51.38
C TYR G 196 -36.31 -15.04 52.24
N GLY G 197 -36.66 -16.24 51.78
CA GLY G 197 -37.52 -17.13 52.53
C GLY G 197 -37.03 -18.55 52.45
N ASN G 198 -37.65 -19.41 53.26
CA ASN G 198 -37.29 -20.82 53.27
C ASN G 198 -37.56 -21.47 51.91
N SER G 199 -38.76 -21.28 51.37
CA SER G 199 -39.11 -21.79 50.07
C SER G 199 -39.78 -20.75 49.18
N SER G 200 -39.99 -19.53 49.67
CA SER G 200 -40.66 -18.48 48.92
C SER G 200 -39.62 -17.42 48.55
N TRP G 201 -38.96 -17.63 47.42
CA TRP G 201 -38.01 -16.66 46.87
C TRP G 201 -38.80 -15.60 46.11
N HIS G 202 -39.49 -14.76 46.87
CA HIS G 202 -40.41 -13.76 46.34
C HIS G 202 -39.88 -12.36 46.61
N VAL G 203 -40.04 -11.48 45.62
CA VAL G 203 -39.60 -10.11 45.73
C VAL G 203 -40.72 -9.26 46.34
N ASP G 204 -40.37 -8.45 47.33
CA ASP G 204 -41.31 -7.57 48.00
C ASP G 204 -40.89 -6.13 47.85
N ALA G 205 -41.78 -5.23 48.25
CA ALA G 205 -41.46 -3.82 48.40
C ALA G 205 -41.20 -3.58 49.89
N ALA G 206 -39.97 -3.86 50.30
CA ALA G 206 -39.57 -3.72 51.69
C ALA G 206 -38.61 -2.55 51.85
N PHE G 207 -38.11 -2.38 53.07
CA PHE G 207 -37.23 -1.28 53.41
C PHE G 207 -35.77 -1.68 53.47
N GLN G 208 -35.42 -2.78 52.81
CA GLN G 208 -34.03 -3.24 52.72
C GLN G 208 -33.58 -3.10 51.28
N GLN G 209 -32.55 -2.30 51.05
CA GLN G 209 -32.07 -2.06 49.70
C GLN G 209 -31.53 -3.34 49.09
N THR G 210 -31.78 -3.51 47.79
CA THR G 210 -31.24 -4.62 47.02
C THR G 210 -30.76 -4.07 45.68
N LEU G 211 -29.47 -4.20 45.44
CA LEU G 211 -28.84 -3.68 44.22
C LEU G 211 -29.28 -4.54 43.04
N TRP G 212 -30.07 -3.94 42.14
CA TRP G 212 -30.67 -4.63 40.99
C TRP G 212 -29.90 -4.24 39.74
N SER G 213 -29.08 -5.16 39.24
CA SER G 213 -28.31 -4.89 38.03
C SER G 213 -29.22 -4.91 36.81
N VAL G 214 -28.94 -4.02 35.85
CA VAL G 214 -29.75 -3.86 34.66
C VAL G 214 -28.94 -4.32 33.45
N ALA G 215 -29.49 -5.29 32.71
CA ALA G 215 -28.84 -5.82 31.51
C ALA G 215 -29.69 -5.49 30.29
N PRO G 216 -29.15 -4.80 29.29
CA PRO G 216 -29.95 -4.44 28.12
C PRO G 216 -30.29 -5.66 27.27
N ILE G 217 -31.35 -5.53 26.48
CA ILE G 217 -31.77 -6.60 25.58
C ILE G 217 -31.86 -6.06 24.16
N SER G 218 -32.62 -4.99 23.99
CA SER G 218 -32.76 -4.33 22.68
C SER G 218 -32.81 -2.84 22.93
N SER G 219 -31.79 -2.13 22.46
CA SER G 219 -31.68 -0.68 22.68
C SER G 219 -32.58 0.12 21.74
N GLY G 220 -33.32 -0.54 20.85
CA GLY G 220 -34.23 0.18 19.97
C GLY G 220 -33.53 1.02 18.92
N SER G 221 -32.43 0.52 18.35
CA SER G 221 -31.67 1.21 17.32
C SER G 221 -32.36 1.01 15.98
N GLU G 222 -31.63 1.28 14.89
CA GLU G 222 -32.21 1.19 13.56
C GLU G 222 -32.39 -0.27 13.14
N ALA G 223 -33.29 -0.98 13.82
CA ALA G 223 -33.71 -2.31 13.39
C ALA G 223 -34.65 -2.17 12.20
N ALA G 224 -34.14 -2.39 11.00
CA ALA G 224 -34.95 -2.23 9.80
C ALA G 224 -36.07 -3.26 9.75
N GLN G 225 -37.24 -2.83 9.30
CA GLN G 225 -38.40 -3.71 9.21
C GLN G 225 -38.13 -4.84 8.21
N GLY G 226 -37.99 -6.05 8.71
CA GLY G 226 -37.70 -7.21 7.89
C GLY G 226 -36.43 -7.95 8.25
N TYR G 227 -35.56 -7.39 9.09
CA TYR G 227 -34.34 -8.07 9.50
C TYR G 227 -34.60 -8.96 10.71
N LEU G 228 -33.80 -10.03 10.83
CA LEU G 228 -33.95 -11.00 11.91
C LEU G 228 -33.43 -10.41 13.22
N ILE G 229 -34.28 -10.40 14.24
CA ILE G 229 -33.91 -9.86 15.54
C ILE G 229 -33.88 -10.99 16.56
N GLY G 230 -32.90 -10.95 17.46
CA GLY G 230 -32.75 -12.00 18.43
C GLY G 230 -33.89 -12.03 19.42
N GLY G 231 -34.06 -13.20 20.03
CA GLY G 231 -35.11 -13.38 21.01
C GLY G 231 -36.52 -13.32 20.45
N ASP G 232 -36.68 -13.57 19.16
CA ASP G 232 -37.97 -13.48 18.49
C ASP G 232 -38.48 -14.86 18.09
N VAL G 233 -39.79 -14.94 17.88
CA VAL G 233 -40.45 -16.15 17.41
C VAL G 233 -40.82 -15.95 15.95
N LEU G 234 -40.71 -17.01 15.15
CA LEU G 234 -40.93 -16.92 13.72
C LEU G 234 -41.44 -18.26 13.20
N ARG G 235 -41.63 -18.32 11.88
CA ARG G 235 -42.00 -19.55 11.19
C ARG G 235 -41.07 -19.73 9.99
N LEU G 236 -40.86 -21.01 9.63
CA LEU G 236 -39.94 -21.38 8.57
C LEU G 236 -40.71 -22.08 7.46
N LEU G 237 -40.70 -21.48 6.28
CA LEU G 237 -41.36 -22.02 5.09
C LEU G 237 -40.31 -22.41 4.05
N HIS G 238 -40.77 -23.05 2.98
CA HIS G 238 -39.90 -23.39 1.87
C HIS G 238 -40.16 -22.44 0.71
N GLY G 239 -39.11 -22.20 -0.09
CA GLY G 239 -39.23 -21.27 -1.20
C GLY G 239 -40.02 -21.80 -2.37
N HIS G 240 -40.04 -23.13 -2.56
CA HIS G 240 -40.73 -23.73 -3.68
C HIS G 240 -41.71 -24.82 -3.24
N MET G 241 -41.83 -25.09 -1.93
CA MET G 241 -42.77 -26.07 -1.41
C MET G 241 -43.62 -25.53 -0.28
N ASP G 242 -43.22 -24.43 0.36
CA ASP G 242 -43.93 -23.83 1.49
C ASP G 242 -44.24 -24.86 2.58
N GLU G 243 -43.23 -25.67 2.88
CA GLU G 243 -43.34 -26.71 3.89
C GLU G 243 -42.89 -26.15 5.24
N CYS G 244 -43.83 -26.07 6.18
CA CYS G 244 -43.57 -25.50 7.48
C CYS G 244 -43.21 -26.58 8.49
N LEU G 245 -42.20 -26.29 9.30
CA LEU G 245 -41.71 -27.21 10.33
C LEU G 245 -42.69 -27.21 11.49
N THR G 246 -43.47 -28.28 11.62
CA THR G 246 -44.54 -28.32 12.62
C THR G 246 -44.46 -29.61 13.43
N VAL G 247 -45.41 -29.73 14.35
CA VAL G 247 -45.60 -30.92 15.19
C VAL G 247 -47.07 -31.32 15.09
N PRO G 248 -47.41 -32.56 15.44
CA PRO G 248 -48.81 -32.98 15.40
C PRO G 248 -49.66 -32.13 16.34
N SER G 249 -50.91 -31.91 15.93
CA SER G 249 -51.83 -31.04 16.66
C SER G 249 -52.35 -31.75 17.91
N GLY G 250 -53.32 -31.12 18.58
CA GLY G 250 -53.87 -31.66 19.81
C GLY G 250 -54.81 -32.83 19.61
N GLU G 251 -54.83 -33.40 18.40
CA GLU G 251 -55.67 -34.57 18.16
C GLU G 251 -55.19 -35.78 18.95
N HIS G 252 -53.91 -35.83 19.29
CA HIS G 252 -53.38 -36.92 20.10
C HIS G 252 -52.65 -36.36 21.32
N GLY G 253 -51.98 -37.23 22.07
CA GLY G 253 -51.33 -36.81 23.30
C GLY G 253 -49.99 -36.15 23.07
N GLU G 254 -49.36 -35.77 24.19
CA GLU G 254 -48.05 -35.15 24.13
C GLU G 254 -47.02 -36.07 23.50
N GLU G 255 -47.21 -37.39 23.62
CA GLU G 255 -46.27 -38.34 23.03
C GLU G 255 -46.26 -38.22 21.51
N GLN G 256 -47.42 -37.96 20.90
CA GLN G 256 -47.46 -37.71 19.47
C GLN G 256 -47.02 -36.28 19.17
N ARG G 257 -47.42 -35.31 20.00
CA ARG G 257 -47.10 -33.92 19.74
C ARG G 257 -45.60 -33.64 19.84
N ARG G 258 -44.84 -34.50 20.50
CA ARG G 258 -43.39 -34.34 20.55
C ARG G 258 -42.73 -34.62 19.21
N THR G 259 -43.44 -35.23 18.27
CA THR G 259 -42.88 -35.53 16.96
C THR G 259 -42.68 -34.24 16.18
N VAL G 260 -41.63 -34.22 15.36
CA VAL G 260 -41.31 -33.09 14.49
C VAL G 260 -41.43 -33.56 13.05
N HIS G 261 -42.07 -32.77 12.20
CA HIS G 261 -42.15 -33.09 10.78
C HIS G 261 -42.42 -31.81 10.01
N TYR G 262 -42.76 -31.97 8.73
CA TYR G 262 -43.17 -30.85 7.89
C TYR G 262 -44.65 -31.00 7.54
N GLU G 263 -45.31 -29.86 7.37
CA GLU G 263 -46.71 -29.84 6.97
C GLU G 263 -46.92 -28.67 6.01
N GLY G 264 -48.15 -28.53 5.55
CA GLY G 264 -48.48 -27.45 4.62
C GLY G 264 -49.96 -27.16 4.65
N GLY G 265 -50.35 -26.15 3.89
CA GLY G 265 -51.75 -25.76 3.81
C GLY G 265 -52.07 -24.67 4.82
N ALA G 266 -53.16 -24.86 5.56
CA ALA G 266 -53.60 -23.88 6.54
C ALA G 266 -52.75 -23.90 7.81
N VAL G 267 -51.82 -24.85 7.95
CA VAL G 267 -51.00 -24.93 9.14
C VAL G 267 -50.03 -23.76 9.23
N SER G 268 -49.78 -23.06 8.11
CA SER G 268 -48.87 -21.92 8.15
C SER G 268 -49.41 -20.79 9.02
N VAL G 269 -50.72 -20.69 9.16
CA VAL G 269 -51.33 -19.65 9.99
C VAL G 269 -51.77 -20.18 11.35
N HIS G 270 -51.51 -21.44 11.64
CA HIS G 270 -51.87 -22.02 12.93
C HIS G 270 -50.90 -21.55 14.01
N ALA G 271 -51.17 -21.94 15.25
CA ALA G 271 -50.35 -21.57 16.39
C ALA G 271 -49.33 -22.63 16.76
N ARG G 272 -49.45 -23.84 16.20
CA ARG G 272 -48.53 -24.93 16.50
C ARG G 272 -47.34 -24.97 15.55
N SER G 273 -47.02 -23.86 14.89
CA SER G 273 -45.93 -23.81 13.93
C SER G 273 -45.03 -22.61 14.20
N LEU G 274 -44.93 -22.18 15.45
CA LEU G 274 -44.13 -21.02 15.83
C LEU G 274 -42.93 -21.47 16.63
N TRP G 275 -41.74 -21.02 16.24
CA TRP G 275 -40.50 -21.39 16.90
C TRP G 275 -39.77 -20.13 17.34
N ARG G 276 -39.42 -20.08 18.63
CA ARG G 276 -38.75 -18.92 19.22
C ARG G 276 -37.27 -19.21 19.36
N LEU G 277 -36.44 -18.25 18.95
CA LEU G 277 -34.98 -18.38 18.98
C LEU G 277 -34.46 -17.67 20.22
N GLU G 278 -34.02 -18.46 21.20
CA GLU G 278 -33.49 -17.93 22.46
C GLU G 278 -31.98 -17.97 22.42
N THR G 279 -31.35 -16.80 22.45
CA THR G 279 -29.90 -16.74 22.41
C THR G 279 -29.32 -17.12 23.78
N LEU G 280 -28.09 -17.65 23.76
CA LEU G 280 -27.47 -18.11 24.99
C LEU G 280 -27.13 -16.95 25.91
N ARG G 281 -26.45 -15.92 25.39
CA ARG G 281 -26.02 -14.81 26.21
C ARG G 281 -27.23 -14.04 26.74
N VAL G 282 -27.12 -13.56 27.98
CA VAL G 282 -28.26 -12.97 28.66
C VAL G 282 -28.34 -11.45 28.52
N ALA G 283 -27.24 -10.78 28.19
CA ALA G 283 -27.27 -9.36 27.88
C ALA G 283 -27.32 -9.20 26.36
N TRP G 284 -28.13 -8.26 25.90
CA TRP G 284 -28.33 -8.02 24.47
C TRP G 284 -28.95 -9.25 23.80
N SER G 285 -29.99 -9.80 24.43
CA SER G 285 -30.66 -10.99 23.91
C SER G 285 -31.46 -10.69 22.66
N GLY G 286 -31.93 -9.46 22.48
CA GLY G 286 -32.66 -9.06 21.29
C GLY G 286 -31.77 -8.36 20.27
N SER G 287 -30.55 -8.88 20.11
CA SER G 287 -29.61 -8.34 19.15
C SER G 287 -29.87 -8.96 17.78
N HIS G 288 -29.15 -8.48 16.78
CA HIS G 288 -29.29 -9.03 15.43
C HIS G 288 -28.61 -10.39 15.36
N ILE G 289 -29.37 -11.39 14.90
CA ILE G 289 -28.84 -12.76 14.83
C ILE G 289 -27.79 -12.83 13.73
N ARG G 290 -26.56 -13.17 14.12
CA ARG G 290 -25.48 -13.37 13.17
C ARG G 290 -25.33 -14.85 12.84
N TRP G 291 -24.63 -15.12 11.74
CA TRP G 291 -24.46 -16.49 11.28
C TRP G 291 -23.52 -17.27 12.20
N GLY G 292 -23.88 -18.51 12.48
CA GLY G 292 -23.02 -19.41 13.24
C GLY G 292 -23.07 -19.25 14.73
N GLN G 293 -24.03 -18.49 15.27
CA GLN G 293 -24.01 -18.43 16.72
C GLN G 293 -25.06 -19.38 17.31
N PRO G 294 -24.81 -19.96 18.47
CA PRO G 294 -25.75 -20.93 19.03
C PRO G 294 -26.99 -20.27 19.61
N PHE G 295 -28.11 -20.99 19.50
CA PHE G 295 -29.38 -20.54 20.06
C PHE G 295 -30.30 -21.74 20.20
N ARG G 296 -31.23 -21.62 21.14
CA ARG G 296 -32.21 -22.66 21.42
C ARG G 296 -33.49 -22.40 20.64
N LEU G 297 -34.12 -23.49 20.21
CA LEU G 297 -35.41 -23.42 19.52
C LEU G 297 -36.50 -23.88 20.49
N ARG G 298 -37.44 -22.99 20.80
CA ARG G 298 -38.53 -23.30 21.71
C ARG G 298 -39.85 -23.29 20.96
N HIS G 299 -40.73 -24.23 21.32
CA HIS G 299 -42.07 -24.30 20.75
C HIS G 299 -43.02 -23.60 21.72
N VAL G 300 -43.42 -22.37 21.37
CA VAL G 300 -44.26 -21.56 22.25
C VAL G 300 -45.66 -22.13 22.40
N THR G 301 -46.05 -23.09 21.56
CA THR G 301 -47.38 -23.69 21.69
C THR G 301 -47.44 -24.67 22.84
N THR G 302 -46.39 -25.48 23.04
CA THR G 302 -46.35 -26.45 24.11
C THR G 302 -45.34 -26.12 25.20
N GLY G 303 -44.33 -25.30 24.91
CA GLY G 303 -43.35 -24.92 25.89
C GLY G 303 -42.13 -25.80 25.98
N LYS G 304 -41.90 -26.67 24.99
CA LYS G 304 -40.76 -27.56 24.98
C LYS G 304 -39.69 -27.07 24.02
N TYR G 305 -38.45 -27.47 24.27
CA TYR G 305 -37.31 -27.07 23.46
C TYR G 305 -36.93 -28.21 22.51
N LEU G 306 -36.55 -27.83 21.29
CA LEU G 306 -36.19 -28.79 20.26
C LEU G 306 -34.78 -29.31 20.54
N SER G 307 -34.70 -30.52 21.08
CA SER G 307 -33.42 -31.17 21.37
C SER G 307 -33.16 -32.27 20.36
N LEU G 308 -31.91 -32.73 20.33
CA LEU G 308 -31.45 -33.74 19.39
C LEU G 308 -30.71 -34.83 20.15
N MET G 309 -31.25 -36.04 20.14
CA MET G 309 -30.59 -37.22 20.67
C MET G 309 -30.18 -38.09 19.48
N GLU G 310 -28.88 -38.33 19.35
CA GLU G 310 -28.36 -39.03 18.17
C GLU G 310 -28.93 -40.43 18.02
N ASP G 311 -29.48 -41.00 19.09
CA ASP G 311 -30.11 -42.32 19.00
C ASP G 311 -31.35 -42.28 18.11
N LYS G 312 -31.90 -41.10 17.85
CA LYS G 312 -33.11 -40.96 17.05
C LYS G 312 -33.04 -39.62 16.32
N ASN G 313 -34.18 -39.14 15.84
CA ASN G 313 -34.26 -37.81 15.25
C ASN G 313 -34.45 -36.79 16.36
N LEU G 314 -34.76 -35.55 15.98
CA LEU G 314 -34.98 -34.50 16.97
C LEU G 314 -36.33 -34.68 17.65
N LEU G 315 -36.40 -34.28 18.91
CA LEU G 315 -37.63 -34.36 19.68
C LEU G 315 -37.78 -33.08 20.49
N LEU G 316 -38.82 -33.03 21.32
CA LEU G 316 -39.11 -31.88 22.16
C LEU G 316 -38.96 -32.30 23.61
N MET G 317 -38.01 -31.68 24.31
CA MET G 317 -37.77 -31.93 25.73
C MET G 317 -37.94 -30.64 26.50
N ASP G 318 -38.52 -30.74 27.69
CA ASP G 318 -38.83 -29.56 28.48
C ASP G 318 -37.54 -28.89 28.96
N LYS G 319 -37.72 -27.76 29.65
CA LYS G 319 -36.59 -26.94 30.08
C LYS G 319 -35.72 -27.63 31.14
N GLU G 320 -36.26 -28.63 31.85
CA GLU G 320 -35.52 -29.24 32.94
C GLU G 320 -34.39 -30.15 32.46
N LYS G 321 -34.47 -30.65 31.24
CA LYS G 321 -33.42 -31.51 30.68
C LYS G 321 -32.95 -30.99 29.33
N ALA G 322 -33.12 -29.69 29.08
CA ALA G 322 -32.74 -29.09 27.80
C ALA G 322 -31.32 -28.53 27.92
N ASP G 323 -30.35 -29.43 27.74
CA ASP G 323 -28.95 -29.06 27.81
C ASP G 323 -28.51 -28.32 26.54
N VAL G 324 -27.53 -27.42 26.72
CA VAL G 324 -27.10 -26.55 25.62
C VAL G 324 -26.46 -27.36 24.50
N LYS G 325 -25.76 -28.44 24.84
CA LYS G 325 -25.02 -29.21 23.84
C LYS G 325 -25.93 -29.98 22.89
N SER G 326 -27.20 -30.22 23.25
CA SER G 326 -28.13 -30.85 22.34
C SER G 326 -29.28 -29.96 21.91
N THR G 327 -29.47 -28.79 22.53
CA THR G 327 -30.52 -27.89 22.11
C THR G 327 -30.01 -26.72 21.28
N ALA G 328 -28.76 -26.30 21.48
CA ALA G 328 -28.22 -25.14 20.79
C ALA G 328 -27.95 -25.46 19.33
N PHE G 329 -28.58 -24.71 18.43
CA PHE G 329 -28.38 -24.84 17.00
C PHE G 329 -27.87 -23.50 16.45
N ALA G 330 -27.52 -23.50 15.17
CA ALA G 330 -26.99 -22.29 14.55
C ALA G 330 -27.43 -22.25 13.10
N PHE G 331 -27.34 -21.06 12.51
CA PHE G 331 -27.73 -20.81 11.12
C PHE G 331 -26.48 -20.51 10.30
N ARG G 332 -26.35 -21.19 9.17
CA ARG G 332 -25.25 -20.96 8.24
C ARG G 332 -25.81 -20.54 6.89
N SER G 333 -24.93 -19.94 6.08
CA SER G 333 -25.29 -19.56 4.73
C SER G 333 -24.98 -20.64 3.70
N SER G 334 -24.07 -21.56 4.03
CA SER G 334 -23.71 -22.66 3.14
C SER G 334 -23.68 -23.97 3.94
N LYS G 335 -23.21 -25.02 3.28
CA LYS G 335 -23.26 -26.37 3.82
C LYS G 335 -21.94 -26.81 4.47
N GLU G 336 -20.85 -26.09 4.22
CA GLU G 336 -19.55 -26.46 4.77
C GLU G 336 -19.46 -26.10 6.26
N LYS G 337 -18.35 -26.50 6.87
CA LYS G 337 -18.08 -26.31 8.29
C LYS G 337 -16.91 -25.35 8.51
N LEU G 338 -16.84 -24.26 7.74
CA LEU G 338 -15.65 -23.42 7.75
C LEU G 338 -15.45 -22.74 9.10
N ASP G 339 -16.53 -22.40 9.79
CA ASP G 339 -16.47 -21.67 11.06
C ASP G 339 -17.23 -22.46 12.12
N VAL G 340 -16.51 -22.87 13.17
CA VAL G 340 -17.16 -23.45 14.34
C VAL G 340 -16.80 -22.63 15.57
N GLY G 341 -15.50 -22.61 15.91
CA GLY G 341 -15.02 -21.83 17.04
C GLY G 341 -14.46 -20.48 16.64
N VAL G 342 -15.30 -19.59 16.12
CA VAL G 342 -14.86 -18.28 15.64
C VAL G 342 -15.26 -17.16 16.61
N ARG G 343 -16.54 -17.01 16.89
CA ARG G 343 -17.01 -15.90 17.70
C ARG G 343 -17.64 -16.41 18.99
N LYS G 344 -17.44 -15.65 20.07
CA LYS G 344 -17.95 -16.02 21.39
C LYS G 344 -18.98 -15.03 21.92
N GLU G 345 -18.72 -13.73 21.83
CA GLU G 345 -19.61 -12.70 22.34
C GLU G 345 -19.30 -11.40 21.61
N VAL G 346 -20.35 -10.65 21.29
CA VAL G 346 -20.22 -9.34 20.65
C VAL G 346 -21.09 -8.38 21.45
N ASP G 347 -20.46 -7.56 22.29
CA ASP G 347 -21.22 -6.69 23.18
C ASP G 347 -21.79 -5.56 22.34
N GLY G 348 -23.04 -5.67 21.94
CA GLY G 348 -23.67 -4.61 21.17
C GLY G 348 -24.96 -5.06 20.55
N MET G 349 -25.60 -4.13 19.84
CA MET G 349 -26.85 -4.44 19.14
C MET G 349 -26.62 -5.36 17.96
N GLY G 350 -25.46 -5.25 17.30
CA GLY G 350 -25.15 -6.09 16.18
C GLY G 350 -25.44 -5.42 14.86
N THR G 351 -25.21 -6.17 13.79
CA THR G 351 -25.37 -5.71 12.43
C THR G 351 -26.52 -6.44 11.74
N SER G 352 -27.31 -5.69 10.98
CA SER G 352 -28.41 -6.25 10.22
C SER G 352 -27.87 -7.18 9.15
N GLU G 353 -27.99 -8.49 9.38
CA GLU G 353 -27.48 -9.49 8.44
C GLU G 353 -28.60 -10.29 7.79
N ILE G 354 -29.44 -10.94 8.58
CA ILE G 354 -30.45 -11.86 8.08
C ILE G 354 -31.77 -11.11 7.93
N LYS G 355 -32.39 -11.25 6.76
CA LYS G 355 -33.68 -10.64 6.49
C LYS G 355 -34.78 -11.69 6.57
N TYR G 356 -36.01 -11.22 6.81
CA TYR G 356 -37.16 -12.11 6.82
C TYR G 356 -37.66 -12.38 5.41
N GLY G 357 -37.47 -11.42 4.50
CA GLY G 357 -37.94 -11.57 3.13
C GLY G 357 -37.20 -12.62 2.32
N ASP G 358 -35.94 -12.34 2.00
CA ASP G 358 -35.13 -13.24 1.17
C ASP G 358 -33.86 -13.60 1.94
N SER G 359 -33.85 -14.82 2.45
CA SER G 359 -32.71 -15.37 3.17
C SER G 359 -32.86 -16.87 3.17
N ILE G 360 -31.82 -17.56 2.72
CA ILE G 360 -31.78 -19.01 2.70
C ILE G 360 -30.79 -19.44 3.76
N CYS G 361 -31.29 -19.84 4.91
CA CYS G 361 -30.46 -20.30 6.01
C CYS G 361 -30.45 -21.82 6.08
N TYR G 362 -29.41 -22.36 6.72
CA TYR G 362 -29.26 -23.79 6.92
C TYR G 362 -29.01 -24.06 8.39
N ILE G 363 -29.81 -24.94 8.99
CA ILE G 363 -29.66 -25.27 10.41
C ILE G 363 -28.47 -26.20 10.58
N GLN G 364 -27.76 -26.04 11.69
CA GLN G 364 -26.61 -26.89 11.97
C GLN G 364 -26.47 -27.05 13.48
N HIS G 365 -26.22 -28.27 13.92
CA HIS G 365 -26.06 -28.56 15.34
C HIS G 365 -24.63 -28.28 15.77
N VAL G 366 -24.46 -27.95 17.05
CA VAL G 366 -23.14 -27.62 17.56
C VAL G 366 -22.31 -28.88 17.79
N ASP G 367 -22.94 -30.02 18.03
CA ASP G 367 -22.22 -31.24 18.35
C ASP G 367 -22.01 -32.13 17.12
N THR G 368 -23.10 -32.55 16.49
CA THR G 368 -23.00 -33.43 15.33
C THR G 368 -22.86 -32.68 14.02
N GLY G 369 -23.40 -31.46 13.95
CA GLY G 369 -23.28 -30.67 12.73
C GLY G 369 -24.14 -31.14 11.59
N LEU G 370 -25.21 -31.87 11.87
CA LEU G 370 -26.10 -32.36 10.83
C LEU G 370 -26.83 -31.20 10.15
N TRP G 371 -27.55 -31.54 9.08
CA TRP G 371 -28.27 -30.57 8.28
C TRP G 371 -29.64 -31.11 7.93
N LEU G 372 -30.61 -30.20 7.75
CA LEU G 372 -31.98 -30.60 7.49
C LEU G 372 -32.10 -31.27 6.12
N THR G 373 -33.02 -32.22 6.02
CA THR G 373 -33.36 -32.88 4.77
C THR G 373 -34.81 -33.35 4.87
N TYR G 374 -35.58 -33.09 3.82
CA TYR G 374 -36.94 -33.59 3.74
C TYR G 374 -36.95 -34.98 3.11
N GLN G 375 -37.78 -35.86 3.65
CA GLN G 375 -37.78 -37.27 3.30
C GLN G 375 -39.10 -37.66 2.65
N ALA G 376 -39.25 -38.96 2.40
CA ALA G 376 -40.47 -39.56 1.89
C ALA G 376 -40.86 -40.75 2.75
N VAL G 377 -40.75 -40.58 4.08
CA VAL G 377 -41.05 -41.66 5.02
C VAL G 377 -42.52 -42.05 5.01
N ASP G 378 -43.39 -41.21 4.46
CA ASP G 378 -44.82 -41.48 4.49
C ASP G 378 -45.17 -42.52 3.42
N VAL G 379 -45.81 -43.61 3.84
CA VAL G 379 -46.17 -44.68 2.91
C VAL G 379 -47.27 -44.23 1.97
N LYS G 380 -47.39 -44.90 0.82
CA LYS G 380 -48.45 -44.56 -0.13
C LYS G 380 -49.83 -45.05 0.29
N SER G 381 -50.00 -45.52 1.52
CA SER G 381 -51.34 -45.97 1.91
C SER G 381 -52.33 -44.80 1.89
N ALA G 382 -51.97 -43.69 2.53
CA ALA G 382 -52.76 -42.46 2.53
C ALA G 382 -51.85 -41.25 2.41
N ARG G 383 -50.95 -41.25 1.43
CA ARG G 383 -50.00 -40.15 1.31
C ARG G 383 -50.68 -38.87 0.84
N MET G 384 -51.49 -38.96 -0.22
CA MET G 384 -52.03 -37.75 -0.84
C MET G 384 -52.91 -36.96 0.13
N GLY G 385 -53.56 -37.63 1.08
CA GLY G 385 -54.38 -36.94 2.04
C GLY G 385 -53.66 -36.56 3.32
N SER G 386 -52.55 -37.24 3.61
CA SER G 386 -51.81 -37.05 4.85
C SER G 386 -50.31 -36.96 4.60
N ILE G 387 -49.92 -36.17 3.60
CA ILE G 387 -48.51 -35.93 3.29
C ILE G 387 -47.79 -35.36 4.51
N GLN G 388 -46.81 -36.09 5.03
CA GLN G 388 -46.02 -35.67 6.20
C GLN G 388 -44.56 -36.02 5.90
N ARG G 389 -43.82 -35.06 5.35
CA ARG G 389 -42.41 -35.27 5.02
C ARG G 389 -41.58 -35.00 6.26
N LYS G 390 -41.33 -36.05 7.03
CA LYS G 390 -40.61 -35.93 8.29
C LYS G 390 -39.19 -35.44 8.04
N ALA G 391 -38.83 -34.32 8.67
CA ALA G 391 -37.49 -33.78 8.53
C ALA G 391 -36.50 -34.60 9.34
N ILE G 392 -35.38 -34.94 8.72
CA ILE G 392 -34.32 -35.71 9.36
C ILE G 392 -33.02 -34.93 9.20
N MET G 393 -32.31 -34.75 10.30
CA MET G 393 -31.00 -34.10 10.26
C MET G 393 -29.96 -35.13 9.84
N HIS G 394 -29.45 -34.99 8.62
CA HIS G 394 -28.47 -35.91 8.05
C HIS G 394 -27.14 -35.19 7.83
N HIS G 395 -26.14 -35.96 7.44
CA HIS G 395 -24.79 -35.43 7.36
C HIS G 395 -24.54 -34.65 6.08
N GLU G 396 -25.07 -35.10 4.94
CA GLU G 396 -24.66 -34.46 3.70
C GLU G 396 -25.40 -33.12 3.54
N GLY G 397 -26.73 -33.18 3.57
CA GLY G 397 -27.55 -32.05 3.19
C GLY G 397 -27.69 -31.93 1.69
N HIS G 398 -28.82 -31.36 1.28
CA HIS G 398 -29.10 -31.11 -0.13
C HIS G 398 -29.31 -29.62 -0.34
N MET G 399 -29.13 -29.19 -1.59
CA MET G 399 -29.29 -27.78 -1.96
C MET G 399 -30.72 -27.48 -2.40
N ASP G 400 -31.69 -27.83 -1.56
CA ASP G 400 -33.08 -27.57 -1.87
C ASP G 400 -33.92 -27.20 -0.64
N ASP G 401 -33.28 -26.97 0.51
CA ASP G 401 -34.03 -26.64 1.72
C ASP G 401 -34.78 -25.33 1.56
N GLY G 402 -34.05 -24.22 1.40
CA GLY G 402 -34.63 -22.91 1.25
C GLY G 402 -35.54 -22.50 2.39
N LEU G 403 -34.98 -22.32 3.58
CA LEU G 403 -35.77 -21.93 4.74
C LEU G 403 -36.00 -20.43 4.71
N ASN G 404 -37.17 -20.03 4.21
CA ASN G 404 -37.60 -18.65 4.25
C ASN G 404 -38.27 -18.37 5.59
N LEU G 405 -38.16 -17.12 6.04
CA LEU G 405 -38.61 -16.76 7.37
C LEU G 405 -39.87 -15.90 7.31
N SER G 406 -40.70 -16.04 8.34
CA SER G 406 -41.89 -15.20 8.51
C SER G 406 -41.95 -14.77 9.97
N ARG G 407 -42.13 -13.47 10.20
CA ARG G 407 -41.87 -12.87 11.50
C ARG G 407 -42.86 -13.27 12.59
N SER G 408 -43.98 -13.92 12.26
CA SER G 408 -44.92 -14.40 13.27
C SER G 408 -45.41 -13.25 14.16
N GLN G 409 -46.22 -12.40 13.55
CA GLN G 409 -46.65 -11.12 14.11
C GLN G 409 -46.94 -11.20 15.61
N HIS G 410 -46.52 -10.14 16.32
CA HIS G 410 -46.60 -10.10 17.77
C HIS G 410 -47.99 -10.43 18.30
N GLU G 411 -49.04 -10.03 17.58
CA GLU G 411 -50.39 -10.42 18.00
C GLU G 411 -50.53 -11.93 18.05
N GLU G 412 -50.13 -12.61 16.96
CA GLU G 412 -50.22 -14.07 16.94
C GLU G 412 -49.31 -14.70 17.99
N SER G 413 -48.13 -14.12 18.20
CA SER G 413 -47.21 -14.67 19.19
C SER G 413 -47.80 -14.59 20.60
N ARG G 414 -48.35 -13.43 20.94
CA ARG G 414 -48.97 -13.27 22.26
C ARG G 414 -50.15 -14.22 22.42
N THR G 415 -50.97 -14.35 21.36
CA THR G 415 -52.10 -15.26 21.43
C THR G 415 -51.65 -16.69 21.67
N ALA G 416 -50.58 -17.13 20.99
CA ALA G 416 -50.13 -18.51 21.15
C ALA G 416 -49.51 -18.75 22.52
N ARG G 417 -48.73 -17.80 23.04
CA ARG G 417 -48.17 -17.98 24.38
C ARG G 417 -49.29 -18.00 25.43
N VAL G 418 -50.35 -17.22 25.21
CA VAL G 418 -51.52 -17.28 26.09
C VAL G 418 -52.19 -18.65 25.99
N ILE G 419 -52.33 -19.17 24.76
CA ILE G 419 -52.90 -20.51 24.60
C ILE G 419 -52.10 -21.51 25.41
N ARG G 420 -50.78 -21.42 25.35
CA ARG G 420 -49.94 -22.34 26.11
C ARG G 420 -50.17 -22.20 27.61
N SER G 421 -50.22 -20.96 28.10
CA SER G 421 -50.39 -20.76 29.54
C SER G 421 -51.74 -21.31 30.02
N THR G 422 -52.82 -21.01 29.32
CA THR G 422 -54.12 -21.51 29.76
C THR G 422 -54.23 -23.02 29.60
N VAL G 423 -53.64 -23.59 28.55
CA VAL G 423 -53.76 -25.04 28.42
C VAL G 423 -52.96 -25.73 29.53
N PHE G 424 -51.82 -25.15 29.93
CA PHE G 424 -51.07 -25.70 31.05
C PHE G 424 -51.88 -25.61 32.34
N LEU G 425 -52.43 -24.43 32.64
CA LEU G 425 -53.20 -24.26 33.86
C LEU G 425 -54.43 -25.16 33.88
N PHE G 426 -55.09 -25.31 32.73
CA PHE G 426 -56.28 -26.13 32.66
C PHE G 426 -55.95 -27.61 32.79
N ASN G 427 -54.79 -28.03 32.27
CA ASN G 427 -54.37 -29.41 32.48
C ASN G 427 -54.04 -29.67 33.94
N ARG G 428 -53.41 -28.70 34.61
CA ARG G 428 -53.17 -28.84 36.04
C ARG G 428 -54.48 -28.97 36.80
N PHE G 429 -55.45 -28.11 36.47
CA PHE G 429 -56.75 -28.15 37.14
C PHE G 429 -57.48 -29.45 36.85
N ILE G 430 -57.40 -29.95 35.61
CA ILE G 430 -58.13 -31.16 35.24
C ILE G 430 -57.51 -32.36 35.94
N ARG G 431 -56.18 -32.41 36.05
CA ARG G 431 -55.53 -33.48 36.80
C ARG G 431 -55.94 -33.43 38.26
N GLY G 432 -55.94 -32.24 38.86
CA GLY G 432 -56.32 -32.12 40.26
C GLY G 432 -57.75 -32.55 40.52
N LEU G 433 -58.68 -32.07 39.69
CA LEU G 433 -60.08 -32.42 39.87
C LEU G 433 -60.32 -33.90 39.60
N ASP G 434 -59.60 -34.48 38.64
CA ASP G 434 -59.72 -35.91 38.37
C ASP G 434 -59.24 -36.73 39.56
N ALA G 435 -58.08 -36.37 40.11
CA ALA G 435 -57.56 -37.05 41.29
C ALA G 435 -58.48 -36.90 42.49
N LEU G 436 -59.16 -35.76 42.60
CA LEU G 436 -60.10 -35.60 43.71
C LEU G 436 -61.38 -36.40 43.49
N SER G 437 -61.81 -36.54 42.24
CA SER G 437 -63.13 -37.12 41.99
C SER G 437 -63.11 -38.65 41.89
N LYS G 438 -62.06 -39.23 41.30
CA LYS G 438 -62.05 -40.68 41.14
C LYS G 438 -62.12 -41.41 42.48
N LYS G 439 -61.47 -40.85 43.49
CA LYS G 439 -61.49 -41.41 44.84
C LYS G 439 -60.92 -40.36 45.78
N VAL G 440 -61.03 -40.63 47.08
CA VAL G 440 -60.44 -39.74 48.06
C VAL G 440 -58.92 -39.83 47.97
N LYS G 441 -58.26 -38.68 48.06
CA LYS G 441 -56.81 -38.61 47.91
C LYS G 441 -56.24 -37.60 48.89
N LEU G 442 -54.93 -37.45 48.87
CA LEU G 442 -54.25 -36.52 49.76
C LEU G 442 -54.47 -35.09 49.27
N PRO G 443 -54.74 -34.14 50.17
CA PRO G 443 -55.07 -32.78 49.74
C PRO G 443 -53.84 -31.97 49.31
N THR G 444 -52.67 -32.60 49.28
CA THR G 444 -51.44 -31.92 48.86
C THR G 444 -51.29 -31.98 47.34
N ILE G 445 -52.33 -31.48 46.67
CA ILE G 445 -52.39 -31.46 45.21
C ILE G 445 -52.54 -30.02 44.75
N ASP G 446 -52.27 -29.80 43.46
CA ASP G 446 -52.34 -28.48 42.85
C ASP G 446 -53.77 -28.25 42.38
N LEU G 447 -54.54 -27.52 43.20
CA LEU G 447 -55.91 -27.13 42.88
C LEU G 447 -55.99 -25.61 42.96
N PRO G 448 -55.47 -24.90 41.96
CA PRO G 448 -55.49 -23.42 42.01
C PRO G 448 -56.84 -22.83 41.63
N ILE G 449 -57.75 -22.84 42.61
CA ILE G 449 -59.09 -22.29 42.38
C ILE G 449 -59.00 -20.80 42.06
N GLU G 450 -58.29 -20.04 42.91
CA GLU G 450 -58.16 -18.61 42.70
C GLU G 450 -57.39 -18.28 41.42
N SER G 451 -56.37 -19.08 41.09
CA SER G 451 -55.61 -18.82 39.87
C SER G 451 -56.45 -19.08 38.63
N VAL G 452 -57.22 -20.17 38.61
CA VAL G 452 -58.04 -20.43 37.43
C VAL G 452 -59.18 -19.42 37.35
N SER G 453 -59.67 -18.93 38.49
CA SER G 453 -60.69 -17.89 38.47
C SER G 453 -60.13 -16.61 37.83
N LEU G 454 -58.93 -16.21 38.26
CA LEU G 454 -58.32 -15.01 37.67
C LEU G 454 -58.00 -15.22 36.20
N SER G 455 -57.57 -16.44 35.83
CA SER G 455 -57.27 -16.71 34.43
C SER G 455 -58.53 -16.62 33.57
N LEU G 456 -59.65 -17.14 34.07
CA LEU G 456 -60.89 -17.04 33.33
C LEU G 456 -61.37 -15.60 33.23
N GLN G 457 -61.23 -14.84 34.32
CA GLN G 457 -61.61 -13.43 34.27
C GLN G 457 -60.75 -12.64 33.28
N ASP G 458 -59.47 -13.01 33.15
CA ASP G 458 -58.62 -12.35 32.16
C ASP G 458 -58.95 -12.79 30.75
N LEU G 459 -59.25 -14.08 30.56
CA LEU G 459 -59.48 -14.58 29.21
C LEU G 459 -60.83 -14.13 28.66
N ILE G 460 -61.83 -13.96 29.52
CA ILE G 460 -63.09 -13.39 29.08
C ILE G 460 -62.88 -11.98 28.54
N GLY G 461 -62.10 -11.16 29.26
CA GLY G 461 -61.76 -9.85 28.76
C GLY G 461 -60.89 -9.90 27.53
N TYR G 462 -60.08 -10.95 27.39
CA TYR G 462 -59.28 -11.13 26.18
C TYR G 462 -60.19 -11.35 24.97
N PHE G 463 -61.22 -12.17 25.12
CA PHE G 463 -62.17 -12.41 24.05
C PHE G 463 -63.37 -11.45 24.08
N HIS G 464 -63.29 -10.38 24.86
CA HIS G 464 -64.38 -9.42 24.93
C HIS G 464 -64.58 -8.76 23.57
N PRO G 465 -65.81 -8.65 23.08
CA PRO G 465 -66.05 -8.01 21.78
C PRO G 465 -65.74 -6.53 21.85
N PRO G 466 -65.44 -5.90 20.71
CA PRO G 466 -65.13 -4.47 20.72
C PRO G 466 -66.37 -3.62 20.96
N ASP G 467 -66.12 -2.37 21.31
CA ASP G 467 -67.20 -1.42 21.57
C ASP G 467 -67.87 -1.00 20.27
N GLU G 468 -69.20 -0.95 20.29
CA GLU G 468 -69.92 -0.49 19.11
C GLU G 468 -69.79 1.01 18.91
N HIS G 469 -69.61 1.77 19.98
CA HIS G 469 -69.44 3.23 19.89
C HIS G 469 -67.96 3.57 19.77
N LEU G 470 -67.36 3.15 18.65
CA LEU G 470 -65.93 3.31 18.43
C LEU G 470 -65.72 3.65 16.96
N GLU G 471 -64.48 4.02 16.63
CA GLU G 471 -64.14 4.29 15.24
C GLU G 471 -64.35 3.02 14.41
N HIS G 472 -64.78 3.20 13.17
CA HIS G 472 -65.15 2.06 12.33
C HIS G 472 -63.94 1.20 12.00
N GLU G 473 -62.85 1.84 11.56
CA GLU G 473 -61.66 1.07 11.17
C GLU G 473 -61.04 0.36 12.37
N ASP G 474 -61.02 1.02 13.53
CA ASP G 474 -60.48 0.37 14.73
C ASP G 474 -61.37 -0.77 15.18
N LYS G 475 -62.70 -0.61 15.05
CA LYS G 475 -63.61 -1.69 15.40
C LYS G 475 -63.41 -2.88 14.46
N GLN G 476 -63.19 -2.62 13.18
CA GLN G 476 -62.94 -3.72 12.23
C GLN G 476 -61.62 -4.40 12.53
N ASN G 477 -60.60 -3.63 12.91
CA ASN G 477 -59.31 -4.22 13.29
C ASN G 477 -59.47 -5.09 14.53
N ARG G 478 -60.22 -4.63 15.53
CA ARG G 478 -60.44 -5.42 16.72
C ARG G 478 -61.26 -6.67 16.42
N LEU G 479 -62.22 -6.57 15.50
CA LEU G 479 -62.99 -7.74 15.10
C LEU G 479 -62.09 -8.77 14.41
N ARG G 480 -61.20 -8.31 13.53
CA ARG G 480 -60.27 -9.23 12.88
C ARG G 480 -59.35 -9.88 13.90
N ALA G 481 -58.86 -9.10 14.88
CA ALA G 481 -58.00 -9.67 15.90
C ALA G 481 -58.74 -10.71 16.74
N LEU G 482 -60.01 -10.43 17.08
CA LEU G 482 -60.80 -11.38 17.84
C LEU G 482 -61.05 -12.65 17.05
N LYS G 483 -61.33 -12.52 15.75
CA LYS G 483 -61.50 -13.69 14.90
C LYS G 483 -60.22 -14.51 14.84
N ASN G 484 -59.08 -13.84 14.73
CA ASN G 484 -57.81 -14.56 14.71
C ASN G 484 -57.57 -15.29 16.02
N ARG G 485 -57.86 -14.65 17.15
CA ARG G 485 -57.70 -15.30 18.44
C ARG G 485 -58.61 -16.51 18.57
N GLN G 486 -59.86 -16.38 18.12
CA GLN G 486 -60.79 -17.50 18.20
C GLN G 486 -60.34 -18.66 17.32
N ASN G 487 -59.86 -18.37 16.11
CA ASN G 487 -59.36 -19.41 15.23
C ASN G 487 -58.14 -20.11 15.84
N LEU G 488 -57.24 -19.34 16.45
CA LEU G 488 -56.07 -19.93 17.07
C LEU G 488 -56.43 -20.79 18.26
N PHE G 489 -57.42 -20.36 19.05
CA PHE G 489 -57.85 -21.17 20.20
C PHE G 489 -58.57 -22.43 19.75
N GLN G 490 -59.31 -22.35 18.65
CA GLN G 490 -60.03 -23.53 18.16
C GLN G 490 -59.05 -24.54 17.56
N GLU G 491 -58.09 -24.08 16.76
CA GLU G 491 -57.17 -25.00 16.10
C GLU G 491 -56.12 -25.57 17.02
N GLU G 492 -56.18 -25.35 18.34
CA GLU G 492 -55.25 -25.95 19.28
C GLU G 492 -55.95 -26.84 20.30
N GLY G 493 -57.23 -27.14 20.10
CA GLY G 493 -57.96 -28.01 20.99
C GLY G 493 -58.26 -27.40 22.33
N MET G 494 -58.84 -26.20 22.34
CA MET G 494 -59.21 -25.54 23.58
C MET G 494 -60.67 -25.71 23.94
N ILE G 495 -61.57 -25.80 22.95
CA ILE G 495 -62.99 -25.95 23.24
C ILE G 495 -63.24 -27.28 23.94
N ASN G 496 -62.61 -28.35 23.46
CA ASN G 496 -62.77 -29.65 24.11
C ASN G 496 -62.18 -29.65 25.52
N LEU G 497 -61.09 -28.92 25.73
CA LEU G 497 -60.55 -28.78 27.08
C LEU G 497 -61.53 -28.08 28.01
N VAL G 498 -62.15 -27.00 27.53
CA VAL G 498 -63.16 -26.30 28.32
C VAL G 498 -64.32 -27.23 28.60
N LEU G 499 -64.71 -28.05 27.63
CA LEU G 499 -65.79 -29.02 27.85
C LEU G 499 -65.42 -30.05 28.90
N GLU G 500 -64.18 -30.51 28.89
CA GLU G 500 -63.74 -31.48 29.90
C GLU G 500 -63.76 -30.86 31.29
N CYS G 501 -63.29 -29.62 31.42
CA CYS G 501 -63.36 -28.94 32.71
C CYS G 501 -64.81 -28.74 33.14
N ILE G 502 -65.70 -28.40 32.21
CA ILE G 502 -67.11 -28.25 32.53
C ILE G 502 -67.71 -29.57 33.02
N ASP G 503 -67.32 -30.68 32.39
CA ASP G 503 -67.83 -31.98 32.81
C ASP G 503 -67.35 -32.33 34.20
N ARG G 504 -66.05 -32.17 34.46
CA ARG G 504 -65.51 -32.50 35.77
C ARG G 504 -65.97 -31.55 36.85
N LEU G 505 -66.48 -30.38 36.49
CA LEU G 505 -67.10 -29.50 37.48
C LEU G 505 -68.58 -29.79 37.69
N HIS G 506 -69.26 -30.34 36.68
CA HIS G 506 -70.66 -30.72 36.84
C HIS G 506 -70.85 -32.12 37.43
N VAL G 507 -69.79 -32.94 37.51
CA VAL G 507 -69.94 -34.22 38.18
C VAL G 507 -70.43 -34.06 39.62
N TYR G 508 -70.22 -32.89 40.21
CA TYR G 508 -70.77 -32.59 41.53
C TYR G 508 -72.15 -31.96 41.38
N SER G 509 -72.96 -32.08 42.43
CA SER G 509 -74.35 -31.67 42.36
C SER G 509 -74.55 -30.21 42.76
N SER G 510 -74.00 -29.79 43.90
CA SER G 510 -74.23 -28.45 44.42
C SER G 510 -72.97 -27.92 45.07
N ALA G 511 -73.04 -26.65 45.49
CA ALA G 511 -71.89 -26.03 46.16
C ALA G 511 -71.60 -26.70 47.49
N ALA G 512 -72.64 -27.06 48.24
CA ALA G 512 -72.43 -27.78 49.50
C ALA G 512 -71.88 -29.18 49.25
N HIS G 513 -72.27 -29.81 48.14
CA HIS G 513 -71.74 -31.12 47.82
C HIS G 513 -70.29 -31.05 47.36
N PHE G 514 -69.89 -29.93 46.78
CA PHE G 514 -68.51 -29.77 46.34
C PHE G 514 -67.60 -29.29 47.46
N ALA G 515 -68.15 -28.59 48.44
CA ALA G 515 -67.33 -28.04 49.52
C ALA G 515 -66.73 -29.14 50.38
N ASP G 516 -67.54 -30.08 50.84
CA ASP G 516 -67.04 -31.15 51.70
C ASP G 516 -66.09 -32.09 50.99
N VAL G 517 -65.94 -31.98 49.67
CA VAL G 517 -64.99 -32.78 48.92
C VAL G 517 -63.72 -32.01 48.61
N ALA G 518 -63.84 -30.71 48.31
CA ALA G 518 -62.69 -29.91 47.91
C ALA G 518 -62.28 -28.86 48.93
N GLY G 519 -63.20 -28.39 49.77
CA GLY G 519 -62.88 -27.40 50.77
C GLY G 519 -63.82 -26.20 50.70
N ARG G 520 -63.64 -25.31 51.66
CA ARG G 520 -64.52 -24.14 51.77
C ARG G 520 -64.36 -23.22 50.57
N GLU G 521 -63.12 -22.81 50.26
CA GLU G 521 -62.89 -21.86 49.18
C GLU G 521 -63.32 -22.44 47.84
N ALA G 522 -62.98 -23.70 47.58
CA ALA G 522 -63.38 -24.33 46.33
C ALA G 522 -64.89 -24.46 46.23
N GLY G 523 -65.54 -24.84 47.33
CA GLY G 523 -66.98 -24.97 47.32
C GLY G 523 -67.71 -23.66 47.11
N GLU G 524 -67.13 -22.55 47.61
CA GLU G 524 -67.79 -21.26 47.42
C GLU G 524 -67.50 -20.68 46.04
N SER G 525 -66.32 -20.96 45.47
CA SER G 525 -65.96 -20.41 44.17
C SER G 525 -66.31 -21.34 43.01
N TRP G 526 -66.87 -22.52 43.28
CA TRP G 526 -67.26 -23.44 42.22
C TRP G 526 -68.31 -22.82 41.29
N LYS G 527 -69.29 -22.13 41.87
CA LYS G 527 -70.34 -21.50 41.06
C LYS G 527 -69.75 -20.43 40.15
N SER G 528 -68.88 -19.57 40.70
CA SER G 528 -68.27 -18.53 39.90
C SER G 528 -67.39 -19.12 38.80
N ILE G 529 -66.71 -20.23 39.10
CA ILE G 529 -65.86 -20.85 38.09
C ILE G 529 -66.70 -21.42 36.96
N LEU G 530 -67.83 -22.06 37.29
CA LEU G 530 -68.72 -22.54 36.23
C LEU G 530 -69.26 -21.40 35.40
N ASN G 531 -69.69 -20.32 36.05
CA ASN G 531 -70.24 -19.19 35.30
C ASN G 531 -69.19 -18.60 34.37
N SER G 532 -67.96 -18.40 34.86
CA SER G 532 -66.91 -17.85 34.02
C SER G 532 -66.54 -18.80 32.90
N LEU G 533 -66.53 -20.11 33.17
CA LEU G 533 -66.19 -21.08 32.12
C LEU G 533 -67.24 -21.08 31.02
N TYR G 534 -68.52 -21.01 31.39
CA TYR G 534 -69.56 -20.98 30.38
C TYR G 534 -69.53 -19.67 29.59
N GLU G 535 -69.25 -18.56 30.29
CA GLU G 535 -69.08 -17.28 29.59
C GLU G 535 -67.92 -17.34 28.61
N LEU G 536 -66.82 -18.00 28.99
CA LEU G 536 -65.69 -18.15 28.09
C LEU G 536 -66.06 -19.02 26.90
N LEU G 537 -66.77 -20.12 27.13
CA LEU G 537 -67.18 -20.98 26.03
C LEU G 537 -68.08 -20.24 25.05
N ALA G 538 -68.95 -19.36 25.56
CA ALA G 538 -69.80 -18.56 24.68
C ALA G 538 -68.99 -17.49 23.94
N ALA G 539 -68.05 -16.85 24.64
CA ALA G 539 -67.28 -15.78 24.02
C ALA G 539 -66.32 -16.31 22.96
N LEU G 540 -65.86 -17.55 23.11
CA LEU G 540 -65.03 -18.16 22.08
C LEU G 540 -65.75 -18.33 20.77
N ILE G 541 -67.09 -18.34 20.78
CA ILE G 541 -67.87 -18.78 19.63
C ILE G 541 -68.90 -17.72 19.25
N ARG G 542 -68.85 -16.58 19.95
CA ARG G 542 -69.84 -15.53 19.74
C ARG G 542 -69.86 -15.06 18.29
N GLY G 543 -68.70 -14.70 17.75
CA GLY G 543 -68.64 -14.12 16.42
C GLY G 543 -68.26 -15.10 15.33
N ASN G 544 -67.38 -16.05 15.65
CA ASN G 544 -66.87 -16.98 14.66
C ASN G 544 -67.97 -17.95 14.21
N ARG G 545 -67.78 -18.48 13.00
CA ARG G 545 -68.70 -19.42 12.38
C ARG G 545 -68.08 -20.80 12.17
N LYS G 546 -66.81 -20.85 11.79
CA LYS G 546 -66.13 -22.14 11.64
C LYS G 546 -66.08 -22.89 12.96
N ASN G 547 -65.92 -22.15 14.06
CA ASN G 547 -65.93 -22.78 15.38
C ASN G 547 -67.23 -23.52 15.61
N CYS G 548 -68.36 -22.85 15.39
CA CYS G 548 -69.65 -23.47 15.64
C CYS G 548 -69.90 -24.63 14.69
N ALA G 549 -69.59 -24.44 13.41
CA ALA G 549 -69.73 -25.54 12.45
C ALA G 549 -68.84 -26.72 12.82
N GLN G 550 -67.77 -26.49 13.58
CA GLN G 550 -66.89 -27.59 13.97
C GLN G 550 -67.39 -28.32 15.21
N PHE G 551 -67.66 -27.60 16.31
CA PHE G 551 -68.03 -28.28 17.55
C PHE G 551 -69.53 -28.51 17.67
N SER G 552 -70.32 -28.22 16.64
CA SER G 552 -71.77 -28.42 16.72
C SER G 552 -72.15 -29.84 17.16
N GLY G 553 -71.24 -30.80 17.09
CA GLY G 553 -71.53 -32.16 17.52
C GLY G 553 -71.75 -32.31 19.01
N SER G 554 -71.35 -31.33 19.81
CA SER G 554 -71.53 -31.38 21.25
C SER G 554 -72.88 -30.81 21.69
N LEU G 555 -73.78 -30.56 20.73
CA LEU G 555 -75.06 -29.95 21.07
C LEU G 555 -75.93 -30.84 21.94
N ASP G 556 -75.87 -32.16 21.73
CA ASP G 556 -76.68 -33.05 22.54
C ASP G 556 -76.23 -32.99 23.99
N TRP G 557 -74.91 -32.99 24.21
CA TRP G 557 -74.38 -32.84 25.57
C TRP G 557 -74.77 -31.50 26.16
N LEU G 558 -74.72 -30.44 25.35
CA LEU G 558 -75.13 -29.12 25.82
C LEU G 558 -76.58 -29.14 26.32
N ILE G 559 -77.49 -29.66 25.50
CA ILE G 559 -78.90 -29.66 25.85
C ILE G 559 -79.20 -30.64 26.98
N SER G 560 -78.37 -31.68 27.15
CA SER G 560 -78.56 -32.58 28.28
C SER G 560 -78.12 -31.92 29.58
N ARG G 561 -77.01 -31.19 29.56
CA ARG G 561 -76.56 -30.45 30.74
C ARG G 561 -77.41 -29.21 30.99
N LEU G 562 -78.19 -28.78 30.00
CA LEU G 562 -79.07 -27.62 30.15
C LEU G 562 -79.94 -27.71 31.41
N GLU G 563 -80.25 -28.93 31.87
CA GLU G 563 -81.17 -29.15 32.97
C GLU G 563 -80.44 -29.28 34.31
N ARG G 564 -79.31 -28.60 34.46
CA ARG G 564 -78.52 -28.72 35.69
C ARG G 564 -78.98 -27.77 36.80
N LEU G 565 -79.86 -26.82 36.49
CA LEU G 565 -80.44 -25.90 37.47
C LEU G 565 -79.42 -24.90 38.02
N GLU G 566 -78.19 -24.92 37.52
CA GLU G 566 -77.17 -23.99 37.98
C GLU G 566 -76.74 -23.03 36.89
N ALA G 567 -76.23 -23.53 35.77
CA ALA G 567 -75.77 -22.71 34.66
C ALA G 567 -76.78 -22.65 33.51
N SER G 568 -78.08 -22.64 33.80
CA SER G 568 -79.07 -22.57 32.74
C SER G 568 -78.86 -21.36 31.85
N SER G 569 -78.54 -20.22 32.44
CA SER G 569 -78.26 -19.01 31.66
C SER G 569 -77.07 -19.23 30.75
N GLY G 570 -75.99 -19.82 31.27
CA GLY G 570 -74.79 -20.00 30.47
C GLY G 570 -75.01 -20.97 29.31
N ILE G 571 -75.64 -22.11 29.60
CA ILE G 571 -75.92 -23.09 28.56
C ILE G 571 -76.88 -22.50 27.53
N LEU G 572 -77.84 -21.70 27.97
CA LEU G 572 -78.79 -21.10 27.03
C LEU G 572 -78.08 -20.08 26.14
N GLU G 573 -77.17 -19.28 26.71
CA GLU G 573 -76.45 -18.32 25.88
C GLU G 573 -75.53 -19.04 24.89
N VAL G 574 -74.92 -20.15 25.31
CA VAL G 574 -74.09 -20.92 24.39
C VAL G 574 -74.94 -21.49 23.26
N LEU G 575 -76.11 -22.04 23.60
CA LEU G 575 -76.99 -22.60 22.59
C LEU G 575 -77.47 -21.52 21.61
N HIS G 576 -77.83 -20.36 22.14
CA HIS G 576 -78.32 -19.27 21.29
C HIS G 576 -77.22 -18.78 20.35
N CYS G 577 -76.00 -18.61 20.87
CA CYS G 577 -74.92 -18.10 20.04
C CYS G 577 -74.38 -19.17 19.07
N VAL G 578 -74.63 -20.45 19.33
CA VAL G 578 -74.27 -21.47 18.36
C VAL G 578 -75.37 -21.71 17.33
N LEU G 579 -76.62 -21.39 17.65
CA LEU G 579 -77.72 -21.52 16.70
C LEU G 579 -77.90 -20.29 15.83
N VAL G 580 -77.50 -19.12 16.30
CA VAL G 580 -77.72 -17.90 15.52
C VAL G 580 -76.75 -17.77 14.35
N GLU G 581 -75.61 -18.45 14.39
CA GLU G 581 -74.58 -18.29 13.37
C GLU G 581 -74.47 -19.50 12.45
N SER G 582 -74.29 -20.70 13.00
CA SER G 582 -74.04 -21.88 12.17
C SER G 582 -75.36 -22.51 11.76
N PRO G 583 -75.68 -22.57 10.46
CA PRO G 583 -76.89 -23.29 10.03
C PRO G 583 -76.76 -24.79 10.10
N GLU G 584 -75.54 -25.32 10.24
CA GLU G 584 -75.37 -26.76 10.36
C GLU G 584 -75.90 -27.29 11.68
N ALA G 585 -75.93 -26.45 12.72
CA ALA G 585 -76.41 -26.89 14.02
C ALA G 585 -77.91 -27.16 14.00
N LEU G 586 -78.66 -26.44 13.18
CA LEU G 586 -80.10 -26.66 13.11
C LEU G 586 -80.46 -27.99 12.46
N ASN G 587 -79.54 -28.59 11.70
CA ASN G 587 -79.82 -29.86 11.05
C ASN G 587 -79.70 -31.04 12.01
N ILE G 588 -79.07 -30.86 13.16
CA ILE G 588 -78.89 -31.93 14.14
C ILE G 588 -79.76 -31.71 15.38
N ILE G 589 -80.63 -30.71 15.37
CA ILE G 589 -81.56 -30.48 16.46
C ILE G 589 -82.81 -31.29 16.17
N LYS G 590 -83.02 -32.37 16.92
CA LYS G 590 -84.15 -33.25 16.70
C LYS G 590 -85.32 -32.81 17.58
N GLU G 591 -86.41 -33.58 17.55
CA GLU G 591 -87.60 -33.24 18.33
C GLU G 591 -87.34 -33.37 19.82
N GLY G 592 -86.47 -34.30 20.23
CA GLY G 592 -86.17 -34.44 21.64
C GLY G 592 -85.53 -33.19 22.23
N HIS G 593 -84.64 -32.56 21.46
CA HIS G 593 -84.00 -31.33 21.94
C HIS G 593 -85.01 -30.20 22.10
N ILE G 594 -85.92 -30.05 21.13
CA ILE G 594 -86.95 -29.02 21.23
C ILE G 594 -87.87 -29.28 22.41
N LYS G 595 -88.22 -30.55 22.63
CA LYS G 595 -89.06 -30.89 23.78
C LYS G 595 -88.33 -30.61 25.09
N SER G 596 -87.02 -30.85 25.13
CA SER G 596 -86.25 -30.54 26.33
C SER G 596 -86.18 -29.04 26.58
N ILE G 597 -86.05 -28.25 25.51
CA ILE G 597 -86.02 -26.80 25.67
C ILE G 597 -87.38 -26.29 26.16
N ILE G 598 -88.47 -26.84 25.63
CA ILE G 598 -89.79 -26.45 26.09
C ILE G 598 -90.01 -26.88 27.53
N SER G 599 -89.46 -28.03 27.93
CA SER G 599 -89.55 -28.43 29.32
C SER G 599 -88.76 -27.50 30.23
N LEU G 600 -87.61 -27.02 29.75
CA LEU G 600 -86.87 -26.01 30.49
C LEU G 600 -87.70 -24.74 30.66
N LEU G 601 -88.38 -24.33 29.60
CA LEU G 601 -89.26 -23.16 29.69
C LEU G 601 -90.39 -23.40 30.68
N ASP G 602 -90.90 -24.62 30.74
CA ASP G 602 -91.99 -24.93 31.66
C ASP G 602 -91.51 -25.04 33.10
N LYS G 603 -90.24 -25.38 33.32
CA LYS G 603 -89.73 -25.57 34.67
C LYS G 603 -89.15 -24.30 35.27
N HIS G 604 -88.21 -23.66 34.56
CA HIS G 604 -87.51 -22.50 35.11
C HIS G 604 -88.34 -21.22 35.06
N GLY G 605 -89.46 -21.22 34.37
CA GLY G 605 -90.33 -20.06 34.34
C GLY G 605 -90.29 -19.32 33.01
N ARG G 606 -90.73 -18.07 33.07
CA ARG G 606 -90.87 -17.23 31.88
C ARG G 606 -89.54 -16.50 31.65
N ASN G 607 -88.78 -16.97 30.67
CA ASN G 607 -87.51 -16.37 30.30
C ASN G 607 -87.50 -16.10 28.80
N HIS G 608 -87.17 -14.87 28.40
CA HIS G 608 -87.18 -14.53 26.99
C HIS G 608 -86.01 -15.13 26.23
N LYS G 609 -84.97 -15.60 26.93
CA LYS G 609 -83.86 -16.24 26.24
C LYS G 609 -84.29 -17.55 25.58
N VAL G 610 -85.17 -18.31 26.24
CA VAL G 610 -85.69 -19.53 25.63
C VAL G 610 -86.45 -19.20 24.35
N LEU G 611 -87.23 -18.11 24.38
CA LEU G 611 -88.00 -17.73 23.20
C LEU G 611 -87.09 -17.24 22.09
N ASP G 612 -86.01 -16.54 22.44
CA ASP G 612 -85.03 -16.15 21.42
C ASP G 612 -84.35 -17.37 20.81
N VAL G 613 -84.09 -18.39 21.64
CA VAL G 613 -83.53 -19.64 21.12
C VAL G 613 -84.51 -20.31 20.17
N LEU G 614 -85.80 -20.28 20.50
CA LEU G 614 -86.80 -20.84 19.61
C LEU G 614 -86.90 -20.05 18.32
N CYS G 615 -86.74 -18.72 18.40
CA CYS G 615 -86.75 -17.91 17.20
C CYS G 615 -85.58 -18.30 16.29
N SER G 616 -84.41 -18.52 16.90
CA SER G 616 -83.25 -18.97 16.15
C SER G 616 -83.47 -20.34 15.55
N LEU G 617 -84.16 -21.23 16.27
CA LEU G 617 -84.42 -22.58 15.77
C LEU G 617 -85.41 -22.55 14.61
N CYS G 618 -86.41 -21.68 14.68
CA CYS G 618 -87.38 -21.59 13.58
C CYS G 618 -86.75 -20.97 12.35
N VAL G 619 -85.99 -19.89 12.51
CA VAL G 619 -85.36 -19.23 11.38
C VAL G 619 -83.91 -18.92 11.73
N CYS G 620 -82.97 -19.45 10.95
CA CYS G 620 -81.55 -19.25 11.23
C CYS G 620 -80.99 -18.07 10.44
N HIS G 621 -81.00 -18.14 9.11
CA HIS G 621 -80.50 -17.07 8.26
C HIS G 621 -81.42 -16.91 7.06
N GLY G 622 -82.45 -16.07 7.22
CA GLY G 622 -83.37 -15.76 6.15
C GLY G 622 -84.09 -16.96 5.54
N VAL G 623 -83.94 -18.14 6.14
CA VAL G 623 -84.57 -19.35 5.66
C VAL G 623 -85.30 -20.00 6.82
N ALA G 624 -86.41 -20.66 6.51
CA ALA G 624 -87.24 -21.30 7.52
C ALA G 624 -87.03 -22.80 7.53
N VAL G 625 -87.24 -23.39 8.70
CA VAL G 625 -87.16 -24.84 8.89
C VAL G 625 -88.58 -25.30 9.22
N ARG G 626 -89.25 -25.89 8.25
CA ARG G 626 -90.66 -26.27 8.43
C ARG G 626 -90.81 -27.31 9.53
N SER G 627 -89.88 -28.26 9.61
CA SER G 627 -89.95 -29.28 10.66
C SER G 627 -89.86 -28.66 12.04
N ASN G 628 -88.88 -27.77 12.24
CA ASN G 628 -88.71 -27.14 13.54
C ASN G 628 -89.89 -26.23 13.87
N GLN G 629 -90.42 -25.51 12.87
CA GLN G 629 -91.58 -24.67 13.10
C GLN G 629 -92.80 -25.49 13.50
N HIS G 630 -93.03 -26.62 12.82
CA HIS G 630 -94.14 -27.49 13.18
C HIS G 630 -93.96 -28.07 14.56
N LEU G 631 -92.73 -28.47 14.91
CA LEU G 631 -92.47 -29.00 16.25
C LEU G 631 -92.73 -27.96 17.32
N ILE G 632 -92.30 -26.71 17.08
CA ILE G 632 -92.53 -25.64 18.04
C ILE G 632 -94.03 -25.40 18.21
N CYS G 633 -94.75 -25.27 17.09
CA CYS G 633 -96.18 -25.02 17.16
C CYS G 633 -96.92 -26.19 17.78
N ASP G 634 -96.37 -27.40 17.69
CA ASP G 634 -97.07 -28.58 18.20
C ASP G 634 -96.81 -28.78 19.69
N ASN G 635 -95.59 -28.50 20.15
CA ASN G 635 -95.21 -28.82 21.52
C ASN G 635 -95.15 -27.61 22.44
N LEU G 636 -95.32 -26.39 21.92
CA LEU G 636 -95.22 -25.19 22.73
C LEU G 636 -96.56 -24.65 23.17
N LEU G 637 -97.57 -24.70 22.28
CA LEU G 637 -98.90 -24.15 22.59
C LEU G 637 -100.04 -25.11 22.29
N PRO G 638 -99.95 -26.39 22.74
CA PRO G 638 -101.09 -27.28 22.56
C PRO G 638 -102.16 -27.10 23.63
N GLY G 639 -101.74 -26.81 24.85
CA GLY G 639 -102.65 -26.71 25.99
C GLY G 639 -102.76 -25.31 26.55
N ARG G 640 -101.97 -24.38 26.02
CA ARG G 640 -102.04 -22.96 26.35
C ARG G 640 -101.68 -22.66 27.80
N ASP G 641 -100.89 -23.53 28.44
CA ASP G 641 -100.41 -23.28 29.80
C ASP G 641 -98.93 -22.90 29.85
N LEU G 642 -98.20 -23.05 28.74
CA LEU G 642 -96.77 -22.76 28.75
C LEU G 642 -96.51 -21.25 28.82
N LEU G 643 -97.37 -20.44 28.21
CA LEU G 643 -97.15 -19.02 28.04
C LEU G 643 -98.45 -18.27 28.34
N LEU G 644 -98.39 -16.94 28.24
CA LEU G 644 -99.55 -16.09 28.52
C LEU G 644 -100.58 -16.19 27.40
N GLN G 645 -101.85 -16.04 27.76
CA GLN G 645 -102.91 -16.01 26.77
C GLN G 645 -103.45 -14.59 26.65
N THR G 646 -104.19 -14.34 25.59
CA THR G 646 -104.88 -13.08 25.40
C THR G 646 -106.32 -13.34 25.00
N ARG G 647 -107.20 -12.40 25.34
CA ARG G 647 -108.59 -12.45 24.90
C ARG G 647 -109.10 -11.03 24.75
N LEU G 648 -110.23 -10.89 24.08
CA LEU G 648 -110.90 -9.60 23.89
C LEU G 648 -112.25 -9.68 24.58
N VAL G 649 -112.35 -9.11 25.78
CA VAL G 649 -113.55 -9.21 26.59
C VAL G 649 -114.29 -7.88 26.57
N ASN G 650 -115.49 -7.88 27.11
CA ASN G 650 -116.34 -6.69 27.15
C ASN G 650 -116.22 -5.99 28.49
N HIS G 651 -116.60 -4.71 28.51
CA HIS G 651 -116.62 -3.94 29.74
C HIS G 651 -118.01 -4.05 30.38
N VAL G 652 -118.05 -4.45 31.64
CA VAL G 652 -119.31 -4.59 32.34
C VAL G 652 -119.36 -3.57 33.48
N SER G 653 -120.57 -3.12 33.79
CA SER G 653 -120.80 -2.17 34.85
C SER G 653 -121.81 -2.73 35.84
N SER G 654 -121.64 -2.37 37.10
CA SER G 654 -122.51 -2.84 38.18
C SER G 654 -123.26 -1.65 38.76
N MET G 655 -124.58 -1.67 38.62
CA MET G 655 -125.44 -0.63 39.15
C MET G 655 -126.26 -1.16 40.33
N ARG G 656 -126.69 -0.26 41.20
CA ARG G 656 -127.49 -0.62 42.36
C ARG G 656 -128.22 0.60 42.86
N PRO G 657 -129.34 0.44 43.56
CA PRO G 657 -129.95 1.56 44.28
C PRO G 657 -129.26 1.75 45.63
N ASN G 658 -129.55 2.90 46.24
CA ASN G 658 -128.99 3.25 47.54
C ASN G 658 -129.74 2.48 48.63
N ILE G 659 -129.48 1.18 48.68
CA ILE G 659 -130.14 0.26 49.60
C ILE G 659 -129.07 -0.63 50.24
N PHE G 660 -129.16 -0.80 51.56
CA PHE G 660 -128.24 -1.66 52.30
C PHE G 660 -129.03 -2.53 53.25
N LEU G 661 -128.70 -3.82 53.30
CA LEU G 661 -129.43 -4.81 54.09
C LEU G 661 -128.45 -5.51 55.02
N GLY G 662 -128.54 -5.22 56.30
CA GLY G 662 -127.67 -5.83 57.28
C GLY G 662 -128.47 -6.43 58.43
N VAL G 663 -127.92 -7.50 59.01
CA VAL G 663 -128.59 -8.21 60.09
C VAL G 663 -127.66 -8.26 61.29
N SER G 664 -128.26 -8.21 62.48
CA SER G 664 -127.52 -8.30 63.74
C SER G 664 -128.52 -8.67 64.83
N GLU G 665 -128.00 -8.92 66.02
CA GLU G 665 -128.86 -9.17 67.17
C GLU G 665 -129.45 -7.86 67.66
N GLY G 666 -130.75 -7.88 67.98
CA GLY G 666 -131.44 -6.70 68.43
C GLY G 666 -132.19 -6.00 67.31
N SER G 667 -131.65 -4.88 66.84
CA SER G 667 -132.28 -4.10 65.78
C SER G 667 -132.03 -4.78 64.43
N ALA G 668 -133.10 -5.22 63.77
CA ALA G 668 -133.01 -5.88 62.48
C ALA G 668 -133.91 -5.16 61.49
N GLN G 669 -133.94 -5.66 60.25
CA GLN G 669 -134.76 -5.09 59.19
C GLN G 669 -135.71 -6.13 58.61
N TYR G 670 -136.21 -7.03 59.47
CA TYR G 670 -137.21 -8.04 59.11
C TYR G 670 -136.63 -9.13 58.21
N LYS G 671 -135.40 -8.93 57.76
CA LYS G 671 -134.62 -9.95 57.06
C LYS G 671 -135.33 -10.53 55.84
N LYS G 672 -136.25 -9.76 55.24
CA LYS G 672 -137.00 -10.24 54.08
C LYS G 672 -137.20 -9.07 53.11
N TRP G 673 -136.77 -9.26 51.86
CA TRP G 673 -136.88 -8.23 50.83
C TRP G 673 -137.19 -8.88 49.49
N TYR G 674 -137.59 -8.06 48.52
CA TYR G 674 -138.03 -8.54 47.22
C TYR G 674 -138.16 -7.37 46.27
N TYR G 675 -137.99 -7.64 44.98
CA TYR G 675 -138.26 -6.66 43.93
C TYR G 675 -138.45 -7.38 42.62
N GLU G 676 -138.83 -6.63 41.59
CA GLU G 676 -139.08 -7.20 40.27
C GLU G 676 -138.14 -6.59 39.25
N LEU G 677 -138.19 -7.12 38.03
CA LEU G 677 -137.24 -6.73 37.00
C LEU G 677 -137.81 -7.04 35.63
N MET G 678 -137.72 -6.08 34.71
CA MET G 678 -138.14 -6.26 33.33
C MET G 678 -137.05 -5.75 32.40
N VAL G 679 -137.18 -6.08 31.11
CA VAL G 679 -136.22 -5.68 30.10
C VAL G 679 -136.96 -5.12 28.89
N ASP G 680 -136.42 -4.05 28.31
CA ASP G 680 -137.02 -3.40 27.15
C ASP G 680 -136.43 -3.94 25.84
N HIS G 681 -135.11 -3.85 25.69
CA HIS G 681 -134.43 -4.35 24.50
C HIS G 681 -133.08 -4.93 24.91
N THR G 682 -132.75 -6.08 24.34
CA THR G 682 -131.50 -6.77 24.69
C THR G 682 -131.04 -7.57 23.48
N GLU G 683 -129.91 -7.17 22.89
CA GLU G 683 -129.36 -7.93 21.77
C GLU G 683 -128.56 -9.12 22.29
N PRO G 684 -128.64 -10.28 21.62
CA PRO G 684 -127.89 -11.44 22.10
C PRO G 684 -126.38 -11.29 21.94
N PHE G 685 -125.93 -10.69 20.84
CA PHE G 685 -124.50 -10.46 20.60
C PHE G 685 -124.35 -9.07 20.02
N VAL G 686 -123.83 -8.14 20.82
CA VAL G 686 -123.76 -6.74 20.41
C VAL G 686 -122.71 -6.57 19.31
N THR G 687 -121.45 -6.88 19.61
CA THR G 687 -120.40 -6.81 18.59
C THR G 687 -119.79 -8.17 18.30
N ALA G 688 -119.20 -8.83 19.28
CA ALA G 688 -118.45 -10.06 19.02
C ALA G 688 -118.71 -11.20 20.00
N GLU G 689 -119.15 -10.93 21.23
CA GLU G 689 -119.27 -11.96 22.25
C GLU G 689 -120.67 -11.93 22.85
N ALA G 690 -120.92 -12.86 23.77
CA ALA G 690 -122.21 -12.94 24.43
C ALA G 690 -122.45 -11.72 25.31
N THR G 691 -123.66 -11.20 25.27
CA THR G 691 -124.03 -10.05 26.08
C THR G 691 -124.08 -10.45 27.54
N HIS G 692 -123.15 -9.94 28.34
CA HIS G 692 -123.14 -10.20 29.77
C HIS G 692 -124.31 -9.47 30.43
N LEU G 693 -125.19 -10.23 31.07
CA LEU G 693 -126.35 -9.65 31.75
C LEU G 693 -126.72 -10.56 32.91
N ARG G 694 -126.41 -10.12 34.13
CA ARG G 694 -126.74 -10.87 35.33
C ARG G 694 -127.37 -9.94 36.36
N VAL G 695 -128.14 -10.52 37.27
CA VAL G 695 -128.79 -9.77 38.34
C VAL G 695 -128.72 -10.60 39.62
N GLY G 696 -128.57 -9.91 40.75
CA GLY G 696 -128.49 -10.64 42.00
C GLY G 696 -128.19 -9.77 43.22
N TRP G 697 -127.50 -10.34 44.19
CA TRP G 697 -127.22 -9.67 45.45
C TRP G 697 -125.74 -9.80 45.78
N ALA G 698 -125.11 -8.67 46.11
CA ALA G 698 -123.68 -8.63 46.41
C ALA G 698 -123.48 -8.20 47.85
N SER G 699 -122.55 -8.85 48.54
CA SER G 699 -122.22 -8.51 49.91
C SER G 699 -121.15 -7.43 49.94
N THR G 700 -120.74 -7.04 51.15
CA THR G 700 -119.69 -6.03 51.31
C THR G 700 -118.63 -6.50 52.32
N GLU G 701 -117.72 -5.61 52.67
CA GLU G 701 -116.69 -5.90 53.68
C GLU G 701 -117.21 -5.46 55.04
N GLY G 702 -118.03 -6.32 55.64
CA GLY G 702 -118.66 -6.02 56.91
C GLY G 702 -119.72 -4.96 56.78
N TYR G 703 -119.44 -3.75 57.28
CA TYR G 703 -120.40 -2.65 57.19
C TYR G 703 -119.80 -1.46 56.46
N SER G 704 -119.12 -1.72 55.34
CA SER G 704 -118.42 -0.68 54.60
C SER G 704 -118.76 -0.73 53.12
N PRO G 705 -118.59 0.39 52.41
CA PRO G 705 -118.81 0.39 50.95
C PRO G 705 -117.71 -0.34 50.20
N TYR G 706 -117.70 -0.23 48.86
CA TYR G 706 -116.81 -0.95 47.97
C TYR G 706 -117.02 -2.46 48.08
N PRO G 707 -118.13 -2.97 47.53
CA PRO G 707 -118.39 -4.42 47.62
C PRO G 707 -117.41 -5.27 46.84
N GLY G 708 -117.67 -6.57 46.77
CA GLY G 708 -116.77 -7.51 46.12
C GLY G 708 -116.52 -7.18 44.66
N GLY G 709 -115.53 -7.87 44.12
CA GLY G 709 -115.02 -7.63 42.78
C GLY G 709 -113.52 -7.73 42.81
N GLY G 710 -112.93 -7.91 41.63
CA GLY G 710 -111.49 -8.09 41.62
C GLY G 710 -110.79 -6.80 42.01
N GLU G 711 -110.69 -5.83 41.11
CA GLU G 711 -110.56 -4.44 41.53
C GLU G 711 -111.58 -3.56 40.84
N GLU G 712 -111.62 -3.59 39.50
CA GLU G 712 -112.57 -2.87 38.64
C GLU G 712 -112.31 -3.12 37.16
N TRP G 713 -113.35 -2.86 36.37
CA TRP G 713 -113.39 -2.72 34.93
C TRP G 713 -113.15 -4.03 34.18
N GLY G 714 -112.92 -5.12 34.88
CA GLY G 714 -112.77 -6.41 34.25
C GLY G 714 -114.11 -7.07 33.98
N GLY G 715 -114.03 -8.33 33.58
CA GLY G 715 -115.22 -9.13 33.34
C GLY G 715 -115.94 -9.62 34.59
N ASN G 716 -115.61 -9.07 35.76
CA ASN G 716 -116.23 -9.49 37.01
C ASN G 716 -117.50 -8.68 37.21
N GLY G 717 -118.64 -9.29 36.90
CA GLY G 717 -119.92 -8.66 37.18
C GLY G 717 -120.43 -9.03 38.56
N VAL G 718 -121.59 -9.66 38.63
CA VAL G 718 -122.09 -10.21 39.88
C VAL G 718 -121.97 -11.73 39.80
N GLY G 719 -121.81 -12.35 40.98
CA GLY G 719 -121.59 -13.78 41.03
C GLY G 719 -120.22 -14.25 40.62
N ASP G 720 -119.36 -13.36 40.12
CA ASP G 720 -118.02 -13.72 39.69
C ASP G 720 -117.04 -13.80 40.84
N ASP G 721 -117.51 -13.69 42.09
CA ASP G 721 -116.66 -13.83 43.26
C ASP G 721 -117.51 -14.36 44.41
N LEU G 722 -116.87 -14.57 45.55
CA LEU G 722 -117.57 -15.10 46.72
C LEU G 722 -118.40 -14.06 47.43
N PHE G 723 -118.18 -12.77 47.15
CA PHE G 723 -118.94 -11.69 47.77
C PHE G 723 -120.15 -11.28 46.94
N SER G 724 -120.58 -12.12 46.00
CA SER G 724 -121.71 -11.79 45.15
C SER G 724 -122.37 -13.08 44.68
N TYR G 725 -123.68 -13.00 44.43
CA TYR G 725 -124.45 -14.14 43.97
C TYR G 725 -125.41 -13.63 42.90
N GLY G 726 -125.27 -14.14 41.67
CA GLY G 726 -126.02 -13.64 40.54
C GLY G 726 -126.73 -14.74 39.78
N PHE G 727 -127.56 -14.31 38.84
CA PHE G 727 -128.36 -15.18 38.00
C PHE G 727 -128.50 -14.53 36.63
N ASP G 728 -128.36 -15.34 35.58
CA ASP G 728 -128.32 -14.82 34.21
C ASP G 728 -129.39 -15.42 33.32
N GLY G 729 -130.30 -16.23 33.86
CA GLY G 729 -131.36 -16.80 33.05
C GLY G 729 -131.28 -18.31 32.94
N LEU G 730 -130.08 -18.84 32.76
CA LEU G 730 -129.86 -20.27 32.59
C LEU G 730 -128.97 -20.89 33.66
N HIS G 731 -128.09 -20.12 34.28
CA HIS G 731 -127.17 -20.64 35.29
C HIS G 731 -127.21 -19.77 36.54
N LEU G 732 -126.53 -20.25 37.57
CA LEU G 732 -126.33 -19.51 38.81
C LEU G 732 -124.85 -19.24 38.98
N TRP G 733 -124.49 -17.98 39.23
CA TRP G 733 -123.11 -17.56 39.34
C TRP G 733 -122.78 -17.27 40.79
N SER G 734 -121.78 -17.96 41.32
CA SER G 734 -121.33 -17.74 42.71
C SER G 734 -119.86 -18.13 42.76
N GLY G 735 -118.98 -17.14 42.70
CA GLY G 735 -117.55 -17.39 42.69
C GLY G 735 -116.97 -17.65 41.31
N CYS G 736 -117.50 -17.00 40.28
CA CYS G 736 -117.04 -17.17 38.90
C CYS G 736 -117.14 -18.62 38.44
N ILE G 737 -118.12 -19.35 38.97
CA ILE G 737 -118.37 -20.74 38.61
C ILE G 737 -119.87 -20.88 38.36
N ALA G 738 -120.24 -21.01 37.10
CA ALA G 738 -121.65 -21.11 36.74
C ALA G 738 -122.15 -22.54 36.94
N ARG G 739 -123.28 -22.67 37.62
CA ARG G 739 -123.91 -23.96 37.84
C ARG G 739 -125.26 -23.98 37.12
N THR G 740 -125.47 -24.98 36.27
CA THR G 740 -126.71 -25.05 35.53
C THR G 740 -127.87 -25.43 36.44
N VAL G 741 -129.08 -25.03 36.02
CA VAL G 741 -130.31 -25.27 36.76
C VAL G 741 -131.38 -25.73 35.78
N SER G 742 -132.43 -26.32 36.33
CA SER G 742 -133.59 -26.76 35.56
C SER G 742 -134.76 -25.84 35.83
N SER G 743 -135.52 -25.53 34.77
CA SER G 743 -136.68 -24.66 34.85
C SER G 743 -137.53 -24.88 33.61
N PRO G 744 -138.84 -24.77 33.71
CA PRO G 744 -139.68 -24.83 32.49
C PRO G 744 -139.35 -23.69 31.55
N ASN G 745 -139.08 -24.05 30.29
CA ASN G 745 -138.73 -23.08 29.25
C ASN G 745 -137.48 -22.28 29.66
N GLN G 746 -136.40 -23.01 29.90
CA GLN G 746 -135.17 -22.39 30.38
C GLN G 746 -134.48 -21.63 29.25
N HIS G 747 -134.09 -20.39 29.53
CA HIS G 747 -133.45 -19.54 28.54
C HIS G 747 -132.83 -18.35 29.25
N LEU G 748 -131.97 -17.63 28.54
CA LEU G 748 -131.33 -16.44 29.08
C LEU G 748 -132.35 -15.31 29.22
N LEU G 749 -131.89 -14.20 29.80
CA LEU G 749 -132.74 -13.04 30.03
C LEU G 749 -132.96 -12.32 28.70
N ARG G 750 -133.81 -12.92 27.87
CA ARG G 750 -134.18 -12.32 26.60
C ARG G 750 -135.13 -11.16 26.83
N THR G 751 -135.61 -10.58 25.74
CA THR G 751 -136.55 -9.45 25.83
C THR G 751 -137.88 -9.92 26.41
N ASP G 752 -138.57 -8.99 27.07
CA ASP G 752 -139.89 -9.25 27.64
C ASP G 752 -139.86 -10.41 28.63
N ASP G 753 -138.82 -10.45 29.45
CA ASP G 753 -138.65 -11.47 30.49
C ASP G 753 -138.86 -10.83 31.85
N VAL G 754 -139.78 -11.40 32.64
CA VAL G 754 -140.12 -10.86 33.94
C VAL G 754 -139.40 -11.67 35.01
N ILE G 755 -138.47 -11.03 35.71
CA ILE G 755 -137.71 -11.68 36.77
C ILE G 755 -138.18 -11.11 38.10
N SER G 756 -138.14 -11.95 39.14
CA SER G 756 -138.53 -11.51 40.48
C SER G 756 -137.50 -12.04 41.46
N CYS G 757 -136.91 -11.12 42.23
CA CYS G 757 -135.81 -11.42 43.12
C CYS G 757 -136.31 -11.36 44.56
N CYS G 758 -136.20 -12.47 45.28
CA CYS G 758 -136.58 -12.49 46.69
C CYS G 758 -135.36 -12.84 47.53
N LEU G 759 -135.38 -12.41 48.79
CA LEU G 759 -134.26 -12.63 49.69
C LEU G 759 -134.74 -12.71 51.13
N ASP G 760 -134.60 -13.88 51.73
CA ASP G 760 -134.71 -14.04 53.18
C ASP G 760 -133.32 -14.27 53.74
N LEU G 761 -133.01 -13.63 54.87
CA LEU G 761 -131.64 -13.47 55.30
C LEU G 761 -131.18 -14.50 56.33
N SER G 762 -132.03 -14.87 57.29
CA SER G 762 -131.53 -15.63 58.43
C SER G 762 -131.36 -17.12 58.12
N ALA G 763 -132.47 -17.82 57.90
CA ALA G 763 -132.37 -19.25 57.58
C ALA G 763 -132.11 -19.47 56.09
N PRO G 764 -132.95 -18.95 55.16
CA PRO G 764 -132.73 -19.23 53.74
C PRO G 764 -131.82 -18.22 53.08
N SER G 765 -131.69 -18.32 51.76
CA SER G 765 -130.89 -17.37 51.00
C SER G 765 -131.70 -16.76 49.86
N ILE G 766 -131.02 -16.06 48.95
CA ILE G 766 -131.72 -15.40 47.85
C ILE G 766 -132.36 -16.44 46.93
N SER G 767 -133.31 -15.96 46.13
CA SER G 767 -134.00 -16.83 45.18
C SER G 767 -134.55 -16.00 44.04
N PHE G 768 -134.74 -16.66 42.90
CA PHE G 768 -135.17 -16.02 41.66
C PHE G 768 -136.38 -16.76 41.11
N ARG G 769 -137.30 -16.00 40.51
CA ARG G 769 -138.45 -16.57 39.81
C ARG G 769 -138.58 -15.89 38.46
N ILE G 770 -138.54 -16.68 37.40
CA ILE G 770 -138.66 -16.16 36.03
C ILE G 770 -140.11 -16.30 35.59
N ASN G 771 -140.73 -15.17 35.23
CA ASN G 771 -142.11 -15.12 34.75
C ASN G 771 -143.07 -15.78 35.75
N GLY G 772 -142.83 -15.55 37.03
CA GLY G 772 -143.67 -16.12 38.08
C GLY G 772 -143.20 -17.44 38.66
N GLN G 773 -142.92 -18.41 37.80
CA GLN G 773 -142.47 -19.71 38.28
C GLN G 773 -141.04 -19.60 38.82
N PRO G 774 -140.75 -20.22 39.95
CA PRO G 774 -139.43 -20.08 40.58
C PRO G 774 -138.40 -21.00 39.92
N VAL G 775 -137.16 -20.83 40.36
CA VAL G 775 -136.06 -21.66 39.91
C VAL G 775 -135.77 -22.71 40.97
N GLN G 776 -134.97 -23.71 40.60
CA GLN G 776 -134.64 -24.82 41.49
C GLN G 776 -133.26 -24.67 42.12
N GLY G 777 -132.86 -23.44 42.43
CA GLY G 777 -131.54 -23.22 43.01
C GLY G 777 -131.45 -22.08 44.00
N MET G 778 -130.80 -22.34 45.14
CA MET G 778 -130.55 -21.34 46.15
C MET G 778 -129.14 -21.52 46.69
N PHE G 779 -128.54 -20.42 47.15
CA PHE G 779 -127.18 -20.41 47.68
C PHE G 779 -127.22 -20.45 49.20
N GLU G 780 -127.49 -21.62 49.74
CA GLU G 780 -127.56 -21.76 51.19
C GLU G 780 -126.15 -21.68 51.79
N ASN G 781 -126.11 -21.62 53.12
CA ASN G 781 -124.85 -21.66 53.88
C ASN G 781 -123.86 -20.62 53.37
N PHE G 782 -124.34 -19.40 53.20
CA PHE G 782 -123.51 -18.29 52.77
C PHE G 782 -123.29 -17.31 53.92
N ASN G 783 -122.34 -16.40 53.72
CA ASN G 783 -121.95 -15.47 54.77
C ASN G 783 -123.11 -14.53 55.08
N ILE G 784 -123.71 -14.70 56.27
CA ILE G 784 -124.80 -13.82 56.66
C ILE G 784 -124.28 -12.43 57.01
N ASP G 785 -123.01 -12.34 57.41
CA ASP G 785 -122.39 -11.05 57.68
C ASP G 785 -122.19 -10.26 56.39
N GLY G 786 -122.36 -8.95 56.48
CA GLY G 786 -122.19 -8.07 55.34
C GLY G 786 -123.47 -7.38 54.93
N LEU G 787 -123.36 -6.28 54.18
CA LEU G 787 -124.51 -5.50 53.75
C LEU G 787 -124.84 -5.90 52.31
N PHE G 788 -125.88 -6.71 52.16
CA PHE G 788 -126.32 -7.14 50.84
C PHE G 788 -127.22 -6.09 50.20
N PHE G 789 -127.36 -6.18 48.88
CA PHE G 789 -128.13 -5.20 48.13
C PHE G 789 -128.41 -5.72 46.72
N PRO G 790 -129.51 -5.30 46.10
CA PRO G 790 -129.75 -5.67 44.70
C PRO G 790 -128.72 -5.01 43.79
N VAL G 791 -128.29 -5.75 42.78
CA VAL G 791 -127.22 -5.28 41.89
C VAL G 791 -127.36 -5.98 40.54
N VAL G 792 -127.24 -5.19 39.47
CA VAL G 792 -127.29 -5.69 38.10
C VAL G 792 -125.92 -5.45 37.46
N SER G 793 -125.52 -6.37 36.58
CA SER G 793 -124.28 -6.25 35.82
C SER G 793 -124.59 -6.46 34.35
N PHE G 794 -124.33 -5.45 33.53
CA PHE G 794 -124.60 -5.50 32.11
C PHE G 794 -123.37 -5.04 31.34
N SER G 795 -123.19 -5.61 30.15
CA SER G 795 -122.02 -5.32 29.33
C SER G 795 -122.28 -4.19 28.34
N ALA G 796 -123.24 -4.38 27.44
CA ALA G 796 -123.56 -3.40 26.41
C ALA G 796 -124.84 -3.85 25.70
N GLY G 797 -125.48 -2.89 25.04
CA GLY G 797 -126.73 -3.17 24.35
C GLY G 797 -127.78 -3.72 25.29
N ILE G 798 -128.11 -2.94 26.31
CA ILE G 798 -128.94 -3.40 27.41
C ILE G 798 -129.95 -2.31 27.76
N LYS G 799 -131.17 -2.73 28.10
CA LYS G 799 -132.23 -1.84 28.58
C LYS G 799 -132.94 -2.57 29.71
N VAL G 800 -132.53 -2.30 30.95
CA VAL G 800 -133.03 -2.99 32.12
C VAL G 800 -133.90 -2.02 32.93
N ARG G 801 -134.91 -2.56 33.62
CA ARG G 801 -135.78 -1.75 34.45
C ARG G 801 -136.08 -2.51 35.73
N PHE G 802 -135.50 -2.04 36.84
CA PHE G 802 -135.88 -2.54 38.15
C PHE G 802 -137.29 -2.07 38.50
N LEU G 803 -137.97 -2.84 39.34
CA LEU G 803 -139.35 -2.56 39.73
C LEU G 803 -139.46 -2.65 41.24
N LEU G 804 -139.67 -1.50 41.88
CA LEU G 804 -140.01 -1.38 43.28
C LEU G 804 -141.48 -0.95 43.38
N GLY G 805 -141.93 -0.68 44.60
CA GLY G 805 -143.28 -0.22 44.83
C GLY G 805 -143.36 1.28 45.05
N GLY G 806 -144.59 1.76 45.12
CA GLY G 806 -144.82 3.17 45.37
C GLY G 806 -144.49 4.02 44.16
N ARG G 807 -143.94 5.20 44.43
CA ARG G 807 -143.54 6.12 43.38
C ARG G 807 -142.24 5.72 42.70
N HIS G 808 -141.47 4.80 43.30
CA HIS G 808 -140.22 4.38 42.70
C HIS G 808 -140.45 3.57 41.43
N GLY G 809 -141.26 2.51 41.53
CA GLY G 809 -141.50 1.65 40.39
C GLY G 809 -142.94 1.17 40.29
N GLU G 810 -143.14 0.03 39.64
CA GLU G 810 -144.48 -0.55 39.49
C GLU G 810 -144.35 -2.07 39.54
N PHE G 811 -144.98 -2.67 40.56
CA PHE G 811 -145.00 -4.12 40.66
C PHE G 811 -145.90 -4.72 39.59
N LYS G 812 -145.42 -5.78 38.93
CA LYS G 812 -146.21 -6.53 37.97
C LYS G 812 -146.70 -7.86 38.52
N PHE G 813 -145.99 -8.43 39.48
CA PHE G 813 -146.41 -9.63 40.19
C PHE G 813 -146.58 -9.28 41.67
N LEU G 814 -146.81 -10.31 42.50
CA LEU G 814 -146.87 -10.10 43.94
C LEU G 814 -145.66 -10.71 44.64
N PRO G 815 -145.17 -10.08 45.69
CA PRO G 815 -144.05 -10.65 46.45
C PRO G 815 -144.46 -11.94 47.13
N PRO G 816 -143.50 -12.76 47.56
CA PRO G 816 -143.83 -13.94 48.36
C PRO G 816 -144.50 -13.54 49.67
N PRO G 817 -145.20 -14.47 50.32
CA PRO G 817 -145.90 -14.12 51.57
C PRO G 817 -144.98 -13.55 52.64
N GLY G 818 -145.22 -12.30 53.02
CA GLY G 818 -144.48 -11.63 54.07
C GLY G 818 -143.29 -10.82 53.59
N TYR G 819 -142.70 -11.19 52.45
CA TYR G 819 -141.49 -10.53 51.98
C TYR G 819 -141.78 -9.06 51.66
N ALA G 820 -140.97 -8.17 52.23
CA ALA G 820 -141.07 -6.74 51.98
C ALA G 820 -140.29 -6.39 50.71
N ALA G 821 -140.14 -5.11 50.41
CA ALA G 821 -139.46 -4.69 49.20
C ALA G 821 -138.51 -3.53 49.48
N CYS G 822 -137.75 -3.16 48.44
CA CYS G 822 -136.71 -2.15 48.60
C CYS G 822 -137.28 -0.76 48.83
N TYR G 823 -138.45 -0.45 48.26
CA TYR G 823 -139.05 0.86 48.49
C TYR G 823 -139.42 1.07 49.94
N GLU G 824 -139.63 -0.01 50.69
CA GLU G 824 -139.79 0.08 52.13
C GLU G 824 -138.46 -0.08 52.86
N ALA G 825 -137.52 -0.79 52.25
CA ALA G 825 -136.18 -0.91 52.81
C ALA G 825 -135.44 0.42 52.82
N VAL G 826 -135.84 1.37 51.97
CA VAL G 826 -135.16 2.65 51.93
C VAL G 826 -135.37 3.36 53.27
N LEU G 827 -134.39 4.17 53.65
CA LEU G 827 -134.45 4.82 54.96
C LEU G 827 -135.54 5.89 54.96
N PRO G 828 -136.22 6.08 56.09
CA PRO G 828 -137.26 7.11 56.16
C PRO G 828 -136.69 8.50 55.94
N LYS G 829 -137.43 9.31 55.18
CA LYS G 829 -137.03 10.67 54.84
C LYS G 829 -135.68 10.71 54.14
N GLU G 830 -135.57 9.93 53.06
CA GLU G 830 -134.37 9.90 52.24
C GLU G 830 -134.74 9.51 50.82
N LYS G 831 -134.21 10.27 49.85
CA LYS G 831 -134.48 10.01 48.45
C LYS G 831 -133.67 8.81 47.96
N LEU G 832 -134.33 7.91 47.24
CA LEU G 832 -133.68 6.71 46.71
C LEU G 832 -133.21 6.97 45.28
N LYS G 833 -131.91 6.80 45.05
CA LYS G 833 -131.33 6.95 43.73
C LYS G 833 -130.48 5.73 43.42
N VAL G 834 -130.27 5.49 42.13
CA VAL G 834 -129.41 4.40 41.66
C VAL G 834 -128.04 4.96 41.34
N GLU G 835 -127.01 4.17 41.62
CA GLU G 835 -125.63 4.58 41.43
C GLU G 835 -124.80 3.34 41.16
N HIS G 836 -123.62 3.55 40.58
CA HIS G 836 -122.70 2.45 40.33
C HIS G 836 -122.23 1.89 41.67
N SER G 837 -122.52 0.61 41.92
CA SER G 837 -122.14 -0.01 43.17
C SER G 837 -120.64 -0.02 43.37
N ARG G 838 -119.90 -0.06 42.28
CA ARG G 838 -118.46 -0.28 42.35
C ARG G 838 -117.70 1.00 42.70
N GLU G 839 -117.79 2.01 41.85
CA GLU G 839 -117.03 3.25 42.02
C GLU G 839 -117.67 4.32 41.13
N TYR G 840 -117.00 5.47 41.01
CA TYR G 840 -117.51 6.57 40.21
C TYR G 840 -117.37 6.29 38.72
N LYS G 841 -118.11 5.29 38.23
CA LYS G 841 -118.01 4.87 36.83
C LYS G 841 -118.76 5.85 35.92
N GLN G 842 -118.24 7.08 35.87
CA GLN G 842 -118.77 8.12 35.02
C GLN G 842 -117.77 8.44 33.93
N GLU G 843 -118.14 8.18 32.67
CA GLU G 843 -117.29 8.52 31.53
C GLU G 843 -117.42 10.02 31.28
N ARG G 844 -116.66 10.77 32.06
CA ARG G 844 -116.71 12.23 32.03
C ARG G 844 -115.31 12.78 31.69
N THR G 845 -115.18 14.09 31.78
CA THR G 845 -113.92 14.76 31.48
C THR G 845 -113.01 14.62 32.70
N TYR G 846 -111.91 15.39 32.73
CA TYR G 846 -110.98 15.33 33.86
C TYR G 846 -111.62 15.77 35.16
N THR G 847 -112.78 16.44 35.11
CA THR G 847 -113.47 16.90 36.31
C THR G 847 -114.24 15.74 36.96
N ARG G 848 -113.48 14.73 37.36
CA ARG G 848 -114.03 13.56 38.06
C ARG G 848 -113.64 13.62 39.53
N ASP G 849 -114.64 13.49 40.40
CA ASP G 849 -114.42 13.61 41.84
C ASP G 849 -113.74 12.34 42.35
N LEU G 850 -112.40 12.35 42.29
CA LEU G 850 -111.63 11.23 42.79
C LEU G 850 -111.72 11.17 44.31
N LEU G 851 -112.13 10.01 44.84
CA LEU G 851 -112.36 9.85 46.26
C LEU G 851 -111.62 8.62 46.76
N GLY G 852 -111.10 8.71 47.98
CA GLY G 852 -110.37 7.62 48.58
C GLY G 852 -111.26 6.67 49.37
N PRO G 853 -110.78 6.24 50.53
CA PRO G 853 -111.57 5.33 51.37
C PRO G 853 -112.80 6.02 51.94
N THR G 854 -113.69 5.21 52.51
CA THR G 854 -114.96 5.69 53.03
C THR G 854 -115.21 5.08 54.41
N VAL G 855 -115.89 5.86 55.26
CA VAL G 855 -116.24 5.44 56.61
C VAL G 855 -117.50 4.58 56.53
N SER G 856 -117.78 3.80 57.59
CA SER G 856 -118.87 2.83 57.55
C SER G 856 -120.25 3.49 57.37
N LEU G 857 -120.36 4.78 57.63
CA LEU G 857 -121.61 5.55 57.53
C LEU G 857 -122.70 5.05 58.46
N THR G 858 -122.38 4.13 59.37
CA THR G 858 -123.35 3.54 60.29
C THR G 858 -124.57 3.01 59.53
N GLN G 859 -124.28 2.13 58.57
CA GLN G 859 -125.33 1.54 57.74
C GLN G 859 -126.01 0.36 58.41
N ALA G 860 -125.44 -0.18 59.48
CA ALA G 860 -126.04 -1.31 60.18
C ALA G 860 -127.26 -0.86 60.98
N VAL G 865 -128.37 -0.13 71.08
CA VAL G 865 -128.61 -0.77 72.37
C VAL G 865 -128.69 0.28 73.49
N PRO G 866 -129.56 0.05 74.46
CA PRO G 866 -129.66 0.99 75.59
C PRO G 866 -128.43 0.90 76.48
N VAL G 867 -128.18 1.98 77.24
CA VAL G 867 -127.07 2.01 78.17
C VAL G 867 -127.51 1.38 79.49
N ASP G 868 -126.53 0.88 80.23
CA ASP G 868 -126.78 0.14 81.45
C ASP G 868 -127.29 1.05 82.56
N THR G 869 -128.41 0.68 83.18
CA THR G 869 -129.04 1.50 84.20
C THR G 869 -129.05 0.84 85.58
N SER G 870 -129.54 -0.41 85.67
CA SER G 870 -129.72 -1.19 86.90
C SER G 870 -128.42 -1.72 87.49
N GLN G 871 -127.22 -1.33 87.02
CA GLN G 871 -126.00 -1.89 87.57
C GLN G 871 -125.50 -1.15 88.81
N ILE G 872 -126.25 -0.19 89.34
CA ILE G 872 -125.85 0.53 90.55
C ILE G 872 -126.96 0.42 91.57
N VAL G 873 -126.58 0.28 92.84
CA VAL G 873 -127.51 0.03 93.93
C VAL G 873 -128.30 1.32 94.20
N LEU G 874 -129.51 1.18 94.74
CA LEU G 874 -130.36 2.33 95.03
C LEU G 874 -130.10 2.80 96.45
N PRO G 875 -129.49 3.96 96.66
CA PRO G 875 -129.25 4.42 98.03
C PRO G 875 -130.55 4.86 98.70
N PRO G 876 -130.64 4.72 100.01
CA PRO G 876 -131.91 5.04 100.70
C PRO G 876 -132.08 6.51 101.06
N HIS G 877 -131.01 7.32 101.03
CA HIS G 877 -131.14 8.70 101.47
C HIS G 877 -131.91 9.57 100.48
N LEU G 878 -132.20 9.05 99.28
CA LEU G 878 -132.96 9.78 98.28
C LEU G 878 -134.20 9.01 97.84
N GLU G 879 -134.66 8.05 98.64
CA GLU G 879 -135.85 7.30 98.27
C GLU G 879 -137.11 8.16 98.35
N ARG G 880 -137.16 9.09 99.31
CA ARG G 880 -138.28 10.04 99.35
C ARG G 880 -138.20 11.01 98.17
N ILE G 881 -136.99 11.38 97.78
CA ILE G 881 -136.82 12.16 96.55
C ILE G 881 -137.35 11.37 95.36
N ARG G 882 -137.15 10.05 95.35
CA ARG G 882 -137.66 9.25 94.24
C ARG G 882 -139.18 9.13 94.30
N GLU G 883 -139.73 9.06 95.51
CA GLU G 883 -141.18 9.16 95.70
C GLU G 883 -141.71 10.44 95.05
N ARG G 884 -141.13 11.58 95.40
CA ARG G 884 -141.66 12.85 94.91
C ARG G 884 -141.42 13.03 93.41
N LEU G 885 -140.37 12.42 92.86
CA LEU G 885 -140.17 12.54 91.41
C LEU G 885 -141.14 11.64 90.65
N ALA G 886 -141.43 10.44 91.18
CA ALA G 886 -142.45 9.59 90.54
C ALA G 886 -143.83 10.22 90.64
N GLU G 887 -144.15 10.81 91.81
CA GLU G 887 -145.33 11.65 91.95
C GLU G 887 -145.35 12.78 90.93
N ASN G 888 -144.19 13.38 90.66
CA ASN G 888 -144.13 14.49 89.72
C ASN G 888 -144.43 14.01 88.30
N ILE G 889 -143.84 12.89 87.91
CA ILE G 889 -144.11 12.31 86.59
C ILE G 889 -145.57 11.92 86.47
N HIS G 890 -146.16 11.45 87.58
CA HIS G 890 -147.57 11.07 87.57
C HIS G 890 -148.46 12.28 87.33
N GLU G 891 -148.24 13.35 88.10
CA GLU G 891 -149.05 14.55 87.90
C GLU G 891 -148.78 15.16 86.53
N LEU G 892 -147.59 14.93 85.96
CA LEU G 892 -147.35 15.35 84.59
C LEU G 892 -148.21 14.56 83.61
N TRP G 893 -148.28 13.23 83.78
CA TRP G 893 -149.17 12.44 82.95
C TRP G 893 -150.61 12.90 83.04
N VAL G 894 -151.08 13.24 84.22
CA VAL G 894 -152.50 13.57 84.37
C VAL G 894 -152.79 15.01 83.94
N MET G 895 -151.82 15.94 84.06
CA MET G 895 -152.06 17.25 83.47
C MET G 895 -151.99 17.17 81.95
N ASN G 896 -151.16 16.26 81.40
CA ASN G 896 -151.24 15.94 79.98
C ASN G 896 -152.64 15.54 79.58
N LYS G 897 -153.35 14.84 80.46
CA LYS G 897 -154.70 14.39 80.12
C LYS G 897 -155.72 15.51 80.30
N ILE G 898 -155.61 16.31 81.36
CA ILE G 898 -156.61 17.35 81.58
C ILE G 898 -156.41 18.53 80.64
N GLU G 899 -155.27 18.64 79.94
CA GLU G 899 -155.19 19.62 78.86
C GLU G 899 -156.30 19.38 77.84
N LEU G 900 -156.57 18.11 77.51
CA LEU G 900 -157.70 17.76 76.67
C LEU G 900 -159.01 17.65 77.45
N GLY G 901 -158.94 17.62 78.78
CA GLY G 901 -160.14 17.59 79.60
C GLY G 901 -160.75 16.21 79.74
N TRP G 902 -159.99 15.26 80.29
CA TRP G 902 -160.49 13.92 80.51
C TRP G 902 -161.33 13.87 81.79
N GLN G 903 -162.10 12.80 81.94
CA GLN G 903 -162.98 12.63 83.08
C GLN G 903 -162.57 11.42 83.90
N TYR G 904 -162.97 11.42 85.17
CA TYR G 904 -162.70 10.31 86.06
C TYR G 904 -163.78 9.25 85.91
N GLY G 905 -163.36 8.00 85.67
CA GLY G 905 -164.28 6.92 85.46
C GLY G 905 -163.65 5.56 85.75
N PRO G 906 -164.49 4.53 85.91
CA PRO G 906 -163.96 3.21 86.27
C PRO G 906 -163.52 2.36 85.08
N VAL G 907 -163.72 2.84 83.85
CA VAL G 907 -163.39 2.07 82.65
C VAL G 907 -162.17 2.69 82.00
N ARG G 908 -161.34 1.85 81.38
CA ARG G 908 -160.11 2.30 80.74
C ARG G 908 -160.32 2.42 79.25
N ASP G 909 -160.18 3.63 78.72
CA ASP G 909 -160.13 3.82 77.28
C ASP G 909 -159.61 5.23 77.03
N ASP G 910 -159.09 5.45 75.82
CA ASP G 910 -158.54 6.74 75.43
C ASP G 910 -159.47 7.53 74.53
N ASN G 911 -160.15 6.88 73.58
CA ASN G 911 -161.12 7.56 72.74
C ASN G 911 -162.29 8.14 73.53
N LYS G 912 -162.57 7.60 74.72
CA LYS G 912 -163.65 8.12 75.54
C LYS G 912 -163.24 9.31 76.40
N ARG G 913 -161.96 9.67 76.39
CA ARG G 913 -161.44 10.84 77.11
C ARG G 913 -161.66 10.71 78.62
N GLN G 914 -161.20 9.58 79.16
CA GLN G 914 -161.32 9.34 80.59
C GLN G 914 -160.11 8.57 81.10
N HIS G 915 -159.77 8.82 82.36
CA HIS G 915 -158.59 8.21 82.95
C HIS G 915 -158.82 7.88 84.42
N PRO G 916 -158.65 6.61 84.83
CA PRO G 916 -158.86 6.24 86.23
C PRO G 916 -157.70 6.59 87.16
N CYS G 917 -156.65 7.25 86.66
CA CYS G 917 -155.50 7.60 87.47
C CYS G 917 -155.54 9.06 87.95
N LEU G 918 -156.75 9.62 88.11
CA LEU G 918 -156.90 10.97 88.63
C LEU G 918 -156.99 11.00 90.15
N VAL G 919 -156.87 9.85 90.82
CA VAL G 919 -156.86 9.78 92.28
C VAL G 919 -155.42 9.89 92.76
N GLU G 920 -155.23 10.53 93.92
CA GLU G 920 -153.89 10.73 94.46
C GLU G 920 -153.40 9.45 95.14
N PHE G 921 -152.22 9.54 95.76
CA PHE G 921 -151.46 8.33 96.08
C PHE G 921 -152.08 7.50 97.20
N CYS G 922 -153.06 8.03 97.95
CA CYS G 922 -153.50 7.33 99.15
C CYS G 922 -154.41 6.14 98.83
N LYS G 923 -155.07 6.14 97.67
CA LYS G 923 -156.03 5.12 97.32
C LYS G 923 -155.67 4.32 96.09
N LEU G 924 -154.82 4.84 95.21
CA LEU G 924 -154.38 4.06 94.06
C LEU G 924 -153.54 2.88 94.53
N PRO G 925 -153.75 1.69 93.97
CA PRO G 925 -153.08 0.49 94.49
C PRO G 925 -151.57 0.55 94.29
N GLU G 926 -150.91 -0.48 94.84
CA GLU G 926 -149.46 -0.57 94.78
C GLU G 926 -148.93 -1.15 93.46
N GLN G 927 -149.76 -1.86 92.69
CA GLN G 927 -149.28 -2.46 91.44
C GLN G 927 -149.18 -1.41 90.35
N GLU G 928 -150.26 -0.62 90.16
CA GLU G 928 -150.19 0.50 89.21
C GLU G 928 -149.19 1.54 89.67
N ARG G 929 -149.02 1.71 90.99
CA ARG G 929 -147.96 2.57 91.50
C ARG G 929 -146.60 2.07 91.05
N ASN G 930 -146.39 0.74 91.07
CA ASN G 930 -145.14 0.16 90.60
C ASN G 930 -144.96 0.40 89.10
N TYR G 931 -146.04 0.24 88.33
CA TYR G 931 -145.94 0.46 86.89
C TYR G 931 -145.59 1.91 86.58
N ASN G 932 -146.21 2.86 87.28
CA ASN G 932 -145.93 4.28 87.03
C ASN G 932 -144.55 4.67 87.54
N LEU G 933 -144.10 4.04 88.63
CA LEU G 933 -142.77 4.28 89.16
C LEU G 933 -141.67 3.59 88.35
N GLN G 934 -142.04 2.64 87.47
CA GLN G 934 -141.04 1.99 86.64
C GLN G 934 -140.34 2.99 85.72
N MET G 935 -141.13 3.80 85.01
CA MET G 935 -140.53 4.80 84.11
C MET G 935 -139.74 5.84 84.89
N SER G 936 -140.26 6.26 86.04
CA SER G 936 -139.55 7.24 86.85
C SER G 936 -138.23 6.68 87.35
N LEU G 937 -138.22 5.43 87.80
CA LEU G 937 -136.98 4.82 88.29
C LEU G 937 -135.98 4.62 87.16
N GLU G 938 -136.45 4.24 85.97
CA GLU G 938 -135.54 4.14 84.84
C GLU G 938 -134.95 5.50 84.50
N THR G 939 -135.79 6.54 84.51
CA THR G 939 -135.31 7.87 84.16
C THR G 939 -134.34 8.39 85.22
N LEU G 940 -134.60 8.12 86.51
CA LEU G 940 -133.67 8.55 87.55
C LEU G 940 -132.37 7.77 87.48
N LYS G 941 -132.43 6.47 87.18
CA LYS G 941 -131.21 5.68 87.05
C LYS G 941 -130.36 6.19 85.90
N THR G 942 -131.00 6.52 84.78
CA THR G 942 -130.28 7.10 83.66
C THR G 942 -129.67 8.45 84.03
N LEU G 943 -130.43 9.29 84.74
CA LEU G 943 -129.93 10.60 85.14
C LEU G 943 -128.73 10.48 86.06
N LEU G 944 -128.77 9.53 87.01
CA LEU G 944 -127.65 9.38 87.94
C LEU G 944 -126.46 8.70 87.29
N ALA G 945 -126.68 7.88 86.27
CA ALA G 945 -125.60 7.17 85.60
C ALA G 945 -124.96 7.97 84.47
N LEU G 946 -125.44 9.19 84.20
CA LEU G 946 -124.91 9.98 83.09
C LEU G 946 -123.53 10.57 83.37
N GLY G 947 -122.93 10.29 84.53
CA GLY G 947 -121.62 10.80 84.88
C GLY G 947 -121.60 11.77 86.04
N CYS G 948 -122.77 12.14 86.58
CA CYS G 948 -122.88 13.15 87.62
C CYS G 948 -123.81 12.66 88.72
N HIS G 949 -123.37 12.76 89.98
CA HIS G 949 -124.28 12.59 91.10
C HIS G 949 -125.33 13.69 91.14
N VAL G 950 -126.54 13.31 91.52
CA VAL G 950 -127.59 14.24 91.91
C VAL G 950 -127.95 13.93 93.35
N GLY G 951 -127.52 14.80 94.26
CA GLY G 951 -127.86 14.64 95.67
C GLY G 951 -128.67 15.80 96.16
N ILE G 952 -128.50 16.15 97.44
CA ILE G 952 -129.19 17.30 98.01
C ILE G 952 -128.23 18.49 97.99
N ALA G 953 -128.79 19.68 97.82
CA ALA G 953 -128.00 20.91 97.77
C ALA G 953 -128.81 22.09 98.32
N TYR G 970 -156.73 29.73 88.62
CA TYR G 970 -156.70 28.29 88.90
C TYR G 970 -157.16 27.49 87.69
N GLN G 971 -157.64 26.27 87.93
CA GLN G 971 -158.14 25.44 86.84
C GLN G 971 -159.39 24.70 87.27
N LEU G 972 -160.30 24.52 86.32
CA LEU G 972 -161.57 23.82 86.53
C LEU G 972 -161.31 22.31 86.47
N THR G 973 -161.36 21.66 87.64
CA THR G 973 -161.22 20.21 87.70
C THR G 973 -162.28 19.62 88.62
N SER G 974 -162.20 18.32 88.90
CA SER G 974 -163.15 17.66 89.77
C SER G 974 -162.69 17.57 91.22
N GLY G 975 -161.58 18.20 91.57
CA GLY G 975 -161.14 18.22 92.95
C GLY G 975 -159.64 18.02 93.10
N TYR G 976 -158.96 17.89 91.97
CA TYR G 976 -157.53 17.62 91.93
C TYR G 976 -156.79 18.85 91.39
N LYS G 977 -155.76 19.28 92.12
CA LYS G 977 -154.97 20.45 91.75
C LYS G 977 -153.55 20.05 91.36
N PRO G 978 -153.25 19.86 90.08
CA PRO G 978 -151.85 19.63 89.70
C PRO G 978 -151.06 20.93 89.67
N ALA G 979 -150.23 21.16 90.69
CA ALA G 979 -149.44 22.39 90.78
C ALA G 979 -148.33 22.22 91.80
N PRO G 980 -147.25 21.52 91.48
CA PRO G 980 -146.14 21.40 92.42
C PRO G 980 -145.45 22.74 92.66
N MET G 981 -145.12 23.43 91.58
CA MET G 981 -144.43 24.72 91.66
C MET G 981 -144.54 25.39 90.29
N ASP G 982 -143.71 26.42 90.09
CA ASP G 982 -143.61 27.06 88.79
C ASP G 982 -142.60 26.32 87.92
N LEU G 983 -142.87 26.29 86.62
CA LEU G 983 -141.98 25.68 85.64
C LEU G 983 -141.41 26.66 84.62
N SER G 984 -142.20 27.64 84.18
CA SER G 984 -141.74 28.55 83.14
C SER G 984 -140.76 29.61 83.67
N PHE G 985 -140.60 29.73 84.98
CA PHE G 985 -139.61 30.64 85.56
C PHE G 985 -138.20 30.13 85.27
N ILE G 986 -137.87 28.97 85.81
CA ILE G 986 -136.48 28.51 85.89
C ILE G 986 -135.95 28.17 84.50
N LYS G 987 -134.63 28.21 84.35
CA LYS G 987 -133.94 27.85 83.13
C LYS G 987 -133.04 26.66 83.39
N LEU G 988 -132.98 25.75 82.43
CA LEU G 988 -132.21 24.52 82.59
C LEU G 988 -130.81 24.70 82.02
N THR G 989 -129.81 24.29 82.80
CA THR G 989 -128.42 24.38 82.36
C THR G 989 -128.22 23.47 81.14
N PRO G 990 -127.39 23.90 80.18
CA PRO G 990 -127.13 23.04 79.01
C PRO G 990 -126.52 21.68 79.37
N SER G 991 -125.79 21.60 80.48
CA SER G 991 -125.29 20.31 80.93
C SER G 991 -126.44 19.34 81.17
N GLN G 992 -127.43 19.77 81.98
CA GLN G 992 -128.59 18.92 82.23
C GLN G 992 -129.45 18.77 80.99
N GLU G 993 -129.41 19.74 80.07
CA GLU G 993 -130.09 19.58 78.79
C GLU G 993 -129.54 18.39 78.03
N ALA G 994 -128.22 18.34 77.85
CA ALA G 994 -127.60 17.20 77.18
C ALA G 994 -127.79 15.91 77.98
N MET G 995 -127.81 16.01 79.31
CA MET G 995 -128.05 14.83 80.13
C MET G 995 -129.44 14.25 79.84
N VAL G 996 -130.48 15.08 79.90
CA VAL G 996 -131.82 14.62 79.60
C VAL G 996 -131.93 14.18 78.14
N ASP G 997 -131.10 14.75 77.27
CA ASP G 997 -131.10 14.33 75.87
C ASP G 997 -130.63 12.89 75.73
N LYS G 998 -129.48 12.56 76.31
CA LYS G 998 -129.02 11.18 76.32
C LYS G 998 -129.99 10.29 77.09
N LEU G 999 -130.67 10.84 78.10
CA LEU G 999 -131.69 10.11 78.84
C LEU G 999 -132.83 9.67 77.93
N ALA G 1000 -133.35 10.61 77.14
CA ALA G 1000 -134.41 10.28 76.19
C ALA G 1000 -133.90 9.36 75.09
N GLU G 1001 -132.63 9.50 74.70
CA GLU G 1001 -131.99 8.53 73.82
C GLU G 1001 -132.15 7.12 74.37
N ASN G 1002 -131.72 6.92 75.63
CA ASN G 1002 -131.78 5.59 76.25
C ASN G 1002 -133.23 5.11 76.38
N ALA G 1003 -134.14 6.02 76.73
CA ALA G 1003 -135.55 5.65 76.87
C ALA G 1003 -136.10 5.13 75.55
N HIS G 1004 -135.87 5.86 74.46
CA HIS G 1004 -136.38 5.41 73.17
C HIS G 1004 -135.63 4.16 72.68
N ASN G 1005 -134.36 4.00 73.06
CA ASN G 1005 -133.63 2.79 72.68
C ASN G 1005 -134.26 1.56 73.31
N VAL G 1006 -134.51 1.60 74.62
CA VAL G 1006 -135.15 0.45 75.26
C VAL G 1006 -136.58 0.29 74.78
N TRP G 1007 -137.27 1.39 74.48
CA TRP G 1007 -138.62 1.27 73.93
C TRP G 1007 -138.62 0.58 72.58
N ALA G 1008 -137.62 0.88 71.74
CA ALA G 1008 -137.52 0.21 70.44
C ALA G 1008 -137.13 -1.25 70.61
N ARG G 1009 -136.24 -1.55 71.56
CA ARG G 1009 -135.87 -2.95 71.79
C ARG G 1009 -137.04 -3.75 72.32
N ASP G 1010 -138.00 -3.08 72.98
CA ASP G 1010 -139.22 -3.76 73.39
C ASP G 1010 -140.24 -3.82 72.27
N ARG G 1011 -140.23 -2.85 71.36
CA ARG G 1011 -141.23 -2.78 70.30
C ARG G 1011 -140.91 -3.65 69.11
N ILE G 1012 -139.64 -3.99 68.88
CA ILE G 1012 -139.27 -4.84 67.76
C ILE G 1012 -139.96 -6.20 67.82
N ARG G 1013 -140.41 -6.60 69.01
CA ARG G 1013 -141.18 -7.84 69.14
C ARG G 1013 -142.64 -7.63 68.77
N GLN G 1014 -143.13 -6.40 68.88
CA GLN G 1014 -144.52 -6.10 68.54
C GLN G 1014 -144.63 -5.57 67.12
N ARG G 1027 -144.47 -3.78 62.46
CA ARG G 1027 -143.35 -4.23 61.63
C ARG G 1027 -142.85 -3.10 60.74
N ARG G 1028 -141.54 -2.85 60.79
CA ARG G 1028 -140.91 -1.80 60.00
C ARG G 1028 -141.56 -0.43 60.27
N ASN G 1029 -141.40 0.02 61.50
CA ASN G 1029 -142.09 1.24 61.90
C ASN G 1029 -141.12 2.41 62.05
N PRO G 1030 -141.54 3.61 61.65
CA PRO G 1030 -140.73 4.81 61.94
C PRO G 1030 -140.48 5.01 63.42
N ARG G 1031 -141.39 4.53 64.28
CA ARG G 1031 -141.06 4.52 65.70
C ARG G 1031 -140.15 3.36 66.06
N LEU G 1032 -140.22 2.25 65.31
CA LEU G 1032 -139.33 1.12 65.56
C LEU G 1032 -137.87 1.49 65.27
N VAL G 1033 -137.64 2.39 64.32
CA VAL G 1033 -136.28 2.83 64.01
C VAL G 1033 -135.73 3.53 65.26
N PRO G 1034 -134.42 3.48 65.53
CA PRO G 1034 -133.90 4.06 66.77
C PRO G 1034 -134.11 5.57 66.85
N TYR G 1035 -133.92 6.09 68.06
CA TYR G 1035 -134.16 7.51 68.33
C TYR G 1035 -133.22 8.40 67.55
N THR G 1036 -131.96 7.98 67.37
CA THR G 1036 -131.01 8.78 66.60
C THR G 1036 -131.41 8.91 65.14
N LEU G 1037 -132.30 8.04 64.66
CA LEU G 1037 -132.80 8.07 63.29
C LEU G 1037 -134.23 8.61 63.20
N LEU G 1038 -134.80 9.03 64.34
CA LEU G 1038 -136.21 9.39 64.39
C LEU G 1038 -136.45 10.78 63.79
N ASP G 1039 -137.73 11.08 63.57
CA ASP G 1039 -138.12 12.39 63.07
C ASP G 1039 -137.85 13.47 64.13
N ASP G 1040 -137.44 14.65 63.65
CA ASP G 1040 -137.04 15.72 64.56
C ASP G 1040 -138.20 16.23 65.40
N ARG G 1041 -139.42 16.17 64.86
CA ARG G 1041 -140.58 16.67 65.61
C ARG G 1041 -140.87 15.78 66.82
N THR G 1042 -140.99 14.46 66.60
CA THR G 1042 -141.19 13.54 67.72
C THR G 1042 -139.99 13.54 68.64
N LYS G 1043 -138.78 13.73 68.10
CA LYS G 1043 -137.60 13.83 68.94
C LYS G 1043 -137.71 15.01 69.90
N LYS G 1044 -138.09 16.18 69.38
CA LYS G 1044 -138.28 17.36 70.22
C LYS G 1044 -139.38 17.14 71.25
N SER G 1045 -140.48 16.50 70.84
CA SER G 1045 -141.59 16.28 71.76
C SER G 1045 -141.16 15.40 72.93
N ASN G 1046 -140.60 14.24 72.63
CA ASN G 1046 -140.12 13.34 73.68
C ASN G 1046 -139.04 14.01 74.52
N LYS G 1047 -138.18 14.79 73.88
CA LYS G 1047 -137.12 15.50 74.58
C LYS G 1047 -137.70 16.46 75.61
N ASP G 1048 -138.70 17.24 75.23
CA ASP G 1048 -139.27 18.23 76.14
C ASP G 1048 -140.05 17.55 77.26
N SER G 1049 -140.82 16.51 76.93
CA SER G 1049 -141.60 15.81 77.95
C SER G 1049 -140.70 15.14 78.97
N LEU G 1050 -139.56 14.60 78.53
CA LEU G 1050 -138.62 13.97 79.44
C LEU G 1050 -137.66 14.95 80.09
N ARG G 1051 -137.57 16.18 79.56
CA ARG G 1051 -136.78 17.22 80.19
C ARG G 1051 -137.57 17.97 81.26
N GLU G 1052 -138.90 17.88 81.24
CA GLU G 1052 -139.68 18.48 82.32
C GLU G 1052 -139.28 17.91 83.67
N ALA G 1053 -138.91 16.63 83.72
CA ALA G 1053 -138.50 16.01 84.97
C ALA G 1053 -137.21 16.63 85.50
N VAL G 1054 -136.23 16.84 84.61
CA VAL G 1054 -134.99 17.48 85.02
C VAL G 1054 -135.25 18.93 85.44
N ARG G 1055 -136.17 19.60 84.76
CA ARG G 1055 -136.54 20.95 85.16
C ARG G 1055 -137.12 20.97 86.57
N THR G 1056 -138.01 20.03 86.87
CA THR G 1056 -138.56 19.94 88.22
C THR G 1056 -137.46 19.62 89.23
N LEU G 1057 -136.52 18.75 88.86
CA LEU G 1057 -135.45 18.38 89.79
C LEU G 1057 -134.60 19.58 90.15
N LEU G 1058 -134.22 20.38 89.15
CA LEU G 1058 -133.49 21.61 89.43
C LEU G 1058 -134.37 22.74 89.96
N GLY G 1059 -135.69 22.58 89.94
CA GLY G 1059 -136.57 23.60 90.48
C GLY G 1059 -136.45 23.73 91.99
N TYR G 1060 -136.73 22.64 92.71
CA TYR G 1060 -136.66 22.68 94.17
C TYR G 1060 -135.23 22.83 94.67
N GLY G 1061 -134.26 22.28 93.96
CA GLY G 1061 -132.87 22.47 94.32
C GLY G 1061 -132.14 21.21 94.73
N TYR G 1062 -132.70 20.05 94.40
CA TYR G 1062 -132.04 18.77 94.69
C TYR G 1062 -131.12 18.37 93.55
N ARG G 1084 -105.99 4.06 55.56
CA ARG G 1084 -106.67 3.44 54.44
C ARG G 1084 -106.61 4.34 53.20
N PHE G 1085 -105.78 5.38 53.29
CA PHE G 1085 -105.69 6.38 52.24
C PHE G 1085 -105.36 5.75 50.89
N ARG G 1086 -105.83 6.40 49.83
CA ARG G 1086 -105.57 5.96 48.47
C ARG G 1086 -104.70 6.98 47.75
N ILE G 1087 -103.71 6.49 47.00
CA ILE G 1087 -102.73 7.32 46.32
C ILE G 1087 -102.99 7.24 44.82
N PHE G 1088 -103.23 8.38 44.20
CA PHE G 1088 -103.37 8.48 42.76
C PHE G 1088 -102.16 9.20 42.18
N ARG G 1089 -101.85 8.92 40.92
CA ARG G 1089 -100.69 9.53 40.29
C ARG G 1089 -100.81 9.38 38.78
N ALA G 1090 -99.94 10.09 38.07
CA ALA G 1090 -99.86 9.92 36.63
C ALA G 1090 -99.05 8.67 36.29
N GLU G 1091 -99.03 8.31 35.01
CA GLU G 1091 -98.28 7.15 34.57
C GLU G 1091 -96.78 7.43 34.66
N LYS G 1092 -96.02 6.41 35.09
CA LYS G 1092 -94.61 6.59 35.35
C LYS G 1092 -93.81 6.88 34.08
N THR G 1093 -94.34 6.51 32.91
CA THR G 1093 -93.66 6.81 31.65
C THR G 1093 -93.74 8.29 31.28
N TYR G 1094 -94.58 9.06 31.95
CA TYR G 1094 -94.64 10.50 31.76
C TYR G 1094 -93.67 11.25 32.66
N ALA G 1095 -92.64 10.57 33.17
CA ALA G 1095 -91.67 11.21 34.03
C ALA G 1095 -90.95 12.32 33.29
N VAL G 1096 -90.69 13.42 34.00
CA VAL G 1096 -90.05 14.60 33.43
C VAL G 1096 -88.69 14.78 34.08
N LYS G 1097 -87.73 15.29 33.30
CA LYS G 1097 -86.39 15.53 33.80
C LYS G 1097 -85.85 16.92 33.43
N ALA G 1098 -86.65 17.74 32.76
CA ALA G 1098 -86.21 19.07 32.38
C ALA G 1098 -87.43 19.94 32.09
N GLY G 1099 -87.30 21.23 32.36
CA GLY G 1099 -88.35 22.18 32.08
C GLY G 1099 -89.12 22.61 33.31
N ARG G 1100 -90.11 23.46 33.07
CA ARG G 1100 -90.98 23.98 34.11
C ARG G 1100 -92.36 23.36 33.94
N TRP G 1101 -92.75 22.53 34.90
CA TRP G 1101 -94.03 21.82 34.84
C TRP G 1101 -94.94 22.31 35.97
N TYR G 1102 -96.24 22.35 35.66
CA TYR G 1102 -97.24 22.89 36.57
C TYR G 1102 -98.51 22.06 36.46
N PHE G 1103 -99.12 21.77 37.61
CA PHE G 1103 -100.39 21.05 37.59
C PHE G 1103 -101.25 21.45 38.79
N GLU G 1104 -102.55 21.45 38.58
CA GLU G 1104 -103.51 21.90 39.58
C GLU G 1104 -104.17 20.73 40.29
N PHE G 1105 -104.57 20.97 41.53
CA PHE G 1105 -105.29 19.99 42.33
C PHE G 1105 -106.37 20.72 43.11
N GLU G 1106 -107.63 20.39 42.83
CA GLU G 1106 -108.77 20.96 43.52
C GLU G 1106 -109.20 19.99 44.62
N ALA G 1107 -109.45 20.53 45.80
CA ALA G 1107 -109.90 19.75 46.94
C ALA G 1107 -111.25 20.27 47.39
N VAL G 1108 -112.29 19.43 47.28
CA VAL G 1108 -113.62 19.85 47.69
C VAL G 1108 -113.73 19.88 49.20
N THR G 1109 -113.13 18.91 49.88
CA THR G 1109 -113.13 18.82 51.32
C THR G 1109 -111.89 19.50 51.88
N ALA G 1110 -111.66 19.36 53.19
CA ALA G 1110 -110.50 19.93 53.85
C ALA G 1110 -109.88 18.94 54.82
N GLY G 1111 -109.99 17.64 54.54
CA GLY G 1111 -109.47 16.63 55.43
C GLY G 1111 -108.02 16.28 55.14
N ASP G 1112 -107.71 14.98 55.15
CA ASP G 1112 -106.35 14.51 54.93
C ASP G 1112 -106.08 14.41 53.44
N MET G 1113 -105.28 15.33 52.91
CA MET G 1113 -104.94 15.32 51.49
C MET G 1113 -103.52 15.83 51.32
N ARG G 1114 -102.73 15.11 50.53
CA ARG G 1114 -101.37 15.51 50.21
C ARG G 1114 -101.21 15.55 48.69
N VAL G 1115 -100.33 16.43 48.22
CA VAL G 1115 -100.12 16.60 46.79
C VAL G 1115 -98.64 16.89 46.54
N GLY G 1116 -98.15 16.46 45.38
CA GLY G 1116 -96.76 16.76 45.04
C GLY G 1116 -96.29 15.93 43.86
N TRP G 1117 -94.98 15.66 43.87
CA TRP G 1117 -94.30 14.97 42.79
C TRP G 1117 -93.47 13.84 43.37
N SER G 1118 -93.71 12.62 42.92
CA SER G 1118 -93.02 11.44 43.43
C SER G 1118 -92.19 10.79 42.34
N ARG G 1119 -91.07 10.20 42.75
CA ARG G 1119 -90.21 9.46 41.84
C ARG G 1119 -90.90 8.17 41.41
N PRO G 1120 -90.45 7.56 40.28
CA PRO G 1120 -91.09 6.34 39.76
C PRO G 1120 -90.77 5.08 40.55
N GLY G 1121 -90.80 5.19 41.87
CA GLY G 1121 -90.56 4.05 42.73
C GLY G 1121 -91.35 4.11 44.03
N CYS G 1122 -92.26 5.08 44.13
CA CYS G 1122 -92.96 5.32 45.38
C CYS G 1122 -93.87 4.15 45.74
N GLN G 1123 -94.10 3.99 47.02
CA GLN G 1123 -94.93 2.91 47.55
C GLN G 1123 -96.37 3.36 47.65
N PRO G 1124 -97.33 2.59 47.11
CA PRO G 1124 -98.74 2.99 47.20
C PRO G 1124 -99.38 2.74 48.55
N ASP G 1125 -98.69 2.07 49.48
CA ASP G 1125 -99.25 1.79 50.79
C ASP G 1125 -98.74 2.72 51.88
N LEU G 1126 -97.56 3.31 51.69
CA LEU G 1126 -96.99 4.22 52.69
C LEU G 1126 -97.56 5.63 52.49
N GLU G 1127 -97.45 6.43 53.54
CA GLU G 1127 -97.91 7.81 53.47
C GLU G 1127 -97.09 8.58 52.45
N LEU G 1128 -97.77 9.37 51.62
CA LEU G 1128 -97.11 10.12 50.58
C LEU G 1128 -96.12 11.12 51.18
N GLY G 1129 -94.86 11.01 50.78
CA GLY G 1129 -93.83 11.88 51.30
C GLY G 1129 -93.08 11.35 52.51
N SER G 1130 -93.20 10.06 52.81
CA SER G 1130 -92.46 9.50 53.93
C SER G 1130 -90.98 9.32 53.58
N ASP G 1131 -90.70 8.59 52.52
CA ASP G 1131 -89.33 8.40 52.07
C ASP G 1131 -88.90 9.49 51.09
N ASP G 1132 -87.66 9.38 50.61
CA ASP G 1132 -87.14 10.26 49.57
C ASP G 1132 -87.76 10.00 48.20
N ARG G 1133 -88.57 8.94 48.07
CA ARG G 1133 -89.23 8.62 46.82
C ARG G 1133 -90.46 9.47 46.54
N ALA G 1134 -90.67 10.53 47.32
CA ALA G 1134 -91.84 11.39 47.15
C ALA G 1134 -91.57 12.75 47.76
N PHE G 1135 -91.90 13.80 47.02
CA PHE G 1135 -91.84 15.18 47.50
C PHE G 1135 -93.28 15.68 47.56
N ALA G 1136 -93.84 15.72 48.76
CA ALA G 1136 -95.26 16.01 48.95
C ALA G 1136 -95.45 17.20 49.88
N PHE G 1137 -96.69 17.65 49.95
CA PHE G 1137 -97.11 18.74 50.82
C PHE G 1137 -98.53 18.46 51.29
N ASP G 1138 -98.79 18.74 52.56
CA ASP G 1138 -100.08 18.46 53.19
C ASP G 1138 -100.69 19.76 53.69
N GLY G 1139 -102.02 19.82 53.64
CA GLY G 1139 -102.76 20.96 54.15
C GLY G 1139 -103.35 20.70 55.51
N PHE G 1140 -103.47 19.41 55.86
CA PHE G 1140 -104.00 19.04 57.17
C PHE G 1140 -103.07 19.49 58.29
N LYS G 1141 -101.77 19.60 58.00
CA LYS G 1141 -100.80 20.08 58.97
C LYS G 1141 -100.01 21.29 58.47
N ALA G 1142 -100.20 21.70 57.22
CA ALA G 1142 -99.52 22.85 56.63
C ALA G 1142 -98.00 22.69 56.73
N GLN G 1143 -97.49 21.62 56.13
CA GLN G 1143 -96.07 21.32 56.18
C GLN G 1143 -95.72 20.44 54.98
N ARG G 1144 -94.47 20.55 54.54
CA ARG G 1144 -93.98 19.73 53.44
C ARG G 1144 -93.56 18.36 53.94
N TRP G 1145 -93.73 17.35 53.08
CA TRP G 1145 -93.52 15.97 53.44
C TRP G 1145 -92.31 15.41 52.70
N HIS G 1146 -91.30 15.01 53.44
CA HIS G 1146 -90.09 14.37 52.93
C HIS G 1146 -89.57 13.45 54.04
N GLN G 1147 -88.30 13.08 53.97
CA GLN G 1147 -87.70 12.36 55.07
C GLN G 1147 -87.60 13.32 56.25
N GLY G 1148 -88.63 13.33 57.10
CA GLY G 1148 -88.80 14.35 58.11
C GLY G 1148 -89.87 15.35 57.71
N ASN G 1149 -90.21 16.22 58.65
CA ASN G 1149 -91.25 17.21 58.44
C ASN G 1149 -90.75 18.58 58.89
N GLU G 1150 -91.25 19.62 58.22
CA GLU G 1150 -90.89 21.00 58.56
C GLU G 1150 -91.97 21.92 58.00
N HIS G 1151 -92.40 22.87 58.83
CA HIS G 1151 -93.58 23.67 58.52
C HIS G 1151 -93.40 24.44 57.21
N TYR G 1152 -94.46 24.46 56.40
CA TYR G 1152 -94.42 25.11 55.10
C TYR G 1152 -95.84 25.49 54.69
N GLY G 1153 -96.03 26.77 54.36
CA GLY G 1153 -97.31 27.26 53.86
C GLY G 1153 -98.42 27.23 54.88
N ARG G 1154 -99.63 27.48 54.39
CA ARG G 1154 -100.84 27.53 55.20
C ARG G 1154 -101.82 26.47 54.72
N SER G 1155 -102.84 26.22 55.55
CA SER G 1155 -103.86 25.23 55.23
C SER G 1155 -104.89 25.81 54.27
N TRP G 1156 -105.70 24.93 53.70
CA TRP G 1156 -106.71 25.30 52.73
C TRP G 1156 -108.09 25.30 53.39
N GLN G 1157 -109.14 25.52 52.58
CA GLN G 1157 -110.51 25.45 53.07
C GLN G 1157 -111.30 24.44 52.25
N ALA G 1158 -112.60 24.38 52.49
CA ALA G 1158 -113.47 23.47 51.74
C ALA G 1158 -113.78 24.07 50.37
N GLY G 1159 -113.29 23.43 49.31
CA GLY G 1159 -113.49 23.92 47.97
C GLY G 1159 -112.36 24.82 47.51
N ASP G 1160 -111.13 24.32 47.58
CA ASP G 1160 -109.94 25.09 47.26
C ASP G 1160 -109.20 24.50 46.07
N VAL G 1161 -108.19 25.23 45.62
CA VAL G 1161 -107.33 24.81 44.51
C VAL G 1161 -105.89 25.13 44.89
N VAL G 1162 -104.97 24.25 44.50
CA VAL G 1162 -103.55 24.45 44.74
C VAL G 1162 -102.77 24.00 43.51
N GLY G 1163 -101.86 24.86 43.05
CA GLY G 1163 -101.04 24.57 41.89
C GLY G 1163 -99.62 24.26 42.31
N CYS G 1164 -99.12 23.12 41.83
CA CYS G 1164 -97.76 22.68 42.10
C CYS G 1164 -96.88 22.95 40.89
N MET G 1165 -95.73 23.56 41.14
CA MET G 1165 -94.76 23.89 40.10
C MET G 1165 -93.43 23.23 40.42
N VAL G 1166 -92.78 22.69 39.39
CA VAL G 1166 -91.46 22.08 39.51
C VAL G 1166 -90.63 22.54 38.33
N ASP G 1167 -89.53 23.23 38.61
CA ASP G 1167 -88.55 23.60 37.61
C ASP G 1167 -87.35 22.67 37.77
N MET G 1168 -87.16 21.78 36.79
CA MET G 1168 -86.10 20.79 36.88
C MET G 1168 -84.74 21.35 36.50
N ASN G 1169 -84.70 22.34 35.61
CA ASN G 1169 -83.42 22.94 35.22
C ASN G 1169 -82.77 23.67 36.39
N GLU G 1170 -83.59 24.26 37.26
CA GLU G 1170 -83.09 24.91 38.46
C GLU G 1170 -83.32 24.11 39.73
N HIS G 1171 -84.05 22.99 39.64
CA HIS G 1171 -84.32 22.12 40.79
C HIS G 1171 -85.01 22.88 41.92
N THR G 1172 -86.20 23.38 41.60
CA THR G 1172 -87.02 24.11 42.56
C THR G 1172 -88.45 23.61 42.53
N MET G 1173 -89.06 23.50 43.71
CA MET G 1173 -90.44 23.08 43.86
C MET G 1173 -91.21 24.17 44.59
N MET G 1174 -92.34 24.58 44.03
CA MET G 1174 -93.16 25.64 44.60
C MET G 1174 -94.62 25.22 44.63
N PHE G 1175 -95.36 25.81 45.55
CA PHE G 1175 -96.79 25.55 45.69
C PHE G 1175 -97.52 26.86 45.85
N THR G 1176 -98.61 27.02 45.10
CA THR G 1176 -99.41 28.25 45.13
C THR G 1176 -100.85 27.88 45.53
N LEU G 1177 -101.31 28.44 46.65
CA LEU G 1177 -102.66 28.20 47.14
C LEU G 1177 -103.55 29.33 46.66
N ASN G 1178 -104.33 29.07 45.61
CA ASN G 1178 -105.25 30.04 45.03
C ASN G 1178 -104.53 31.32 44.61
N GLY G 1179 -103.42 31.15 43.89
CA GLY G 1179 -102.63 32.25 43.41
C GLY G 1179 -101.55 32.72 44.35
N GLU G 1180 -101.76 32.59 45.65
CA GLU G 1180 -100.76 33.00 46.64
C GLU G 1180 -99.67 31.96 46.75
N ILE G 1181 -98.45 32.33 46.36
CA ILE G 1181 -97.32 31.42 46.44
C ILE G 1181 -96.96 31.18 47.91
N LEU G 1182 -96.80 29.92 48.28
CA LEU G 1182 -96.55 29.56 49.67
C LEU G 1182 -95.18 30.07 50.14
N LEU G 1183 -95.05 30.20 51.45
CA LEU G 1183 -93.82 30.65 52.08
C LEU G 1183 -93.57 29.84 53.33
N ASP G 1184 -92.32 29.46 53.53
CA ASP G 1184 -91.89 28.77 54.75
C ASP G 1184 -91.47 29.81 55.78
N ASP G 1185 -90.83 29.36 56.86
CA ASP G 1185 -90.42 30.26 57.92
C ASP G 1185 -89.12 30.99 57.60
N SER G 1186 -88.33 30.48 56.65
CA SER G 1186 -87.05 31.07 56.29
C SER G 1186 -87.16 32.16 55.23
N GLY G 1187 -88.33 32.34 54.64
CA GLY G 1187 -88.51 33.33 53.59
C GLY G 1187 -88.18 32.87 52.19
N SER G 1188 -88.19 31.57 51.94
CA SER G 1188 -87.91 31.01 50.62
C SER G 1188 -89.21 30.64 49.93
N GLU G 1189 -89.43 31.20 48.75
CA GLU G 1189 -90.67 30.95 48.02
C GLU G 1189 -90.78 29.49 47.59
N LEU G 1190 -89.66 28.88 47.21
CA LEU G 1190 -89.64 27.50 46.78
C LEU G 1190 -89.61 26.55 47.99
N ALA G 1191 -90.22 25.38 47.81
CA ALA G 1191 -90.29 24.40 48.89
C ALA G 1191 -89.03 23.54 48.96
N PHE G 1192 -88.76 22.77 47.91
CA PHE G 1192 -87.63 21.85 47.88
C PHE G 1192 -86.58 22.31 46.89
N LYS G 1193 -85.33 22.00 47.22
CA LYS G 1193 -84.17 22.64 46.59
C LYS G 1193 -82.93 21.76 46.74
N ASP G 1194 -82.17 21.66 45.65
CA ASP G 1194 -81.06 20.73 45.49
C ASP G 1194 -81.53 19.28 45.66
N PHE G 1195 -82.39 18.85 44.74
CA PHE G 1195 -82.81 17.46 44.63
C PHE G 1195 -82.43 16.93 43.25
N ASP G 1196 -81.94 15.69 43.20
CA ASP G 1196 -81.50 15.11 41.94
C ASP G 1196 -82.70 14.85 41.02
N VAL G 1197 -82.42 14.82 39.72
CA VAL G 1197 -83.45 14.48 38.75
C VAL G 1197 -83.82 12.99 38.85
N GLY G 1198 -82.87 12.15 39.28
CA GLY G 1198 -83.10 10.73 39.43
C GLY G 1198 -83.69 10.06 38.20
N ASP G 1199 -84.88 9.50 38.34
CA ASP G 1199 -85.60 8.89 37.24
C ASP G 1199 -86.77 9.73 36.75
N GLY G 1200 -86.98 10.91 37.34
CA GLY G 1200 -88.08 11.78 36.97
C GLY G 1200 -88.99 12.06 38.15
N PHE G 1201 -90.06 12.79 37.86
CA PHE G 1201 -91.06 13.15 38.86
C PHE G 1201 -92.44 13.07 38.24
N ILE G 1202 -93.34 12.39 38.93
CA ILE G 1202 -94.70 12.14 38.46
C ILE G 1202 -95.66 12.90 39.36
N PRO G 1203 -96.66 13.60 38.81
CA PRO G 1203 -97.68 14.21 39.67
C PRO G 1203 -98.42 13.14 40.46
N VAL G 1204 -98.62 13.41 41.75
CA VAL G 1204 -99.16 12.42 42.67
C VAL G 1204 -99.96 13.14 43.75
N CYS G 1205 -101.04 12.50 44.18
CA CYS G 1205 -101.83 12.96 45.31
C CYS G 1205 -102.19 11.76 46.16
N SER G 1206 -102.50 12.03 47.43
CA SER G 1206 -102.91 11.00 48.37
C SER G 1206 -104.10 11.54 49.16
N LEU G 1207 -105.21 10.82 49.10
CA LEU G 1207 -106.44 11.23 49.76
C LEU G 1207 -106.77 10.22 50.86
N GLY G 1208 -106.96 10.72 52.08
CA GLY G 1208 -107.29 9.88 53.21
C GLY G 1208 -108.76 9.53 53.25
N VAL G 1209 -109.25 9.25 54.46
CA VAL G 1209 -110.63 8.79 54.61
C VAL G 1209 -111.60 9.93 54.29
N ALA G 1210 -112.54 9.66 53.39
CA ALA G 1210 -113.61 10.59 53.04
C ALA G 1210 -113.07 11.92 52.52
N GLN G 1211 -112.38 11.83 51.37
CA GLN G 1211 -111.82 13.01 50.71
C GLN G 1211 -112.29 13.03 49.26
N VAL G 1212 -112.34 14.23 48.69
CA VAL G 1212 -112.78 14.44 47.31
C VAL G 1212 -111.83 15.42 46.64
N GLY G 1213 -111.18 14.99 45.56
CA GLY G 1213 -110.23 15.82 44.85
C GLY G 1213 -110.43 15.73 43.34
N ARG G 1214 -109.66 16.55 42.63
CA ARG G 1214 -109.72 16.62 41.18
C ARG G 1214 -108.35 17.07 40.68
N MET G 1215 -107.71 16.25 39.86
CA MET G 1215 -106.41 16.61 39.31
C MET G 1215 -106.56 17.31 37.96
N ASN G 1216 -105.55 18.09 37.60
CA ASN G 1216 -105.54 18.78 36.30
C ASN G 1216 -104.08 18.88 35.87
N PHE G 1217 -103.69 18.02 34.93
CA PHE G 1217 -102.34 18.01 34.39
C PHE G 1217 -102.18 18.95 33.21
N GLY G 1218 -103.08 19.93 33.07
CA GLY G 1218 -103.07 20.81 31.91
C GLY G 1218 -104.05 20.37 30.86
N LYS G 1219 -103.74 20.66 29.59
CA LYS G 1219 -104.53 20.27 28.43
C LYS G 1219 -105.84 21.04 28.35
N ASP G 1220 -106.14 21.83 29.38
CA ASP G 1220 -107.33 22.69 29.37
C ASP G 1220 -106.97 24.00 30.06
N VAL G 1221 -106.47 24.95 29.29
CA VAL G 1221 -106.08 26.23 29.87
C VAL G 1221 -107.30 27.10 30.12
N SER G 1222 -108.39 26.87 29.38
CA SER G 1222 -109.64 27.56 29.66
C SER G 1222 -110.18 27.24 31.04
N THR G 1223 -109.78 26.10 31.61
CA THR G 1223 -110.12 25.75 32.99
C THR G 1223 -108.93 25.85 33.93
N LEU G 1224 -107.72 26.05 33.42
CA LEU G 1224 -106.57 26.32 34.29
C LEU G 1224 -106.69 27.74 34.83
N LYS G 1225 -107.43 27.90 35.93
CA LYS G 1225 -107.76 29.23 36.45
C LYS G 1225 -106.51 29.98 36.89
N TYR G 1226 -105.83 29.45 37.91
CA TYR G 1226 -104.69 30.14 38.51
C TYR G 1226 -103.38 29.87 37.80
N PHE G 1227 -103.42 29.44 36.54
CA PHE G 1227 -102.21 29.27 35.76
C PHE G 1227 -101.82 30.54 35.02
N THR G 1228 -102.79 31.28 34.48
CA THR G 1228 -102.49 32.54 33.84
C THR G 1228 -102.09 33.61 34.86
N ILE G 1229 -102.46 33.43 36.13
CA ILE G 1229 -102.09 34.40 37.15
C ILE G 1229 -100.63 34.21 37.56
N CYS G 1230 -100.20 32.96 37.74
CA CYS G 1230 -98.81 32.68 38.13
C CYS G 1230 -98.33 31.44 37.38
N GLY G 1231 -97.11 31.53 36.85
CA GLY G 1231 -96.52 30.44 36.10
C GLY G 1231 -96.38 30.74 34.62
N LEU G 1232 -97.42 31.35 34.04
CA LEU G 1232 -97.41 31.63 32.61
C LEU G 1232 -96.35 32.68 32.24
N GLN G 1233 -96.30 33.79 32.98
CA GLN G 1233 -95.32 34.83 32.69
C GLN G 1233 -93.92 34.43 33.15
N GLU G 1234 -93.84 33.58 34.16
CA GLU G 1234 -92.53 33.09 34.61
C GLU G 1234 -91.94 32.10 33.63
N GLY G 1235 -92.78 31.33 32.94
CA GLY G 1235 -92.29 30.38 31.96
C GLY G 1235 -92.57 28.95 32.35
N TYR G 1236 -93.59 28.74 33.18
CA TYR G 1236 -93.97 27.41 33.66
C TYR G 1236 -95.04 26.84 32.75
N GLU G 1237 -94.90 25.56 32.40
CA GLU G 1237 -95.89 25.08 31.48
C GLU G 1237 -96.64 23.88 32.04
N PRO G 1238 -97.88 23.65 31.61
CA PRO G 1238 -98.66 22.54 32.16
C PRO G 1238 -98.00 21.20 31.88
N PHE G 1239 -98.49 20.17 32.58
CA PHE G 1239 -97.89 18.85 32.46
C PHE G 1239 -98.26 18.18 31.15
N ALA G 1240 -99.50 18.36 30.69
CA ALA G 1240 -99.98 17.71 29.48
C ALA G 1240 -100.54 18.74 28.50
N VAL G 1241 -99.82 19.84 28.30
CA VAL G 1241 -100.30 20.87 27.38
C VAL G 1241 -100.12 20.41 25.93
N ASN G 1242 -98.99 19.75 25.63
CA ASN G 1242 -98.75 19.19 24.30
C ASN G 1242 -99.06 17.70 24.28
N THR G 1243 -100.33 17.38 24.52
CA THR G 1243 -100.76 16.00 24.69
C THR G 1243 -102.12 15.81 24.02
N ASN G 1244 -102.25 14.71 23.29
CA ASN G 1244 -103.46 14.43 22.53
C ASN G 1244 -104.45 13.53 23.27
N ARG G 1245 -103.95 12.57 24.05
CA ARG G 1245 -104.81 11.64 24.77
C ARG G 1245 -104.58 11.78 26.27
N ASP G 1246 -105.67 11.70 27.03
CA ASP G 1246 -105.61 11.96 28.47
C ASP G 1246 -104.74 10.93 29.18
N ILE G 1247 -104.34 11.28 30.40
CA ILE G 1247 -103.43 10.44 31.18
C ILE G 1247 -104.19 9.24 31.73
N THR G 1248 -103.46 8.16 32.00
CA THR G 1248 -104.07 6.93 32.48
C THR G 1248 -104.53 7.01 33.94
N MET G 1249 -103.91 7.88 34.74
CA MET G 1249 -104.32 8.11 36.13
C MET G 1249 -104.24 6.81 36.95
N TRP G 1250 -103.00 6.35 37.14
CA TRP G 1250 -102.76 5.12 37.89
C TRP G 1250 -103.08 5.33 39.36
N LEU G 1251 -103.93 4.49 39.91
CA LEU G 1251 -104.34 4.57 41.31
C LEU G 1251 -103.74 3.43 42.12
N SER G 1252 -103.91 3.52 43.43
CA SER G 1252 -103.52 2.45 44.34
C SER G 1252 -104.69 1.50 44.52
N LYS G 1253 -104.51 0.25 44.12
CA LYS G 1253 -105.59 -0.72 44.18
C LYS G 1253 -105.81 -1.21 45.61
N ARG G 1254 -107.01 -1.72 45.86
CA ARG G 1254 -107.40 -2.18 47.19
C ARG G 1254 -107.28 -3.68 47.37
N LEU G 1255 -107.37 -4.46 46.30
CA LEU G 1255 -107.29 -5.91 46.42
C LEU G 1255 -105.85 -6.32 46.69
N PRO G 1256 -105.57 -6.97 47.81
CA PRO G 1256 -104.19 -7.32 48.13
C PRO G 1256 -103.73 -8.59 47.44
N GLN G 1257 -103.23 -8.47 46.21
CA GLN G 1257 -102.81 -9.62 45.44
C GLN G 1257 -101.58 -10.29 46.07
N PHE G 1258 -101.30 -11.50 45.62
CA PHE G 1258 -100.14 -12.25 46.07
C PHE G 1258 -98.93 -11.88 45.23
N LEU G 1259 -97.86 -11.45 45.89
CA LEU G 1259 -96.63 -11.08 45.20
C LEU G 1259 -95.47 -11.91 45.74
N GLN G 1260 -94.51 -12.19 44.87
CA GLN G 1260 -93.33 -12.94 45.26
C GLN G 1260 -92.52 -12.16 46.28
N VAL G 1261 -91.93 -12.89 47.22
CA VAL G 1261 -91.12 -12.27 48.27
C VAL G 1261 -89.89 -11.61 47.66
N PRO G 1262 -89.71 -10.31 47.85
CA PRO G 1262 -88.53 -9.64 47.29
C PRO G 1262 -87.31 -9.83 48.17
N SER G 1263 -86.15 -9.67 47.55
CA SER G 1263 -84.89 -9.84 48.27
C SER G 1263 -84.63 -8.66 49.20
N ASN G 1264 -84.94 -7.45 48.77
CA ASN G 1264 -84.71 -6.25 49.57
C ASN G 1264 -85.89 -5.93 50.48
N HIS G 1265 -86.32 -6.93 51.24
CA HIS G 1265 -87.46 -6.79 52.14
C HIS G 1265 -87.04 -7.20 53.55
N GLU G 1266 -87.68 -6.58 54.53
CA GLU G 1266 -87.41 -6.84 55.94
C GLU G 1266 -88.47 -7.77 56.53
N HIS G 1267 -88.05 -8.53 57.55
CA HIS G 1267 -88.93 -9.39 58.34
C HIS G 1267 -89.59 -10.50 57.52
N ILE G 1268 -89.26 -10.59 56.23
CA ILE G 1268 -89.69 -11.71 55.40
C ILE G 1268 -88.51 -12.19 54.56
N GLU G 1269 -87.86 -13.26 55.02
CA GLU G 1269 -86.71 -13.83 54.32
C GLU G 1269 -86.97 -15.31 54.12
N VAL G 1270 -86.88 -15.77 52.87
CA VAL G 1270 -87.12 -17.16 52.50
C VAL G 1270 -85.89 -17.69 51.78
N THR G 1271 -85.41 -18.85 52.20
CA THR G 1271 -84.27 -19.50 51.58
C THR G 1271 -84.73 -20.71 50.77
N ARG G 1272 -83.78 -21.44 50.20
CA ARG G 1272 -84.08 -22.61 49.38
C ARG G 1272 -82.93 -23.59 49.50
N ILE G 1273 -83.19 -24.75 50.10
CA ILE G 1273 -82.16 -25.76 50.33
C ILE G 1273 -82.49 -26.99 49.51
N ASP G 1274 -81.45 -27.77 49.20
CA ASP G 1274 -81.56 -28.98 48.39
C ASP G 1274 -82.19 -28.69 47.03
N LYS G 1284 -83.32 -37.89 51.78
CA LYS G 1284 -83.18 -36.48 51.42
C LYS G 1284 -84.48 -35.95 50.84
N VAL G 1285 -84.77 -34.67 51.10
CA VAL G 1285 -85.97 -34.03 50.61
C VAL G 1285 -85.69 -32.53 50.49
N THR G 1286 -86.47 -31.86 49.64
CA THR G 1286 -86.29 -30.45 49.33
C THR G 1286 -87.20 -29.60 50.21
N GLN G 1287 -86.63 -28.53 50.76
CA GLN G 1287 -87.35 -27.62 51.64
C GLN G 1287 -87.11 -26.19 51.21
N LYS G 1288 -88.01 -25.30 51.66
CA LYS G 1288 -87.89 -23.85 51.44
C LYS G 1288 -88.11 -23.18 52.80
N SER G 1289 -87.05 -23.11 53.60
CA SER G 1289 -87.18 -22.60 54.96
C SER G 1289 -87.40 -21.09 54.95
N PHE G 1290 -87.83 -20.56 56.09
CA PHE G 1290 -88.14 -19.15 56.25
C PHE G 1290 -87.10 -18.48 57.14
N GLY G 1291 -87.34 -17.21 57.45
CA GLY G 1291 -86.46 -16.42 58.28
C GLY G 1291 -86.96 -15.00 58.43
N SER G 1292 -86.82 -14.41 59.61
CA SER G 1292 -87.36 -13.08 59.86
C SER G 1292 -86.61 -12.41 61.00
N GLN G 1293 -86.70 -11.08 61.02
CA GLN G 1293 -86.26 -10.30 62.17
C GLN G 1293 -87.01 -8.98 62.12
N ASN G 1294 -87.58 -8.58 63.24
CA ASN G 1294 -88.34 -7.34 63.35
C ASN G 1294 -88.69 -7.14 64.83
N ASN G 1295 -89.54 -6.14 65.09
CA ASN G 1295 -90.07 -5.92 66.43
C ASN G 1295 -91.58 -5.93 66.49
N ASN G 1296 -92.27 -5.87 65.36
CA ASN G 1296 -93.73 -5.90 65.29
C ASN G 1296 -94.20 -7.20 64.68
N THR G 1297 -95.15 -7.85 65.32
CA THR G 1297 -95.66 -9.16 64.92
C THR G 1297 -96.99 -9.01 64.20
N ASP G 1298 -97.23 -9.90 63.24
CA ASP G 1298 -98.47 -9.90 62.47
C ASP G 1298 -98.63 -11.25 61.77
N ILE G 1299 -99.69 -11.37 60.97
CA ILE G 1299 -100.03 -12.60 60.28
C ILE G 1299 -99.78 -12.42 58.78
N MET G 1300 -99.12 -13.41 58.19
CA MET G 1300 -98.85 -13.45 56.75
C MET G 1300 -99.62 -14.59 56.12
N PHE G 1301 -99.76 -14.51 54.80
CA PHE G 1301 -100.66 -15.35 54.02
C PHE G 1301 -99.92 -16.06 52.90
N TYR G 1302 -98.84 -16.76 53.24
CA TYR G 1302 -97.97 -17.33 52.22
C TYR G 1302 -98.72 -18.34 51.36
N ARG G 1303 -98.35 -18.41 50.09
CA ARG G 1303 -99.02 -19.28 49.14
C ARG G 1303 -98.01 -19.75 48.11
N LEU G 1304 -98.24 -20.95 47.57
CA LEU G 1304 -97.38 -21.45 46.51
C LEU G 1304 -97.71 -20.78 45.19
N SER G 1305 -96.85 -21.00 44.20
CA SER G 1305 -97.00 -20.33 42.91
C SER G 1305 -98.00 -21.05 42.02
N MET G 1306 -97.79 -22.34 41.79
CA MET G 1306 -98.62 -23.08 40.85
C MET G 1306 -99.67 -23.88 41.60
N PRO G 1307 -100.94 -23.79 41.22
CA PRO G 1307 -101.99 -24.56 41.88
C PRO G 1307 -102.21 -25.90 41.19
N ILE G 1308 -103.07 -26.70 41.81
CA ILE G 1308 -103.43 -28.03 41.31
C ILE G 1308 -104.89 -28.00 40.92
N GLU G 1309 -105.20 -28.50 39.73
CA GLU G 1309 -106.55 -28.52 39.19
C GLU G 1309 -107.00 -29.96 38.98
N CYS G 1310 -108.32 -30.14 38.99
CA CYS G 1310 -108.93 -31.46 38.82
C CYS G 1310 -110.23 -31.29 38.05
N ALA G 1311 -110.26 -31.79 36.82
CA ALA G 1311 -111.46 -31.68 35.99
C ALA G 1311 -111.48 -32.76 34.91
N UNK G 1312 -112.51 -33.60 34.93
CA UNK G 1312 -113.57 -33.54 35.93
C UNK G 1312 -113.73 -34.87 36.63
N UNK G 1313 -112.87 -35.13 37.60
CA UNK G 1313 -112.90 -36.39 38.33
C UNK G 1313 -113.19 -36.17 39.82
N UNK G 1314 -112.73 -37.10 40.65
CA UNK G 1314 -112.96 -37.02 42.09
C UNK G 1314 -112.00 -36.05 42.75
N UNK G 1315 -112.56 -35.13 43.55
CA UNK G 1315 -111.76 -34.12 44.22
C UNK G 1315 -112.03 -34.13 45.73
N UNK G 1316 -111.01 -34.45 46.51
CA UNK G 1316 -111.14 -34.48 47.96
C UNK G 1316 -109.85 -33.99 48.62
N UNK G 1317 -109.97 -32.99 49.48
CA UNK G 1317 -108.83 -32.45 50.20
C UNK G 1317 -108.84 -32.94 51.63
N UNK G 1318 -107.85 -33.77 51.98
CA UNK G 1318 -107.78 -34.34 53.32
C UNK G 1318 -106.56 -33.82 54.07
N UNK G 1319 -106.78 -33.28 55.26
CA UNK G 1319 -105.70 -32.81 56.11
C UNK G 1319 -105.36 -33.87 57.15
N UNK G 1320 -104.17 -34.45 57.05
CA UNK G 1320 -103.76 -35.50 57.96
C UNK G 1320 -102.56 -35.08 58.80
N UNK G 1321 -102.70 -35.20 60.12
CA UNK G 1321 -101.61 -34.88 61.03
C UNK G 1321 -100.59 -36.02 61.05
N UNK G 1322 -99.49 -35.81 61.74
CA UNK G 1322 -98.44 -36.83 61.83
C UNK G 1322 -98.93 -38.05 62.59
N UNK G 1323 -99.77 -37.82 63.59
CA UNK G 1323 -100.32 -38.88 64.41
C UNK G 1323 -101.42 -39.63 63.65
N UNK G 1324 -102.41 -38.90 63.18
CA UNK G 1324 -103.53 -39.50 62.46
C UNK G 1324 -104.19 -38.50 61.52
N UNK G 1325 -105.27 -38.91 60.87
CA UNK G 1325 -106.00 -38.05 59.95
C UNK G 1325 -107.28 -37.52 60.59
N UNK G 1326 -107.20 -37.19 61.88
CA UNK G 1326 -108.35 -36.69 62.61
C UNK G 1326 -108.43 -35.17 62.53
N UNK G 1327 -108.78 -34.66 61.35
CA UNK G 1327 -108.91 -33.23 61.14
C UNK G 1327 -110.04 -32.93 60.17
N UNK G 1328 -110.27 -31.63 59.92
CA UNK G 1328 -111.32 -31.21 59.00
C UNK G 1328 -110.96 -31.59 57.57
N UNK G 1329 -111.88 -32.29 56.90
CA UNK G 1329 -111.65 -32.73 55.53
C UNK G 1329 -112.73 -32.17 54.59
N UNK G 1330 -112.29 -31.36 53.63
CA UNK G 1330 -113.21 -30.77 52.66
C UNK G 1330 -113.08 -31.49 51.32
N UNK G 1331 -114.23 -31.84 50.73
CA UNK G 1331 -114.24 -32.56 49.46
C UNK G 1331 -115.36 -32.04 48.56
N UNK G 1332 -115.12 -30.90 47.94
CA UNK G 1332 -116.11 -30.30 47.05
C UNK G 1332 -115.45 -29.36 46.05
N UNK G 1333 -115.15 -29.89 44.86
CA UNK G 1333 -114.52 -29.10 43.81
C UNK G 1333 -114.73 -29.75 42.45
N UNK G 1334 -115.50 -29.09 41.59
CA UNK G 1334 -115.78 -29.62 40.25
C UNK G 1334 -114.58 -29.42 39.33
N UNK G 1335 -114.08 -28.19 39.28
CA UNK G 1335 -112.94 -27.88 38.43
C UNK G 1335 -112.20 -26.64 38.96
N UNK G 1336 -111.83 -26.69 40.24
CA UNK G 1336 -111.19 -25.55 40.88
C UNK G 1336 -109.67 -25.68 40.90
N UNK G 1337 -108.99 -24.55 41.09
CA UNK G 1337 -107.54 -24.52 41.13
C UNK G 1337 -107.04 -24.30 42.56
N UNK G 1338 -107.12 -25.34 43.38
CA UNK G 1338 -106.70 -25.23 44.77
C UNK G 1338 -105.20 -25.00 44.89
N UNK G 1339 -104.82 -23.79 45.32
CA UNK G 1339 -103.42 -23.45 45.50
C UNK G 1339 -103.00 -23.67 46.95
N ASP G 1340 -101.87 -24.35 47.14
CA ASP G 1340 -101.33 -24.63 48.47
C ASP G 1340 -101.02 -23.33 49.18
N SER G 1341 -101.28 -23.24 50.48
CA SER G 1341 -101.08 -22.00 51.20
C SER G 1341 -101.04 -22.26 52.69
N ASP G 1342 -100.53 -21.27 53.42
CA ASP G 1342 -100.36 -21.33 54.86
C ASP G 1342 -100.38 -19.91 55.41
N PHE G 1343 -101.29 -19.67 56.35
CA PHE G 1343 -101.43 -18.38 57.03
C PHE G 1343 -100.72 -18.51 58.38
N GLU G 1344 -99.60 -17.81 58.52
CA GLU G 1344 -98.74 -18.00 59.67
C GLU G 1344 -98.67 -16.71 60.51
N VAL G 1345 -98.40 -16.88 61.80
CA VAL G 1345 -98.15 -15.76 62.70
C VAL G 1345 -96.64 -15.61 62.82
N LEU G 1346 -96.17 -14.37 62.91
CA LEU G 1346 -94.75 -14.07 62.89
C LEU G 1346 -94.24 -13.98 64.32
N MET G 1347 -93.35 -14.90 64.70
CA MET G 1347 -92.66 -14.82 65.97
C MET G 1347 -91.32 -14.11 65.76
N LYS G 1348 -90.47 -14.11 66.79
CA LYS G 1348 -89.13 -13.58 66.63
C LYS G 1348 -88.27 -14.51 65.78
N THR G 1349 -88.49 -15.82 65.90
CA THR G 1349 -87.80 -16.82 65.09
C THR G 1349 -88.85 -17.78 64.55
N ALA G 1350 -89.16 -17.65 63.26
CA ALA G 1350 -90.18 -18.46 62.60
C ALA G 1350 -89.52 -19.25 61.48
N HIS G 1351 -89.35 -20.56 61.67
CA HIS G 1351 -88.72 -21.42 60.69
C HIS G 1351 -89.72 -22.32 59.97
N GLY G 1352 -91.02 -22.07 60.14
CA GLY G 1352 -92.02 -22.94 59.54
C GLY G 1352 -91.99 -22.86 58.03
N HIS G 1353 -92.05 -24.02 57.39
CA HIS G 1353 -91.90 -24.05 55.93
C HIS G 1353 -92.74 -25.19 55.34
N LEU G 1354 -92.70 -25.29 54.01
CA LEU G 1354 -93.42 -26.31 53.27
C LEU G 1354 -92.43 -27.27 52.63
N VAL G 1355 -92.74 -28.56 52.68
CA VAL G 1355 -91.88 -29.61 52.14
C VAL G 1355 -92.71 -30.52 51.24
N PRO G 1356 -92.36 -30.67 49.96
CA PRO G 1356 -93.06 -31.64 49.11
C PRO G 1356 -92.54 -33.04 49.36
N ASP G 1357 -93.36 -33.86 50.03
CA ASP G 1357 -92.99 -35.21 50.41
C ASP G 1357 -93.87 -36.21 49.67
N ARG G 1358 -93.61 -37.50 49.89
CA ARG G 1358 -94.35 -38.56 49.21
C ARG G 1358 -94.57 -39.73 50.16
N ILE G 1359 -95.81 -40.18 50.26
CA ILE G 1359 -96.14 -41.41 50.97
C ILE G 1359 -96.88 -42.34 50.02
N ASP G 1360 -98.02 -41.88 49.49
CA ASP G 1360 -98.74 -42.61 48.44
C ASP G 1360 -99.24 -41.72 47.32
N LYS G 1361 -99.41 -40.42 47.55
CA LYS G 1361 -99.92 -39.51 46.54
C LYS G 1361 -99.29 -38.14 46.81
N ASP G 1362 -99.87 -37.09 46.22
CA ASP G 1362 -99.39 -35.73 46.43
C ASP G 1362 -99.46 -35.36 47.90
N LYS G 1363 -98.32 -34.95 48.46
CA LYS G 1363 -98.23 -34.65 49.89
C LYS G 1363 -97.39 -33.40 50.08
N GLU G 1364 -97.98 -32.37 50.68
CA GLU G 1364 -97.26 -31.19 51.12
C GLU G 1364 -97.29 -31.15 52.64
N THR G 1365 -96.11 -31.07 53.26
CA THR G 1365 -96.02 -31.04 54.71
C THR G 1365 -95.60 -29.65 55.16
N PRO G 1366 -96.49 -28.88 55.76
CA PRO G 1366 -96.09 -27.58 56.34
C PRO G 1366 -95.53 -27.77 57.75
N LYS G 1367 -94.23 -28.05 57.79
CA LYS G 1367 -93.55 -28.33 59.05
C LYS G 1367 -93.47 -27.06 59.88
N PRO G 1368 -94.14 -26.99 61.03
CA PRO G 1368 -94.01 -25.83 61.93
C PRO G 1368 -92.92 -26.03 62.97
N GLU G 1369 -92.79 -25.07 63.88
CA GLU G 1369 -91.92 -25.21 65.05
C GLU G 1369 -92.66 -24.72 66.29
N PHE G 1370 -91.91 -24.41 67.34
CA PHE G 1370 -92.48 -23.95 68.60
C PHE G 1370 -93.47 -22.82 68.39
N ASN G 1371 -94.44 -22.72 69.30
CA ASN G 1371 -95.56 -21.79 69.22
C ASN G 1371 -96.34 -21.96 67.92
N ASN G 1372 -96.98 -23.13 67.81
CA ASN G 1372 -97.84 -23.45 66.67
C ASN G 1372 -99.26 -23.67 67.18
N HIS G 1373 -100.00 -22.57 67.36
CA HIS G 1373 -101.37 -22.65 67.84
C HIS G 1373 -102.36 -21.80 67.05
N LYS G 1374 -101.92 -20.88 66.20
CA LYS G 1374 -102.83 -20.06 65.41
C LYS G 1374 -102.47 -20.04 63.93
N ASP G 1375 -101.48 -20.83 63.51
CA ASP G 1375 -101.11 -20.91 62.11
C ASP G 1375 -101.96 -21.96 61.41
N TYR G 1376 -102.42 -21.64 60.21
CA TYR G 1376 -103.26 -22.52 59.44
C TYR G 1376 -102.54 -22.92 58.15
N ALA G 1377 -102.88 -24.10 57.64
CA ALA G 1377 -102.24 -24.61 56.42
C ALA G 1377 -103.28 -25.41 55.65
N GLN G 1378 -103.51 -25.01 54.40
CA GLN G 1378 -104.58 -25.64 53.62
C GLN G 1378 -104.31 -25.38 52.13
N GLU G 1379 -105.33 -25.61 51.30
CA GLU G 1379 -105.29 -25.30 49.88
C GLU G 1379 -106.45 -24.38 49.55
N LYS G 1380 -106.18 -23.30 48.85
CA LYS G 1380 -107.19 -22.27 48.62
C LYS G 1380 -107.26 -21.88 47.16
N PRO G 1381 -108.47 -21.65 46.64
CA PRO G 1381 -108.60 -20.97 45.34
C PRO G 1381 -108.34 -19.47 45.49
N SER G 1382 -108.62 -18.70 44.43
CA SER G 1382 -108.42 -17.26 44.47
C SER G 1382 -109.20 -16.62 45.60
N ARG G 1383 -108.50 -16.14 46.63
CA ARG G 1383 -109.11 -15.46 47.76
C ARG G 1383 -108.16 -14.39 48.24
N LEU G 1384 -108.59 -13.14 48.17
CA LEU G 1384 -107.71 -11.99 48.39
C LEU G 1384 -108.38 -11.04 49.38
N LYS G 1385 -108.24 -11.34 50.67
CA LYS G 1385 -108.81 -10.53 51.75
C LYS G 1385 -107.79 -10.43 52.87
N GLN G 1386 -107.45 -9.20 53.23
CA GLN G 1386 -106.49 -8.95 54.30
C GLN G 1386 -107.22 -8.61 55.60
N UNK G 1387 -107.08 -9.48 56.59
CA UNK G 1387 -107.72 -9.27 57.89
C UNK G 1387 -107.02 -10.11 58.97
N UNK G 1388 -107.81 -10.66 59.89
CA UNK G 1388 -107.27 -11.48 60.96
C UNK G 1388 -108.37 -12.33 61.59
N UNK G 1389 -108.75 -13.41 60.90
CA UNK G 1389 -109.81 -14.29 61.40
C UNK G 1389 -109.68 -15.69 60.79
N UNK G 1390 -110.37 -16.65 61.40
CA UNK G 1390 -110.34 -18.03 60.92
C UNK G 1390 -111.73 -18.50 60.55
N UNK G 1391 -112.75 -17.81 61.06
CA UNK G 1391 -114.13 -18.12 60.76
C UNK G 1391 -114.70 -17.11 59.79
N UNK G 1392 -115.85 -17.43 59.20
CA UNK G 1392 -116.51 -16.58 58.21
C UNK G 1392 -115.56 -16.24 57.07
N UNK G 1393 -115.20 -17.25 56.29
CA UNK G 1393 -114.28 -17.07 55.17
C UNK G 1393 -115.03 -17.01 53.84
N UNK G 1394 -116.25 -16.47 53.88
CA UNK G 1394 -117.09 -16.31 52.69
C UNK G 1394 -117.33 -17.64 51.98
N UNK G 1395 -118.33 -18.37 52.44
CA UNK G 1395 -118.68 -19.65 51.84
C UNK G 1395 -120.04 -19.59 51.17
N UNK G 1396 -120.42 -20.70 50.52
CA UNK G 1396 -121.73 -20.82 49.86
C UNK G 1396 -121.94 -22.25 49.38
N UNK G 1397 -123.20 -22.63 49.21
CA UNK G 1397 -123.54 -23.96 48.71
C UNK G 1397 -124.78 -23.85 47.83
N UNK G 1398 -124.59 -24.11 46.54
CA UNK G 1398 -125.69 -24.03 45.59
C UNK G 1398 -126.53 -25.28 45.66
N UNK G 1399 -127.82 -25.13 45.40
CA UNK G 1399 -128.73 -26.26 45.38
C UNK G 1399 -129.30 -26.47 43.98
N UNK G 1400 -129.70 -27.71 43.69
CA UNK G 1400 -130.37 -28.03 42.44
C UNK G 1400 -131.50 -28.99 42.75
N UNK G 1401 -132.73 -28.47 42.73
CA UNK G 1401 -133.90 -29.25 43.09
C UNK G 1401 -134.64 -29.74 41.84
N UNK G 1402 -135.69 -30.52 42.06
CA UNK G 1402 -136.51 -31.03 40.98
C UNK G 1402 -137.94 -31.24 41.47
N UNK G 1403 -138.69 -32.05 40.74
CA UNK G 1403 -140.05 -32.39 41.14
C UNK G 1403 -140.03 -33.22 42.41
N UNK G 1404 -139.03 -34.09 42.53
CA UNK G 1404 -138.85 -34.91 43.71
C UNK G 1404 -137.98 -34.19 44.74
N UNK G 1405 -138.39 -34.26 46.00
CA UNK G 1405 -137.66 -33.59 47.07
C UNK G 1405 -136.39 -34.36 47.43
N UNK G 1406 -136.32 -35.62 47.04
CA UNK G 1406 -135.17 -36.46 47.32
C UNK G 1406 -134.10 -36.32 46.24
N UNK G 1407 -134.46 -35.66 45.14
CA UNK G 1407 -133.54 -35.47 44.03
C UNK G 1407 -132.77 -34.16 44.17
N UNK G 1408 -132.97 -33.47 45.29
CA UNK G 1408 -132.30 -32.21 45.53
C UNK G 1408 -130.81 -32.43 45.81
N UNK G 1409 -129.97 -32.00 44.87
CA UNK G 1409 -128.52 -32.15 45.01
C UNK G 1409 -127.88 -30.83 45.39
N UNK G 1410 -127.13 -30.84 46.50
CA UNK G 1410 -126.47 -29.62 46.97
C UNK G 1410 -124.95 -29.74 46.84
N UNK G 1411 -124.32 -28.70 46.29
CA UNK G 1411 -122.88 -28.68 46.13
C UNK G 1411 -122.30 -27.37 46.65
N UNK G 1412 -121.34 -27.46 47.56
CA UNK G 1412 -120.69 -26.27 48.10
C UNK G 1412 -119.70 -25.71 47.09
N UNK G 1413 -119.44 -24.41 47.16
CA UNK G 1413 -118.52 -23.76 46.25
C UNK G 1413 -117.12 -23.74 46.85
N UNK G 1414 -116.90 -24.58 47.86
CA UNK G 1414 -115.63 -24.69 48.56
C UNK G 1414 -115.17 -23.35 49.12
N UNK G 1415 -116.13 -22.47 49.40
CA UNK G 1415 -115.87 -21.13 49.90
C UNK G 1415 -114.86 -20.41 49.01
N UNK G 1416 -113.97 -19.65 49.64
CA UNK G 1416 -112.89 -18.99 48.92
C UNK G 1416 -111.56 -19.61 49.35
N UNK G 1417 -111.61 -20.40 50.42
CA UNK G 1417 -110.43 -21.06 50.94
C UNK G 1417 -110.81 -22.27 51.79
N UNK G 1418 -110.46 -23.46 51.34
CA UNK G 1418 -110.75 -24.68 52.06
C UNK G 1418 -109.86 -24.78 53.29
N UNK G 1419 -110.15 -23.97 54.31
CA UNK G 1419 -109.31 -23.89 55.49
C UNK G 1419 -109.24 -25.22 56.24
N UNK G 1420 -108.19 -25.36 57.04
CA UNK G 1420 -107.97 -26.56 57.84
C UNK G 1420 -107.23 -26.17 59.11
N UNK G 1421 -107.82 -26.53 60.25
CA UNK G 1421 -107.28 -26.15 61.55
C UNK G 1421 -105.99 -26.91 61.89
N UNK G 1422 -105.09 -26.22 62.58
CA UNK G 1422 -103.89 -26.86 63.11
C UNK G 1422 -103.98 -26.96 64.63
N UNK G 1423 -104.58 -28.04 65.10
CA UNK G 1423 -104.80 -28.24 66.53
C UNK G 1423 -104.42 -29.64 66.98
N UNK G 1424 -103.31 -29.74 67.71
CA UNK G 1424 -102.84 -31.02 68.23
C UNK G 1424 -103.34 -31.23 69.66
N UNK G 1425 -104.23 -32.20 69.83
CA UNK G 1425 -104.80 -32.49 71.15
C UNK G 1425 -103.93 -33.48 71.92
N UNK G 1426 -102.63 -33.24 71.93
CA UNK G 1426 -101.69 -34.09 72.66
C UNK G 1426 -100.92 -33.27 73.69
N UNK G 1427 -100.68 -32.01 73.36
CA UNK G 1427 -99.93 -31.11 74.24
C UNK G 1427 -100.17 -29.65 73.85
N UNK G 1428 -101.00 -28.97 74.62
CA UNK G 1428 -101.39 -27.60 74.33
C UNK G 1428 -100.23 -26.62 74.51
N UNK G 1429 -100.03 -26.16 75.74
CA UNK G 1429 -98.91 -25.30 76.05
C UNK G 1429 -97.60 -26.04 75.83
N UNK G 1430 -97.21 -26.18 74.56
CA UNK G 1430 -96.10 -27.05 74.21
C UNK G 1430 -95.48 -26.75 72.84
N UNK G 1431 -94.42 -27.49 72.55
CA UNK G 1431 -93.72 -27.39 71.27
C UNK G 1431 -93.39 -28.78 70.74
N UNK G 1432 -93.76 -29.04 69.50
CA UNK G 1432 -93.51 -30.33 68.87
C UNK G 1432 -93.40 -30.18 67.36
N UNK G 1433 -92.51 -30.96 66.74
CA UNK G 1433 -92.32 -30.93 65.30
C UNK G 1433 -93.46 -31.68 64.59
N UNK G 1434 -94.59 -31.00 64.44
CA UNK G 1434 -95.76 -31.61 63.81
C UNK G 1434 -95.58 -31.73 62.31
N UNK G 1435 -96.59 -32.28 61.63
CA UNK G 1435 -96.55 -32.45 60.19
C UNK G 1435 -97.96 -32.56 59.62
N UNK G 1436 -98.78 -31.57 59.90
CA UNK G 1436 -100.16 -31.54 59.42
C UNK G 1436 -100.20 -31.39 57.91
N UNK G 1437 -99.95 -32.49 57.21
CA UNK G 1437 -99.86 -32.46 55.75
C UNK G 1437 -101.25 -32.41 55.11
N UNK G 1438 -101.29 -32.07 53.83
CA UNK G 1438 -102.54 -32.04 53.09
C UNK G 1438 -102.42 -32.89 51.83
N UNK G 1439 -103.50 -33.54 51.44
CA UNK G 1439 -103.48 -34.41 50.26
C UNK G 1439 -104.73 -34.21 49.42
N UNK G 1440 -104.53 -34.08 48.11
CA UNK G 1440 -105.63 -33.92 47.17
C UNK G 1440 -105.83 -35.21 46.37
N UNK G 1441 -107.07 -35.69 46.31
CA UNK G 1441 -107.39 -36.92 45.61
C UNK G 1441 -107.17 -36.77 44.11
N UNK G 1442 -106.14 -37.42 43.60
CA UNK G 1442 -105.83 -37.38 42.17
C UNK G 1442 -105.42 -38.76 41.67
N UNK G 1443 -104.61 -38.79 40.61
CA UNK G 1443 -104.15 -40.05 40.03
C UNK G 1443 -103.14 -40.72 40.93
N UNK G 1444 -102.80 -41.97 40.62
CA UNK G 1444 -101.85 -42.73 41.40
C UNK G 1444 -101.12 -43.74 40.52
N UNK G 1445 -99.85 -43.99 40.86
CA UNK G 1445 -99.03 -44.94 40.11
C UNK G 1445 -98.11 -45.73 41.05
N UNK G 1446 -97.68 -46.89 40.59
CA UNK G 1446 -96.81 -47.75 41.39
C UNK G 1446 -95.42 -47.85 40.77
N PRO G 1566 -98.60 -38.65 42.43
CA PRO G 1566 -97.82 -39.22 43.53
C PRO G 1566 -97.06 -38.15 44.32
N LEU G 1567 -97.07 -36.92 43.81
CA LEU G 1567 -96.33 -35.83 44.41
C LEU G 1567 -97.06 -34.51 44.15
N SER G 1568 -96.72 -33.50 44.95
CA SER G 1568 -97.22 -32.17 44.70
C SER G 1568 -96.69 -31.62 43.37
N ALA G 1569 -95.36 -31.54 43.25
CA ALA G 1569 -94.75 -31.05 42.02
C ALA G 1569 -95.00 -31.98 40.84
N GLY G 1570 -95.38 -33.23 41.09
CA GLY G 1570 -95.61 -34.17 40.01
C GLY G 1570 -97.06 -34.18 39.54
N LEU G 1571 -97.81 -33.12 39.83
CA LEU G 1571 -99.20 -33.04 39.45
C LEU G 1571 -99.62 -31.75 38.75
N PHE G 1572 -98.84 -30.67 38.86
CA PHE G 1572 -99.15 -29.43 38.15
C PHE G 1572 -98.08 -29.06 37.14
N LYS G 1573 -97.26 -30.02 36.71
CA LYS G 1573 -96.21 -29.78 35.72
C LYS G 1573 -96.49 -30.61 34.48
N SER G 1574 -95.54 -30.60 33.55
CA SER G 1574 -95.70 -31.35 32.31
C SER G 1574 -95.65 -32.85 32.58
N GLU G 1575 -94.59 -33.32 33.23
CA GLU G 1575 -94.44 -34.73 33.52
C GLU G 1575 -95.13 -35.09 34.83
N HIS G 1576 -95.53 -36.36 34.94
CA HIS G 1576 -96.19 -36.86 36.14
C HIS G 1576 -95.64 -38.19 36.63
N LYS G 1577 -94.87 -38.92 35.81
CA LYS G 1577 -94.37 -40.23 36.17
C LYS G 1577 -93.06 -40.17 36.95
N ASN G 1578 -92.76 -39.02 37.56
CA ASN G 1578 -91.51 -38.84 38.29
C ASN G 1578 -91.79 -38.91 39.78
N PRO G 1579 -91.47 -40.02 40.46
CA PRO G 1579 -91.70 -40.12 41.90
C PRO G 1579 -90.62 -39.46 42.75
N VAL G 1580 -89.73 -38.67 42.17
CA VAL G 1580 -88.69 -37.99 42.94
C VAL G 1580 -89.22 -36.63 43.36
N PRO G 1581 -89.11 -36.25 44.64
CA PRO G 1581 -89.59 -34.93 45.08
C PRO G 1581 -88.59 -33.78 44.86
N GLN G 1582 -88.60 -33.22 43.65
CA GLN G 1582 -87.80 -32.06 43.34
C GLN G 1582 -88.66 -30.80 43.38
N CYS G 1583 -87.98 -29.65 43.45
CA CYS G 1583 -88.65 -28.35 43.49
C CYS G 1583 -88.18 -27.50 42.32
N PRO G 1584 -88.99 -27.31 41.28
CA PRO G 1584 -88.60 -26.46 40.17
C PRO G 1584 -88.48 -25.01 40.60
N PRO G 1585 -87.73 -24.19 39.86
CA PRO G 1585 -87.58 -22.77 40.26
C PRO G 1585 -88.87 -21.99 40.24
N ARG G 1586 -89.91 -22.47 39.55
CA ARG G 1586 -91.17 -21.74 39.54
C ARG G 1586 -91.87 -21.79 40.89
N LEU G 1587 -91.66 -22.86 41.66
CA LEU G 1587 -92.27 -22.98 42.97
C LEU G 1587 -91.57 -22.05 43.96
N HIS G 1588 -92.10 -20.84 44.12
CA HIS G 1588 -91.58 -19.88 45.09
C HIS G 1588 -92.74 -19.33 45.89
N VAL G 1589 -92.49 -19.08 47.17
CA VAL G 1589 -93.56 -18.58 48.04
C VAL G 1589 -93.94 -17.17 47.64
N GLN G 1590 -95.21 -16.84 47.79
CA GLN G 1590 -95.76 -15.53 47.48
C GLN G 1590 -96.61 -15.08 48.65
N PHE G 1591 -96.35 -13.88 49.16
CA PHE G 1591 -97.09 -13.35 50.29
C PHE G 1591 -98.16 -12.36 49.81
N LEU G 1592 -99.26 -12.31 50.55
CA LEU G 1592 -100.37 -11.40 50.23
C LEU G 1592 -99.91 -9.99 50.51
N SER G 1593 -99.53 -9.27 49.46
CA SER G 1593 -98.91 -7.96 49.59
C SER G 1593 -99.92 -6.85 49.34
N HIS G 1594 -99.46 -5.61 49.54
CA HIS G 1594 -100.27 -4.44 49.28
C HIS G 1594 -99.63 -3.42 48.36
N VAL G 1595 -98.35 -3.59 48.03
CA VAL G 1595 -97.66 -2.67 47.13
C VAL G 1595 -98.01 -3.00 45.68
N LEU G 1596 -99.02 -2.31 45.15
CA LEU G 1596 -99.51 -2.58 43.80
C LEU G 1596 -100.22 -1.33 43.28
N TRP G 1597 -100.33 -1.26 41.96
CA TRP G 1597 -101.01 -0.15 41.29
C TRP G 1597 -102.01 -0.70 40.29
N SER G 1598 -103.15 -0.03 40.19
CA SER G 1598 -104.16 -0.32 39.18
C SER G 1598 -104.22 0.83 38.19
N ARG G 1599 -104.71 0.52 36.99
CA ARG G 1599 -104.77 1.48 35.90
C ARG G 1599 -106.22 1.89 35.65
N MET G 1600 -106.46 3.20 35.60
CA MET G 1600 -107.81 3.69 35.33
C MET G 1600 -108.03 3.76 33.82
N PRO G 1601 -109.08 3.14 33.30
CA PRO G 1601 -109.34 3.21 31.85
C PRO G 1601 -109.68 4.63 31.44
N ASN G 1602 -109.22 5.00 30.24
CA ASN G 1602 -109.45 6.34 29.72
C ASN G 1602 -110.82 6.51 29.07
N GLN G 1603 -111.66 5.49 29.12
CA GLN G 1603 -113.00 5.59 28.51
C GLN G 1603 -113.87 4.51 29.12
N PHE G 1604 -114.91 4.93 29.85
CA PHE G 1604 -115.77 4.01 30.57
C PHE G 1604 -116.97 3.63 29.71
N LEU G 1605 -117.97 2.98 30.31
CA LEU G 1605 -119.13 2.51 29.57
C LEU G 1605 -120.11 3.62 29.19
N LYS G 1606 -120.11 4.72 29.95
CA LYS G 1606 -120.96 5.88 29.65
C LYS G 1606 -122.43 5.49 29.63
N VAL G 1607 -122.92 5.11 30.80
CA VAL G 1607 -124.29 4.64 30.97
C VAL G 1607 -125.11 5.70 31.69
N ASP G 1608 -126.26 6.04 31.12
CA ASP G 1608 -127.27 6.88 31.77
C ASP G 1608 -128.43 5.99 32.19
N VAL G 1609 -129.03 6.28 33.34
CA VAL G 1609 -130.00 5.35 33.88
C VAL G 1609 -131.42 5.68 33.41
N SER G 1610 -131.96 6.82 33.81
CA SER G 1610 -133.29 7.17 33.31
C SER G 1610 -133.40 8.59 32.82
N ARG G 1611 -132.81 9.55 33.54
CA ARG G 1611 -132.90 10.98 33.28
C ARG G 1611 -134.34 11.50 33.29
N ILE G 1612 -135.31 10.63 33.57
CA ILE G 1612 -136.70 11.06 33.71
C ILE G 1612 -137.23 10.57 35.05
N SER G 1613 -136.63 9.51 35.57
CA SER G 1613 -137.04 8.89 36.84
C SER G 1613 -138.55 8.64 36.85
N GLU G 1614 -139.00 7.85 35.88
CA GLU G 1614 -140.43 7.61 35.71
C GLU G 1614 -140.98 6.77 36.87
N ARG G 1615 -142.30 6.85 37.03
CA ARG G 1615 -142.98 6.11 38.08
C ARG G 1615 -143.25 4.66 37.72
N GLN G 1616 -142.93 4.25 36.49
CA GLN G 1616 -143.15 2.88 36.04
C GLN G 1616 -141.92 1.99 36.23
N GLY G 1617 -140.95 2.43 37.02
CA GLY G 1617 -139.76 1.63 37.25
C GLY G 1617 -138.49 2.43 37.23
N TRP G 1618 -137.39 1.84 37.71
CA TRP G 1618 -136.07 2.45 37.69
C TRP G 1618 -135.32 1.92 36.47
N LEU G 1619 -135.13 2.78 35.48
CA LEU G 1619 -134.57 2.37 34.20
C LEU G 1619 -133.05 2.52 34.20
N VAL G 1620 -132.40 1.68 33.41
CA VAL G 1620 -130.98 1.79 33.08
C VAL G 1620 -130.83 1.35 31.62
N GLN G 1621 -129.99 2.07 30.87
CA GLN G 1621 -129.87 1.81 29.45
C GLN G 1621 -128.45 2.11 28.99
N CYS G 1622 -127.88 1.20 28.19
CA CYS G 1622 -126.57 1.42 27.61
C CYS G 1622 -126.45 0.56 26.36
N LEU G 1623 -126.43 1.19 25.18
CA LEU G 1623 -126.27 0.48 23.92
C LEU G 1623 -124.90 0.64 23.30
N ASP G 1624 -124.17 1.70 23.64
CA ASP G 1624 -122.83 1.87 23.11
C ASP G 1624 -121.92 0.78 23.67
N PRO G 1625 -121.22 0.03 22.82
CA PRO G 1625 -120.38 -1.07 23.31
C PRO G 1625 -118.99 -0.60 23.71
N LEU G 1626 -118.30 -1.46 24.44
CA LEU G 1626 -116.92 -1.19 24.86
C LEU G 1626 -116.24 -2.52 25.16
N GLN G 1627 -115.09 -2.75 24.52
CA GLN G 1627 -114.31 -3.96 24.74
C GLN G 1627 -112.88 -3.58 25.06
N PHE G 1628 -112.16 -4.53 25.67
CA PHE G 1628 -110.75 -4.34 25.97
C PHE G 1628 -110.04 -5.68 25.93
N MET G 1629 -108.74 -5.62 25.66
CA MET G 1629 -107.90 -6.81 25.56
C MET G 1629 -107.35 -7.16 26.94
N SER G 1630 -107.60 -8.40 27.36
CA SER G 1630 -107.18 -8.90 28.67
C SER G 1630 -106.16 -10.00 28.48
N LEU G 1631 -104.97 -9.80 29.06
CA LEU G 1631 -103.98 -10.85 29.16
C LEU G 1631 -104.35 -11.79 30.30
N HIS G 1632 -104.01 -13.06 30.14
CA HIS G 1632 -104.34 -14.10 31.10
C HIS G 1632 -103.08 -14.86 31.45
N ILE G 1633 -102.69 -14.79 32.73
CA ILE G 1633 -101.63 -15.63 33.27
C ILE G 1633 -102.27 -16.92 33.76
N PRO G 1634 -102.00 -18.06 33.14
CA PRO G 1634 -102.68 -19.30 33.52
C PRO G 1634 -102.11 -19.92 34.78
N GLU G 1635 -100.79 -19.81 34.97
CA GLU G 1635 -100.16 -20.38 36.15
C GLU G 1635 -100.69 -19.73 37.42
N GLU G 1636 -101.00 -18.43 37.36
CA GLU G 1636 -101.64 -17.75 38.47
C GLU G 1636 -103.15 -17.68 38.33
N ASN G 1637 -103.69 -18.06 37.17
CA ASN G 1637 -105.13 -18.03 36.91
C ASN G 1637 -105.69 -16.64 37.15
N ARG G 1638 -105.08 -15.64 36.50
CA ARG G 1638 -105.48 -14.26 36.72
C ARG G 1638 -105.51 -13.49 35.41
N SER G 1639 -106.46 -12.56 35.31
CA SER G 1639 -106.61 -11.70 34.14
C SER G 1639 -106.19 -10.28 34.49
N VAL G 1640 -105.52 -9.62 33.54
CA VAL G 1640 -105.02 -8.27 33.74
C VAL G 1640 -105.15 -7.50 32.43
N ASP G 1641 -105.49 -6.22 32.52
CA ASP G 1641 -105.59 -5.40 31.32
C ASP G 1641 -104.24 -5.36 30.60
N ILE G 1642 -104.27 -5.59 29.29
CA ILE G 1642 -103.04 -5.65 28.52
C ILE G 1642 -102.31 -4.31 28.51
N LEU G 1643 -103.04 -3.21 28.73
CA LEU G 1643 -102.41 -1.89 28.78
C LEU G 1643 -101.65 -1.67 30.08
N GLU G 1644 -101.90 -2.48 31.11
CA GLU G 1644 -101.18 -2.36 32.36
C GLU G 1644 -99.75 -2.86 32.27
N LEU G 1645 -99.38 -3.54 31.18
CA LEU G 1645 -98.01 -4.01 31.01
C LEU G 1645 -97.03 -2.88 30.71
N THR G 1646 -97.50 -1.63 30.64
CA THR G 1646 -96.59 -0.52 30.42
C THR G 1646 -95.65 -0.34 31.60
N GLU G 1647 -96.11 -0.68 32.80
CA GLU G 1647 -95.29 -0.54 34.00
C GLU G 1647 -94.52 -1.80 34.33
N GLN G 1648 -95.15 -2.97 34.19
CA GLN G 1648 -94.50 -4.24 34.46
C GLN G 1648 -93.49 -4.55 33.36
N GLU G 1649 -92.20 -4.54 33.71
CA GLU G 1649 -91.16 -4.73 32.72
C GLU G 1649 -90.99 -6.19 32.31
N GLU G 1650 -91.33 -7.12 33.20
CA GLU G 1650 -91.16 -8.54 32.89
C GLU G 1650 -92.19 -8.97 31.84
N LEU G 1651 -93.47 -8.81 32.15
CA LEU G 1651 -94.52 -9.30 31.26
C LEU G 1651 -94.50 -8.55 29.93
N LEU G 1652 -94.14 -7.26 29.96
CA LEU G 1652 -93.99 -6.50 28.72
C LEU G 1652 -92.98 -7.17 27.80
N GLN G 1653 -91.78 -7.44 28.32
CA GLN G 1653 -90.73 -8.04 27.50
C GLN G 1653 -91.08 -9.46 27.08
N PHE G 1654 -91.67 -10.23 28.00
CA PHE G 1654 -92.03 -11.61 27.69
C PHE G 1654 -93.10 -11.68 26.61
N HIS G 1655 -94.08 -10.77 26.65
CA HIS G 1655 -95.11 -10.78 25.62
C HIS G 1655 -94.56 -10.24 24.29
N TYR G 1656 -93.65 -9.27 24.34
CA TYR G 1656 -92.99 -8.86 23.10
C TYR G 1656 -92.24 -10.03 22.47
N HIS G 1657 -91.53 -10.80 23.29
CA HIS G 1657 -90.77 -11.93 22.76
C HIS G 1657 -91.69 -13.05 22.28
N THR G 1658 -92.82 -13.27 22.94
CA THR G 1658 -93.73 -14.31 22.45
C THR G 1658 -94.44 -13.87 21.17
N LEU G 1659 -94.65 -12.56 21.00
CA LEU G 1659 -95.15 -12.09 19.71
C LEU G 1659 -94.10 -12.26 18.63
N ARG G 1660 -92.84 -12.01 18.95
CA ARG G 1660 -91.76 -12.28 17.99
C ARG G 1660 -91.69 -13.76 17.66
N LEU G 1661 -91.95 -14.63 18.63
CA LEU G 1661 -91.95 -16.06 18.37
C LEU G 1661 -93.12 -16.46 17.48
N TYR G 1662 -94.30 -15.92 17.76
CA TYR G 1662 -95.45 -16.15 16.90
C TYR G 1662 -95.16 -15.72 15.47
N SER G 1663 -94.47 -14.60 15.31
CA SER G 1663 -94.12 -14.14 13.97
C SER G 1663 -93.12 -15.07 13.31
N ALA G 1664 -92.09 -15.48 14.05
CA ALA G 1664 -90.99 -16.24 13.47
C ALA G 1664 -91.38 -17.69 13.16
N VAL G 1665 -92.33 -18.26 13.91
CA VAL G 1665 -92.71 -19.66 13.69
C VAL G 1665 -93.49 -19.84 12.40
N CYS G 1666 -94.01 -18.75 11.82
CA CYS G 1666 -94.72 -18.82 10.54
C CYS G 1666 -94.33 -17.66 9.63
N ALA G 1667 -93.12 -17.13 9.79
CA ALA G 1667 -92.68 -15.99 9.00
C ALA G 1667 -92.73 -16.28 7.51
N LEU G 1668 -92.08 -17.34 7.07
CA LEU G 1668 -92.04 -17.68 5.65
C LEU G 1668 -93.35 -18.35 5.24
N GLY G 1669 -93.37 -18.94 4.05
CA GLY G 1669 -94.59 -19.51 3.51
C GLY G 1669 -95.03 -20.78 4.20
N ASN G 1670 -95.20 -20.71 5.51
CA ASN G 1670 -95.70 -21.83 6.31
C ASN G 1670 -97.10 -21.45 6.80
N HIS G 1671 -98.11 -22.03 6.18
CA HIS G 1671 -99.49 -21.66 6.48
C HIS G 1671 -100.17 -22.59 7.47
N ARG G 1672 -99.69 -23.83 7.62
CA ARG G 1672 -100.30 -24.75 8.57
C ARG G 1672 -100.19 -24.24 10.00
N VAL G 1673 -99.15 -23.47 10.31
CA VAL G 1673 -99.01 -22.89 11.63
C VAL G 1673 -99.79 -21.58 11.74
N ALA G 1674 -99.89 -20.81 10.65
CA ALA G 1674 -100.65 -19.57 10.69
C ALA G 1674 -102.13 -19.82 10.88
N HIS G 1675 -102.66 -20.89 10.26
CA HIS G 1675 -104.06 -21.23 10.46
C HIS G 1675 -104.39 -21.53 11.91
N ALA G 1676 -103.39 -21.92 12.71
CA ALA G 1676 -103.60 -22.10 14.14
C ALA G 1676 -103.34 -20.82 14.92
N LEU G 1677 -102.30 -20.07 14.54
CA LEU G 1677 -101.96 -18.85 15.27
C LEU G 1677 -103.04 -17.80 15.17
N CYS G 1678 -103.77 -17.76 14.05
CA CYS G 1678 -104.86 -16.80 13.91
C CYS G 1678 -105.84 -16.91 15.05
N SER G 1679 -106.35 -18.12 15.31
CA SER G 1679 -107.24 -18.33 16.44
C SER G 1679 -106.51 -18.32 17.77
N HIS G 1680 -105.23 -18.67 17.78
CA HIS G 1680 -104.48 -18.66 19.03
C HIS G 1680 -104.36 -17.26 19.59
N VAL G 1681 -104.34 -16.25 18.73
CA VAL G 1681 -104.39 -14.88 19.27
C VAL G 1681 -105.82 -14.38 19.22
N ASP G 1682 -106.37 -14.11 18.04
CA ASP G 1682 -107.78 -13.87 17.76
C ASP G 1682 -107.92 -13.46 16.30
N GLU G 1683 -109.17 -13.33 15.84
CA GLU G 1683 -109.41 -12.59 14.60
C GLU G 1683 -109.45 -11.08 14.85
N PRO G 1684 -110.28 -10.56 15.77
CA PRO G 1684 -110.39 -9.11 15.91
C PRO G 1684 -109.47 -8.48 16.94
N GLN G 1685 -108.77 -9.28 17.74
CA GLN G 1685 -107.81 -8.72 18.69
C GLN G 1685 -106.67 -8.03 17.98
N LEU G 1686 -106.27 -8.52 16.80
CA LEU G 1686 -105.26 -7.84 16.01
C LEU G 1686 -105.72 -6.43 15.64
N LEU G 1687 -106.96 -6.31 15.18
CA LEU G 1687 -107.50 -5.00 14.86
C LEU G 1687 -107.55 -4.10 16.10
N TYR G 1688 -108.00 -4.65 17.23
CA TYR G 1688 -108.09 -3.86 18.44
C TYR G 1688 -106.71 -3.38 18.89
N ALA G 1689 -105.69 -4.24 18.75
CA ALA G 1689 -104.35 -3.89 19.20
C ALA G 1689 -103.71 -2.87 18.26
N ILE G 1690 -103.97 -2.98 16.96
CA ILE G 1690 -103.41 -2.00 16.03
C ILE G 1690 -104.18 -0.69 16.08
N GLU G 1691 -105.41 -0.69 16.58
CA GLU G 1691 -106.18 0.56 16.68
C GLU G 1691 -106.02 1.28 18.01
N ASN G 1692 -105.77 0.54 19.09
CA ASN G 1692 -105.72 1.15 20.42
C ASN G 1692 -104.62 2.21 20.48
N LYS G 1693 -104.99 3.41 20.92
CA LYS G 1693 -104.02 4.50 21.04
C LYS G 1693 -103.11 4.30 22.25
N TYR G 1694 -103.61 3.66 23.30
CA TYR G 1694 -102.81 3.40 24.50
C TYR G 1694 -102.21 2.00 24.37
N MET G 1695 -100.93 1.93 24.02
CA MET G 1695 -100.22 0.68 23.89
C MET G 1695 -98.78 0.89 24.34
N PRO G 1696 -98.15 -0.14 24.92
CA PRO G 1696 -96.75 0.01 25.35
C PRO G 1696 -95.80 0.32 24.20
N GLY G 1697 -96.13 -0.11 22.99
CA GLY G 1697 -95.31 0.16 21.83
C GLY G 1697 -94.59 -1.09 21.36
N LEU G 1698 -94.01 -1.83 22.30
CA LEU G 1698 -93.42 -3.13 21.96
C LEU G 1698 -94.51 -4.10 21.54
N LEU G 1699 -95.59 -4.17 22.33
CA LEU G 1699 -96.72 -5.01 21.93
C LEU G 1699 -97.38 -4.49 20.66
N ARG G 1700 -97.39 -3.18 20.44
CA ARG G 1700 -97.97 -2.66 19.20
C ARG G 1700 -97.17 -3.13 17.99
N ALA G 1701 -95.85 -2.97 18.04
CA ALA G 1701 -95.01 -3.44 16.94
C ALA G 1701 -95.13 -4.95 16.78
N GLY G 1702 -95.20 -5.69 17.89
CA GLY G 1702 -95.33 -7.14 17.81
C GLY G 1702 -96.62 -7.57 17.15
N TYR G 1703 -97.73 -6.93 17.53
CA TYR G 1703 -99.03 -7.29 16.94
C TYR G 1703 -99.09 -6.89 15.48
N TYR G 1704 -98.51 -5.74 15.13
CA TYR G 1704 -98.45 -5.34 13.73
C TYR G 1704 -97.69 -6.37 12.90
N ASP G 1705 -96.49 -6.74 13.36
CA ASP G 1705 -95.69 -7.73 12.64
C ASP G 1705 -96.40 -9.08 12.59
N LEU G 1706 -97.11 -9.44 13.65
CA LEU G 1706 -97.83 -10.71 13.67
C LEU G 1706 -98.95 -10.72 12.63
N LEU G 1707 -99.73 -9.63 12.58
CA LEU G 1707 -100.75 -9.52 11.54
C LEU G 1707 -100.14 -9.62 10.15
N ILE G 1708 -99.06 -8.87 9.92
CA ILE G 1708 -98.41 -8.89 8.61
C ILE G 1708 -97.96 -10.31 8.26
N ASP G 1709 -97.39 -11.03 9.22
CA ASP G 1709 -96.83 -12.34 8.93
C ASP G 1709 -97.90 -13.40 8.72
N ILE G 1710 -98.98 -13.34 9.50
CA ILE G 1710 -99.99 -14.41 9.45
C ILE G 1710 -101.14 -14.11 8.51
N HIS G 1711 -101.18 -12.92 7.91
CA HIS G 1711 -102.32 -12.64 7.03
C HIS G 1711 -101.89 -12.07 5.68
N LEU G 1712 -100.74 -11.43 5.62
CA LEU G 1712 -100.35 -10.64 4.45
C LEU G 1712 -98.99 -10.99 3.86
N SER G 1713 -98.08 -11.56 4.65
CA SER G 1713 -96.70 -11.73 4.21
C SER G 1713 -96.58 -12.70 3.05
N SER G 1714 -97.41 -13.74 3.02
CA SER G 1714 -97.30 -14.74 1.96
C SER G 1714 -97.49 -14.09 0.59
N TYR G 1715 -98.64 -13.46 0.38
CA TYR G 1715 -98.90 -12.81 -0.90
C TYR G 1715 -98.00 -11.61 -1.12
N ALA G 1716 -97.59 -10.92 -0.05
CA ALA G 1716 -96.66 -9.81 -0.21
C ALA G 1716 -95.34 -10.27 -0.81
N THR G 1717 -94.74 -11.33 -0.27
CA THR G 1717 -93.50 -11.84 -0.83
C THR G 1717 -93.72 -12.47 -2.20
N ALA G 1718 -94.88 -13.06 -2.42
CA ALA G 1718 -95.18 -13.57 -3.77
C ALA G 1718 -95.12 -12.46 -4.80
N ARG G 1719 -95.71 -11.30 -4.48
CA ARG G 1719 -95.67 -10.17 -5.41
C ARG G 1719 -94.27 -9.58 -5.51
N LEU G 1720 -93.54 -9.50 -4.40
CA LEU G 1720 -92.16 -9.02 -4.48
C LEU G 1720 -91.30 -9.92 -5.36
N MET G 1721 -91.57 -11.22 -5.34
CA MET G 1721 -90.86 -12.15 -6.22
C MET G 1721 -91.26 -11.92 -7.67
N MET G 1722 -92.55 -12.03 -7.97
CA MET G 1722 -93.02 -11.81 -9.34
C MET G 1722 -93.42 -10.36 -9.57
N ASN G 1723 -92.55 -9.43 -9.20
CA ASN G 1723 -92.76 -8.01 -9.45
C ASN G 1723 -91.88 -7.45 -10.55
N ASN G 1724 -90.72 -8.03 -10.79
CA ASN G 1724 -89.83 -7.56 -11.86
C ASN G 1724 -90.07 -8.24 -13.19
N GLU G 1725 -91.08 -9.11 -13.28
CA GLU G 1725 -91.42 -9.80 -14.51
C GLU G 1725 -92.66 -9.13 -15.10
N PHE G 1726 -92.48 -8.44 -16.23
CA PHE G 1726 -93.56 -7.68 -16.87
C PHE G 1726 -94.16 -8.53 -17.98
N ILE G 1727 -95.00 -9.48 -17.59
CA ILE G 1727 -95.70 -10.33 -18.53
C ILE G 1727 -97.03 -9.69 -18.88
N VAL G 1728 -97.26 -9.46 -20.16
CA VAL G 1728 -98.40 -8.69 -20.64
C VAL G 1728 -99.24 -9.56 -21.58
N PRO G 1729 -100.56 -9.50 -21.51
CA PRO G 1729 -101.40 -10.16 -22.52
C PRO G 1729 -101.59 -9.30 -23.75
N MET G 1730 -102.41 -9.73 -24.70
CA MET G 1730 -102.67 -8.96 -25.91
C MET G 1730 -104.17 -8.67 -26.06
N THR G 1731 -104.86 -8.56 -24.93
CA THR G 1731 -106.28 -8.25 -24.92
C THR G 1731 -106.49 -6.80 -25.33
N GLU G 1732 -107.75 -6.46 -25.58
CA GLU G 1732 -108.08 -5.09 -25.96
C GLU G 1732 -107.90 -4.11 -24.82
N GLU G 1733 -107.87 -4.58 -23.57
CA GLU G 1733 -107.64 -3.68 -22.45
C GLU G 1733 -106.21 -3.16 -22.43
N THR G 1734 -105.27 -3.92 -22.99
CA THR G 1734 -103.89 -3.44 -23.07
C THR G 1734 -103.78 -2.28 -24.04
N LYS G 1735 -104.53 -2.30 -25.13
CA LYS G 1735 -104.51 -1.23 -26.12
C LYS G 1735 -105.35 -0.03 -25.71
N SER G 1736 -105.82 0.02 -24.47
CA SER G 1736 -106.55 1.19 -23.98
C SER G 1736 -105.65 2.21 -23.32
N ILE G 1737 -104.43 1.84 -22.95
CA ILE G 1737 -103.50 2.73 -22.28
C ILE G 1737 -102.41 3.23 -23.22
N THR G 1738 -102.66 3.19 -24.54
CA THR G 1738 -101.71 3.71 -25.50
C THR G 1738 -101.51 5.23 -25.39
N LEU G 1739 -102.33 5.91 -24.58
CA LEU G 1739 -102.20 7.34 -24.39
C LEU G 1739 -101.21 7.68 -23.28
N PHE G 1740 -101.18 6.89 -22.19
CA PHE G 1740 -100.34 7.03 -21.01
C PHE G 1740 -100.11 8.50 -20.70
N PRO G 1741 -101.12 9.19 -20.13
CA PRO G 1741 -101.17 10.66 -20.15
C PRO G 1741 -99.89 11.36 -19.71
N ASP G 1742 -99.27 12.07 -20.66
CA ASP G 1742 -98.11 12.91 -20.38
C ASP G 1742 -98.21 14.29 -21.03
N GLU G 1743 -98.97 14.43 -22.11
CA GLU G 1743 -99.11 15.71 -22.80
C GLU G 1743 -100.25 16.53 -22.19
N ASN G 1744 -100.60 17.62 -22.87
CA ASN G 1744 -101.64 18.58 -22.49
C ASN G 1744 -101.58 18.95 -21.01
N LYS G 1745 -100.37 19.14 -20.49
CA LYS G 1745 -100.14 19.65 -19.13
C LYS G 1745 -100.70 18.71 -18.08
N LYS G 1746 -100.18 17.49 -18.05
CA LYS G 1746 -100.50 16.52 -17.02
C LYS G 1746 -99.50 15.38 -17.07
N HIS G 1747 -99.27 14.75 -15.92
CA HIS G 1747 -98.32 13.64 -15.84
C HIS G 1747 -98.97 12.41 -15.21
N GLY G 1748 -99.99 12.62 -14.38
CA GLY G 1748 -100.68 11.53 -13.72
C GLY G 1748 -100.06 11.18 -12.39
N LEU G 1749 -100.77 10.33 -11.65
CA LEU G 1749 -100.28 9.89 -10.35
C LEU G 1749 -99.78 8.45 -10.43
N PRO G 1750 -98.72 8.11 -9.69
CA PRO G 1750 -98.19 6.74 -9.74
C PRO G 1750 -99.17 5.76 -9.12
N GLY G 1751 -99.48 4.70 -9.86
CA GLY G 1751 -100.40 3.68 -9.40
C GLY G 1751 -101.84 3.87 -9.84
N ILE G 1752 -102.15 4.98 -10.51
CA ILE G 1752 -103.49 5.27 -11.00
C ILE G 1752 -103.57 4.88 -12.47
N GLY G 1753 -104.65 4.19 -12.84
CA GLY G 1753 -104.84 3.77 -14.21
C GLY G 1753 -105.25 2.32 -14.33
N LEU G 1754 -104.73 1.63 -15.35
CA LEU G 1754 -105.07 0.24 -15.62
C LEU G 1754 -103.80 -0.60 -15.66
N SER G 1755 -103.86 -1.80 -15.08
CA SER G 1755 -102.69 -2.65 -14.99
C SER G 1755 -102.53 -3.54 -16.22
N THR G 1756 -103.53 -4.40 -16.48
CA THR G 1756 -103.50 -5.36 -17.58
C THR G 1756 -102.14 -6.05 -17.69
N SER G 1757 -101.66 -6.54 -16.54
CA SER G 1757 -100.42 -7.29 -16.48
C SER G 1757 -100.65 -8.56 -15.67
N LEU G 1758 -99.88 -9.59 -16.00
CA LEU G 1758 -100.09 -10.89 -15.37
C LEU G 1758 -99.51 -10.88 -13.95
N ARG G 1759 -100.39 -11.03 -12.97
CA ARG G 1759 -100.03 -10.99 -11.56
C ARG G 1759 -100.55 -12.24 -10.87
N PRO G 1760 -99.88 -12.69 -9.80
CA PRO G 1760 -100.33 -13.90 -9.10
C PRO G 1760 -101.70 -13.69 -8.47
N ARG G 1761 -102.60 -14.65 -8.69
CA ARG G 1761 -103.93 -14.58 -8.12
C ARG G 1761 -103.87 -14.71 -6.61
N MET G 1762 -104.53 -13.80 -5.90
CA MET G 1762 -104.59 -13.84 -4.45
C MET G 1762 -105.85 -14.56 -3.99
N ARG G 1763 -105.71 -15.34 -2.93
CA ARG G 1763 -106.84 -16.01 -2.30
C ARG G 1763 -106.44 -16.42 -0.90
N PHE G 1764 -107.40 -16.37 0.02
CA PHE G 1764 -107.17 -16.68 1.42
C PHE G 1764 -108.26 -17.63 1.89
N SER G 1765 -107.86 -18.81 2.35
CA SER G 1765 -108.83 -19.78 2.83
C SER G 1765 -109.43 -19.32 4.16
N SER G 1766 -110.67 -19.73 4.40
CA SER G 1766 -111.37 -19.32 5.62
C SER G 1766 -110.92 -20.19 6.79
N PRO G 1767 -110.42 -19.60 7.87
CA PRO G 1767 -109.99 -20.41 9.02
C PRO G 1767 -111.15 -21.03 9.76
N SER G 1768 -111.30 -22.35 9.66
CA SER G 1768 -112.33 -23.08 10.37
C SER G 1768 -111.76 -24.39 10.86
N PHE G 1769 -111.93 -24.66 12.16
CA PHE G 1769 -111.37 -25.86 12.77
C PHE G 1769 -112.39 -26.96 12.98
N VAL G 1770 -113.68 -26.63 13.00
CA VAL G 1770 -114.69 -27.67 13.08
C VAL G 1770 -114.76 -28.48 11.78
N SER G 1771 -114.25 -27.91 10.68
CA SER G 1771 -114.25 -28.61 9.39
C SER G 1771 -113.10 -29.61 9.39
N ILE G 1772 -113.43 -30.89 9.50
CA ILE G 1772 -112.41 -31.94 9.46
C ILE G 1772 -111.90 -32.10 8.04
N SER G 1773 -110.60 -32.41 7.92
CA SER G 1773 -109.95 -32.69 6.65
C SER G 1773 -110.15 -31.54 5.67
N ASN G 1774 -109.60 -30.38 6.04
CA ASN G 1774 -109.64 -29.22 5.17
C ASN G 1774 -108.94 -29.53 3.85
N ASP G 1775 -109.34 -28.80 2.80
CA ASP G 1775 -108.87 -29.11 1.45
C ASP G 1775 -107.35 -29.03 1.31
N CYS G 1776 -106.76 -27.85 1.49
CA CYS G 1776 -105.31 -27.71 1.47
C CYS G 1776 -104.75 -26.84 2.59
N TYR G 1777 -105.51 -25.89 3.12
CA TYR G 1777 -105.02 -24.85 4.04
C TYR G 1777 -103.62 -24.37 3.63
N GLN G 1778 -103.48 -24.07 2.34
CA GLN G 1778 -102.19 -23.73 1.76
C GLN G 1778 -102.04 -22.27 1.36
N TYR G 1779 -103.15 -21.55 1.15
CA TYR G 1779 -103.02 -20.19 0.61
C TYR G 1779 -102.71 -19.18 1.72
N SER G 1780 -103.66 -18.96 2.63
CA SER G 1780 -103.50 -18.06 3.76
C SER G 1780 -104.77 -18.04 4.61
N PRO G 1781 -104.70 -17.55 5.84
CA PRO G 1781 -105.93 -17.26 6.58
C PRO G 1781 -106.63 -16.02 6.03
N GLU G 1782 -107.97 -16.02 6.14
CA GLU G 1782 -108.78 -14.94 5.60
C GLU G 1782 -108.81 -13.76 6.57
N PHE G 1783 -108.79 -12.55 6.02
CA PHE G 1783 -108.82 -11.32 6.80
C PHE G 1783 -109.68 -10.29 6.09
N PRO G 1784 -110.38 -9.44 6.85
CA PRO G 1784 -111.19 -8.39 6.23
C PRO G 1784 -110.34 -7.27 5.64
N LEU G 1785 -109.90 -7.47 4.40
CA LEU G 1785 -108.97 -6.53 3.78
C LEU G 1785 -109.58 -5.13 3.67
N ASP G 1786 -110.89 -5.03 3.39
CA ASP G 1786 -111.50 -3.72 3.24
C ASP G 1786 -111.55 -2.98 4.58
N ILE G 1787 -111.92 -3.69 5.64
CA ILE G 1787 -111.97 -3.07 6.96
C ILE G 1787 -110.57 -2.65 7.39
N LEU G 1788 -109.57 -3.51 7.15
CA LEU G 1788 -108.19 -3.14 7.48
C LEU G 1788 -107.74 -1.94 6.64
N LYS G 1789 -108.20 -1.85 5.40
CA LYS G 1789 -107.88 -0.73 4.53
C LYS G 1789 -108.40 0.58 5.11
N ALA G 1790 -109.70 0.61 5.42
CA ALA G 1790 -110.28 1.83 6.00
C ALA G 1790 -109.62 2.18 7.32
N LYS G 1791 -109.35 1.17 8.15
CA LYS G 1791 -108.76 1.40 9.46
C LYS G 1791 -107.36 1.99 9.33
N THR G 1792 -106.52 1.41 8.47
CA THR G 1792 -105.17 1.93 8.32
C THR G 1792 -105.16 3.29 7.65
N ILE G 1793 -106.13 3.57 6.77
CA ILE G 1793 -106.18 4.88 6.16
C ILE G 1793 -106.51 5.95 7.21
N GLN G 1794 -107.57 5.73 7.98
CA GLN G 1794 -107.94 6.70 9.00
C GLN G 1794 -106.86 6.81 10.08
N MET G 1795 -106.19 5.70 10.40
CA MET G 1795 -105.13 5.77 11.41
C MET G 1795 -103.91 6.50 10.89
N LEU G 1796 -103.59 6.35 9.60
CA LEU G 1796 -102.47 7.11 9.04
C LEU G 1796 -102.79 8.60 9.01
N THR G 1797 -104.04 8.96 8.70
CA THR G 1797 -104.44 10.36 8.77
C THR G 1797 -104.29 10.89 10.19
N GLU G 1798 -104.83 10.16 11.18
CA GLU G 1798 -104.71 10.59 12.57
C GLU G 1798 -103.25 10.68 12.99
N ALA G 1799 -102.41 9.76 12.53
CA ALA G 1799 -101.02 9.74 12.95
C ALA G 1799 -100.24 10.90 12.37
N VAL G 1800 -100.46 11.23 11.09
CA VAL G 1800 -99.78 12.38 10.52
C VAL G 1800 -100.31 13.67 11.16
N LYS G 1801 -101.60 13.73 11.49
CA LYS G 1801 -102.14 14.91 12.16
C LYS G 1801 -101.52 15.07 13.54
N GLU G 1802 -101.31 13.97 14.27
CA GLU G 1802 -100.69 14.04 15.57
C GLU G 1802 -99.22 14.42 15.47
N GLY G 1803 -98.52 13.89 14.46
CA GLY G 1803 -97.11 14.20 14.27
C GLY G 1803 -96.84 15.61 13.79
N SER G 1804 -97.83 16.24 13.14
CA SER G 1804 -97.65 17.61 12.69
C SER G 1804 -97.48 18.58 13.84
N LEU G 1805 -98.12 18.32 14.99
CA LEU G 1805 -98.06 19.22 16.13
C LEU G 1805 -96.96 18.86 17.12
N HIS G 1806 -96.26 17.74 16.91
CA HIS G 1806 -95.13 17.33 17.73
C HIS G 1806 -95.53 17.19 19.20
N ALA G 1807 -96.41 16.23 19.47
CA ALA G 1807 -96.86 15.98 20.83
C ALA G 1807 -95.71 15.40 21.66
N ARG G 1808 -95.97 15.28 22.96
CA ARG G 1808 -94.99 14.74 23.89
C ARG G 1808 -95.24 13.28 24.25
N ASP G 1809 -96.27 12.67 23.68
CA ASP G 1809 -96.55 11.25 23.89
C ASP G 1809 -97.23 10.66 22.66
N PRO G 1810 -96.46 10.38 21.61
CA PRO G 1810 -97.02 9.70 20.44
C PRO G 1810 -97.53 8.31 20.81
N VAL G 1811 -98.30 7.74 19.88
CA VAL G 1811 -98.91 6.43 20.11
C VAL G 1811 -97.81 5.40 20.28
N GLY G 1812 -97.92 4.60 21.34
CA GLY G 1812 -96.94 3.57 21.64
C GLY G 1812 -95.63 4.07 22.22
N GLY G 1813 -95.46 5.38 22.36
CA GLY G 1813 -94.22 5.91 22.90
C GLY G 1813 -93.51 6.82 21.93
N THR G 1814 -92.34 6.39 21.45
CA THR G 1814 -91.55 7.20 20.53
C THR G 1814 -92.23 7.26 19.17
N THR G 1815 -91.91 8.32 18.42
CA THR G 1815 -92.43 8.45 17.05
C THR G 1815 -92.06 7.25 16.19
N GLU G 1816 -90.98 6.54 16.54
CA GLU G 1816 -90.65 5.29 15.87
C GLU G 1816 -91.78 4.27 16.05
N PHE G 1817 -92.14 4.00 17.30
CA PHE G 1817 -93.24 3.08 17.57
C PHE G 1817 -94.56 3.61 17.01
N LEU G 1818 -94.68 4.93 16.87
CA LEU G 1818 -95.90 5.50 16.31
C LEU G 1818 -96.02 5.21 14.82
N PHE G 1819 -94.94 5.42 14.07
CA PHE G 1819 -95.00 5.39 12.62
C PHE G 1819 -94.59 4.05 12.01
N VAL G 1820 -93.43 3.50 12.42
CA VAL G 1820 -92.86 2.36 11.71
C VAL G 1820 -93.85 1.22 11.49
N PRO G 1821 -94.54 0.70 12.50
CA PRO G 1821 -95.47 -0.41 12.22
C PRO G 1821 -96.63 0.00 11.34
N LEU G 1822 -97.17 1.21 11.54
CA LEU G 1822 -98.31 1.65 10.74
C LEU G 1822 -97.92 1.83 9.27
N ILE G 1823 -96.79 2.50 9.01
CA ILE G 1823 -96.39 2.69 7.63
C ILE G 1823 -95.92 1.38 7.02
N LYS G 1824 -95.42 0.44 7.83
CA LYS G 1824 -95.09 -0.88 7.29
C LYS G 1824 -96.35 -1.63 6.86
N LEU G 1825 -97.40 -1.59 7.69
CA LEU G 1825 -98.66 -2.19 7.30
C LEU G 1825 -99.22 -1.54 6.04
N PHE G 1826 -99.15 -0.21 5.97
CA PHE G 1826 -99.62 0.48 4.77
C PHE G 1826 -98.80 0.10 3.54
N TYR G 1827 -97.50 -0.07 3.72
CA TYR G 1827 -96.63 -0.43 2.60
C TYR G 1827 -96.96 -1.82 2.08
N THR G 1828 -97.09 -2.79 2.97
CA THR G 1828 -97.43 -4.14 2.53
C THR G 1828 -98.85 -4.20 1.96
N LEU G 1829 -99.76 -3.36 2.46
CA LEU G 1829 -101.10 -3.31 1.88
C LEU G 1829 -101.06 -2.77 0.46
N LEU G 1830 -100.39 -1.64 0.25
CA LEU G 1830 -100.22 -1.12 -1.10
C LEU G 1830 -99.54 -2.13 -2.01
N ILE G 1831 -98.66 -2.96 -1.45
CA ILE G 1831 -97.97 -3.96 -2.24
C ILE G 1831 -98.95 -5.06 -2.68
N MET G 1832 -99.77 -5.55 -1.75
CA MET G 1832 -100.56 -6.75 -1.98
C MET G 1832 -101.73 -6.56 -2.94
N GLY G 1833 -101.78 -5.44 -3.66
CA GLY G 1833 -102.78 -5.28 -4.70
C GLY G 1833 -104.11 -4.72 -4.23
N ILE G 1834 -104.06 -3.82 -3.27
CA ILE G 1834 -105.24 -3.10 -2.80
C ILE G 1834 -104.90 -1.62 -2.86
N PHE G 1835 -105.76 -0.77 -2.30
CA PHE G 1835 -105.68 0.69 -2.46
C PHE G 1835 -105.88 1.06 -3.93
N HIS G 1836 -107.08 0.79 -4.41
CA HIS G 1836 -107.47 1.16 -5.77
C HIS G 1836 -107.47 2.68 -5.89
N ASN G 1837 -107.69 3.19 -7.11
CA ASN G 1837 -107.45 4.60 -7.41
C ASN G 1837 -108.08 5.55 -6.40
N GLU G 1838 -109.33 5.25 -6.01
CA GLU G 1838 -110.06 6.15 -5.11
C GLU G 1838 -109.34 6.30 -3.78
N ASP G 1839 -108.89 5.19 -3.21
CA ASP G 1839 -108.19 5.25 -1.93
C ASP G 1839 -106.74 5.69 -2.08
N LEU G 1840 -106.12 5.38 -3.22
CA LEU G 1840 -104.75 5.79 -3.45
C LEU G 1840 -104.64 7.31 -3.57
N LYS G 1841 -105.67 7.97 -4.10
CA LYS G 1841 -105.66 9.44 -4.10
C LYS G 1841 -105.65 9.98 -2.68
N HIS G 1842 -106.52 9.46 -1.81
CA HIS G 1842 -106.53 9.91 -0.42
C HIS G 1842 -105.21 9.60 0.28
N ILE G 1843 -104.59 8.47 -0.06
CA ILE G 1843 -103.27 8.15 0.48
C ILE G 1843 -102.24 9.20 0.05
N LEU G 1844 -102.22 9.51 -1.24
CA LEU G 1844 -101.29 10.52 -1.74
C LEU G 1844 -101.58 11.89 -1.17
N GLN G 1845 -102.82 12.14 -0.73
CA GLN G 1845 -103.17 13.44 -0.17
C GLN G 1845 -102.54 13.71 1.20
N LEU G 1846 -101.65 12.85 1.71
CA LEU G 1846 -100.94 13.13 2.95
C LEU G 1846 -99.43 13.06 2.80
N ILE G 1847 -98.91 12.70 1.63
CA ILE G 1847 -97.48 12.64 1.38
C ILE G 1847 -97.11 13.56 0.23
N GLU G 1848 -98.03 13.74 -0.71
CA GLU G 1848 -97.83 14.54 -1.92
C GLU G 1848 -98.02 16.05 -1.72
N PRO G 1849 -99.12 16.52 -1.05
CA PRO G 1849 -99.46 17.96 -1.11
C PRO G 1849 -98.30 18.91 -0.94
N SER G 1850 -98.10 19.77 -1.95
CA SER G 1850 -97.01 20.73 -1.96
C SER G 1850 -97.52 22.11 -2.37
N GLY G 1891 -97.50 17.54 4.94
CA GLY G 1891 -97.20 16.24 4.38
C GLY G 1891 -96.41 15.35 5.33
N LEU G 1892 -95.98 14.20 4.82
CA LEU G 1892 -95.22 13.25 5.63
C LEU G 1892 -93.71 13.31 5.37
N LEU G 1893 -93.31 13.70 4.16
CA LEU G 1893 -91.88 13.78 3.84
C LEU G 1893 -91.23 15.07 4.31
N GLN G 1894 -92.01 16.00 4.87
CA GLN G 1894 -91.47 17.26 5.37
C GLN G 1894 -91.20 17.24 6.86
N MET G 1895 -91.71 16.25 7.59
CA MET G 1895 -91.51 16.18 9.02
C MET G 1895 -90.08 15.74 9.34
N LYS G 1896 -89.69 15.93 10.60
CA LYS G 1896 -88.38 15.51 11.09
C LYS G 1896 -88.50 14.09 11.65
N LEU G 1897 -88.50 13.12 10.73
CA LEU G 1897 -88.69 11.72 11.06
C LEU G 1897 -87.35 11.04 11.35
N PRO G 1898 -87.34 10.04 12.23
CA PRO G 1898 -86.09 9.32 12.51
C PRO G 1898 -85.69 8.39 11.38
N GLU G 1899 -84.62 7.61 11.60
CA GLU G 1899 -84.09 6.79 10.51
C GLU G 1899 -85.02 5.62 10.14
N PRO G 1900 -85.52 4.81 11.08
CA PRO G 1900 -86.37 3.68 10.67
C PRO G 1900 -87.67 4.09 10.00
N VAL G 1901 -88.10 5.35 10.15
CA VAL G 1901 -89.30 5.80 9.48
C VAL G 1901 -88.99 6.18 8.03
N LYS G 1902 -87.96 7.00 7.83
CA LYS G 1902 -87.59 7.38 6.48
C LYS G 1902 -87.11 6.20 5.65
N LEU G 1903 -86.68 5.11 6.29
CA LEU G 1903 -86.33 3.90 5.54
C LEU G 1903 -87.57 3.29 4.89
N GLN G 1904 -88.64 3.13 5.66
CA GLN G 1904 -89.90 2.67 5.09
C GLN G 1904 -90.44 3.67 4.08
N MET G 1905 -90.19 4.97 4.30
CA MET G 1905 -90.60 5.96 3.32
C MET G 1905 -89.88 5.76 2.00
N CYS G 1906 -88.57 5.49 2.07
CA CYS G 1906 -87.80 5.22 0.86
C CYS G 1906 -88.29 3.97 0.16
N LEU G 1907 -88.64 2.94 0.93
CA LEU G 1907 -89.19 1.73 0.32
C LEU G 1907 -90.52 2.03 -0.38
N LEU G 1908 -91.38 2.83 0.26
CA LEU G 1908 -92.65 3.19 -0.33
C LEU G 1908 -92.45 3.96 -1.63
N LEU G 1909 -91.53 4.92 -1.63
CA LEU G 1909 -91.26 5.67 -2.86
C LEU G 1909 -90.64 4.79 -3.94
N GLN G 1910 -89.81 3.82 -3.54
CA GLN G 1910 -89.25 2.90 -4.51
C GLN G 1910 -90.34 2.07 -5.16
N TYR G 1911 -91.35 1.65 -4.38
CA TYR G 1911 -92.47 0.93 -5.00
C TYR G 1911 -93.30 1.86 -5.88
N LEU G 1912 -93.48 3.11 -5.45
CA LEU G 1912 -94.23 4.06 -6.26
C LEU G 1912 -93.54 4.32 -7.59
N CYS G 1913 -92.22 4.19 -7.63
CA CYS G 1913 -91.49 4.34 -8.88
C CYS G 1913 -91.44 3.05 -9.69
N ASP G 1914 -91.43 1.90 -9.02
CA ASP G 1914 -91.52 0.62 -9.73
C ASP G 1914 -92.84 0.50 -10.46
N CYS G 1915 -93.94 0.93 -9.84
CA CYS G 1915 -95.23 0.90 -10.52
C CYS G 1915 -95.25 1.87 -11.69
N GLN G 1916 -94.54 3.00 -11.58
CA GLN G 1916 -94.46 3.93 -12.69
C GLN G 1916 -93.68 3.33 -13.85
N VAL G 1917 -92.57 2.65 -13.57
CA VAL G 1917 -91.81 1.98 -14.62
C VAL G 1917 -92.67 0.89 -15.26
N ARG G 1918 -93.46 0.18 -14.45
CA ARG G 1918 -94.37 -0.82 -15.00
C ARG G 1918 -95.39 -0.20 -15.92
N HIS G 1919 -95.94 0.95 -15.55
CA HIS G 1919 -96.87 1.65 -16.42
C HIS G 1919 -96.19 2.08 -17.72
N ARG G 1920 -94.95 2.54 -17.64
CA ARG G 1920 -94.21 2.90 -18.84
C ARG G 1920 -94.06 1.71 -19.77
N ILE G 1921 -93.70 0.55 -19.21
CA ILE G 1921 -93.52 -0.65 -20.04
C ILE G 1921 -94.85 -1.10 -20.63
N GLU G 1922 -95.94 -1.00 -19.86
CA GLU G 1922 -97.25 -1.34 -20.38
C GLU G 1922 -97.63 -0.45 -21.55
N ALA G 1923 -97.36 0.86 -21.43
CA ALA G 1923 -97.61 1.77 -22.55
C ALA G 1923 -96.73 1.44 -23.75
N ILE G 1924 -95.48 1.06 -23.49
CA ILE G 1924 -94.58 0.66 -24.58
C ILE G 1924 -95.16 -0.52 -25.34
N VAL G 1925 -95.67 -1.52 -24.62
CA VAL G 1925 -96.25 -2.68 -25.29
C VAL G 1925 -97.52 -2.28 -26.03
N ALA G 1926 -98.31 -1.40 -25.43
CA ALA G 1926 -99.55 -0.96 -26.06
C ALA G 1926 -99.29 -0.28 -27.39
N PHE G 1927 -98.27 0.57 -27.45
CA PHE G 1927 -97.94 1.23 -28.71
C PHE G 1927 -97.24 0.26 -29.67
N SER G 1928 -96.39 -0.62 -29.14
CA SER G 1928 -95.60 -1.51 -29.98
C SER G 1928 -96.46 -2.53 -30.70
N ASP G 1929 -97.50 -3.04 -30.05
CA ASP G 1929 -98.44 -3.93 -30.72
C ASP G 1929 -98.97 -3.30 -32.00
N ASP G 1930 -99.51 -2.09 -31.88
CA ASP G 1930 -100.14 -1.43 -33.02
C ASP G 1930 -99.10 -1.05 -34.08
N PHE G 1931 -97.91 -0.62 -33.63
CA PHE G 1931 -96.85 -0.26 -34.56
C PHE G 1931 -96.40 -1.47 -35.38
N VAL G 1932 -96.20 -2.61 -34.72
CA VAL G 1932 -95.78 -3.81 -35.44
C VAL G 1932 -96.90 -4.34 -36.31
N ALA G 1933 -98.15 -4.19 -35.87
CA ALA G 1933 -99.27 -4.56 -36.72
C ALA G 1933 -99.26 -3.78 -38.03
N LYS G 1934 -98.92 -2.49 -37.96
CA LYS G 1934 -98.79 -1.72 -39.19
C LYS G 1934 -97.56 -2.13 -40.00
N LEU G 1935 -96.42 -2.32 -39.32
CA LEU G 1935 -95.17 -2.55 -40.03
C LEU G 1935 -95.15 -3.90 -40.73
N GLN G 1936 -95.80 -4.92 -40.15
CA GLN G 1936 -95.82 -6.23 -40.78
C GLN G 1936 -96.57 -6.19 -42.10
N ASP G 1937 -97.75 -5.56 -42.11
CA ASP G 1937 -98.48 -5.44 -43.36
C ASP G 1937 -97.75 -4.54 -44.35
N ASN G 1938 -97.03 -3.53 -43.86
CA ASN G 1938 -96.26 -2.68 -44.76
C ASN G 1938 -95.17 -3.47 -45.47
N GLN G 1939 -94.41 -4.26 -44.71
CA GLN G 1939 -93.34 -5.04 -45.32
C GLN G 1939 -93.89 -6.15 -46.21
N ARG G 1940 -95.03 -6.74 -45.85
CA ARG G 1940 -95.65 -7.72 -46.72
C ARG G 1940 -96.12 -7.09 -48.02
N PHE G 1941 -96.65 -5.88 -47.95
CA PHE G 1941 -97.07 -5.17 -49.16
C PHE G 1941 -95.87 -4.84 -50.04
N ARG G 1942 -94.76 -4.43 -49.44
CA ARG G 1942 -93.57 -4.13 -50.24
C ARG G 1942 -93.00 -5.41 -50.86
N TYR G 1943 -93.07 -6.53 -50.15
CA TYR G 1943 -92.62 -7.80 -50.73
C TYR G 1943 -93.52 -8.23 -51.89
N ASN G 1944 -94.83 -8.07 -51.74
CA ASN G 1944 -95.74 -8.40 -52.83
C ASN G 1944 -95.52 -7.47 -54.03
N GLU G 1945 -95.23 -6.20 -53.76
CA GLU G 1945 -94.94 -5.26 -54.85
C GLU G 1945 -93.67 -5.65 -55.59
N VAL G 1946 -92.65 -6.10 -54.85
CA VAL G 1946 -91.43 -6.58 -55.51
C VAL G 1946 -91.74 -7.81 -56.34
N MET G 1947 -92.56 -8.72 -55.80
CA MET G 1947 -92.90 -9.94 -56.54
C MET G 1947 -93.65 -9.61 -57.82
N GLN G 1948 -94.52 -8.60 -57.78
CA GLN G 1948 -95.25 -8.20 -58.98
C GLN G 1948 -94.32 -7.53 -59.98
N ALA G 1949 -93.68 -6.44 -59.58
CA ALA G 1949 -92.71 -5.75 -60.43
C ALA G 1949 -91.29 -6.26 -60.18
N LEU G 1950 -91.11 -7.57 -60.34
CA LEU G 1950 -89.80 -8.19 -60.17
C LEU G 1950 -88.72 -7.47 -60.98
N ASN G 1951 -88.89 -7.43 -62.29
CA ASN G 1951 -87.88 -6.90 -63.22
C ASN G 1951 -86.53 -7.58 -62.98
N MET G 1952 -86.53 -8.88 -63.29
CA MET G 1952 -85.42 -9.79 -63.04
C MET G 1952 -84.08 -9.17 -63.41
N SER G 1953 -83.17 -9.15 -62.43
CA SER G 1953 -81.80 -8.66 -62.65
C SER G 1953 -80.89 -9.42 -61.68
N ALA G 1954 -79.69 -8.88 -61.47
CA ALA G 1954 -78.73 -9.55 -60.60
C ALA G 1954 -79.01 -9.27 -59.12
N ALA G 1955 -79.54 -8.08 -58.80
CA ALA G 1955 -79.80 -7.72 -57.41
C ALA G 1955 -81.12 -8.27 -56.87
N LEU G 1956 -82.01 -8.73 -57.76
CA LEU G 1956 -83.30 -9.24 -57.28
C LEU G 1956 -83.13 -10.52 -56.48
N THR G 1957 -82.26 -11.43 -56.94
CA THR G 1957 -82.00 -12.64 -56.17
C THR G 1957 -81.27 -12.33 -54.87
N ALA G 1958 -80.47 -11.27 -54.84
CA ALA G 1958 -79.87 -10.85 -53.58
C ALA G 1958 -80.93 -10.33 -52.61
N ARG G 1959 -81.91 -9.58 -53.11
CA ARG G 1959 -83.00 -9.11 -52.25
C ARG G 1959 -83.83 -10.29 -51.74
N LYS G 1960 -84.07 -11.30 -52.58
CA LYS G 1960 -84.76 -12.50 -52.10
C LYS G 1960 -83.92 -13.25 -51.06
N THR G 1961 -82.60 -13.32 -51.24
CA THR G 1961 -81.80 -13.97 -50.20
C THR G 1961 -81.87 -13.18 -48.89
N ARG G 1962 -81.88 -11.85 -48.98
CA ARG G 1962 -82.02 -11.02 -47.77
C ARG G 1962 -83.38 -11.22 -47.11
N GLU G 1963 -84.43 -11.37 -47.92
CA GLU G 1963 -85.77 -11.53 -47.35
C GLU G 1963 -85.96 -12.92 -46.76
N PHE G 1964 -85.51 -13.96 -47.45
CA PHE G 1964 -85.63 -15.33 -46.95
C PHE G 1964 -84.76 -15.54 -45.72
N ARG G 1965 -83.47 -15.24 -45.83
CA ARG G 1965 -82.54 -15.30 -44.70
C ARG G 1965 -82.72 -14.05 -43.84
N SER G 1966 -81.74 -13.76 -42.98
CA SER G 1966 -81.85 -12.66 -42.01
C SER G 1966 -83.08 -12.86 -41.15
N PRO G 1967 -83.03 -13.80 -40.19
CA PRO G 1967 -84.20 -14.10 -39.34
C PRO G 1967 -84.80 -12.85 -38.71
N PRO G 1968 -86.01 -12.95 -38.16
CA PRO G 1968 -86.74 -11.74 -37.74
C PRO G 1968 -85.97 -10.80 -36.83
N GLN G 1969 -85.07 -11.29 -35.97
CA GLN G 1969 -84.32 -10.39 -35.11
C GLN G 1969 -83.37 -9.51 -35.92
N GLU G 1970 -82.61 -10.11 -36.83
CA GLU G 1970 -81.75 -9.32 -37.71
C GLU G 1970 -82.57 -8.43 -38.63
N GLN G 1971 -83.74 -8.91 -39.07
CA GLN G 1971 -84.62 -8.09 -39.89
C GLN G 1971 -85.07 -6.84 -39.13
N ILE G 1972 -85.44 -7.01 -37.86
CA ILE G 1972 -85.84 -5.88 -37.04
C ILE G 1972 -84.68 -4.93 -36.82
N ASN G 1973 -83.48 -5.48 -36.62
CA ASN G 1973 -82.30 -4.63 -36.48
C ASN G 1973 -82.05 -3.80 -37.73
N MET G 1974 -82.24 -4.39 -38.90
CA MET G 1974 -82.04 -3.66 -40.14
C MET G 1974 -83.13 -2.62 -40.36
N LEU G 1975 -84.37 -2.94 -40.01
CA LEU G 1975 -85.45 -2.00 -40.26
C LEU G 1975 -85.64 -0.96 -39.16
N LEU G 1976 -84.95 -1.08 -38.03
CA LEU G 1976 -85.00 -0.08 -36.97
C LEU G 1976 -83.60 0.49 -36.75
N ASN G 1977 -83.22 1.45 -37.60
CA ASN G 1977 -82.03 2.26 -37.34
C ASN G 1977 -82.14 3.55 -38.16
N PHE G 1978 -82.60 4.62 -37.53
CA PHE G 1978 -82.61 5.94 -38.18
C PHE G 1978 -82.60 7.00 -37.09
N LYS G 1979 -81.39 7.47 -36.76
CA LYS G 1979 -81.21 8.57 -35.83
C LYS G 1979 -80.28 9.59 -36.45
N ASP G 1980 -79.46 9.14 -37.39
CA ASP G 1980 -78.51 9.99 -38.08
C ASP G 1980 -79.13 10.54 -39.37
N ASP G 1981 -78.28 11.04 -40.27
CA ASP G 1981 -78.76 11.65 -41.51
C ASP G 1981 -79.40 10.60 -42.41
N LYS G 1982 -78.63 9.60 -42.83
CA LYS G 1982 -79.13 8.49 -43.63
C LYS G 1982 -78.39 7.22 -43.28
N SER G 1983 -79.13 6.12 -43.20
CA SER G 1983 -78.57 4.80 -43.00
C SER G 1983 -79.47 3.79 -43.72
N GLU G 1984 -79.38 2.52 -43.32
CA GLU G 1984 -80.20 1.49 -43.93
C GLU G 1984 -81.65 1.65 -43.47
N CYS G 1985 -82.46 2.32 -44.29
CA CYS G 1985 -83.84 2.61 -43.93
C CYS G 1985 -84.77 2.09 -45.02
N PRO G 1986 -85.83 1.39 -44.68
CA PRO G 1986 -86.77 0.89 -45.68
C PRO G 1986 -87.69 2.01 -46.18
N CYS G 1987 -88.63 1.62 -47.04
CA CYS G 1987 -89.54 2.57 -47.68
C CYS G 1987 -90.57 3.21 -46.74
N PRO G 1988 -91.10 2.51 -45.70
CA PRO G 1988 -92.16 3.14 -44.89
C PRO G 1988 -91.66 4.28 -44.01
N GLU G 1989 -91.49 5.46 -44.61
CA GLU G 1989 -91.11 6.63 -43.84
C GLU G 1989 -92.26 7.21 -43.04
N GLU G 1990 -93.51 6.84 -43.37
CA GLU G 1990 -94.66 7.42 -42.69
C GLU G 1990 -94.76 6.95 -41.24
N ILE G 1991 -94.40 5.69 -40.97
CA ILE G 1991 -94.42 5.20 -39.60
C ILE G 1991 -93.21 5.70 -38.81
N ARG G 1992 -92.19 6.21 -39.49
CA ARG G 1992 -91.04 6.75 -38.79
C ARG G 1992 -91.41 7.97 -37.97
N ASP G 1993 -92.33 8.80 -38.48
CA ASP G 1993 -92.78 9.96 -37.73
C ASP G 1993 -93.54 9.55 -36.47
N GLN G 1994 -94.39 8.53 -36.59
CA GLN G 1994 -95.09 8.02 -35.40
C GLN G 1994 -94.11 7.45 -34.40
N LEU G 1995 -93.08 6.76 -34.88
CA LEU G 1995 -92.09 6.20 -33.95
C LEU G 1995 -91.32 7.30 -33.25
N LEU G 1996 -90.94 8.36 -33.97
CA LEU G 1996 -90.26 9.49 -33.34
C LEU G 1996 -91.17 10.20 -32.34
N ASP G 1997 -92.46 10.34 -32.65
CA ASP G 1997 -93.36 10.96 -31.68
C ASP G 1997 -93.47 10.12 -30.42
N PHE G 1998 -93.65 8.81 -30.57
CA PHE G 1998 -93.76 7.96 -29.40
C PHE G 1998 -92.47 7.96 -28.59
N HIS G 1999 -91.32 7.93 -29.25
CA HIS G 1999 -90.06 7.94 -28.52
C HIS G 1999 -89.85 9.27 -27.78
N GLU G 2000 -90.20 10.39 -28.43
CA GLU G 2000 -90.12 11.67 -27.75
C GLU G 2000 -91.06 11.73 -26.56
N ASP G 2001 -92.27 11.18 -26.72
CA ASP G 2001 -93.23 11.16 -25.64
C ASP G 2001 -92.69 10.34 -24.47
N LEU G 2002 -92.05 9.21 -24.77
CA LEU G 2002 -91.39 8.40 -23.75
C LEU G 2002 -90.27 9.18 -23.05
N MET G 2003 -89.46 9.92 -23.82
CA MET G 2003 -88.33 10.61 -23.24
C MET G 2003 -88.77 11.76 -22.34
N THR G 2004 -89.84 12.47 -22.72
CA THR G 2004 -90.33 13.51 -21.82
C THR G 2004 -91.10 12.95 -20.65
N HIS G 2005 -91.62 11.72 -20.77
CA HIS G 2005 -92.22 11.08 -19.61
C HIS G 2005 -91.17 10.57 -18.63
N CYS G 2006 -90.01 10.15 -19.12
CA CYS G 2006 -88.92 9.72 -18.26
C CYS G 2006 -88.27 10.93 -17.61
N GLY G 2007 -87.15 10.69 -16.92
CA GLY G 2007 -86.50 11.72 -16.14
C GLY G 2007 -85.75 12.76 -16.94
N ILE G 2008 -85.52 12.53 -18.23
CA ILE G 2008 -84.73 13.46 -19.02
C ILE G 2008 -85.64 14.56 -19.56
N GLU G 2009 -85.01 15.65 -20.01
CA GLU G 2009 -85.75 16.78 -20.56
C GLU G 2009 -85.53 16.88 -22.07
N SER G 2056 -93.51 15.25 -11.75
CA SER G 2056 -93.07 15.99 -10.58
C SER G 2056 -92.73 15.05 -9.43
N LEU G 2057 -93.15 13.80 -9.55
CA LEU G 2057 -92.86 12.82 -8.51
C LEU G 2057 -91.36 12.60 -8.36
N GLN G 2058 -90.65 12.44 -9.48
CA GLN G 2058 -89.22 12.24 -9.42
C GLN G 2058 -88.51 13.45 -8.84
N GLN G 2059 -88.96 14.66 -9.20
CA GLN G 2059 -88.37 15.86 -8.64
C GLN G 2059 -88.59 15.93 -7.13
N LEU G 2060 -89.80 15.62 -6.68
CA LEU G 2060 -90.09 15.63 -5.25
C LEU G 2060 -89.24 14.60 -4.52
N ILE G 2061 -89.09 13.41 -5.09
CA ILE G 2061 -88.29 12.38 -4.44
C ILE G 2061 -86.82 12.80 -4.37
N SER G 2062 -86.30 13.39 -5.45
CA SER G 2062 -84.93 13.89 -5.43
C SER G 2062 -84.75 14.96 -4.36
N GLU G 2063 -85.70 15.89 -4.27
CA GLU G 2063 -85.58 16.96 -3.29
C GLU G 2063 -85.60 16.42 -1.87
N THR G 2064 -86.51 15.47 -1.60
CA THR G 2064 -86.55 14.87 -0.26
C THR G 2064 -85.28 14.11 0.05
N MET G 2065 -84.72 13.39 -0.93
CA MET G 2065 -83.51 12.62 -0.68
C MET G 2065 -82.32 13.54 -0.38
N VAL G 2066 -82.13 14.58 -1.21
CA VAL G 2066 -81.01 15.50 -0.97
C VAL G 2066 -81.22 16.27 0.32
N ARG G 2067 -82.47 16.59 0.66
CA ARG G 2067 -82.73 17.30 1.91
C ARG G 2067 -82.42 16.42 3.12
N TRP G 2068 -82.82 15.16 3.07
CA TRP G 2068 -82.50 14.24 4.16
C TRP G 2068 -80.99 14.05 4.29
N ALA G 2069 -80.29 14.02 3.16
CA ALA G 2069 -78.84 13.85 3.22
C ALA G 2069 -78.14 15.09 3.73
N GLN G 2070 -78.71 16.28 3.46
CA GLN G 2070 -78.09 17.52 3.90
C GLN G 2070 -78.46 17.91 5.33
N GLU G 2071 -79.57 17.38 5.85
CA GLU G 2071 -80.01 17.76 7.20
C GLU G 2071 -78.96 17.42 8.25
N SER G 2072 -78.49 16.17 8.25
CA SER G 2072 -77.51 15.74 9.24
C SER G 2072 -76.84 14.47 8.73
N VAL G 2073 -75.72 14.12 9.38
CA VAL G 2073 -75.05 12.87 9.06
C VAL G 2073 -75.98 11.71 9.40
N ILE G 2074 -76.08 10.75 8.49
CA ILE G 2074 -77.07 9.68 8.59
C ILE G 2074 -76.36 8.38 8.93
N GLU G 2075 -76.82 7.72 10.00
CA GLU G 2075 -76.41 6.36 10.32
C GLU G 2075 -77.23 5.39 9.49
N ASP G 2076 -77.21 4.10 9.87
CA ASP G 2076 -77.97 3.07 9.16
C ASP G 2076 -77.52 3.00 7.70
N PRO G 2077 -76.34 2.45 7.43
CA PRO G 2077 -75.88 2.34 6.04
C PRO G 2077 -76.89 1.69 5.11
N GLU G 2078 -77.76 0.83 5.64
CA GLU G 2078 -78.84 0.30 4.81
C GLU G 2078 -79.78 1.42 4.35
N LEU G 2079 -80.16 2.30 5.28
CA LEU G 2079 -80.99 3.44 4.91
C LEU G 2079 -80.27 4.36 3.94
N VAL G 2080 -78.97 4.59 4.17
CA VAL G 2080 -78.19 5.43 3.26
C VAL G 2080 -78.20 4.83 1.85
N ARG G 2081 -78.00 3.52 1.76
CA ARG G 2081 -77.97 2.83 0.47
C ARG G 2081 -79.32 2.92 -0.22
N ALA G 2082 -80.40 2.71 0.53
CA ALA G 2082 -81.75 2.80 -0.06
C ALA G 2082 -82.03 4.20 -0.58
N MET G 2083 -81.74 5.21 0.23
CA MET G 2083 -81.95 6.59 -0.18
C MET G 2083 -81.15 6.91 -1.45
N PHE G 2084 -79.90 6.45 -1.50
CA PHE G 2084 -79.06 6.79 -2.64
C PHE G 2084 -79.48 6.06 -3.91
N VAL G 2085 -79.87 4.78 -3.79
CA VAL G 2085 -80.30 4.08 -4.99
C VAL G 2085 -81.61 4.67 -5.50
N LEU G 2086 -82.48 5.13 -4.60
CA LEU G 2086 -83.69 5.82 -5.03
C LEU G 2086 -83.33 7.10 -5.78
N LEU G 2087 -82.39 7.89 -5.23
CA LEU G 2087 -82.00 9.13 -5.89
C LEU G 2087 -81.40 8.86 -7.26
N HIS G 2088 -80.55 7.83 -7.36
CA HIS G 2088 -79.91 7.52 -8.64
C HIS G 2088 -80.93 7.08 -9.67
N ARG G 2089 -81.86 6.20 -9.27
CA ARG G 2089 -82.84 5.75 -10.25
C ARG G 2089 -83.78 6.89 -10.66
N GLN G 2090 -84.05 7.83 -9.75
CA GLN G 2090 -84.86 8.99 -10.12
C GLN G 2090 -84.13 9.87 -11.13
N TYR G 2091 -82.83 10.10 -10.92
CA TYR G 2091 -82.07 10.90 -11.88
C TYR G 2091 -81.81 10.18 -13.19
N ASP G 2092 -81.77 8.85 -13.18
CA ASP G 2092 -81.48 8.12 -14.41
C ASP G 2092 -82.74 7.92 -15.25
N GLY G 2093 -83.73 7.24 -14.69
CA GLY G 2093 -84.97 6.99 -15.43
C GLY G 2093 -84.90 5.95 -16.52
N ILE G 2094 -83.95 6.08 -17.45
CA ILE G 2094 -83.82 5.12 -18.53
C ILE G 2094 -83.14 3.84 -18.10
N GLY G 2095 -82.43 3.85 -16.96
CA GLY G 2095 -81.80 2.63 -16.48
C GLY G 2095 -82.82 1.56 -16.14
N GLY G 2096 -83.93 1.94 -15.50
CA GLY G 2096 -84.98 0.98 -15.24
C GLY G 2096 -85.53 0.37 -16.50
N LEU G 2097 -85.70 1.17 -17.55
CA LEU G 2097 -86.22 0.65 -18.82
C LEU G 2097 -85.22 -0.30 -19.45
N VAL G 2098 -83.94 0.09 -19.52
CA VAL G 2098 -82.96 -0.76 -20.20
C VAL G 2098 -82.69 -2.03 -19.39
N ARG G 2099 -83.00 -2.03 -18.10
CA ARG G 2099 -82.84 -3.25 -17.30
C ARG G 2099 -84.10 -4.11 -17.27
N ALA G 2100 -85.29 -3.53 -17.48
CA ALA G 2100 -86.52 -4.28 -17.36
C ALA G 2100 -87.10 -4.74 -18.69
N LEU G 2101 -86.79 -4.05 -19.79
CA LEU G 2101 -87.27 -4.47 -21.10
C LEU G 2101 -86.72 -5.84 -21.51
N PRO G 2102 -85.48 -6.20 -21.17
CA PRO G 2102 -85.04 -7.58 -21.40
C PRO G 2102 -85.86 -8.61 -20.65
N LYS G 2103 -86.59 -8.21 -19.61
CA LYS G 2103 -87.41 -9.14 -18.83
C LYS G 2103 -88.88 -9.09 -19.18
N THR G 2104 -89.34 -8.05 -19.87
CA THR G 2104 -90.75 -7.97 -20.24
C THR G 2104 -91.03 -8.91 -21.42
N TYR G 2105 -92.30 -9.31 -21.53
CA TYR G 2105 -92.70 -10.28 -22.54
C TYR G 2105 -94.22 -10.25 -22.66
N THR G 2106 -94.72 -10.15 -23.89
CA THR G 2106 -96.14 -10.21 -24.17
C THR G 2106 -96.48 -11.53 -24.83
N ILE G 2107 -97.63 -12.09 -24.49
CA ILE G 2107 -97.90 -13.47 -24.90
C ILE G 2107 -99.11 -13.62 -25.81
N ASN G 2108 -100.31 -13.39 -25.26
CA ASN G 2108 -101.58 -13.65 -25.94
C ASN G 2108 -102.75 -13.21 -25.07
N GLY G 2109 -103.96 -13.29 -25.63
CA GLY G 2109 -105.16 -13.13 -24.83
C GLY G 2109 -105.91 -14.44 -24.71
N VAL G 2110 -105.24 -15.55 -25.04
CA VAL G 2110 -105.89 -16.87 -25.04
C VAL G 2110 -105.18 -17.81 -24.08
N SER G 2111 -103.90 -17.56 -23.81
CA SER G 2111 -103.12 -18.36 -22.89
C SER G 2111 -102.97 -17.70 -21.52
N VAL G 2112 -103.92 -16.82 -21.16
CA VAL G 2112 -103.80 -16.06 -19.92
C VAL G 2112 -103.84 -16.98 -18.71
N GLU G 2113 -104.81 -17.89 -18.67
CA GLU G 2113 -104.92 -18.78 -17.52
C GLU G 2113 -103.75 -19.76 -17.47
N ASP G 2114 -103.26 -20.20 -18.63
CA ASP G 2114 -102.13 -21.11 -18.66
C ASP G 2114 -100.87 -20.44 -18.10
N THR G 2115 -100.60 -19.21 -18.53
CA THR G 2115 -99.45 -18.49 -18.00
C THR G 2115 -99.65 -18.12 -16.54
N ILE G 2116 -100.89 -17.90 -16.10
CA ILE G 2116 -101.13 -17.67 -14.69
C ILE G 2116 -100.77 -18.89 -13.86
N ASN G 2117 -101.19 -20.07 -14.32
CA ASN G 2117 -100.82 -21.31 -13.63
C ASN G 2117 -99.30 -21.50 -13.62
N LEU G 2118 -98.65 -21.18 -14.74
CA LEU G 2118 -97.19 -21.28 -14.80
C LEU G 2118 -96.53 -20.34 -13.78
N LEU G 2119 -97.02 -19.10 -13.68
CA LEU G 2119 -96.45 -18.16 -12.74
C LEU G 2119 -96.68 -18.60 -11.30
N ALA G 2120 -97.85 -19.17 -11.01
CA ALA G 2120 -98.11 -19.69 -9.68
C ALA G 2120 -97.15 -20.82 -9.34
N SER G 2121 -96.91 -21.72 -10.29
CA SER G 2121 -95.97 -22.81 -10.04
C SER G 2121 -94.56 -22.30 -9.84
N LEU G 2122 -94.16 -21.28 -10.62
CA LEU G 2122 -92.83 -20.70 -10.45
C LEU G 2122 -92.69 -20.01 -9.09
N GLY G 2123 -93.75 -19.35 -8.63
CA GLY G 2123 -93.72 -18.74 -7.32
C GLY G 2123 -93.62 -19.77 -6.21
N GLN G 2124 -94.33 -20.90 -6.37
CA GLN G 2124 -94.19 -21.98 -5.40
C GLN G 2124 -92.77 -22.53 -5.38
N ILE G 2125 -92.16 -22.69 -6.56
CA ILE G 2125 -90.80 -23.19 -6.64
C ILE G 2125 -89.84 -22.21 -5.96
N ARG G 2126 -90.05 -20.91 -6.17
CA ARG G 2126 -89.18 -19.91 -5.54
C ARG G 2126 -89.34 -19.89 -4.03
N SER G 2127 -90.58 -20.00 -3.55
CA SER G 2127 -90.82 -20.04 -2.11
C SER G 2127 -90.17 -21.27 -1.49
N LEU G 2128 -90.26 -22.42 -2.17
CA LEU G 2128 -89.63 -23.63 -1.65
C LEU G 2128 -88.11 -23.55 -1.71
N LEU G 2129 -87.58 -22.82 -2.70
CA LEU G 2129 -86.15 -22.56 -2.73
C LEU G 2129 -85.73 -21.70 -1.55
N SER G 2130 -86.56 -20.72 -1.19
CA SER G 2130 -86.27 -19.89 -0.02
C SER G 2130 -86.31 -20.71 1.26
N VAL G 2131 -87.30 -21.60 1.39
CA VAL G 2131 -87.43 -22.43 2.58
C VAL G 2131 -86.38 -23.54 2.51
N ARG G 2132 -86.05 -24.14 3.65
CA ARG G 2132 -85.05 -25.20 3.68
C ARG G 2132 -85.60 -26.47 3.03
N MET G 2133 -84.68 -27.35 2.64
CA MET G 2133 -85.01 -28.56 1.89
C MET G 2133 -85.31 -29.71 2.84
N GLY G 2134 -86.38 -30.42 2.57
CA GLY G 2134 -86.74 -31.62 3.31
C GLY G 2134 -87.57 -32.57 2.48
N LYS G 2135 -88.27 -33.51 3.12
CA LYS G 2135 -89.07 -34.48 2.37
C LYS G 2135 -90.27 -33.82 1.71
N GLU G 2136 -91.09 -33.11 2.50
CA GLU G 2136 -92.27 -32.46 1.95
C GLU G 2136 -91.87 -31.36 0.95
N GLU G 2137 -90.80 -30.63 1.26
CA GLU G 2137 -90.34 -29.58 0.35
C GLU G 2137 -89.84 -30.19 -0.95
N GLU G 2138 -89.15 -31.33 -0.89
CA GLU G 2138 -88.70 -32.01 -2.09
C GLU G 2138 -89.89 -32.50 -2.91
N LYS G 2139 -90.91 -33.05 -2.25
CA LYS G 2139 -92.10 -33.51 -2.98
C LYS G 2139 -92.81 -32.35 -3.67
N LEU G 2140 -92.94 -31.22 -2.97
CA LEU G 2140 -93.61 -30.08 -3.60
C LEU G 2140 -92.77 -29.49 -4.73
N MET G 2141 -91.44 -29.51 -4.59
CA MET G 2141 -90.60 -29.03 -5.68
C MET G 2141 -90.71 -29.94 -6.90
N ILE G 2142 -90.79 -31.26 -6.68
CA ILE G 2142 -90.98 -32.19 -7.79
C ILE G 2142 -92.33 -31.95 -8.46
N ARG G 2143 -93.37 -31.72 -7.65
CA ARG G 2143 -94.69 -31.45 -8.23
C ARG G 2143 -94.69 -30.16 -9.04
N GLY G 2144 -94.02 -29.13 -8.53
CA GLY G 2144 -93.92 -27.88 -9.28
C GLY G 2144 -93.14 -28.03 -10.57
N LEU G 2145 -92.07 -28.84 -10.54
CA LEU G 2145 -91.31 -29.09 -11.76
C LEU G 2145 -92.16 -29.82 -12.79
N GLY G 2146 -92.92 -30.83 -12.35
CA GLY G 2146 -93.85 -31.50 -13.26
C GLY G 2146 -94.87 -30.53 -13.84
N ASP G 2147 -95.38 -29.63 -13.01
CA ASP G 2147 -96.37 -28.67 -13.49
C ASP G 2147 -95.78 -27.72 -14.53
N ILE G 2148 -94.59 -27.17 -14.27
CA ILE G 2148 -93.99 -26.25 -15.22
C ILE G 2148 -93.51 -26.99 -16.47
N MET G 2149 -93.30 -28.30 -16.39
CA MET G 2149 -92.96 -29.05 -17.60
C MET G 2149 -94.19 -29.38 -18.43
N ASN G 2150 -95.34 -29.61 -17.79
CA ASN G 2150 -96.57 -29.92 -18.50
C ASN G 2150 -97.49 -28.72 -18.66
N ASN G 2151 -96.98 -27.51 -18.42
CA ASN G 2151 -97.81 -26.30 -18.48
C ASN G 2151 -98.23 -25.93 -19.90
N LYS G 2152 -97.64 -26.56 -20.93
CA LYS G 2152 -98.01 -26.39 -22.34
C LYS G 2152 -97.58 -25.03 -22.87
N VAL G 2153 -97.11 -24.14 -22.00
CA VAL G 2153 -96.54 -22.87 -22.43
C VAL G 2153 -95.02 -22.95 -22.54
N PHE G 2154 -94.39 -23.89 -21.83
CA PHE G 2154 -92.95 -24.09 -21.97
C PHE G 2154 -92.58 -24.48 -23.39
N TYR G 2155 -93.42 -25.30 -24.04
CA TYR G 2155 -93.18 -25.66 -25.43
C TYR G 2155 -93.22 -24.44 -26.33
N GLN G 2156 -94.19 -23.55 -26.10
CA GLN G 2156 -94.46 -22.47 -27.06
C GLN G 2156 -93.51 -21.30 -26.88
N HIS G 2157 -93.29 -20.87 -25.63
CA HIS G 2157 -92.51 -19.66 -25.34
C HIS G 2157 -91.30 -20.01 -24.49
N PRO G 2158 -90.21 -20.47 -25.10
CA PRO G 2158 -88.98 -20.66 -24.32
C PRO G 2158 -88.29 -19.35 -23.98
N ASN G 2159 -88.49 -18.32 -24.80
CA ASN G 2159 -87.92 -17.01 -24.50
C ASN G 2159 -88.47 -16.47 -23.18
N LEU G 2160 -89.77 -16.66 -22.94
CA LEU G 2160 -90.37 -16.24 -21.68
C LEU G 2160 -89.78 -17.00 -20.50
N MET G 2161 -89.51 -18.30 -20.68
CA MET G 2161 -88.90 -19.08 -19.62
C MET G 2161 -87.50 -18.56 -19.31
N ARG G 2162 -86.70 -18.28 -20.34
CA ARG G 2162 -85.36 -17.75 -20.11
C ARG G 2162 -85.41 -16.37 -19.48
N ALA G 2163 -86.44 -15.57 -19.80
CA ALA G 2163 -86.55 -14.25 -19.20
C ALA G 2163 -86.94 -14.35 -17.73
N LEU G 2164 -87.85 -15.27 -17.39
CA LEU G 2164 -88.21 -15.48 -16.00
C LEU G 2164 -87.05 -16.08 -15.21
N GLY G 2165 -86.16 -16.80 -15.89
CA GLY G 2165 -85.03 -17.40 -15.22
C GLY G 2165 -85.35 -18.70 -14.50
N MET G 2166 -86.17 -19.55 -15.10
CA MET G 2166 -86.51 -20.82 -14.46
C MET G 2166 -85.29 -21.71 -14.32
N HIS G 2167 -84.42 -21.73 -15.34
CA HIS G 2167 -83.22 -22.55 -15.27
C HIS G 2167 -82.30 -22.08 -14.16
N GLU G 2168 -82.24 -20.76 -13.92
CA GLU G 2168 -81.41 -20.21 -12.86
C GLU G 2168 -81.89 -20.68 -11.48
N THR G 2169 -83.20 -20.61 -11.23
CA THR G 2169 -83.72 -21.04 -9.95
C THR G 2169 -83.58 -22.55 -9.78
N VAL G 2170 -83.79 -23.32 -10.85
CA VAL G 2170 -83.63 -24.76 -10.76
C VAL G 2170 -82.17 -25.11 -10.50
N MET G 2171 -81.24 -24.37 -11.10
CA MET G 2171 -79.82 -24.61 -10.85
C MET G 2171 -79.45 -24.25 -9.41
N GLU G 2172 -80.03 -23.18 -8.88
CA GLU G 2172 -79.80 -22.85 -7.48
C GLU G 2172 -80.33 -23.95 -6.57
N VAL G 2173 -81.50 -24.49 -6.88
CA VAL G 2173 -82.04 -25.60 -6.09
C VAL G 2173 -81.12 -26.82 -6.18
N MET G 2174 -80.60 -27.09 -7.38
CA MET G 2174 -79.74 -28.26 -7.56
C MET G 2174 -78.44 -28.12 -6.77
N VAL G 2175 -77.79 -26.96 -6.85
CA VAL G 2175 -76.56 -26.76 -6.08
C VAL G 2175 -76.86 -26.71 -4.60
N ASN G 2176 -78.07 -26.25 -4.23
CA ASN G 2176 -78.44 -26.14 -2.82
C ASN G 2176 -78.65 -27.51 -2.21
N VAL G 2177 -79.17 -28.45 -3.00
CA VAL G 2177 -79.32 -29.83 -2.54
C VAL G 2177 -77.97 -30.55 -2.56
N LEU G 2178 -77.17 -30.31 -3.61
CA LEU G 2178 -75.88 -30.99 -3.71
C LEU G 2178 -74.89 -30.52 -2.66
N GLY G 2179 -75.07 -29.33 -2.11
CA GLY G 2179 -74.16 -28.86 -1.07
C GLY G 2179 -74.28 -29.71 0.19
N GLY G 2180 -73.15 -29.90 0.86
CA GLY G 2180 -73.10 -30.69 2.08
C GLY G 2180 -72.24 -31.92 1.98
N GLY G 2181 -72.28 -32.59 0.82
CA GLY G 2181 -71.48 -33.78 0.60
C GLY G 2181 -70.98 -33.90 -0.82
N GLU G 2182 -69.71 -34.26 -0.98
CA GLU G 2182 -69.11 -34.41 -2.31
C GLU G 2182 -69.26 -35.84 -2.83
N SER G 2183 -68.76 -36.81 -2.08
CA SER G 2183 -68.86 -38.22 -2.46
C SER G 2183 -69.35 -39.14 -1.36
N LYS G 2184 -69.48 -38.65 -0.12
CA LYS G 2184 -69.95 -39.50 0.97
C LYS G 2184 -71.43 -39.84 0.80
N GLU G 2185 -72.28 -38.83 0.74
CA GLU G 2185 -73.72 -39.03 0.62
C GLU G 2185 -74.36 -37.78 0.04
N ILE G 2186 -75.26 -37.96 -0.91
CA ILE G 2186 -76.00 -36.87 -1.53
C ILE G 2186 -77.34 -36.78 -0.83
N THR G 2187 -77.51 -35.75 -0.01
CA THR G 2187 -78.73 -35.56 0.74
C THR G 2187 -79.90 -35.21 -0.18
N PHE G 2188 -81.10 -35.61 0.25
CA PHE G 2188 -82.35 -35.49 -0.50
C PHE G 2188 -82.20 -36.00 -1.92
N PRO G 2189 -82.13 -37.31 -2.11
CA PRO G 2189 -82.01 -37.85 -3.47
C PRO G 2189 -83.28 -37.62 -4.29
N LYS G 2190 -83.12 -37.77 -5.61
CA LYS G 2190 -84.16 -37.66 -6.61
C LYS G 2190 -84.60 -36.21 -6.81
N MET G 2191 -84.19 -35.33 -5.91
CA MET G 2191 -84.43 -33.90 -6.15
C MET G 2191 -83.47 -33.38 -7.20
N VAL G 2192 -82.17 -33.72 -7.05
CA VAL G 2192 -81.21 -33.41 -8.09
C VAL G 2192 -81.62 -34.07 -9.40
N ALA G 2193 -82.24 -35.25 -9.31
CA ALA G 2193 -82.69 -35.95 -10.51
C ALA G 2193 -83.78 -35.17 -11.24
N ASN G 2194 -84.81 -34.75 -10.51
CA ASN G 2194 -85.88 -33.99 -11.14
C ASN G 2194 -85.36 -32.66 -11.71
N CYS G 2195 -84.45 -32.02 -10.99
CA CYS G 2195 -83.87 -30.77 -11.50
C CYS G 2195 -83.07 -31.02 -12.78
N CYS G 2196 -82.28 -32.09 -12.81
CA CYS G 2196 -81.51 -32.42 -13.99
C CYS G 2196 -82.40 -32.78 -15.17
N ARG G 2197 -83.52 -33.46 -14.91
CA ARG G 2197 -84.45 -33.76 -16.00
C ARG G 2197 -85.09 -32.50 -16.55
N PHE G 2198 -85.52 -31.60 -15.66
CA PHE G 2198 -86.07 -30.32 -16.11
C PHE G 2198 -85.06 -29.54 -16.92
N LEU G 2199 -83.80 -29.49 -16.46
CA LEU G 2199 -82.78 -28.76 -17.19
C LEU G 2199 -82.47 -29.42 -18.53
N CYS G 2200 -82.45 -30.75 -18.58
CA CYS G 2200 -82.24 -31.45 -19.83
C CYS G 2200 -83.32 -31.09 -20.84
N TYR G 2201 -84.59 -31.13 -20.42
CA TYR G 2201 -85.68 -30.82 -21.34
C TYR G 2201 -85.66 -29.34 -21.74
N PHE G 2202 -85.30 -28.46 -20.80
CA PHE G 2202 -85.18 -27.04 -21.09
C PHE G 2202 -84.12 -26.79 -22.15
N CYS G 2203 -83.00 -27.50 -22.07
CA CYS G 2203 -81.95 -27.36 -23.09
C CYS G 2203 -82.34 -28.05 -24.38
N ARG G 2204 -83.16 -29.10 -24.31
CA ARG G 2204 -83.55 -29.82 -25.52
C ARG G 2204 -84.47 -28.98 -26.40
N ILE G 2205 -85.57 -28.48 -25.85
CA ILE G 2205 -86.53 -27.71 -26.68
C ILE G 2205 -86.04 -26.26 -26.63
N SER G 2206 -85.04 -25.97 -27.47
CA SER G 2206 -84.49 -24.64 -27.66
C SER G 2206 -83.34 -24.65 -28.66
N ARG G 2207 -82.81 -23.46 -28.97
CA ARG G 2207 -81.53 -23.32 -29.66
C ARG G 2207 -80.58 -22.36 -28.99
N GLN G 2208 -81.07 -21.39 -28.21
CA GLN G 2208 -80.21 -20.46 -27.48
C GLN G 2208 -80.18 -20.70 -25.98
N ASN G 2209 -81.19 -21.39 -25.44
CA ASN G 2209 -81.14 -21.76 -24.03
C ASN G 2209 -79.99 -22.71 -23.74
N GLN G 2210 -79.54 -23.47 -24.74
CA GLN G 2210 -78.32 -24.26 -24.58
C GLN G 2210 -77.14 -23.35 -24.30
N LYS G 2211 -77.03 -22.24 -25.05
CA LYS G 2211 -75.98 -21.27 -24.77
C LYS G 2211 -76.16 -20.62 -23.41
N ALA G 2212 -77.41 -20.34 -23.03
CA ALA G 2212 -77.66 -19.74 -21.72
C ALA G 2212 -77.28 -20.67 -20.58
N MET G 2213 -77.40 -21.98 -20.79
CA MET G 2213 -77.05 -22.96 -19.78
C MET G 2213 -75.59 -23.39 -19.85
N PHE G 2214 -74.91 -23.14 -20.96
CA PHE G 2214 -73.51 -23.53 -21.12
C PHE G 2214 -72.62 -22.97 -20.02
N ASP G 2215 -72.99 -21.86 -19.40
CA ASP G 2215 -72.16 -21.28 -18.34
C ASP G 2215 -72.16 -22.15 -17.09
N HIS G 2216 -73.32 -22.71 -16.73
CA HIS G 2216 -73.40 -23.61 -15.59
C HIS G 2216 -72.75 -24.96 -15.85
N LEU G 2217 -72.44 -25.27 -17.12
CA LEU G 2217 -71.76 -26.52 -17.44
C LEU G 2217 -70.40 -26.59 -16.77
N SER G 2218 -69.68 -25.46 -16.75
CA SER G 2218 -68.38 -25.43 -16.10
C SER G 2218 -68.47 -25.79 -14.62
N TYR G 2219 -69.59 -25.44 -13.97
CA TYR G 2219 -69.78 -25.86 -12.59
C TYR G 2219 -70.19 -27.32 -12.51
N LEU G 2220 -71.24 -27.71 -13.23
CA LEU G 2220 -71.82 -29.04 -13.04
C LEU G 2220 -70.91 -30.16 -13.53
N LEU G 2221 -69.91 -29.86 -14.36
CA LEU G 2221 -68.92 -30.89 -14.69
C LEU G 2221 -68.06 -31.26 -13.49
N GLU G 2222 -67.96 -30.38 -12.49
CA GLU G 2222 -67.17 -30.70 -11.30
C GLU G 2222 -67.85 -31.80 -10.49
N ASN G 2223 -69.16 -31.71 -10.29
CA ASN G 2223 -69.90 -32.70 -9.53
C ASN G 2223 -70.70 -33.64 -10.43
N SER G 2224 -70.33 -33.74 -11.71
CA SER G 2224 -70.98 -34.68 -12.61
C SER G 2224 -70.77 -36.13 -12.20
N SER G 2225 -69.92 -36.41 -11.22
CA SER G 2225 -69.71 -37.78 -10.78
C SER G 2225 -70.92 -38.36 -10.05
N VAL G 2226 -71.77 -37.51 -9.47
CA VAL G 2226 -72.95 -38.01 -8.78
C VAL G 2226 -73.98 -38.51 -9.79
N GLY G 2227 -74.86 -39.39 -9.33
CA GLY G 2227 -75.89 -39.96 -10.16
C GLY G 2227 -75.43 -41.07 -11.09
N LEU G 2228 -74.13 -41.20 -11.32
CA LEU G 2228 -73.60 -42.26 -12.17
C LEU G 2228 -73.58 -43.58 -11.40
N ALA G 2229 -73.03 -44.62 -12.04
CA ALA G 2229 -72.93 -45.95 -11.45
C ALA G 2229 -74.29 -46.49 -11.02
N SER G 2230 -75.34 -46.10 -11.74
CA SER G 2230 -76.69 -46.55 -11.43
C SER G 2230 -77.51 -46.50 -12.72
N PRO G 2231 -77.69 -47.65 -13.39
CA PRO G 2231 -78.41 -47.68 -14.66
C PRO G 2231 -79.94 -47.61 -14.50
N ALA G 2232 -80.39 -46.68 -13.66
CA ALA G 2232 -81.81 -46.43 -13.47
C ALA G 2232 -82.24 -45.06 -13.99
N MET G 2233 -81.29 -44.14 -14.17
CA MET G 2233 -81.57 -42.81 -14.70
C MET G 2233 -80.65 -42.58 -15.90
N ARG G 2234 -81.09 -43.03 -17.07
CA ARG G 2234 -80.38 -42.75 -18.31
C ARG G 2234 -80.60 -41.31 -18.77
N GLY G 2235 -81.52 -40.59 -18.12
CA GLY G 2235 -81.80 -39.21 -18.39
C GLY G 2235 -81.17 -38.32 -17.34
N SER G 2236 -81.95 -37.99 -16.31
CA SER G 2236 -81.53 -37.11 -15.22
C SER G 2236 -80.14 -37.46 -14.69
N THR G 2237 -79.18 -36.56 -14.90
CA THR G 2237 -77.81 -36.63 -14.41
C THR G 2237 -77.14 -35.29 -14.71
N PRO G 2238 -76.24 -34.80 -13.86
CA PRO G 2238 -75.48 -33.60 -14.23
C PRO G 2238 -74.62 -33.79 -15.48
N LEU G 2239 -73.96 -34.94 -15.61
CA LEU G 2239 -73.20 -35.20 -16.83
C LEU G 2239 -74.12 -35.26 -18.04
N ASP G 2240 -75.31 -35.82 -17.87
CA ASP G 2240 -76.24 -35.91 -18.99
C ASP G 2240 -76.81 -34.55 -19.37
N VAL G 2241 -77.02 -33.66 -18.41
CA VAL G 2241 -77.49 -32.33 -18.79
C VAL G 2241 -76.36 -31.54 -19.43
N ALA G 2242 -75.11 -31.80 -19.02
CA ALA G 2242 -73.98 -31.25 -19.75
C ALA G 2242 -73.98 -31.69 -21.20
N ALA G 2243 -74.13 -33.01 -21.42
CA ALA G 2243 -74.12 -33.53 -22.79
C ALA G 2243 -75.29 -32.98 -23.59
N ALA G 2244 -76.44 -32.81 -22.96
CA ALA G 2244 -77.59 -32.24 -23.65
C ALA G 2244 -77.35 -30.77 -24.01
N SER G 2245 -76.57 -30.06 -23.19
CA SER G 2245 -76.25 -28.67 -23.52
C SER G 2245 -75.25 -28.59 -24.67
N VAL G 2246 -74.27 -29.50 -24.71
CA VAL G 2246 -73.29 -29.42 -25.80
C VAL G 2246 -73.87 -29.98 -27.11
N MET G 2247 -74.82 -30.90 -27.01
CA MET G 2247 -75.31 -31.62 -28.19
C MET G 2247 -76.05 -30.72 -29.16
N ASP G 2248 -75.82 -30.95 -30.45
CA ASP G 2248 -76.52 -30.26 -31.54
C ASP G 2248 -76.27 -28.76 -31.49
N ASN G 2249 -75.00 -28.40 -31.31
CA ASN G 2249 -74.61 -26.99 -31.35
C ASN G 2249 -73.13 -26.92 -31.72
N ASN G 2250 -72.85 -26.65 -33.00
CA ASN G 2250 -71.47 -26.53 -33.44
C ASN G 2250 -70.79 -25.35 -32.77
N GLU G 2251 -71.51 -24.23 -32.60
CA GLU G 2251 -70.92 -23.05 -31.97
C GLU G 2251 -70.58 -23.33 -30.51
N LEU G 2252 -71.45 -24.03 -29.79
CA LEU G 2252 -71.16 -24.35 -28.40
C LEU G 2252 -70.04 -25.37 -28.28
N ALA G 2253 -70.02 -26.37 -29.18
CA ALA G 2253 -68.91 -27.32 -29.18
C ALA G 2253 -67.58 -26.63 -29.48
N LEU G 2254 -67.61 -25.59 -30.29
CA LEU G 2254 -66.37 -24.86 -30.59
C LEU G 2254 -65.97 -23.99 -29.40
N ALA G 2255 -66.94 -23.33 -28.76
CA ALA G 2255 -66.64 -22.52 -27.59
C ALA G 2255 -66.25 -23.36 -26.39
N LEU G 2256 -66.54 -24.66 -26.42
CA LEU G 2256 -66.13 -25.55 -25.34
C LEU G 2256 -64.62 -25.78 -25.39
N ARG G 2257 -63.87 -24.89 -24.74
CA ARG G 2257 -62.41 -24.94 -24.76
C ARG G 2257 -61.92 -25.92 -23.69
N GLU G 2258 -60.65 -25.81 -23.28
CA GLU G 2258 -60.09 -26.78 -22.35
C GLU G 2258 -59.87 -26.30 -20.91
N PRO G 2259 -60.87 -25.71 -20.23
CA PRO G 2259 -60.78 -25.61 -18.78
C PRO G 2259 -61.47 -26.78 -18.08
N ASP G 2260 -62.09 -27.67 -18.85
CA ASP G 2260 -62.84 -28.80 -18.29
C ASP G 2260 -62.60 -30.14 -18.99
N LEU G 2261 -62.03 -30.16 -20.19
CA LEU G 2261 -61.81 -31.44 -20.87
C LEU G 2261 -60.80 -32.29 -20.13
N GLU G 2262 -59.73 -31.67 -19.60
CA GLU G 2262 -58.80 -32.42 -18.77
C GLU G 2262 -59.45 -32.89 -17.48
N LYS G 2263 -60.45 -32.16 -16.98
CA LYS G 2263 -61.19 -32.63 -15.82
C LYS G 2263 -61.99 -33.88 -16.15
N VAL G 2264 -62.66 -33.89 -17.30
CA VAL G 2264 -63.39 -35.08 -17.73
C VAL G 2264 -62.44 -36.24 -17.94
N VAL G 2265 -61.26 -35.96 -18.50
CA VAL G 2265 -60.25 -37.00 -18.71
C VAL G 2265 -59.73 -37.53 -17.37
N ARG G 2266 -59.57 -36.65 -16.39
CA ARG G 2266 -59.15 -37.08 -15.06
C ARG G 2266 -60.20 -37.96 -14.41
N TYR G 2267 -61.47 -37.62 -14.59
CA TYR G 2267 -62.54 -38.46 -14.06
C TYR G 2267 -62.54 -39.83 -14.74
N LEU G 2268 -62.33 -39.85 -16.06
CA LEU G 2268 -62.24 -41.12 -16.77
C LEU G 2268 -61.06 -41.94 -16.28
N ALA G 2269 -59.93 -41.28 -16.02
CA ALA G 2269 -58.76 -41.99 -15.49
C ALA G 2269 -59.04 -42.58 -14.11
N GLY G 2270 -59.69 -41.79 -13.25
CA GLY G 2270 -60.01 -42.29 -11.93
C GLY G 2270 -60.97 -43.47 -11.97
N CYS G 2271 -61.98 -43.41 -12.84
CA CYS G 2271 -62.93 -44.51 -12.92
C CYS G 2271 -62.28 -45.74 -13.54
N GLY G 2272 -61.35 -45.54 -14.48
CA GLY G 2272 -60.63 -46.67 -15.04
C GLY G 2272 -59.58 -47.25 -14.11
N LEU G 2273 -59.17 -46.51 -13.08
CA LEU G 2273 -58.20 -47.03 -12.12
C LEU G 2273 -58.88 -47.69 -10.93
N GLN G 2274 -59.78 -46.98 -10.25
CA GLN G 2274 -60.41 -47.48 -9.04
C GLN G 2274 -61.58 -48.41 -9.39
N SER G 2275 -62.36 -48.82 -8.38
CA SER G 2275 -63.51 -49.70 -8.59
C SER G 2275 -64.82 -49.07 -8.11
N CYS G 2276 -64.82 -47.77 -7.87
CA CYS G 2276 -65.98 -46.87 -7.70
C CYS G 2276 -66.70 -47.05 -6.37
N GLN G 2277 -66.31 -48.04 -5.57
CA GLN G 2277 -66.80 -48.18 -4.20
C GLN G 2277 -68.33 -48.22 -4.12
N MET G 2278 -68.98 -48.79 -5.14
CA MET G 2278 -70.43 -48.90 -5.14
C MET G 2278 -70.91 -50.32 -5.50
N LEU G 2279 -70.12 -51.04 -6.31
CA LEU G 2279 -70.49 -52.40 -6.68
C LEU G 2279 -69.99 -53.43 -5.66
N VAL G 2280 -68.91 -53.11 -4.94
CA VAL G 2280 -68.48 -54.00 -3.88
C VAL G 2280 -69.50 -54.03 -2.76
N SER G 2281 -70.29 -52.97 -2.59
CA SER G 2281 -71.36 -52.97 -1.60
C SER G 2281 -72.54 -53.84 -2.04
N LYS G 2282 -72.76 -53.92 -3.36
CA LYS G 2282 -73.82 -54.74 -3.91
C LYS G 2282 -73.45 -56.22 -3.93
N GLY G 2283 -72.18 -56.52 -4.17
CA GLY G 2283 -71.71 -57.89 -4.20
C GLY G 2283 -71.01 -58.25 -5.50
N TYR G 2284 -70.66 -57.24 -6.30
CA TYR G 2284 -69.99 -57.49 -7.56
C TYR G 2284 -68.55 -57.93 -7.31
N PRO G 2285 -67.93 -58.64 -8.26
CA PRO G 2285 -66.63 -59.28 -7.96
C PRO G 2285 -65.46 -58.31 -7.86
N ASP G 2286 -65.72 -57.00 -7.84
CA ASP G 2286 -64.68 -55.99 -7.65
C ASP G 2286 -63.60 -56.08 -8.72
N ILE G 2287 -64.03 -55.81 -9.95
CA ILE G 2287 -63.09 -55.70 -11.05
C ILE G 2287 -62.21 -54.47 -10.84
N GLY G 2288 -60.97 -54.55 -11.32
CA GLY G 2288 -60.00 -53.50 -11.07
C GLY G 2288 -60.22 -52.22 -11.84
N TRP G 2289 -61.43 -52.03 -12.38
CA TRP G 2289 -61.76 -50.83 -13.12
C TRP G 2289 -63.27 -50.73 -13.24
N ASN G 2290 -63.76 -49.49 -13.37
CA ASN G 2290 -65.19 -49.22 -13.39
C ASN G 2290 -65.65 -48.96 -14.81
N PRO G 2291 -66.47 -49.83 -15.40
CA PRO G 2291 -66.96 -49.60 -16.77
C PRO G 2291 -68.32 -48.93 -16.88
N VAL G 2292 -68.91 -48.50 -15.77
CA VAL G 2292 -70.25 -47.91 -15.81
C VAL G 2292 -70.14 -46.38 -15.85
N GLU G 2293 -69.12 -45.84 -15.19
CA GLU G 2293 -68.86 -44.41 -15.27
C GLU G 2293 -68.02 -44.05 -16.49
N GLY G 2294 -67.12 -44.94 -16.90
CA GLY G 2294 -66.37 -44.72 -18.12
C GLY G 2294 -67.28 -44.61 -19.34
N GLU G 2295 -68.35 -45.41 -19.37
CA GLU G 2295 -69.29 -45.33 -20.48
C GLU G 2295 -69.93 -43.95 -20.56
N ARG G 2296 -70.35 -43.40 -19.41
CA ARG G 2296 -70.97 -42.08 -19.41
C ARG G 2296 -69.97 -40.99 -19.78
N TYR G 2297 -68.73 -41.11 -19.28
CA TYR G 2297 -67.72 -40.12 -19.63
C TYR G 2297 -67.41 -40.15 -21.12
N LEU G 2298 -67.28 -41.34 -21.69
CA LEU G 2298 -67.02 -41.45 -23.13
C LEU G 2298 -68.22 -40.97 -23.95
N ASP G 2299 -69.44 -41.18 -23.43
CA ASP G 2299 -70.62 -40.68 -24.13
C ASP G 2299 -70.64 -39.16 -24.15
N PHE G 2300 -70.30 -38.53 -23.01
CA PHE G 2300 -70.22 -37.07 -22.99
C PHE G 2300 -69.12 -36.56 -23.93
N LEU G 2301 -67.96 -37.21 -23.92
CA LEU G 2301 -66.88 -36.80 -24.82
C LEU G 2301 -67.30 -36.97 -26.28
N ARG G 2302 -68.05 -38.02 -26.59
CA ARG G 2302 -68.54 -38.23 -27.95
C ARG G 2302 -69.50 -37.13 -28.36
N PHE G 2303 -70.43 -36.77 -27.47
CA PHE G 2303 -71.36 -35.69 -27.77
C PHE G 2303 -70.63 -34.37 -27.92
N ALA G 2304 -69.49 -34.20 -27.22
CA ALA G 2304 -68.74 -32.95 -27.32
C ALA G 2304 -67.87 -32.90 -28.57
N VAL G 2305 -67.45 -34.06 -29.08
CA VAL G 2305 -66.52 -34.08 -30.21
C VAL G 2305 -67.20 -34.27 -31.56
N PHE G 2306 -68.37 -34.90 -31.61
CA PHE G 2306 -69.05 -35.21 -32.86
C PHE G 2306 -70.42 -34.55 -32.85
N CYS G 2307 -70.58 -33.50 -33.66
CA CYS G 2307 -71.81 -32.73 -33.70
C CYS G 2307 -72.27 -32.56 -35.14
N ASN G 2308 -73.56 -32.79 -35.38
CA ASN G 2308 -74.21 -32.59 -36.67
C ASN G 2308 -73.64 -33.47 -37.77
N GLY G 2309 -72.87 -34.49 -37.42
CA GLY G 2309 -72.30 -35.40 -38.39
C GLY G 2309 -70.89 -35.12 -38.81
N GLU G 2310 -70.25 -34.10 -38.22
CA GLU G 2310 -68.88 -33.75 -38.54
C GLU G 2310 -68.03 -33.76 -37.27
N SER G 2311 -66.76 -34.12 -37.43
CA SER G 2311 -65.84 -34.19 -36.31
C SER G 2311 -65.23 -32.81 -36.07
N VAL G 2312 -65.43 -32.27 -34.88
CA VAL G 2312 -64.82 -31.00 -34.51
C VAL G 2312 -63.31 -31.19 -34.44
N GLU G 2313 -62.58 -30.45 -35.27
CA GLU G 2313 -61.16 -30.75 -35.48
C GLU G 2313 -60.34 -30.50 -34.21
N GLU G 2314 -60.43 -29.29 -33.65
CA GLU G 2314 -59.56 -28.98 -32.52
C GLU G 2314 -59.99 -29.73 -31.27
N ASN G 2315 -61.30 -29.91 -31.07
CA ASN G 2315 -61.76 -30.72 -29.95
C ASN G 2315 -61.27 -32.16 -30.06
N ALA G 2316 -61.36 -32.72 -31.26
CA ALA G 2316 -60.84 -34.08 -31.46
C ALA G 2316 -59.34 -34.12 -31.18
N ASN G 2317 -58.59 -33.15 -31.70
CA ASN G 2317 -57.15 -33.12 -31.48
C ASN G 2317 -56.83 -33.08 -29.99
N VAL G 2318 -57.53 -32.23 -29.24
CA VAL G 2318 -57.20 -32.05 -27.82
C VAL G 2318 -57.64 -33.25 -26.99
N VAL G 2319 -58.77 -33.88 -27.36
CA VAL G 2319 -59.17 -35.08 -26.63
C VAL G 2319 -58.19 -36.21 -26.90
N VAL G 2320 -57.68 -36.31 -28.14
CA VAL G 2320 -56.62 -37.27 -28.43
C VAL G 2320 -55.38 -36.98 -27.59
N ARG G 2321 -54.98 -35.71 -27.52
CA ARG G 2321 -53.82 -35.33 -26.72
C ARG G 2321 -53.99 -35.79 -25.28
N LEU G 2322 -55.13 -35.47 -24.67
CA LEU G 2322 -55.36 -35.83 -23.28
C LEU G 2322 -55.40 -37.35 -23.09
N LEU G 2323 -56.08 -38.06 -23.98
CA LEU G 2323 -56.21 -39.51 -23.84
C LEU G 2323 -54.88 -40.22 -24.05
N ILE G 2324 -53.99 -39.67 -24.88
CA ILE G 2324 -52.70 -40.32 -25.07
C ILE G 2324 -51.73 -39.93 -23.97
N ARG G 2325 -51.85 -38.71 -23.41
CA ARG G 2325 -50.98 -38.33 -22.31
C ARG G 2325 -51.35 -39.10 -21.04
N ARG G 2326 -52.63 -39.40 -20.84
CA ARG G 2326 -53.08 -40.21 -19.72
C ARG G 2326 -53.53 -41.57 -20.25
N PRO G 2327 -52.67 -42.59 -20.26
CA PRO G 2327 -53.04 -43.87 -20.87
C PRO G 2327 -54.01 -44.69 -20.04
N GLU G 2328 -54.17 -44.39 -18.77
CA GLU G 2328 -55.08 -45.19 -17.96
C GLU G 2328 -56.55 -44.92 -18.24
N CYS G 2329 -56.87 -44.02 -19.18
CA CYS G 2329 -58.27 -43.82 -19.54
C CYS G 2329 -58.81 -45.00 -20.33
N PHE G 2330 -57.96 -45.69 -21.09
CA PHE G 2330 -58.41 -46.85 -21.83
C PHE G 2330 -58.56 -48.05 -20.89
N GLY G 2331 -59.15 -49.12 -21.41
CA GLY G 2331 -59.33 -50.34 -20.67
C GLY G 2331 -58.01 -51.01 -20.36
N PRO G 2332 -57.92 -51.65 -19.18
CA PRO G 2332 -56.67 -52.32 -18.81
C PRO G 2332 -56.36 -53.53 -19.68
N ALA G 2333 -57.38 -54.20 -20.20
CA ALA G 2333 -57.18 -55.37 -21.06
C ALA G 2333 -56.90 -55.00 -22.51
N LEU G 2334 -56.95 -53.72 -22.85
CA LEU G 2334 -56.64 -53.23 -24.19
C LEU G 2334 -55.35 -52.45 -24.25
N ARG G 2335 -55.10 -51.57 -23.27
CA ARG G 2335 -53.92 -50.75 -23.21
C ARG G 2335 -53.09 -51.18 -22.01
N GLY G 2336 -51.78 -51.23 -22.20
CA GLY G 2336 -50.85 -51.46 -21.11
C GLY G 2336 -50.04 -52.73 -21.32
N GLU G 2337 -49.17 -52.98 -20.35
CA GLU G 2337 -48.31 -54.16 -20.35
C GLU G 2337 -49.03 -55.42 -19.86
N GLY G 2338 -50.35 -55.35 -19.68
CA GLY G 2338 -51.11 -56.50 -19.22
C GLY G 2338 -51.84 -57.21 -20.33
N GLY G 2339 -53.14 -56.92 -20.47
CA GLY G 2339 -53.97 -57.55 -21.49
C GLY G 2339 -53.46 -57.35 -22.90
N ASN G 2340 -53.73 -58.33 -23.78
CA ASN G 2340 -53.20 -58.24 -25.13
C ASN G 2340 -53.85 -57.09 -25.89
N GLY G 2341 -55.16 -57.15 -26.07
CA GLY G 2341 -55.85 -56.11 -26.80
C GLY G 2341 -57.35 -56.28 -26.73
N LEU G 2342 -58.02 -55.59 -27.65
CA LEU G 2342 -59.49 -55.53 -27.64
C LEU G 2342 -60.11 -56.88 -27.96
N LEU G 2343 -59.49 -57.67 -28.85
CA LEU G 2343 -59.96 -59.03 -29.08
C LEU G 2343 -60.11 -59.79 -27.77
N ALA G 2344 -58.98 -60.01 -27.09
CA ALA G 2344 -59.00 -60.75 -25.84
C ALA G 2344 -59.88 -60.09 -24.80
N ALA G 2345 -59.92 -58.75 -24.78
CA ALA G 2345 -60.76 -58.05 -23.81
C ALA G 2345 -62.22 -58.42 -23.98
N MET G 2346 -62.73 -58.40 -25.21
CA MET G 2346 -64.14 -58.72 -25.38
C MET G 2346 -64.40 -60.21 -25.30
N GLU G 2347 -63.40 -61.06 -25.58
CA GLU G 2347 -63.55 -62.48 -25.22
C GLU G 2347 -63.77 -62.63 -23.71
N GLU G 2348 -62.96 -61.92 -22.92
CA GLU G 2348 -63.08 -61.94 -21.47
C GLU G 2348 -64.44 -61.42 -21.02
N ALA G 2349 -64.90 -60.34 -21.66
CA ALA G 2349 -66.18 -59.74 -21.28
C ALA G 2349 -67.36 -60.67 -21.60
N ILE G 2350 -67.34 -61.29 -22.78
CA ILE G 2350 -68.42 -62.20 -23.15
C ILE G 2350 -68.45 -63.39 -22.21
N LYS G 2351 -67.27 -63.94 -21.87
CA LYS G 2351 -67.24 -65.09 -20.97
C LYS G 2351 -67.67 -64.70 -19.55
N ILE G 2352 -67.32 -63.50 -19.10
CA ILE G 2352 -67.79 -63.03 -17.79
C ILE G 2352 -69.30 -62.87 -17.81
N ALA G 2353 -69.85 -62.35 -18.91
CA ALA G 2353 -71.31 -62.24 -19.02
C ALA G 2353 -71.98 -63.60 -19.04
N GLU G 2354 -71.33 -64.60 -19.64
CA GLU G 2354 -71.92 -65.94 -19.69
C GLU G 2354 -71.86 -66.62 -18.33
N ASP G 2355 -70.78 -66.39 -17.57
CA ASP G 2355 -70.62 -67.02 -16.26
C ASP G 2355 -71.19 -66.10 -15.19
N PRO G 2356 -72.31 -66.46 -14.56
CA PRO G 2356 -72.93 -65.54 -13.57
C PRO G 2356 -72.18 -65.45 -12.25
N SER G 2357 -71.05 -66.12 -12.09
CA SER G 2357 -70.28 -66.04 -10.86
C SER G 2357 -69.49 -64.75 -10.72
N ARG G 2358 -69.52 -63.88 -11.73
CA ARG G 2358 -68.78 -62.63 -11.68
C ARG G 2358 -69.72 -61.44 -11.81
N ASP G 2359 -70.83 -61.47 -11.08
CA ASP G 2359 -71.80 -60.39 -11.10
C ASP G 2359 -72.24 -60.04 -9.68
N GLY G 2360 -73.27 -59.21 -9.56
CA GLY G 2360 -73.77 -58.80 -8.26
C GLY G 2360 -75.06 -59.52 -7.90
N PRO G 2361 -74.98 -60.47 -6.96
CA PRO G 2361 -76.15 -61.24 -6.51
C PRO G 2361 -77.10 -60.41 -5.66
N ASP G 2379 -82.44 -55.66 -14.28
CA ASP G 2379 -82.25 -54.38 -13.60
C ASP G 2379 -80.83 -54.28 -13.04
N THR G 2380 -80.24 -55.42 -12.73
CA THR G 2380 -78.88 -55.44 -12.21
C THR G 2380 -77.88 -55.09 -13.30
N ILE G 2381 -76.63 -54.85 -12.88
CA ILE G 2381 -75.56 -54.47 -13.79
C ILE G 2381 -74.84 -55.74 -14.23
N HIS G 2382 -75.08 -56.16 -15.47
CA HIS G 2382 -74.30 -57.23 -16.05
C HIS G 2382 -72.89 -56.72 -16.33
N MET G 2383 -71.89 -57.30 -15.65
CA MET G 2383 -70.53 -56.78 -15.76
C MET G 2383 -69.95 -57.00 -17.15
N GLY G 2384 -70.23 -58.14 -17.76
CA GLY G 2384 -69.77 -58.38 -19.12
C GLY G 2384 -70.37 -57.41 -20.11
N ASN G 2385 -71.67 -57.17 -20.00
CA ASN G 2385 -72.33 -56.20 -20.87
C ASN G 2385 -71.80 -54.79 -20.62
N ALA G 2386 -71.50 -54.46 -19.36
CA ALA G 2386 -70.96 -53.16 -19.05
C ALA G 2386 -69.59 -52.96 -19.68
N ILE G 2387 -68.73 -53.99 -19.59
CA ILE G 2387 -67.41 -53.90 -20.19
C ILE G 2387 -67.52 -53.79 -21.71
N MET G 2388 -68.42 -54.58 -22.32
CA MET G 2388 -68.61 -54.52 -23.76
C MET G 2388 -69.10 -53.15 -24.19
N THR G 2389 -70.05 -52.57 -23.45
CA THR G 2389 -70.56 -51.25 -23.80
C THR G 2389 -69.50 -50.17 -23.58
N PHE G 2390 -68.68 -50.31 -22.54
CA PHE G 2390 -67.60 -49.36 -22.33
C PHE G 2390 -66.61 -49.39 -23.49
N TYR G 2391 -66.21 -50.59 -23.92
CA TYR G 2391 -65.26 -50.69 -25.02
C TYR G 2391 -65.88 -50.20 -26.32
N ALA G 2392 -67.16 -50.49 -26.54
CA ALA G 2392 -67.84 -50.00 -27.73
C ALA G 2392 -67.93 -48.48 -27.72
N ALA G 2393 -68.19 -47.88 -26.56
CA ALA G 2393 -68.25 -46.42 -26.46
C ALA G 2393 -66.88 -45.80 -26.69
N LEU G 2394 -65.83 -46.43 -26.16
CA LEU G 2394 -64.47 -45.93 -26.42
C LEU G 2394 -64.13 -46.01 -27.89
N ILE G 2395 -64.49 -47.11 -28.55
CA ILE G 2395 -64.20 -47.26 -29.98
C ILE G 2395 -65.00 -46.24 -30.78
N ASP G 2396 -66.26 -46.00 -30.40
CA ASP G 2396 -67.07 -45.01 -31.09
C ASP G 2396 -66.52 -43.61 -30.90
N LEU G 2397 -66.06 -43.29 -29.68
CA LEU G 2397 -65.46 -41.99 -29.44
C LEU G 2397 -64.21 -41.80 -30.29
N LEU G 2398 -63.37 -42.83 -30.38
CA LEU G 2398 -62.16 -42.73 -31.20
C LEU G 2398 -62.50 -42.59 -32.67
N GLY G 2399 -63.51 -43.33 -33.14
CA GLY G 2399 -63.89 -43.24 -34.54
C GLY G 2399 -64.47 -41.87 -34.90
N ARG G 2400 -65.27 -41.29 -34.00
CA ARG G 2400 -65.83 -39.98 -34.26
C ARG G 2400 -64.80 -38.87 -34.05
N CYS G 2401 -63.79 -39.13 -33.22
CA CYS G 2401 -62.68 -38.22 -32.97
C CYS G 2401 -61.56 -38.36 -34.00
N ALA G 2402 -61.67 -39.34 -34.91
CA ALA G 2402 -60.76 -39.46 -36.05
C ALA G 2402 -60.74 -38.13 -36.80
N PRO G 2403 -59.65 -37.80 -37.49
CA PRO G 2403 -59.51 -36.45 -38.06
C PRO G 2403 -60.68 -36.01 -38.93
N GLU G 2404 -60.96 -36.75 -39.99
CA GLU G 2404 -62.04 -36.41 -40.91
C GLU G 2404 -62.29 -37.61 -41.80
N MET G 2405 -63.07 -37.42 -42.87
CA MET G 2405 -63.25 -38.43 -43.91
C MET G 2405 -62.18 -38.33 -44.98
N HIS G 2406 -60.99 -37.83 -44.62
CA HIS G 2406 -59.81 -37.56 -45.44
C HIS G 2406 -59.96 -36.28 -46.26
N LEU G 2407 -61.05 -35.52 -46.12
CA LEU G 2407 -61.19 -34.27 -46.86
C LEU G 2407 -60.05 -33.31 -46.52
N ILE G 2408 -59.84 -33.04 -45.23
CA ILE G 2408 -58.68 -32.26 -44.81
C ILE G 2408 -57.46 -33.13 -44.56
N HIS G 2409 -57.64 -34.43 -44.38
CA HIS G 2409 -56.50 -35.32 -44.13
C HIS G 2409 -55.66 -35.54 -45.38
N ALA G 2410 -56.24 -35.37 -46.57
CA ALA G 2410 -55.48 -35.48 -47.81
C ALA G 2410 -54.47 -34.36 -47.99
N GLY G 2411 -54.54 -33.31 -47.18
CA GLY G 2411 -53.61 -32.20 -47.31
C GLY G 2411 -52.96 -31.76 -46.01
N LYS G 2412 -53.46 -32.23 -44.89
CA LYS G 2412 -52.97 -31.82 -43.57
C LYS G 2412 -52.14 -32.93 -42.94
N GLY G 2413 -51.04 -32.55 -42.29
CA GLY G 2413 -50.16 -33.50 -41.65
C GLY G 2413 -50.58 -33.84 -40.23
N GLU G 2414 -51.21 -32.89 -39.53
CA GLU G 2414 -51.70 -33.17 -38.19
C GLU G 2414 -52.76 -34.29 -38.22
N ALA G 2415 -53.63 -34.25 -39.22
CA ALA G 2415 -54.61 -35.32 -39.39
C ALA G 2415 -53.93 -36.66 -39.64
N ILE G 2416 -52.85 -36.65 -40.42
CA ILE G 2416 -52.10 -37.89 -40.68
C ILE G 2416 -51.52 -38.42 -39.38
N ARG G 2417 -50.97 -37.52 -38.55
CA ARG G 2417 -50.40 -37.95 -37.28
C ARG G 2417 -51.46 -38.53 -36.36
N ILE G 2418 -52.62 -37.90 -36.29
CA ILE G 2418 -53.69 -38.39 -35.42
C ILE G 2418 -54.20 -39.73 -35.91
N ARG G 2419 -54.33 -39.90 -37.22
CA ARG G 2419 -54.76 -41.19 -37.76
C ARG G 2419 -53.72 -42.27 -37.47
N SER G 2420 -52.44 -41.93 -37.57
CA SER G 2420 -51.39 -42.90 -37.24
C SER G 2420 -51.44 -43.28 -35.77
N ILE G 2421 -51.72 -42.31 -34.89
CA ILE G 2421 -51.82 -42.61 -33.47
C ILE G 2421 -53.01 -43.53 -33.21
N LEU G 2422 -54.15 -43.26 -33.84
CA LEU G 2422 -55.31 -44.13 -33.67
C LEU G 2422 -55.04 -45.53 -34.19
N ARG G 2423 -54.31 -45.64 -35.30
CA ARG G 2423 -54.00 -46.95 -35.86
C ARG G 2423 -53.03 -47.71 -34.96
N SER G 2424 -52.05 -47.00 -34.39
CA SER G 2424 -51.15 -47.62 -33.42
C SER G 2424 -51.90 -48.05 -32.17
N LEU G 2425 -52.96 -47.34 -31.81
CA LEU G 2425 -53.75 -47.71 -30.65
C LEU G 2425 -54.57 -48.98 -30.92
N ILE G 2426 -55.34 -48.98 -32.00
CA ILE G 2426 -56.24 -50.09 -32.31
C ILE G 2426 -55.77 -50.75 -33.61
N PRO G 2427 -55.37 -52.01 -33.59
CA PRO G 2427 -54.98 -52.69 -34.84
C PRO G 2427 -56.20 -53.05 -35.68
N LEU G 2428 -55.92 -53.45 -36.91
CA LEU G 2428 -56.96 -53.81 -37.87
C LEU G 2428 -57.48 -55.23 -37.68
N GLY G 2429 -56.57 -56.21 -37.54
CA GLY G 2429 -56.99 -57.56 -37.25
C GLY G 2429 -57.79 -57.65 -35.96
N ASP G 2430 -57.40 -56.84 -34.97
CA ASP G 2430 -58.22 -56.67 -33.77
C ASP G 2430 -59.65 -56.33 -34.13
N LEU G 2431 -59.83 -55.34 -35.00
CA LEU G 2431 -61.17 -54.87 -35.34
C LEU G 2431 -61.97 -55.92 -36.08
N VAL G 2432 -61.34 -56.59 -37.06
CA VAL G 2432 -62.08 -57.60 -37.82
C VAL G 2432 -62.43 -58.79 -36.94
N GLY G 2433 -61.54 -59.18 -36.02
CA GLY G 2433 -61.86 -60.27 -35.12
C GLY G 2433 -62.98 -59.91 -34.16
N VAL G 2434 -63.00 -58.67 -33.68
CA VAL G 2434 -64.10 -58.25 -32.80
C VAL G 2434 -65.40 -58.16 -33.58
N ILE G 2435 -65.34 -57.81 -34.87
CA ILE G 2435 -66.56 -57.79 -35.67
C ILE G 2435 -67.09 -59.21 -35.87
N SER G 2436 -66.19 -60.16 -36.15
CA SER G 2436 -66.60 -61.54 -36.37
C SER G 2436 -66.82 -62.21 -35.02
N ILE G 2437 -68.05 -62.11 -34.52
CA ILE G 2437 -68.45 -62.81 -33.30
C ILE G 2437 -69.67 -63.67 -33.61
N ALA G 2438 -70.47 -63.24 -34.58
CA ALA G 2438 -71.66 -63.95 -35.03
C ALA G 2438 -72.63 -64.16 -33.86
N PHE G 2439 -73.15 -63.04 -33.36
CA PHE G 2439 -74.06 -63.06 -32.22
C PHE G 2439 -75.27 -63.95 -32.50
N GLN G 2440 -75.75 -64.61 -31.45
CA GLN G 2440 -76.87 -65.52 -31.61
C GLN G 2440 -78.16 -64.73 -31.81
N MET G 2441 -79.06 -65.28 -32.62
CA MET G 2441 -80.36 -64.66 -32.86
C MET G 2441 -81.47 -65.65 -32.56
N PRO G 2442 -82.17 -65.51 -31.43
CA PRO G 2442 -83.25 -66.44 -31.07
C PRO G 2442 -84.48 -66.31 -31.99
N GLU G 2452 -89.86 -67.63 -28.62
CA GLU G 2452 -88.87 -67.71 -27.56
C GLU G 2452 -87.93 -66.51 -27.63
N PRO G 2453 -88.19 -65.49 -26.81
CA PRO G 2453 -87.35 -64.29 -26.81
C PRO G 2453 -86.15 -64.45 -25.88
N ASP G 2454 -85.19 -63.54 -26.07
CA ASP G 2454 -83.98 -63.52 -25.24
C ASP G 2454 -83.77 -62.15 -24.63
N MET G 2455 -82.62 -61.94 -24.01
CA MET G 2455 -82.31 -60.71 -23.30
C MET G 2455 -81.43 -59.81 -24.16
N SER G 2456 -81.76 -58.52 -24.19
CA SER G 2456 -81.04 -57.53 -24.97
C SER G 2456 -80.01 -56.77 -24.14
N ALA G 2457 -79.67 -57.27 -22.95
CA ALA G 2457 -78.66 -56.67 -22.10
C ALA G 2457 -77.34 -57.44 -22.13
N GLY G 2458 -76.98 -57.98 -23.29
CA GLY G 2458 -75.75 -58.73 -23.46
C GLY G 2458 -74.95 -58.18 -24.62
N PHE G 2459 -74.42 -59.08 -25.43
CA PHE G 2459 -73.66 -58.71 -26.63
C PHE G 2459 -74.64 -58.29 -27.71
N CYS G 2460 -74.79 -56.99 -27.89
CA CYS G 2460 -75.67 -56.45 -28.91
C CYS G 2460 -74.87 -56.00 -30.13
N PRO G 2461 -75.48 -55.98 -31.33
CA PRO G 2461 -74.75 -55.58 -32.53
C PRO G 2461 -74.32 -54.11 -32.53
N ASP G 2462 -74.70 -53.32 -31.52
CA ASP G 2462 -74.22 -51.94 -31.46
C ASP G 2462 -72.71 -51.88 -31.30
N HIS G 2463 -72.12 -52.86 -30.62
CA HIS G 2463 -70.67 -52.90 -30.47
C HIS G 2463 -69.99 -53.06 -31.83
N LYS G 2464 -70.43 -54.03 -32.61
CA LYS G 2464 -69.82 -54.21 -33.92
C LYS G 2464 -70.18 -53.07 -34.87
N ALA G 2465 -71.31 -52.41 -34.64
CA ALA G 2465 -71.63 -51.21 -35.41
C ALA G 2465 -70.62 -50.10 -35.13
N ALA G 2466 -70.29 -49.90 -33.86
CA ALA G 2466 -69.23 -48.94 -33.51
C ALA G 2466 -67.89 -49.36 -34.11
N MET G 2467 -67.63 -50.68 -34.16
CA MET G 2467 -66.40 -51.16 -34.77
C MET G 2467 -66.36 -50.84 -36.26
N VAL G 2468 -67.48 -51.03 -36.96
CA VAL G 2468 -67.54 -50.70 -38.38
C VAL G 2468 -67.36 -49.20 -38.58
N LEU G 2469 -67.94 -48.39 -37.70
CA LEU G 2469 -67.76 -46.95 -37.79
C LEU G 2469 -66.28 -46.58 -37.62
N PHE G 2470 -65.61 -47.20 -36.66
CA PHE G 2470 -64.18 -46.93 -36.46
C PHE G 2470 -63.37 -47.34 -37.68
N LEU G 2471 -63.69 -48.50 -38.26
CA LEU G 2471 -62.99 -48.95 -39.47
C LEU G 2471 -63.20 -47.99 -40.62
N ASP G 2472 -64.43 -47.51 -40.81
CA ASP G 2472 -64.71 -46.63 -41.93
C ASP G 2472 -64.06 -45.27 -41.75
N ARG G 2473 -64.02 -44.77 -40.52
CA ARG G 2473 -63.50 -43.44 -40.28
C ARG G 2473 -62.00 -43.40 -40.02
N VAL G 2474 -61.35 -44.54 -39.77
CA VAL G 2474 -59.91 -44.60 -39.50
C VAL G 2474 -59.17 -45.32 -40.61
N TYR G 2475 -59.48 -46.60 -40.83
CA TYR G 2475 -58.80 -47.39 -41.85
C TYR G 2475 -59.47 -47.27 -43.21
N GLY G 2476 -60.79 -47.41 -43.24
CA GLY G 2476 -61.53 -47.35 -44.49
C GLY G 2476 -61.36 -48.61 -45.32
N ILE G 2477 -62.15 -48.68 -46.38
CA ILE G 2477 -62.13 -49.80 -47.31
C ILE G 2477 -61.78 -49.26 -48.70
N GLU G 2478 -60.57 -49.57 -49.16
CA GLU G 2478 -60.10 -49.13 -50.46
C GLU G 2478 -59.42 -50.21 -51.30
N VAL G 2479 -58.97 -51.31 -50.70
CA VAL G 2479 -58.29 -52.37 -51.43
C VAL G 2479 -59.20 -53.58 -51.53
N GLN G 2480 -59.16 -54.23 -52.70
CA GLN G 2480 -60.06 -55.33 -52.99
C GLN G 2480 -59.83 -56.49 -52.02
N ASP G 2481 -58.57 -56.72 -51.67
CA ASP G 2481 -58.21 -57.83 -50.78
C ASP G 2481 -58.87 -57.67 -49.42
N PHE G 2482 -58.62 -56.54 -48.75
CA PHE G 2482 -59.19 -56.33 -47.42
C PHE G 2482 -60.71 -56.19 -47.46
N LEU G 2483 -61.25 -55.57 -48.51
CA LEU G 2483 -62.70 -55.49 -48.64
C LEU G 2483 -63.33 -56.88 -48.70
N LEU G 2484 -62.85 -57.71 -49.63
CA LEU G 2484 -63.32 -59.08 -49.72
C LEU G 2484 -63.07 -59.85 -48.43
N HIS G 2485 -61.96 -59.58 -47.73
CA HIS G 2485 -61.66 -60.33 -46.52
C HIS G 2485 -62.68 -60.04 -45.43
N LEU G 2486 -62.96 -58.75 -45.20
CA LEU G 2486 -64.02 -58.37 -44.27
C LEU G 2486 -65.35 -58.95 -44.71
N LEU G 2487 -65.60 -58.98 -46.03
CA LEU G 2487 -66.84 -59.54 -46.53
C LEU G 2487 -66.92 -61.05 -46.30
N GLU G 2488 -65.76 -61.73 -46.26
CA GLU G 2488 -65.75 -63.14 -45.87
C GLU G 2488 -66.15 -63.30 -44.42
N VAL G 2489 -65.44 -62.59 -43.54
CA VAL G 2489 -65.39 -63.00 -42.14
C VAL G 2489 -66.46 -62.29 -41.30
N GLY G 2490 -66.68 -61.00 -41.51
CA GLY G 2490 -67.53 -60.26 -40.59
C GLY G 2490 -68.96 -60.03 -41.06
N PHE G 2491 -69.14 -59.77 -42.35
CA PHE G 2491 -70.42 -59.29 -42.87
C PHE G 2491 -71.35 -60.43 -43.31
N LEU G 2492 -70.80 -61.45 -43.98
CA LEU G 2492 -71.63 -62.53 -44.50
C LEU G 2492 -72.38 -63.26 -43.40
N PRO G 2493 -71.76 -63.71 -42.30
CA PRO G 2493 -72.55 -64.34 -41.24
C PRO G 2493 -73.60 -63.42 -40.64
N ASP G 2494 -73.29 -62.14 -40.52
CA ASP G 2494 -74.23 -61.22 -39.88
C ASP G 2494 -75.48 -61.00 -40.73
N LEU G 2495 -75.32 -60.81 -42.04
CA LEU G 2495 -76.51 -60.65 -42.86
C LEU G 2495 -77.20 -61.99 -43.14
N ARG G 2496 -76.49 -63.11 -43.02
CA ARG G 2496 -77.21 -64.39 -43.01
C ARG G 2496 -78.10 -64.51 -41.77
N ALA G 2497 -77.54 -64.18 -40.60
CA ALA G 2497 -78.32 -64.22 -39.37
C ALA G 2497 -79.47 -63.22 -39.39
N ALA G 2498 -79.27 -62.06 -40.02
CA ALA G 2498 -80.32 -61.07 -40.11
C ALA G 2498 -81.39 -61.47 -41.12
N ALA G 2499 -81.02 -62.21 -42.17
CA ALA G 2499 -81.99 -62.67 -43.15
C ALA G 2499 -82.82 -63.84 -42.66
N SER G 2500 -82.28 -64.64 -41.73
CA SER G 2500 -82.99 -65.81 -41.20
C SER G 2500 -84.13 -65.35 -40.28
N LEU G 2501 -85.16 -64.78 -40.91
CA LEU G 2501 -86.28 -64.18 -40.18
C LEU G 2501 -87.51 -64.17 -41.05
N ASP G 2502 -88.60 -64.75 -40.57
CA ASP G 2502 -89.89 -64.50 -41.19
C ASP G 2502 -90.89 -63.85 -40.21
N THR G 2503 -91.06 -64.39 -38.98
CA THR G 2503 -92.06 -63.82 -38.08
C THR G 2503 -91.50 -63.33 -36.74
N ALA G 2504 -90.57 -64.09 -36.14
CA ALA G 2504 -90.15 -63.87 -34.75
C ALA G 2504 -89.00 -62.87 -34.74
N ALA G 2505 -89.32 -61.60 -34.50
CA ALA G 2505 -88.33 -60.53 -34.50
C ALA G 2505 -88.46 -59.75 -33.20
N LEU G 2506 -87.41 -59.83 -32.36
CA LEU G 2506 -87.36 -59.08 -31.12
C LEU G 2506 -86.19 -58.12 -31.05
N SER G 2507 -85.16 -58.28 -31.89
CA SER G 2507 -83.99 -57.41 -31.85
C SER G 2507 -83.84 -56.65 -33.17
N UNK G 2508 -84.34 -55.42 -33.18
CA UNK G 2508 -84.23 -54.53 -34.32
C UNK G 2508 -82.84 -53.92 -34.38
N UNK G 2509 -82.05 -54.16 -33.33
CA UNK G 2509 -80.67 -53.70 -33.29
C UNK G 2509 -79.90 -54.38 -34.41
N UNK G 2510 -80.20 -55.66 -34.64
CA UNK G 2510 -79.57 -56.42 -35.70
C UNK G 2510 -79.87 -55.78 -37.06
N UNK G 2511 -81.14 -55.41 -37.27
CA UNK G 2511 -81.56 -54.77 -38.52
C UNK G 2511 -80.87 -53.43 -38.71
N UNK G 2512 -80.80 -52.63 -37.64
CA UNK G 2512 -80.14 -51.33 -37.71
C UNK G 2512 -78.65 -51.47 -38.03
N UNK G 2513 -77.99 -52.45 -37.41
CA UNK G 2513 -76.57 -52.68 -37.66
C UNK G 2513 -76.35 -53.19 -39.06
N UNK G 2514 -77.28 -53.99 -39.56
CA UNK G 2514 -77.21 -54.50 -40.92
C UNK G 2514 -77.35 -53.36 -41.90
N UNK G 2515 -78.22 -52.41 -41.57
CA UNK G 2515 -78.39 -51.22 -42.40
C UNK G 2515 -77.11 -50.39 -42.42
N UNK G 2516 -76.49 -50.27 -41.25
CA UNK G 2516 -75.21 -49.55 -41.13
C UNK G 2516 -74.13 -50.22 -42.00
N UNK G 2517 -74.06 -51.54 -41.92
CA UNK G 2517 -73.10 -52.30 -42.71
C UNK G 2517 -73.37 -52.16 -44.21
N UNK G 2518 -74.65 -52.16 -44.58
CA UNK G 2518 -75.05 -52.00 -45.97
C UNK G 2518 -74.64 -50.62 -46.49
N UNK G 2519 -74.79 -49.61 -45.64
CA UNK G 2519 -74.37 -48.26 -45.99
C UNK G 2519 -72.85 -48.20 -46.19
N UNK G 2520 -72.13 -48.83 -45.28
CA UNK G 2520 -70.67 -48.90 -45.35
C UNK G 2520 -70.21 -49.59 -46.63
N UNK G 2521 -70.96 -50.61 -47.04
CA UNK G 2521 -70.64 -51.36 -48.26
C UNK G 2521 -70.97 -50.54 -49.51
N UNK G 2522 -72.10 -49.85 -49.48
CA UNK G 2522 -72.54 -49.04 -50.60
C UNK G 2522 -71.64 -47.83 -50.77
N UNK G 2523 -70.94 -47.47 -49.71
CA UNK G 2523 -69.97 -46.38 -49.77
C UNK G 2523 -68.65 -46.83 -50.41
N UNK G 2524 -68.72 -47.81 -51.30
CA UNK G 2524 -67.55 -48.33 -51.99
C UNK G 2524 -67.95 -49.07 -53.27
N UNK G 2525 -67.31 -48.75 -54.37
CA UNK G 2525 -67.61 -49.38 -55.66
C UNK G 2525 -66.49 -50.30 -56.11
N UNK G 2526 -65.78 -50.87 -55.14
CA UNK G 2526 -64.69 -51.79 -55.44
C UNK G 2526 -65.21 -53.21 -55.65
N UNK G 2527 -65.21 -53.66 -56.90
CA UNK G 2527 -65.70 -54.99 -57.23
C UNK G 2527 -64.93 -55.57 -58.42
N UNK G 2528 -64.45 -56.79 -58.26
CA UNK G 2528 -63.70 -57.47 -59.30
C UNK G 2528 -64.36 -58.79 -59.69
N UNK G 2529 -63.62 -59.65 -60.36
CA UNK G 2529 -64.14 -60.95 -60.78
C UNK G 2529 -64.05 -61.96 -59.64
N UNK G 2530 -63.98 -63.24 -60.00
CA UNK G 2530 -63.95 -64.33 -59.04
C UNK G 2530 -65.12 -64.24 -58.06
N UNK G 2531 -66.29 -63.89 -58.60
CA UNK G 2531 -67.50 -63.75 -57.79
C UNK G 2531 -67.96 -65.10 -57.26
N UNK G 2532 -67.20 -65.65 -56.31
CA UNK G 2532 -67.52 -66.94 -55.72
C UNK G 2532 -68.41 -66.76 -54.49
N UNK G 2533 -68.51 -65.51 -54.02
CA UNK G 2533 -69.31 -65.21 -52.85
C UNK G 2533 -70.16 -63.96 -53.06
N UNK G 2534 -69.89 -63.24 -54.15
CA UNK G 2534 -70.64 -62.02 -54.45
C UNK G 2534 -72.10 -62.35 -54.74
N UNK G 2535 -72.32 -63.39 -55.53
CA UNK G 2535 -73.68 -63.83 -55.85
C UNK G 2535 -74.40 -64.30 -54.59
N UNK G 2536 -73.67 -64.98 -53.72
CA UNK G 2536 -74.22 -65.46 -52.45
C UNK G 2536 -74.65 -64.28 -51.58
N UNK G 2537 -73.80 -63.27 -51.51
CA UNK G 2537 -74.09 -62.07 -50.73
C UNK G 2537 -75.30 -61.33 -51.29
N UNK G 2538 -75.37 -61.24 -52.61
CA UNK G 2538 -76.50 -60.58 -53.27
C UNK G 2538 -77.80 -61.33 -52.97
N UNK G 2539 -77.75 -62.65 -53.05
CA UNK G 2539 -78.92 -63.47 -52.77
C UNK G 2539 -79.35 -63.32 -51.32
N UNK G 2540 -78.37 -63.26 -50.41
CA UNK G 2540 -78.64 -63.08 -48.99
C UNK G 2540 -79.30 -61.73 -48.72
N UNK G 2541 -78.80 -60.70 -49.38
CA UNK G 2541 -79.37 -59.36 -49.24
C UNK G 2541 -80.80 -59.33 -49.75
N UNK G 2542 -81.04 -59.98 -50.89
CA UNK G 2542 -82.37 -60.07 -51.47
C UNK G 2542 -83.32 -60.79 -50.53
N UNK G 2543 -82.86 -61.91 -49.96
CA UNK G 2543 -83.65 -62.70 -49.03
C UNK G 2543 -83.99 -61.88 -47.80
N UNK G 2544 -83.01 -61.12 -47.30
CA UNK G 2544 -83.23 -60.27 -46.13
C UNK G 2544 -84.27 -59.20 -46.43
N UNK G 2545 -84.15 -58.57 -47.60
CA UNK G 2545 -85.08 -57.51 -48.00
C UNK G 2545 -86.49 -58.05 -48.21
N UNK G 2546 -86.59 -59.31 -48.65
CA UNK G 2546 -87.88 -59.93 -48.90
C UNK G 2546 -88.54 -60.43 -47.62
N UNK G 2547 -87.71 -60.88 -46.67
CA UNK G 2547 -88.22 -61.49 -45.45
C UNK G 2547 -88.34 -60.48 -44.32
N UNK G 2548 -87.84 -59.28 -44.54
CA UNK G 2548 -87.94 -58.21 -43.55
C UNK G 2548 -89.40 -57.76 -43.41
N UNK G 2549 -89.97 -58.01 -42.23
CA UNK G 2549 -91.36 -57.65 -41.99
C UNK G 2549 -91.53 -56.87 -40.69
N UNK G 2550 -91.38 -57.56 -39.56
CA UNK G 2550 -91.54 -56.95 -38.24
C UNK G 2550 -90.45 -55.92 -37.97
N UNK G 2551 -89.23 -56.25 -38.35
CA UNK G 2551 -88.09 -55.35 -38.15
C UNK G 2551 -87.67 -54.72 -39.47
N UNK G 2552 -88.58 -53.95 -40.07
CA UNK G 2552 -88.30 -53.30 -41.35
C UNK G 2552 -88.99 -51.94 -41.42
N UNK G 2553 -88.22 -50.92 -41.83
CA UNK G 2553 -88.76 -49.59 -41.99
C UNK G 2553 -88.52 -49.11 -43.42
N UNK G 2554 -89.15 -47.99 -43.78
CA UNK G 2554 -89.01 -47.43 -45.12
C UNK G 2554 -87.55 -47.02 -45.39
N UNK G 2555 -86.92 -46.41 -44.40
CA UNK G 2555 -85.54 -45.99 -44.51
C UNK G 2555 -84.61 -47.19 -44.70
N UNK G 2556 -84.83 -48.24 -43.91
CA UNK G 2556 -84.04 -49.45 -44.00
C UNK G 2556 -84.22 -50.11 -45.37
N UNK G 2557 -85.45 -50.13 -45.85
CA UNK G 2557 -85.76 -50.70 -47.16
C UNK G 2557 -85.04 -49.93 -48.26
N UNK G 2558 -85.09 -48.61 -48.18
CA UNK G 2558 -84.43 -47.75 -49.15
C UNK G 2558 -82.91 -47.98 -49.13
N UNK G 2559 -82.36 -48.10 -47.93
CA UNK G 2559 -80.92 -48.34 -47.78
C UNK G 2559 -80.52 -49.68 -48.41
N UNK G 2560 -81.31 -50.71 -48.13
CA UNK G 2560 -81.04 -52.04 -48.68
C UNK G 2560 -81.14 -52.01 -50.21
N UNK G 2561 -82.14 -51.31 -50.72
CA UNK G 2561 -82.32 -51.18 -52.17
C UNK G 2561 -81.13 -50.48 -52.81
N UNK G 2562 -80.69 -49.40 -52.18
CA UNK G 2562 -79.55 -48.64 -52.67
C UNK G 2562 -78.29 -49.50 -52.68
N UNK G 2563 -78.08 -50.25 -51.61
CA UNK G 2563 -76.93 -51.12 -51.50
C UNK G 2563 -76.94 -52.19 -52.60
N UNK G 2564 -78.10 -52.79 -52.81
CA UNK G 2564 -78.26 -53.82 -53.84
C UNK G 2564 -77.99 -53.24 -55.23
N UNK G 2565 -78.52 -52.05 -55.47
CA UNK G 2565 -78.34 -51.39 -56.76
C UNK G 2565 -76.87 -51.07 -57.00
N UNK G 2566 -76.19 -50.58 -55.96
CA UNK G 2566 -74.78 -50.25 -56.05
C UNK G 2566 -73.96 -51.51 -56.34
N UNK G 2567 -74.28 -52.59 -55.65
CA UNK G 2567 -73.58 -53.86 -55.85
C UNK G 2567 -73.78 -54.37 -57.28
N UNK G 2568 -75.01 -54.28 -57.77
CA UNK G 2568 -75.34 -54.73 -59.13
C UNK G 2568 -74.61 -53.89 -60.17
N UNK G 2569 -74.50 -52.59 -59.92
CA UNK G 2569 -73.83 -51.68 -60.83
C UNK G 2569 -72.33 -51.93 -60.83
N UNK G 2570 -71.79 -52.26 -59.67
CA UNK G 2570 -70.36 -52.52 -59.54
C UNK G 2570 -69.99 -53.85 -60.20
N UNK G 2571 -70.83 -54.86 -60.03
CA UNK G 2571 -70.61 -56.16 -60.65
C UNK G 2571 -70.83 -56.09 -62.15
N UNK G 2572 -70.14 -56.96 -62.89
CA UNK G 2572 -70.26 -56.98 -64.35
C UNK G 2572 -70.32 -58.42 -64.86
N UNK G 2573 -71.53 -58.94 -64.98
CA UNK G 2573 -71.77 -60.31 -65.46
C UNK G 2573 -70.98 -61.32 -64.64
N UNK G 2574 -71.17 -61.29 -63.33
CA UNK G 2574 -70.46 -62.19 -62.43
C UNK G 2574 -71.42 -62.87 -61.45
N UNK G 2575 -72.58 -62.25 -61.25
CA UNK G 2575 -73.59 -62.80 -60.35
C UNK G 2575 -74.71 -63.47 -61.14
N UNK G 2576 -74.36 -64.52 -61.87
CA UNK G 2576 -75.33 -65.23 -62.71
C UNK G 2576 -76.39 -65.92 -61.86
N UNK G 2577 -75.96 -66.61 -60.81
CA UNK G 2577 -76.88 -67.32 -59.92
C UNK G 2577 -77.81 -66.33 -59.22
N UNK G 2578 -77.25 -65.21 -58.78
CA UNK G 2578 -78.02 -64.16 -58.12
C UNK G 2578 -79.06 -63.59 -59.07
N UNK G 2579 -78.64 -63.34 -60.31
CA UNK G 2579 -79.54 -62.81 -61.33
C UNK G 2579 -80.68 -63.79 -61.61
N UNK G 2580 -80.34 -65.07 -61.69
CA UNK G 2580 -81.33 -66.12 -61.94
C UNK G 2580 -82.34 -66.18 -60.79
N UNK G 2581 -81.84 -66.11 -59.56
CA UNK G 2581 -82.70 -66.15 -58.38
C UNK G 2581 -83.63 -64.94 -58.36
N UNK G 2582 -83.09 -63.76 -58.70
CA UNK G 2582 -83.87 -62.54 -58.74
C UNK G 2582 -84.96 -62.62 -59.81
N UNK G 2583 -84.60 -63.18 -60.97
CA UNK G 2583 -85.55 -63.35 -62.05
C UNK G 2583 -86.67 -64.29 -61.66
N UNK G 2584 -86.31 -65.39 -60.99
CA UNK G 2584 -87.29 -66.37 -60.52
C UNK G 2584 -88.24 -65.72 -59.52
N UNK G 2585 -87.68 -64.93 -58.59
CA UNK G 2585 -88.48 -64.25 -57.58
C UNK G 2585 -89.44 -63.24 -58.22
N UNK G 2586 -88.94 -62.50 -59.20
CA UNK G 2586 -89.74 -61.50 -59.89
C UNK G 2586 -90.86 -62.15 -60.71
N UNK G 2587 -90.57 -63.33 -61.25
CA UNK G 2587 -91.57 -64.06 -62.02
C UNK G 2587 -92.64 -64.64 -61.09
N UNK G 2588 -92.22 -65.07 -59.91
CA UNK G 2588 -93.13 -65.64 -58.93
C UNK G 2588 -94.04 -64.57 -58.32
N UNK G 2589 -93.47 -63.39 -58.06
CA UNK G 2589 -94.23 -62.32 -57.45
C UNK G 2589 -94.43 -61.14 -58.41
N UNK G 2590 -95.66 -60.96 -58.87
CA UNK G 2590 -95.99 -59.86 -59.77
C UNK G 2590 -95.95 -58.53 -59.00
N UNK G 2591 -96.42 -58.58 -57.75
CA UNK G 2591 -96.42 -57.40 -56.89
C UNK G 2591 -95.71 -57.70 -55.58
N UNK G 2592 -94.50 -57.16 -55.42
CA UNK G 2592 -93.70 -57.42 -54.23
C UNK G 2592 -93.49 -56.15 -53.41
N UNK G 2593 -92.82 -56.29 -52.27
CA UNK G 2593 -92.54 -55.16 -51.40
C UNK G 2593 -91.44 -54.28 -52.00
N UNK G 2594 -90.40 -54.91 -52.54
CA UNK G 2594 -89.32 -54.19 -53.18
C UNK G 2594 -89.38 -54.38 -54.69
N UNK G 2595 -90.59 -54.28 -55.24
CA UNK G 2595 -90.82 -54.47 -56.67
C UNK G 2595 -90.05 -53.44 -57.49
N UNK G 2596 -90.10 -52.19 -57.06
CA UNK G 2596 -89.41 -51.10 -57.75
C UNK G 2596 -87.91 -51.33 -57.78
N UNK G 2597 -87.35 -51.71 -56.62
CA UNK G 2597 -85.92 -51.98 -56.52
C UNK G 2597 -85.51 -53.16 -57.38
N UNK G 2598 -86.32 -54.20 -57.37
CA UNK G 2598 -86.06 -55.39 -58.18
C UNK G 2598 -86.06 -55.03 -59.66
N UNK G 2599 -87.06 -54.24 -60.06
CA UNK G 2599 -87.17 -53.80 -61.45
C UNK G 2599 -85.98 -52.95 -61.86
N UNK G 2600 -85.53 -52.08 -60.97
CA UNK G 2600 -84.38 -51.23 -61.23
C UNK G 2600 -83.11 -52.05 -61.41
N UNK G 2601 -82.92 -53.03 -60.53
CA UNK G 2601 -81.76 -53.91 -60.61
C UNK G 2601 -81.78 -54.72 -61.91
N UNK G 2602 -82.96 -55.22 -62.26
CA UNK G 2602 -83.13 -55.99 -63.49
C UNK G 2602 -82.82 -55.12 -64.70
N UNK G 2603 -83.29 -53.87 -64.68
CA UNK G 2603 -83.06 -52.94 -65.78
C UNK G 2603 -81.57 -52.65 -65.93
N UNK G 2604 -80.89 -52.46 -64.80
CA UNK G 2604 -79.45 -52.20 -64.81
C UNK G 2604 -78.70 -53.38 -65.40
N UNK G 2605 -79.03 -54.58 -64.94
CA UNK G 2605 -78.39 -55.80 -65.43
C UNK G 2605 -78.63 -55.98 -66.93
N UNK G 2606 -79.86 -55.71 -67.36
CA UNK G 2606 -80.23 -55.86 -68.76
C UNK G 2606 -79.50 -54.85 -69.62
N UNK G 2607 -79.34 -53.62 -69.13
CA UNK G 2607 -78.61 -52.60 -69.85
C UNK G 2607 -77.15 -53.02 -69.99
N UNK G 2608 -76.58 -53.55 -68.91
CA UNK G 2608 -75.20 -54.04 -68.94
C UNK G 2608 -75.04 -55.16 -69.97
N UNK G 2609 -76.01 -56.07 -70.00
CA UNK G 2609 -75.99 -57.19 -70.93
C UNK G 2609 -76.10 -56.72 -72.38
N UNK G 2610 -76.98 -55.75 -72.63
CA UNK G 2610 -77.19 -55.21 -73.95
C UNK G 2610 -75.94 -54.47 -74.41
N UNK G 2611 -75.24 -53.85 -73.47
CA UNK G 2611 -73.98 -53.18 -73.76
C UNK G 2611 -72.94 -54.21 -74.18
N UNK G 2612 -72.70 -55.19 -73.31
CA UNK G 2612 -71.73 -56.24 -73.58
C UNK G 2612 -71.95 -57.45 -72.68
N UNK G 2613 -71.08 -58.45 -72.82
CA UNK G 2613 -71.14 -59.67 -72.02
C UNK G 2613 -72.49 -60.36 -72.11
N UNK G 2614 -72.90 -60.71 -73.33
CA UNK G 2614 -74.17 -61.40 -73.54
C UNK G 2614 -73.92 -62.83 -74.03
N UNK G 2615 -72.71 -63.32 -73.79
CA UNK G 2615 -72.33 -64.67 -74.22
C UNK G 2615 -72.81 -65.72 -73.22
N UNK G 2616 -74.06 -66.15 -73.37
CA UNK G 2616 -74.63 -67.16 -72.49
C UNK G 2616 -75.86 -67.79 -73.12
N UNK G 2617 -76.27 -68.94 -72.57
CA UNK G 2617 -77.45 -69.65 -73.08
C UNK G 2617 -78.53 -69.74 -71.99
N UNK G 2618 -78.15 -70.25 -70.83
CA UNK G 2618 -79.06 -70.34 -69.70
C UNK G 2618 -79.49 -68.95 -69.26
N UNK G 2619 -78.53 -68.04 -69.20
CA UNK G 2619 -78.82 -66.65 -68.82
C UNK G 2619 -79.72 -66.00 -69.86
N UNK G 2620 -79.49 -66.32 -71.13
CA UNK G 2620 -80.31 -65.78 -72.21
C UNK G 2620 -81.75 -66.27 -72.09
N UNK G 2621 -81.90 -67.56 -71.78
CA UNK G 2621 -83.23 -68.14 -71.58
C UNK G 2621 -83.93 -67.51 -70.39
N UNK G 2622 -83.19 -67.28 -69.32
CA UNK G 2622 -83.72 -66.64 -68.13
C UNK G 2622 -84.17 -65.21 -68.43
N UNK G 2623 -83.38 -64.50 -69.22
CA UNK G 2623 -83.70 -63.15 -69.63
C UNK G 2623 -84.96 -63.13 -70.48
N UNK G 2624 -85.09 -64.12 -71.37
CA UNK G 2624 -86.27 -64.24 -72.21
C UNK G 2624 -87.51 -64.48 -71.35
N UNK G 2625 -87.37 -65.36 -70.36
CA UNK G 2625 -88.47 -65.67 -69.45
C UNK G 2625 -88.88 -64.42 -68.67
N UNK G 2626 -87.89 -63.66 -68.20
CA UNK G 2626 -88.13 -62.43 -67.46
C UNK G 2626 -88.84 -61.40 -68.33
N UNK G 2627 -88.42 -61.31 -69.60
CA UNK G 2627 -89.04 -60.40 -70.55
C UNK G 2627 -90.50 -60.79 -70.79
N UNK G 2628 -90.74 -62.09 -70.91
CA UNK G 2628 -92.10 -62.60 -71.09
C UNK G 2628 -92.97 -62.25 -69.89
N UNK G 2629 -92.42 -62.44 -68.69
CA UNK G 2629 -93.12 -62.11 -67.46
C UNK G 2629 -93.44 -60.63 -67.38
N UNK G 2630 -92.47 -59.80 -67.77
CA UNK G 2630 -92.64 -58.36 -67.77
C UNK G 2630 -93.73 -57.94 -68.75
N UNK G 2631 -93.75 -58.57 -69.92
CA UNK G 2631 -94.76 -58.31 -70.93
C UNK G 2631 -96.15 -58.69 -70.41
N UNK G 2632 -96.22 -59.84 -69.75
CA UNK G 2632 -97.48 -60.31 -69.17
C UNK G 2632 -97.99 -59.36 -68.09
N UNK G 2633 -97.05 -58.83 -67.30
CA UNK G 2633 -97.39 -57.88 -66.24
C UNK G 2633 -97.85 -56.55 -66.82
N UNK G 2634 -97.21 -56.12 -67.90
CA UNK G 2634 -97.55 -54.85 -68.54
C UNK G 2634 -98.89 -54.95 -69.25
N UNK G 2635 -99.21 -56.12 -69.77
CA UNK G 2635 -100.48 -56.33 -70.44
C UNK G 2635 -101.54 -56.82 -69.46
N UNK G 2636 -101.58 -56.20 -68.28
CA UNK G 2636 -102.54 -56.58 -67.25
C UNK G 2636 -103.30 -55.35 -66.73
N UNK G 2637 -104.31 -55.61 -65.92
CA UNK G 2637 -105.12 -54.54 -65.35
C UNK G 2637 -104.48 -53.97 -64.09
N UNK G 2638 -103.69 -52.92 -64.25
CA UNK G 2638 -103.01 -52.29 -63.12
C UNK G 2638 -103.10 -50.77 -63.21
N UNK G 2639 -103.14 -50.12 -62.05
CA UNK G 2639 -103.22 -48.66 -61.99
C UNK G 2639 -101.89 -48.03 -62.40
N UNK G 2640 -101.96 -46.86 -63.04
CA UNK G 2640 -100.77 -46.17 -63.51
C UNK G 2640 -100.09 -45.38 -62.39
N UNK G 2641 -98.85 -45.72 -62.10
CA UNK G 2641 -98.07 -45.04 -61.06
C UNK G 2641 -96.58 -45.28 -61.25
N UNK G 2642 -95.85 -45.31 -60.14
CA UNK G 2642 -94.42 -45.57 -60.17
C UNK G 2642 -94.16 -46.98 -60.67
N UNK G 2643 -95.02 -47.92 -60.28
CA UNK G 2643 -94.92 -49.30 -60.75
C UNK G 2643 -95.10 -49.36 -62.26
N UNK G 2644 -96.07 -48.60 -62.76
CA UNK G 2644 -96.33 -48.53 -64.19
C UNK G 2644 -95.14 -47.93 -64.93
N UNK G 2645 -94.53 -46.91 -64.33
CA UNK G 2645 -93.35 -46.29 -64.92
C UNK G 2645 -92.19 -47.28 -65.00
N UNK G 2646 -91.99 -48.02 -63.92
CA UNK G 2646 -90.94 -49.02 -63.86
C UNK G 2646 -91.17 -50.13 -64.89
N UNK G 2647 -92.44 -50.49 -65.07
CA UNK G 2647 -92.81 -51.51 -66.04
C UNK G 2647 -92.56 -51.02 -67.47
N UNK G 2648 -92.91 -49.76 -67.72
CA UNK G 2648 -92.69 -49.16 -69.03
C UNK G 2648 -91.21 -49.08 -69.34
N UNK G 2649 -90.40 -48.80 -68.31
CA UNK G 2649 -88.95 -48.77 -68.46
C UNK G 2649 -88.40 -50.19 -68.59
N UNK G 2650 -88.62 -50.80 -69.74
CA UNK G 2650 -88.14 -52.16 -70.00
C UNK G 2650 -87.45 -52.23 -71.36
N UNK G 2651 -87.11 -51.06 -71.90
CA UNK G 2651 -86.43 -50.96 -73.18
C UNK G 2651 -85.07 -51.65 -73.10
N UNK G 2652 -84.41 -51.51 -71.95
CA UNK G 2652 -83.11 -52.15 -71.73
C UNK G 2652 -83.22 -53.66 -71.84
N UNK G 2653 -84.23 -54.22 -71.17
CA UNK G 2653 -84.47 -55.66 -71.21
C UNK G 2653 -84.83 -56.13 -72.62
N UNK G 2654 -85.65 -55.33 -73.30
CA UNK G 2654 -86.07 -55.66 -74.65
C UNK G 2654 -84.88 -55.66 -75.62
N UNK G 2655 -83.94 -54.75 -75.40
CA UNK G 2655 -82.75 -54.65 -76.24
C UNK G 2655 -81.76 -55.76 -75.92
N UNK G 2656 -81.69 -56.14 -74.64
CA UNK G 2656 -80.80 -57.21 -74.22
C UNK G 2656 -81.28 -58.55 -74.77
N UNK G 2657 -82.60 -58.76 -74.76
CA UNK G 2657 -83.17 -59.99 -75.29
C UNK G 2657 -83.40 -59.85 -76.80
N UNK G 2658 -82.43 -60.36 -77.58
CA UNK G 2658 -82.52 -60.29 -79.04
C UNK G 2658 -83.56 -61.28 -79.57
N ILE G 2712 -85.75 -101.45 -61.91
CA ILE G 2712 -84.45 -101.21 -62.54
C ILE G 2712 -84.12 -102.37 -63.48
N PRO G 2713 -83.64 -102.05 -64.68
CA PRO G 2713 -83.34 -103.09 -65.67
C PRO G 2713 -82.03 -103.81 -65.38
N GLU G 2714 -81.85 -104.92 -66.09
CA GLU G 2714 -80.70 -105.80 -65.89
C GLU G 2714 -79.41 -105.18 -66.41
N LYS G 2715 -79.46 -104.41 -67.48
CA LYS G 2715 -78.24 -103.78 -67.94
C LYS G 2715 -77.85 -102.62 -67.04
N LEU G 2716 -78.80 -102.03 -66.32
CA LEU G 2716 -78.42 -101.10 -65.26
C LEU G 2716 -77.91 -101.82 -64.02
N GLU G 2717 -78.38 -103.05 -63.76
CA GLU G 2717 -77.73 -103.88 -62.76
C GLU G 2717 -76.25 -104.09 -63.12
N TYR G 2718 -75.99 -104.38 -64.39
CA TYR G 2718 -74.62 -104.48 -64.90
C TYR G 2718 -73.88 -103.14 -64.76
N PHE G 2719 -74.57 -102.04 -65.05
CA PHE G 2719 -74.02 -100.71 -64.85
C PHE G 2719 -73.52 -100.53 -63.43
N ILE G 2720 -74.32 -101.00 -62.46
CA ILE G 2720 -73.98 -100.86 -61.06
C ILE G 2720 -72.78 -101.73 -60.69
N ASN G 2721 -72.75 -102.98 -61.19
CA ASN G 2721 -71.59 -103.82 -60.87
C ASN G 2721 -70.32 -103.23 -61.46
N LYS G 2722 -70.35 -102.78 -62.72
CA LYS G 2722 -69.15 -102.24 -63.32
C LYS G 2722 -68.74 -100.93 -62.67
N TYR G 2723 -69.72 -100.16 -62.18
CA TYR G 2723 -69.36 -98.95 -61.42
C TYR G 2723 -68.64 -99.31 -60.13
N ALA G 2724 -69.14 -100.32 -59.41
CA ALA G 2724 -68.43 -100.79 -58.22
C ALA G 2724 -67.02 -101.26 -58.59
N GLU G 2725 -66.89 -101.95 -59.72
CA GLU G 2725 -65.59 -102.46 -60.14
C GLU G 2725 -64.61 -101.33 -60.42
N HIS G 2726 -65.05 -100.32 -61.18
CA HIS G 2726 -64.14 -99.23 -61.54
C HIS G 2726 -63.86 -98.31 -60.37
N SER G 2727 -64.82 -98.14 -59.46
CA SER G 2727 -64.55 -97.39 -58.24
C SER G 2727 -63.54 -98.12 -57.36
N HIS G 2728 -63.65 -99.45 -57.28
CA HIS G 2728 -62.61 -100.23 -56.63
C HIS G 2728 -61.27 -100.05 -57.32
N ASP G 2729 -61.28 -99.95 -58.65
CA ASP G 2729 -60.04 -99.83 -59.40
C ASP G 2729 -59.37 -98.48 -59.15
N LYS G 2730 -60.16 -97.42 -59.02
CA LYS G 2730 -59.63 -96.09 -58.72
C LYS G 2730 -59.13 -96.00 -57.27
N TRP G 2731 -59.87 -96.60 -56.35
CA TRP G 2731 -59.35 -96.73 -54.99
C TRP G 2731 -58.06 -97.53 -54.96
N SER G 2732 -57.96 -98.56 -55.81
CA SER G 2732 -56.75 -99.37 -55.87
C SER G 2732 -55.57 -98.58 -56.42
N MET G 2733 -55.82 -97.68 -57.37
CA MET G 2733 -54.76 -96.79 -57.81
C MET G 2733 -54.33 -95.87 -56.68
N ASP G 2734 -55.29 -95.37 -55.89
CA ASP G 2734 -54.91 -94.60 -54.71
C ASP G 2734 -54.09 -95.46 -53.73
N LYS G 2735 -54.44 -96.73 -53.60
CA LYS G 2735 -53.68 -97.66 -52.77
C LYS G 2735 -52.23 -97.75 -53.23
N LEU G 2736 -52.02 -97.96 -54.54
CA LEU G 2736 -50.67 -98.09 -55.08
C LEU G 2736 -49.92 -96.78 -55.06
N ALA G 2737 -50.62 -95.64 -55.17
CA ALA G 2737 -49.92 -94.35 -55.16
C ALA G 2737 -49.48 -93.98 -53.76
N ASN G 2738 -50.26 -94.33 -52.73
CA ASN G 2738 -49.92 -93.96 -51.37
C ASN G 2738 -49.21 -95.08 -50.61
N GLY G 2739 -49.10 -96.27 -51.20
CA GLY G 2739 -48.33 -97.36 -50.62
C GLY G 2739 -48.96 -98.09 -49.46
N TRP G 2740 -50.27 -98.35 -49.50
CA TRP G 2740 -50.94 -99.05 -48.42
C TRP G 2740 -50.90 -100.56 -48.67
N ILE G 2741 -50.77 -101.32 -47.59
CA ILE G 2741 -50.67 -102.78 -47.66
C ILE G 2741 -51.73 -103.40 -46.76
N TYR G 2742 -52.23 -104.56 -47.17
CA TYR G 2742 -53.31 -105.23 -46.48
C TYR G 2742 -52.82 -105.88 -45.18
N GLY G 2743 -53.77 -106.19 -44.31
CA GLY G 2743 -53.48 -106.85 -43.04
C GLY G 2743 -54.76 -107.26 -42.36
N GLU G 2744 -54.61 -108.15 -41.37
CA GLU G 2744 -55.76 -108.65 -40.62
C GLU G 2744 -56.22 -107.65 -39.56
N ILE G 2745 -55.28 -107.04 -38.85
CA ILE G 2745 -55.60 -106.09 -37.80
C ILE G 2745 -56.03 -104.77 -38.42
N TYR G 2746 -57.00 -104.11 -37.78
CA TYR G 2746 -57.50 -102.82 -38.23
C TYR G 2746 -56.74 -101.71 -37.53
N SER G 2747 -56.26 -100.74 -38.30
CA SER G 2747 -55.57 -99.57 -37.76
C SER G 2747 -55.34 -98.59 -38.90
N ASP G 2748 -55.16 -97.32 -38.53
CA ASP G 2748 -54.87 -96.26 -39.49
C ASP G 2748 -53.45 -95.75 -39.45
N SER G 2749 -52.72 -95.96 -38.35
CA SER G 2749 -51.36 -95.45 -38.22
C SER G 2749 -50.31 -96.46 -38.68
N SER G 2750 -50.56 -97.75 -38.51
CA SER G 2750 -49.57 -98.78 -38.86
C SER G 2750 -49.66 -99.22 -40.30
N LYS G 2751 -50.61 -98.69 -41.08
CA LYS G 2751 -50.75 -98.97 -42.50
C LYS G 2751 -51.04 -100.45 -42.73
N ILE G 2752 -52.15 -100.89 -42.14
CA ILE G 2752 -52.69 -102.24 -42.33
C ILE G 2752 -54.20 -102.11 -42.49
N GLN G 2753 -54.76 -102.93 -43.38
CA GLN G 2753 -56.11 -102.77 -43.86
C GLN G 2753 -56.75 -104.10 -44.24
N PRO G 2754 -57.98 -104.36 -43.79
CA PRO G 2754 -58.61 -105.67 -44.04
C PRO G 2754 -59.22 -105.84 -45.41
N LEU G 2755 -59.22 -104.80 -46.25
CA LEU G 2755 -59.83 -104.86 -47.58
C LEU G 2755 -58.84 -104.41 -48.65
N MET G 2756 -57.70 -105.07 -48.70
CA MET G 2756 -56.72 -104.83 -49.76
C MET G 2756 -55.91 -106.09 -50.07
N LEU G 2761 -58.09 -97.87 -44.68
CA LEU G 2761 -58.97 -97.01 -43.91
C LEU G 2761 -60.42 -97.47 -43.98
N LEU G 2762 -60.89 -97.70 -45.20
CA LEU G 2762 -62.27 -98.12 -45.40
C LEU G 2762 -62.46 -99.57 -44.94
N SER G 2763 -63.56 -99.83 -44.26
CA SER G 2763 -63.95 -101.20 -43.95
C SER G 2763 -64.83 -101.74 -45.07
N GLU G 2764 -65.14 -103.04 -44.99
CA GLU G 2764 -66.01 -103.63 -46.00
C GLU G 2764 -67.39 -102.99 -45.96
N LYS G 2765 -67.93 -102.68 -44.76
CA LYS G 2765 -69.21 -102.00 -44.71
C LYS G 2765 -69.08 -100.56 -45.18
N GLU G 2766 -67.90 -99.96 -44.98
CA GLU G 2766 -67.69 -98.58 -45.40
C GLU G 2766 -67.56 -98.46 -46.90
N LYS G 2767 -67.24 -99.54 -47.61
CA LYS G 2767 -67.41 -99.54 -49.05
C LYS G 2767 -68.80 -99.98 -49.47
N GLU G 2768 -69.42 -100.88 -48.70
CA GLU G 2768 -70.79 -101.31 -49.00
C GLU G 2768 -71.77 -100.16 -48.91
N ILE G 2769 -71.51 -99.18 -48.04
CA ILE G 2769 -72.47 -98.11 -47.80
C ILE G 2769 -72.66 -97.26 -49.05
N TYR G 2770 -71.62 -97.11 -49.87
CA TYR G 2770 -71.75 -96.30 -51.08
C TYR G 2770 -72.53 -97.01 -52.19
N ARG G 2771 -73.12 -98.18 -51.93
CA ARG G 2771 -73.89 -98.86 -52.96
C ARG G 2771 -75.30 -98.30 -53.08
N TRP G 2772 -75.88 -97.84 -51.98
CA TRP G 2772 -77.26 -97.39 -51.92
C TRP G 2772 -77.49 -95.98 -52.46
N PRO G 2773 -76.65 -94.98 -52.13
CA PRO G 2773 -76.90 -93.63 -52.67
C PRO G 2773 -76.87 -93.58 -54.18
N ILE G 2774 -76.05 -94.40 -54.83
CA ILE G 2774 -76.02 -94.44 -56.28
C ILE G 2774 -77.36 -94.92 -56.83
N LYS G 2775 -77.90 -95.99 -56.24
CA LYS G 2775 -79.23 -96.47 -56.61
C LYS G 2775 -80.29 -95.42 -56.39
N GLU G 2776 -80.21 -94.70 -55.26
CA GLU G 2776 -81.22 -93.68 -54.97
C GLU G 2776 -81.15 -92.55 -55.99
N SER G 2777 -79.93 -92.15 -56.36
CA SER G 2777 -79.78 -91.08 -57.34
C SER G 2777 -80.23 -91.52 -58.74
N LEU G 2778 -80.02 -92.78 -59.10
CA LEU G 2778 -80.50 -93.24 -60.39
C LEU G 2778 -82.02 -93.43 -60.40
N LYS G 2779 -82.61 -93.79 -59.26
CA LYS G 2779 -84.06 -93.79 -59.18
C LYS G 2779 -84.62 -92.39 -59.38
N THR G 2780 -83.97 -91.39 -58.79
CA THR G 2780 -84.37 -90.01 -59.02
C THR G 2780 -84.21 -89.62 -60.49
N MET G 2781 -83.10 -90.03 -61.12
CA MET G 2781 -82.92 -89.70 -62.53
C MET G 2781 -83.96 -90.39 -63.41
N LEU G 2782 -84.35 -91.62 -63.08
CA LEU G 2782 -85.34 -92.34 -63.87
C LEU G 2782 -86.73 -91.72 -63.70
N ALA G 2783 -87.07 -91.31 -62.48
CA ALA G 2783 -88.40 -90.74 -62.26
C ALA G 2783 -88.51 -89.30 -62.75
N TRP G 2784 -87.44 -88.53 -62.64
CA TRP G 2784 -87.46 -87.14 -63.08
C TRP G 2784 -87.22 -87.03 -64.58
N ASP G 2835 -77.27 -78.56 -68.85
CA ASP G 2835 -77.48 -79.75 -69.66
C ASP G 2835 -76.97 -80.94 -68.84
N LEU G 2836 -75.91 -81.56 -69.36
CA LEU G 2836 -75.08 -82.42 -68.54
C LEU G 2836 -74.76 -81.75 -67.22
N HIS G 2837 -74.28 -80.51 -67.29
CA HIS G 2837 -73.84 -79.79 -66.11
C HIS G 2837 -75.02 -79.44 -65.20
N ALA G 2838 -76.17 -79.09 -65.79
CA ALA G 2838 -77.35 -78.77 -64.99
C ALA G 2838 -77.81 -79.98 -64.19
N MET G 2839 -78.00 -81.12 -64.85
CA MET G 2839 -78.43 -82.30 -64.10
C MET G 2839 -77.34 -82.81 -63.17
N ALA G 2840 -76.08 -82.49 -63.46
CA ALA G 2840 -75.01 -82.80 -62.49
C ALA G 2840 -75.20 -81.99 -61.21
N GLU G 2841 -75.45 -80.69 -61.35
CA GLU G 2841 -75.79 -79.88 -60.18
C GLU G 2841 -77.04 -80.41 -59.49
N MET G 2842 -77.97 -80.99 -60.24
CA MET G 2842 -79.22 -81.43 -59.63
C MET G 2842 -79.03 -82.74 -58.86
N MET G 2843 -78.19 -83.65 -59.36
CA MET G 2843 -77.89 -84.84 -58.55
C MET G 2843 -77.02 -84.46 -57.34
N ALA G 2844 -76.13 -83.48 -57.50
CA ALA G 2844 -75.47 -82.94 -56.32
C ALA G 2844 -76.49 -82.39 -55.32
N GLU G 2845 -77.57 -81.80 -55.85
CA GLU G 2845 -78.63 -81.32 -54.99
C GLU G 2845 -79.32 -82.49 -54.28
N ASN G 2846 -79.53 -83.60 -54.99
CA ASN G 2846 -80.08 -84.80 -54.35
C ASN G 2846 -79.19 -85.23 -53.18
N TYR G 2847 -77.88 -85.29 -53.42
CA TYR G 2847 -76.94 -85.70 -52.37
C TYR G 2847 -77.01 -84.76 -51.18
N HIS G 2848 -76.92 -83.45 -51.43
CA HIS G 2848 -77.02 -82.49 -50.34
C HIS G 2848 -78.37 -82.55 -49.64
N ASN G 2849 -79.45 -82.80 -50.39
CA ASN G 2849 -80.78 -82.77 -49.78
C ASN G 2849 -80.96 -83.97 -48.86
N ILE G 2850 -80.50 -85.15 -49.26
CA ILE G 2850 -80.60 -86.30 -48.37
C ILE G 2850 -79.69 -86.13 -47.16
N TRP G 2851 -78.49 -85.55 -47.37
CA TRP G 2851 -77.60 -85.29 -46.24
C TRP G 2851 -78.24 -84.32 -45.25
N ALA G 2852 -78.86 -83.25 -45.78
CA ALA G 2852 -79.54 -82.27 -44.94
C ALA G 2852 -80.69 -82.91 -44.20
N LYS G 2853 -81.44 -83.81 -44.87
CA LYS G 2853 -82.57 -84.46 -44.21
C LYS G 2853 -82.09 -85.32 -43.05
N LYS G 2854 -81.07 -86.15 -43.28
CA LYS G 2854 -80.60 -87.04 -42.21
C LYS G 2854 -80.02 -86.24 -41.04
N LYS G 2855 -79.25 -85.18 -41.34
CA LYS G 2855 -78.68 -84.39 -40.26
C LYS G 2855 -79.75 -83.63 -39.48
N LYS G 2856 -80.81 -83.16 -40.16
CA LYS G 2856 -81.86 -82.45 -39.45
C LYS G 2856 -82.67 -83.41 -38.58
N LEU G 2857 -82.92 -84.62 -39.08
CA LEU G 2857 -83.59 -85.63 -38.26
C LEU G 2857 -82.76 -86.00 -37.03
N GLU G 2858 -81.44 -86.19 -37.20
CA GLU G 2858 -80.63 -86.57 -36.04
C GLU G 2858 -80.49 -85.40 -35.06
N LEU G 2859 -80.49 -84.17 -35.58
CA LEU G 2859 -80.57 -83.01 -34.71
C LEU G 2859 -81.85 -83.01 -33.88
N GLU G 2860 -83.00 -83.13 -34.55
CA GLU G 2860 -84.28 -83.10 -33.84
C GLU G 2860 -84.46 -84.32 -32.94
N SER G 2861 -83.70 -85.39 -33.18
CA SER G 2861 -83.77 -86.56 -32.32
C SER G 2861 -82.91 -86.39 -31.07
N LYS G 2862 -81.60 -86.16 -31.24
CA LYS G 2862 -80.69 -86.15 -30.10
C LYS G 2862 -80.47 -84.76 -29.51
N GLY G 2863 -81.26 -83.77 -29.92
CA GLY G 2863 -81.07 -82.44 -29.38
C GLY G 2863 -79.72 -81.85 -29.73
N GLY G 2864 -79.23 -82.13 -30.93
CA GLY G 2864 -77.92 -81.65 -31.32
C GLY G 2864 -77.90 -80.14 -31.51
N GLY G 2865 -76.68 -79.61 -31.50
CA GLY G 2865 -76.51 -78.18 -31.71
C GLY G 2865 -76.70 -77.77 -33.16
N ASN G 2866 -76.93 -76.47 -33.33
CA ASN G 2866 -77.12 -75.90 -34.65
C ASN G 2866 -75.80 -75.80 -35.42
N HIS G 2867 -75.84 -76.28 -36.80
CA HIS G 2867 -74.82 -76.36 -37.86
C HIS G 2867 -74.88 -75.14 -38.77
N PRO G 2868 -73.76 -74.81 -39.42
CA PRO G 2868 -73.77 -73.70 -40.40
C PRO G 2868 -74.45 -74.05 -41.71
N LEU G 2869 -74.75 -75.33 -41.96
CA LEU G 2869 -75.42 -75.77 -43.17
C LEU G 2869 -76.94 -75.71 -43.05
N LEU G 2870 -77.47 -74.91 -42.12
CA LEU G 2870 -78.91 -74.76 -41.94
C LEU G 2870 -79.47 -73.71 -42.87
N VAL G 2871 -79.14 -73.80 -44.15
CA VAL G 2871 -79.59 -72.83 -45.16
C VAL G 2871 -79.90 -73.57 -46.45
N PRO G 2872 -80.69 -72.96 -47.33
CA PRO G 2872 -80.92 -73.55 -48.65
C PRO G 2872 -79.65 -73.60 -49.48
N TYR G 2873 -79.77 -74.22 -50.65
CA TYR G 2873 -78.61 -74.47 -51.51
C TYR G 2873 -78.12 -73.23 -52.25
N ASP G 2874 -78.96 -72.20 -52.38
CA ASP G 2874 -78.59 -71.04 -53.18
C ASP G 2874 -77.65 -70.11 -52.42
N THR G 2875 -77.90 -69.93 -51.12
CA THR G 2875 -77.14 -68.97 -50.33
C THR G 2875 -75.78 -69.50 -49.90
N LEU G 2876 -75.48 -70.77 -50.19
CA LEU G 2876 -74.23 -71.39 -49.75
C LEU G 2876 -73.03 -70.83 -50.52
N THR G 2877 -71.83 -71.14 -50.02
CA THR G 2877 -70.59 -70.67 -50.57
C THR G 2877 -70.22 -71.44 -51.84
N ALA G 2878 -69.00 -71.24 -52.34
CA ALA G 2878 -68.60 -71.81 -53.61
C ALA G 2878 -67.80 -73.11 -53.51
N LYS G 2879 -67.35 -73.49 -52.30
CA LYS G 2879 -66.48 -74.66 -52.14
C LYS G 2879 -67.28 -75.95 -52.09
N GLU G 2880 -68.31 -75.99 -51.23
CA GLU G 2880 -69.12 -77.19 -51.08
C GLU G 2880 -69.85 -77.53 -52.37
N LYS G 2881 -70.09 -76.52 -53.22
CA LYS G 2881 -70.52 -76.77 -54.58
C LYS G 2881 -69.61 -77.79 -55.26
N ALA G 2882 -68.31 -77.52 -55.29
CA ALA G 2882 -67.36 -78.46 -55.86
C ALA G 2882 -67.32 -79.76 -55.05
N LYS G 2883 -67.41 -79.66 -53.72
CA LYS G 2883 -67.32 -80.86 -52.88
C LYS G 2883 -68.41 -81.87 -53.25
N ASP G 2884 -69.62 -81.39 -53.52
CA ASP G 2884 -70.71 -82.29 -53.86
C ASP G 2884 -70.83 -82.56 -55.35
N ARG G 2885 -70.17 -81.74 -56.19
CA ARG G 2885 -70.18 -82.01 -57.63
C ARG G 2885 -69.03 -82.91 -58.09
N GLU G 2886 -68.02 -83.13 -57.24
CA GLU G 2886 -66.89 -83.99 -57.63
C GLU G 2886 -67.37 -85.38 -58.04
N LYS G 2887 -68.05 -86.08 -57.12
CA LYS G 2887 -68.53 -87.42 -57.44
C LYS G 2887 -69.67 -87.40 -58.43
N ALA G 2888 -70.42 -86.30 -58.51
CA ALA G 2888 -71.44 -86.19 -59.54
C ALA G 2888 -70.81 -86.23 -60.93
N GLN G 2889 -69.78 -85.42 -61.14
CA GLN G 2889 -69.04 -85.45 -62.39
C GLN G 2889 -68.37 -86.80 -62.61
N ASP G 2890 -67.92 -87.43 -61.52
CA ASP G 2890 -67.38 -88.79 -61.65
C ASP G 2890 -68.43 -89.73 -62.23
N ILE G 2891 -69.59 -89.83 -61.56
CA ILE G 2891 -70.61 -90.77 -62.02
C ILE G 2891 -71.13 -90.38 -63.40
N PHE G 2892 -71.05 -89.11 -63.78
CA PHE G 2892 -71.47 -88.74 -65.12
C PHE G 2892 -70.46 -89.19 -66.15
N LYS G 2893 -69.17 -89.02 -65.86
CA LYS G 2893 -68.13 -89.72 -66.60
C LYS G 2893 -68.51 -91.17 -66.81
N PHE G 2894 -68.81 -91.85 -65.69
CA PHE G 2894 -69.07 -93.29 -65.67
C PHE G 2894 -70.32 -93.66 -66.46
N LEU G 2895 -71.32 -92.78 -66.49
CA LEU G 2895 -72.55 -93.04 -67.24
C LEU G 2895 -72.35 -92.79 -68.73
N GLN G 2896 -71.60 -91.73 -69.06
CA GLN G 2896 -71.30 -91.36 -70.42
C GLN G 2896 -70.32 -92.28 -71.14
N ILE G 2897 -69.54 -93.09 -70.43
CA ILE G 2897 -68.65 -93.97 -71.18
C ILE G 2897 -69.45 -95.01 -71.97
N SER G 2898 -70.48 -95.58 -71.35
CA SER G 2898 -71.18 -96.73 -71.93
C SER G 2898 -71.98 -96.35 -73.17
N GLY G 2899 -72.82 -95.32 -73.08
CA GLY G 2899 -73.69 -94.98 -74.19
C GLY G 2899 -75.05 -94.46 -73.76
N TYR G 2900 -75.43 -94.70 -72.52
CA TYR G 2900 -76.69 -94.17 -72.01
C TYR G 2900 -76.58 -92.65 -71.94
N VAL G 2901 -77.39 -91.96 -72.74
CA VAL G 2901 -77.56 -90.51 -72.67
C VAL G 2901 -78.89 -90.23 -72.02
N VAL G 2902 -78.91 -89.28 -71.09
CA VAL G 2902 -80.09 -88.97 -70.29
C VAL G 2902 -80.27 -87.46 -70.28
N SER G 2903 -81.52 -87.03 -70.15
CA SER G 2903 -81.84 -85.61 -70.09
C SER G 2903 -82.78 -85.38 -68.91
N ARG G 2904 -83.35 -84.17 -68.85
CA ARG G 2904 -84.26 -83.85 -67.76
C ARG G 2904 -85.52 -84.71 -67.83
N GLY G 2905 -86.27 -84.59 -68.91
CA GLY G 2905 -87.50 -85.35 -69.07
C GLY G 2905 -88.65 -84.76 -68.29
N UNK G 2916 -87.47 -66.79 -84.59
CA UNK G 2916 -88.19 -67.83 -83.86
C UNK G 2916 -88.94 -67.23 -82.68
N UNK G 2917 -88.28 -67.18 -81.52
CA UNK G 2917 -88.88 -66.63 -80.31
C UNK G 2917 -89.17 -65.15 -80.46
N UNK G 2918 -88.22 -64.43 -81.06
CA UNK G 2918 -88.38 -63.00 -81.31
C UNK G 2918 -89.54 -62.75 -82.27
N UNK G 2919 -89.64 -63.57 -83.30
CA UNK G 2919 -90.73 -63.44 -84.27
C UNK G 2919 -92.08 -63.72 -83.62
N UNK G 2920 -92.12 -64.73 -82.76
CA UNK G 2920 -93.34 -65.08 -82.03
C UNK G 2920 -93.76 -63.94 -81.11
N UNK G 2921 -92.78 -63.34 -80.43
CA UNK G 2921 -93.04 -62.21 -79.55
C UNK G 2921 -93.57 -61.02 -80.34
N UNK G 2922 -92.99 -60.78 -81.51
CA UNK G 2922 -93.42 -59.69 -82.38
C UNK G 2922 -94.85 -59.92 -82.85
N UNK G 2923 -95.17 -61.16 -83.19
CA UNK G 2923 -96.52 -61.52 -83.64
C UNK G 2923 -97.52 -61.32 -82.51
N UNK G 2924 -97.14 -61.72 -81.30
CA UNK G 2924 -97.99 -61.55 -80.13
C UNK G 2924 -98.24 -60.07 -79.86
N UNK G 2925 -97.18 -59.27 -79.99
CA UNK G 2925 -97.29 -57.84 -79.80
C UNK G 2925 -98.20 -57.21 -80.84
N UNK G 2926 -98.11 -57.70 -82.07
CA UNK G 2926 -98.95 -57.22 -83.17
C UNK G 2926 -100.42 -57.54 -82.89
N UNK G 2927 -100.66 -58.75 -82.40
CA UNK G 2927 -102.01 -59.18 -82.04
C UNK G 2927 -102.58 -58.30 -80.91
N UNK G 2928 -101.75 -58.03 -79.93
CA UNK G 2928 -102.13 -57.18 -78.81
C UNK G 2928 -102.45 -55.78 -79.29
N UNK G 2929 -101.65 -55.27 -80.21
CA UNK G 2929 -101.86 -53.95 -80.78
C UNK G 2929 -103.16 -53.89 -81.57
N UNK G 2930 -103.45 -54.96 -82.30
CA UNK G 2930 -104.70 -55.05 -83.05
C UNK G 2930 -105.90 -55.05 -82.10
N UNK G 2931 -105.79 -55.81 -81.02
CA UNK G 2931 -106.85 -55.86 -80.00
C UNK G 2931 -107.06 -54.48 -79.39
N UNK G 2932 -105.96 -53.80 -79.09
CA UNK G 2932 -106.00 -52.46 -78.51
C UNK G 2932 -106.65 -51.47 -79.48
N UNK G 2933 -106.33 -51.60 -80.76
CA UNK G 2933 -106.91 -50.74 -81.78
C UNK G 2933 -108.40 -50.96 -81.90
N UNK G 2934 -108.82 -52.23 -81.83
CA UNK G 2934 -110.23 -52.58 -81.86
C UNK G 2934 -110.96 -51.96 -80.66
N UNK G 2935 -110.35 -52.09 -79.48
CA UNK G 2935 -110.91 -51.52 -78.26
C UNK G 2935 -111.02 -50.00 -78.36
N UNK G 2936 -109.99 -49.38 -78.94
CA UNK G 2936 -109.97 -47.93 -79.11
C UNK G 2936 -111.07 -47.47 -80.06
N UNK G 2937 -111.26 -48.23 -81.14
CA UNK G 2937 -112.32 -47.94 -82.09
C UNK G 2937 -113.69 -48.04 -81.42
N UNK G 2938 -113.86 -49.09 -80.61
CA UNK G 2938 -115.10 -49.29 -79.88
C UNK G 2938 -115.37 -48.13 -78.92
N UNK G 2939 -114.32 -47.69 -78.24
CA UNK G 2939 -114.41 -46.59 -77.28
C UNK G 2939 -114.75 -45.27 -77.98
N UNK G 2940 -114.15 -45.06 -79.16
CA UNK G 2940 -114.42 -43.87 -79.94
C UNK G 2940 -115.86 -43.88 -80.45
N UNK G 2941 -116.35 -45.06 -80.77
CA UNK G 2941 -117.74 -45.22 -81.18
C UNK G 2941 -118.66 -44.92 -79.99
N UNK G 2942 -118.25 -45.33 -78.80
CA UNK G 2942 -119.01 -45.07 -77.59
C UNK G 2942 -118.93 -43.60 -77.22
N UNK G 2961 -109.46 -47.30 -70.21
CA UNK G 2961 -109.35 -47.97 -68.91
C UNK G 2961 -107.90 -48.16 -68.50
N UNK G 2962 -107.69 -48.69 -67.30
CA UNK G 2962 -106.35 -48.93 -66.79
C UNK G 2962 -105.62 -49.95 -67.65
N UNK G 2963 -106.33 -51.00 -68.04
CA UNK G 2963 -105.76 -52.05 -68.90
C UNK G 2963 -105.39 -51.47 -70.26
N UNK G 2964 -106.25 -50.60 -70.79
CA UNK G 2964 -106.00 -49.95 -72.07
C UNK G 2964 -104.76 -49.06 -71.99
N UNK G 2965 -104.64 -48.30 -70.90
CA UNK G 2965 -103.49 -47.44 -70.68
C UNK G 2965 -102.21 -48.27 -70.58
N UNK G 2966 -102.31 -49.41 -69.89
CA UNK G 2966 -101.17 -50.30 -69.72
C UNK G 2966 -100.73 -50.88 -71.07
N UNK G 2967 -101.70 -51.26 -71.89
CA UNK G 2967 -101.42 -51.80 -73.22
C UNK G 2967 -100.77 -50.73 -74.09
N UNK G 2968 -101.27 -49.50 -74.00
CA UNK G 2968 -100.70 -48.39 -74.75
C UNK G 2968 -99.25 -48.13 -74.32
N UNK G 2969 -99.01 -48.19 -73.01
CA UNK G 2969 -97.67 -48.01 -72.46
C UNK G 2969 -96.73 -49.10 -72.96
N UNK G 2970 -97.22 -50.34 -72.97
CA UNK G 2970 -96.44 -51.47 -73.45
C UNK G 2970 -96.09 -51.31 -74.93
N UNK G 2971 -97.06 -50.86 -75.72
CA UNK G 2971 -96.85 -50.63 -77.14
C UNK G 2971 -95.81 -49.54 -77.37
N UNK G 2972 -95.92 -48.46 -76.59
CA UNK G 2972 -94.96 -47.36 -76.68
C UNK G 2972 -93.56 -47.83 -76.32
N UNK G 2973 -93.46 -48.64 -75.27
CA UNK G 2973 -92.18 -49.18 -74.84
C UNK G 2973 -91.57 -50.08 -75.91
N UNK G 2974 -92.40 -50.91 -76.53
CA UNK G 2974 -91.95 -51.79 -77.60
C UNK G 2974 -91.44 -50.98 -78.78
N UNK G 2975 -92.18 -49.93 -79.12
CA UNK G 2975 -91.79 -49.04 -80.23
C UNK G 2975 -90.46 -48.36 -79.93
N UNK G 2976 -90.29 -47.89 -78.70
CA UNK G 2976 -89.06 -47.24 -78.28
C UNK G 2976 -87.88 -48.20 -78.34
N UNK G 2977 -88.12 -49.44 -77.90
CA UNK G 2977 -87.09 -50.47 -77.92
C UNK G 2977 -86.69 -50.83 -79.35
N UNK G 2978 -87.68 -50.84 -80.24
CA UNK G 2978 -87.43 -51.12 -81.65
C UNK G 2978 -86.62 -49.99 -82.28
N UNK G 2979 -86.96 -48.76 -81.92
CA UNK G 2979 -86.27 -47.59 -82.43
C UNK G 2979 -84.82 -47.55 -81.95
N UNK G 2980 -84.62 -47.92 -80.69
CA UNK G 2980 -83.28 -47.96 -80.11
C UNK G 2980 -82.50 -49.15 -80.64
N UNK G 2981 -81.50 -48.88 -81.47
CA UNK G 2981 -80.67 -49.92 -82.07
C UNK G 2981 -81.50 -50.93 -82.84
N UNK G 2982 -82.17 -50.47 -83.90
CA UNK G 2982 -82.99 -51.33 -84.74
C UNK G 2982 -82.13 -52.32 -85.50
N UNK G 2983 -81.04 -51.81 -86.10
CA UNK G 2983 -80.10 -52.61 -86.87
C UNK G 2983 -80.81 -53.38 -87.99
N UNK G 2984 -81.68 -52.68 -88.71
CA UNK G 2984 -82.41 -53.28 -89.83
C UNK G 2984 -81.46 -53.61 -90.97
N UNK G 2985 -80.36 -52.87 -91.06
CA UNK G 2985 -79.35 -53.11 -92.07
C UNK G 2985 -78.53 -54.34 -91.72
N UNK G 2986 -78.23 -54.50 -90.44
CA UNK G 2986 -77.49 -55.67 -89.97
C UNK G 2986 -78.34 -56.92 -90.12
N UNK G 2987 -79.62 -56.80 -89.77
CA UNK G 2987 -80.57 -57.90 -89.94
C UNK G 2987 -81.21 -57.81 -91.32
N UNK G 2988 -80.49 -58.27 -92.33
CA UNK G 2988 -80.98 -58.24 -93.71
C UNK G 2988 -82.26 -59.04 -93.85
N UNK G 2989 -82.30 -60.19 -93.20
CA UNK G 2989 -83.51 -61.01 -93.18
C UNK G 2989 -84.56 -60.35 -92.29
N UNK G 2990 -85.70 -60.01 -92.88
CA UNK G 2990 -86.76 -59.32 -92.16
C UNK G 2990 -87.96 -60.21 -91.91
N UNK G 2991 -88.37 -60.30 -90.65
CA UNK G 2991 -89.56 -61.07 -90.29
C UNK G 2991 -90.81 -60.27 -90.59
N UNK G 2992 -91.96 -60.92 -90.53
CA UNK G 2992 -93.24 -60.26 -90.82
C UNK G 2992 -93.59 -59.25 -89.74
N UNK G 2993 -93.68 -57.99 -90.13
CA UNK G 2993 -94.02 -56.91 -89.20
C UNK G 2993 -94.66 -55.74 -89.94
N UNK G 2994 -94.52 -55.75 -91.26
CA UNK G 2994 -95.10 -54.71 -92.10
C UNK G 2994 -96.62 -54.77 -92.02
N UNK G 2995 -97.16 -55.98 -91.90
CA UNK G 2995 -98.60 -56.18 -91.83
C UNK G 2995 -99.18 -55.58 -90.55
N UNK G 2996 -98.32 -55.36 -89.56
CA UNK G 2996 -98.74 -54.75 -88.30
C UNK G 2996 -98.48 -53.25 -88.35
N UNK G 2997 -97.35 -52.86 -88.94
CA UNK G 2997 -96.99 -51.46 -89.06
C UNK G 2997 -98.01 -50.69 -89.88
N UNK G 2998 -98.30 -51.21 -91.08
CA UNK G 2998 -99.27 -50.59 -91.97
C UNK G 2998 -100.66 -50.59 -91.34
N UNK G 2999 -100.97 -51.63 -90.57
CA UNK G 2999 -102.26 -51.71 -89.89
C UNK G 2999 -102.39 -50.60 -88.85
N UNK G 3000 -101.34 -50.40 -88.06
CA UNK G 3000 -101.33 -49.34 -87.05
C UNK G 3000 -101.42 -47.97 -87.72
N UNK G 3001 -100.71 -47.81 -88.83
CA UNK G 3001 -100.74 -46.57 -89.59
C UNK G 3001 -102.15 -46.28 -90.11
N UNK G 3002 -102.80 -47.32 -90.64
CA UNK G 3002 -104.16 -47.20 -91.15
C UNK G 3002 -105.14 -46.86 -90.03
N UNK G 3003 -104.92 -47.44 -88.86
CA UNK G 3003 -105.75 -47.13 -87.69
C UNK G 3003 -105.61 -45.65 -87.31
N UNK G 3004 -104.36 -45.20 -87.25
CA UNK G 3004 -104.07 -43.81 -86.92
C UNK G 3004 -104.68 -42.86 -87.96
N UNK G 3005 -104.69 -43.29 -89.21
CA UNK G 3005 -105.25 -42.48 -90.30
C UNK G 3005 -106.77 -42.43 -90.22
N UNK G 3006 -107.38 -43.58 -89.91
CA UNK G 3006 -108.83 -43.67 -89.75
C UNK G 3006 -109.26 -42.79 -88.58
N UNK G 3007 -108.42 -42.72 -87.56
CA UNK G 3007 -108.60 -41.75 -86.49
C UNK G 3007 -108.47 -40.34 -87.09
N UNK G 3008 -109.62 -39.69 -87.28
CA UNK G 3008 -109.68 -38.39 -87.95
C UNK G 3008 -108.77 -37.35 -87.30
N UNK G 3009 -108.76 -37.32 -85.98
CA UNK G 3009 -107.93 -36.39 -85.24
C UNK G 3009 -107.24 -37.09 -84.08
N UNK G 3010 -105.91 -37.19 -84.16
CA UNK G 3010 -105.13 -37.83 -83.11
C UNK G 3010 -105.19 -37.00 -81.83
N UNK G 3011 -105.19 -35.68 -81.99
CA UNK G 3011 -105.26 -34.74 -80.88
C UNK G 3011 -104.16 -34.98 -79.86
N UNK G 3012 -104.45 -34.68 -78.59
CA UNK G 3012 -103.50 -34.88 -77.51
C UNK G 3012 -103.79 -36.20 -76.79
N UNK G 3013 -104.44 -37.12 -77.49
CA UNK G 3013 -104.79 -38.41 -76.91
C UNK G 3013 -103.84 -39.50 -77.39
N UNK G 3014 -103.09 -39.21 -78.45
CA UNK G 3014 -102.18 -40.20 -79.02
C UNK G 3014 -100.98 -39.57 -79.73
N UNK G 3015 -100.48 -38.45 -79.19
CA UNK G 3015 -99.28 -37.84 -79.73
C UNK G 3015 -98.09 -38.79 -79.54
N UNK G 3016 -98.05 -39.42 -78.38
CA UNK G 3016 -97.04 -40.42 -78.07
C UNK G 3016 -97.15 -41.60 -79.03
N UNK G 3017 -98.38 -41.99 -79.35
CA UNK G 3017 -98.61 -43.08 -80.29
C UNK G 3017 -98.13 -42.71 -81.69
N UNK G 3018 -98.35 -41.46 -82.07
CA UNK G 3018 -97.88 -40.95 -83.36
C UNK G 3018 -96.36 -40.99 -83.44
N UNK G 3019 -95.72 -40.54 -82.37
CA UNK G 3019 -94.26 -40.56 -82.28
C UNK G 3019 -93.74 -42.00 -82.36
N UNK G 3020 -94.44 -42.91 -81.69
CA UNK G 3020 -94.08 -44.32 -81.69
C UNK G 3020 -94.22 -44.91 -83.08
N UNK G 3021 -95.26 -44.50 -83.80
CA UNK G 3021 -95.48 -44.96 -85.16
C UNK G 3021 -94.36 -44.47 -86.07
N UNK G 3022 -93.97 -43.22 -85.89
CA UNK G 3022 -92.85 -42.65 -86.64
C UNK G 3022 -91.57 -43.43 -86.40
N UNK G 3023 -91.32 -43.73 -85.13
CA UNK G 3023 -90.14 -44.49 -84.72
C UNK G 3023 -90.15 -45.90 -85.33
N UNK G 3024 -91.32 -46.53 -85.30
CA UNK G 3024 -91.48 -47.87 -85.84
C UNK G 3024 -91.24 -47.87 -87.35
N UNK G 3025 -91.72 -46.84 -88.03
CA UNK G 3025 -91.51 -46.70 -89.46
C UNK G 3025 -90.02 -46.54 -89.76
N UNK G 3026 -89.36 -45.70 -88.98
CA UNK G 3026 -87.93 -45.47 -89.14
C UNK G 3026 -87.13 -46.74 -88.90
N UNK G 3027 -87.58 -47.55 -87.95
CA UNK G 3027 -86.91 -48.80 -87.62
C UNK G 3027 -87.10 -49.84 -88.71
N UNK G 3028 -88.33 -49.94 -89.22
CA UNK G 3028 -88.66 -50.91 -90.27
C UNK G 3028 -87.99 -50.52 -91.59
N UNK G 3029 -87.73 -49.23 -91.76
CA UNK G 3029 -87.07 -48.74 -92.96
C UNK G 3029 -85.61 -49.17 -93.00
N UNK G 3104 -97.18 -53.90 -102.90
CA UNK G 3104 -96.55 -54.62 -101.79
C UNK G 3104 -97.58 -54.99 -100.74
N UNK G 3105 -98.09 -53.99 -100.03
CA UNK G 3105 -99.08 -54.22 -98.99
C UNK G 3105 -100.39 -53.51 -99.31
N UNK G 3106 -101.48 -54.27 -99.24
CA UNK G 3106 -102.82 -53.73 -99.48
C UNK G 3106 -103.13 -52.66 -98.42
N UNK G 3107 -102.70 -52.92 -97.20
CA UNK G 3107 -102.88 -51.96 -96.11
C UNK G 3107 -102.12 -50.68 -96.41
N UNK G 3108 -100.91 -50.80 -96.95
CA UNK G 3108 -100.10 -49.64 -97.30
C UNK G 3108 -100.76 -48.84 -98.43
N UNK G 3109 -101.30 -49.55 -99.41
CA UNK G 3109 -102.00 -48.90 -100.52
C UNK G 3109 -103.23 -48.14 -100.00
N UNK G 3110 -103.96 -48.77 -99.10
CA UNK G 3110 -105.13 -48.16 -98.49
C UNK G 3110 -104.73 -46.92 -97.69
N UNK G 3111 -103.61 -47.01 -96.99
CA UNK G 3111 -103.09 -45.89 -96.22
C UNK G 3111 -102.71 -44.72 -97.14
N UNK G 3112 -102.10 -45.04 -98.26
CA UNK G 3112 -101.74 -44.02 -99.24
C UNK G 3112 -102.98 -43.33 -99.80
N UNK G 3113 -103.98 -44.13 -100.11
CA UNK G 3113 -105.25 -43.60 -100.62
C UNK G 3113 -105.91 -42.70 -99.58
N UNK G 3114 -105.86 -43.13 -98.32
CA UNK G 3114 -106.43 -42.37 -97.22
C UNK G 3114 -105.67 -41.06 -97.03
N UNK G 3115 -104.35 -41.09 -97.23
CA UNK G 3115 -103.53 -39.89 -97.13
C UNK G 3115 -103.90 -38.90 -98.23
N UNK G 3116 -104.12 -39.41 -99.43
CA UNK G 3116 -104.54 -38.58 -100.56
C UNK G 3116 -105.90 -37.93 -100.28
N UNK G 3117 -106.81 -38.75 -99.76
CA UNK G 3117 -108.15 -38.28 -99.39
C UNK G 3117 -108.08 -37.22 -98.30
N UNK G 3118 -107.17 -37.42 -97.35
CA UNK G 3118 -106.98 -36.48 -96.25
C UNK G 3118 -106.41 -35.17 -96.77
N UNK G 3119 -105.52 -35.26 -97.75
CA UNK G 3119 -104.96 -34.06 -98.38
C UNK G 3119 -106.07 -33.28 -99.08
N UNK G 3120 -106.93 -34.00 -99.79
CA UNK G 3120 -108.07 -33.38 -100.46
C UNK G 3120 -109.00 -32.71 -99.46
N UNK G 3121 -109.26 -33.40 -98.35
CA UNK G 3121 -110.13 -32.88 -97.30
C UNK G 3121 -109.52 -31.65 -96.65
N UNK G 3122 -108.20 -31.64 -96.49
CA UNK G 3122 -107.49 -30.51 -95.92
C UNK G 3122 -107.59 -29.31 -96.86
N UNK G 3123 -107.47 -29.57 -98.15
CA UNK G 3123 -107.63 -28.53 -99.16
C UNK G 3123 -109.04 -27.93 -99.07
N UNK G 3124 -110.04 -28.80 -98.97
CA UNK G 3124 -111.42 -28.38 -98.85
C UNK G 3124 -111.65 -27.54 -97.59
N UNK G 3125 -111.07 -27.97 -96.48
CA UNK G 3125 -111.20 -27.27 -95.21
C UNK G 3125 -110.53 -25.90 -95.26
N UNK G 3126 -109.38 -25.82 -95.93
CA UNK G 3126 -108.66 -24.57 -96.08
C UNK G 3126 -109.45 -23.62 -96.97
N UNK G 3127 -110.14 -24.17 -97.98
CA UNK G 3127 -110.97 -23.37 -98.85
C UNK G 3127 -112.20 -22.84 -98.11
N UNK G 3128 -112.75 -23.68 -97.24
CA UNK G 3128 -113.93 -23.32 -96.46
C UNK G 3128 -113.62 -22.25 -95.43
N UNK G 3129 -112.57 -22.49 -94.63
CA UNK G 3129 -112.17 -21.53 -93.60
C UNK G 3129 -110.66 -21.59 -93.38
N UNK G 3136 -108.46 -32.06 -88.18
CA UNK G 3136 -108.92 -31.50 -89.45
C UNK G 3136 -107.75 -31.27 -90.39
N UNK G 3137 -107.54 -30.02 -90.80
CA UNK G 3137 -106.45 -29.67 -91.69
C UNK G 3137 -105.10 -29.95 -91.03
N UNK G 3138 -105.00 -29.60 -89.74
CA UNK G 3138 -103.78 -29.83 -88.98
C UNK G 3138 -103.49 -31.32 -88.86
N UNK G 3139 -104.53 -32.11 -88.61
CA UNK G 3139 -104.38 -33.56 -88.49
C UNK G 3139 -103.94 -34.17 -89.82
N UNK G 3140 -104.53 -33.68 -90.90
CA UNK G 3140 -104.17 -34.16 -92.24
C UNK G 3140 -102.72 -33.82 -92.55
N UNK G 3141 -102.30 -32.61 -92.19
CA UNK G 3141 -100.92 -32.16 -92.40
C UNK G 3141 -99.96 -33.02 -91.59
N UNK G 3142 -100.34 -33.34 -90.36
CA UNK G 3142 -99.52 -34.18 -89.49
C UNK G 3142 -99.38 -35.59 -90.07
N UNK G 3143 -100.48 -36.13 -90.58
CA UNK G 3143 -100.47 -37.45 -91.19
C UNK G 3143 -99.57 -37.47 -92.43
N UNK G 3144 -99.68 -36.41 -93.23
CA UNK G 3144 -98.85 -36.27 -94.43
C UNK G 3144 -97.37 -36.19 -94.05
N UNK G 3145 -97.08 -35.43 -92.99
CA UNK G 3145 -95.71 -35.29 -92.51
C UNK G 3145 -95.16 -36.63 -92.01
N UNK G 3146 -96.00 -37.40 -91.33
CA UNK G 3146 -95.61 -38.71 -90.85
C UNK G 3146 -95.30 -39.65 -92.01
N UNK G 3147 -96.17 -39.64 -93.02
CA UNK G 3147 -95.97 -40.44 -94.22
C UNK G 3147 -94.68 -40.06 -94.93
N UNK G 3148 -94.42 -38.76 -95.00
CA UNK G 3148 -93.22 -38.23 -95.64
C UNK G 3148 -91.97 -38.65 -94.87
N UNK G 3149 -92.05 -38.62 -93.54
CA UNK G 3149 -90.95 -39.03 -92.70
C UNK G 3149 -90.65 -40.51 -92.90
N UNK G 3150 -91.71 -41.30 -93.00
CA UNK G 3150 -91.57 -42.74 -93.26
C UNK G 3150 -90.89 -42.97 -94.61
N UNK G 3151 -91.33 -42.23 -95.62
CA UNK G 3151 -90.76 -42.34 -96.96
C UNK G 3151 -89.28 -41.93 -96.97
N UNK G 3152 -88.95 -40.91 -96.20
CA UNK G 3152 -87.58 -40.42 -96.11
C UNK G 3152 -86.68 -41.43 -95.40
N UNK G 3153 -87.22 -42.05 -94.35
CA UNK G 3153 -86.50 -43.09 -93.64
C UNK G 3153 -86.25 -44.28 -94.57
N UNK G 3154 -87.25 -44.58 -95.40
CA UNK G 3154 -87.11 -45.62 -96.40
C UNK G 3154 -86.52 -45.04 -97.68
N UNK G 3155 -85.32 -44.46 -97.56
CA UNK G 3155 -84.66 -43.84 -98.70
C UNK G 3155 -83.96 -44.87 -99.58
N UNK G 3156 -83.31 -45.84 -98.93
CA UNK G 3156 -82.61 -46.90 -99.66
C UNK G 3156 -83.60 -47.79 -100.38
N UNK G 3157 -84.76 -48.00 -99.77
CA UNK G 3157 -85.81 -48.82 -100.37
C UNK G 3157 -86.50 -48.06 -101.49
N UNK G 3158 -86.63 -48.71 -102.64
CA UNK G 3158 -87.27 -48.10 -103.80
C UNK G 3158 -88.78 -48.00 -103.60
N UNK G 3159 -89.39 -46.96 -104.14
CA UNK G 3159 -90.83 -46.76 -104.03
C UNK G 3159 -91.57 -47.74 -104.92
N UNK G 3160 -92.80 -48.08 -104.52
CA UNK G 3160 -93.62 -49.02 -105.28
C UNK G 3160 -94.24 -48.33 -106.49
N UNK G 3161 -94.37 -47.00 -106.41
CA UNK G 3161 -94.92 -46.18 -107.49
C UNK G 3161 -96.34 -46.62 -107.87
N UNK G 3162 -97.15 -46.90 -106.86
CA UNK G 3162 -98.55 -47.26 -107.09
C UNK G 3162 -99.47 -46.14 -106.60
N UNK G 3163 -100.17 -45.50 -107.53
CA UNK G 3163 -101.02 -44.35 -107.24
C UNK G 3163 -100.22 -43.20 -106.63
N UNK G 3164 -98.90 -43.25 -106.82
CA UNK G 3164 -98.01 -42.22 -106.29
C UNK G 3164 -98.28 -40.90 -107.00
N UNK G 3165 -98.59 -40.98 -108.30
CA UNK G 3165 -98.92 -39.80 -109.07
C UNK G 3165 -100.18 -39.14 -108.51
N UNK G 3166 -101.18 -39.96 -108.18
CA UNK G 3166 -102.43 -39.47 -107.61
C UNK G 3166 -102.18 -38.83 -106.24
N UNK G 3167 -101.35 -39.48 -105.43
CA UNK G 3167 -101.01 -38.96 -104.11
C UNK G 3167 -100.31 -37.61 -104.21
N UNK G 3168 -99.36 -37.51 -105.14
CA UNK G 3168 -98.62 -36.28 -105.37
C UNK G 3168 -99.55 -35.18 -105.87
N UNK G 3169 -100.49 -35.54 -106.74
CA UNK G 3169 -101.47 -34.59 -107.26
C UNK G 3169 -102.35 -34.06 -106.13
N UNK G 3170 -102.78 -34.95 -105.24
CA UNK G 3170 -103.59 -34.56 -104.10
C UNK G 3170 -102.81 -33.61 -103.19
N UNK G 3171 -101.55 -33.95 -102.93
CA UNK G 3171 -100.70 -33.12 -102.08
C UNK G 3171 -100.49 -31.73 -102.69
N UNK G 3172 -100.26 -31.69 -104.00
CA UNK G 3172 -100.08 -30.44 -104.71
C UNK G 3172 -101.35 -29.60 -104.68
N UNK G 3173 -102.49 -30.25 -104.81
CA UNK G 3173 -103.78 -29.57 -104.75
C UNK G 3173 -103.99 -28.97 -103.36
N UNK G 3174 -103.65 -29.73 -102.33
CA UNK G 3174 -103.74 -29.26 -100.96
C UNK G 3174 -102.86 -28.03 -100.74
N UNK G 3175 -101.63 -28.11 -101.24
CA UNK G 3175 -100.68 -27.01 -101.13
C UNK G 3175 -101.19 -25.76 -101.85
N UNK G 3176 -101.74 -25.96 -103.03
CA UNK G 3176 -102.29 -24.86 -103.82
C UNK G 3176 -103.47 -24.21 -103.11
N UNK G 3177 -104.32 -25.03 -102.50
CA UNK G 3177 -105.46 -24.52 -101.76
C UNK G 3177 -105.00 -23.72 -100.55
N UNK G 3178 -103.97 -24.23 -99.87
CA UNK G 3178 -103.41 -23.54 -98.71
C UNK G 3178 -102.81 -22.20 -99.10
N UNK G 3179 -102.17 -22.17 -100.26
CA UNK G 3179 -101.56 -20.94 -100.77
C UNK G 3179 -102.63 -19.93 -101.19
N UNK G 3180 -103.71 -20.43 -101.79
CA UNK G 3180 -104.79 -19.56 -102.24
C UNK G 3180 -105.55 -18.97 -101.06
N UNK G 3181 -105.81 -19.78 -100.04
CA UNK G 3181 -106.47 -19.30 -98.85
C UNK G 3181 -105.53 -18.41 -98.04
N UNK G 3182 -105.88 -17.13 -97.95
CA UNK G 3182 -105.02 -16.15 -97.27
C UNK G 3182 -104.91 -16.42 -95.78
N UNK G 3183 -103.67 -16.44 -95.28
CA UNK G 3183 -103.38 -16.64 -93.86
C UNK G 3183 -103.99 -17.93 -93.33
N UNK G 3184 -103.93 -18.99 -94.14
CA UNK G 3184 -104.47 -20.29 -93.73
C UNK G 3184 -103.34 -21.32 -93.65
N UNK G 3185 -102.15 -20.94 -94.09
CA UNK G 3185 -100.99 -21.82 -94.04
C UNK G 3185 -100.56 -22.02 -92.59
N UNK G 3186 -100.38 -20.91 -91.87
CA UNK G 3186 -99.99 -20.91 -90.46
C UNK G 3186 -98.71 -21.71 -90.23
N UNK G 3187 -97.74 -21.54 -91.12
CA UNK G 3187 -96.47 -22.27 -91.06
C UNK G 3187 -96.70 -23.77 -91.00
N UNK G 3188 -97.50 -24.27 -91.94
CA UNK G 3188 -97.86 -25.68 -91.98
C UNK G 3188 -96.65 -26.57 -92.22
N UNK G 3189 -96.73 -27.82 -91.75
CA UNK G 3189 -95.65 -28.78 -91.94
C UNK G 3189 -95.77 -29.45 -93.31
N UNK G 3190 -96.68 -28.95 -94.13
CA UNK G 3190 -96.88 -29.47 -95.47
C UNK G 3190 -95.63 -29.24 -96.31
N UNK G 3191 -94.94 -28.13 -96.07
CA UNK G 3191 -93.70 -27.81 -96.76
C UNK G 3191 -92.64 -28.86 -96.44
N UNK G 3192 -92.50 -29.17 -95.16
CA UNK G 3192 -91.54 -30.18 -94.71
C UNK G 3192 -91.91 -31.56 -95.28
N UNK G 3193 -93.20 -31.83 -95.33
CA UNK G 3193 -93.69 -33.10 -95.88
C UNK G 3193 -93.32 -33.23 -97.35
N UNK G 3194 -93.52 -32.14 -98.09
CA UNK G 3194 -93.17 -32.12 -99.51
C UNK G 3194 -91.67 -32.26 -99.70
N UNK G 3195 -90.90 -31.62 -98.83
CA UNK G 3195 -89.45 -31.71 -98.88
C UNK G 3195 -88.98 -33.15 -98.65
N UNK G 3196 -89.63 -33.82 -97.71
CA UNK G 3196 -89.25 -35.19 -97.36
C UNK G 3196 -89.70 -36.21 -98.40
N UNK G 3197 -90.85 -35.97 -99.03
CA UNK G 3197 -91.41 -36.91 -99.99
C UNK G 3197 -91.20 -36.46 -101.43
N UNK G 3198 -90.31 -35.49 -101.64
CA UNK G 3198 -90.00 -34.99 -102.98
C UNK G 3198 -89.35 -36.07 -103.83
N UNK G 3199 -88.50 -36.88 -103.20
CA UNK G 3199 -87.83 -37.97 -103.90
C UNK G 3199 -88.81 -39.09 -104.21
N UNK G 3200 -89.24 -39.15 -105.47
CA UNK G 3200 -90.18 -40.18 -105.91
C UNK G 3200 -89.72 -40.79 -107.23
N UNK G 3201 -90.48 -41.78 -107.71
CA UNK G 3201 -90.16 -42.44 -108.96
C UNK G 3201 -90.46 -41.53 -110.15
N UNK G 3202 -91.42 -40.64 -109.98
CA UNK G 3202 -91.80 -39.71 -111.04
C UNK G 3202 -92.18 -38.36 -110.45
N UNK G 3231 -89.53 -40.36 -114.32
CA UNK G 3231 -88.28 -40.26 -115.06
C UNK G 3231 -88.25 -38.98 -115.88
N UNK G 3232 -88.68 -39.07 -117.13
CA UNK G 3232 -88.69 -37.91 -118.03
C UNK G 3232 -89.68 -36.85 -117.56
N UNK G 3233 -90.86 -37.32 -117.14
CA UNK G 3233 -91.89 -36.41 -116.63
C UNK G 3233 -91.40 -35.73 -115.35
N UNK G 3234 -90.73 -36.50 -114.50
CA UNK G 3234 -90.15 -35.96 -113.27
C UNK G 3234 -89.10 -34.91 -113.58
N UNK G 3235 -88.28 -35.18 -114.58
CA UNK G 3235 -87.24 -34.24 -115.00
C UNK G 3235 -87.85 -32.95 -115.54
N UNK G 3236 -88.92 -33.08 -116.32
CA UNK G 3236 -89.62 -31.92 -116.88
C UNK G 3236 -90.23 -31.08 -115.76
N UNK G 3237 -90.85 -31.74 -114.80
CA UNK G 3237 -91.44 -31.06 -113.64
C UNK G 3237 -90.36 -30.33 -112.85
N UNK G 3238 -89.21 -30.99 -112.69
CA UNK G 3238 -88.08 -30.40 -111.98
C UNK G 3238 -87.57 -29.16 -112.71
N UNK G 3239 -87.51 -29.24 -114.03
CA UNK G 3239 -87.06 -28.11 -114.84
C UNK G 3239 -88.03 -26.94 -114.71
N UNK G 3240 -89.32 -27.23 -114.73
CA UNK G 3240 -90.35 -26.20 -114.56
C UNK G 3240 -90.22 -25.53 -113.19
N UNK G 3241 -90.03 -26.36 -112.17
CA UNK G 3241 -89.85 -25.87 -110.80
C UNK G 3241 -88.60 -24.99 -110.69
N UNK G 3242 -87.54 -25.40 -111.37
CA UNK G 3242 -86.29 -24.66 -111.38
C UNK G 3242 -86.47 -23.30 -112.06
N UNK G 3243 -87.24 -23.28 -113.15
CA UNK G 3243 -87.54 -22.04 -113.85
C UNK G 3243 -88.33 -21.10 -112.93
N UNK G 3244 -89.32 -21.66 -112.25
CA UNK G 3244 -90.13 -20.88 -111.31
C UNK G 3244 -89.27 -20.31 -110.18
N UNK G 3245 -88.34 -21.13 -109.69
CA UNK G 3245 -87.45 -20.74 -108.61
C UNK G 3245 -86.50 -19.63 -109.07
N UNK G 3246 -86.04 -19.74 -110.32
CA UNK G 3246 -85.17 -18.72 -110.89
C UNK G 3246 -85.92 -17.40 -111.00
N UNK G 3247 -87.18 -17.49 -111.42
CA UNK G 3247 -88.03 -16.30 -111.50
C UNK G 3247 -88.21 -15.67 -110.12
N UNK G 3248 -88.48 -16.50 -109.12
CA UNK G 3248 -88.66 -16.03 -107.75
C UNK G 3248 -87.38 -15.39 -107.20
N UNK G 3249 -86.23 -15.94 -107.57
CA UNK G 3249 -84.95 -15.44 -107.13
C UNK G 3249 -84.64 -14.10 -107.79
N UNK G 3250 -85.02 -13.97 -109.06
CA UNK G 3250 -84.88 -12.71 -109.76
C UNK G 3250 -85.77 -11.67 -109.09
N UNK G 3251 -86.94 -12.12 -108.65
CA UNK G 3251 -87.85 -11.28 -107.86
C UNK G 3251 -87.26 -11.03 -106.48
N UNK G 3252 -87.83 -10.06 -105.76
CA UNK G 3252 -87.31 -9.70 -104.44
C UNK G 3252 -87.75 -10.71 -103.37
N UNK G 3253 -89.06 -10.85 -103.19
CA UNK G 3253 -89.64 -11.74 -102.19
C UNK G 3253 -89.10 -11.42 -100.79
N UNK G 3254 -89.39 -10.21 -100.32
CA UNK G 3254 -88.92 -9.77 -99.02
C UNK G 3254 -90.00 -9.98 -97.95
N UNK G 3255 -91.24 -10.15 -98.39
CA UNK G 3255 -92.36 -10.37 -97.48
C UNK G 3255 -92.28 -11.77 -96.87
N UNK G 3256 -92.91 -11.93 -95.71
CA UNK G 3256 -92.89 -13.21 -95.00
C UNK G 3256 -93.63 -14.29 -95.79
N UNK G 3257 -94.78 -13.94 -96.34
CA UNK G 3257 -95.57 -14.88 -97.13
C UNK G 3257 -94.81 -15.31 -98.38
N UNK G 3258 -94.20 -14.34 -99.06
CA UNK G 3258 -93.41 -14.62 -100.25
C UNK G 3258 -92.22 -15.51 -99.90
N UNK G 3259 -91.60 -15.24 -98.76
CA UNK G 3259 -90.48 -16.03 -98.29
C UNK G 3259 -90.89 -17.47 -98.02
N UNK G 3260 -92.05 -17.64 -97.39
CA UNK G 3260 -92.59 -18.96 -97.10
C UNK G 3260 -92.90 -19.72 -98.39
N UNK G 3261 -93.47 -19.01 -99.36
CA UNK G 3261 -93.78 -19.60 -100.66
C UNK G 3261 -92.50 -20.05 -101.37
N UNK G 3262 -91.49 -19.20 -101.33
CA UNK G 3262 -90.19 -19.52 -101.94
C UNK G 3262 -89.55 -20.71 -101.25
N UNK G 3263 -89.70 -20.78 -99.92
CA UNK G 3263 -89.16 -21.89 -99.15
C UNK G 3263 -89.85 -23.20 -99.53
N UNK G 3264 -91.17 -23.14 -99.69
CA UNK G 3264 -91.94 -24.30 -100.11
C UNK G 3264 -91.52 -24.76 -101.51
N UNK G 3265 -91.31 -23.79 -102.40
CA UNK G 3265 -90.86 -24.07 -103.76
C UNK G 3265 -89.49 -24.74 -103.75
N UNK G 3266 -88.60 -24.23 -102.92
CA UNK G 3266 -87.25 -24.78 -102.79
C UNK G 3266 -87.31 -26.20 -102.24
N UNK G 3267 -88.19 -26.42 -101.26
CA UNK G 3267 -88.37 -27.74 -100.66
C UNK G 3267 -88.88 -28.73 -101.70
N UNK G 3268 -89.77 -28.27 -102.56
CA UNK G 3268 -90.33 -29.11 -103.62
C UNK G 3268 -89.28 -29.41 -104.69
N UNK G 3269 -88.43 -28.43 -104.97
CA UNK G 3269 -87.42 -28.58 -106.02
C UNK G 3269 -86.20 -29.35 -105.53
N UNK G 3270 -86.06 -29.47 -104.21
CA UNK G 3270 -84.93 -30.20 -103.62
C UNK G 3270 -84.89 -31.66 -104.06
N UNK G 3271 -83.70 -32.25 -103.97
CA UNK G 3271 -83.46 -33.66 -104.31
C UNK G 3271 -83.72 -33.97 -105.78
N UNK G 3272 -83.91 -32.94 -106.59
CA UNK G 3272 -84.15 -33.13 -108.02
C UNK G 3272 -82.91 -33.70 -108.70
N UNK G 3273 -81.74 -33.29 -108.23
CA UNK G 3273 -80.48 -33.78 -108.77
C UNK G 3273 -80.18 -35.18 -108.24
N UNK G 3274 -80.62 -35.44 -107.01
CA UNK G 3274 -80.41 -36.75 -106.40
C UNK G 3274 -81.28 -37.81 -107.07
N UNK G 3275 -82.48 -37.41 -107.47
CA UNK G 3275 -83.40 -38.32 -108.15
C UNK G 3275 -83.11 -38.35 -109.65
N UNK G 3276 -81.85 -38.63 -109.99
CA UNK G 3276 -81.44 -38.70 -111.39
C UNK G 3276 -80.74 -40.02 -111.68
N UNK G 3277 -80.60 -40.34 -112.96
CA UNK G 3277 -79.96 -41.58 -113.38
C UNK G 3277 -78.53 -41.33 -113.86
N UNK G 3278 -77.56 -41.84 -113.11
CA UNK G 3278 -76.14 -41.71 -113.45
C UNK G 3278 -75.72 -40.26 -113.61
N UNK G 3279 -76.34 -39.37 -112.83
CA UNK G 3279 -76.04 -37.94 -112.86
C UNK G 3279 -76.16 -37.37 -114.27
N UNK G 3280 -77.35 -37.46 -114.84
CA UNK G 3280 -77.60 -36.97 -116.20
C UNK G 3280 -77.51 -35.45 -116.26
N UNK G 3281 -78.03 -34.79 -115.25
CA UNK G 3281 -78.01 -33.33 -115.19
C UNK G 3281 -77.22 -32.83 -113.99
N UNK G 3282 -76.08 -32.20 -114.27
CA UNK G 3282 -75.23 -31.66 -113.22
C UNK G 3282 -75.06 -30.15 -113.39
N UNK G 3283 -74.99 -29.71 -114.64
CA UNK G 3283 -74.82 -28.29 -114.95
C UNK G 3283 -76.04 -27.48 -114.49
N UNK G 3284 -77.24 -28.03 -114.72
CA UNK G 3284 -78.47 -27.38 -114.32
C UNK G 3284 -78.54 -27.27 -112.80
N UNK G 3285 -78.14 -28.33 -112.12
CA UNK G 3285 -78.12 -28.36 -110.66
C UNK G 3285 -77.13 -27.31 -110.13
N UNK G 3286 -75.98 -27.22 -110.78
CA UNK G 3286 -74.96 -26.24 -110.39
C UNK G 3286 -75.47 -24.82 -110.59
N UNK G 3287 -76.18 -24.59 -111.70
CA UNK G 3287 -76.76 -23.28 -111.98
C UNK G 3287 -77.80 -22.90 -110.92
N UNK G 3288 -78.65 -23.87 -110.58
CA UNK G 3288 -79.66 -23.66 -109.55
C UNK G 3288 -79.01 -23.35 -108.21
N UNK G 3289 -77.93 -24.06 -107.91
CA UNK G 3289 -77.18 -23.85 -106.67
C UNK G 3289 -76.58 -22.45 -106.63
N UNK G 3290 -76.03 -22.01 -107.77
CA UNK G 3290 -75.46 -20.67 -107.87
C UNK G 3290 -76.53 -19.61 -107.67
N UNK G 3291 -77.69 -19.84 -108.26
CA UNK G 3291 -78.83 -18.92 -108.11
C UNK G 3291 -79.25 -18.83 -106.65
N UNK G 3292 -79.34 -19.98 -106.00
CA UNK G 3292 -79.72 -20.04 -104.59
C UNK G 3292 -78.69 -19.33 -103.72
N UNK G 3293 -77.42 -19.52 -104.04
CA UNK G 3293 -76.32 -18.88 -103.31
C UNK G 3293 -76.40 -17.37 -103.46
N UNK G 3294 -76.72 -16.90 -104.66
CA UNK G 3294 -76.87 -15.47 -104.91
C UNK G 3294 -78.05 -14.91 -104.10
N UNK G 3295 -79.15 -15.66 -104.11
CA UNK G 3295 -80.34 -15.26 -103.37
C UNK G 3295 -80.06 -15.18 -101.87
N UNK G 3296 -79.24 -16.09 -101.38
CA UNK G 3296 -78.87 -16.12 -99.96
C UNK G 3296 -77.92 -14.98 -99.62
N UNK G 3297 -76.99 -14.69 -100.53
CA UNK G 3297 -76.03 -13.61 -100.35
C UNK G 3297 -76.77 -12.27 -100.34
N UNK G 3298 -77.86 -12.20 -101.09
CA UNK G 3298 -78.73 -11.03 -101.06
C UNK G 3298 -79.24 -10.80 -99.65
N UNK G 3299 -79.35 -9.54 -99.24
CA UNK G 3299 -79.74 -9.19 -97.88
C UNK G 3299 -81.13 -9.72 -97.53
N UNK G 3300 -81.22 -10.40 -96.39
CA UNK G 3300 -82.48 -10.97 -95.93
C UNK G 3300 -82.81 -10.51 -94.52
N UNK G 3301 -84.08 -10.27 -94.26
CA UNK G 3301 -84.54 -9.82 -92.95
C UNK G 3301 -84.54 -10.97 -91.96
N UNK G 3302 -84.25 -10.65 -90.70
CA UNK G 3302 -84.20 -11.66 -89.64
C UNK G 3302 -85.55 -11.80 -88.96
N UNK G 3303 -86.55 -11.10 -89.48
CA UNK G 3303 -87.90 -11.15 -88.90
C UNK G 3303 -88.89 -11.74 -89.89
N UNK G 3304 -88.40 -12.16 -91.04
CA UNK G 3304 -89.25 -12.74 -92.07
C UNK G 3304 -88.52 -13.82 -92.87
N UNK G 3305 -87.24 -13.60 -93.12
CA UNK G 3305 -86.43 -14.53 -93.91
C UNK G 3305 -85.42 -15.26 -93.05
N UNK G 3306 -85.56 -15.18 -91.73
CA UNK G 3306 -84.66 -15.87 -90.82
C UNK G 3306 -84.81 -17.37 -90.95
N UNK G 3307 -86.06 -17.84 -90.96
CA UNK G 3307 -86.35 -19.26 -91.13
C UNK G 3307 -85.88 -19.73 -92.49
N UNK G 3308 -86.02 -18.88 -93.51
CA UNK G 3308 -85.58 -19.20 -94.86
C UNK G 3308 -84.07 -19.39 -94.90
N UNK G 3309 -83.34 -18.48 -94.24
CA UNK G 3309 -81.89 -18.56 -94.18
C UNK G 3309 -81.46 -19.81 -93.42
N UNK G 3310 -82.18 -20.12 -92.35
CA UNK G 3310 -81.89 -21.33 -91.57
C UNK G 3310 -82.06 -22.58 -92.42
N UNK G 3311 -83.15 -22.63 -93.17
CA UNK G 3311 -83.43 -23.76 -94.05
C UNK G 3311 -82.38 -23.88 -95.15
N UNK G 3312 -81.95 -22.73 -95.68
CA UNK G 3312 -80.92 -22.70 -96.71
C UNK G 3312 -79.59 -23.22 -96.19
N UNK G 3313 -79.26 -22.84 -94.96
CA UNK G 3313 -78.03 -23.29 -94.32
C UNK G 3313 -78.09 -24.78 -94.02
N UNK G 3314 -79.28 -25.25 -93.65
CA UNK G 3314 -79.48 -26.67 -93.34
C UNK G 3314 -79.35 -27.52 -94.61
N UNK G 3315 -79.96 -27.04 -95.70
CA UNK G 3315 -79.93 -27.77 -96.96
C UNK G 3315 -78.61 -27.56 -97.69
N UNK G 3316 -77.76 -28.57 -97.70
CA UNK G 3316 -76.47 -28.50 -98.38
C UNK G 3316 -76.50 -29.37 -99.64
N UNK G 3317 -77.70 -29.72 -100.09
CA UNK G 3317 -77.86 -30.55 -101.28
C UNK G 3317 -77.51 -29.76 -102.53
N UNK G 3318 -77.66 -28.44 -102.46
CA UNK G 3318 -77.35 -27.58 -103.58
C UNK G 3318 -75.84 -27.50 -103.81
N UNK G 3319 -75.09 -27.35 -102.72
CA UNK G 3319 -73.64 -27.27 -102.78
C UNK G 3319 -73.02 -28.58 -103.26
N UNK G 3320 -73.73 -29.68 -103.01
CA UNK G 3320 -73.27 -31.00 -103.44
C UNK G 3320 -73.46 -31.17 -104.94
N UNK G 3321 -72.60 -32.00 -105.54
CA UNK G 3321 -72.65 -32.29 -106.97
C UNK G 3321 -72.55 -31.02 -107.82
N UNK G 3322 -71.54 -30.20 -107.53
CA UNK G 3322 -71.33 -28.96 -108.25
C UNK G 3322 -70.00 -28.99 -109.01
N UNK G 3323 -69.99 -28.41 -110.20
CA UNK G 3323 -68.79 -28.39 -111.03
C UNK G 3323 -67.74 -27.43 -110.47
N UNK G 3324 -66.49 -27.60 -110.89
CA UNK G 3324 -65.38 -26.80 -110.38
C UNK G 3324 -65.49 -25.33 -110.75
N UNK G 3325 -65.95 -25.05 -111.97
CA UNK G 3325 -66.13 -23.67 -112.41
C UNK G 3325 -67.32 -23.03 -111.68
N UNK G 3326 -68.39 -23.81 -111.54
CA UNK G 3326 -69.55 -23.39 -110.78
C UNK G 3326 -69.12 -23.21 -109.33
N UNK G 3327 -68.23 -24.06 -108.85
CA UNK G 3327 -67.68 -23.96 -107.50
C UNK G 3327 -66.89 -22.66 -107.34
N UNK G 3328 -66.15 -22.27 -108.37
CA UNK G 3328 -65.37 -21.04 -108.34
C UNK G 3328 -66.28 -19.81 -108.30
N UNK G 3329 -67.33 -19.86 -109.12
CA UNK G 3329 -68.32 -18.79 -109.12
C UNK G 3329 -68.99 -18.66 -107.75
N UNK G 3330 -69.35 -19.80 -107.18
CA UNK G 3330 -69.96 -19.85 -105.86
C UNK G 3330 -68.98 -19.35 -104.81
N UNK G 3331 -67.70 -19.63 -104.98
CA UNK G 3331 -66.67 -19.17 -104.05
C UNK G 3331 -66.52 -17.67 -104.10
N UNK G 3332 -66.59 -17.10 -105.29
CA UNK G 3332 -66.55 -15.65 -105.46
C UNK G 3332 -67.76 -15.00 -104.77
N UNK G 3333 -68.93 -15.57 -105.03
CA UNK G 3333 -70.16 -15.09 -104.42
C UNK G 3333 -70.09 -15.17 -102.90
N UNK G 3334 -69.53 -16.27 -102.40
CA UNK G 3334 -69.39 -16.50 -100.98
C UNK G 3334 -68.39 -15.54 -100.37
N UNK G 3335 -67.35 -15.19 -101.12
CA UNK G 3335 -66.37 -14.21 -100.66
C UNK G 3335 -67.05 -12.86 -100.50
N UNK G 3336 -67.86 -12.50 -101.48
CA UNK G 3336 -68.63 -11.25 -101.42
C UNK G 3336 -69.57 -11.24 -100.20
N UNK G 3337 -70.30 -12.34 -100.03
CA UNK G 3337 -71.24 -12.46 -98.92
C UNK G 3337 -70.53 -12.42 -97.57
N UNK G 3338 -69.34 -13.02 -97.50
CA UNK G 3338 -68.56 -13.06 -96.27
C UNK G 3338 -68.02 -11.68 -95.97
N UNK G 3339 -67.64 -10.93 -97.00
CA UNK G 3339 -67.21 -9.55 -96.82
C UNK G 3339 -68.36 -8.74 -96.24
N UNK G 3340 -69.54 -8.93 -96.79
CA UNK G 3340 -70.74 -8.26 -96.31
C UNK G 3340 -71.03 -8.60 -94.83
N UNK G 3341 -70.93 -9.89 -94.51
CA UNK G 3341 -71.18 -10.38 -93.17
C UNK G 3341 -70.15 -9.83 -92.18
N UNK G 3342 -68.90 -9.75 -92.61
CA UNK G 3342 -67.83 -9.21 -91.79
C UNK G 3342 -68.06 -7.73 -91.54
N UNK G 3343 -68.52 -7.02 -92.56
CA UNK G 3343 -68.86 -5.60 -92.42
C UNK G 3343 -69.98 -5.42 -91.39
N UNK G 3344 -71.00 -6.27 -91.50
CA UNK G 3344 -72.13 -6.24 -90.58
C UNK G 3344 -71.67 -6.50 -89.14
N UNK G 3345 -70.83 -7.51 -88.98
CA UNK G 3345 -70.30 -7.88 -87.67
C UNK G 3345 -69.46 -6.75 -87.07
N UNK G 3346 -68.66 -6.10 -87.93
CA UNK G 3346 -67.82 -4.99 -87.50
C UNK G 3346 -68.68 -3.83 -87.06
N UNK G 3347 -69.76 -3.57 -87.81
CA UNK G 3347 -70.69 -2.50 -87.45
C UNK G 3347 -71.34 -2.80 -86.10
N UNK G 3348 -71.73 -4.05 -85.90
CA UNK G 3348 -72.33 -4.46 -84.64
C UNK G 3348 -71.36 -4.29 -83.47
N UNK G 3349 -70.11 -4.69 -83.69
CA UNK G 3349 -69.07 -4.57 -82.67
C UNK G 3349 -68.80 -3.11 -82.34
N UNK G 3350 -68.79 -2.26 -83.35
CA UNK G 3350 -68.58 -0.83 -83.16
C UNK G 3350 -69.73 -0.23 -82.36
N UNK G 3351 -70.95 -0.63 -82.69
CA UNK G 3351 -72.14 -0.18 -81.97
C UNK G 3351 -72.05 -0.60 -80.52
N UNK G 3352 -71.61 -1.84 -80.29
CA UNK G 3352 -71.46 -2.37 -78.93
C UNK G 3352 -70.43 -1.56 -78.14
N UNK G 3353 -69.29 -1.28 -78.78
CA UNK G 3353 -68.21 -0.52 -78.14
C UNK G 3353 -68.65 0.90 -77.83
N UNK G 3354 -69.49 1.47 -78.70
CA UNK G 3354 -69.98 2.83 -78.50
C UNK G 3354 -71.05 2.89 -77.41
N UNK G 3355 -71.85 1.83 -77.30
CA UNK G 3355 -72.92 1.78 -76.31
C UNK G 3355 -72.39 1.37 -74.94
N UNK G 3356 -71.20 0.75 -74.92
CA UNK G 3356 -70.58 0.32 -73.68
C UNK G 3356 -70.22 1.53 -72.81
N UNK G 3357 -71.11 1.86 -71.87
CA UNK G 3357 -70.89 2.99 -70.98
C UNK G 3357 -71.54 2.74 -69.62
N UNK G 3358 -71.92 3.81 -68.94
CA UNK G 3358 -72.54 3.72 -67.63
C UNK G 3358 -74.02 3.34 -67.74
N UNK G 3359 -74.60 3.59 -68.91
CA UNK G 3359 -76.01 3.28 -69.15
C UNK G 3359 -76.23 1.78 -69.27
N UNK G 3360 -77.49 1.37 -69.20
CA UNK G 3360 -77.84 -0.04 -69.27
C UNK G 3360 -78.69 -0.36 -70.49
N UNK G 3361 -79.52 0.60 -70.91
CA UNK G 3361 -80.38 0.41 -72.08
C UNK G 3361 -79.54 0.28 -73.35
N UNK G 3362 -78.56 1.15 -73.49
CA UNK G 3362 -77.65 1.10 -74.63
C UNK G 3362 -76.89 -0.22 -74.64
N UNK G 3363 -76.47 -0.67 -73.46
CA UNK G 3363 -75.76 -1.93 -73.32
C UNK G 3363 -76.63 -3.11 -73.76
N UNK G 3364 -77.89 -3.10 -73.35
CA UNK G 3364 -78.83 -4.16 -73.70
C UNK G 3364 -79.10 -4.17 -75.21
N UNK G 3365 -79.27 -2.99 -75.79
CA UNK G 3365 -79.50 -2.86 -77.22
C UNK G 3365 -78.29 -3.39 -78.00
N UNK G 3366 -77.10 -3.03 -77.51
CA UNK G 3366 -75.85 -3.48 -78.12
C UNK G 3366 -75.73 -4.99 -78.05
N UNK G 3367 -76.08 -5.57 -76.90
CA UNK G 3367 -76.03 -7.01 -76.71
C UNK G 3367 -76.98 -7.71 -77.67
N UNK G 3368 -78.19 -7.17 -77.81
CA UNK G 3368 -79.18 -7.74 -78.71
C UNK G 3368 -78.69 -7.70 -80.16
N UNK G 3369 -78.17 -6.55 -80.57
CA UNK G 3369 -77.65 -6.37 -81.92
C UNK G 3369 -76.49 -7.32 -82.20
N UNK G 3370 -75.61 -7.46 -81.21
CA UNK G 3370 -74.46 -8.35 -81.32
C UNK G 3370 -74.91 -9.80 -81.44
N UNK G 3371 -75.94 -10.17 -80.68
CA UNK G 3371 -76.48 -11.53 -80.73
C UNK G 3371 -77.05 -11.81 -82.12
N UNK G 3372 -77.82 -10.88 -82.64
CA UNK G 3372 -78.41 -11.02 -83.97
C UNK G 3372 -77.33 -11.16 -85.04
N UNK G 3373 -76.33 -10.27 -84.98
CA UNK G 3373 -75.24 -10.26 -85.93
C UNK G 3373 -74.43 -11.55 -85.85
N UNK G 3374 -74.23 -12.06 -84.64
CA UNK G 3374 -73.47 -13.27 -84.42
C UNK G 3374 -74.22 -14.47 -84.98
N UNK G 3375 -75.54 -14.50 -84.79
CA UNK G 3375 -76.35 -15.57 -85.34
C UNK G 3375 -76.26 -15.57 -86.87
N UNK G 3376 -76.40 -14.37 -87.44
CA UNK G 3376 -76.29 -14.20 -88.90
C UNK G 3376 -74.93 -14.68 -89.42
N UNK G 3377 -73.88 -14.27 -88.72
CA UNK G 3377 -72.51 -14.62 -89.10
C UNK G 3377 -72.28 -16.11 -88.98
N UNK G 3378 -72.86 -16.73 -87.96
CA UNK G 3378 -72.72 -18.17 -87.76
C UNK G 3378 -73.39 -18.92 -88.90
N UNK G 3379 -74.59 -18.47 -89.28
CA UNK G 3379 -75.30 -19.07 -90.40
C UNK G 3379 -74.49 -18.94 -91.69
N UNK G 3380 -73.98 -17.74 -91.92
CA UNK G 3380 -73.18 -17.45 -93.11
C UNK G 3380 -71.91 -18.31 -93.15
N UNK G 3381 -71.27 -18.47 -91.99
CA UNK G 3381 -70.05 -19.25 -91.89
C UNK G 3381 -70.33 -20.72 -92.14
N UNK G 3382 -71.46 -21.22 -91.62
CA UNK G 3382 -71.87 -22.60 -91.86
C UNK G 3382 -72.08 -22.82 -93.35
N UNK G 3383 -72.76 -21.89 -93.99
CA UNK G 3383 -73.01 -21.97 -95.43
C UNK G 3383 -71.69 -21.97 -96.21
N UNK G 3384 -70.79 -21.06 -95.85
CA UNK G 3384 -69.51 -20.92 -96.51
C UNK G 3384 -68.67 -22.18 -96.34
N UNK G 3385 -68.77 -22.80 -95.17
CA UNK G 3385 -68.04 -24.03 -94.88
C UNK G 3385 -68.59 -25.18 -95.73
N UNK G 3386 -69.92 -25.27 -95.80
CA UNK G 3386 -70.56 -26.28 -96.62
C UNK G 3386 -70.17 -26.12 -98.09
N UNK G 3387 -69.98 -24.87 -98.50
CA UNK G 3387 -69.58 -24.57 -99.88
C UNK G 3387 -68.13 -24.92 -100.16
N UNK G 3388 -67.23 -24.48 -99.28
CA UNK G 3388 -65.79 -24.66 -99.48
C UNK G 3388 -65.30 -26.04 -99.05
N UNK G 3389 -66.21 -26.86 -98.53
CA UNK G 3389 -65.86 -28.22 -98.14
C UNK G 3389 -65.53 -29.06 -99.37
N UNK G 3390 -66.09 -28.68 -100.51
CA UNK G 3390 -65.85 -29.39 -101.77
C UNK G 3390 -64.72 -28.73 -102.55
N UNK G 3391 -64.55 -27.42 -102.37
CA UNK G 3391 -63.52 -26.67 -103.07
C UNK G 3391 -62.13 -27.07 -102.59
N UNK G 3392 -61.99 -27.25 -101.28
CA UNK G 3392 -60.71 -27.64 -100.69
C UNK G 3392 -60.45 -29.12 -100.93
N UNK G 3393 -61.51 -29.89 -101.13
CA UNK G 3393 -61.40 -31.32 -101.37
C UNK G 3393 -61.06 -31.61 -102.82
N UNK G 3394 -61.54 -30.75 -103.72
CA UNK G 3394 -61.28 -30.92 -105.15
C UNK G 3394 -59.84 -30.54 -105.49
N UNK G 3395 -59.39 -29.41 -104.96
CA UNK G 3395 -58.04 -28.93 -105.21
C UNK G 3395 -57.32 -28.61 -103.90
N UNK G 3396 -56.22 -29.30 -103.65
CA UNK G 3396 -55.44 -29.08 -102.44
C UNK G 3396 -54.61 -27.81 -102.56
N UNK G 3397 -54.33 -27.42 -103.80
CA UNK G 3397 -53.55 -26.20 -104.06
C UNK G 3397 -53.89 -25.63 -105.42
N UNK G 3398 -54.22 -24.34 -105.45
CA UNK G 3398 -54.57 -23.66 -106.69
C UNK G 3398 -54.34 -22.16 -106.58
N UNK G 3399 -54.11 -21.51 -107.72
CA UNK G 3399 -53.89 -20.08 -107.76
C UNK G 3399 -55.21 -19.34 -107.95
N UNK G 3400 -56.16 -19.62 -107.05
CA UNK G 3400 -57.49 -19.01 -107.13
C UNK G 3400 -57.57 -17.79 -106.22
N UNK G 3401 -57.55 -16.61 -106.84
CA UNK G 3401 -57.65 -15.35 -106.10
C UNK G 3401 -58.99 -15.26 -105.37
N UNK G 3402 -60.04 -15.74 -106.02
CA UNK G 3402 -61.37 -15.74 -105.43
C UNK G 3402 -61.39 -16.59 -104.16
N UNK G 3403 -60.83 -17.80 -104.24
CA UNK G 3403 -60.78 -18.70 -103.10
C UNK G 3403 -59.92 -18.11 -101.99
N UNK G 3404 -58.82 -17.46 -102.36
CA UNK G 3404 -57.94 -16.82 -101.39
C UNK G 3404 -58.68 -15.72 -100.64
N UNK G 3405 -59.41 -14.89 -101.39
CA UNK G 3405 -60.18 -13.80 -100.80
C UNK G 3405 -61.28 -14.34 -99.90
N UNK G 3406 -61.92 -15.43 -100.33
CA UNK G 3406 -62.96 -16.07 -99.54
C UNK G 3406 -62.39 -16.57 -98.21
N UNK G 3407 -61.23 -17.22 -98.27
CA UNK G 3407 -60.57 -17.73 -97.08
C UNK G 3407 -60.18 -16.58 -96.14
N UNK G 3408 -59.68 -15.49 -96.72
CA UNK G 3408 -59.29 -14.32 -95.94
C UNK G 3408 -60.51 -13.72 -95.22
N UNK G 3409 -61.61 -13.61 -95.95
CA UNK G 3409 -62.84 -13.06 -95.39
C UNK G 3409 -63.38 -13.97 -94.27
N UNK G 3410 -63.29 -15.28 -94.50
CA UNK G 3410 -63.73 -16.26 -93.50
C UNK G 3410 -62.90 -16.13 -92.23
N UNK G 3411 -61.59 -15.97 -92.38
CA UNK G 3411 -60.69 -15.80 -91.25
C UNK G 3411 -61.00 -14.52 -90.49
N UNK G 3412 -61.22 -13.43 -91.24
CA UNK G 3412 -61.54 -12.14 -90.64
C UNK G 3412 -62.85 -12.19 -89.88
N UNK G 3413 -63.80 -12.96 -90.39
CA UNK G 3413 -65.11 -13.10 -89.75
C UNK G 3413 -65.00 -13.99 -88.50
N UNK G 3414 -64.17 -15.02 -88.58
CA UNK G 3414 -64.00 -15.94 -87.47
C UNK G 3414 -63.18 -15.32 -86.34
N UNK G 3415 -62.39 -14.29 -86.68
CA UNK G 3415 -61.63 -13.57 -85.68
C UNK G 3415 -62.54 -12.98 -84.60
N UNK G 3416 -63.66 -12.40 -85.04
CA UNK G 3416 -64.61 -11.79 -84.12
C UNK G 3416 -65.26 -12.84 -83.22
N UNK G 3417 -65.57 -14.00 -83.80
CA UNK G 3417 -66.17 -15.10 -83.04
C UNK G 3417 -65.18 -15.64 -82.01
N UNK G 3418 -63.91 -15.67 -82.39
CA UNK G 3418 -62.87 -16.14 -81.49
C UNK G 3418 -62.60 -15.12 -80.39
N UNK G 3419 -62.87 -13.85 -80.68
CA UNK G 3419 -62.68 -12.78 -79.72
C UNK G 3419 -63.62 -12.94 -78.53
N UNK G 3420 -63.11 -12.64 -77.34
CA UNK G 3420 -63.89 -12.75 -76.11
C UNK G 3420 -64.45 -11.39 -75.69
N UNK G 3421 -65.68 -11.37 -75.17
CA UNK G 3421 -66.48 -12.57 -74.98
C UNK G 3421 -67.93 -12.33 -75.38
N UNK G 3422 -68.22 -11.15 -75.92
CA UNK G 3422 -69.57 -10.79 -76.32
C UNK G 3422 -70.06 -11.70 -77.45
N UNK G 3423 -69.25 -11.81 -78.50
CA UNK G 3423 -69.59 -12.67 -79.63
C UNK G 3423 -69.69 -14.13 -79.21
N UNK G 3424 -68.83 -14.52 -78.29
CA UNK G 3424 -68.83 -15.89 -77.77
C UNK G 3424 -70.14 -16.19 -77.05
N UNK G 3425 -70.54 -15.28 -76.17
CA UNK G 3425 -71.80 -15.43 -75.42
C UNK G 3425 -72.98 -15.42 -76.38
N UNK G 3426 -72.91 -14.59 -77.41
CA UNK G 3426 -73.97 -14.52 -78.41
C UNK G 3426 -74.11 -15.84 -79.16
N UNK G 3427 -72.98 -16.41 -79.56
CA UNK G 3427 -72.97 -17.70 -80.25
C UNK G 3427 -73.49 -18.80 -79.35
N UNK G 3428 -73.13 -18.73 -78.07
CA UNK G 3428 -73.60 -19.70 -77.08
C UNK G 3428 -75.12 -19.63 -76.95
N UNK G 3429 -75.65 -18.42 -76.86
CA UNK G 3429 -77.08 -18.20 -76.77
C UNK G 3429 -77.80 -18.71 -78.02
N UNK G 3430 -77.19 -18.45 -79.18
CA UNK G 3430 -77.75 -18.92 -80.44
C UNK G 3430 -77.80 -20.44 -80.49
N UNK G 3431 -76.74 -21.08 -80.03
CA UNK G 3431 -76.67 -22.54 -80.00
C UNK G 3431 -77.70 -23.12 -79.03
N UNK G 3432 -77.88 -22.43 -77.90
CA UNK G 3432 -78.85 -22.87 -76.90
C UNK G 3432 -80.27 -22.75 -77.45
N UNK G 3433 -80.52 -21.69 -78.21
CA UNK G 3433 -81.82 -21.49 -78.84
C UNK G 3433 -82.06 -22.54 -79.92
N UNK G 3434 -81.00 -22.88 -80.66
CA UNK G 3434 -81.10 -23.88 -81.71
C UNK G 3434 -81.14 -25.29 -81.13
N UNK G 3477 -66.09 -26.20 -79.20
CA UNK G 3477 -67.14 -27.15 -79.56
C UNK G 3477 -68.08 -26.55 -80.60
N UNK G 3478 -67.62 -25.49 -81.27
CA UNK G 3478 -68.42 -24.83 -82.29
C UNK G 3478 -68.07 -25.35 -83.67
N UNK G 3479 -69.07 -25.86 -84.38
CA UNK G 3479 -68.88 -26.42 -85.72
C UNK G 3479 -68.40 -25.35 -86.70
N UNK G 3480 -69.03 -24.19 -86.65
CA UNK G 3480 -68.66 -23.08 -87.52
C UNK G 3480 -67.23 -22.64 -87.27
N UNK G 3481 -66.86 -22.52 -86.01
CA UNK G 3481 -65.52 -22.11 -85.62
C UNK G 3481 -64.49 -23.13 -86.08
N UNK G 3482 -64.80 -24.41 -85.89
CA UNK G 3482 -63.91 -25.50 -86.31
C UNK G 3482 -63.70 -25.48 -87.82
N UNK G 3483 -64.80 -25.29 -88.56
CA UNK G 3483 -64.74 -25.25 -90.01
C UNK G 3483 -63.94 -24.04 -90.49
N UNK G 3484 -64.11 -22.91 -89.83
CA UNK G 3484 -63.36 -21.70 -90.16
C UNK G 3484 -61.87 -21.91 -89.91
N UNK G 3485 -61.55 -22.56 -88.80
CA UNK G 3485 -60.16 -22.88 -88.47
C UNK G 3485 -59.56 -23.80 -89.52
N UNK G 3486 -60.33 -24.80 -89.95
CA UNK G 3486 -59.90 -25.73 -90.98
C UNK G 3486 -59.63 -25.02 -92.29
N UNK G 3487 -60.53 -24.10 -92.65
CA UNK G 3487 -60.39 -23.32 -93.87
C UNK G 3487 -59.14 -22.44 -93.82
N UNK G 3488 -58.91 -21.83 -92.66
CA UNK G 3488 -57.73 -20.98 -92.45
C UNK G 3488 -56.46 -21.81 -92.57
N UNK G 3489 -56.48 -23.01 -92.00
CA UNK G 3489 -55.35 -23.92 -92.07
C UNK G 3489 -55.07 -24.32 -93.52
N UNK G 3490 -56.13 -24.60 -94.26
CA UNK G 3490 -56.01 -24.96 -95.67
C UNK G 3490 -55.42 -23.81 -96.48
N UNK G 3491 -55.87 -22.59 -96.19
CA UNK G 3491 -55.38 -21.40 -96.88
C UNK G 3491 -53.91 -21.16 -96.58
N UNK G 3492 -53.52 -21.38 -95.32
CA UNK G 3492 -52.13 -21.22 -94.91
C UNK G 3492 -51.25 -22.28 -95.56
N UNK G 3493 -51.80 -23.48 -95.70
CA UNK G 3493 -51.10 -24.59 -96.34
C UNK G 3493 -50.87 -24.30 -97.82
N UNK G 3494 -51.90 -23.82 -98.48
CA UNK G 3494 -51.80 -23.47 -99.89
C UNK G 3494 -52.65 -22.22 -100.17
N UNK G 3495 -52.03 -21.04 -100.14
CA UNK G 3495 -50.58 -20.90 -99.98
C UNK G 3495 -50.23 -19.55 -99.35
N UNK G 3496 -50.58 -19.38 -98.07
CA UNK G 3496 -50.34 -18.10 -97.39
C UNK G 3496 -48.88 -17.94 -97.02
N UNK G 3497 -48.25 -19.02 -96.53
CA UNK G 3497 -46.88 -18.97 -96.10
C UNK G 3497 -45.93 -19.52 -97.16
N UNK G 3498 -44.74 -18.94 -97.25
CA UNK G 3498 -43.73 -19.38 -98.21
C UNK G 3498 -42.40 -19.63 -97.52
N UNK G 3499 -41.97 -20.89 -97.50
CA UNK G 3499 -40.71 -21.30 -96.88
C UNK G 3499 -40.65 -20.93 -95.39
N UNK G 3500 -41.83 -20.88 -94.76
CA UNK G 3500 -41.95 -20.55 -93.34
C UNK G 3500 -41.29 -19.23 -92.98
N UNK G 3501 -41.29 -18.29 -93.92
CA UNK G 3501 -40.72 -16.97 -93.69
C UNK G 3501 -41.77 -16.04 -93.09
N UNK G 3502 -42.22 -16.36 -91.89
CA UNK G 3502 -43.28 -15.60 -91.23
C UNK G 3502 -42.86 -15.11 -89.85
N UNK G 3503 -41.65 -15.48 -89.44
CA UNK G 3503 -41.14 -15.14 -88.11
C UNK G 3503 -42.10 -15.62 -87.03
N UNK G 3504 -42.32 -16.93 -86.99
CA UNK G 3504 -43.27 -17.54 -86.07
C UNK G 3504 -42.89 -17.29 -84.62
N UNK G 3505 -41.61 -17.38 -84.31
CA UNK G 3505 -41.13 -17.18 -82.95
C UNK G 3505 -41.41 -15.75 -82.48
N UNK G 3506 -41.04 -14.78 -83.31
CA UNK G 3506 -41.25 -13.38 -82.98
C UNK G 3506 -42.74 -13.07 -82.86
N UNK G 3507 -43.54 -13.66 -83.75
CA UNK G 3507 -44.99 -13.46 -83.73
C UNK G 3507 -45.60 -14.01 -82.45
N UNK G 3508 -45.17 -15.20 -82.05
CA UNK G 3508 -45.64 -15.81 -80.81
C UNK G 3508 -45.23 -14.99 -79.60
N UNK G 3509 -44.01 -14.47 -79.63
CA UNK G 3509 -43.51 -13.62 -78.54
C UNK G 3509 -44.36 -12.37 -78.41
N UNK G 3510 -44.65 -11.73 -79.55
CA UNK G 3510 -45.47 -10.53 -79.57
C UNK G 3510 -46.88 -10.82 -79.07
N UNK G 3511 -47.44 -11.96 -79.48
CA UNK G 3511 -48.78 -12.35 -79.05
C UNK G 3511 -48.83 -12.61 -77.56
N UNK G 3512 -47.77 -13.22 -77.03
CA UNK G 3512 -47.68 -13.50 -75.60
C UNK G 3512 -47.53 -12.21 -74.81
N UNK G 3513 -46.79 -11.26 -75.37
CA UNK G 3513 -46.61 -9.95 -74.74
C UNK G 3513 -47.93 -9.19 -74.74
N UNK G 3514 -48.71 -9.38 -75.80
CA UNK G 3514 -50.03 -8.75 -75.94
C UNK G 3514 -49.95 -7.24 -75.84
N UNK G 3515 -48.89 -6.66 -76.41
CA UNK G 3515 -48.69 -5.22 -76.40
C UNK G 3515 -49.67 -4.56 -77.37
N UNK G 3516 -49.39 -4.69 -78.66
CA UNK G 3516 -50.24 -4.12 -79.70
C UNK G 3516 -50.07 -4.87 -81.01
N UNK G 3517 -51.19 -5.07 -81.71
CA UNK G 3517 -51.16 -5.76 -83.00
C UNK G 3517 -50.36 -4.95 -84.02
N UNK G 3518 -50.53 -3.64 -83.98
CA UNK G 3518 -49.79 -2.74 -84.87
C UNK G 3518 -48.29 -2.83 -84.58
N UNK G 3519 -47.94 -2.88 -83.30
CA UNK G 3519 -46.54 -2.99 -82.90
C UNK G 3519 -45.95 -4.33 -83.36
N UNK G 3520 -46.75 -5.39 -83.24
CA UNK G 3520 -46.32 -6.71 -83.68
C UNK G 3520 -46.08 -6.73 -85.18
N UNK G 3521 -47.00 -6.13 -85.93
CA UNK G 3521 -46.87 -6.04 -87.38
C UNK G 3521 -45.62 -5.24 -87.77
N UNK G 3522 -45.39 -4.13 -87.06
CA UNK G 3522 -44.23 -3.30 -87.30
C UNK G 3522 -42.94 -4.07 -87.04
N UNK G 3523 -42.92 -4.85 -85.97
CA UNK G 3523 -41.77 -5.67 -85.63
C UNK G 3523 -41.52 -6.72 -86.70
N UNK G 3524 -42.59 -7.36 -87.15
CA UNK G 3524 -42.50 -8.39 -88.18
C UNK G 3524 -41.99 -7.80 -89.49
N UNK G 3525 -42.37 -6.56 -89.77
CA UNK G 3525 -41.93 -5.88 -90.98
C UNK G 3525 -40.47 -5.44 -90.88
N UNK G 3526 -40.08 -5.00 -89.69
CA UNK G 3526 -38.71 -4.55 -89.46
C UNK G 3526 -37.74 -5.72 -89.45
N UNK G 3527 -38.24 -6.89 -89.08
CA UNK G 3527 -37.43 -8.11 -89.12
C UNK G 3527 -36.94 -8.38 -90.54
N UNK G 3528 -35.63 -8.26 -90.73
CA UNK G 3528 -35.03 -8.43 -92.05
C UNK G 3528 -35.22 -9.84 -92.57
N UNK G 3529 -34.55 -10.81 -91.93
CA UNK G 3529 -34.65 -12.20 -92.32
C UNK G 3529 -35.58 -12.96 -91.38
N UNK G 3530 -36.77 -13.28 -91.87
CA UNK G 3530 -37.76 -13.99 -91.06
C UNK G 3530 -37.36 -15.45 -90.88
N UNK G 3531 -36.83 -16.05 -91.94
CA UNK G 3531 -36.42 -17.46 -91.88
C UNK G 3531 -35.06 -17.65 -92.55
N UNK G 3532 -34.15 -18.30 -91.84
CA UNK G 3532 -32.81 -18.56 -92.34
C UNK G 3532 -32.15 -19.72 -91.59
N UNK G 3533 -32.40 -20.94 -92.05
CA UNK G 3533 -31.85 -22.12 -91.40
C UNK G 3533 -31.35 -23.14 -92.42
N UNK G 3534 -30.13 -23.64 -92.22
CA UNK G 3534 -29.54 -24.61 -93.12
C UNK G 3534 -30.33 -25.92 -93.09
N UNK G 3535 -30.84 -26.27 -91.92
CA UNK G 3535 -31.68 -27.45 -91.76
C UNK G 3535 -32.91 -27.32 -92.64
N UNK G 3536 -33.63 -26.21 -92.49
CA UNK G 3536 -34.84 -25.96 -93.26
C UNK G 3536 -34.53 -25.87 -94.76
N UNK G 3537 -33.33 -25.41 -95.09
CA UNK G 3537 -32.91 -25.29 -96.48
C UNK G 3537 -32.72 -26.66 -97.12
N UNK G 3538 -31.95 -27.52 -96.45
CA UNK G 3538 -31.73 -28.88 -96.93
C UNK G 3538 -33.04 -29.66 -96.86
N UNK G 3539 -33.96 -29.16 -96.06
CA UNK G 3539 -35.25 -29.78 -95.88
C UNK G 3539 -36.31 -29.25 -96.84
N UNK G 3540 -36.05 -29.43 -98.13
CA UNK G 3540 -36.97 -28.99 -99.19
C UNK G 3540 -37.28 -27.50 -99.09
N UNK G 3541 -36.33 -26.68 -99.52
CA UNK G 3541 -36.56 -25.24 -99.60
C UNK G 3541 -36.97 -24.89 -101.03
N UNK G 3542 -36.30 -25.52 -101.98
CA UNK G 3542 -36.58 -25.31 -103.40
C UNK G 3542 -37.96 -25.83 -103.78
N UNK G 3543 -38.30 -27.01 -103.29
CA UNK G 3543 -39.60 -27.62 -103.57
C UNK G 3543 -40.73 -26.74 -103.04
N UNK G 3544 -40.57 -26.27 -101.80
CA UNK G 3544 -41.56 -25.40 -101.18
C UNK G 3544 -41.67 -24.07 -101.93
N UNK G 3545 -40.53 -23.52 -102.33
CA UNK G 3545 -40.50 -22.25 -103.05
C UNK G 3545 -41.18 -22.37 -104.41
N UNK G 3546 -41.03 -23.53 -105.03
CA UNK G 3546 -41.66 -23.78 -106.33
C UNK G 3546 -43.15 -24.03 -106.19
N UNK G 3547 -43.53 -24.69 -105.11
CA UNK G 3547 -44.94 -24.99 -104.85
C UNK G 3547 -45.71 -23.72 -104.46
N UNK G 3548 -45.03 -22.80 -103.80
CA UNK G 3548 -45.66 -21.55 -103.37
C UNK G 3548 -46.08 -20.71 -104.59
N UNK G 3549 -45.11 -20.32 -105.40
CA UNK G 3549 -45.35 -19.52 -106.60
C UNK G 3549 -46.11 -18.24 -106.29
N UNK G 3550 -45.68 -17.54 -105.25
CA UNK G 3550 -46.32 -16.29 -104.84
C UNK G 3550 -45.29 -15.19 -104.66
N UNK G 3551 -45.68 -13.96 -104.97
CA UNK G 3551 -44.79 -12.81 -104.83
C UNK G 3551 -44.52 -12.52 -103.36
N UNK G 3552 -43.33 -11.98 -103.07
CA UNK G 3552 -42.93 -11.70 -101.71
C UNK G 3552 -43.15 -10.24 -101.34
N UNK G 3553 -43.97 -10.01 -100.31
CA UNK G 3553 -44.22 -8.65 -99.84
C UNK G 3553 -43.34 -8.36 -98.63
N UNK G 3554 -42.75 -7.17 -98.62
CA UNK G 3554 -41.80 -6.79 -97.57
C UNK G 3554 -42.50 -6.47 -96.26
N UNK G 3555 -43.68 -5.87 -96.34
CA UNK G 3555 -44.40 -5.45 -95.14
C UNK G 3555 -45.79 -6.09 -95.05
N UNK G 3556 -46.49 -6.15 -96.17
CA UNK G 3556 -47.85 -6.67 -96.22
C UNK G 3556 -47.92 -8.13 -95.77
N UNK G 3557 -47.11 -8.98 -96.40
CA UNK G 3557 -47.10 -10.39 -96.08
C UNK G 3557 -46.66 -10.62 -94.64
N UNK G 3558 -45.69 -9.84 -94.18
CA UNK G 3558 -45.19 -9.95 -92.82
C UNK G 3558 -46.29 -9.63 -91.81
N UNK G 3559 -47.00 -8.53 -92.04
CA UNK G 3559 -48.09 -8.12 -91.16
C UNK G 3559 -49.20 -9.16 -91.18
N UNK G 3560 -49.51 -9.69 -92.36
CA UNK G 3560 -50.54 -10.71 -92.50
C UNK G 3560 -50.18 -11.95 -91.69
N UNK G 3561 -48.94 -12.39 -91.81
CA UNK G 3561 -48.45 -13.57 -91.10
C UNK G 3561 -48.49 -13.35 -89.59
N UNK G 3562 -48.06 -12.16 -89.16
CA UNK G 3562 -48.07 -11.81 -87.74
C UNK G 3562 -49.49 -11.84 -87.19
N UNK G 3563 -50.42 -11.25 -87.94
CA UNK G 3563 -51.81 -11.21 -87.53
C UNK G 3563 -52.40 -12.62 -87.46
N UNK G 3564 -52.07 -13.45 -88.44
CA UNK G 3564 -52.55 -14.82 -88.47
C UNK G 3564 -52.03 -15.61 -87.27
N UNK G 3565 -50.76 -15.43 -86.96
CA UNK G 3565 -50.15 -16.12 -85.82
C UNK G 3565 -50.77 -15.65 -84.50
N UNK G 3566 -51.00 -14.35 -84.39
CA UNK G 3566 -51.63 -13.79 -83.20
C UNK G 3566 -53.04 -14.35 -83.03
N UNK G 3567 -53.77 -14.43 -84.13
CA UNK G 3567 -55.13 -14.97 -84.10
C UNK G 3567 -55.12 -16.43 -83.70
N UNK G 3568 -54.15 -17.19 -84.21
CA UNK G 3568 -54.01 -18.60 -83.87
C UNK G 3568 -53.73 -18.77 -82.38
N UNK G 3569 -52.83 -17.94 -81.86
CA UNK G 3569 -52.49 -17.98 -80.44
C UNK G 3569 -53.71 -17.65 -79.58
N UNK G 3570 -54.46 -16.62 -80.00
CA UNK G 3570 -55.66 -16.20 -79.29
C UNK G 3570 -56.70 -17.32 -79.30
N UNK G 3571 -56.85 -17.99 -80.44
CA UNK G 3571 -57.80 -19.09 -80.57
C UNK G 3571 -57.41 -20.26 -79.66
N UNK G 3572 -56.11 -20.54 -79.61
CA UNK G 3572 -55.59 -21.60 -78.75
C UNK G 3572 -55.87 -21.28 -77.28
N UNK G 3573 -55.63 -20.03 -76.91
CA UNK G 3573 -55.88 -19.57 -75.54
C UNK G 3573 -57.37 -19.69 -75.19
N UNK G 3574 -58.22 -19.29 -76.14
CA UNK G 3574 -59.66 -19.36 -75.95
C UNK G 3574 -60.12 -20.79 -75.78
N UNK G 3575 -59.56 -21.70 -76.58
CA UNK G 3575 -59.89 -23.12 -76.49
C UNK G 3575 -59.47 -23.67 -75.14
N UNK G 3576 -58.28 -23.29 -74.70
CA UNK G 3576 -57.76 -23.74 -73.40
C UNK G 3576 -58.63 -23.23 -72.26
N UNK G 3577 -59.12 -22.00 -72.40
CA UNK G 3577 -59.99 -21.40 -71.39
C UNK G 3577 -61.36 -22.06 -71.36
N UNK G 3578 -61.87 -22.41 -72.54
CA UNK G 3578 -63.18 -23.06 -72.65
C UNK G 3578 -63.10 -24.50 -72.16
N UNK G 3579 -61.94 -25.11 -72.29
CA UNK G 3579 -61.75 -26.49 -71.85
C UNK G 3579 -61.76 -26.58 -70.32
N PRO G 3611 -95.67 -15.10 -35.90
CA PRO G 3611 -96.98 -14.59 -35.45
C PRO G 3611 -96.91 -13.18 -34.91
N ARG G 3612 -98.08 -12.61 -34.58
CA ARG G 3612 -98.14 -11.23 -34.13
C ARG G 3612 -97.38 -11.03 -32.82
N HIS G 3613 -97.59 -11.92 -31.85
CA HIS G 3613 -96.96 -11.74 -30.55
C HIS G 3613 -95.45 -11.92 -30.64
N ARG G 3614 -94.99 -12.90 -31.44
CA ARG G 3614 -93.55 -13.07 -31.60
C ARG G 3614 -92.92 -11.89 -32.33
N ALA G 3615 -93.62 -11.35 -33.33
CA ALA G 3615 -93.11 -10.18 -34.05
C ALA G 3615 -93.00 -8.98 -33.11
N VAL G 3616 -94.02 -8.74 -32.29
CA VAL G 3616 -93.97 -7.58 -31.41
C VAL G 3616 -92.94 -7.80 -30.29
N ASN G 3617 -92.76 -9.04 -29.84
CA ASN G 3617 -91.71 -9.33 -28.87
C ASN G 3617 -90.32 -9.03 -29.43
N LEU G 3618 -90.06 -9.48 -30.66
CA LEU G 3618 -88.77 -9.25 -31.28
C LEU G 3618 -88.55 -7.77 -31.57
N PHE G 3619 -89.62 -7.06 -31.95
CA PHE G 3619 -89.53 -5.61 -32.09
C PHE G 3619 -89.17 -4.95 -30.77
N LEU G 3620 -89.80 -5.39 -29.68
CA LEU G 3620 -89.50 -4.81 -28.38
C LEU G 3620 -88.06 -5.10 -27.97
N GLN G 3621 -87.56 -6.29 -28.29
CA GLN G 3621 -86.17 -6.61 -28.02
C GLN G 3621 -85.23 -5.70 -28.81
N GLY G 3622 -85.50 -5.51 -30.10
CA GLY G 3622 -84.67 -4.60 -30.89
C GLY G 3622 -84.73 -3.17 -30.39
N TYR G 3623 -85.92 -2.73 -29.97
CA TYR G 3623 -86.08 -1.38 -29.42
C TYR G 3623 -85.27 -1.21 -28.15
N GLU G 3624 -85.27 -2.23 -27.30
CA GLU G 3624 -84.40 -2.20 -26.12
C GLU G 3624 -82.93 -2.14 -26.54
N LYS G 3625 -82.57 -2.91 -27.57
CA LYS G 3625 -81.15 -3.08 -27.89
C LYS G 3625 -80.54 -1.83 -28.50
N SER G 3626 -81.22 -1.19 -29.45
CA SER G 3626 -80.57 -0.14 -30.22
C SER G 3626 -81.47 1.07 -30.41
N TRP G 3627 -82.21 1.47 -29.36
CA TRP G 3627 -82.99 2.69 -29.49
C TRP G 3627 -82.88 3.61 -28.27
N ILE G 3628 -82.61 3.07 -27.09
CA ILE G 3628 -82.76 3.81 -25.86
C ILE G 3628 -81.41 4.16 -25.24
N GLU G 3629 -80.44 3.24 -25.27
CA GLU G 3629 -79.16 3.44 -24.59
C GLU G 3629 -78.12 4.13 -25.46
N THR G 3630 -78.54 4.89 -26.46
CA THR G 3630 -77.60 5.60 -27.33
C THR G 3630 -77.36 7.03 -26.88
N GLU G 3631 -76.89 7.19 -25.64
CA GLU G 3631 -76.41 8.46 -25.09
C GLU G 3631 -77.49 9.54 -25.14
N GLU G 3632 -78.56 9.29 -24.38
CA GLU G 3632 -79.73 10.17 -24.34
C GLU G 3632 -79.89 10.90 -23.01
N HIS G 3633 -78.78 11.15 -22.31
CA HIS G 3633 -78.87 11.88 -21.04
C HIS G 3633 -77.49 12.41 -20.65
N TYR G 3634 -77.49 13.55 -19.97
CA TYR G 3634 -76.28 14.15 -19.44
C TYR G 3634 -76.63 14.77 -18.09
N PHE G 3635 -76.32 14.05 -17.01
CA PHE G 3635 -76.71 14.49 -15.67
C PHE G 3635 -75.62 14.33 -14.63
N GLU G 3636 -74.46 13.78 -14.97
CA GLU G 3636 -73.45 13.47 -13.97
C GLU G 3636 -72.91 14.74 -13.32
N ASP G 3637 -72.65 15.78 -14.11
CA ASP G 3637 -72.05 16.99 -13.57
C ASP G 3637 -73.00 17.70 -12.62
N LYS G 3638 -74.25 17.93 -13.05
CA LYS G 3638 -75.23 18.58 -12.18
C LYS G 3638 -75.51 17.73 -10.95
N LEU G 3639 -75.51 16.40 -11.10
CA LEU G 3639 -75.74 15.51 -9.96
C LEU G 3639 -74.64 15.67 -8.92
N ILE G 3640 -73.38 15.59 -9.36
CA ILE G 3640 -72.27 15.76 -8.43
C ILE G 3640 -72.30 17.15 -7.81
N GLU G 3641 -72.73 18.15 -8.58
CA GLU G 3641 -72.78 19.52 -8.06
C GLU G 3641 -73.79 19.63 -6.93
N ASP G 3642 -75.04 19.25 -7.18
CA ASP G 3642 -76.07 19.41 -6.15
C ASP G 3642 -75.96 18.36 -5.05
N LEU G 3643 -75.10 17.37 -5.20
CA LEU G 3643 -74.76 16.49 -4.07
C LEU G 3643 -73.58 16.99 -3.26
N ALA G 3644 -72.69 17.78 -3.87
CA ALA G 3644 -71.61 18.40 -3.12
C ALA G 3644 -72.01 19.72 -2.47
N LYS G 3645 -73.11 20.32 -2.91
CA LYS G 3645 -73.60 21.55 -2.34
C LYS G 3645 -73.96 21.34 -0.87
N PRO G 3646 -73.28 22.01 0.07
CA PRO G 3646 -73.60 21.87 1.51
C PRO G 3646 -74.83 22.69 1.89
N GLY G 3647 -76.01 22.09 1.67
CA GLY G 3647 -77.26 22.78 1.98
C GLY G 3647 -77.42 23.10 3.45
N ALA G 3648 -76.91 22.24 4.32
CA ALA G 3648 -77.00 22.42 5.77
C ALA G 3648 -78.44 22.60 6.24
N ARG G 3659 -71.19 20.15 9.11
CA ARG G 3659 -71.69 18.79 8.97
C ARG G 3659 -70.93 18.04 7.88
N VAL G 3660 -71.61 17.09 7.24
CA VAL G 3660 -71.01 16.25 6.21
C VAL G 3660 -71.89 16.33 4.96
N ASP G 3661 -71.27 16.58 3.81
CA ASP G 3661 -72.00 16.68 2.56
C ASP G 3661 -72.57 15.32 2.17
N PRO G 3662 -73.63 15.31 1.34
CA PRO G 3662 -74.16 14.03 0.86
C PRO G 3662 -73.15 13.21 0.07
N LEU G 3663 -72.35 13.87 -0.78
CA LEU G 3663 -71.32 13.16 -1.52
C LEU G 3663 -70.27 12.58 -0.59
N HIS G 3664 -69.91 13.32 0.46
CA HIS G 3664 -68.96 12.80 1.43
C HIS G 3664 -69.55 11.62 2.19
N GLN G 3665 -70.85 11.67 2.51
CA GLN G 3665 -71.50 10.53 3.16
C GLN G 3665 -71.48 9.30 2.25
N LEU G 3666 -71.74 9.50 0.96
CA LEU G 3666 -71.71 8.38 0.02
C LEU G 3666 -70.31 7.80 -0.10
N ILE G 3667 -69.29 8.67 -0.15
CA ILE G 3667 -67.91 8.20 -0.24
C ILE G 3667 -67.53 7.43 1.02
N LEU G 3668 -67.98 7.91 2.18
CA LEU G 3668 -67.70 7.21 3.43
C LEU G 3668 -68.41 5.86 3.48
N LEU G 3669 -69.63 5.79 2.95
CA LEU G 3669 -70.34 4.51 2.88
C LEU G 3669 -69.58 3.53 2.01
N PHE G 3670 -69.13 3.98 0.84
CA PHE G 3670 -68.35 3.11 -0.05
C PHE G 3670 -67.04 2.68 0.62
N SER G 3671 -66.41 3.60 1.35
CA SER G 3671 -65.15 3.26 2.01
C SER G 3671 -65.37 2.23 3.11
N ARG G 3672 -66.43 2.37 3.90
CA ARG G 3672 -66.73 1.37 4.92
C ARG G 3672 -67.08 0.04 4.30
N THR G 3673 -67.82 0.04 3.18
CA THR G 3673 -68.16 -1.20 2.51
C THR G 3673 -66.92 -1.89 1.96
N ALA G 3674 -65.96 -1.11 1.45
CA ALA G 3674 -64.71 -1.70 0.98
C ALA G 3674 -63.84 -2.18 2.13
N LEU G 3675 -63.95 -1.54 3.29
CA LEU G 3675 -63.14 -1.93 4.45
C LEU G 3675 -63.75 -3.09 5.23
N THR G 3676 -65.03 -3.41 5.01
CA THR G 3676 -65.63 -4.56 5.68
C THR G 3676 -64.87 -5.83 5.31
N GLU G 3677 -64.47 -6.58 6.33
CA GLU G 3677 -63.70 -7.79 6.14
C GLU G 3677 -64.56 -8.88 5.52
N LYS G 3678 -64.28 -9.22 4.26
CA LYS G 3678 -65.01 -10.26 3.55
C LYS G 3678 -64.01 -11.10 2.77
N CYS G 3679 -64.51 -12.17 2.14
CA CYS G 3679 -63.68 -13.06 1.37
C CYS G 3679 -63.79 -12.83 -0.13
N LYS G 3680 -64.78 -12.06 -0.58
CA LYS G 3680 -64.97 -11.78 -2.00
C LYS G 3680 -65.72 -10.46 -2.14
N LEU G 3681 -65.23 -9.62 -3.03
CA LEU G 3681 -65.87 -8.32 -3.27
C LEU G 3681 -67.23 -8.52 -3.88
N GLU G 3682 -68.26 -7.99 -3.23
CA GLU G 3682 -69.63 -8.16 -3.67
C GLU G 3682 -69.88 -7.38 -4.97
N GLU G 3683 -71.05 -7.59 -5.56
CA GLU G 3683 -71.40 -6.90 -6.80
C GLU G 3683 -71.60 -5.41 -6.54
N ASP G 3684 -72.46 -5.06 -5.60
CA ASP G 3684 -72.67 -3.68 -5.17
C ASP G 3684 -73.05 -2.78 -6.36
N PHE G 3685 -74.24 -3.09 -6.91
CA PHE G 3685 -74.79 -2.29 -7.99
C PHE G 3685 -74.81 -0.80 -7.64
N LEU G 3686 -74.98 -0.48 -6.36
CA LEU G 3686 -74.89 0.91 -5.92
C LEU G 3686 -73.55 1.52 -6.31
N TYR G 3687 -72.45 0.88 -5.91
CA TYR G 3687 -71.13 1.40 -6.22
C TYR G 3687 -70.86 1.37 -7.72
N MET G 3688 -71.33 0.33 -8.40
CA MET G 3688 -71.09 0.24 -9.84
C MET G 3688 -71.84 1.31 -10.60
N ALA G 3689 -72.95 1.81 -10.07
CA ALA G 3689 -73.69 2.87 -10.72
C ALA G 3689 -73.19 4.26 -10.33
N TYR G 3690 -72.58 4.39 -9.15
CA TYR G 3690 -72.10 5.70 -8.73
C TYR G 3690 -70.66 5.98 -9.14
N ALA G 3691 -69.82 4.95 -9.28
CA ALA G 3691 -68.47 5.18 -9.78
C ALA G 3691 -68.50 5.67 -11.22
N ASP G 3692 -69.40 5.13 -12.04
CA ASP G 3692 -69.51 5.62 -13.41
C ASP G 3692 -69.91 7.09 -13.43
N ILE G 3693 -70.84 7.48 -12.56
CA ILE G 3693 -71.30 8.86 -12.53
C ILE G 3693 -70.18 9.79 -12.08
N MET G 3694 -69.50 9.42 -10.99
CA MET G 3694 -68.41 10.25 -10.50
C MET G 3694 -67.22 10.28 -11.46
N ALA G 3695 -67.09 9.27 -12.33
CA ALA G 3695 -66.02 9.29 -13.32
C ALA G 3695 -66.40 10.10 -14.55
N LYS G 3696 -67.66 10.02 -14.99
CA LYS G 3696 -68.12 10.77 -16.14
C LYS G 3696 -68.41 12.22 -15.82
N SER G 3697 -68.46 12.60 -14.54
CA SER G 3697 -68.59 14.01 -14.19
C SER G 3697 -67.36 14.79 -14.62
N CYS G 3698 -66.17 14.24 -14.38
CA CYS G 3698 -64.94 14.90 -14.80
C CYS G 3698 -64.77 14.80 -16.32
N HIS G 3699 -64.48 15.94 -16.94
CA HIS G 3699 -64.22 16.01 -18.38
C HIS G 3699 -65.38 15.46 -19.20
N SER G 3712 -54.48 29.75 -28.75
CA SER G 3712 -55.28 28.77 -28.02
C SER G 3712 -54.59 28.37 -26.72
N PHE G 3713 -54.49 29.32 -25.80
CA PHE G 3713 -53.86 29.08 -24.50
C PHE G 3713 -54.79 29.35 -23.33
N GLU G 3714 -55.57 30.43 -23.37
CA GLU G 3714 -56.40 30.78 -22.23
C GLU G 3714 -57.52 29.76 -22.04
N GLU G 3715 -58.14 29.29 -23.13
CA GLU G 3715 -59.20 28.31 -22.99
C GLU G 3715 -58.64 26.96 -22.53
N LYS G 3716 -57.43 26.62 -22.95
CA LYS G 3716 -56.80 25.39 -22.45
C LYS G 3716 -56.51 25.49 -20.97
N GLU G 3717 -55.98 26.63 -20.52
CA GLU G 3717 -55.73 26.80 -19.10
C GLU G 3717 -57.02 26.79 -18.29
N MET G 3718 -58.09 27.38 -18.85
CA MET G 3718 -59.36 27.41 -18.13
C MET G 3718 -59.99 26.03 -18.04
N GLU G 3719 -59.90 25.23 -19.12
CA GLU G 3719 -60.43 23.87 -19.03
C GLU G 3719 -59.59 23.00 -18.10
N LYS G 3720 -58.27 23.23 -18.06
CA LYS G 3720 -57.45 22.52 -17.09
C LYS G 3720 -57.83 22.90 -15.67
N GLN G 3721 -58.08 24.18 -15.41
CA GLN G 3721 -58.50 24.61 -14.08
C GLN G 3721 -59.86 24.04 -13.72
N LYS G 3722 -60.76 23.95 -14.70
CA LYS G 3722 -62.07 23.35 -14.44
C LYS G 3722 -61.96 21.87 -14.13
N LEU G 3723 -61.10 21.16 -14.85
CA LEU G 3723 -60.86 19.75 -14.54
C LEU G 3723 -60.30 19.59 -13.14
N LEU G 3724 -59.33 20.44 -12.77
CA LEU G 3724 -58.77 20.38 -11.42
C LEU G 3724 -59.83 20.68 -10.38
N TYR G 3725 -60.73 21.62 -10.66
CA TYR G 3725 -61.79 21.97 -9.71
C TYR G 3725 -62.75 20.80 -9.51
N GLN G 3726 -63.13 20.13 -10.60
CA GLN G 3726 -64.02 18.98 -10.47
C GLN G 3726 -63.34 17.84 -9.70
N GLN G 3727 -62.06 17.58 -10.02
CA GLN G 3727 -61.31 16.58 -9.27
C GLN G 3727 -61.26 16.92 -7.79
N ALA G 3728 -61.03 18.20 -7.47
CA ALA G 3728 -60.99 18.62 -6.07
C ALA G 3728 -62.33 18.39 -5.40
N ARG G 3729 -63.42 18.80 -6.08
CA ARG G 3729 -64.77 18.62 -5.54
C ARG G 3729 -65.04 17.17 -5.22
N LEU G 3730 -64.56 16.24 -6.05
CA LEU G 3730 -64.87 14.83 -5.80
C LEU G 3730 -63.72 14.02 -5.21
N HIS G 3731 -62.63 14.66 -4.75
CA HIS G 3731 -61.61 13.91 -4.01
C HIS G 3731 -61.19 14.53 -2.69
N ASP G 3732 -61.59 15.78 -2.39
CA ASP G 3732 -61.38 16.30 -1.04
C ASP G 3732 -62.24 15.59 0.00
N ARG G 3733 -63.16 14.73 -0.42
CA ARG G 3733 -63.99 13.96 0.51
C ARG G 3733 -63.47 12.54 0.72
N GLY G 3734 -62.28 12.23 0.22
CA GLY G 3734 -61.69 10.93 0.47
C GLY G 3734 -62.02 9.91 -0.59
N ALA G 3735 -62.08 10.34 -1.85
CA ALA G 3735 -62.36 9.38 -2.92
C ALA G 3735 -61.13 8.55 -3.28
N ALA G 3736 -59.94 9.15 -3.21
CA ALA G 3736 -58.72 8.42 -3.53
C ALA G 3736 -58.54 7.22 -2.61
N GLU G 3737 -58.78 7.43 -1.31
CA GLU G 3737 -58.78 6.31 -0.37
C GLU G 3737 -59.84 5.28 -0.74
N MET G 3738 -60.97 5.73 -1.29
CA MET G 3738 -62.01 4.79 -1.70
C MET G 3738 -61.53 3.91 -2.85
N VAL G 3739 -60.86 4.50 -3.84
CA VAL G 3739 -60.31 3.68 -4.93
C VAL G 3739 -59.26 2.72 -4.40
N LEU G 3740 -58.39 3.20 -3.51
CA LEU G 3740 -57.34 2.32 -2.97
C LEU G 3740 -57.95 1.14 -2.22
N GLN G 3741 -58.96 1.41 -1.38
CA GLN G 3741 -59.59 0.34 -0.62
C GLN G 3741 -60.35 -0.62 -1.52
N THR G 3742 -61.04 -0.10 -2.55
CA THR G 3742 -61.77 -0.97 -3.46
C THR G 3742 -60.84 -1.85 -4.28
N ILE G 3743 -59.67 -1.33 -4.65
CA ILE G 3743 -58.71 -2.15 -5.37
C ILE G 3743 -58.09 -3.18 -4.44
N SER G 3744 -57.82 -2.80 -3.19
CA SER G 3744 -57.19 -3.73 -2.25
C SER G 3744 -58.15 -4.82 -1.79
N ALA G 3745 -59.46 -4.53 -1.77
CA ALA G 3745 -60.45 -5.48 -1.29
C ALA G 3745 -60.99 -6.38 -2.39
N SER G 3746 -60.22 -6.59 -3.46
CA SER G 3746 -60.61 -7.49 -4.52
C SER G 3746 -59.75 -8.75 -4.59
N LYS G 3747 -58.66 -8.81 -3.82
CA LYS G 3747 -57.74 -9.94 -3.78
C LYS G 3747 -57.14 -10.27 -5.15
N GLY G 3748 -57.38 -9.44 -6.17
CA GLY G 3748 -56.84 -9.71 -7.49
C GLY G 3748 -57.77 -10.45 -8.41
N GLU G 3749 -59.05 -10.08 -8.38
CA GLU G 3749 -60.07 -10.57 -9.30
C GLU G 3749 -60.30 -9.53 -10.38
N THR G 3750 -60.26 -9.95 -11.64
CA THR G 3750 -60.83 -9.12 -12.69
C THR G 3750 -62.35 -9.13 -12.53
N GLY G 3751 -62.95 -7.95 -12.36
CA GLY G 3751 -64.38 -7.86 -12.17
C GLY G 3751 -64.94 -6.51 -12.53
N PRO G 3752 -66.28 -6.41 -12.54
CA PRO G 3752 -66.91 -5.12 -12.86
C PRO G 3752 -66.68 -4.08 -11.78
N MET G 3753 -66.62 -4.48 -10.51
CA MET G 3753 -66.28 -3.53 -9.45
C MET G 3753 -64.88 -2.96 -9.68
N VAL G 3754 -63.91 -3.82 -10.01
CA VAL G 3754 -62.56 -3.35 -10.26
C VAL G 3754 -62.51 -2.47 -11.51
N ALA G 3755 -63.30 -2.81 -12.53
CA ALA G 3755 -63.33 -1.98 -13.73
C ALA G 3755 -63.87 -0.60 -13.42
N ALA G 3756 -64.98 -0.52 -12.68
CA ALA G 3756 -65.54 0.78 -12.32
C ALA G 3756 -64.60 1.57 -11.44
N THR G 3757 -63.93 0.90 -10.48
CA THR G 3757 -63.03 1.63 -9.60
C THR G 3757 -61.78 2.10 -10.35
N LEU G 3758 -61.33 1.36 -11.36
CA LEU G 3758 -60.20 1.81 -12.15
C LEU G 3758 -60.60 2.99 -13.04
N LYS G 3759 -61.80 2.95 -13.60
CA LYS G 3759 -62.30 4.10 -14.35
C LYS G 3759 -62.39 5.33 -13.46
N LEU G 3760 -62.83 5.15 -12.20
CA LEU G 3760 -62.89 6.28 -11.28
C LEU G 3760 -61.50 6.79 -10.95
N GLY G 3761 -60.53 5.89 -10.75
CA GLY G 3761 -59.16 6.32 -10.52
C GLY G 3761 -58.59 7.11 -11.68
N ILE G 3762 -58.90 6.67 -12.90
CA ILE G 3762 -58.45 7.39 -14.09
C ILE G 3762 -59.08 8.79 -14.13
N ALA G 3763 -60.40 8.86 -13.93
CA ALA G 3763 -61.08 10.14 -13.97
C ALA G 3763 -60.67 11.06 -12.83
N ILE G 3764 -60.15 10.50 -11.74
CA ILE G 3764 -59.70 11.33 -10.63
C ILE G 3764 -58.24 11.71 -10.75
N LEU G 3765 -57.46 10.98 -11.55
CA LEU G 3765 -56.06 11.28 -11.76
C LEU G 3765 -55.74 11.79 -13.16
N ASN G 3766 -56.76 12.17 -13.94
CA ASN G 3766 -56.52 12.74 -15.27
C ASN G 3766 -55.56 13.92 -15.18
N GLY G 3767 -54.56 13.92 -16.05
CA GLY G 3767 -53.56 14.96 -16.04
C GLY G 3767 -52.48 14.70 -15.01
N GLY G 3768 -51.73 15.76 -14.72
CA GLY G 3768 -50.66 15.68 -13.74
C GLY G 3768 -51.10 16.09 -12.36
N ASN G 3769 -52.28 15.62 -11.93
CA ASN G 3769 -52.80 15.94 -10.61
C ASN G 3769 -51.88 15.33 -9.55
N SER G 3770 -51.15 16.19 -8.84
CA SER G 3770 -50.22 15.72 -7.82
C SER G 3770 -50.85 15.61 -6.44
N THR G 3771 -51.92 16.36 -6.18
CA THR G 3771 -52.57 16.29 -4.87
C THR G 3771 -53.14 14.90 -4.61
N VAL G 3772 -53.83 14.33 -5.60
CA VAL G 3772 -54.41 13.00 -5.42
C VAL G 3772 -53.31 11.95 -5.30
N GLN G 3773 -52.23 12.12 -6.06
CA GLN G 3773 -51.11 11.18 -5.95
C GLN G 3773 -50.48 11.23 -4.57
N GLN G 3774 -50.30 12.43 -4.02
CA GLN G 3774 -49.75 12.55 -2.68
C GLN G 3774 -50.69 11.98 -1.63
N LYS G 3775 -52.00 12.18 -1.80
CA LYS G 3775 -52.97 11.60 -0.87
C LYS G 3775 -52.90 10.09 -0.90
N MET G 3776 -52.87 9.49 -2.10
CA MET G 3776 -52.78 8.04 -2.20
C MET G 3776 -51.49 7.52 -1.59
N LEU G 3777 -50.37 8.20 -1.85
CA LEU G 3777 -49.09 7.75 -1.30
C LEU G 3777 -49.09 7.83 0.22
N ASP G 3778 -49.62 8.92 0.79
CA ASP G 3778 -49.66 9.06 2.24
C ASP G 3778 -50.55 8.01 2.87
N TYR G 3779 -51.69 7.72 2.22
CA TYR G 3779 -52.57 6.66 2.73
C TYR G 3779 -51.87 5.31 2.70
N LEU G 3780 -51.24 4.96 1.59
CA LEU G 3780 -50.54 3.69 1.49
C LEU G 3780 -49.35 3.60 2.43
N LYS G 3781 -48.77 4.73 2.84
CA LYS G 3781 -47.64 4.69 3.75
C LYS G 3781 -48.09 4.59 5.21
N GLU G 3782 -49.18 5.29 5.55
CA GLU G 3782 -49.71 5.24 6.91
C GLU G 3782 -50.45 3.94 7.19
N LYS G 3783 -51.04 3.31 6.18
CA LYS G 3783 -51.62 1.97 6.30
C LYS G 3783 -50.72 1.04 5.50
N LYS G 3784 -49.73 0.46 6.18
CA LYS G 3784 -48.79 -0.43 5.53
C LYS G 3784 -49.47 -1.74 5.15
N ASP G 3785 -50.00 -1.81 3.93
CA ASP G 3785 -50.74 -2.97 3.47
C ASP G 3785 -50.16 -3.45 2.15
N VAL G 3786 -49.99 -4.78 2.04
CA VAL G 3786 -49.55 -5.40 0.80
C VAL G 3786 -50.73 -5.87 -0.04
N GLY G 3787 -51.95 -5.74 0.48
CA GLY G 3787 -53.12 -6.21 -0.26
C GLY G 3787 -53.34 -5.46 -1.55
N PHE G 3788 -53.20 -4.13 -1.52
CA PHE G 3788 -53.38 -3.34 -2.72
C PHE G 3788 -52.34 -3.72 -3.79
N PHE G 3789 -51.08 -3.85 -3.38
CA PHE G 3789 -50.03 -4.16 -4.34
C PHE G 3789 -50.19 -5.58 -4.90
N GLN G 3790 -50.56 -6.54 -4.06
CA GLN G 3790 -50.73 -7.90 -4.55
C GLN G 3790 -51.98 -8.02 -5.42
N SER G 3791 -53.01 -7.23 -5.14
CA SER G 3791 -54.17 -7.21 -6.04
C SER G 3791 -53.81 -6.62 -7.39
N LEU G 3792 -53.01 -5.55 -7.39
CA LEU G 3792 -52.52 -5.01 -8.65
C LEU G 3792 -51.70 -6.04 -9.41
N ALA G 3793 -50.84 -6.78 -8.70
CA ALA G 3793 -50.02 -7.80 -9.34
C ALA G 3793 -50.89 -8.89 -9.95
N GLY G 3794 -51.89 -9.36 -9.21
CA GLY G 3794 -52.78 -10.38 -9.73
C GLY G 3794 -53.57 -9.91 -10.93
N LEU G 3795 -54.03 -8.65 -10.89
CA LEU G 3795 -54.76 -8.09 -12.02
C LEU G 3795 -53.87 -8.02 -13.26
N MET G 3796 -52.64 -7.54 -13.10
CA MET G 3796 -51.72 -7.47 -14.23
C MET G 3796 -51.34 -8.86 -14.72
N GLN G 3797 -51.34 -9.86 -13.84
CA GLN G 3797 -50.95 -11.20 -14.24
C GLN G 3797 -52.09 -11.94 -14.94
N SER G 3798 -53.34 -11.63 -14.62
CA SER G 3798 -54.48 -12.34 -15.18
C SER G 3798 -55.53 -11.38 -15.71
N CYS G 3799 -55.10 -10.33 -16.40
CA CYS G 3799 -56.08 -9.42 -17.02
C CYS G 3799 -56.59 -9.96 -18.36
N SER G 3800 -55.70 -10.06 -19.35
CA SER G 3800 -56.08 -10.55 -20.68
C SER G 3800 -54.85 -10.68 -21.55
N VAL G 3801 -54.84 -11.68 -22.42
CA VAL G 3801 -53.79 -11.90 -23.41
C VAL G 3801 -54.45 -12.46 -24.67
N LEU G 3802 -53.93 -12.04 -25.83
CA LEU G 3802 -54.48 -12.52 -27.10
C LEU G 3802 -54.36 -14.03 -27.21
N ASP G 3803 -55.32 -14.63 -27.94
CA ASP G 3803 -55.32 -16.06 -28.18
C ASP G 3803 -55.21 -16.34 -29.67
N LEU G 3804 -54.77 -17.55 -30.01
CA LEU G 3804 -55.00 -18.07 -31.36
C LEU G 3804 -56.04 -19.17 -31.42
N ASN G 3805 -56.19 -19.96 -30.35
CA ASN G 3805 -57.25 -20.97 -30.28
C ASN G 3805 -58.62 -20.34 -30.45
N ALA G 3806 -58.85 -19.23 -29.76
CA ALA G 3806 -60.17 -18.60 -29.81
C ALA G 3806 -60.43 -17.98 -31.17
N PHE G 3807 -59.40 -17.39 -31.77
CA PHE G 3807 -59.58 -16.76 -33.07
C PHE G 3807 -59.80 -17.79 -34.16
N GLU G 3808 -59.02 -18.88 -34.15
CA GLU G 3808 -59.22 -19.95 -35.11
C GLU G 3808 -60.59 -20.60 -34.95
N ARG G 3809 -61.02 -20.81 -33.70
CA ARG G 3809 -62.33 -21.39 -33.47
C ARG G 3809 -63.45 -20.45 -33.93
N GLN G 3810 -63.29 -19.15 -33.70
CA GLN G 3810 -64.29 -18.18 -34.15
C GLN G 3810 -64.35 -18.12 -35.67
N ASN G 3811 -63.20 -18.18 -36.33
CA ASN G 3811 -63.16 -18.23 -37.79
C ASN G 3811 -63.85 -19.49 -38.30
N LYS G 3812 -63.54 -20.64 -37.69
CA LYS G 3812 -64.19 -21.89 -38.09
C LYS G 3812 -65.69 -21.83 -37.87
N ALA G 3813 -66.13 -21.14 -36.80
CA ALA G 3813 -67.56 -21.02 -36.53
C ALA G 3813 -68.25 -20.13 -37.58
N GLU G 3814 -67.66 -18.97 -37.86
CA GLU G 3814 -68.25 -18.03 -38.81
C GLU G 3814 -68.12 -18.48 -40.25
N GLY G 3815 -67.26 -19.46 -40.52
CA GLY G 3815 -67.18 -20.01 -41.87
C GLY G 3815 -68.49 -20.61 -42.35
N LEU G 3816 -69.22 -21.28 -41.47
CA LEU G 3816 -70.44 -21.97 -41.90
C LEU G 3816 -71.68 -21.55 -41.14
N GLY G 3817 -71.55 -21.10 -39.90
CA GLY G 3817 -72.68 -20.75 -39.06
C GLY G 3817 -73.13 -19.31 -39.25
N MET G 3818 -74.34 -19.17 -39.79
CA MET G 3818 -75.01 -17.89 -39.98
C MET G 3818 -76.16 -17.70 -39.00
N VAL G 3819 -76.19 -18.52 -37.93
CA VAL G 3819 -77.28 -18.42 -36.98
C VAL G 3819 -77.13 -17.17 -36.12
N THR G 3820 -75.90 -16.69 -35.93
CA THR G 3820 -75.66 -15.51 -35.11
C THR G 3820 -74.61 -14.55 -35.67
N GLU G 3821 -73.69 -15.02 -36.52
CA GLU G 3821 -72.53 -14.28 -37.02
C GLU G 3821 -71.50 -13.94 -35.95
N GLU G 3822 -71.75 -14.28 -34.68
CA GLU G 3822 -70.86 -13.96 -33.59
C GLU G 3822 -70.52 -12.47 -33.60
N GLY G 3823 -71.57 -11.66 -33.43
CA GLY G 3823 -71.38 -10.22 -33.36
C GLY G 3823 -70.60 -9.76 -32.15
N SER G 3824 -70.50 -10.62 -31.12
CA SER G 3824 -69.71 -10.33 -29.93
C SER G 3824 -68.31 -10.87 -30.16
N GLY G 3825 -67.43 -10.02 -30.68
CA GLY G 3825 -66.06 -10.42 -30.92
C GLY G 3825 -65.24 -10.50 -29.66
N GLU G 3826 -65.54 -11.48 -28.82
CA GLU G 3826 -64.88 -11.62 -27.52
C GLU G 3826 -64.13 -12.96 -27.48
N LYS G 3827 -63.60 -13.27 -26.30
CA LYS G 3827 -62.89 -14.51 -25.98
C LYS G 3827 -61.52 -14.57 -26.65
N VAL G 3828 -61.22 -13.62 -27.54
CA VAL G 3828 -59.90 -13.50 -28.14
C VAL G 3828 -59.05 -12.47 -27.42
N LEU G 3829 -59.67 -11.37 -27.00
CA LEU G 3829 -59.07 -10.40 -26.09
C LEU G 3829 -60.18 -10.04 -25.11
N GLN G 3830 -60.14 -10.63 -23.92
CA GLN G 3830 -61.27 -10.63 -23.00
C GLN G 3830 -61.72 -9.23 -22.62
N ASP G 3831 -60.87 -8.47 -21.93
CA ASP G 3831 -61.20 -7.10 -21.50
C ASP G 3831 -60.05 -6.16 -21.86
N ASP G 3832 -60.05 -5.72 -23.12
CA ASP G 3832 -59.05 -4.75 -23.55
C ASP G 3832 -59.25 -3.41 -22.86
N GLU G 3833 -60.50 -2.99 -22.71
CA GLU G 3833 -60.77 -1.73 -22.03
C GLU G 3833 -60.30 -1.79 -20.59
N PHE G 3834 -60.51 -2.93 -19.92
CA PHE G 3834 -60.05 -3.07 -18.53
C PHE G 3834 -58.53 -3.07 -18.45
N THR G 3835 -57.85 -3.76 -19.37
CA THR G 3835 -56.39 -3.76 -19.34
C THR G 3835 -55.84 -2.36 -19.57
N CYS G 3836 -56.35 -1.68 -20.60
CA CYS G 3836 -55.93 -0.31 -20.86
C CYS G 3836 -56.26 0.60 -19.69
N ASP G 3837 -57.39 0.36 -19.01
CA ASP G 3837 -57.77 1.19 -17.89
C ASP G 3837 -56.82 0.99 -16.71
N LEU G 3838 -56.46 -0.26 -16.41
CA LEU G 3838 -55.51 -0.54 -15.35
C LEU G 3838 -54.16 0.11 -15.65
N PHE G 3839 -53.67 -0.05 -16.87
CA PHE G 3839 -52.35 0.49 -17.17
C PHE G 3839 -52.37 2.02 -17.28
N ARG G 3840 -53.50 2.60 -17.68
CA ARG G 3840 -53.62 4.05 -17.64
C ARG G 3840 -53.72 4.56 -16.21
N PHE G 3841 -54.33 3.78 -15.32
CA PHE G 3841 -54.34 4.13 -13.90
C PHE G 3841 -52.91 4.14 -13.34
N LEU G 3842 -52.12 3.14 -13.70
CA LEU G 3842 -50.72 3.14 -13.28
C LEU G 3842 -49.95 4.31 -13.88
N GLN G 3843 -50.20 4.60 -15.17
CA GLN G 3843 -49.55 5.72 -15.82
C GLN G 3843 -49.89 7.04 -15.13
N LEU G 3844 -51.15 7.20 -14.71
CA LEU G 3844 -51.54 8.42 -14.02
C LEU G 3844 -50.99 8.45 -12.60
N LEU G 3845 -50.84 7.28 -11.97
CA LEU G 3845 -50.17 7.23 -10.67
C LEU G 3845 -48.74 7.73 -10.77
N CYS G 3846 -48.05 7.40 -11.86
CA CYS G 3846 -46.70 7.87 -12.09
C CYS G 3846 -46.64 8.98 -13.16
N GLU G 3847 -47.71 9.76 -13.30
CA GLU G 3847 -47.77 10.78 -14.34
C GLU G 3847 -46.69 11.83 -14.15
N GLY G 3848 -46.78 12.59 -13.05
CA GLY G 3848 -45.71 13.49 -12.71
C GLY G 3848 -44.45 12.73 -12.36
N HIS G 3849 -43.32 13.42 -12.44
CA HIS G 3849 -42.05 12.79 -12.13
C HIS G 3849 -41.88 12.62 -10.62
N ASN G 3850 -42.77 11.83 -10.02
CA ASN G 3850 -42.72 11.54 -8.59
C ASN G 3850 -41.75 10.39 -8.35
N SER G 3851 -40.50 10.74 -8.01
CA SER G 3851 -39.49 9.74 -7.73
C SER G 3851 -39.88 8.89 -6.53
N ASP G 3852 -40.53 9.49 -5.53
CA ASP G 3852 -41.00 8.75 -4.37
C ASP G 3852 -41.97 7.65 -4.77
N PHE G 3853 -42.96 7.99 -5.60
CA PHE G 3853 -43.94 6.99 -6.01
C PHE G 3853 -43.34 5.98 -6.97
N GLN G 3854 -42.42 6.41 -7.82
CA GLN G 3854 -41.76 5.47 -8.73
C GLN G 3854 -40.91 4.46 -7.97
N ASN G 3855 -40.35 4.86 -6.83
CA ASN G 3855 -39.60 3.92 -6.01
C ASN G 3855 -40.51 3.09 -5.11
N TYR G 3856 -41.66 3.65 -4.71
CA TYR G 3856 -42.61 2.90 -3.92
C TYR G 3856 -43.29 1.80 -4.73
N LEU G 3857 -43.48 2.04 -6.03
CA LEU G 3857 -44.01 0.99 -6.90
C LEU G 3857 -42.98 -0.09 -7.19
N ARG G 3858 -41.70 0.13 -6.88
CA ARG G 3858 -40.66 -0.87 -7.10
C ARG G 3858 -40.37 -1.65 -5.83
N THR G 3859 -39.97 -0.96 -4.76
CA THR G 3859 -39.66 -1.58 -3.48
C THR G 3859 -40.53 -0.93 -2.42
N GLN G 3860 -41.57 -1.65 -1.99
CA GLN G 3860 -42.49 -1.11 -0.99
C GLN G 3860 -41.77 -1.10 0.36
N THR G 3861 -40.97 -0.06 0.56
CA THR G 3861 -40.23 0.06 1.81
C THR G 3861 -41.21 0.31 2.95
N GLY G 3862 -41.05 -0.43 4.04
CA GLY G 3862 -41.94 -0.36 5.17
C GLY G 3862 -42.91 -1.51 5.30
N ASN G 3863 -43.12 -2.28 4.24
CA ASN G 3863 -43.97 -3.45 4.27
C ASN G 3863 -43.14 -4.71 4.38
N ASN G 3864 -43.76 -5.79 4.88
CA ASN G 3864 -43.04 -7.04 5.10
C ASN G 3864 -42.64 -7.68 3.77
N THR G 3865 -43.57 -7.80 2.83
CA THR G 3865 -43.28 -8.35 1.52
C THR G 3865 -43.47 -7.27 0.47
N THR G 3866 -42.62 -7.31 -0.56
CA THR G 3866 -42.69 -6.37 -1.67
C THR G 3866 -42.90 -7.12 -2.97
N VAL G 3867 -43.67 -6.51 -3.87
CA VAL G 3867 -43.90 -7.02 -5.20
C VAL G 3867 -43.51 -5.93 -6.19
N ASN G 3868 -42.84 -6.33 -7.27
CA ASN G 3868 -42.31 -5.37 -8.24
C ASN G 3868 -43.34 -5.14 -9.33
N ILE G 3869 -44.07 -4.02 -9.22
CA ILE G 3869 -45.04 -3.66 -10.24
C ILE G 3869 -44.35 -3.47 -11.59
N ILE G 3870 -43.11 -3.00 -11.58
CA ILE G 3870 -42.37 -2.83 -12.83
C ILE G 3870 -42.08 -4.17 -13.48
N ILE G 3871 -41.67 -5.15 -12.66
CA ILE G 3871 -41.41 -6.48 -13.21
C ILE G 3871 -42.69 -7.11 -13.72
N SER G 3872 -43.80 -6.92 -13.00
CA SER G 3872 -45.07 -7.42 -13.50
C SER G 3872 -45.45 -6.77 -14.82
N THR G 3873 -45.20 -5.46 -14.95
CA THR G 3873 -45.54 -4.75 -16.17
C THR G 3873 -44.70 -5.23 -17.34
N VAL G 3874 -43.39 -5.41 -17.13
CA VAL G 3874 -42.56 -5.86 -18.24
C VAL G 3874 -42.87 -7.31 -18.58
N ASP G 3875 -43.29 -8.11 -17.61
CA ASP G 3875 -43.71 -9.47 -17.91
C ASP G 3875 -44.98 -9.48 -18.75
N TYR G 3876 -45.95 -8.63 -18.41
CA TYR G 3876 -47.15 -8.54 -19.24
C TYR G 3876 -46.83 -8.01 -20.64
N LEU G 3877 -45.85 -7.10 -20.72
CA LEU G 3877 -45.42 -6.62 -22.04
C LEU G 3877 -44.82 -7.75 -22.86
N LEU G 3878 -44.00 -8.59 -22.24
CA LEU G 3878 -43.46 -9.75 -22.93
C LEU G 3878 -44.58 -10.70 -23.38
N ARG G 3879 -45.59 -10.89 -22.53
CA ARG G 3879 -46.70 -11.78 -22.88
C ARG G 3879 -47.46 -11.25 -24.08
N VAL G 3880 -47.79 -9.95 -24.07
CA VAL G 3880 -48.53 -9.39 -25.19
C VAL G 3880 -47.67 -9.34 -26.44
N GLN G 3881 -46.35 -9.20 -26.28
CA GLN G 3881 -45.46 -9.27 -27.43
C GLN G 3881 -45.49 -10.64 -28.07
N GLU G 3882 -45.42 -11.69 -27.24
CA GLU G 3882 -45.53 -13.05 -27.77
C GLU G 3882 -46.88 -13.28 -28.43
N SER G 3883 -47.95 -12.73 -27.85
CA SER G 3883 -49.28 -12.89 -28.45
C SER G 3883 -49.35 -12.22 -29.82
N ILE G 3884 -48.82 -11.00 -29.92
CA ILE G 3884 -48.85 -10.30 -31.20
C ILE G 3884 -47.96 -11.01 -32.23
N SER G 3885 -46.83 -11.55 -31.77
CA SER G 3885 -45.95 -12.29 -32.68
C SER G 3885 -46.64 -13.53 -33.22
N ASP G 3886 -47.36 -14.26 -32.36
CA ASP G 3886 -48.09 -15.43 -32.84
C ASP G 3886 -49.21 -15.03 -33.79
N PHE G 3887 -49.90 -13.92 -33.50
CA PHE G 3887 -50.96 -13.47 -34.39
C PHE G 3887 -50.39 -13.08 -35.76
N TYR G 3888 -49.19 -12.50 -35.78
CA TYR G 3888 -48.54 -12.20 -37.05
C TYR G 3888 -48.16 -13.48 -37.78
N TRP G 3889 -47.62 -14.46 -37.05
CA TRP G 3889 -47.27 -15.73 -37.68
C TRP G 3889 -48.50 -16.38 -38.31
N TYR G 3890 -49.65 -16.23 -37.67
CA TYR G 3890 -50.89 -16.69 -38.28
C TYR G 3890 -51.23 -15.88 -39.53
N TYR G 3891 -51.29 -14.55 -39.40
CA TYR G 3891 -51.55 -13.68 -40.55
C TYR G 3891 -50.26 -13.34 -41.28
N SER G 3892 -49.45 -14.36 -41.57
CA SER G 3892 -48.22 -14.20 -42.33
C SER G 3892 -48.28 -15.15 -43.53
N GLY G 3893 -48.64 -14.61 -44.70
CA GLY G 3893 -48.67 -15.43 -45.90
C GLY G 3893 -49.88 -15.21 -46.78
N LYS G 3894 -51.02 -14.88 -46.17
CA LYS G 3894 -52.23 -14.64 -46.94
C LYS G 3894 -52.30 -13.22 -47.49
N ASP G 3895 -51.62 -12.28 -46.83
CA ASP G 3895 -51.55 -10.88 -47.25
C ASP G 3895 -52.93 -10.22 -47.33
N ILE G 3896 -53.92 -10.79 -46.67
CA ILE G 3896 -55.26 -10.22 -46.58
C ILE G 3896 -55.66 -10.21 -45.11
N ILE G 3897 -56.16 -9.07 -44.64
CA ILE G 3897 -56.59 -8.88 -43.25
C ILE G 3897 -58.07 -8.53 -43.28
N ASP G 3898 -58.90 -9.44 -42.76
CA ASP G 3898 -60.33 -9.20 -42.70
C ASP G 3898 -60.65 -8.17 -41.62
N GLU G 3899 -61.95 -7.87 -41.47
CA GLU G 3899 -62.36 -6.87 -40.49
C GLU G 3899 -62.12 -7.35 -39.05
N GLN G 3900 -62.41 -8.62 -38.78
CA GLN G 3900 -62.15 -9.16 -37.44
C GLN G 3900 -60.66 -9.15 -37.13
N GLY G 3901 -59.84 -9.57 -38.10
CA GLY G 3901 -58.41 -9.50 -37.90
C GLY G 3901 -57.94 -8.08 -37.63
N GLN G 3902 -58.43 -7.12 -38.42
CA GLN G 3902 -58.03 -5.73 -38.23
C GLN G 3902 -58.43 -5.20 -36.87
N ARG G 3903 -59.63 -5.56 -36.41
CA ARG G 3903 -60.07 -5.10 -35.09
C ARG G 3903 -59.21 -5.72 -33.99
N ASN G 3904 -58.88 -7.00 -34.12
CA ASN G 3904 -58.00 -7.63 -33.14
C ASN G 3904 -56.61 -6.99 -33.13
N PHE G 3905 -56.07 -6.69 -34.32
CA PHE G 3905 -54.78 -6.01 -34.38
C PHE G 3905 -54.85 -4.63 -33.73
N SER G 3906 -55.94 -3.90 -33.98
CA SER G 3906 -56.08 -2.56 -33.40
C SER G 3906 -56.16 -2.62 -31.88
N LYS G 3907 -56.92 -3.59 -31.36
CA LYS G 3907 -56.99 -3.76 -29.90
C LYS G 3907 -55.62 -4.11 -29.32
N ALA G 3908 -54.90 -5.01 -29.99
CA ALA G 3908 -53.55 -5.37 -29.53
C ALA G 3908 -52.64 -4.15 -29.54
N ILE G 3909 -52.71 -3.34 -30.59
CA ILE G 3909 -51.84 -2.17 -30.68
C ILE G 3909 -52.19 -1.18 -29.59
N GLN G 3910 -53.48 -0.99 -29.30
CA GLN G 3910 -53.86 -0.07 -28.24
C GLN G 3910 -53.38 -0.55 -26.89
N VAL G 3911 -53.52 -1.85 -26.60
CA VAL G 3911 -53.06 -2.37 -25.31
C VAL G 3911 -51.55 -2.23 -25.19
N ALA G 3912 -50.82 -2.58 -26.25
CA ALA G 3912 -49.37 -2.46 -26.21
C ALA G 3912 -48.94 -1.01 -26.05
N LYS G 3913 -49.62 -0.09 -26.74
CA LYS G 3913 -49.27 1.32 -26.63
C LYS G 3913 -49.52 1.84 -25.22
N GLN G 3914 -50.61 1.40 -24.59
CA GLN G 3914 -50.86 1.78 -23.22
C GLN G 3914 -49.77 1.25 -22.29
N VAL G 3915 -49.33 0.00 -22.52
CA VAL G 3915 -48.28 -0.57 -21.69
C VAL G 3915 -46.97 0.18 -21.87
N PHE G 3916 -46.65 0.56 -23.11
CA PHE G 3916 -45.43 1.32 -23.35
C PHE G 3916 -45.51 2.70 -22.73
N ASN G 3917 -46.69 3.34 -22.76
CA ASN G 3917 -46.83 4.65 -22.13
C ASN G 3917 -46.68 4.55 -20.62
N THR G 3918 -47.26 3.49 -20.02
CA THR G 3918 -47.04 3.26 -18.60
C THR G 3918 -45.57 3.04 -18.29
N LEU G 3919 -44.87 2.29 -19.13
CA LEU G 3919 -43.45 2.09 -18.92
C LEU G 3919 -42.67 3.39 -19.03
N THR G 3920 -43.00 4.23 -20.01
CA THR G 3920 -42.32 5.51 -20.16
C THR G 3920 -42.53 6.38 -18.93
N GLU G 3921 -43.77 6.43 -18.41
CA GLU G 3921 -44.02 7.20 -17.20
C GLU G 3921 -43.29 6.59 -16.01
N TYR G 3922 -43.02 5.28 -16.06
CA TYR G 3922 -42.18 4.67 -15.03
C TYR G 3922 -40.73 5.15 -15.13
N ILE G 3923 -40.20 5.22 -16.35
CA ILE G 3923 -38.77 5.51 -16.49
C ILE G 3923 -38.44 6.99 -16.42
N GLN G 3924 -39.39 7.86 -16.74
CA GLN G 3924 -39.07 9.25 -17.05
C GLN G 3924 -38.52 9.95 -15.81
N GLY G 3925 -37.61 10.88 -16.05
CA GLY G 3925 -36.78 11.40 -15.00
C GLY G 3925 -35.60 10.49 -14.76
N PRO G 3926 -34.57 11.00 -14.07
CA PRO G 3926 -33.40 10.15 -13.77
C PRO G 3926 -33.62 9.20 -12.60
N CYS G 3927 -34.62 8.32 -12.70
CA CYS G 3927 -34.90 7.32 -11.67
C CYS G 3927 -34.09 6.05 -11.95
N THR G 3928 -32.87 6.03 -11.43
CA THR G 3928 -31.94 4.95 -11.73
C THR G 3928 -32.49 3.60 -11.31
N GLY G 3929 -33.27 3.57 -10.23
CA GLY G 3929 -33.86 2.33 -9.79
C GLY G 3929 -34.68 1.66 -10.88
N ASN G 3930 -35.66 2.38 -11.41
CA ASN G 3930 -36.48 1.81 -12.47
C ASN G 3930 -35.70 1.64 -13.76
N GLN G 3931 -34.72 2.52 -14.03
CA GLN G 3931 -33.90 2.34 -15.22
C GLN G 3931 -33.16 1.01 -15.18
N GLN G 3932 -32.52 0.71 -14.05
CA GLN G 3932 -31.82 -0.56 -13.89
C GLN G 3932 -32.79 -1.74 -13.88
N SER G 3933 -33.97 -1.55 -13.29
CA SER G 3933 -34.95 -2.62 -13.26
C SER G 3933 -35.38 -3.02 -14.66
N LEU G 3934 -35.60 -2.05 -15.55
CA LEU G 3934 -35.93 -2.42 -16.92
C LEU G 3934 -34.70 -2.89 -17.70
N ALA G 3935 -33.51 -2.40 -17.35
CA ALA G 3935 -32.31 -2.84 -18.06
C ALA G 3935 -31.92 -4.27 -17.70
N HIS G 3936 -32.34 -4.75 -16.53
CA HIS G 3936 -32.01 -6.09 -16.05
C HIS G 3936 -33.21 -7.03 -16.08
N SER G 3937 -34.03 -6.96 -17.14
CA SER G 3937 -35.21 -7.79 -17.27
C SER G 3937 -35.24 -8.37 -18.68
N ARG G 3938 -36.35 -9.03 -19.02
CA ARG G 3938 -36.54 -9.55 -20.36
C ARG G 3938 -37.09 -8.50 -21.33
N LEU G 3939 -37.00 -7.21 -20.96
CA LEU G 3939 -37.46 -6.16 -21.84
C LEU G 3939 -36.73 -6.18 -23.18
N TRP G 3940 -35.43 -6.50 -23.17
CA TRP G 3940 -34.67 -6.49 -24.41
C TRP G 3940 -35.20 -7.51 -25.41
N ASP G 3941 -35.48 -8.73 -24.95
CA ASP G 3941 -36.13 -9.71 -25.82
C ASP G 3941 -37.49 -9.21 -26.29
N ALA G 3942 -38.21 -8.52 -25.40
CA ALA G 3942 -39.52 -8.00 -25.77
C ALA G 3942 -39.42 -7.05 -26.95
N VAL G 3943 -38.57 -6.03 -26.86
CA VAL G 3943 -38.47 -5.10 -27.98
C VAL G 3943 -37.76 -5.72 -29.17
N VAL G 3944 -36.97 -6.79 -28.99
CA VAL G 3944 -36.49 -7.52 -30.17
C VAL G 3944 -37.67 -8.07 -30.96
N GLY G 3945 -38.56 -8.78 -30.27
CA GLY G 3945 -39.78 -9.25 -30.92
C GLY G 3945 -40.62 -8.12 -31.47
N PHE G 3946 -40.65 -6.99 -30.76
CA PHE G 3946 -41.43 -5.84 -31.22
C PHE G 3946 -40.87 -5.28 -32.51
N LEU G 3947 -39.55 -5.15 -32.61
CA LEU G 3947 -38.94 -4.67 -33.85
C LEU G 3947 -39.18 -5.64 -34.99
N HIS G 3948 -39.10 -6.94 -34.70
CA HIS G 3948 -39.38 -7.94 -35.73
C HIS G 3948 -40.80 -7.79 -36.28
N VAL G 3949 -41.79 -7.80 -35.39
CA VAL G 3949 -43.18 -7.70 -35.85
C VAL G 3949 -43.42 -6.33 -36.49
N PHE G 3950 -42.75 -5.29 -36.01
CA PHE G 3950 -42.90 -3.96 -36.61
C PHE G 3950 -42.47 -3.98 -38.06
N ALA G 3951 -41.23 -4.41 -38.32
CA ALA G 3951 -40.73 -4.44 -39.69
C ALA G 3951 -41.63 -5.28 -40.58
N HIS G 3952 -41.93 -6.51 -40.15
CA HIS G 3952 -42.67 -7.42 -41.02
C HIS G 3952 -44.09 -6.92 -41.28
N MET G 3953 -44.78 -6.45 -40.24
CA MET G 3953 -46.14 -5.98 -40.41
C MET G 3953 -46.20 -4.69 -41.22
N GLN G 3954 -45.23 -3.79 -41.03
CA GLN G 3954 -45.25 -2.57 -41.83
C GLN G 3954 -45.01 -2.87 -43.30
N MET G 3955 -44.13 -3.83 -43.60
CA MET G 3955 -43.92 -4.23 -44.99
C MET G 3955 -45.18 -4.86 -45.57
N LYS G 3956 -45.78 -5.81 -44.84
CA LYS G 3956 -46.97 -6.49 -45.34
C LYS G 3956 -48.14 -5.55 -45.50
N LEU G 3957 -48.22 -4.50 -44.67
CA LEU G 3957 -49.33 -3.56 -44.77
C LEU G 3957 -49.10 -2.50 -45.83
N SER G 3958 -47.83 -2.17 -46.09
CA SER G 3958 -47.54 -1.25 -47.19
C SER G 3958 -47.65 -1.93 -48.55
N GLN G 3959 -47.54 -3.27 -48.59
CA GLN G 3959 -47.54 -3.92 -49.90
C GLN G 3959 -48.86 -3.81 -50.67
N ASP G 3960 -49.97 -3.37 -50.06
CA ASP G 3960 -51.17 -3.01 -50.80
C ASP G 3960 -52.01 -2.06 -49.94
N SER G 3961 -53.04 -1.50 -50.55
CA SER G 3961 -53.77 -0.37 -50.00
C SER G 3961 -54.96 -0.82 -49.15
N SER G 3962 -55.80 0.15 -48.80
CA SER G 3962 -57.02 -0.05 -48.04
C SER G 3962 -56.78 -0.64 -46.65
N GLN G 3963 -55.53 -0.76 -46.23
CA GLN G 3963 -55.16 -1.20 -44.89
C GLN G 3963 -54.21 -0.19 -44.27
N ILE G 3964 -54.54 1.09 -44.50
CA ILE G 3964 -53.79 2.24 -44.01
C ILE G 3964 -53.97 2.49 -42.51
N GLU G 3965 -55.13 2.14 -41.95
CA GLU G 3965 -55.37 2.40 -40.52
C GLU G 3965 -54.43 1.57 -39.65
N LEU G 3966 -54.31 0.28 -39.94
CA LEU G 3966 -53.44 -0.58 -39.15
C LEU G 3966 -51.99 -0.19 -39.31
N LEU G 3967 -51.59 0.27 -40.51
CA LEU G 3967 -50.23 0.76 -40.69
C LEU G 3967 -49.99 1.99 -39.82
N LYS G 3968 -50.94 2.92 -39.77
CA LYS G 3968 -50.77 4.08 -38.92
C LYS G 3968 -50.68 3.69 -37.45
N GLU G 3969 -51.49 2.71 -37.03
CA GLU G 3969 -51.45 2.30 -35.62
C GLU G 3969 -50.14 1.62 -35.27
N LEU G 3970 -49.62 0.79 -36.18
CA LEU G 3970 -48.32 0.15 -35.94
C LEU G 3970 -47.22 1.20 -35.88
N MET G 3971 -47.27 2.21 -36.75
CA MET G 3971 -46.29 3.29 -36.69
C MET G 3971 -46.38 4.03 -35.37
N ASP G 3972 -47.60 4.25 -34.87
CA ASP G 3972 -47.76 4.89 -33.56
C ASP G 3972 -47.13 4.06 -32.47
N LEU G 3973 -47.37 2.74 -32.50
CA LEU G 3973 -46.81 1.86 -31.47
C LEU G 3973 -45.28 1.87 -31.53
N GLN G 3974 -44.72 1.87 -32.73
CA GLN G 3974 -43.27 1.96 -32.87
C GLN G 3974 -42.75 3.28 -32.32
N LYS G 3975 -43.48 4.37 -32.55
CA LYS G 3975 -43.09 5.66 -31.99
C LYS G 3975 -43.07 5.61 -30.47
N ASP G 3976 -44.08 4.99 -29.87
CA ASP G 3976 -44.10 4.88 -28.40
C ASP G 3976 -42.96 4.01 -27.90
N MET G 3977 -42.61 2.95 -28.63
CA MET G 3977 -41.50 2.10 -28.23
C MET G 3977 -40.17 2.86 -28.29
N VAL G 3978 -39.95 3.63 -29.35
CA VAL G 3978 -38.72 4.40 -29.44
C VAL G 3978 -38.70 5.50 -28.39
N VAL G 3979 -39.87 6.03 -28.02
CA VAL G 3979 -39.93 6.99 -26.92
C VAL G 3979 -39.52 6.32 -25.61
N MET G 3980 -39.93 5.07 -25.40
CA MET G 3980 -39.51 4.34 -24.22
C MET G 3980 -38.00 4.12 -24.21
N LEU G 3981 -37.44 3.77 -25.37
CA LEU G 3981 -35.99 3.61 -25.47
C LEU G 3981 -35.26 4.92 -25.16
N LEU G 3982 -35.80 6.04 -25.66
CA LEU G 3982 -35.19 7.33 -25.38
C LEU G 3982 -35.29 7.68 -23.89
N SER G 3983 -36.40 7.33 -23.25
CA SER G 3983 -36.52 7.56 -21.81
C SER G 3983 -35.55 6.68 -21.03
N MET G 3984 -35.27 5.48 -21.54
CA MET G 3984 -34.24 4.64 -20.93
C MET G 3984 -32.86 5.27 -21.08
N LEU G 3985 -32.59 5.87 -22.24
CA LEU G 3985 -31.26 6.42 -22.53
C LEU G 3985 -31.05 7.82 -21.95
N GLU G 3986 -32.11 8.51 -21.54
CA GLU G 3986 -31.98 9.92 -21.15
C GLU G 3986 -31.13 10.15 -19.92
N GLY G 3987 -30.60 9.11 -19.29
CA GLY G 3987 -29.71 9.29 -18.15
C GLY G 3987 -28.39 8.59 -18.35
N ASN G 3988 -27.94 8.53 -19.60
CA ASN G 3988 -26.78 7.73 -19.97
C ASN G 3988 -25.50 8.56 -19.91
N VAL G 3989 -24.38 7.85 -19.93
CA VAL G 3989 -23.05 8.45 -20.05
C VAL G 3989 -22.50 7.96 -21.37
N VAL G 3990 -21.32 8.45 -21.77
CA VAL G 3990 -20.75 8.07 -23.07
C VAL G 3990 -20.49 6.57 -23.14
N ASN G 3991 -20.15 5.96 -22.01
CA ASN G 3991 -19.93 4.52 -21.94
C ASN G 3991 -20.93 3.88 -21.00
N GLY G 3992 -22.19 4.28 -21.10
CA GLY G 3992 -23.19 3.81 -20.18
C GLY G 3992 -23.58 2.36 -20.42
N THR G 3993 -23.85 1.66 -19.32
CA THR G 3993 -24.27 0.27 -19.41
C THR G 3993 -25.60 0.14 -20.15
N ILE G 3994 -26.50 1.10 -19.95
CA ILE G 3994 -27.77 1.07 -20.67
C ILE G 3994 -27.56 1.27 -22.16
N GLY G 3995 -26.64 2.15 -22.53
CA GLY G 3995 -26.30 2.31 -23.93
C GLY G 3995 -25.70 1.05 -24.53
N LYS G 3996 -24.85 0.37 -23.76
CA LYS G 3996 -24.30 -0.90 -24.23
C LYS G 3996 -25.40 -1.95 -24.40
N GLN G 3997 -26.33 -2.02 -23.45
CA GLN G 3997 -27.43 -2.96 -23.58
C GLN G 3997 -28.29 -2.65 -24.80
N MET G 3998 -28.54 -1.36 -25.06
CA MET G 3998 -29.37 -1.00 -26.20
C MET G 3998 -28.67 -1.30 -27.52
N VAL G 3999 -27.37 -1.06 -27.61
CA VAL G 3999 -26.67 -1.37 -28.86
C VAL G 3999 -26.55 -2.88 -29.04
N ASP G 4000 -26.44 -3.64 -27.95
CA ASP G 4000 -26.44 -5.10 -28.07
C ASP G 4000 -27.80 -5.59 -28.55
N MET G 4001 -28.88 -5.03 -28.03
CA MET G 4001 -30.21 -5.36 -28.53
C MET G 4001 -30.33 -5.02 -30.01
N LEU G 4002 -29.75 -3.90 -30.43
CA LEU G 4002 -29.83 -3.52 -31.84
C LEU G 4002 -29.09 -4.51 -32.72
N VAL G 4003 -27.87 -4.91 -32.33
CA VAL G 4003 -27.13 -5.87 -33.16
C VAL G 4003 -27.75 -7.26 -33.09
N GLU G 4004 -28.55 -7.54 -32.07
CA GLU G 4004 -29.33 -8.77 -32.06
C GLU G 4004 -30.53 -8.66 -32.99
N SER G 4005 -31.13 -7.48 -33.10
CA SER G 4005 -32.24 -7.23 -34.02
C SER G 4005 -31.79 -6.47 -35.25
N SER G 4006 -30.61 -6.80 -35.77
CA SER G 4006 -30.04 -6.06 -36.89
C SER G 4006 -30.95 -6.10 -38.11
N ASN G 4007 -31.36 -7.30 -38.54
CA ASN G 4007 -32.12 -7.42 -39.78
C ASN G 4007 -33.41 -6.61 -39.74
N ASN G 4008 -34.10 -6.63 -38.60
CA ASN G 4008 -35.40 -5.96 -38.49
C ASN G 4008 -35.26 -4.45 -38.56
N VAL G 4009 -34.34 -3.88 -37.78
CA VAL G 4009 -34.13 -2.44 -37.85
C VAL G 4009 -33.56 -2.06 -39.21
N GLU G 4010 -32.80 -2.95 -39.85
CA GLU G 4010 -32.35 -2.70 -41.22
C GLU G 4010 -33.54 -2.54 -42.16
N MET G 4011 -34.51 -3.45 -42.07
CA MET G 4011 -35.68 -3.35 -42.93
C MET G 4011 -36.49 -2.09 -42.62
N ILE G 4012 -36.60 -1.72 -41.34
CA ILE G 4012 -37.34 -0.52 -40.97
C ILE G 4012 -36.66 0.71 -41.56
N LEU G 4013 -35.34 0.80 -41.42
CA LEU G 4013 -34.60 1.94 -41.95
C LEU G 4013 -34.69 1.98 -43.48
N LYS G 4014 -34.69 0.82 -44.13
CA LYS G 4014 -34.83 0.80 -45.58
C LYS G 4014 -36.21 1.30 -46.01
N PHE G 4015 -37.25 0.88 -45.29
CA PHE G 4015 -38.61 1.37 -45.56
C PHE G 4015 -38.66 2.90 -45.43
N PHE G 4016 -38.10 3.42 -44.34
CA PHE G 4016 -38.14 4.86 -44.12
C PHE G 4016 -37.33 5.60 -45.19
N ASP G 4017 -36.18 5.05 -45.58
CA ASP G 4017 -35.39 5.67 -46.64
C ASP G 4017 -36.15 5.69 -47.96
N MET G 4018 -36.80 4.57 -48.31
CA MET G 4018 -37.60 4.53 -49.53
C MET G 4018 -38.66 5.61 -49.52
N PHE G 4019 -39.40 5.74 -48.43
CA PHE G 4019 -40.52 6.68 -48.41
C PHE G 4019 -40.03 8.12 -48.39
N LEU G 4020 -38.96 8.41 -47.65
CA LEU G 4020 -38.42 9.77 -47.62
C LEU G 4020 -37.83 10.15 -48.97
N LYS G 4021 -37.15 9.21 -49.63
CA LYS G 4021 -36.62 9.50 -50.96
C LYS G 4021 -37.72 9.69 -51.98
N LEU G 4022 -38.84 8.97 -51.84
CA LEU G 4022 -39.99 9.23 -52.70
C LEU G 4022 -40.53 10.64 -52.47
N LYS G 4023 -40.66 11.03 -51.21
CA LYS G 4023 -41.15 12.38 -50.92
C LYS G 4023 -40.20 13.44 -51.49
N ASP G 4024 -38.90 13.18 -51.44
CA ASP G 4024 -37.93 14.14 -51.98
C ASP G 4024 -37.96 14.18 -53.50
N LEU G 4025 -38.13 13.02 -54.14
CA LEU G 4025 -38.03 12.93 -55.59
C LEU G 4025 -39.31 13.36 -56.28
N THR G 4026 -40.46 13.27 -55.61
CA THR G 4026 -41.71 13.62 -56.26
C THR G 4026 -41.78 15.10 -56.65
N SER G 4027 -40.95 15.94 -56.05
CA SER G 4027 -40.92 17.37 -56.36
C SER G 4027 -39.48 17.86 -56.42
N SER G 4028 -38.62 17.13 -57.15
CA SER G 4028 -37.20 17.42 -57.15
C SER G 4028 -36.72 18.03 -58.48
N ASP G 4029 -36.90 17.33 -59.59
CA ASP G 4029 -36.40 17.83 -60.87
C ASP G 4029 -37.51 18.07 -61.89
N THR G 4030 -38.30 17.05 -62.22
CA THR G 4030 -39.29 17.19 -63.28
C THR G 4030 -40.63 16.52 -62.99
N PHE G 4031 -40.77 15.85 -61.85
CA PHE G 4031 -41.99 15.09 -61.60
C PHE G 4031 -43.16 15.99 -61.20
N LYS G 4032 -42.89 17.15 -60.61
CA LYS G 4032 -43.95 18.06 -60.22
C LYS G 4032 -44.49 18.86 -61.40
N GLU G 4033 -43.77 18.88 -62.53
CA GLU G 4033 -44.25 19.57 -63.73
C GLU G 4033 -44.26 18.64 -64.94
N TYR G 4034 -44.23 17.33 -64.72
CA TYR G 4034 -44.20 16.39 -65.84
C TYR G 4034 -45.45 16.52 -66.70
N ASP G 4035 -46.63 16.41 -66.08
CA ASP G 4035 -47.90 16.51 -66.79
C ASP G 4035 -48.76 17.55 -66.07
N PRO G 4036 -48.49 18.84 -66.29
CA PRO G 4036 -49.23 19.91 -65.59
C PRO G 4036 -50.46 20.37 -66.35
N ASP G 4037 -51.41 19.46 -66.55
CA ASP G 4037 -52.71 19.79 -67.13
C ASP G 4037 -53.80 19.88 -66.08
N GLY G 4038 -53.88 18.89 -65.19
CA GLY G 4038 -54.84 18.91 -64.10
C GLY G 4038 -54.22 18.48 -62.79
N LYS G 4039 -54.80 17.43 -62.18
CA LYS G 4039 -54.21 16.83 -61.00
C LYS G 4039 -53.07 15.90 -61.44
N GLY G 4040 -52.54 15.09 -60.54
CA GLY G 4040 -51.48 14.17 -60.91
C GLY G 4040 -51.95 13.08 -61.86
N VAL G 4041 -51.53 13.15 -63.13
CA VAL G 4041 -51.87 12.15 -64.13
C VAL G 4041 -50.56 11.50 -64.56
N ILE G 4042 -50.20 10.39 -63.93
CA ILE G 4042 -48.97 9.68 -64.22
C ILE G 4042 -49.33 8.26 -64.65
N SER G 4043 -48.91 7.88 -65.86
CA SER G 4043 -49.13 6.52 -66.35
C SER G 4043 -48.25 5.49 -65.65
N LYS G 4044 -47.42 5.95 -64.71
CA LYS G 4044 -46.60 5.13 -63.82
C LYS G 4044 -45.43 4.47 -64.54
N ARG G 4045 -45.42 4.51 -65.87
CA ARG G 4045 -44.26 4.00 -66.59
C ARG G 4045 -43.12 4.99 -66.54
N ASP G 4046 -43.39 6.24 -66.94
CA ASP G 4046 -42.42 7.32 -66.72
C ASP G 4046 -42.05 7.42 -65.24
N PHE G 4047 -43.00 7.17 -64.34
CA PHE G 4047 -42.69 7.23 -62.91
C PHE G 4047 -41.67 6.17 -62.51
N HIS G 4048 -41.94 4.91 -62.85
CA HIS G 4048 -40.99 3.84 -62.54
C HIS G 4048 -39.64 4.09 -63.19
N LYS G 4049 -39.65 4.45 -64.46
CA LYS G 4049 -38.40 4.60 -65.18
C LYS G 4049 -37.61 5.81 -64.66
N ALA G 4050 -38.31 6.89 -64.29
CA ALA G 4050 -37.65 8.05 -63.69
C ALA G 4050 -37.09 7.74 -62.31
N MET G 4051 -37.85 7.02 -61.48
CA MET G 4051 -37.35 6.67 -60.15
C MET G 4051 -36.20 5.68 -60.25
N GLU G 4052 -36.09 4.92 -61.34
CA GLU G 4052 -34.96 4.02 -61.50
C GLU G 4052 -33.77 4.67 -62.21
N SER G 4053 -33.97 5.79 -62.91
CA SER G 4053 -32.89 6.47 -63.60
C SER G 4053 -32.37 7.68 -62.85
N HIS G 4054 -33.03 8.06 -61.75
CA HIS G 4054 -32.55 9.17 -60.94
C HIS G 4054 -31.42 8.79 -60.00
N LYS G 4055 -30.92 7.56 -60.08
CA LYS G 4055 -29.72 7.12 -59.34
C LYS G 4055 -29.89 7.22 -57.83
N HIS G 4056 -31.12 7.20 -57.34
CA HIS G 4056 -31.35 7.21 -55.90
C HIS G 4056 -32.16 5.99 -55.47
N TYR G 4057 -32.43 5.06 -56.37
CA TYR G 4057 -33.22 3.87 -56.08
C TYR G 4057 -32.62 2.68 -56.81
N THR G 4058 -32.60 1.53 -56.16
CA THR G 4058 -32.32 0.28 -56.85
C THR G 4058 -33.61 -0.38 -57.31
N GLN G 4059 -33.45 -1.41 -58.13
CA GLN G 4059 -34.60 -2.05 -58.79
C GLN G 4059 -35.56 -2.64 -57.77
N SER G 4060 -35.03 -3.22 -56.70
CA SER G 4060 -35.90 -3.78 -55.66
C SER G 4060 -36.73 -2.71 -55.00
N GLU G 4061 -36.12 -1.56 -54.68
CA GLU G 4061 -36.86 -0.47 -54.08
C GLU G 4061 -37.90 0.10 -55.05
N THR G 4062 -37.55 0.18 -56.34
CA THR G 4062 -38.48 0.71 -57.32
C THR G 4062 -39.71 -0.19 -57.44
N GLU G 4063 -39.49 -1.51 -57.51
CA GLU G 4063 -40.64 -2.42 -57.61
C GLU G 4063 -41.44 -2.45 -56.31
N PHE G 4064 -40.77 -2.34 -55.16
CA PHE G 4064 -41.49 -2.28 -53.89
C PHE G 4064 -42.37 -1.04 -53.80
N LEU G 4065 -41.88 0.08 -54.33
CA LEU G 4065 -42.67 1.30 -54.30
C LEU G 4065 -43.78 1.28 -55.34
N LEU G 4066 -43.55 0.62 -56.47
CA LEU G 4066 -44.62 0.44 -57.45
C LEU G 4066 -45.70 -0.50 -56.93
N SER G 4067 -45.34 -1.42 -56.04
CA SER G 4067 -46.33 -2.27 -55.39
C SER G 4067 -47.33 -1.45 -54.59
N CYS G 4068 -46.97 -0.24 -54.18
CA CYS G 4068 -47.85 0.64 -53.42
C CYS G 4068 -48.76 1.47 -54.32
N ALA G 4069 -48.84 1.16 -55.61
CA ALA G 4069 -49.64 1.94 -56.53
C ALA G 4069 -51.13 1.72 -56.28
N GLU G 4070 -51.94 2.61 -56.86
CA GLU G 4070 -53.39 2.59 -56.69
C GLU G 4070 -54.13 1.98 -57.88
N THR G 4071 -53.71 2.32 -59.11
CA THR G 4071 -54.33 1.84 -60.34
C THR G 4071 -55.83 2.13 -60.36
N ASP G 4072 -56.14 3.42 -60.43
CA ASP G 4072 -57.52 3.91 -60.41
C ASP G 4072 -58.20 3.69 -61.77
N GLU G 4073 -58.18 2.43 -62.21
CA GLU G 4073 -58.86 1.95 -63.42
C GLU G 4073 -58.42 2.68 -64.68
N ASN G 4074 -57.36 3.47 -64.62
CA ASN G 4074 -56.87 4.19 -65.78
C ASN G 4074 -55.35 4.27 -65.80
N GLU G 4075 -54.67 3.48 -64.98
CA GLU G 4075 -53.21 3.49 -64.85
C GLU G 4075 -52.71 4.89 -64.44
N THR G 4076 -53.16 5.31 -63.26
CA THR G 4076 -52.83 6.66 -62.79
C THR G 4076 -52.94 6.73 -61.28
N LEU G 4077 -51.91 7.31 -60.66
CA LEU G 4077 -51.90 7.68 -59.25
C LEU G 4077 -51.67 9.18 -59.15
N ASP G 4078 -52.27 9.80 -58.13
CA ASP G 4078 -52.00 11.21 -57.86
C ASP G 4078 -50.99 11.29 -56.72
N TYR G 4079 -49.74 11.60 -57.07
CA TYR G 4079 -48.65 11.62 -56.10
C TYR G 4079 -48.90 12.64 -55.00
N GLU G 4080 -49.77 13.62 -55.23
CA GLU G 4080 -50.15 14.55 -54.18
C GLU G 4080 -50.72 13.78 -53.01
N GLU G 4081 -51.86 13.11 -53.25
CA GLU G 4081 -52.43 12.11 -52.38
C GLU G 4081 -51.38 11.13 -51.85
N PHE G 4082 -50.47 10.65 -52.71
CA PHE G 4082 -49.51 9.65 -52.25
C PHE G 4082 -48.65 10.18 -51.09
N VAL G 4083 -48.04 11.34 -51.27
CA VAL G 4083 -47.18 11.89 -50.22
C VAL G 4083 -48.00 12.52 -49.11
N LYS G 4084 -49.24 12.87 -49.39
CA LYS G 4084 -50.16 13.34 -48.36
C LYS G 4084 -50.57 12.25 -47.40
N ARG G 4085 -50.51 11.00 -47.84
CA ARG G 4085 -50.91 9.88 -46.98
C ARG G 4085 -49.73 9.09 -46.43
N PHE G 4086 -48.67 8.90 -47.22
CA PHE G 4086 -47.62 7.94 -46.84
C PHE G 4086 -46.34 8.59 -46.32
N HIS G 4087 -46.31 9.91 -46.13
CA HIS G 4087 -45.06 10.58 -45.74
C HIS G 4087 -45.08 11.13 -44.32
N GLU G 4088 -46.22 11.63 -43.83
CA GLU G 4088 -46.21 12.31 -42.54
C GLU G 4088 -45.92 11.35 -41.38
N PRO G 4089 -46.65 10.25 -41.19
CA PRO G 4089 -46.27 9.36 -40.08
C PRO G 4089 -44.91 8.73 -40.27
N ALA G 4090 -44.56 8.41 -41.52
CA ALA G 4090 -43.20 7.96 -41.81
C ALA G 4090 -42.19 9.00 -41.34
N LYS G 4091 -42.45 10.28 -41.62
CA LYS G 4091 -41.54 11.34 -41.18
C LYS G 4091 -41.45 11.40 -39.67
N ASP G 4092 -42.57 11.29 -38.97
CA ASP G 4092 -42.56 11.41 -37.51
C ASP G 4092 -41.75 10.27 -36.88
N ILE G 4093 -42.08 9.02 -37.24
CA ILE G 4093 -41.37 7.89 -36.63
C ILE G 4093 -39.92 7.83 -37.10
N GLY G 4094 -39.64 8.30 -38.32
CA GLY G 4094 -38.26 8.40 -38.75
C GLY G 4094 -37.48 9.41 -37.94
N PHE G 4095 -38.12 10.53 -37.59
CA PHE G 4095 -37.46 11.51 -36.74
C PHE G 4095 -37.19 10.94 -35.36
N ASN G 4096 -38.14 10.17 -34.83
CA ASN G 4096 -37.93 9.56 -33.51
C ASN G 4096 -36.75 8.58 -33.53
N VAL G 4097 -36.75 7.66 -34.49
CA VAL G 4097 -35.64 6.71 -34.57
C VAL G 4097 -34.34 7.44 -34.92
N ALA G 4098 -34.43 8.59 -35.60
CA ALA G 4098 -33.25 9.34 -35.94
C ALA G 4098 -32.62 9.97 -34.71
N VAL G 4099 -33.43 10.58 -33.84
CA VAL G 4099 -32.87 11.14 -32.63
C VAL G 4099 -32.38 10.03 -31.70
N LEU G 4100 -33.00 8.85 -31.75
CA LEU G 4100 -32.49 7.71 -30.99
C LEU G 4100 -31.09 7.32 -31.46
N LEU G 4101 -30.93 7.13 -32.78
CA LEU G 4101 -29.64 6.76 -33.32
C LEU G 4101 -28.60 7.86 -33.09
N THR G 4102 -29.03 9.13 -33.13
CA THR G 4102 -28.13 10.23 -32.88
C THR G 4102 -27.62 10.21 -31.45
N ASN G 4103 -28.53 9.99 -30.50
CA ASN G 4103 -28.14 9.85 -29.10
C ASN G 4103 -27.16 8.69 -28.92
N LEU G 4104 -27.48 7.54 -29.52
CA LEU G 4104 -26.61 6.37 -29.38
C LEU G 4104 -25.22 6.64 -29.95
N SER G 4105 -25.16 7.27 -31.13
CA SER G 4105 -23.89 7.62 -31.73
C SER G 4105 -23.10 8.56 -30.83
N GLU G 4106 -23.65 9.74 -30.57
CA GLU G 4106 -22.94 10.78 -29.84
C GLU G 4106 -22.75 10.46 -28.37
N HIS G 4107 -23.30 9.34 -27.87
CA HIS G 4107 -22.88 8.84 -26.57
C HIS G 4107 -21.79 7.78 -26.71
N MET G 4108 -22.09 6.67 -27.40
CA MET G 4108 -21.16 5.57 -27.56
C MET G 4108 -20.51 5.63 -28.93
N PRO G 4109 -19.25 6.07 -29.05
CA PRO G 4109 -18.59 6.07 -30.35
C PRO G 4109 -17.72 4.84 -30.58
N ASN G 4110 -17.28 4.66 -31.82
CA ASN G 4110 -16.26 3.67 -32.17
C ASN G 4110 -16.68 2.24 -31.84
N ASP G 4111 -17.77 1.81 -32.49
CA ASP G 4111 -18.22 0.43 -32.44
C ASP G 4111 -18.61 0.00 -33.85
N THR G 4112 -17.93 -1.01 -34.40
CA THR G 4112 -18.11 -1.37 -35.80
C THR G 4112 -19.56 -1.76 -36.10
N ARG G 4113 -20.18 -2.52 -35.20
CA ARG G 4113 -21.60 -2.83 -35.34
C ARG G 4113 -22.42 -1.55 -35.27
N LEU G 4114 -22.17 -0.73 -34.26
CA LEU G 4114 -22.76 0.59 -34.23
C LEU G 4114 -22.27 1.45 -35.39
N GLN G 4115 -21.13 1.13 -36.00
CA GLN G 4115 -20.67 1.91 -37.15
C GLN G 4115 -21.52 1.66 -38.38
N THR G 4116 -21.87 0.41 -38.66
CA THR G 4116 -22.77 0.15 -39.78
C THR G 4116 -24.19 0.65 -39.46
N PHE G 4117 -24.63 0.44 -38.21
CA PHE G 4117 -25.89 1.05 -37.78
C PHE G 4117 -25.86 2.56 -37.96
N LEU G 4118 -24.69 3.18 -37.81
CA LEU G 4118 -24.55 4.62 -37.92
C LEU G 4118 -24.49 5.09 -39.36
N GLU G 4119 -23.92 4.28 -40.26
CA GLU G 4119 -23.97 4.65 -41.67
C GLU G 4119 -25.40 4.62 -42.16
N LEU G 4120 -26.17 3.60 -41.75
CA LEU G 4120 -27.61 3.61 -42.02
C LEU G 4120 -28.29 4.80 -41.35
N ALA G 4121 -27.89 5.10 -40.11
CA ALA G 4121 -28.45 6.23 -39.39
C ALA G 4121 -28.27 7.52 -40.20
N GLU G 4122 -27.05 7.79 -40.66
CA GLU G 4122 -26.79 9.01 -41.41
C GLU G 4122 -27.46 9.00 -42.78
N SER G 4123 -27.61 7.82 -43.39
CA SER G 4123 -28.43 7.73 -44.60
C SER G 4123 -29.85 8.20 -44.34
N VAL G 4124 -30.37 7.93 -43.14
CA VAL G 4124 -31.66 8.50 -42.77
C VAL G 4124 -31.52 9.98 -42.41
N LEU G 4125 -30.44 10.35 -41.74
CA LEU G 4125 -30.28 11.70 -41.19
C LEU G 4125 -30.05 12.75 -42.28
N ASN G 4126 -29.63 12.34 -43.47
CA ASN G 4126 -29.53 13.32 -44.55
C ASN G 4126 -30.84 14.02 -44.84
N TYR G 4127 -31.96 13.51 -44.32
CA TYR G 4127 -33.25 14.19 -44.41
C TYR G 4127 -33.62 14.92 -43.13
N PHE G 4128 -33.23 14.41 -41.96
CA PHE G 4128 -33.63 14.98 -40.68
C PHE G 4128 -32.56 15.89 -40.08
N GLN G 4129 -31.60 16.37 -40.88
CA GLN G 4129 -30.58 17.26 -40.32
C GLN G 4129 -31.13 18.62 -39.94
N PRO G 4130 -31.88 19.33 -40.80
CA PRO G 4130 -32.46 20.61 -40.38
C PRO G 4130 -33.70 20.49 -39.51
N PHE G 4131 -34.00 19.31 -38.99
CA PHE G 4131 -35.22 19.09 -38.21
C PHE G 4131 -34.97 18.75 -36.75
N LEU G 4132 -33.78 18.29 -36.38
CA LEU G 4132 -33.48 17.94 -35.00
C LEU G 4132 -32.48 18.93 -34.42
N GLY G 4133 -32.74 19.38 -33.20
CA GLY G 4133 -31.86 20.30 -32.51
C GLY G 4133 -31.38 19.69 -31.21
N ARG G 4134 -30.18 20.08 -30.80
CA ARG G 4134 -29.55 19.54 -29.59
C ARG G 4134 -29.13 20.67 -28.67
N ILE G 4135 -29.37 20.48 -27.38
CA ILE G 4135 -29.04 21.45 -26.35
C ILE G 4135 -28.19 20.76 -25.29
N GLU G 4136 -27.29 21.51 -24.67
CA GLU G 4136 -26.43 21.00 -23.61
C GLU G 4136 -26.91 21.57 -22.29
N ILE G 4137 -27.75 20.81 -21.59
CA ILE G 4137 -28.28 21.20 -20.29
C ILE G 4137 -27.30 20.78 -19.21
N MET G 4138 -27.28 21.51 -18.10
CA MET G 4138 -26.47 21.17 -16.94
C MET G 4138 -27.39 21.22 -15.73
N GLY G 4139 -27.93 20.07 -15.34
CA GLY G 4139 -28.82 20.04 -14.20
C GLY G 4139 -29.37 18.66 -13.96
N SER G 4140 -29.79 18.44 -12.71
CA SER G 4140 -30.49 17.23 -12.26
C SER G 4140 -29.55 16.02 -12.21
N ALA G 4141 -28.35 16.18 -12.76
CA ALA G 4141 -27.34 15.13 -12.64
C ALA G 4141 -25.94 15.67 -12.39
N LYS G 4142 -25.78 17.00 -12.22
CA LYS G 4142 -24.46 17.63 -12.07
C LYS G 4142 -23.52 17.29 -13.22
N ARG G 4143 -24.09 16.99 -14.40
CA ARG G 4143 -23.31 16.64 -15.57
C ARG G 4143 -24.01 17.20 -16.81
N ILE G 4144 -23.23 17.37 -17.87
CA ILE G 4144 -23.75 17.90 -19.12
C ILE G 4144 -24.57 16.82 -19.81
N GLU G 4145 -25.80 17.15 -20.19
CA GLU G 4145 -26.70 16.24 -20.86
C GLU G 4145 -27.13 16.84 -22.19
N ARG G 4146 -26.97 16.08 -23.27
CA ARG G 4146 -27.35 16.53 -24.61
C ARG G 4146 -28.80 16.10 -24.86
N VAL G 4147 -29.71 17.05 -24.76
CA VAL G 4147 -31.12 16.80 -25.03
C VAL G 4147 -31.38 17.08 -26.51
N TYR G 4148 -32.34 16.35 -27.07
CA TYR G 4148 -32.70 16.47 -28.48
C TYR G 4148 -34.17 16.80 -28.61
N PHE G 4149 -34.51 17.55 -29.65
CA PHE G 4149 -35.88 18.00 -29.84
C PHE G 4149 -36.11 18.31 -31.31
N GLU G 4150 -37.36 18.64 -31.64
CA GLU G 4150 -37.77 18.91 -33.01
C GLU G 4150 -37.86 20.41 -33.25
N ILE G 4151 -37.45 20.83 -34.45
CA ILE G 4151 -37.51 22.22 -34.88
C ILE G 4151 -38.46 22.30 -36.07
N SER G 4152 -39.44 23.19 -35.99
CA SER G 4152 -40.46 23.31 -37.02
C SER G 4152 -39.94 24.13 -38.19
N GLU G 4153 -40.42 23.78 -39.39
CA GLU G 4153 -40.08 24.56 -40.58
C GLU G 4153 -40.63 25.97 -40.49
N SER G 4154 -41.82 26.14 -39.91
CA SER G 4154 -42.37 27.47 -39.71
C SER G 4154 -41.50 28.28 -38.77
N SER G 4155 -41.01 27.64 -37.70
CA SER G 4155 -40.09 28.33 -36.78
C SER G 4155 -38.80 28.73 -37.49
N ARG G 4156 -38.26 27.83 -38.33
CA ARG G 4156 -37.06 28.17 -39.08
C ARG G 4156 -37.29 29.35 -40.01
N THR G 4157 -38.46 29.39 -40.67
CA THR G 4157 -38.77 30.51 -41.55
C THR G 4157 -38.89 31.82 -40.77
N GLN G 4158 -39.60 31.79 -39.65
CA GLN G 4158 -39.75 33.00 -38.85
C GLN G 4158 -38.42 33.45 -38.27
N TRP G 4159 -37.50 32.52 -38.02
CA TRP G 4159 -36.15 32.89 -37.60
C TRP G 4159 -35.35 33.47 -38.75
N GLU G 4160 -35.64 33.02 -39.97
CA GLU G 4160 -34.98 33.58 -41.15
C GLU G 4160 -35.52 34.97 -41.48
N LYS G 4161 -36.72 35.31 -41.03
CA LYS G 4161 -37.33 36.62 -41.26
C LYS G 4161 -36.39 37.76 -40.87
N PRO G 4162 -36.49 38.92 -41.51
CA PRO G 4162 -35.51 40.00 -41.23
C PRO G 4162 -35.60 40.59 -39.84
N GLN G 4163 -36.80 41.00 -39.40
CA GLN G 4163 -36.92 41.73 -38.14
C GLN G 4163 -36.38 40.92 -36.97
N VAL G 4164 -36.51 39.60 -37.01
CA VAL G 4164 -35.91 38.79 -35.95
C VAL G 4164 -34.40 38.84 -36.04
N LYS G 4165 -33.85 38.96 -37.26
CA LYS G 4165 -32.40 39.06 -37.38
C LYS G 4165 -31.88 40.37 -36.80
N GLU G 4166 -32.57 41.48 -37.09
CA GLU G 4166 -32.15 42.75 -36.49
C GLU G 4166 -32.33 42.72 -34.97
N SER G 4167 -33.42 42.12 -34.49
CA SER G 4167 -33.58 41.98 -33.03
C SER G 4167 -32.44 41.17 -32.43
N LYS G 4168 -32.02 40.11 -33.11
CA LYS G 4168 -30.94 39.26 -32.60
C LYS G 4168 -29.62 40.03 -32.55
N ARG G 4169 -29.30 40.76 -33.62
CA ARG G 4169 -28.04 41.49 -33.61
C ARG G 4169 -28.05 42.61 -32.57
N GLN G 4170 -29.21 43.27 -32.39
CA GLN G 4170 -29.30 44.28 -31.35
C GLN G 4170 -29.15 43.69 -29.96
N PHE G 4171 -29.78 42.53 -29.72
CA PHE G 4171 -29.62 41.87 -28.44
C PHE G 4171 -28.18 41.49 -28.18
N ILE G 4172 -27.51 40.91 -29.19
CA ILE G 4172 -26.11 40.55 -29.05
C ILE G 4172 -25.28 41.76 -28.68
N PHE G 4173 -25.48 42.86 -29.41
CA PHE G 4173 -24.70 44.07 -29.16
C PHE G 4173 -24.90 44.58 -27.75
N ASP G 4174 -26.16 44.77 -27.33
CA ASP G 4174 -26.40 45.40 -26.04
C ASP G 4174 -26.27 44.43 -24.87
N VAL G 4175 -26.07 43.14 -25.13
CA VAL G 4175 -25.76 42.21 -24.04
C VAL G 4175 -24.26 41.95 -23.92
N VAL G 4176 -23.49 42.17 -24.99
CA VAL G 4176 -22.04 42.07 -24.85
C VAL G 4176 -21.43 43.40 -24.41
N ASN G 4177 -22.07 44.53 -24.74
CA ASN G 4177 -21.52 45.82 -24.34
C ASN G 4177 -21.86 46.15 -22.89
N GLU G 4178 -23.15 46.20 -22.58
CA GLU G 4178 -23.61 46.62 -21.25
C GLU G 4178 -23.71 45.45 -20.28
N GLY G 4179 -24.42 44.39 -20.67
CA GLY G 4179 -24.60 43.26 -19.77
C GLY G 4179 -23.30 42.49 -19.55
N GLY G 4180 -23.11 42.04 -18.32
CA GLY G 4180 -21.94 41.25 -17.98
C GLY G 4180 -22.22 39.76 -18.05
N GLU G 4181 -22.04 39.07 -16.92
CA GLU G 4181 -22.31 37.64 -16.83
C GLU G 4181 -23.32 37.28 -15.75
N LYS G 4182 -23.64 38.21 -14.84
CA LYS G 4182 -24.65 37.93 -13.82
C LYS G 4182 -26.05 37.86 -14.42
N GLU G 4183 -26.40 38.82 -15.27
CA GLU G 4183 -27.72 38.88 -15.88
C GLU G 4183 -27.68 38.55 -17.37
N LYS G 4184 -26.58 37.93 -17.84
CA LYS G 4184 -26.50 37.57 -19.25
C LYS G 4184 -27.56 36.53 -19.60
N MET G 4185 -27.72 35.51 -18.76
CA MET G 4185 -28.73 34.49 -19.03
C MET G 4185 -30.15 35.05 -18.86
N GLU G 4186 -30.33 35.97 -17.90
CA GLU G 4186 -31.60 36.69 -17.78
C GLU G 4186 -31.94 37.40 -19.09
N LEU G 4187 -31.00 38.19 -19.60
CA LEU G 4187 -31.24 38.93 -20.83
C LEU G 4187 -31.44 38.00 -22.00
N PHE G 4188 -30.74 36.87 -22.01
CA PHE G 4188 -30.89 35.91 -23.11
C PHE G 4188 -32.28 35.27 -23.10
N VAL G 4189 -32.77 34.91 -21.92
CA VAL G 4189 -34.11 34.33 -21.84
C VAL G 4189 -35.17 35.36 -22.19
N ASN G 4190 -34.98 36.60 -21.72
CA ASN G 4190 -35.89 37.67 -22.12
C ASN G 4190 -35.88 37.86 -23.63
N PHE G 4191 -34.70 37.80 -24.24
CA PHE G 4191 -34.59 37.94 -25.69
C PHE G 4191 -35.27 36.78 -26.41
N CYS G 4192 -35.14 35.57 -25.87
CA CYS G 4192 -35.81 34.43 -26.47
C CYS G 4192 -37.33 34.59 -26.42
N GLU G 4193 -37.84 35.09 -25.30
CA GLU G 4193 -39.29 35.31 -25.20
C GLU G 4193 -39.75 36.40 -26.17
N ASP G 4194 -39.02 37.52 -26.20
CA ASP G 4194 -39.37 38.59 -27.14
C ASP G 4194 -39.28 38.11 -28.58
N THR G 4195 -38.32 37.23 -28.88
CA THR G 4195 -38.13 36.77 -30.24
C THR G 4195 -39.19 35.74 -30.66
N ILE G 4196 -39.62 34.89 -29.73
CA ILE G 4196 -40.71 33.99 -30.09
C ILE G 4196 -42.00 34.77 -30.25
N PHE G 4197 -42.19 35.86 -29.49
CA PHE G 4197 -43.33 36.72 -29.75
C PHE G 4197 -43.21 37.40 -31.11
N GLU G 4198 -41.99 37.82 -31.47
CA GLU G 4198 -41.73 38.40 -32.78
C GLU G 4198 -42.06 37.40 -33.89
N MET G 4199 -41.70 36.14 -33.71
CA MET G 4199 -41.94 35.12 -34.72
C MET G 4199 -43.43 34.81 -34.84
N GLN G 4200 -44.14 34.76 -33.71
CA GLN G 4200 -45.58 34.61 -33.75
C GLN G 4200 -46.23 35.77 -34.51
N LEU G 4201 -45.78 37.00 -34.25
CA LEU G 4201 -46.33 38.16 -34.95
C LEU G 4201 -46.02 38.10 -36.44
N ALA G 4202 -44.80 37.72 -36.80
CA ALA G 4202 -44.41 37.67 -38.20
C ALA G 4202 -45.18 36.59 -38.96
N ALA G 4203 -45.44 35.46 -38.30
CA ALA G 4203 -46.26 34.42 -38.92
C ALA G 4203 -47.72 34.87 -39.02
N GLN G 4204 -48.19 35.65 -38.05
CA GLN G 4204 -49.53 36.23 -38.15
C GLN G 4204 -49.61 37.18 -39.34
N ILE G 4205 -48.53 37.88 -39.63
CA ILE G 4205 -48.49 38.79 -40.78
C ILE G 4205 -48.57 38.01 -42.08
N PHE G 4478 -71.38 43.71 -43.57
CA PHE G 4478 -70.51 44.85 -43.79
C PHE G 4478 -69.22 44.73 -43.00
N TRP G 4479 -69.33 44.13 -41.81
CA TRP G 4479 -68.16 43.98 -40.94
C TRP G 4479 -67.14 42.99 -41.51
N LYS G 4480 -67.56 42.13 -42.44
CA LYS G 4480 -66.68 41.16 -43.08
C LYS G 4480 -66.20 41.65 -44.45
N LYS G 4481 -66.33 42.94 -44.73
CA LYS G 4481 -65.89 43.50 -46.00
C LYS G 4481 -64.84 44.60 -45.86
N ILE G 4482 -64.84 45.35 -44.76
CA ILE G 4482 -63.87 46.40 -44.54
C ILE G 4482 -62.75 45.96 -43.60
N ILE G 4483 -63.08 45.19 -42.57
CA ILE G 4483 -62.07 44.74 -41.61
C ILE G 4483 -61.11 43.77 -42.28
N ALA G 4484 -61.63 42.81 -43.04
CA ALA G 4484 -60.79 41.80 -43.69
C ALA G 4484 -59.87 42.41 -44.74
N TYR G 4485 -60.21 43.57 -45.28
CA TYR G 4485 -59.32 44.25 -46.23
C TYR G 4485 -58.33 45.19 -45.55
N GLN G 4486 -58.78 45.94 -44.55
CA GLN G 4486 -57.87 46.87 -43.88
C GLN G 4486 -56.83 46.09 -43.06
N GLN G 4487 -57.20 44.91 -42.55
CA GLN G 4487 -56.23 44.04 -41.91
C GLN G 4487 -55.14 43.61 -42.88
N LYS G 4488 -55.53 43.24 -44.11
CA LYS G 4488 -54.56 42.88 -45.13
C LYS G 4488 -53.68 44.08 -45.49
N LEU G 4489 -54.26 45.27 -45.50
CA LEU G 4489 -53.47 46.47 -45.78
C LEU G 4489 -52.43 46.71 -44.69
N LEU G 4490 -52.83 46.60 -43.42
CA LEU G 4490 -51.88 46.77 -42.32
C LEU G 4490 -50.80 45.68 -42.37
N ASN G 4491 -51.18 44.46 -42.73
CA ASN G 4491 -50.20 43.39 -42.83
C ASN G 4491 -49.21 43.66 -43.94
N TYR G 4492 -49.69 44.15 -45.08
CA TYR G 4492 -48.80 44.51 -46.18
C TYR G 4492 -47.86 45.64 -45.77
N PHE G 4493 -48.36 46.62 -45.04
CA PHE G 4493 -47.50 47.70 -44.58
C PHE G 4493 -46.43 47.20 -43.62
N ALA G 4494 -46.81 46.36 -42.66
CA ALA G 4494 -45.84 45.81 -41.72
C ALA G 4494 -44.81 44.94 -42.42
N ARG G 4495 -45.22 44.24 -43.47
CA ARG G 4495 -44.28 43.40 -44.22
C ARG G 4495 -43.38 44.23 -45.13
N ASN G 4496 -43.87 45.39 -45.59
CA ASN G 4496 -43.15 46.25 -46.51
C ASN G 4496 -42.66 47.52 -45.83
N PHE G 4497 -42.45 47.48 -44.51
CA PHE G 4497 -41.99 48.66 -43.79
C PHE G 4497 -40.59 49.09 -44.24
N TYR G 4498 -39.66 48.14 -44.37
CA TYR G 4498 -38.28 48.50 -44.64
C TYR G 4498 -38.09 49.02 -46.07
N ASN G 4499 -38.70 48.36 -47.06
CA ASN G 4499 -38.64 48.88 -48.41
C ASN G 4499 -39.32 50.23 -48.51
N MET G 4500 -40.36 50.47 -47.69
CA MET G 4500 -40.95 51.79 -47.64
C MET G 4500 -39.94 52.82 -47.13
N ARG G 4501 -39.11 52.43 -46.16
CA ARG G 4501 -38.07 53.34 -45.67
C ARG G 4501 -37.04 53.63 -46.75
N MET G 4502 -36.61 52.61 -47.49
CA MET G 4502 -35.63 52.84 -48.55
C MET G 4502 -36.23 53.68 -49.68
N LEU G 4503 -37.49 53.45 -50.01
CA LEU G 4503 -38.15 54.27 -51.03
C LEU G 4503 -38.29 55.71 -50.55
N ALA G 4504 -38.55 55.89 -49.25
CA ALA G 4504 -38.59 57.23 -48.69
C ALA G 4504 -37.24 57.92 -48.80
N LEU G 4505 -36.15 57.21 -48.52
CA LEU G 4505 -34.83 57.80 -48.63
C LEU G 4505 -34.50 58.14 -50.09
N PHE G 4506 -34.88 57.26 -51.03
CA PHE G 4506 -34.77 57.59 -52.45
C PHE G 4506 -35.54 58.85 -52.82
N VAL G 4507 -36.80 58.94 -52.41
CA VAL G 4507 -37.60 60.09 -52.81
C VAL G 4507 -37.05 61.35 -52.18
N ALA G 4508 -36.52 61.25 -50.96
CA ALA G 4508 -35.91 62.42 -50.31
C ALA G 4508 -34.65 62.85 -51.05
N PHE G 4509 -33.82 61.89 -51.47
CA PHE G 4509 -32.64 62.23 -52.26
C PHE G 4509 -33.04 62.91 -53.56
N ALA G 4510 -34.08 62.41 -54.23
CA ALA G 4510 -34.52 63.00 -55.48
C ALA G 4510 -35.03 64.43 -55.26
N ILE G 4511 -35.86 64.63 -54.24
CA ILE G 4511 -36.40 65.96 -53.96
C ILE G 4511 -35.28 66.92 -53.58
N ASN G 4512 -34.26 66.44 -52.86
CA ASN G 4512 -33.18 67.33 -52.49
C ASN G 4512 -32.26 67.63 -53.67
N PHE G 4513 -32.12 66.69 -54.61
CA PHE G 4513 -31.40 66.99 -55.85
C PHE G 4513 -32.13 68.05 -56.66
N ILE G 4514 -33.46 67.94 -56.74
CA ILE G 4514 -34.25 68.95 -57.44
C ILE G 4514 -34.14 70.30 -56.76
N LEU G 4515 -34.19 70.32 -55.42
CA LEU G 4515 -34.01 71.57 -54.70
C LEU G 4515 -32.59 72.11 -54.85
N LEU G 4516 -31.61 71.24 -55.08
CA LEU G 4516 -30.27 71.71 -55.41
C LEU G 4516 -30.27 72.43 -56.75
N PHE G 4517 -30.97 71.87 -57.74
CA PHE G 4517 -31.15 72.56 -59.02
C PHE G 4517 -32.18 73.67 -58.84
N TYR G 4518 -31.68 74.84 -58.42
CA TYR G 4518 -32.54 75.95 -58.00
C TYR G 4518 -31.79 77.27 -58.25
N LYS G 4519 -32.48 78.39 -58.01
CA LYS G 4519 -31.94 79.72 -58.25
C LYS G 4519 -32.86 80.72 -57.56
N VAL G 4520 -32.51 82.01 -57.66
CA VAL G 4520 -33.29 83.09 -57.06
C VAL G 4520 -33.33 84.26 -58.02
N SER G 4521 -34.43 85.01 -57.96
CA SER G 4521 -34.63 86.18 -58.81
C SER G 4521 -33.76 87.35 -58.40
N VAL G 4556 -36.28 87.06 -52.75
CA VAL G 4556 -37.46 87.91 -52.84
C VAL G 4556 -38.51 87.26 -53.73
N HIS G 4557 -38.06 86.41 -54.66
CA HIS G 4557 -38.97 85.70 -55.55
C HIS G 4557 -38.31 84.36 -55.88
N TYR G 4558 -38.80 83.29 -55.27
CA TYR G 4558 -38.20 81.98 -55.44
C TYR G 4558 -38.68 81.34 -56.74
N VAL G 4559 -37.73 80.79 -57.50
CA VAL G 4559 -37.97 80.19 -58.81
C VAL G 4559 -36.96 79.07 -59.08
N LEU G 4560 -37.44 77.96 -59.65
CA LEU G 4560 -36.56 76.87 -60.08
C LEU G 4560 -36.09 77.18 -61.50
N GLU G 4561 -35.02 77.97 -61.59
CA GLU G 4561 -34.62 78.59 -62.85
C GLU G 4561 -33.66 77.76 -63.67
N GLU G 4562 -32.81 76.93 -63.04
CA GLU G 4562 -31.76 76.25 -63.79
C GLU G 4562 -32.28 75.17 -64.73
N SER G 4563 -33.59 74.99 -64.86
CA SER G 4563 -34.15 73.98 -65.73
C SER G 4563 -35.09 74.63 -66.75
N SER G 4564 -35.47 73.84 -67.74
CA SER G 4564 -36.45 74.24 -68.75
C SER G 4564 -37.59 73.24 -68.71
N GLY G 4565 -38.55 73.48 -67.82
CA GLY G 4565 -39.68 72.59 -67.67
C GLY G 4565 -39.30 71.22 -67.16
N TYR G 4566 -40.31 70.37 -67.00
CA TYR G 4566 -40.17 68.98 -66.59
C TYR G 4566 -39.53 68.82 -65.21
N MET G 4567 -39.38 69.91 -64.46
CA MET G 4567 -38.79 69.83 -63.13
C MET G 4567 -39.60 70.56 -62.06
N GLU G 4568 -40.46 71.51 -62.42
CA GLU G 4568 -41.26 72.22 -61.44
C GLU G 4568 -42.39 71.34 -60.88
N PRO G 4569 -43.22 70.70 -61.72
CA PRO G 4569 -44.31 69.89 -61.15
C PRO G 4569 -43.82 68.61 -60.50
N THR G 4570 -42.72 68.04 -60.98
CA THR G 4570 -42.18 66.84 -60.37
C THR G 4570 -41.76 67.08 -58.93
N LEU G 4571 -41.39 68.32 -58.59
CA LEU G 4571 -41.08 68.63 -57.20
C LEU G 4571 -42.30 68.42 -56.31
N ARG G 4572 -43.45 68.94 -56.73
CA ARG G 4572 -44.68 68.77 -55.95
C ARG G 4572 -45.13 67.31 -55.93
N ILE G 4573 -45.00 66.62 -57.07
CA ILE G 4573 -45.37 65.20 -57.11
C ILE G 4573 -44.51 64.40 -56.14
N LEU G 4574 -43.20 64.61 -56.18
CA LEU G 4574 -42.31 63.91 -55.27
C LEU G 4574 -42.55 64.32 -53.82
N ALA G 4575 -42.98 65.57 -53.58
CA ALA G 4575 -43.30 66.00 -52.22
C ALA G 4575 -44.51 65.25 -51.68
N ILE G 4576 -45.61 65.23 -52.43
CA ILE G 4576 -46.80 64.51 -51.94
C ILE G 4576 -46.51 63.03 -51.84
N LEU G 4577 -45.70 62.48 -52.75
CA LEU G 4577 -45.38 61.06 -52.69
C LEU G 4577 -44.51 60.75 -51.48
N HIS G 4578 -43.54 61.62 -51.17
CA HIS G 4578 -42.73 61.46 -49.96
C HIS G 4578 -43.60 61.53 -48.72
N THR G 4579 -44.60 62.41 -48.71
CA THR G 4579 -45.47 62.52 -47.55
C THR G 4579 -46.31 61.25 -47.36
N ILE G 4580 -46.91 60.75 -48.45
CA ILE G 4580 -47.70 59.52 -48.32
C ILE G 4580 -46.80 58.34 -47.94
N ILE G 4581 -45.54 58.35 -48.40
CA ILE G 4581 -44.62 57.28 -48.02
C ILE G 4581 -44.25 57.39 -46.55
N SER G 4582 -44.12 58.61 -46.04
CA SER G 4582 -43.89 58.79 -44.60
C SER G 4582 -45.05 58.25 -43.81
N PHE G 4583 -46.28 58.57 -44.24
CA PHE G 4583 -47.45 58.09 -43.53
C PHE G 4583 -47.53 56.56 -43.57
N PHE G 4584 -47.20 55.97 -44.71
CA PHE G 4584 -47.22 54.51 -44.82
C PHE G 4584 -46.13 53.90 -43.94
N CYS G 4585 -44.95 54.50 -43.89
CA CYS G 4585 -43.88 54.02 -43.03
C CYS G 4585 -44.31 54.04 -41.57
N ILE G 4586 -44.90 55.15 -41.13
CA ILE G 4586 -45.33 55.29 -39.75
C ILE G 4586 -46.44 54.28 -39.43
N ILE G 4587 -47.39 54.10 -40.35
CA ILE G 4587 -48.51 53.21 -40.07
C ILE G 4587 -48.02 51.77 -40.02
N GLY G 4588 -47.10 51.40 -40.92
CA GLY G 4588 -46.55 50.06 -40.87
C GLY G 4588 -45.73 49.80 -39.63
N TYR G 4589 -44.98 50.81 -39.17
CA TYR G 4589 -44.23 50.67 -37.93
C TYR G 4589 -45.17 50.42 -36.76
N TYR G 4590 -46.28 51.17 -36.70
CA TYR G 4590 -47.19 51.05 -35.57
C TYR G 4590 -47.79 49.65 -35.45
N CYS G 4591 -47.81 48.88 -36.52
CA CYS G 4591 -48.35 47.52 -36.49
C CYS G 4591 -47.27 46.46 -36.60
N LEU G 4592 -46.01 46.85 -36.85
CA LEU G 4592 -44.92 45.89 -36.94
C LEU G 4592 -44.06 45.84 -35.69
N LYS G 4593 -43.68 46.99 -35.13
CA LYS G 4593 -42.75 47.00 -34.00
C LYS G 4593 -43.34 47.47 -32.69
N VAL G 4594 -44.48 48.16 -32.72
CA VAL G 4594 -45.14 48.61 -31.50
C VAL G 4594 -45.68 47.44 -30.70
N PRO G 4595 -46.30 46.41 -31.33
CA PRO G 4595 -46.65 45.22 -30.55
C PRO G 4595 -45.50 44.64 -29.75
N LEU G 4596 -44.30 44.64 -30.31
CA LEU G 4596 -43.15 44.06 -29.60
C LEU G 4596 -42.81 44.85 -28.36
N VAL G 4597 -42.73 46.19 -28.47
CA VAL G 4597 -42.33 47.00 -27.32
C VAL G 4597 -43.42 47.00 -26.26
N ILE G 4598 -44.68 47.03 -26.68
CA ILE G 4598 -45.74 46.99 -25.68
C ILE G 4598 -45.79 45.63 -25.00
N PHE G 4599 -45.45 44.55 -25.73
CA PHE G 4599 -45.36 43.25 -25.09
C PHE G 4599 -44.20 43.19 -24.10
N LYS G 4600 -43.05 43.78 -24.46
CA LYS G 4600 -41.92 43.83 -23.54
C LYS G 4600 -42.30 44.55 -22.26
N ARG G 4601 -42.96 45.70 -22.39
CA ARG G 4601 -43.33 46.46 -21.20
C ARG G 4601 -44.39 45.74 -20.38
N GLU G 4602 -45.37 45.11 -21.05
CA GLU G 4602 -46.38 44.35 -20.33
C GLU G 4602 -45.75 43.19 -19.56
N LYS G 4603 -44.83 42.47 -20.19
CA LYS G 4603 -44.13 41.39 -19.50
C LYS G 4603 -43.36 41.91 -18.31
N GLU G 4604 -42.63 43.02 -18.48
CA GLU G 4604 -41.86 43.57 -17.37
C GLU G 4604 -42.77 43.93 -16.20
N VAL G 4605 -43.84 44.66 -16.47
CA VAL G 4605 -44.70 45.11 -15.37
C VAL G 4605 -45.43 43.93 -14.74
N ALA G 4606 -45.83 42.93 -15.54
CA ALA G 4606 -46.52 41.78 -14.97
C ALA G 4606 -45.59 40.97 -14.06
N ARG G 4607 -44.33 40.79 -14.48
CA ARG G 4607 -43.40 40.06 -13.64
C ARG G 4607 -43.01 40.86 -12.41
N LYS G 4608 -42.98 42.19 -12.51
CA LYS G 4608 -42.73 43.01 -11.33
C LYS G 4608 -43.89 42.92 -10.34
N LEU G 4609 -45.13 42.85 -10.86
CA LEU G 4609 -46.28 42.67 -10.00
C LEU G 4609 -46.24 41.30 -9.31
N GLU G 4610 -45.97 40.25 -10.08
CA GLU G 4610 -46.02 38.90 -9.54
C GLU G 4610 -44.90 38.66 -8.53
N PHE G 4611 -43.65 38.84 -8.97
CA PHE G 4611 -42.51 38.44 -8.14
C PHE G 4611 -42.20 39.46 -7.05
N ASP G 4612 -41.93 40.70 -7.43
CA ASP G 4612 -41.43 41.69 -6.49
C ASP G 4612 -42.53 42.45 -5.75
N GLY G 4613 -43.73 42.53 -6.32
CA GLY G 4613 -44.78 43.34 -5.74
C GLY G 4613 -44.47 44.82 -5.80
N LEU G 4614 -44.34 45.34 -7.02
CA LEU G 4614 -43.93 46.73 -7.21
C LEU G 4614 -45.03 47.71 -6.80
N TYR G 4615 -46.30 47.36 -7.00
CA TYR G 4615 -47.40 48.22 -6.59
C TYR G 4615 -48.22 47.58 -5.48
N ILE G 4616 -47.66 46.58 -4.80
CA ILE G 4616 -48.30 45.90 -3.68
C ILE G 4616 -47.57 46.17 -2.37
N THR G 4617 -46.26 45.95 -2.35
CA THR G 4617 -45.45 46.17 -1.16
C THR G 4617 -44.27 47.10 -1.38
N GLU G 4618 -43.90 47.38 -2.62
CA GLU G 4618 -42.66 48.08 -2.95
C GLU G 4618 -42.95 49.22 -3.91
N GLN G 4619 -43.94 50.07 -3.56
CA GLN G 4619 -44.38 51.20 -4.37
C GLN G 4619 -43.21 51.97 -4.96
N PRO G 4620 -43.24 52.25 -6.26
CA PRO G 4620 -42.06 52.85 -6.90
C PRO G 4620 -41.80 54.28 -6.43
N SER G 4621 -40.73 54.85 -6.94
CA SER G 4621 -40.25 56.15 -6.51
C SER G 4621 -41.05 57.27 -7.18
N GLU G 4622 -40.58 58.49 -7.00
CA GLU G 4622 -41.22 59.67 -7.56
C GLU G 4622 -40.74 60.01 -8.97
N ASP G 4623 -39.50 59.67 -9.32
CA ASP G 4623 -38.95 60.11 -10.58
C ASP G 4623 -39.10 59.07 -11.69
N ASP G 4624 -39.33 57.81 -11.35
CA ASP G 4624 -39.55 56.78 -12.38
C ASP G 4624 -40.94 57.00 -12.98
N ILE G 4625 -40.98 57.73 -14.10
CA ILE G 4625 -42.24 57.95 -14.80
C ILE G 4625 -42.75 56.64 -15.37
N LYS G 4626 -41.86 55.69 -15.63
CA LYS G 4626 -42.28 54.36 -16.09
C LYS G 4626 -43.14 53.67 -15.04
N GLY G 4627 -42.74 53.78 -13.76
CA GLY G 4627 -43.52 53.18 -12.70
C GLY G 4627 -44.92 53.74 -12.62
N GLN G 4628 -45.05 55.07 -12.73
CA GLN G 4628 -46.38 55.69 -12.69
C GLN G 4628 -47.20 55.31 -13.92
N TRP G 4629 -46.58 55.29 -15.10
CA TRP G 4629 -47.33 54.96 -16.30
C TRP G 4629 -47.75 53.50 -16.32
N ASP G 4630 -47.01 52.63 -15.61
CA ASP G 4630 -47.44 51.24 -15.49
C ASP G 4630 -48.51 51.09 -14.42
N ARG G 4631 -48.40 51.86 -13.33
CA ARG G 4631 -49.48 51.90 -12.33
C ARG G 4631 -50.77 52.41 -12.94
N LEU G 4632 -50.67 53.20 -14.01
CA LEU G 4632 -51.87 53.69 -14.69
C LEU G 4632 -52.77 52.55 -15.14
N VAL G 4633 -52.18 51.43 -15.56
CA VAL G 4633 -52.98 50.33 -16.11
C VAL G 4633 -52.67 49.00 -15.46
N ILE G 4634 -52.08 49.01 -14.27
CA ILE G 4634 -52.05 47.79 -13.48
C ILE G 4634 -53.45 47.30 -13.14
N ASN G 4635 -54.49 48.12 -13.39
CA ASN G 4635 -55.86 47.78 -13.03
C ASN G 4635 -56.80 47.89 -14.22
N THR G 4636 -56.29 47.87 -15.45
CA THR G 4636 -57.16 47.94 -16.61
C THR G 4636 -57.81 46.58 -16.87
N GLN G 4637 -58.71 46.55 -17.85
CA GLN G 4637 -59.41 45.31 -18.16
C GLN G 4637 -58.51 44.31 -18.86
N SER G 4638 -58.00 44.67 -20.04
CA SER G 4638 -57.12 43.79 -20.80
C SER G 4638 -55.67 44.19 -20.56
N PHE G 4639 -55.19 43.86 -19.34
CA PHE G 4639 -53.81 44.20 -18.99
C PHE G 4639 -52.79 43.34 -19.73
N PRO G 4640 -52.83 42.01 -19.65
CA PRO G 4640 -51.84 41.23 -20.41
C PRO G 4640 -52.35 40.90 -21.81
N ASN G 4641 -52.39 41.93 -22.66
CA ASN G 4641 -52.94 41.76 -24.01
C ASN G 4641 -51.98 41.04 -24.95
N ASN G 4642 -50.68 41.18 -24.74
CA ASN G 4642 -49.69 40.57 -25.62
C ASN G 4642 -48.74 39.62 -24.90
N TYR G 4643 -48.69 39.64 -23.57
CA TYR G 4643 -47.88 38.71 -22.80
C TYR G 4643 -48.43 37.29 -22.81
N TRP G 4644 -49.55 37.06 -23.53
CA TRP G 4644 -50.21 35.76 -23.68
C TRP G 4644 -50.46 35.06 -22.36
N ASP G 4645 -50.36 35.79 -21.25
CA ASP G 4645 -50.37 35.22 -19.91
C ASP G 4645 -51.50 35.92 -19.18
N LYS G 4646 -52.73 35.45 -19.39
CA LYS G 4646 -53.94 36.15 -18.94
C LYS G 4646 -54.34 35.82 -17.51
N PHE G 4647 -53.45 35.22 -16.72
CA PHE G 4647 -53.78 34.82 -15.36
C PHE G 4647 -52.82 35.42 -14.34
N VAL G 4648 -52.02 36.41 -14.74
CA VAL G 4648 -51.14 37.10 -13.79
C VAL G 4648 -51.96 37.82 -12.73
N LYS G 4649 -53.16 38.30 -13.10
CA LYS G 4649 -54.03 38.95 -12.13
C LYS G 4649 -54.42 37.98 -11.02
N ARG G 4650 -54.95 36.82 -11.38
CA ARG G 4650 -55.32 35.82 -10.38
C ARG G 4650 -54.09 35.33 -9.61
N LYS G 4651 -52.94 35.24 -10.29
CA LYS G 4651 -51.73 34.79 -9.62
C LYS G 4651 -51.31 35.76 -8.52
N VAL G 4652 -51.25 37.06 -8.84
CA VAL G 4652 -50.85 38.03 -7.83
C VAL G 4652 -51.93 38.17 -6.77
N MET G 4653 -53.20 37.94 -7.13
CA MET G 4653 -54.26 37.93 -6.13
C MET G 4653 -54.04 36.81 -5.11
N ASP G 4654 -53.79 35.59 -5.60
CA ASP G 4654 -53.55 34.48 -4.69
C ASP G 4654 -52.25 34.65 -3.92
N LYS G 4655 -51.29 35.40 -4.47
CA LYS G 4655 -50.01 35.55 -3.80
C LYS G 4655 -50.06 36.61 -2.71
N TYR G 4656 -50.74 37.74 -2.94
CA TYR G 4656 -50.75 38.85 -2.01
C TYR G 4656 -52.17 39.20 -1.55
N GLY G 4657 -53.06 38.21 -1.48
CA GLY G 4657 -54.42 38.46 -1.04
C GLY G 4657 -54.62 38.21 0.44
N GLU G 4658 -53.94 37.22 0.98
CA GLU G 4658 -54.09 36.85 2.38
C GLU G 4658 -53.20 37.68 3.30
N PHE G 4659 -52.56 38.73 2.81
CA PHE G 4659 -51.72 39.56 3.64
C PHE G 4659 -52.07 41.04 3.56
N TYR G 4660 -52.54 41.51 2.40
CA TYR G 4660 -52.84 42.92 2.21
C TYR G 4660 -54.30 43.19 1.87
N GLY G 4661 -55.17 42.19 2.05
CA GLY G 4661 -56.58 42.37 1.78
C GLY G 4661 -56.98 41.95 0.38
N ARG G 4662 -57.72 40.85 0.29
CA ARG G 4662 -58.16 40.37 -1.02
C ARG G 4662 -59.08 41.38 -1.70
N ASP G 4663 -59.92 42.06 -0.92
CA ASP G 4663 -60.79 43.08 -1.49
C ASP G 4663 -59.96 44.26 -2.02
N ARG G 4664 -58.96 44.69 -1.26
CA ARG G 4664 -58.11 45.79 -1.72
C ARG G 4664 -57.31 45.39 -2.96
N ILE G 4665 -56.85 44.14 -3.01
CA ILE G 4665 -56.09 43.67 -4.17
C ILE G 4665 -56.98 43.64 -5.41
N SER G 4666 -58.20 43.08 -5.25
CA SER G 4666 -59.12 43.04 -6.38
C SER G 4666 -59.63 44.42 -6.78
N GLU G 4667 -59.56 45.41 -5.87
CA GLU G 4667 -59.94 46.77 -6.22
C GLU G 4667 -58.82 47.50 -6.96
N LEU G 4668 -57.57 47.34 -6.50
CA LEU G 4668 -56.47 48.06 -7.12
C LEU G 4668 -55.91 47.35 -8.35
N LEU G 4669 -56.31 46.10 -8.60
CA LEU G 4669 -55.83 45.37 -9.77
C LEU G 4669 -56.88 45.26 -10.87
N GLY G 4670 -58.01 45.95 -10.74
CA GLY G 4670 -59.08 45.80 -11.70
C GLY G 4670 -59.92 44.55 -11.43
N MET G 4671 -60.93 44.37 -12.29
CA MET G 4671 -61.90 43.27 -12.18
C MET G 4671 -62.59 43.29 -10.82
N ASP G 4672 -63.31 44.38 -10.55
CA ASP G 4672 -63.90 44.60 -9.24
C ASP G 4672 -65.15 43.75 -9.05
N LYS G 4673 -65.38 43.35 -7.79
CA LYS G 4673 -66.55 42.56 -7.40
C LYS G 4673 -66.64 41.27 -8.21
N ALA G 4674 -65.49 40.64 -8.42
CA ALA G 4674 -65.40 39.39 -9.17
C ALA G 4674 -64.43 38.44 -8.50
N ALA G 4675 -64.45 38.39 -7.16
CA ALA G 4675 -63.58 37.47 -6.43
C ALA G 4675 -64.04 36.02 -6.55
N LEU G 4676 -65.28 35.78 -6.98
CA LEU G 4676 -65.80 34.43 -7.19
C LEU G 4676 -66.01 34.12 -8.66
N ASP G 4677 -65.46 34.95 -9.57
CA ASP G 4677 -65.60 34.68 -10.99
C ASP G 4677 -64.92 33.37 -11.39
N PHE G 4678 -63.83 33.02 -10.71
CA PHE G 4678 -63.16 31.75 -10.98
C PHE G 4678 -64.08 30.57 -10.67
N SER G 4679 -64.75 30.62 -9.52
CA SER G 4679 -65.68 29.55 -9.17
C SER G 4679 -66.90 29.54 -10.10
N ASP G 4680 -67.36 30.74 -10.50
CA ASP G 4680 -68.50 30.81 -11.41
C ASP G 4680 -68.16 30.23 -12.78
N ALA G 4681 -66.92 30.41 -13.24
CA ALA G 4681 -66.50 29.82 -14.50
C ALA G 4681 -66.19 28.33 -14.37
N ARG G 4682 -65.76 27.90 -13.18
CA ARG G 4682 -65.48 26.48 -12.97
C ARG G 4682 -66.76 25.67 -12.83
N GLU G 4683 -67.83 26.26 -12.29
CA GLU G 4683 -69.10 25.57 -12.09
C GLU G 4683 -70.17 26.26 -12.94
N LYS G 4684 -70.60 25.59 -14.01
CA LYS G 4684 -71.69 26.07 -14.87
C LYS G 4684 -71.38 27.45 -15.46
N LYS G 4685 -70.33 27.49 -16.27
CA LYS G 4685 -69.93 28.73 -16.93
C LYS G 4685 -70.84 29.02 -18.12
N LYS G 4686 -70.75 30.24 -18.63
CA LYS G 4686 -71.52 30.62 -19.81
C LYS G 4686 -70.85 30.06 -21.07
N PRO G 4687 -71.62 29.56 -22.03
CA PRO G 4687 -71.02 28.99 -23.24
C PRO G 4687 -70.32 30.04 -24.10
N LYS G 4688 -71.03 31.11 -24.43
CA LYS G 4688 -70.50 32.17 -25.28
C LYS G 4688 -71.39 33.40 -25.12
N LYS G 4689 -71.13 34.42 -25.94
CA LYS G 4689 -71.90 35.65 -25.88
C LYS G 4689 -71.68 36.43 -27.16
N ASP G 4690 -72.76 36.95 -27.73
CA ASP G 4690 -72.65 37.80 -28.92
C ASP G 4690 -72.03 39.14 -28.56
N SER G 4691 -71.38 39.76 -29.55
CA SER G 4691 -70.67 41.01 -29.31
C SER G 4691 -71.60 42.12 -28.86
N SER G 4692 -72.47 42.58 -29.76
CA SER G 4692 -73.42 43.65 -29.49
C SER G 4692 -74.25 43.88 -30.74
N LEU G 4693 -75.27 44.71 -30.61
CA LEU G 4693 -76.07 45.21 -31.72
C LEU G 4693 -76.16 46.73 -31.74
N SER G 4694 -76.25 47.36 -30.58
CA SER G 4694 -76.30 48.81 -30.50
C SER G 4694 -74.94 49.44 -30.23
N ALA G 4695 -73.99 48.67 -29.70
CA ALA G 4695 -72.65 49.17 -29.38
C ALA G 4695 -71.68 48.57 -30.39
N VAL G 4696 -71.51 49.27 -31.51
CA VAL G 4696 -70.56 48.83 -32.54
C VAL G 4696 -69.16 49.35 -32.24
N LEU G 4697 -69.04 50.51 -31.61
CA LEU G 4697 -67.77 51.11 -31.25
C LEU G 4697 -67.70 51.26 -29.73
N ASN G 4698 -66.64 51.92 -29.26
CA ASN G 4698 -66.37 52.20 -27.86
C ASN G 4698 -66.25 50.93 -27.02
N SER G 4699 -66.12 49.76 -27.64
CA SER G 4699 -65.92 48.54 -26.88
C SER G 4699 -64.53 48.47 -26.28
N ILE G 4700 -63.53 49.09 -26.92
CA ILE G 4700 -62.18 49.06 -26.41
C ILE G 4700 -62.08 49.92 -25.15
N ASP G 4701 -61.05 49.64 -24.34
CA ASP G 4701 -60.83 50.32 -23.06
C ASP G 4701 -59.95 51.54 -23.26
N VAL G 4702 -60.50 52.72 -22.95
CA VAL G 4702 -59.83 53.98 -23.24
C VAL G 4702 -58.58 54.13 -22.40
N LYS G 4703 -58.57 53.56 -21.20
CA LYS G 4703 -57.38 53.62 -20.35
C LYS G 4703 -56.22 52.87 -20.99
N TYR G 4704 -56.47 51.63 -21.43
CA TYR G 4704 -55.41 50.86 -22.08
C TYR G 4704 -54.98 51.49 -23.40
N GLN G 4705 -55.92 52.12 -24.11
CA GLN G 4705 -55.54 52.81 -25.35
C GLN G 4705 -54.64 54.01 -25.06
N MET G 4706 -54.98 54.79 -24.03
CA MET G 4706 -54.14 55.92 -23.65
C MET G 4706 -52.77 55.45 -23.18
N TRP G 4707 -52.72 54.33 -22.48
CA TRP G 4707 -51.44 53.78 -22.04
C TRP G 4707 -50.59 53.34 -23.24
N LYS G 4708 -51.20 52.66 -24.21
CA LYS G 4708 -50.48 52.29 -25.42
C LYS G 4708 -49.96 53.52 -26.14
N LEU G 4709 -50.76 54.59 -26.19
CA LEU G 4709 -50.31 55.82 -26.84
C LEU G 4709 -49.13 56.44 -26.09
N GLY G 4710 -49.23 56.52 -24.76
CA GLY G 4710 -48.15 57.10 -23.98
C GLY G 4710 -46.89 56.27 -24.01
N VAL G 4711 -47.02 54.96 -24.24
CA VAL G 4711 -45.85 54.11 -24.33
C VAL G 4711 -45.22 54.15 -25.72
N VAL G 4712 -46.04 54.32 -26.78
CA VAL G 4712 -45.46 54.40 -28.11
C VAL G 4712 -44.89 55.78 -28.40
N PHE G 4713 -45.39 56.82 -27.73
CA PHE G 4713 -44.85 58.16 -27.93
C PHE G 4713 -43.56 58.42 -27.16
N THR G 4714 -43.04 57.40 -26.47
CA THR G 4714 -41.74 57.50 -25.80
C THR G 4714 -40.81 56.38 -26.25
N ASP G 4715 -41.04 55.81 -27.43
CA ASP G 4715 -40.29 54.67 -27.92
C ASP G 4715 -38.91 55.04 -28.44
N ASN G 4716 -38.66 56.32 -28.72
CA ASN G 4716 -37.44 56.89 -29.27
C ASN G 4716 -37.21 56.50 -30.73
N SER G 4717 -38.08 55.68 -31.31
CA SER G 4717 -38.09 55.42 -32.75
C SER G 4717 -39.39 55.86 -33.40
N PHE G 4718 -40.53 55.60 -32.76
CA PHE G 4718 -41.78 56.22 -33.20
C PHE G 4718 -41.69 57.73 -33.12
N LEU G 4719 -40.94 58.26 -32.16
CA LEU G 4719 -40.71 59.70 -32.10
C LEU G 4719 -39.91 60.18 -33.30
N TYR G 4720 -38.90 59.41 -33.70
CA TYR G 4720 -38.14 59.76 -34.89
C TYR G 4720 -39.02 59.74 -36.13
N LEU G 4721 -39.89 58.74 -36.24
CA LEU G 4721 -40.79 58.66 -37.39
C LEU G 4721 -41.81 59.79 -37.38
N ALA G 4722 -42.29 60.20 -36.20
CA ALA G 4722 -43.21 61.32 -36.12
C ALA G 4722 -42.51 62.62 -36.49
N TRP G 4723 -41.23 62.77 -36.10
CA TRP G 4723 -40.45 63.93 -36.53
C TRP G 4723 -40.29 63.92 -38.04
N TYR G 4724 -40.07 62.75 -38.63
CA TYR G 4724 -40.00 62.61 -40.08
C TYR G 4724 -41.30 63.05 -40.73
N MET G 4725 -42.42 62.62 -40.17
CA MET G 4725 -43.73 62.99 -40.72
C MET G 4725 -43.97 64.48 -40.63
N THR G 4726 -43.69 65.09 -39.47
CA THR G 4726 -43.95 66.51 -39.31
C THR G 4726 -42.98 67.34 -40.16
N MET G 4727 -41.76 66.85 -40.37
CA MET G 4727 -40.85 67.54 -41.27
C MET G 4727 -41.34 67.47 -42.71
N SER G 4728 -41.93 66.34 -43.12
CA SER G 4728 -42.54 66.27 -44.44
C SER G 4728 -43.72 67.24 -44.56
N VAL G 4729 -44.55 67.30 -43.53
CA VAL G 4729 -45.70 68.20 -43.54
C VAL G 4729 -45.24 69.66 -43.63
N LEU G 4730 -44.19 70.01 -42.89
CA LEU G 4730 -43.66 71.37 -42.95
C LEU G 4730 -42.97 71.65 -44.27
N GLY G 4731 -42.35 70.64 -44.88
CA GLY G 4731 -41.82 70.78 -46.22
C GLY G 4731 -42.91 71.01 -47.25
N HIS G 4732 -44.11 70.49 -46.99
CA HIS G 4732 -45.23 70.81 -47.86
C HIS G 4732 -45.52 72.31 -47.87
N TYR G 4733 -45.29 72.99 -46.74
CA TYR G 4733 -45.43 74.44 -46.71
C TYR G 4733 -44.22 75.12 -47.35
N ASN G 4734 -43.03 74.83 -46.84
CA ASN G 4734 -41.78 75.36 -47.39
C ASN G 4734 -40.93 74.18 -47.85
N ASN G 4735 -40.73 74.07 -49.17
CA ASN G 4735 -40.10 72.90 -49.76
C ASN G 4735 -38.68 72.66 -49.24
N PHE G 4736 -38.03 73.68 -48.66
CA PHE G 4736 -36.67 73.50 -48.18
C PHE G 4736 -36.59 72.71 -46.88
N PHE G 4737 -37.73 72.42 -46.25
CA PHE G 4737 -37.71 71.57 -45.06
C PHE G 4737 -37.48 70.11 -45.39
N PHE G 4738 -37.53 69.74 -46.67
CA PHE G 4738 -37.17 68.39 -47.07
C PHE G 4738 -35.68 68.11 -46.97
N ALA G 4739 -34.87 69.12 -46.63
CA ALA G 4739 -33.45 68.91 -46.41
C ALA G 4739 -33.16 68.18 -45.10
N ALA G 4740 -34.07 68.29 -44.12
CA ALA G 4740 -33.90 67.56 -42.87
C ALA G 4740 -34.01 66.05 -43.07
N HIS G 4741 -34.57 65.61 -44.19
CA HIS G 4741 -34.67 64.19 -44.49
C HIS G 4741 -33.35 63.58 -44.98
N LEU G 4742 -32.35 64.42 -45.29
CA LEU G 4742 -31.04 63.89 -45.65
C LEU G 4742 -30.32 63.28 -44.46
N LEU G 4743 -30.72 63.62 -43.23
CA LEU G 4743 -30.14 63.03 -42.05
C LEU G 4743 -30.63 61.61 -41.79
N ASP G 4744 -31.45 61.06 -42.68
CA ASP G 4744 -31.89 59.68 -42.52
C ASP G 4744 -30.74 58.70 -42.75
N ILE G 4745 -29.77 59.07 -43.59
CA ILE G 4745 -28.62 58.20 -43.79
C ILE G 4745 -27.79 58.09 -42.51
N ALA G 4746 -27.78 59.13 -41.69
CA ALA G 4746 -27.03 59.09 -40.44
C ALA G 4746 -27.59 58.04 -39.49
N MET G 4747 -28.88 57.75 -39.58
CA MET G 4747 -29.48 56.68 -38.78
C MET G 4747 -29.52 55.35 -39.51
N GLY G 4748 -29.48 55.38 -40.84
CA GLY G 4748 -29.51 54.12 -41.60
C GLY G 4748 -28.17 53.43 -41.67
N PHE G 4749 -27.07 54.17 -41.67
CA PHE G 4749 -25.76 53.58 -41.74
C PHE G 4749 -25.22 53.31 -40.33
N LYS G 4750 -24.11 52.58 -40.26
CA LYS G 4750 -23.55 52.17 -38.98
C LYS G 4750 -22.51 53.16 -38.46
N THR G 4751 -21.60 53.60 -39.33
CA THR G 4751 -20.55 54.51 -38.87
C THR G 4751 -21.08 55.91 -38.60
N LEU G 4752 -22.14 56.33 -39.30
CA LEU G 4752 -22.73 57.63 -39.02
C LEU G 4752 -23.52 57.61 -37.72
N ARG G 4753 -24.24 56.52 -37.47
CA ARG G 4753 -24.81 56.31 -36.14
C ARG G 4753 -23.73 56.32 -35.09
N THR G 4754 -22.55 55.78 -35.41
CA THR G 4754 -21.44 55.81 -34.47
C THR G 4754 -20.97 57.23 -34.21
N ILE G 4755 -20.91 58.06 -35.25
CA ILE G 4755 -20.48 59.44 -35.08
C ILE G 4755 -21.49 60.21 -34.22
N LEU G 4756 -22.78 60.00 -34.46
CA LEU G 4756 -23.79 60.68 -33.66
C LEU G 4756 -23.77 60.20 -32.21
N SER G 4757 -23.69 58.89 -32.00
CA SER G 4757 -23.56 58.38 -30.64
C SER G 4757 -22.28 58.89 -29.99
N SER G 4758 -21.24 59.18 -30.78
CA SER G 4758 -20.02 59.73 -30.22
C SER G 4758 -20.20 61.17 -29.77
N VAL G 4759 -20.86 61.98 -30.61
CA VAL G 4759 -21.09 63.37 -30.23
C VAL G 4759 -22.04 63.46 -29.04
N THR G 4760 -22.85 62.41 -28.80
CA THR G 4760 -23.71 62.40 -27.62
C THR G 4760 -23.08 61.70 -26.41
N HIS G 4761 -22.05 60.88 -26.61
CA HIS G 4761 -21.48 60.04 -25.57
C HIS G 4761 -20.93 60.83 -24.39
N ASN G 4762 -19.89 61.62 -24.61
CA ASN G 4762 -19.27 62.40 -23.54
C ASN G 4762 -20.03 63.70 -23.32
N GLY G 4763 -21.32 63.57 -23.02
CA GLY G 4763 -22.19 64.71 -22.89
C GLY G 4763 -21.83 65.65 -21.74
N LYS G 4764 -21.75 65.11 -20.53
CA LYS G 4764 -21.44 65.93 -19.37
C LYS G 4764 -20.05 66.53 -19.48
N GLN G 4765 -19.07 65.73 -19.91
CA GLN G 4765 -17.72 66.25 -20.04
C GLN G 4765 -17.66 67.35 -21.10
N LEU G 4766 -18.36 67.17 -22.22
CA LEU G 4766 -18.36 68.18 -23.26
C LEU G 4766 -18.99 69.48 -22.78
N VAL G 4767 -20.13 69.37 -22.10
CA VAL G 4767 -20.79 70.57 -21.57
C VAL G 4767 -19.88 71.28 -20.58
N LEU G 4768 -19.22 70.52 -19.69
CA LEU G 4768 -18.37 71.15 -18.68
C LEU G 4768 -17.12 71.78 -19.29
N THR G 4769 -16.52 71.16 -20.30
CA THR G 4769 -15.33 71.76 -20.89
C THR G 4769 -15.70 72.99 -21.72
N VAL G 4770 -16.86 72.97 -22.36
CA VAL G 4770 -17.34 74.17 -23.04
C VAL G 4770 -17.61 75.29 -22.04
N GLY G 4771 -18.12 74.92 -20.86
CA GLY G 4771 -18.32 75.91 -19.81
C GLY G 4771 -17.02 76.51 -19.31
N LEU G 4772 -16.00 75.67 -19.11
CA LEU G 4772 -14.69 76.20 -18.70
C LEU G 4772 -14.10 77.10 -19.79
N LEU G 4773 -14.30 76.74 -21.06
CA LEU G 4773 -13.88 77.60 -22.15
C LEU G 4773 -14.58 78.96 -22.07
N ALA G 4774 -15.89 78.94 -21.82
CA ALA G 4774 -16.64 80.19 -21.72
C ALA G 4774 -16.13 81.02 -20.54
N VAL G 4775 -15.81 80.38 -19.43
CA VAL G 4775 -15.37 81.13 -18.24
C VAL G 4775 -13.99 81.75 -18.47
N VAL G 4776 -13.07 81.01 -19.09
CA VAL G 4776 -11.75 81.58 -19.32
C VAL G 4776 -11.82 82.67 -20.40
N VAL G 4777 -12.70 82.50 -21.39
CA VAL G 4777 -12.91 83.57 -22.37
C VAL G 4777 -13.50 84.80 -21.70
N TYR G 4778 -14.38 84.60 -20.71
CA TYR G 4778 -14.93 85.73 -19.97
C TYR G 4778 -13.86 86.41 -19.13
N LEU G 4779 -12.93 85.65 -18.57
CA LEU G 4779 -11.82 86.24 -17.84
C LEU G 4779 -10.97 87.12 -18.76
N TYR G 4780 -10.62 86.59 -19.93
CA TYR G 4780 -9.87 87.40 -20.89
C TYR G 4780 -10.67 88.61 -21.36
N THR G 4781 -11.99 88.46 -21.51
CA THR G 4781 -12.85 89.56 -21.91
C THR G 4781 -12.83 90.67 -20.86
N VAL G 4782 -12.92 90.29 -19.57
CA VAL G 4782 -12.94 91.30 -18.52
C VAL G 4782 -11.60 92.01 -18.42
N VAL G 4783 -10.49 91.25 -18.52
CA VAL G 4783 -9.19 91.92 -18.40
C VAL G 4783 -8.93 92.81 -19.60
N ALA G 4784 -9.40 92.42 -20.79
CA ALA G 4784 -9.23 93.25 -21.97
C ALA G 4784 -10.12 94.48 -21.92
N PHE G 4785 -11.35 94.32 -21.41
CA PHE G 4785 -12.24 95.46 -21.25
C PHE G 4785 -11.69 96.45 -20.24
N ASN G 4786 -11.03 95.97 -19.20
CA ASN G 4786 -10.46 96.86 -18.21
C ASN G 4786 -9.23 97.58 -18.76
N PHE G 4787 -8.23 96.82 -19.19
CA PHE G 4787 -6.93 97.39 -19.54
C PHE G 4787 -6.80 97.69 -21.03
N PHE G 4788 -6.94 96.67 -21.87
CA PHE G 4788 -6.60 96.77 -23.29
C PHE G 4788 -7.85 97.03 -24.14
N ARG G 4789 -8.54 98.13 -23.84
CA ARG G 4789 -9.77 98.45 -24.54
C ARG G 4789 -9.55 99.34 -25.77
N LYS G 4790 -8.36 99.90 -25.93
CA LYS G 4790 -8.07 100.77 -27.06
C LYS G 4790 -7.54 100.04 -28.28
N PHE G 4791 -7.30 98.73 -28.17
CA PHE G 4791 -6.79 97.95 -29.30
C PHE G 4791 -7.91 97.30 -30.10
N TYR G 4792 -9.13 97.27 -29.59
CA TYR G 4792 -10.26 96.62 -30.25
C TYR G 4792 -10.99 97.58 -31.18
N ASN G 4793 -10.24 98.18 -32.11
CA ASN G 4793 -10.80 99.08 -33.11
C ASN G 4793 -10.85 98.33 -34.44
N LYS G 4794 -11.98 97.70 -34.72
CA LYS G 4794 -12.15 96.90 -35.93
C LYS G 4794 -12.65 97.79 -37.08
N SER G 4795 -11.78 98.70 -37.51
CA SER G 4795 -12.08 99.58 -38.62
C SER G 4795 -10.79 99.84 -39.39
N GLU G 4796 -10.94 100.12 -40.69
CA GLU G 4796 -9.80 100.40 -41.57
C GLU G 4796 -9.74 101.85 -42.02
N ASP G 4797 -10.88 102.47 -42.30
CA ASP G 4797 -10.92 103.89 -42.64
C ASP G 4797 -11.80 104.70 -41.70
N GLY G 4798 -12.92 104.13 -41.25
CA GLY G 4798 -13.80 104.82 -40.35
C GLY G 4798 -14.56 105.96 -40.99
N ASP G 4799 -14.38 107.18 -40.48
CA ASP G 4799 -13.47 107.43 -39.37
C ASP G 4799 -14.14 107.14 -38.02
N THR G 4800 -15.40 106.72 -38.08
CA THR G 4800 -16.12 106.31 -36.88
C THR G 4800 -15.53 105.03 -36.35
N PRO G 4801 -14.90 105.03 -35.17
CA PRO G 4801 -14.28 103.80 -34.66
C PRO G 4801 -15.32 102.77 -34.27
N ASP G 4802 -15.17 101.55 -34.80
CA ASP G 4802 -16.05 100.44 -34.46
C ASP G 4802 -15.44 99.68 -33.28
N MET G 4803 -15.43 100.35 -32.13
CA MET G 4803 -14.85 99.79 -30.92
C MET G 4803 -15.66 98.60 -30.44
N LYS G 4804 -15.07 97.41 -30.54
CA LYS G 4804 -15.72 96.19 -30.08
C LYS G 4804 -15.54 95.94 -28.59
N CYS G 4805 -14.94 96.89 -27.87
CA CYS G 4805 -14.62 96.71 -26.46
C CYS G 4805 -15.25 97.78 -25.57
N ASP G 4806 -16.05 98.68 -26.13
CA ASP G 4806 -16.73 99.69 -25.34
C ASP G 4806 -18.00 99.15 -24.67
N ASP G 4807 -18.10 97.83 -24.52
CA ASP G 4807 -19.26 97.17 -23.94
C ASP G 4807 -18.86 95.78 -23.51
N MET G 4808 -19.26 95.36 -22.30
CA MET G 4808 -18.90 94.02 -21.85
C MET G 4808 -19.55 92.94 -22.68
N LEU G 4809 -20.87 93.04 -22.92
CA LEU G 4809 -21.52 91.96 -23.66
C LEU G 4809 -21.00 91.90 -25.09
N THR G 4810 -20.78 93.06 -25.71
CA THR G 4810 -20.23 93.09 -27.07
C THR G 4810 -18.81 92.54 -27.10
N CYS G 4811 -17.99 92.89 -26.12
CA CYS G 4811 -16.61 92.41 -26.09
C CYS G 4811 -16.55 90.91 -25.83
N TYR G 4812 -17.41 90.40 -24.95
CA TYR G 4812 -17.44 88.97 -24.69
C TYR G 4812 -17.92 88.20 -25.92
N MET G 4813 -18.94 88.73 -26.60
CA MET G 4813 -19.42 88.09 -27.82
C MET G 4813 -18.33 88.09 -28.89
N PHE G 4814 -17.66 89.24 -29.08
CA PHE G 4814 -16.59 89.34 -30.05
C PHE G 4814 -15.47 88.36 -29.74
N HIS G 4815 -15.09 88.27 -28.46
CA HIS G 4815 -14.05 87.34 -28.05
C HIS G 4815 -14.45 85.90 -28.37
N MET G 4816 -15.55 85.43 -27.78
CA MET G 4816 -15.93 84.03 -27.96
C MET G 4816 -16.29 83.71 -29.39
N TYR G 4817 -16.44 84.73 -30.26
CA TYR G 4817 -16.72 84.48 -31.66
C TYR G 4817 -15.48 84.53 -32.56
N VAL G 4818 -14.50 85.36 -32.24
CA VAL G 4818 -13.36 85.58 -33.12
C VAL G 4818 -12.10 84.91 -32.56
N GLY G 4819 -11.80 85.13 -31.28
CA GLY G 4819 -10.57 84.61 -30.74
C GLY G 4819 -10.51 83.10 -30.64
N VAL G 4820 -11.66 82.44 -30.60
CA VAL G 4820 -11.65 80.98 -30.49
C VAL G 4820 -11.48 80.34 -31.85
N ARG G 4821 -12.00 80.96 -32.91
CA ARG G 4821 -11.91 80.41 -34.26
C ARG G 4821 -10.78 81.00 -35.08
N ALA G 4822 -10.04 81.98 -34.54
CA ALA G 4822 -9.00 82.60 -35.34
C ALA G 4822 -7.84 81.66 -35.62
N GLY G 4823 -7.74 80.55 -34.89
CA GLY G 4823 -6.66 79.60 -35.08
C GLY G 4823 -5.29 80.07 -34.64
N GLY G 4824 -5.15 81.34 -34.27
CA GLY G 4824 -3.87 81.86 -33.84
C GLY G 4824 -3.99 82.84 -32.68
N GLY G 4825 -4.94 82.59 -31.79
CA GLY G 4825 -5.17 83.51 -30.70
C GLY G 4825 -6.15 84.60 -31.08
N ILE G 4826 -5.98 85.77 -30.45
CA ILE G 4826 -6.85 86.91 -30.69
C ILE G 4826 -6.11 88.11 -31.26
N GLY G 4827 -4.80 88.21 -31.05
CA GLY G 4827 -4.02 89.35 -31.50
C GLY G 4827 -3.61 89.32 -32.96
N ASP G 4828 -3.94 88.27 -33.69
CA ASP G 4828 -3.63 88.25 -35.11
C ASP G 4828 -4.71 88.98 -35.89
N GLU G 4829 -5.78 89.38 -35.19
CA GLU G 4829 -6.91 90.08 -35.78
C GLU G 4829 -7.16 91.46 -35.19
N ILE G 4830 -6.59 91.79 -34.03
CA ILE G 4830 -6.65 93.14 -33.49
C ILE G 4830 -5.25 93.75 -33.55
N GLU G 4831 -5.22 95.08 -33.41
CA GLU G 4831 -4.00 95.83 -33.72
C GLU G 4831 -2.87 95.50 -32.74
N ASP G 4832 -1.66 95.47 -33.28
CA ASP G 4832 -0.48 95.17 -32.47
C ASP G 4832 -0.13 96.36 -31.59
N PRO G 4833 0.46 96.12 -30.42
CA PRO G 4833 0.78 97.22 -29.50
C PRO G 4833 1.79 98.20 -30.08
N ALA G 4834 2.97 97.69 -30.44
CA ALA G 4834 4.04 98.50 -31.04
C ALA G 4834 4.38 99.72 -30.18
N GLY G 4835 4.16 99.62 -28.87
CA GLY G 4835 4.41 100.73 -27.98
C GLY G 4835 4.78 100.30 -26.57
N ASP G 4836 5.86 100.86 -26.03
CA ASP G 4836 6.36 100.45 -24.71
C ASP G 4836 5.59 101.16 -23.59
N GLU G 4837 4.29 100.96 -23.61
CA GLU G 4837 3.41 101.34 -22.51
C GLU G 4837 2.63 100.17 -21.95
N TYR G 4838 2.24 99.22 -22.82
CA TYR G 4838 1.60 97.99 -22.39
C TYR G 4838 2.02 96.78 -23.25
N GLU G 4839 3.15 96.85 -23.96
CA GLU G 4839 3.41 95.81 -24.95
C GLU G 4839 3.65 94.46 -24.28
N ILE G 4840 4.39 94.44 -23.17
CA ILE G 4840 4.74 93.17 -22.55
C ILE G 4840 3.49 92.50 -21.97
N TYR G 4841 2.63 93.29 -21.32
CA TYR G 4841 1.40 92.73 -20.78
C TYR G 4841 0.46 92.27 -21.88
N ARG G 4842 0.44 93.00 -23.00
CA ARG G 4842 -0.38 92.60 -24.14
C ARG G 4842 0.14 91.31 -24.75
N ILE G 4843 1.47 91.19 -24.86
CA ILE G 4843 2.10 90.00 -25.38
C ILE G 4843 1.77 88.81 -24.50
N ILE G 4844 1.93 88.96 -23.18
CA ILE G 4844 1.60 87.88 -22.26
C ILE G 4844 0.13 87.50 -22.37
N PHE G 4845 -0.74 88.50 -22.51
CA PHE G 4845 -2.17 88.26 -22.70
C PHE G 4845 -2.41 87.36 -23.91
N ASP G 4846 -1.77 87.66 -25.04
CA ASP G 4846 -2.03 86.89 -26.25
C ASP G 4846 -1.41 85.49 -26.21
N ILE G 4847 -0.19 85.35 -25.66
CA ILE G 4847 0.37 84.00 -25.57
C ILE G 4847 -0.45 83.15 -24.62
N THR G 4848 -0.90 83.73 -23.51
CA THR G 4848 -1.77 83.00 -22.59
C THR G 4848 -3.10 82.63 -23.25
N PHE G 4849 -3.65 83.54 -24.06
CA PHE G 4849 -4.90 83.23 -24.77
C PHE G 4849 -4.68 82.10 -25.77
N PHE G 4850 -3.68 82.24 -26.63
CA PHE G 4850 -3.39 81.24 -27.64
C PHE G 4850 -3.00 79.91 -27.02
N PHE G 4851 -2.49 79.92 -25.78
CA PHE G 4851 -2.30 78.68 -25.03
C PHE G 4851 -3.62 78.09 -24.54
N PHE G 4852 -4.25 78.75 -23.59
CA PHE G 4852 -5.33 78.12 -22.83
C PHE G 4852 -6.57 77.92 -23.69
N VAL G 4853 -6.87 78.90 -24.55
CA VAL G 4853 -8.11 78.83 -25.31
C VAL G 4853 -7.95 78.07 -26.63
N ILE G 4854 -6.81 78.20 -27.30
CA ILE G 4854 -6.66 77.66 -28.66
C ILE G 4854 -6.05 76.26 -28.62
N VAL G 4855 -4.83 76.16 -28.10
CA VAL G 4855 -4.06 74.92 -28.18
C VAL G 4855 -4.26 74.05 -26.93
N ILE G 4856 -5.23 74.36 -26.08
CA ILE G 4856 -5.52 73.52 -24.94
C ILE G 4856 -6.99 73.12 -24.92
N LEU G 4857 -7.88 74.09 -24.74
CA LEU G 4857 -9.28 73.77 -24.47
C LEU G 4857 -9.98 73.26 -25.72
N LEU G 4858 -9.80 73.95 -26.85
CA LEU G 4858 -10.30 73.41 -28.10
C LEU G 4858 -9.70 72.05 -28.39
N ALA G 4859 -8.41 71.88 -28.12
CA ALA G 4859 -7.78 70.58 -28.31
C ALA G 4859 -8.39 69.53 -27.40
N ILE G 4860 -8.69 69.89 -26.16
CA ILE G 4860 -9.32 68.93 -25.24
C ILE G 4860 -10.70 68.54 -25.74
N ILE G 4861 -11.46 69.49 -26.27
CA ILE G 4861 -12.80 69.18 -26.78
C ILE G 4861 -12.70 68.29 -28.01
N GLN G 4862 -11.81 68.63 -28.93
CA GLN G 4862 -11.56 67.81 -30.11
C GLN G 4862 -11.18 66.40 -29.71
N GLY G 4863 -10.29 66.26 -28.71
CA GLY G 4863 -9.91 64.95 -28.25
C GLY G 4863 -11.06 64.21 -27.60
N LEU G 4864 -11.95 64.95 -26.92
CA LEU G 4864 -13.11 64.30 -26.30
C LEU G 4864 -13.99 63.66 -27.36
N ILE G 4865 -14.31 64.39 -28.44
CA ILE G 4865 -15.12 63.78 -29.49
C ILE G 4865 -14.36 62.64 -30.17
N ILE G 4866 -13.07 62.83 -30.48
CA ILE G 4866 -12.38 61.79 -31.24
C ILE G 4866 -12.19 60.53 -30.38
N ASP G 4867 -11.91 60.69 -29.09
CA ASP G 4867 -11.77 59.54 -28.21
C ASP G 4867 -13.11 58.86 -27.96
N ALA G 4868 -14.20 59.61 -27.91
CA ALA G 4868 -15.51 58.96 -27.83
C ALA G 4868 -15.79 58.14 -29.08
N PHE G 4869 -15.47 58.69 -30.25
CA PHE G 4869 -15.66 57.95 -31.50
C PHE G 4869 -14.80 56.69 -31.52
N GLY G 4870 -13.54 56.82 -31.10
CA GLY G 4870 -12.66 55.66 -31.08
C GLY G 4870 -13.11 54.61 -30.09
N GLU G 4871 -13.60 55.04 -28.93
CA GLU G 4871 -14.09 54.08 -27.94
C GLU G 4871 -15.33 53.34 -28.45
N LEU G 4872 -16.23 54.06 -29.11
CA LEU G 4872 -17.40 53.39 -29.67
C LEU G 4872 -17.01 52.37 -30.73
N ARG G 4873 -16.09 52.76 -31.62
CA ARG G 4873 -15.62 51.83 -32.64
C ARG G 4873 -14.93 50.63 -32.02
N ASP G 4874 -14.13 50.85 -30.98
CA ASP G 4874 -13.42 49.75 -30.33
C ASP G 4874 -14.38 48.82 -29.61
N GLN G 4875 -15.44 49.37 -29.00
CA GLN G 4875 -16.45 48.52 -28.38
C GLN G 4875 -17.15 47.67 -29.43
N GLN G 4876 -17.46 48.26 -30.59
CA GLN G 4876 -18.10 47.48 -31.65
C GLN G 4876 -17.21 46.35 -32.13
N GLU G 4877 -15.93 46.65 -32.42
CA GLU G 4877 -15.04 45.60 -32.89
C GLU G 4877 -14.73 44.58 -31.80
N GLN G 4878 -14.76 44.98 -30.52
CA GLN G 4878 -14.56 44.02 -29.45
C GLN G 4878 -15.75 43.09 -29.32
N VAL G 4879 -16.97 43.61 -29.46
CA VAL G 4879 -18.14 42.75 -29.49
C VAL G 4879 -18.04 41.76 -30.64
N LYS G 4880 -17.59 42.23 -31.81
CA LYS G 4880 -17.43 41.34 -32.95
C LYS G 4880 -16.39 40.26 -32.68
N GLU G 4881 -15.25 40.64 -32.10
CA GLU G 4881 -14.20 39.68 -31.81
C GLU G 4881 -14.62 38.68 -30.75
N ASP G 4882 -15.42 39.10 -29.77
CA ASP G 4882 -15.90 38.17 -28.75
C ASP G 4882 -16.92 37.21 -29.34
N MET G 4883 -17.76 37.69 -30.26
CA MET G 4883 -18.70 36.79 -30.91
C MET G 4883 -17.99 35.81 -31.85
N GLU G 4884 -16.84 36.21 -32.37
CA GLU G 4884 -16.12 35.36 -33.31
C GLU G 4884 -15.19 34.36 -32.64
N THR G 4885 -14.58 34.73 -31.51
CA THR G 4885 -13.56 33.89 -30.87
C THR G 4885 -13.94 33.53 -29.43
N LYS G 4886 -15.22 33.38 -29.15
CA LYS G 4886 -15.67 33.00 -27.82
C LYS G 4886 -17.12 32.55 -27.90
N CYS G 4887 -17.46 31.52 -27.14
CA CYS G 4887 -18.82 31.02 -27.11
C CYS G 4887 -19.71 31.91 -26.25
N PHE G 4888 -20.98 32.02 -26.66
CA PHE G 4888 -21.91 32.88 -25.93
C PHE G 4888 -22.41 32.21 -24.65
N ILE G 4889 -22.85 30.95 -24.75
CA ILE G 4889 -23.48 30.29 -23.61
C ILE G 4889 -22.44 29.94 -22.55
N CYS G 4890 -21.47 29.11 -22.90
CA CYS G 4890 -20.47 28.66 -21.93
C CYS G 4890 -19.30 29.64 -21.84
N GLY G 4891 -18.77 30.08 -22.97
CA GLY G 4891 -17.64 30.98 -22.95
C GLY G 4891 -16.35 30.31 -22.50
N ILE G 4892 -16.15 29.05 -22.85
CA ILE G 4892 -14.92 28.35 -22.48
C ILE G 4892 -13.72 29.01 -23.16
N GLY G 4893 -13.89 29.42 -24.39
CA GLY G 4893 -12.83 30.05 -25.14
C GLY G 4893 -12.80 29.50 -26.55
N ASN G 4894 -11.74 29.85 -27.27
CA ASN G 4894 -11.57 29.37 -28.63
C ASN G 4894 -10.50 28.30 -28.76
N ASP G 4895 -9.36 28.47 -28.08
CA ASP G 4895 -8.23 27.56 -28.25
C ASP G 4895 -8.57 26.14 -27.81
N TYR G 4896 -9.49 25.99 -26.86
CA TYR G 4896 -9.90 24.65 -26.44
C TYR G 4896 -10.54 23.89 -27.59
N PHE G 4897 -11.38 24.56 -28.37
CA PHE G 4897 -12.02 23.93 -29.52
C PHE G 4897 -11.15 23.97 -30.77
N ASP G 4898 -10.08 24.77 -30.79
CA ASP G 4898 -9.16 24.80 -31.93
C ASP G 4898 -8.20 23.61 -31.89
N THR G 4899 -8.76 22.41 -31.77
CA THR G 4899 -7.95 21.19 -31.78
C THR G 4899 -8.27 20.30 -32.98
N VAL G 4900 -9.54 20.02 -33.24
CA VAL G 4900 -9.94 19.31 -34.44
C VAL G 4900 -10.23 20.36 -35.51
N PRO G 4901 -10.22 20.01 -36.79
CA PRO G 4901 -10.57 21.01 -37.82
C PRO G 4901 -12.02 21.45 -37.71
N HIS G 4902 -12.24 22.75 -37.90
CA HIS G 4902 -13.56 23.37 -37.81
C HIS G 4902 -14.21 23.14 -36.45
N GLY G 4903 -13.38 22.97 -35.42
CA GLY G 4903 -13.90 22.58 -34.12
C GLY G 4903 -14.80 23.62 -33.50
N PHE G 4904 -14.31 24.85 -33.38
CA PHE G 4904 -15.09 25.90 -32.74
C PHE G 4904 -16.33 26.24 -33.56
N GLU G 4905 -16.21 26.22 -34.89
CA GLU G 4905 -17.36 26.52 -35.73
C GLU G 4905 -18.45 25.47 -35.57
N THR G 4906 -18.08 24.19 -35.57
CA THR G 4906 -19.08 23.15 -35.34
C THR G 4906 -19.64 23.21 -33.92
N HIS G 4907 -18.81 23.58 -32.94
CA HIS G 4907 -19.30 23.69 -31.57
C HIS G 4907 -20.32 24.82 -31.44
N THR G 4908 -20.12 25.92 -32.15
CA THR G 4908 -21.02 27.06 -32.10
C THR G 4908 -22.23 26.91 -33.01
N LEU G 4909 -22.16 26.05 -34.02
CA LEU G 4909 -23.29 25.87 -34.94
C LEU G 4909 -24.14 24.65 -34.63
N GLN G 4910 -23.62 23.68 -33.86
CA GLN G 4910 -24.37 22.46 -33.57
C GLN G 4910 -24.64 22.28 -32.09
N GLU G 4911 -23.64 22.45 -31.23
CA GLU G 4911 -23.81 22.11 -29.83
C GLU G 4911 -24.41 23.26 -29.03
N HIS G 4912 -23.90 24.48 -29.21
CA HIS G 4912 -24.33 25.60 -28.39
C HIS G 4912 -24.94 26.72 -29.23
N ASN G 4913 -25.83 26.37 -30.15
CA ASN G 4913 -26.46 27.34 -31.01
C ASN G 4913 -27.55 28.10 -30.26
N LEU G 4914 -27.48 29.44 -30.31
CA LEU G 4914 -28.51 30.26 -29.68
C LEU G 4914 -29.86 30.05 -30.34
N ALA G 4915 -29.86 29.86 -31.67
CA ALA G 4915 -31.11 29.52 -32.35
C ALA G 4915 -31.65 28.20 -31.85
N ASN G 4916 -30.75 27.23 -31.58
CA ASN G 4916 -31.20 25.95 -31.04
C ASN G 4916 -31.80 26.13 -29.65
N TYR G 4917 -31.19 26.95 -28.80
CA TYR G 4917 -31.74 27.19 -27.48
C TYR G 4917 -33.12 27.85 -27.56
N LEU G 4918 -33.26 28.83 -28.46
CA LEU G 4918 -34.54 29.49 -28.64
C LEU G 4918 -35.61 28.52 -29.13
N PHE G 4919 -35.24 27.67 -30.09
CA PHE G 4919 -36.19 26.67 -30.59
C PHE G 4919 -36.55 25.67 -29.51
N PHE G 4920 -35.61 25.34 -28.62
CA PHE G 4920 -35.92 24.43 -27.52
C PHE G 4920 -36.89 25.07 -26.54
N LEU G 4921 -36.72 26.37 -26.26
CA LEU G 4921 -37.68 27.06 -25.40
C LEU G 4921 -39.06 27.10 -26.05
N MET G 4922 -39.11 27.38 -27.36
CA MET G 4922 -40.40 27.37 -28.06
C MET G 4922 -41.03 25.98 -28.05
N TYR G 4923 -40.20 24.94 -28.17
CA TYR G 4923 -40.71 23.58 -28.13
C TYR G 4923 -41.26 23.23 -26.75
N LEU G 4924 -40.57 23.67 -25.70
CA LEU G 4924 -41.08 23.46 -24.35
C LEU G 4924 -42.40 24.19 -24.14
N ILE G 4925 -42.52 25.40 -24.69
CA ILE G 4925 -43.75 26.15 -24.52
C ILE G 4925 -44.91 25.49 -25.27
N ASN G 4926 -44.64 24.99 -26.48
CA ASN G 4926 -45.67 24.33 -27.29
C ASN G 4926 -45.60 22.81 -27.19
N LYS G 4927 -45.12 22.28 -26.07
CA LYS G 4927 -44.92 20.84 -25.90
C LYS G 4927 -46.13 20.13 -25.30
N ASP G 4928 -47.13 20.85 -24.80
CA ASP G 4928 -48.32 20.25 -24.22
C ASP G 4928 -47.94 19.32 -23.06
N GLU G 4929 -47.50 19.97 -21.97
CA GLU G 4929 -46.94 19.30 -20.80
C GLU G 4929 -47.84 18.19 -20.26
N THR G 4930 -47.27 17.34 -19.40
CA THR G 4930 -47.67 15.98 -19.05
C THR G 4930 -47.16 15.02 -20.12
N GLU G 4931 -46.50 15.52 -21.16
CA GLU G 4931 -45.79 14.70 -22.12
C GLU G 4931 -44.30 15.02 -22.15
N HIS G 4932 -43.83 15.91 -21.29
CA HIS G 4932 -42.41 16.23 -21.22
C HIS G 4932 -41.61 15.02 -20.76
N THR G 4933 -40.38 14.92 -21.25
CA THR G 4933 -39.44 13.93 -20.74
C THR G 4933 -38.88 14.43 -19.40
N GLY G 4934 -37.94 13.67 -18.85
CA GLY G 4934 -37.34 14.09 -17.59
C GLY G 4934 -36.57 15.38 -17.70
N GLN G 4935 -35.65 15.45 -18.66
CA GLN G 4935 -34.85 16.66 -18.86
C GLN G 4935 -35.73 17.83 -19.28
N GLU G 4936 -36.70 17.59 -20.17
CA GLU G 4936 -37.57 18.66 -20.62
C GLU G 4936 -38.41 19.22 -19.47
N SER G 4937 -38.97 18.33 -18.63
CA SER G 4937 -39.74 18.79 -17.50
C SER G 4937 -38.87 19.52 -16.48
N TYR G 4938 -37.63 19.06 -16.30
CA TYR G 4938 -36.71 19.75 -15.39
C TYR G 4938 -36.40 21.16 -15.88
N VAL G 4939 -36.09 21.29 -17.17
CA VAL G 4939 -35.79 22.61 -17.72
C VAL G 4939 -37.03 23.50 -17.67
N TRP G 4940 -38.21 22.93 -17.90
CA TRP G 4940 -39.43 23.72 -17.85
C TRP G 4940 -39.71 24.19 -16.42
N LYS G 4941 -39.45 23.33 -15.43
CA LYS G 4941 -39.63 23.74 -14.04
C LYS G 4941 -38.64 24.84 -13.67
N MET G 4942 -37.39 24.73 -14.13
CA MET G 4942 -36.42 25.79 -13.88
C MET G 4942 -36.84 27.09 -14.53
N TYR G 4943 -37.36 27.02 -15.76
CA TYR G 4943 -37.77 28.23 -16.45
C TYR G 4943 -39.00 28.86 -15.79
N GLN G 4944 -39.90 28.03 -15.26
CA GLN G 4944 -41.07 28.56 -14.58
C GLN G 4944 -40.69 29.21 -13.25
N GLU G 4945 -39.76 28.59 -12.51
CA GLU G 4945 -39.29 29.18 -11.27
C GLU G 4945 -38.23 30.26 -11.48
N ARG G 4946 -37.83 30.52 -12.73
CA ARG G 4946 -36.92 31.61 -13.07
C ARG G 4946 -35.59 31.46 -12.33
N CYS G 4947 -34.86 30.41 -12.70
CA CYS G 4947 -33.59 30.10 -12.06
C CYS G 4947 -32.43 30.06 -13.04
N TRP G 4948 -32.58 29.37 -14.16
CA TRP G 4948 -31.58 29.37 -15.25
C TRP G 4948 -30.24 28.79 -14.81
N GLU G 4949 -30.27 27.78 -13.94
CA GLU G 4949 -29.05 27.03 -13.66
C GLU G 4949 -28.82 25.90 -14.64
N PHE G 4950 -29.75 25.67 -15.57
CA PHE G 4950 -29.61 24.63 -16.58
C PHE G 4950 -28.73 25.05 -17.75
N PHE G 4951 -28.27 26.30 -17.78
CA PHE G 4951 -27.32 26.70 -18.82
C PHE G 4951 -25.91 26.27 -18.43
N PRO G 4952 -25.12 25.75 -19.36
CA PRO G 4952 -23.75 25.36 -19.03
C PRO G 4952 -22.87 26.57 -18.78
N ALA G 4953 -22.52 26.81 -17.51
CA ALA G 4953 -21.78 28.01 -17.16
C ALA G 4953 -20.32 27.91 -17.57
N GLY G 4954 -19.59 26.95 -17.00
CA GLY G 4954 -18.18 26.79 -17.31
C GLY G 4954 -17.79 25.37 -17.65
N ASP G 4955 -18.69 24.65 -18.33
CA ASP G 4955 -18.42 23.28 -18.72
C ASP G 4955 -19.24 22.96 -19.96
N CYS G 4956 -18.85 21.88 -20.64
CA CYS G 4956 -19.58 21.42 -21.82
C CYS G 4956 -19.40 19.92 -21.94
N PHE G 4957 -20.02 19.35 -22.98
CA PHE G 4957 -19.94 17.91 -23.19
C PHE G 4957 -18.50 17.45 -23.44
N ARG G 4958 -17.75 18.23 -24.21
CA ARG G 4958 -16.38 17.84 -24.52
C ARG G 4958 -15.47 17.96 -23.29
N LYS G 4959 -15.70 18.96 -22.45
CA LYS G 4959 -14.93 19.08 -21.22
C LYS G 4959 -15.37 18.08 -20.16
N GLN G 4960 -16.58 17.53 -20.27
CA GLN G 4960 -17.09 16.58 -19.30
C GLN G 4960 -16.71 15.15 -19.63
N TYR G 4961 -16.81 14.76 -20.90
CA TYR G 4961 -16.56 13.39 -21.32
C TYR G 4961 -15.43 13.36 -22.34
N GLU G 4962 -15.22 12.18 -22.93
CA GLU G 4962 -14.19 12.01 -23.95
C GLU G 4962 -14.74 12.34 -25.33
N GLY H 70 -121.63 -39.69 22.92
CA GLY H 70 -120.89 -38.63 23.59
C GLY H 70 -121.41 -37.25 23.25
N VAL H 71 -122.30 -37.18 22.28
CA VAL H 71 -122.88 -35.91 21.84
C VAL H 71 -124.15 -35.64 22.65
N GLU H 72 -124.31 -34.39 23.08
CA GLU H 72 -125.47 -33.96 23.84
C GLU H 72 -125.86 -32.57 23.36
N ILE H 73 -126.78 -31.94 24.08
CA ILE H 73 -127.28 -30.61 23.71
C ILE H 73 -127.87 -29.96 24.96
N GLU H 74 -127.66 -28.66 25.09
CA GLU H 74 -128.28 -27.90 26.17
C GLU H 74 -128.89 -26.64 25.56
N THR H 75 -130.22 -26.55 25.57
CA THR H 75 -130.89 -25.44 24.90
C THR H 75 -130.57 -24.13 25.60
N ILE H 76 -130.09 -23.15 24.83
CA ILE H 76 -129.82 -21.82 25.34
C ILE H 76 -130.94 -20.85 24.99
N SER H 77 -131.52 -20.99 23.80
CA SER H 77 -132.67 -20.21 23.36
C SER H 77 -133.46 -21.01 22.33
N PRO H 78 -134.74 -21.28 22.60
CA PRO H 78 -135.52 -22.10 21.67
C PRO H 78 -135.68 -21.43 20.32
N GLY H 79 -135.71 -22.24 19.28
CA GLY H 79 -135.81 -21.76 17.91
C GLY H 79 -137.04 -22.24 17.17
N ASP H 80 -138.17 -22.22 17.87
CA ASP H 80 -139.55 -22.48 17.42
C ASP H 80 -139.77 -23.98 17.16
N GLY H 81 -138.70 -24.77 17.25
CA GLY H 81 -138.76 -26.21 17.25
C GLY H 81 -139.68 -26.88 16.25
N ARG H 82 -139.78 -26.32 15.04
CA ARG H 82 -140.65 -26.87 14.02
C ARG H 82 -139.91 -27.34 12.78
N THR H 83 -138.95 -26.56 12.29
CA THR H 83 -138.13 -26.96 11.15
C THR H 83 -136.77 -27.44 11.64
N PHE H 84 -136.26 -28.48 10.97
CA PHE H 84 -135.02 -29.11 11.38
C PHE H 84 -134.18 -29.41 10.15
N PRO H 85 -132.86 -29.35 10.26
CA PRO H 85 -132.00 -29.69 9.13
C PRO H 85 -132.13 -31.16 8.74
N LYS H 86 -132.05 -31.42 7.44
CA LYS H 86 -132.16 -32.76 6.89
C LYS H 86 -130.93 -33.06 6.05
N LYS H 87 -130.77 -34.34 5.70
CA LYS H 87 -129.61 -34.77 4.94
C LYS H 87 -129.64 -34.19 3.53
N GLY H 88 -128.53 -33.61 3.10
CA GLY H 88 -128.42 -33.08 1.76
C GLY H 88 -128.72 -31.60 1.66
N GLN H 89 -128.29 -30.83 2.64
CA GLN H 89 -128.53 -29.39 2.67
C GLN H 89 -127.28 -28.65 3.12
N THR H 90 -127.15 -27.41 2.69
CA THR H 90 -126.03 -26.54 3.07
C THR H 90 -126.55 -25.60 4.14
N CYS H 91 -126.45 -26.06 5.39
CA CYS H 91 -127.00 -25.32 6.51
C CYS H 91 -126.01 -24.27 7.02
N VAL H 92 -126.54 -23.15 7.49
CA VAL H 92 -125.75 -22.01 7.92
C VAL H 92 -125.82 -21.93 9.44
N VAL H 93 -124.67 -22.10 10.09
CA VAL H 93 -124.57 -21.98 11.52
C VAL H 93 -123.70 -20.78 11.87
N HIS H 94 -123.74 -20.41 13.14
CA HIS H 94 -122.92 -19.34 13.71
C HIS H 94 -122.48 -19.85 15.08
N TYR H 95 -121.27 -20.37 15.16
CA TYR H 95 -120.84 -21.05 16.37
C TYR H 95 -119.71 -20.29 17.05
N THR H 96 -119.53 -20.59 18.33
CA THR H 96 -118.43 -20.04 19.12
C THR H 96 -117.91 -21.18 19.99
N GLY H 97 -116.79 -21.78 19.58
CA GLY H 97 -116.25 -22.90 20.30
C GLY H 97 -115.37 -22.49 21.45
N MET H 98 -115.18 -23.42 22.39
CA MET H 98 -114.30 -23.19 23.51
C MET H 98 -113.94 -24.55 24.12
N LEU H 99 -112.82 -24.56 24.84
CA LEU H 99 -112.31 -25.78 25.45
C LEU H 99 -113.12 -26.10 26.70
N GLN H 100 -112.69 -27.11 27.45
CA GLN H 100 -113.42 -27.51 28.65
C GLN H 100 -113.30 -26.46 29.75
N ASN H 101 -112.10 -25.89 29.92
CA ASN H 101 -111.86 -24.90 30.97
C ASN H 101 -112.26 -23.49 30.55
N GLY H 102 -113.08 -23.34 29.50
CA GLY H 102 -113.55 -22.04 29.08
C GLY H 102 -112.63 -21.28 28.14
N LYS H 103 -111.43 -21.80 27.90
CA LYS H 103 -110.50 -21.13 26.98
C LYS H 103 -111.00 -21.26 25.55
N LYS H 104 -111.31 -20.13 24.92
CA LYS H 104 -111.84 -20.14 23.56
C LYS H 104 -110.75 -20.52 22.58
N PHE H 105 -111.05 -21.48 21.70
CA PHE H 105 -110.13 -21.91 20.66
C PHE H 105 -110.65 -21.64 19.25
N ASP H 106 -111.92 -21.27 19.10
CA ASP H 106 -112.50 -21.03 17.79
C ASP H 106 -113.77 -20.21 17.97
N SER H 107 -114.17 -19.54 16.88
CA SER H 107 -115.39 -18.74 16.88
C SER H 107 -115.76 -18.45 15.43
N SER H 108 -116.97 -17.94 15.24
CA SER H 108 -117.43 -17.51 13.93
C SER H 108 -117.92 -16.06 13.89
N ARG H 109 -118.26 -15.48 15.04
CA ARG H 109 -118.59 -14.07 15.11
C ARG H 109 -117.37 -13.18 15.12
N ASP H 110 -116.17 -13.77 15.18
CA ASP H 110 -114.94 -12.97 15.14
C ASP H 110 -114.69 -12.45 13.73
N ARG H 111 -114.67 -13.34 12.74
CA ARG H 111 -114.45 -12.96 11.35
C ARG H 111 -115.70 -12.39 10.68
N ASN H 112 -116.78 -12.18 11.44
CA ASN H 112 -118.02 -11.56 10.97
C ASN H 112 -118.69 -12.36 9.85
N LYS H 113 -118.27 -13.60 9.61
CA LYS H 113 -118.86 -14.40 8.56
C LYS H 113 -119.41 -15.70 9.12
N PRO H 114 -120.60 -16.11 8.69
CA PRO H 114 -121.19 -17.37 9.20
C PRO H 114 -120.44 -18.60 8.69
N PHE H 115 -120.88 -19.78 9.08
CA PHE H 115 -120.24 -21.04 8.67
C PHE H 115 -121.26 -21.89 7.93
N LYS H 116 -121.02 -22.10 6.64
CA LYS H 116 -121.91 -22.91 5.82
C LYS H 116 -121.33 -24.32 5.70
N PHE H 117 -122.13 -25.32 6.06
CA PHE H 117 -121.66 -26.70 6.02
C PHE H 117 -122.79 -27.63 5.61
N ARG H 118 -122.42 -28.73 4.97
CA ARG H 118 -123.40 -29.72 4.53
C ARG H 118 -123.53 -30.82 5.57
N ILE H 119 -124.76 -31.34 5.70
CA ILE H 119 -125.05 -32.39 6.67
C ILE H 119 -124.90 -33.74 6.00
N GLY H 120 -124.18 -34.65 6.65
CA GLY H 120 -124.03 -36.00 6.15
C GLY H 120 -122.99 -36.17 5.05
N LYS H 121 -122.14 -35.17 4.82
CA LYS H 121 -121.10 -35.25 3.80
C LYS H 121 -119.72 -35.47 4.39
N GLN H 122 -119.63 -35.65 5.70
CA GLN H 122 -118.36 -35.97 6.38
C GLN H 122 -117.31 -34.91 6.13
N GLU H 123 -117.69 -33.65 6.36
CA GLU H 123 -116.76 -32.53 6.24
C GLU H 123 -116.49 -31.82 7.56
N VAL H 124 -117.42 -31.86 8.51
CA VAL H 124 -117.21 -31.29 9.83
C VAL H 124 -117.25 -32.41 10.87
N ILE H 125 -116.78 -32.10 12.08
CA ILE H 125 -116.71 -33.09 13.14
C ILE H 125 -118.08 -33.72 13.41
N LYS H 126 -118.04 -35.00 13.81
CA LYS H 126 -119.26 -35.73 14.12
C LYS H 126 -119.99 -35.08 15.29
N GLY H 127 -119.25 -34.66 16.33
CA GLY H 127 -119.87 -34.02 17.46
C GLY H 127 -120.56 -32.72 17.13
N PHE H 128 -120.25 -32.12 15.98
CA PHE H 128 -120.93 -30.92 15.52
C PHE H 128 -122.13 -31.26 14.65
N GLU H 129 -121.96 -32.17 13.67
CA GLU H 129 -123.08 -32.45 12.78
C GLU H 129 -124.19 -33.22 13.49
N GLU H 130 -123.83 -34.23 14.30
CA GLU H 130 -124.81 -35.00 15.05
C GLU H 130 -125.48 -34.18 16.15
N GLY H 131 -124.93 -33.03 16.49
CA GLY H 131 -125.54 -32.16 17.47
C GLY H 131 -126.39 -31.09 16.82
N ALA H 132 -125.98 -30.63 15.64
CA ALA H 132 -126.79 -29.68 14.88
C ALA H 132 -127.99 -30.37 14.23
N ALA H 133 -127.93 -31.68 14.02
CA ALA H 133 -129.08 -32.41 13.47
C ALA H 133 -130.24 -32.49 14.45
N GLN H 134 -130.10 -31.98 15.67
CA GLN H 134 -131.16 -32.01 16.67
C GLN H 134 -131.57 -30.60 17.10
N MET H 135 -131.41 -29.62 16.21
CA MET H 135 -131.71 -28.23 16.50
C MET H 135 -132.73 -27.70 15.49
N SER H 136 -133.19 -26.48 15.73
CA SER H 136 -134.17 -25.82 14.88
C SER H 136 -133.64 -24.47 14.44
N LEU H 137 -134.28 -23.91 13.40
CA LEU H 137 -133.84 -22.64 12.85
C LEU H 137 -134.05 -21.52 13.86
N GLY H 138 -132.98 -20.76 14.11
CA GLY H 138 -133.05 -19.70 15.10
C GLY H 138 -132.87 -20.17 16.52
N GLN H 139 -132.33 -21.36 16.72
CA GLN H 139 -132.13 -21.91 18.05
C GLN H 139 -130.66 -21.81 18.43
N ARG H 140 -130.42 -21.44 19.69
CA ARG H 140 -129.08 -21.43 20.27
C ARG H 140 -128.94 -22.62 21.20
N ALA H 141 -127.80 -23.31 21.13
CA ALA H 141 -127.55 -24.47 21.96
C ALA H 141 -126.10 -24.47 22.42
N LYS H 142 -125.86 -25.23 23.48
CA LYS H 142 -124.53 -25.51 24.00
C LYS H 142 -124.29 -26.99 23.72
N LEU H 143 -123.48 -27.26 22.71
CA LEU H 143 -123.12 -28.62 22.35
C LEU H 143 -121.84 -29.02 23.08
N THR H 144 -121.90 -30.14 23.79
CA THR H 144 -120.75 -30.69 24.50
C THR H 144 -120.28 -31.93 23.78
N CYS H 145 -118.98 -32.03 23.54
CA CYS H 145 -118.40 -33.14 22.81
C CYS H 145 -117.49 -33.95 23.73
N THR H 146 -116.94 -35.02 23.17
CA THR H 146 -115.96 -35.86 23.82
C THR H 146 -114.80 -36.07 22.86
N PRO H 147 -113.62 -36.45 23.38
CA PRO H 147 -112.48 -36.66 22.47
C PRO H 147 -112.75 -37.67 21.39
N ASP H 148 -113.34 -38.82 21.73
CA ASP H 148 -113.52 -39.89 20.75
C ASP H 148 -114.49 -39.52 19.64
N VAL H 149 -115.33 -38.51 19.84
CA VAL H 149 -116.23 -38.07 18.78
C VAL H 149 -115.73 -36.79 18.09
N ALA H 150 -114.86 -36.02 18.75
CA ALA H 150 -114.38 -34.75 18.19
C ALA H 150 -113.03 -34.91 17.50
N TYR H 151 -112.01 -35.33 18.23
CA TYR H 151 -110.67 -35.46 17.65
C TYR H 151 -109.92 -36.71 18.05
N GLY H 152 -110.35 -37.46 19.06
CA GLY H 152 -109.67 -38.65 19.45
C GLY H 152 -108.46 -38.38 20.33
N ALA H 153 -107.67 -39.44 20.52
CA ALA H 153 -106.47 -39.34 21.34
C ALA H 153 -105.36 -38.53 20.67
N THR H 154 -105.45 -38.29 19.37
CA THR H 154 -104.42 -37.52 18.67
C THR H 154 -104.72 -36.02 18.66
N GLY H 155 -105.99 -35.63 18.76
CA GLY H 155 -106.35 -34.24 18.75
C GLY H 155 -106.00 -33.55 17.43
N HIS H 156 -106.16 -32.23 17.44
CA HIS H 156 -105.79 -31.39 16.31
C HIS H 156 -104.39 -30.87 16.53
N PRO H 157 -103.44 -31.13 15.64
CA PRO H 157 -102.05 -30.72 15.90
C PRO H 157 -101.88 -29.22 15.96
N GLY H 158 -101.57 -28.71 17.15
CA GLY H 158 -101.29 -27.29 17.31
C GLY H 158 -102.31 -26.53 18.13
N VAL H 159 -103.59 -26.81 17.90
CA VAL H 159 -104.66 -26.03 18.50
C VAL H 159 -105.38 -26.79 19.61
N ILE H 160 -105.68 -28.07 19.41
CA ILE H 160 -106.46 -28.87 20.35
C ILE H 160 -105.52 -29.82 21.07
N PRO H 161 -105.52 -29.86 22.39
CA PRO H 161 -104.69 -30.83 23.11
C PRO H 161 -105.28 -32.22 23.02
N PRO H 162 -104.48 -33.26 23.23
CA PRO H 162 -105.02 -34.63 23.18
C PRO H 162 -106.03 -34.86 24.29
N ASN H 163 -107.11 -35.56 23.95
CA ASN H 163 -108.19 -35.88 24.88
C ASN H 163 -108.80 -34.61 25.46
N ALA H 164 -109.38 -33.80 24.57
CA ALA H 164 -109.99 -32.53 24.93
C ALA H 164 -111.47 -32.56 24.61
N THR H 165 -112.30 -32.21 25.59
CA THR H 165 -113.75 -32.12 25.40
C THR H 165 -114.10 -30.71 24.97
N LEU H 166 -114.77 -30.59 23.83
CA LEU H 166 -115.08 -29.30 23.24
C LEU H 166 -116.49 -28.84 23.64
N ILE H 167 -116.68 -27.52 23.65
CA ILE H 167 -117.96 -26.91 23.98
C ILE H 167 -118.23 -25.83 22.94
N PHE H 168 -119.36 -25.93 22.26
CA PHE H 168 -119.71 -25.02 21.18
C PHE H 168 -121.01 -24.30 21.51
N ASP H 169 -121.00 -22.97 21.36
CA ASP H 169 -122.23 -22.17 21.37
C ASP H 169 -122.70 -22.08 19.93
N VAL H 170 -123.58 -23.01 19.56
CA VAL H 170 -124.05 -23.14 18.18
C VAL H 170 -125.39 -22.41 18.06
N GLU H 171 -125.43 -21.36 17.24
CA GLU H 171 -126.65 -20.63 16.94
C GLU H 171 -127.00 -20.85 15.47
N LEU H 172 -128.18 -21.41 15.22
CA LEU H 172 -128.56 -21.77 13.85
C LEU H 172 -129.05 -20.53 13.12
N LEU H 173 -128.34 -20.14 12.05
CA LEU H 173 -128.68 -18.91 11.34
C LEU H 173 -129.70 -19.15 10.24
N ASN H 174 -129.41 -20.07 9.31
CA ASN H 174 -130.29 -20.29 8.18
C ASN H 174 -130.23 -21.76 7.77
N LEU H 175 -131.27 -22.18 7.06
CA LEU H 175 -131.40 -23.56 6.58
C LEU H 175 -131.59 -23.52 5.06
N GLU H 176 -130.68 -24.14 4.34
CA GLU H 176 -130.77 -24.21 2.88
C GLU H 176 -130.85 -25.65 2.40
ZN ZN I . -13.15 40.09 0.46
CA CA J . -12.27 38.53 30.40
ZN ZN K . 16.39 38.24 -6.72
CA CA L . 43.19 26.17 -0.74
ZN ZN M . 9.17 24.96 -32.81
CA CA N . 9.94 0.14 -49.62
ZN ZN O . -20.01 26.56 -25.93
CA CA P . -45.36 12.28 -18.62
#